data_8SEQ
#
_entry.id   8SEQ
#
_cell.length_a   1.00
_cell.length_b   1.00
_cell.length_c   1.00
_cell.angle_alpha   90.00
_cell.angle_beta   90.00
_cell.angle_gamma   90.00
#
_symmetry.space_group_name_H-M   'P 1'
#
loop_
_entity.id
_entity.type
_entity.pdbx_description
1 polymer 'Ryanodine receptor 1'
2 polymer 'Glutathione S-transferase class-mu 26 kDa isozyme,Peptidyl-prolyl cis-trans isomerase FKBP1B'
3 non-polymer 'ADENOSINE MONOPHOSPHATE'
4 non-polymer 'ZINC ION'
#
loop_
_entity_poly.entity_id
_entity_poly.type
_entity_poly.pdbx_seq_one_letter_code
_entity_poly.pdbx_strand_id
1 'polypeptide(L)'
;MGDGGEGEDEVQFLRTDDEVVLQCSATVLKEQLKLCLAAEGFGNRLCFLEPTSNAQNVPPDLAICCFTLEQSLSVRALQE
MLANTVEAGVESSQGGGHRTLLYGHAILLRHAHSRMYLSCLTTSRSMTDKLAFDVGLQEDATGEACWWTMHPASKQRSEG
EKVRVGDDLILVSVSSERYLHLSTASGELQVDASFMQTLWNMNPICSCCEEGYVTGGHVLRLFHGHMDECLTISAADSDD
QRRLVYYEGGAVCTHARSLWRLEPLRISWSGSHLRWGQPLRIRHVTTGRYLALTEDQGLVVVDACKAHTKATSFCFRVSK
EKLDTAPKRDVEGMGPPEIKYGESLCFVQHVASGLWLTYAAPDPKALRLGVLKKKAILHQEGHMDDALFLTRCQQEESQA
ARMIHSTAGLYNQFIKGLDSFSGKPRGSGPPAGPALPIEAVILSLQDLIGYFEPPSEELQHEEKQSKLRSLRNRQSLFQE
EGMLSLVLNCIDRLNVYTTAAHFAEYAGEEAAESWKEIVNLLYELLASLIRGNRANCALFSTNLDWVVSKLDRLEASSGI
LEVLYCVLIESPEVLNIIQENHIKSIISLLDKHGRNHKVLDVLCSLCVCNGVAVRSNQDLITENLLPGRELLLQTNLINY
VTSIRPNIFVGRAEGSTQYGKWYFEVMVDEVVPFLTAQATHLRVGWALTEGYSPYPGGGEGWGGNGVGDDLYSYGFDGLH
LWTGHVARPVTSPGQHLLAPEDVVSCCLDLSVPSISFRINGCPVQGVFEAFNLDGLFFPVVSFSAGVKVRFLLGGRHGEF
KFLPPPGYAPCHEAVLPRERLRLEPIKEYRREGPRGPHLVGPSRCLSHTDFVPCPVDTVQIVLPPHLERIREKLAENIHE
LWALTRIEQGWTYGPVRDDNKRLHPCLVNFHSLPEPERNYNLQMSGETLKTLLALGCHVGMADEKAEDNLKKTKLPKTYM
MSNGYKPAPLDLSHVRLTPAQTTLVDRLAENGHNVWARDRVAQGWSYSAVQDIPARRNPRLVPYRLLDEATKRSNRDSLC
QAVRTLLGYGYNIEPPDQEPSQVENQSRWDRVRIFRAEKSYTVQSGRWYFEFEAVTTGEMRVGWARPELRPDVELGADEL
AYVFNGHRGQRWHLGSEPFGRPWQSGDVVGCMIDLTENTIIFTLNGEVLMSDSGSETAFREIEIGDGFLPVCSLGPGQVG
HLNLGQDVSSLRFFAICGLQEGFEPFAINMQRPVTTWFSKSLPQFEPVPPEHPHYEVARMDGTVDTPPCLRLAHRTWGSQ
NSLVEMLFLRLSLPVQFHQHFRCTAGATPLAPPGLQPPAEDEARAAEPDPDYENLRRSAGGWGEAEGGKEGTAKEGTPGG
TPQPGVEAQPVRAENEKDATTEKNKKRGFLFKAKKAAMMTQPPATPALPRLPHDVVPADNRDDPEIILNTTTYYYSVRVF
AGQEPSCVWVGWVTPDYHQHDMNFDLSKVRAVTVTMGDEQGNVHSSLKCSNCYMVWGGDFVSPGQQGRISHTDLVIGCLV
DLATGLMTFTANGKESNTFFQVEPNTKLFPAVFVLPTHQNVIQFELGKQKNIMPLSAAMFLSERKNPAPQCPPRLEVQML
MPVSWSRMPNHFLQVETRRAGERLGWAVQCQDPLTMMALHIPEENRCMDILELSERLDLQRFHSHTLRLYRAVCALGNNR
VAHALCSHVDQAQLLHALEDAHLPGPLRAGYYDLLISIHLESACRSRRSMLSEYIVPLTPETRAITLFPPGRKGGNARRH
GLPGVGVTTSLRPPHHFSPPCFVAALPAAGVAEAPARLSPAIPLEALRDKALRMLGEAVRDGGQHARDPVGGSVEFQFVP
VLKLVSTLLVMGIFGDEDVKQILKMIEPEVFTEEEEEEEEEEEEEEEEEEDEEEKEEDEEEEEKEDAEKEEEEAPEGEKE
DLEEGLLQMKLPESVKLQMCNLLEYFCDQELQHRVESLAAFAERYVDKLQANQRSRYALLMRAFTMSAAETARRTREFRS
PPQEQINMLLHFKDEADEEDCPLPEDIRQDLQDFHQDLLAHCGIQLEGEEEEPEEETSLSSRLRSLLETVRLVKKKEEKP
EEELPAEEKKPQSLQELVSHMVVRWAQEDYVQSPELVRAMFSLLHRQYDGLGELLRALPRAYTISPSSVEDTMSLLECLG
QIRSLLIVQMGPQEENLMIQSIGNIMNNKVFYQHPNLMRALGMHETVMEVMVNVLGGGETKEIRFPKMVTSCCRFLCYFC
RISRQNQRSMFDHLSYLLENSGIGLGMQGSTPLDVAAASVIDNNELALALQEQDLEKVVSYLAGCGLQSCPMLLAKGYPD
IGWNPCGGERYLDFLRFAVFVNGESVEENANVVVRLLIRKPECFGPALRGEGGSGLLAAIEEAIRISEDPARDGPGVRRD
RRREHFGEEPPEENRVHLGHAIMSFYAALIDLLGRCAPEMHLIQAGKGEALRIRAILRSLVPLDDLVGIISLPLQIPTLG
KDGALVQPKMSASFVPDHKASMVLFLDRVYGIENQDFLLHVLDVGFLPDMRAAASLDTATFSTTEMALALNRYLCLAVLP
LITKCAPLFAGTEHRAIMVDSMLHTVYRLSRGRSLTKAQRDVIEDCLMALCRYIRPSMLQHLLRRLVFDVPILNEFAKMP
LKLLTNHYERCWKYYCLPTGWANFGVTSEEELHLTRKLFWGIFDSLAHKKYDQELYRMAMPCLCAIAGALPPDYVDASYS
SKAEKKATVDAEGNFDPRPVETLNVIIPEKLDSFINKFAEYTHEKWAFDKIQNNWSYGENVDEELKTHPMLRPYKTFSEK
DKEIYRWPIKESLKAMIAWEWTIEKAREGEEERTEKKKTRKISQTAQTYDPREGYNPQPPDLSGVTLSRELQAMAEQLAE
NYHNTWGRKKKQELEAKGGGTHPLLVPYDTLTAKEKARDREKAQELLKFLQMNGYAVTRGLKDMELDTSSIEKRFAFGFL
QQLLRWMDISQEFIAHLEAVVSSGRVEKSPHEQEIKFFAKILLPLINQYFTNHCLYFLSTPAKVLGSGGHASNKEKEMIT
SLFCKLAALVRHRVSLFGTDAPAVVNCLHILARSLDARTVMKSGPEIVKAGLRSFFESASEDIEKMVENLRLGKVSQART
QVKGVGQNLTYTTVALLPVLTTLFQHIAQHQFGDDVILDDVQVSCYRTLCSIYSLGTTKNTYVEKLRPALGECLARLAAA
MPVAFLEPQLNEYNACSVYTTKSPRERAILGLPNSVEEMCPDIPVLDRLMADIGGLAESGARYTEMPHVIEITLPMLCSY
LPRWWERGPEAPPPALPAGAPPPCTAVTSDHLNSLLGNILRIIVNNLGIDEATWMKRLAVFAQPIVSRARPELLHSHFIP
TIGRLRKRAGKVVAEEEQLRLEAKAEAEEGELLVRDEFSVLCRDLYALYPLLIRYVDNNRAHWLTEPNANAEELFRMVGE
IFIYWSKSHNFKREEQNFVVQNEINNMSFLTADSKSKMAKAGDAQSGGSDQERTKKKRRGDRYSVQTSLIVATLKKMLPI
GLNMCAPTDQDLIMLAKTRYALKDTDEEVREFLQNNLHLQGKVEGSPSLRWQMALYRGLPGREEDADDPEKIVRRVQEVS
AVLYHLEQTEHPYKSKKAVWHKLLSKQRRRAVVACFRMTPLYNLPTHRACNMFLESYKAAWILTEDHSFEDRMIDDLSKA
GEQEEEEEEVEEKKPDPLHQLVLHFSRTALTEKSKLDEDYLYMAYADIMAKSCHLEEGGENGEAEEEEVEVSFEEKEMEK
QRLLYQQSRLHTRGAAEMVLQMISACKGETGAMVSSTLKLGISILNGGNAEVQQKMLDYLKDKKEVGFFQSIQALMQTCS
VLDLNAFERQNKAEGLGMVNEDGTVINRQNGEKVMADDEFTQDLFRFLQLLCEGHNNDFQNYLRTQTGNTTTINIIICTV
DYLLRLQESISDFYWYYSGKDVIEEQGKRNFSKAMSVAKQVFNSLTEYIQGPCTGNQQSLAHSRLWDAVVGFLHVFAHMM
MKLAQDSSQIELLKELLDLQKDMVVMLLSLLEGNVVNGMIARQMVDMLVESSSNVEMILKFFDMFLKLKDIVGSEAFQDY
VTDPRGLISKKDFQKAMDSQKQFTGPEIQFLLSCSEADENEMINFEEFANRFQEPARDIGFNVAVLLTNLSEHVPHDPRL
RNFLELAESILEYFRPYLGRIEIMGASRRIERIYFEISETNRAQWEMPQVKESKRQFIFDVVNEGGEAEKMELFVSFCED
TIFEMQIAAQISEPEGEPEADEDEGMGEAAAEGAEEGAAGAEGAAGTVAAGATARLAAAAARALRGLSYRSLRRRVRRLR
RLTAREAATALAALLWAVVARAGAAGAGAAAGALRLLWGSLFGGGLVEGAKKVTVTELLAGMPDPTSDEVHGEQPAGPGG
DADGAGEGEGEGDAAEGDGDEEVAGHEAGPGGAEGVVAVADGGPFRPEGAGGLGDMGDTTPAEPPTPEGSPILKRKLGVD
GEEEELVPEPEPEPEPEPEKADEENGEKEEVPEAPPEPPKKAPPSPPAKKEEAGGAGMEFWGELEVQRVKFLNYLSRNFY
TLRFLALFLAFAINFILLFYKVSDSPPGEDDMEGSAAGDLAGAGSGGGSGWGSGAGEEAEGDEDENMVYYFLEESTGYME
PALWCLSLLHTLVAFLCIIGYNCLKVPLVIFKREKELARKLEFDGLYITEQPGDDDVKGQWDRLVLNTPSFPSNYWDKFV
KRKVLDKHGDIFGRERIAELLGMDLASLEITAHNERKPDPPPGLLTWLMSIDVKYQIWKFGVIFTDNSFLYLGWYMVMSL
LGHYNNFFFAAHLLDIAMGVKTLRTILSSVTHNGKQLVMTVGLLAVVVYLYTVVAFNFFRKFYNKSEDEDEPDMKCDDMM
TCYLFHMYVGVRAGGGIGDEIEDPAGDEYELYRVVFDITFFFFVIVILLAIIQGLIIDAFGELRDQQEQVKEDMETKCFI
CGIGSDYFDTTPHGFETHTLEEHNLANYMFFLMYLINKDETEHTGQESYVWKMYQERCWDFFPAGDCFRKQYEDQLS
;
A,B,C,D
2 'polypeptide(L)'
;MKSSHHHHHHGSSMSPILGYWKIKGLVQPTRLLLEYLEEKYEEHLYERDEGDKWRNKKFELGLEFPNLPYYIDGDVKLTQ
SMAIIRYIADKHNMLGGCPKERAEISMLEGAVLDIRYGVSRIAYSKDFETLKVDFLSKLPEMLKMFEDRLCHKTYLNGDH
VTHPDFMLYDALDVVLYMDPMCLDAFPKLVCFKKRIEAIPQIDKYLKSSKYIAWPLQGWQATFGGGDHPPKGIEENLYFQ
SNAGVEIETISPGDGRTFPKKGQTCVVHYTGMLQNGKKFDSSRDRNKPFKFRIGKQEVIKGFEEGAAQMSLGQRAKLTCT
PDVAYGATGHPGVIPPNATLIFDVELLNLE
;
E,F,G,H
#
loop_
_chem_comp.id
_chem_comp.type
_chem_comp.name
_chem_comp.formula
AMP non-polymer 'ADENOSINE MONOPHOSPHATE' 'C10 H14 N5 O7 P'
ZN non-polymer 'ZINC ION' 'Zn 2'
#
# COMPACT_ATOMS: atom_id res chain seq x y z
N VAL A 11 26.78 -14.78 -0.89
CA VAL A 11 27.84 -15.65 -0.39
C VAL A 11 28.34 -16.50 -1.56
N GLN A 12 27.60 -17.57 -1.86
CA GLN A 12 27.83 -18.46 -3.01
C GLN A 12 29.22 -19.10 -2.96
N PHE A 13 29.42 -19.93 -1.94
CA PHE A 13 30.66 -20.69 -1.81
C PHE A 13 30.59 -21.95 -2.67
N LEU A 14 31.67 -22.22 -3.42
CA LEU A 14 31.76 -23.41 -4.25
C LEU A 14 31.80 -24.67 -3.40
N ARG A 15 31.30 -25.76 -3.99
CA ARG A 15 31.20 -27.04 -3.29
C ARG A 15 31.39 -28.16 -4.29
N THR A 16 31.79 -29.33 -3.78
CA THR A 16 32.04 -30.48 -4.64
C THR A 16 30.72 -31.04 -5.15
N ASP A 17 30.83 -31.90 -6.18
CA ASP A 17 29.75 -32.60 -6.89
C ASP A 17 28.87 -31.66 -7.70
N ASP A 18 29.14 -30.36 -7.68
CA ASP A 18 28.43 -29.39 -8.49
C ASP A 18 29.08 -29.32 -9.87
N GLU A 19 28.59 -28.42 -10.71
CA GLU A 19 29.12 -28.27 -12.06
C GLU A 19 29.84 -26.94 -12.17
N VAL A 20 30.97 -26.93 -12.87
CA VAL A 20 31.80 -25.74 -13.09
C VAL A 20 32.30 -25.77 -14.53
N VAL A 21 32.91 -24.67 -14.95
CA VAL A 21 33.55 -24.56 -16.25
C VAL A 21 34.92 -23.91 -16.08
N LEU A 22 35.94 -24.53 -16.66
CA LEU A 22 37.24 -23.88 -16.76
C LEU A 22 37.18 -22.79 -17.82
N GLN A 23 37.78 -21.64 -17.50
CA GLN A 23 37.46 -20.43 -18.24
C GLN A 23 38.60 -19.42 -18.11
N CYS A 24 38.94 -18.79 -19.24
CA CYS A 24 40.10 -17.92 -19.35
C CYS A 24 39.70 -16.45 -19.35
N SER A 25 40.73 -15.60 -19.40
CA SER A 25 40.58 -14.17 -19.70
C SER A 25 41.88 -13.75 -20.37
N ALA A 26 41.90 -13.81 -21.70
CA ALA A 26 43.11 -13.61 -22.48
C ALA A 26 43.06 -12.27 -23.21
N THR A 27 44.25 -11.82 -23.63
CA THR A 27 44.42 -10.55 -24.33
C THR A 27 45.38 -10.69 -25.52
N VAL A 28 44.82 -11.01 -26.68
CA VAL A 28 45.54 -11.02 -27.94
C VAL A 28 44.69 -10.28 -28.95
N LEU A 29 45.37 -9.79 -30.00
CA LEU A 29 44.78 -9.00 -31.10
C LEU A 29 44.07 -7.75 -30.59
N LYS A 30 44.51 -7.27 -29.43
CA LYS A 30 44.00 -6.06 -28.76
C LYS A 30 42.53 -6.23 -28.41
N GLU A 31 42.20 -7.37 -27.78
CA GLU A 31 40.87 -7.49 -27.21
C GLU A 31 40.90 -8.41 -26.00
N GLN A 32 39.88 -8.28 -25.17
CA GLN A 32 39.76 -9.07 -23.95
C GLN A 32 38.87 -10.28 -24.24
N LEU A 33 39.46 -11.22 -24.98
CA LEU A 33 38.75 -12.44 -25.33
C LEU A 33 38.70 -13.40 -24.15
N LYS A 34 37.57 -14.07 -24.00
CA LYS A 34 37.33 -14.95 -22.87
C LYS A 34 37.11 -16.35 -23.42
N LEU A 35 37.90 -17.31 -22.93
CA LEU A 35 37.95 -18.63 -23.51
C LEU A 35 37.42 -19.66 -22.51
N CYS A 36 37.48 -20.92 -22.92
CA CYS A 36 37.02 -22.02 -22.08
C CYS A 36 37.84 -23.26 -22.40
N LEU A 37 37.80 -24.21 -21.49
CA LEU A 37 38.41 -25.52 -21.70
C LEU A 37 37.34 -26.56 -22.01
N ALA A 38 37.49 -27.21 -23.16
CA ALA A 38 36.58 -28.26 -23.56
C ALA A 38 37.36 -29.32 -24.33
N ALA A 39 36.88 -30.56 -24.25
CA ALA A 39 37.53 -31.67 -24.92
C ALA A 39 36.50 -32.74 -25.27
N GLU A 40 36.62 -33.28 -26.48
CA GLU A 40 35.78 -34.41 -26.89
C GLU A 40 36.05 -35.63 -26.03
N GLY A 41 37.32 -35.90 -25.74
CA GLY A 41 37.71 -37.05 -24.95
C GLY A 41 37.78 -38.31 -25.78
N PHE A 42 36.63 -38.79 -26.25
CA PHE A 42 36.57 -39.98 -27.08
C PHE A 42 37.19 -39.69 -28.44
N GLY A 43 38.37 -40.25 -28.68
CA GLY A 43 39.09 -40.04 -29.92
C GLY A 43 40.14 -38.97 -29.84
N ASN A 44 40.05 -38.07 -28.87
CA ASN A 44 41.07 -37.04 -28.65
C ASN A 44 40.99 -36.65 -27.18
N ARG A 45 41.89 -37.21 -26.37
CA ARG A 45 41.90 -36.92 -24.94
C ARG A 45 42.37 -35.51 -24.65
N LEU A 46 43.19 -34.94 -25.53
CA LEU A 46 43.76 -33.61 -25.35
C LEU A 46 42.70 -32.53 -25.40
N CYS A 47 42.90 -31.48 -24.61
CA CYS A 47 41.97 -30.37 -24.54
C CYS A 47 42.35 -29.31 -25.56
N PHE A 48 41.59 -28.22 -25.56
CA PHE A 48 41.80 -27.08 -26.45
C PHE A 48 41.06 -25.88 -25.86
N LEU A 49 41.17 -24.74 -26.54
CA LEU A 49 40.56 -23.50 -26.08
C LEU A 49 39.39 -23.15 -26.99
N GLU A 50 38.21 -23.03 -26.40
CA GLU A 50 37.02 -22.65 -27.16
C GLU A 50 36.58 -21.25 -26.77
N PRO A 51 36.59 -20.29 -27.71
CA PRO A 51 36.16 -18.91 -27.39
C PRO A 51 34.71 -18.88 -26.92
N THR A 52 34.43 -18.02 -25.94
CA THR A 52 33.12 -17.92 -25.34
C THR A 52 32.62 -16.48 -25.22
N SER A 53 33.53 -15.49 -25.18
CA SER A 53 33.15 -14.08 -25.02
C SER A 53 32.23 -13.60 -26.14
N ASN A 54 32.45 -14.09 -27.36
CA ASN A 54 31.58 -13.80 -28.49
C ASN A 54 30.34 -14.70 -28.41
N ALA A 55 29.54 -14.45 -27.38
CA ALA A 55 28.40 -15.29 -27.04
C ALA A 55 27.12 -14.91 -27.77
N GLN A 56 27.14 -13.87 -28.59
CA GLN A 56 25.94 -13.46 -29.31
C GLN A 56 26.04 -13.71 -30.81
N ASN A 57 27.23 -13.54 -31.39
CA ASN A 57 27.42 -13.88 -32.79
C ASN A 57 27.45 -15.39 -32.99
N VAL A 58 28.16 -16.11 -32.13
CA VAL A 58 28.26 -17.57 -32.21
C VAL A 58 27.96 -18.21 -30.86
N PRO A 59 27.19 -19.29 -30.82
CA PRO A 59 26.90 -19.97 -29.55
C PRO A 59 28.12 -20.71 -29.03
N PRO A 60 28.20 -20.96 -27.73
CA PRO A 60 29.30 -21.75 -27.18
C PRO A 60 28.98 -23.23 -27.10
N ASP A 61 30.04 -24.04 -26.98
CA ASP A 61 29.90 -25.49 -26.84
C ASP A 61 29.79 -25.86 -25.36
N LEU A 62 28.57 -25.74 -24.83
CA LEU A 62 28.37 -25.99 -23.42
C LEU A 62 28.35 -27.48 -23.10
N ALA A 63 28.11 -28.34 -24.09
CA ALA A 63 28.06 -29.77 -23.80
C ALA A 63 29.44 -30.34 -23.52
N ILE A 64 30.51 -29.62 -23.87
CA ILE A 64 31.87 -30.09 -23.67
C ILE A 64 32.68 -29.16 -22.77
N CYS A 65 32.21 -27.93 -22.51
CA CYS A 65 32.96 -27.08 -21.60
C CYS A 65 32.68 -27.39 -20.12
N CYS A 66 31.68 -28.21 -19.84
CA CYS A 66 31.28 -28.52 -18.47
C CYS A 66 32.32 -29.37 -17.75
N PHE A 67 32.43 -29.18 -16.44
CA PHE A 67 33.34 -29.95 -15.60
C PHE A 67 32.76 -30.09 -14.20
N THR A 68 33.11 -31.19 -13.53
CA THR A 68 32.51 -31.51 -12.24
C THR A 68 33.60 -31.75 -11.20
N LEU A 69 33.37 -31.21 -10.01
CA LEU A 69 34.26 -31.31 -8.85
C LEU A 69 33.89 -32.57 -8.08
N GLU A 70 34.53 -33.70 -8.41
CA GLU A 70 34.17 -34.97 -7.78
C GLU A 70 34.62 -35.03 -6.32
N GLN A 71 35.92 -34.95 -6.09
CA GLN A 71 36.47 -35.01 -4.74
C GLN A 71 37.42 -33.86 -4.51
N SER A 72 37.34 -33.27 -3.31
CA SER A 72 38.26 -32.22 -2.89
C SER A 72 38.86 -32.65 -1.56
N LEU A 73 40.16 -32.95 -1.58
CA LEU A 73 40.86 -33.46 -0.42
C LEU A 73 42.06 -32.58 -0.10
N SER A 74 42.45 -32.57 1.17
CA SER A 74 43.65 -31.89 1.59
C SER A 74 44.88 -32.60 1.01
N VAL A 75 46.00 -31.86 0.95
CA VAL A 75 47.24 -32.39 0.38
C VAL A 75 47.72 -33.62 1.13
N ARG A 76 47.69 -33.55 2.46
CA ARG A 76 48.08 -34.69 3.29
C ARG A 76 47.15 -35.87 3.10
N ALA A 77 45.84 -35.66 3.21
CA ALA A 77 44.87 -36.74 3.00
C ALA A 77 44.98 -37.31 1.59
N LEU A 78 45.39 -36.48 0.63
CA LEU A 78 45.70 -36.96 -0.71
C LEU A 78 46.88 -37.92 -0.67
N GLN A 79 47.90 -37.60 0.15
CA GLN A 79 49.10 -38.45 0.22
C GLN A 79 48.74 -39.81 0.79
N GLU A 80 48.03 -39.81 1.93
CA GLU A 80 47.62 -41.07 2.56
C GLU A 80 46.66 -41.87 1.67
N MET A 81 45.73 -41.19 1.00
CA MET A 81 44.83 -41.84 0.05
C MET A 81 45.60 -42.49 -1.10
N LEU A 82 46.60 -41.79 -1.65
CA LEU A 82 47.45 -42.38 -2.68
C LEU A 82 48.29 -43.53 -2.14
N ALA A 83 48.76 -43.42 -0.89
CA ALA A 83 49.55 -44.48 -0.28
C ALA A 83 48.73 -45.75 -0.09
N ASN A 84 47.47 -45.61 0.32
CA ASN A 84 46.61 -46.77 0.52
C ASN A 84 45.95 -47.17 -0.80
N HIS A 98 28.94 -33.97 -0.05
CA HIS A 98 29.04 -32.59 -0.52
C HIS A 98 29.88 -31.73 0.41
N ARG A 99 31.17 -32.04 0.48
CA ARG A 99 32.09 -31.25 1.29
C ARG A 99 32.48 -29.97 0.56
N THR A 100 32.52 -28.87 1.30
CA THR A 100 32.81 -27.58 0.70
C THR A 100 34.28 -27.50 0.30
N LEU A 101 34.55 -26.87 -0.84
CA LEU A 101 35.91 -26.65 -1.31
C LEU A 101 36.68 -25.77 -0.33
N LEU A 102 37.97 -26.01 -0.22
CA LEU A 102 38.87 -25.19 0.58
C LEU A 102 40.14 -24.91 -0.21
N TYR A 103 40.66 -23.69 -0.07
CA TYR A 103 41.87 -23.30 -0.79
C TYR A 103 43.06 -24.16 -0.38
N GLY A 104 43.93 -24.45 -1.34
CA GLY A 104 45.08 -25.29 -1.11
C GLY A 104 44.81 -26.77 -1.12
N HIS A 105 43.54 -27.18 -1.21
CA HIS A 105 43.20 -28.59 -1.25
C HIS A 105 43.53 -29.18 -2.62
N ALA A 106 43.28 -30.46 -2.77
CA ALA A 106 43.47 -31.16 -4.03
C ALA A 106 42.10 -31.55 -4.57
N ILE A 107 41.77 -31.06 -5.76
CA ILE A 107 40.45 -31.29 -6.33
C ILE A 107 40.57 -32.28 -7.48
N LEU A 108 39.45 -32.94 -7.77
CA LEU A 108 39.36 -33.95 -8.82
C LEU A 108 38.38 -33.47 -9.88
N LEU A 109 38.90 -33.10 -11.04
CA LEU A 109 38.07 -32.59 -12.13
C LEU A 109 37.71 -33.71 -13.08
N ARG A 110 36.41 -33.85 -13.36
CA ARG A 110 35.88 -34.88 -14.24
C ARG A 110 35.07 -34.22 -15.34
N HIS A 111 35.44 -34.46 -16.59
CA HIS A 111 34.67 -33.95 -17.71
C HIS A 111 33.27 -34.55 -17.69
N ALA A 112 32.26 -33.68 -17.83
CA ALA A 112 30.87 -34.07 -17.63
C ALA A 112 30.42 -35.09 -18.66
N HIS A 113 30.77 -34.88 -19.92
CA HIS A 113 30.34 -35.79 -20.98
C HIS A 113 31.21 -37.03 -21.08
N SER A 114 32.48 -36.84 -21.43
CA SER A 114 33.38 -37.96 -21.71
C SER A 114 33.63 -38.86 -20.50
N ARG A 115 33.35 -38.38 -19.29
CA ARG A 115 33.51 -39.03 -17.99
C ARG A 115 34.97 -39.24 -17.62
N MET A 116 35.91 -38.85 -18.47
CA MET A 116 37.32 -38.94 -18.22
C MET A 116 37.77 -37.77 -17.35
N TYR A 117 38.79 -38.02 -16.53
CA TYR A 117 39.26 -37.02 -15.59
C TYR A 117 40.39 -36.20 -16.21
N LEU A 118 40.41 -34.91 -15.90
CA LEU A 118 41.53 -34.07 -16.32
C LEU A 118 42.81 -34.46 -15.60
N SER A 119 43.92 -34.43 -16.32
CA SER A 119 45.22 -34.78 -15.76
C SER A 119 46.32 -34.19 -16.62
N CYS A 120 47.54 -34.26 -16.11
CA CYS A 120 48.72 -33.80 -16.83
C CYS A 120 49.33 -34.98 -17.58
N LEU A 121 49.30 -34.92 -18.90
CA LEU A 121 49.84 -36.01 -19.72
C LEU A 121 51.36 -35.98 -19.69
N THR A 122 51.96 -37.17 -19.67
CA THR A 122 53.42 -37.28 -19.61
C THR A 122 54.09 -36.77 -20.89
N THR A 123 53.60 -37.22 -22.05
CA THR A 123 54.21 -36.86 -23.32
C THR A 123 53.49 -35.66 -23.92
N SER A 124 54.26 -34.71 -24.43
CA SER A 124 53.73 -33.47 -24.98
C SER A 124 54.16 -33.29 -26.43
N ARG A 125 53.26 -32.74 -27.24
CA ARG A 125 53.49 -32.47 -28.65
C ARG A 125 53.77 -31.01 -28.93
N SER A 126 53.72 -30.13 -27.93
CA SER A 126 53.98 -28.71 -28.11
C SER A 126 55.44 -28.50 -28.48
N MET A 127 55.67 -28.24 -29.77
CA MET A 127 57.02 -28.09 -30.30
C MET A 127 57.62 -26.72 -30.02
N THR A 128 56.80 -25.75 -29.59
CA THR A 128 57.26 -24.38 -29.39
C THR A 128 58.27 -24.29 -28.26
N ASP A 129 57.99 -24.98 -27.15
CA ASP A 129 58.80 -24.88 -25.94
C ASP A 129 59.06 -26.25 -25.35
N LYS A 130 60.16 -26.37 -24.63
CA LYS A 130 60.45 -27.55 -23.84
C LYS A 130 59.81 -27.36 -22.46
N LEU A 131 60.03 -28.32 -21.56
CA LEU A 131 59.60 -28.32 -20.14
C LEU A 131 58.08 -28.07 -19.95
N ALA A 132 57.30 -28.19 -21.02
CA ALA A 132 55.88 -27.89 -20.99
C ALA A 132 55.12 -29.13 -21.44
N PHE A 133 54.35 -29.71 -20.52
CA PHE A 133 53.54 -30.87 -20.82
C PHE A 133 52.13 -30.40 -21.18
N ASP A 134 51.37 -31.30 -21.79
CA ASP A 134 50.02 -30.97 -22.24
C ASP A 134 48.97 -31.57 -21.32
N VAL A 135 47.86 -30.89 -21.20
CA VAL A 135 46.75 -31.38 -20.39
C VAL A 135 45.86 -32.25 -21.27
N GLY A 136 45.26 -33.27 -20.67
CA GLY A 136 44.41 -34.18 -21.42
C GLY A 136 43.37 -34.83 -20.54
N LEU A 137 42.83 -35.96 -21.01
CA LEU A 137 41.78 -36.67 -20.28
C LEU A 137 42.25 -38.10 -20.00
N GLN A 138 42.08 -38.52 -18.75
CA GLN A 138 42.54 -39.83 -18.30
C GLN A 138 41.33 -40.68 -17.97
N GLU A 139 41.45 -41.99 -18.24
CA GLU A 139 40.33 -42.93 -18.19
C GLU A 139 39.76 -43.04 -16.78
N ASP A 140 40.61 -43.12 -15.77
CA ASP A 140 40.13 -43.32 -14.40
C ASP A 140 40.73 -42.31 -13.43
N ALA A 141 40.47 -42.48 -12.14
CA ALA A 141 40.98 -41.61 -11.10
C ALA A 141 42.28 -42.11 -10.49
N THR A 142 42.86 -43.18 -11.04
CA THR A 142 44.10 -43.74 -10.52
C THR A 142 45.27 -42.77 -10.70
N GLY A 143 46.23 -42.87 -9.80
CA GLY A 143 47.40 -42.01 -9.85
C GLY A 143 47.15 -40.67 -9.20
N GLU A 144 48.14 -39.79 -9.37
CA GLU A 144 48.10 -38.45 -8.81
C GLU A 144 47.85 -37.36 -9.84
N ALA A 145 48.12 -37.64 -11.13
CA ALA A 145 47.96 -36.63 -12.19
C ALA A 145 46.52 -36.16 -12.31
N CYS A 146 45.55 -37.02 -11.99
CA CYS A 146 44.14 -36.67 -12.04
C CYS A 146 43.75 -35.60 -11.03
N TRP A 147 44.59 -35.34 -10.04
CA TRP A 147 44.31 -34.38 -8.99
C TRP A 147 45.01 -33.06 -9.27
N TRP A 148 44.36 -31.98 -8.90
CA TRP A 148 44.89 -30.63 -9.07
C TRP A 148 44.74 -29.88 -7.77
N THR A 149 45.71 -29.02 -7.47
CA THR A 149 45.68 -28.20 -6.26
C THR A 149 45.41 -26.75 -6.66
N MET A 150 44.43 -26.15 -6.02
CA MET A 150 44.03 -24.78 -6.33
C MET A 150 44.56 -23.82 -5.29
N HIS A 151 45.07 -22.69 -5.76
CA HIS A 151 45.68 -21.72 -4.87
C HIS A 151 45.00 -20.37 -5.03
N PRO A 152 44.95 -19.56 -3.97
CA PRO A 152 44.49 -18.17 -4.12
C PRO A 152 45.42 -17.39 -5.03
N ALA A 153 44.82 -16.47 -5.80
CA ALA A 153 45.58 -15.67 -6.76
C ALA A 153 46.62 -14.80 -6.07
N SER A 154 46.24 -14.14 -4.98
CA SER A 154 47.15 -13.26 -4.26
C SER A 154 46.77 -13.33 -2.78
N LYS A 155 47.37 -12.44 -1.99
CA LYS A 155 47.18 -12.44 -0.54
C LYS A 155 45.79 -11.99 -0.10
N GLN A 156 44.97 -11.43 -1.00
CA GLN A 156 43.62 -11.03 -0.63
C GLN A 156 42.73 -12.22 -0.27
N ARG A 157 43.07 -13.42 -0.73
CA ARG A 157 42.45 -14.65 -0.26
C ARG A 157 43.52 -15.48 0.42
N SER A 158 43.15 -16.13 1.52
CA SER A 158 44.07 -16.91 2.32
C SER A 158 43.97 -18.39 1.97
N GLU A 159 45.04 -19.11 2.25
CA GLU A 159 45.05 -20.55 2.03
C GLU A 159 44.17 -21.24 3.08
N GLY A 160 43.39 -22.22 2.64
CA GLY A 160 42.56 -23.00 3.52
C GLY A 160 41.12 -22.55 3.63
N GLU A 161 40.77 -21.38 3.11
CA GLU A 161 39.40 -20.91 3.20
C GLU A 161 38.59 -21.31 1.99
N LYS A 162 37.28 -21.39 2.19
CA LYS A 162 36.36 -21.78 1.13
C LYS A 162 36.28 -20.72 0.05
N VAL A 163 36.15 -21.18 -1.19
CA VAL A 163 36.20 -20.32 -2.37
C VAL A 163 34.79 -19.93 -2.79
N ARG A 164 34.59 -18.64 -3.03
CA ARG A 164 33.33 -18.11 -3.52
C ARG A 164 33.30 -18.17 -5.05
N VAL A 165 32.15 -17.82 -5.62
CA VAL A 165 32.00 -17.84 -7.07
C VAL A 165 32.82 -16.71 -7.68
N GLY A 166 33.35 -16.96 -8.88
CA GLY A 166 34.05 -15.95 -9.62
C GLY A 166 35.43 -15.58 -9.11
N ASP A 167 35.91 -16.22 -8.04
CA ASP A 167 37.24 -15.93 -7.51
C ASP A 167 38.31 -16.33 -8.51
N ASP A 168 39.28 -15.45 -8.70
CA ASP A 168 40.39 -15.72 -9.60
C ASP A 168 41.32 -16.75 -8.96
N LEU A 169 41.54 -17.87 -9.64
CA LEU A 169 42.24 -19.00 -9.05
C LEU A 169 43.41 -19.43 -9.91
N ILE A 170 44.25 -20.28 -9.34
CA ILE A 170 45.39 -20.89 -10.01
C ILE A 170 45.42 -22.36 -9.62
N LEU A 171 45.54 -23.25 -10.63
CA LEU A 171 45.56 -24.69 -10.40
C LEU A 171 46.98 -25.20 -10.59
N VAL A 172 47.39 -26.16 -9.75
CA VAL A 172 48.71 -26.78 -9.84
C VAL A 172 48.53 -28.29 -9.87
N SER A 173 49.13 -28.93 -10.88
CA SER A 173 49.07 -30.38 -10.99
C SER A 173 49.96 -31.03 -9.94
N VAL A 174 49.43 -32.05 -9.27
CA VAL A 174 50.18 -32.74 -8.23
C VAL A 174 51.36 -33.51 -8.82
N SER A 175 51.13 -34.20 -9.95
CA SER A 175 52.14 -35.09 -10.52
C SER A 175 53.32 -34.33 -11.12
N SER A 176 53.06 -33.21 -11.78
CA SER A 176 54.10 -32.52 -12.53
C SER A 176 54.55 -31.21 -11.89
N GLU A 177 53.78 -30.68 -10.93
CA GLU A 177 54.05 -29.40 -10.25
C GLU A 177 54.20 -28.25 -11.26
N ARG A 178 53.45 -28.34 -12.35
CA ARG A 178 53.52 -27.38 -13.43
C ARG A 178 52.21 -26.61 -13.52
N TYR A 179 52.33 -25.29 -13.55
CA TYR A 179 51.18 -24.40 -13.76
C TYR A 179 50.56 -24.68 -15.13
N LEU A 180 49.25 -24.87 -15.16
CA LEU A 180 48.56 -25.00 -16.45
C LEU A 180 48.65 -23.66 -17.16
N HIS A 181 49.22 -23.68 -18.37
CA HIS A 181 49.66 -22.47 -19.03
C HIS A 181 49.17 -22.48 -20.48
N LEU A 182 48.65 -21.33 -20.93
CA LEU A 182 48.21 -21.22 -22.30
C LEU A 182 49.39 -20.87 -23.22
N SER A 183 49.52 -21.63 -24.31
CA SER A 183 50.64 -21.46 -25.24
C SER A 183 50.37 -20.25 -26.12
N THR A 184 50.64 -19.07 -25.55
CA THR A 184 50.44 -17.82 -26.28
C THR A 184 51.53 -17.59 -27.33
N ALA A 185 52.68 -18.27 -27.19
CA ALA A 185 53.80 -18.10 -28.11
C ALA A 185 53.45 -18.52 -29.53
N SER A 186 52.73 -19.63 -29.67
CA SER A 186 52.28 -20.06 -30.99
C SER A 186 51.14 -19.18 -31.48
N GLY A 187 50.87 -19.27 -32.79
CA GLY A 187 49.79 -18.49 -33.37
C GLY A 187 48.43 -18.85 -32.79
N GLU A 188 48.18 -20.14 -32.60
CA GLU A 188 46.94 -20.60 -31.98
C GLU A 188 47.09 -20.62 -30.47
N LEU A 189 45.95 -20.63 -29.79
CA LEU A 189 45.91 -20.58 -28.33
C LEU A 189 45.53 -21.97 -27.83
N GLN A 190 46.50 -22.66 -27.23
CA GLN A 190 46.33 -23.97 -26.63
C GLN A 190 46.42 -23.83 -25.13
N VAL A 191 46.40 -24.95 -24.42
CA VAL A 191 46.64 -25.00 -22.97
C VAL A 191 47.63 -26.12 -22.69
N ASP A 192 48.67 -25.80 -21.92
CA ASP A 192 49.73 -26.75 -21.63
C ASP A 192 50.03 -26.69 -20.14
N ALA A 193 51.12 -27.34 -19.70
CA ALA A 193 51.52 -27.36 -18.29
C ALA A 193 52.98 -26.94 -18.21
N SER A 194 53.24 -25.72 -17.77
CA SER A 194 54.60 -25.19 -17.69
C SER A 194 54.75 -24.50 -16.34
N PHE A 195 55.79 -23.69 -16.20
CA PHE A 195 56.04 -23.02 -14.93
C PHE A 195 55.55 -21.58 -14.92
N MET A 196 54.78 -21.18 -15.93
CA MET A 196 54.15 -19.86 -15.97
C MET A 196 52.67 -20.00 -15.63
N GLN A 197 52.22 -19.23 -14.65
CA GLN A 197 50.87 -19.36 -14.13
C GLN A 197 49.83 -18.78 -15.10
N THR A 198 48.58 -19.15 -14.87
CA THR A 198 47.43 -18.62 -15.59
C THR A 198 46.32 -18.38 -14.57
N LEU A 199 45.53 -17.34 -14.82
CA LEU A 199 44.45 -16.94 -13.92
C LEU A 199 43.12 -17.50 -14.44
N TRP A 200 42.37 -18.16 -13.55
CA TRP A 200 41.24 -18.99 -13.93
C TRP A 200 39.97 -18.57 -13.21
N ASN A 201 38.89 -18.43 -13.98
CA ASN A 201 37.57 -18.12 -13.46
C ASN A 201 36.77 -19.40 -13.37
N MET A 202 36.29 -19.73 -12.17
CA MET A 202 35.56 -20.95 -11.92
C MET A 202 34.10 -20.57 -11.69
N ASN A 203 33.35 -20.46 -12.79
CA ASN A 203 31.96 -20.05 -12.74
C ASN A 203 31.07 -21.28 -12.70
N PRO A 204 30.27 -21.47 -11.66
CA PRO A 204 29.43 -22.66 -11.58
C PRO A 204 28.30 -22.64 -12.60
N ILE A 205 27.85 -23.84 -12.94
CA ILE A 205 26.75 -24.04 -13.87
C ILE A 205 25.47 -24.47 -13.14
N CYS A 206 25.58 -25.47 -12.28
CA CYS A 206 24.44 -26.00 -11.55
C CYS A 206 24.81 -26.25 -10.09
N SER A 207 23.81 -26.19 -9.21
CA SER A 207 24.02 -26.52 -7.81
C SER A 207 23.25 -27.77 -7.39
N CYS A 208 21.93 -27.77 -7.53
CA CYS A 208 21.10 -28.90 -7.09
C CYS A 208 19.80 -28.91 -7.89
N CYS A 209 19.59 -29.93 -8.69
CA CYS A 209 18.31 -30.15 -9.36
C CYS A 209 17.62 -31.37 -8.77
N GLU A 210 16.36 -31.18 -8.36
CA GLU A 210 15.58 -32.26 -7.77
C GLU A 210 15.04 -33.17 -8.87
N GLU A 211 14.17 -34.10 -8.50
CA GLU A 211 13.70 -35.10 -9.46
C GLU A 211 12.60 -34.50 -10.33
N GLY A 212 12.83 -34.52 -11.64
CA GLY A 212 11.85 -34.10 -12.61
C GLY A 212 11.50 -32.63 -12.64
N TYR A 213 12.49 -31.75 -12.48
CA TYR A 213 12.32 -30.32 -12.73
C TYR A 213 13.20 -29.92 -13.91
N VAL A 214 12.59 -29.29 -14.91
CA VAL A 214 13.28 -28.98 -16.14
C VAL A 214 14.18 -27.77 -15.93
N THR A 215 15.47 -27.93 -16.19
CA THR A 215 16.46 -26.87 -16.04
C THR A 215 17.22 -26.69 -17.34
N GLY A 216 17.87 -25.54 -17.47
CA GLY A 216 18.65 -25.26 -18.66
C GLY A 216 19.89 -26.13 -18.75
N GLY A 217 20.34 -26.36 -20.00
CA GLY A 217 21.49 -27.19 -20.25
C GLY A 217 21.18 -28.64 -20.46
N HIS A 218 19.94 -29.06 -20.23
CA HIS A 218 19.54 -30.45 -20.37
C HIS A 218 19.31 -30.81 -21.83
N VAL A 219 19.89 -31.92 -22.25
CA VAL A 219 19.52 -32.53 -23.53
C VAL A 219 18.26 -33.34 -23.28
N LEU A 220 17.22 -33.12 -24.08
CA LEU A 220 15.95 -33.76 -23.78
C LEU A 220 15.08 -33.80 -25.03
N ARG A 221 13.94 -34.48 -24.91
CA ARG A 221 12.90 -34.47 -25.92
C ARG A 221 11.70 -33.63 -25.48
N LEU A 222 10.94 -33.20 -26.49
CA LEU A 222 9.75 -32.37 -26.28
C LEU A 222 8.53 -33.11 -26.80
N PHE A 223 7.89 -33.89 -25.93
CA PHE A 223 6.66 -34.58 -26.31
C PHE A 223 5.51 -33.61 -26.47
N HIS A 224 4.48 -34.08 -27.16
CA HIS A 224 3.19 -33.41 -27.18
C HIS A 224 2.34 -34.07 -26.11
N GLY A 225 1.31 -33.35 -25.64
CA GLY A 225 0.43 -33.80 -24.58
C GLY A 225 -0.27 -35.13 -24.82
N HIS A 226 -0.35 -35.55 -26.09
CA HIS A 226 -1.00 -36.79 -26.49
C HIS A 226 -0.12 -38.01 -26.28
N MET A 227 1.16 -37.82 -25.91
CA MET A 227 2.20 -38.82 -25.64
C MET A 227 2.69 -39.55 -26.89
N ASP A 228 2.17 -39.27 -28.07
CA ASP A 228 2.56 -40.03 -29.25
C ASP A 228 3.35 -39.20 -30.26
N GLU A 229 2.79 -38.10 -30.76
CA GLU A 229 3.53 -37.25 -31.68
C GLU A 229 4.64 -36.51 -30.92
N CYS A 230 5.74 -36.25 -31.62
CA CYS A 230 7.00 -35.93 -30.99
C CYS A 230 7.84 -35.13 -31.96
N LEU A 231 8.62 -34.18 -31.44
CA LEU A 231 9.38 -33.29 -32.31
C LEU A 231 10.61 -34.02 -32.83
N THR A 232 10.64 -34.30 -34.13
CA THR A 232 11.76 -34.97 -34.77
C THR A 232 12.14 -34.27 -36.06
N ILE A 233 13.44 -34.22 -36.34
CA ILE A 233 13.90 -33.85 -37.67
C ILE A 233 13.85 -35.10 -38.54
N SER A 234 14.05 -34.93 -39.86
CA SER A 234 14.06 -36.03 -40.80
C SER A 234 15.17 -37.03 -40.47
N ALA A 235 15.00 -38.26 -40.95
CA ALA A 235 15.95 -39.33 -40.71
C ALA A 235 17.25 -39.07 -41.47
N ALA A 236 18.30 -39.76 -41.03
CA ALA A 236 19.64 -39.59 -41.61
C ALA A 236 19.68 -40.04 -43.07
N ASP A 237 20.60 -39.43 -43.82
CA ASP A 237 20.84 -39.69 -45.25
C ASP A 237 19.57 -39.43 -46.06
N SER A 238 19.14 -38.17 -46.06
CA SER A 238 17.96 -37.75 -46.78
C SER A 238 18.24 -36.49 -47.60
N ASP A 239 17.56 -36.39 -48.74
CA ASP A 239 17.67 -35.25 -49.63
C ASP A 239 17.09 -33.99 -48.97
N ASP A 240 16.16 -34.17 -48.02
CA ASP A 240 15.53 -33.06 -47.30
C ASP A 240 16.52 -32.27 -46.44
N GLN A 241 17.72 -32.82 -46.19
CA GLN A 241 18.80 -32.26 -45.37
C GLN A 241 18.44 -32.14 -43.91
N ARG A 242 17.34 -32.78 -43.48
CA ARG A 242 16.95 -32.96 -42.08
C ARG A 242 16.74 -31.63 -41.36
N ARG A 243 16.31 -30.62 -42.10
CA ARG A 243 16.22 -29.26 -41.60
C ARG A 243 14.81 -28.85 -41.23
N LEU A 244 13.88 -29.79 -41.12
CA LEU A 244 12.49 -29.47 -40.83
C LEU A 244 12.00 -30.29 -39.65
N VAL A 245 11.26 -29.65 -38.74
CA VAL A 245 10.73 -30.31 -37.56
C VAL A 245 9.35 -30.87 -37.87
N TYR A 246 9.08 -32.10 -37.43
CA TYR A 246 7.81 -32.77 -37.67
C TYR A 246 7.31 -33.34 -36.35
N TYR A 247 6.00 -33.21 -36.12
CA TYR A 247 5.31 -33.85 -35.00
C TYR A 247 5.08 -35.33 -35.36
N GLU A 248 6.16 -36.09 -35.38
CA GLU A 248 6.14 -37.47 -35.85
C GLU A 248 5.95 -38.39 -34.66
N GLY A 249 5.01 -39.33 -34.79
CA GLY A 249 4.67 -40.23 -33.72
C GLY A 249 5.25 -41.63 -33.90
N GLY A 250 4.94 -42.48 -32.92
CA GLY A 250 5.43 -43.85 -32.92
C GLY A 250 6.81 -44.00 -32.31
N ALA A 251 7.58 -44.96 -32.82
CA ALA A 251 8.95 -45.22 -32.39
C ALA A 251 9.97 -44.32 -33.09
N VAL A 252 9.54 -43.21 -33.68
CA VAL A 252 10.45 -42.34 -34.41
C VAL A 252 11.38 -41.60 -33.44
N CYS A 253 10.86 -41.16 -32.29
CA CYS A 253 11.68 -40.38 -31.37
C CYS A 253 12.18 -41.20 -30.19
N THR A 254 12.48 -42.48 -30.41
CA THR A 254 13.34 -43.21 -29.51
C THR A 254 14.79 -43.17 -29.97
N HIS A 255 15.06 -42.43 -31.04
CA HIS A 255 16.37 -42.37 -31.67
C HIS A 255 17.10 -41.10 -31.26
N ALA A 256 18.34 -40.97 -31.72
CA ALA A 256 19.19 -39.83 -31.40
C ALA A 256 18.87 -38.58 -32.20
N ARG A 257 18.05 -38.70 -33.25
CA ARG A 257 17.73 -37.56 -34.10
C ARG A 257 16.80 -36.56 -33.43
N SER A 258 16.19 -36.90 -32.31
CA SER A 258 15.11 -36.12 -31.72
C SER A 258 15.44 -35.66 -30.31
N LEU A 259 16.65 -35.15 -30.12
CA LEU A 259 17.06 -34.63 -28.82
C LEU A 259 17.38 -33.15 -28.96
N TRP A 260 16.79 -32.33 -28.10
CA TRP A 260 17.04 -30.91 -28.10
C TRP A 260 17.70 -30.49 -26.79
N ARG A 261 18.55 -29.49 -26.88
CA ARG A 261 19.28 -28.98 -25.71
C ARG A 261 18.83 -27.55 -25.41
N LEU A 262 18.45 -27.32 -24.16
CA LEU A 262 18.01 -26.01 -23.68
C LEU A 262 19.25 -25.19 -23.32
N GLU A 263 19.77 -24.41 -24.27
CA GLU A 263 21.05 -23.74 -24.04
C GLU A 263 20.84 -22.23 -23.88
N PRO A 264 20.91 -21.68 -22.67
CA PRO A 264 20.70 -20.22 -22.53
C PRO A 264 21.85 -19.37 -23.03
N LEU A 265 21.72 -18.05 -22.85
CA LEU A 265 22.72 -17.09 -23.30
C LEU A 265 23.79 -16.80 -22.27
N ARG A 266 23.41 -16.82 -20.99
CA ARG A 266 24.33 -16.46 -19.91
C ARG A 266 25.49 -17.46 -19.82
N ILE A 267 26.71 -16.94 -19.81
CA ILE A 267 27.87 -17.82 -19.72
C ILE A 267 27.95 -18.45 -18.33
N SER A 268 27.85 -17.63 -17.29
CA SER A 268 27.81 -18.12 -15.92
C SER A 268 26.39 -18.48 -15.54
N TRP A 269 26.26 -19.57 -14.76
CA TRP A 269 24.97 -20.11 -14.31
C TRP A 269 24.05 -20.45 -15.48
N SER A 270 24.62 -20.97 -16.56
CA SER A 270 23.82 -21.37 -17.72
C SER A 270 22.90 -22.54 -17.41
N GLY A 271 23.23 -23.35 -16.40
CA GLY A 271 22.40 -24.48 -16.03
C GLY A 271 21.36 -24.13 -14.99
N SER A 272 21.08 -22.83 -14.86
CA SER A 272 20.08 -22.36 -13.90
C SER A 272 18.70 -22.88 -14.25
N HIS A 273 17.87 -23.01 -13.23
CA HIS A 273 16.51 -23.51 -13.38
C HIS A 273 15.72 -22.57 -14.29
N LEU A 274 14.87 -23.15 -15.12
CA LEU A 274 14.13 -22.39 -16.12
C LEU A 274 13.17 -21.38 -15.51
N ARG A 275 13.33 -20.13 -15.91
CA ARG A 275 12.35 -19.09 -15.65
C ARG A 275 11.67 -18.76 -16.97
N TRP A 276 10.34 -18.71 -16.94
CA TRP A 276 9.55 -18.56 -18.16
C TRP A 276 9.88 -17.25 -18.87
N GLY A 277 9.97 -17.32 -20.19
CA GLY A 277 10.28 -16.13 -20.96
C GLY A 277 11.71 -15.65 -20.85
N GLN A 278 12.68 -16.57 -20.83
CA GLN A 278 14.05 -16.13 -20.85
C GLN A 278 14.69 -16.49 -22.19
N PRO A 279 15.67 -15.73 -22.68
CA PRO A 279 16.26 -16.05 -23.98
C PRO A 279 17.12 -17.30 -23.88
N LEU A 280 16.89 -18.23 -24.81
CA LEU A 280 17.65 -19.48 -24.83
C LEU A 280 17.60 -20.09 -26.23
N ARG A 281 18.73 -20.62 -26.66
CA ARG A 281 18.85 -21.30 -27.93
C ARG A 281 18.39 -22.75 -27.79
N ILE A 282 18.11 -23.37 -28.95
CA ILE A 282 17.74 -24.77 -29.05
C ILE A 282 18.63 -25.40 -30.10
N ARG A 283 19.25 -26.53 -29.78
CA ARG A 283 20.23 -27.14 -30.68
C ARG A 283 19.88 -28.60 -30.91
N HIS A 284 20.19 -29.08 -32.12
CA HIS A 284 20.19 -30.51 -32.37
C HIS A 284 21.52 -31.11 -31.96
N VAL A 285 21.49 -32.34 -31.47
CA VAL A 285 22.68 -32.91 -30.84
C VAL A 285 23.64 -33.52 -31.86
N THR A 286 23.16 -34.40 -32.75
CA THR A 286 24.06 -35.11 -33.65
C THR A 286 24.57 -34.22 -34.77
N THR A 287 23.70 -33.41 -35.35
CA THR A 287 24.15 -32.54 -36.43
C THR A 287 24.78 -31.26 -35.92
N GLY A 288 24.57 -30.91 -34.64
CA GLY A 288 25.11 -29.71 -34.05
C GLY A 288 24.57 -28.46 -34.71
N ARG A 289 23.26 -28.42 -34.91
CA ARG A 289 22.62 -27.30 -35.57
C ARG A 289 21.51 -26.72 -34.70
N TYR A 290 21.33 -25.41 -34.82
CA TYR A 290 20.43 -24.62 -33.99
C TYR A 290 19.18 -24.23 -34.78
N LEU A 291 18.01 -24.43 -34.18
CA LEU A 291 16.77 -23.92 -34.76
C LEU A 291 16.83 -22.41 -34.94
N ALA A 292 16.52 -21.94 -36.14
CA ALA A 292 16.54 -20.54 -36.49
C ALA A 292 15.37 -20.20 -37.40
N LEU A 293 14.92 -18.95 -37.31
CA LEU A 293 13.88 -18.42 -38.18
C LEU A 293 14.58 -17.79 -39.38
N THR A 294 14.76 -18.55 -40.44
CA THR A 294 15.45 -18.05 -41.61
C THR A 294 14.46 -17.36 -42.54
N GLU A 295 15.00 -16.48 -43.39
CA GLU A 295 14.15 -15.64 -44.23
C GLU A 295 13.54 -16.40 -45.40
N ASP A 296 14.17 -17.47 -45.88
CA ASP A 296 13.69 -18.16 -47.07
C ASP A 296 12.89 -19.43 -46.77
N GLN A 297 13.29 -20.21 -45.76
CA GLN A 297 12.64 -21.47 -45.47
C GLN A 297 12.00 -21.50 -44.08
N GLY A 298 11.84 -20.34 -43.44
CA GLY A 298 11.21 -20.24 -42.14
C GLY A 298 11.98 -20.89 -41.01
N LEU A 299 11.47 -21.98 -40.45
CA LEU A 299 12.10 -22.62 -39.30
C LEU A 299 13.02 -23.74 -39.80
N VAL A 300 14.33 -23.53 -39.75
CA VAL A 300 15.30 -24.56 -40.13
C VAL A 300 16.42 -24.58 -39.10
N VAL A 301 17.16 -25.68 -39.08
CA VAL A 301 18.37 -25.76 -38.27
C VAL A 301 19.56 -25.27 -39.10
N VAL A 302 20.38 -24.43 -38.49
CA VAL A 302 21.50 -23.78 -39.14
C VAL A 302 22.73 -24.02 -38.27
N ASP A 303 23.91 -23.96 -38.90
CA ASP A 303 25.17 -24.23 -38.21
C ASP A 303 25.44 -23.21 -37.11
N ALA A 304 26.46 -23.50 -36.30
CA ALA A 304 26.88 -22.60 -35.22
C ALA A 304 27.56 -21.33 -35.72
N CYS A 305 27.90 -21.25 -37.01
CA CYS A 305 28.49 -20.05 -37.57
C CYS A 305 27.45 -19.02 -37.99
N LYS A 306 26.17 -19.36 -37.95
CA LYS A 306 25.08 -18.49 -38.38
C LYS A 306 23.95 -18.46 -37.36
N ALA A 307 24.27 -18.62 -36.08
CA ALA A 307 23.28 -18.50 -35.00
C ALA A 307 23.54 -17.15 -34.35
N HIS A 308 22.92 -16.11 -34.91
CA HIS A 308 23.15 -14.73 -34.52
C HIS A 308 22.32 -14.27 -33.32
N THR A 309 21.68 -15.19 -32.59
CA THR A 309 20.96 -15.02 -31.31
C THR A 309 19.63 -14.27 -31.52
N LYS A 310 19.40 -13.78 -32.73
CA LYS A 310 18.15 -13.09 -33.06
C LYS A 310 17.11 -14.10 -33.53
N ALA A 311 17.43 -14.88 -34.55
CA ALA A 311 16.51 -15.88 -35.07
C ALA A 311 16.56 -17.20 -34.30
N THR A 312 17.57 -17.41 -33.44
CA THR A 312 17.71 -18.69 -32.76
C THR A 312 17.13 -18.71 -31.36
N SER A 313 17.13 -17.58 -30.66
CA SER A 313 16.65 -17.54 -29.29
C SER A 313 15.14 -17.75 -29.22
N PHE A 314 14.69 -18.42 -28.16
CA PHE A 314 13.28 -18.68 -27.92
C PHE A 314 12.99 -18.50 -26.44
N CYS A 315 11.73 -18.75 -26.06
CA CYS A 315 11.30 -18.54 -24.67
C CYS A 315 10.17 -19.52 -24.36
N PHE A 316 9.90 -19.68 -23.06
CA PHE A 316 8.80 -20.50 -22.55
C PHE A 316 7.79 -19.66 -21.79
N ARG A 317 6.56 -20.18 -21.70
CA ARG A 317 5.50 -19.54 -20.92
C ARG A 317 4.38 -20.54 -20.69
N VAL A 318 3.35 -20.11 -19.95
CA VAL A 318 2.29 -20.99 -19.52
C VAL A 318 1.11 -21.01 -20.49
N SER A 319 0.75 -19.88 -21.09
CA SER A 319 -0.42 -19.82 -21.95
C SER A 319 -0.12 -18.95 -23.16
N LYS A 320 -1.14 -18.76 -24.01
CA LYS A 320 -0.97 -17.98 -25.24
C LYS A 320 -1.32 -16.50 -25.08
N GLU A 321 -1.71 -16.08 -23.88
CA GLU A 321 -2.03 -14.67 -23.65
C GLU A 321 -0.74 -13.84 -23.63
N LYS A 322 -0.85 -12.60 -24.13
CA LYS A 322 0.31 -11.73 -24.24
C LYS A 322 0.71 -11.19 -22.86
N LEU A 323 1.96 -11.40 -22.49
CA LEU A 323 2.47 -10.91 -21.22
C LEU A 323 3.26 -9.61 -21.42
N PRO A 327 12.63 -11.09 -21.81
CA PRO A 327 13.85 -11.44 -21.08
C PRO A 327 13.96 -10.72 -19.73
N LYS A 328 14.10 -11.51 -18.67
CA LYS A 328 14.24 -11.00 -17.32
C LYS A 328 15.71 -10.95 -16.92
N ARG A 329 15.99 -10.16 -15.88
CA ARG A 329 17.34 -10.04 -15.35
C ARG A 329 17.83 -11.36 -14.80
N ASP A 330 19.06 -11.73 -15.14
CA ASP A 330 19.62 -13.02 -14.75
C ASP A 330 19.83 -13.09 -13.23
N VAL A 331 19.55 -14.25 -12.67
CA VAL A 331 19.74 -14.50 -11.24
C VAL A 331 20.96 -15.39 -11.05
N GLU A 332 21.85 -14.98 -10.14
CA GLU A 332 23.09 -15.72 -9.90
C GLU A 332 22.79 -16.83 -8.89
N GLY A 333 22.17 -17.89 -9.38
CA GLY A 333 21.81 -19.00 -8.52
C GLY A 333 21.14 -20.10 -9.31
N MET A 334 20.79 -21.16 -8.58
CA MET A 334 20.14 -22.34 -9.19
C MET A 334 18.82 -21.95 -9.85
N GLY A 335 17.96 -21.24 -9.12
CA GLY A 335 16.69 -20.81 -9.66
C GLY A 335 15.51 -21.50 -9.03
N PRO A 336 14.37 -20.81 -8.98
CA PRO A 336 13.19 -21.38 -8.35
C PRO A 336 12.61 -22.52 -9.17
N PRO A 337 11.93 -23.49 -8.53
CA PRO A 337 11.30 -24.58 -9.29
C PRO A 337 10.04 -24.14 -10.03
N GLU A 338 10.13 -24.07 -11.36
CA GLU A 338 9.03 -23.59 -12.18
C GLU A 338 8.44 -24.66 -13.10
N ILE A 339 9.27 -25.30 -13.92
CA ILE A 339 8.80 -26.25 -14.93
C ILE A 339 9.18 -27.66 -14.49
N LYS A 340 8.19 -28.54 -14.44
CA LYS A 340 8.39 -29.94 -14.09
C LYS A 340 8.43 -30.82 -15.34
N TYR A 341 8.79 -32.08 -15.15
CA TYR A 341 8.93 -33.05 -16.22
C TYR A 341 7.68 -33.93 -16.27
N GLY A 342 7.07 -33.99 -17.45
CA GLY A 342 5.86 -34.76 -17.67
C GLY A 342 4.57 -34.03 -17.37
N GLU A 343 4.65 -32.83 -16.80
CA GLU A 343 3.50 -31.99 -16.48
C GLU A 343 3.86 -30.56 -16.89
N SER A 344 3.01 -29.61 -16.48
CA SER A 344 3.23 -28.16 -16.62
C SER A 344 3.45 -27.77 -18.09
N LEU A 345 2.35 -27.87 -18.86
CA LEU A 345 2.33 -27.57 -20.29
C LEU A 345 2.91 -26.19 -20.59
N CYS A 346 3.84 -26.14 -21.55
CA CYS A 346 4.54 -24.92 -21.91
C CYS A 346 4.29 -24.54 -23.36
N PHE A 347 4.34 -23.25 -23.62
CA PHE A 347 4.26 -22.72 -24.98
C PHE A 347 5.56 -22.00 -25.31
N VAL A 348 5.90 -22.05 -26.60
CA VAL A 348 7.15 -21.48 -27.13
C VAL A 348 6.79 -20.43 -28.17
N GLN A 349 7.32 -19.23 -28.01
CA GLN A 349 7.15 -18.12 -28.93
C GLN A 349 8.52 -17.57 -29.24
N HIS A 350 8.75 -17.24 -30.51
CA HIS A 350 10.00 -16.60 -30.91
C HIS A 350 10.15 -15.27 -30.20
N VAL A 351 11.35 -15.01 -29.66
CA VAL A 351 11.56 -13.84 -28.83
C VAL A 351 11.41 -12.55 -29.64
N ALA A 352 11.89 -12.55 -30.88
CA ALA A 352 11.86 -11.35 -31.72
C ALA A 352 10.69 -11.39 -32.71
N SER A 353 10.62 -12.44 -33.52
CA SER A 353 9.56 -12.56 -34.53
C SER A 353 8.18 -12.74 -33.93
N GLY A 354 8.08 -13.28 -32.72
CA GLY A 354 6.81 -13.49 -32.06
C GLY A 354 5.99 -14.65 -32.59
N LEU A 355 6.51 -15.41 -33.55
CA LEU A 355 5.76 -16.51 -34.12
C LEU A 355 5.73 -17.70 -33.18
N TRP A 356 4.61 -18.43 -33.18
CA TRP A 356 4.37 -19.55 -32.28
C TRP A 356 4.41 -20.87 -33.04
N LEU A 357 4.89 -21.93 -32.37
CA LEU A 357 5.01 -23.23 -33.01
C LEU A 357 3.62 -23.85 -33.20
N THR A 358 3.40 -24.45 -34.38
CA THR A 358 2.14 -25.12 -34.71
C THR A 358 2.39 -26.01 -35.92
N TYR A 359 1.78 -27.20 -35.91
CA TYR A 359 1.86 -28.10 -37.04
C TYR A 359 1.19 -27.50 -38.27
N ALA A 360 1.75 -27.77 -39.44
CA ALA A 360 1.17 -27.27 -40.68
C ALA A 360 -0.15 -27.98 -40.98
N ALA A 361 -1.18 -27.20 -41.26
CA ALA A 361 -2.50 -27.77 -41.55
C ALA A 361 -2.59 -28.68 -42.79
N PRO A 362 -2.06 -28.33 -43.99
CA PRO A 362 -2.32 -29.17 -45.18
C PRO A 362 -1.82 -30.60 -45.05
N ASP A 363 -2.57 -31.53 -45.62
CA ASP A 363 -2.20 -32.94 -45.64
C ASP A 363 -2.12 -33.43 -47.08
N PRO A 364 -0.94 -33.75 -47.59
CA PRO A 364 -0.80 -34.17 -48.99
C PRO A 364 -1.11 -35.65 -49.19
N LYS A 365 -0.89 -36.09 -50.44
CA LYS A 365 -1.09 -37.49 -50.80
C LYS A 365 -0.08 -38.39 -50.08
N ALA A 366 1.10 -37.86 -49.74
CA ALA A 366 2.09 -38.65 -49.02
C ALA A 366 1.56 -39.03 -47.64
N LEU A 367 0.91 -38.09 -46.95
CA LEU A 367 0.29 -38.40 -45.67
C LEU A 367 -1.05 -39.11 -45.82
N ARG A 368 -1.62 -39.11 -47.02
CA ARG A 368 -2.87 -39.85 -47.25
C ARG A 368 -2.67 -41.35 -47.06
N LEU A 369 -1.55 -41.89 -47.53
CA LEU A 369 -1.25 -43.32 -47.38
C LEU A 369 -0.11 -43.61 -46.42
N GLY A 370 0.97 -42.83 -46.46
CA GLY A 370 2.12 -43.07 -45.61
C GLY A 370 1.88 -42.67 -44.17
N VAL A 371 2.89 -42.96 -43.34
CA VAL A 371 2.83 -42.66 -41.91
C VAL A 371 2.73 -41.15 -41.71
N LEU A 372 1.93 -40.74 -40.72
CA LEU A 372 1.67 -39.33 -40.50
C LEU A 372 2.90 -38.60 -39.98
N LYS A 373 3.21 -37.48 -40.62
CA LYS A 373 4.19 -36.52 -40.11
C LYS A 373 3.69 -35.13 -40.48
N LYS A 374 3.45 -34.31 -39.48
CA LYS A 374 2.91 -32.96 -39.65
C LYS A 374 3.99 -31.94 -39.28
N LYS A 375 4.51 -31.26 -40.30
CA LYS A 375 5.58 -30.30 -40.11
C LYS A 375 5.14 -29.14 -39.22
N ALA A 376 5.91 -28.88 -38.17
CA ALA A 376 5.63 -27.75 -37.29
C ALA A 376 6.13 -26.47 -37.94
N ILE A 377 5.23 -25.51 -38.13
CA ILE A 377 5.58 -24.22 -38.71
C ILE A 377 5.43 -23.17 -37.62
N LEU A 378 6.43 -22.30 -37.49
CA LEU A 378 6.36 -21.26 -36.48
C LEU A 378 5.35 -20.22 -36.96
N HIS A 379 4.09 -20.37 -36.56
CA HIS A 379 2.98 -19.59 -37.09
C HIS A 379 2.67 -18.40 -36.18
N GLN A 380 1.84 -17.48 -36.70
CA GLN A 380 1.46 -16.29 -35.94
C GLN A 380 0.71 -16.64 -34.66
N GLU A 381 -0.35 -17.42 -34.77
CA GLU A 381 -1.03 -17.88 -33.56
C GLU A 381 -1.24 -19.37 -33.54
N GLY A 382 -1.55 -19.98 -34.69
CA GLY A 382 -1.69 -21.41 -34.76
C GLY A 382 -2.94 -21.97 -34.10
N HIS A 383 -2.85 -23.25 -33.75
CA HIS A 383 -3.96 -24.00 -33.17
C HIS A 383 -3.90 -23.90 -31.65
N MET A 384 -4.72 -24.71 -30.97
CA MET A 384 -4.84 -24.67 -29.52
C MET A 384 -3.99 -25.72 -28.83
N ASP A 385 -3.94 -26.94 -29.35
CA ASP A 385 -3.24 -28.04 -28.68
C ASP A 385 -1.73 -28.06 -28.91
N ASP A 386 -1.12 -26.95 -29.33
CA ASP A 386 0.32 -26.89 -29.59
C ASP A 386 1.17 -26.72 -28.32
N ALA A 387 0.60 -26.95 -27.14
CA ALA A 387 1.38 -26.97 -25.91
C ALA A 387 2.32 -28.16 -25.87
N LEU A 388 3.41 -27.99 -25.12
CA LEU A 388 4.49 -28.96 -25.10
C LEU A 388 4.65 -29.63 -23.75
N PHE A 389 4.85 -30.94 -23.77
CA PHE A 389 5.31 -31.70 -22.62
C PHE A 389 6.82 -31.78 -22.72
N LEU A 390 7.51 -31.49 -21.64
CA LEU A 390 8.96 -31.59 -21.61
C LEU A 390 9.31 -32.90 -20.94
N THR A 391 10.08 -33.75 -21.63
CA THR A 391 10.39 -35.06 -21.07
C THR A 391 11.90 -35.22 -21.07
N ARG A 392 12.38 -36.00 -20.12
CA ARG A 392 13.80 -36.29 -19.92
C ARG A 392 14.31 -37.32 -20.94
N CYS A 393 15.64 -37.44 -20.99
CA CYS A 393 16.29 -38.53 -21.67
C CYS A 393 17.41 -39.02 -20.77
N GLN A 394 17.67 -40.32 -20.83
CA GLN A 394 18.62 -40.92 -19.91
C GLN A 394 20.06 -40.59 -20.34
N GLN A 395 20.98 -40.78 -19.38
CA GLN A 395 22.36 -40.34 -19.51
C GLN A 395 23.07 -41.03 -20.66
N GLU A 396 22.82 -42.32 -20.86
CA GLU A 396 23.58 -43.10 -21.85
C GLU A 396 23.36 -42.56 -23.26
N GLU A 397 22.10 -42.35 -23.66
CA GLU A 397 21.83 -41.79 -24.98
C GLU A 397 22.20 -40.32 -25.08
N SER A 398 22.05 -39.57 -23.97
CA SER A 398 22.51 -38.18 -23.96
C SER A 398 24.00 -38.09 -24.15
N GLN A 399 24.75 -38.96 -23.50
CA GLN A 399 26.19 -39.06 -23.72
C GLN A 399 26.47 -39.54 -25.13
N ALA A 400 25.64 -40.47 -25.64
CA ALA A 400 25.88 -41.10 -26.93
C ALA A 400 25.91 -40.08 -28.06
N ALA A 401 24.98 -39.11 -28.05
CA ALA A 401 24.73 -38.23 -29.19
C ALA A 401 25.97 -37.48 -29.67
N ARG A 402 26.86 -37.13 -28.73
CA ARG A 402 28.06 -36.41 -29.09
C ARG A 402 28.99 -37.29 -29.90
N MET A 403 29.06 -38.59 -29.55
CA MET A 403 29.95 -39.46 -30.33
C MET A 403 29.43 -39.62 -31.76
N ILE A 404 28.11 -39.55 -31.97
CA ILE A 404 27.59 -39.51 -33.34
C ILE A 404 28.09 -38.27 -34.05
N HIS A 405 28.02 -37.11 -33.38
CA HIS A 405 28.52 -35.87 -33.97
C HIS A 405 30.03 -35.90 -34.24
N SER A 406 30.79 -36.44 -33.29
CA SER A 406 32.25 -36.48 -33.39
C SER A 406 32.68 -37.48 -34.45
N THR A 407 32.07 -38.66 -34.43
CA THR A 407 32.38 -39.72 -35.37
C THR A 407 32.03 -39.31 -36.80
N ALA A 408 30.85 -38.71 -37.00
CA ALA A 408 30.50 -38.22 -38.33
C ALA A 408 31.44 -37.12 -38.79
N GLY A 409 31.79 -36.17 -37.90
CA GLY A 409 32.67 -35.08 -38.32
C GLY A 409 34.07 -35.56 -38.67
N LEU A 410 34.64 -36.40 -37.81
CA LEU A 410 36.02 -36.84 -38.00
C LEU A 410 36.12 -37.81 -39.17
N TYR A 411 35.22 -38.78 -39.24
CA TYR A 411 35.36 -39.77 -40.30
C TYR A 411 34.96 -39.18 -41.64
N ASN A 412 34.00 -38.25 -41.69
CA ASN A 412 33.68 -37.58 -42.95
C ASN A 412 34.87 -36.77 -43.46
N GLN A 413 35.54 -36.04 -42.55
CA GLN A 413 36.78 -35.37 -42.93
C GLN A 413 37.87 -36.35 -43.35
N PHE A 414 37.85 -37.57 -42.82
CA PHE A 414 38.74 -38.61 -43.31
C PHE A 414 38.33 -39.11 -44.68
N ILE A 415 37.02 -39.18 -44.94
CA ILE A 415 36.51 -39.64 -46.24
C ILE A 415 36.92 -38.68 -47.34
N LYS A 416 36.67 -37.38 -47.14
CA LYS A 416 37.08 -36.42 -48.16
C LYS A 416 38.60 -36.26 -48.24
N GLY A 417 39.31 -36.43 -47.12
CA GLY A 417 40.76 -36.43 -47.18
C GLY A 417 41.32 -37.66 -47.84
N LEU A 418 40.52 -38.72 -47.88
CA LEU A 418 40.93 -39.99 -48.47
C LEU A 418 40.75 -39.91 -49.99
N ASP A 419 39.50 -39.69 -50.44
CA ASP A 419 39.28 -39.72 -51.89
C ASP A 419 39.86 -38.50 -52.59
N SER A 420 40.38 -37.49 -51.85
CA SER A 420 41.04 -36.37 -52.49
C SER A 420 42.26 -36.81 -53.29
N PHE A 421 42.92 -37.90 -52.90
CA PHE A 421 44.04 -38.46 -53.65
C PHE A 421 43.65 -39.72 -54.41
N SER A 422 42.43 -39.75 -54.95
CA SER A 422 41.93 -40.91 -55.70
C SER A 422 42.82 -41.21 -56.91
N GLY A 423 43.22 -40.18 -57.63
CA GLY A 423 44.23 -40.29 -58.67
C GLY A 423 45.53 -39.72 -58.17
N LYS A 424 46.34 -39.22 -59.11
CA LYS A 424 47.62 -38.51 -58.88
C LYS A 424 48.55 -39.36 -58.01
N PRO A 425 49.20 -40.40 -58.57
CA PRO A 425 50.12 -41.21 -57.76
C PRO A 425 51.24 -40.37 -57.16
N ARG A 426 51.70 -40.81 -55.98
CA ARG A 426 52.61 -40.01 -55.15
C ARG A 426 53.95 -39.76 -55.83
N GLY A 427 54.62 -40.81 -56.29
CA GLY A 427 55.99 -40.67 -56.71
C GLY A 427 56.87 -40.34 -55.52
N SER A 428 57.42 -39.12 -55.50
CA SER A 428 58.26 -38.69 -54.39
C SER A 428 58.00 -37.23 -54.00
N GLY A 429 56.81 -36.70 -54.28
CA GLY A 429 56.60 -35.29 -54.11
C GLY A 429 55.87 -34.85 -52.85
N PRO A 430 55.33 -33.64 -52.87
CA PRO A 430 54.65 -33.08 -51.70
C PRO A 430 53.27 -33.71 -51.51
N PRO A 431 52.62 -33.58 -50.34
CA PRO A 431 51.36 -34.33 -50.14
C PRO A 431 50.17 -33.77 -50.93
N ALA A 432 49.29 -34.70 -51.33
CA ALA A 432 48.16 -34.35 -52.18
C ALA A 432 47.19 -33.40 -51.48
N GLY A 433 46.90 -33.67 -50.21
CA GLY A 433 46.04 -32.79 -49.44
C GLY A 433 46.61 -32.58 -48.05
N PRO A 434 45.77 -32.14 -47.13
CA PRO A 434 46.20 -32.03 -45.73
C PRO A 434 46.46 -33.41 -45.14
N ALA A 435 47.32 -33.43 -44.12
CA ALA A 435 47.69 -34.68 -43.43
C ALA A 435 46.46 -35.38 -42.88
N LEU A 436 46.37 -36.68 -43.14
CA LEU A 436 45.21 -37.46 -42.74
C LEU A 436 45.11 -37.54 -41.21
N PRO A 437 43.90 -37.49 -40.65
CA PRO A 437 43.71 -37.63 -39.18
C PRO A 437 43.85 -39.07 -38.72
N ILE A 438 45.03 -39.65 -38.97
CA ILE A 438 45.29 -41.05 -38.66
C ILE A 438 45.21 -41.34 -37.16
N GLU A 439 45.92 -40.53 -36.36
CA GLU A 439 45.91 -40.75 -34.91
C GLU A 439 44.53 -40.48 -34.29
N ALA A 440 43.83 -39.47 -34.81
CA ALA A 440 42.48 -39.17 -34.34
C ALA A 440 41.51 -40.29 -34.67
N VAL A 441 41.63 -40.85 -35.88
CA VAL A 441 40.74 -41.93 -36.30
C VAL A 441 41.06 -43.20 -35.53
N ILE A 442 42.35 -43.53 -35.40
CA ILE A 442 42.78 -44.75 -34.70
C ILE A 442 42.35 -44.71 -33.23
N LEU A 443 42.51 -43.55 -32.59
CA LEU A 443 42.04 -43.37 -31.22
C LEU A 443 40.53 -43.51 -31.13
N SER A 444 39.79 -42.97 -32.12
CA SER A 444 38.34 -43.07 -32.09
C SER A 444 37.89 -44.51 -32.32
N LEU A 445 38.61 -45.24 -33.18
CA LEU A 445 38.31 -46.63 -33.47
C LEU A 445 38.46 -47.46 -32.21
N GLN A 446 39.61 -47.33 -31.53
CA GLN A 446 39.84 -48.14 -30.34
C GLN A 446 38.93 -47.71 -29.19
N ASP A 447 38.52 -46.43 -29.15
CA ASP A 447 37.52 -46.00 -28.18
C ASP A 447 36.15 -46.60 -28.48
N LEU A 448 35.84 -46.82 -29.76
CA LEU A 448 34.51 -47.33 -30.08
C LEU A 448 34.42 -48.83 -30.03
N ILE A 449 35.52 -49.54 -30.32
CA ILE A 449 35.51 -51.00 -30.24
C ILE A 449 35.24 -51.42 -28.80
N GLY A 450 35.97 -50.82 -27.86
CA GLY A 450 35.65 -51.08 -26.47
C GLY A 450 34.36 -50.46 -26.01
N TYR A 451 33.90 -49.39 -26.67
CA TYR A 451 32.59 -48.84 -26.35
C TYR A 451 31.47 -49.80 -26.73
N PHE A 452 31.72 -50.69 -27.70
CA PHE A 452 30.76 -51.69 -28.13
C PHE A 452 31.21 -53.11 -27.80
N GLU A 453 32.15 -53.26 -26.89
CA GLU A 453 32.64 -54.58 -26.52
C GLU A 453 31.53 -55.35 -25.81
N PRO A 454 31.21 -56.57 -26.25
CA PRO A 454 30.19 -57.35 -25.54
C PRO A 454 30.61 -57.65 -24.13
N PRO A 455 29.66 -57.70 -23.19
CA PRO A 455 29.99 -57.94 -21.79
C PRO A 455 30.59 -59.32 -21.56
N SER A 456 31.44 -59.42 -20.54
CA SER A 456 32.12 -60.66 -20.20
C SER A 456 31.12 -61.74 -19.80
N GLU A 457 31.47 -62.99 -20.14
CA GLU A 457 30.58 -64.12 -19.92
C GLU A 457 30.34 -64.39 -18.43
N GLU A 458 31.35 -64.17 -17.59
CA GLU A 458 31.26 -64.49 -16.17
C GLU A 458 30.34 -63.58 -15.38
N LEU A 459 29.79 -62.54 -16.00
CA LEU A 459 28.82 -61.67 -15.32
C LEU A 459 27.57 -62.45 -14.95
N GLN A 460 26.98 -62.07 -13.82
CA GLN A 460 25.75 -62.71 -13.38
C GLN A 460 24.63 -62.40 -14.37
N HIS A 461 23.80 -63.41 -14.64
CA HIS A 461 22.73 -63.30 -15.63
C HIS A 461 21.71 -62.24 -15.24
N GLU A 462 21.55 -62.00 -13.94
CA GLU A 462 20.68 -60.93 -13.45
C GLU A 462 21.16 -59.57 -13.91
N GLU A 463 22.48 -59.38 -13.97
CA GLU A 463 23.08 -58.11 -14.35
C GLU A 463 23.57 -58.08 -15.79
N LYS A 464 23.92 -59.25 -16.35
CA LYS A 464 24.45 -59.34 -17.71
C LYS A 464 23.44 -58.82 -18.75
N GLN A 465 22.17 -59.20 -18.60
CA GLN A 465 21.15 -58.79 -19.57
C GLN A 465 20.97 -57.28 -19.58
N SER A 466 21.24 -56.62 -18.45
CA SER A 466 21.16 -55.16 -18.41
C SER A 466 22.20 -54.55 -19.33
N LYS A 467 23.40 -55.15 -19.39
CA LYS A 467 24.42 -54.66 -20.29
C LYS A 467 24.07 -55.00 -21.72
N LEU A 468 23.36 -56.13 -21.93
CA LEU A 468 22.90 -56.46 -23.29
C LEU A 468 21.94 -55.42 -23.81
N ARG A 469 21.01 -54.95 -22.96
CA ARG A 469 20.05 -53.92 -23.37
C ARG A 469 20.75 -52.65 -23.80
N SER A 470 21.76 -52.21 -23.04
CA SER A 470 22.55 -51.05 -23.40
C SER A 470 23.32 -51.28 -24.69
N LEU A 471 23.85 -52.50 -24.88
CA LEU A 471 24.59 -52.81 -26.10
C LEU A 471 23.69 -52.76 -27.34
N ARG A 472 22.49 -53.34 -27.24
CA ARG A 472 21.54 -53.28 -28.35
C ARG A 472 21.10 -51.85 -28.63
N ASN A 473 20.83 -51.08 -27.58
CA ASN A 473 20.38 -49.70 -27.76
C ASN A 473 21.46 -48.84 -28.42
N ARG A 474 22.72 -49.00 -27.97
CA ARG A 474 23.82 -48.24 -28.55
C ARG A 474 24.07 -48.62 -30.00
N GLN A 475 24.06 -49.94 -30.31
CA GLN A 475 24.26 -50.39 -31.67
C GLN A 475 23.13 -49.91 -32.57
N SER A 476 21.89 -49.97 -32.07
CA SER A 476 20.73 -49.52 -32.84
C SER A 476 20.83 -48.04 -33.17
N LEU A 477 21.20 -47.22 -32.19
CA LEU A 477 21.33 -45.78 -32.43
C LEU A 477 22.46 -45.47 -33.40
N PHE A 478 23.61 -46.13 -33.24
CA PHE A 478 24.74 -45.89 -34.14
C PHE A 478 24.43 -46.35 -35.57
N GLN A 479 23.78 -47.51 -35.72
CA GLN A 479 23.38 -47.95 -37.05
C GLN A 479 22.34 -47.01 -37.64
N GLU A 480 21.38 -46.58 -36.82
CA GLU A 480 20.27 -45.74 -37.26
C GLU A 480 20.76 -44.40 -37.77
N GLU A 481 21.84 -43.87 -37.18
CA GLU A 481 22.41 -42.63 -37.68
C GLU A 481 23.20 -42.81 -38.97
N GLY A 482 23.22 -44.00 -39.56
CA GLY A 482 23.87 -44.24 -40.83
C GLY A 482 25.36 -44.44 -40.76
N MET A 483 25.95 -44.38 -39.57
CA MET A 483 27.39 -44.59 -39.43
C MET A 483 27.82 -46.02 -39.73
N LEU A 484 26.90 -46.98 -39.66
CA LEU A 484 27.22 -48.32 -40.15
C LEU A 484 27.48 -48.30 -41.65
N SER A 485 26.72 -47.50 -42.40
CA SER A 485 27.04 -47.33 -43.81
C SER A 485 28.25 -46.41 -44.00
N LEU A 486 28.44 -45.45 -43.09
CA LEU A 486 29.59 -44.57 -43.22
C LEU A 486 30.88 -45.35 -43.03
N VAL A 487 30.92 -46.27 -42.06
CA VAL A 487 32.12 -47.09 -41.92
C VAL A 487 32.23 -48.06 -43.09
N LEU A 488 31.09 -48.53 -43.65
CA LEU A 488 31.17 -49.36 -44.86
C LEU A 488 31.86 -48.61 -45.99
N ASN A 489 31.63 -47.29 -46.04
CA ASN A 489 32.34 -46.46 -47.00
C ASN A 489 33.84 -46.48 -46.72
N CYS A 490 34.23 -46.52 -45.44
CA CYS A 490 35.64 -46.53 -45.07
C CYS A 490 36.30 -47.81 -45.59
N ILE A 491 35.63 -48.96 -45.40
CA ILE A 491 36.17 -50.22 -45.95
C ILE A 491 36.23 -50.16 -47.47
N ASP A 492 35.18 -49.62 -48.12
CA ASP A 492 35.16 -49.53 -49.58
C ASP A 492 36.31 -48.68 -50.11
N ARG A 493 36.55 -47.52 -49.49
CA ARG A 493 37.63 -46.64 -49.89
C ARG A 493 39.00 -47.25 -49.66
N LEU A 494 39.20 -47.95 -48.53
CA LEU A 494 40.51 -48.56 -48.30
C LEU A 494 40.75 -49.79 -49.17
N ASN A 495 39.69 -50.55 -49.49
CA ASN A 495 39.84 -51.82 -50.21
C ASN A 495 40.33 -51.66 -51.64
N VAL A 496 40.19 -50.48 -52.25
CA VAL A 496 40.61 -50.26 -53.63
C VAL A 496 42.12 -50.40 -53.80
N TYR A 497 42.89 -50.26 -52.73
CA TYR A 497 44.33 -50.40 -52.76
C TYR A 497 44.71 -51.82 -52.33
N THR A 498 45.55 -52.48 -53.14
CA THR A 498 45.82 -53.89 -52.96
C THR A 498 46.75 -54.19 -51.77
N THR A 499 47.65 -53.29 -51.43
CA THR A 499 48.63 -53.55 -50.38
C THR A 499 49.05 -52.23 -49.76
N ALA A 500 49.90 -52.33 -48.73
CA ALA A 500 50.43 -51.13 -48.08
C ALA A 500 51.31 -50.32 -49.01
N ALA A 501 52.12 -50.99 -49.85
CA ALA A 501 52.94 -50.29 -50.82
C ALA A 501 52.08 -49.53 -51.83
N HIS A 502 51.01 -50.16 -52.33
CA HIS A 502 50.09 -49.47 -53.22
C HIS A 502 49.36 -48.35 -52.51
N PHE A 503 49.12 -48.49 -51.20
CA PHE A 503 48.52 -47.40 -50.45
C PHE A 503 49.49 -46.24 -50.31
N ALA A 504 50.78 -46.56 -50.19
CA ALA A 504 51.81 -45.53 -50.15
C ALA A 504 51.91 -44.81 -51.48
N GLU A 505 51.54 -45.50 -52.56
CA GLU A 505 51.61 -44.90 -53.88
C GLU A 505 50.55 -43.82 -54.10
N TYR A 506 49.56 -43.71 -53.22
CA TYR A 506 48.53 -42.68 -53.35
C TYR A 506 48.34 -41.85 -52.10
N ALA A 507 48.87 -42.26 -50.95
CA ALA A 507 48.72 -41.49 -49.72
C ALA A 507 50.04 -41.08 -49.11
N GLY A 508 51.04 -41.95 -49.14
CA GLY A 508 52.34 -41.67 -48.57
C GLY A 508 52.81 -42.73 -47.59
N GLU A 509 54.11 -42.65 -47.31
CA GLU A 509 54.76 -43.60 -46.41
C GLU A 509 54.26 -43.44 -44.98
N GLU A 510 53.78 -42.25 -44.61
CA GLU A 510 53.27 -42.05 -43.26
C GLU A 510 51.95 -42.80 -43.05
N ALA A 511 51.14 -42.92 -44.10
CA ALA A 511 49.85 -43.59 -43.99
C ALA A 511 49.96 -45.08 -44.28
N ALA A 512 51.03 -45.50 -44.98
CA ALA A 512 51.20 -46.92 -45.24
C ALA A 512 51.52 -47.70 -43.97
N GLU A 513 52.00 -47.02 -42.92
CA GLU A 513 52.30 -47.69 -41.67
C GLU A 513 51.02 -48.10 -40.96
N SER A 514 50.00 -47.24 -41.01
CA SER A 514 48.76 -47.49 -40.31
C SER A 514 47.70 -48.13 -41.19
N TRP A 515 48.03 -48.46 -42.44
CA TRP A 515 47.05 -49.06 -43.35
C TRP A 515 46.56 -50.42 -42.85
N LYS A 516 47.49 -51.30 -42.48
CA LYS A 516 47.12 -52.62 -42.00
C LYS A 516 46.43 -52.53 -40.63
N GLU A 517 46.76 -51.51 -39.85
CA GLU A 517 46.11 -51.34 -38.55
C GLU A 517 44.66 -50.94 -38.73
N ILE A 518 44.41 -49.95 -39.59
CA ILE A 518 43.07 -49.40 -39.72
C ILE A 518 42.14 -50.42 -40.38
N VAL A 519 42.64 -51.21 -41.34
CA VAL A 519 41.76 -52.15 -42.02
C VAL A 519 41.24 -53.22 -41.05
N ASN A 520 42.10 -53.70 -40.15
CA ASN A 520 41.65 -54.63 -39.11
C ASN A 520 40.71 -53.96 -38.11
N LEU A 521 41.02 -52.71 -37.72
CA LEU A 521 40.19 -52.03 -36.73
C LEU A 521 38.79 -51.75 -37.26
N LEU A 522 38.67 -51.38 -38.54
CA LEU A 522 37.36 -51.06 -39.09
C LEU A 522 36.44 -52.28 -39.08
N TYR A 523 36.98 -53.45 -39.44
CA TYR A 523 36.21 -54.69 -39.37
C TYR A 523 35.82 -55.02 -37.94
N GLU A 524 36.73 -54.80 -36.98
CA GLU A 524 36.39 -55.04 -35.57
C GLU A 524 35.25 -54.16 -35.12
N LEU A 525 35.30 -52.87 -35.48
CA LEU A 525 34.23 -51.93 -35.16
C LEU A 525 32.91 -52.32 -35.82
N LEU A 526 32.97 -52.74 -37.08
CA LEU A 526 31.77 -53.22 -37.78
C LEU A 526 31.17 -54.45 -37.12
N ALA A 527 32.02 -55.43 -36.76
CA ALA A 527 31.55 -56.63 -36.06
C ALA A 527 30.93 -56.29 -34.71
N SER A 528 31.53 -55.34 -33.99
CA SER A 528 30.95 -54.87 -32.74
C SER A 528 29.60 -54.21 -32.98
N LEU A 529 29.48 -53.42 -34.05
CA LEU A 529 28.24 -52.72 -34.35
C LEU A 529 27.13 -53.71 -34.71
N ILE A 530 27.46 -54.73 -35.49
CA ILE A 530 26.40 -55.55 -36.07
C ILE A 530 26.04 -56.73 -35.18
N ARG A 531 26.97 -57.23 -34.35
CA ARG A 531 26.75 -58.44 -33.59
C ARG A 531 25.63 -58.25 -32.56
N GLY A 532 24.80 -59.27 -32.44
CA GLY A 532 23.76 -59.32 -31.43
C GLY A 532 22.44 -58.71 -31.85
N ASN A 533 22.39 -57.92 -32.91
CA ASN A 533 21.16 -57.23 -33.31
C ASN A 533 20.63 -57.83 -34.60
N ARG A 534 19.40 -58.31 -34.55
CA ARG A 534 18.72 -58.81 -35.74
C ARG A 534 18.42 -57.67 -36.70
N ALA A 535 17.93 -56.54 -36.18
CA ALA A 535 17.55 -55.41 -37.03
C ALA A 535 18.77 -54.81 -37.71
N ASN A 536 19.84 -54.56 -36.94
CA ASN A 536 21.05 -54.00 -37.51
C ASN A 536 21.70 -55.00 -38.46
N CYS A 537 21.54 -56.29 -38.20
CA CYS A 537 22.09 -57.31 -39.07
C CYS A 537 21.31 -57.48 -40.37
N ALA A 538 20.01 -57.14 -40.36
CA ALA A 538 19.16 -57.32 -41.53
C ALA A 538 19.58 -56.45 -42.72
N LEU A 539 20.34 -55.39 -42.49
CA LEU A 539 20.80 -54.51 -43.57
C LEU A 539 21.77 -55.17 -44.53
N PHE A 540 22.31 -56.34 -44.19
CA PHE A 540 23.28 -57.03 -45.02
C PHE A 540 22.65 -58.04 -45.96
N SER A 541 21.35 -57.92 -46.23
CA SER A 541 20.68 -58.79 -47.18
C SER A 541 21.03 -58.41 -48.62
N THR A 542 21.20 -57.12 -48.89
CA THR A 542 21.45 -56.64 -50.23
C THR A 542 22.93 -56.67 -50.61
N ASN A 543 23.80 -56.23 -49.71
CA ASN A 543 25.24 -56.20 -49.95
C ASN A 543 25.96 -57.42 -49.37
N LEU A 544 25.28 -58.57 -49.40
CA LEU A 544 25.91 -59.82 -48.96
C LEU A 544 27.13 -60.14 -49.81
N ASP A 545 27.02 -60.00 -51.14
CA ASP A 545 28.16 -60.28 -52.01
C ASP A 545 29.29 -59.28 -51.80
N TRP A 546 28.98 -58.11 -51.24
CA TRP A 546 30.01 -57.11 -50.96
C TRP A 546 30.99 -57.64 -49.93
N VAL A 547 30.47 -58.20 -48.82
CA VAL A 547 31.36 -58.77 -47.83
C VAL A 547 31.98 -60.05 -48.36
N VAL A 548 31.24 -60.82 -49.19
CA VAL A 548 31.74 -62.11 -49.69
C VAL A 548 32.96 -61.90 -50.58
N SER A 549 32.96 -60.81 -51.34
CA SER A 549 34.05 -60.50 -52.25
C SER A 549 35.37 -60.20 -51.55
N LYS A 550 35.36 -59.91 -50.25
CA LYS A 550 36.56 -59.47 -49.55
C LYS A 550 37.27 -60.58 -48.76
N LEU A 551 36.69 -61.78 -48.71
CA LEU A 551 37.33 -62.89 -48.01
C LEU A 551 38.65 -63.32 -48.65
N ASP A 552 38.82 -63.06 -49.95
CA ASP A 552 40.08 -63.40 -50.62
C ASP A 552 41.23 -62.54 -50.14
N ARG A 553 40.94 -61.27 -49.78
CA ARG A 553 41.96 -60.29 -49.41
C ARG A 553 42.75 -60.75 -48.19
N LEU A 554 44.07 -60.65 -48.26
CA LEU A 554 44.94 -61.14 -47.20
C LEU A 554 45.25 -60.10 -46.13
N GLU A 555 44.96 -58.81 -46.37
CA GLU A 555 45.29 -57.79 -45.38
C GLU A 555 44.50 -57.97 -44.08
N ALA A 556 43.21 -58.30 -44.18
CA ALA A 556 42.38 -58.59 -43.01
C ALA A 556 41.47 -59.78 -43.34
N SER A 557 41.94 -60.99 -43.06
CA SER A 557 41.21 -62.21 -43.36
C SER A 557 40.21 -62.59 -42.27
N SER A 558 40.69 -62.70 -41.03
CA SER A 558 39.80 -63.08 -39.95
C SER A 558 38.83 -61.97 -39.57
N GLY A 559 39.16 -60.71 -39.85
CA GLY A 559 38.24 -59.63 -39.52
C GLY A 559 36.97 -59.72 -40.34
N ILE A 560 37.12 -59.92 -41.65
CA ILE A 560 35.95 -60.00 -42.51
C ILE A 560 35.24 -61.34 -42.27
N LEU A 561 36.01 -62.41 -42.00
CA LEU A 561 35.39 -63.70 -41.72
C LEU A 561 34.52 -63.64 -40.47
N GLU A 562 34.99 -62.90 -39.45
CA GLU A 562 34.20 -62.69 -38.24
C GLU A 562 32.95 -61.86 -38.54
N VAL A 563 33.07 -60.85 -39.41
CA VAL A 563 31.91 -60.04 -39.79
C VAL A 563 30.86 -60.90 -40.48
N LEU A 564 31.30 -61.78 -41.39
CA LEU A 564 30.39 -62.70 -42.07
C LEU A 564 29.74 -63.65 -41.08
N TYR A 565 30.50 -64.15 -40.11
CA TYR A 565 29.95 -65.05 -39.11
C TYR A 565 28.88 -64.35 -38.28
N CYS A 566 29.14 -63.09 -37.90
CA CYS A 566 28.17 -62.31 -37.15
C CYS A 566 26.91 -62.07 -37.96
N VAL A 567 27.05 -61.96 -39.29
CA VAL A 567 25.86 -61.76 -40.11
C VAL A 567 25.04 -63.04 -40.12
N LEU A 568 25.72 -64.18 -40.24
CA LEU A 568 25.02 -65.45 -40.46
C LEU A 568 24.34 -65.94 -39.20
N ILE A 569 24.98 -65.81 -38.02
CA ILE A 569 24.35 -66.36 -36.83
C ILE A 569 23.19 -65.51 -36.35
N GLU A 570 22.95 -64.36 -36.96
CA GLU A 570 21.95 -63.41 -36.50
C GLU A 570 20.78 -63.25 -37.46
N SER A 571 21.02 -63.22 -38.78
CA SER A 571 19.90 -63.02 -39.70
C SER A 571 19.59 -64.31 -40.45
N PRO A 572 18.48 -64.99 -40.14
CA PRO A 572 18.07 -66.16 -40.94
C PRO A 572 17.71 -65.83 -42.38
N GLU A 573 17.33 -64.59 -42.67
CA GLU A 573 16.94 -64.22 -44.02
C GLU A 573 18.13 -64.15 -44.96
N VAL A 574 19.32 -63.89 -44.43
CA VAL A 574 20.54 -63.83 -45.24
C VAL A 574 20.84 -65.19 -45.85
N LEU A 575 20.55 -66.27 -45.11
CA LEU A 575 20.80 -67.63 -45.58
C LEU A 575 19.99 -67.97 -46.83
N ASN A 576 18.83 -67.34 -47.01
CA ASN A 576 18.02 -67.57 -48.20
C ASN A 576 18.64 -66.91 -49.43
N ILE A 577 19.62 -66.03 -49.25
CA ILE A 577 20.20 -65.25 -50.34
C ILE A 577 21.50 -65.90 -50.85
N ILE A 578 22.13 -66.77 -50.06
CA ILE A 578 23.42 -67.36 -50.42
C ILE A 578 23.27 -68.31 -51.61
N GLN A 579 24.06 -68.06 -52.66
CA GLN A 579 24.08 -68.92 -53.84
C GLN A 579 25.33 -69.80 -53.90
N GLU A 580 25.43 -70.50 -55.04
CA GLU A 580 26.56 -71.38 -55.32
C GLU A 580 27.87 -70.61 -55.41
N ASN A 581 27.82 -69.37 -55.88
CA ASN A 581 29.03 -68.55 -55.99
C ASN A 581 29.61 -68.28 -54.61
N HIS A 582 28.72 -67.99 -53.65
CA HIS A 582 29.15 -67.68 -52.30
C HIS A 582 29.70 -68.93 -51.64
N ILE A 583 29.05 -70.09 -51.90
CA ILE A 583 29.52 -71.33 -51.30
C ILE A 583 30.92 -71.66 -51.79
N LYS A 584 31.15 -71.54 -53.11
CA LYS A 584 32.47 -71.82 -53.67
C LYS A 584 33.50 -70.82 -53.17
N SER A 585 33.06 -69.60 -52.86
CA SER A 585 33.97 -68.59 -52.32
C SER A 585 34.42 -68.99 -50.93
N ILE A 586 33.47 -69.42 -50.08
CA ILE A 586 33.80 -69.80 -48.71
C ILE A 586 34.71 -71.03 -48.71
N ILE A 587 34.39 -72.02 -49.55
CA ILE A 587 35.22 -73.24 -49.66
C ILE A 587 36.62 -72.89 -50.14
N SER A 588 36.74 -71.87 -51.00
CA SER A 588 38.05 -71.46 -51.49
C SER A 588 38.95 -70.98 -50.36
N LEU A 589 38.36 -70.49 -49.25
CA LEU A 589 39.18 -70.11 -48.09
C LEU A 589 39.89 -71.30 -47.51
N LEU A 590 39.19 -72.43 -47.39
CA LEU A 590 39.84 -73.65 -46.91
C LEU A 590 40.90 -74.09 -47.89
N ASP A 591 40.65 -73.90 -49.19
CA ASP A 591 41.67 -74.18 -50.20
C ASP A 591 42.91 -73.29 -50.07
N LYS A 592 42.72 -71.99 -49.83
CA LYS A 592 43.79 -71.00 -49.90
C LYS A 592 44.43 -70.66 -48.56
N HIS A 593 43.66 -70.61 -47.48
CA HIS A 593 44.12 -70.17 -46.17
C HIS A 593 44.35 -71.32 -45.20
N GLY A 594 44.37 -72.56 -45.67
CA GLY A 594 44.61 -73.67 -44.78
C GLY A 594 43.38 -74.13 -44.03
N ARG A 595 43.63 -74.88 -42.97
CA ARG A 595 42.56 -75.49 -42.17
C ARG A 595 42.14 -74.53 -41.05
N ASN A 596 41.39 -73.50 -41.46
CA ASN A 596 40.83 -72.53 -40.52
C ASN A 596 39.52 -73.11 -40.03
N HIS A 597 39.50 -73.56 -38.77
CA HIS A 597 38.32 -74.24 -38.22
C HIS A 597 37.11 -73.30 -38.13
N LYS A 598 37.33 -71.99 -38.05
CA LYS A 598 36.22 -71.04 -37.99
C LYS A 598 35.40 -71.04 -39.28
N VAL A 599 36.04 -71.37 -40.41
CA VAL A 599 35.33 -71.46 -41.68
C VAL A 599 34.29 -72.56 -41.61
N LEU A 600 34.64 -73.68 -40.96
CA LEU A 600 33.67 -74.73 -40.74
C LEU A 600 32.48 -74.24 -39.93
N ASP A 601 32.70 -73.35 -38.96
CA ASP A 601 31.59 -72.74 -38.22
C ASP A 601 30.73 -71.85 -39.10
N VAL A 602 31.34 -71.20 -40.10
CA VAL A 602 30.57 -70.43 -41.08
C VAL A 602 29.69 -71.36 -41.90
N LEU A 603 30.24 -72.48 -42.35
CA LEU A 603 29.42 -73.46 -43.07
C LEU A 603 28.38 -74.08 -42.16
N CYS A 604 28.73 -74.33 -40.90
CA CYS A 604 27.81 -74.91 -39.93
C CYS A 604 26.64 -73.96 -39.66
N SER A 605 26.87 -72.66 -39.81
CA SER A 605 25.82 -71.69 -39.60
C SER A 605 25.01 -71.47 -40.85
N LEU A 606 25.58 -71.77 -42.02
CA LEU A 606 24.84 -71.63 -43.26
C LEU A 606 23.80 -72.72 -43.46
N CYS A 607 23.93 -73.84 -42.74
CA CYS A 607 22.94 -74.91 -42.89
C CYS A 607 21.65 -74.59 -42.16
N VAL A 608 21.73 -74.36 -40.84
CA VAL A 608 20.56 -74.15 -39.99
C VAL A 608 20.70 -72.82 -39.27
N CYS A 609 19.65 -72.00 -39.37
CA CYS A 609 19.55 -70.74 -38.62
C CYS A 609 18.21 -70.72 -37.92
N ASN A 610 18.22 -70.49 -36.60
CA ASN A 610 17.03 -70.47 -35.74
C ASN A 610 16.25 -71.77 -35.81
N GLY A 611 16.96 -72.89 -35.98
CA GLY A 611 16.35 -74.20 -35.92
C GLY A 611 15.54 -74.62 -37.13
N VAL A 612 15.78 -74.02 -38.30
CA VAL A 612 15.08 -74.41 -39.52
C VAL A 612 16.11 -74.81 -40.57
N ALA A 613 15.80 -75.85 -41.33
CA ALA A 613 16.71 -76.34 -42.35
C ALA A 613 16.63 -75.50 -43.62
N VAL A 614 17.76 -75.40 -44.32
CA VAL A 614 17.83 -74.74 -45.61
C VAL A 614 18.48 -75.77 -46.55
N ARG A 615 17.64 -76.57 -47.21
CA ARG A 615 18.16 -77.68 -48.00
C ARG A 615 18.88 -77.23 -49.26
N SER A 616 18.62 -76.02 -49.73
CA SER A 616 19.35 -75.49 -50.88
C SER A 616 20.81 -75.29 -50.53
N ASN A 617 21.08 -74.63 -49.40
CA ASN A 617 22.45 -74.40 -49.00
C ASN A 617 23.10 -75.71 -48.57
N GLN A 618 22.33 -76.62 -47.95
CA GLN A 618 22.90 -77.88 -47.49
C GLN A 618 23.37 -78.72 -48.67
N ASP A 619 22.59 -78.72 -49.76
CA ASP A 619 22.98 -79.48 -50.94
C ASP A 619 24.15 -78.82 -51.65
N LEU A 620 24.18 -77.48 -51.74
CA LEU A 620 25.30 -76.84 -52.42
C LEU A 620 26.62 -77.07 -51.68
N ILE A 621 26.57 -77.02 -50.34
CA ILE A 621 27.76 -77.28 -49.52
C ILE A 621 28.24 -78.70 -49.73
N THR A 622 27.31 -79.67 -49.74
CA THR A 622 27.75 -81.05 -49.93
C THR A 622 28.13 -81.32 -51.37
N GLU A 623 27.57 -80.56 -52.30
CA GLU A 623 27.84 -80.77 -53.72
C GLU A 623 29.26 -80.34 -54.04
N ASN A 624 29.77 -79.35 -53.31
CA ASN A 624 31.05 -78.76 -53.65
C ASN A 624 32.18 -79.13 -52.70
N LEU A 625 31.88 -79.56 -51.48
CA LEU A 625 32.93 -79.82 -50.51
C LEU A 625 33.25 -81.30 -50.38
N LEU A 626 32.23 -82.12 -50.16
CA LEU A 626 32.42 -83.55 -49.91
C LEU A 626 33.03 -84.37 -51.06
N PRO A 627 32.57 -84.32 -52.32
CA PRO A 627 33.10 -85.26 -53.34
C PRO A 627 34.58 -85.13 -53.65
N GLY A 628 35.15 -83.92 -53.54
CA GLY A 628 36.54 -83.70 -53.90
C GLY A 628 37.52 -84.53 -53.08
N ARG A 629 37.22 -84.72 -51.78
CA ARG A 629 38.07 -85.47 -50.83
C ARG A 629 39.49 -84.92 -50.78
N GLU A 630 39.60 -83.60 -50.82
CA GLU A 630 40.88 -82.92 -50.80
C GLU A 630 41.06 -82.01 -49.59
N LEU A 631 39.98 -81.42 -49.07
CA LEU A 631 40.12 -80.52 -47.94
C LEU A 631 39.90 -81.25 -46.61
N LEU A 632 38.72 -81.84 -46.44
CA LEU A 632 38.38 -82.50 -45.19
C LEU A 632 39.14 -83.80 -45.06
N LEU A 633 39.62 -84.05 -43.84
CA LEU A 633 40.33 -85.29 -43.54
C LEU A 633 39.41 -86.50 -43.66
N GLN A 634 39.91 -87.55 -44.29
CA GLN A 634 39.14 -88.77 -44.49
C GLN A 634 39.62 -89.86 -43.54
N THR A 635 38.68 -90.65 -43.05
CA THR A 635 38.95 -91.73 -42.12
C THR A 635 38.57 -93.06 -42.76
N ASN A 636 39.06 -94.14 -42.17
CA ASN A 636 38.82 -95.50 -42.61
C ASN A 636 39.39 -96.46 -41.57
N LEU A 637 38.94 -97.70 -41.62
CA LEU A 637 39.51 -98.78 -40.81
C LEU A 637 40.55 -99.50 -41.65
N ILE A 638 41.76 -99.66 -41.10
CA ILE A 638 42.89 -100.18 -41.84
C ILE A 638 43.55 -101.28 -41.02
N ASN A 639 43.89 -102.38 -41.69
CA ASN A 639 44.50 -103.51 -41.02
C ASN A 639 45.94 -103.22 -40.60
N TYR A 640 46.36 -103.88 -39.52
CA TYR A 640 47.75 -103.85 -39.11
C TYR A 640 48.57 -104.75 -40.03
N VAL A 641 49.67 -104.23 -40.55
CA VAL A 641 50.55 -104.95 -41.45
C VAL A 641 51.95 -104.96 -40.85
N THR A 642 52.58 -106.13 -40.79
CA THR A 642 53.91 -106.24 -40.25
C THR A 642 54.81 -107.00 -41.23
N SER A 643 56.11 -106.74 -41.12
CA SER A 643 57.10 -107.38 -41.98
C SER A 643 57.98 -108.31 -41.17
N ILE A 644 58.47 -109.35 -41.84
CA ILE A 644 59.30 -110.40 -41.24
C ILE A 644 60.45 -110.71 -42.18
N ARG A 645 61.67 -110.79 -41.64
CA ARG A 645 62.87 -111.01 -42.42
C ARG A 645 63.71 -112.15 -41.86
N PRO A 646 64.44 -112.84 -42.71
CA PRO A 646 65.52 -113.71 -42.22
C PRO A 646 66.78 -112.91 -41.98
N ASN A 647 67.64 -113.45 -41.12
CA ASN A 647 68.95 -112.83 -40.83
C ASN A 647 69.95 -113.15 -41.94
N ILE A 648 69.64 -112.68 -43.15
CA ILE A 648 70.45 -112.92 -44.33
C ILE A 648 70.50 -111.58 -45.07
N PHE A 649 71.66 -110.93 -45.03
CA PHE A 649 71.82 -109.61 -45.63
C PHE A 649 72.89 -109.72 -46.70
N VAL A 650 72.62 -109.15 -47.88
CA VAL A 650 73.55 -109.25 -49.01
C VAL A 650 73.76 -107.86 -49.60
N GLY A 651 74.89 -107.70 -50.28
CA GLY A 651 75.22 -106.43 -50.89
C GLY A 651 76.50 -106.55 -51.69
N ARG A 652 76.81 -105.47 -52.41
CA ARG A 652 77.99 -105.41 -53.27
C ARG A 652 78.76 -104.15 -52.96
N ALA A 653 80.09 -104.25 -52.98
CA ALA A 653 80.97 -103.11 -52.75
C ALA A 653 82.32 -103.43 -53.36
N GLU A 654 83.14 -102.39 -53.51
CA GLU A 654 84.50 -102.56 -54.04
C GLU A 654 85.33 -103.38 -53.07
N GLY A 655 85.84 -104.52 -53.52
CA GLY A 655 86.53 -105.45 -52.65
C GLY A 655 85.63 -106.12 -51.64
N SER A 656 84.39 -106.43 -52.03
CA SER A 656 83.46 -107.10 -51.13
C SER A 656 83.80 -108.58 -50.99
N THR A 657 83.40 -109.14 -49.86
CA THR A 657 83.61 -110.56 -49.58
C THR A 657 82.34 -111.37 -49.82
N GLN A 658 81.33 -110.78 -50.45
CA GLN A 658 80.06 -111.42 -50.70
C GLN A 658 79.90 -111.78 -52.17
N TYR A 659 78.81 -112.47 -52.48
CA TYR A 659 78.46 -112.87 -53.83
C TYR A 659 77.15 -112.22 -54.25
N GLY A 660 77.13 -111.57 -55.41
CA GLY A 660 75.97 -110.81 -55.81
C GLY A 660 74.92 -111.55 -56.62
N LYS A 661 74.58 -112.77 -56.21
CA LYS A 661 73.55 -113.57 -56.89
C LYS A 661 72.91 -114.47 -55.84
N TRP A 662 71.64 -114.24 -55.54
CA TRP A 662 70.96 -114.94 -54.46
C TRP A 662 69.55 -115.32 -54.86
N TYR A 663 69.00 -116.30 -54.16
CA TYR A 663 67.75 -116.93 -54.55
C TYR A 663 67.07 -117.51 -53.32
N PHE A 664 65.87 -117.01 -53.01
CA PHE A 664 65.08 -117.55 -51.91
C PHE A 664 63.66 -117.78 -52.39
N GLU A 665 62.89 -118.56 -51.64
CA GLU A 665 61.52 -118.84 -52.01
C GLU A 665 60.61 -118.73 -50.80
N VAL A 666 59.35 -118.41 -51.06
CA VAL A 666 58.34 -118.36 -50.01
C VAL A 666 57.11 -119.14 -50.48
N MET A 667 56.65 -120.06 -49.64
CA MET A 667 55.51 -120.93 -49.94
C MET A 667 54.32 -120.53 -49.09
N VAL A 668 53.13 -120.58 -49.67
CA VAL A 668 51.90 -120.14 -49.02
C VAL A 668 51.19 -121.36 -48.44
N ASP A 669 50.87 -121.34 -47.15
CA ASP A 669 50.13 -122.42 -46.53
C ASP A 669 48.63 -122.12 -46.48
N GLU A 670 48.25 -121.03 -45.79
CA GLU A 670 46.86 -120.64 -45.64
C GLU A 670 46.75 -119.13 -45.75
N VAL A 671 45.88 -118.66 -46.65
CA VAL A 671 45.60 -117.23 -46.81
C VAL A 671 44.09 -117.06 -46.87
N VAL A 672 43.55 -116.26 -45.96
CA VAL A 672 42.12 -115.94 -45.94
C VAL A 672 41.90 -114.78 -46.90
N PRO A 673 41.01 -114.90 -47.90
CA PRO A 673 40.79 -113.80 -48.85
C PRO A 673 40.33 -112.50 -48.22
N PHE A 674 39.46 -112.58 -47.20
CA PHE A 674 38.96 -111.37 -46.54
C PHE A 674 38.71 -111.71 -45.08
N LEU A 675 39.71 -111.45 -44.23
CA LEU A 675 39.49 -111.57 -42.81
C LEU A 675 38.75 -110.34 -42.27
N THR A 676 39.01 -109.18 -42.86
CA THR A 676 38.38 -107.92 -42.47
C THR A 676 37.75 -107.28 -43.68
N ALA A 677 37.27 -106.03 -43.51
CA ALA A 677 36.69 -105.29 -44.63
C ALA A 677 37.73 -105.03 -45.71
N GLN A 678 38.94 -104.67 -45.31
CA GLN A 678 40.03 -104.48 -46.26
C GLN A 678 40.70 -105.82 -46.53
N ALA A 679 41.17 -105.99 -47.77
CA ALA A 679 41.75 -107.24 -48.23
C ALA A 679 43.00 -107.60 -47.45
N THR A 680 43.19 -108.90 -47.21
CA THR A 680 44.36 -109.39 -46.50
C THR A 680 45.63 -109.06 -47.28
N HIS A 681 46.63 -108.53 -46.59
CA HIS A 681 47.86 -108.08 -47.22
C HIS A 681 48.88 -109.22 -47.23
N LEU A 682 49.56 -109.37 -48.36
CA LEU A 682 50.62 -110.37 -48.48
C LEU A 682 51.53 -109.99 -49.65
N ARG A 683 52.77 -109.62 -49.34
CA ARG A 683 53.78 -109.31 -50.35
C ARG A 683 55.10 -109.94 -49.94
N VAL A 684 55.85 -110.42 -50.93
CA VAL A 684 57.16 -111.03 -50.72
C VAL A 684 58.18 -110.33 -51.61
N GLY A 685 59.34 -109.98 -51.05
CA GLY A 685 60.34 -109.32 -51.85
C GLY A 685 61.57 -108.96 -51.05
N TRP A 686 62.31 -107.98 -51.55
CA TRP A 686 63.56 -107.53 -50.94
C TRP A 686 63.35 -106.18 -50.26
N ALA A 687 64.34 -105.77 -49.48
CA ALA A 687 64.33 -104.49 -48.81
C ALA A 687 65.76 -104.03 -48.56
N LEU A 688 65.89 -102.82 -47.99
CA LEU A 688 67.17 -102.16 -47.84
C LEU A 688 67.36 -101.78 -46.37
N THR A 689 68.61 -101.89 -45.89
CA THR A 689 68.92 -101.77 -44.47
C THR A 689 69.11 -100.35 -43.97
N GLU A 690 68.98 -99.34 -44.83
CA GLU A 690 69.32 -97.97 -44.49
C GLU A 690 68.14 -97.04 -44.75
N GLY A 691 66.98 -97.40 -44.21
CA GLY A 691 65.82 -96.54 -44.33
C GLY A 691 64.48 -97.24 -44.43
N TYR A 692 64.47 -98.56 -44.57
CA TYR A 692 63.22 -99.30 -44.57
C TYR A 692 62.85 -99.59 -43.12
N SER A 693 62.11 -98.67 -42.52
CA SER A 693 61.66 -98.82 -41.14
C SER A 693 60.14 -98.88 -41.14
N PRO A 694 59.54 -100.07 -41.13
CA PRO A 694 58.07 -100.22 -41.16
C PRO A 694 57.41 -100.13 -39.78
N TYR A 695 57.24 -98.90 -39.34
CA TYR A 695 56.57 -98.65 -38.06
C TYR A 695 55.09 -99.00 -38.21
N PRO A 696 54.56 -99.86 -37.34
CA PRO A 696 53.17 -100.32 -37.49
C PRO A 696 52.16 -99.19 -37.32
N GLY A 697 51.03 -99.33 -38.00
CA GLY A 697 49.98 -98.35 -37.91
C GLY A 697 49.93 -97.42 -39.11
N GLY A 698 49.75 -96.13 -38.86
CA GLY A 698 49.66 -95.17 -39.93
C GLY A 698 51.01 -94.84 -40.54
N GLY A 699 50.96 -94.01 -41.57
CA GLY A 699 52.16 -93.59 -42.26
C GLY A 699 51.87 -93.14 -43.67
N GLU A 700 52.73 -93.54 -44.61
CA GLU A 700 52.58 -93.13 -46.00
C GLU A 700 51.37 -93.79 -46.65
N GLY A 701 50.75 -93.06 -47.55
CA GLY A 701 49.61 -93.58 -48.31
C GLY A 701 48.40 -93.78 -47.41
N TRP A 702 47.83 -94.98 -47.49
CA TRP A 702 46.61 -95.32 -46.76
C TRP A 702 46.88 -96.43 -45.76
N GLY A 703 47.97 -96.32 -45.01
CA GLY A 703 48.27 -97.22 -43.92
C GLY A 703 48.61 -98.63 -44.34
N GLY A 704 48.86 -99.46 -43.34
CA GLY A 704 49.23 -100.85 -43.56
C GLY A 704 50.50 -101.00 -44.36
N ASN A 705 51.51 -100.18 -44.05
CA ASN A 705 52.72 -100.14 -44.86
C ASN A 705 53.51 -101.42 -44.75
N GLY A 706 53.97 -101.90 -45.91
CA GLY A 706 54.78 -103.10 -45.99
C GLY A 706 55.93 -102.95 -46.98
N VAL A 707 56.00 -103.87 -47.93
CA VAL A 707 57.02 -103.87 -48.96
C VAL A 707 56.48 -103.16 -50.20
N GLY A 708 57.23 -102.18 -50.70
CA GLY A 708 56.86 -101.43 -51.87
C GLY A 708 56.27 -100.06 -51.61
N ASP A 709 55.95 -99.75 -50.34
CA ASP A 709 55.40 -98.44 -50.02
C ASP A 709 56.42 -97.33 -50.27
N ASP A 710 57.66 -97.55 -49.88
CA ASP A 710 58.76 -96.63 -50.11
C ASP A 710 59.83 -97.31 -50.95
N LEU A 711 60.75 -96.50 -51.49
CA LEU A 711 61.74 -97.00 -52.43
C LEU A 711 62.86 -97.81 -51.80
N TYR A 712 62.77 -98.14 -50.52
CA TYR A 712 63.75 -99.02 -49.89
C TYR A 712 63.33 -100.47 -49.98
N SER A 713 62.21 -100.77 -50.62
CA SER A 713 61.70 -102.13 -50.70
C SER A 713 61.25 -102.41 -52.12
N TYR A 714 61.37 -103.68 -52.51
CA TYR A 714 60.94 -104.15 -53.83
C TYR A 714 60.21 -105.46 -53.63
N GLY A 715 58.90 -105.50 -53.94
CA GLY A 715 58.11 -106.68 -53.67
C GLY A 715 57.17 -107.02 -54.82
N PHE A 716 56.56 -108.19 -54.69
CA PHE A 716 55.66 -108.72 -55.71
C PHE A 716 54.50 -109.41 -54.99
N ASP A 717 53.31 -108.84 -55.08
CA ASP A 717 52.13 -109.30 -54.35
C ASP A 717 51.46 -110.52 -54.97
N GLY A 718 51.95 -110.97 -56.12
CA GLY A 718 51.30 -111.99 -56.90
C GLY A 718 50.62 -111.46 -58.15
N LEU A 719 50.36 -110.15 -58.21
CA LEU A 719 49.78 -109.53 -59.39
C LEU A 719 50.45 -108.24 -59.82
N HIS A 720 51.26 -107.61 -58.97
CA HIS A 720 51.89 -106.34 -59.29
C HIS A 720 53.30 -106.32 -58.71
N LEU A 721 54.15 -105.48 -59.29
CA LEU A 721 55.48 -105.24 -58.74
C LEU A 721 55.40 -103.94 -57.96
N TRP A 722 55.33 -104.06 -56.64
CA TRP A 722 55.15 -102.90 -55.79
C TRP A 722 56.48 -102.20 -55.54
N THR A 723 56.47 -100.87 -55.69
CA THR A 723 57.59 -99.99 -55.39
C THR A 723 57.09 -98.56 -55.36
N GLY A 724 57.50 -97.81 -54.32
CA GLY A 724 57.09 -96.42 -54.16
C GLY A 724 55.60 -96.22 -53.99
N HIS A 725 54.92 -97.15 -53.30
CA HIS A 725 53.47 -97.12 -53.05
C HIS A 725 52.65 -97.12 -54.33
N VAL A 726 53.19 -97.72 -55.39
CA VAL A 726 52.53 -97.80 -56.70
C VAL A 726 52.49 -99.27 -57.12
N ALA A 727 51.34 -99.71 -57.60
CA ALA A 727 51.14 -101.07 -58.10
C ALA A 727 51.11 -101.03 -59.62
N ARG A 728 51.92 -101.87 -60.25
CA ARG A 728 51.99 -101.94 -61.69
C ARG A 728 51.66 -103.36 -62.13
N PRO A 729 50.58 -103.56 -62.88
CA PRO A 729 50.21 -104.93 -63.28
C PRO A 729 51.26 -105.58 -64.16
N VAL A 730 51.47 -106.88 -63.95
CA VAL A 730 52.42 -107.66 -64.72
C VAL A 730 51.72 -108.92 -65.25
N THR A 731 51.91 -109.18 -66.54
CA THR A 731 51.35 -110.39 -67.14
C THR A 731 52.13 -111.59 -66.65
N SER A 732 51.42 -112.64 -66.23
CA SER A 732 52.04 -113.85 -65.74
C SER A 732 51.31 -115.06 -66.31
N PRO A 733 52.00 -116.21 -66.44
CA PRO A 733 51.31 -117.42 -66.91
C PRO A 733 50.40 -118.03 -65.85
N GLY A 734 49.18 -117.52 -65.76
CA GLY A 734 48.27 -117.93 -64.71
C GLY A 734 48.28 -116.95 -63.57
N GLN A 735 48.15 -115.67 -63.91
CA GLN A 735 48.27 -114.60 -62.92
C GLN A 735 47.07 -114.59 -61.98
N HIS A 736 47.35 -114.52 -60.68
CA HIS A 736 46.35 -114.33 -59.64
C HIS A 736 47.07 -113.94 -58.35
N LEU A 737 46.27 -113.51 -57.38
CA LEU A 737 46.78 -113.20 -56.05
C LEU A 737 47.32 -114.47 -55.41
N LEU A 738 48.34 -114.32 -54.57
CA LEU A 738 49.00 -115.44 -53.92
C LEU A 738 48.02 -116.28 -53.10
N ALA A 739 47.76 -117.49 -53.56
CA ALA A 739 46.87 -118.46 -52.97
C ALA A 739 47.69 -119.56 -52.32
N PRO A 740 47.07 -120.48 -51.55
CA PRO A 740 47.82 -121.64 -51.06
C PRO A 740 48.41 -122.49 -52.19
N GLU A 741 49.59 -123.05 -51.91
CA GLU A 741 50.39 -123.84 -52.86
C GLU A 741 50.81 -122.98 -54.05
N ASP A 742 51.50 -121.87 -53.72
CA ASP A 742 52.06 -120.97 -54.71
C ASP A 742 53.53 -120.77 -54.43
N VAL A 743 54.32 -120.71 -55.50
CA VAL A 743 55.77 -120.60 -55.41
C VAL A 743 56.17 -119.17 -55.73
N VAL A 744 56.91 -118.56 -54.81
CA VAL A 744 57.41 -117.20 -54.97
C VAL A 744 58.94 -117.30 -54.93
N SER A 745 59.55 -117.41 -56.11
CA SER A 745 61.00 -117.55 -56.24
C SER A 745 61.60 -116.18 -56.53
N CYS A 746 62.38 -115.66 -55.59
CA CYS A 746 63.01 -114.35 -55.71
C CYS A 746 64.48 -114.54 -56.07
N CYS A 747 64.86 -113.98 -57.21
CA CYS A 747 66.21 -114.03 -57.77
C CYS A 747 66.79 -112.62 -57.77
N LEU A 748 67.98 -112.44 -57.20
CA LEU A 748 68.59 -111.13 -57.10
C LEU A 748 70.02 -111.20 -57.62
N ASP A 749 70.26 -110.53 -58.75
CA ASP A 749 71.61 -110.37 -59.26
C ASP A 749 72.06 -108.94 -58.96
N LEU A 750 73.19 -108.82 -58.28
CA LEU A 750 73.78 -107.54 -57.93
C LEU A 750 74.95 -107.15 -58.83
N SER A 751 75.36 -108.02 -59.76
CA SER A 751 76.36 -107.63 -60.75
C SER A 751 75.86 -106.49 -61.62
N VAL A 752 74.68 -106.67 -62.20
CA VAL A 752 73.91 -105.60 -62.80
C VAL A 752 72.65 -105.61 -61.95
N PRO A 753 72.13 -104.45 -61.53
CA PRO A 753 70.96 -104.45 -60.63
C PRO A 753 69.72 -105.09 -61.24
N SER A 754 69.30 -106.24 -60.71
CA SER A 754 68.16 -106.93 -61.32
C SER A 754 67.50 -107.84 -60.30
N ILE A 755 66.19 -107.67 -60.13
CA ILE A 755 65.38 -108.48 -59.24
C ILE A 755 64.33 -109.20 -60.08
N SER A 756 64.35 -110.52 -60.04
CA SER A 756 63.51 -111.39 -60.83
C SER A 756 62.57 -112.16 -59.90
N PHE A 757 61.36 -112.40 -60.36
CA PHE A 757 60.39 -113.19 -59.61
C PHE A 757 59.89 -114.31 -60.48
N ARG A 758 59.64 -115.47 -59.87
CA ARG A 758 59.07 -116.61 -60.56
C ARG A 758 57.86 -117.12 -59.80
N ILE A 759 56.76 -117.33 -60.52
CA ILE A 759 55.52 -117.84 -59.94
C ILE A 759 55.32 -119.25 -60.48
N ASN A 760 55.39 -120.23 -59.57
CA ASN A 760 55.21 -121.67 -59.86
C ASN A 760 56.12 -122.12 -61.01
N GLY A 761 57.38 -121.71 -60.94
CA GLY A 761 58.38 -122.02 -61.95
C GLY A 761 58.37 -121.04 -63.12
N CYS A 762 57.19 -120.63 -63.57
CA CYS A 762 57.07 -119.64 -64.63
C CYS A 762 57.53 -118.29 -64.14
N PRO A 763 58.49 -117.64 -64.80
CA PRO A 763 59.01 -116.37 -64.30
C PRO A 763 58.02 -115.23 -64.47
N VAL A 764 57.98 -114.36 -63.46
CA VAL A 764 57.16 -113.17 -63.53
C VAL A 764 57.79 -112.18 -64.50
N GLN A 765 57.03 -111.81 -65.52
CA GLN A 765 57.54 -110.99 -66.63
C GLN A 765 57.68 -109.53 -66.21
N GLY A 766 58.65 -109.28 -65.35
CA GLY A 766 58.97 -107.96 -64.86
C GLY A 766 60.18 -108.01 -63.96
N VAL A 767 61.15 -107.12 -64.18
CA VAL A 767 62.40 -107.10 -63.42
C VAL A 767 62.76 -105.66 -63.06
N PHE A 768 63.07 -105.42 -61.78
CA PHE A 768 63.54 -104.11 -61.36
C PHE A 768 64.93 -103.86 -61.92
N GLU A 769 65.20 -102.62 -62.30
CA GLU A 769 66.49 -102.24 -62.86
C GLU A 769 66.83 -100.84 -62.39
N ALA A 770 68.12 -100.52 -62.43
CA ALA A 770 68.67 -99.20 -62.09
C ALA A 770 68.25 -98.75 -60.69
N PHE A 771 68.21 -99.69 -59.76
CA PHE A 771 67.86 -99.38 -58.39
C PHE A 771 69.11 -99.18 -57.55
N ASN A 772 68.94 -98.44 -56.46
CA ASN A 772 70.03 -98.12 -55.56
C ASN A 772 70.57 -99.39 -54.92
N LEU A 773 71.89 -99.45 -54.79
CA LEU A 773 72.56 -100.62 -54.25
C LEU A 773 73.25 -100.35 -52.92
N ASP A 774 73.50 -99.07 -52.60
CA ASP A 774 74.11 -98.69 -51.33
C ASP A 774 73.27 -99.19 -50.16
N GLY A 775 73.94 -99.80 -49.19
CA GLY A 775 73.25 -100.54 -48.16
C GLY A 775 73.29 -102.03 -48.43
N LEU A 776 72.37 -102.73 -47.78
CA LEU A 776 72.29 -104.18 -47.88
C LEU A 776 70.90 -104.59 -48.35
N PHE A 777 70.80 -105.83 -48.83
CA PHE A 777 69.54 -106.38 -49.33
C PHE A 777 69.22 -107.64 -48.53
N PHE A 778 67.95 -107.77 -48.14
CA PHE A 778 67.53 -108.91 -47.34
C PHE A 778 66.11 -109.31 -47.72
N PRO A 779 65.77 -110.59 -47.59
CA PRO A 779 64.38 -111.01 -47.85
C PRO A 779 63.43 -110.42 -46.82
N VAL A 780 62.19 -110.17 -47.26
CA VAL A 780 61.18 -109.61 -46.39
C VAL A 780 59.80 -110.03 -46.89
N VAL A 781 58.93 -110.39 -45.95
CA VAL A 781 57.52 -110.68 -46.24
C VAL A 781 56.66 -109.73 -45.42
N SER A 782 55.77 -109.02 -46.10
CA SER A 782 54.86 -108.08 -45.46
C SER A 782 53.45 -108.66 -45.49
N PHE A 783 52.89 -108.90 -44.32
CA PHE A 783 51.61 -109.57 -44.22
C PHE A 783 50.71 -108.88 -43.21
N SER A 784 49.42 -108.94 -43.49
CA SER A 784 48.42 -108.56 -42.51
C SER A 784 48.04 -109.81 -41.72
N ALA A 785 47.08 -109.65 -40.81
CA ALA A 785 46.65 -110.74 -39.96
C ALA A 785 45.93 -111.83 -40.75
N GLY A 786 46.19 -113.09 -40.39
CA GLY A 786 45.47 -114.20 -40.98
C GLY A 786 46.16 -114.90 -42.13
N VAL A 787 47.47 -115.13 -41.99
CA VAL A 787 48.26 -115.83 -43.00
C VAL A 787 49.17 -116.86 -42.34
N LYS A 788 49.58 -117.84 -43.16
CA LYS A 788 50.62 -118.79 -42.81
C LYS A 788 51.54 -118.94 -44.02
N VAL A 789 52.82 -118.61 -43.86
CA VAL A 789 53.77 -118.75 -44.96
C VAL A 789 55.02 -119.46 -44.47
N ARG A 790 55.76 -120.01 -45.42
CA ARG A 790 56.98 -120.77 -45.13
C ARG A 790 58.14 -120.18 -45.92
N PHE A 791 59.31 -120.11 -45.27
CA PHE A 791 60.54 -119.60 -45.84
C PHE A 791 61.35 -120.78 -46.37
N LEU A 792 61.41 -120.93 -47.69
CA LEU A 792 62.22 -121.97 -48.31
C LEU A 792 63.53 -121.30 -48.71
N LEU A 793 64.51 -121.40 -47.82
CA LEU A 793 65.83 -120.85 -48.06
C LEU A 793 66.81 -121.88 -48.60
N GLY A 794 66.33 -123.10 -48.87
CA GLY A 794 67.15 -124.12 -49.49
C GLY A 794 68.10 -124.76 -48.51
N GLY A 795 68.83 -125.76 -49.02
CA GLY A 795 69.80 -126.48 -48.20
C GLY A 795 69.14 -127.15 -47.01
N ARG A 796 69.68 -126.86 -45.83
CA ARG A 796 69.10 -127.36 -44.60
C ARG A 796 67.81 -126.63 -44.23
N HIS A 797 67.53 -125.49 -44.85
CA HIS A 797 66.37 -124.66 -44.53
C HIS A 797 65.31 -124.66 -45.64
N GLY A 798 65.09 -125.82 -46.25
CA GLY A 798 64.08 -125.98 -47.26
C GLY A 798 64.59 -126.84 -48.39
N GLU A 799 63.83 -126.87 -49.49
CA GLU A 799 64.22 -127.65 -50.66
C GLU A 799 64.11 -126.89 -51.98
N PHE A 800 63.49 -125.71 -51.98
CA PHE A 800 63.25 -124.78 -53.09
C PHE A 800 62.18 -125.26 -54.08
N LYS A 801 61.78 -126.54 -54.01
CA LYS A 801 60.75 -127.18 -54.84
C LYS A 801 60.88 -126.95 -56.35
N PHE A 802 62.04 -126.48 -56.80
CA PHE A 802 62.34 -125.98 -58.13
C PHE A 802 63.84 -125.77 -58.20
N LEU A 803 64.45 -126.14 -59.32
CA LEU A 803 65.89 -125.92 -59.49
C LEU A 803 66.17 -124.41 -59.57
N PRO A 804 67.09 -123.90 -58.74
CA PRO A 804 67.42 -122.48 -58.83
C PRO A 804 68.10 -122.17 -60.15
N PRO A 805 67.93 -120.94 -60.67
CA PRO A 805 68.63 -120.56 -61.90
C PRO A 805 70.12 -120.62 -61.72
N PRO A 806 70.87 -121.01 -62.77
CA PRO A 806 72.33 -121.16 -62.66
C PRO A 806 73.03 -119.86 -62.27
N GLY A 807 74.03 -120.00 -61.40
CA GLY A 807 74.76 -118.87 -60.89
C GLY A 807 74.17 -118.22 -59.65
N TYR A 808 72.92 -118.54 -59.31
CA TYR A 808 72.27 -117.96 -58.15
C TYR A 808 72.41 -118.89 -56.96
N ALA A 809 72.80 -118.35 -55.85
CA ALA A 809 73.07 -119.22 -54.72
C ALA A 809 71.90 -119.20 -53.74
N PRO A 810 71.67 -120.32 -53.05
CA PRO A 810 70.67 -120.35 -51.98
C PRO A 810 70.99 -119.34 -50.88
N CYS A 811 69.94 -118.70 -50.36
CA CYS A 811 70.12 -117.61 -49.40
C CYS A 811 70.63 -118.07 -48.04
N HIS A 812 70.52 -119.35 -47.70
CA HIS A 812 71.06 -119.82 -46.42
C HIS A 812 72.58 -119.80 -46.37
N GLU A 813 73.25 -119.61 -47.50
CA GLU A 813 74.70 -119.58 -47.56
C GLU A 813 75.28 -118.21 -47.24
N ALA A 814 74.45 -117.21 -47.01
CA ALA A 814 74.91 -115.87 -46.68
C ALA A 814 74.88 -115.56 -45.19
N VAL A 815 74.56 -116.56 -44.35
CA VAL A 815 74.53 -116.32 -42.91
C VAL A 815 75.94 -116.08 -42.38
N LEU A 816 76.07 -115.08 -41.51
CA LEU A 816 77.35 -114.76 -40.91
C LEU A 816 77.79 -115.89 -40.00
N PRO A 817 79.11 -116.15 -39.92
CA PRO A 817 79.59 -117.29 -39.10
C PRO A 817 79.27 -117.20 -37.62
N ARG A 818 79.26 -115.99 -37.05
CA ARG A 818 79.03 -115.84 -35.62
C ARG A 818 77.59 -116.17 -35.26
N GLU A 819 76.64 -115.68 -36.04
CA GLU A 819 75.22 -115.79 -35.72
C GLU A 819 74.60 -117.05 -36.31
N ARG A 820 73.54 -117.52 -35.67
CA ARG A 820 72.74 -118.63 -36.14
C ARG A 820 71.45 -118.09 -36.71
N LEU A 821 70.98 -118.70 -37.80
CA LEU A 821 69.81 -118.21 -38.50
C LEU A 821 68.54 -118.32 -37.66
N ARG A 822 67.71 -117.30 -37.75
CA ARG A 822 66.43 -117.25 -37.06
C ARG A 822 65.52 -116.31 -37.85
N LEU A 823 64.29 -116.18 -37.39
CA LEU A 823 63.30 -115.32 -38.03
C LEU A 823 62.97 -114.16 -37.10
N GLU A 824 63.15 -112.94 -37.60
CA GLU A 824 62.96 -111.73 -36.82
C GLU A 824 62.30 -110.65 -37.67
N PRO A 825 61.61 -109.70 -37.06
CA PRO A 825 61.04 -108.60 -37.84
C PRO A 825 62.12 -107.57 -38.20
N ILE A 826 61.68 -106.48 -38.82
CA ILE A 826 62.55 -105.37 -39.19
C ILE A 826 62.73 -104.55 -37.92
N LYS A 827 63.65 -103.57 -37.93
CA LYS A 827 63.97 -102.66 -36.82
C LYS A 827 62.73 -102.13 -36.12
N GLU A 828 62.64 -102.40 -34.83
CA GLU A 828 61.42 -102.16 -34.08
C GLU A 828 61.66 -101.40 -32.79
N TYR A 829 60.63 -101.31 -31.97
CA TYR A 829 60.70 -100.63 -30.68
C TYR A 829 60.09 -101.41 -29.54
N ARG A 830 59.59 -102.63 -29.78
CA ARG A 830 58.90 -103.37 -28.74
C ARG A 830 58.95 -104.85 -29.08
N ARG A 831 58.95 -105.68 -28.04
CA ARG A 831 58.89 -107.13 -28.21
C ARG A 831 58.30 -107.71 -26.93
N GLU A 832 57.81 -108.94 -27.04
CA GLU A 832 57.20 -109.61 -25.91
C GLU A 832 58.24 -109.92 -24.85
N GLY A 833 57.80 -109.93 -23.59
CA GLY A 833 58.66 -110.24 -22.48
C GLY A 833 58.02 -111.20 -21.50
N PRO A 834 58.86 -111.92 -20.72
CA PRO A 834 58.34 -112.89 -19.74
C PRO A 834 57.44 -112.28 -18.67
N ARG A 835 57.95 -111.30 -17.93
CA ARG A 835 57.16 -110.67 -16.88
C ARG A 835 56.40 -109.46 -17.37
N GLY A 836 56.90 -108.80 -18.41
CA GLY A 836 56.25 -107.64 -18.99
C GLY A 836 56.89 -107.27 -20.30
N PRO A 837 56.17 -106.51 -21.14
CA PRO A 837 56.73 -106.07 -22.42
C PRO A 837 57.97 -105.21 -22.22
N HIS A 838 58.96 -105.41 -23.08
CA HIS A 838 60.24 -104.73 -22.98
C HIS A 838 60.35 -103.71 -24.09
N LEU A 839 60.53 -102.44 -23.73
CA LEU A 839 60.84 -101.44 -24.72
C LEU A 839 62.23 -101.70 -25.27
N VAL A 840 62.34 -101.71 -26.59
CA VAL A 840 63.56 -102.12 -27.26
C VAL A 840 64.24 -100.91 -27.87
N GLY A 841 65.46 -100.63 -27.43
CA GLY A 841 66.29 -99.62 -28.03
C GLY A 841 66.71 -100.11 -29.40
N PRO A 842 66.85 -99.18 -30.38
CA PRO A 842 67.22 -99.50 -31.78
C PRO A 842 68.24 -100.62 -32.00
N SER A 843 68.05 -101.42 -33.04
CA SER A 843 68.91 -102.56 -33.28
C SER A 843 70.12 -102.16 -34.11
N ARG A 844 71.31 -102.61 -33.69
CA ARG A 844 72.53 -102.36 -34.45
C ARG A 844 72.44 -103.16 -35.75
N CYS A 845 72.70 -102.48 -36.85
CA CYS A 845 72.55 -103.06 -38.18
C CYS A 845 73.90 -103.18 -38.85
N LEU A 846 74.14 -104.34 -39.46
CA LEU A 846 75.36 -104.60 -40.20
C LEU A 846 75.36 -103.76 -41.49
N SER A 847 76.56 -103.48 -41.98
CA SER A 847 76.74 -102.62 -43.15
C SER A 847 77.59 -103.31 -44.21
N HIS A 848 77.40 -102.88 -45.46
CA HIS A 848 78.20 -103.40 -46.57
C HIS A 848 79.68 -103.07 -46.36
N THR A 849 79.97 -101.87 -45.86
CA THR A 849 81.32 -101.46 -45.50
C THR A 849 81.98 -102.40 -44.48
N ASP A 850 81.20 -103.17 -43.73
CA ASP A 850 81.71 -104.15 -42.80
C ASP A 850 82.02 -105.49 -43.47
N PHE A 851 81.81 -105.62 -44.78
CA PHE A 851 82.21 -106.83 -45.48
C PHE A 851 83.45 -106.62 -46.34
N VAL A 852 83.95 -105.40 -46.44
CA VAL A 852 85.19 -105.18 -47.17
C VAL A 852 86.33 -105.28 -46.17
N PRO A 853 87.34 -106.11 -46.40
CA PRO A 853 88.47 -106.15 -45.46
C PRO A 853 89.45 -105.03 -45.80
N CYS A 854 89.63 -104.09 -44.87
CA CYS A 854 90.47 -102.93 -45.06
C CYS A 854 91.65 -102.95 -44.09
N PRO A 855 92.76 -103.55 -44.48
CA PRO A 855 93.93 -103.64 -43.59
C PRO A 855 94.75 -102.36 -43.68
N VAL A 856 95.86 -102.34 -42.95
CA VAL A 856 96.83 -101.27 -43.10
C VAL A 856 97.89 -101.71 -44.10
N ASP A 857 98.17 -100.85 -45.09
CA ASP A 857 99.10 -101.18 -46.15
C ASP A 857 100.49 -101.40 -45.59
N THR A 858 101.12 -102.52 -45.97
CA THR A 858 102.44 -102.90 -45.48
C THR A 858 103.47 -102.93 -46.59
N VAL A 859 103.48 -101.92 -47.46
CA VAL A 859 104.44 -101.85 -48.56
C VAL A 859 105.45 -100.73 -48.34
N GLN A 860 104.98 -99.51 -48.11
CA GLN A 860 105.88 -98.34 -47.98
C GLN A 860 106.46 -98.28 -46.57
N ILE A 861 107.27 -99.28 -46.24
CA ILE A 861 107.95 -99.39 -44.95
C ILE A 861 109.38 -99.85 -45.21
N VAL A 862 110.34 -98.95 -45.02
CA VAL A 862 111.74 -99.34 -45.06
C VAL A 862 112.08 -100.13 -43.80
N LEU A 863 112.70 -101.29 -44.00
CA LEU A 863 112.91 -102.24 -42.91
C LEU A 863 114.08 -101.78 -42.04
N PRO A 864 113.89 -101.65 -40.73
CA PRO A 864 114.90 -101.03 -39.87
C PRO A 864 116.06 -101.97 -39.54
N PRO A 865 117.20 -101.40 -39.09
CA PRO A 865 118.35 -102.27 -38.71
C PRO A 865 118.07 -103.17 -37.53
N HIS A 866 117.33 -102.69 -36.51
CA HIS A 866 117.10 -103.53 -35.34
C HIS A 866 116.15 -104.69 -35.68
N LEU A 867 115.38 -104.54 -36.75
CA LEU A 867 114.50 -105.62 -37.21
C LEU A 867 115.26 -106.63 -38.07
N GLU A 868 116.08 -106.15 -39.03
CA GLU A 868 116.91 -107.11 -39.78
C GLU A 868 117.90 -107.84 -38.89
N ARG A 869 118.29 -107.20 -37.77
CA ARG A 869 119.12 -107.87 -36.77
C ARG A 869 118.40 -109.03 -36.11
N ILE A 870 117.07 -108.97 -36.00
CA ILE A 870 116.32 -110.07 -35.40
C ILE A 870 115.42 -110.74 -36.45
N ARG A 871 115.80 -110.62 -37.72
CA ARG A 871 115.03 -111.15 -38.84
C ARG A 871 114.99 -112.68 -38.86
N GLU A 872 115.89 -113.33 -38.13
CA GLU A 872 116.09 -114.76 -38.26
C GLU A 872 115.37 -115.58 -37.21
N LYS A 873 115.58 -115.28 -35.91
CA LYS A 873 115.01 -116.07 -34.82
C LYS A 873 113.48 -116.04 -34.84
N LEU A 874 112.89 -114.87 -35.07
CA LEU A 874 111.44 -114.74 -35.22
C LEU A 874 110.87 -115.46 -36.44
N ALA A 875 111.71 -115.85 -37.40
CA ALA A 875 111.26 -116.70 -38.50
C ALA A 875 111.48 -118.18 -38.19
N GLU A 876 112.64 -118.48 -37.59
CA GLU A 876 112.96 -119.84 -37.18
C GLU A 876 111.95 -120.37 -36.19
N ASN A 877 111.39 -119.47 -35.38
CA ASN A 877 110.43 -119.88 -34.38
C ASN A 877 109.02 -120.02 -34.96
N ILE A 878 108.81 -119.62 -36.22
CA ILE A 878 107.51 -119.78 -36.85
C ILE A 878 107.63 -120.60 -38.14
N HIS A 879 108.69 -121.40 -38.27
CA HIS A 879 108.82 -122.25 -39.44
C HIS A 879 108.12 -123.60 -39.27
N GLU A 880 108.03 -124.12 -38.04
CA GLU A 880 107.27 -125.33 -37.79
C GLU A 880 106.43 -125.24 -36.52
N LEU A 881 106.07 -124.01 -36.12
CA LEU A 881 105.28 -123.85 -34.91
C LEU A 881 103.91 -124.50 -35.08
N TRP A 882 103.31 -124.37 -36.28
CA TRP A 882 102.07 -125.11 -36.57
C TRP A 882 102.30 -126.61 -36.61
N ALA A 883 103.55 -127.05 -36.77
CA ALA A 883 103.88 -128.47 -36.84
C ALA A 883 104.12 -129.08 -35.47
N LEU A 884 104.36 -128.25 -34.45
CA LEU A 884 104.74 -128.79 -33.14
C LEU A 884 103.60 -129.53 -32.45
N THR A 885 102.36 -129.09 -32.67
CA THR A 885 101.21 -129.62 -31.94
C THR A 885 100.96 -131.10 -32.22
N ARG A 886 101.13 -131.52 -33.47
CA ARG A 886 100.68 -132.82 -33.94
C ARG A 886 101.75 -133.90 -33.99
N ILE A 887 102.98 -133.62 -33.53
CA ILE A 887 104.00 -134.66 -33.48
C ILE A 887 103.63 -135.66 -32.39
N GLU A 888 104.05 -136.92 -32.57
CA GLU A 888 103.71 -138.07 -31.70
C GLU A 888 102.21 -138.36 -31.70
N GLN A 889 101.54 -138.02 -32.81
CA GLN A 889 100.13 -138.34 -33.01
C GLN A 889 99.98 -139.08 -34.33
N GLY A 890 98.74 -139.22 -34.83
CA GLY A 890 98.52 -139.78 -36.15
C GLY A 890 99.20 -139.00 -37.27
N TRP A 891 99.41 -137.69 -37.07
CA TRP A 891 100.15 -136.86 -38.02
C TRP A 891 101.61 -136.73 -37.58
N THR A 892 102.30 -137.87 -37.57
CA THR A 892 103.70 -137.95 -37.19
C THR A 892 104.55 -138.16 -38.44
N TYR A 893 105.59 -137.35 -38.58
CA TYR A 893 106.39 -137.22 -39.78
C TYR A 893 107.10 -138.54 -40.14
N GLY A 894 107.55 -138.61 -41.39
CA GLY A 894 108.31 -139.72 -41.91
C GLY A 894 109.34 -139.21 -42.89
N PRO A 895 110.52 -139.84 -42.91
CA PRO A 895 111.61 -139.40 -43.80
C PRO A 895 111.29 -139.46 -45.29
N VAL A 896 110.41 -140.36 -45.73
CA VAL A 896 110.12 -140.50 -47.15
C VAL A 896 109.36 -139.29 -47.70
N ARG A 897 108.46 -138.70 -46.92
CA ARG A 897 107.59 -137.63 -47.38
C ARG A 897 107.96 -136.31 -46.71
N ASP A 898 107.14 -135.30 -46.97
CA ASP A 898 107.35 -133.94 -46.48
C ASP A 898 105.99 -133.39 -46.04
N ASP A 899 105.90 -132.07 -45.91
CA ASP A 899 104.67 -131.39 -45.49
C ASP A 899 103.50 -131.70 -46.43
N ASN A 900 102.29 -131.49 -45.89
CA ASN A 900 101.00 -131.59 -46.57
C ASN A 900 100.66 -133.02 -47.02
N LYS A 901 101.33 -134.02 -46.47
CA LYS A 901 101.11 -135.42 -46.85
C LYS A 901 100.52 -136.25 -45.72
N ARG A 902 99.68 -135.63 -44.88
CA ARG A 902 99.01 -136.19 -43.69
C ARG A 902 99.99 -136.70 -42.61
N LEU A 903 101.28 -136.45 -42.79
CA LEU A 903 102.37 -136.74 -41.87
C LEU A 903 103.32 -135.55 -41.85
N HIS A 904 102.72 -134.36 -41.77
CA HIS A 904 103.39 -133.09 -42.07
C HIS A 904 104.69 -132.72 -41.35
N PRO A 905 104.86 -132.88 -39.95
CA PRO A 905 105.79 -132.00 -39.19
C PRO A 905 107.15 -131.55 -39.72
N CYS A 906 108.05 -132.49 -40.04
CA CYS A 906 109.42 -132.22 -40.51
C CYS A 906 110.12 -131.16 -39.64
N LEU A 907 110.33 -131.54 -38.38
CA LEU A 907 110.87 -130.63 -37.36
C LEU A 907 112.35 -130.30 -37.53
N VAL A 908 113.03 -130.93 -38.50
CA VAL A 908 114.50 -130.86 -38.61
C VAL A 908 114.96 -129.42 -38.76
N ASN A 909 114.58 -128.80 -39.88
CA ASN A 909 114.94 -127.43 -40.24
C ASN A 909 114.17 -127.07 -41.50
N PHE A 910 114.21 -125.78 -41.84
CA PHE A 910 113.62 -125.27 -43.07
C PHE A 910 114.56 -125.40 -44.26
N HIS A 911 115.82 -125.75 -44.04
CA HIS A 911 116.72 -126.06 -45.16
C HIS A 911 116.26 -127.32 -45.87
N SER A 912 115.84 -128.34 -45.11
CA SER A 912 115.25 -129.52 -45.72
C SER A 912 113.95 -129.17 -46.44
N LEU A 913 113.21 -128.20 -45.91
CA LEU A 913 111.97 -127.76 -46.52
C LEU A 913 112.27 -126.91 -47.77
N PRO A 914 111.32 -126.80 -48.71
CA PRO A 914 111.57 -126.06 -49.95
C PRO A 914 111.96 -124.60 -49.75
N GLU A 915 112.93 -124.16 -50.55
CA GLU A 915 113.49 -122.80 -50.45
C GLU A 915 112.48 -121.66 -50.67
N PRO A 916 111.59 -121.66 -51.69
CA PRO A 916 110.68 -120.49 -51.86
C PRO A 916 109.78 -120.26 -50.66
N GLU A 917 109.07 -121.29 -50.19
CA GLU A 917 108.25 -121.11 -48.99
C GLU A 917 109.12 -120.82 -47.76
N ARG A 918 110.39 -121.27 -47.77
CA ARG A 918 111.32 -120.98 -46.67
C ARG A 918 111.57 -119.48 -46.53
N ASN A 919 112.18 -118.87 -47.55
CA ASN A 919 112.42 -117.42 -47.48
C ASN A 919 111.12 -116.63 -47.50
N TYR A 920 110.02 -117.21 -48.02
CA TYR A 920 108.70 -116.63 -47.86
C TYR A 920 108.32 -116.56 -46.38
N ASN A 921 108.62 -117.61 -45.61
CA ASN A 921 108.33 -117.60 -44.18
C ASN A 921 109.19 -116.58 -43.45
N LEU A 922 110.47 -116.46 -43.85
CA LEU A 922 111.33 -115.39 -43.32
C LEU A 922 110.72 -114.02 -43.56
N GLN A 923 110.34 -113.73 -44.80
CA GLN A 923 109.79 -112.41 -45.10
C GLN A 923 108.33 -112.26 -44.66
N MET A 924 107.66 -113.35 -44.28
CA MET A 924 106.40 -113.25 -43.55
C MET A 924 106.62 -112.86 -42.08
N SER A 925 107.68 -113.38 -41.46
CA SER A 925 108.08 -112.86 -40.14
C SER A 925 108.43 -111.37 -40.23
N GLY A 926 109.19 -111.00 -41.26
CA GLY A 926 109.42 -109.60 -41.55
C GLY A 926 108.15 -108.81 -41.82
N GLU A 927 107.18 -109.44 -42.48
CA GLU A 927 105.90 -108.81 -42.80
C GLU A 927 105.09 -108.54 -41.53
N THR A 928 105.11 -109.48 -40.59
CA THR A 928 104.50 -109.24 -39.28
C THR A 928 105.20 -108.10 -38.54
N LEU A 929 106.53 -108.05 -38.58
CA LEU A 929 107.23 -106.91 -38.01
C LEU A 929 106.90 -105.59 -38.73
N LYS A 930 106.63 -105.65 -40.04
CA LYS A 930 106.23 -104.45 -40.77
C LYS A 930 104.84 -103.99 -40.37
N THR A 931 103.95 -104.95 -40.12
CA THR A 931 102.65 -104.64 -39.54
C THR A 931 102.81 -104.01 -38.15
N LEU A 932 103.77 -104.49 -37.35
CA LEU A 932 104.04 -103.89 -36.05
C LEU A 932 104.48 -102.43 -36.20
N LEU A 933 105.31 -102.17 -37.22
CA LEU A 933 105.74 -100.81 -37.51
C LEU A 933 104.56 -99.94 -37.91
N ALA A 934 103.75 -100.40 -38.88
CA ALA A 934 102.62 -99.60 -39.37
C ALA A 934 101.59 -99.39 -38.27
N LEU A 935 101.47 -100.34 -37.34
CA LEU A 935 100.56 -100.19 -36.21
C LEU A 935 101.11 -99.16 -35.23
N GLY A 936 102.43 -99.13 -35.06
CA GLY A 936 103.04 -98.25 -34.08
C GLY A 936 103.82 -98.96 -32.98
N CYS A 937 104.44 -100.09 -33.32
CA CYS A 937 105.27 -100.84 -32.38
C CYS A 937 106.74 -100.65 -32.72
N HIS A 938 107.52 -100.32 -31.70
CA HIS A 938 108.96 -100.12 -31.82
C HIS A 938 109.65 -100.85 -30.68
N VAL A 939 110.91 -101.23 -30.89
CA VAL A 939 111.60 -102.16 -30.00
C VAL A 939 112.77 -101.46 -29.31
N GLY A 940 113.04 -101.91 -28.09
CA GLY A 940 114.18 -101.44 -27.31
C GLY A 940 114.72 -102.52 -26.42
N MET A 941 116.05 -102.61 -26.33
CA MET A 941 116.73 -103.71 -25.63
C MET A 941 117.27 -103.18 -24.31
N ALA A 942 116.88 -103.85 -23.21
CA ALA A 942 117.37 -103.49 -21.89
C ALA A 942 118.13 -104.64 -21.22
N ASP A 943 117.51 -105.80 -21.03
CA ASP A 943 117.98 -106.73 -20.01
C ASP A 943 118.93 -107.76 -20.64
N GLU A 944 119.24 -108.82 -19.88
CA GLU A 944 120.11 -109.92 -20.32
C GLU A 944 119.61 -110.59 -21.60
N LYS A 945 120.54 -110.91 -22.49
CA LYS A 945 120.20 -111.51 -23.78
C LYS A 945 119.59 -112.89 -23.55
N ALA A 946 118.36 -113.08 -24.03
CA ALA A 946 117.65 -114.35 -23.86
C ALA A 946 118.36 -115.53 -24.52
N GLU A 947 119.19 -115.26 -25.55
CA GLU A 947 119.97 -116.30 -26.22
C GLU A 947 120.82 -117.12 -25.24
N ASP A 948 121.37 -116.46 -24.22
CA ASP A 948 122.17 -117.17 -23.23
C ASP A 948 121.30 -118.07 -22.36
N ASN A 949 120.19 -117.53 -21.84
CA ASN A 949 119.40 -118.17 -20.81
C ASN A 949 118.23 -118.93 -21.45
N LEU A 950 118.29 -119.14 -22.76
CA LEU A 950 117.36 -119.99 -23.48
C LEU A 950 118.08 -121.27 -23.90
N LYS A 951 117.32 -122.36 -23.97
CA LYS A 951 117.86 -123.65 -24.39
C LYS A 951 116.83 -124.41 -25.21
N LYS A 952 117.31 -125.37 -25.98
CA LYS A 952 116.46 -126.26 -26.75
C LYS A 952 116.27 -127.56 -25.97
N THR A 953 115.03 -128.02 -25.89
CA THR A 953 114.67 -129.15 -25.05
C THR A 953 114.28 -130.32 -25.94
N LYS A 954 115.14 -131.34 -26.00
CA LYS A 954 114.82 -132.58 -26.69
C LYS A 954 113.88 -133.37 -25.78
N LEU A 955 112.60 -133.07 -25.90
CA LEU A 955 111.59 -133.71 -25.07
C LEU A 955 111.43 -135.19 -25.47
N PRO A 956 110.98 -136.04 -24.53
CA PRO A 956 110.58 -137.40 -24.94
C PRO A 956 109.50 -137.42 -26.01
N LYS A 957 108.51 -136.53 -25.89
CA LYS A 957 107.60 -136.27 -27.00
C LYS A 957 108.31 -135.48 -28.09
N THR A 958 107.77 -135.56 -29.31
CA THR A 958 108.30 -134.96 -30.54
C THR A 958 109.66 -135.55 -30.92
N TYR A 959 109.99 -136.73 -30.43
CA TYR A 959 111.21 -137.41 -30.84
C TYR A 959 111.02 -138.01 -32.23
N MET A 960 112.00 -137.78 -33.09
CA MET A 960 111.96 -138.26 -34.47
C MET A 960 113.30 -138.89 -34.87
N MET A 961 113.21 -139.76 -35.87
CA MET A 961 114.37 -140.48 -36.39
C MET A 961 115.05 -139.73 -37.53
N SER A 962 114.36 -138.77 -38.15
CA SER A 962 114.89 -138.03 -39.29
C SER A 962 115.78 -136.90 -38.77
N ASN A 963 117.10 -137.12 -38.82
CA ASN A 963 118.15 -136.13 -38.54
C ASN A 963 117.98 -135.51 -37.16
N GLY A 964 117.89 -136.38 -36.15
CA GLY A 964 117.82 -135.94 -34.77
C GLY A 964 116.46 -135.37 -34.39
N TYR A 965 116.28 -135.15 -33.10
CA TYR A 965 115.03 -134.64 -32.57
C TYR A 965 115.25 -133.30 -31.90
N LYS A 966 114.30 -132.40 -32.07
CA LYS A 966 114.35 -131.04 -31.54
C LYS A 966 112.92 -130.52 -31.50
N PRO A 967 112.64 -129.46 -30.72
CA PRO A 967 111.36 -128.77 -30.87
C PRO A 967 111.19 -128.26 -32.29
N ALA A 968 109.98 -128.44 -32.83
CA ALA A 968 109.71 -128.03 -34.22
C ALA A 968 109.90 -126.52 -34.43
N PRO A 969 109.35 -125.59 -33.59
CA PRO A 969 109.83 -124.21 -33.66
C PRO A 969 111.09 -124.06 -32.83
N LEU A 970 111.61 -122.85 -32.69
CA LEU A 970 112.74 -122.64 -31.81
C LEU A 970 112.22 -122.55 -30.38
N ASP A 971 112.89 -123.25 -29.46
CA ASP A 971 112.40 -123.38 -28.10
C ASP A 971 112.48 -122.05 -27.35
N LEU A 972 111.72 -121.96 -26.25
CA LEU A 972 111.67 -120.76 -25.43
C LEU A 972 111.33 -121.17 -24.00
N SER A 973 111.88 -120.42 -23.04
CA SER A 973 111.66 -120.66 -21.63
C SER A 973 110.52 -119.78 -21.12
N HIS A 974 110.36 -119.72 -19.80
CA HIS A 974 109.37 -118.89 -19.12
C HIS A 974 109.40 -117.41 -19.53
N VAL A 975 108.32 -116.97 -20.19
CA VAL A 975 108.15 -115.61 -20.71
C VAL A 975 106.66 -115.28 -20.59
N ARG A 976 106.32 -114.04 -20.26
CA ARG A 976 104.93 -113.63 -20.04
C ARG A 976 104.59 -112.48 -20.98
N LEU A 977 103.31 -112.06 -20.96
CA LEU A 977 102.85 -111.02 -21.87
C LEU A 977 101.80 -110.16 -21.17
N THR A 978 101.94 -108.84 -21.30
CA THR A 978 101.02 -107.89 -20.68
C THR A 978 99.80 -107.65 -21.59
N PRO A 979 98.69 -107.10 -21.04
CA PRO A 979 97.50 -106.87 -21.87
C PRO A 979 97.70 -106.00 -23.10
N ALA A 980 98.60 -105.00 -23.04
CA ALA A 980 98.95 -104.22 -24.24
C ALA A 980 99.39 -105.13 -25.38
N GLN A 981 100.24 -106.12 -25.06
CA GLN A 981 100.67 -107.10 -26.06
C GLN A 981 99.51 -107.97 -26.51
N THR A 982 98.55 -108.28 -25.61
CA THR A 982 97.39 -109.08 -26.01
C THR A 982 96.53 -108.35 -27.05
N THR A 983 96.20 -107.08 -26.78
CA THR A 983 95.44 -106.30 -27.76
C THR A 983 96.22 -106.12 -29.05
N LEU A 984 97.53 -105.88 -28.95
CA LEU A 984 98.35 -105.67 -30.14
C LEU A 984 98.42 -106.93 -31.00
N VAL A 985 98.56 -108.10 -30.38
CA VAL A 985 98.61 -109.33 -31.15
C VAL A 985 97.22 -109.64 -31.74
N ASP A 986 96.16 -109.21 -31.03
CA ASP A 986 94.79 -109.35 -31.57
C ASP A 986 94.65 -108.58 -32.88
N ARG A 987 95.02 -107.29 -32.87
CA ARG A 987 94.90 -106.53 -34.12
C ARG A 987 95.95 -106.94 -35.15
N LEU A 988 97.08 -107.51 -34.72
CA LEU A 988 98.05 -108.06 -35.66
C LEU A 988 97.47 -109.25 -36.42
N ALA A 989 96.74 -110.13 -35.70
CA ALA A 989 96.05 -111.24 -36.35
C ALA A 989 94.92 -110.73 -37.22
N GLU A 990 94.25 -109.66 -36.78
CA GLU A 990 93.23 -109.00 -37.59
C GLU A 990 93.81 -108.54 -38.93
N ASN A 991 94.98 -107.89 -38.88
CA ASN A 991 95.57 -107.39 -40.12
C ASN A 991 96.19 -108.52 -40.93
N GLY A 992 96.34 -109.71 -40.36
CA GLY A 992 96.78 -110.83 -41.18
C GLY A 992 95.60 -111.42 -41.91
N HIS A 993 94.50 -111.62 -41.17
CA HIS A 993 93.27 -112.15 -41.74
C HIS A 993 92.73 -111.26 -42.84
N ASN A 994 92.76 -109.94 -42.64
CA ASN A 994 92.15 -109.05 -43.62
C ASN A 994 93.00 -108.93 -44.87
N VAL A 995 94.31 -109.19 -44.78
CA VAL A 995 95.15 -109.24 -45.97
C VAL A 995 94.90 -110.53 -46.73
N TRP A 996 94.77 -111.64 -46.00
CA TRP A 996 94.47 -112.93 -46.62
C TRP A 996 93.12 -112.87 -47.35
N ALA A 997 92.11 -112.30 -46.69
CA ALA A 997 90.78 -112.18 -47.28
C ALA A 997 90.79 -111.25 -48.48
N ARG A 998 91.54 -110.13 -48.39
CA ARG A 998 91.69 -109.21 -49.50
C ARG A 998 92.30 -109.91 -50.71
N ASP A 999 93.34 -110.72 -50.47
CA ASP A 999 94.00 -111.45 -51.55
C ASP A 999 93.05 -112.45 -52.19
N ARG A 1000 92.30 -113.21 -51.38
CA ARG A 1000 91.35 -114.20 -51.91
C ARG A 1000 90.28 -113.53 -52.76
N VAL A 1001 89.77 -112.39 -52.28
CA VAL A 1001 88.78 -111.63 -53.06
C VAL A 1001 89.41 -111.18 -54.38
N ALA A 1002 90.65 -110.68 -54.33
CA ALA A 1002 91.35 -110.31 -55.55
C ALA A 1002 91.60 -111.50 -56.47
N GLN A 1003 91.60 -112.73 -55.95
CA GLN A 1003 91.57 -113.91 -56.80
C GLN A 1003 90.15 -114.40 -57.06
N GLY A 1004 89.13 -113.61 -56.74
CA GLY A 1004 87.78 -113.89 -57.12
C GLY A 1004 86.90 -114.54 -56.07
N TRP A 1005 87.50 -115.14 -55.04
CA TRP A 1005 86.78 -115.89 -54.02
C TRP A 1005 85.74 -115.04 -53.29
N SER A 1006 84.81 -115.71 -52.62
CA SER A 1006 83.78 -115.03 -51.83
C SER A 1006 83.35 -115.93 -50.68
N TYR A 1007 82.38 -115.46 -49.91
CA TYR A 1007 81.92 -116.13 -48.71
C TYR A 1007 80.75 -117.08 -49.02
N SER A 1008 80.71 -118.21 -48.32
CA SER A 1008 79.58 -119.13 -48.33
C SER A 1008 79.70 -119.98 -47.08
N ALA A 1009 78.60 -120.11 -46.32
CA ALA A 1009 78.60 -120.87 -45.07
C ALA A 1009 78.94 -122.35 -45.25
N VAL A 1010 78.81 -122.88 -46.46
CA VAL A 1010 79.25 -124.22 -46.82
C VAL A 1010 80.42 -124.06 -47.79
N GLN A 1011 81.49 -124.83 -47.54
CA GLN A 1011 82.71 -124.63 -48.31
C GLN A 1011 82.57 -125.27 -49.68
N ASP A 1012 82.92 -124.50 -50.71
CA ASP A 1012 82.91 -124.97 -52.11
C ASP A 1012 84.21 -124.55 -52.76
N ILE A 1013 85.19 -125.45 -52.78
CA ILE A 1013 86.50 -125.17 -53.38
C ILE A 1013 86.39 -125.00 -54.90
N PRO A 1014 85.79 -125.92 -55.70
CA PRO A 1014 85.70 -125.65 -57.16
C PRO A 1014 84.90 -124.41 -57.52
N ALA A 1015 83.91 -124.05 -56.72
CA ALA A 1015 83.19 -122.79 -56.91
C ALA A 1015 83.90 -121.61 -56.26
N ARG A 1016 85.03 -121.85 -55.57
CA ARG A 1016 85.92 -120.82 -55.03
C ARG A 1016 85.20 -119.97 -53.98
N ARG A 1017 84.60 -120.64 -53.01
CA ARG A 1017 83.93 -119.98 -51.90
C ARG A 1017 84.33 -120.66 -50.60
N ASN A 1018 84.42 -119.86 -49.54
CA ASN A 1018 84.99 -120.28 -48.26
C ASN A 1018 84.08 -119.83 -47.14
N PRO A 1019 84.01 -120.56 -46.03
CA PRO A 1019 83.27 -120.08 -44.86
C PRO A 1019 84.02 -119.09 -43.99
N ARG A 1020 85.23 -118.71 -44.34
CA ARG A 1020 86.00 -117.81 -43.49
C ARG A 1020 86.36 -116.52 -44.20
N LEU A 1021 85.86 -116.31 -45.43
CA LEU A 1021 86.02 -115.03 -46.11
C LEU A 1021 85.02 -114.00 -45.58
N VAL A 1022 85.23 -113.62 -44.33
CA VAL A 1022 84.57 -112.47 -43.73
C VAL A 1022 85.65 -111.70 -42.99
N PRO A 1023 85.49 -110.39 -42.78
CA PRO A 1023 86.44 -109.65 -41.94
C PRO A 1023 86.52 -110.21 -40.53
N TYR A 1024 87.70 -110.01 -39.91
CA TYR A 1024 88.04 -110.59 -38.61
C TYR A 1024 86.97 -110.28 -37.58
N ARG A 1025 86.42 -109.06 -37.60
CA ARG A 1025 85.40 -108.65 -36.63
C ARG A 1025 84.14 -109.51 -36.75
N LEU A 1026 83.92 -110.11 -37.93
CA LEU A 1026 82.75 -110.95 -38.20
C LEU A 1026 83.11 -112.43 -38.13
N LEU A 1027 84.40 -112.75 -38.03
CA LEU A 1027 84.86 -114.13 -37.93
C LEU A 1027 84.33 -114.79 -36.64
N ASP A 1028 84.52 -116.11 -36.56
CA ASP A 1028 84.10 -116.85 -35.38
C ASP A 1028 85.24 -116.91 -34.38
N GLU A 1029 84.88 -117.14 -33.11
CA GLU A 1029 85.84 -117.13 -32.01
C GLU A 1029 86.88 -118.25 -32.13
N ALA A 1030 86.47 -119.39 -32.68
CA ALA A 1030 87.39 -120.51 -32.92
C ALA A 1030 88.53 -120.10 -33.84
N THR A 1031 88.19 -119.52 -35.00
CA THR A 1031 89.21 -119.10 -35.94
C THR A 1031 90.00 -117.91 -35.43
N LYS A 1032 89.34 -116.98 -34.71
CA LYS A 1032 90.05 -115.87 -34.06
C LYS A 1032 91.15 -116.38 -33.14
N ARG A 1033 90.80 -117.35 -32.30
CA ARG A 1033 91.77 -117.93 -31.36
C ARG A 1033 92.86 -118.68 -32.10
N SER A 1034 92.49 -119.43 -33.15
CA SER A 1034 93.48 -120.19 -33.91
C SER A 1034 94.50 -119.28 -34.60
N ASN A 1035 94.05 -118.16 -35.17
CA ASN A 1035 95.00 -117.19 -35.71
C ASN A 1035 95.83 -116.54 -34.61
N ARG A 1036 95.18 -116.15 -33.50
CA ARG A 1036 95.88 -115.42 -32.45
C ARG A 1036 96.93 -116.25 -31.72
N ASP A 1037 96.76 -117.58 -31.68
CA ASP A 1037 97.69 -118.45 -30.94
C ASP A 1037 99.10 -118.40 -31.51
N SER A 1038 99.22 -118.52 -32.84
CA SER A 1038 100.52 -118.55 -33.51
C SER A 1038 101.27 -117.25 -33.31
N LEU A 1039 100.60 -116.13 -33.61
CA LEU A 1039 101.24 -114.84 -33.49
C LEU A 1039 101.42 -114.44 -32.03
N CYS A 1040 100.61 -114.99 -31.11
CA CYS A 1040 100.86 -114.81 -29.69
C CYS A 1040 102.16 -115.46 -29.27
N GLN A 1041 102.42 -116.67 -29.80
CA GLN A 1041 103.70 -117.32 -29.57
C GLN A 1041 104.83 -116.48 -30.16
N ALA A 1042 104.61 -115.92 -31.36
CA ALA A 1042 105.62 -115.08 -32.02
C ALA A 1042 105.96 -113.84 -31.19
N VAL A 1043 104.93 -113.10 -30.75
CA VAL A 1043 105.17 -111.88 -29.97
C VAL A 1043 105.76 -112.26 -28.60
N ARG A 1044 105.43 -113.45 -28.08
CA ARG A 1044 106.02 -113.95 -26.86
C ARG A 1044 107.53 -114.17 -27.04
N THR A 1045 107.92 -114.79 -28.16
CA THR A 1045 109.33 -115.00 -28.48
C THR A 1045 110.06 -113.68 -28.64
N LEU A 1046 109.38 -112.67 -29.23
CA LEU A 1046 109.96 -111.34 -29.32
C LEU A 1046 110.16 -110.75 -27.93
N LEU A 1047 109.17 -110.91 -27.04
CA LEU A 1047 109.23 -110.37 -25.70
C LEU A 1047 110.33 -111.03 -24.87
N GLY A 1048 110.57 -112.32 -25.11
CA GLY A 1048 111.61 -113.04 -24.40
C GLY A 1048 112.98 -112.42 -24.56
N TYR A 1049 113.30 -111.94 -25.77
CA TYR A 1049 114.56 -111.24 -26.05
C TYR A 1049 114.61 -109.84 -25.45
N GLY A 1050 113.59 -109.42 -24.71
CA GLY A 1050 113.60 -108.18 -23.98
C GLY A 1050 113.27 -106.97 -24.79
N TYR A 1051 112.98 -107.13 -26.08
CA TYR A 1051 112.69 -105.99 -26.92
C TYR A 1051 111.25 -105.55 -26.67
N ASN A 1052 111.09 -104.27 -26.32
CA ASN A 1052 109.80 -103.75 -25.89
C ASN A 1052 108.79 -103.78 -27.01
N ILE A 1053 107.54 -104.10 -26.65
CA ILE A 1053 106.42 -103.98 -27.57
C ILE A 1053 105.72 -102.68 -27.17
N GLU A 1054 105.95 -101.63 -27.94
CA GLU A 1054 105.47 -100.30 -27.56
C GLU A 1054 104.08 -100.08 -28.12
N PRO A 1055 103.06 -99.86 -27.29
CA PRO A 1055 101.75 -99.49 -27.82
C PRO A 1055 101.80 -98.16 -28.53
N PRO A 1056 101.02 -98.01 -29.59
CA PRO A 1056 100.91 -96.72 -30.29
C PRO A 1056 99.98 -95.78 -29.53
N ASP A 1057 99.83 -94.58 -30.07
CA ASP A 1057 98.88 -93.62 -29.51
C ASP A 1057 97.45 -94.11 -29.69
N GLN A 1058 96.56 -93.62 -28.82
CA GLN A 1058 95.16 -94.02 -28.81
C GLN A 1058 94.32 -92.91 -29.44
N GLU A 1059 93.53 -93.29 -30.45
CA GLU A 1059 92.64 -92.35 -31.12
C GLU A 1059 91.21 -92.87 -30.99
N PRO A 1060 90.32 -92.16 -30.29
CA PRO A 1060 88.93 -92.60 -30.17
C PRO A 1060 88.15 -92.34 -31.45
N SER A 1061 87.48 -93.38 -31.95
CA SER A 1061 86.73 -93.29 -33.20
C SER A 1061 85.35 -93.89 -33.03
N GLN A 1062 84.40 -93.35 -33.78
CA GLN A 1062 83.02 -93.83 -33.82
C GLN A 1062 82.73 -94.37 -35.21
N VAL A 1063 82.13 -95.57 -35.26
CA VAL A 1063 81.87 -96.23 -36.54
C VAL A 1063 80.84 -95.45 -37.36
N GLU A 1064 79.73 -95.07 -36.74
CA GLU A 1064 78.69 -94.30 -37.40
C GLU A 1064 78.47 -93.01 -36.61
N ASN A 1065 78.52 -91.88 -37.30
CA ASN A 1065 78.40 -90.57 -36.68
C ASN A 1065 77.25 -89.73 -37.21
N GLN A 1066 76.94 -89.86 -38.51
CA GLN A 1066 75.93 -89.01 -39.15
C GLN A 1066 74.56 -89.15 -38.49
N SER A 1067 74.10 -90.38 -38.33
CA SER A 1067 72.78 -90.64 -37.79
C SER A 1067 72.82 -90.67 -36.27
N ARG A 1068 72.96 -89.47 -35.69
CA ARG A 1068 72.91 -89.32 -34.24
C ARG A 1068 71.51 -89.56 -33.68
N TRP A 1069 70.48 -89.54 -34.53
CA TRP A 1069 69.11 -89.63 -34.06
C TRP A 1069 68.62 -91.06 -33.96
N ASP A 1070 69.03 -91.94 -34.88
CA ASP A 1070 68.72 -93.36 -34.78
C ASP A 1070 69.25 -93.99 -33.49
N ARG A 1071 70.35 -93.44 -32.96
CA ARG A 1071 70.93 -93.97 -31.72
C ARG A 1071 70.00 -93.83 -30.52
N VAL A 1072 69.30 -92.70 -30.42
CA VAL A 1072 68.50 -92.40 -29.24
C VAL A 1072 67.02 -92.48 -29.58
N ARG A 1073 66.27 -93.23 -28.76
CA ARG A 1073 64.83 -93.37 -28.87
C ARG A 1073 64.27 -93.01 -27.51
N ILE A 1074 63.26 -92.14 -27.49
CA ILE A 1074 62.72 -91.59 -26.25
C ILE A 1074 61.29 -92.08 -26.08
N PHE A 1075 61.06 -92.83 -25.00
CA PHE A 1075 59.76 -93.36 -24.63
C PHE A 1075 59.21 -92.54 -23.48
N ARG A 1076 57.96 -92.09 -23.59
CA ARG A 1076 57.37 -91.29 -22.54
C ARG A 1076 55.87 -91.54 -22.49
N ALA A 1077 55.25 -91.23 -21.36
CA ALA A 1077 53.81 -91.35 -21.29
C ALA A 1077 53.14 -90.23 -22.10
N GLU A 1078 51.87 -90.46 -22.43
CA GLU A 1078 51.09 -89.47 -23.18
C GLU A 1078 50.86 -88.23 -22.31
N LYS A 1079 50.70 -87.08 -22.98
CA LYS A 1079 50.56 -85.80 -22.29
C LYS A 1079 49.34 -85.75 -21.37
N SER A 1080 48.28 -86.50 -21.69
CA SER A 1080 47.09 -86.53 -20.86
C SER A 1080 47.33 -87.14 -19.48
N TYR A 1081 48.39 -87.93 -19.32
CA TYR A 1081 48.72 -88.58 -18.07
C TYR A 1081 49.58 -87.70 -17.15
N THR A 1082 49.81 -86.45 -17.53
CA THR A 1082 50.68 -85.54 -16.79
C THR A 1082 50.21 -85.33 -15.36
N VAL A 1083 51.16 -85.39 -14.42
CA VAL A 1083 50.89 -85.22 -13.00
C VAL A 1083 51.60 -83.97 -12.51
N GLN A 1084 50.92 -83.21 -11.66
CA GLN A 1084 51.46 -81.99 -11.08
C GLN A 1084 51.48 -82.02 -9.57
N SER A 1085 51.20 -83.16 -8.95
CA SER A 1085 51.16 -83.28 -7.50
C SER A 1085 51.30 -84.74 -7.13
N GLY A 1086 51.52 -84.98 -5.83
CA GLY A 1086 51.64 -86.34 -5.35
C GLY A 1086 53.04 -86.91 -5.38
N ARG A 1087 53.12 -88.17 -4.99
CA ARG A 1087 54.35 -88.94 -4.91
C ARG A 1087 54.23 -90.13 -5.86
N TRP A 1088 55.07 -90.15 -6.89
CA TRP A 1088 54.95 -91.12 -7.97
C TRP A 1088 56.19 -91.99 -8.08
N TYR A 1089 55.96 -93.29 -8.30
CA TYR A 1089 57.00 -94.32 -8.40
C TYR A 1089 56.77 -95.23 -9.58
N PHE A 1090 57.83 -95.48 -10.38
CA PHE A 1090 57.76 -96.45 -11.46
C PHE A 1090 59.10 -97.17 -11.58
N GLU A 1091 59.05 -98.45 -11.97
CA GLU A 1091 60.24 -99.29 -12.10
C GLU A 1091 60.69 -99.39 -13.55
N PHE A 1092 61.96 -99.11 -13.78
CA PHE A 1092 62.60 -99.25 -15.08
C PHE A 1092 63.65 -100.36 -14.94
N GLU A 1093 63.22 -101.60 -15.14
CA GLU A 1093 64.12 -102.74 -15.00
C GLU A 1093 65.04 -102.78 -16.22
N ALA A 1094 66.27 -102.30 -16.06
CA ALA A 1094 67.24 -102.31 -17.15
C ALA A 1094 67.69 -103.74 -17.43
N VAL A 1095 67.21 -104.34 -18.53
CA VAL A 1095 67.58 -105.71 -18.87
C VAL A 1095 69.09 -105.78 -19.16
N THR A 1096 69.58 -104.89 -20.01
CA THR A 1096 70.98 -104.81 -20.33
C THR A 1096 71.61 -103.64 -19.55
N THR A 1097 72.87 -103.33 -19.86
CA THR A 1097 73.63 -102.33 -19.11
C THR A 1097 74.24 -101.28 -20.05
N GLY A 1098 73.41 -100.72 -20.93
CA GLY A 1098 73.85 -99.70 -21.85
C GLY A 1098 73.46 -98.30 -21.43
N GLU A 1099 73.34 -97.43 -22.43
CA GLU A 1099 73.00 -96.02 -22.23
C GLU A 1099 71.49 -95.92 -22.03
N MET A 1100 71.07 -95.83 -20.77
CA MET A 1100 69.66 -95.72 -20.41
C MET A 1100 69.50 -94.55 -19.45
N ARG A 1101 68.86 -93.48 -19.92
CA ARG A 1101 68.53 -92.34 -19.09
C ARG A 1101 67.06 -92.43 -18.72
N VAL A 1102 66.78 -92.52 -17.42
CA VAL A 1102 65.41 -92.65 -16.94
C VAL A 1102 65.12 -91.54 -15.94
N GLY A 1103 63.93 -90.96 -16.03
CA GLY A 1103 63.56 -89.88 -15.12
C GLY A 1103 62.19 -89.30 -15.38
N TRP A 1104 62.06 -87.99 -15.17
CA TRP A 1104 60.81 -87.30 -15.40
C TRP A 1104 61.04 -86.13 -16.34
N ALA A 1105 60.21 -86.03 -17.37
CA ALA A 1105 60.34 -85.00 -18.38
C ALA A 1105 59.07 -84.18 -18.49
N ARG A 1106 59.23 -82.89 -18.76
CA ARG A 1106 58.11 -81.99 -18.90
C ARG A 1106 57.34 -82.34 -20.18
N PRO A 1107 56.03 -82.02 -20.23
CA PRO A 1107 55.21 -82.47 -21.37
C PRO A 1107 55.66 -82.00 -22.75
N GLU A 1108 56.25 -80.81 -22.86
CA GLU A 1108 56.69 -80.26 -24.13
C GLU A 1108 58.12 -80.62 -24.49
N LEU A 1109 58.61 -81.77 -23.99
CA LEU A 1109 59.95 -82.23 -24.31
C LEU A 1109 60.11 -82.47 -25.81
N ARG A 1110 61.21 -81.98 -26.37
CA ARG A 1110 61.51 -82.20 -27.78
C ARG A 1110 61.90 -83.66 -28.02
N PRO A 1111 61.59 -84.20 -29.21
CA PRO A 1111 61.88 -85.63 -29.46
C PRO A 1111 63.28 -85.93 -29.97
N ASP A 1112 64.09 -84.92 -30.29
CA ASP A 1112 65.39 -85.16 -30.91
C ASP A 1112 66.58 -84.80 -30.04
N VAL A 1113 66.39 -84.08 -28.95
CA VAL A 1113 67.51 -83.67 -28.10
C VAL A 1113 67.66 -84.69 -26.98
N GLU A 1114 68.91 -84.97 -26.61
CA GLU A 1114 69.17 -85.89 -25.52
C GLU A 1114 68.65 -85.35 -24.20
N LEU A 1115 68.08 -86.25 -23.40
CA LEU A 1115 67.52 -85.87 -22.11
C LEU A 1115 68.58 -85.33 -21.16
N GLY A 1116 68.27 -84.22 -20.51
CA GLY A 1116 69.19 -83.54 -19.64
C GLY A 1116 69.95 -82.41 -20.29
N ALA A 1117 69.99 -82.35 -21.63
CA ALA A 1117 70.66 -81.25 -22.32
C ALA A 1117 69.96 -79.92 -22.10
N ASP A 1118 68.68 -79.95 -21.73
CA ASP A 1118 67.91 -78.75 -21.46
C ASP A 1118 67.28 -78.86 -20.08
N GLU A 1119 66.41 -77.91 -19.74
CA GLU A 1119 65.68 -77.93 -18.48
C GLU A 1119 64.48 -78.87 -18.55
N LEU A 1120 64.18 -79.42 -19.72
CA LEU A 1120 62.93 -80.12 -19.97
C LEU A 1120 62.92 -81.55 -19.45
N ALA A 1121 64.02 -82.06 -18.89
CA ALA A 1121 64.05 -83.43 -18.44
C ALA A 1121 65.03 -83.55 -17.28
N TYR A 1122 64.55 -84.04 -16.14
CA TYR A 1122 65.42 -84.41 -15.03
C TYR A 1122 65.56 -85.93 -15.07
N VAL A 1123 66.73 -86.41 -15.48
CA VAL A 1123 66.95 -87.84 -15.68
C VAL A 1123 68.24 -88.28 -15.01
N PHE A 1124 68.35 -89.59 -14.81
CA PHE A 1124 69.54 -90.22 -14.29
C PHE A 1124 70.08 -91.14 -15.37
N ASN A 1125 71.38 -91.05 -15.62
CA ASN A 1125 72.09 -91.89 -16.57
C ASN A 1125 72.81 -92.96 -15.76
N GLY A 1126 72.64 -94.21 -16.16
CA GLY A 1126 73.17 -95.34 -15.41
C GLY A 1126 74.25 -96.14 -16.10
N HIS A 1127 74.55 -95.80 -17.35
CA HIS A 1127 75.66 -96.45 -18.04
C HIS A 1127 76.97 -96.12 -17.35
N ARG A 1128 77.15 -94.86 -16.98
CA ARG A 1128 78.35 -94.41 -16.28
C ARG A 1128 78.02 -93.57 -15.06
N GLY A 1129 76.76 -93.55 -14.61
CA GLY A 1129 76.39 -93.02 -13.31
C GLY A 1129 76.45 -91.52 -13.10
N GLN A 1130 75.56 -90.76 -13.75
CA GLN A 1130 75.43 -89.33 -13.48
C GLN A 1130 73.97 -88.93 -13.47
N ARG A 1131 73.70 -87.69 -13.12
CA ARG A 1131 72.37 -87.10 -13.29
C ARG A 1131 72.47 -85.93 -14.27
N TRP A 1132 71.49 -85.83 -15.16
CA TRP A 1132 71.58 -84.92 -16.30
C TRP A 1132 70.55 -83.80 -16.16
N HIS A 1133 71.03 -82.56 -16.15
CA HIS A 1133 70.19 -81.38 -16.26
C HIS A 1133 71.11 -80.24 -16.68
N LEU A 1134 70.94 -79.76 -17.92
CA LEU A 1134 71.81 -78.74 -18.56
C LEU A 1134 73.28 -79.15 -18.61
N GLY A 1135 73.56 -80.44 -18.55
CA GLY A 1135 74.90 -80.95 -18.49
C GLY A 1135 74.93 -82.22 -17.66
N SER A 1136 76.08 -82.47 -17.04
CA SER A 1136 76.25 -83.67 -16.24
C SER A 1136 76.99 -83.34 -14.96
N GLU A 1137 76.71 -84.11 -13.91
CA GLU A 1137 77.41 -84.03 -12.64
C GLU A 1137 77.35 -85.41 -12.00
N PRO A 1138 78.38 -85.81 -11.23
CA PRO A 1138 78.41 -87.18 -10.69
C PRO A 1138 77.30 -87.44 -9.68
N PHE A 1139 76.71 -88.63 -9.78
CA PHE A 1139 75.63 -89.07 -8.91
C PHE A 1139 75.44 -90.57 -9.04
N GLY A 1140 75.48 -91.28 -7.91
CA GLY A 1140 75.18 -92.68 -7.87
C GLY A 1140 76.21 -93.57 -8.54
N ARG A 1141 75.90 -94.85 -8.54
CA ARG A 1141 76.74 -95.89 -9.13
C ARG A 1141 76.10 -96.46 -10.38
N PRO A 1142 76.88 -96.70 -11.43
CA PRO A 1142 76.35 -97.38 -12.61
C PRO A 1142 75.87 -98.78 -12.25
N TRP A 1143 74.76 -99.18 -12.86
CA TRP A 1143 74.11 -100.44 -12.53
C TRP A 1143 74.75 -101.60 -13.29
N GLN A 1144 74.16 -102.77 -13.13
CA GLN A 1144 74.53 -103.94 -13.94
C GLN A 1144 73.26 -104.50 -14.56
N SER A 1145 73.36 -105.68 -15.17
CA SER A 1145 72.21 -106.30 -15.82
C SER A 1145 71.16 -106.75 -14.81
N GLY A 1146 69.89 -106.64 -15.20
CA GLY A 1146 68.81 -107.07 -14.35
C GLY A 1146 68.53 -106.19 -13.15
N ASP A 1147 68.91 -104.92 -13.21
CA ASP A 1147 68.72 -104.00 -12.10
C ASP A 1147 67.45 -103.17 -12.28
N VAL A 1148 66.60 -103.19 -11.25
CA VAL A 1148 65.33 -102.48 -11.27
C VAL A 1148 65.56 -101.06 -10.77
N VAL A 1149 65.54 -100.09 -11.67
CA VAL A 1149 65.74 -98.68 -11.33
C VAL A 1149 64.37 -98.09 -11.01
N GLY A 1150 64.12 -97.77 -9.74
CA GLY A 1150 62.85 -97.19 -9.35
C GLY A 1150 63.02 -95.69 -9.18
N CYS A 1151 62.14 -94.94 -9.83
CA CYS A 1151 62.23 -93.49 -9.84
C CYS A 1151 61.14 -92.91 -8.94
N MET A 1152 61.55 -92.12 -7.97
CA MET A 1152 60.65 -91.37 -7.13
C MET A 1152 60.43 -89.97 -7.70
N ILE A 1153 59.32 -89.37 -7.31
CA ILE A 1153 59.09 -87.94 -7.50
C ILE A 1153 58.08 -87.53 -6.44
N ASP A 1154 58.33 -86.38 -5.82
CA ASP A 1154 57.49 -85.89 -4.74
C ASP A 1154 57.29 -84.40 -5.00
N LEU A 1155 56.09 -84.05 -5.43
CA LEU A 1155 55.78 -82.66 -5.75
C LEU A 1155 55.38 -81.84 -4.53
N THR A 1156 55.27 -82.47 -3.36
CA THR A 1156 54.96 -81.72 -2.14
C THR A 1156 56.16 -80.88 -1.72
N GLU A 1157 57.31 -81.52 -1.52
CA GLU A 1157 58.53 -80.82 -1.18
C GLU A 1157 59.43 -80.61 -2.39
N ASN A 1158 58.97 -81.02 -3.58
CA ASN A 1158 59.65 -80.80 -4.87
C ASN A 1158 61.03 -81.47 -4.89
N THR A 1159 61.03 -82.80 -4.75
CA THR A 1159 62.26 -83.56 -4.76
C THR A 1159 62.16 -84.78 -5.69
N ILE A 1160 63.31 -85.14 -6.24
CA ILE A 1160 63.45 -86.29 -7.13
C ILE A 1160 64.50 -87.21 -6.53
N ILE A 1161 64.14 -88.48 -6.34
CA ILE A 1161 64.99 -89.46 -5.69
C ILE A 1161 65.05 -90.69 -6.61
N PHE A 1162 66.21 -91.34 -6.67
CA PHE A 1162 66.36 -92.56 -7.45
C PHE A 1162 66.76 -93.69 -6.51
N THR A 1163 66.13 -94.85 -6.70
CA THR A 1163 66.41 -96.05 -5.93
C THR A 1163 66.88 -97.14 -6.87
N LEU A 1164 68.00 -97.78 -6.55
CA LEU A 1164 68.52 -98.85 -7.37
C LEU A 1164 68.48 -100.13 -6.55
N ASN A 1165 67.68 -101.10 -7.01
CA ASN A 1165 67.48 -102.40 -6.36
C ASN A 1165 67.06 -102.25 -4.90
N GLY A 1166 66.15 -101.31 -4.66
CA GLY A 1166 65.67 -101.04 -3.32
C GLY A 1166 66.63 -100.25 -2.47
N GLU A 1167 67.71 -99.74 -3.03
CA GLU A 1167 68.70 -98.96 -2.30
C GLU A 1167 68.72 -97.55 -2.88
N VAL A 1168 68.66 -96.56 -1.99
CA VAL A 1168 68.60 -95.16 -2.41
C VAL A 1168 69.97 -94.72 -2.92
N LEU A 1169 70.01 -94.22 -4.14
CA LEU A 1169 71.23 -93.67 -4.71
C LEU A 1169 71.62 -92.38 -4.00
N MET A 1170 72.92 -92.15 -3.89
CA MET A 1170 73.45 -91.03 -3.16
C MET A 1170 74.32 -90.16 -4.05
N SER A 1171 74.28 -88.86 -3.83
CA SER A 1171 75.10 -87.92 -4.57
C SER A 1171 76.47 -87.82 -3.90
N ASP A 1172 77.27 -86.84 -4.30
CA ASP A 1172 78.59 -86.64 -3.69
C ASP A 1172 78.51 -85.80 -2.42
N SER A 1173 77.60 -86.17 -1.52
CA SER A 1173 77.37 -85.53 -0.24
C SER A 1173 76.47 -86.45 0.56
N GLY A 1174 75.97 -85.98 1.70
CA GLY A 1174 75.02 -86.72 2.48
C GLY A 1174 73.58 -86.62 2.01
N SER A 1175 73.32 -85.86 0.96
CA SER A 1175 71.96 -85.68 0.47
C SER A 1175 71.53 -86.88 -0.36
N GLU A 1176 70.29 -87.32 -0.14
CA GLU A 1176 69.70 -88.46 -0.84
C GLU A 1176 68.72 -88.05 -1.93
N THR A 1177 68.72 -86.77 -2.30
CA THR A 1177 67.81 -86.25 -3.32
C THR A 1177 68.62 -85.92 -4.57
N ALA A 1178 68.22 -86.50 -5.70
CA ALA A 1178 68.90 -86.23 -6.96
C ALA A 1178 68.70 -84.78 -7.40
N PHE A 1179 67.45 -84.32 -7.37
CA PHE A 1179 67.14 -82.95 -7.74
C PHE A 1179 66.22 -82.34 -6.70
N ARG A 1180 66.29 -81.02 -6.57
CA ARG A 1180 65.61 -80.32 -5.49
C ARG A 1180 65.27 -78.93 -6.01
N GLU A 1181 64.25 -78.31 -5.39
CA GLU A 1181 63.71 -76.99 -5.76
C GLU A 1181 63.21 -76.98 -7.20
N ILE A 1182 62.60 -78.08 -7.61
CA ILE A 1182 62.01 -78.19 -8.93
C ILE A 1182 60.65 -77.50 -8.95
N GLU A 1183 60.47 -76.60 -9.91
CA GLU A 1183 59.21 -75.90 -10.03
C GLU A 1183 58.13 -76.84 -10.54
N ILE A 1184 56.87 -76.48 -10.26
CA ILE A 1184 55.74 -77.28 -10.72
C ILE A 1184 55.68 -77.31 -12.25
N GLY A 1185 55.76 -76.14 -12.88
CA GLY A 1185 55.76 -76.01 -14.32
C GLY A 1185 54.47 -76.54 -14.94
N ASP A 1186 54.60 -77.08 -16.15
CA ASP A 1186 53.46 -77.72 -16.78
C ASP A 1186 53.16 -79.06 -16.13
N GLY A 1187 54.18 -79.75 -15.65
CA GLY A 1187 54.00 -81.06 -15.05
C GLY A 1187 55.14 -82.00 -15.37
N PHE A 1188 55.04 -83.24 -14.93
CA PHE A 1188 56.10 -84.22 -15.17
C PHE A 1188 55.51 -85.53 -15.67
N LEU A 1189 56.27 -86.20 -16.53
CA LEU A 1189 55.90 -87.47 -17.11
C LEU A 1189 57.02 -88.47 -16.87
N PRO A 1190 56.69 -89.73 -16.64
CA PRO A 1190 57.72 -90.77 -16.64
C PRO A 1190 58.36 -90.89 -18.01
N VAL A 1191 59.68 -91.01 -18.04
CA VAL A 1191 60.38 -91.02 -19.31
C VAL A 1191 61.61 -91.91 -19.18
N CYS A 1192 61.96 -92.58 -20.28
CA CYS A 1192 63.17 -93.37 -20.35
C CYS A 1192 63.66 -93.37 -21.78
N SER A 1193 64.95 -93.60 -21.93
CA SER A 1193 65.58 -93.66 -23.24
C SER A 1193 66.48 -94.87 -23.29
N LEU A 1194 66.67 -95.40 -24.49
CA LEU A 1194 67.51 -96.57 -24.68
C LEU A 1194 68.45 -96.35 -25.85
N GLY A 1195 69.73 -96.64 -25.64
CA GLY A 1195 70.72 -96.60 -26.68
C GLY A 1195 70.58 -97.78 -27.62
N PRO A 1196 71.35 -97.77 -28.72
CA PRO A 1196 71.28 -98.88 -29.70
C PRO A 1196 71.63 -100.23 -29.08
N GLY A 1197 70.88 -101.25 -29.49
CA GLY A 1197 71.11 -102.59 -28.97
C GLY A 1197 70.88 -102.73 -27.48
N GLN A 1198 69.79 -102.15 -26.97
CA GLN A 1198 69.51 -102.17 -25.54
C GLN A 1198 68.08 -102.59 -25.30
N VAL A 1199 67.81 -103.19 -24.14
CA VAL A 1199 66.47 -103.68 -23.79
C VAL A 1199 66.14 -103.29 -22.35
N GLY A 1200 64.97 -102.69 -22.15
CA GLY A 1200 64.57 -102.31 -20.81
C GLY A 1200 63.07 -102.47 -20.61
N HIS A 1201 62.69 -102.76 -19.39
CA HIS A 1201 61.28 -102.98 -19.03
C HIS A 1201 60.80 -101.74 -18.30
N LEU A 1202 59.72 -101.15 -18.77
CA LEU A 1202 59.18 -99.96 -18.14
C LEU A 1202 57.86 -100.34 -17.49
N ASN A 1203 57.92 -100.72 -16.21
CA ASN A 1203 56.75 -101.11 -15.44
C ASN A 1203 56.25 -99.89 -14.69
N LEU A 1204 55.14 -99.33 -15.16
CA LEU A 1204 54.50 -98.17 -14.55
C LEU A 1204 53.70 -98.51 -13.30
N GLY A 1205 53.78 -99.75 -12.82
CA GLY A 1205 53.06 -100.17 -11.65
C GLY A 1205 51.56 -100.18 -11.83
N GLN A 1206 51.10 -100.59 -13.02
CA GLN A 1206 49.66 -100.71 -13.25
C GLN A 1206 49.04 -101.76 -12.35
N ASP A 1207 49.76 -102.87 -12.14
CA ASP A 1207 49.39 -103.88 -11.17
C ASP A 1207 50.35 -103.78 -10.00
N VAL A 1208 49.81 -103.58 -8.80
CA VAL A 1208 50.65 -103.33 -7.63
C VAL A 1208 51.47 -104.57 -7.26
N SER A 1209 50.88 -105.76 -7.38
CA SER A 1209 51.55 -106.99 -7.03
C SER A 1209 52.70 -107.33 -7.97
N SER A 1210 52.70 -106.77 -9.17
CA SER A 1210 53.76 -107.06 -10.13
C SER A 1210 55.07 -106.37 -9.78
N LEU A 1211 55.01 -105.29 -9.01
CA LEU A 1211 56.22 -104.56 -8.65
C LEU A 1211 57.09 -105.38 -7.70
N ARG A 1212 58.39 -105.13 -7.75
CA ARG A 1212 59.36 -105.90 -6.98
C ARG A 1212 59.92 -105.15 -5.78
N PHE A 1213 60.44 -103.94 -5.97
CA PHE A 1213 61.06 -103.18 -4.89
C PHE A 1213 60.14 -102.10 -4.34
N PHE A 1214 58.88 -102.08 -4.76
CA PHE A 1214 57.91 -101.15 -4.21
C PHE A 1214 57.65 -101.42 -2.73
N ALA A 1215 57.60 -102.70 -2.35
CA ALA A 1215 57.42 -103.05 -0.94
C ALA A 1215 58.60 -102.58 -0.12
N ILE A 1216 59.81 -102.67 -0.66
CA ILE A 1216 61.00 -102.22 0.03
C ILE A 1216 61.01 -100.70 0.16
N CYS A 1217 60.67 -99.97 -0.90
CA CYS A 1217 60.70 -98.52 -0.84
C CYS A 1217 59.51 -97.90 -1.55
N GLY A 1218 58.93 -96.89 -0.92
CA GLY A 1218 57.84 -96.11 -1.48
C GLY A 1218 56.50 -96.39 -0.85
N LEU A 1219 56.21 -97.68 -0.60
CA LEU A 1219 54.94 -98.07 -0.01
C LEU A 1219 54.82 -97.54 1.41
N GLN A 1220 55.89 -97.63 2.18
CA GLN A 1220 55.82 -97.13 3.54
C GLN A 1220 56.06 -95.63 3.57
N GLU A 1221 56.59 -95.08 2.48
CA GLU A 1221 56.88 -93.65 2.40
C GLU A 1221 55.74 -92.86 1.79
N GLY A 1222 54.62 -93.52 1.50
CA GLY A 1222 53.50 -92.82 0.91
C GLY A 1222 53.53 -92.65 -0.59
N PHE A 1223 54.52 -93.21 -1.27
CA PHE A 1223 54.57 -93.09 -2.71
C PHE A 1223 53.49 -93.92 -3.37
N GLU A 1224 53.16 -93.55 -4.59
CA GLU A 1224 52.08 -94.17 -5.33
C GLU A 1224 52.60 -94.69 -6.66
N PRO A 1225 52.13 -95.85 -7.11
CA PRO A 1225 52.37 -96.25 -8.51
C PRO A 1225 51.74 -95.23 -9.44
N PHE A 1226 52.44 -94.97 -10.56
CA PHE A 1226 52.00 -93.92 -11.48
C PHE A 1226 50.67 -94.25 -12.13
N ALA A 1227 50.38 -95.52 -12.33
CA ALA A 1227 49.14 -95.96 -12.96
C ALA A 1227 48.42 -96.96 -12.08
N ILE A 1228 48.30 -96.61 -10.79
CA ILE A 1228 47.80 -97.55 -9.79
C ILE A 1228 46.35 -97.96 -10.06
N ASN A 1229 45.49 -97.01 -10.42
CA ASN A 1229 44.09 -97.28 -10.69
C ASN A 1229 43.83 -96.82 -12.11
N MET A 1230 44.16 -97.69 -13.07
CA MET A 1230 43.93 -97.44 -14.49
C MET A 1230 43.62 -98.78 -15.14
N GLN A 1231 42.56 -98.83 -15.94
CA GLN A 1231 42.20 -100.07 -16.60
CA GLN A 1231 42.20 -100.07 -16.60
C GLN A 1231 43.04 -100.30 -17.84
N ARG A 1232 43.07 -99.32 -18.74
CA ARG A 1232 43.93 -99.43 -19.90
C ARG A 1232 45.37 -99.14 -19.52
N PRO A 1233 46.34 -99.81 -20.15
CA PRO A 1233 47.74 -99.46 -19.93
C PRO A 1233 48.03 -98.04 -20.41
N VAL A 1234 48.98 -97.39 -19.74
CA VAL A 1234 49.36 -96.02 -20.07
C VAL A 1234 49.86 -95.95 -21.51
N THR A 1235 49.24 -95.08 -22.30
CA THR A 1235 49.65 -94.89 -23.69
C THR A 1235 51.03 -94.27 -23.74
N THR A 1236 51.94 -94.95 -24.40
CA THR A 1236 53.32 -94.49 -24.54
C THR A 1236 53.50 -93.83 -25.90
N TRP A 1237 54.23 -92.73 -25.90
CA TRP A 1237 54.61 -92.02 -27.10
C TRP A 1237 56.12 -92.14 -27.25
N PHE A 1238 56.55 -92.65 -28.38
CA PHE A 1238 57.95 -92.88 -28.67
C PHE A 1238 58.40 -91.96 -29.80
N SER A 1239 59.61 -91.44 -29.67
CA SER A 1239 60.17 -90.60 -30.71
C SER A 1239 60.44 -91.45 -31.95
N LYS A 1240 59.92 -91.01 -33.09
CA LYS A 1240 60.09 -91.69 -34.35
C LYS A 1240 61.14 -90.96 -35.15
N SER A 1241 62.25 -91.64 -35.45
CA SER A 1241 63.33 -91.04 -36.24
C SER A 1241 63.08 -91.24 -37.74
N LEU A 1242 61.89 -90.87 -38.18
CA LEU A 1242 61.51 -90.91 -39.58
C LEU A 1242 61.16 -89.50 -39.99
N PRO A 1243 61.97 -88.87 -40.84
CA PRO A 1243 61.78 -87.45 -41.18
C PRO A 1243 60.42 -87.17 -41.80
N GLN A 1244 59.83 -86.04 -41.40
CA GLN A 1244 58.56 -85.58 -41.92
C GLN A 1244 58.60 -84.08 -42.04
N PHE A 1245 58.23 -83.55 -43.21
CA PHE A 1245 58.29 -82.11 -43.45
C PHE A 1245 57.22 -81.42 -42.62
N GLU A 1246 57.65 -80.46 -41.81
CA GLU A 1246 56.75 -79.69 -40.95
C GLU A 1246 57.08 -78.21 -41.07
N PRO A 1247 56.10 -77.33 -40.81
CA PRO A 1247 56.35 -75.89 -40.96
C PRO A 1247 57.37 -75.36 -39.96
N VAL A 1248 57.94 -74.22 -40.31
CA VAL A 1248 58.93 -73.54 -39.47
C VAL A 1248 58.26 -72.61 -38.48
N PRO A 1249 58.54 -72.74 -37.18
CA PRO A 1249 58.06 -71.76 -36.22
C PRO A 1249 58.75 -70.43 -36.44
N PRO A 1250 58.04 -69.31 -36.24
CA PRO A 1250 58.70 -68.00 -36.38
C PRO A 1250 59.79 -67.73 -35.36
N GLU A 1251 59.80 -68.46 -34.24
CA GLU A 1251 60.78 -68.29 -33.18
C GLU A 1251 62.05 -69.10 -33.38
N HIS A 1252 62.26 -69.65 -34.59
CA HIS A 1252 63.42 -70.48 -34.86
C HIS A 1252 64.72 -69.67 -34.70
N PRO A 1253 65.74 -70.23 -34.06
CA PRO A 1253 66.94 -69.43 -33.76
C PRO A 1253 67.78 -69.08 -34.96
N HIS A 1254 67.97 -70.01 -35.90
CA HIS A 1254 68.90 -69.80 -37.01
C HIS A 1254 68.20 -69.43 -38.31
N TYR A 1255 67.17 -70.17 -38.70
CA TYR A 1255 66.53 -70.00 -39.99
C TYR A 1255 65.23 -69.23 -39.83
N GLU A 1256 64.93 -68.37 -40.81
CA GLU A 1256 63.66 -67.65 -40.85
C GLU A 1256 63.19 -67.55 -42.28
N VAL A 1257 61.88 -67.44 -42.46
CA VAL A 1257 61.25 -67.37 -43.76
C VAL A 1257 60.46 -66.07 -43.85
N ALA A 1258 60.64 -65.35 -44.96
CA ALA A 1258 59.99 -64.07 -45.18
C ALA A 1258 58.91 -64.22 -46.25
N ARG A 1259 57.75 -63.65 -45.98
CA ARG A 1259 56.64 -63.64 -46.93
C ARG A 1259 56.43 -62.20 -47.39
N MET A 1260 57.03 -61.85 -48.53
CA MET A 1260 57.01 -60.50 -49.04
C MET A 1260 55.90 -60.34 -50.07
N ASP A 1261 55.12 -59.27 -49.92
CA ASP A 1261 54.01 -58.99 -50.83
C ASP A 1261 54.55 -58.65 -52.22
N GLY A 1262 53.75 -58.96 -53.24
CA GLY A 1262 54.17 -58.73 -54.61
C GLY A 1262 54.13 -57.26 -54.99
N THR A 1263 54.87 -56.95 -56.05
CA THR A 1263 54.95 -55.61 -56.60
C THR A 1263 54.37 -55.60 -58.01
N VAL A 1264 54.44 -54.42 -58.65
CA VAL A 1264 53.91 -54.28 -60.00
C VAL A 1264 54.77 -55.00 -61.04
N ASP A 1265 56.02 -55.33 -60.70
CA ASP A 1265 56.94 -55.97 -61.62
C ASP A 1265 57.37 -57.37 -61.21
N THR A 1266 57.31 -57.70 -59.93
CA THR A 1266 57.73 -59.00 -59.44
C THR A 1266 56.61 -59.68 -58.68
N PRO A 1267 56.44 -60.99 -58.84
CA PRO A 1267 55.43 -61.74 -58.07
C PRO A 1267 55.83 -61.82 -56.61
N PRO A 1268 54.88 -62.07 -55.70
CA PRO A 1268 55.25 -62.27 -54.29
C PRO A 1268 56.14 -63.49 -54.12
N CYS A 1269 57.05 -63.40 -53.16
CA CYS A 1269 58.11 -64.39 -52.99
C CYS A 1269 58.20 -64.86 -51.54
N LEU A 1270 58.72 -66.07 -51.38
CA LEU A 1270 59.04 -66.63 -50.06
C LEU A 1270 60.55 -66.66 -49.94
N ARG A 1271 61.08 -66.02 -48.90
CA ARG A 1271 62.52 -65.74 -48.86
C ARG A 1271 63.11 -66.32 -47.57
N LEU A 1272 64.22 -67.04 -47.69
CA LEU A 1272 64.88 -67.67 -46.55
C LEU A 1272 66.20 -66.96 -46.24
N ALA A 1273 66.39 -66.61 -44.97
CA ALA A 1273 67.60 -65.95 -44.51
C ALA A 1273 68.15 -66.64 -43.28
N HIS A 1274 69.46 -66.56 -43.12
CA HIS A 1274 70.18 -67.14 -41.99
C HIS A 1274 70.60 -65.99 -41.07
N ARG A 1275 69.88 -65.84 -39.96
CA ARG A 1275 70.11 -64.70 -39.07
C ARG A 1275 71.42 -64.82 -38.30
N THR A 1276 71.69 -65.99 -37.75
CA THR A 1276 72.88 -66.17 -36.93
C THR A 1276 74.14 -66.44 -37.75
N TRP A 1277 74.02 -66.53 -39.07
CA TRP A 1277 75.19 -66.74 -39.92
C TRP A 1277 76.17 -65.57 -39.82
N GLY A 1278 77.45 -65.89 -39.79
CA GLY A 1278 78.49 -64.89 -39.62
C GLY A 1278 78.77 -64.52 -38.18
N SER A 1279 78.13 -65.19 -37.23
CA SER A 1279 78.32 -64.95 -35.81
C SER A 1279 78.80 -66.23 -35.14
N GLN A 1280 79.04 -66.15 -33.83
CA GLN A 1280 79.50 -67.30 -33.08
C GLN A 1280 78.38 -68.31 -32.91
N ASN A 1281 78.78 -69.57 -32.70
CA ASN A 1281 77.95 -70.77 -32.45
C ASN A 1281 76.74 -70.91 -33.37
N SER A 1282 76.87 -70.47 -34.62
CA SER A 1282 75.81 -70.61 -35.59
C SER A 1282 75.67 -72.06 -36.05
N LEU A 1283 74.45 -72.43 -36.42
CA LEU A 1283 74.15 -73.77 -36.90
C LEU A 1283 74.23 -73.76 -38.42
N VAL A 1284 75.19 -74.50 -38.97
CA VAL A 1284 75.35 -74.65 -40.40
C VAL A 1284 75.33 -76.14 -40.71
N GLU A 1285 74.35 -76.58 -41.48
CA GLU A 1285 74.14 -77.99 -41.74
C GLU A 1285 73.30 -78.15 -43.00
N MET A 1286 73.24 -79.39 -43.48
CA MET A 1286 72.40 -79.76 -44.62
C MET A 1286 70.95 -79.44 -44.31
N LEU A 1287 70.28 -78.72 -45.20
CA LEU A 1287 68.90 -78.31 -45.00
C LEU A 1287 68.02 -78.89 -46.09
N PHE A 1288 66.93 -79.52 -45.69
CA PHE A 1288 65.94 -80.05 -46.62
C PHE A 1288 64.70 -79.19 -46.49
N LEU A 1289 64.31 -78.58 -47.61
CA LEU A 1289 63.28 -77.57 -47.66
C LEU A 1289 62.31 -77.88 -48.79
N ARG A 1290 61.02 -77.72 -48.52
CA ARG A 1290 59.98 -77.99 -49.51
C ARG A 1290 58.76 -77.14 -49.21
N LEU A 1291 57.93 -76.96 -50.24
CA LEU A 1291 56.70 -76.21 -50.08
C LEU A 1291 55.64 -77.07 -49.41
N SER A 1292 54.58 -76.42 -48.95
CA SER A 1292 53.58 -77.12 -48.15
C SER A 1292 52.43 -77.68 -48.97
N LEU A 1293 52.46 -77.54 -50.29
CA LEU A 1293 51.36 -78.00 -51.12
C LEU A 1293 51.87 -78.78 -52.32
N PRO A 1294 51.17 -79.85 -52.70
CA PRO A 1294 51.60 -80.67 -53.84
C PRO A 1294 50.94 -80.29 -55.16
N VAL A 1295 51.48 -80.89 -56.23
CA VAL A 1295 50.84 -80.86 -57.54
C VAL A 1295 50.67 -82.30 -58.00
N GLN A 1296 49.46 -82.63 -58.47
CA GLN A 1296 49.12 -83.98 -58.89
C GLN A 1296 48.99 -84.03 -60.41
N PHE A 1297 49.68 -84.99 -61.01
CA PHE A 1297 49.57 -85.20 -62.44
C PHE A 1297 48.21 -85.80 -62.80
N HIS A 1298 47.73 -85.48 -63.98
CA HIS A 1298 46.39 -85.81 -64.42
C HIS A 1298 46.18 -87.33 -64.50
N GLN A 1299 44.91 -87.73 -64.50
CA GLN A 1299 44.57 -89.15 -64.53
C GLN A 1299 45.04 -89.81 -65.82
N HIS A 1300 44.84 -89.15 -66.95
CA HIS A 1300 45.22 -89.69 -68.25
C HIS A 1300 46.01 -88.64 -69.01
N PHE A 1301 47.01 -89.10 -69.76
CA PHE A 1301 47.87 -88.22 -70.52
C PHE A 1301 47.44 -88.18 -71.98
N ARG A 1302 47.81 -87.09 -72.65
CA ARG A 1302 47.44 -86.88 -74.05
C ARG A 1302 48.06 -87.96 -74.93
N CYS A 1303 47.30 -88.39 -75.95
CA CYS A 1303 47.74 -89.46 -76.83
C CYS A 1303 48.94 -89.05 -77.67
N THR A 1304 49.95 -89.92 -77.69
CA THR A 1304 51.20 -89.77 -78.45
C THR A 1304 51.93 -88.45 -78.18
N ASP A 1419 57.04 -55.42 -73.51
CA ASP A 1419 56.73 -56.67 -74.20
C ASP A 1419 56.42 -57.76 -73.16
N ASN A 1420 56.59 -59.02 -73.57
CA ASN A 1420 56.41 -60.22 -72.74
C ASN A 1420 55.00 -60.27 -72.17
N ARG A 1421 54.02 -60.39 -73.07
CA ARG A 1421 52.63 -60.52 -72.69
C ARG A 1421 52.13 -61.93 -73.03
N ASP A 1422 51.30 -62.48 -72.15
CA ASP A 1422 50.70 -63.78 -72.42
C ASP A 1422 49.64 -63.68 -73.52
N ASP A 1423 49.65 -64.65 -74.42
CA ASP A 1423 48.61 -64.74 -75.43
C ASP A 1423 47.38 -65.34 -74.78
N PRO A 1424 46.22 -64.67 -74.83
CA PRO A 1424 45.00 -65.19 -74.17
C PRO A 1424 44.57 -66.56 -74.64
N GLU A 1425 44.76 -66.89 -75.91
CA GLU A 1425 44.34 -68.19 -76.44
C GLU A 1425 45.32 -69.30 -76.10
N ILE A 1426 46.46 -68.99 -75.48
CA ILE A 1426 47.44 -69.97 -75.08
C ILE A 1426 47.49 -70.14 -73.57
N ILE A 1427 47.48 -69.02 -72.82
CA ILE A 1427 47.56 -69.07 -71.37
C ILE A 1427 46.32 -69.69 -70.74
N LEU A 1428 45.16 -69.66 -71.42
CA LEU A 1428 43.98 -70.29 -70.86
C LEU A 1428 44.01 -71.81 -70.99
N ASN A 1429 44.49 -72.33 -72.13
CA ASN A 1429 44.49 -73.76 -72.37
C ASN A 1429 45.84 -74.44 -72.16
N THR A 1430 46.85 -73.72 -71.67
CA THR A 1430 48.15 -74.34 -71.42
C THR A 1430 48.07 -75.31 -70.25
N THR A 1431 48.95 -76.31 -70.28
CA THR A 1431 49.00 -77.32 -69.24
C THR A 1431 50.37 -77.39 -68.57
N THR A 1432 51.17 -76.34 -68.72
CA THR A 1432 52.52 -76.29 -68.15
C THR A 1432 52.55 -75.29 -67.02
N TYR A 1433 53.18 -75.69 -65.91
CA TYR A 1433 53.30 -74.90 -64.70
C TYR A 1433 54.76 -74.73 -64.33
N TYR A 1434 55.12 -73.55 -63.83
CA TYR A 1434 56.51 -73.16 -63.67
C TYR A 1434 56.73 -72.39 -62.39
N TYR A 1435 57.88 -72.63 -61.76
CA TYR A 1435 58.30 -71.80 -60.63
C TYR A 1435 59.79 -71.56 -60.69
N SER A 1436 60.22 -70.41 -60.19
CA SER A 1436 61.61 -70.00 -60.27
C SER A 1436 62.18 -69.87 -58.86
N VAL A 1437 63.47 -70.12 -58.74
CA VAL A 1437 64.20 -69.95 -57.51
C VAL A 1437 65.38 -69.03 -57.79
N ARG A 1438 65.61 -68.04 -56.93
CA ARG A 1438 66.68 -67.08 -57.12
C ARG A 1438 67.73 -67.28 -56.04
N VAL A 1439 68.75 -68.07 -56.35
CA VAL A 1439 69.85 -68.31 -55.43
C VAL A 1439 70.66 -67.03 -55.34
N PHE A 1440 70.70 -66.44 -54.14
CA PHE A 1440 71.33 -65.16 -53.90
C PHE A 1440 72.85 -65.25 -53.96
N ALA A 1441 73.48 -64.09 -54.14
CA ALA A 1441 74.93 -64.00 -54.13
C ALA A 1441 75.47 -64.33 -52.74
N GLY A 1442 76.63 -64.97 -52.73
CA GLY A 1442 77.22 -65.44 -51.50
C GLY A 1442 76.87 -66.86 -51.14
N GLN A 1443 75.79 -67.40 -51.72
CA GLN A 1443 75.42 -68.79 -51.54
C GLN A 1443 75.94 -69.59 -52.72
N GLU A 1444 76.78 -70.57 -52.43
CA GLU A 1444 77.46 -71.33 -53.46
C GLU A 1444 76.49 -72.23 -54.20
N PRO A 1445 76.34 -72.08 -55.52
CA PRO A 1445 75.44 -72.97 -56.28
C PRO A 1445 75.86 -74.44 -56.28
N SER A 1446 77.12 -74.75 -55.99
CA SER A 1446 77.59 -76.13 -55.95
C SER A 1446 77.02 -76.92 -54.79
N CYS A 1447 76.38 -76.29 -53.81
CA CYS A 1447 75.69 -76.98 -52.73
C CYS A 1447 74.22 -76.61 -52.71
N VAL A 1448 73.62 -76.44 -53.88
CA VAL A 1448 72.21 -76.14 -54.05
C VAL A 1448 71.62 -77.17 -54.99
N TRP A 1449 70.48 -77.75 -54.60
CA TRP A 1449 69.73 -78.68 -55.42
C TRP A 1449 68.35 -78.07 -55.60
N VAL A 1450 67.82 -78.15 -56.83
CA VAL A 1450 66.50 -77.59 -57.15
C VAL A 1450 65.67 -78.66 -57.86
N GLY A 1451 64.40 -78.77 -57.48
CA GLY A 1451 63.52 -79.71 -58.15
C GLY A 1451 62.21 -79.99 -57.43
N TRP A 1452 61.73 -81.23 -57.53
CA TRP A 1452 60.46 -81.63 -56.94
C TRP A 1452 60.61 -82.99 -56.26
N VAL A 1453 59.85 -83.20 -55.20
CA VAL A 1453 59.90 -84.47 -54.45
C VAL A 1453 58.48 -84.99 -54.23
N THR A 1454 58.35 -86.31 -54.26
CA THR A 1454 57.11 -86.95 -53.87
C THR A 1454 56.94 -86.84 -52.36
N PRO A 1455 55.71 -86.90 -51.83
CA PRO A 1455 55.51 -86.73 -50.38
C PRO A 1455 56.08 -87.85 -49.50
N ASP A 1456 56.71 -88.88 -50.05
CA ASP A 1456 57.33 -89.93 -49.26
C ASP A 1456 58.84 -89.74 -49.12
N TYR A 1457 59.30 -88.50 -49.21
CA TYR A 1457 60.71 -88.19 -49.08
C TYR A 1457 61.07 -88.15 -47.59
N HIS A 1458 61.91 -89.08 -47.15
CA HIS A 1458 62.37 -89.13 -45.76
C HIS A 1458 63.87 -89.36 -45.70
N GLN A 1459 64.63 -88.68 -46.55
CA GLN A 1459 66.07 -88.86 -46.66
C GLN A 1459 66.77 -87.66 -46.01
N HIS A 1460 67.15 -87.82 -44.74
CA HIS A 1460 67.88 -86.79 -44.01
C HIS A 1460 69.35 -87.18 -43.99
N ASP A 1461 70.04 -86.84 -45.07
CA ASP A 1461 71.43 -87.20 -45.27
C ASP A 1461 72.29 -85.96 -45.10
N MET A 1462 73.32 -86.05 -44.25
CA MET A 1462 74.22 -84.92 -44.03
C MET A 1462 75.04 -84.59 -45.26
N ASN A 1463 75.35 -85.59 -46.09
CA ASN A 1463 76.19 -85.43 -47.26
C ASN A 1463 75.41 -85.71 -48.54
N PHE A 1464 74.19 -85.15 -48.61
CA PHE A 1464 73.28 -85.40 -49.72
C PHE A 1464 73.85 -84.81 -51.01
N ASP A 1465 73.63 -85.54 -52.10
CA ASP A 1465 73.90 -85.08 -53.46
C ASP A 1465 73.00 -85.89 -54.38
N LEU A 1466 73.19 -85.74 -55.70
CA LEU A 1466 72.38 -86.44 -56.68
C LEU A 1466 72.59 -87.95 -56.66
N SER A 1467 73.70 -88.42 -56.08
CA SER A 1467 73.97 -89.86 -56.03
C SER A 1467 73.11 -90.58 -55.01
N LYS A 1468 72.72 -89.91 -53.94
CA LYS A 1468 71.94 -90.52 -52.87
C LYS A 1468 70.45 -90.54 -53.17
N VAL A 1469 70.04 -90.00 -54.32
CA VAL A 1469 68.63 -89.96 -54.71
C VAL A 1469 68.12 -91.38 -54.94
N ARG A 1470 66.99 -91.70 -54.33
CA ARG A 1470 66.38 -93.00 -54.52
C ARG A 1470 65.71 -93.05 -55.89
N ALA A 1471 66.00 -94.10 -56.66
CA ALA A 1471 65.41 -94.26 -57.98
C ALA A 1471 65.40 -95.73 -58.35
N VAL A 1472 64.36 -96.13 -59.10
CA VAL A 1472 64.20 -97.50 -59.58
C VAL A 1472 63.38 -97.44 -60.85
N THR A 1473 63.73 -98.28 -61.83
CA THR A 1473 63.01 -98.36 -63.09
C THR A 1473 62.47 -99.78 -63.22
N VAL A 1474 61.18 -99.89 -63.47
CA VAL A 1474 60.56 -101.20 -63.63
C VAL A 1474 60.54 -101.57 -65.11
N THR A 1475 61.15 -102.73 -65.42
CA THR A 1475 61.22 -103.25 -66.78
C THR A 1475 60.17 -104.36 -66.95
N MET A 1476 59.25 -104.16 -67.88
CA MET A 1476 58.12 -105.04 -68.12
C MET A 1476 58.14 -105.46 -69.59
N GLY A 1477 57.92 -106.75 -69.82
CA GLY A 1477 57.87 -107.29 -71.17
C GLY A 1477 57.01 -108.54 -71.18
N ASP A 1478 56.93 -109.17 -72.35
CA ASP A 1478 56.20 -110.43 -72.49
C ASP A 1478 57.11 -111.58 -72.02
N GLU A 1479 56.71 -112.83 -72.34
CA GLU A 1479 57.40 -114.02 -71.82
C GLU A 1479 58.86 -114.08 -72.26
N GLN A 1480 59.16 -113.78 -73.52
CA GLN A 1480 60.51 -113.81 -74.05
C GLN A 1480 60.86 -112.44 -74.60
N GLY A 1481 61.82 -111.77 -73.95
CA GLY A 1481 62.34 -110.47 -74.34
C GLY A 1481 61.24 -109.42 -74.46
N ASN A 1482 61.35 -108.60 -75.52
CA ASN A 1482 60.36 -107.61 -75.96
C ASN A 1482 59.84 -106.73 -74.82
N VAL A 1483 60.76 -105.99 -74.22
CA VAL A 1483 60.44 -105.08 -73.13
C VAL A 1483 59.53 -103.97 -73.67
N HIS A 1484 58.28 -103.98 -73.23
CA HIS A 1484 57.28 -103.03 -73.69
C HIS A 1484 56.98 -101.95 -72.68
N SER A 1485 57.71 -101.90 -71.57
CA SER A 1485 57.49 -100.88 -70.55
C SER A 1485 58.75 -100.78 -69.70
N SER A 1486 59.33 -99.59 -69.61
CA SER A 1486 60.49 -99.40 -68.74
C SER A 1486 60.32 -98.02 -68.12
N LEU A 1487 59.69 -97.98 -66.95
CA LEU A 1487 59.33 -96.71 -66.32
C LEU A 1487 60.29 -96.32 -65.21
N LYS A 1488 60.72 -95.06 -65.24
CA LYS A 1488 61.63 -94.47 -64.27
C LYS A 1488 60.83 -93.85 -63.13
N CYS A 1489 61.01 -94.38 -61.91
CA CYS A 1489 60.25 -93.97 -60.74
C CYS A 1489 61.22 -93.52 -59.67
N SER A 1490 60.85 -92.46 -58.94
CA SER A 1490 61.72 -91.95 -57.89
C SER A 1490 60.87 -91.16 -56.90
N ASN A 1491 61.45 -90.90 -55.75
CA ASN A 1491 60.85 -90.03 -54.74
C ASN A 1491 61.44 -88.64 -54.75
N CYS A 1492 62.63 -88.50 -55.31
CA CYS A 1492 63.36 -87.25 -55.33
C CYS A 1492 63.74 -86.94 -56.77
N TYR A 1493 63.41 -85.73 -57.22
CA TYR A 1493 63.69 -85.29 -58.59
C TYR A 1493 64.34 -83.92 -58.49
N MET A 1494 65.67 -83.87 -58.54
CA MET A 1494 66.39 -82.65 -58.22
C MET A 1494 67.49 -82.47 -59.26
N VAL A 1495 67.92 -81.23 -59.45
CA VAL A 1495 69.06 -80.93 -60.32
C VAL A 1495 70.09 -80.14 -59.54
N TRP A 1496 71.35 -80.49 -59.71
CA TRP A 1496 72.42 -79.86 -58.96
C TRP A 1496 72.68 -78.46 -59.51
N GLY A 1497 72.70 -77.47 -58.61
CA GLY A 1497 72.88 -76.09 -59.02
C GLY A 1497 74.26 -75.75 -59.53
N GLY A 1498 75.25 -76.61 -59.26
CA GLY A 1498 76.60 -76.35 -59.72
C GLY A 1498 76.81 -76.60 -61.20
N ASP A 1499 75.84 -77.20 -61.88
CA ASP A 1499 75.92 -77.47 -63.31
C ASP A 1499 75.41 -76.31 -64.15
N PHE A 1500 75.06 -75.19 -63.53
CA PHE A 1500 74.50 -74.04 -64.24
C PHE A 1500 75.36 -72.79 -64.08
N VAL A 1501 76.61 -72.96 -63.63
CA VAL A 1501 77.54 -71.85 -63.42
C VAL A 1501 78.79 -72.08 -64.26
N SER A 1502 79.32 -71.01 -64.83
CA SER A 1502 80.51 -71.12 -65.65
C SER A 1502 81.72 -71.41 -64.77
N PRO A 1503 82.47 -72.49 -65.05
CA PRO A 1503 83.65 -72.78 -64.23
C PRO A 1503 84.83 -71.86 -64.51
N GLY A 1504 84.73 -70.62 -64.06
CA GLY A 1504 85.80 -69.66 -64.27
C GLY A 1504 87.03 -69.97 -63.45
N GLN A 1505 88.13 -69.30 -63.81
CA GLN A 1505 89.40 -69.48 -63.11
C GLN A 1505 89.31 -69.03 -61.66
N GLN A 1506 88.65 -67.90 -61.41
CA GLN A 1506 88.49 -67.37 -60.06
C GLN A 1506 87.23 -66.51 -60.05
N GLY A 1507 86.72 -66.25 -58.85
CA GLY A 1507 85.53 -65.44 -58.71
C GLY A 1507 84.28 -66.27 -58.51
N ARG A 1508 84.36 -67.26 -57.60
CA ARG A 1508 83.22 -68.11 -57.26
C ARG A 1508 82.10 -67.36 -56.55
N ILE A 1509 82.37 -66.16 -56.05
CA ILE A 1509 81.34 -65.32 -55.43
C ILE A 1509 80.68 -64.55 -56.57
N SER A 1510 79.66 -65.16 -57.16
CA SER A 1510 79.00 -64.58 -58.32
C SER A 1510 78.13 -63.40 -57.89
N HIS A 1511 78.28 -62.28 -58.59
CA HIS A 1511 77.42 -61.11 -58.38
C HIS A 1511 76.07 -61.25 -59.04
N THR A 1512 75.89 -62.25 -59.88
CA THR A 1512 74.61 -62.53 -60.53
C THR A 1512 73.90 -63.66 -59.78
N ASP A 1513 72.63 -63.42 -59.43
CA ASP A 1513 71.85 -64.39 -58.68
C ASP A 1513 71.40 -65.48 -59.65
N LEU A 1514 71.73 -66.73 -59.33
CA LEU A 1514 71.36 -67.85 -60.19
C LEU A 1514 69.86 -68.11 -60.14
N VAL A 1515 69.16 -67.88 -61.25
CA VAL A 1515 67.71 -68.00 -61.30
C VAL A 1515 67.40 -69.33 -61.99
N ILE A 1516 67.26 -70.39 -61.20
CA ILE A 1516 66.91 -71.70 -61.75
C ILE A 1516 65.39 -71.78 -61.88
N GLY A 1517 64.91 -72.20 -63.04
CA GLY A 1517 63.50 -72.30 -63.30
C GLY A 1517 63.10 -73.73 -63.60
N CYS A 1518 61.88 -74.10 -63.18
CA CYS A 1518 61.39 -75.44 -63.44
C CYS A 1518 59.99 -75.41 -64.01
N LEU A 1519 59.82 -76.11 -65.14
CA LEU A 1519 58.55 -76.26 -65.84
C LEU A 1519 58.14 -77.71 -65.78
N VAL A 1520 56.86 -77.94 -65.51
CA VAL A 1520 56.25 -79.26 -65.37
C VAL A 1520 54.97 -79.27 -66.20
N ASP A 1521 54.79 -80.28 -67.05
CA ASP A 1521 53.54 -80.41 -67.79
C ASP A 1521 52.74 -81.55 -67.17
N LEU A 1522 51.54 -81.22 -66.67
CA LEU A 1522 50.67 -82.22 -66.05
C LEU A 1522 49.87 -83.04 -67.06
N ALA A 1523 49.87 -82.66 -68.33
CA ALA A 1523 49.13 -83.41 -69.34
C ALA A 1523 49.98 -84.45 -70.05
N THR A 1524 51.28 -84.48 -69.79
CA THR A 1524 52.20 -85.41 -70.44
C THR A 1524 53.07 -86.11 -69.42
N GLY A 1525 53.29 -85.47 -68.27
CA GLY A 1525 54.14 -86.05 -67.26
C GLY A 1525 55.61 -85.82 -67.46
N LEU A 1526 55.99 -84.86 -68.29
CA LEU A 1526 57.39 -84.52 -68.49
C LEU A 1526 57.68 -83.21 -67.79
N MET A 1527 58.96 -82.98 -67.53
CA MET A 1527 59.37 -81.71 -66.95
C MET A 1527 60.80 -81.41 -67.35
N THR A 1528 61.08 -80.12 -67.46
CA THR A 1528 62.39 -79.60 -67.85
C THR A 1528 62.96 -78.71 -66.75
N PHE A 1529 64.13 -78.14 -67.03
CA PHE A 1529 64.84 -77.26 -66.12
C PHE A 1529 65.59 -76.22 -66.93
N THR A 1530 65.56 -74.97 -66.45
CA THR A 1530 66.19 -73.84 -67.12
C THR A 1530 67.23 -73.24 -66.19
N ALA A 1531 68.47 -73.11 -66.70
CA ALA A 1531 69.55 -72.56 -65.89
C ALA A 1531 69.39 -71.07 -65.65
N ASN A 1532 69.12 -70.31 -66.69
CA ASN A 1532 68.86 -68.87 -66.56
C ASN A 1532 67.73 -68.44 -67.47
N GLY A 1533 66.67 -69.24 -67.53
CA GLY A 1533 65.61 -69.04 -68.49
C GLY A 1533 65.84 -69.74 -69.81
N LYS A 1534 67.03 -70.28 -70.02
CA LYS A 1534 67.37 -71.07 -71.19
C LYS A 1534 67.36 -72.54 -70.78
N GLU A 1535 66.71 -73.37 -71.60
CA GLU A 1535 66.51 -74.77 -71.24
C GLU A 1535 67.83 -75.54 -71.20
N SER A 1536 67.88 -76.52 -70.31
CA SER A 1536 69.04 -77.38 -70.14
C SER A 1536 68.72 -78.78 -70.66
N ASN A 1537 69.78 -79.59 -70.80
CA ASN A 1537 69.61 -80.93 -71.35
C ASN A 1537 68.87 -81.87 -70.42
N THR A 1538 68.75 -81.54 -69.14
CA THR A 1538 68.09 -82.44 -68.20
C THR A 1538 66.58 -82.38 -68.36
N PHE A 1539 65.94 -83.51 -68.06
CA PHE A 1539 64.49 -83.65 -68.15
C PHE A 1539 64.10 -84.87 -67.32
N PHE A 1540 62.80 -85.00 -67.06
CA PHE A 1540 62.29 -86.17 -66.36
C PHE A 1540 60.88 -86.50 -66.80
N GLN A 1541 60.60 -87.80 -66.92
CA GLN A 1541 59.27 -88.31 -67.24
C GLN A 1541 58.78 -89.13 -66.06
N VAL A 1542 57.55 -88.83 -65.62
CA VAL A 1542 56.92 -89.47 -64.47
C VAL A 1542 55.56 -90.01 -64.90
N GLU A 1543 55.06 -90.98 -64.14
CA GLU A 1543 53.79 -91.61 -64.42
C GLU A 1543 52.63 -90.70 -64.02
N PRO A 1544 51.43 -90.93 -64.54
CA PRO A 1544 50.26 -90.16 -64.10
C PRO A 1544 49.89 -90.43 -62.65
N ASN A 1545 49.05 -89.53 -62.12
CA ASN A 1545 48.57 -89.54 -60.72
C ASN A 1545 49.73 -89.49 -59.73
N THR A 1546 50.75 -88.72 -60.07
CA THR A 1546 51.94 -88.55 -59.25
C THR A 1546 51.87 -87.22 -58.52
N LYS A 1547 52.14 -87.24 -57.22
CA LYS A 1547 52.17 -86.04 -56.38
C LYS A 1547 53.61 -85.58 -56.20
N LEU A 1548 53.85 -84.30 -56.49
CA LEU A 1548 55.19 -83.72 -56.38
C LEU A 1548 55.14 -82.44 -55.56
N PHE A 1549 56.02 -82.35 -54.58
CA PHE A 1549 56.17 -81.16 -53.74
C PHE A 1549 57.37 -80.37 -54.21
N PRO A 1550 57.25 -79.05 -54.43
CA PRO A 1550 58.40 -78.23 -54.81
C PRO A 1550 59.47 -78.18 -53.72
N ALA A 1551 60.64 -78.76 -53.96
CA ALA A 1551 61.68 -78.80 -52.94
C ALA A 1551 62.98 -78.23 -53.46
N VAL A 1552 63.75 -77.62 -52.56
CA VAL A 1552 65.06 -77.05 -52.85
C VAL A 1552 65.93 -77.33 -51.62
N PHE A 1553 66.92 -78.21 -51.77
CA PHE A 1553 67.83 -78.59 -50.68
C PHE A 1553 69.07 -77.71 -50.74
N VAL A 1554 69.55 -77.26 -49.57
CA VAL A 1554 70.65 -76.30 -49.57
C VAL A 1554 71.47 -76.39 -48.29
N LEU A 1555 72.77 -76.14 -48.43
CA LEU A 1555 73.65 -75.93 -47.29
C LEU A 1555 73.92 -74.44 -47.18
N PRO A 1556 73.41 -73.76 -46.16
CA PRO A 1556 73.52 -72.29 -46.08
C PRO A 1556 74.96 -71.81 -45.97
N THR A 1557 75.30 -70.77 -46.75
CA THR A 1557 76.64 -70.21 -46.73
C THR A 1557 76.64 -68.68 -46.79
N HIS A 1558 75.51 -68.03 -46.53
CA HIS A 1558 75.43 -66.58 -46.62
C HIS A 1558 74.21 -66.11 -45.85
N GLN A 1559 74.17 -64.79 -45.57
CA GLN A 1559 72.98 -64.17 -45.00
C GLN A 1559 71.79 -64.26 -45.95
N ASN A 1560 72.04 -64.05 -47.23
CA ASN A 1560 71.01 -64.13 -48.27
C ASN A 1560 71.22 -65.45 -49.01
N VAL A 1561 70.26 -66.36 -48.88
CA VAL A 1561 70.46 -67.70 -49.42
C VAL A 1561 69.60 -67.98 -50.65
N ILE A 1562 68.28 -68.01 -50.48
CA ILE A 1562 67.34 -68.49 -51.50
C ILE A 1562 66.03 -67.74 -51.38
N GLN A 1563 65.43 -67.43 -52.54
CA GLN A 1563 64.11 -66.83 -52.62
C GLN A 1563 63.26 -67.60 -53.61
N PHE A 1564 62.20 -68.23 -53.12
CA PHE A 1564 61.23 -68.93 -53.96
C PHE A 1564 60.34 -67.90 -54.63
N GLU A 1565 60.40 -67.85 -55.95
CA GLU A 1565 59.61 -66.93 -56.75
C GLU A 1565 58.56 -67.74 -57.49
N LEU A 1566 57.33 -67.72 -56.96
CA LEU A 1566 56.20 -68.41 -57.57
C LEU A 1566 55.67 -67.60 -58.76
N GLY A 1567 56.54 -67.44 -59.75
CA GLY A 1567 56.29 -66.57 -60.88
C GLY A 1567 55.72 -67.27 -62.09
N LYS A 1568 55.82 -66.56 -63.22
CA LYS A 1568 55.27 -67.03 -64.48
C LYS A 1568 56.06 -66.38 -65.61
N GLN A 1569 55.93 -66.96 -66.80
CA GLN A 1569 56.60 -66.43 -67.98
C GLN A 1569 55.58 -66.26 -69.10
N LYS A 1570 56.06 -65.99 -70.31
CA LYS A 1570 55.19 -65.77 -71.45
C LYS A 1570 54.44 -67.07 -71.78
N ASN A 1571 53.10 -67.01 -71.65
CA ASN A 1571 52.19 -68.12 -71.95
C ASN A 1571 52.51 -69.37 -71.12
N ILE A 1572 52.94 -69.16 -69.88
CA ILE A 1572 53.21 -70.25 -68.95
C ILE A 1572 52.44 -69.98 -67.67
N MET A 1573 51.65 -70.96 -67.25
CA MET A 1573 50.65 -70.78 -66.20
C MET A 1573 51.31 -70.94 -64.83
N PRO A 1574 51.12 -69.99 -63.91
CA PRO A 1574 51.81 -70.07 -62.60
C PRO A 1574 51.26 -71.19 -61.74
N LEU A 1575 52.00 -71.49 -60.66
CA LEU A 1575 51.59 -72.52 -59.70
C LEU A 1575 50.37 -72.13 -58.86
N SER A 1576 49.93 -70.88 -58.92
CA SER A 1576 48.71 -70.44 -58.25
C SER A 1576 47.48 -71.16 -58.76
N ALA A 1577 47.55 -71.76 -59.95
CA ALA A 1577 46.47 -72.59 -60.47
C ALA A 1577 46.78 -74.07 -60.32
N ALA A 1578 48.06 -74.44 -60.25
CA ALA A 1578 48.42 -75.83 -60.07
C ALA A 1578 48.27 -76.29 -58.62
N MET A 1579 48.02 -75.35 -57.70
CA MET A 1579 47.87 -75.71 -56.30
C MET A 1579 46.41 -75.67 -55.87
N PHE A 1580 45.73 -74.57 -56.15
CA PHE A 1580 44.36 -74.34 -55.70
C PHE A 1580 43.41 -74.55 -56.87
N LEU A 1581 42.48 -75.50 -56.71
CA LEU A 1581 41.57 -75.88 -57.79
C LEU A 1581 40.60 -74.75 -58.16
N SER A 1582 40.31 -73.85 -57.21
CA SER A 1582 39.36 -72.78 -57.46
C SER A 1582 39.96 -71.61 -58.24
N GLU A 1583 41.26 -71.63 -58.49
CA GLU A 1583 41.94 -70.53 -59.19
C GLU A 1583 42.61 -71.03 -60.47
N ARG A 1584 41.99 -72.00 -61.14
CA ARG A 1584 42.59 -72.63 -62.32
C ARG A 1584 42.74 -71.67 -63.50
N LYS A 1585 41.88 -70.66 -63.59
CA LYS A 1585 41.93 -69.71 -64.70
C LYS A 1585 42.34 -68.32 -64.24
N ASN A 1586 43.13 -68.23 -63.17
CA ASN A 1586 43.61 -66.95 -62.66
C ASN A 1586 45.13 -66.86 -62.84
N PRO A 1587 45.62 -66.15 -63.87
CA PRO A 1587 47.07 -66.13 -64.11
C PRO A 1587 47.85 -65.21 -63.18
N ALA A 1588 47.19 -64.45 -62.33
CA ALA A 1588 47.89 -63.57 -61.39
C ALA A 1588 48.65 -64.38 -60.36
N PRO A 1589 49.96 -64.19 -60.21
CA PRO A 1589 50.71 -64.96 -59.21
C PRO A 1589 50.35 -64.52 -57.81
N GLN A 1590 50.10 -65.49 -56.93
CA GLN A 1590 49.74 -65.24 -55.54
C GLN A 1590 50.44 -66.25 -54.66
N CYS A 1591 50.61 -65.90 -53.40
CA CYS A 1591 51.15 -66.81 -52.38
C CYS A 1591 50.22 -66.80 -51.16
N PRO A 1592 49.11 -67.53 -51.23
CA PRO A 1592 48.16 -67.57 -50.11
C PRO A 1592 48.78 -68.21 -48.88
N PRO A 1593 48.25 -67.91 -47.68
CA PRO A 1593 48.91 -68.35 -46.42
C PRO A 1593 49.11 -69.85 -46.25
N ARG A 1594 48.25 -70.70 -46.85
CA ARG A 1594 48.44 -72.14 -46.75
C ARG A 1594 49.76 -72.58 -47.38
N LEU A 1595 50.09 -72.00 -48.54
CA LEU A 1595 51.38 -72.26 -49.16
C LEU A 1595 52.49 -71.71 -48.26
N GLU A 1596 53.33 -72.61 -47.75
CA GLU A 1596 54.31 -72.20 -46.76
C GLU A 1596 55.58 -73.02 -46.94
N VAL A 1597 56.67 -72.49 -46.42
CA VAL A 1597 57.99 -73.10 -46.55
C VAL A 1597 58.24 -74.00 -45.34
N GLN A 1598 58.52 -75.27 -45.59
CA GLN A 1598 58.71 -76.28 -44.56
C GLN A 1598 60.10 -76.88 -44.67
N MET A 1599 60.79 -77.04 -43.56
CA MET A 1599 62.03 -77.80 -43.57
C MET A 1599 61.78 -79.13 -42.86
N LEU A 1600 62.82 -79.93 -42.76
CA LEU A 1600 62.65 -81.33 -42.39
C LEU A 1600 63.14 -81.58 -40.96
N MET A 1601 62.21 -81.94 -40.08
CA MET A 1601 62.56 -82.46 -38.76
C MET A 1601 62.99 -83.91 -38.89
N PRO A 1602 64.21 -84.27 -38.49
CA PRO A 1602 64.62 -85.68 -38.52
C PRO A 1602 63.79 -86.60 -37.63
N VAL A 1603 63.34 -86.11 -36.48
CA VAL A 1603 62.61 -86.91 -35.49
C VAL A 1603 61.32 -86.20 -35.12
N SER A 1604 60.22 -86.95 -35.11
CA SER A 1604 58.92 -86.44 -34.68
C SER A 1604 58.30 -87.46 -33.74
N TRP A 1605 57.40 -87.01 -32.89
CA TRP A 1605 56.81 -87.91 -31.92
C TRP A 1605 55.82 -88.86 -32.59
N SER A 1606 55.50 -89.95 -31.89
CA SER A 1606 54.54 -90.91 -32.42
C SER A 1606 53.92 -91.66 -31.26
N ARG A 1607 52.81 -92.32 -31.53
CA ARG A 1607 52.06 -93.05 -30.51
C ARG A 1607 52.23 -94.54 -30.71
N MET A 1608 52.53 -95.24 -29.62
CA MET A 1608 52.68 -96.68 -29.64
C MET A 1608 51.31 -97.32 -29.58
N PRO A 1609 50.96 -98.19 -30.54
CA PRO A 1609 49.65 -98.87 -30.48
C PRO A 1609 49.49 -99.70 -29.23
N ASN A 1610 48.25 -99.73 -28.71
CA ASN A 1610 47.97 -100.45 -27.48
C ASN A 1610 48.10 -101.96 -27.62
N HIS A 1611 47.94 -102.50 -28.82
CA HIS A 1611 48.13 -103.92 -29.07
C HIS A 1611 48.87 -104.10 -30.37
N PHE A 1612 49.59 -105.22 -30.47
CA PHE A 1612 50.39 -105.54 -31.64
C PHE A 1612 50.02 -106.93 -32.14
N LEU A 1613 50.29 -107.17 -33.42
CA LEU A 1613 50.01 -108.45 -34.05
C LEU A 1613 50.81 -109.57 -33.38
N GLN A 1614 50.13 -110.67 -33.07
CA GLN A 1614 50.77 -111.85 -32.52
C GLN A 1614 51.27 -112.71 -33.67
N VAL A 1615 52.58 -112.81 -33.82
CA VAL A 1615 53.21 -113.50 -34.93
C VAL A 1615 54.03 -114.66 -34.37
N GLU A 1616 53.82 -115.84 -34.91
CA GLU A 1616 54.60 -117.02 -34.54
C GLU A 1616 55.57 -117.33 -35.67
N THR A 1617 56.86 -117.26 -35.37
CA THR A 1617 57.92 -117.53 -36.34
C THR A 1617 58.82 -118.59 -35.74
N ARG A 1618 58.84 -119.77 -36.36
CA ARG A 1618 59.66 -120.86 -35.83
C ARG A 1618 59.96 -121.84 -36.95
N ARG A 1619 60.94 -122.72 -36.73
CA ARG A 1619 61.30 -123.68 -37.77
C ARG A 1619 60.34 -124.85 -37.71
N ALA A 1620 59.52 -124.99 -38.77
CA ALA A 1620 58.50 -126.04 -38.80
C ALA A 1620 59.12 -127.44 -38.83
N GLY A 1621 60.17 -127.62 -39.62
CA GLY A 1621 60.79 -128.93 -39.72
C GLY A 1621 62.11 -128.83 -40.46
N GLU A 1622 62.74 -129.99 -40.62
CA GLU A 1622 64.02 -130.06 -41.30
C GLU A 1622 63.91 -129.66 -42.77
N ARG A 1623 62.87 -130.13 -43.45
CA ARG A 1623 62.68 -129.81 -44.86
C ARG A 1623 61.71 -128.67 -45.10
N LEU A 1624 60.79 -128.40 -44.16
CA LEU A 1624 59.86 -127.30 -44.35
C LEU A 1624 60.55 -125.96 -44.17
N GLY A 1625 61.37 -125.83 -43.15
CA GLY A 1625 62.04 -124.58 -42.85
C GLY A 1625 61.25 -123.73 -41.88
N TRP A 1626 61.58 -122.44 -41.88
CA TRP A 1626 60.93 -121.49 -41.00
C TRP A 1626 59.51 -121.20 -41.46
N ALA A 1627 58.60 -121.08 -40.50
CA ALA A 1627 57.19 -120.83 -40.77
C ALA A 1627 56.73 -119.61 -39.98
N VAL A 1628 55.84 -118.84 -40.61
CA VAL A 1628 55.23 -117.65 -40.07
C VAL A 1628 53.74 -117.94 -39.96
N GLN A 1629 53.14 -117.50 -38.84
CA GLN A 1629 51.73 -117.76 -38.56
C GLN A 1629 51.14 -116.55 -37.84
N CYS A 1630 50.09 -115.96 -38.41
CA CYS A 1630 49.38 -114.88 -37.75
C CYS A 1630 47.89 -115.10 -37.96
N GLN A 1631 47.13 -115.11 -36.88
CA GLN A 1631 45.71 -115.45 -36.91
C GLN A 1631 44.81 -114.33 -36.41
N ASP A 1632 45.13 -113.71 -35.29
CA ASP A 1632 44.25 -112.75 -34.63
C ASP A 1632 44.19 -111.45 -35.44
N PRO A 1633 43.01 -111.05 -35.90
CA PRO A 1633 42.90 -109.75 -36.58
C PRO A 1633 42.97 -108.58 -35.61
N LEU A 1634 43.38 -107.44 -36.15
CA LEU A 1634 43.51 -106.21 -35.38
C LEU A 1634 43.46 -105.05 -36.37
N THR A 1635 42.50 -104.14 -36.17
CA THR A 1635 42.26 -103.05 -37.11
C THR A 1635 42.46 -101.72 -36.40
N MET A 1636 42.99 -100.73 -37.12
CA MET A 1636 43.26 -99.41 -36.59
C MET A 1636 42.58 -98.37 -37.45
N MET A 1637 41.86 -97.45 -36.80
CA MET A 1637 41.17 -96.37 -37.50
C MET A 1637 42.14 -95.24 -37.77
N ALA A 1638 42.51 -95.05 -39.03
CA ALA A 1638 43.53 -94.07 -39.39
C ALA A 1638 42.89 -92.87 -40.08
N LEU A 1639 43.19 -91.69 -39.55
CA LEU A 1639 42.81 -90.43 -40.19
C LEU A 1639 43.86 -90.09 -41.24
N HIS A 1640 43.40 -89.63 -42.39
CA HIS A 1640 44.26 -89.42 -43.55
C HIS A 1640 44.27 -87.95 -43.95
N ILE A 1641 45.47 -87.41 -44.17
CA ILE A 1641 45.62 -86.07 -44.72
C ILE A 1641 45.58 -86.20 -46.23
N PRO A 1642 44.68 -85.49 -46.93
CA PRO A 1642 44.49 -85.71 -48.37
C PRO A 1642 45.67 -85.31 -49.24
N GLU A 1643 46.14 -84.07 -49.07
CA GLU A 1643 47.13 -83.54 -49.99
C GLU A 1643 48.50 -84.18 -49.77
N GLU A 1644 48.90 -84.37 -48.51
CA GLU A 1644 50.19 -84.98 -48.24
C GLU A 1644 50.18 -86.49 -48.45
N ASN A 1645 48.99 -87.10 -48.62
CA ASN A 1645 48.81 -88.53 -48.87
C ASN A 1645 49.48 -89.37 -47.77
N ARG A 1646 49.39 -88.90 -46.54
CA ARG A 1646 49.86 -89.66 -45.39
C ARG A 1646 48.82 -89.70 -44.30
N CYS A 1647 48.60 -90.89 -43.76
CA CYS A 1647 47.59 -91.09 -42.73
C CYS A 1647 48.26 -91.46 -41.42
N MET A 1648 47.72 -90.94 -40.33
CA MET A 1648 48.19 -91.20 -38.99
C MET A 1648 47.05 -91.80 -38.19
N ASP A 1649 47.39 -92.51 -37.12
CA ASP A 1649 46.40 -93.06 -36.20
C ASP A 1649 45.55 -91.94 -35.63
N ILE A 1650 44.23 -92.14 -35.63
CA ILE A 1650 43.31 -91.12 -35.13
C ILE A 1650 43.43 -90.96 -33.61
N LEU A 1651 44.02 -91.93 -32.92
CA LEU A 1651 44.26 -91.78 -31.50
C LEU A 1651 45.31 -90.73 -31.18
N GLU A 1652 46.15 -90.37 -32.16
CA GLU A 1652 47.18 -89.36 -31.98
C GLU A 1652 46.59 -87.97 -31.77
N LEU A 1653 45.33 -87.75 -32.15
CA LEU A 1653 44.72 -86.44 -31.99
C LEU A 1653 44.50 -86.06 -30.53
N SER A 1654 44.63 -87.02 -29.61
CA SER A 1654 44.61 -86.73 -28.18
C SER A 1654 45.81 -85.91 -27.74
N GLU A 1655 46.85 -85.83 -28.58
CA GLU A 1655 48.01 -84.99 -28.35
C GLU A 1655 48.10 -83.89 -29.38
N ARG A 1656 47.73 -84.17 -30.63
CA ARG A 1656 47.75 -83.13 -31.66
C ARG A 1656 46.43 -82.37 -31.57
N LEU A 1657 46.40 -81.41 -30.66
CA LEU A 1657 45.20 -80.60 -30.42
C LEU A 1657 44.88 -79.65 -31.57
N ASP A 1658 45.83 -79.41 -32.48
CA ASP A 1658 45.59 -78.54 -33.63
C ASP A 1658 44.56 -79.15 -34.57
N LEU A 1659 44.73 -80.43 -34.91
CA LEU A 1659 43.80 -81.10 -35.81
C LEU A 1659 42.56 -81.61 -35.10
N GLN A 1660 42.62 -81.80 -33.78
CA GLN A 1660 41.48 -82.32 -33.04
C GLN A 1660 40.29 -81.37 -33.11
N ARG A 1661 40.55 -80.06 -32.95
CA ARG A 1661 39.50 -79.06 -33.05
C ARG A 1661 38.90 -79.02 -34.44
N PHE A 1662 39.76 -79.07 -35.46
CA PHE A 1662 39.30 -79.02 -36.84
C PHE A 1662 38.45 -80.24 -37.19
N HIS A 1663 38.87 -81.43 -36.76
CA HIS A 1663 38.12 -82.64 -37.08
C HIS A 1663 36.82 -82.72 -36.29
N SER A 1664 36.82 -82.26 -35.04
CA SER A 1664 35.58 -82.18 -34.28
C SER A 1664 34.61 -81.19 -34.92
N HIS A 1665 35.11 -80.06 -35.40
CA HIS A 1665 34.25 -79.13 -36.14
C HIS A 1665 33.80 -79.73 -37.47
N THR A 1666 34.64 -80.58 -38.08
CA THR A 1666 34.24 -81.27 -39.30
C THR A 1666 33.06 -82.20 -39.03
N LEU A 1667 33.11 -82.94 -37.93
CA LEU A 1667 31.96 -83.77 -37.56
C LEU A 1667 30.74 -82.93 -37.18
N ARG A 1668 30.96 -81.70 -36.74
CA ARG A 1668 29.83 -80.80 -36.48
C ARG A 1668 29.24 -80.30 -37.78
N LEU A 1669 30.06 -80.19 -38.82
CA LEU A 1669 29.56 -79.80 -40.12
C LEU A 1669 28.82 -80.96 -40.77
N TYR A 1670 29.29 -82.19 -40.55
CA TYR A 1670 28.56 -83.36 -41.04
C TYR A 1670 27.17 -83.45 -40.41
N ARG A 1671 27.09 -83.20 -39.09
CA ARG A 1671 25.76 -83.16 -38.46
C ARG A 1671 24.94 -81.98 -38.95
N ALA A 1672 25.59 -80.89 -39.34
CA ALA A 1672 24.85 -79.74 -39.83
C ALA A 1672 24.25 -80.04 -41.19
N VAL A 1673 25.05 -80.64 -42.09
CA VAL A 1673 24.57 -80.91 -43.43
C VAL A 1673 23.69 -82.14 -43.48
N CYS A 1674 23.52 -82.87 -42.38
CA CYS A 1674 22.55 -83.95 -42.37
C CYS A 1674 21.50 -83.72 -41.29
N ALA A 1675 21.39 -82.49 -40.82
CA ALA A 1675 20.46 -82.16 -39.75
C ALA A 1675 19.08 -81.90 -40.32
N LEU A 1676 18.07 -82.19 -39.50
CA LEU A 1676 16.65 -81.91 -39.77
C LEU A 1676 16.11 -82.68 -40.99
N GLY A 1677 16.35 -83.99 -41.00
CA GLY A 1677 15.72 -84.88 -41.95
C GLY A 1677 16.23 -84.86 -43.36
N ASN A 1678 17.38 -84.24 -43.63
CA ASN A 1678 17.92 -84.18 -44.98
C ASN A 1678 18.51 -85.53 -45.38
N ASN A 1679 17.67 -86.56 -45.55
CA ASN A 1679 18.16 -87.90 -45.80
C ASN A 1679 18.79 -88.07 -47.18
N ARG A 1680 18.59 -87.10 -48.09
CA ARG A 1680 19.25 -87.11 -49.38
C ARG A 1680 20.75 -87.00 -49.21
N VAL A 1681 21.18 -86.16 -48.26
CA VAL A 1681 22.59 -86.02 -47.97
C VAL A 1681 23.01 -87.04 -46.91
N ALA A 1682 22.11 -87.38 -45.98
CA ALA A 1682 22.43 -88.37 -44.95
C ALA A 1682 22.79 -89.73 -45.54
N HIS A 1683 22.27 -90.03 -46.74
CA HIS A 1683 22.77 -91.20 -47.45
C HIS A 1683 24.19 -90.99 -47.94
N ALA A 1684 24.49 -89.81 -48.47
CA ALA A 1684 25.80 -89.52 -49.04
C ALA A 1684 26.91 -89.57 -47.99
N LEU A 1685 26.58 -89.21 -46.74
CA LEU A 1685 27.59 -89.21 -45.69
C LEU A 1685 28.10 -90.60 -45.34
N CYS A 1686 27.31 -91.64 -45.62
CA CYS A 1686 27.71 -93.01 -45.31
C CYS A 1686 28.96 -93.45 -46.05
N SER A 1687 29.26 -92.79 -47.18
CA SER A 1687 30.49 -93.09 -47.90
C SER A 1687 31.69 -92.60 -47.12
N HIS A 1688 31.63 -91.35 -46.64
CA HIS A 1688 32.75 -90.78 -45.91
C HIS A 1688 32.93 -91.45 -44.56
N VAL A 1689 31.87 -91.57 -43.78
CA VAL A 1689 31.93 -92.30 -42.51
C VAL A 1689 31.20 -93.63 -42.69
N ASP A 1690 31.96 -94.70 -42.86
CA ASP A 1690 31.38 -96.01 -43.04
C ASP A 1690 30.72 -96.52 -41.77
N GLN A 1691 29.89 -97.54 -41.95
CA GLN A 1691 29.24 -98.20 -40.82
C GLN A 1691 30.26 -98.86 -39.91
N ALA A 1692 31.31 -99.46 -40.50
CA ALA A 1692 32.35 -100.09 -39.71
C ALA A 1692 33.11 -99.06 -38.89
N GLN A 1693 33.38 -97.90 -39.48
CA GLN A 1693 34.08 -96.83 -38.77
C GLN A 1693 33.27 -96.37 -37.57
N LEU A 1694 31.96 -96.17 -37.77
CA LEU A 1694 31.11 -95.71 -36.68
C LEU A 1694 31.01 -96.75 -35.57
N LEU A 1695 30.78 -98.01 -35.95
CA LEU A 1695 30.63 -99.08 -34.97
C LEU A 1695 31.92 -99.30 -34.18
N HIS A 1696 33.07 -99.26 -34.86
CA HIS A 1696 34.34 -99.38 -34.15
C HIS A 1696 34.56 -98.20 -33.23
N ALA A 1697 34.19 -96.98 -33.69
CA ALA A 1697 34.36 -95.80 -32.87
C ALA A 1697 33.46 -95.83 -31.64
N LEU A 1698 32.39 -96.64 -31.66
CA LEU A 1698 31.57 -96.78 -30.46
C LEU A 1698 32.38 -97.42 -29.34
N GLU A 1699 33.17 -98.44 -29.67
CA GLU A 1699 33.94 -99.20 -28.69
C GLU A 1699 35.37 -98.70 -28.55
N ASP A 1700 35.76 -97.68 -29.31
CA ASP A 1700 37.13 -97.17 -29.27
C ASP A 1700 37.31 -96.44 -27.94
N ALA A 1701 37.93 -97.12 -26.98
CA ALA A 1701 38.06 -96.56 -25.64
C ALA A 1701 39.17 -95.54 -25.51
N HIS A 1702 40.03 -95.38 -26.50
CA HIS A 1702 41.12 -94.42 -26.41
C HIS A 1702 40.87 -93.19 -27.27
N LEU A 1703 39.68 -93.04 -27.84
CA LEU A 1703 39.36 -91.84 -28.59
C LEU A 1703 39.26 -90.66 -27.64
N PRO A 1704 39.57 -89.45 -28.10
CA PRO A 1704 39.44 -88.28 -27.22
C PRO A 1704 37.99 -87.93 -26.93
N GLY A 1705 37.82 -86.88 -26.13
CA GLY A 1705 36.52 -86.41 -25.71
C GLY A 1705 35.64 -85.92 -26.83
N PRO A 1706 36.04 -84.80 -27.47
CA PRO A 1706 35.21 -84.25 -28.56
C PRO A 1706 35.02 -85.22 -29.70
N LEU A 1707 36.03 -86.05 -30.01
CA LEU A 1707 35.90 -86.95 -31.14
C LEU A 1707 34.93 -88.08 -30.83
N ARG A 1708 34.95 -88.57 -29.58
CA ARG A 1708 34.05 -89.65 -29.19
C ARG A 1708 32.60 -89.17 -29.15
N ALA A 1709 32.37 -87.98 -28.59
CA ALA A 1709 31.01 -87.44 -28.56
C ALA A 1709 30.55 -87.02 -29.94
N GLY A 1710 31.47 -86.49 -30.77
CA GLY A 1710 31.11 -86.11 -32.12
C GLY A 1710 30.75 -87.32 -32.97
N TYR A 1711 31.45 -88.44 -32.77
CA TYR A 1711 31.15 -89.61 -33.58
C TYR A 1711 29.86 -90.29 -33.12
N TYR A 1712 29.59 -90.31 -31.80
CA TYR A 1712 28.31 -90.83 -31.34
C TYR A 1712 27.15 -89.98 -31.83
N ASP A 1713 27.30 -88.65 -31.78
CA ASP A 1713 26.24 -87.77 -32.25
C ASP A 1713 26.10 -87.87 -33.76
N LEU A 1714 27.20 -88.03 -34.48
CA LEU A 1714 27.14 -88.18 -35.92
C LEU A 1714 26.39 -89.44 -36.31
N LEU A 1715 26.62 -90.54 -35.58
CA LEU A 1715 25.87 -91.77 -35.83
C LEU A 1715 24.39 -91.57 -35.60
N ILE A 1716 24.04 -90.88 -34.51
CA ILE A 1716 22.62 -90.62 -34.21
C ILE A 1716 22.00 -89.74 -35.28
N SER A 1717 22.72 -88.69 -35.70
CA SER A 1717 22.20 -87.75 -36.69
C SER A 1717 22.01 -88.44 -38.04
N ILE A 1718 23.00 -89.22 -38.48
CA ILE A 1718 22.93 -89.84 -39.80
C ILE A 1718 21.86 -90.92 -39.83
N HIS A 1719 21.84 -91.80 -38.84
CA HIS A 1719 21.05 -93.00 -38.93
C HIS A 1719 19.80 -93.02 -38.07
N LEU A 1720 19.66 -92.11 -37.13
CA LEU A 1720 18.57 -92.31 -36.19
C LEU A 1720 17.64 -91.11 -36.04
N GLU A 1721 18.16 -89.88 -36.13
CA GLU A 1721 17.38 -88.70 -35.74
C GLU A 1721 16.17 -88.46 -36.64
N SER A 1722 16.27 -88.76 -37.95
CA SER A 1722 15.14 -88.54 -38.84
C SER A 1722 13.95 -89.41 -38.48
N ALA A 1723 14.19 -90.68 -38.17
CA ALA A 1723 13.11 -91.56 -37.77
C ALA A 1723 12.66 -91.25 -36.35
N CYS A 1724 13.62 -90.89 -35.49
CA CYS A 1724 13.35 -90.63 -34.08
C CYS A 1724 12.44 -89.43 -33.90
N ARG A 1725 12.70 -88.35 -34.65
CA ARG A 1725 11.92 -87.12 -34.51
C ARG A 1725 10.46 -87.35 -34.87
N SER A 1726 10.23 -88.02 -36.01
CA SER A 1726 8.89 -88.34 -36.46
C SER A 1726 8.17 -89.27 -35.49
N ARG A 1727 8.88 -90.26 -34.94
CA ARG A 1727 8.27 -91.12 -33.93
C ARG A 1727 7.97 -90.35 -32.65
N ARG A 1728 8.86 -89.42 -32.29
CA ARG A 1728 8.68 -88.63 -31.09
C ARG A 1728 7.45 -87.76 -31.20
N SER A 1729 7.22 -87.16 -32.38
CA SER A 1729 6.05 -86.31 -32.54
C SER A 1729 4.75 -87.10 -32.42
N MET A 1730 4.79 -88.40 -32.70
CA MET A 1730 3.61 -89.24 -32.54
C MET A 1730 3.58 -89.95 -31.20
N LEU A 1731 4.54 -89.67 -30.32
CA LEU A 1731 4.47 -90.25 -28.99
C LEU A 1731 3.47 -89.53 -28.09
N SER A 1732 2.99 -88.36 -28.49
CA SER A 1732 2.02 -87.61 -27.70
C SER A 1732 0.58 -87.89 -28.09
N GLU A 1733 0.35 -88.80 -29.04
CA GLU A 1733 -0.99 -89.16 -29.48
C GLU A 1733 -1.22 -90.63 -29.16
N TYR A 1734 -2.48 -90.96 -28.86
CA TYR A 1734 -2.85 -92.31 -28.45
C TYR A 1734 -4.09 -92.73 -29.23
N ILE A 1735 -3.85 -93.34 -30.38
CA ILE A 1735 -4.91 -93.89 -31.22
C ILE A 1735 -4.95 -95.38 -30.91
N VAL A 1736 -5.80 -95.76 -29.96
CA VAL A 1736 -5.85 -97.12 -29.44
C VAL A 1736 -6.91 -97.89 -30.23
N PRO A 1737 -6.54 -98.89 -31.02
CA PRO A 1737 -7.55 -99.69 -31.72
C PRO A 1737 -8.15 -100.74 -30.81
N LEU A 1738 -9.42 -101.07 -31.06
CA LEU A 1738 -10.13 -102.10 -30.31
C LEU A 1738 -9.77 -103.47 -30.89
N THR A 1739 -8.81 -104.13 -30.27
CA THR A 1739 -8.27 -105.40 -30.72
C THR A 1739 -8.23 -106.38 -29.57
N PRO A 1740 -8.15 -107.71 -29.84
CA PRO A 1740 -8.05 -108.69 -28.74
C PRO A 1740 -6.85 -108.44 -27.84
N GLU A 1741 -5.73 -108.00 -28.40
CA GLU A 1741 -4.58 -107.70 -27.55
C GLU A 1741 -4.81 -106.40 -26.78
N THR A 1742 -5.65 -105.50 -27.30
CA THR A 1742 -6.00 -104.30 -26.54
C THR A 1742 -6.75 -104.70 -25.29
N ARG A 1743 -7.67 -105.67 -25.42
CA ARG A 1743 -8.46 -106.12 -24.28
CA ARG A 1743 -8.45 -106.11 -24.27
C ARG A 1743 -7.58 -106.74 -23.20
N ALA A 1744 -6.51 -107.44 -23.59
CA ALA A 1744 -5.61 -108.09 -22.65
C ALA A 1744 -4.88 -107.10 -21.75
N ILE A 1745 -4.79 -105.83 -22.13
CA ILE A 1745 -4.08 -104.82 -21.34
C ILE A 1745 -4.81 -104.61 -20.02
N THR A 1746 -4.06 -104.69 -18.92
CA THR A 1746 -4.59 -104.49 -17.58
C THR A 1746 -3.72 -103.48 -16.85
N LEU A 1747 -4.33 -102.84 -15.85
CA LEU A 1747 -3.65 -101.80 -15.07
C LEU A 1747 -2.46 -102.36 -14.31
N PHE A 1748 -2.63 -103.52 -13.70
CA PHE A 1748 -1.59 -104.12 -12.89
C PHE A 1748 -1.37 -105.55 -13.34
N PRO A 1749 -0.16 -106.09 -13.16
CA PRO A 1749 0.08 -107.49 -13.50
C PRO A 1749 -0.75 -108.39 -12.61
N PRO A 1750 -1.22 -109.52 -13.15
CA PRO A 1750 -2.02 -110.46 -12.33
C PRO A 1750 -1.17 -111.08 -11.23
N GLY A 1751 -1.62 -110.90 -9.99
CA GLY A 1751 -0.89 -111.39 -8.85
C GLY A 1751 -1.78 -111.66 -7.64
N ARG A 1752 -1.17 -111.69 -6.46
CA ARG A 1752 -1.91 -112.03 -5.24
C ARG A 1752 -1.55 -111.19 -4.03
N LYS A 1753 -0.69 -110.18 -4.16
CA LYS A 1753 -0.38 -109.33 -3.01
C LYS A 1753 -1.54 -108.40 -2.68
N GLY A 1754 -2.12 -107.75 -3.69
CA GLY A 1754 -3.26 -106.89 -3.47
C GLY A 1754 -4.09 -106.66 -4.71
N GLY A 1755 -5.41 -106.89 -4.61
CA GLY A 1755 -6.29 -106.65 -5.73
C GLY A 1755 -6.45 -105.17 -6.07
N ASN A 1756 -6.61 -104.33 -5.05
CA ASN A 1756 -6.82 -102.91 -5.29
C ASN A 1756 -5.52 -102.23 -5.71
N ALA A 1757 -4.40 -102.60 -5.07
CA ALA A 1757 -3.14 -101.94 -5.40
C ALA A 1757 -2.03 -103.00 -5.28
N ARG A 1758 -1.73 -103.63 -6.40
CA ARG A 1758 -0.55 -104.47 -6.50
C ARG A 1758 0.67 -103.60 -6.71
N ARG A 1759 1.86 -104.17 -6.49
CA ARG A 1759 3.10 -103.46 -6.76
C ARG A 1759 3.17 -103.13 -8.24
N HIS A 1760 3.69 -101.94 -8.55
CA HIS A 1760 3.69 -101.43 -9.91
C HIS A 1760 4.50 -102.32 -10.84
N GLY A 1761 4.00 -102.50 -12.05
CA GLY A 1761 4.74 -103.22 -13.06
C GLY A 1761 5.90 -102.40 -13.58
N LEU A 1762 6.81 -103.09 -14.26
CA LEU A 1762 8.02 -102.46 -14.79
C LEU A 1762 7.62 -101.51 -15.93
N PRO A 1763 7.96 -100.23 -15.85
CA PRO A 1763 7.57 -99.28 -16.90
C PRO A 1763 8.21 -99.63 -18.24
N GLY A 1764 7.43 -99.46 -19.30
CA GLY A 1764 7.87 -99.81 -20.63
C GLY A 1764 7.88 -101.29 -20.94
N VAL A 1765 7.51 -102.13 -19.98
CA VAL A 1765 7.50 -103.58 -20.16
C VAL A 1765 6.05 -104.03 -20.29
N GLY A 1766 5.77 -104.74 -21.37
CA GLY A 1766 4.44 -105.21 -21.66
C GLY A 1766 4.12 -104.96 -23.12
N VAL A 1767 2.84 -105.01 -23.44
CA VAL A 1767 2.38 -104.81 -24.79
C VAL A 1767 1.78 -103.41 -24.91
N THR A 1768 2.14 -102.70 -25.97
CA THR A 1768 1.59 -101.39 -26.27
C THR A 1768 0.84 -101.48 -27.58
N THR A 1769 -0.40 -101.05 -27.59
CA THR A 1769 -1.24 -101.16 -28.77
C THR A 1769 -1.45 -99.82 -29.47
N SER A 1770 -1.03 -98.72 -28.83
CA SER A 1770 -1.14 -97.38 -29.41
C SER A 1770 -0.45 -97.31 -30.76
N LEU A 1771 -1.14 -96.74 -31.75
CA LEU A 1771 -0.66 -96.78 -33.11
C LEU A 1771 0.52 -95.84 -33.32
N ARG A 1772 1.60 -96.40 -33.84
CA ARG A 1772 2.80 -95.65 -34.19
C ARG A 1772 3.22 -96.16 -35.57
N PRO A 1773 3.41 -95.27 -36.54
CA PRO A 1773 3.80 -95.70 -37.89
C PRO A 1773 5.18 -96.34 -37.88
N PRO A 1774 5.38 -97.39 -38.68
CA PRO A 1774 6.69 -98.05 -38.70
C PRO A 1774 7.74 -97.18 -39.36
N HIS A 1775 9.00 -97.41 -38.96
CA HIS A 1775 10.12 -96.69 -39.55
C HIS A 1775 10.34 -97.15 -40.98
N HIS A 1776 10.98 -96.28 -41.75
CA HIS A 1776 11.26 -96.53 -43.17
C HIS A 1776 12.74 -96.26 -43.42
N PHE A 1777 13.54 -97.32 -43.47
CA PHE A 1777 14.96 -97.21 -43.74
C PHE A 1777 15.25 -97.68 -45.16
N SER A 1778 16.51 -97.49 -45.57
CA SER A 1778 16.97 -97.92 -46.87
C SER A 1778 18.44 -98.29 -46.80
N PRO A 1779 18.84 -99.43 -47.37
CA PRO A 1779 20.24 -99.82 -47.39
C PRO A 1779 21.04 -98.88 -48.28
N PRO A 1780 22.02 -98.17 -47.73
CA PRO A 1780 22.76 -97.17 -48.53
C PRO A 1780 23.69 -97.81 -49.55
N CYS A 1781 23.38 -97.64 -50.83
CA CYS A 1781 24.21 -98.13 -51.92
C CYS A 1781 24.45 -96.99 -52.90
N PHE A 1782 25.72 -96.69 -53.17
CA PHE A 1782 26.09 -95.56 -54.01
C PHE A 1782 26.31 -95.93 -55.46
N VAL A 1783 26.27 -97.21 -55.81
CA VAL A 1783 26.49 -97.64 -57.19
C VAL A 1783 25.21 -98.10 -57.85
N ALA A 1784 24.08 -98.08 -57.14
CA ALA A 1784 22.81 -98.38 -57.76
C ALA A 1784 22.47 -97.32 -58.79
N ALA A 1785 21.69 -97.74 -59.79
CA ALA A 1785 21.33 -96.86 -60.91
C ALA A 1785 20.57 -95.64 -60.44
N LEU A 1786 20.95 -94.47 -60.97
CA LEU A 1786 20.28 -93.22 -60.66
C LEU A 1786 18.83 -93.26 -61.15
N PRO A 1787 17.91 -92.60 -60.44
CA PRO A 1787 16.49 -92.61 -60.87
C PRO A 1787 16.31 -92.02 -62.26
N ALA A 1788 15.49 -92.69 -63.06
CA ALA A 1788 15.25 -92.25 -64.43
C ALA A 1788 14.34 -91.02 -64.47
N ALA A 1789 13.49 -90.86 -63.45
CA ALA A 1789 12.57 -89.74 -63.42
C ALA A 1789 13.33 -88.43 -63.15
N GLY A 1790 12.64 -87.32 -63.40
CA GLY A 1790 13.22 -86.01 -63.23
C GLY A 1790 13.32 -85.60 -61.76
N VAL A 1791 13.85 -84.39 -61.56
CA VAL A 1791 14.03 -83.85 -60.22
C VAL A 1791 12.66 -83.58 -59.58
N ALA A 1792 12.61 -83.80 -58.25
CA ALA A 1792 11.41 -83.58 -57.41
C ALA A 1792 10.21 -84.38 -57.88
N GLU A 1793 10.47 -85.60 -58.38
CA GLU A 1793 9.40 -86.49 -58.79
C GLU A 1793 9.58 -87.85 -58.13
N ALA A 1794 10.81 -88.21 -57.82
CA ALA A 1794 11.09 -89.46 -57.13
C ALA A 1794 10.61 -89.38 -55.68
N PRO A 1795 10.25 -90.51 -55.07
CA PRO A 1795 9.86 -90.49 -53.65
C PRO A 1795 11.02 -90.10 -52.74
N ALA A 1796 10.66 -89.56 -51.58
CA ALA A 1796 11.61 -89.02 -50.62
C ALA A 1796 12.62 -90.07 -50.18
N ARG A 1797 13.88 -89.67 -50.12
CA ARG A 1797 14.93 -90.56 -49.65
C ARG A 1797 14.70 -90.90 -48.18
N LEU A 1798 14.89 -92.16 -47.84
CA LEU A 1798 14.67 -92.62 -46.48
C LEU A 1798 15.98 -92.56 -45.69
N SER A 1799 15.86 -92.81 -44.39
CA SER A 1799 17.04 -92.85 -43.54
C SER A 1799 17.92 -94.04 -43.93
N PRO A 1800 19.24 -93.85 -44.01
CA PRO A 1800 20.16 -94.96 -44.29
C PRO A 1800 20.05 -96.06 -43.24
N ALA A 1801 20.12 -97.30 -43.70
CA ALA A 1801 19.91 -98.41 -42.79
C ALA A 1801 21.18 -98.69 -41.98
N ILE A 1802 20.99 -99.36 -40.85
CA ILE A 1802 22.06 -99.79 -39.96
C ILE A 1802 21.51 -100.92 -39.10
N PRO A 1803 22.27 -102.02 -38.86
CA PRO A 1803 21.74 -103.12 -38.03
C PRO A 1803 21.38 -102.70 -36.61
N LEU A 1804 20.08 -102.74 -36.31
CA LEU A 1804 19.62 -102.26 -35.03
C LEU A 1804 19.50 -103.36 -33.99
N GLU A 1805 19.32 -104.61 -34.42
CA GLU A 1805 19.30 -105.73 -33.49
C GLU A 1805 20.66 -105.90 -32.84
N ALA A 1806 21.74 -105.76 -33.60
CA ALA A 1806 23.08 -105.79 -33.03
C ALA A 1806 23.42 -104.46 -32.38
N LEU A 1807 22.93 -103.35 -32.93
CA LEU A 1807 23.24 -102.03 -32.39
C LEU A 1807 22.71 -101.87 -30.97
N ARG A 1808 21.48 -102.34 -30.71
CA ARG A 1808 20.91 -102.27 -29.36
C ARG A 1808 21.70 -103.12 -28.37
N ASP A 1809 22.17 -104.30 -28.79
CA ASP A 1809 22.98 -105.15 -27.92
C ASP A 1809 24.31 -104.51 -27.59
N LYS A 1810 24.93 -103.87 -28.60
CA LYS A 1810 26.15 -103.10 -28.37
C LYS A 1810 25.90 -101.95 -27.41
N ALA A 1811 24.78 -101.23 -27.61
CA ALA A 1811 24.44 -100.09 -26.76
C ALA A 1811 24.24 -100.53 -25.32
N LEU A 1812 23.63 -101.71 -25.11
CA LEU A 1812 23.52 -102.25 -23.77
C LEU A 1812 24.90 -102.57 -23.21
N ARG A 1813 25.80 -103.01 -24.09
CA ARG A 1813 27.07 -103.56 -23.62
C ARG A 1813 27.98 -102.46 -23.10
N MET A 1814 28.13 -101.37 -23.86
CA MET A 1814 28.98 -100.28 -23.35
C MET A 1814 28.37 -99.62 -22.13
N LEU A 1815 27.04 -99.52 -22.07
CA LEU A 1815 26.37 -98.97 -20.90
C LEU A 1815 26.65 -99.81 -19.65
N GLY A 1816 26.62 -101.15 -19.78
CA GLY A 1816 27.01 -102.01 -18.67
C GLY A 1816 28.47 -101.84 -18.27
N GLU A 1817 29.35 -101.71 -19.27
CA GLU A 1817 30.76 -101.48 -19.01
C GLU A 1817 30.95 -100.15 -18.28
N ALA A 1818 30.24 -99.11 -18.72
CA ALA A 1818 30.38 -97.79 -18.14
C ALA A 1818 29.90 -97.78 -16.69
N VAL A 1819 28.81 -98.51 -16.40
CA VAL A 1819 28.30 -98.59 -15.03
C VAL A 1819 29.32 -99.26 -14.12
N ARG A 1820 29.89 -100.39 -14.58
CA ARG A 1820 30.92 -101.06 -13.80
C ARG A 1820 32.16 -100.20 -13.64
N ASP A 1821 32.59 -99.55 -14.72
CA ASP A 1821 33.81 -98.74 -14.68
C ASP A 1821 33.62 -97.55 -13.76
N GLY A 1822 32.44 -96.94 -13.79
CA GLY A 1822 32.16 -95.83 -12.91
C GLY A 1822 32.21 -96.26 -11.47
N GLY A 1823 31.75 -97.49 -11.20
CA GLY A 1823 31.84 -98.01 -9.84
C GLY A 1823 33.27 -98.24 -9.39
N GLN A 1824 34.16 -98.62 -10.34
CA GLN A 1824 35.56 -98.85 -9.96
C GLN A 1824 36.33 -97.60 -9.58
N HIS A 1825 35.80 -96.40 -9.87
CA HIS A 1825 36.43 -95.10 -9.59
C HIS A 1825 37.82 -95.00 -10.21
N ALA A 1826 37.95 -95.46 -11.44
CA ALA A 1826 39.21 -95.44 -12.16
C ALA A 1826 39.69 -94.01 -12.40
N ARG A 1827 41.01 -93.81 -12.30
CA ARG A 1827 41.59 -92.48 -12.47
C ARG A 1827 41.62 -92.02 -13.91
N ASP A 1828 41.41 -92.91 -14.87
CA ASP A 1828 41.39 -92.55 -16.29
C ASP A 1828 40.10 -93.09 -16.88
N PRO A 1829 39.02 -92.32 -16.81
CA PRO A 1829 37.76 -92.76 -17.42
C PRO A 1829 37.85 -92.72 -18.93
N VAL A 1830 36.98 -93.51 -19.57
CA VAL A 1830 36.95 -93.61 -21.03
C VAL A 1830 36.61 -92.26 -21.64
N GLY A 1831 37.37 -91.87 -22.66
CA GLY A 1831 37.16 -90.62 -23.34
C GLY A 1831 37.84 -89.43 -22.70
N GLY A 1832 38.44 -89.61 -21.53
CA GLY A 1832 39.15 -88.56 -20.84
C GLY A 1832 38.40 -87.93 -19.68
N SER A 1833 37.09 -88.14 -19.59
CA SER A 1833 36.31 -87.58 -18.50
C SER A 1833 35.04 -88.41 -18.30
N VAL A 1834 34.42 -88.21 -17.13
CA VAL A 1834 33.18 -88.91 -16.80
C VAL A 1834 32.08 -88.48 -17.75
N GLU A 1835 32.02 -87.17 -18.05
CA GLU A 1835 30.99 -86.64 -18.94
C GLU A 1835 31.12 -87.26 -20.33
N PHE A 1836 32.35 -87.31 -20.85
CA PHE A 1836 32.55 -87.88 -22.17
C PHE A 1836 32.43 -89.40 -22.15
N GLN A 1837 32.41 -90.02 -20.97
CA GLN A 1837 32.21 -91.46 -20.88
C GLN A 1837 30.73 -91.80 -20.88
N PHE A 1838 29.92 -91.00 -20.20
CA PHE A 1838 28.50 -91.33 -20.03
C PHE A 1838 27.54 -90.62 -20.97
N VAL A 1839 27.77 -89.34 -21.29
CA VAL A 1839 26.81 -88.58 -22.10
C VAL A 1839 26.58 -89.16 -23.50
N PRO A 1840 27.62 -89.45 -24.32
CA PRO A 1840 27.31 -90.05 -25.64
C PRO A 1840 26.60 -91.39 -25.60
N VAL A 1841 26.97 -92.24 -24.64
CA VAL A 1841 26.31 -93.54 -24.49
C VAL A 1841 24.86 -93.35 -24.09
N LEU A 1842 24.60 -92.43 -23.15
CA LEU A 1842 23.23 -92.22 -22.69
C LEU A 1842 22.39 -91.57 -23.79
N LYS A 1843 23.03 -90.78 -24.66
CA LYS A 1843 22.33 -90.23 -25.81
C LYS A 1843 21.89 -91.33 -26.76
N LEU A 1844 22.77 -92.30 -26.98
CA LEU A 1844 22.43 -93.39 -27.90
C LEU A 1844 21.36 -94.29 -27.30
N VAL A 1845 21.42 -94.53 -25.99
CA VAL A 1845 20.39 -95.33 -25.32
C VAL A 1845 19.05 -94.62 -25.37
N SER A 1846 19.05 -93.29 -25.12
CA SER A 1846 17.82 -92.53 -25.14
C SER A 1846 17.17 -92.53 -26.51
N THR A 1847 17.99 -92.35 -27.57
CA THR A 1847 17.45 -92.33 -28.93
C THR A 1847 16.87 -93.70 -29.31
N LEU A 1848 17.57 -94.79 -28.95
CA LEU A 1848 17.03 -96.11 -29.23
C LEU A 1848 15.76 -96.38 -28.43
N LEU A 1849 15.70 -95.89 -27.18
CA LEU A 1849 14.52 -96.08 -26.37
C LEU A 1849 13.32 -95.37 -26.97
N VAL A 1850 13.54 -94.14 -27.44
CA VAL A 1850 12.45 -93.37 -28.07
C VAL A 1850 11.98 -94.08 -29.32
N MET A 1851 12.91 -94.57 -30.13
CA MET A 1851 12.54 -95.31 -31.33
C MET A 1851 11.94 -96.68 -31.03
N GLY A 1852 12.01 -97.15 -29.78
CA GLY A 1852 11.48 -98.44 -29.39
C GLY A 1852 12.21 -99.62 -30.00
N ILE A 1853 13.53 -99.51 -30.16
CA ILE A 1853 14.32 -100.63 -30.66
C ILE A 1853 14.42 -101.72 -29.59
N PHE A 1854 14.59 -101.32 -28.33
CA PHE A 1854 14.81 -102.25 -27.24
C PHE A 1854 13.57 -103.10 -26.97
N GLY A 1855 13.78 -104.39 -26.72
CA GLY A 1855 12.72 -105.29 -26.33
C GLY A 1855 12.46 -105.21 -24.84
N ASP A 1856 11.52 -106.03 -24.38
CA ASP A 1856 11.15 -106.06 -22.96
C ASP A 1856 12.31 -106.50 -22.08
N GLU A 1857 13.07 -107.52 -22.51
CA GLU A 1857 14.23 -107.97 -21.75
C GLU A 1857 15.29 -106.88 -21.69
N ASP A 1858 15.49 -106.18 -22.81
CA ASP A 1858 16.47 -105.11 -22.87
C ASP A 1858 16.06 -103.99 -21.93
N VAL A 1859 14.76 -103.67 -21.89
CA VAL A 1859 14.27 -102.63 -21.00
C VAL A 1859 14.51 -103.04 -19.55
N LYS A 1860 14.26 -104.32 -19.24
CA LYS A 1860 14.53 -104.84 -17.89
C LYS A 1860 16.00 -104.68 -17.51
N GLN A 1861 16.88 -104.83 -18.49
CA GLN A 1861 18.30 -104.60 -18.26
C GLN A 1861 18.56 -103.13 -17.96
N ILE A 1862 18.04 -102.23 -18.80
CA ILE A 1862 18.29 -100.80 -18.62
C ILE A 1862 17.78 -100.34 -17.26
N LEU A 1863 16.60 -100.85 -16.85
CA LEU A 1863 16.10 -100.57 -15.51
C LEU A 1863 16.99 -101.17 -14.43
N LYS A 1864 17.73 -102.24 -14.75
CA LYS A 1864 18.63 -102.79 -13.76
C LYS A 1864 19.85 -101.90 -13.59
N MET A 1865 20.43 -101.42 -14.70
CA MET A 1865 21.57 -100.51 -14.57
C MET A 1865 21.15 -99.17 -13.95
N ILE A 1866 19.93 -98.72 -14.20
CA ILE A 1866 19.46 -97.48 -13.59
C ILE A 1866 19.26 -97.66 -12.09
N GLU A 1867 18.59 -98.75 -11.70
CA GLU A 1867 18.40 -99.04 -10.28
C GLU A 1867 18.17 -100.53 -10.07
N PRO A 1868 19.20 -101.27 -9.66
CA PRO A 1868 19.08 -102.73 -9.56
C PRO A 1868 18.36 -103.22 -8.32
N GLU A 1869 17.93 -102.34 -7.42
CA GLU A 1869 17.24 -102.79 -6.21
C GLU A 1869 15.75 -102.52 -6.23
N VAL A 1870 15.33 -101.29 -6.56
CA VAL A 1870 13.91 -100.93 -6.53
C VAL A 1870 13.15 -101.66 -7.63
N PHE A 1871 13.75 -101.73 -8.83
CA PHE A 1871 13.09 -102.24 -10.01
C PHE A 1871 13.26 -103.74 -10.19
N THR A 1872 13.53 -104.48 -9.12
CA THR A 1872 13.54 -105.93 -9.20
C THR A 1872 12.12 -106.46 -9.41
N GLU A 1873 12.04 -107.61 -10.09
CA GLU A 1873 10.76 -108.23 -10.40
C GLU A 1873 10.60 -109.50 -9.57
N GLU A 1874 9.43 -109.62 -8.92
CA GLU A 1874 9.07 -110.76 -8.08
C GLU A 1874 7.60 -110.67 -7.69
N LEU A 1922 30.66 -103.54 -9.56
CA LEU A 1922 29.75 -103.28 -8.44
C LEU A 1922 28.32 -103.04 -8.93
N GLU A 1923 27.35 -103.65 -8.26
CA GLU A 1923 25.95 -103.54 -8.65
C GLU A 1923 25.31 -102.27 -8.08
N GLU A 1924 25.95 -101.13 -8.30
CA GLU A 1924 25.44 -99.83 -7.87
C GLU A 1924 24.79 -99.14 -9.05
N GLY A 1925 23.58 -98.62 -8.84
CA GLY A 1925 22.84 -98.02 -9.93
C GLY A 1925 23.42 -96.69 -10.36
N LEU A 1926 23.00 -96.25 -11.55
CA LEU A 1926 23.45 -94.98 -12.11
C LEU A 1926 23.05 -93.79 -11.26
N LEU A 1927 21.97 -93.92 -10.49
CA LEU A 1927 21.46 -92.82 -9.69
C LEU A 1927 22.26 -92.58 -8.41
N GLN A 1928 23.21 -93.46 -8.09
CA GLN A 1928 23.99 -93.35 -6.85
C GLN A 1928 25.48 -93.29 -7.14
N MET A 1929 25.89 -92.56 -8.18
CA MET A 1929 27.27 -92.56 -8.59
C MET A 1929 27.93 -91.19 -8.61
N LYS A 1930 27.22 -90.13 -8.19
CA LYS A 1930 27.71 -88.75 -8.14
C LYS A 1930 28.20 -88.32 -9.54
N LEU A 1931 27.27 -88.25 -10.38
CA LEU A 1931 27.51 -87.92 -11.78
C LEU A 1931 27.41 -86.41 -12.02
N PRO A 1932 28.13 -85.89 -13.01
CA PRO A 1932 28.06 -84.45 -13.29
C PRO A 1932 26.72 -84.04 -13.88
N GLU A 1933 26.57 -82.72 -14.04
CA GLU A 1933 25.30 -82.13 -14.48
C GLU A 1933 24.91 -82.58 -15.89
N SER A 1934 25.87 -82.64 -16.80
CA SER A 1934 25.59 -83.00 -18.20
C SER A 1934 25.03 -84.41 -18.31
N VAL A 1935 25.56 -85.35 -17.52
CA VAL A 1935 25.04 -86.71 -17.48
C VAL A 1935 23.64 -86.74 -16.89
N LYS A 1936 23.40 -85.88 -15.89
CA LYS A 1936 22.10 -85.81 -15.23
C LYS A 1936 20.98 -85.45 -16.19
N LEU A 1937 21.28 -84.60 -17.18
CA LEU A 1937 20.28 -84.23 -18.18
C LEU A 1937 19.84 -85.45 -19.00
N GLN A 1938 20.80 -86.29 -19.40
CA GLN A 1938 20.47 -87.49 -20.15
C GLN A 1938 19.71 -88.47 -19.29
N MET A 1939 20.01 -88.51 -17.98
CA MET A 1939 19.27 -89.36 -17.07
C MET A 1939 17.82 -88.90 -16.98
N CYS A 1940 17.62 -87.58 -16.97
CA CYS A 1940 16.28 -87.02 -16.95
C CYS A 1940 15.53 -87.38 -18.24
N ASN A 1941 16.23 -87.38 -19.38
CA ASN A 1941 15.60 -87.78 -20.64
C ASN A 1941 15.17 -89.23 -20.61
N LEU A 1942 15.99 -90.09 -19.99
CA LEU A 1942 15.63 -91.50 -19.86
C LEU A 1942 14.39 -91.66 -19.00
N LEU A 1943 14.38 -90.98 -17.85
CA LEU A 1943 13.25 -91.14 -16.94
C LEU A 1943 11.97 -90.56 -17.52
N GLU A 1944 12.07 -89.41 -18.21
CA GLU A 1944 10.85 -88.85 -18.80
C GLU A 1944 10.32 -89.76 -19.89
N TYR A 1945 11.20 -90.52 -20.55
CA TYR A 1945 10.73 -91.53 -21.49
C TYR A 1945 9.94 -92.62 -20.75
N PHE A 1946 10.48 -93.09 -19.62
CA PHE A 1946 9.75 -94.11 -18.86
C PHE A 1946 8.45 -93.58 -18.29
N CYS A 1947 8.42 -92.29 -17.92
CA CYS A 1947 7.18 -91.66 -17.46
C CYS A 1947 6.15 -91.63 -18.58
N ASP A 1948 6.59 -91.36 -19.81
CA ASP A 1948 5.69 -91.42 -20.96
C ASP A 1948 5.17 -92.83 -21.17
N GLN A 1949 6.03 -93.84 -20.98
CA GLN A 1949 5.59 -95.23 -21.10
C GLN A 1949 4.53 -95.57 -20.04
N GLU A 1950 4.72 -95.09 -18.81
CA GLU A 1950 3.72 -95.27 -17.76
C GLU A 1950 2.40 -94.58 -18.12
N LEU A 1951 2.50 -93.37 -18.68
CA LEU A 1951 1.31 -92.64 -19.11
C LEU A 1951 0.56 -93.40 -20.20
N GLN A 1952 1.28 -93.84 -21.24
CA GLN A 1952 0.67 -94.58 -22.32
C GLN A 1952 0.08 -95.90 -21.83
N HIS A 1953 0.71 -96.52 -20.83
CA HIS A 1953 0.13 -97.71 -20.20
C HIS A 1953 -1.18 -97.38 -19.51
N ARG A 1954 -1.25 -96.22 -18.85
CA ARG A 1954 -2.50 -95.80 -18.21
C ARG A 1954 -3.58 -95.54 -19.24
N VAL A 1955 -3.24 -94.86 -20.33
CA VAL A 1955 -4.20 -94.52 -21.38
C VAL A 1955 -4.74 -95.79 -22.03
N GLU A 1956 -3.85 -96.72 -22.37
CA GLU A 1956 -4.27 -97.98 -22.97
C GLU A 1956 -5.11 -98.81 -22.01
N SER A 1957 -4.75 -98.82 -20.73
CA SER A 1957 -5.54 -99.53 -19.72
C SER A 1957 -6.95 -98.95 -19.61
N LEU A 1958 -7.06 -97.62 -19.61
CA LEU A 1958 -8.37 -96.97 -19.58
C LEU A 1958 -9.16 -97.27 -20.85
N ALA A 1959 -8.51 -97.25 -22.01
CA ALA A 1959 -9.19 -97.57 -23.27
C ALA A 1959 -9.68 -99.02 -23.28
N ALA A 1960 -8.86 -99.93 -22.75
CA ALA A 1960 -9.30 -101.31 -22.63
C ALA A 1960 -10.47 -101.45 -21.68
N PHE A 1961 -10.47 -100.66 -20.60
CA PHE A 1961 -11.60 -100.69 -19.67
C PHE A 1961 -12.85 -100.18 -20.37
N ALA A 1962 -12.70 -99.18 -21.24
CA ALA A 1962 -13.81 -98.67 -22.02
C ALA A 1962 -14.38 -99.75 -22.93
N GLU A 1963 -13.49 -100.52 -23.57
CA GLU A 1963 -13.92 -101.62 -24.43
C GLU A 1963 -14.65 -102.70 -23.63
N ARG A 1964 -14.17 -103.02 -22.43
CA ARG A 1964 -14.82 -104.02 -21.59
C ARG A 1964 -16.10 -103.51 -20.93
N TYR A 1965 -16.26 -102.20 -20.80
CA TYR A 1965 -17.38 -101.60 -20.10
C TYR A 1965 -18.54 -101.22 -21.01
N VAL A 1966 -18.24 -100.71 -22.21
CA VAL A 1966 -19.28 -100.30 -23.16
C VAL A 1966 -20.15 -101.48 -23.56
N ASP A 1967 -19.55 -102.66 -23.73
CA ASP A 1967 -20.30 -103.86 -24.11
C ASP A 1967 -21.34 -104.25 -23.05
N LYS A 1968 -20.94 -104.25 -21.77
CA LYS A 1968 -21.88 -104.51 -20.68
C LYS A 1968 -22.93 -103.41 -20.57
N LEU A 1969 -22.52 -102.15 -20.72
CA LEU A 1969 -23.47 -101.05 -20.58
C LEU A 1969 -24.48 -101.05 -21.73
N GLN A 1970 -24.04 -101.39 -22.94
CA GLN A 1970 -24.92 -101.52 -24.09
C GLN A 1970 -25.89 -102.67 -23.89
N ALA A 1971 -25.41 -103.79 -23.35
CA ALA A 1971 -26.26 -104.96 -23.12
C ALA A 1971 -27.33 -104.64 -22.08
N ASN A 1972 -26.94 -104.01 -20.97
CA ASN A 1972 -27.89 -103.65 -19.93
C ASN A 1972 -28.91 -102.63 -20.42
N GLN A 1973 -28.46 -101.63 -21.19
CA GLN A 1973 -29.37 -100.62 -21.72
C GLN A 1973 -30.30 -101.18 -22.79
N ARG A 1974 -29.84 -102.21 -23.52
CA ARG A 1974 -30.72 -102.87 -24.47
C ARG A 1974 -31.76 -103.72 -23.75
N SER A 1975 -31.35 -104.43 -22.69
CA SER A 1975 -32.31 -105.24 -21.93
C SER A 1975 -33.34 -104.34 -21.26
N ARG A 1976 -32.87 -103.20 -20.70
CA ARG A 1976 -33.78 -102.25 -20.08
C ARG A 1976 -34.71 -101.60 -21.09
N TYR A 1977 -34.34 -101.61 -22.38
CA TYR A 1977 -35.26 -101.08 -23.39
C TYR A 1977 -36.47 -101.98 -23.53
N ALA A 1978 -36.22 -103.29 -23.62
CA ALA A 1978 -37.30 -104.28 -23.72
C ALA A 1978 -38.16 -104.27 -22.46
N LEU A 1979 -37.51 -104.18 -21.28
CA LEU A 1979 -38.27 -104.10 -20.04
C LEU A 1979 -39.10 -102.81 -19.97
N LEU A 1980 -38.60 -101.72 -20.57
CA LEU A 1980 -39.40 -100.50 -20.62
C LEU A 1980 -40.58 -100.66 -21.57
N MET A 1981 -40.39 -101.44 -22.64
CA MET A 1981 -41.49 -101.70 -23.56
C MET A 1981 -42.59 -102.51 -22.88
N ARG A 1982 -42.21 -103.50 -22.08
CA ARG A 1982 -43.22 -104.29 -21.38
C ARG A 1982 -43.72 -103.64 -20.10
N ALA A 1983 -43.13 -102.53 -19.66
CA ALA A 1983 -43.61 -101.87 -18.45
C ALA A 1983 -44.95 -101.15 -18.63
N PHE A 1984 -45.42 -101.02 -19.90
CA PHE A 1984 -46.70 -100.38 -20.17
C PHE A 1984 -47.87 -101.17 -19.59
N THR A 1985 -47.66 -102.45 -19.28
CA THR A 1985 -48.71 -103.28 -18.72
C THR A 1985 -48.84 -103.08 -17.21
N MET A 1986 -47.83 -102.46 -16.60
CA MET A 1986 -47.81 -102.24 -15.16
C MET A 1986 -47.34 -100.83 -14.85
N SER A 1987 -47.72 -99.86 -15.66
CA SER A 1987 -47.31 -98.48 -15.45
C SER A 1987 -48.49 -97.57 -15.79
N ALA A 1988 -48.21 -96.29 -15.91
CA ALA A 1988 -49.22 -95.28 -16.21
C ALA A 1988 -48.54 -94.19 -17.06
N ALA A 1989 -49.13 -92.99 -17.09
CA ALA A 1989 -48.62 -91.87 -17.90
C ALA A 1989 -47.21 -91.40 -17.54
N GLU A 1990 -46.62 -91.89 -16.45
CA GLU A 1990 -45.28 -91.51 -15.99
C GLU A 1990 -44.15 -92.23 -16.74
N THR A 1991 -44.43 -92.85 -17.90
CA THR A 1991 -43.38 -93.49 -18.69
C THR A 1991 -42.33 -92.52 -19.17
N ALA A 1992 -42.69 -91.25 -19.35
CA ALA A 1992 -41.82 -90.25 -19.99
C ALA A 1992 -40.52 -90.04 -19.21
N ARG A 1993 -40.59 -90.08 -17.88
CA ARG A 1993 -39.40 -89.83 -17.06
C ARG A 1993 -38.35 -90.91 -17.29
N ARG A 1994 -38.76 -92.17 -17.29
CA ARG A 1994 -37.79 -93.26 -17.48
C ARG A 1994 -37.39 -93.43 -18.95
N THR A 1995 -38.27 -93.11 -19.90
CA THR A 1995 -37.91 -93.25 -21.30
C THR A 1995 -37.30 -91.99 -21.89
N ARG A 1996 -37.16 -90.91 -21.10
CA ARG A 1996 -36.43 -89.75 -21.56
C ARG A 1996 -34.97 -90.10 -21.84
N GLU A 1997 -34.44 -91.11 -21.14
CA GLU A 1997 -33.08 -91.58 -21.41
C GLU A 1997 -32.97 -92.12 -22.82
N PHE A 1998 -33.95 -92.91 -23.26
CA PHE A 1998 -33.90 -93.45 -24.61
C PHE A 1998 -34.38 -92.46 -25.66
N ARG A 1999 -35.11 -91.42 -25.26
CA ARG A 1999 -35.41 -90.33 -26.18
C ARG A 1999 -34.30 -89.28 -26.21
N SER A 2000 -33.27 -89.46 -25.42
CA SER A 2000 -32.13 -88.58 -25.42
C SER A 2000 -30.96 -89.28 -26.10
N PRO A 2001 -30.26 -88.59 -27.02
CA PRO A 2001 -29.11 -89.19 -27.72
C PRO A 2001 -28.02 -89.63 -26.76
N PRO A 2002 -27.13 -90.57 -27.15
CA PRO A 2002 -26.28 -91.26 -26.16
C PRO A 2002 -25.28 -90.40 -25.40
N GLN A 2003 -24.97 -89.19 -25.89
CA GLN A 2003 -23.97 -88.35 -25.25
C GLN A 2003 -24.40 -87.97 -23.83
N GLU A 2004 -25.66 -87.57 -23.64
CA GLU A 2004 -26.09 -87.27 -22.30
C GLU A 2004 -26.63 -88.50 -21.58
N GLN A 2005 -26.82 -89.60 -22.32
CA GLN A 2005 -27.20 -90.86 -21.69
C GLN A 2005 -26.07 -91.38 -20.82
N ILE A 2006 -24.86 -91.44 -21.37
CA ILE A 2006 -23.73 -91.89 -20.55
C ILE A 2006 -23.45 -90.92 -19.39
N ASN A 2007 -23.71 -89.63 -19.58
CA ASN A 2007 -23.61 -88.68 -18.48
C ASN A 2007 -24.54 -89.02 -17.33
N MET A 2008 -25.78 -89.40 -17.66
CA MET A 2008 -26.70 -89.83 -16.62
C MET A 2008 -26.35 -91.21 -16.08
N LEU A 2009 -25.94 -92.12 -16.95
CA LEU A 2009 -25.61 -93.48 -16.54
C LEU A 2009 -24.42 -93.51 -15.59
N LEU A 2010 -23.38 -92.74 -15.90
CA LEU A 2010 -22.18 -92.67 -15.07
C LEU A 2010 -22.31 -91.65 -13.97
N HIS A 2011 -23.44 -90.94 -13.88
CA HIS A 2011 -23.63 -89.89 -12.87
C HIS A 2011 -24.02 -90.52 -11.54
N PHE A 2012 -23.07 -91.26 -10.96
CA PHE A 2012 -23.26 -91.84 -9.62
C PHE A 2012 -22.00 -91.80 -8.79
N LYS A 2013 -21.14 -90.80 -9.02
CA LYS A 2013 -19.83 -90.77 -8.34
C LYS A 2013 -19.96 -90.47 -6.85
N ASP A 2014 -20.75 -89.47 -6.49
CA ASP A 2014 -20.79 -88.98 -5.12
C ASP A 2014 -21.90 -89.62 -4.29
N GLU A 2015 -22.54 -90.67 -4.82
CA GLU A 2015 -23.59 -91.48 -4.16
C GLU A 2015 -24.86 -90.73 -3.77
N ALA A 2016 -24.95 -89.43 -4.08
CA ALA A 2016 -26.14 -88.64 -3.82
C ALA A 2016 -27.05 -88.57 -5.04
N ASP A 2017 -26.72 -89.31 -6.10
CA ASP A 2017 -27.43 -89.25 -7.36
C ASP A 2017 -27.65 -90.65 -7.93
N GLU A 2018 -28.07 -91.59 -7.08
CA GLU A 2018 -28.30 -92.96 -7.49
C GLU A 2018 -29.72 -93.22 -7.98
N GLU A 2019 -30.61 -92.23 -7.83
CA GLU A 2019 -32.02 -92.45 -8.18
C GLU A 2019 -32.23 -92.46 -9.69
N ASP A 2020 -31.57 -91.56 -10.42
CA ASP A 2020 -31.79 -91.49 -11.86
C ASP A 2020 -31.07 -92.60 -12.61
N CYS A 2021 -29.92 -93.03 -12.11
CA CYS A 2021 -29.09 -94.04 -12.78
C CYS A 2021 -29.73 -95.41 -12.73
N PRO A 2022 -30.00 -96.04 -13.88
CA PRO A 2022 -30.55 -97.40 -13.89
C PRO A 2022 -29.53 -98.52 -13.94
N LEU A 2023 -28.25 -98.23 -13.81
CA LEU A 2023 -27.23 -99.29 -13.86
C LEU A 2023 -27.24 -100.12 -12.59
N PRO A 2024 -27.27 -101.44 -12.69
CA PRO A 2024 -27.24 -102.29 -11.50
C PRO A 2024 -25.92 -102.15 -10.72
N GLU A 2025 -25.96 -102.67 -9.50
CA GLU A 2025 -24.86 -102.48 -8.55
C GLU A 2025 -23.57 -103.15 -9.00
N ASP A 2026 -23.64 -104.22 -9.80
CA ASP A 2026 -22.43 -104.85 -10.29
C ASP A 2026 -21.68 -103.95 -11.28
N ILE A 2027 -22.41 -103.29 -12.18
CA ILE A 2027 -21.82 -102.34 -13.11
C ILE A 2027 -21.30 -101.11 -12.37
N ARG A 2028 -22.08 -100.63 -11.39
CA ARG A 2028 -21.67 -99.49 -10.58
C ARG A 2028 -20.40 -99.81 -9.80
N GLN A 2029 -20.33 -101.03 -9.24
CA GLN A 2029 -19.16 -101.47 -8.49
C GLN A 2029 -17.97 -101.58 -9.42
N ASP A 2030 -18.21 -102.01 -10.66
CA ASP A 2030 -17.13 -102.19 -11.63
C ASP A 2030 -16.43 -100.86 -11.90
N LEU A 2031 -17.23 -99.82 -12.18
CA LEU A 2031 -16.65 -98.49 -12.40
C LEU A 2031 -15.98 -97.95 -11.13
N GLN A 2032 -16.61 -98.11 -9.97
CA GLN A 2032 -15.99 -97.68 -8.72
C GLN A 2032 -14.72 -98.47 -8.40
N ASP A 2033 -14.64 -99.71 -8.87
CA ASP A 2033 -13.44 -100.53 -8.72
C ASP A 2033 -12.31 -99.98 -9.58
N PHE A 2034 -12.62 -99.66 -10.85
CA PHE A 2034 -11.55 -99.15 -11.70
C PHE A 2034 -11.17 -97.72 -11.37
N HIS A 2035 -12.04 -97.00 -10.66
CA HIS A 2035 -11.71 -95.65 -10.27
C HIS A 2035 -10.82 -95.65 -9.03
N GLN A 2036 -10.65 -96.78 -8.37
CA GLN A 2036 -9.81 -96.84 -7.19
C GLN A 2036 -8.41 -97.34 -7.53
N ASP A 2037 -8.31 -98.41 -8.33
CA ASP A 2037 -6.98 -98.85 -8.73
C ASP A 2037 -6.31 -97.86 -9.66
N LEU A 2038 -7.09 -97.09 -10.47
CA LEU A 2038 -6.46 -96.04 -11.28
C LEU A 2038 -5.79 -94.97 -10.40
N LEU A 2039 -6.48 -94.55 -9.33
CA LEU A 2039 -5.87 -93.63 -8.37
C LEU A 2039 -4.68 -94.26 -7.66
N ALA A 2040 -4.77 -95.55 -7.32
CA ALA A 2040 -3.62 -96.23 -6.71
C ALA A 2040 -2.45 -96.31 -7.69
N HIS A 2041 -2.73 -96.57 -8.97
CA HIS A 2041 -1.71 -96.59 -10.00
C HIS A 2041 -1.08 -95.23 -10.21
N CYS A 2042 -1.79 -94.16 -9.86
CA CYS A 2042 -1.23 -92.82 -9.92
C CYS A 2042 -0.76 -92.36 -8.55
N GLY A 2043 -0.76 -93.24 -7.56
CA GLY A 2043 -0.29 -92.93 -6.21
C GLY A 2043 -1.09 -91.90 -5.45
N ILE A 2044 -2.42 -91.95 -5.56
CA ILE A 2044 -3.26 -90.95 -4.89
C ILE A 2044 -3.43 -91.29 -3.41
N GLN A 2045 -4.01 -92.45 -3.11
CA GLN A 2045 -4.26 -92.84 -1.73
C GLN A 2045 -4.25 -94.35 -1.63
N LEU A 2046 -3.99 -94.83 -0.41
CA LEU A 2046 -3.91 -96.26 -0.13
C LEU A 2046 -4.09 -96.50 1.36
N GLU A 2088 10.18 -97.36 5.67
CA GLU A 2088 9.51 -97.01 4.43
C GLU A 2088 10.44 -96.25 3.49
N LYS A 2089 11.75 -96.41 3.70
CA LYS A 2089 12.74 -95.73 2.89
C LYS A 2089 12.83 -96.27 1.47
N LYS A 2090 12.24 -97.43 1.21
CA LYS A 2090 12.28 -98.04 -0.11
C LYS A 2090 11.36 -97.29 -1.06
N PRO A 2091 11.88 -96.72 -2.16
CA PRO A 2091 11.01 -96.04 -3.12
C PRO A 2091 9.94 -96.95 -3.73
N GLN A 2092 10.30 -98.18 -4.08
CA GLN A 2092 9.41 -99.29 -4.45
C GLN A 2092 8.70 -99.06 -5.81
N SER A 2093 8.89 -97.89 -6.42
CA SER A 2093 8.22 -97.56 -7.67
C SER A 2093 8.93 -96.39 -8.31
N LEU A 2094 8.67 -96.21 -9.61
CA LEU A 2094 9.23 -95.09 -10.35
C LEU A 2094 8.69 -93.75 -9.87
N GLN A 2095 7.42 -93.73 -9.42
CA GLN A 2095 6.80 -92.50 -8.93
C GLN A 2095 7.52 -91.94 -7.71
N GLU A 2096 7.90 -92.80 -6.77
CA GLU A 2096 8.65 -92.32 -5.62
C GLU A 2096 10.13 -92.21 -5.90
N LEU A 2097 10.62 -93.01 -6.87
CA LEU A 2097 12.05 -93.03 -7.18
C LEU A 2097 12.48 -91.72 -7.81
N VAL A 2098 11.72 -91.25 -8.81
CA VAL A 2098 12.08 -90.02 -9.53
C VAL A 2098 12.03 -88.84 -8.58
N SER A 2099 10.95 -88.75 -7.79
CA SER A 2099 10.79 -87.64 -6.85
C SER A 2099 11.90 -87.62 -5.80
N HIS A 2100 12.24 -88.80 -5.26
CA HIS A 2100 13.31 -88.88 -4.26
CA HIS A 2100 13.31 -88.88 -4.26
C HIS A 2100 14.66 -88.52 -4.86
N MET A 2101 14.92 -88.97 -6.08
CA MET A 2101 16.21 -88.71 -6.71
C MET A 2101 16.34 -87.24 -7.07
N VAL A 2102 15.30 -86.67 -7.68
CA VAL A 2102 15.36 -85.28 -8.15
C VAL A 2102 15.53 -84.34 -6.95
N VAL A 2103 14.77 -84.60 -5.86
CA VAL A 2103 14.92 -83.79 -4.65
C VAL A 2103 16.33 -83.92 -4.09
N ARG A 2104 16.87 -85.15 -4.08
CA ARG A 2104 18.21 -85.36 -3.55
C ARG A 2104 19.26 -84.61 -4.38
N TRP A 2105 19.12 -84.64 -5.71
CA TRP A 2105 20.03 -83.93 -6.60
C TRP A 2105 19.99 -82.43 -6.36
N ALA A 2106 18.78 -81.90 -6.21
CA ALA A 2106 18.62 -80.46 -6.00
C ALA A 2106 19.20 -80.02 -4.66
N GLN A 2107 18.98 -80.80 -3.60
CA GLN A 2107 19.50 -80.39 -2.30
C GLN A 2107 20.99 -80.70 -2.13
N GLU A 2108 21.54 -81.62 -2.91
CA GLU A 2108 22.97 -81.92 -2.83
C GLU A 2108 23.84 -80.74 -3.23
N ASP A 2109 23.47 -80.03 -4.29
CA ASP A 2109 24.29 -78.93 -4.78
C ASP A 2109 23.44 -77.98 -5.61
N TYR A 2110 23.93 -76.75 -5.71
CA TYR A 2110 23.28 -75.72 -6.52
C TYR A 2110 23.46 -76.09 -8.00
N VAL A 2111 22.36 -76.52 -8.62
CA VAL A 2111 22.41 -76.92 -10.03
C VAL A 2111 22.55 -75.69 -10.90
N GLN A 2112 23.53 -75.70 -11.81
CA GLN A 2112 23.81 -74.52 -12.60
C GLN A 2112 23.26 -74.57 -14.01
N SER A 2113 22.91 -75.74 -14.51
CA SER A 2113 22.41 -75.84 -15.88
C SER A 2113 20.92 -75.52 -15.94
N PRO A 2114 20.52 -74.46 -16.66
CA PRO A 2114 19.08 -74.15 -16.78
C PRO A 2114 18.27 -75.26 -17.43
N GLU A 2115 18.85 -75.95 -18.41
CA GLU A 2115 18.15 -77.06 -19.06
C GLU A 2115 17.95 -78.20 -18.09
N LEU A 2116 18.96 -78.47 -17.26
CA LEU A 2116 18.84 -79.54 -16.27
C LEU A 2116 17.78 -79.19 -15.23
N VAL A 2117 17.76 -77.92 -14.81
CA VAL A 2117 16.80 -77.47 -13.79
C VAL A 2117 15.37 -77.62 -14.30
N ARG A 2118 15.14 -77.17 -15.54
CA ARG A 2118 13.82 -77.30 -16.15
C ARG A 2118 13.43 -78.76 -16.36
N ALA A 2119 14.38 -79.60 -16.78
CA ALA A 2119 14.08 -81.02 -16.97
C ALA A 2119 13.75 -81.69 -15.65
N MET A 2120 14.50 -81.35 -14.60
CA MET A 2120 14.29 -81.95 -13.28
C MET A 2120 12.92 -81.60 -12.75
N PHE A 2121 12.56 -80.32 -12.78
CA PHE A 2121 11.30 -80.00 -12.13
C PHE A 2121 10.11 -80.30 -13.04
N SER A 2122 10.34 -80.47 -14.35
CA SER A 2122 9.30 -81.05 -15.20
C SER A 2122 9.01 -82.49 -14.80
N LEU A 2123 10.07 -83.26 -14.50
CA LEU A 2123 9.88 -84.63 -14.01
C LEU A 2123 9.18 -84.63 -12.67
N LEU A 2124 9.60 -83.73 -11.77
CA LEU A 2124 9.07 -83.72 -10.43
C LEU A 2124 7.60 -83.33 -10.44
N HIS A 2125 7.23 -82.39 -11.33
CA HIS A 2125 5.83 -82.01 -11.46
C HIS A 2125 5.01 -83.17 -11.99
N ARG A 2126 5.57 -83.95 -12.94
CA ARG A 2126 4.79 -85.05 -13.51
C ARG A 2126 4.55 -86.17 -12.51
N GLN A 2127 5.52 -86.43 -11.63
CA GLN A 2127 5.32 -87.52 -10.66
C GLN A 2127 4.19 -87.19 -9.69
N TYR A 2128 4.17 -85.96 -9.18
CA TYR A 2128 3.14 -85.59 -8.20
C TYR A 2128 1.78 -85.41 -8.86
N ASP A 2129 1.72 -84.72 -10.00
CA ASP A 2129 0.44 -84.46 -10.65
C ASP A 2129 0.12 -85.60 -11.62
N GLY A 2130 -0.14 -86.77 -11.03
CA GLY A 2130 -0.44 -87.95 -11.84
C GLY A 2130 -1.74 -87.82 -12.62
N LEU A 2131 -2.79 -87.35 -11.96
CA LEU A 2131 -4.09 -87.24 -12.62
C LEU A 2131 -4.13 -86.10 -13.62
N GLY A 2132 -3.59 -84.94 -13.26
CA GLY A 2132 -3.57 -83.79 -14.17
C GLY A 2132 -2.77 -84.06 -15.43
N GLU A 2133 -1.68 -84.82 -15.29
CA GLU A 2133 -0.90 -85.24 -16.45
C GLU A 2133 -1.74 -86.11 -17.38
N LEU A 2134 -2.58 -86.99 -16.80
CA LEU A 2134 -3.50 -87.76 -17.61
C LEU A 2134 -4.54 -86.85 -18.26
N LEU A 2135 -4.98 -85.83 -17.53
CA LEU A 2135 -5.98 -84.90 -18.06
C LEU A 2135 -5.45 -84.15 -19.27
N ARG A 2136 -4.18 -83.77 -19.24
CA ARG A 2136 -3.58 -83.09 -20.38
C ARG A 2136 -3.35 -84.01 -21.57
N ALA A 2137 -3.51 -85.32 -21.40
CA ALA A 2137 -3.30 -86.29 -22.45
C ALA A 2137 -4.59 -86.87 -23.03
N LEU A 2138 -5.65 -86.90 -22.21
CA LEU A 2138 -6.93 -87.49 -22.63
C LEU A 2138 -7.57 -86.88 -23.88
N PRO A 2139 -7.61 -85.54 -24.11
CA PRO A 2139 -8.23 -85.04 -25.37
C PRO A 2139 -7.58 -85.56 -26.65
N ARG A 2140 -6.31 -85.97 -26.61
CA ARG A 2140 -5.68 -86.55 -27.78
C ARG A 2140 -5.88 -88.05 -27.86
N ALA A 2141 -6.47 -88.68 -26.85
CA ALA A 2141 -6.77 -90.10 -26.94
C ALA A 2141 -7.98 -90.31 -27.83
N TYR A 2142 -8.02 -91.48 -28.48
CA TYR A 2142 -9.10 -91.80 -29.43
C TYR A 2142 -9.07 -93.29 -29.71
N THR A 2143 -10.26 -93.89 -29.75
CA THR A 2143 -10.40 -95.31 -30.04
C THR A 2143 -11.01 -95.49 -31.43
N ILE A 2144 -10.49 -96.44 -32.19
CA ILE A 2144 -10.96 -96.71 -33.54
C ILE A 2144 -11.20 -98.20 -33.71
N SER A 2145 -12.01 -98.50 -34.72
CA SER A 2145 -12.30 -99.89 -35.07
C SER A 2145 -11.07 -100.52 -35.72
N PRO A 2146 -10.87 -101.84 -35.53
CA PRO A 2146 -9.71 -102.51 -36.14
C PRO A 2146 -9.71 -102.53 -37.66
N SER A 2147 -10.86 -102.30 -38.31
CA SER A 2147 -10.96 -102.31 -39.76
C SER A 2147 -10.30 -101.11 -40.43
N SER A 2148 -9.86 -100.10 -39.68
CA SER A 2148 -9.29 -98.89 -40.25
C SER A 2148 -7.84 -98.63 -39.84
N VAL A 2149 -7.15 -99.62 -39.27
CA VAL A 2149 -5.77 -99.42 -38.83
C VAL A 2149 -4.84 -99.15 -40.01
N GLU A 2150 -5.00 -99.89 -41.13
CA GLU A 2150 -4.11 -99.70 -42.28
C GLU A 2150 -4.32 -98.33 -42.92
N ASP A 2151 -5.56 -97.82 -42.87
CA ASP A 2151 -5.83 -96.48 -43.37
C ASP A 2151 -5.27 -95.44 -42.41
N THR A 2152 -5.27 -95.76 -41.11
CA THR A 2152 -4.67 -94.87 -40.14
C THR A 2152 -3.17 -94.78 -40.37
N MET A 2153 -2.52 -95.91 -40.67
CA MET A 2153 -1.10 -95.89 -40.99
C MET A 2153 -0.81 -95.08 -42.24
N SER A 2154 -1.63 -95.27 -43.28
CA SER A 2154 -1.52 -94.51 -44.52
C SER A 2154 -1.83 -93.03 -44.36
N LEU A 2155 -2.45 -92.65 -43.25
CA LEU A 2155 -2.74 -91.25 -42.98
C LEU A 2155 -1.68 -90.63 -42.09
N LEU A 2156 -1.31 -91.33 -41.01
CA LEU A 2156 -0.29 -90.86 -40.07
C LEU A 2156 1.06 -90.69 -40.74
N GLU A 2157 1.42 -91.55 -41.70
CA GLU A 2157 2.66 -91.34 -42.44
C GLU A 2157 2.66 -90.01 -43.19
N CYS A 2158 1.53 -89.67 -43.83
CA CYS A 2158 1.41 -88.39 -44.51
C CYS A 2158 1.41 -87.23 -43.52
N LEU A 2159 0.79 -87.44 -42.36
CA LEU A 2159 0.81 -86.40 -41.31
C LEU A 2159 2.24 -86.18 -40.83
N GLY A 2160 3.00 -87.26 -40.66
CA GLY A 2160 4.40 -87.13 -40.29
C GLY A 2160 5.19 -86.38 -41.35
N GLN A 2161 4.81 -86.54 -42.63
CA GLN A 2161 5.44 -85.74 -43.69
C GLN A 2161 5.16 -84.26 -43.48
N ILE A 2162 3.91 -83.91 -43.12
CA ILE A 2162 3.56 -82.50 -42.94
C ILE A 2162 4.30 -81.92 -41.74
N ARG A 2163 4.32 -82.66 -40.63
CA ARG A 2163 5.02 -82.19 -39.44
C ARG A 2163 6.51 -82.05 -39.72
N SER A 2164 7.11 -83.02 -40.43
CA SER A 2164 8.53 -82.95 -40.75
C SER A 2164 8.86 -81.82 -41.72
N LEU A 2165 7.86 -81.27 -42.41
CA LEU A 2165 8.14 -80.15 -43.31
C LEU A 2165 7.94 -78.79 -42.64
N LEU A 2166 7.59 -78.76 -41.37
CA LEU A 2166 7.48 -77.51 -40.64
C LEU A 2166 8.85 -76.90 -40.32
N ILE A 2167 9.88 -77.72 -40.25
CA ILE A 2167 11.19 -77.31 -39.79
C ILE A 2167 12.16 -77.05 -40.95
N VAL A 2168 11.65 -76.92 -42.16
CA VAL A 2168 12.48 -76.75 -43.34
C VAL A 2168 11.93 -75.59 -44.17
N GLN A 2169 12.83 -74.81 -44.75
CA GLN A 2169 12.41 -73.82 -45.74
C GLN A 2169 11.73 -74.50 -46.90
N MET A 2170 10.58 -73.98 -47.30
CA MET A 2170 9.82 -74.56 -48.39
C MET A 2170 10.52 -74.38 -49.73
N GLY A 2171 10.54 -75.44 -50.51
CA GLY A 2171 11.14 -75.45 -51.82
C GLY A 2171 10.27 -76.32 -52.71
N PRO A 2172 10.57 -76.33 -54.02
CA PRO A 2172 9.78 -77.15 -54.97
C PRO A 2172 9.74 -78.64 -54.64
N GLN A 2173 10.85 -79.17 -54.09
CA GLN A 2173 10.86 -80.55 -53.64
C GLN A 2173 9.93 -80.78 -52.46
N GLU A 2174 9.98 -79.91 -51.44
CA GLU A 2174 9.12 -80.09 -50.28
C GLU A 2174 7.66 -79.85 -50.66
N GLU A 2175 7.45 -78.90 -51.58
CA GLU A 2175 6.12 -78.57 -52.06
C GLU A 2175 5.47 -79.79 -52.70
N ASN A 2176 6.22 -80.47 -53.58
CA ASN A 2176 5.66 -81.66 -54.19
C ASN A 2176 5.55 -82.79 -53.18
N LEU A 2177 6.38 -82.78 -52.14
CA LEU A 2177 6.31 -83.85 -51.14
C LEU A 2177 5.08 -83.71 -50.26
N MET A 2178 4.51 -82.51 -50.15
CA MET A 2178 3.37 -82.34 -49.27
C MET A 2178 2.04 -82.18 -50.00
N ILE A 2179 2.03 -81.69 -51.25
CA ILE A 2179 0.78 -81.64 -52.01
C ILE A 2179 0.23 -83.04 -52.24
N GLN A 2180 1.10 -83.98 -52.63
CA GLN A 2180 0.65 -85.36 -52.76
C GLN A 2180 0.34 -85.99 -51.41
N SER A 2181 0.97 -85.51 -50.33
CA SER A 2181 0.64 -85.97 -48.99
C SER A 2181 -0.79 -85.57 -48.63
N ILE A 2182 -1.13 -84.31 -48.90
CA ILE A 2182 -2.49 -83.81 -48.65
C ILE A 2182 -3.48 -84.55 -49.53
N GLY A 2183 -3.12 -84.78 -50.79
CA GLY A 2183 -3.97 -85.54 -51.70
C GLY A 2183 -4.22 -86.95 -51.19
N ASN A 2184 -3.22 -87.56 -50.56
CA ASN A 2184 -3.43 -88.86 -49.93
C ASN A 2184 -4.30 -88.76 -48.69
N ILE A 2185 -4.30 -87.59 -48.03
CA ILE A 2185 -5.21 -87.41 -46.90
C ILE A 2185 -6.65 -87.32 -47.38
N MET A 2186 -6.87 -86.64 -48.52
CA MET A 2186 -8.23 -86.51 -49.08
C MET A 2186 -8.87 -87.85 -49.38
N ASN A 2187 -8.12 -88.73 -50.04
CA ASN A 2187 -8.66 -90.02 -50.48
C ASN A 2187 -8.69 -91.07 -49.37
N ASN A 2188 -8.56 -90.67 -48.11
CA ASN A 2188 -8.60 -91.59 -46.99
C ASN A 2188 -9.94 -91.47 -46.28
N LYS A 2189 -10.57 -92.62 -46.04
CA LYS A 2189 -11.91 -92.65 -45.45
C LYS A 2189 -11.92 -92.16 -44.01
N VAL A 2190 -10.83 -92.36 -43.26
CA VAL A 2190 -10.76 -91.94 -41.87
C VAL A 2190 -10.78 -90.42 -41.73
N PHE A 2191 -10.38 -89.70 -42.78
CA PHE A 2191 -10.41 -88.24 -42.76
C PHE A 2191 -11.85 -87.73 -42.69
N TYR A 2192 -12.79 -88.44 -43.32
CA TYR A 2192 -14.20 -88.07 -43.28
C TYR A 2192 -14.93 -88.76 -42.14
N GLN A 2193 -14.58 -90.02 -41.85
CA GLN A 2193 -15.32 -90.79 -40.86
C GLN A 2193 -15.07 -90.29 -39.43
N HIS A 2194 -13.88 -89.75 -39.15
CA HIS A 2194 -13.52 -89.34 -37.79
C HIS A 2194 -13.03 -87.90 -37.76
N PRO A 2195 -13.93 -86.93 -37.94
CA PRO A 2195 -13.53 -85.52 -37.81
C PRO A 2195 -13.02 -85.17 -36.43
N ASN A 2196 -13.55 -85.81 -35.38
CA ASN A 2196 -13.06 -85.56 -34.02
C ASN A 2196 -11.60 -85.98 -33.89
N LEU A 2197 -11.26 -87.15 -34.45
CA LEU A 2197 -9.87 -87.59 -34.48
C LEU A 2197 -9.01 -86.65 -35.31
N MET A 2198 -9.54 -86.17 -36.43
CA MET A 2198 -8.76 -85.28 -37.30
C MET A 2198 -8.48 -83.95 -36.61
N ARG A 2199 -9.45 -83.47 -35.83
CA ARG A 2199 -9.24 -82.27 -35.04
C ARG A 2199 -8.29 -82.54 -33.88
N ALA A 2200 -8.38 -83.74 -33.30
CA ALA A 2200 -7.53 -84.10 -32.15
C ALA A 2200 -6.06 -84.13 -32.54
N LEU A 2201 -5.75 -84.70 -33.71
CA LEU A 2201 -4.37 -84.67 -34.19
C LEU A 2201 -3.90 -83.28 -34.60
N GLY A 2202 -4.81 -82.32 -34.73
CA GLY A 2202 -4.42 -80.96 -35.07
C GLY A 2202 -3.83 -80.77 -36.44
N MET A 2203 -4.41 -81.41 -37.47
CA MET A 2203 -3.92 -81.22 -38.83
C MET A 2203 -4.13 -79.79 -39.30
N HIS A 2204 -5.27 -79.20 -38.95
CA HIS A 2204 -5.63 -77.85 -39.37
C HIS A 2204 -4.60 -76.82 -38.89
N GLU A 2205 -4.01 -77.06 -37.72
CA GLU A 2205 -2.90 -76.23 -37.27
C GLU A 2205 -1.71 -76.38 -38.21
N THR A 2206 -1.16 -77.60 -38.33
CA THR A 2206 0.08 -77.82 -39.08
C THR A 2206 -0.02 -77.29 -40.51
N VAL A 2207 -1.21 -77.43 -41.13
CA VAL A 2207 -1.44 -76.82 -42.43
C VAL A 2207 -1.44 -75.29 -42.31
N MET A 2208 -1.96 -74.75 -41.18
CA MET A 2208 -2.04 -73.31 -41.03
C MET A 2208 -0.64 -72.72 -40.95
N GLU A 2209 0.22 -73.26 -40.06
CA GLU A 2209 1.59 -72.73 -39.97
C GLU A 2209 2.37 -72.93 -41.27
N VAL A 2210 2.14 -74.02 -42.01
CA VAL A 2210 2.73 -74.16 -43.34
C VAL A 2210 2.34 -73.00 -44.26
N MET A 2211 1.05 -72.65 -44.26
CA MET A 2211 0.60 -71.50 -45.04
C MET A 2211 1.13 -70.19 -44.48
N VAL A 2212 1.21 -70.08 -43.14
CA VAL A 2212 1.72 -68.86 -42.52
C VAL A 2212 3.18 -68.66 -42.90
N ASN A 2213 3.96 -69.74 -42.89
CA ASN A 2213 5.38 -69.68 -43.23
C ASN A 2213 5.58 -69.25 -44.67
N VAL A 2214 4.82 -69.83 -45.61
CA VAL A 2214 5.02 -69.47 -47.01
C VAL A 2214 4.52 -68.04 -47.28
N LEU A 2215 3.40 -67.64 -46.67
CA LEU A 2215 2.93 -66.27 -46.80
C LEU A 2215 3.89 -65.27 -46.19
N GLY A 2216 4.46 -65.60 -45.03
CA GLY A 2216 5.46 -64.74 -44.41
C GLY A 2216 6.73 -64.59 -45.24
N GLY A 2217 7.20 -65.69 -45.83
CA GLY A 2217 8.36 -65.61 -46.71
C GLY A 2217 7.98 -64.88 -47.97
N GLY A 2218 8.71 -63.80 -48.30
CA GLY A 2218 8.34 -62.95 -49.42
C GLY A 2218 6.99 -62.30 -49.25
N GLU A 2219 6.69 -61.80 -48.04
CA GLU A 2219 5.37 -61.27 -47.70
C GLU A 2219 5.02 -60.01 -48.50
N THR A 2220 6.01 -59.32 -49.04
CA THR A 2220 5.80 -58.08 -49.78
C THR A 2220 6.14 -58.23 -51.25
N LYS A 2221 7.34 -58.72 -51.55
CA LYS A 2221 7.84 -58.76 -52.93
C LYS A 2221 7.04 -59.72 -53.81
N GLU A 2222 6.87 -60.97 -53.35
CA GLU A 2222 6.17 -61.99 -54.12
C GLU A 2222 5.84 -63.20 -53.24
N ILE A 2223 4.57 -63.60 -53.23
CA ILE A 2223 4.12 -64.78 -52.49
C ILE A 2223 4.43 -66.00 -53.35
N ARG A 2224 5.55 -66.66 -53.06
CA ARG A 2224 5.97 -67.80 -53.86
C ARG A 2224 5.11 -69.03 -53.56
N PHE A 2225 5.29 -70.05 -54.39
CA PHE A 2225 4.63 -71.36 -54.37
C PHE A 2225 3.10 -71.28 -54.39
N PRO A 2226 2.49 -70.69 -55.43
CA PRO A 2226 1.01 -70.62 -55.46
C PRO A 2226 0.34 -71.97 -55.53
N LYS A 2227 0.97 -72.95 -56.20
CA LYS A 2227 0.38 -74.28 -56.33
C LYS A 2227 0.31 -74.98 -54.99
N MET A 2228 1.11 -74.54 -54.02
CA MET A 2228 1.15 -75.15 -52.72
C MET A 2228 0.24 -74.39 -51.77
N VAL A 2229 0.15 -73.06 -51.97
CA VAL A 2229 -0.77 -72.27 -51.15
C VAL A 2229 -2.21 -72.70 -51.44
N THR A 2230 -2.55 -72.89 -52.72
CA THR A 2230 -3.90 -73.36 -53.04
C THR A 2230 -4.13 -74.80 -52.57
N SER A 2231 -3.07 -75.59 -52.38
CA SER A 2231 -3.23 -76.94 -51.85
C SER A 2231 -3.61 -76.88 -50.38
N CYS A 2232 -2.95 -76.00 -49.62
CA CYS A 2232 -3.28 -75.82 -48.22
C CYS A 2232 -4.67 -75.25 -48.05
N CYS A 2233 -4.99 -74.20 -48.82
CA CYS A 2233 -6.28 -73.53 -48.70
C CYS A 2233 -7.41 -74.46 -49.09
N ARG A 2234 -7.24 -75.22 -50.17
CA ARG A 2234 -8.24 -76.19 -50.61
C ARG A 2234 -8.48 -77.25 -49.55
N PHE A 2235 -7.40 -77.70 -48.90
CA PHE A 2235 -7.55 -78.68 -47.83
C PHE A 2235 -8.33 -78.09 -46.66
N LEU A 2236 -8.00 -76.87 -46.26
CA LEU A 2236 -8.71 -76.24 -45.14
C LEU A 2236 -10.18 -75.99 -45.48
N CYS A 2237 -10.47 -75.54 -46.70
CA CYS A 2237 -11.85 -75.35 -47.14
C CYS A 2237 -12.64 -76.64 -47.11
N TYR A 2238 -12.04 -77.74 -47.57
CA TYR A 2238 -12.73 -79.02 -47.46
C TYR A 2238 -12.79 -79.50 -46.02
N PHE A 2239 -11.86 -79.06 -45.18
CA PHE A 2239 -11.87 -79.44 -43.76
C PHE A 2239 -13.04 -78.82 -43.03
N CYS A 2240 -13.39 -77.58 -43.37
CA CYS A 2240 -14.48 -76.89 -42.68
C CYS A 2240 -15.83 -77.54 -42.98
N ARG A 2241 -16.01 -78.02 -44.21
CA ARG A 2241 -17.30 -78.56 -44.62
C ARG A 2241 -17.63 -79.92 -44.01
N ILE A 2242 -16.68 -80.56 -43.32
CA ILE A 2242 -16.92 -81.89 -42.78
C ILE A 2242 -17.96 -81.86 -41.67
N SER A 2243 -17.80 -80.95 -40.72
CA SER A 2243 -18.70 -80.90 -39.58
C SER A 2243 -18.65 -79.51 -38.94
N ARG A 2244 -19.61 -79.25 -38.07
CA ARG A 2244 -19.73 -77.94 -37.42
C ARG A 2244 -18.55 -77.65 -36.51
N GLN A 2245 -18.12 -78.64 -35.72
CA GLN A 2245 -17.02 -78.43 -34.76
C GLN A 2245 -15.73 -78.07 -35.47
N ASN A 2246 -15.42 -78.75 -36.58
CA ASN A 2246 -14.25 -78.39 -37.37
C ASN A 2246 -14.37 -76.98 -37.93
N GLN A 2247 -15.58 -76.63 -38.38
CA GLN A 2247 -15.85 -75.29 -38.88
C GLN A 2247 -15.67 -74.26 -37.77
N ARG A 2248 -16.14 -74.58 -36.56
CA ARG A 2248 -15.97 -73.68 -35.43
C ARG A 2248 -14.49 -73.53 -35.07
N SER A 2249 -13.75 -74.64 -35.16
CA SER A 2249 -12.32 -74.61 -34.85
C SER A 2249 -11.59 -73.69 -35.81
N MET A 2250 -11.95 -73.76 -37.10
CA MET A 2250 -11.38 -72.85 -38.08
C MET A 2250 -11.80 -71.41 -37.83
N PHE A 2251 -12.98 -71.21 -37.23
CA PHE A 2251 -13.48 -69.86 -37.01
C PHE A 2251 -12.61 -69.09 -36.03
N ASP A 2252 -11.94 -69.79 -35.11
CA ASP A 2252 -11.03 -69.12 -34.17
C ASP A 2252 -9.80 -68.56 -34.86
N HIS A 2253 -9.37 -69.17 -35.97
CA HIS A 2253 -8.23 -68.70 -36.75
C HIS A 2253 -8.60 -67.67 -37.79
N LEU A 2254 -9.83 -67.12 -37.73
CA LEU A 2254 -10.30 -66.18 -38.75
C LEU A 2254 -9.46 -64.91 -38.80
N SER A 2255 -9.14 -64.35 -37.62
CA SER A 2255 -8.44 -63.07 -37.53
C SER A 2255 -7.06 -63.12 -38.18
N TYR A 2256 -6.38 -64.26 -38.08
CA TYR A 2256 -5.04 -64.38 -38.65
C TYR A 2256 -5.08 -64.34 -40.17
N LEU A 2257 -6.17 -64.81 -40.77
CA LEU A 2257 -6.20 -65.04 -42.21
C LEU A 2257 -6.33 -63.76 -43.02
N LEU A 2258 -6.92 -62.70 -42.45
CA LEU A 2258 -7.22 -61.50 -43.20
C LEU A 2258 -5.96 -60.80 -43.69
N GLU A 2259 -5.01 -60.52 -42.79
CA GLU A 2259 -3.80 -59.83 -43.20
C GLU A 2259 -2.94 -60.69 -44.10
N ASN A 2260 -2.91 -62.01 -43.87
CA ASN A 2260 -2.22 -62.88 -44.81
C ASN A 2260 -2.90 -62.95 -46.16
N SER A 2261 -4.20 -62.66 -46.23
CA SER A 2261 -4.90 -62.62 -47.50
C SER A 2261 -4.95 -61.22 -48.09
N GLY A 2262 -4.39 -60.23 -47.39
CA GLY A 2262 -4.35 -58.88 -47.91
C GLY A 2262 -3.52 -58.76 -49.18
N ILE A 2263 -2.39 -59.48 -49.24
CA ILE A 2263 -1.59 -59.58 -50.44
C ILE A 2263 -1.65 -60.97 -51.05
N GLY A 2264 -2.22 -61.93 -50.32
CA GLY A 2264 -2.38 -63.31 -50.80
C GLY A 2264 -3.33 -63.46 -51.97
N LEU A 2265 -4.15 -62.45 -52.25
CA LEU A 2265 -5.04 -62.48 -53.40
C LEU A 2265 -4.33 -62.45 -54.74
N GLY A 2266 -3.03 -62.14 -54.77
CA GLY A 2266 -2.29 -62.08 -56.02
C GLY A 2266 -2.32 -63.38 -56.79
N MET A 2267 -2.20 -64.51 -56.08
CA MET A 2267 -2.30 -65.81 -56.72
C MET A 2267 -3.73 -66.09 -57.15
N GLN A 2268 -3.88 -67.08 -58.02
CA GLN A 2268 -5.17 -67.47 -58.57
CA GLN A 2268 -5.17 -67.47 -58.57
C GLN A 2268 -5.58 -68.83 -58.02
N GLY A 2269 -6.87 -68.98 -57.74
CA GLY A 2269 -7.38 -70.22 -57.20
C GLY A 2269 -7.95 -70.10 -55.80
N SER A 2270 -7.73 -71.12 -54.98
CA SER A 2270 -8.22 -71.14 -53.61
C SER A 2270 -7.37 -70.20 -52.76
N THR A 2271 -7.78 -68.95 -52.69
CA THR A 2271 -7.07 -67.94 -51.92
C THR A 2271 -7.26 -68.19 -50.43
N PRO A 2272 -6.38 -67.65 -49.57
CA PRO A 2272 -6.62 -67.76 -48.11
C PRO A 2272 -7.88 -67.08 -47.64
N LEU A 2273 -8.39 -66.10 -48.40
CA LEU A 2273 -9.67 -65.48 -48.09
C LEU A 2273 -10.81 -66.49 -48.17
N ASP A 2274 -10.76 -67.39 -49.15
CA ASP A 2274 -11.81 -68.39 -49.30
C ASP A 2274 -11.88 -69.32 -48.10
N VAL A 2275 -10.75 -69.54 -47.42
CA VAL A 2275 -10.75 -70.30 -46.18
C VAL A 2275 -11.56 -69.58 -45.11
N ALA A 2276 -11.38 -68.26 -45.03
CA ALA A 2276 -12.14 -67.43 -44.09
C ALA A 2276 -13.63 -67.48 -44.39
N ALA A 2277 -13.98 -67.37 -45.68
CA ALA A 2277 -15.39 -67.40 -46.07
C ALA A 2277 -16.01 -68.77 -45.77
N ALA A 2278 -15.29 -69.85 -46.08
CA ALA A 2278 -15.79 -71.18 -45.81
C ALA A 2278 -15.85 -71.47 -44.32
N SER A 2279 -15.10 -70.71 -43.51
CA SER A 2279 -15.12 -70.95 -42.07
C SER A 2279 -16.39 -70.39 -41.46
N VAL A 2280 -16.96 -69.36 -42.07
CA VAL A 2280 -18.10 -68.67 -41.47
C VAL A 2280 -19.42 -69.02 -42.16
N ILE A 2281 -19.38 -69.57 -43.38
CA ILE A 2281 -20.61 -69.78 -44.14
C ILE A 2281 -21.47 -70.89 -43.49
N ASP A 2282 -22.79 -70.75 -43.63
CA ASP A 2282 -23.85 -71.67 -43.21
C ASP A 2282 -23.98 -71.85 -41.70
N ASN A 2283 -23.18 -71.15 -40.89
CA ASN A 2283 -23.30 -71.22 -39.44
C ASN A 2283 -23.76 -69.88 -38.92
N ASN A 2284 -25.02 -69.82 -38.47
CA ASN A 2284 -25.57 -68.59 -37.92
C ASN A 2284 -24.88 -68.20 -36.62
N GLU A 2285 -24.44 -69.19 -35.84
CA GLU A 2285 -23.70 -68.91 -34.61
C GLU A 2285 -22.36 -68.24 -34.91
N LEU A 2286 -21.62 -68.78 -35.87
CA LEU A 2286 -20.32 -68.22 -36.24
C LEU A 2286 -20.49 -66.86 -36.89
N ALA A 2287 -21.54 -66.71 -37.71
CA ALA A 2287 -21.83 -65.42 -38.35
C ALA A 2287 -22.15 -64.34 -37.32
N LEU A 2288 -22.91 -64.70 -36.28
CA LEU A 2288 -23.17 -63.75 -35.21
C LEU A 2288 -21.90 -63.47 -34.42
N ALA A 2289 -21.12 -64.52 -34.14
CA ALA A 2289 -19.90 -64.39 -33.34
C ALA A 2289 -18.82 -63.56 -34.03
N LEU A 2290 -18.86 -63.44 -35.36
CA LEU A 2290 -17.91 -62.63 -36.09
C LEU A 2290 -18.01 -61.18 -35.63
N GLN A 2291 -16.87 -60.56 -35.36
CA GLN A 2291 -16.83 -59.24 -34.74
C GLN A 2291 -16.47 -58.15 -35.75
N GLU A 2292 -16.78 -56.91 -35.34
CA GLU A 2292 -16.64 -55.74 -36.22
C GLU A 2292 -15.19 -55.42 -36.56
N GLN A 2293 -14.26 -55.69 -35.65
CA GLN A 2293 -12.85 -55.42 -35.92
C GLN A 2293 -12.31 -56.29 -37.05
N ASP A 2294 -12.95 -57.43 -37.31
CA ASP A 2294 -12.59 -58.25 -38.45
C ASP A 2294 -13.10 -57.63 -39.75
N LEU A 2295 -14.29 -57.02 -39.70
CA LEU A 2295 -14.88 -56.41 -40.89
C LEU A 2295 -14.19 -55.11 -41.27
N GLU A 2296 -13.78 -54.32 -40.27
CA GLU A 2296 -13.15 -53.03 -40.58
C GLU A 2296 -11.84 -53.21 -41.34
N LYS A 2297 -11.16 -54.35 -41.12
CA LYS A 2297 -9.99 -54.68 -41.92
C LYS A 2297 -10.38 -54.88 -43.38
N VAL A 2298 -11.50 -55.57 -43.61
CA VAL A 2298 -11.95 -55.90 -44.96
C VAL A 2298 -12.32 -54.62 -45.71
N VAL A 2299 -13.10 -53.75 -45.06
CA VAL A 2299 -13.54 -52.53 -45.74
C VAL A 2299 -12.35 -51.58 -46.00
N SER A 2300 -11.41 -51.46 -45.05
CA SER A 2300 -10.20 -50.69 -45.29
C SER A 2300 -9.35 -51.29 -46.41
N TYR A 2301 -9.29 -52.62 -46.47
CA TYR A 2301 -8.64 -53.28 -47.60
C TYR A 2301 -9.35 -52.97 -48.91
N LEU A 2302 -10.69 -52.95 -48.91
CA LEU A 2302 -11.41 -52.55 -50.11
C LEU A 2302 -11.19 -51.07 -50.43
N ALA A 2303 -10.90 -50.26 -49.42
CA ALA A 2303 -10.61 -48.84 -49.64
C ALA A 2303 -9.33 -48.73 -50.45
N GLY A 2304 -8.32 -49.52 -50.07
CA GLY A 2304 -7.09 -49.51 -50.85
C GLY A 2304 -7.31 -50.11 -52.23
N CYS A 2305 -8.11 -51.18 -52.32
CA CYS A 2305 -8.39 -51.86 -53.58
C CYS A 2305 -9.21 -51.01 -54.55
N GLY A 2306 -9.81 -49.93 -54.07
CA GLY A 2306 -10.58 -49.01 -54.87
C GLY A 2306 -9.83 -47.81 -55.38
N LEU A 2307 -8.52 -47.71 -55.11
CA LEU A 2307 -7.75 -46.56 -55.58
C LEU A 2307 -6.51 -46.94 -56.38
N GLN A 2308 -6.27 -48.21 -56.64
CA GLN A 2308 -5.26 -48.64 -57.61
C GLN A 2308 -5.65 -50.03 -58.11
N SER A 2309 -4.95 -50.48 -59.16
CA SER A 2309 -5.21 -51.78 -59.75
C SER A 2309 -4.48 -52.89 -59.00
N CYS A 2310 -4.62 -54.11 -59.50
CA CYS A 2310 -3.95 -55.26 -58.92
C CYS A 2310 -2.48 -55.22 -59.30
N PRO A 2311 -1.55 -55.35 -58.33
CA PRO A 2311 -0.11 -55.29 -58.65
C PRO A 2311 0.37 -56.35 -59.64
N MET A 2312 -0.18 -57.57 -59.56
CA MET A 2312 0.13 -58.58 -60.57
C MET A 2312 -0.39 -58.16 -61.94
N LEU A 2313 -1.60 -57.58 -61.98
CA LEU A 2313 -2.13 -57.09 -63.24
C LEU A 2313 -1.27 -55.94 -63.78
N LEU A 2314 -0.70 -55.13 -62.88
CA LEU A 2314 0.23 -54.08 -63.30
C LEU A 2314 1.47 -54.70 -63.94
N ALA A 2315 1.97 -55.77 -63.34
CA ALA A 2315 3.20 -56.40 -63.83
C ALA A 2315 2.96 -57.13 -65.15
N LYS A 2316 1.75 -57.60 -65.40
CA LYS A 2316 1.49 -58.35 -66.63
C LYS A 2316 1.18 -57.47 -67.83
N GLY A 2317 1.16 -56.14 -67.67
CA GLY A 2317 0.86 -55.26 -68.77
C GLY A 2317 -0.60 -54.96 -69.01
N TYR A 2318 -1.46 -55.20 -68.02
CA TYR A 2318 -2.87 -54.85 -68.14
C TYR A 2318 -3.04 -53.34 -68.26
N PRO A 2319 -4.06 -52.88 -69.01
CA PRO A 2319 -4.35 -51.43 -69.03
C PRO A 2319 -4.71 -50.94 -67.64
N ASP A 2320 -3.86 -50.07 -67.08
CA ASP A 2320 -3.99 -49.63 -65.70
C ASP A 2320 -5.29 -48.85 -65.49
N ILE A 2321 -5.99 -49.19 -64.41
CA ILE A 2321 -7.23 -48.55 -64.03
C ILE A 2321 -7.12 -48.16 -62.58
N GLY A 2322 -7.85 -47.11 -62.20
CA GLY A 2322 -7.70 -46.57 -60.87
C GLY A 2322 -8.39 -47.30 -59.74
N TRP A 2323 -8.72 -48.60 -59.89
CA TRP A 2323 -9.36 -49.40 -58.87
C TRP A 2323 -9.34 -50.87 -59.29
N ASN A 2324 -9.07 -51.76 -58.33
CA ASN A 2324 -8.88 -53.18 -58.63
C ASN A 2324 -10.23 -53.88 -58.61
N PRO A 2325 -10.67 -54.49 -59.71
CA PRO A 2325 -11.91 -55.28 -59.67
C PRO A 2325 -11.73 -56.70 -59.17
N CYS A 2326 -10.53 -57.27 -59.27
CA CYS A 2326 -10.29 -58.64 -58.84
C CYS A 2326 -10.40 -58.76 -57.32
N GLY A 2327 -9.56 -58.00 -56.59
CA GLY A 2327 -9.60 -58.05 -55.14
C GLY A 2327 -10.89 -57.48 -54.59
N GLY A 2328 -11.54 -56.61 -55.38
CA GLY A 2328 -12.81 -56.05 -54.98
C GLY A 2328 -13.87 -57.13 -54.92
N GLU A 2329 -14.03 -57.89 -56.02
CA GLU A 2329 -15.02 -58.96 -56.06
C GLU A 2329 -14.69 -60.06 -55.05
N ARG A 2330 -13.39 -60.33 -54.85
CA ARG A 2330 -12.97 -61.34 -53.87
C ARG A 2330 -13.37 -60.94 -52.46
N TYR A 2331 -13.23 -59.65 -52.11
CA TYR A 2331 -13.78 -59.18 -50.83
C TYR A 2331 -15.30 -59.26 -50.80
N LEU A 2332 -15.95 -58.88 -51.91
CA LEU A 2332 -17.40 -58.76 -51.91
C LEU A 2332 -18.09 -60.10 -51.69
N ASP A 2333 -17.57 -61.18 -52.30
CA ASP A 2333 -18.20 -62.49 -52.12
C ASP A 2333 -18.08 -62.95 -50.66
N PHE A 2334 -16.95 -62.64 -50.01
CA PHE A 2334 -16.78 -62.95 -48.59
C PHE A 2334 -17.77 -62.16 -47.74
N LEU A 2335 -17.94 -60.86 -48.02
CA LEU A 2335 -18.93 -60.08 -47.29
C LEU A 2335 -20.34 -60.61 -47.54
N ARG A 2336 -20.59 -61.08 -48.77
CA ARG A 2336 -21.87 -61.68 -49.13
C ARG A 2336 -22.12 -62.92 -48.29
N PHE A 2337 -21.08 -63.73 -48.05
CA PHE A 2337 -21.26 -64.90 -47.22
C PHE A 2337 -21.34 -64.52 -45.76
N ALA A 2338 -20.81 -63.35 -45.40
CA ALA A 2338 -20.74 -62.93 -44.02
C ALA A 2338 -22.08 -62.43 -43.51
N VAL A 2339 -22.86 -61.76 -44.37
CA VAL A 2339 -24.08 -61.11 -43.92
C VAL A 2339 -25.34 -61.83 -44.39
N PHE A 2340 -25.20 -63.02 -44.97
CA PHE A 2340 -26.35 -63.79 -45.46
C PHE A 2340 -26.21 -65.24 -45.03
N VAL A 2341 -27.16 -65.71 -44.22
CA VAL A 2341 -27.13 -67.06 -43.66
C VAL A 2341 -28.49 -67.70 -43.85
N ASN A 2342 -28.50 -68.85 -44.55
CA ASN A 2342 -29.68 -69.72 -44.72
C ASN A 2342 -30.88 -68.98 -45.32
N GLY A 2343 -30.62 -68.04 -46.21
CA GLY A 2343 -31.67 -67.28 -46.84
C GLY A 2343 -32.11 -66.03 -46.10
N GLU A 2344 -31.60 -65.81 -44.89
CA GLU A 2344 -31.96 -64.63 -44.12
C GLU A 2344 -30.72 -63.79 -43.85
N SER A 2345 -30.90 -62.47 -43.87
CA SER A 2345 -29.80 -61.58 -43.55
C SER A 2345 -29.57 -61.53 -42.04
N VAL A 2346 -28.33 -61.27 -41.66
CA VAL A 2346 -27.96 -61.07 -40.27
C VAL A 2346 -27.94 -59.57 -40.05
N GLU A 2347 -28.85 -59.08 -39.20
CA GLU A 2347 -29.06 -57.65 -39.03
C GLU A 2347 -27.84 -56.93 -38.48
N GLU A 2348 -27.19 -57.51 -37.46
CA GLU A 2348 -26.02 -56.90 -36.85
C GLU A 2348 -24.85 -56.79 -37.83
N ASN A 2349 -24.60 -57.86 -38.58
CA ASN A 2349 -23.52 -57.84 -39.57
C ASN A 2349 -23.86 -56.89 -40.69
N ALA A 2350 -25.14 -56.87 -41.10
CA ALA A 2350 -25.57 -56.04 -42.22
C ALA A 2350 -25.41 -54.56 -41.88
N ASN A 2351 -25.79 -54.18 -40.65
CA ASN A 2351 -25.73 -52.77 -40.30
C ASN A 2351 -24.29 -52.33 -40.09
N VAL A 2352 -23.43 -53.24 -39.61
CA VAL A 2352 -22.04 -52.87 -39.41
C VAL A 2352 -21.34 -52.69 -40.76
N VAL A 2353 -21.60 -53.60 -41.71
CA VAL A 2353 -20.91 -53.49 -42.99
C VAL A 2353 -21.40 -52.26 -43.74
N VAL A 2354 -22.73 -51.98 -43.72
CA VAL A 2354 -23.22 -50.84 -44.48
C VAL A 2354 -22.72 -49.53 -43.87
N ARG A 2355 -22.63 -49.46 -42.52
CA ARG A 2355 -22.10 -48.23 -41.94
C ARG A 2355 -20.61 -48.08 -42.18
N LEU A 2356 -19.92 -49.17 -42.53
CA LEU A 2356 -18.52 -49.00 -42.86
C LEU A 2356 -18.34 -48.62 -44.32
N LEU A 2357 -19.18 -49.16 -45.21
CA LEU A 2357 -19.15 -48.73 -46.61
C LEU A 2357 -19.51 -47.25 -46.75
N ILE A 2358 -20.52 -46.79 -46.01
CA ILE A 2358 -20.85 -45.37 -46.12
C ILE A 2358 -19.76 -44.51 -45.47
N ARG A 2359 -19.16 -44.99 -44.36
CA ARG A 2359 -18.10 -44.23 -43.71
C ARG A 2359 -16.84 -44.15 -44.56
N LYS A 2360 -16.59 -45.16 -45.40
CA LYS A 2360 -15.49 -45.15 -46.37
C LYS A 2360 -16.08 -45.19 -47.79
N PRO A 2361 -16.53 -44.05 -48.32
CA PRO A 2361 -17.27 -44.06 -49.59
C PRO A 2361 -16.47 -44.52 -50.81
N GLU A 2362 -15.14 -44.52 -50.73
CA GLU A 2362 -14.31 -44.90 -51.87
C GLU A 2362 -14.46 -46.37 -52.27
N CYS A 2363 -15.04 -47.19 -51.39
CA CYS A 2363 -15.20 -48.63 -51.67
C CYS A 2363 -16.19 -48.90 -52.79
N PHE A 2364 -17.09 -47.97 -53.09
CA PHE A 2364 -18.12 -48.22 -54.11
C PHE A 2364 -17.53 -48.31 -55.51
N GLY A 2365 -16.39 -47.69 -55.75
CA GLY A 2365 -15.77 -47.70 -57.05
C GLY A 2365 -15.92 -46.37 -57.76
N PRO A 2366 -15.64 -46.34 -59.07
CA PRO A 2366 -15.79 -45.08 -59.84
C PRO A 2366 -17.20 -44.54 -59.86
N ALA A 2367 -18.16 -45.36 -60.29
CA ALA A 2367 -19.55 -44.97 -60.28
C ALA A 2367 -20.08 -45.03 -58.86
N LEU A 2368 -21.08 -44.18 -58.57
CA LEU A 2368 -21.70 -44.00 -57.25
C LEU A 2368 -20.72 -43.56 -56.17
N ARG A 2369 -19.56 -43.04 -56.59
CA ARG A 2369 -18.56 -42.58 -55.63
CA ARG A 2369 -18.54 -42.56 -55.65
C ARG A 2369 -19.01 -41.31 -54.92
N GLY A 2370 -19.68 -40.40 -55.62
CA GLY A 2370 -20.03 -39.12 -55.06
C GLY A 2370 -19.49 -38.03 -55.95
N GLU A 2371 -18.48 -37.30 -55.47
CA GLU A 2371 -17.75 -36.34 -56.31
C GLU A 2371 -17.16 -37.04 -57.53
N GLY A 2372 -17.43 -36.49 -58.71
CA GLY A 2372 -16.91 -36.99 -59.97
C GLY A 2372 -17.43 -38.35 -60.42
N GLY A 2373 -18.23 -39.04 -59.62
CA GLY A 2373 -18.71 -40.36 -59.97
C GLY A 2373 -20.14 -40.39 -60.45
N SER A 2374 -20.34 -40.73 -61.72
CA SER A 2374 -21.67 -40.81 -62.32
C SER A 2374 -22.38 -42.08 -61.84
N GLY A 2375 -23.57 -42.33 -62.41
CA GLY A 2375 -24.36 -43.48 -62.03
C GLY A 2375 -23.72 -44.80 -62.42
N LEU A 2376 -24.20 -45.88 -61.79
CA LEU A 2376 -23.63 -47.20 -62.03
C LEU A 2376 -24.00 -47.71 -63.42
N LEU A 2377 -25.11 -47.20 -63.99
CA LEU A 2377 -25.41 -47.51 -65.38
C LEU A 2377 -24.33 -46.96 -66.29
N ALA A 2378 -23.81 -45.76 -65.99
CA ALA A 2378 -22.73 -45.20 -66.81
C ALA A 2378 -21.46 -46.04 -66.77
N ALA A 2379 -21.33 -46.93 -65.76
CA ALA A 2379 -20.22 -47.83 -65.63
C ALA A 2379 -20.46 -49.15 -66.38
N ILE A 2380 -21.70 -49.67 -66.34
CA ILE A 2380 -21.94 -51.02 -66.88
C ILE A 2380 -21.81 -51.04 -68.42
N GLU A 2381 -22.42 -50.08 -69.13
CA GLU A 2381 -22.23 -50.00 -70.59
C GLU A 2381 -20.76 -49.73 -70.96
N GLU A 2382 -20.10 -48.86 -70.20
CA GLU A 2382 -18.66 -48.63 -70.38
C GLU A 2382 -17.86 -49.91 -70.24
N ALA A 2383 -18.23 -50.77 -69.28
CA ALA A 2383 -17.57 -52.06 -69.16
C ALA A 2383 -17.96 -52.98 -70.31
N ILE A 2384 -19.18 -52.82 -70.85
CA ILE A 2384 -19.60 -53.64 -71.99
C ILE A 2384 -18.73 -53.32 -73.21
N ARG A 2385 -18.50 -52.02 -73.46
CA ARG A 2385 -17.65 -51.61 -74.58
C ARG A 2385 -16.22 -52.08 -74.38
N ILE A 2386 -15.69 -51.94 -73.15
CA ILE A 2386 -14.31 -52.34 -72.88
C ILE A 2386 -14.15 -53.84 -73.05
N SER A 2387 -15.12 -54.63 -72.55
CA SER A 2387 -15.09 -56.08 -72.67
C SER A 2387 -15.19 -56.53 -74.12
N GLU A 2388 -15.96 -55.81 -74.93
CA GLU A 2388 -16.09 -56.18 -76.34
C GLU A 2388 -14.87 -55.76 -77.16
N ASP A 2389 -14.23 -54.65 -76.78
CA ASP A 2389 -13.14 -54.08 -77.58
C ASP A 2389 -11.80 -54.67 -77.16
N PRO A 2390 -10.99 -55.18 -78.08
CA PRO A 2390 -9.65 -55.66 -77.72
C PRO A 2390 -8.71 -54.51 -77.43
N ALA A 2391 -7.54 -54.85 -76.86
CA ALA A 2391 -6.44 -54.00 -76.41
C ALA A 2391 -6.82 -53.17 -75.17
N ARG A 2392 -8.06 -53.23 -74.72
CA ARG A 2392 -8.49 -52.65 -73.46
C ARG A 2392 -9.17 -53.67 -72.57
N ASP A 2393 -9.61 -54.80 -73.12
CA ASP A 2393 -10.17 -55.90 -72.33
C ASP A 2393 -9.13 -56.47 -71.38
N GLY A 2394 -7.90 -56.62 -71.86
CA GLY A 2394 -6.80 -57.11 -71.05
C GLY A 2394 -5.47 -56.68 -71.62
N PRO A 2395 -4.38 -57.35 -71.22
CA PRO A 2395 -3.06 -57.04 -71.79
C PRO A 2395 -2.97 -57.26 -73.29
N GLY A 2396 -3.66 -58.29 -73.80
CA GLY A 2396 -3.75 -58.56 -75.22
C GLY A 2396 -2.43 -58.87 -75.90
N VAL A 2397 -1.63 -59.73 -75.29
CA VAL A 2397 -0.33 -60.14 -75.84
C VAL A 2397 -0.50 -60.92 -77.14
N PRO A 2410 -9.95 -69.49 -71.21
CA PRO A 2410 -9.04 -68.34 -71.22
C PRO A 2410 -7.62 -68.73 -71.65
N PRO A 2411 -6.87 -67.78 -72.21
CA PRO A 2411 -5.47 -68.07 -72.61
C PRO A 2411 -4.59 -68.57 -71.47
N GLU A 2412 -4.77 -68.04 -70.27
CA GLU A 2412 -4.05 -68.50 -69.09
C GLU A 2412 -4.88 -69.42 -68.21
N GLU A 2413 -6.12 -69.75 -68.65
CA GLU A 2413 -7.16 -70.55 -67.99
C GLU A 2413 -7.80 -69.82 -66.81
N ASN A 2414 -7.24 -68.68 -66.42
CA ASN A 2414 -7.81 -67.76 -65.44
C ASN A 2414 -7.53 -66.33 -65.86
N ARG A 2415 -7.45 -66.09 -67.17
CA ARG A 2415 -7.06 -64.79 -67.72
C ARG A 2415 -8.10 -63.73 -67.34
N VAL A 2416 -7.63 -62.64 -66.76
CA VAL A 2416 -8.51 -61.57 -66.32
C VAL A 2416 -8.86 -60.67 -67.50
N HIS A 2417 -10.15 -60.48 -67.71
CA HIS A 2417 -10.68 -59.56 -68.72
C HIS A 2417 -11.27 -58.41 -67.94
N LEU A 2418 -10.62 -57.25 -68.00
CA LEU A 2418 -10.99 -56.10 -67.17
C LEU A 2418 -12.40 -55.58 -67.48
N GLY A 2419 -12.81 -55.64 -68.75
CA GLY A 2419 -14.18 -55.30 -69.11
C GLY A 2419 -15.23 -56.15 -68.41
N HIS A 2420 -14.97 -57.45 -68.30
CA HIS A 2420 -15.84 -58.33 -67.53
C HIS A 2420 -15.64 -58.17 -66.03
N ALA A 2421 -14.42 -57.83 -65.60
CA ALA A 2421 -14.11 -57.71 -64.18
C ALA A 2421 -14.82 -56.51 -63.54
N ILE A 2422 -14.96 -55.40 -64.28
CA ILE A 2422 -15.66 -54.22 -63.77
C ILE A 2422 -17.13 -54.56 -63.51
N MET A 2423 -17.76 -55.22 -64.47
CA MET A 2423 -19.18 -55.52 -64.41
C MET A 2423 -19.47 -56.74 -63.55
N SER A 2424 -18.45 -57.54 -63.25
CA SER A 2424 -18.61 -58.59 -62.25
C SER A 2424 -18.48 -58.02 -60.85
N PHE A 2425 -17.57 -57.05 -60.70
CA PHE A 2425 -17.41 -56.35 -59.43
C PHE A 2425 -18.69 -55.66 -59.02
N TYR A 2426 -19.29 -54.91 -59.95
CA TYR A 2426 -20.53 -54.22 -59.61
C TYR A 2426 -21.69 -55.19 -59.41
N ALA A 2427 -21.65 -56.35 -60.07
CA ALA A 2427 -22.66 -57.38 -59.84
C ALA A 2427 -22.56 -57.94 -58.43
N ALA A 2428 -21.33 -58.15 -57.95
CA ALA A 2428 -21.17 -58.58 -56.57
C ALA A 2428 -21.54 -57.46 -55.60
N LEU A 2429 -21.30 -56.20 -55.99
CA LEU A 2429 -21.65 -55.09 -55.13
C LEU A 2429 -23.16 -54.99 -54.94
N ILE A 2430 -23.92 -55.12 -56.03
CA ILE A 2430 -25.38 -55.09 -55.93
C ILE A 2430 -25.91 -56.33 -55.22
N ASP A 2431 -25.24 -57.49 -55.37
CA ASP A 2431 -25.64 -58.67 -54.62
C ASP A 2431 -25.39 -58.49 -53.12
N LEU A 2432 -24.27 -57.85 -52.76
CA LEU A 2432 -24.00 -57.50 -51.37
C LEU A 2432 -25.06 -56.57 -50.81
N LEU A 2433 -25.43 -55.54 -51.57
CA LEU A 2433 -26.43 -54.58 -51.10
C LEU A 2433 -27.78 -55.25 -50.89
N GLY A 2434 -28.18 -56.11 -51.84
CA GLY A 2434 -29.44 -56.81 -51.72
C GLY A 2434 -29.46 -57.76 -50.54
N ARG A 2435 -28.33 -58.40 -50.25
CA ARG A 2435 -28.30 -59.27 -49.08
C ARG A 2435 -28.09 -58.48 -47.80
N CYS A 2436 -27.68 -57.23 -47.88
CA CYS A 2436 -27.65 -56.33 -46.74
C CYS A 2436 -28.98 -55.62 -46.52
N ALA A 2437 -29.95 -55.86 -47.39
CA ALA A 2437 -31.26 -55.21 -47.26
C ALA A 2437 -32.00 -55.72 -46.02
N PRO A 2438 -32.51 -54.83 -45.16
CA PRO A 2438 -33.30 -55.27 -44.00
C PRO A 2438 -34.57 -56.01 -44.42
N GLU A 2439 -34.93 -57.00 -43.60
CA GLU A 2439 -36.09 -57.84 -43.88
C GLU A 2439 -37.41 -57.09 -43.79
N MET A 2440 -38.39 -57.63 -44.53
CA MET A 2440 -39.70 -57.02 -44.60
C MET A 2440 -40.40 -57.05 -43.25
N HIS A 2441 -40.19 -58.11 -42.45
CA HIS A 2441 -40.83 -58.18 -41.15
C HIS A 2441 -40.35 -57.08 -40.23
N LEU A 2442 -39.10 -56.64 -40.42
CA LEU A 2442 -38.59 -55.48 -39.69
C LEU A 2442 -39.13 -54.20 -40.26
N ILE A 2443 -39.35 -54.14 -41.58
CA ILE A 2443 -39.88 -52.92 -42.16
C ILE A 2443 -41.34 -52.71 -41.73
N GLN A 2444 -42.15 -53.78 -41.82
CA GLN A 2444 -43.55 -53.69 -41.36
C GLN A 2444 -43.62 -53.46 -39.85
N ALA A 2445 -42.59 -53.89 -39.09
CA ALA A 2445 -42.54 -53.52 -37.69
C ALA A 2445 -42.02 -52.10 -37.50
N GLY A 2446 -41.52 -51.47 -38.55
CA GLY A 2446 -41.08 -50.08 -38.52
C GLY A 2446 -39.90 -49.78 -37.62
N LYS A 2447 -38.89 -50.63 -37.60
CA LYS A 2447 -37.74 -50.38 -36.75
C LYS A 2447 -36.95 -49.17 -37.26
N GLY A 2448 -36.42 -48.39 -36.31
CA GLY A 2448 -35.78 -47.12 -36.62
C GLY A 2448 -34.57 -47.27 -37.53
N GLU A 2449 -33.66 -48.17 -37.16
CA GLU A 2449 -32.48 -48.34 -37.99
C GLU A 2449 -32.81 -49.09 -39.25
N ALA A 2450 -33.81 -49.97 -39.23
CA ALA A 2450 -34.19 -50.72 -40.43
C ALA A 2450 -34.65 -49.76 -41.52
N LEU A 2451 -35.50 -48.81 -41.15
CA LEU A 2451 -35.91 -47.76 -42.09
C LEU A 2451 -34.76 -46.84 -42.45
N ARG A 2452 -33.91 -46.47 -41.48
CA ARG A 2452 -32.80 -45.57 -41.75
C ARG A 2452 -31.82 -46.18 -42.75
N ILE A 2453 -31.41 -47.43 -42.51
CA ILE A 2453 -30.46 -48.11 -43.37
C ILE A 2453 -31.07 -48.35 -44.74
N ARG A 2454 -32.33 -48.81 -44.81
CA ARG A 2454 -32.90 -49.11 -46.11
C ARG A 2454 -33.15 -47.84 -46.91
N ALA A 2455 -33.41 -46.71 -46.21
CA ALA A 2455 -33.48 -45.43 -46.90
C ALA A 2455 -32.12 -45.03 -47.43
N ILE A 2456 -31.05 -45.33 -46.66
CA ILE A 2456 -29.69 -45.06 -47.12
C ILE A 2456 -29.40 -45.84 -48.40
N LEU A 2457 -29.84 -47.11 -48.43
CA LEU A 2457 -29.70 -47.93 -49.64
C LEU A 2457 -30.46 -47.31 -50.82
N ARG A 2458 -31.64 -46.72 -50.54
CA ARG A 2458 -32.41 -46.09 -51.61
C ARG A 2458 -31.70 -44.87 -52.16
N SER A 2459 -31.17 -44.03 -51.27
CA SER A 2459 -30.49 -42.81 -51.70
C SER A 2459 -29.19 -43.14 -52.45
N LEU A 2460 -28.41 -44.09 -51.94
CA LEU A 2460 -27.18 -44.48 -52.60
C LEU A 2460 -27.42 -45.20 -53.92
N VAL A 2461 -28.55 -45.89 -54.08
CA VAL A 2461 -28.79 -46.62 -55.33
C VAL A 2461 -30.05 -46.10 -56.01
N PRO A 2462 -29.94 -45.12 -56.91
CA PRO A 2462 -31.13 -44.64 -57.64
C PRO A 2462 -31.73 -45.74 -58.51
N LEU A 2463 -33.07 -45.75 -58.57
CA LEU A 2463 -33.82 -46.77 -59.29
C LEU A 2463 -33.83 -46.57 -60.80
N ASP A 2464 -33.63 -45.34 -61.26
CA ASP A 2464 -33.69 -45.05 -62.70
C ASP A 2464 -32.58 -45.78 -63.46
N ASP A 2465 -31.33 -45.67 -62.98
CA ASP A 2465 -30.24 -46.40 -63.61
C ASP A 2465 -30.39 -47.91 -63.43
N LEU A 2466 -31.09 -48.32 -62.37
CA LEU A 2466 -31.34 -49.74 -62.10
C LEU A 2466 -32.18 -50.34 -63.22
N VAL A 2467 -33.22 -49.62 -63.65
CA VAL A 2467 -34.05 -50.17 -64.72
C VAL A 2467 -33.24 -50.24 -66.03
N GLY A 2468 -32.29 -49.31 -66.23
CA GLY A 2468 -31.42 -49.40 -67.41
C GLY A 2468 -30.57 -50.65 -67.39
N ILE A 2469 -30.12 -51.05 -66.19
CA ILE A 2469 -29.38 -52.30 -66.04
C ILE A 2469 -30.28 -53.48 -66.36
N ILE A 2470 -31.57 -53.39 -65.99
CA ILE A 2470 -32.53 -54.44 -66.33
C ILE A 2470 -32.68 -54.51 -67.85
N SER A 2471 -32.83 -53.35 -68.48
CA SER A 2471 -33.11 -53.23 -69.91
C SER A 2471 -31.91 -53.57 -70.80
N LEU A 2472 -30.72 -53.75 -70.24
CA LEU A 2472 -29.56 -54.08 -71.07
C LEU A 2472 -29.72 -55.46 -71.71
N PRO A 2473 -29.26 -55.65 -72.95
CA PRO A 2473 -29.45 -56.92 -73.66
C PRO A 2473 -28.39 -57.96 -73.31
N LEU A 2474 -28.48 -59.09 -74.02
CA LEU A 2474 -27.55 -60.20 -73.93
C LEU A 2474 -26.89 -60.45 -75.28
N GLN A 2475 -25.69 -61.03 -75.25
CA GLN A 2475 -25.03 -61.50 -76.45
C GLN A 2475 -25.37 -62.96 -76.66
N ILE A 2476 -25.85 -63.30 -77.85
CA ILE A 2476 -26.56 -64.57 -78.05
C ILE A 2476 -25.73 -65.49 -78.94
N PRO A 2477 -25.69 -66.81 -78.66
CA PRO A 2477 -25.13 -67.76 -79.63
C PRO A 2477 -26.04 -67.90 -80.85
N THR A 2478 -25.63 -67.32 -81.97
CA THR A 2478 -26.47 -67.25 -83.15
C THR A 2478 -26.04 -68.32 -84.15
N LEU A 2479 -27.02 -68.99 -84.74
CA LEU A 2479 -26.75 -69.99 -85.77
C LEU A 2479 -26.29 -69.31 -87.04
N GLY A 2480 -25.08 -69.65 -87.50
CA GLY A 2480 -24.53 -69.05 -88.69
C GLY A 2480 -23.11 -69.54 -88.88
N LYS A 2481 -22.52 -69.11 -90.00
CA LYS A 2481 -21.15 -69.44 -90.40
C LYS A 2481 -20.96 -70.95 -90.51
N ASP A 2482 -21.69 -71.52 -91.48
CA ASP A 2482 -21.69 -72.95 -91.82
C ASP A 2482 -22.25 -73.81 -90.68
N GLY A 2483 -23.20 -73.25 -89.93
CA GLY A 2483 -23.86 -73.98 -88.86
C GLY A 2483 -23.14 -73.98 -87.52
N ALA A 2484 -21.95 -73.40 -87.43
CA ALA A 2484 -21.22 -73.35 -86.17
C ALA A 2484 -21.94 -72.49 -85.15
N LEU A 2485 -21.79 -72.84 -83.88
CA LEU A 2485 -22.43 -72.08 -82.81
C LEU A 2485 -21.52 -70.91 -82.45
N VAL A 2486 -21.85 -69.73 -82.98
CA VAL A 2486 -21.04 -68.53 -82.74
C VAL A 2486 -21.41 -68.01 -81.37
N GLN A 2487 -20.65 -68.41 -80.35
CA GLN A 2487 -20.98 -68.11 -78.97
C GLN A 2487 -20.05 -67.04 -78.39
N PRO A 2488 -20.50 -66.28 -77.41
CA PRO A 2488 -19.61 -65.34 -76.72
C PRO A 2488 -18.76 -66.07 -75.67
N LYS A 2489 -17.74 -65.36 -75.21
CA LYS A 2489 -16.87 -65.83 -74.14
C LYS A 2489 -17.36 -65.23 -72.83
N MET A 2490 -17.91 -66.08 -71.95
CA MET A 2490 -18.43 -65.65 -70.64
C MET A 2490 -17.39 -64.95 -69.79
N SER A 2491 -16.11 -65.31 -69.96
CA SER A 2491 -15.05 -64.62 -69.25
C SER A 2491 -14.84 -63.19 -69.75
N ALA A 2492 -15.41 -62.83 -70.91
CA ALA A 2492 -15.28 -61.49 -71.46
C ALA A 2492 -16.59 -61.03 -72.12
N SER A 2493 -17.74 -61.29 -71.49
CA SER A 2493 -19.02 -60.87 -72.06
C SER A 2493 -20.08 -60.78 -70.96
N PHE A 2494 -21.22 -60.18 -71.32
CA PHE A 2494 -22.39 -60.11 -70.46
C PHE A 2494 -22.87 -61.50 -70.07
N VAL A 2495 -23.13 -61.71 -68.79
CA VAL A 2495 -23.56 -63.03 -68.31
C VAL A 2495 -24.90 -62.90 -67.57
N PRO A 2496 -25.73 -63.94 -67.56
CA PRO A 2496 -27.01 -63.88 -66.82
C PRO A 2496 -26.84 -63.75 -65.30
N ASP A 2497 -25.67 -64.10 -64.77
CA ASP A 2497 -25.40 -64.04 -63.34
C ASP A 2497 -25.48 -62.60 -62.84
N HIS A 2498 -24.98 -61.66 -63.63
CA HIS A 2498 -24.92 -60.26 -63.20
C HIS A 2498 -26.33 -59.70 -63.00
N LYS A 2499 -27.26 -60.06 -63.90
CA LYS A 2499 -28.65 -59.64 -63.76
C LYS A 2499 -29.33 -60.35 -62.60
N ALA A 2500 -29.08 -61.66 -62.43
CA ALA A 2500 -29.65 -62.36 -61.28
C ALA A 2500 -29.13 -61.82 -59.96
N SER A 2501 -27.92 -61.25 -59.95
CA SER A 2501 -27.39 -60.57 -58.78
C SER A 2501 -28.18 -59.31 -58.46
N MET A 2502 -28.86 -58.72 -59.44
CA MET A 2502 -29.71 -57.56 -59.29
C MET A 2502 -31.14 -57.91 -58.86
N VAL A 2503 -31.68 -59.02 -59.38
CA VAL A 2503 -33.08 -59.40 -59.11
C VAL A 2503 -33.33 -59.55 -57.62
N LEU A 2504 -32.35 -60.09 -56.89
CA LEU A 2504 -32.42 -60.18 -55.43
C LEU A 2504 -32.45 -58.80 -54.79
N PHE A 2505 -31.66 -57.88 -55.33
CA PHE A 2505 -31.56 -56.53 -54.78
C PHE A 2505 -32.91 -55.83 -54.90
N LEU A 2506 -33.47 -55.86 -56.10
CA LEU A 2506 -34.73 -55.16 -56.33
C LEU A 2506 -35.83 -55.81 -55.51
N ASP A 2507 -35.82 -57.14 -55.40
CA ASP A 2507 -36.81 -57.85 -54.61
C ASP A 2507 -36.66 -57.62 -53.11
N ARG A 2508 -35.53 -57.09 -52.66
CA ARG A 2508 -35.29 -56.93 -51.24
C ARG A 2508 -35.17 -55.49 -50.75
N VAL A 2509 -34.96 -54.51 -51.63
CA VAL A 2509 -34.78 -53.12 -51.24
C VAL A 2509 -35.99 -52.27 -51.58
N TYR A 2510 -36.34 -52.20 -52.86
CA TYR A 2510 -37.49 -51.38 -53.24
C TYR A 2510 -38.78 -52.19 -53.21
N GLY A 2511 -38.77 -53.37 -53.80
CA GLY A 2511 -39.93 -54.23 -53.80
C GLY A 2511 -40.94 -53.86 -54.87
N ILE A 2512 -41.97 -54.70 -54.97
CA ILE A 2512 -43.05 -54.55 -55.93
C ILE A 2512 -44.37 -54.46 -55.17
N GLU A 2513 -45.07 -53.35 -55.32
CA GLU A 2513 -46.33 -53.14 -54.62
C GLU A 2513 -47.44 -52.83 -55.61
N ASN A 2514 -47.11 -52.14 -56.70
CA ASN A 2514 -48.09 -51.79 -57.72
C ASN A 2514 -47.80 -52.42 -59.09
N GLN A 2515 -48.90 -52.67 -59.79
CA GLN A 2515 -48.87 -53.39 -61.06
C GLN A 2515 -48.14 -52.62 -62.14
N ASP A 2516 -48.30 -51.29 -62.15
CA ASP A 2516 -47.70 -50.46 -63.20
C ASP A 2516 -46.17 -50.55 -63.16
N PHE A 2517 -45.58 -50.45 -61.96
CA PHE A 2517 -44.14 -50.58 -61.81
C PHE A 2517 -43.72 -52.03 -61.96
N LEU A 2518 -44.64 -52.96 -61.80
CA LEU A 2518 -44.28 -54.36 -61.96
C LEU A 2518 -44.11 -54.67 -63.45
N LEU A 2519 -45.16 -54.42 -64.23
CA LEU A 2519 -45.11 -54.72 -65.66
C LEU A 2519 -44.13 -53.82 -66.39
N HIS A 2520 -43.87 -52.62 -65.84
CA HIS A 2520 -42.97 -51.65 -66.46
C HIS A 2520 -41.54 -52.17 -66.47
N VAL A 2521 -41.14 -52.90 -65.44
CA VAL A 2521 -39.77 -53.41 -65.40
C VAL A 2521 -39.73 -54.79 -66.03
N LEU A 2522 -40.84 -55.55 -65.94
CA LEU A 2522 -40.85 -56.90 -66.52
C LEU A 2522 -40.78 -56.87 -68.04
N ASP A 2523 -41.48 -55.95 -68.71
CA ASP A 2523 -41.52 -56.02 -70.17
C ASP A 2523 -40.27 -55.48 -70.86
N VAL A 2524 -39.49 -54.62 -70.21
CA VAL A 2524 -38.37 -54.01 -70.90
C VAL A 2524 -37.13 -54.91 -70.87
N GLY A 2525 -36.74 -55.40 -69.70
CA GLY A 2525 -35.54 -56.21 -69.60
C GLY A 2525 -35.75 -57.66 -69.26
N PHE A 2526 -36.69 -57.95 -68.37
CA PHE A 2526 -36.94 -59.33 -67.99
C PHE A 2526 -37.66 -60.11 -69.08
N LEU A 2527 -38.32 -59.41 -70.02
CA LEU A 2527 -38.98 -60.11 -71.11
C LEU A 2527 -38.00 -60.64 -72.16
N PRO A 2528 -37.15 -59.82 -72.82
CA PRO A 2528 -36.28 -60.38 -73.88
C PRO A 2528 -35.27 -61.42 -73.41
N ASP A 2529 -34.93 -61.43 -72.11
CA ASP A 2529 -34.07 -62.47 -71.57
C ASP A 2529 -34.74 -63.83 -71.67
N MET A 2530 -36.04 -63.89 -71.39
CA MET A 2530 -36.70 -65.18 -71.41
C MET A 2530 -37.26 -65.51 -72.79
N ARG A 2531 -37.51 -64.50 -73.62
CA ARG A 2531 -37.78 -64.78 -75.04
C ARG A 2531 -36.55 -65.40 -75.69
N ALA A 2532 -35.37 -64.85 -75.39
CA ALA A 2532 -34.12 -65.45 -75.84
C ALA A 2532 -33.93 -66.84 -75.26
N ALA A 2533 -34.34 -67.04 -73.99
CA ALA A 2533 -34.29 -68.37 -73.39
C ALA A 2533 -35.16 -69.36 -74.15
N ALA A 2534 -36.35 -68.92 -74.57
CA ALA A 2534 -37.23 -69.74 -75.39
C ALA A 2534 -36.61 -70.06 -76.74
N SER A 2535 -35.95 -69.07 -77.37
CA SER A 2535 -35.27 -69.31 -78.65
C SER A 2535 -34.11 -70.28 -78.50
N LEU A 2536 -33.31 -70.14 -77.43
CA LEU A 2536 -32.19 -71.03 -77.16
C LEU A 2536 -32.65 -72.41 -76.69
N ASP A 2537 -33.91 -72.52 -76.25
CA ASP A 2537 -34.46 -73.80 -75.77
C ASP A 2537 -34.90 -74.65 -76.96
N THR A 2538 -33.90 -75.18 -77.65
CA THR A 2538 -34.10 -76.05 -78.81
C THR A 2538 -33.19 -77.27 -78.66
N ALA A 2539 -33.32 -78.21 -79.61
CA ALA A 2539 -32.57 -79.46 -79.56
C ALA A 2539 -31.06 -79.29 -79.74
N THR A 2540 -30.59 -78.11 -80.17
CA THR A 2540 -29.19 -77.87 -80.41
C THR A 2540 -28.56 -76.86 -79.47
N PHE A 2541 -29.34 -75.90 -78.96
CA PHE A 2541 -28.79 -74.81 -78.16
C PHE A 2541 -29.14 -74.86 -76.68
N SER A 2542 -30.01 -75.77 -76.25
CA SER A 2542 -30.42 -75.79 -74.84
C SER A 2542 -29.34 -76.35 -73.91
N THR A 2543 -28.25 -76.90 -74.45
CA THR A 2543 -27.14 -77.39 -73.64
C THR A 2543 -25.93 -76.49 -73.71
N THR A 2544 -26.06 -75.28 -74.27
CA THR A 2544 -24.93 -74.37 -74.40
C THR A 2544 -24.53 -73.80 -73.04
N GLU A 2545 -23.45 -73.03 -73.05
CA GLU A 2545 -22.92 -72.45 -71.81
C GLU A 2545 -23.81 -71.33 -71.30
N MET A 2546 -24.58 -70.67 -72.17
CA MET A 2546 -25.48 -69.65 -71.69
C MET A 2546 -26.82 -70.22 -71.27
N ALA A 2547 -27.25 -71.31 -71.91
CA ALA A 2547 -28.56 -71.91 -71.63
C ALA A 2547 -28.70 -72.39 -70.19
N LEU A 2548 -27.68 -73.04 -69.64
CA LEU A 2548 -27.67 -73.41 -68.23
C LEU A 2548 -27.71 -72.18 -67.30
N ALA A 2549 -26.96 -71.14 -67.67
CA ALA A 2549 -26.98 -69.89 -66.90
C ALA A 2549 -28.36 -69.24 -66.97
N LEU A 2550 -28.99 -69.25 -68.14
CA LEU A 2550 -30.33 -68.70 -68.31
C LEU A 2550 -31.35 -69.48 -67.49
N ASN A 2551 -31.22 -70.81 -67.44
CA ASN A 2551 -32.11 -71.63 -66.63
C ASN A 2551 -31.99 -71.30 -65.16
N ARG A 2552 -30.75 -71.11 -64.68
CA ARG A 2552 -30.58 -70.73 -63.28
C ARG A 2552 -31.00 -69.28 -63.05
N TYR A 2553 -30.79 -68.42 -64.05
CA TYR A 2553 -31.11 -67.00 -63.98
C TYR A 2553 -32.61 -66.83 -63.83
N LEU A 2554 -33.38 -67.59 -64.57
CA LEU A 2554 -34.81 -67.36 -64.56
C LEU A 2554 -35.42 -68.12 -63.40
N CYS A 2555 -35.19 -69.44 -63.32
CA CYS A 2555 -35.86 -70.25 -62.32
C CYS A 2555 -35.39 -69.99 -60.88
N LEU A 2556 -34.29 -69.27 -60.67
CA LEU A 2556 -33.86 -68.98 -59.30
C LEU A 2556 -34.14 -67.56 -58.88
N ALA A 2557 -34.23 -66.62 -59.82
CA ALA A 2557 -34.44 -65.23 -59.48
C ALA A 2557 -35.69 -64.62 -60.11
N VAL A 2558 -35.96 -64.87 -61.38
CA VAL A 2558 -37.04 -64.17 -62.07
C VAL A 2558 -38.39 -64.81 -61.79
N LEU A 2559 -38.52 -66.10 -62.08
CA LEU A 2559 -39.81 -66.78 -61.88
C LEU A 2559 -40.27 -66.79 -60.42
N PRO A 2560 -39.42 -67.06 -59.40
CA PRO A 2560 -39.87 -66.84 -58.01
C PRO A 2560 -40.37 -65.44 -57.76
N LEU A 2561 -39.73 -64.43 -58.37
CA LEU A 2561 -40.16 -63.05 -58.18
C LEU A 2561 -41.57 -62.88 -58.70
N ILE A 2562 -41.86 -63.49 -59.85
CA ILE A 2562 -43.19 -63.43 -60.43
C ILE A 2562 -44.16 -64.13 -59.49
N THR A 2563 -43.71 -65.19 -58.82
CA THR A 2563 -44.57 -65.90 -57.87
C THR A 2563 -44.93 -65.01 -56.67
N LYS A 2564 -43.99 -64.16 -56.22
CA LYS A 2564 -44.35 -63.18 -55.18
C LYS A 2564 -45.01 -61.92 -55.71
N CYS A 2565 -45.16 -61.79 -57.04
CA CYS A 2565 -45.83 -60.63 -57.63
C CYS A 2565 -47.08 -61.01 -58.41
N ALA A 2566 -47.52 -62.27 -58.32
CA ALA A 2566 -48.69 -62.75 -59.04
C ALA A 2566 -50.01 -62.02 -58.78
N PRO A 2567 -50.41 -61.63 -57.53
CA PRO A 2567 -51.73 -60.97 -57.36
C PRO A 2567 -51.92 -59.70 -58.17
N LEU A 2568 -50.84 -58.97 -58.48
CA LEU A 2568 -50.94 -57.71 -59.20
C LEU A 2568 -51.34 -57.87 -60.66
N PHE A 2569 -51.39 -59.09 -61.18
CA PHE A 2569 -51.91 -59.34 -62.53
C PHE A 2569 -53.44 -59.43 -62.57
N ALA A 2570 -54.12 -59.04 -61.49
CA ALA A 2570 -55.59 -59.04 -61.47
C ALA A 2570 -56.16 -58.04 -62.47
N GLY A 2571 -55.57 -56.85 -62.58
CA GLY A 2571 -56.10 -55.84 -63.46
C GLY A 2571 -55.19 -55.46 -64.61
N THR A 2572 -54.56 -56.45 -65.22
CA THR A 2572 -53.63 -56.27 -66.34
C THR A 2572 -54.30 -56.63 -67.68
N GLU A 2573 -55.57 -56.27 -67.84
CA GLU A 2573 -56.24 -56.58 -69.10
C GLU A 2573 -55.90 -55.58 -70.20
N HIS A 2574 -55.53 -54.36 -69.84
CA HIS A 2574 -55.12 -53.36 -70.83
C HIS A 2574 -53.80 -53.71 -71.50
N ARG A 2575 -53.00 -54.61 -70.91
CA ARG A 2575 -51.77 -55.11 -71.51
C ARG A 2575 -51.90 -56.59 -71.86
N ALA A 2576 -53.03 -56.93 -72.47
CA ALA A 2576 -53.43 -58.31 -72.70
C ALA A 2576 -52.46 -59.04 -73.63
N ILE A 2577 -52.02 -58.39 -74.71
CA ILE A 2577 -51.21 -59.06 -75.72
C ILE A 2577 -49.84 -59.44 -75.13
N MET A 2578 -49.22 -58.50 -74.42
CA MET A 2578 -47.91 -58.79 -73.84
C MET A 2578 -48.00 -59.79 -72.70
N VAL A 2579 -49.13 -59.80 -71.97
CA VAL A 2579 -49.35 -60.86 -70.98
C VAL A 2579 -49.44 -62.22 -71.67
N ASP A 2580 -50.13 -62.27 -72.81
CA ASP A 2580 -50.23 -63.50 -73.58
C ASP A 2580 -48.87 -63.98 -74.06
N SER A 2581 -48.01 -63.02 -74.45
CA SER A 2581 -46.65 -63.34 -74.87
C SER A 2581 -45.85 -63.93 -73.71
N MET A 2582 -46.03 -63.37 -72.50
CA MET A 2582 -45.31 -63.89 -71.35
C MET A 2582 -45.76 -65.31 -71.02
N LEU A 2583 -47.09 -65.52 -70.93
CA LEU A 2583 -47.60 -66.80 -70.46
C LEU A 2583 -47.28 -67.90 -71.46
N HIS A 2584 -47.29 -67.59 -72.76
CA HIS A 2584 -46.98 -68.61 -73.76
CA HIS A 2584 -46.97 -68.61 -73.75
C HIS A 2584 -45.48 -68.93 -73.76
N THR A 2585 -44.63 -67.90 -73.65
CA THR A 2585 -43.20 -68.15 -73.65
C THR A 2585 -42.77 -68.94 -72.41
N VAL A 2586 -43.32 -68.61 -71.23
CA VAL A 2586 -43.00 -69.40 -70.04
C VAL A 2586 -43.62 -70.80 -70.14
N TYR A 2587 -44.76 -70.94 -70.84
CA TYR A 2587 -45.32 -72.27 -71.08
C TYR A 2587 -44.41 -73.13 -71.96
N ARG A 2588 -43.78 -72.53 -72.98
CA ARG A 2588 -42.76 -73.23 -73.74
C ARG A 2588 -41.54 -73.59 -72.88
N LEU A 2589 -41.18 -72.68 -71.96
CA LEU A 2589 -40.11 -72.97 -71.02
C LEU A 2589 -40.48 -74.14 -70.11
N SER A 2590 -41.75 -74.23 -69.70
CA SER A 2590 -42.21 -75.39 -68.94
C SER A 2590 -42.10 -76.64 -69.81
N ARG A 2591 -42.54 -76.55 -71.05
CA ARG A 2591 -42.38 -77.63 -72.01
C ARG A 2591 -41.06 -77.44 -72.79
N GLY A 2592 -39.99 -77.41 -72.02
CA GLY A 2592 -38.65 -77.17 -72.52
C GLY A 2592 -37.77 -78.38 -72.28
N ARG A 2593 -36.49 -78.22 -72.63
CA ARG A 2593 -35.53 -79.30 -72.52
C ARG A 2593 -34.25 -78.82 -71.84
N SER A 2594 -33.55 -79.79 -71.23
CA SER A 2594 -32.29 -79.58 -70.50
C SER A 2594 -32.46 -78.62 -69.32
N LEU A 2595 -33.58 -78.74 -68.62
CA LEU A 2595 -33.80 -78.06 -67.36
C LEU A 2595 -33.98 -79.06 -66.24
N THR A 2596 -33.49 -78.71 -65.06
CA THR A 2596 -33.54 -79.62 -63.92
C THR A 2596 -34.96 -79.74 -63.40
N LYS A 2597 -35.23 -80.85 -62.69
CA LYS A 2597 -36.55 -81.12 -62.14
C LYS A 2597 -36.98 -80.06 -61.13
N ALA A 2598 -36.03 -79.61 -60.28
CA ALA A 2598 -36.33 -78.58 -59.30
C ALA A 2598 -36.74 -77.29 -59.99
N GLN A 2599 -36.04 -76.92 -61.07
CA GLN A 2599 -36.39 -75.72 -61.79
C GLN A 2599 -37.73 -75.91 -62.50
N ARG A 2600 -38.02 -77.14 -62.93
CA ARG A 2600 -39.27 -77.42 -63.61
C ARG A 2600 -40.46 -77.20 -62.68
N ASP A 2601 -40.35 -77.66 -61.43
CA ASP A 2601 -41.46 -77.43 -60.51
C ASP A 2601 -41.52 -75.97 -60.03
N VAL A 2602 -40.39 -75.23 -60.10
CA VAL A 2602 -40.48 -73.80 -59.85
C VAL A 2602 -41.27 -73.11 -60.97
N ILE A 2603 -41.05 -73.54 -62.22
CA ILE A 2603 -41.84 -73.03 -63.35
C ILE A 2603 -43.31 -73.41 -63.16
N GLU A 2604 -43.56 -74.62 -62.64
CA GLU A 2604 -44.91 -75.08 -62.36
C GLU A 2604 -45.62 -74.17 -61.37
N ASP A 2605 -44.93 -73.86 -60.26
CA ASP A 2605 -45.51 -73.01 -59.21
C ASP A 2605 -45.78 -71.60 -59.72
N CYS A 2606 -44.83 -71.04 -60.47
CA CYS A 2606 -44.96 -69.69 -61.02
C CYS A 2606 -46.12 -69.61 -62.00
N LEU A 2607 -46.22 -70.58 -62.91
CA LEU A 2607 -47.27 -70.59 -63.92
C LEU A 2607 -48.64 -70.79 -63.28
N MET A 2608 -48.72 -71.68 -62.27
CA MET A 2608 -49.99 -71.95 -61.63
C MET A 2608 -50.49 -70.74 -60.86
N ALA A 2609 -49.59 -70.04 -60.16
CA ALA A 2609 -50.03 -68.81 -59.50
C ALA A 2609 -50.38 -67.73 -60.51
N LEU A 2610 -49.75 -67.76 -61.69
CA LEU A 2610 -50.07 -66.80 -62.76
C LEU A 2610 -51.50 -66.99 -63.22
N CYS A 2611 -51.90 -68.25 -63.43
CA CYS A 2611 -53.25 -68.49 -63.91
C CYS A 2611 -54.26 -68.28 -62.80
N ARG A 2612 -53.85 -68.51 -61.54
CA ARG A 2612 -54.74 -68.29 -60.41
CA ARG A 2612 -54.75 -68.28 -60.41
C ARG A 2612 -55.11 -66.81 -60.30
N TYR A 2613 -54.12 -65.93 -60.51
CA TYR A 2613 -54.30 -64.50 -60.34
C TYR A 2613 -54.41 -63.74 -61.65
N ILE A 2614 -54.70 -64.41 -62.76
CA ILE A 2614 -54.97 -63.75 -64.03
C ILE A 2614 -56.47 -63.87 -64.29
N ARG A 2615 -57.03 -62.91 -65.03
CA ARG A 2615 -58.44 -62.93 -65.38
C ARG A 2615 -58.77 -64.07 -66.34
N PRO A 2616 -59.99 -64.62 -66.28
CA PRO A 2616 -60.33 -65.78 -67.13
C PRO A 2616 -60.29 -65.50 -68.61
N SER A 2617 -60.43 -64.24 -69.03
CA SER A 2617 -60.44 -63.90 -70.45
C SER A 2617 -59.09 -64.16 -71.09
N MET A 2618 -58.02 -64.08 -70.30
CA MET A 2618 -56.66 -64.17 -70.79
C MET A 2618 -56.10 -65.59 -70.78
N LEU A 2619 -56.96 -66.60 -70.85
CA LEU A 2619 -56.50 -67.96 -71.09
C LEU A 2619 -56.90 -68.49 -72.46
N GLN A 2620 -57.41 -67.62 -73.34
CA GLN A 2620 -57.88 -68.07 -74.65
C GLN A 2620 -56.78 -68.64 -75.54
N HIS A 2621 -55.62 -68.01 -75.58
CA HIS A 2621 -54.51 -68.54 -76.38
C HIS A 2621 -53.86 -69.72 -75.68
N LEU A 2622 -53.74 -69.63 -74.36
CA LEU A 2622 -53.09 -70.70 -73.60
C LEU A 2622 -53.91 -71.98 -73.73
N LEU A 2623 -55.24 -71.87 -73.53
CA LEU A 2623 -56.13 -73.01 -73.69
C LEU A 2623 -56.15 -73.51 -75.13
N ARG A 2624 -55.99 -72.59 -76.09
CA ARG A 2624 -55.91 -73.01 -77.49
C ARG A 2624 -54.71 -73.92 -77.73
N ARG A 2625 -53.58 -73.58 -77.12
CA ARG A 2625 -52.42 -74.49 -77.11
C ARG A 2625 -52.70 -75.76 -76.32
N LEU A 2626 -53.44 -75.64 -75.21
CA LEU A 2626 -53.77 -76.79 -74.37
C LEU A 2626 -54.66 -77.79 -75.10
N VAL A 2627 -55.44 -77.33 -76.09
CA VAL A 2627 -56.24 -78.25 -76.91
C VAL A 2627 -55.32 -79.16 -77.72
N PHE A 2628 -54.10 -78.72 -78.01
CA PHE A 2628 -53.16 -79.49 -78.80
C PHE A 2628 -52.07 -80.13 -77.95
N ASP A 2629 -52.03 -79.84 -76.65
CA ASP A 2629 -51.01 -80.41 -75.77
C ASP A 2629 -51.59 -81.37 -74.74
N VAL A 2630 -52.66 -80.97 -74.04
CA VAL A 2630 -53.26 -81.82 -73.01
C VAL A 2630 -53.81 -83.15 -73.53
N PRO A 2631 -54.58 -83.21 -74.66
CA PRO A 2631 -55.08 -84.52 -75.13
C PRO A 2631 -54.00 -85.53 -75.52
N ILE A 2632 -52.76 -85.10 -75.76
CA ILE A 2632 -51.67 -86.05 -76.00
C ILE A 2632 -51.48 -86.95 -74.77
N LEU A 2633 -51.66 -86.38 -73.57
CA LEU A 2633 -51.61 -87.10 -72.29
C LEU A 2633 -50.21 -87.68 -72.04
N ASN A 2634 -49.21 -86.85 -72.26
CA ASN A 2634 -47.81 -87.24 -72.14
C ASN A 2634 -47.23 -86.72 -70.82
N GLU A 2635 -45.91 -86.87 -70.67
CA GLU A 2635 -45.21 -86.36 -69.49
C GLU A 2635 -45.27 -84.85 -69.39
N PHE A 2636 -45.29 -84.16 -70.54
CA PHE A 2636 -45.43 -82.71 -70.54
C PHE A 2636 -46.82 -82.24 -70.17
N ALA A 2637 -47.80 -83.15 -70.09
CA ALA A 2637 -49.17 -82.83 -69.74
C ALA A 2637 -49.51 -83.02 -68.26
N LYS A 2638 -48.54 -83.40 -67.42
CA LYS A 2638 -48.81 -83.54 -65.98
C LYS A 2638 -49.20 -82.21 -65.36
N MET A 2639 -48.50 -81.14 -65.70
CA MET A 2639 -48.74 -79.82 -65.14
C MET A 2639 -49.97 -79.15 -65.78
N PRO A 2640 -50.16 -79.12 -67.12
CA PRO A 2640 -51.39 -78.50 -67.66
C PRO A 2640 -52.71 -79.14 -67.21
N LEU A 2641 -52.76 -80.46 -67.00
CA LEU A 2641 -54.00 -81.10 -66.55
C LEU A 2641 -54.46 -80.57 -65.20
N LYS A 2642 -53.52 -80.45 -64.25
CA LYS A 2642 -53.84 -79.83 -62.96
C LYS A 2642 -54.06 -78.33 -63.10
N LEU A 2643 -53.39 -77.69 -64.08
CA LEU A 2643 -53.64 -76.28 -64.35
C LEU A 2643 -55.07 -76.07 -64.79
N LEU A 2644 -55.56 -76.94 -65.68
CA LEU A 2644 -56.92 -76.88 -66.15
C LEU A 2644 -57.88 -77.12 -64.99
N THR A 2645 -57.50 -78.04 -64.09
CA THR A 2645 -58.34 -78.29 -62.92
C THR A 2645 -58.50 -77.05 -62.07
N ASN A 2646 -57.40 -76.31 -61.83
CA ASN A 2646 -57.46 -75.08 -61.05
C ASN A 2646 -58.29 -74.00 -61.75
N HIS A 2647 -58.08 -73.85 -63.07
CA HIS A 2647 -58.79 -72.81 -63.82
C HIS A 2647 -60.27 -73.11 -63.93
N TYR A 2648 -60.62 -74.36 -64.26
CA TYR A 2648 -62.02 -74.68 -64.47
C TYR A 2648 -62.77 -74.72 -63.14
N GLU A 2649 -62.12 -75.23 -62.07
CA GLU A 2649 -62.74 -75.17 -60.74
C GLU A 2649 -62.81 -73.75 -60.19
N ARG A 2650 -62.13 -72.80 -60.81
CA ARG A 2650 -62.17 -71.41 -60.39
C ARG A 2650 -63.14 -70.59 -61.21
N CYS A 2651 -63.33 -70.95 -62.49
CA CYS A 2651 -64.17 -70.19 -63.41
C CYS A 2651 -65.22 -71.05 -64.09
N TRP A 2652 -65.73 -72.07 -63.38
CA TRP A 2652 -66.68 -73.01 -63.99
C TRP A 2652 -68.01 -72.35 -64.37
N LYS A 2653 -68.51 -71.44 -63.53
CA LYS A 2653 -69.76 -70.74 -63.87
C LYS A 2653 -69.56 -69.78 -65.03
N TYR A 2654 -68.34 -69.28 -65.25
CA TYR A 2654 -68.08 -68.32 -66.31
C TYR A 2654 -68.34 -68.92 -67.68
N TYR A 2655 -68.03 -70.19 -67.86
CA TYR A 2655 -68.25 -70.84 -69.15
C TYR A 2655 -69.55 -71.61 -69.21
N CYS A 2656 -70.19 -71.91 -68.07
CA CYS A 2656 -71.38 -72.76 -68.05
C CYS A 2656 -72.67 -71.95 -68.00
N LEU A 2657 -72.82 -71.10 -66.98
CA LEU A 2657 -74.06 -70.35 -66.82
C LEU A 2657 -74.17 -69.29 -67.91
N PRO A 2658 -75.36 -69.14 -68.52
CA PRO A 2658 -75.58 -68.07 -69.52
C PRO A 2658 -75.19 -66.67 -69.04
N THR A 2659 -75.47 -66.35 -67.78
CA THR A 2659 -75.03 -65.07 -67.24
C THR A 2659 -73.57 -65.09 -66.80
N GLY A 2660 -72.97 -66.27 -66.70
CA GLY A 2660 -71.56 -66.38 -66.38
C GLY A 2660 -71.28 -66.23 -64.90
N TRP A 2661 -69.98 -66.15 -64.59
CA TRP A 2661 -69.52 -65.94 -63.23
C TRP A 2661 -69.83 -64.50 -62.80
N ALA A 2662 -69.74 -64.25 -61.49
CA ALA A 2662 -69.98 -62.92 -60.91
C ALA A 2662 -69.03 -61.89 -61.48
N ASN A 2663 -69.59 -60.93 -62.24
CA ASN A 2663 -68.95 -59.72 -62.78
C ASN A 2663 -67.66 -59.97 -63.57
N PHE A 2664 -67.43 -61.19 -64.05
CA PHE A 2664 -66.38 -61.46 -65.02
C PHE A 2664 -66.92 -61.56 -66.45
N GLY A 2665 -68.20 -61.29 -66.65
CA GLY A 2665 -68.79 -61.41 -67.97
C GLY A 2665 -69.09 -62.84 -68.32
N VAL A 2666 -69.25 -63.08 -69.62
CA VAL A 2666 -69.59 -64.39 -70.17
C VAL A 2666 -68.53 -64.70 -71.23
N THR A 2667 -68.29 -66.00 -71.45
CA THR A 2667 -67.33 -66.51 -72.43
C THR A 2667 -67.64 -65.99 -73.84
N SER A 2668 -66.60 -66.00 -74.69
CA SER A 2668 -66.71 -65.50 -76.05
C SER A 2668 -66.97 -66.59 -77.08
N GLU A 2669 -67.73 -67.63 -76.70
CA GLU A 2669 -68.27 -68.76 -77.49
C GLU A 2669 -67.21 -69.54 -78.28
N GLU A 2670 -65.93 -69.30 -78.05
CA GLU A 2670 -64.85 -70.02 -78.71
C GLU A 2670 -64.31 -71.11 -77.82
N GLU A 2671 -64.00 -70.76 -76.57
CA GLU A 2671 -63.45 -71.72 -75.62
C GLU A 2671 -64.46 -72.81 -75.27
N LEU A 2672 -65.77 -72.57 -75.47
CA LEU A 2672 -66.75 -73.61 -75.20
C LEU A 2672 -66.52 -74.81 -76.09
N HIS A 2673 -66.30 -74.56 -77.39
CA HIS A 2673 -65.91 -75.60 -78.33
C HIS A 2673 -64.52 -76.13 -78.05
N LEU A 2674 -63.59 -75.25 -77.68
CA LEU A 2674 -62.23 -75.71 -77.33
C LEU A 2674 -62.23 -76.61 -76.11
N THR A 2675 -63.05 -76.27 -75.10
CA THR A 2675 -63.24 -77.10 -73.92
C THR A 2675 -63.91 -78.41 -74.31
N ARG A 2676 -64.83 -78.39 -75.27
CA ARG A 2676 -65.47 -79.61 -75.75
C ARG A 2676 -64.44 -80.56 -76.36
N LYS A 2677 -63.61 -80.03 -77.25
CA LYS A 2677 -62.54 -80.83 -77.84
C LYS A 2677 -61.54 -81.31 -76.80
N LEU A 2678 -61.30 -80.53 -75.75
CA LEU A 2678 -60.51 -81.01 -74.62
C LEU A 2678 -61.23 -82.14 -73.89
N PHE A 2679 -62.56 -82.03 -73.74
CA PHE A 2679 -63.35 -83.02 -73.02
C PHE A 2679 -63.31 -84.38 -73.70
N TRP A 2680 -63.59 -84.42 -75.00
CA TRP A 2680 -63.58 -85.72 -75.65
C TRP A 2680 -62.18 -86.16 -76.04
N GLY A 2681 -61.25 -85.23 -76.27
CA GLY A 2681 -59.87 -85.61 -76.51
C GLY A 2681 -59.25 -86.28 -75.30
N ILE A 2682 -59.46 -85.71 -74.11
CA ILE A 2682 -58.98 -86.31 -72.87
C ILE A 2682 -59.74 -87.60 -72.57
N PHE A 2683 -61.06 -87.62 -72.80
CA PHE A 2683 -61.85 -88.81 -72.54
C PHE A 2683 -61.40 -89.99 -73.39
N ASP A 2684 -61.11 -89.74 -74.68
CA ASP A 2684 -60.60 -90.79 -75.55
C ASP A 2684 -59.16 -91.15 -75.24
N SER A 2685 -58.31 -90.16 -74.93
CA SER A 2685 -56.91 -90.42 -74.60
C SER A 2685 -56.80 -91.26 -73.34
N LEU A 2686 -57.56 -90.91 -72.30
CA LEU A 2686 -57.60 -91.70 -71.08
C LEU A 2686 -58.27 -93.04 -71.31
N ALA A 2687 -59.13 -93.16 -72.33
CA ALA A 2687 -59.81 -94.42 -72.59
C ALA A 2687 -58.87 -95.42 -73.24
N HIS A 2688 -58.08 -94.98 -74.21
CA HIS A 2688 -57.30 -95.88 -75.03
C HIS A 2688 -55.82 -95.94 -74.65
N LYS A 2689 -55.27 -94.85 -74.10
CA LYS A 2689 -53.90 -94.85 -73.63
C LYS A 2689 -53.76 -95.72 -72.40
N LYS A 2690 -52.52 -96.13 -72.11
CA LYS A 2690 -52.22 -97.07 -71.05
C LYS A 2690 -52.62 -96.55 -69.67
N TYR A 2691 -53.14 -97.45 -68.84
CA TYR A 2691 -53.66 -97.07 -67.54
C TYR A 2691 -52.52 -96.80 -66.57
N ASP A 2692 -52.55 -95.63 -65.94
CA ASP A 2692 -51.53 -95.19 -65.00
C ASP A 2692 -52.21 -94.88 -63.67
N GLN A 2693 -51.64 -95.39 -62.57
CA GLN A 2693 -52.13 -95.07 -61.23
C GLN A 2693 -52.11 -93.58 -60.96
N GLU A 2694 -50.96 -92.94 -61.18
CA GLU A 2694 -50.80 -91.53 -60.82
C GLU A 2694 -51.55 -90.60 -61.77
N LEU A 2695 -51.47 -90.88 -63.07
CA LEU A 2695 -52.08 -90.00 -64.08
C LEU A 2695 -53.59 -89.94 -63.99
N TYR A 2696 -54.25 -91.08 -63.72
CA TYR A 2696 -55.70 -91.10 -63.71
C TYR A 2696 -56.25 -90.31 -62.52
N ARG A 2697 -55.56 -90.38 -61.37
CA ARG A 2697 -56.02 -89.71 -60.16
C ARG A 2697 -55.98 -88.20 -60.32
N MET A 2698 -54.92 -87.68 -60.93
CA MET A 2698 -54.79 -86.24 -61.11
C MET A 2698 -55.44 -85.76 -62.40
N ALA A 2699 -55.93 -86.68 -63.25
CA ALA A 2699 -56.63 -86.27 -64.45
C ALA A 2699 -58.13 -86.28 -64.28
N MET A 2700 -58.66 -87.12 -63.38
CA MET A 2700 -60.10 -87.12 -63.12
C MET A 2700 -60.68 -85.79 -62.59
N PRO A 2701 -60.05 -85.00 -61.68
CA PRO A 2701 -60.66 -83.71 -61.32
C PRO A 2701 -60.73 -82.76 -62.50
N CYS A 2702 -59.77 -82.86 -63.43
CA CYS A 2702 -59.78 -82.00 -64.61
C CYS A 2702 -61.01 -82.29 -65.45
N LEU A 2703 -61.31 -83.58 -65.66
CA LEU A 2703 -62.47 -83.98 -66.43
C LEU A 2703 -63.76 -83.52 -65.76
N CYS A 2704 -63.85 -83.69 -64.44
CA CYS A 2704 -65.03 -83.23 -63.69
C CYS A 2704 -65.20 -81.72 -63.74
N ALA A 2705 -64.11 -80.97 -63.57
CA ALA A 2705 -64.15 -79.52 -63.67
C ALA A 2705 -64.50 -79.04 -65.07
N ILE A 2706 -63.98 -79.71 -66.11
CA ILE A 2706 -64.37 -79.43 -67.49
C ILE A 2706 -65.87 -79.67 -67.67
N ALA A 2707 -66.37 -80.78 -67.12
CA ALA A 2707 -67.79 -81.11 -67.23
C ALA A 2707 -68.64 -80.05 -66.52
N GLY A 2708 -68.16 -79.54 -65.39
CA GLY A 2708 -68.87 -78.47 -64.71
C GLY A 2708 -68.88 -77.17 -65.50
N ALA A 2709 -67.76 -76.86 -66.15
CA ALA A 2709 -67.62 -75.61 -66.89
C ALA A 2709 -68.34 -75.62 -68.22
N LEU A 2710 -68.46 -76.78 -68.86
CA LEU A 2710 -69.14 -76.85 -70.15
C LEU A 2710 -70.63 -76.55 -70.00
N PRO A 2711 -71.21 -75.77 -70.93
CA PRO A 2711 -72.63 -75.42 -70.80
C PRO A 2711 -73.51 -76.64 -71.04
N PRO A 2712 -74.69 -76.68 -70.42
CA PRO A 2712 -75.60 -77.83 -70.64
C PRO A 2712 -76.04 -78.00 -72.09
N ASP A 2713 -76.33 -76.89 -72.79
CA ASP A 2713 -76.92 -76.99 -74.12
C ASP A 2713 -76.31 -75.98 -75.10
N TYR A 2714 -74.99 -75.83 -75.12
CA TYR A 2714 -74.37 -74.97 -76.12
C TYR A 2714 -74.13 -75.77 -77.39
N VAL A 2715 -74.51 -75.21 -78.52
CA VAL A 2715 -74.32 -75.84 -79.81
C VAL A 2715 -73.08 -75.23 -80.44
N ASP A 2716 -72.11 -76.08 -80.79
CA ASP A 2716 -70.89 -75.63 -81.44
C ASP A 2716 -71.21 -75.04 -82.81
N ALA A 2717 -70.51 -73.94 -83.15
CA ALA A 2717 -70.78 -73.23 -84.40
C ALA A 2717 -70.49 -74.10 -85.62
N SER A 2718 -69.39 -74.85 -85.59
CA SER A 2718 -69.00 -75.72 -86.70
C SER A 2718 -68.87 -77.15 -86.19
N TYR A 2719 -69.83 -78.00 -86.56
CA TYR A 2719 -69.79 -79.42 -86.21
C TYR A 2719 -68.97 -80.21 -87.23
N SER A 2720 -67.73 -79.77 -87.46
CA SER A 2720 -66.84 -80.44 -88.40
C SER A 2720 -65.46 -80.56 -87.74
N SER A 2721 -64.80 -81.69 -87.99
CA SER A 2721 -63.49 -81.95 -87.39
C SER A 2721 -62.72 -82.91 -88.28
N LYS A 2722 -61.40 -82.81 -88.21
CA LYS A 2722 -60.54 -83.73 -88.97
C LYS A 2722 -60.52 -85.12 -88.35
N ALA A 2723 -60.53 -85.19 -87.01
CA ALA A 2723 -60.50 -86.42 -86.22
C ALA A 2723 -59.27 -87.28 -86.55
N GLU A 2724 -58.11 -86.70 -86.29
CA GLU A 2724 -56.82 -87.34 -86.55
C GLU A 2724 -55.90 -87.04 -85.39
N LYS A 2725 -54.61 -87.34 -85.59
CA LYS A 2725 -53.51 -87.15 -84.62
C LYS A 2725 -53.77 -87.84 -83.28
N ASN A 2734 -44.07 -81.74 -82.33
CA ASN A 2734 -44.91 -80.61 -81.94
C ASN A 2734 -46.16 -80.53 -82.81
N PHE A 2735 -46.56 -79.32 -83.17
CA PHE A 2735 -47.71 -79.09 -84.05
C PHE A 2735 -47.23 -79.26 -85.49
N ASP A 2736 -47.64 -80.35 -86.14
CA ASP A 2736 -47.20 -80.68 -87.49
C ASP A 2736 -48.41 -80.94 -88.38
N PRO A 2737 -49.02 -79.88 -88.91
CA PRO A 2737 -50.15 -80.06 -89.83
C PRO A 2737 -49.71 -80.67 -91.15
N ARG A 2738 -50.53 -81.57 -91.67
CA ARG A 2738 -50.22 -82.21 -92.94
C ARG A 2738 -51.11 -81.63 -94.03
N PRO A 2739 -50.54 -80.97 -95.03
CA PRO A 2739 -51.34 -80.47 -96.15
C PRO A 2739 -51.67 -81.61 -97.11
N VAL A 2740 -52.42 -81.26 -98.16
CA VAL A 2740 -52.82 -82.21 -99.20
C VAL A 2740 -51.92 -81.99 -100.40
N GLU A 2741 -51.23 -83.04 -100.82
CA GLU A 2741 -50.34 -82.95 -101.96
C GLU A 2741 -51.14 -82.75 -103.24
N THR A 2742 -50.59 -81.96 -104.15
CA THR A 2742 -51.28 -81.56 -105.38
C THR A 2742 -50.46 -81.81 -106.63
N LEU A 2743 -49.35 -82.54 -106.55
CA LEU A 2743 -48.42 -82.68 -107.67
C LEU A 2743 -48.68 -83.93 -108.50
N ASN A 2744 -48.86 -85.08 -107.84
CA ASN A 2744 -48.91 -86.38 -108.50
C ASN A 2744 -50.17 -86.61 -109.32
N VAL A 2745 -51.19 -85.76 -109.20
CA VAL A 2745 -52.43 -85.89 -109.97
C VAL A 2745 -52.52 -84.70 -110.92
N ILE A 2746 -53.05 -84.94 -112.12
CA ILE A 2746 -53.16 -83.89 -113.13
C ILE A 2746 -54.41 -83.07 -112.85
N ILE A 2747 -54.40 -81.82 -113.28
CA ILE A 2747 -55.56 -80.94 -113.10
C ILE A 2747 -56.65 -81.33 -114.10
N PRO A 2748 -57.88 -81.60 -113.64
CA PRO A 2748 -58.96 -81.90 -114.58
C PRO A 2748 -59.37 -80.64 -115.33
N GLU A 2749 -59.03 -80.61 -116.62
CA GLU A 2749 -59.26 -79.45 -117.47
C GLU A 2749 -60.55 -79.55 -118.27
N LYS A 2750 -61.44 -80.48 -117.90
CA LYS A 2750 -62.75 -80.57 -118.55
C LYS A 2750 -63.59 -79.31 -118.32
N LEU A 2751 -63.38 -78.62 -117.19
CA LEU A 2751 -64.04 -77.35 -116.90
C LEU A 2751 -63.10 -76.16 -117.10
N ASP A 2752 -62.25 -76.24 -118.13
CA ASP A 2752 -61.30 -75.17 -118.46
C ASP A 2752 -62.01 -73.85 -118.76
N SER A 2753 -63.30 -73.92 -119.17
CA SER A 2753 -64.14 -72.74 -119.37
C SER A 2753 -64.28 -71.94 -118.08
N PHE A 2754 -64.14 -72.60 -116.92
CA PHE A 2754 -64.16 -71.93 -115.63
C PHE A 2754 -62.75 -71.70 -115.10
N ILE A 2755 -61.81 -72.62 -115.38
CA ILE A 2755 -60.44 -72.46 -114.88
C ILE A 2755 -59.80 -71.20 -115.43
N ASN A 2756 -59.94 -70.98 -116.76
CA ASN A 2756 -59.40 -69.74 -117.33
C ASN A 2756 -60.21 -68.52 -116.88
N LYS A 2757 -61.53 -68.65 -116.79
CA LYS A 2757 -62.39 -67.53 -116.39
C LYS A 2757 -62.04 -67.03 -114.99
N PHE A 2758 -61.83 -67.96 -114.07
CA PHE A 2758 -61.46 -67.58 -112.72
C PHE A 2758 -60.01 -67.14 -112.66
N ALA A 2759 -59.18 -67.54 -113.65
CA ALA A 2759 -57.76 -67.18 -113.63
C ALA A 2759 -57.60 -65.67 -113.77
N GLU A 2760 -58.37 -65.04 -114.67
CA GLU A 2760 -58.25 -63.61 -114.78
C GLU A 2760 -59.19 -62.92 -113.80
N TYR A 2761 -60.32 -63.56 -113.45
CA TYR A 2761 -61.25 -62.86 -112.56
C TYR A 2761 -60.76 -62.73 -111.12
N THR A 2762 -59.77 -63.53 -110.69
CA THR A 2762 -59.19 -63.27 -109.37
C THR A 2762 -58.50 -61.91 -109.32
N HIS A 2763 -57.75 -61.57 -110.38
CA HIS A 2763 -57.13 -60.26 -110.47
C HIS A 2763 -58.15 -59.17 -110.79
N GLU A 2764 -59.18 -59.49 -111.57
CA GLU A 2764 -60.22 -58.51 -111.85
C GLU A 2764 -61.00 -58.15 -110.58
N LYS A 2765 -61.31 -59.14 -109.74
CA LYS A 2765 -61.89 -58.86 -108.42
C LYS A 2765 -60.89 -58.15 -107.50
N TRP A 2766 -59.59 -58.46 -107.63
CA TRP A 2766 -58.60 -57.70 -106.89
C TRP A 2766 -58.59 -56.24 -107.31
N ALA A 2767 -58.78 -55.98 -108.62
CA ALA A 2767 -58.93 -54.62 -109.12
C ALA A 2767 -60.20 -53.97 -108.56
N PHE A 2768 -61.26 -54.75 -108.38
CA PHE A 2768 -62.46 -54.24 -107.71
C PHE A 2768 -62.16 -53.82 -106.28
N ASP A 2769 -61.37 -54.63 -105.57
CA ASP A 2769 -60.94 -54.26 -104.21
C ASP A 2769 -60.08 -53.00 -104.23
N LYS A 2770 -59.20 -52.86 -105.22
CA LYS A 2770 -58.35 -51.69 -105.30
C LYS A 2770 -59.17 -50.44 -105.60
N ILE A 2771 -60.13 -50.53 -106.55
CA ILE A 2771 -60.90 -49.35 -106.90
C ILE A 2771 -61.87 -48.99 -105.77
N GLN A 2772 -62.25 -49.96 -104.93
CA GLN A 2772 -63.08 -49.66 -103.78
C GLN A 2772 -62.26 -49.32 -102.53
N ASN A 2773 -60.92 -49.28 -102.68
CA ASN A 2773 -60.02 -48.97 -101.58
C ASN A 2773 -59.67 -47.47 -101.52
N ASN A 2774 -60.60 -46.62 -101.97
CA ASN A 2774 -60.60 -45.15 -101.98
C ASN A 2774 -59.61 -44.54 -102.97
N TRP A 2775 -58.82 -45.33 -103.68
CA TRP A 2775 -57.86 -44.80 -104.64
C TRP A 2775 -58.09 -45.48 -105.98
N SER A 2776 -58.02 -44.69 -107.06
CA SER A 2776 -58.19 -45.21 -108.41
C SER A 2776 -56.87 -45.83 -108.88
N TYR A 2777 -56.82 -46.20 -110.16
CA TYR A 2777 -55.64 -46.86 -110.68
C TYR A 2777 -54.67 -45.86 -111.32
N GLY A 2778 -53.40 -46.28 -111.38
CA GLY A 2778 -52.38 -45.47 -111.99
C GLY A 2778 -51.60 -46.30 -113.00
N GLU A 2779 -50.98 -45.59 -113.95
CA GLU A 2779 -50.22 -46.24 -115.00
C GLU A 2779 -48.74 -46.40 -114.69
N ASN A 2780 -48.26 -45.80 -113.61
CA ASN A 2780 -46.87 -45.95 -113.18
C ASN A 2780 -46.78 -47.04 -112.11
N VAL A 2781 -45.79 -47.92 -112.25
CA VAL A 2781 -45.62 -49.06 -111.35
C VAL A 2781 -44.70 -48.60 -110.22
N ASP A 2782 -45.29 -48.09 -109.15
CA ASP A 2782 -44.55 -47.65 -107.98
C ASP A 2782 -45.49 -47.63 -106.77
N GLU A 2783 -44.89 -47.51 -105.59
CA GLU A 2783 -45.64 -47.61 -104.34
C GLU A 2783 -46.35 -46.32 -103.94
N GLU A 2784 -46.25 -45.24 -104.73
CA GLU A 2784 -46.90 -43.98 -104.40
C GLU A 2784 -48.42 -44.07 -104.40
N LEU A 2785 -48.98 -45.08 -105.07
CA LEU A 2785 -50.42 -45.26 -105.15
C LEU A 2785 -50.98 -46.04 -103.97
N LYS A 2786 -50.09 -46.55 -103.08
CA LYS A 2786 -50.39 -47.34 -101.85
C LYS A 2786 -51.39 -48.49 -102.07
N THR A 2787 -51.49 -48.97 -103.31
CA THR A 2787 -52.28 -50.14 -103.70
C THR A 2787 -51.44 -50.93 -104.68
N HIS A 2788 -52.07 -51.86 -105.39
CA HIS A 2788 -51.40 -52.68 -106.41
C HIS A 2788 -50.95 -51.81 -107.58
N PRO A 2789 -49.64 -51.63 -107.80
CA PRO A 2789 -49.21 -50.65 -108.80
C PRO A 2789 -49.39 -51.07 -110.24
N MET A 2790 -49.06 -52.32 -110.56
CA MET A 2790 -48.89 -52.75 -111.95
C MET A 2790 -50.18 -53.18 -112.64
N LEU A 2791 -51.35 -52.84 -112.08
CA LEU A 2791 -52.59 -53.14 -112.79
C LEU A 2791 -52.86 -52.00 -113.78
N ARG A 2792 -53.14 -52.37 -115.02
CA ARG A 2792 -53.33 -51.48 -116.14
C ARG A 2792 -54.66 -51.84 -116.79
N PRO A 2793 -55.27 -50.93 -117.57
CA PRO A 2793 -56.53 -51.26 -118.23
C PRO A 2793 -56.41 -52.46 -119.16
N TYR A 2794 -57.49 -53.27 -119.19
CA TYR A 2794 -57.54 -54.53 -119.91
C TYR A 2794 -57.40 -54.40 -121.42
N LYS A 2795 -57.57 -53.19 -121.97
CA LYS A 2795 -57.39 -52.98 -123.40
C LYS A 2795 -55.95 -53.24 -123.83
N THR A 2796 -54.98 -52.81 -123.02
CA THR A 2796 -53.56 -52.98 -123.33
C THR A 2796 -52.80 -53.58 -122.16
N PHE A 2797 -53.45 -54.45 -121.38
CA PHE A 2797 -52.80 -55.14 -120.27
C PHE A 2797 -52.24 -56.46 -120.78
N SER A 2798 -50.91 -56.57 -120.79
CA SER A 2798 -50.23 -57.74 -121.32
C SER A 2798 -50.55 -59.00 -120.51
N GLU A 2799 -50.71 -60.12 -121.22
CA GLU A 2799 -51.01 -61.40 -120.59
C GLU A 2799 -49.77 -62.23 -120.30
N LYS A 2800 -48.60 -61.60 -120.21
CA LYS A 2800 -47.40 -62.31 -119.78
C LYS A 2800 -47.51 -62.79 -118.34
N ASP A 2801 -48.06 -61.94 -117.46
CA ASP A 2801 -48.24 -62.28 -116.05
C ASP A 2801 -49.50 -63.09 -115.77
N LYS A 2802 -50.52 -63.01 -116.62
CA LYS A 2802 -51.76 -63.74 -116.40
C LYS A 2802 -51.60 -65.26 -116.48
N GLU A 2803 -50.58 -65.73 -117.21
CA GLU A 2803 -50.24 -67.15 -117.21
C GLU A 2803 -49.50 -67.61 -115.96
N ILE A 2804 -48.92 -66.69 -115.19
CA ILE A 2804 -48.20 -67.06 -113.96
C ILE A 2804 -48.90 -66.55 -112.71
N TYR A 2805 -49.98 -65.79 -112.86
CA TYR A 2805 -50.80 -65.39 -111.73
C TYR A 2805 -51.79 -66.47 -111.32
N ARG A 2806 -51.94 -67.53 -112.11
CA ARG A 2806 -52.94 -68.54 -111.86
C ARG A 2806 -52.41 -69.74 -111.10
N TRP A 2807 -51.16 -69.69 -110.62
CA TRP A 2807 -50.62 -70.76 -109.79
C TRP A 2807 -51.40 -70.99 -108.49
N PRO A 2808 -51.72 -69.96 -107.66
CA PRO A 2808 -52.62 -70.24 -106.52
C PRO A 2808 -54.00 -70.72 -106.95
N ILE A 2809 -54.50 -70.24 -108.09
CA ILE A 2809 -55.79 -70.70 -108.61
C ILE A 2809 -55.70 -72.16 -109.01
N LYS A 2810 -54.62 -72.55 -109.70
CA LYS A 2810 -54.43 -73.95 -110.11
C LYS A 2810 -54.33 -74.88 -108.90
N GLU A 2811 -53.59 -74.44 -107.86
CA GLU A 2811 -53.53 -75.21 -106.62
C GLU A 2811 -54.89 -75.28 -105.93
N SER A 2812 -55.65 -74.18 -105.95
CA SER A 2812 -56.96 -74.16 -105.31
C SER A 2812 -57.94 -75.11 -106.00
N LEU A 2813 -57.96 -75.10 -107.34
CA LEU A 2813 -58.83 -76.00 -108.09
C LEU A 2813 -58.41 -77.46 -107.92
N LYS A 2814 -57.10 -77.70 -107.80
CA LYS A 2814 -56.61 -79.03 -107.50
C LYS A 2814 -57.06 -79.46 -106.12
N ALA A 2815 -56.99 -78.55 -105.14
CA ALA A 2815 -57.37 -78.89 -103.77
C ALA A 2815 -58.87 -79.19 -103.68
N MET A 2816 -59.71 -78.38 -104.35
CA MET A 2816 -61.15 -78.61 -104.30
C MET A 2816 -61.58 -79.84 -105.09
N ILE A 2817 -60.71 -80.42 -105.92
CA ILE A 2817 -61.10 -81.60 -106.69
C ILE A 2817 -60.32 -82.85 -106.30
N ALA A 2818 -59.25 -82.72 -105.51
CA ALA A 2818 -58.43 -83.87 -105.16
C ALA A 2818 -58.99 -84.73 -104.03
N TRP A 2819 -59.93 -84.21 -103.24
CA TRP A 2819 -60.50 -84.97 -102.13
C TRP A 2819 -61.69 -85.82 -102.55
N GLU A 2820 -61.58 -86.53 -103.68
CA GLU A 2820 -62.67 -87.31 -104.30
C GLU A 2820 -63.95 -86.48 -104.42
N TRP A 2821 -63.79 -85.25 -104.90
CA TRP A 2821 -64.87 -84.25 -104.94
C TRP A 2821 -65.01 -83.76 -106.37
N THR A 2822 -65.85 -84.44 -107.15
CA THR A 2822 -66.05 -84.09 -108.54
C THR A 2822 -66.96 -82.88 -108.68
N ILE A 2823 -66.76 -82.13 -109.76
CA ILE A 2823 -67.53 -80.95 -110.08
C ILE A 2823 -68.00 -81.07 -111.52
N GLU A 2824 -69.26 -80.73 -111.77
CA GLU A 2824 -69.86 -80.91 -113.08
C GLU A 2824 -70.58 -79.64 -113.51
N LYS A 2825 -70.72 -79.47 -114.82
CA LYS A 2825 -71.35 -78.29 -115.40
C LYS A 2825 -72.85 -78.31 -115.12
N ALA A 2826 -73.33 -77.35 -114.34
CA ALA A 2826 -74.78 -77.19 -114.16
C ALA A 2826 -75.42 -76.53 -115.37
N ARG A 2827 -74.72 -75.60 -115.99
CA ARG A 2827 -75.19 -74.88 -117.17
C ARG A 2827 -74.49 -75.41 -118.42
N GLU A 2828 -74.86 -74.87 -119.58
CA GLU A 2828 -74.26 -75.23 -120.86
C GLU A 2828 -73.93 -73.93 -121.58
N GLY A 2829 -72.69 -73.48 -121.44
CA GLY A 2829 -72.26 -72.25 -122.09
C GLY A 2829 -70.80 -72.00 -121.83
N GLU A 2830 -70.29 -70.97 -122.51
CA GLU A 2830 -68.89 -70.51 -122.46
C GLU A 2830 -67.88 -71.62 -122.77
N TYR A 2855 -61.98 -50.07 -118.23
CA TYR A 2855 -61.44 -51.03 -117.26
C TYR A 2855 -62.27 -51.01 -115.98
N ASN A 2856 -63.41 -51.68 -116.01
CA ASN A 2856 -64.26 -51.70 -114.83
C ASN A 2856 -64.77 -53.12 -114.59
N PRO A 2857 -64.53 -53.68 -113.40
CA PRO A 2857 -65.08 -55.00 -113.08
C PRO A 2857 -66.57 -54.96 -112.79
N GLN A 2858 -67.37 -55.01 -113.85
CA GLN A 2858 -68.83 -54.89 -113.74
C GLN A 2858 -69.51 -55.94 -112.86
N PRO A 2859 -69.28 -57.25 -112.97
CA PRO A 2859 -70.07 -58.19 -112.15
C PRO A 2859 -69.63 -58.18 -110.70
N PRO A 2860 -70.57 -58.01 -109.77
CA PRO A 2860 -70.20 -58.11 -108.34
C PRO A 2860 -70.29 -59.55 -107.85
N ASP A 2861 -69.18 -60.07 -107.33
CA ASP A 2861 -69.07 -61.45 -106.88
C ASP A 2861 -68.63 -61.44 -105.42
N LEU A 2862 -69.58 -61.54 -104.51
CA LEU A 2862 -69.34 -61.52 -103.08
C LEU A 2862 -69.87 -62.81 -102.44
N SER A 2863 -69.74 -62.88 -101.12
CA SER A 2863 -70.19 -64.04 -100.35
C SER A 2863 -70.94 -63.58 -99.11
N GLY A 2864 -71.84 -62.61 -99.29
CA GLY A 2864 -72.54 -62.03 -98.15
C GLY A 2864 -73.70 -62.84 -97.61
N VAL A 2865 -74.20 -63.81 -98.36
CA VAL A 2865 -75.34 -64.59 -97.94
C VAL A 2865 -74.87 -65.94 -97.40
N THR A 2866 -75.78 -66.64 -96.72
CA THR A 2866 -75.46 -67.96 -96.19
C THR A 2866 -75.49 -69.01 -97.30
N LEU A 2867 -75.28 -70.27 -96.91
CA LEU A 2867 -75.21 -71.37 -97.85
C LEU A 2867 -75.51 -72.66 -97.10
N SER A 2868 -75.84 -73.71 -97.87
CA SER A 2868 -76.20 -75.03 -97.35
C SER A 2868 -75.08 -75.58 -96.47
N ARG A 2869 -75.47 -76.24 -95.36
CA ARG A 2869 -74.52 -76.59 -94.30
C ARG A 2869 -73.43 -77.56 -94.77
N GLU A 2870 -73.80 -78.60 -95.55
CA GLU A 2870 -72.82 -79.56 -96.03
CA GLU A 2870 -72.82 -79.55 -96.04
C GLU A 2870 -71.82 -78.90 -96.98
N LEU A 2871 -72.28 -78.00 -97.85
CA LEU A 2871 -71.36 -77.39 -98.81
C LEU A 2871 -70.57 -76.24 -98.20
N GLN A 2872 -71.11 -75.58 -97.16
CA GLN A 2872 -70.31 -74.57 -96.49
C GLN A 2872 -69.23 -75.23 -95.63
N ALA A 2873 -69.53 -76.37 -94.97
CA ALA A 2873 -68.45 -77.11 -94.33
C ALA A 2873 -67.50 -77.76 -95.33
N MET A 2874 -67.98 -78.02 -96.56
CA MET A 2874 -67.12 -78.46 -97.64
C MET A 2874 -66.08 -77.39 -97.96
N ALA A 2875 -66.54 -76.13 -98.00
CA ALA A 2875 -65.57 -75.05 -98.20
C ALA A 2875 -64.76 -74.78 -96.93
N GLU A 2876 -65.31 -75.10 -95.75
CA GLU A 2876 -64.52 -75.00 -94.52
C GLU A 2876 -63.33 -75.95 -94.57
N GLN A 2877 -63.52 -77.12 -95.17
CA GLN A 2877 -62.41 -78.05 -95.34
C GLN A 2877 -61.46 -77.57 -96.44
N LEU A 2878 -62.00 -76.96 -97.50
CA LEU A 2878 -61.15 -76.37 -98.53
C LEU A 2878 -60.27 -75.24 -98.00
N ALA A 2879 -60.85 -74.35 -97.19
CA ALA A 2879 -60.07 -73.33 -96.51
C ALA A 2879 -59.12 -73.91 -95.48
N GLU A 2880 -59.48 -75.03 -94.84
CA GLU A 2880 -58.52 -75.73 -93.98
C GLU A 2880 -57.34 -76.27 -94.77
N ASN A 2881 -57.59 -76.83 -95.96
CA ASN A 2881 -56.51 -77.22 -96.85
C ASN A 2881 -55.72 -76.02 -97.37
N TYR A 2882 -56.34 -74.84 -97.39
CA TYR A 2882 -55.59 -73.64 -97.74
C TYR A 2882 -54.67 -73.26 -96.58
N HIS A 2883 -55.22 -73.27 -95.37
CA HIS A 2883 -54.51 -72.79 -94.20
C HIS A 2883 -53.38 -73.71 -93.80
N ASN A 2884 -53.56 -75.03 -93.92
CA ASN A 2884 -52.45 -75.93 -93.59
C ASN A 2884 -51.31 -75.81 -94.61
N THR A 2885 -51.61 -75.48 -95.87
CA THR A 2885 -50.54 -75.15 -96.83
C THR A 2885 -49.81 -73.87 -96.46
N TRP A 2886 -50.54 -72.83 -96.02
CA TRP A 2886 -49.89 -71.65 -95.43
C TRP A 2886 -49.07 -72.00 -94.19
N GLY A 2887 -49.59 -72.86 -93.31
CA GLY A 2887 -48.86 -73.25 -92.12
C GLY A 2887 -47.62 -74.06 -92.44
N ARG A 2888 -47.71 -74.93 -93.44
CA ARG A 2888 -46.59 -75.79 -93.83
C ARG A 2888 -45.47 -74.96 -94.42
N LYS A 2889 -45.81 -74.06 -95.35
CA LYS A 2889 -44.75 -73.29 -95.99
C LYS A 2889 -44.21 -72.23 -95.05
N LYS A 2890 -45.03 -71.70 -94.13
CA LYS A 2890 -44.49 -70.73 -93.19
C LYS A 2890 -43.60 -71.40 -92.15
N LYS A 2891 -44.01 -72.59 -91.66
CA LYS A 2891 -43.20 -73.30 -90.68
C LYS A 2891 -41.90 -73.81 -91.27
N GLN A 2892 -41.84 -74.03 -92.59
CA GLN A 2892 -40.59 -74.49 -93.19
C GLN A 2892 -39.55 -73.39 -93.14
N GLU A 2893 -39.93 -72.18 -93.54
CA GLU A 2893 -39.02 -71.05 -93.53
C GLU A 2893 -38.80 -70.50 -92.11
N LEU A 2894 -39.66 -70.89 -91.16
CA LEU A 2894 -39.56 -70.41 -89.79
C LEU A 2894 -38.80 -71.37 -88.87
N GLU A 2895 -38.69 -72.66 -89.22
CA GLU A 2895 -38.03 -73.64 -88.37
C GLU A 2895 -36.49 -73.63 -88.51
N ALA A 2896 -35.90 -72.58 -89.06
CA ALA A 2896 -34.45 -72.48 -89.18
C ALA A 2896 -33.75 -72.45 -87.83
N LYS A 2897 -34.43 -71.98 -86.78
CA LYS A 2897 -33.87 -71.99 -85.44
C LYS A 2897 -34.21 -73.25 -84.65
N GLY A 2898 -35.18 -74.03 -85.10
CA GLY A 2898 -35.51 -75.29 -84.46
C GLY A 2898 -36.24 -75.19 -83.15
N GLY A 2899 -36.89 -74.06 -82.87
CA GLY A 2899 -37.61 -73.91 -81.62
C GLY A 2899 -38.68 -72.85 -81.74
N GLY A 2900 -39.73 -73.01 -80.93
CA GLY A 2900 -40.80 -72.05 -80.90
C GLY A 2900 -41.87 -72.33 -81.94
N THR A 2901 -43.03 -71.72 -81.72
CA THR A 2901 -44.16 -71.85 -82.64
C THR A 2901 -44.85 -70.50 -82.77
N HIS A 2902 -45.43 -70.27 -83.94
CA HIS A 2902 -46.12 -69.02 -84.20
C HIS A 2902 -47.47 -69.03 -83.48
N PRO A 2903 -47.93 -67.89 -82.97
CA PRO A 2903 -49.25 -67.85 -82.31
C PRO A 2903 -50.42 -68.23 -83.21
N LEU A 2904 -50.33 -67.95 -84.51
CA LEU A 2904 -51.38 -68.32 -85.44
C LEU A 2904 -51.27 -69.76 -85.94
N LEU A 2905 -50.25 -70.50 -85.51
CA LEU A 2905 -50.03 -71.86 -86.00
C LEU A 2905 -51.04 -72.85 -85.42
N VAL A 2906 -52.31 -72.69 -85.79
CA VAL A 2906 -53.37 -73.65 -85.49
C VAL A 2906 -54.25 -73.82 -86.71
N PRO A 2907 -54.85 -75.01 -86.89
CA PRO A 2907 -55.69 -75.24 -88.07
C PRO A 2907 -56.93 -74.36 -88.08
N TYR A 2908 -57.60 -74.39 -89.24
CA TYR A 2908 -58.71 -73.48 -89.56
C TYR A 2908 -59.88 -73.62 -88.58
N ASP A 2909 -60.26 -74.85 -88.24
CA ASP A 2909 -61.42 -75.07 -87.38
C ASP A 2909 -61.20 -74.53 -85.97
N THR A 2910 -60.01 -74.73 -85.40
CA THR A 2910 -59.78 -74.35 -84.01
C THR A 2910 -59.64 -72.85 -83.82
N LEU A 2911 -59.06 -72.16 -84.81
CA LEU A 2911 -58.83 -70.72 -84.72
C LEU A 2911 -60.15 -69.93 -84.81
N THR A 2912 -60.18 -68.79 -84.13
CA THR A 2912 -61.37 -67.96 -83.95
C THR A 2912 -61.75 -67.29 -85.28
N ALA A 2913 -62.99 -66.78 -85.35
CA ALA A 2913 -63.51 -66.17 -86.59
C ALA A 2913 -62.72 -64.94 -87.04
N LYS A 2914 -62.15 -64.19 -86.09
CA LYS A 2914 -61.39 -62.99 -86.42
C LYS A 2914 -60.15 -63.33 -87.23
N GLU A 2915 -59.46 -64.42 -86.89
CA GLU A 2915 -58.37 -64.89 -87.71
C GLU A 2915 -58.84 -65.90 -88.76
N LYS A 2916 -60.15 -66.19 -88.82
CA LYS A 2916 -60.70 -67.09 -89.82
C LYS A 2916 -61.21 -66.34 -91.04
N ALA A 2917 -61.21 -65.01 -90.97
CA ALA A 2917 -61.87 -64.20 -92.01
C ALA A 2917 -61.23 -64.38 -93.38
N ARG A 2918 -59.89 -64.42 -93.45
CA ARG A 2918 -59.18 -64.52 -94.73
C ARG A 2918 -59.48 -65.84 -95.46
N ASP A 2919 -59.39 -66.96 -94.74
CA ASP A 2919 -59.59 -68.26 -95.36
C ASP A 2919 -61.07 -68.49 -95.63
N ARG A 2920 -61.92 -68.07 -94.68
CA ARG A 2920 -63.35 -68.27 -94.82
C ARG A 2920 -63.86 -67.49 -96.02
N GLU A 2921 -63.39 -66.24 -96.18
CA GLU A 2921 -63.82 -65.43 -97.32
C GLU A 2921 -63.30 -66.01 -98.62
N LYS A 2922 -62.04 -66.49 -98.64
CA LYS A 2922 -61.46 -67.02 -99.88
C LYS A 2922 -62.23 -68.25 -100.37
N ALA A 2923 -62.55 -69.16 -99.44
CA ALA A 2923 -63.29 -70.37 -99.79
C ALA A 2923 -64.74 -70.07 -100.10
N GLN A 2924 -65.37 -69.17 -99.34
CA GLN A 2924 -66.78 -68.88 -99.54
C GLN A 2924 -66.99 -68.10 -100.83
N GLU A 2925 -66.15 -67.10 -101.10
CA GLU A 2925 -66.25 -66.34 -102.33
C GLU A 2925 -65.99 -67.22 -103.54
N LEU A 2926 -65.03 -68.15 -103.46
CA LEU A 2926 -64.85 -69.13 -104.53
C LEU A 2926 -66.09 -70.03 -104.71
N LEU A 2927 -66.69 -70.46 -103.59
CA LEU A 2927 -67.91 -71.26 -103.65
C LEU A 2927 -69.09 -70.50 -104.23
N LYS A 2928 -69.24 -69.22 -103.86
CA LYS A 2928 -70.26 -68.37 -104.47
C LYS A 2928 -69.99 -68.14 -105.95
N PHE A 2929 -68.72 -67.98 -106.33
CA PHE A 2929 -68.34 -67.90 -107.74
C PHE A 2929 -68.72 -69.17 -108.50
N LEU A 2930 -68.71 -70.31 -107.80
CA LEU A 2930 -69.21 -71.55 -108.40
C LEU A 2930 -70.72 -71.54 -108.48
N GLN A 2931 -71.38 -70.91 -107.50
CA GLN A 2931 -72.84 -70.87 -107.50
C GLN A 2931 -73.35 -70.01 -108.64
N MET A 2932 -72.81 -68.80 -108.78
CA MET A 2932 -73.29 -67.88 -109.81
C MET A 2932 -72.88 -68.36 -111.19
N ASN A 2933 -71.74 -69.04 -111.32
CA ASN A 2933 -71.35 -69.55 -112.62
C ASN A 2933 -71.91 -70.94 -112.91
N GLY A 2934 -72.65 -71.53 -111.97
CA GLY A 2934 -73.29 -72.82 -112.21
C GLY A 2934 -72.39 -74.01 -111.97
N TYR A 2935 -71.85 -74.12 -110.76
CA TYR A 2935 -70.98 -75.22 -110.39
C TYR A 2935 -71.28 -75.64 -108.96
N ALA A 2936 -71.47 -76.94 -108.75
CA ALA A 2936 -71.74 -77.50 -107.44
C ALA A 2936 -70.77 -78.65 -107.17
N VAL A 2937 -70.15 -78.64 -106.00
CA VAL A 2937 -69.18 -79.66 -105.61
C VAL A 2937 -69.86 -80.56 -104.57
N THR A 2938 -70.05 -81.82 -104.93
CA THR A 2938 -70.69 -82.80 -104.05
C THR A 2938 -69.86 -84.08 -104.07
N ARG A 2939 -69.63 -84.65 -102.89
CA ARG A 2939 -68.85 -85.87 -102.77
C ARG A 2939 -69.62 -87.08 -103.31
N LEU A 2946 -74.05 -87.37 -89.92
CA LEU A 2946 -74.85 -87.08 -91.10
C LEU A 2946 -76.14 -86.37 -90.68
N ASP A 2947 -76.31 -85.15 -91.21
CA ASP A 2947 -77.46 -84.27 -90.98
C ASP A 2947 -77.67 -84.02 -89.48
N THR A 2948 -76.62 -83.52 -88.84
CA THR A 2948 -76.67 -83.23 -87.42
C THR A 2948 -77.28 -81.86 -87.19
N SER A 2949 -78.17 -81.78 -86.21
CA SER A 2949 -78.88 -80.55 -85.88
C SER A 2949 -78.53 -80.11 -84.45
N SER A 2950 -79.23 -79.06 -84.00
CA SER A 2950 -78.96 -78.47 -82.69
C SER A 2950 -79.25 -79.44 -81.56
N ILE A 2951 -80.15 -80.39 -81.77
CA ILE A 2951 -80.51 -81.35 -80.73
C ILE A 2951 -79.30 -82.22 -80.41
N GLU A 2952 -78.64 -82.73 -81.44
CA GLU A 2952 -77.49 -83.61 -81.26
C GLU A 2952 -76.22 -82.83 -80.91
N LYS A 2953 -76.10 -81.57 -81.35
CA LYS A 2953 -74.88 -80.82 -81.08
C LYS A 2953 -74.72 -80.38 -79.63
N ARG A 2954 -75.74 -80.56 -78.79
CA ARG A 2954 -75.67 -80.20 -77.38
C ARG A 2954 -74.64 -81.04 -76.64
N PHE A 2955 -74.07 -80.45 -75.59
CA PHE A 2955 -73.14 -81.15 -74.71
C PHE A 2955 -73.80 -82.34 -74.01
N ALA A 2956 -74.96 -82.11 -73.40
CA ALA A 2956 -75.65 -83.17 -72.66
C ALA A 2956 -76.07 -84.33 -73.56
N PHE A 2957 -76.56 -84.02 -74.76
CA PHE A 2957 -76.93 -85.04 -75.72
C PHE A 2957 -75.73 -85.85 -76.18
N GLY A 2958 -74.61 -85.18 -76.47
CA GLY A 2958 -73.40 -85.91 -76.81
C GLY A 2958 -72.88 -86.70 -75.63
N PHE A 2959 -73.03 -86.16 -74.43
CA PHE A 2959 -72.55 -86.78 -73.20
C PHE A 2959 -73.21 -88.15 -73.04
N LEU A 2960 -74.54 -88.17 -73.13
CA LEU A 2960 -75.24 -89.40 -72.81
C LEU A 2960 -75.20 -90.37 -73.98
N GLN A 2961 -75.11 -89.87 -75.23
CA GLN A 2961 -75.06 -90.79 -76.37
C GLN A 2961 -73.79 -91.64 -76.32
N GLN A 2962 -72.65 -91.00 -76.03
CA GLN A 2962 -71.41 -91.74 -75.86
C GLN A 2962 -71.40 -92.54 -74.57
N LEU A 2963 -72.13 -92.11 -73.53
CA LEU A 2963 -72.27 -93.00 -72.37
C LEU A 2963 -73.03 -94.27 -72.72
N LEU A 2964 -74.08 -94.17 -73.54
CA LEU A 2964 -74.76 -95.38 -74.04
C LEU A 2964 -73.84 -96.24 -74.90
N ARG A 2965 -73.05 -95.60 -75.76
CA ARG A 2965 -72.02 -96.29 -76.55
C ARG A 2965 -70.97 -96.94 -75.66
N TRP A 2966 -70.75 -96.42 -74.46
CA TRP A 2966 -69.89 -97.09 -73.51
C TRP A 2966 -70.65 -98.10 -72.66
N MET A 2967 -71.97 -97.94 -72.54
CA MET A 2967 -72.81 -98.86 -71.78
C MET A 2967 -72.88 -100.23 -72.45
N ASP A 2968 -73.02 -100.24 -73.79
CA ASP A 2968 -72.99 -101.53 -74.47
C ASP A 2968 -71.63 -102.22 -74.31
N ILE A 2969 -70.56 -101.44 -74.19
CA ILE A 2969 -69.26 -101.98 -73.81
C ILE A 2969 -69.26 -102.42 -72.34
N SER A 2970 -70.04 -101.73 -71.49
CA SER A 2970 -70.13 -102.09 -70.07
C SER A 2970 -70.78 -103.45 -69.85
N GLN A 2971 -71.60 -103.90 -70.81
CA GLN A 2971 -72.12 -105.26 -70.72
C GLN A 2971 -71.01 -106.32 -70.84
N GLU A 2972 -69.89 -105.95 -71.46
CA GLU A 2972 -68.85 -106.93 -71.77
C GLU A 2972 -68.10 -107.36 -70.52
N PHE A 2973 -67.73 -106.42 -69.65
CA PHE A 2973 -66.88 -106.84 -68.53
C PHE A 2973 -67.71 -107.58 -67.49
N ILE A 2974 -68.98 -107.16 -67.28
CA ILE A 2974 -69.84 -107.92 -66.37
C ILE A 2974 -70.05 -109.35 -66.88
N ALA A 2975 -70.29 -109.53 -68.19
CA ALA A 2975 -70.43 -110.89 -68.73
C ALA A 2975 -69.13 -111.68 -68.64
N HIS A 2976 -68.00 -111.03 -68.91
CA HIS A 2976 -66.70 -111.71 -68.88
C HIS A 2976 -66.31 -112.12 -67.46
N LEU A 2977 -66.43 -111.19 -66.50
CA LEU A 2977 -66.04 -111.53 -65.14
C LEU A 2977 -67.02 -112.49 -64.47
N GLU A 2978 -68.32 -112.46 -64.81
CA GLU A 2978 -69.22 -113.52 -64.36
C GLU A 2978 -68.80 -114.87 -64.92
N ALA A 2979 -68.41 -114.91 -66.20
CA ALA A 2979 -68.00 -116.17 -66.80
C ALA A 2979 -66.74 -116.71 -66.13
N VAL A 2980 -65.77 -115.83 -65.84
CA VAL A 2980 -64.50 -116.30 -65.30
C VAL A 2980 -64.62 -116.59 -63.81
N VAL A 2981 -65.62 -116.07 -63.11
CA VAL A 2981 -65.74 -116.41 -61.71
C VAL A 2981 -66.58 -117.68 -61.58
N SER A 2982 -67.50 -117.91 -62.53
CA SER A 2982 -68.31 -119.12 -62.49
C SER A 2982 -67.48 -120.34 -62.86
N SER A 2983 -66.68 -120.25 -63.92
CA SER A 2983 -65.85 -121.39 -64.32
C SER A 2983 -64.68 -120.91 -65.16
N GLY A 2984 -63.63 -121.72 -65.20
CA GLY A 2984 -62.44 -121.36 -65.95
C GLY A 2984 -61.75 -120.10 -65.46
N ARG A 2985 -61.22 -120.16 -64.24
CA ARG A 2985 -60.59 -118.99 -63.61
C ARG A 2985 -59.36 -118.53 -64.37
N VAL A 2986 -59.45 -117.35 -64.98
CA VAL A 2986 -58.33 -116.74 -65.69
C VAL A 2986 -58.24 -115.28 -65.25
N GLU A 2987 -57.02 -114.83 -64.98
CA GLU A 2987 -56.74 -113.46 -64.59
C GLU A 2987 -56.03 -112.68 -65.69
N LYS A 2988 -56.15 -113.14 -66.94
CA LYS A 2988 -55.51 -112.44 -68.06
C LYS A 2988 -56.09 -111.04 -68.23
N SER A 2989 -57.42 -110.91 -68.15
CA SER A 2989 -58.19 -109.66 -68.29
C SER A 2989 -57.86 -108.94 -69.59
N PRO A 2990 -58.32 -109.43 -70.75
CA PRO A 2990 -57.94 -108.80 -72.03
C PRO A 2990 -58.37 -107.35 -72.20
N HIS A 2991 -59.41 -106.90 -71.48
CA HIS A 2991 -59.85 -105.52 -71.57
C HIS A 2991 -59.74 -104.80 -70.23
N GLU A 2992 -58.58 -104.99 -69.56
CA GLU A 2992 -58.35 -104.38 -68.25
C GLU A 2992 -58.30 -102.86 -68.35
N GLN A 2993 -57.86 -102.34 -69.50
CA GLN A 2993 -57.83 -100.89 -69.73
C GLN A 2993 -59.23 -100.32 -69.68
N GLU A 2994 -60.18 -101.05 -70.28
CA GLU A 2994 -61.56 -100.58 -70.26
C GLU A 2994 -62.18 -100.77 -68.89
N ILE A 2995 -61.84 -101.87 -68.20
CA ILE A 2995 -62.39 -102.13 -66.87
C ILE A 2995 -61.98 -101.02 -65.90
N LYS A 2996 -60.70 -100.63 -65.96
CA LYS A 2996 -60.22 -99.50 -65.18
C LYS A 2996 -60.92 -98.20 -65.57
N PHE A 2997 -61.16 -98.00 -66.88
CA PHE A 2997 -61.87 -96.79 -67.28
C PHE A 2997 -63.30 -96.77 -66.77
N PHE A 2998 -63.95 -97.94 -66.74
CA PHE A 2998 -65.34 -98.06 -66.29
C PHE A 2998 -65.44 -97.73 -64.82
N ALA A 2999 -64.65 -98.41 -64.00
CA ALA A 2999 -64.85 -98.29 -62.56
C ALA A 2999 -64.12 -97.10 -61.96
N LYS A 3000 -63.26 -96.39 -62.72
CA LYS A 3000 -62.53 -95.25 -62.17
C LYS A 3000 -62.78 -93.91 -62.85
N ILE A 3001 -63.41 -93.86 -64.03
CA ILE A 3001 -63.60 -92.62 -64.77
C ILE A 3001 -65.08 -92.30 -64.98
N LEU A 3002 -65.85 -93.26 -65.50
CA LEU A 3002 -67.27 -93.04 -65.76
C LEU A 3002 -68.03 -92.71 -64.49
N LEU A 3003 -67.77 -93.45 -63.41
CA LEU A 3003 -68.49 -93.22 -62.15
C LEU A 3003 -68.23 -91.84 -61.54
N PRO A 3004 -67.00 -91.34 -61.37
CA PRO A 3004 -66.86 -90.00 -60.77
C PRO A 3004 -67.27 -88.86 -61.70
N LEU A 3005 -67.07 -89.03 -63.01
CA LEU A 3005 -67.52 -88.01 -63.96
C LEU A 3005 -69.04 -87.89 -63.94
N ILE A 3006 -69.75 -89.02 -63.84
CA ILE A 3006 -71.19 -88.99 -63.66
C ILE A 3006 -71.55 -88.36 -62.31
N ASN A 3007 -70.74 -88.65 -61.28
CA ASN A 3007 -70.94 -88.16 -59.92
C ASN A 3007 -70.95 -86.64 -59.91
N GLN A 3008 -69.98 -86.04 -60.58
CA GLN A 3008 -69.81 -84.60 -60.46
C GLN A 3008 -70.67 -83.87 -61.48
N TYR A 3009 -70.62 -84.28 -62.77
CA TYR A 3009 -71.37 -83.55 -63.80
C TYR A 3009 -72.88 -83.62 -63.59
N PHE A 3010 -73.41 -84.80 -63.25
CA PHE A 3010 -74.85 -84.90 -62.96
C PHE A 3010 -75.23 -84.08 -61.72
N THR A 3011 -74.33 -83.96 -60.75
CA THR A 3011 -74.60 -83.07 -59.62
C THR A 3011 -74.59 -81.60 -60.07
N ASN A 3012 -73.68 -81.27 -60.99
CA ASN A 3012 -73.58 -79.91 -61.52
C ASN A 3012 -74.85 -79.48 -62.23
N HIS A 3013 -75.42 -80.37 -63.04
CA HIS A 3013 -76.62 -80.01 -63.80
C HIS A 3013 -77.75 -80.98 -63.52
N CYS A 3014 -77.96 -81.29 -62.23
CA CYS A 3014 -79.08 -82.14 -61.83
C CYS A 3014 -80.42 -81.49 -62.11
N LEU A 3015 -80.53 -80.18 -61.84
CA LEU A 3015 -81.77 -79.47 -62.10
C LEU A 3015 -82.05 -79.30 -63.59
N TYR A 3016 -81.00 -79.20 -64.41
CA TYR A 3016 -81.18 -79.05 -65.86
C TYR A 3016 -81.85 -80.27 -66.48
N PHE A 3017 -81.42 -81.48 -66.06
CA PHE A 3017 -82.10 -82.70 -66.47
C PHE A 3017 -83.48 -82.84 -65.84
N LEU A 3018 -83.72 -82.18 -64.71
CA LEU A 3018 -85.07 -82.08 -64.18
C LEU A 3018 -85.85 -80.94 -64.81
N SER A 3019 -85.18 -80.07 -65.57
CA SER A 3019 -85.83 -78.92 -66.18
C SER A 3019 -86.60 -79.38 -67.41
N THR A 3020 -87.85 -78.93 -67.51
CA THR A 3020 -88.74 -79.15 -68.62
C THR A 3020 -89.36 -77.81 -69.00
N PRO A 3021 -89.80 -77.65 -70.27
CA PRO A 3021 -90.47 -76.39 -70.67
C PRO A 3021 -91.65 -76.00 -69.80
N ALA A 3022 -92.44 -76.98 -69.34
CA ALA A 3022 -93.60 -76.69 -68.50
C ALA A 3022 -93.20 -76.07 -67.16
N LYS A 3023 -92.16 -76.63 -66.52
CA LYS A 3023 -91.66 -76.13 -65.24
C LYS A 3023 -90.14 -75.99 -65.36
N VAL A 3024 -89.67 -74.79 -65.63
CA VAL A 3024 -88.25 -74.54 -65.86
C VAL A 3024 -87.60 -74.23 -64.52
N LEU A 3025 -86.70 -75.11 -64.07
CA LEU A 3025 -85.95 -74.90 -62.83
C LEU A 3025 -84.53 -74.40 -63.07
N GLY A 3026 -83.94 -74.75 -64.22
CA GLY A 3026 -82.56 -74.38 -64.48
C GLY A 3026 -82.37 -72.90 -64.70
N SER A 3027 -81.14 -72.44 -64.48
CA SER A 3027 -80.79 -71.04 -64.73
C SER A 3027 -80.84 -70.71 -66.21
N GLY A 3028 -80.61 -71.70 -67.08
CA GLY A 3028 -80.70 -71.48 -68.50
C GLY A 3028 -80.84 -72.78 -69.27
N GLY A 3029 -81.82 -72.84 -70.17
CA GLY A 3029 -82.03 -74.01 -70.99
C GLY A 3029 -82.82 -75.10 -70.30
N HIS A 3030 -83.22 -76.09 -71.10
CA HIS A 3030 -83.97 -77.24 -70.63
C HIS A 3030 -83.46 -78.48 -71.34
N ALA A 3031 -83.36 -79.59 -70.61
CA ALA A 3031 -82.94 -80.85 -71.22
C ALA A 3031 -84.02 -81.36 -72.16
N SER A 3032 -83.60 -81.88 -73.30
CA SER A 3032 -84.57 -82.42 -74.23
C SER A 3032 -85.13 -83.75 -73.74
N ASN A 3033 -86.27 -84.13 -74.35
CA ASN A 3033 -86.97 -85.36 -73.97
C ASN A 3033 -86.11 -86.58 -74.24
N LYS A 3034 -85.40 -86.59 -75.38
CA LYS A 3034 -84.53 -87.73 -75.70
C LYS A 3034 -83.41 -87.85 -74.68
N GLU A 3035 -82.86 -86.72 -74.21
CA GLU A 3035 -81.84 -86.72 -73.16
C GLU A 3035 -82.38 -87.32 -71.88
N LYS A 3036 -83.66 -87.04 -71.58
CA LYS A 3036 -84.32 -87.62 -70.41
C LYS A 3036 -84.42 -89.14 -70.55
N GLU A 3037 -84.90 -89.62 -71.71
CA GLU A 3037 -85.05 -91.07 -71.86
C GLU A 3037 -83.70 -91.78 -71.78
N MET A 3038 -82.66 -91.23 -72.41
CA MET A 3038 -81.37 -91.91 -72.40
C MET A 3038 -80.77 -91.95 -71.00
N ILE A 3039 -80.87 -90.86 -70.21
CA ILE A 3039 -80.38 -90.92 -68.82
C ILE A 3039 -81.19 -91.95 -68.03
N THR A 3040 -82.52 -92.00 -68.27
CA THR A 3040 -83.38 -92.99 -67.63
C THR A 3040 -82.93 -94.42 -67.94
N SER A 3041 -82.88 -94.76 -69.23
CA SER A 3041 -82.46 -96.07 -69.70
C SER A 3041 -81.07 -96.45 -69.18
N LEU A 3042 -80.16 -95.46 -69.11
CA LEU A 3042 -78.84 -95.65 -68.54
C LEU A 3042 -78.92 -96.05 -67.08
N PHE A 3043 -79.66 -95.29 -66.27
CA PHE A 3043 -79.72 -95.55 -64.84
C PHE A 3043 -80.40 -96.89 -64.54
N CYS A 3044 -81.57 -97.09 -65.14
CA CYS A 3044 -82.37 -98.27 -64.84
C CYS A 3044 -81.64 -99.54 -65.25
N LYS A 3045 -81.01 -99.55 -66.44
CA LYS A 3045 -80.30 -100.76 -66.79
C LYS A 3045 -78.97 -100.83 -66.04
N LEU A 3046 -78.40 -99.70 -65.62
CA LEU A 3046 -77.14 -99.67 -64.87
C LEU A 3046 -77.28 -100.40 -63.53
N ALA A 3047 -78.43 -100.22 -62.89
CA ALA A 3047 -78.71 -100.99 -61.69
C ALA A 3047 -78.82 -102.49 -61.98
N ALA A 3048 -79.43 -102.87 -63.10
CA ALA A 3048 -79.43 -104.27 -63.54
C ALA A 3048 -78.04 -104.76 -63.91
N LEU A 3049 -77.19 -103.86 -64.41
CA LEU A 3049 -75.79 -104.15 -64.71
C LEU A 3049 -75.04 -104.54 -63.45
N VAL A 3050 -75.30 -103.83 -62.35
CA VAL A 3050 -74.61 -104.13 -61.10
C VAL A 3050 -75.41 -105.12 -60.23
N ARG A 3051 -76.62 -105.47 -60.66
CA ARG A 3051 -77.49 -106.40 -59.91
C ARG A 3051 -76.85 -107.77 -59.75
N HIS A 3052 -76.77 -108.24 -58.50
CA HIS A 3052 -76.18 -109.52 -58.11
C HIS A 3052 -74.71 -109.64 -58.51
N ARG A 3053 -74.02 -108.52 -58.68
CA ARG A 3053 -72.62 -108.48 -59.05
C ARG A 3053 -71.83 -107.59 -58.10
N VAL A 3054 -72.30 -107.48 -56.85
CA VAL A 3054 -71.57 -106.70 -55.85
C VAL A 3054 -70.23 -107.35 -55.54
N SER A 3055 -70.17 -108.68 -55.52
CA SER A 3055 -68.89 -109.37 -55.39
C SER A 3055 -68.01 -109.18 -56.62
N LEU A 3056 -68.59 -108.79 -57.76
CA LEU A 3056 -67.85 -108.54 -58.98
C LEU A 3056 -67.31 -107.12 -59.04
N PHE A 3057 -67.98 -106.16 -58.42
CA PHE A 3057 -67.51 -104.78 -58.43
C PHE A 3057 -66.68 -104.41 -57.21
N GLY A 3058 -67.03 -104.94 -56.03
CA GLY A 3058 -66.21 -104.77 -54.83
C GLY A 3058 -66.12 -103.36 -54.31
N THR A 3059 -64.90 -102.82 -54.31
CA THR A 3059 -64.61 -101.49 -53.76
C THR A 3059 -65.29 -100.36 -54.50
N ASP A 3060 -65.76 -100.60 -55.73
CA ASP A 3060 -66.42 -99.59 -56.54
C ASP A 3060 -67.90 -99.45 -56.23
N ALA A 3061 -68.42 -100.27 -55.31
CA ALA A 3061 -69.82 -100.20 -54.91
C ALA A 3061 -70.27 -98.85 -54.35
N PRO A 3062 -69.54 -98.16 -53.43
CA PRO A 3062 -69.99 -96.81 -53.05
C PRO A 3062 -70.05 -95.83 -54.21
N ALA A 3063 -69.14 -95.94 -55.19
CA ALA A 3063 -69.20 -95.07 -56.36
C ALA A 3063 -70.41 -95.39 -57.21
N VAL A 3064 -70.74 -96.68 -57.35
CA VAL A 3064 -71.88 -97.06 -58.18
C VAL A 3064 -73.19 -96.61 -57.52
N VAL A 3065 -73.33 -96.85 -56.21
CA VAL A 3065 -74.56 -96.42 -55.54
C VAL A 3065 -74.66 -94.89 -55.50
N ASN A 3066 -73.51 -94.19 -55.51
CA ASN A 3066 -73.50 -92.74 -55.63
C ASN A 3066 -74.08 -92.30 -56.97
N CYS A 3067 -73.66 -92.99 -58.04
CA CYS A 3067 -74.22 -92.72 -59.37
C CYS A 3067 -75.70 -93.04 -59.41
N LEU A 3068 -76.10 -94.16 -58.81
CA LEU A 3068 -77.50 -94.59 -58.82
C LEU A 3068 -78.37 -93.57 -58.08
N HIS A 3069 -77.87 -93.03 -56.96
CA HIS A 3069 -78.60 -92.03 -56.19
C HIS A 3069 -78.76 -90.74 -56.99
N ILE A 3070 -77.68 -90.30 -57.64
CA ILE A 3070 -77.71 -89.04 -58.37
C ILE A 3070 -78.61 -89.14 -59.60
N LEU A 3071 -78.51 -90.25 -60.34
CA LEU A 3071 -79.36 -90.43 -61.51
C LEU A 3071 -80.83 -90.53 -61.12
N ALA A 3072 -81.11 -91.24 -60.01
CA ALA A 3072 -82.48 -91.40 -59.54
C ALA A 3072 -83.08 -90.06 -59.15
N ARG A 3073 -82.32 -89.23 -58.44
CA ARG A 3073 -82.87 -87.93 -58.08
C ARG A 3073 -82.90 -87.00 -59.29
N SER A 3074 -82.16 -87.31 -60.36
CA SER A 3074 -82.15 -86.49 -61.56
C SER A 3074 -82.96 -87.10 -62.70
N LEU A 3075 -84.00 -87.88 -62.41
CA LEU A 3075 -84.83 -88.50 -63.43
C LEU A 3075 -86.12 -87.70 -63.58
N ASP A 3076 -86.35 -87.11 -64.75
CA ASP A 3076 -87.62 -86.43 -65.05
C ASP A 3076 -88.66 -87.46 -65.50
N ALA A 3077 -89.13 -88.23 -64.52
CA ALA A 3077 -89.96 -89.42 -64.79
C ALA A 3077 -91.33 -89.07 -65.39
N ARG A 3078 -91.92 -87.93 -65.00
CA ARG A 3078 -93.22 -87.54 -65.54
C ARG A 3078 -93.14 -87.31 -67.03
N THR A 3079 -92.12 -86.59 -67.49
CA THR A 3079 -91.92 -86.39 -68.91
C THR A 3079 -91.52 -87.69 -69.60
N VAL A 3080 -90.86 -88.60 -68.87
CA VAL A 3080 -90.51 -89.90 -69.44
C VAL A 3080 -91.77 -90.69 -69.77
N MET A 3081 -92.72 -90.73 -68.83
CA MET A 3081 -93.99 -91.40 -69.08
C MET A 3081 -94.83 -90.68 -70.13
N LYS A 3082 -94.83 -89.35 -70.13
CA LYS A 3082 -95.67 -88.62 -71.08
C LYS A 3082 -95.12 -88.68 -72.50
N SER A 3083 -93.80 -88.75 -72.66
CA SER A 3083 -93.20 -88.87 -73.99
C SER A 3083 -91.91 -89.69 -73.83
N GLY A 3084 -92.04 -91.00 -74.06
CA GLY A 3084 -90.91 -91.90 -73.91
C GLY A 3084 -91.08 -93.20 -74.68
N PRO A 3085 -89.96 -93.80 -75.06
CA PRO A 3085 -89.99 -95.06 -75.80
C PRO A 3085 -90.29 -96.29 -74.95
N GLU A 3086 -90.75 -97.32 -75.67
CA GLU A 3086 -91.13 -98.58 -75.04
C GLU A 3086 -89.93 -99.25 -74.40
N ILE A 3087 -88.77 -99.19 -75.05
CA ILE A 3087 -87.57 -99.86 -74.54
C ILE A 3087 -87.15 -99.26 -73.20
N VAL A 3088 -87.16 -97.92 -73.10
CA VAL A 3088 -86.80 -97.24 -71.86
C VAL A 3088 -87.81 -97.56 -70.76
N LYS A 3089 -89.11 -97.55 -71.11
CA LYS A 3089 -90.14 -97.91 -70.15
C LYS A 3089 -90.00 -99.36 -69.69
N ALA A 3090 -89.70 -100.27 -70.64
CA ALA A 3090 -89.48 -101.67 -70.30
C ALA A 3090 -88.27 -101.85 -69.38
N GLY A 3091 -87.21 -101.06 -69.61
CA GLY A 3091 -86.04 -101.15 -68.75
C GLY A 3091 -86.32 -100.69 -67.33
N LEU A 3092 -87.05 -99.58 -67.19
CA LEU A 3092 -87.34 -99.09 -65.84
C LEU A 3092 -88.34 -99.97 -65.12
N ARG A 3093 -89.35 -100.49 -65.84
CA ARG A 3093 -90.30 -101.38 -65.22
C ARG A 3093 -89.67 -102.73 -64.89
N SER A 3094 -88.71 -103.20 -65.71
CA SER A 3094 -87.95 -104.40 -65.37
C SER A 3094 -87.12 -104.19 -64.11
N PHE A 3095 -86.53 -103.00 -63.96
CA PHE A 3095 -85.86 -102.63 -62.71
C PHE A 3095 -86.80 -102.66 -61.50
N PHE A 3096 -88.01 -102.11 -61.64
CA PHE A 3096 -89.00 -102.22 -60.56
C PHE A 3096 -89.43 -103.66 -60.31
N GLU A 3097 -89.57 -104.44 -61.37
CA GLU A 3097 -89.90 -105.86 -61.26
C GLU A 3097 -88.80 -106.63 -60.53
N SER A 3098 -87.54 -106.38 -60.87
CA SER A 3098 -86.43 -107.02 -60.18
C SER A 3098 -86.33 -106.57 -58.73
N ALA A 3099 -86.67 -105.30 -58.45
CA ALA A 3099 -86.66 -104.80 -57.08
C ALA A 3099 -87.67 -105.56 -56.24
N SER A 3100 -88.87 -105.76 -56.80
CA SER A 3100 -89.90 -106.54 -56.13
C SER A 3100 -89.46 -107.99 -55.95
N GLU A 3101 -88.80 -108.56 -56.97
CA GLU A 3101 -88.32 -109.95 -56.89
C GLU A 3101 -87.30 -110.11 -55.77
N ASP A 3102 -86.32 -109.21 -55.69
CA ASP A 3102 -85.28 -109.29 -54.66
C ASP A 3102 -85.86 -109.14 -53.26
N ILE A 3103 -86.80 -108.21 -53.08
CA ILE A 3103 -87.47 -108.06 -51.79
C ILE A 3103 -88.29 -109.32 -51.45
N GLU A 3104 -89.03 -109.85 -52.44
CA GLU A 3104 -89.77 -111.07 -52.20
C GLU A 3104 -88.84 -112.24 -51.89
N LYS A 3105 -87.65 -112.26 -52.50
CA LYS A 3105 -86.64 -113.25 -52.13
C LYS A 3105 -86.13 -113.03 -50.72
N MET A 3106 -86.28 -111.81 -50.18
CA MET A 3106 -85.84 -111.56 -48.81
C MET A 3106 -86.88 -111.97 -47.78
N VAL A 3107 -88.17 -111.94 -48.14
CA VAL A 3107 -89.21 -112.15 -47.12
C VAL A 3107 -89.21 -113.60 -46.61
N GLU A 3108 -88.93 -114.59 -47.47
CA GLU A 3108 -88.79 -115.95 -46.94
C GLU A 3108 -87.48 -116.16 -46.23
N ASN A 3109 -86.41 -115.46 -46.64
CA ASN A 3109 -85.16 -115.54 -45.90
C ASN A 3109 -85.31 -115.02 -44.48
N LEU A 3110 -86.02 -113.91 -44.31
CA LEU A 3110 -86.28 -113.39 -42.98
C LEU A 3110 -87.46 -114.06 -42.29
N ARG A 3111 -88.20 -114.92 -42.99
CA ARG A 3111 -89.29 -115.73 -42.45
C ARG A 3111 -88.79 -117.01 -41.75
N LEU A 3112 -87.50 -117.09 -41.41
CA LEU A 3112 -86.82 -118.23 -40.79
C LEU A 3112 -86.79 -119.48 -41.67
N GLY A 3113 -87.11 -119.35 -42.96
CA GLY A 3113 -86.89 -120.46 -43.87
C GLY A 3113 -85.43 -120.80 -44.06
N LYS A 3114 -84.58 -119.77 -44.20
CA LYS A 3114 -83.14 -119.93 -44.23
C LYS A 3114 -82.52 -118.89 -43.30
N VAL A 3115 -81.54 -119.32 -42.51
CA VAL A 3115 -80.94 -118.46 -41.49
C VAL A 3115 -80.21 -117.27 -42.13
N SER A 3116 -79.45 -117.53 -43.19
CA SER A 3116 -78.62 -116.55 -43.92
C SER A 3116 -77.60 -115.89 -43.00
N LYS A 3123 -73.74 -118.91 -50.88
CA LYS A 3123 -74.72 -119.09 -51.95
C LYS A 3123 -75.17 -117.74 -52.51
N GLY A 3124 -76.11 -117.77 -53.45
CA GLY A 3124 -76.62 -116.54 -54.03
C GLY A 3124 -77.53 -115.74 -53.13
N VAL A 3125 -78.02 -116.36 -52.05
CA VAL A 3125 -78.85 -115.64 -51.08
C VAL A 3125 -78.05 -114.53 -50.42
N GLY A 3126 -76.81 -114.82 -50.02
CA GLY A 3126 -75.97 -113.81 -49.40
C GLY A 3126 -75.64 -112.69 -50.36
N GLN A 3127 -75.42 -113.04 -51.64
CA GLN A 3127 -75.13 -112.05 -52.68
C GLN A 3127 -76.29 -111.11 -52.89
N ASN A 3128 -77.50 -111.67 -53.02
CA ASN A 3128 -78.68 -110.83 -53.23
C ASN A 3128 -79.06 -110.04 -51.97
N LEU A 3129 -78.84 -110.61 -50.78
CA LEU A 3129 -79.08 -109.90 -49.53
C LEU A 3129 -78.17 -108.68 -49.39
N THR A 3130 -76.87 -108.88 -49.63
CA THR A 3130 -75.91 -107.78 -49.51
C THR A 3130 -76.14 -106.77 -50.62
N TYR A 3131 -76.42 -107.25 -51.84
CA TYR A 3131 -76.65 -106.37 -52.98
C TYR A 3131 -77.84 -105.48 -52.71
N THR A 3132 -78.96 -106.06 -52.25
CA THR A 3132 -80.15 -105.26 -52.03
C THR A 3132 -79.92 -104.25 -50.92
N THR A 3133 -79.31 -104.69 -49.81
CA THR A 3133 -79.17 -103.84 -48.64
C THR A 3133 -78.14 -102.72 -48.81
N VAL A 3134 -77.25 -102.80 -49.81
CA VAL A 3134 -76.28 -101.73 -50.01
C VAL A 3134 -76.54 -100.96 -51.30
N ALA A 3135 -77.02 -101.61 -52.36
CA ALA A 3135 -77.19 -101.03 -53.67
C ALA A 3135 -78.64 -100.82 -54.09
N LEU A 3136 -79.53 -101.77 -53.85
CA LEU A 3136 -80.88 -101.58 -54.35
C LEU A 3136 -81.71 -100.69 -53.44
N LEU A 3137 -81.96 -101.13 -52.20
CA LEU A 3137 -82.95 -100.49 -51.32
C LEU A 3137 -82.65 -99.03 -50.96
N PRO A 3138 -81.42 -98.62 -50.56
CA PRO A 3138 -81.21 -97.16 -50.35
C PRO A 3138 -81.45 -96.34 -51.61
N VAL A 3139 -81.11 -96.89 -52.77
CA VAL A 3139 -81.36 -96.20 -54.03
C VAL A 3139 -82.85 -96.16 -54.32
N LEU A 3140 -83.57 -97.26 -54.03
CA LEU A 3140 -85.02 -97.26 -54.18
C LEU A 3140 -85.65 -96.18 -53.31
N THR A 3141 -85.21 -96.10 -52.05
CA THR A 3141 -85.68 -95.07 -51.10
C THR A 3141 -85.43 -93.64 -51.61
N THR A 3142 -84.24 -93.40 -52.18
CA THR A 3142 -83.98 -92.10 -52.81
C THR A 3142 -84.86 -91.87 -54.04
N LEU A 3143 -85.09 -92.93 -54.83
CA LEU A 3143 -85.95 -92.83 -56.01
C LEU A 3143 -87.38 -92.48 -55.60
N PHE A 3144 -87.88 -93.12 -54.54
CA PHE A 3144 -89.21 -92.80 -54.02
C PHE A 3144 -89.26 -91.40 -53.47
N GLN A 3145 -88.15 -90.94 -52.86
CA GLN A 3145 -88.07 -89.55 -52.39
C GLN A 3145 -88.18 -88.58 -53.56
N HIS A 3146 -87.53 -88.95 -54.68
CA HIS A 3146 -87.60 -88.14 -55.90
C HIS A 3146 -89.02 -88.08 -56.43
N ILE A 3147 -89.74 -89.21 -56.39
CA ILE A 3147 -91.12 -89.21 -56.86
C ILE A 3147 -92.00 -88.40 -55.92
N ALA A 3148 -91.79 -88.57 -54.62
CA ALA A 3148 -92.66 -87.97 -53.59
C ALA A 3148 -92.55 -86.45 -53.58
N GLN A 3149 -91.32 -85.93 -53.60
CA GLN A 3149 -91.11 -84.48 -53.49
C GLN A 3149 -91.72 -83.73 -54.67
N HIS A 3150 -91.56 -84.26 -55.88
CA HIS A 3150 -92.09 -83.64 -57.07
C HIS A 3150 -93.49 -84.11 -57.43
N GLN A 3151 -94.10 -84.97 -56.61
CA GLN A 3151 -95.48 -85.46 -56.77
C GLN A 3151 -95.67 -86.14 -58.13
N PHE A 3152 -94.74 -87.02 -58.48
CA PHE A 3152 -94.80 -87.79 -59.70
C PHE A 3152 -95.51 -89.13 -59.52
N GLY A 3153 -96.09 -89.37 -58.34
CA GLY A 3153 -96.75 -90.64 -58.07
C GLY A 3153 -97.95 -90.89 -58.95
N ASP A 3154 -98.73 -89.84 -59.24
CA ASP A 3154 -99.91 -90.00 -60.07
C ASP A 3154 -99.54 -90.15 -61.55
N ASP A 3155 -98.54 -89.42 -62.02
CA ASP A 3155 -98.23 -89.35 -63.44
C ASP A 3155 -97.21 -90.39 -63.91
N VAL A 3156 -96.60 -91.16 -63.01
CA VAL A 3156 -95.59 -92.14 -63.38
C VAL A 3156 -96.00 -93.55 -62.96
N ILE A 3157 -96.49 -93.72 -61.75
CA ILE A 3157 -96.89 -95.03 -61.25
C ILE A 3157 -98.27 -95.35 -61.81
N LEU A 3158 -98.31 -95.96 -62.99
CA LEU A 3158 -99.55 -96.11 -63.74
C LEU A 3158 -100.00 -97.55 -63.94
N ASP A 3159 -99.18 -98.40 -64.55
CA ASP A 3159 -99.66 -99.71 -65.02
C ASP A 3159 -99.04 -100.89 -64.26
N ASP A 3160 -97.72 -101.02 -64.29
CA ASP A 3160 -97.02 -102.09 -63.60
C ASP A 3160 -96.05 -101.58 -62.54
N VAL A 3161 -95.68 -100.30 -62.58
CA VAL A 3161 -95.02 -99.68 -61.44
C VAL A 3161 -95.94 -99.73 -60.23
N GLN A 3162 -97.25 -99.61 -60.46
CA GLN A 3162 -98.26 -99.89 -59.44
C GLN A 3162 -98.14 -101.30 -58.90
N VAL A 3163 -98.10 -102.30 -59.80
CA VAL A 3163 -97.99 -103.70 -59.38
C VAL A 3163 -96.69 -103.95 -58.61
N SER A 3164 -95.59 -103.34 -59.04
CA SER A 3164 -94.33 -103.40 -58.30
C SER A 3164 -94.47 -102.80 -56.90
N CYS A 3165 -95.22 -101.69 -56.79
CA CYS A 3165 -95.49 -101.08 -55.50
C CYS A 3165 -96.32 -101.99 -54.62
N TYR A 3166 -97.36 -102.61 -55.18
CA TYR A 3166 -98.17 -103.55 -54.40
C TYR A 3166 -97.34 -104.73 -53.92
N ARG A 3167 -96.53 -105.32 -54.81
CA ARG A 3167 -95.72 -106.48 -54.44
C ARG A 3167 -94.72 -106.15 -53.33
N THR A 3168 -94.11 -104.96 -53.38
CA THR A 3168 -93.24 -104.52 -52.30
C THR A 3168 -94.03 -104.25 -51.02
N LEU A 3169 -95.20 -103.59 -51.15
CA LEU A 3169 -96.00 -103.23 -49.98
C LEU A 3169 -96.51 -104.47 -49.26
N CYS A 3170 -97.00 -105.46 -50.03
CA CYS A 3170 -97.49 -106.69 -49.43
C CYS A 3170 -96.33 -107.45 -48.79
N SER A 3171 -95.17 -107.47 -49.46
CA SER A 3171 -94.09 -108.33 -49.00
C SER A 3171 -93.49 -107.82 -47.69
N ILE A 3172 -93.16 -106.51 -47.62
CA ILE A 3172 -92.40 -106.03 -46.47
C ILE A 3172 -93.26 -105.97 -45.21
N TYR A 3173 -94.54 -105.56 -45.33
CA TYR A 3173 -95.40 -105.49 -44.15
C TYR A 3173 -95.69 -106.86 -43.55
N SER A 3174 -95.52 -107.93 -44.31
CA SER A 3174 -95.67 -109.30 -43.80
C SER A 3174 -94.54 -109.71 -42.86
N LEU A 3175 -93.54 -108.86 -42.64
CA LEU A 3175 -92.44 -109.16 -41.73
C LEU A 3175 -92.78 -108.88 -40.28
N GLY A 3176 -93.96 -108.35 -39.98
CA GLY A 3176 -94.38 -108.18 -38.60
C GLY A 3176 -94.59 -109.47 -37.82
N THR A 3177 -94.67 -110.61 -38.51
CA THR A 3177 -94.79 -111.91 -37.86
C THR A 3177 -93.45 -112.60 -37.71
N THR A 3178 -92.36 -111.84 -37.66
CA THR A 3178 -91.01 -112.37 -37.55
C THR A 3178 -90.30 -111.72 -36.37
N LYS A 3179 -89.58 -112.55 -35.59
CA LYS A 3179 -88.77 -112.08 -34.47
C LYS A 3179 -87.36 -112.62 -34.71
N ASN A 3180 -86.55 -111.88 -35.47
CA ASN A 3180 -85.20 -112.33 -35.81
C ASN A 3180 -84.26 -111.13 -35.82
N THR A 3181 -82.96 -111.45 -35.68
CA THR A 3181 -81.92 -110.43 -35.64
C THR A 3181 -81.83 -109.68 -36.97
N TYR A 3182 -81.92 -110.40 -38.09
CA TYR A 3182 -81.84 -109.74 -39.40
C TYR A 3182 -83.06 -108.86 -39.64
N VAL A 3183 -84.22 -109.28 -39.13
CA VAL A 3183 -85.43 -108.48 -39.24
C VAL A 3183 -85.27 -107.20 -38.45
N GLU A 3184 -84.72 -107.31 -37.23
CA GLU A 3184 -84.56 -106.15 -36.36
C GLU A 3184 -83.59 -105.14 -36.98
N LYS A 3185 -82.48 -105.64 -37.55
CA LYS A 3185 -81.48 -104.71 -38.06
C LYS A 3185 -81.92 -104.09 -39.38
N LEU A 3186 -82.75 -104.79 -40.16
CA LEU A 3186 -83.24 -104.23 -41.41
C LEU A 3186 -84.58 -103.51 -41.30
N ARG A 3187 -85.20 -103.49 -40.12
CA ARG A 3187 -86.43 -102.71 -39.94
C ARG A 3187 -86.32 -101.20 -40.22
N PRO A 3188 -85.28 -100.45 -39.78
CA PRO A 3188 -85.23 -99.02 -40.16
C PRO A 3188 -85.21 -98.75 -41.67
N ALA A 3189 -84.37 -99.47 -42.41
CA ALA A 3189 -84.29 -99.31 -43.86
C ALA A 3189 -85.58 -99.73 -44.56
N LEU A 3190 -86.18 -100.85 -44.15
CA LEU A 3190 -87.44 -101.28 -44.78
C LEU A 3190 -88.59 -100.35 -44.40
N GLY A 3191 -88.60 -99.88 -43.15
CA GLY A 3191 -89.61 -98.95 -42.69
C GLY A 3191 -89.56 -97.64 -43.45
N GLU A 3192 -88.35 -97.14 -43.71
CA GLU A 3192 -88.21 -95.92 -44.50
C GLU A 3192 -88.55 -96.18 -45.96
N CYS A 3193 -88.21 -97.38 -46.48
CA CYS A 3193 -88.51 -97.71 -47.87
C CYS A 3193 -90.02 -97.72 -48.11
N LEU A 3194 -90.78 -98.38 -47.22
CA LEU A 3194 -92.23 -98.39 -47.34
C LEU A 3194 -92.84 -97.01 -47.09
N ALA A 3195 -92.27 -96.24 -46.15
CA ALA A 3195 -92.78 -94.89 -45.93
C ALA A 3195 -92.59 -94.03 -47.18
N ARG A 3196 -91.40 -94.11 -47.80
CA ARG A 3196 -91.18 -93.36 -49.02
C ARG A 3196 -92.02 -93.89 -50.17
N LEU A 3197 -92.50 -95.14 -50.09
CA LEU A 3197 -93.54 -95.57 -51.02
C LEU A 3197 -94.82 -94.79 -50.75
N ALA A 3198 -95.22 -94.73 -49.48
CA ALA A 3198 -96.51 -94.16 -49.11
C ALA A 3198 -96.60 -92.68 -49.48
N ALA A 3199 -95.50 -91.96 -49.33
CA ALA A 3199 -95.43 -90.55 -49.73
C ALA A 3199 -95.56 -90.33 -51.23
N ALA A 3200 -95.25 -91.34 -52.05
CA ALA A 3200 -95.33 -91.26 -53.50
C ALA A 3200 -96.35 -92.21 -54.11
N MET A 3201 -97.14 -92.87 -53.30
CA MET A 3201 -98.06 -93.90 -53.76
C MET A 3201 -99.36 -93.29 -54.29
N PRO A 3202 -99.76 -93.62 -55.52
CA PRO A 3202 -101.01 -93.08 -56.07
C PRO A 3202 -102.27 -93.82 -55.65
N VAL A 3203 -102.17 -94.85 -54.80
CA VAL A 3203 -103.33 -95.63 -54.37
C VAL A 3203 -103.37 -95.64 -52.85
N ALA A 3204 -104.59 -95.57 -52.30
CA ALA A 3204 -104.77 -95.56 -50.84
C ALA A 3204 -104.88 -96.99 -50.36
N PHE A 3205 -103.77 -97.54 -49.86
CA PHE A 3205 -103.76 -98.90 -49.36
C PHE A 3205 -104.55 -99.03 -48.06
N LEU A 3206 -104.58 -97.97 -47.25
CA LEU A 3206 -105.36 -97.99 -46.03
C LEU A 3206 -106.83 -97.67 -46.26
N GLU A 3207 -107.22 -97.31 -47.49
CA GLU A 3207 -108.61 -97.02 -47.81
C GLU A 3207 -109.06 -97.80 -49.05
N PRO A 3208 -109.20 -99.12 -48.94
CA PRO A 3208 -109.69 -99.87 -50.10
C PRO A 3208 -111.19 -99.75 -50.27
N GLN A 3209 -111.93 -99.47 -49.19
CA GLN A 3209 -113.36 -99.27 -49.30
C GLN A 3209 -113.71 -98.02 -50.10
N LEU A 3210 -112.77 -97.09 -50.26
CA LEU A 3210 -112.92 -95.95 -51.16
C LEU A 3210 -111.89 -95.96 -52.29
N ASN A 3211 -111.17 -97.07 -52.48
CA ASN A 3211 -110.17 -97.14 -53.56
C ASN A 3211 -110.81 -97.05 -54.94
N GLU A 3212 -112.09 -97.41 -55.08
CA GLU A 3212 -112.81 -97.30 -56.36
C GLU A 3212 -113.19 -95.86 -56.73
N TYR A 3213 -112.72 -94.84 -56.01
CA TYR A 3213 -112.94 -93.47 -56.37
C TYR A 3213 -111.64 -92.74 -56.72
N ASN A 3214 -110.49 -93.36 -56.46
CA ASN A 3214 -109.20 -92.76 -56.76
C ASN A 3214 -108.99 -92.67 -58.27
N ALA A 3215 -108.50 -91.52 -58.72
CA ALA A 3215 -108.26 -91.30 -60.14
C ALA A 3215 -107.18 -92.25 -60.67
N CYS A 3216 -106.07 -92.37 -59.97
CA CYS A 3216 -105.00 -93.27 -60.36
C CYS A 3216 -105.10 -94.61 -59.62
N SER A 3217 -106.23 -95.26 -59.80
CA SER A 3217 -106.51 -96.57 -59.22
C SER A 3217 -106.71 -97.55 -60.36
N VAL A 3218 -106.15 -98.76 -60.21
CA VAL A 3218 -106.25 -99.76 -61.28
C VAL A 3218 -107.70 -100.23 -61.48
N TYR A 3219 -108.53 -100.15 -60.44
CA TYR A 3219 -109.94 -100.54 -60.51
C TYR A 3219 -110.84 -99.43 -61.03
N THR A 3220 -110.29 -98.25 -61.29
CA THR A 3220 -111.01 -97.17 -61.94
C THR A 3220 -110.48 -96.91 -63.34
N THR A 3221 -109.16 -96.98 -63.51
CA THR A 3221 -108.56 -96.76 -64.82
C THR A 3221 -108.82 -97.96 -65.74
N LYS A 3222 -108.67 -99.17 -65.22
CA LYS A 3222 -108.67 -100.33 -66.10
C LYS A 3222 -110.10 -100.82 -66.35
N SER A 3223 -110.27 -101.41 -67.53
CA SER A 3223 -111.54 -101.97 -67.96
C SER A 3223 -111.85 -103.25 -67.20
N PRO A 3224 -113.13 -103.64 -67.10
CA PRO A 3224 -113.46 -104.96 -66.53
C PRO A 3224 -112.82 -106.13 -67.26
N ARG A 3225 -112.61 -106.02 -68.57
CA ARG A 3225 -112.01 -107.12 -69.34
C ARG A 3225 -110.59 -107.41 -68.88
N GLU A 3226 -109.80 -106.36 -68.63
CA GLU A 3226 -108.44 -106.53 -68.16
C GLU A 3226 -108.44 -106.82 -66.65
N ARG A 3227 -107.26 -106.71 -66.03
CA ARG A 3227 -106.95 -107.14 -64.66
C ARG A 3227 -107.15 -108.64 -64.47
N ALA A 3228 -107.09 -109.40 -65.56
CA ALA A 3228 -107.23 -110.84 -65.61
C ALA A 3228 -106.06 -111.54 -66.29
N ILE A 3229 -105.50 -110.93 -67.35
CA ILE A 3229 -104.36 -111.51 -68.05
C ILE A 3229 -103.13 -111.57 -67.14
N LEU A 3230 -102.93 -110.54 -66.32
CA LEU A 3230 -101.90 -110.54 -65.31
C LEU A 3230 -102.59 -110.76 -63.97
N GLY A 3231 -101.96 -111.55 -63.09
CA GLY A 3231 -102.54 -111.89 -61.81
C GLY A 3231 -102.86 -110.69 -60.94
N LEU A 3232 -104.16 -110.38 -60.84
CA LEU A 3232 -104.68 -109.28 -60.04
C LEU A 3232 -105.96 -109.79 -59.37
N PRO A 3233 -106.12 -109.55 -58.06
CA PRO A 3233 -107.19 -110.23 -57.31
C PRO A 3233 -108.61 -109.77 -57.63
N ASN A 3234 -108.79 -108.79 -58.52
CA ASN A 3234 -110.06 -108.18 -58.92
C ASN A 3234 -110.81 -107.51 -57.76
N SER A 3235 -110.16 -107.34 -56.62
CA SER A 3235 -110.73 -106.64 -55.46
C SER A 3235 -109.57 -106.11 -54.64
N VAL A 3236 -109.61 -104.81 -54.35
CA VAL A 3236 -108.52 -104.15 -53.64
C VAL A 3236 -108.39 -104.61 -52.19
N GLU A 3237 -109.46 -105.13 -51.58
CA GLU A 3237 -109.44 -105.53 -50.17
C GLU A 3237 -108.55 -106.73 -49.88
N GLU A 3238 -108.10 -107.47 -50.91
CA GLU A 3238 -107.20 -108.61 -50.71
C GLU A 3238 -105.97 -108.53 -51.60
N MET A 3239 -105.70 -107.35 -52.19
CA MET A 3239 -104.47 -107.14 -52.94
C MET A 3239 -103.25 -107.36 -52.06
N CYS A 3240 -103.22 -106.68 -50.90
CA CYS A 3240 -102.26 -106.95 -49.84
C CYS A 3240 -103.01 -107.54 -48.65
N PRO A 3241 -102.93 -108.86 -48.44
CA PRO A 3241 -103.74 -109.51 -47.38
C PRO A 3241 -103.43 -109.03 -45.97
N ASP A 3242 -102.22 -108.56 -45.71
CA ASP A 3242 -101.82 -108.15 -44.37
C ASP A 3242 -102.01 -106.66 -44.10
N ILE A 3243 -102.55 -105.91 -45.07
CA ILE A 3243 -102.80 -104.48 -44.88
C ILE A 3243 -104.23 -104.32 -44.37
N PRO A 3244 -104.44 -103.82 -43.15
CA PRO A 3244 -105.80 -103.56 -42.65
C PRO A 3244 -106.35 -102.27 -43.26
N VAL A 3245 -107.62 -102.00 -42.95
CA VAL A 3245 -108.23 -100.74 -43.35
C VAL A 3245 -107.87 -99.73 -42.27
N LEU A 3246 -108.09 -98.44 -42.53
CA LEU A 3246 -107.53 -97.38 -41.70
C LEU A 3246 -108.10 -97.38 -40.28
N ASP A 3247 -109.41 -97.63 -40.12
CA ASP A 3247 -110.08 -97.36 -38.85
C ASP A 3247 -109.64 -98.34 -37.76
N ARG A 3248 -109.53 -99.64 -38.10
CA ARG A 3248 -109.10 -100.59 -37.06
C ARG A 3248 -107.64 -100.35 -36.73
N LEU A 3249 -106.84 -99.92 -37.71
CA LEU A 3249 -105.45 -99.57 -37.46
C LEU A 3249 -105.36 -98.41 -36.47
N MET A 3250 -106.22 -97.41 -36.63
CA MET A 3250 -106.32 -96.31 -35.67
C MET A 3250 -106.71 -96.78 -34.28
N ALA A 3251 -107.68 -97.70 -34.21
CA ALA A 3251 -108.05 -98.31 -32.93
C ALA A 3251 -106.89 -99.11 -32.31
N ASP A 3252 -106.18 -99.88 -33.13
CA ASP A 3252 -105.03 -100.66 -32.67
C ASP A 3252 -103.89 -99.77 -32.16
N ILE A 3253 -103.57 -98.71 -32.90
CA ILE A 3253 -102.58 -97.74 -32.44
C ILE A 3253 -103.03 -97.04 -31.16
N GLY A 3254 -104.31 -96.65 -31.07
CA GLY A 3254 -104.81 -96.05 -29.83
C GLY A 3254 -104.76 -96.99 -28.62
N GLY A 3255 -105.09 -98.27 -28.83
CA GLY A 3255 -104.94 -99.27 -27.78
C GLY A 3255 -103.51 -99.52 -27.36
N LEU A 3256 -102.59 -99.53 -28.33
CA LEU A 3256 -101.17 -99.63 -27.98
C LEU A 3256 -100.67 -98.36 -27.31
N ALA A 3257 -101.22 -97.21 -27.71
CA ALA A 3257 -100.87 -95.93 -27.12
C ALA A 3257 -101.25 -95.89 -25.64
N GLU A 3258 -102.45 -96.40 -25.31
CA GLU A 3258 -102.86 -96.46 -23.91
C GLU A 3258 -102.30 -97.68 -23.19
N SER A 3259 -101.67 -98.62 -23.93
CA SER A 3259 -101.14 -99.84 -23.32
C SER A 3259 -100.04 -99.55 -22.32
N GLY A 3260 -99.17 -98.58 -22.63
CA GLY A 3260 -98.01 -98.36 -21.79
C GLY A 3260 -96.85 -99.28 -22.07
N ALA A 3261 -96.84 -99.93 -23.23
CA ALA A 3261 -95.77 -100.86 -23.58
C ALA A 3261 -94.55 -100.13 -24.14
N ARG A 3262 -93.36 -100.63 -23.81
CA ARG A 3262 -92.10 -100.05 -24.25
C ARG A 3262 -91.67 -100.56 -25.62
N TYR A 3263 -90.48 -100.11 -26.07
CA TYR A 3263 -89.95 -100.51 -27.36
C TYR A 3263 -89.68 -102.01 -27.41
N THR A 3264 -89.13 -102.57 -26.32
CA THR A 3264 -88.73 -103.96 -26.28
C THR A 3264 -89.90 -104.90 -26.56
N GLU A 3265 -91.09 -104.53 -26.09
CA GLU A 3265 -92.32 -105.27 -26.38
C GLU A 3265 -93.11 -104.69 -27.56
N MET A 3266 -92.59 -103.65 -28.21
CA MET A 3266 -93.18 -103.11 -29.45
C MET A 3266 -92.12 -102.92 -30.53
N PRO A 3267 -91.45 -104.02 -30.99
CA PRO A 3267 -90.35 -103.82 -31.97
C PRO A 3267 -90.85 -103.40 -33.35
N HIS A 3268 -91.83 -104.11 -33.90
CA HIS A 3268 -92.33 -103.84 -35.24
C HIS A 3268 -93.24 -102.62 -35.27
N VAL A 3269 -93.84 -102.26 -34.13
CA VAL A 3269 -94.80 -101.16 -34.08
C VAL A 3269 -94.11 -99.83 -34.27
N ILE A 3270 -93.17 -99.49 -33.38
CA ILE A 3270 -92.50 -98.20 -33.42
C ILE A 3270 -91.68 -98.07 -34.71
N GLU A 3271 -90.99 -99.15 -35.08
CA GLU A 3271 -90.14 -99.16 -36.27
C GLU A 3271 -90.91 -98.96 -37.57
N ILE A 3272 -92.09 -99.59 -37.70
CA ILE A 3272 -92.78 -99.66 -38.98
C ILE A 3272 -94.14 -98.97 -38.94
N THR A 3273 -94.99 -99.32 -37.96
CA THR A 3273 -96.39 -98.90 -37.95
C THR A 3273 -96.56 -97.38 -37.89
N LEU A 3274 -95.79 -96.69 -37.02
CA LEU A 3274 -95.89 -95.24 -36.93
C LEU A 3274 -95.43 -94.51 -38.20
N PRO A 3275 -94.25 -94.77 -38.80
CA PRO A 3275 -93.87 -94.00 -40.01
C PRO A 3275 -94.79 -94.19 -41.19
N MET A 3276 -95.54 -95.31 -41.25
CA MET A 3276 -96.38 -95.57 -42.42
C MET A 3276 -97.49 -94.54 -42.45
N LEU A 3277 -98.10 -94.27 -41.30
CA LEU A 3277 -99.12 -93.22 -41.26
C LEU A 3277 -98.49 -91.84 -41.28
N CYS A 3278 -97.23 -91.71 -40.79
CA CYS A 3278 -96.47 -90.46 -40.92
C CYS A 3278 -96.22 -90.07 -42.37
N SER A 3279 -96.31 -91.04 -43.28
CA SER A 3279 -96.18 -90.82 -44.69
C SER A 3279 -97.50 -90.96 -45.46
N TYR A 3280 -98.47 -91.67 -44.88
CA TYR A 3280 -99.78 -91.81 -45.49
C TYR A 3280 -100.64 -90.56 -45.32
N LEU A 3281 -100.74 -90.05 -44.09
CA LEU A 3281 -101.60 -88.88 -43.84
C LEU A 3281 -101.23 -87.62 -44.66
N PRO A 3282 -99.96 -87.18 -44.76
CA PRO A 3282 -99.70 -85.91 -45.48
C PRO A 3282 -99.99 -85.99 -46.98
N ARG A 3283 -99.89 -87.16 -47.59
CA ARG A 3283 -100.01 -87.22 -49.05
C ARG A 3283 -101.46 -87.11 -49.50
N TRP A 3284 -102.39 -87.60 -48.69
CA TRP A 3284 -103.82 -87.59 -49.04
C TRP A 3284 -104.65 -86.55 -48.31
N TRP A 3285 -104.12 -85.89 -47.26
CA TRP A 3285 -104.98 -85.01 -46.44
C TRP A 3285 -105.51 -83.82 -47.24
N GLU A 3286 -104.69 -83.19 -48.08
CA GLU A 3286 -105.11 -82.01 -48.82
C GLU A 3286 -106.11 -82.31 -49.93
N ARG A 3287 -106.32 -83.58 -50.28
CA ARG A 3287 -107.26 -83.95 -51.32
C ARG A 3287 -108.52 -84.60 -50.76
N GLY A 3288 -108.74 -84.54 -49.45
CA GLY A 3288 -109.88 -85.19 -48.85
C GLY A 3288 -110.67 -84.29 -47.92
N PRO A 3289 -111.25 -84.89 -46.87
CA PRO A 3289 -112.08 -84.12 -45.95
C PRO A 3289 -111.27 -83.14 -45.11
N GLU A 3290 -111.97 -82.08 -44.67
CA GLU A 3290 -111.43 -80.97 -43.87
C GLU A 3290 -110.28 -80.24 -44.56
N ALA A 3291 -110.17 -80.36 -45.89
CA ALA A 3291 -109.23 -79.68 -46.73
C ALA A 3291 -109.96 -78.69 -47.63
N PRO A 3292 -109.34 -77.58 -48.00
CA PRO A 3292 -109.87 -76.70 -49.07
C PRO A 3292 -109.25 -76.98 -50.43
N PRO A 3293 -109.69 -77.99 -51.20
CA PRO A 3293 -109.11 -78.15 -52.54
C PRO A 3293 -109.62 -77.09 -53.49
N PRO A 3294 -108.71 -76.38 -54.21
CA PRO A 3294 -109.13 -75.42 -55.23
C PRO A 3294 -109.56 -76.06 -56.56
N ALA A 3295 -110.44 -77.06 -56.46
CA ALA A 3295 -110.89 -77.90 -57.57
C ALA A 3295 -112.40 -77.93 -57.62
N LEU A 3296 -113.01 -76.74 -57.61
CA LEU A 3296 -114.47 -76.61 -57.64
C LEU A 3296 -115.22 -77.32 -58.78
N PRO A 3297 -114.78 -77.34 -60.06
CA PRO A 3297 -115.53 -78.16 -61.04
C PRO A 3297 -115.46 -79.65 -60.75
N ALA A 3298 -114.34 -80.13 -60.21
CA ALA A 3298 -114.15 -81.53 -59.86
C ALA A 3298 -114.64 -81.85 -58.44
N GLY A 3299 -115.47 -81.00 -57.86
CA GLY A 3299 -116.02 -81.25 -56.54
C GLY A 3299 -117.07 -82.34 -56.51
N ALA A 3300 -117.71 -82.61 -57.65
CA ALA A 3300 -118.74 -83.66 -57.71
C ALA A 3300 -118.21 -85.07 -57.37
N PRO A 3301 -117.08 -85.56 -57.90
CA PRO A 3301 -116.56 -86.86 -57.40
C PRO A 3301 -116.17 -86.76 -55.94
N PRO A 3302 -116.59 -87.72 -55.12
CA PRO A 3302 -116.21 -87.71 -53.70
C PRO A 3302 -114.72 -87.95 -53.55
N PRO A 3303 -114.11 -87.44 -52.47
CA PRO A 3303 -112.67 -87.65 -52.25
C PRO A 3303 -112.30 -89.12 -52.11
N CYS A 3304 -111.12 -89.46 -52.63
CA CYS A 3304 -110.57 -90.81 -52.58
C CYS A 3304 -110.04 -91.20 -51.20
N THR A 3305 -110.18 -90.33 -50.20
CA THR A 3305 -109.67 -90.59 -48.87
C THR A 3305 -110.64 -90.01 -47.86
N ALA A 3306 -110.50 -90.48 -46.62
CA ALA A 3306 -111.31 -90.02 -45.49
C ALA A 3306 -110.42 -89.57 -44.35
N VAL A 3307 -109.41 -88.77 -44.66
CA VAL A 3307 -108.43 -88.31 -43.68
C VAL A 3307 -108.73 -86.86 -43.35
N THR A 3308 -109.13 -86.62 -42.10
CA THR A 3308 -109.36 -85.28 -41.58
C THR A 3308 -108.16 -84.84 -40.77
N SER A 3309 -108.26 -83.65 -40.16
CA SER A 3309 -107.23 -83.17 -39.26
C SER A 3309 -107.14 -84.00 -37.99
N ASP A 3310 -108.24 -84.65 -37.61
CA ASP A 3310 -108.25 -85.53 -36.45
C ASP A 3310 -107.34 -86.73 -36.63
N HIS A 3311 -107.12 -87.18 -37.87
CA HIS A 3311 -106.17 -88.26 -38.14
C HIS A 3311 -104.75 -87.86 -37.77
N LEU A 3312 -104.30 -86.69 -38.23
CA LEU A 3312 -102.97 -86.21 -37.86
C LEU A 3312 -102.89 -85.84 -36.38
N ASN A 3313 -103.99 -85.34 -35.82
CA ASN A 3313 -104.04 -85.08 -34.38
C ASN A 3313 -103.89 -86.37 -33.58
N SER A 3314 -104.55 -87.44 -34.04
CA SER A 3314 -104.46 -88.74 -33.41
C SER A 3314 -103.03 -89.27 -33.48
N LEU A 3315 -102.45 -89.27 -34.68
CA LEU A 3315 -101.10 -89.77 -34.87
C LEU A 3315 -100.06 -88.98 -34.07
N LEU A 3316 -100.17 -87.64 -34.05
CA LEU A 3316 -99.30 -86.80 -33.23
C LEU A 3316 -99.45 -87.08 -31.74
N GLY A 3317 -100.68 -87.24 -31.25
CA GLY A 3317 -100.89 -87.59 -29.85
C GLY A 3317 -100.35 -88.96 -29.50
N ASN A 3318 -100.55 -89.93 -30.40
CA ASN A 3318 -100.07 -91.30 -30.16
C ASN A 3318 -98.55 -91.32 -30.14
N ILE A 3319 -97.93 -90.59 -31.07
CA ILE A 3319 -96.46 -90.61 -31.16
C ILE A 3319 -95.87 -89.98 -29.91
N LEU A 3320 -96.41 -88.82 -29.48
CA LEU A 3320 -95.84 -88.12 -28.33
C LEU A 3320 -95.97 -88.95 -27.05
N ARG A 3321 -97.14 -89.56 -26.82
CA ARG A 3321 -97.27 -90.41 -25.63
C ARG A 3321 -96.42 -91.67 -25.73
N ILE A 3322 -96.17 -92.17 -26.95
CA ILE A 3322 -95.24 -93.28 -27.14
C ILE A 3322 -93.81 -92.86 -26.81
N ILE A 3323 -93.43 -91.64 -27.21
CA ILE A 3323 -92.08 -91.16 -26.96
C ILE A 3323 -91.84 -91.00 -25.46
N VAL A 3324 -92.78 -90.34 -24.77
CA VAL A 3324 -92.61 -90.15 -23.33
C VAL A 3324 -92.73 -91.49 -22.58
N ASN A 3325 -93.41 -92.48 -23.18
CA ASN A 3325 -93.51 -93.80 -22.56
C ASN A 3325 -92.13 -94.44 -22.43
N ASN A 3326 -91.30 -94.31 -23.47
CA ASN A 3326 -89.96 -94.88 -23.50
C ASN A 3326 -88.91 -93.98 -22.84
N LEU A 3327 -89.31 -93.10 -21.92
CA LEU A 3327 -88.38 -92.18 -21.28
C LEU A 3327 -87.32 -92.91 -20.46
N GLY A 3328 -87.66 -94.06 -19.88
CA GLY A 3328 -86.75 -94.75 -18.99
C GLY A 3328 -85.82 -95.77 -19.62
N ILE A 3329 -85.75 -95.86 -20.94
CA ILE A 3329 -84.87 -96.83 -21.57
C ILE A 3329 -83.44 -96.30 -21.60
N ASP A 3330 -82.49 -97.21 -21.42
CA ASP A 3330 -81.08 -96.81 -21.32
C ASP A 3330 -80.54 -96.35 -22.67
N GLU A 3331 -80.79 -97.12 -23.73
CA GLU A 3331 -80.22 -96.86 -25.04
C GLU A 3331 -81.31 -96.88 -26.10
N ALA A 3332 -81.18 -96.00 -27.10
CA ALA A 3332 -82.19 -95.87 -28.16
C ALA A 3332 -81.50 -95.32 -29.41
N THR A 3333 -81.27 -96.18 -30.40
CA THR A 3333 -80.85 -95.75 -31.72
C THR A 3333 -82.02 -95.56 -32.69
N TRP A 3334 -83.23 -95.91 -32.27
CA TRP A 3334 -84.44 -95.74 -33.06
C TRP A 3334 -85.05 -94.34 -32.95
N MET A 3335 -84.77 -93.64 -31.86
CA MET A 3335 -85.48 -92.40 -31.55
C MET A 3335 -85.15 -91.30 -32.57
N LYS A 3336 -83.89 -91.22 -32.99
CA LYS A 3336 -83.46 -90.16 -33.91
C LYS A 3336 -84.18 -90.30 -35.23
N ARG A 3337 -84.30 -91.54 -35.74
CA ARG A 3337 -84.98 -91.73 -37.00
C ARG A 3337 -86.48 -91.52 -36.83
N LEU A 3338 -87.03 -91.93 -35.67
CA LEU A 3338 -88.48 -91.80 -35.45
C LEU A 3338 -88.92 -90.34 -35.49
N ALA A 3339 -88.04 -89.41 -35.09
CA ALA A 3339 -88.41 -88.00 -35.06
C ALA A 3339 -88.58 -87.43 -36.47
N VAL A 3340 -87.68 -87.78 -37.39
CA VAL A 3340 -87.68 -87.12 -38.70
C VAL A 3340 -88.91 -87.55 -39.50
N PHE A 3341 -89.38 -88.79 -39.32
CA PHE A 3341 -90.61 -89.17 -40.00
C PHE A 3341 -91.82 -88.46 -39.39
N ALA A 3342 -91.76 -88.17 -38.08
CA ALA A 3342 -92.89 -87.50 -37.44
C ALA A 3342 -92.82 -85.99 -37.60
N GLN A 3343 -91.85 -85.50 -38.35
CA GLN A 3343 -91.69 -84.06 -38.56
C GLN A 3343 -92.65 -83.45 -39.60
N PRO A 3344 -92.92 -84.06 -40.78
CA PRO A 3344 -93.91 -83.45 -41.70
C PRO A 3344 -95.35 -83.36 -41.16
N ILE A 3345 -95.77 -84.27 -40.30
CA ILE A 3345 -97.17 -84.35 -39.88
C ILE A 3345 -97.58 -83.34 -38.82
N VAL A 3346 -96.62 -82.62 -38.23
CA VAL A 3346 -96.91 -81.70 -37.13
C VAL A 3346 -97.69 -80.46 -37.58
N SER A 3347 -97.76 -80.18 -38.90
CA SER A 3347 -98.37 -78.95 -39.40
C SER A 3347 -99.87 -78.83 -39.11
N ARG A 3348 -100.54 -79.93 -38.76
CA ARG A 3348 -101.96 -79.89 -38.45
C ARG A 3348 -102.24 -80.08 -36.96
N ALA A 3349 -101.26 -79.78 -36.11
CA ALA A 3349 -101.42 -79.93 -34.67
C ALA A 3349 -102.43 -78.91 -34.13
N ARG A 3350 -103.12 -79.32 -33.08
CA ARG A 3350 -104.16 -78.55 -32.42
C ARG A 3350 -103.63 -77.91 -31.13
N PRO A 3351 -104.23 -76.80 -30.69
CA PRO A 3351 -103.74 -76.15 -29.45
C PRO A 3351 -103.90 -76.98 -28.19
N GLU A 3352 -104.77 -78.00 -28.19
CA GLU A 3352 -104.97 -78.85 -27.03
C GLU A 3352 -103.75 -79.72 -26.71
N LEU A 3353 -102.82 -79.88 -27.67
CA LEU A 3353 -101.64 -80.71 -27.44
C LEU A 3353 -100.72 -80.13 -26.39
N LEU A 3354 -100.86 -78.83 -26.11
CA LEU A 3354 -99.98 -78.12 -25.19
C LEU A 3354 -100.14 -78.68 -23.79
N HIS A 3355 -101.35 -78.55 -23.24
CA HIS A 3355 -101.57 -78.98 -21.88
C HIS A 3355 -101.85 -80.47 -21.82
N SER A 3356 -102.35 -81.07 -22.91
CA SER A 3356 -102.65 -82.50 -22.84
C SER A 3356 -101.36 -83.30 -22.75
N HIS A 3357 -100.39 -83.01 -23.62
CA HIS A 3357 -99.15 -83.76 -23.69
C HIS A 3357 -97.91 -82.94 -23.32
N PHE A 3358 -97.71 -81.77 -23.96
CA PHE A 3358 -96.44 -81.06 -23.88
C PHE A 3358 -96.07 -80.66 -22.46
N ILE A 3359 -97.02 -80.10 -21.70
CA ILE A 3359 -96.72 -79.70 -20.32
C ILE A 3359 -96.38 -80.90 -19.43
N PRO A 3360 -97.18 -82.01 -19.38
CA PRO A 3360 -96.73 -83.16 -18.56
C PRO A 3360 -95.41 -83.80 -19.00
N THR A 3361 -95.13 -83.86 -20.31
CA THR A 3361 -93.87 -84.44 -20.78
C THR A 3361 -92.67 -83.60 -20.40
N ILE A 3362 -92.74 -82.28 -20.64
CA ILE A 3362 -91.66 -81.39 -20.22
C ILE A 3362 -91.57 -81.34 -18.69
N GLY A 3363 -92.70 -81.44 -17.99
CA GLY A 3363 -92.67 -81.54 -16.54
C GLY A 3363 -91.92 -82.76 -16.01
N ARG A 3364 -92.12 -83.92 -16.65
CA ARG A 3364 -91.30 -85.10 -16.33
C ARG A 3364 -89.84 -84.89 -16.69
N LEU A 3365 -89.57 -84.23 -17.83
CA LEU A 3365 -88.19 -83.96 -18.24
C LEU A 3365 -87.52 -83.02 -17.25
N ARG A 3366 -88.23 -81.98 -16.79
CA ARG A 3366 -87.63 -80.98 -15.92
C ARG A 3366 -87.36 -81.57 -14.54
N LYS A 3367 -88.26 -82.45 -14.04
CA LYS A 3367 -87.99 -83.02 -12.72
C LYS A 3367 -86.83 -84.01 -12.80
N ARG A 3368 -86.80 -84.87 -13.84
CA ARG A 3368 -85.67 -85.80 -13.97
C ARG A 3368 -84.36 -85.06 -14.19
N ALA A 3369 -84.37 -83.97 -14.98
CA ALA A 3369 -83.21 -83.12 -15.14
C ALA A 3369 -82.79 -82.48 -13.82
N GLY A 3370 -83.75 -82.05 -13.01
CA GLY A 3370 -83.44 -81.51 -11.70
C GLY A 3370 -82.78 -82.52 -10.79
N LYS A 3371 -83.23 -83.79 -10.87
CA LYS A 3371 -82.59 -84.83 -10.08
C LYS A 3371 -81.16 -85.10 -10.57
N VAL A 3372 -80.97 -85.12 -11.89
CA VAL A 3372 -79.63 -85.40 -12.45
C VAL A 3372 -78.65 -84.28 -12.07
N VAL A 3373 -79.08 -83.02 -12.21
CA VAL A 3373 -78.20 -81.93 -11.80
C VAL A 3373 -78.05 -81.85 -10.28
N ALA A 3374 -79.04 -82.34 -9.51
CA ALA A 3374 -78.87 -82.46 -8.07
C ALA A 3374 -77.80 -83.48 -7.73
N GLU A 3375 -77.75 -84.58 -8.49
CA GLU A 3375 -76.64 -85.52 -8.35
C GLU A 3375 -75.32 -84.86 -8.74
N GLU A 3376 -75.34 -84.05 -9.79
CA GLU A 3376 -74.12 -83.39 -10.27
C GLU A 3376 -73.56 -82.47 -9.20
N GLU A 3377 -74.44 -81.67 -8.56
CA GLU A 3377 -73.95 -80.77 -7.52
C GLU A 3377 -73.52 -81.55 -6.28
N GLN A 3378 -74.06 -82.77 -6.06
CA GLN A 3378 -73.53 -83.60 -4.98
C GLN A 3378 -72.09 -84.00 -5.30
N LEU A 3379 -71.79 -84.27 -6.58
CA LEU A 3379 -70.39 -84.56 -6.93
C LEU A 3379 -69.53 -83.31 -6.83
N ARG A 3380 -70.08 -82.13 -7.10
CA ARG A 3380 -69.26 -80.92 -7.06
C ARG A 3380 -68.97 -80.46 -5.63
N LEU A 3381 -69.91 -80.65 -4.70
CA LEU A 3381 -69.70 -80.16 -3.33
C LEU A 3381 -68.62 -80.95 -2.59
N GLU A 3382 -68.46 -82.24 -2.89
CA GLU A 3382 -67.43 -83.06 -2.27
C GLU A 3382 -66.42 -83.48 -3.35
N ALA A 3383 -65.20 -82.97 -3.24
CA ALA A 3383 -64.14 -83.25 -4.22
C ALA A 3383 -63.17 -84.24 -3.60
N LYS A 3384 -63.53 -85.51 -3.70
CA LYS A 3384 -62.75 -86.63 -3.17
C LYS A 3384 -62.42 -87.59 -4.32
N ALA A 3385 -61.83 -88.74 -3.95
CA ALA A 3385 -61.51 -89.76 -4.93
C ALA A 3385 -62.74 -90.40 -5.57
N GLU A 3386 -63.91 -90.25 -4.95
CA GLU A 3386 -65.16 -90.77 -5.48
C GLU A 3386 -65.85 -89.81 -6.44
N ALA A 3387 -65.22 -88.66 -6.75
CA ALA A 3387 -65.79 -87.73 -7.72
C ALA A 3387 -65.91 -88.37 -9.11
N GLU A 3388 -64.88 -89.10 -9.54
CA GLU A 3388 -64.98 -89.85 -10.79
C GLU A 3388 -65.98 -91.00 -10.67
N GLU A 3389 -66.02 -91.68 -9.53
CA GLU A 3389 -66.95 -92.78 -9.29
C GLU A 3389 -68.33 -92.16 -9.07
N GLY A 3390 -69.01 -91.88 -10.18
CA GLY A 3390 -70.25 -91.15 -10.12
C GLY A 3390 -70.31 -90.17 -11.27
N GLU A 3391 -69.13 -89.78 -11.77
CA GLU A 3391 -69.11 -88.96 -12.96
C GLU A 3391 -69.41 -89.77 -14.21
N LEU A 3392 -69.04 -91.06 -14.24
CA LEU A 3392 -69.51 -91.92 -15.32
C LEU A 3392 -71.01 -92.17 -15.25
N LEU A 3393 -71.56 -92.13 -14.02
CA LEU A 3393 -73.01 -92.21 -13.84
C LEU A 3393 -73.69 -90.98 -14.40
N VAL A 3394 -73.21 -89.78 -14.02
CA VAL A 3394 -73.84 -88.58 -14.52
C VAL A 3394 -73.57 -88.41 -16.01
N ARG A 3395 -72.48 -88.98 -16.54
CA ARG A 3395 -72.24 -89.00 -17.99
C ARG A 3395 -73.33 -89.77 -18.73
N ASP A 3396 -73.72 -90.93 -18.18
CA ASP A 3396 -74.84 -91.66 -18.76
C ASP A 3396 -76.17 -90.95 -18.53
N GLU A 3397 -76.37 -90.38 -17.33
CA GLU A 3397 -77.62 -89.69 -17.01
C GLU A 3397 -77.81 -88.45 -17.87
N PHE A 3398 -76.73 -87.71 -18.12
CA PHE A 3398 -76.80 -86.57 -19.02
C PHE A 3398 -77.01 -87.01 -20.45
N SER A 3399 -76.38 -88.11 -20.88
CA SER A 3399 -76.57 -88.57 -22.26
C SER A 3399 -78.01 -89.00 -22.53
N VAL A 3400 -78.62 -89.75 -21.60
CA VAL A 3400 -80.02 -90.12 -21.74
C VAL A 3400 -80.94 -88.89 -21.60
N LEU A 3401 -80.54 -87.92 -20.77
CA LEU A 3401 -81.27 -86.65 -20.71
C LEU A 3401 -81.21 -85.91 -22.03
N CYS A 3402 -80.04 -85.92 -22.69
CA CYS A 3402 -79.90 -85.34 -24.02
C CYS A 3402 -80.79 -86.06 -25.01
N ARG A 3403 -80.87 -87.40 -24.89
CA ARG A 3403 -81.69 -88.19 -25.80
C ARG A 3403 -83.16 -87.81 -25.69
N ASP A 3404 -83.65 -87.67 -24.46
CA ASP A 3404 -85.07 -87.36 -24.27
C ASP A 3404 -85.39 -85.94 -24.70
N LEU A 3405 -84.51 -84.99 -24.36
CA LEU A 3405 -84.75 -83.61 -24.76
C LEU A 3405 -84.66 -83.47 -26.28
N TYR A 3406 -83.70 -84.17 -26.91
CA TYR A 3406 -83.58 -84.19 -28.36
C TYR A 3406 -84.56 -85.16 -29.02
N ALA A 3407 -85.51 -85.67 -28.24
CA ALA A 3407 -86.61 -86.46 -28.74
C ALA A 3407 -87.92 -85.70 -28.68
N LEU A 3408 -88.04 -84.79 -27.71
CA LEU A 3408 -89.26 -84.00 -27.61
C LEU A 3408 -89.13 -82.63 -28.27
N TYR A 3409 -87.95 -82.00 -28.17
CA TYR A 3409 -87.70 -80.73 -28.86
C TYR A 3409 -87.88 -80.72 -30.38
N PRO A 3410 -87.43 -81.72 -31.19
CA PRO A 3410 -87.68 -81.65 -32.65
C PRO A 3410 -89.14 -81.51 -33.06
N LEU A 3411 -90.06 -82.09 -32.29
CA LEU A 3411 -91.48 -81.89 -32.48
C LEU A 3411 -92.01 -80.64 -31.78
N LEU A 3412 -91.45 -80.29 -30.62
CA LEU A 3412 -91.89 -79.10 -29.89
C LEU A 3412 -91.57 -77.82 -30.66
N ILE A 3413 -90.38 -77.71 -31.24
CA ILE A 3413 -90.00 -76.54 -32.05
C ILE A 3413 -90.92 -76.40 -33.25
N ARG A 3414 -91.19 -77.51 -33.93
CA ARG A 3414 -92.13 -77.50 -35.03
C ARG A 3414 -93.54 -77.18 -34.56
N TYR A 3415 -93.87 -77.51 -33.31
CA TYR A 3415 -95.16 -77.12 -32.74
C TYR A 3415 -95.20 -75.64 -32.40
N VAL A 3416 -94.07 -75.07 -31.96
CA VAL A 3416 -93.99 -73.64 -31.63
C VAL A 3416 -94.24 -72.78 -32.86
N ASP A 3417 -93.57 -73.10 -33.97
CA ASP A 3417 -93.67 -72.34 -35.21
C ASP A 3417 -95.10 -72.35 -35.75
N ASN A 3418 -95.76 -73.51 -35.65
CA ASN A 3418 -97.08 -73.73 -36.23
C ASN A 3418 -98.14 -72.77 -35.66
N ASN A 3419 -98.13 -72.57 -34.34
CA ASN A 3419 -99.21 -71.86 -33.67
C ASN A 3419 -98.69 -70.59 -32.97
N ARG A 3420 -97.52 -70.09 -33.37
CA ARG A 3420 -96.89 -68.93 -32.72
C ARG A 3420 -97.71 -67.65 -32.90
N ALA A 3421 -98.35 -67.51 -34.07
CA ALA A 3421 -99.03 -66.26 -34.42
C ALA A 3421 -100.11 -65.93 -33.41
N HIS A 3422 -100.88 -66.94 -33.00
CA HIS A 3422 -101.93 -66.72 -32.02
CA HIS A 3422 -101.92 -66.68 -32.02
C HIS A 3422 -101.36 -66.56 -30.62
N TRP A 3423 -100.19 -67.17 -30.36
CA TRP A 3423 -99.54 -67.09 -29.05
C TRP A 3423 -99.16 -65.65 -28.75
N LEU A 3424 -98.64 -64.95 -29.74
CA LEU A 3424 -98.24 -63.57 -29.53
C LEU A 3424 -99.39 -62.60 -29.76
N THR A 3425 -100.31 -62.90 -30.68
CA THR A 3425 -101.49 -62.06 -30.87
C THR A 3425 -102.36 -62.05 -29.62
N GLU A 3426 -102.60 -63.22 -29.05
CA GLU A 3426 -103.38 -63.40 -27.83
C GLU A 3426 -102.52 -64.11 -26.78
N PRO A 3427 -102.22 -63.48 -25.64
CA PRO A 3427 -101.38 -64.13 -24.61
C PRO A 3427 -101.97 -65.45 -24.11
N ASN A 3428 -101.08 -66.42 -23.88
CA ASN A 3428 -101.53 -67.77 -23.50
C ASN A 3428 -100.89 -68.18 -22.18
N ALA A 3429 -101.75 -68.23 -21.15
CA ALA A 3429 -101.33 -68.66 -19.83
C ALA A 3429 -100.86 -70.11 -19.83
N ASN A 3430 -101.41 -70.93 -20.73
CA ASN A 3430 -100.97 -72.31 -20.85
C ASN A 3430 -99.53 -72.38 -21.32
N ALA A 3431 -99.17 -71.54 -22.30
CA ALA A 3431 -97.80 -71.52 -22.80
C ALA A 3431 -96.85 -70.89 -21.81
N GLU A 3432 -97.38 -70.13 -20.82
CA GLU A 3432 -96.51 -69.50 -19.83
C GLU A 3432 -95.76 -70.53 -18.98
N GLU A 3433 -96.47 -71.59 -18.52
CA GLU A 3433 -95.79 -72.61 -17.72
C GLU A 3433 -94.77 -73.36 -18.56
N LEU A 3434 -95.09 -73.60 -19.84
CA LEU A 3434 -94.15 -74.29 -20.73
C LEU A 3434 -92.89 -73.46 -20.90
N PHE A 3435 -93.05 -72.13 -20.96
CA PHE A 3435 -91.91 -71.22 -21.01
C PHE A 3435 -91.08 -71.33 -19.74
N ARG A 3436 -91.76 -71.44 -18.58
CA ARG A 3436 -91.05 -71.57 -17.30
C ARG A 3436 -90.23 -72.85 -17.28
N MET A 3437 -90.84 -73.95 -17.75
CA MET A 3437 -90.24 -75.27 -17.61
C MET A 3437 -89.01 -75.36 -18.49
N VAL A 3438 -89.15 -74.96 -19.77
CA VAL A 3438 -88.04 -75.05 -20.70
C VAL A 3438 -86.94 -74.09 -20.27
N GLY A 3439 -87.31 -72.93 -19.70
CA GLY A 3439 -86.30 -71.98 -19.26
C GLY A 3439 -85.48 -72.50 -18.11
N GLU A 3440 -86.12 -73.12 -17.11
CA GLU A 3440 -85.40 -73.73 -16.00
C GLU A 3440 -84.52 -74.90 -16.47
N ILE A 3441 -85.00 -75.67 -17.45
CA ILE A 3441 -84.15 -76.69 -18.07
C ILE A 3441 -82.93 -76.06 -18.74
N PHE A 3442 -83.12 -74.96 -19.47
CA PHE A 3442 -81.99 -74.27 -20.09
C PHE A 3442 -81.06 -73.65 -19.04
N ILE A 3443 -81.61 -73.28 -17.87
CA ILE A 3443 -80.78 -72.84 -16.75
C ILE A 3443 -79.86 -73.98 -16.30
N TYR A 3444 -80.42 -75.20 -16.20
CA TYR A 3444 -79.58 -76.38 -15.94
C TYR A 3444 -78.58 -76.63 -17.05
N TRP A 3445 -78.98 -76.35 -18.30
CA TRP A 3445 -78.11 -76.54 -19.46
C TRP A 3445 -76.89 -75.63 -19.37
N SER A 3446 -77.11 -74.38 -19.00
CA SER A 3446 -76.01 -73.43 -18.92
C SER A 3446 -75.18 -73.67 -17.67
N LYS A 3447 -75.82 -74.11 -16.59
CA LYS A 3447 -75.13 -74.28 -15.31
C LYS A 3447 -74.48 -75.66 -15.20
N SER A 3448 -74.60 -76.50 -16.22
CA SER A 3448 -74.04 -77.85 -16.19
C SER A 3448 -73.16 -78.02 -17.43
N HIS A 3449 -71.84 -77.90 -17.23
CA HIS A 3449 -70.89 -78.12 -18.31
C HIS A 3449 -70.85 -79.58 -18.77
N ASN A 3450 -71.09 -80.53 -17.88
CA ASN A 3450 -71.16 -81.95 -18.26
C ASN A 3450 -72.29 -82.25 -19.24
N PHE A 3451 -73.48 -81.67 -19.00
CA PHE A 3451 -74.58 -81.76 -19.96
C PHE A 3451 -74.22 -81.14 -21.31
N LYS A 3452 -73.38 -80.11 -21.30
CA LYS A 3452 -72.91 -79.53 -22.55
C LYS A 3452 -71.89 -80.45 -23.20
N ARG A 3453 -70.98 -81.03 -22.41
CA ARG A 3453 -69.90 -81.83 -22.96
C ARG A 3453 -70.43 -83.08 -23.65
N GLU A 3454 -71.38 -83.77 -23.00
CA GLU A 3454 -71.98 -84.92 -23.66
C GLU A 3454 -73.10 -84.55 -24.63
N GLU A 3455 -73.44 -83.25 -24.74
CA GLU A 3455 -74.40 -82.85 -25.77
C GLU A 3455 -73.82 -83.04 -27.17
N GLN A 3456 -72.58 -82.56 -27.41
CA GLN A 3456 -71.97 -82.87 -28.71
C GLN A 3456 -71.62 -84.33 -28.85
N ASN A 3457 -71.41 -85.05 -27.74
CA ASN A 3457 -71.23 -86.50 -27.84
C ASN A 3457 -72.46 -87.13 -28.48
N PHE A 3458 -73.64 -86.82 -27.94
CA PHE A 3458 -74.89 -87.36 -28.47
C PHE A 3458 -75.09 -86.93 -29.91
N VAL A 3459 -74.64 -85.71 -30.27
CA VAL A 3459 -74.77 -85.26 -31.64
C VAL A 3459 -73.86 -86.08 -32.56
N VAL A 3460 -72.61 -86.34 -32.15
CA VAL A 3460 -71.68 -86.98 -33.08
C VAL A 3460 -72.02 -88.46 -33.24
N GLN A 3461 -72.44 -89.16 -32.16
CA GLN A 3461 -72.80 -90.55 -32.44
C GLN A 3461 -74.21 -90.70 -32.99
N ASN A 3462 -75.04 -89.66 -33.00
CA ASN A 3462 -76.34 -89.78 -33.63
C ASN A 3462 -76.41 -89.12 -35.00
N GLU A 3463 -75.32 -88.48 -35.43
CA GLU A 3463 -75.19 -87.77 -36.72
C GLU A 3463 -76.32 -86.75 -36.89
N ILE A 3464 -76.51 -85.94 -35.85
CA ILE A 3464 -77.56 -84.93 -35.88
C ILE A 3464 -77.12 -83.81 -36.80
N ASN A 3465 -77.88 -83.60 -37.88
CA ASN A 3465 -77.51 -82.56 -38.85
C ASN A 3465 -77.81 -81.17 -38.30
N ASN A 3466 -78.94 -81.02 -37.58
CA ASN A 3466 -79.50 -79.78 -37.03
C ASN A 3466 -79.90 -78.76 -38.10
N MET A 3467 -79.78 -79.13 -39.38
CA MET A 3467 -80.25 -78.32 -40.49
C MET A 3467 -81.64 -78.73 -40.96
N SER A 3468 -81.87 -80.04 -41.15
CA SER A 3468 -83.21 -80.51 -41.50
C SER A 3468 -84.22 -80.25 -40.38
N PHE A 3469 -83.79 -80.37 -39.12
CA PHE A 3469 -84.64 -80.13 -37.95
C PHE A 3469 -85.06 -78.67 -37.81
N LEU A 3470 -84.44 -77.75 -38.53
CA LEU A 3470 -84.79 -76.34 -38.48
C LEU A 3470 -85.23 -75.79 -39.83
N THR A 3471 -85.01 -76.54 -40.91
CA THR A 3471 -85.35 -76.08 -42.25
C THR A 3471 -86.34 -76.96 -43.01
N ALA A 3472 -86.87 -78.04 -42.41
CA ALA A 3472 -87.84 -78.88 -43.11
C ALA A 3472 -89.11 -78.11 -43.45
N ASP A 3473 -89.58 -77.28 -42.51
CA ASP A 3473 -90.70 -76.38 -42.79
C ASP A 3473 -90.35 -75.38 -43.88
N SER A 3474 -89.11 -74.85 -43.87
CA SER A 3474 -88.74 -73.89 -44.90
C SER A 3474 -88.64 -74.57 -46.26
N LYS A 3475 -88.25 -75.85 -46.27
CA LYS A 3475 -88.23 -76.61 -47.52
C LYS A 3475 -89.64 -76.74 -48.07
N SER A 3476 -90.61 -77.00 -47.19
CA SER A 3476 -91.97 -77.18 -47.67
C SER A 3476 -92.68 -75.86 -47.96
N LYS A 3477 -92.12 -74.72 -47.55
CA LYS A 3477 -92.74 -73.43 -47.83
C LYS A 3477 -92.39 -72.91 -49.23
N MET A 3478 -91.61 -73.66 -50.01
CA MET A 3478 -91.19 -73.34 -51.38
C MET A 3478 -90.39 -72.03 -51.40
N ALA A 3479 -89.28 -72.04 -50.65
CA ALA A 3479 -88.40 -70.89 -50.57
C ALA A 3479 -87.25 -71.01 -51.58
N ARG A 3498 -71.03 -76.47 -42.45
CA ARG A 3498 -69.67 -76.24 -42.92
C ARG A 3498 -68.75 -75.83 -41.77
N ARG A 3499 -69.08 -74.73 -41.13
CA ARG A 3499 -68.28 -74.25 -40.00
C ARG A 3499 -68.51 -75.10 -38.76
N GLY A 3500 -69.74 -75.16 -38.28
CA GLY A 3500 -70.05 -75.97 -37.11
C GLY A 3500 -71.08 -77.04 -37.40
N ASP A 3501 -70.99 -77.64 -38.59
CA ASP A 3501 -71.94 -78.67 -39.01
C ASP A 3501 -71.90 -79.89 -38.09
N ARG A 3502 -70.70 -80.23 -37.59
CA ARG A 3502 -70.59 -81.30 -36.61
C ARG A 3502 -71.33 -80.96 -35.32
N TYR A 3503 -71.05 -79.79 -34.74
CA TYR A 3503 -71.75 -79.20 -33.61
C TYR A 3503 -71.27 -77.77 -33.41
N SER A 3504 -72.19 -76.90 -33.05
CA SER A 3504 -71.88 -75.52 -32.68
C SER A 3504 -72.99 -75.04 -31.74
N VAL A 3505 -72.71 -73.92 -31.07
CA VAL A 3505 -73.66 -73.34 -30.11
C VAL A 3505 -74.95 -72.91 -30.81
N GLN A 3506 -74.83 -72.36 -32.02
CA GLN A 3506 -75.99 -71.94 -32.80
C GLN A 3506 -76.88 -73.11 -33.21
N THR A 3507 -76.31 -74.30 -33.37
CA THR A 3507 -77.07 -75.48 -33.74
C THR A 3507 -77.60 -76.26 -32.55
N SER A 3508 -77.36 -75.78 -31.32
CA SER A 3508 -77.94 -76.40 -30.15
C SER A 3508 -79.46 -76.30 -30.17
N LEU A 3509 -80.12 -77.46 -30.22
CA LEU A 3509 -81.57 -77.50 -30.37
C LEU A 3509 -82.26 -76.92 -29.13
N ILE A 3510 -81.59 -77.00 -27.98
CA ILE A 3510 -82.16 -76.47 -26.75
C ILE A 3510 -82.17 -74.95 -26.78
N VAL A 3511 -81.07 -74.33 -27.23
CA VAL A 3511 -81.07 -72.87 -27.31
C VAL A 3511 -82.01 -72.43 -28.43
N ALA A 3512 -82.26 -73.34 -29.39
CA ALA A 3512 -83.21 -73.05 -30.45
C ALA A 3512 -84.62 -72.97 -29.90
N THR A 3513 -85.05 -74.00 -29.13
CA THR A 3513 -86.40 -73.98 -28.59
C THR A 3513 -86.59 -72.86 -27.58
N LEU A 3514 -85.50 -72.43 -26.93
CA LEU A 3514 -85.57 -71.26 -26.07
C LEU A 3514 -85.84 -70.00 -26.87
N LYS A 3515 -85.06 -69.77 -27.93
CA LYS A 3515 -85.21 -68.53 -28.68
C LYS A 3515 -86.46 -68.50 -29.56
N LYS A 3516 -86.99 -69.65 -29.96
CA LYS A 3516 -88.20 -69.66 -30.80
C LYS A 3516 -89.42 -69.15 -30.05
N MET A 3517 -89.52 -69.41 -28.75
CA MET A 3517 -90.69 -68.93 -28.01
C MET A 3517 -90.32 -68.12 -26.76
N LEU A 3518 -89.12 -67.54 -26.74
CA LEU A 3518 -88.78 -66.55 -25.72
C LEU A 3518 -89.71 -65.33 -25.71
N PRO A 3519 -90.12 -64.71 -26.84
CA PRO A 3519 -91.02 -63.55 -26.74
C PRO A 3519 -92.35 -63.84 -26.08
N ILE A 3520 -92.78 -65.09 -25.95
CA ILE A 3520 -93.96 -65.39 -25.14
C ILE A 3520 -93.71 -64.97 -23.69
N GLY A 3521 -92.52 -65.27 -23.20
CA GLY A 3521 -92.09 -64.80 -21.88
C GLY A 3521 -91.93 -63.29 -21.81
N LEU A 3522 -91.38 -62.69 -22.85
CA LEU A 3522 -91.26 -61.23 -22.84
C LEU A 3522 -92.64 -60.57 -22.92
N ASN A 3523 -93.55 -61.17 -23.68
CA ASN A 3523 -94.92 -60.68 -23.85
C ASN A 3523 -95.66 -60.69 -22.53
N MET A 3524 -95.54 -61.79 -21.76
CA MET A 3524 -96.32 -61.91 -20.53
C MET A 3524 -95.85 -60.97 -19.42
N CYS A 3525 -94.71 -60.31 -19.59
CA CYS A 3525 -94.24 -59.30 -18.66
C CYS A 3525 -94.74 -57.92 -19.10
N ALA A 3526 -94.37 -56.88 -18.35
CA ALA A 3526 -94.85 -55.54 -18.64
C ALA A 3526 -93.71 -54.60 -19.06
N PRO A 3527 -93.99 -53.66 -19.97
CA PRO A 3527 -92.96 -52.69 -20.38
C PRO A 3527 -92.39 -51.81 -19.26
N THR A 3528 -93.17 -51.48 -18.23
CA THR A 3528 -92.60 -50.74 -17.10
C THR A 3528 -91.62 -51.56 -16.27
N ASP A 3529 -91.55 -52.88 -16.47
CA ASP A 3529 -90.60 -53.72 -15.76
C ASP A 3529 -89.28 -53.89 -16.50
N GLN A 3530 -89.02 -53.08 -17.55
CA GLN A 3530 -87.75 -53.18 -18.28
C GLN A 3530 -86.57 -52.89 -17.34
N ASP A 3531 -86.59 -51.75 -16.63
CA ASP A 3531 -85.48 -51.46 -15.74
C ASP A 3531 -85.32 -52.52 -14.66
N LEU A 3532 -86.43 -53.20 -14.27
CA LEU A 3532 -86.33 -54.36 -13.41
C LEU A 3532 -85.56 -55.49 -14.10
N ILE A 3533 -85.63 -55.55 -15.43
CA ILE A 3533 -84.89 -56.60 -16.14
C ILE A 3533 -83.40 -56.27 -16.13
N MET A 3534 -83.02 -55.03 -16.46
CA MET A 3534 -81.58 -54.75 -16.46
C MET A 3534 -80.96 -54.74 -15.05
N LEU A 3535 -81.69 -54.33 -14.00
CA LEU A 3535 -81.16 -54.54 -12.65
C LEU A 3535 -81.10 -56.02 -12.30
N ALA A 3536 -81.95 -56.83 -12.91
CA ALA A 3536 -81.79 -58.26 -12.74
C ALA A 3536 -80.65 -58.82 -13.58
N LYS A 3537 -80.29 -58.15 -14.68
CA LYS A 3537 -79.08 -58.53 -15.41
C LYS A 3537 -77.87 -58.29 -14.54
N THR A 3538 -77.89 -57.19 -13.79
CA THR A 3538 -76.78 -56.89 -12.88
C THR A 3538 -76.66 -57.95 -11.79
N ARG A 3539 -77.78 -58.27 -11.12
CA ARG A 3539 -77.72 -59.24 -10.02
C ARG A 3539 -77.30 -60.64 -10.52
N TYR A 3540 -77.79 -61.04 -11.71
CA TYR A 3540 -77.35 -62.31 -12.29
C TYR A 3540 -75.89 -62.28 -12.68
N ALA A 3541 -75.38 -61.11 -13.09
CA ALA A 3541 -73.93 -61.03 -13.27
C ALA A 3541 -73.21 -61.10 -11.92
N LEU A 3542 -73.86 -60.63 -10.84
CA LEU A 3542 -73.37 -60.82 -9.47
C LEU A 3542 -73.66 -62.21 -8.90
N LYS A 3543 -74.07 -63.16 -9.75
CA LYS A 3543 -74.30 -64.56 -9.38
C LYS A 3543 -75.35 -64.75 -8.30
N ASP A 3544 -76.44 -64.00 -8.38
CA ASP A 3544 -77.49 -64.12 -7.38
C ASP A 3544 -78.53 -65.12 -7.87
N THR A 3545 -78.87 -66.09 -7.01
CA THR A 3545 -79.79 -67.15 -7.39
C THR A 3545 -81.24 -66.76 -7.06
N ASP A 3546 -82.15 -67.75 -7.18
CA ASP A 3546 -83.59 -67.51 -7.14
C ASP A 3546 -84.05 -66.94 -5.80
N GLU A 3547 -83.40 -67.34 -4.71
CA GLU A 3547 -83.87 -66.94 -3.39
C GLU A 3547 -83.64 -65.44 -3.19
N GLU A 3548 -82.42 -64.98 -3.45
CA GLU A 3548 -82.10 -63.59 -3.14
C GLU A 3548 -82.57 -62.63 -4.23
N VAL A 3549 -82.76 -63.10 -5.47
CA VAL A 3549 -83.27 -62.17 -6.49
C VAL A 3549 -84.70 -61.76 -6.17
N ARG A 3550 -85.51 -62.65 -5.61
CA ARG A 3550 -86.90 -62.33 -5.30
C ARG A 3550 -86.97 -61.26 -4.22
N GLU A 3551 -86.17 -61.40 -3.16
CA GLU A 3551 -86.24 -60.45 -2.06
C GLU A 3551 -85.66 -59.10 -2.46
N PHE A 3552 -84.59 -59.10 -3.28
CA PHE A 3552 -84.07 -57.84 -3.79
C PHE A 3552 -85.08 -57.15 -4.71
N LEU A 3553 -85.78 -57.91 -5.57
CA LEU A 3553 -86.84 -57.32 -6.39
C LEU A 3553 -87.98 -56.79 -5.52
N GLN A 3554 -88.28 -57.48 -4.42
CA GLN A 3554 -89.28 -56.98 -3.46
C GLN A 3554 -88.84 -55.65 -2.86
N ASN A 3555 -87.54 -55.49 -2.63
CA ASN A 3555 -87.02 -54.17 -2.27
C ASN A 3555 -87.17 -53.20 -3.44
N ASN A 3556 -86.97 -53.69 -4.66
CA ASN A 3556 -87.07 -52.88 -5.88
C ASN A 3556 -88.48 -52.81 -6.47
N LEU A 3557 -89.52 -53.04 -5.64
CA LEU A 3557 -90.90 -52.96 -6.11
C LEU A 3557 -91.27 -51.57 -6.60
N HIS A 3558 -90.80 -50.54 -5.90
CA HIS A 3558 -91.04 -49.16 -6.30
C HIS A 3558 -90.02 -48.64 -7.31
N LEU A 3559 -89.06 -49.48 -7.72
CA LEU A 3559 -88.06 -49.10 -8.71
C LEU A 3559 -88.52 -49.34 -10.14
N GLN A 3560 -89.77 -49.76 -10.33
CA GLN A 3560 -90.30 -50.05 -11.65
C GLN A 3560 -90.39 -48.78 -12.49
N GLY A 3561 -90.32 -48.95 -13.81
CA GLY A 3561 -90.32 -47.83 -14.73
C GLY A 3561 -91.61 -47.03 -14.71
N LYS A 3562 -91.47 -45.78 -15.12
CA LYS A 3562 -92.58 -44.83 -15.20
C LYS A 3562 -92.89 -44.57 -16.66
N VAL A 3563 -94.17 -44.72 -17.03
CA VAL A 3563 -94.61 -44.52 -18.41
C VAL A 3563 -94.36 -43.08 -18.87
N GLU A 3564 -94.47 -42.10 -17.96
CA GLU A 3564 -94.20 -40.71 -18.29
C GLU A 3564 -92.72 -40.43 -18.50
N GLY A 3565 -91.83 -41.36 -18.13
CA GLY A 3565 -90.40 -41.13 -18.24
C GLY A 3565 -89.85 -41.28 -19.64
N SER A 3566 -90.57 -41.94 -20.53
CA SER A 3566 -90.11 -42.16 -21.89
C SER A 3566 -91.32 -42.21 -22.81
N PRO A 3567 -91.26 -41.54 -23.97
CA PRO A 3567 -92.37 -41.62 -24.93
C PRO A 3567 -92.65 -43.02 -25.44
N SER A 3568 -91.61 -43.86 -25.53
CA SER A 3568 -91.79 -45.24 -26.00
C SER A 3568 -92.70 -46.05 -25.09
N LEU A 3569 -92.75 -45.72 -23.80
CA LEU A 3569 -93.61 -46.45 -22.90
C LEU A 3569 -95.07 -46.06 -23.07
N ARG A 3570 -95.35 -44.87 -23.61
CA ARG A 3570 -96.73 -44.46 -23.84
C ARG A 3570 -97.39 -45.37 -24.87
N TRP A 3571 -96.74 -45.53 -26.03
CA TRP A 3571 -97.34 -46.37 -27.06
C TRP A 3571 -97.21 -47.84 -26.69
N GLN A 3572 -96.16 -48.21 -25.95
CA GLN A 3572 -96.03 -49.62 -25.55
C GLN A 3572 -97.17 -50.01 -24.62
N MET A 3573 -97.51 -49.17 -23.64
CA MET A 3573 -98.71 -49.43 -22.84
C MET A 3573 -100.00 -49.28 -23.62
N ALA A 3574 -100.02 -48.39 -24.63
CA ALA A 3574 -101.21 -48.25 -25.47
C ALA A 3574 -101.51 -49.53 -26.23
N LEU A 3575 -100.48 -50.21 -26.70
CA LEU A 3575 -100.75 -51.46 -27.40
C LEU A 3575 -100.89 -52.61 -26.42
N TYR A 3576 -100.17 -52.53 -25.29
CA TYR A 3576 -100.15 -53.61 -24.32
C TYR A 3576 -101.53 -53.77 -23.71
N ARG A 3577 -102.18 -52.67 -23.33
CA ARG A 3577 -103.59 -52.84 -23.02
C ARG A 3577 -104.45 -52.89 -24.28
N GLY A 3578 -103.91 -52.59 -25.45
CA GLY A 3578 -104.68 -52.73 -26.67
C GLY A 3578 -104.93 -54.16 -27.06
N LEU A 3579 -104.21 -55.11 -26.47
CA LEU A 3579 -104.50 -56.52 -26.71
C LEU A 3579 -105.70 -56.94 -25.88
N PRO A 3580 -106.68 -57.63 -26.48
CA PRO A 3580 -107.88 -58.03 -25.71
C PRO A 3580 -107.64 -59.03 -24.58
N GLY A 3581 -106.51 -59.74 -24.58
CA GLY A 3581 -106.28 -60.76 -23.58
C GLY A 3581 -105.54 -60.29 -22.35
N ARG A 3582 -105.58 -58.98 -22.10
CA ARG A 3582 -104.86 -58.37 -21.00
C ARG A 3582 -105.83 -57.93 -19.91
N GLU A 3583 -105.50 -58.26 -18.67
CA GLU A 3583 -106.25 -57.82 -17.51
C GLU A 3583 -105.29 -57.13 -16.56
N GLU A 3584 -105.74 -56.01 -15.97
CA GLU A 3584 -104.90 -55.18 -15.14
C GLU A 3584 -104.57 -55.80 -13.79
N ASP A 3585 -105.29 -56.85 -13.39
CA ASP A 3585 -105.11 -57.46 -12.08
C ASP A 3585 -103.93 -58.41 -12.01
N ALA A 3586 -103.27 -58.67 -13.14
CA ALA A 3586 -102.15 -59.62 -13.21
C ALA A 3586 -100.87 -59.10 -12.57
N ASP A 3587 -100.81 -57.82 -12.19
CA ASP A 3587 -99.58 -57.24 -11.65
C ASP A 3587 -99.45 -57.41 -10.14
N ASP A 3588 -99.57 -58.65 -9.67
CA ASP A 3588 -99.37 -58.94 -8.25
C ASP A 3588 -97.89 -58.74 -7.90
N PRO A 3589 -97.61 -58.27 -6.68
CA PRO A 3589 -96.19 -58.04 -6.28
C PRO A 3589 -95.30 -59.26 -6.37
N GLU A 3590 -95.79 -60.45 -6.01
CA GLU A 3590 -95.01 -61.65 -6.18
C GLU A 3590 -94.98 -62.12 -7.63
N LYS A 3591 -96.08 -61.90 -8.37
CA LYS A 3591 -96.17 -62.34 -9.76
C LYS A 3591 -95.16 -61.60 -10.63
N ILE A 3592 -95.09 -60.27 -10.48
CA ILE A 3592 -94.20 -59.47 -11.32
C ILE A 3592 -92.73 -59.82 -11.05
N VAL A 3593 -92.34 -59.96 -9.78
CA VAL A 3593 -90.95 -60.29 -9.47
C VAL A 3593 -90.62 -61.71 -9.90
N ARG A 3594 -91.63 -62.61 -9.91
CA ARG A 3594 -91.41 -63.97 -10.37
C ARG A 3594 -91.18 -63.99 -11.87
N ARG A 3595 -92.02 -63.30 -12.64
CA ARG A 3595 -91.86 -63.34 -14.10
C ARG A 3595 -90.63 -62.56 -14.54
N VAL A 3596 -90.28 -61.48 -13.82
CA VAL A 3596 -89.04 -60.75 -14.09
C VAL A 3596 -87.83 -61.65 -13.87
N GLN A 3597 -87.82 -62.41 -12.76
CA GLN A 3597 -86.72 -63.35 -12.51
C GLN A 3597 -86.65 -64.44 -13.58
N GLU A 3598 -87.80 -64.94 -14.02
CA GLU A 3598 -87.84 -65.95 -15.07
C GLU A 3598 -87.25 -65.45 -16.39
N VAL A 3599 -87.71 -64.27 -16.85
CA VAL A 3599 -87.24 -63.76 -18.14
C VAL A 3599 -85.81 -63.28 -18.02
N SER A 3600 -85.41 -62.79 -16.84
CA SER A 3600 -84.06 -62.31 -16.64
C SER A 3600 -83.08 -63.46 -16.71
N ALA A 3601 -83.36 -64.55 -15.98
CA ALA A 3601 -82.45 -65.68 -15.94
C ALA A 3601 -82.30 -66.32 -17.32
N VAL A 3602 -83.42 -66.48 -18.05
CA VAL A 3602 -83.33 -67.11 -19.37
C VAL A 3602 -82.61 -66.20 -20.38
N LEU A 3603 -82.80 -64.89 -20.31
CA LEU A 3603 -82.08 -64.00 -21.22
C LEU A 3603 -80.61 -63.87 -20.85
N TYR A 3604 -80.32 -63.81 -19.55
CA TYR A 3604 -78.96 -63.67 -19.07
C TYR A 3604 -78.14 -64.89 -19.45
N HIS A 3605 -78.72 -66.08 -19.25
CA HIS A 3605 -78.03 -67.30 -19.60
C HIS A 3605 -77.85 -67.38 -21.11
N LEU A 3606 -78.88 -66.96 -21.88
CA LEU A 3606 -78.80 -67.06 -23.34
C LEU A 3606 -77.68 -66.16 -23.87
N GLU A 3607 -77.58 -64.93 -23.36
CA GLU A 3607 -76.49 -64.08 -23.83
C GLU A 3607 -75.12 -64.57 -23.36
N GLN A 3608 -75.06 -65.32 -22.25
CA GLN A 3608 -73.77 -65.93 -21.87
C GLN A 3608 -73.42 -67.05 -22.85
N THR A 3609 -74.43 -67.70 -23.41
CA THR A 3609 -74.18 -68.81 -24.31
C THR A 3609 -73.75 -68.27 -25.66
N GLU A 3610 -74.62 -67.46 -26.28
CA GLU A 3610 -74.38 -66.98 -27.64
C GLU A 3610 -73.16 -66.06 -27.75
N HIS A 3611 -72.83 -65.28 -26.69
CA HIS A 3611 -71.60 -64.48 -26.67
C HIS A 3611 -70.56 -65.17 -25.79
N PRO A 3612 -69.76 -66.12 -26.31
CA PRO A 3612 -68.81 -66.84 -25.43
C PRO A 3612 -67.68 -65.99 -24.83
N TYR A 3613 -67.07 -65.09 -25.60
CA TYR A 3613 -65.98 -64.17 -25.19
C TYR A 3613 -64.80 -64.93 -24.57
N LYS A 3614 -64.44 -66.05 -25.17
CA LYS A 3614 -63.58 -67.06 -24.56
C LYS A 3614 -62.11 -66.99 -25.00
N SER A 3615 -61.73 -66.00 -25.80
CA SER A 3615 -60.40 -65.97 -26.38
C SER A 3615 -59.38 -65.42 -25.37
N LYS A 3616 -58.13 -65.26 -25.83
CA LYS A 3616 -56.98 -64.69 -25.11
C LYS A 3616 -56.40 -65.64 -24.06
N LYS A 3617 -56.71 -66.94 -24.16
CA LYS A 3617 -56.16 -67.94 -23.26
C LYS A 3617 -55.30 -68.97 -23.97
N ALA A 3618 -55.78 -69.59 -25.04
CA ALA A 3618 -54.99 -70.52 -25.84
C ALA A 3618 -54.66 -69.84 -27.17
N VAL A 3619 -53.53 -69.14 -27.19
CA VAL A 3619 -53.12 -68.28 -28.29
C VAL A 3619 -51.80 -68.82 -28.87
N TRP A 3620 -51.68 -68.77 -30.20
CA TRP A 3620 -50.48 -69.16 -30.94
C TRP A 3620 -49.32 -68.25 -30.57
N HIS A 3621 -48.34 -68.79 -29.82
CA HIS A 3621 -47.25 -68.00 -29.29
C HIS A 3621 -45.86 -68.39 -29.82
N LYS A 3622 -45.76 -69.53 -30.52
CA LYS A 3622 -44.54 -70.07 -31.15
C LYS A 3622 -43.31 -70.03 -30.23
N LEU A 3623 -43.44 -70.76 -29.11
CA LEU A 3623 -42.36 -70.88 -28.13
C LEU A 3623 -41.09 -71.47 -28.74
N LEU A 3624 -41.21 -72.62 -29.42
CA LEU A 3624 -40.08 -73.20 -30.13
C LEU A 3624 -40.47 -73.82 -31.46
N SER A 3625 -41.71 -73.62 -31.93
CA SER A 3625 -42.20 -74.27 -33.14
C SER A 3625 -41.48 -73.79 -34.40
N LYS A 3626 -41.22 -72.48 -34.50
CA LYS A 3626 -40.62 -71.92 -35.71
C LYS A 3626 -39.19 -72.41 -35.93
N GLN A 3627 -38.45 -72.69 -34.86
CA GLN A 3627 -37.04 -73.01 -34.97
C GLN A 3627 -36.63 -74.39 -34.50
N ARG A 3628 -37.46 -75.08 -33.71
CA ARG A 3628 -37.00 -76.33 -33.11
C ARG A 3628 -38.13 -77.38 -33.16
N ARG A 3629 -38.92 -77.36 -34.24
CA ARG A 3629 -39.93 -78.41 -34.41
C ARG A 3629 -39.32 -79.75 -34.77
N ARG A 3630 -38.13 -79.77 -35.36
CA ARG A 3630 -37.53 -81.02 -35.84
C ARG A 3630 -37.06 -81.91 -34.69
N ALA A 3631 -36.82 -81.33 -33.51
CA ALA A 3631 -36.28 -82.10 -32.39
C ALA A 3631 -37.30 -83.10 -31.86
N VAL A 3632 -38.55 -82.65 -31.65
CA VAL A 3632 -39.57 -83.52 -31.04
C VAL A 3632 -39.91 -84.66 -32.00
N VAL A 3633 -39.90 -84.39 -33.30
CA VAL A 3633 -40.17 -85.42 -34.30
C VAL A 3633 -39.01 -86.42 -34.35
N ALA A 3634 -37.78 -85.92 -34.38
CA ALA A 3634 -36.63 -86.79 -34.61
C ALA A 3634 -36.19 -87.56 -33.37
N CYS A 3635 -36.38 -86.99 -32.16
CA CYS A 3635 -35.87 -87.58 -30.91
C CYS A 3635 -36.44 -88.97 -30.64
N PHE A 3636 -37.67 -89.23 -31.09
CA PHE A 3636 -38.21 -90.58 -30.98
C PHE A 3636 -37.45 -91.57 -31.84
N ARG A 3637 -36.82 -91.10 -32.93
CA ARG A 3637 -36.19 -91.96 -33.91
C ARG A 3637 -34.67 -91.84 -33.94
N MET A 3638 -34.07 -91.03 -33.06
CA MET A 3638 -32.61 -90.99 -33.01
C MET A 3638 -32.06 -92.30 -32.49
N THR A 3639 -30.81 -92.57 -32.84
CA THR A 3639 -30.20 -93.86 -32.54
C THR A 3639 -30.02 -94.05 -31.04
N PRO A 3640 -30.51 -95.16 -30.47
CA PRO A 3640 -30.24 -95.45 -29.07
C PRO A 3640 -28.81 -95.89 -28.90
N LEU A 3641 -28.38 -95.90 -27.63
CA LEU A 3641 -26.98 -96.15 -27.30
C LEU A 3641 -26.52 -97.54 -27.72
N TYR A 3642 -27.36 -98.56 -27.53
CA TYR A 3642 -26.96 -99.94 -27.82
C TYR A 3642 -26.70 -100.18 -29.30
N ASN A 3643 -27.17 -99.31 -30.19
CA ASN A 3643 -26.91 -99.42 -31.61
C ASN A 3643 -25.70 -98.62 -32.08
N LEU A 3644 -25.03 -97.90 -31.17
CA LEU A 3644 -23.82 -97.16 -31.52
C LEU A 3644 -22.64 -98.11 -31.68
N PRO A 3645 -21.71 -97.81 -32.60
CA PRO A 3645 -20.50 -98.63 -32.73
C PRO A 3645 -19.67 -98.56 -31.45
N THR A 3646 -18.94 -99.65 -31.20
CA THR A 3646 -18.17 -99.78 -29.95
C THR A 3646 -17.10 -98.70 -29.84
N HIS A 3647 -16.38 -98.42 -30.92
CA HIS A 3647 -15.32 -97.40 -30.87
C HIS A 3647 -15.89 -96.01 -30.64
N ARG A 3648 -17.00 -95.67 -31.30
CA ARG A 3648 -17.62 -94.37 -31.12
C ARG A 3648 -18.15 -94.21 -29.71
N ALA A 3649 -18.77 -95.27 -29.18
CA ALA A 3649 -19.30 -95.23 -27.83
C ALA A 3649 -18.18 -95.07 -26.82
N CYS A 3650 -17.06 -95.75 -27.04
CA CYS A 3650 -15.91 -95.62 -26.15
C CYS A 3650 -15.36 -94.20 -26.17
N ASN A 3651 -15.32 -93.59 -27.37
CA ASN A 3651 -14.85 -92.21 -27.48
C ASN A 3651 -15.72 -91.25 -26.69
N MET A 3652 -17.05 -91.41 -26.77
CA MET A 3652 -17.92 -90.58 -25.95
C MET A 3652 -17.78 -90.90 -24.47
N PHE A 3653 -17.55 -92.19 -24.16
CA PHE A 3653 -17.42 -92.65 -22.78
C PHE A 3653 -16.23 -92.03 -22.09
N LEU A 3654 -15.11 -91.91 -22.80
CA LEU A 3654 -13.89 -91.35 -22.19
C LEU A 3654 -14.11 -89.90 -21.77
N GLU A 3655 -14.72 -89.10 -22.64
CA GLU A 3655 -15.02 -87.71 -22.32
C GLU A 3655 -16.01 -87.59 -21.17
N SER A 3656 -17.05 -88.44 -21.17
CA SER A 3656 -18.00 -88.46 -20.05
C SER A 3656 -17.33 -88.85 -18.74
N TYR A 3657 -16.43 -89.83 -18.82
CA TYR A 3657 -15.75 -90.34 -17.63
C TYR A 3657 -14.84 -89.28 -17.05
N LYS A 3658 -14.02 -88.65 -17.90
CA LYS A 3658 -13.09 -87.66 -17.36
C LYS A 3658 -13.84 -86.44 -16.84
N ALA A 3659 -14.92 -86.04 -17.54
CA ALA A 3659 -15.66 -84.84 -17.16
C ALA A 3659 -16.52 -85.05 -15.93
N ALA A 3660 -16.78 -86.30 -15.54
CA ALA A 3660 -17.65 -86.54 -14.41
C ALA A 3660 -16.95 -87.28 -13.28
N TRP A 3661 -15.71 -87.75 -13.48
CA TRP A 3661 -15.02 -88.50 -12.45
C TRP A 3661 -13.61 -87.99 -12.16
N ILE A 3662 -12.94 -87.39 -13.13
CA ILE A 3662 -11.55 -86.98 -12.97
C ILE A 3662 -11.43 -85.50 -12.67
N LEU A 3663 -12.16 -84.66 -13.41
CA LEU A 3663 -12.18 -83.22 -13.12
C LEU A 3663 -12.75 -82.95 -11.74
N THR A 3664 -13.75 -83.72 -11.33
CA THR A 3664 -14.33 -83.60 -10.00
C THR A 3664 -13.47 -84.22 -8.91
N GLU A 3665 -12.48 -85.04 -9.28
CA GLU A 3665 -11.61 -85.68 -8.29
C GLU A 3665 -10.76 -84.63 -7.57
N ASP A 3666 -10.62 -84.81 -6.25
CA ASP A 3666 -9.88 -83.90 -5.40
C ASP A 3666 -8.57 -84.53 -4.95
N HIS A 3667 -7.46 -83.82 -5.19
CA HIS A 3667 -6.16 -84.26 -4.71
C HIS A 3667 -5.30 -83.02 -4.48
N SER A 3668 -5.23 -82.60 -3.21
CA SER A 3668 -4.47 -81.40 -2.86
C SER A 3668 -3.07 -81.83 -2.43
N PHE A 3669 -2.16 -81.90 -3.41
CA PHE A 3669 -0.78 -82.27 -3.18
C PHE A 3669 0.15 -81.09 -3.08
N GLU A 3670 -0.39 -79.86 -3.20
CA GLU A 3670 0.45 -78.66 -3.27
C GLU A 3670 1.21 -78.44 -1.96
N ASP A 3671 0.55 -78.65 -0.83
CA ASP A 3671 1.17 -78.41 0.47
C ASP A 3671 2.34 -79.35 0.69
N ARG A 3672 2.18 -80.62 0.35
CA ARG A 3672 3.27 -81.55 0.56
C ARG A 3672 4.33 -81.44 -0.51
N MET A 3673 3.98 -80.93 -1.70
CA MET A 3673 5.00 -80.61 -2.70
C MET A 3673 5.93 -79.51 -2.21
N ILE A 3674 5.36 -78.39 -1.78
CA ILE A 3674 6.17 -77.28 -1.29
C ILE A 3674 6.90 -77.69 -0.01
N ASP A 3675 6.28 -78.52 0.82
CA ASP A 3675 6.95 -79.03 2.02
C ASP A 3675 8.18 -79.85 1.66
N ASP A 3676 8.06 -80.72 0.64
CA ASP A 3676 9.22 -81.50 0.20
C ASP A 3676 10.28 -80.61 -0.41
N LEU A 3677 9.87 -79.61 -1.19
CA LEU A 3677 10.82 -78.75 -1.88
C LEU A 3677 11.50 -77.75 -0.95
N SER A 3678 10.92 -77.47 0.21
CA SER A 3678 11.47 -76.45 1.09
C SER A 3678 12.39 -77.01 2.16
N LYS A 3679 12.60 -78.32 2.19
CA LYS A 3679 13.47 -78.93 3.19
C LYS A 3679 14.85 -79.15 2.59
N ALA A 3680 15.85 -78.52 3.21
CA ALA A 3680 17.25 -78.73 2.84
C ALA A 3680 17.86 -79.84 3.69
N GLY A 3681 17.18 -81.00 3.71
CA GLY A 3681 17.59 -82.08 4.57
C GLY A 3681 18.77 -82.86 4.03
N GLU A 3682 19.48 -83.50 4.97
CA GLU A 3682 20.63 -84.43 4.85
C GLU A 3682 21.98 -83.73 4.62
N GLN A 3683 22.04 -82.40 4.53
CA GLN A 3683 23.32 -81.70 4.55
C GLN A 3683 23.40 -80.64 5.66
N GLU A 3684 22.39 -80.54 6.53
CA GLU A 3684 22.51 -79.68 7.71
C GLU A 3684 23.60 -80.16 8.64
N GLU A 3685 23.84 -81.48 8.67
CA GLU A 3685 24.90 -82.06 9.49
C GLU A 3685 26.28 -81.74 8.93
N GLU A 3686 26.37 -81.42 7.63
CA GLU A 3686 27.64 -81.05 7.04
C GLU A 3686 28.19 -79.76 7.63
N GLU A 3687 27.32 -78.76 7.82
CA GLU A 3687 27.64 -77.44 8.38
C GLU A 3687 28.78 -76.76 7.61
N GLU A 3688 28.53 -76.57 6.30
CA GLU A 3688 29.46 -75.94 5.37
C GLU A 3688 30.02 -74.62 5.90
N GLU A 3689 31.33 -74.46 5.74
CA GLU A 3689 32.05 -73.28 6.21
C GLU A 3689 31.57 -72.00 5.53
N VAL A 3690 31.31 -72.09 4.22
CA VAL A 3690 30.94 -70.90 3.44
C VAL A 3690 29.61 -70.36 3.94
N GLU A 3691 29.51 -69.03 4.01
CA GLU A 3691 28.26 -68.36 4.37
C GLU A 3691 27.15 -68.60 3.35
N GLU A 3692 27.49 -68.60 2.04
CA GLU A 3692 26.65 -68.77 0.83
C GLU A 3692 25.33 -69.49 1.06
N LYS A 3693 25.40 -70.71 1.64
CA LYS A 3693 24.25 -71.53 2.01
C LYS A 3693 23.35 -71.84 0.81
N LYS A 3694 23.90 -72.69 -0.10
CA LYS A 3694 23.35 -73.14 -1.38
C LYS A 3694 21.85 -73.37 -1.32
N PRO A 3695 21.09 -72.78 -2.25
CA PRO A 3695 19.63 -72.75 -2.13
C PRO A 3695 18.98 -74.12 -2.11
N ASP A 3696 17.94 -74.23 -1.29
CA ASP A 3696 17.11 -75.41 -1.23
C ASP A 3696 16.27 -75.53 -2.51
N PRO A 3697 15.72 -76.74 -2.82
CA PRO A 3697 15.07 -76.95 -4.13
C PRO A 3697 13.99 -75.95 -4.48
N LEU A 3698 13.18 -75.51 -3.51
CA LEU A 3698 12.15 -74.53 -3.79
C LEU A 3698 12.75 -73.22 -4.25
N HIS A 3699 13.85 -72.79 -3.61
CA HIS A 3699 14.53 -71.57 -4.02
C HIS A 3699 15.12 -71.71 -5.42
N GLN A 3700 15.40 -72.94 -5.85
CA GLN A 3700 16.01 -73.09 -7.17
C GLN A 3700 15.00 -72.89 -8.29
N LEU A 3701 13.73 -73.28 -8.07
CA LEU A 3701 12.67 -72.99 -9.05
C LEU A 3701 12.52 -71.50 -9.24
N VAL A 3702 12.41 -70.78 -8.12
CA VAL A 3702 12.20 -69.34 -8.13
C VAL A 3702 13.36 -68.63 -8.82
N LEU A 3703 14.59 -69.06 -8.54
CA LEU A 3703 15.75 -68.49 -9.21
C LEU A 3703 15.72 -68.75 -10.71
N HIS A 3704 15.36 -69.97 -11.13
CA HIS A 3704 15.30 -70.30 -12.55
C HIS A 3704 14.21 -69.50 -13.26
N PHE A 3705 13.02 -69.40 -12.65
CA PHE A 3705 11.95 -68.62 -13.25
C PHE A 3705 12.28 -67.14 -13.26
N SER A 3706 12.99 -66.63 -12.24
CA SER A 3706 13.42 -65.24 -12.30
C SER A 3706 14.55 -65.02 -13.30
N ARG A 3707 15.18 -66.09 -13.77
CA ARG A 3707 16.17 -65.95 -14.83
C ARG A 3707 15.46 -65.85 -16.17
N THR A 3708 14.48 -66.74 -16.39
CA THR A 3708 13.66 -66.64 -17.59
C THR A 3708 12.88 -65.33 -17.61
N ALA A 3709 12.49 -64.83 -16.44
CA ALA A 3709 11.81 -63.54 -16.36
C ALA A 3709 12.73 -62.41 -16.78
N LEU A 3710 13.98 -62.44 -16.34
CA LEU A 3710 14.87 -61.33 -16.63
C LEU A 3710 15.58 -61.44 -17.97
N THR A 3711 15.53 -62.58 -18.65
CA THR A 3711 16.19 -62.68 -19.95
C THR A 3711 15.51 -61.74 -20.96
N GLU A 3712 16.31 -61.23 -21.89
CA GLU A 3712 15.85 -60.20 -22.82
C GLU A 3712 15.26 -60.85 -24.06
N LYS A 3713 13.93 -60.81 -24.16
CA LYS A 3713 13.21 -61.37 -25.28
C LYS A 3713 12.07 -60.43 -25.62
N SER A 3714 11.73 -60.36 -26.91
CA SER A 3714 10.66 -59.48 -27.36
C SER A 3714 9.31 -59.91 -26.80
N LYS A 3715 9.03 -61.21 -26.80
CA LYS A 3715 7.75 -61.74 -26.35
C LYS A 3715 8.00 -62.74 -25.24
N LEU A 3716 7.18 -62.68 -24.20
CA LEU A 3716 7.22 -63.65 -23.11
C LEU A 3716 6.36 -64.85 -23.49
N ASP A 3717 7.00 -65.87 -24.08
CA ASP A 3717 6.29 -67.03 -24.59
C ASP A 3717 5.69 -67.84 -23.45
N GLU A 3718 4.58 -68.52 -23.76
CA GLU A 3718 3.89 -69.34 -22.77
C GLU A 3718 4.75 -70.49 -22.28
N ASP A 3719 4.63 -70.79 -20.98
CA ASP A 3719 5.43 -71.81 -20.31
C ASP A 3719 4.50 -72.63 -19.43
N TYR A 3720 4.04 -73.79 -19.94
CA TYR A 3720 3.12 -74.63 -19.19
C TYR A 3720 3.73 -75.15 -17.90
N LEU A 3721 5.07 -75.24 -17.84
CA LEU A 3721 5.73 -75.58 -16.58
C LEU A 3721 5.51 -74.47 -15.57
N TYR A 3722 5.60 -73.22 -16.02
CA TYR A 3722 5.42 -72.11 -15.11
C TYR A 3722 3.97 -72.04 -14.64
N MET A 3723 3.01 -72.31 -15.54
CA MET A 3723 1.61 -72.41 -15.11
C MET A 3723 1.44 -73.45 -14.01
N ALA A 3724 2.08 -74.62 -14.20
CA ALA A 3724 1.94 -75.71 -13.23
C ALA A 3724 2.53 -75.33 -11.88
N TYR A 3725 3.70 -74.69 -11.88
CA TYR A 3725 4.35 -74.50 -10.61
C TYR A 3725 3.87 -73.24 -9.92
N ALA A 3726 3.56 -72.18 -10.69
CA ALA A 3726 2.97 -70.98 -10.11
C ALA A 3726 1.61 -71.30 -9.51
N ASP A 3727 0.81 -72.13 -10.20
CA ASP A 3727 -0.46 -72.57 -9.64
C ASP A 3727 -0.26 -73.39 -8.38
N ILE A 3728 0.74 -74.28 -8.36
CA ILE A 3728 1.02 -75.11 -7.19
C ILE A 3728 1.42 -74.24 -5.98
N MET A 3729 2.31 -73.27 -6.22
CA MET A 3729 2.71 -72.34 -5.17
C MET A 3729 1.52 -71.50 -4.69
N ALA A 3730 0.69 -71.03 -5.62
CA ALA A 3730 -0.44 -70.20 -5.23
C ALA A 3730 -1.46 -71.00 -4.42
N LYS A 3731 -1.68 -72.25 -4.79
CA LYS A 3731 -2.66 -73.07 -4.09
C LYS A 3731 -2.10 -73.72 -2.85
N SER A 3732 -0.81 -73.56 -2.56
CA SER A 3732 -0.21 -74.15 -1.38
C SER A 3732 -0.13 -73.19 -0.20
N CYS A 3733 -0.65 -71.97 -0.32
CA CYS A 3733 -0.51 -70.98 0.73
C CYS A 3733 -1.79 -70.80 1.54
N HIS A 3734 -2.91 -70.50 0.86
CA HIS A 3734 -4.14 -70.09 1.55
C HIS A 3734 -4.70 -71.20 2.43
N LEU A 3735 -4.89 -72.41 1.87
CA LEU A 3735 -5.50 -73.57 2.53
C LEU A 3735 -6.88 -73.26 3.12
N GLU A 3736 -7.61 -72.32 2.52
CA GLU A 3736 -8.92 -71.91 3.00
C GLU A 3736 -9.75 -71.30 1.87
N VAL A 3749 -21.02 -70.93 14.96
CA VAL A 3749 -20.40 -69.92 14.11
C VAL A 3749 -19.64 -68.92 14.97
N GLU A 3750 -19.53 -69.23 16.26
CA GLU A 3750 -18.79 -68.38 17.21
C GLU A 3750 -17.39 -68.96 17.38
N VAL A 3751 -16.49 -68.58 16.48
CA VAL A 3751 -15.11 -69.02 16.51
C VAL A 3751 -14.27 -67.94 17.17
N SER A 3752 -13.49 -68.33 18.17
CA SER A 3752 -12.91 -67.34 19.07
C SER A 3752 -11.65 -66.71 18.49
N PHE A 3753 -11.21 -65.64 19.16
CA PHE A 3753 -10.03 -64.85 18.81
C PHE A 3753 -8.73 -65.56 19.20
N GLU A 3754 -8.78 -66.80 19.66
CA GLU A 3754 -7.59 -67.55 20.01
C GLU A 3754 -7.06 -68.34 18.81
N GLU A 3755 -7.91 -69.16 18.20
CA GLU A 3755 -7.50 -69.97 17.06
C GLU A 3755 -7.35 -69.16 15.79
N LYS A 3756 -7.98 -67.99 15.68
CA LYS A 3756 -7.70 -67.10 14.56
C LYS A 3756 -6.26 -66.60 14.60
N GLU A 3757 -5.73 -66.35 15.80
CA GLU A 3757 -4.31 -66.03 15.98
C GLU A 3757 -3.38 -67.18 15.62
N MET A 3758 -3.91 -68.40 15.49
CA MET A 3758 -3.16 -69.54 15.03
C MET A 3758 -3.26 -69.64 13.51
N GLU A 3759 -4.48 -69.50 12.98
CA GLU A 3759 -4.73 -69.60 11.56
C GLU A 3759 -3.97 -68.56 10.76
N LYS A 3760 -4.07 -67.28 11.14
CA LYS A 3760 -3.36 -66.24 10.41
C LYS A 3760 -1.84 -66.40 10.54
N GLN A 3761 -1.36 -66.83 11.70
CA GLN A 3761 0.08 -67.09 11.85
C GLN A 3761 0.54 -68.28 11.02
N ARG A 3762 -0.32 -69.29 10.85
CA ARG A 3762 0.00 -70.39 9.94
C ARG A 3762 0.01 -69.91 8.50
N LEU A 3763 -0.91 -69.01 8.14
CA LEU A 3763 -0.92 -68.45 6.79
C LEU A 3763 0.36 -67.67 6.53
N LEU A 3764 0.80 -66.90 7.54
CA LEU A 3764 2.07 -66.19 7.43
C LEU A 3764 3.23 -67.15 7.27
N TYR A 3765 3.17 -68.31 7.91
CA TYR A 3765 4.22 -69.31 7.71
C TYR A 3765 4.22 -69.84 6.28
N GLN A 3766 3.02 -70.07 5.72
CA GLN A 3766 2.90 -70.49 4.32
C GLN A 3766 3.47 -69.46 3.37
N GLN A 3767 3.18 -68.18 3.61
CA GLN A 3767 3.72 -67.14 2.73
C GLN A 3767 5.20 -66.92 2.97
N SER A 3768 5.67 -67.00 4.21
CA SER A 3768 7.08 -66.86 4.51
C SER A 3768 7.93 -67.94 3.85
N ARG A 3769 7.35 -69.14 3.70
CA ARG A 3769 8.01 -70.25 3.01
C ARG A 3769 8.31 -69.91 1.55
N LEU A 3770 7.58 -68.97 0.97
CA LEU A 3770 7.78 -68.58 -0.42
C LEU A 3770 8.58 -67.29 -0.50
N HIS A 3771 8.11 -66.22 0.17
CA HIS A 3771 8.72 -64.92 -0.02
C HIS A 3771 10.11 -64.84 0.59
N THR A 3772 10.49 -65.76 1.48
CA THR A 3772 11.89 -65.74 1.91
C THR A 3772 12.82 -66.26 0.82
N ARG A 3773 12.27 -66.82 -0.25
CA ARG A 3773 13.02 -67.39 -1.35
C ARG A 3773 12.89 -66.59 -2.65
N GLY A 3774 12.59 -65.30 -2.58
CA GLY A 3774 12.48 -64.49 -3.79
C GLY A 3774 11.17 -64.57 -4.56
N ALA A 3775 10.16 -65.27 -4.04
CA ALA A 3775 8.90 -65.43 -4.75
C ALA A 3775 8.16 -64.12 -5.00
N ALA A 3776 8.40 -63.09 -4.19
CA ALA A 3776 7.80 -61.79 -4.45
C ALA A 3776 8.45 -61.14 -5.66
N GLU A 3777 9.78 -61.23 -5.73
CA GLU A 3777 10.53 -60.60 -6.81
C GLU A 3777 10.21 -61.26 -8.14
N MET A 3778 10.11 -62.59 -8.16
CA MET A 3778 9.87 -63.23 -9.46
C MET A 3778 8.46 -62.90 -9.98
N VAL A 3779 7.51 -62.67 -9.06
CA VAL A 3779 6.18 -62.23 -9.46
C VAL A 3779 6.24 -60.85 -10.07
N LEU A 3780 7.01 -59.94 -9.44
CA LEU A 3780 7.16 -58.60 -10.00
C LEU A 3780 7.87 -58.64 -11.34
N GLN A 3781 8.78 -59.59 -11.50
CA GLN A 3781 9.56 -59.65 -12.72
C GLN A 3781 8.69 -60.13 -13.87
N MET A 3782 7.89 -61.18 -13.67
CA MET A 3782 7.05 -61.62 -14.78
C MET A 3782 5.91 -60.64 -15.08
N ILE A 3783 5.47 -59.85 -14.09
CA ILE A 3783 4.55 -58.74 -14.37
C ILE A 3783 5.21 -57.71 -15.29
N SER A 3784 6.47 -57.38 -15.03
CA SER A 3784 7.13 -56.44 -15.93
C SER A 3784 7.47 -57.09 -17.26
N ALA A 3785 7.83 -58.38 -17.24
CA ALA A 3785 8.26 -59.10 -18.43
C ALA A 3785 7.14 -59.33 -19.42
N CYS A 3786 5.90 -59.44 -18.95
CA CYS A 3786 4.79 -59.71 -19.86
C CYS A 3786 4.52 -58.57 -20.84
N LYS A 3787 4.98 -57.35 -20.52
CA LYS A 3787 4.93 -56.18 -21.39
C LYS A 3787 3.51 -55.79 -21.80
N GLY A 3788 2.52 -56.12 -20.98
CA GLY A 3788 1.16 -55.73 -21.28
C GLY A 3788 0.36 -56.71 -22.09
N GLU A 3789 0.80 -57.96 -22.18
CA GLU A 3789 0.11 -58.98 -22.98
C GLU A 3789 -0.69 -59.85 -22.03
N THR A 3790 -2.01 -59.79 -22.13
CA THR A 3790 -2.88 -60.61 -21.31
C THR A 3790 -2.80 -62.07 -21.73
N GLY A 3791 -2.81 -62.96 -20.74
CA GLY A 3791 -2.73 -64.38 -21.03
C GLY A 3791 -2.62 -65.18 -19.75
N ALA A 3792 -2.37 -66.49 -19.93
CA ALA A 3792 -2.21 -67.39 -18.80
C ALA A 3792 -0.95 -67.08 -17.99
N MET A 3793 0.04 -66.42 -18.62
CA MET A 3793 1.22 -65.95 -17.90
C MET A 3793 0.84 -64.98 -16.81
N VAL A 3794 0.08 -63.96 -17.19
CA VAL A 3794 -0.27 -62.91 -16.25
C VAL A 3794 -1.26 -63.45 -15.25
N SER A 3795 -2.23 -64.25 -15.72
CA SER A 3795 -3.27 -64.75 -14.82
C SER A 3795 -2.70 -65.64 -13.72
N SER A 3796 -1.75 -66.52 -14.05
CA SER A 3796 -1.11 -67.33 -13.01
C SER A 3796 -0.07 -66.56 -12.22
N THR A 3797 0.47 -65.47 -12.76
CA THR A 3797 1.41 -64.67 -12.00
C THR A 3797 0.67 -63.83 -10.97
N LEU A 3798 -0.42 -63.18 -11.37
CA LEU A 3798 -1.22 -62.42 -10.45
C LEU A 3798 -1.89 -63.32 -9.42
N LYS A 3799 -2.25 -64.55 -9.82
CA LYS A 3799 -2.79 -65.53 -8.87
C LYS A 3799 -1.77 -65.87 -7.80
N LEU A 3800 -0.50 -65.96 -8.18
CA LEU A 3800 0.54 -66.20 -7.19
C LEU A 3800 0.80 -64.96 -6.36
N GLY A 3801 0.81 -63.77 -6.99
CA GLY A 3801 1.05 -62.53 -6.26
C GLY A 3801 -0.02 -62.27 -5.22
N ILE A 3802 -1.26 -62.66 -5.52
CA ILE A 3802 -2.32 -62.53 -4.54
C ILE A 3802 -2.13 -63.54 -3.43
N SER A 3803 -1.80 -64.79 -3.78
CA SER A 3803 -1.68 -65.80 -2.73
C SER A 3803 -0.49 -65.52 -1.81
N ILE A 3804 0.55 -64.88 -2.33
CA ILE A 3804 1.67 -64.46 -1.48
C ILE A 3804 1.37 -63.17 -0.73
N LEU A 3805 0.46 -62.34 -1.23
CA LEU A 3805 0.10 -61.08 -0.56
C LEU A 3805 -1.18 -61.15 0.24
N ASN A 3806 -1.76 -62.34 0.41
CA ASN A 3806 -3.05 -62.47 1.08
C ASN A 3806 -2.98 -62.00 2.53
N GLY A 3807 -3.96 -61.21 2.92
CA GLY A 3807 -4.00 -60.62 4.25
C GLY A 3807 -3.14 -59.39 4.41
N GLY A 3808 -2.54 -58.89 3.33
CA GLY A 3808 -1.69 -57.72 3.39
C GLY A 3808 -0.40 -57.96 4.15
N ASN A 3809 0.39 -58.93 3.71
CA ASN A 3809 1.66 -59.24 4.36
C ASN A 3809 2.63 -58.06 4.29
N ALA A 3810 2.97 -57.52 5.46
CA ALA A 3810 3.75 -56.28 5.56
C ALA A 3810 5.15 -56.47 4.99
N GLU A 3811 5.79 -57.59 5.29
CA GLU A 3811 7.15 -57.79 4.81
C GLU A 3811 7.16 -58.03 3.31
N VAL A 3812 6.11 -58.67 2.78
CA VAL A 3812 6.04 -58.89 1.33
C VAL A 3812 5.91 -57.55 0.61
N GLN A 3813 5.03 -56.67 1.13
CA GLN A 3813 4.93 -55.33 0.55
C GLN A 3813 6.23 -54.56 0.66
N GLN A 3814 6.95 -54.74 1.77
CA GLN A 3814 8.25 -54.10 1.93
C GLN A 3814 9.27 -54.62 0.93
N LYS A 3815 9.25 -55.93 0.68
CA LYS A 3815 10.20 -56.53 -0.28
C LYS A 3815 9.91 -56.05 -1.69
N MET A 3816 8.63 -56.04 -2.08
CA MET A 3816 8.25 -55.60 -3.41
C MET A 3816 8.57 -54.12 -3.61
N LEU A 3817 8.28 -53.29 -2.61
CA LEU A 3817 8.57 -51.87 -2.72
C LEU A 3817 10.07 -51.62 -2.82
N ASP A 3818 10.86 -52.34 -2.03
CA ASP A 3818 12.32 -52.19 -2.09
C ASP A 3818 12.85 -52.60 -3.45
N TYR A 3819 12.33 -53.71 -4.00
CA TYR A 3819 12.81 -54.19 -5.29
C TYR A 3819 12.46 -53.21 -6.40
N LEU A 3820 11.28 -52.59 -6.32
CA LEU A 3820 10.93 -51.60 -7.36
C LEU A 3820 11.78 -50.35 -7.20
N LYS A 3821 12.06 -49.97 -5.95
CA LYS A 3821 12.71 -48.70 -5.72
C LYS A 3821 14.20 -48.79 -6.05
N ASP A 3822 14.82 -49.96 -5.92
CA ASP A 3822 16.24 -50.00 -6.26
C ASP A 3822 16.46 -50.45 -7.70
N LYS A 3823 15.58 -51.29 -8.26
CA LYS A 3823 15.72 -51.63 -9.68
C LYS A 3823 15.39 -50.47 -10.60
N LYS A 3824 14.41 -49.62 -10.21
CA LYS A 3824 14.03 -48.41 -10.95
C LYS A 3824 13.66 -48.70 -12.40
N GLU A 3825 12.77 -49.67 -12.61
CA GLU A 3825 12.32 -50.00 -13.95
C GLU A 3825 10.93 -49.42 -14.19
N VAL A 3826 10.69 -49.03 -15.44
CA VAL A 3826 9.42 -48.45 -15.83
C VAL A 3826 8.47 -49.50 -16.40
N GLY A 3827 9.00 -50.65 -16.85
CA GLY A 3827 8.19 -51.66 -17.51
C GLY A 3827 7.11 -52.27 -16.63
N PHE A 3828 7.28 -52.22 -15.31
CA PHE A 3828 6.27 -52.77 -14.39
C PHE A 3828 4.98 -51.96 -14.48
N PHE A 3829 5.10 -50.64 -14.36
CA PHE A 3829 3.90 -49.82 -14.41
C PHE A 3829 3.42 -49.59 -15.83
N GLN A 3830 4.33 -49.67 -16.81
CA GLN A 3830 3.89 -49.65 -18.21
C GLN A 3830 3.03 -50.85 -18.52
N SER A 3831 3.39 -52.01 -17.96
CA SER A 3831 2.59 -53.20 -18.12
C SER A 3831 1.26 -53.06 -17.39
N ILE A 3832 1.30 -52.65 -16.11
CA ILE A 3832 0.07 -52.52 -15.31
C ILE A 3832 -0.92 -51.56 -15.97
N GLN A 3833 -0.41 -50.45 -16.50
CA GLN A 3833 -1.22 -49.53 -17.29
C GLN A 3833 -1.77 -50.19 -18.55
N ALA A 3834 -0.98 -51.04 -19.21
CA ALA A 3834 -1.45 -51.65 -20.44
C ALA A 3834 -2.56 -52.68 -20.15
N LEU A 3835 -2.36 -53.52 -19.14
CA LEU A 3835 -3.39 -54.50 -18.76
C LEU A 3835 -4.66 -53.80 -18.32
N MET A 3836 -4.52 -52.72 -17.55
CA MET A 3836 -5.71 -52.01 -17.08
C MET A 3836 -6.45 -51.37 -18.23
N GLN A 3837 -5.73 -50.98 -19.29
CA GLN A 3837 -6.43 -50.41 -20.44
C GLN A 3837 -7.10 -51.49 -21.26
N THR A 3838 -6.51 -52.69 -21.35
CA THR A 3838 -7.11 -53.76 -22.12
C THR A 3838 -8.21 -54.51 -21.37
N CYS A 3839 -8.43 -54.23 -20.09
CA CYS A 3839 -9.53 -54.88 -19.38
C CYS A 3839 -10.87 -54.48 -20.01
N SER A 3840 -11.73 -55.46 -20.23
CA SER A 3840 -12.97 -55.25 -20.96
C SER A 3840 -14.11 -54.82 -20.05
N VAL A 3841 -15.09 -54.15 -20.66
CA VAL A 3841 -16.31 -53.71 -19.99
C VAL A 3841 -17.50 -54.32 -20.71
N LEU A 3842 -18.71 -54.03 -20.22
CA LEU A 3842 -19.94 -54.55 -20.80
C LEU A 3842 -20.15 -54.01 -22.22
N ASP A 3843 -20.45 -54.91 -23.16
CA ASP A 3843 -20.75 -54.51 -24.53
C ASP A 3843 -22.16 -54.95 -24.89
N LEU A 3844 -22.98 -53.98 -25.30
CA LEU A 3844 -24.35 -54.27 -25.69
C LEU A 3844 -24.41 -55.05 -27.00
N ASN A 3845 -23.55 -54.71 -27.97
CA ASN A 3845 -23.58 -55.40 -29.27
C ASN A 3845 -23.24 -56.87 -29.11
N ALA A 3846 -22.22 -57.16 -28.29
CA ALA A 3846 -21.85 -58.53 -27.98
C ALA A 3846 -22.95 -59.20 -27.17
N PHE A 3847 -23.66 -58.43 -26.34
CA PHE A 3847 -24.73 -59.04 -25.56
C PHE A 3847 -25.92 -59.39 -26.44
N GLU A 3848 -26.26 -58.53 -27.39
CA GLU A 3848 -27.38 -58.80 -28.31
C GLU A 3848 -27.08 -60.02 -29.17
N ARG A 3849 -25.83 -60.14 -29.64
CA ARG A 3849 -25.43 -61.35 -30.36
C ARG A 3849 -25.52 -62.57 -29.47
N GLN A 3850 -25.14 -62.43 -28.18
CA GLN A 3850 -25.25 -63.56 -27.27
C GLN A 3850 -26.71 -63.93 -27.06
N ASN A 3851 -27.60 -62.92 -27.03
CA ASN A 3851 -29.03 -63.18 -26.85
C ASN A 3851 -29.56 -63.99 -28.02
N LYS A 3852 -29.15 -63.63 -29.24
CA LYS A 3852 -29.59 -64.38 -30.39
C LYS A 3852 -28.92 -65.74 -30.51
N ALA A 3853 -27.85 -66.00 -29.74
CA ALA A 3853 -27.19 -67.29 -29.80
C ALA A 3853 -28.08 -68.40 -29.24
N GLU A 3854 -28.64 -68.17 -28.04
CA GLU A 3854 -29.52 -69.19 -27.48
C GLU A 3854 -30.86 -69.23 -28.20
N GLY A 3855 -31.21 -68.17 -28.93
CA GLY A 3855 -32.43 -68.22 -29.72
C GLY A 3855 -32.34 -69.30 -30.78
N LEU A 3856 -31.15 -69.45 -31.38
CA LEU A 3856 -30.95 -70.52 -32.34
C LEU A 3856 -30.80 -71.85 -31.61
N GLY A 3857 -29.96 -71.89 -30.58
CA GLY A 3857 -29.77 -73.10 -29.80
C GLY A 3857 -29.22 -74.31 -30.55
N MET A 3858 -28.18 -74.12 -31.36
CA MET A 3858 -27.63 -75.19 -32.19
C MET A 3858 -27.01 -76.31 -31.35
N VAL A 3859 -27.09 -77.53 -31.87
CA VAL A 3859 -26.56 -78.72 -31.21
C VAL A 3859 -25.41 -79.29 -32.04
N ASN A 3860 -24.77 -80.34 -31.54
CA ASN A 3860 -23.61 -80.94 -32.16
C ASN A 3860 -23.92 -82.34 -32.72
N GLU A 3861 -22.95 -82.87 -33.48
CA GLU A 3861 -23.11 -84.19 -34.09
C GLU A 3861 -23.01 -85.31 -33.07
N ASP A 3862 -22.07 -85.22 -32.13
CA ASP A 3862 -21.88 -86.27 -31.13
C ASP A 3862 -23.01 -86.26 -30.09
N GLY A 3863 -24.03 -87.08 -30.36
CA GLY A 3863 -25.22 -87.13 -29.52
C GLY A 3863 -25.95 -85.80 -29.60
N THR A 3864 -26.17 -85.15 -28.46
CA THR A 3864 -26.82 -83.85 -28.42
C THR A 3864 -26.45 -83.17 -27.12
N VAL A 3865 -26.06 -81.91 -27.19
CA VAL A 3865 -25.77 -81.11 -26.01
C VAL A 3865 -26.92 -80.14 -25.75
N ILE A 3866 -27.38 -80.12 -24.50
CA ILE A 3866 -28.54 -79.31 -24.11
C ILE A 3866 -28.02 -77.94 -23.70
N ASN A 3867 -28.20 -76.95 -24.59
CA ASN A 3867 -27.82 -75.55 -24.38
C ASN A 3867 -26.34 -75.42 -23.99
N ARG A 3868 -25.49 -75.75 -24.97
CA ARG A 3868 -24.04 -75.79 -24.79
C ARG A 3868 -23.50 -74.48 -24.25
N GLN A 3869 -22.63 -74.58 -23.25
CA GLN A 3869 -22.18 -73.43 -22.48
C GLN A 3869 -20.78 -72.99 -22.92
N ASN A 3870 -20.56 -72.98 -24.24
CA ASN A 3870 -19.32 -72.47 -24.81
C ASN A 3870 -19.08 -71.01 -24.39
N GLY A 3871 -17.82 -70.56 -24.55
CA GLY A 3871 -17.31 -69.29 -24.06
C GLY A 3871 -18.21 -68.06 -24.12
N GLU A 3872 -18.46 -67.47 -22.96
CA GLU A 3872 -19.28 -66.28 -22.88
C GLU A 3872 -18.41 -65.05 -23.12
N LYS A 3873 -18.87 -64.17 -24.02
CA LYS A 3873 -17.99 -63.17 -24.62
C LYS A 3873 -18.22 -61.77 -24.08
N VAL A 3874 -18.98 -61.59 -23.01
CA VAL A 3874 -19.16 -60.29 -22.38
C VAL A 3874 -18.58 -60.38 -20.97
N MET A 3875 -17.59 -59.53 -20.69
CA MET A 3875 -16.78 -59.60 -19.46
C MET A 3875 -16.16 -60.99 -19.30
N ALA A 3876 -15.56 -61.48 -20.39
CA ALA A 3876 -14.89 -62.78 -20.34
C ALA A 3876 -13.69 -62.77 -19.41
N ASP A 3877 -13.00 -61.63 -19.32
CA ASP A 3877 -11.85 -61.45 -18.45
C ASP A 3877 -12.24 -60.78 -17.13
N ASP A 3878 -13.47 -61.02 -16.67
CA ASP A 3878 -13.91 -60.44 -15.39
C ASP A 3878 -13.08 -60.96 -14.23
N GLU A 3879 -12.74 -62.26 -14.23
CA GLU A 3879 -11.92 -62.82 -13.17
C GLU A 3879 -10.51 -62.23 -13.21
N PHE A 3880 -10.03 -61.91 -14.40
CA PHE A 3880 -8.72 -61.31 -14.53
C PHE A 3880 -8.71 -59.84 -14.11
N THR A 3881 -9.81 -59.13 -14.32
CA THR A 3881 -9.85 -57.76 -13.84
C THR A 3881 -10.07 -57.73 -12.33
N GLN A 3882 -10.83 -58.71 -11.83
CA GLN A 3882 -11.06 -58.86 -10.40
C GLN A 3882 -9.76 -59.10 -9.67
N ASP A 3883 -8.92 -59.98 -10.19
CA ASP A 3883 -7.74 -60.25 -9.40
C ASP A 3883 -6.55 -59.37 -9.79
N LEU A 3884 -6.70 -58.55 -10.83
CA LEU A 3884 -5.71 -57.50 -11.04
C LEU A 3884 -5.93 -56.39 -10.03
N PHE A 3885 -7.19 -56.01 -9.82
CA PHE A 3885 -7.42 -54.99 -8.82
C PHE A 3885 -7.28 -55.54 -7.41
N ARG A 3886 -7.57 -56.83 -7.21
CA ARG A 3886 -7.32 -57.43 -5.90
C ARG A 3886 -5.83 -57.41 -5.56
N PHE A 3887 -4.97 -57.66 -6.56
CA PHE A 3887 -3.52 -57.55 -6.35
C PHE A 3887 -3.11 -56.12 -6.03
N LEU A 3888 -3.67 -55.15 -6.75
CA LEU A 3888 -3.35 -53.75 -6.46
C LEU A 3888 -3.84 -53.34 -5.08
N GLN A 3889 -5.02 -53.81 -4.68
CA GLN A 3889 -5.53 -53.55 -3.34
C GLN A 3889 -4.63 -54.17 -2.28
N LEU A 3890 -4.15 -55.39 -2.54
CA LEU A 3890 -3.30 -56.10 -1.59
C LEU A 3890 -1.97 -55.37 -1.40
N LEU A 3891 -1.50 -54.68 -2.44
CA LEU A 3891 -0.23 -53.96 -2.30
C LEU A 3891 -0.33 -52.83 -1.28
N CYS A 3892 -1.38 -52.01 -1.37
CA CYS A 3892 -1.54 -50.87 -0.48
C CYS A 3892 -2.33 -51.16 0.78
N GLU A 3893 -2.80 -52.39 0.98
CA GLU A 3893 -3.58 -52.70 2.17
C GLU A 3893 -2.71 -52.62 3.43
N GLY A 3894 -3.34 -52.23 4.54
CA GLY A 3894 -2.65 -52.01 5.78
C GLY A 3894 -2.08 -50.62 5.95
N HIS A 3895 -2.57 -49.65 5.18
CA HIS A 3895 -2.15 -48.25 5.19
C HIS A 3895 -0.64 -48.11 4.97
N ASN A 3896 -0.19 -48.69 3.87
CA ASN A 3896 1.21 -48.63 3.46
C ASN A 3896 1.39 -47.34 2.67
N ASN A 3897 1.54 -46.22 3.39
CA ASN A 3897 1.66 -44.91 2.76
C ASN A 3897 2.90 -44.77 1.87
N ASP A 3898 3.93 -45.58 2.14
CA ASP A 3898 5.12 -45.61 1.30
C ASP A 3898 4.79 -46.15 -0.08
N PHE A 3899 3.88 -47.10 -0.15
CA PHE A 3899 3.56 -47.71 -1.43
C PHE A 3899 2.40 -46.97 -2.08
N GLN A 3900 1.51 -46.38 -1.26
CA GLN A 3900 0.42 -45.58 -1.79
C GLN A 3900 0.97 -44.37 -2.53
N ASN A 3901 1.99 -43.72 -1.98
CA ASN A 3901 2.61 -42.62 -2.71
C ASN A 3901 3.40 -43.12 -3.91
N TYR A 3902 3.80 -44.40 -3.91
CA TYR A 3902 4.57 -44.93 -5.01
C TYR A 3902 3.69 -45.19 -6.21
N LEU A 3903 2.46 -45.63 -5.97
CA LEU A 3903 1.54 -45.84 -7.09
C LEU A 3903 1.21 -44.52 -7.77
N ARG A 3904 0.98 -43.47 -6.97
CA ARG A 3904 0.65 -42.16 -7.54
C ARG A 3904 1.83 -41.60 -8.33
N THR A 3905 3.05 -41.73 -7.81
CA THR A 3905 4.20 -41.22 -8.53
C THR A 3905 5.44 -42.01 -8.12
N GLN A 3906 6.40 -42.08 -9.03
CA GLN A 3906 7.63 -42.82 -8.78
C GLN A 3906 8.81 -41.87 -8.88
N THR A 3907 9.40 -41.55 -7.73
CA THR A 3907 10.58 -40.69 -7.70
C THR A 3907 11.78 -41.39 -8.31
N GLY A 3908 11.94 -42.69 -8.02
CA GLY A 3908 13.08 -43.41 -8.56
C GLY A 3908 13.02 -43.59 -10.07
N ASN A 3909 11.83 -43.88 -10.60
CA ASN A 3909 11.68 -44.16 -12.01
C ASN A 3909 11.93 -42.92 -12.85
N THR A 3910 12.22 -43.15 -14.14
CA THR A 3910 12.45 -42.04 -15.05
C THR A 3910 11.15 -41.31 -15.38
N THR A 3911 10.09 -42.06 -15.66
CA THR A 3911 8.75 -41.50 -15.89
C THR A 3911 7.79 -42.00 -14.82
N THR A 3912 6.81 -41.17 -14.49
CA THR A 3912 5.82 -41.49 -13.48
C THR A 3912 4.50 -41.85 -14.15
N ILE A 3913 3.96 -43.01 -13.80
CA ILE A 3913 2.68 -43.47 -14.31
C ILE A 3913 1.68 -43.46 -13.17
N ASN A 3914 0.60 -42.70 -13.34
CA ASN A 3914 -0.40 -42.52 -12.30
C ASN A 3914 -1.42 -43.65 -12.41
N ILE A 3915 -1.16 -44.72 -11.65
CA ILE A 3915 -2.05 -45.88 -11.61
C ILE A 3915 -3.41 -45.50 -11.03
N ILE A 3916 -3.43 -44.55 -10.11
CA ILE A 3916 -4.69 -44.08 -9.50
C ILE A 3916 -5.60 -43.47 -10.57
N ILE A 3917 -5.03 -42.63 -11.42
CA ILE A 3917 -5.78 -42.02 -12.51
C ILE A 3917 -6.24 -43.08 -13.51
N CYS A 3918 -5.34 -43.99 -13.91
CA CYS A 3918 -5.74 -45.04 -14.84
C CYS A 3918 -6.79 -45.98 -14.25
N THR A 3919 -6.83 -46.08 -12.91
CA THR A 3919 -7.88 -46.83 -12.23
C THR A 3919 -9.21 -46.11 -12.34
N VAL A 3920 -9.18 -44.78 -12.23
CA VAL A 3920 -10.39 -44.00 -12.40
C VAL A 3920 -10.89 -44.13 -13.83
N ASP A 3921 -9.97 -44.07 -14.79
CA ASP A 3921 -10.32 -44.17 -16.20
C ASP A 3921 -11.01 -45.50 -16.52
N TYR A 3922 -10.53 -46.59 -15.91
CA TYR A 3922 -11.20 -47.86 -16.06
C TYR A 3922 -12.57 -47.84 -15.40
N LEU A 3923 -12.67 -47.22 -14.22
CA LEU A 3923 -13.96 -47.16 -13.52
C LEU A 3923 -14.99 -46.39 -14.35
N LEU A 3924 -14.55 -45.31 -14.99
CA LEU A 3924 -15.40 -44.53 -15.88
C LEU A 3924 -15.88 -45.35 -17.07
N ARG A 3925 -14.99 -46.15 -17.67
CA ARG A 3925 -15.40 -47.01 -18.78
C ARG A 3925 -16.41 -48.05 -18.32
N LEU A 3926 -16.19 -48.63 -17.13
CA LEU A 3926 -17.10 -49.62 -16.58
C LEU A 3926 -18.45 -49.00 -16.27
N GLN A 3927 -18.46 -47.80 -15.70
CA GLN A 3927 -19.72 -47.16 -15.33
C GLN A 3927 -20.53 -46.80 -16.57
N GLU A 3928 -19.86 -46.37 -17.65
CA GLU A 3928 -20.59 -46.08 -18.88
C GLU A 3928 -21.18 -47.35 -19.46
N SER A 3929 -20.46 -48.47 -19.32
CA SER A 3929 -20.95 -49.74 -19.85
C SER A 3929 -22.16 -50.23 -19.06
N ILE A 3930 -22.07 -50.22 -17.73
CA ILE A 3930 -23.18 -50.70 -16.90
C ILE A 3930 -24.39 -49.77 -17.02
N SER A 3931 -24.16 -48.46 -17.17
CA SER A 3931 -25.25 -47.51 -17.40
C SER A 3931 -25.98 -47.82 -18.71
N ASP A 3932 -25.23 -48.05 -19.80
CA ASP A 3932 -25.87 -48.42 -21.06
C ASP A 3932 -26.59 -49.77 -20.95
N PHE A 3933 -26.01 -50.70 -20.20
CA PHE A 3933 -26.67 -51.99 -19.97
C PHE A 3933 -27.95 -51.82 -19.17
N TYR A 3934 -28.02 -50.82 -18.30
CA TYR A 3934 -29.28 -50.49 -17.65
C TYR A 3934 -30.25 -49.89 -18.66
N TRP A 3935 -29.75 -48.98 -19.50
CA TRP A 3935 -30.59 -48.30 -20.47
C TRP A 3935 -31.22 -49.27 -21.46
N TYR A 3936 -30.64 -50.45 -21.63
CA TYR A 3936 -31.21 -51.41 -22.56
C TYR A 3936 -32.33 -52.21 -21.89
N TYR A 3937 -32.29 -52.34 -20.56
CA TYR A 3937 -33.33 -52.99 -19.79
C TYR A 3937 -34.30 -52.01 -19.16
N SER A 3938 -34.16 -50.72 -19.47
CA SER A 3938 -35.07 -49.72 -18.92
C SER A 3938 -36.51 -49.98 -19.34
N GLY A 3939 -36.72 -50.28 -20.62
CA GLY A 3939 -38.05 -50.56 -21.10
C GLY A 3939 -38.65 -51.83 -20.51
N LYS A 3940 -37.85 -52.89 -20.47
CA LYS A 3940 -38.31 -54.19 -19.99
C LYS A 3940 -38.58 -54.16 -18.50
N ASP A 3941 -39.72 -54.73 -18.09
CA ASP A 3941 -40.07 -54.77 -16.68
C ASP A 3941 -39.28 -55.80 -15.90
N VAL A 3942 -38.90 -56.91 -16.52
CA VAL A 3942 -38.20 -57.98 -15.84
C VAL A 3942 -36.84 -58.19 -16.52
N ILE A 3943 -35.85 -58.55 -15.71
CA ILE A 3943 -34.50 -58.85 -16.17
C ILE A 3943 -34.32 -60.36 -16.21
N GLU A 3944 -34.01 -60.88 -17.40
CA GLU A 3944 -33.85 -62.32 -17.59
C GLU A 3944 -32.57 -62.82 -16.90
N GLU A 3945 -32.42 -64.15 -16.91
CA GLU A 3945 -31.34 -64.81 -16.17
C GLU A 3945 -29.96 -64.42 -16.69
N GLN A 3946 -29.80 -64.35 -18.02
CA GLN A 3946 -28.53 -63.94 -18.61
C GLN A 3946 -28.19 -62.51 -18.23
N GLY A 3947 -29.20 -61.62 -18.26
CA GLY A 3947 -28.98 -60.25 -17.87
C GLY A 3947 -28.55 -60.15 -16.42
N LYS A 3948 -29.18 -60.96 -15.56
CA LYS A 3948 -28.85 -60.96 -14.13
C LYS A 3948 -27.40 -61.40 -13.93
N ARG A 3949 -26.99 -62.44 -14.66
CA ARG A 3949 -25.60 -62.91 -14.50
C ARG A 3949 -24.61 -61.86 -15.00
N ASN A 3950 -24.96 -61.16 -16.09
CA ASN A 3950 -24.06 -60.14 -16.62
C ASN A 3950 -23.95 -58.95 -15.67
N PHE A 3951 -25.03 -58.66 -14.93
CA PHE A 3951 -24.90 -57.65 -13.88
C PHE A 3951 -24.02 -58.16 -12.77
N SER A 3952 -24.26 -59.39 -12.27
CA SER A 3952 -23.54 -59.92 -11.11
C SER A 3952 -22.04 -59.95 -11.34
N LYS A 3953 -21.62 -60.35 -12.55
CA LYS A 3953 -20.21 -60.30 -12.94
C LYS A 3953 -19.68 -58.87 -12.98
N ALA A 3954 -20.44 -57.94 -13.58
CA ALA A 3954 -19.95 -56.56 -13.70
C ALA A 3954 -19.93 -55.87 -12.35
N MET A 3955 -20.92 -56.16 -11.53
CA MET A 3955 -21.05 -55.54 -10.21
C MET A 3955 -19.95 -56.05 -9.28
N SER A 3956 -19.62 -57.34 -9.35
CA SER A 3956 -18.52 -57.86 -8.55
C SER A 3956 -17.20 -57.19 -8.92
N VAL A 3957 -17.00 -56.96 -10.23
CA VAL A 3957 -15.80 -56.24 -10.65
C VAL A 3957 -15.81 -54.79 -10.17
N ALA A 3958 -16.97 -54.13 -10.23
CA ALA A 3958 -17.07 -52.76 -9.73
C ALA A 3958 -16.85 -52.68 -8.22
N LYS A 3959 -17.29 -53.70 -7.48
CA LYS A 3959 -17.02 -53.79 -6.05
C LYS A 3959 -15.53 -53.87 -5.79
N GLN A 3960 -14.82 -54.67 -6.60
CA GLN A 3960 -13.37 -54.78 -6.42
C GLN A 3960 -12.68 -53.46 -6.71
N VAL A 3961 -13.15 -52.75 -7.74
CA VAL A 3961 -12.55 -51.47 -8.13
C VAL A 3961 -12.73 -50.44 -7.02
N PHE A 3962 -13.94 -50.37 -6.44
CA PHE A 3962 -14.16 -49.45 -5.33
C PHE A 3962 -13.35 -49.81 -4.10
N ASN A 3963 -13.19 -51.11 -3.81
CA ASN A 3963 -12.34 -51.51 -2.69
C ASN A 3963 -10.88 -51.09 -2.91
N SER A 3964 -10.37 -51.26 -4.13
CA SER A 3964 -9.01 -50.84 -4.43
C SER A 3964 -8.87 -49.32 -4.35
N LEU A 3965 -9.88 -48.59 -4.80
CA LEU A 3965 -9.82 -47.14 -4.69
C LEU A 3965 -9.90 -46.69 -3.24
N THR A 3966 -10.60 -47.46 -2.40
CA THR A 3966 -10.63 -47.16 -0.98
C THR A 3966 -9.25 -47.31 -0.37
N GLU A 3967 -8.57 -48.40 -0.75
CA GLU A 3967 -7.24 -48.67 -0.20
C GLU A 3967 -6.20 -47.69 -0.70
N TYR A 3968 -6.45 -47.03 -1.83
CA TYR A 3968 -5.46 -46.08 -2.32
C TYR A 3968 -5.45 -44.81 -1.48
N ILE A 3969 -6.58 -44.47 -0.86
CA ILE A 3969 -6.71 -43.20 -0.14
C ILE A 3969 -6.76 -43.37 1.35
N GLN A 3970 -7.01 -44.57 1.87
CA GLN A 3970 -7.06 -44.71 3.32
C GLN A 3970 -5.68 -44.52 3.92
N GLY A 3971 -5.66 -44.11 5.18
CA GLY A 3971 -4.43 -43.88 5.91
C GLY A 3971 -4.32 -42.54 6.66
N PRO A 3972 -4.75 -41.38 6.09
CA PRO A 3972 -5.08 -41.03 4.69
C PRO A 3972 -3.86 -40.66 3.87
N CYS A 3973 -3.91 -40.84 2.55
CA CYS A 3973 -2.84 -40.45 1.66
C CYS A 3973 -3.27 -39.14 0.99
N THR A 3974 -2.71 -38.03 1.46
CA THR A 3974 -3.12 -36.71 0.97
C THR A 3974 -2.84 -36.53 -0.52
N GLY A 3975 -1.79 -37.19 -1.03
CA GLY A 3975 -1.48 -37.11 -2.44
C GLY A 3975 -2.56 -37.73 -3.29
N ASN A 3976 -3.02 -38.91 -2.89
CA ASN A 3976 -4.05 -39.59 -3.65
C ASN A 3976 -5.38 -38.87 -3.49
N GLN A 3977 -5.63 -38.29 -2.30
CA GLN A 3977 -6.88 -37.56 -2.11
C GLN A 3977 -6.96 -36.34 -3.03
N GLN A 3978 -5.84 -35.60 -3.17
CA GLN A 3978 -5.84 -34.50 -4.12
C GLN A 3978 -5.86 -34.99 -5.56
N SER A 3979 -5.35 -36.20 -5.81
CA SER A 3979 -5.37 -36.72 -7.18
C SER A 3979 -6.79 -37.11 -7.58
N LEU A 3980 -7.50 -37.77 -6.66
CA LEU A 3980 -8.87 -38.16 -6.98
C LEU A 3980 -9.77 -36.94 -7.05
N ALA A 3981 -9.49 -35.93 -6.21
CA ALA A 3981 -10.30 -34.72 -6.24
C ALA A 3981 -10.13 -34.02 -7.58
N HIS A 3982 -8.90 -33.95 -8.09
CA HIS A 3982 -8.63 -33.36 -9.39
C HIS A 3982 -8.80 -34.33 -10.53
N SER A 3983 -9.39 -35.50 -10.29
CA SER A 3983 -9.56 -36.50 -11.33
C SER A 3983 -10.99 -36.48 -11.88
N ARG A 3984 -11.28 -37.45 -12.75
CA ARG A 3984 -12.59 -37.64 -13.35
C ARG A 3984 -13.45 -38.62 -12.58
N LEU A 3985 -13.20 -38.78 -11.28
CA LEU A 3985 -13.95 -39.73 -10.47
C LEU A 3985 -15.41 -39.32 -10.29
N TRP A 3986 -15.67 -38.02 -10.22
CA TRP A 3986 -17.00 -37.48 -9.94
C TRP A 3986 -18.03 -37.89 -10.99
N ASP A 3987 -17.67 -37.84 -12.26
CA ASP A 3987 -18.59 -38.22 -13.33
C ASP A 3987 -19.01 -39.68 -13.21
N ALA A 3988 -18.06 -40.56 -12.86
CA ALA A 3988 -18.39 -41.95 -12.60
C ALA A 3988 -19.23 -42.12 -11.35
N VAL A 3989 -19.03 -41.24 -10.37
CA VAL A 3989 -19.82 -41.31 -9.15
C VAL A 3989 -21.28 -40.94 -9.45
N VAL A 3990 -21.48 -39.84 -10.20
CA VAL A 3990 -22.82 -39.38 -10.52
C VAL A 3990 -23.55 -40.43 -11.36
N GLY A 3991 -22.82 -41.01 -12.33
CA GLY A 3991 -23.41 -42.03 -13.18
C GLY A 3991 -23.85 -43.24 -12.38
N PHE A 3992 -23.00 -43.67 -11.43
CA PHE A 3992 -23.36 -44.79 -10.58
C PHE A 3992 -24.59 -44.49 -9.73
N LEU A 3993 -24.67 -43.29 -9.17
CA LEU A 3993 -25.82 -42.88 -8.36
C LEU A 3993 -27.12 -42.93 -9.16
N HIS A 3994 -27.07 -42.39 -10.38
CA HIS A 3994 -28.21 -42.46 -11.31
C HIS A 3994 -28.59 -43.90 -11.63
N VAL A 3995 -27.59 -44.76 -11.79
CA VAL A 3995 -27.87 -46.18 -12.03
C VAL A 3995 -28.49 -46.83 -10.79
N PHE A 3996 -27.96 -46.47 -9.60
CA PHE A 3996 -28.42 -47.05 -8.34
C PHE A 3996 -29.88 -46.78 -8.09
N ALA A 3997 -30.31 -45.54 -8.33
CA ALA A 3997 -31.66 -45.09 -7.96
C ALA A 3997 -32.67 -45.92 -8.72
N HIS A 3998 -32.68 -45.73 -10.04
CA HIS A 3998 -33.66 -46.37 -10.90
C HIS A 3998 -33.54 -47.89 -10.83
N MET A 3999 -32.34 -48.41 -10.54
CA MET A 3999 -32.22 -49.86 -10.50
C MET A 3999 -32.87 -50.39 -9.22
N MET A 4000 -32.75 -49.67 -8.09
CA MET A 4000 -33.41 -50.12 -6.87
C MET A 4000 -34.92 -50.09 -7.01
N MET A 4001 -35.47 -49.00 -7.59
CA MET A 4001 -36.92 -48.99 -7.81
C MET A 4001 -37.36 -50.11 -8.73
N LYS A 4002 -36.62 -50.35 -9.82
CA LYS A 4002 -37.01 -51.38 -10.77
C LYS A 4002 -36.93 -52.78 -10.16
N LEU A 4003 -35.86 -53.06 -9.40
CA LEU A 4003 -35.66 -54.37 -8.80
C LEU A 4003 -36.48 -54.59 -7.54
N ALA A 4004 -37.08 -53.55 -6.98
CA ALA A 4004 -37.93 -53.74 -5.81
C ALA A 4004 -39.35 -54.11 -6.17
N GLN A 4005 -39.69 -54.12 -7.47
CA GLN A 4005 -41.04 -54.44 -7.91
C GLN A 4005 -41.34 -55.93 -7.86
N ASP A 4006 -40.34 -56.77 -7.70
CA ASP A 4006 -40.54 -58.22 -7.75
C ASP A 4006 -39.52 -58.92 -6.87
N SER A 4007 -39.83 -60.16 -6.53
CA SER A 4007 -39.02 -60.97 -5.63
C SER A 4007 -38.01 -61.85 -6.36
N SER A 4008 -37.93 -61.76 -7.69
CA SER A 4008 -37.00 -62.56 -8.45
C SER A 4008 -35.63 -61.90 -8.61
N GLN A 4009 -35.45 -60.66 -8.14
CA GLN A 4009 -34.19 -59.96 -8.28
C GLN A 4009 -33.68 -59.47 -6.93
N ILE A 4010 -33.98 -60.23 -5.86
CA ILE A 4010 -33.48 -59.88 -4.54
C ILE A 4010 -31.97 -60.05 -4.48
N GLU A 4011 -31.43 -61.05 -5.20
CA GLU A 4011 -29.98 -61.27 -5.21
C GLU A 4011 -29.26 -60.09 -5.82
N LEU A 4012 -29.76 -59.64 -6.98
CA LEU A 4012 -29.15 -58.50 -7.67
C LEU A 4012 -29.25 -57.26 -6.82
N LEU A 4013 -30.41 -57.06 -6.18
CA LEU A 4013 -30.61 -55.84 -5.41
C LEU A 4013 -29.73 -55.82 -4.16
N LYS A 4014 -29.55 -56.96 -3.49
CA LYS A 4014 -28.66 -56.96 -2.32
C LYS A 4014 -27.19 -56.79 -2.73
N GLU A 4015 -26.79 -57.33 -3.90
CA GLU A 4015 -25.45 -56.98 -4.38
C GLU A 4015 -25.35 -55.50 -4.74
N LEU A 4016 -26.46 -54.88 -5.16
CA LEU A 4016 -26.45 -53.44 -5.38
C LEU A 4016 -26.23 -52.70 -4.07
N LEU A 4017 -26.85 -53.19 -2.99
CA LEU A 4017 -26.74 -52.54 -1.69
C LEU A 4017 -25.30 -52.61 -1.19
N ASP A 4018 -24.69 -53.78 -1.25
CA ASP A 4018 -23.30 -53.86 -0.78
C ASP A 4018 -22.34 -53.14 -1.71
N LEU A 4019 -22.66 -53.03 -3.00
CA LEU A 4019 -21.79 -52.28 -3.91
C LEU A 4019 -21.82 -50.80 -3.59
N GLN A 4020 -23.02 -50.24 -3.43
CA GLN A 4020 -23.09 -48.83 -3.08
C GLN A 4020 -22.63 -48.58 -1.65
N LYS A 4021 -22.69 -49.59 -0.78
CA LYS A 4021 -22.07 -49.46 0.53
C LYS A 4021 -20.56 -49.32 0.43
N ASP A 4022 -19.91 -50.13 -0.42
CA ASP A 4022 -18.48 -49.94 -0.64
C ASP A 4022 -18.17 -48.66 -1.42
N MET A 4023 -19.18 -48.09 -2.06
CA MET A 4023 -18.97 -46.83 -2.76
C MET A 4023 -19.03 -45.67 -1.80
N VAL A 4024 -20.05 -45.62 -0.95
CA VAL A 4024 -20.13 -44.55 0.03
C VAL A 4024 -18.98 -44.65 1.03
N VAL A 4025 -18.54 -45.87 1.35
CA VAL A 4025 -17.33 -46.05 2.17
C VAL A 4025 -16.12 -45.42 1.50
N MET A 4026 -15.98 -45.61 0.17
CA MET A 4026 -14.93 -44.92 -0.58
C MET A 4026 -15.09 -43.39 -0.51
N LEU A 4027 -16.33 -42.92 -0.61
CA LEU A 4027 -16.59 -41.48 -0.50
C LEU A 4027 -16.20 -40.93 0.87
N LEU A 4028 -16.50 -41.69 1.93
CA LEU A 4028 -16.08 -41.28 3.28
C LEU A 4028 -14.57 -41.24 3.37
N SER A 4029 -13.91 -42.25 2.78
CA SER A 4029 -12.46 -42.32 2.81
C SER A 4029 -11.83 -41.14 2.09
N LEU A 4030 -12.54 -40.58 1.10
CA LEU A 4030 -12.07 -39.38 0.43
C LEU A 4030 -12.06 -38.17 1.36
N LEU A 4031 -12.94 -38.17 2.36
CA LEU A 4031 -13.13 -37.04 3.24
C LEU A 4031 -12.28 -37.09 4.50
N GLU A 4032 -11.40 -38.09 4.62
CA GLU A 4032 -10.56 -38.23 5.81
C GLU A 4032 -9.59 -37.05 5.89
N GLY A 4033 -9.63 -36.34 7.00
CA GLY A 4033 -8.73 -35.22 7.23
C GLY A 4033 -8.92 -34.04 6.30
N ASN A 4034 -10.17 -33.64 6.06
CA ASN A 4034 -10.45 -32.49 5.22
C ASN A 4034 -10.69 -31.26 6.09
N VAL A 4035 -10.16 -30.13 5.66
CA VAL A 4035 -10.31 -28.89 6.40
C VAL A 4035 -11.69 -28.29 6.12
N VAL A 4036 -12.08 -27.30 6.92
CA VAL A 4036 -13.30 -26.55 6.66
C VAL A 4036 -13.15 -25.83 5.33
N ASN A 4037 -14.22 -25.85 4.51
CA ASN A 4037 -14.19 -25.38 3.12
C ASN A 4037 -13.12 -26.10 2.33
N GLY A 4038 -12.99 -27.40 2.58
CA GLY A 4038 -12.00 -28.21 1.89
C GLY A 4038 -12.26 -28.26 0.40
N MET A 4039 -11.16 -28.20 -0.37
CA MET A 4039 -11.23 -28.18 -1.82
C MET A 4039 -11.88 -29.44 -2.36
N ILE A 4040 -11.52 -30.61 -1.80
CA ILE A 4040 -12.12 -31.86 -2.23
C ILE A 4040 -13.59 -31.91 -1.81
N ALA A 4041 -13.92 -31.33 -0.65
CA ALA A 4041 -15.29 -31.32 -0.19
C ALA A 4041 -16.16 -30.47 -1.08
N ARG A 4042 -15.58 -29.41 -1.68
CA ARG A 4042 -16.36 -28.56 -2.56
C ARG A 4042 -16.80 -29.32 -3.80
N GLN A 4043 -15.89 -30.11 -4.39
CA GLN A 4043 -16.31 -30.94 -5.53
C GLN A 4043 -17.29 -32.01 -5.10
N MET A 4044 -17.18 -32.48 -3.86
CA MET A 4044 -18.17 -33.45 -3.35
C MET A 4044 -19.56 -32.82 -3.28
N VAL A 4045 -19.62 -31.56 -2.87
CA VAL A 4045 -20.87 -30.81 -2.86
C VAL A 4045 -21.40 -30.59 -4.27
N ASP A 4046 -20.54 -30.17 -5.19
CA ASP A 4046 -20.93 -29.97 -6.59
C ASP A 4046 -21.40 -31.27 -7.24
N MET A 4047 -20.77 -32.39 -6.88
CA MET A 4047 -21.24 -33.72 -7.24
C MET A 4047 -22.66 -33.96 -6.78
N LEU A 4048 -22.93 -33.68 -5.50
CA LEU A 4048 -24.26 -33.94 -4.96
C LEU A 4048 -25.30 -33.02 -5.59
N VAL A 4049 -24.92 -31.78 -5.86
CA VAL A 4049 -25.84 -30.83 -6.50
C VAL A 4049 -26.15 -31.29 -7.92
N GLU A 4050 -25.14 -31.75 -8.65
CA GLU A 4050 -25.35 -32.26 -10.01
C GLU A 4050 -26.25 -33.49 -10.00
N SER A 4051 -26.06 -34.38 -9.03
CA SER A 4051 -26.91 -35.57 -8.89
C SER A 4051 -27.96 -35.39 -7.81
N SER A 4052 -28.51 -34.18 -7.68
CA SER A 4052 -29.45 -33.86 -6.61
C SER A 4052 -30.72 -34.69 -6.67
N SER A 4053 -31.29 -34.85 -7.86
CA SER A 4053 -32.51 -35.65 -8.02
C SER A 4053 -32.27 -37.12 -7.70
N ASN A 4054 -31.11 -37.64 -8.12
CA ASN A 4054 -30.80 -39.05 -7.89
C ASN A 4054 -30.59 -39.34 -6.42
N VAL A 4055 -29.76 -38.53 -5.74
CA VAL A 4055 -29.44 -38.80 -4.34
C VAL A 4055 -30.67 -38.60 -3.46
N GLU A 4056 -31.53 -37.63 -3.83
CA GLU A 4056 -32.79 -37.44 -3.12
C GLU A 4056 -33.68 -38.66 -3.29
N MET A 4057 -33.79 -39.19 -4.50
CA MET A 4057 -34.63 -40.37 -4.70
C MET A 4057 -33.99 -41.66 -4.16
N ILE A 4058 -32.67 -41.65 -3.91
CA ILE A 4058 -32.02 -42.68 -3.08
C ILE A 4058 -32.55 -42.63 -1.66
N LEU A 4059 -32.42 -41.46 -1.03
CA LEU A 4059 -32.84 -41.30 0.35
C LEU A 4059 -34.34 -41.51 0.45
N LYS A 4060 -35.09 -41.01 -0.54
CA LYS A 4060 -36.53 -41.19 -0.61
C LYS A 4060 -36.91 -42.65 -0.71
N PHE A 4061 -36.02 -43.50 -1.24
CA PHE A 4061 -36.27 -44.94 -1.22
C PHE A 4061 -35.96 -45.52 0.15
N PHE A 4062 -34.95 -44.98 0.83
CA PHE A 4062 -34.50 -45.57 2.09
C PHE A 4062 -35.46 -45.27 3.24
N ASP A 4063 -35.76 -43.98 3.44
CA ASP A 4063 -36.64 -43.59 4.55
C ASP A 4063 -38.03 -44.16 4.39
N MET A 4064 -38.51 -44.32 3.16
CA MET A 4064 -39.86 -44.81 2.95
C MET A 4064 -40.02 -46.27 3.38
N PHE A 4065 -38.92 -47.03 3.53
CA PHE A 4065 -38.92 -48.29 4.27
C PHE A 4065 -38.68 -48.16 5.76
N LEU A 4066 -37.77 -47.26 6.16
CA LEU A 4066 -37.47 -47.12 7.60
C LEU A 4066 -38.65 -46.52 8.36
N LYS A 4067 -39.24 -45.45 7.82
CA LYS A 4067 -40.40 -44.81 8.41
C LYS A 4067 -41.59 -45.75 8.46
N LEU A 4068 -41.83 -46.48 7.35
CA LEU A 4068 -42.98 -47.36 7.32
C LEU A 4068 -42.79 -48.59 8.21
N LYS A 4069 -41.53 -48.89 8.60
CA LYS A 4069 -41.26 -50.00 9.53
C LYS A 4069 -42.01 -49.80 10.85
N ASP A 4070 -42.19 -48.54 11.27
CA ASP A 4070 -42.98 -48.21 12.44
C ASP A 4070 -44.40 -47.78 12.07
N ILE A 4071 -44.59 -47.14 10.91
CA ILE A 4071 -45.92 -46.64 10.49
C ILE A 4071 -46.89 -47.81 10.29
N VAL A 4072 -46.39 -49.01 9.95
CA VAL A 4072 -47.26 -50.19 9.89
C VAL A 4072 -47.88 -50.51 11.25
N GLY A 4073 -47.25 -50.09 12.35
CA GLY A 4073 -47.84 -50.19 13.66
C GLY A 4073 -48.47 -48.91 14.18
N SER A 4074 -48.51 -47.84 13.38
CA SER A 4074 -49.09 -46.57 13.79
C SER A 4074 -50.59 -46.74 13.99
N GLU A 4075 -51.14 -45.99 14.95
CA GLU A 4075 -52.54 -46.11 15.35
C GLU A 4075 -53.51 -45.78 14.21
N ALA A 4076 -53.17 -44.78 13.38
CA ALA A 4076 -54.02 -44.43 12.23
C ALA A 4076 -54.12 -45.57 11.23
N PHE A 4077 -53.02 -46.27 10.97
CA PHE A 4077 -53.09 -47.44 10.08
C PHE A 4077 -53.72 -48.64 10.78
N GLN A 4078 -53.40 -48.84 12.07
CA GLN A 4078 -53.93 -49.98 12.81
C GLN A 4078 -55.44 -49.90 12.92
N ASP A 4079 -56.00 -48.68 12.90
CA ASP A 4079 -57.46 -48.57 12.88
C ASP A 4079 -58.05 -49.09 11.58
N TYR A 4080 -57.26 -49.10 10.50
CA TYR A 4080 -57.71 -49.68 9.25
C TYR A 4080 -57.32 -51.14 9.13
N VAL A 4081 -56.52 -51.65 10.06
CA VAL A 4081 -56.14 -53.05 10.02
C VAL A 4081 -57.37 -53.90 10.37
N THR A 4082 -57.78 -54.76 9.43
CA THR A 4082 -59.00 -55.53 9.60
C THR A 4082 -58.81 -57.05 9.65
N ASP A 4083 -57.72 -57.58 9.11
CA ASP A 4083 -57.51 -59.02 9.07
C ASP A 4083 -56.46 -59.42 10.09
N PRO A 4084 -56.77 -60.29 11.06
CA PRO A 4084 -55.74 -60.79 11.99
C PRO A 4084 -54.76 -61.78 11.37
N ARG A 4085 -54.84 -62.09 10.08
CA ARG A 4085 -53.90 -62.97 9.39
C ARG A 4085 -52.60 -62.27 9.01
N GLY A 4086 -52.41 -61.02 9.43
CA GLY A 4086 -51.27 -60.25 8.98
C GLY A 4086 -51.39 -59.71 7.57
N LEU A 4087 -52.58 -59.75 6.97
CA LEU A 4087 -52.74 -59.33 5.60
C LEU A 4087 -53.72 -58.16 5.55
N ILE A 4088 -53.69 -57.40 4.43
CA ILE A 4088 -54.55 -56.25 4.19
C ILE A 4088 -54.48 -55.86 2.71
N SER A 4089 -55.59 -55.40 2.15
CA SER A 4089 -55.73 -55.18 0.71
C SER A 4089 -55.00 -53.91 0.26
N LYS A 4090 -54.96 -53.73 -1.06
CA LYS A 4090 -54.29 -52.56 -1.66
C LYS A 4090 -55.05 -51.28 -1.35
N LYS A 4091 -56.37 -51.30 -1.57
CA LYS A 4091 -57.17 -50.09 -1.39
C LYS A 4091 -57.17 -49.67 0.07
N ASP A 4092 -57.04 -50.63 0.99
CA ASP A 4092 -57.00 -50.29 2.40
C ASP A 4092 -55.69 -49.59 2.74
N PHE A 4093 -54.60 -49.94 2.05
CA PHE A 4093 -53.36 -49.18 2.16
C PHE A 4093 -53.58 -47.75 1.68
N GLN A 4094 -54.26 -47.63 0.53
CA GLN A 4094 -54.45 -46.32 -0.08
C GLN A 4094 -55.28 -45.41 0.83
N LYS A 4095 -56.29 -45.98 1.50
CA LYS A 4095 -57.15 -45.20 2.39
C LYS A 4095 -56.64 -45.18 3.83
N ALA A 4096 -55.49 -45.80 4.11
CA ALA A 4096 -54.95 -45.82 5.46
C ALA A 4096 -53.65 -45.03 5.63
N MET A 4097 -52.72 -45.14 4.68
CA MET A 4097 -51.47 -44.39 4.79
C MET A 4097 -51.68 -42.89 4.67
N ASP A 4098 -52.67 -42.44 3.89
CA ASP A 4098 -52.94 -41.01 3.77
C ASP A 4098 -53.42 -40.38 5.08
N SER A 4099 -53.94 -41.20 6.01
CA SER A 4099 -54.31 -40.71 7.33
C SER A 4099 -53.10 -40.26 8.15
N GLN A 4100 -51.90 -40.72 7.80
CA GLN A 4100 -50.70 -40.25 8.48
C GLN A 4100 -50.30 -38.83 8.04
N LYS A 4101 -50.84 -38.35 6.92
CA LYS A 4101 -50.51 -37.04 6.32
C LYS A 4101 -49.00 -36.89 6.10
N GLN A 4102 -48.38 -37.97 5.63
CA GLN A 4102 -46.94 -38.01 5.45
C GLN A 4102 -46.54 -38.61 4.11
N PHE A 4103 -47.49 -38.93 3.24
CA PHE A 4103 -47.21 -39.63 2.00
C PHE A 4103 -47.85 -38.93 0.81
N THR A 4104 -47.18 -39.04 -0.34
CA THR A 4104 -47.66 -38.48 -1.60
C THR A 4104 -48.06 -39.61 -2.54
N GLY A 4105 -48.86 -39.25 -3.54
CA GLY A 4105 -49.45 -40.17 -4.51
C GLY A 4105 -48.51 -41.11 -5.24
N PRO A 4106 -47.56 -40.58 -6.04
CA PRO A 4106 -46.70 -41.46 -6.87
C PRO A 4106 -45.93 -42.48 -6.05
N GLU A 4107 -45.46 -42.10 -4.87
CA GLU A 4107 -44.73 -43.06 -4.06
C GLU A 4107 -45.67 -43.93 -3.23
N ILE A 4108 -46.93 -43.53 -3.04
CA ILE A 4108 -47.90 -44.48 -2.49
C ILE A 4108 -48.15 -45.60 -3.49
N GLN A 4109 -48.30 -45.25 -4.78
CA GLN A 4109 -48.41 -46.24 -5.84
C GLN A 4109 -47.16 -47.11 -5.96
N PHE A 4110 -45.99 -46.49 -5.81
CA PHE A 4110 -44.72 -47.21 -5.81
C PHE A 4110 -44.63 -48.18 -4.62
N LEU A 4111 -45.07 -47.75 -3.44
CA LEU A 4111 -45.07 -48.60 -2.26
C LEU A 4111 -46.05 -49.76 -2.43
N LEU A 4112 -47.21 -49.48 -3.03
CA LEU A 4112 -48.21 -50.50 -3.28
C LEU A 4112 -47.68 -51.55 -4.22
N SER A 4113 -46.99 -51.12 -5.28
CA SER A 4113 -46.48 -52.07 -6.25
C SER A 4113 -45.36 -52.91 -5.63
N CYS A 4114 -44.48 -52.26 -4.85
CA CYS A 4114 -43.39 -52.96 -4.19
C CYS A 4114 -43.87 -53.99 -3.18
N SER A 4115 -45.02 -53.72 -2.56
CA SER A 4115 -45.59 -54.66 -1.60
C SER A 4115 -45.91 -55.99 -2.25
N GLU A 4116 -45.62 -57.07 -1.53
CA GLU A 4116 -45.75 -58.42 -2.06
C GLU A 4116 -47.21 -58.84 -2.16
N ALA A 4117 -47.94 -58.24 -3.10
CA ALA A 4117 -49.33 -58.60 -3.32
C ALA A 4117 -49.41 -60.02 -3.87
N ASP A 4118 -50.33 -60.80 -3.29
CA ASP A 4118 -50.51 -62.18 -3.70
C ASP A 4118 -51.49 -62.22 -4.86
N GLU A 4119 -51.92 -63.43 -5.26
CA GLU A 4119 -52.91 -63.55 -6.31
C GLU A 4119 -54.28 -63.02 -5.90
N ASN A 4120 -54.55 -62.90 -4.60
CA ASN A 4120 -55.82 -62.40 -4.10
C ASN A 4120 -55.82 -60.90 -3.86
N GLU A 4121 -54.71 -60.21 -4.17
CA GLU A 4121 -54.47 -58.81 -3.82
C GLU A 4121 -54.62 -58.56 -2.32
N MET A 4122 -54.22 -59.55 -1.53
CA MET A 4122 -54.38 -59.54 -0.07
C MET A 4122 -52.94 -59.52 0.43
N ILE A 4123 -52.41 -58.31 0.61
CA ILE A 4123 -50.96 -58.11 0.73
C ILE A 4123 -50.47 -58.56 2.09
N ASN A 4124 -49.36 -59.31 2.11
CA ASN A 4124 -48.65 -59.66 3.34
C ASN A 4124 -47.58 -58.60 3.54
N PHE A 4125 -47.84 -57.67 4.47
CA PHE A 4125 -46.92 -56.58 4.77
C PHE A 4125 -46.02 -56.89 5.95
N GLU A 4126 -46.13 -58.08 6.54
CA GLU A 4126 -45.29 -58.45 7.68
C GLU A 4126 -43.82 -58.56 7.29
N GLU A 4127 -43.51 -59.19 6.16
CA GLU A 4127 -42.12 -59.31 5.74
C GLU A 4127 -41.73 -58.26 4.69
N PHE A 4128 -42.71 -57.50 4.20
CA PHE A 4128 -42.47 -56.46 3.20
C PHE A 4128 -41.48 -55.42 3.74
N ALA A 4129 -41.74 -54.92 4.95
CA ALA A 4129 -40.83 -53.94 5.54
C ALA A 4129 -39.52 -54.60 5.94
N ASN A 4130 -39.60 -55.75 6.63
CA ASN A 4130 -38.44 -56.42 7.22
C ASN A 4130 -37.53 -57.08 6.19
N ARG A 4131 -37.85 -57.02 4.89
CA ARG A 4131 -37.03 -57.66 3.88
C ARG A 4131 -35.64 -57.04 3.79
N PHE A 4132 -35.57 -55.71 3.79
CA PHE A 4132 -34.32 -54.97 3.57
C PHE A 4132 -33.84 -54.18 4.78
N GLN A 4133 -34.48 -54.31 5.95
CA GLN A 4133 -34.15 -53.46 7.09
C GLN A 4133 -32.70 -53.62 7.54
N GLU A 4134 -32.16 -54.83 7.44
CA GLU A 4134 -30.79 -55.06 7.89
C GLU A 4134 -29.75 -54.46 6.93
N PRO A 4135 -29.75 -54.77 5.61
CA PRO A 4135 -28.69 -54.17 4.78
C PRO A 4135 -28.86 -52.67 4.53
N ALA A 4136 -30.08 -52.19 4.31
CA ALA A 4136 -30.30 -50.79 3.97
C ALA A 4136 -30.02 -49.81 5.11
N ARG A 4137 -29.90 -50.30 6.34
CA ARG A 4137 -29.57 -49.42 7.46
C ARG A 4137 -28.13 -48.96 7.38
N ASP A 4138 -27.23 -49.84 6.96
CA ASP A 4138 -25.81 -49.52 6.87
C ASP A 4138 -25.56 -48.43 5.85
N ILE A 4139 -26.17 -48.54 4.67
CA ILE A 4139 -26.01 -47.51 3.64
C ILE A 4139 -26.68 -46.23 4.10
N GLY A 4140 -27.84 -46.32 4.77
CA GLY A 4140 -28.50 -45.13 5.26
C GLY A 4140 -27.67 -44.38 6.28
N PHE A 4141 -26.93 -45.12 7.09
CA PHE A 4141 -26.08 -44.47 8.07
C PHE A 4141 -24.87 -43.85 7.40
N ASN A 4142 -24.28 -44.56 6.43
CA ASN A 4142 -23.07 -44.06 5.79
C ASN A 4142 -23.36 -42.79 5.01
N VAL A 4143 -24.51 -42.74 4.33
CA VAL A 4143 -24.88 -41.51 3.62
C VAL A 4143 -25.22 -40.42 4.63
N ALA A 4144 -25.76 -40.78 5.80
CA ALA A 4144 -25.99 -39.79 6.84
C ALA A 4144 -24.67 -39.19 7.34
N VAL A 4145 -23.65 -40.04 7.51
CA VAL A 4145 -22.32 -39.58 7.90
C VAL A 4145 -21.74 -38.67 6.83
N LEU A 4146 -21.88 -39.06 5.57
CA LEU A 4146 -21.37 -38.28 4.45
C LEU A 4146 -22.02 -36.90 4.39
N LEU A 4147 -23.35 -36.84 4.56
CA LEU A 4147 -24.06 -35.57 4.58
C LEU A 4147 -23.69 -34.73 5.79
N THR A 4148 -23.55 -35.35 6.96
CA THR A 4148 -23.18 -34.61 8.16
C THR A 4148 -21.77 -34.05 8.05
N ASN A 4149 -20.85 -34.84 7.49
CA ASN A 4149 -19.47 -34.40 7.31
C ASN A 4149 -19.41 -33.22 6.35
N LEU A 4150 -20.16 -33.30 5.24
CA LEU A 4150 -20.16 -32.20 4.29
C LEU A 4150 -20.79 -30.96 4.89
N SER A 4151 -21.89 -31.11 5.64
CA SER A 4151 -22.59 -29.97 6.21
C SER A 4151 -21.70 -29.26 7.22
N GLU A 4152 -20.98 -30.03 8.04
CA GLU A 4152 -20.16 -29.42 9.07
C GLU A 4152 -18.89 -28.80 8.49
N HIS A 4153 -18.30 -29.41 7.46
CA HIS A 4153 -17.07 -28.85 6.91
C HIS A 4153 -17.30 -27.81 5.82
N VAL A 4154 -18.52 -27.68 5.31
CA VAL A 4154 -18.88 -26.65 4.34
C VAL A 4154 -20.14 -25.98 4.89
N PRO A 4155 -20.01 -25.07 5.86
CA PRO A 4155 -21.22 -24.53 6.48
C PRO A 4155 -21.84 -23.36 5.73
N HIS A 4156 -21.05 -22.65 4.94
CA HIS A 4156 -21.50 -21.43 4.27
C HIS A 4156 -21.92 -21.68 2.83
N ASP A 4157 -22.48 -22.85 2.53
CA ASP A 4157 -22.94 -23.13 1.18
C ASP A 4157 -24.46 -23.25 1.18
N PRO A 4158 -25.19 -22.22 0.73
CA PRO A 4158 -26.66 -22.30 0.66
C PRO A 4158 -27.15 -23.39 -0.27
N ARG A 4159 -26.37 -23.70 -1.31
CA ARG A 4159 -26.74 -24.75 -2.25
C ARG A 4159 -26.76 -26.08 -1.52
N LEU A 4160 -25.77 -26.30 -0.65
CA LEU A 4160 -25.69 -27.50 0.15
C LEU A 4160 -26.82 -27.54 1.18
N ARG A 4161 -27.23 -26.36 1.68
CA ARG A 4161 -28.28 -26.30 2.70
C ARG A 4161 -29.62 -26.87 2.26
N ASN A 4162 -29.87 -26.94 0.94
CA ASN A 4162 -31.10 -27.54 0.42
C ASN A 4162 -31.20 -29.02 0.75
N PHE A 4163 -30.07 -29.72 0.70
CA PHE A 4163 -30.07 -31.17 0.90
C PHE A 4163 -30.39 -31.54 2.33
N LEU A 4164 -30.15 -30.63 3.29
CA LEU A 4164 -30.48 -30.91 4.67
C LEU A 4164 -31.97 -31.14 4.83
N GLU A 4165 -32.79 -30.18 4.36
CA GLU A 4165 -34.24 -30.38 4.42
C GLU A 4165 -34.70 -31.46 3.45
N LEU A 4166 -33.94 -31.72 2.38
CA LEU A 4166 -34.26 -32.88 1.54
C LEU A 4166 -34.02 -34.21 2.25
N ALA A 4167 -33.16 -34.21 3.27
CA ALA A 4167 -32.77 -35.44 3.96
C ALA A 4167 -33.06 -35.44 5.45
N GLU A 4168 -33.93 -34.54 5.95
CA GLU A 4168 -34.24 -34.50 7.37
C GLU A 4168 -34.86 -35.79 7.89
N SER A 4169 -35.52 -36.57 7.06
CA SER A 4169 -36.08 -37.84 7.50
C SER A 4169 -34.98 -38.80 7.96
N ILE A 4170 -33.89 -38.86 7.20
CA ILE A 4170 -32.85 -39.83 7.53
C ILE A 4170 -31.88 -39.29 8.56
N LEU A 4171 -31.59 -37.97 8.56
CA LEU A 4171 -30.73 -37.42 9.59
C LEU A 4171 -31.40 -37.52 10.95
N GLU A 4172 -32.69 -37.17 11.04
CA GLU A 4172 -33.39 -37.31 12.31
C GLU A 4172 -33.58 -38.77 12.68
N TYR A 4173 -33.64 -39.68 11.69
CA TYR A 4173 -33.72 -41.08 12.05
C TYR A 4173 -32.40 -41.59 12.62
N PHE A 4174 -31.28 -41.07 12.15
CA PHE A 4174 -29.98 -41.56 12.58
C PHE A 4174 -29.29 -40.63 13.58
N ARG A 4175 -30.01 -39.64 14.08
CA ARG A 4175 -29.46 -38.75 15.13
C ARG A 4175 -29.04 -39.49 16.39
N PRO A 4176 -29.81 -40.42 16.99
CA PRO A 4176 -29.34 -41.08 18.22
C PRO A 4176 -28.09 -41.96 18.05
N TYR A 4177 -27.61 -42.20 16.82
CA TYR A 4177 -26.51 -43.13 16.62
C TYR A 4177 -25.23 -42.46 16.14
N LEU A 4178 -25.32 -41.23 15.65
CA LEU A 4178 -24.15 -40.55 15.09
C LEU A 4178 -23.26 -40.09 16.22
N GLY A 4179 -22.08 -40.68 16.38
CA GLY A 4179 -21.18 -40.26 17.42
C GLY A 4179 -20.01 -39.54 16.77
N ARG A 4180 -19.76 -38.32 17.23
CA ARG A 4180 -18.69 -37.53 16.66
C ARG A 4180 -17.69 -37.23 17.77
N ILE A 4181 -16.42 -37.44 17.48
CA ILE A 4181 -15.36 -37.06 18.40
C ILE A 4181 -14.43 -36.13 17.65
N GLU A 4182 -13.57 -35.45 18.39
CA GLU A 4182 -12.50 -34.67 17.78
C GLU A 4182 -11.18 -35.17 18.32
N ILE A 4183 -10.29 -35.57 17.42
CA ILE A 4183 -8.97 -36.07 17.77
C ILE A 4183 -7.88 -35.20 17.16
N MET A 4184 -6.93 -34.77 17.98
CA MET A 4184 -5.74 -34.16 17.42
C MET A 4184 -5.04 -35.25 16.61
N GLY A 4185 -4.66 -34.95 15.38
CA GLY A 4185 -4.23 -36.07 14.57
C GLY A 4185 -2.86 -36.03 13.95
N ALA A 4186 -2.63 -36.95 13.02
CA ALA A 4186 -1.33 -37.09 12.35
C ALA A 4186 -0.99 -35.81 11.59
N SER A 4187 -2.00 -35.19 10.98
CA SER A 4187 -1.85 -33.99 10.16
C SER A 4187 -1.34 -32.80 10.96
N ARG A 4188 -1.43 -32.86 12.31
CA ARG A 4188 -1.08 -31.89 13.35
C ARG A 4188 -2.26 -30.96 13.59
N ARG A 4189 -3.43 -31.33 13.06
CA ARG A 4189 -4.63 -30.52 13.17
C ARG A 4189 -5.79 -31.39 13.65
N ILE A 4190 -6.70 -30.75 14.39
CA ILE A 4190 -7.82 -31.47 14.99
C ILE A 4190 -8.81 -31.88 13.91
N GLU A 4191 -9.32 -33.12 14.01
CA GLU A 4191 -10.20 -33.65 12.99
C GLU A 4191 -11.35 -34.41 13.64
N ARG A 4192 -12.49 -34.41 12.95
CA ARG A 4192 -13.71 -35.04 13.44
C ARG A 4192 -13.90 -36.47 12.92
N ILE A 4193 -14.13 -37.40 13.83
CA ILE A 4193 -14.41 -38.79 13.49
C ILE A 4193 -15.89 -39.08 13.76
N TYR A 4194 -16.52 -39.85 12.87
CA TYR A 4194 -17.93 -40.24 12.95
C TYR A 4194 -18.01 -41.77 13.04
N PHE A 4195 -18.81 -42.24 13.99
CA PHE A 4195 -18.95 -43.65 14.33
C PHE A 4195 -20.38 -44.00 14.76
N GLU A 4196 -20.62 -45.30 14.93
CA GLU A 4196 -21.92 -45.87 15.30
C GLU A 4196 -22.03 -46.07 16.79
N ILE A 4197 -23.08 -45.53 17.37
CA ILE A 4197 -23.38 -45.81 18.76
C ILE A 4197 -24.41 -46.93 18.71
N SER A 4198 -24.09 -48.07 19.31
CA SER A 4198 -25.05 -49.16 19.32
C SER A 4198 -26.19 -48.83 20.27
N GLU A 4199 -27.39 -49.32 19.92
CA GLU A 4199 -28.58 -49.00 20.71
C GLU A 4199 -28.47 -49.58 22.12
N THR A 4200 -27.93 -50.81 22.23
CA THR A 4200 -27.79 -51.43 23.55
C THR A 4200 -26.78 -50.66 24.39
N ASN A 4201 -25.66 -50.26 23.77
CA ASN A 4201 -24.63 -49.50 24.47
C ASN A 4201 -25.17 -48.16 24.94
N ARG A 4202 -25.97 -47.50 24.09
CA ARG A 4202 -26.55 -46.22 24.45
C ARG A 4202 -27.55 -46.33 25.59
N ALA A 4203 -28.40 -47.37 25.57
CA ALA A 4203 -29.30 -47.59 26.70
C ALA A 4203 -28.53 -47.91 27.97
N GLN A 4204 -27.49 -48.74 27.84
CA GLN A 4204 -26.75 -49.17 29.02
C GLN A 4204 -25.96 -47.98 29.57
N TRP A 4205 -25.67 -46.99 28.73
CA TRP A 4205 -25.09 -45.75 29.19
C TRP A 4205 -26.12 -44.97 29.99
N GLU A 4206 -27.37 -44.96 29.52
CA GLU A 4206 -28.34 -44.14 30.24
C GLU A 4206 -28.81 -44.80 31.54
N MET A 4207 -28.41 -46.05 31.79
CA MET A 4207 -28.83 -46.78 32.99
C MET A 4207 -28.30 -46.07 34.26
N PRO A 4208 -29.08 -46.10 35.35
CA PRO A 4208 -28.68 -45.36 36.56
C PRO A 4208 -27.42 -45.82 37.26
N GLN A 4209 -27.12 -47.12 37.26
CA GLN A 4209 -25.87 -47.60 37.85
C GLN A 4209 -24.65 -47.06 37.11
N VAL A 4210 -24.71 -47.04 35.78
CA VAL A 4210 -23.58 -46.57 35.00
C VAL A 4210 -23.41 -45.07 35.21
N LYS A 4211 -24.54 -44.34 35.30
CA LYS A 4211 -24.51 -42.90 35.55
C LYS A 4211 -23.91 -42.59 36.91
N GLU A 4212 -24.21 -43.43 37.91
CA GLU A 4212 -23.60 -43.25 39.22
C GLU A 4212 -22.10 -43.51 39.15
N SER A 4213 -21.69 -44.52 38.38
CA SER A 4213 -20.27 -44.80 38.19
C SER A 4213 -19.58 -43.60 37.56
N LYS A 4214 -20.24 -42.97 36.59
CA LYS A 4214 -19.73 -41.76 35.96
C LYS A 4214 -19.61 -40.61 36.95
N ARG A 4215 -20.61 -40.44 37.82
CA ARG A 4215 -20.61 -39.35 38.77
C ARG A 4215 -19.48 -39.51 39.78
N GLN A 4216 -19.27 -40.74 40.24
CA GLN A 4216 -18.17 -41.03 41.13
C GLN A 4216 -16.83 -40.79 40.44
N PHE A 4217 -16.75 -41.14 39.15
CA PHE A 4217 -15.53 -40.88 38.39
C PHE A 4217 -15.21 -39.40 38.32
N ILE A 4218 -16.21 -38.58 37.99
CA ILE A 4218 -15.97 -37.14 37.81
C ILE A 4218 -15.58 -36.50 39.14
N PHE A 4219 -16.23 -36.93 40.23
CA PHE A 4219 -15.87 -36.39 41.54
C PHE A 4219 -14.46 -36.81 41.94
N ASP A 4220 -14.12 -38.07 41.74
CA ASP A 4220 -12.79 -38.57 42.10
C ASP A 4220 -11.68 -37.90 41.29
N VAL A 4221 -11.86 -37.80 39.98
CA VAL A 4221 -10.88 -37.14 39.12
C VAL A 4221 -10.76 -35.65 39.46
N VAL A 4222 -11.88 -34.94 39.63
CA VAL A 4222 -11.78 -33.50 39.83
C VAL A 4222 -11.19 -33.19 41.21
N ASN A 4223 -11.73 -33.81 42.26
CA ASN A 4223 -11.24 -33.50 43.60
C ASN A 4223 -9.84 -34.04 43.87
N GLU A 4224 -9.58 -35.32 43.57
CA GLU A 4224 -8.27 -35.88 43.89
C GLU A 4224 -7.67 -36.37 42.59
N GLY A 4225 -7.18 -35.44 41.80
CA GLY A 4225 -6.69 -35.81 40.49
C GLY A 4225 -5.79 -34.72 39.96
N GLY A 4226 -5.12 -35.06 38.87
CA GLY A 4226 -4.26 -34.11 38.21
C GLY A 4226 -4.61 -34.06 36.73
N GLU A 4227 -4.27 -32.93 36.13
CA GLU A 4227 -4.47 -32.76 34.70
C GLU A 4227 -3.58 -33.69 33.89
N ALA A 4228 -2.34 -33.91 34.35
CA ALA A 4228 -1.41 -34.76 33.61
C ALA A 4228 -1.92 -36.20 33.60
N GLU A 4229 -2.44 -36.66 34.73
CA GLU A 4229 -2.88 -38.03 34.93
C GLU A 4229 -4.33 -38.22 34.47
N LYS A 4230 -4.98 -37.11 34.10
CA LYS A 4230 -6.42 -37.08 33.83
C LYS A 4230 -6.81 -38.00 32.69
N MET A 4231 -6.11 -37.92 31.56
CA MET A 4231 -6.52 -38.70 30.41
C MET A 4231 -6.31 -40.19 30.65
N GLU A 4232 -5.25 -40.56 31.37
CA GLU A 4232 -5.03 -41.95 31.71
C GLU A 4232 -6.14 -42.48 32.60
N LEU A 4233 -6.54 -41.67 33.59
CA LEU A 4233 -7.63 -42.03 34.49
C LEU A 4233 -8.94 -42.13 33.74
N PHE A 4234 -9.14 -41.23 32.77
CA PHE A 4234 -10.35 -41.24 31.96
C PHE A 4234 -10.42 -42.52 31.14
N VAL A 4235 -9.32 -42.86 30.44
CA VAL A 4235 -9.32 -44.03 29.56
C VAL A 4235 -9.54 -45.29 30.38
N SER A 4236 -8.95 -45.35 31.59
CA SER A 4236 -9.18 -46.47 32.50
C SER A 4236 -10.65 -46.59 32.90
N PHE A 4237 -11.28 -45.44 33.16
CA PHE A 4237 -12.71 -45.42 33.48
C PHE A 4237 -13.55 -45.91 32.30
N CYS A 4238 -13.19 -45.48 31.08
CA CYS A 4238 -13.87 -45.97 29.89
C CYS A 4238 -13.73 -47.48 29.77
N GLU A 4239 -12.52 -48.01 29.99
CA GLU A 4239 -12.27 -49.43 29.79
C GLU A 4239 -13.07 -50.25 30.79
N ASP A 4240 -13.13 -49.78 32.04
CA ASP A 4240 -13.90 -50.44 33.07
C ASP A 4240 -15.39 -50.40 32.73
N THR A 4241 -15.85 -49.28 32.19
CA THR A 4241 -17.23 -49.17 31.72
C THR A 4241 -17.53 -50.15 30.59
N ILE A 4242 -16.61 -50.27 29.61
CA ILE A 4242 -16.84 -51.16 28.47
C ILE A 4242 -16.94 -52.60 28.93
N PHE A 4243 -16.11 -52.98 29.91
CA PHE A 4243 -16.19 -54.32 30.46
C PHE A 4243 -17.52 -54.53 31.18
N GLU A 4244 -17.95 -53.54 31.99
CA GLU A 4244 -19.21 -53.70 32.72
C GLU A 4244 -20.40 -53.76 31.77
N MET A 4245 -20.35 -53.02 30.66
CA MET A 4245 -21.38 -53.11 29.62
C MET A 4245 -21.41 -54.49 28.97
N GLN A 4246 -20.25 -55.11 28.76
CA GLN A 4246 -20.25 -56.46 28.22
C GLN A 4246 -20.77 -57.49 29.22
N ILE A 4247 -20.44 -57.33 30.50
CA ILE A 4247 -21.00 -58.22 31.52
C ILE A 4247 -22.53 -58.08 31.58
N ALA A 4248 -23.02 -56.83 31.52
CA ALA A 4248 -24.47 -56.59 31.52
C ALA A 4248 -25.13 -57.19 30.28
N ALA A 4249 -24.44 -57.14 29.13
CA ALA A 4249 -24.96 -57.76 27.92
C ALA A 4249 -25.03 -59.28 28.09
N GLN A 4250 -24.00 -59.88 28.70
CA GLN A 4250 -23.98 -61.33 28.88
C GLN A 4250 -25.13 -61.76 29.77
N ILE A 4251 -25.39 -61.01 30.84
CA ILE A 4251 -26.39 -61.43 31.82
C ILE A 4251 -27.79 -60.96 31.44
N SER A 4252 -27.93 -60.16 30.39
CA SER A 4252 -29.21 -59.59 30.02
C SER A 4252 -30.20 -60.66 29.58
N GLU A 4253 -31.49 -60.35 29.76
CA GLU A 4253 -32.58 -61.29 29.55
C GLU A 4253 -32.59 -61.83 28.11
N PRO A 4254 -32.77 -63.14 27.92
CA PRO A 4254 -32.91 -63.74 26.60
C PRO A 4254 -34.36 -64.04 26.22
N GLY A 4542 -25.75 -79.87 29.66
CA GLY A 4542 -27.11 -80.20 29.24
C GLY A 4542 -28.16 -79.25 29.77
N GLU A 4543 -29.32 -79.81 30.13
CA GLU A 4543 -30.37 -78.99 30.74
C GLU A 4543 -29.93 -78.48 32.10
N LEU A 4544 -29.11 -79.26 32.83
CA LEU A 4544 -28.57 -78.83 34.12
C LEU A 4544 -27.70 -77.59 33.93
N GLU A 4545 -26.86 -77.61 32.91
CA GLU A 4545 -25.93 -76.51 32.63
C GLU A 4545 -26.68 -75.26 32.17
N VAL A 4546 -27.69 -75.45 31.32
CA VAL A 4546 -28.51 -74.31 30.86
C VAL A 4546 -29.28 -73.70 32.04
N GLN A 4547 -29.81 -74.55 32.93
CA GLN A 4547 -30.50 -74.06 34.12
C GLN A 4547 -29.55 -73.30 35.02
N ARG A 4548 -28.33 -73.83 35.20
CA ARG A 4548 -27.31 -73.18 36.01
C ARG A 4548 -27.02 -71.78 35.46
N VAL A 4549 -26.79 -71.70 34.13
CA VAL A 4549 -26.42 -70.43 33.51
C VAL A 4549 -27.58 -69.44 33.67
N LYS A 4550 -28.82 -69.92 33.48
CA LYS A 4550 -30.00 -69.06 33.51
C LYS A 4550 -30.16 -68.49 34.91
N PHE A 4551 -30.01 -69.35 35.92
CA PHE A 4551 -30.16 -68.96 37.32
C PHE A 4551 -29.07 -67.97 37.70
N LEU A 4552 -27.84 -68.24 37.28
CA LEU A 4552 -26.70 -67.39 37.62
C LEU A 4552 -26.88 -65.99 37.01
N ASN A 4553 -27.43 -65.94 35.79
CA ASN A 4553 -27.71 -64.66 35.16
C ASN A 4553 -28.83 -63.93 35.86
N TYR A 4554 -29.86 -64.67 36.29
CA TYR A 4554 -30.95 -64.06 37.05
C TYR A 4554 -30.45 -63.47 38.36
N LEU A 4555 -29.58 -64.22 39.05
CA LEU A 4555 -28.96 -63.75 40.30
C LEU A 4555 -28.15 -62.48 40.08
N SER A 4556 -27.43 -62.42 38.95
CA SER A 4556 -26.64 -61.23 38.65
C SER A 4556 -27.53 -60.04 38.32
N ARG A 4557 -28.59 -60.26 37.55
CA ARG A 4557 -29.52 -59.17 37.26
C ARG A 4557 -30.27 -58.71 38.50
N ASN A 4558 -30.48 -59.61 39.46
CA ASN A 4558 -31.27 -59.31 40.65
C ASN A 4558 -30.42 -59.13 41.90
N PHE A 4559 -29.12 -58.87 41.76
CA PHE A 4559 -28.22 -58.77 42.90
C PHE A 4559 -28.63 -57.64 43.85
N TYR A 4560 -29.04 -56.49 43.30
CA TYR A 4560 -29.31 -55.34 44.15
C TYR A 4560 -30.65 -55.48 44.85
N THR A 4561 -31.58 -56.18 44.20
CA THR A 4561 -32.84 -56.53 44.85
C THR A 4561 -32.58 -57.45 46.02
N LEU A 4562 -31.69 -58.43 45.85
CA LEU A 4562 -31.36 -59.31 46.97
C LEU A 4562 -30.64 -58.54 48.07
N ARG A 4563 -29.85 -57.54 47.69
CA ARG A 4563 -29.14 -56.71 48.66
C ARG A 4563 -30.09 -55.82 49.44
N PHE A 4564 -31.28 -55.56 48.92
CA PHE A 4564 -32.24 -54.75 49.65
C PHE A 4564 -33.26 -55.63 50.35
N LEU A 4565 -33.44 -56.84 49.84
CA LEU A 4565 -34.28 -57.84 50.49
C LEU A 4565 -33.65 -58.30 51.79
N ALA A 4566 -32.31 -58.41 51.81
CA ALA A 4566 -31.63 -58.81 53.03
C ALA A 4566 -31.74 -57.73 54.10
N LEU A 4567 -31.72 -56.46 53.70
CA LEU A 4567 -31.97 -55.38 54.65
C LEU A 4567 -33.40 -55.40 55.18
N PHE A 4568 -34.38 -55.72 54.32
CA PHE A 4568 -35.75 -55.86 54.79
C PHE A 4568 -35.88 -57.03 55.76
N LEU A 4569 -35.17 -58.13 55.49
CA LEU A 4569 -35.26 -59.30 56.35
C LEU A 4569 -34.58 -59.04 57.68
N ALA A 4570 -33.50 -58.26 57.68
CA ALA A 4570 -32.83 -57.89 58.91
C ALA A 4570 -33.72 -57.00 59.76
N PHE A 4571 -34.39 -56.03 59.13
CA PHE A 4571 -35.34 -55.20 59.88
C PHE A 4571 -36.52 -56.01 60.39
N ALA A 4572 -37.01 -56.96 59.60
CA ALA A 4572 -38.09 -57.83 60.06
C ALA A 4572 -37.66 -58.72 61.22
N ILE A 4573 -36.43 -59.21 61.21
CA ILE A 4573 -36.05 -60.17 62.26
C ILE A 4573 -35.74 -59.39 63.52
N ASN A 4574 -35.21 -58.18 63.36
CA ASN A 4574 -34.97 -57.32 64.49
C ASN A 4574 -36.28 -56.81 65.08
N PHE A 4575 -37.33 -56.66 64.26
CA PHE A 4575 -38.65 -56.36 64.79
C PHE A 4575 -39.24 -57.55 65.53
N ILE A 4576 -38.82 -58.78 65.16
CA ILE A 4576 -39.34 -59.95 65.86
C ILE A 4576 -38.46 -60.16 67.10
N LEU A 4577 -37.36 -59.44 67.19
CA LEU A 4577 -36.38 -59.63 68.25
C LEU A 4577 -36.68 -58.71 69.40
N LEU A 4578 -37.71 -57.88 69.25
CA LEU A 4578 -38.12 -56.87 70.20
C LEU A 4578 -39.17 -57.39 71.16
N PHE A 4579 -39.57 -58.64 71.00
CA PHE A 4579 -40.52 -59.31 71.88
C PHE A 4579 -39.82 -60.36 72.74
N TYR A 4580 -38.50 -60.29 72.86
CA TYR A 4580 -37.81 -61.25 73.70
C TYR A 4580 -37.95 -60.90 75.17
N LYS A 4581 -37.68 -61.90 76.01
CA LYS A 4581 -37.88 -61.86 77.44
C LYS A 4581 -36.97 -62.89 78.07
N VAL A 4582 -36.71 -62.74 79.36
CA VAL A 4582 -35.89 -63.70 80.07
C VAL A 4582 -36.62 -64.14 81.34
N SER A 4583 -36.57 -65.43 81.61
CA SER A 4583 -37.10 -66.00 82.83
C SER A 4583 -36.12 -67.03 83.36
N ASP A 4584 -35.93 -67.06 84.68
CA ASP A 4584 -35.20 -68.17 85.28
C ASP A 4584 -35.97 -69.47 85.08
N SER A 4585 -37.28 -69.44 85.30
CA SER A 4585 -38.11 -70.61 85.12
C SER A 4585 -38.28 -70.90 83.62
N PRO A 4586 -38.32 -72.17 83.23
CA PRO A 4586 -38.54 -72.52 81.81
C PRO A 4586 -39.90 -72.03 81.33
N PRO A 4587 -40.00 -71.57 80.05
CA PRO A 4587 -41.22 -71.01 79.46
C PRO A 4587 -42.47 -71.89 79.56
N ASN A 4626 -28.12 -71.19 88.04
CA ASN A 4626 -29.47 -71.03 87.51
C ASN A 4626 -29.46 -70.50 86.06
N MET A 4627 -29.51 -71.44 85.12
CA MET A 4627 -29.59 -71.08 83.71
C MET A 4627 -30.89 -70.36 83.41
N VAL A 4628 -30.79 -69.27 82.66
CA VAL A 4628 -31.94 -68.44 82.33
C VAL A 4628 -32.42 -68.82 80.95
N TYR A 4629 -33.73 -68.73 80.75
CA TYR A 4629 -34.37 -69.12 79.51
C TYR A 4629 -34.75 -67.89 78.71
N TYR A 4630 -34.51 -67.92 77.40
CA TYR A 4630 -34.94 -66.85 76.52
C TYR A 4630 -36.12 -67.38 75.71
N PHE A 4631 -37.21 -66.62 75.70
CA PHE A 4631 -38.39 -67.00 74.94
C PHE A 4631 -39.05 -65.78 74.33
N LEU A 4632 -39.66 -65.99 73.17
CA LEU A 4632 -40.50 -64.95 72.58
C LEU A 4632 -41.83 -64.91 73.31
N GLU A 4633 -42.24 -63.73 73.74
CA GLU A 4633 -43.55 -63.53 74.33
C GLU A 4633 -44.46 -62.75 73.41
N GLU A 4634 -45.37 -63.45 72.75
CA GLU A 4634 -46.40 -62.79 71.96
C GLU A 4634 -47.71 -63.54 72.11
N SER A 4635 -48.81 -62.79 72.18
CA SER A 4635 -50.12 -63.41 72.28
C SER A 4635 -50.49 -64.13 70.99
N THR A 4636 -50.16 -63.52 69.84
CA THR A 4636 -50.58 -64.02 68.53
C THR A 4636 -50.08 -65.44 68.25
N GLY A 4637 -48.82 -65.72 68.58
CA GLY A 4637 -48.23 -67.01 68.30
C GLY A 4637 -47.68 -67.13 66.89
N TYR A 4638 -47.89 -66.11 66.06
CA TYR A 4638 -47.44 -66.06 64.67
C TYR A 4638 -46.01 -65.62 64.53
N MET A 4639 -45.50 -64.89 65.53
CA MET A 4639 -44.16 -64.33 65.48
C MET A 4639 -43.06 -65.38 65.46
N GLU A 4640 -43.12 -66.38 66.35
CA GLU A 4640 -42.03 -67.37 66.43
C GLU A 4640 -41.88 -68.23 65.17
N PRO A 4641 -42.95 -68.77 64.54
CA PRO A 4641 -42.74 -69.47 63.25
C PRO A 4641 -42.22 -68.55 62.18
N ALA A 4642 -42.74 -67.31 62.18
CA ALA A 4642 -42.25 -66.28 61.27
C ALA A 4642 -40.76 -66.05 61.49
N LEU A 4643 -40.31 -66.04 62.75
CA LEU A 4643 -38.89 -65.83 63.04
C LEU A 4643 -38.05 -66.95 62.46
N TRP A 4644 -38.55 -68.20 62.57
CA TRP A 4644 -37.79 -69.33 62.05
C TRP A 4644 -37.70 -69.27 60.53
N CYS A 4645 -38.83 -68.99 59.87
CA CYS A 4645 -38.87 -68.90 58.42
C CYS A 4645 -38.04 -67.74 57.89
N LEU A 4646 -38.12 -66.58 58.55
CA LEU A 4646 -37.35 -65.40 58.17
C LEU A 4646 -35.85 -65.59 58.37
N SER A 4647 -35.43 -66.30 59.41
CA SER A 4647 -34.02 -66.59 59.58
C SER A 4647 -33.49 -67.54 58.51
N LEU A 4648 -34.27 -68.58 58.17
CA LEU A 4648 -33.88 -69.46 57.06
C LEU A 4648 -33.85 -68.71 55.73
N LEU A 4649 -34.84 -67.83 55.51
CA LEU A 4649 -34.86 -67.01 54.32
C LEU A 4649 -33.64 -66.09 54.29
N HIS A 4650 -33.33 -65.44 55.42
CA HIS A 4650 -32.21 -64.49 55.48
C HIS A 4650 -30.91 -65.16 55.06
N THR A 4651 -30.66 -66.36 55.60
CA THR A 4651 -29.42 -67.06 55.31
C THR A 4651 -29.36 -67.44 53.83
N LEU A 4652 -30.52 -67.83 53.27
CA LEU A 4652 -30.62 -68.09 51.83
C LEU A 4652 -30.29 -66.86 51.00
N VAL A 4653 -30.91 -65.72 51.32
CA VAL A 4653 -30.65 -64.47 50.60
C VAL A 4653 -29.19 -64.05 50.73
N ALA A 4654 -28.57 -64.29 51.88
CA ALA A 4654 -27.14 -63.97 52.05
C ALA A 4654 -26.26 -64.83 51.15
N PHE A 4655 -26.62 -66.10 50.99
CA PHE A 4655 -25.87 -66.95 50.07
C PHE A 4655 -26.05 -66.48 48.64
N LEU A 4656 -27.31 -66.18 48.27
CA LEU A 4656 -27.61 -65.73 46.91
C LEU A 4656 -26.90 -64.42 46.61
N CYS A 4657 -26.76 -63.56 47.61
CA CYS A 4657 -26.03 -62.30 47.47
C CYS A 4657 -24.56 -62.53 47.17
N ILE A 4658 -23.92 -63.48 47.87
CA ILE A 4658 -22.50 -63.77 47.58
C ILE A 4658 -22.33 -64.35 46.18
N ILE A 4659 -23.22 -65.27 45.79
CA ILE A 4659 -23.11 -65.88 44.47
C ILE A 4659 -23.33 -64.82 43.38
N GLY A 4660 -24.37 -64.00 43.54
CA GLY A 4660 -24.61 -62.89 42.61
C GLY A 4660 -23.47 -61.89 42.57
N TYR A 4661 -22.74 -61.73 43.68
CA TYR A 4661 -21.59 -60.83 43.67
C TYR A 4661 -20.43 -61.44 42.88
N ASN A 4662 -20.16 -62.73 43.07
CA ASN A 4662 -19.09 -63.35 42.28
C ASN A 4662 -19.43 -63.34 40.80
N CYS A 4663 -20.70 -63.54 40.48
CA CYS A 4663 -21.18 -63.48 39.11
C CYS A 4663 -21.11 -62.08 38.50
N LEU A 4664 -21.41 -61.04 39.27
CA LEU A 4664 -21.45 -59.70 38.70
C LEU A 4664 -20.25 -58.80 38.95
N LYS A 4665 -19.80 -58.62 40.19
CA LYS A 4665 -18.81 -57.60 40.46
C LYS A 4665 -17.40 -58.12 40.62
N VAL A 4666 -17.21 -59.43 40.73
CA VAL A 4666 -15.87 -59.99 40.77
C VAL A 4666 -15.20 -59.95 39.40
N PRO A 4667 -15.90 -60.15 38.24
CA PRO A 4667 -15.21 -59.99 36.93
C PRO A 4667 -14.54 -58.65 36.71
N LEU A 4668 -15.15 -57.54 37.14
CA LEU A 4668 -14.48 -56.25 37.00
C LEU A 4668 -13.25 -56.14 37.88
N VAL A 4669 -13.24 -56.79 39.04
CA VAL A 4669 -12.04 -56.79 39.89
C VAL A 4669 -10.91 -57.57 39.21
N ILE A 4670 -11.24 -58.71 38.59
CA ILE A 4670 -10.25 -59.50 37.85
C ILE A 4670 -9.77 -58.75 36.61
N PHE A 4671 -10.70 -58.12 35.88
CA PHE A 4671 -10.31 -57.35 34.71
C PHE A 4671 -9.40 -56.19 35.10
N LYS A 4672 -9.71 -55.52 36.22
CA LYS A 4672 -8.88 -54.40 36.64
C LYS A 4672 -7.49 -54.88 37.04
N ARG A 4673 -7.40 -56.11 37.54
CA ARG A 4673 -6.12 -56.54 38.08
C ARG A 4673 -5.26 -57.12 36.96
N GLU A 4674 -5.89 -57.82 36.02
CA GLU A 4674 -5.18 -58.26 34.83
C GLU A 4674 -4.73 -57.09 33.98
N LYS A 4675 -5.58 -56.06 33.84
CA LYS A 4675 -5.21 -54.91 33.03
C LYS A 4675 -4.02 -54.19 33.67
N GLU A 4676 -4.03 -54.06 35.01
CA GLU A 4676 -2.96 -53.35 35.69
C GLU A 4676 -1.67 -54.15 35.63
N LEU A 4677 -1.77 -55.48 35.76
CA LEU A 4677 -0.59 -56.33 35.65
C LEU A 4677 -0.02 -56.29 34.24
N ALA A 4678 -0.87 -56.36 33.22
CA ALA A 4678 -0.41 -56.36 31.84
C ALA A 4678 0.29 -55.06 31.48
N ARG A 4679 -0.25 -53.94 31.98
CA ARG A 4679 0.41 -52.65 31.76
C ARG A 4679 1.73 -52.54 32.51
N LYS A 4680 1.78 -53.00 33.77
CA LYS A 4680 3.05 -52.97 34.50
C LYS A 4680 4.08 -53.90 33.88
N LEU A 4681 3.65 -55.07 33.41
CA LEU A 4681 4.51 -56.01 32.70
C LEU A 4681 5.06 -55.46 31.40
N GLU A 4682 4.25 -54.71 30.65
CA GLU A 4682 4.68 -54.28 29.33
C GLU A 4682 5.30 -52.90 29.30
N PHE A 4683 4.64 -51.91 29.88
CA PHE A 4683 5.09 -50.54 29.76
C PHE A 4683 6.08 -50.15 30.85
N ASP A 4684 6.22 -50.96 31.89
CA ASP A 4684 7.10 -50.62 33.01
C ASP A 4684 8.14 -51.69 33.32
N GLY A 4685 8.01 -52.90 32.79
CA GLY A 4685 8.95 -53.99 33.09
C GLY A 4685 9.10 -54.31 34.55
N LEU A 4686 7.99 -54.36 35.29
CA LEU A 4686 8.05 -54.52 36.73
C LEU A 4686 8.62 -55.88 37.14
N TYR A 4687 8.18 -56.95 36.51
CA TYR A 4687 8.64 -58.27 36.95
C TYR A 4687 9.94 -58.69 36.32
N ILE A 4688 10.42 -57.95 35.33
CA ILE A 4688 11.63 -58.30 34.61
C ILE A 4688 12.72 -57.39 35.15
N THR A 4689 12.70 -56.14 34.68
CA THR A 4689 13.74 -55.17 35.02
C THR A 4689 13.66 -54.72 36.47
N GLU A 4690 12.45 -54.52 37.01
CA GLU A 4690 12.42 -53.93 38.35
C GLU A 4690 12.37 -54.91 39.52
N GLN A 4691 11.53 -55.98 39.44
CA GLN A 4691 11.25 -56.96 40.50
C GLN A 4691 10.49 -56.30 41.66
N PRO A 4692 9.24 -56.74 41.91
CA PRO A 4692 8.43 -56.12 42.96
C PRO A 4692 9.02 -56.28 44.35
N GLY A 4693 8.77 -55.28 45.19
CA GLY A 4693 9.23 -55.30 46.56
C GLY A 4693 8.46 -56.26 47.44
N ASP A 4694 9.09 -56.61 48.57
CA ASP A 4694 8.51 -57.54 49.52
C ASP A 4694 7.23 -57.00 50.14
N ASP A 4695 7.17 -55.68 50.38
CA ASP A 4695 5.98 -55.06 50.96
C ASP A 4695 4.75 -55.15 50.06
N ASP A 4696 4.93 -55.41 48.77
CA ASP A 4696 3.86 -55.44 47.78
C ASP A 4696 3.24 -56.82 47.83
N VAL A 4697 2.22 -56.98 48.68
CA VAL A 4697 1.49 -58.25 48.77
C VAL A 4697 0.80 -58.55 47.44
N LYS A 4698 0.26 -57.51 46.79
CA LYS A 4698 -0.36 -57.66 45.48
C LYS A 4698 0.67 -58.09 44.45
N GLY A 4699 1.84 -57.43 44.46
CA GLY A 4699 2.91 -57.76 43.54
C GLY A 4699 3.40 -59.18 43.71
N GLN A 4700 3.57 -59.63 44.96
CA GLN A 4700 4.05 -60.98 45.19
C GLN A 4700 3.01 -62.00 44.76
N TRP A 4701 1.72 -61.73 45.08
CA TRP A 4701 0.68 -62.70 44.75
C TRP A 4701 0.55 -62.85 43.24
N ASP A 4702 0.68 -61.74 42.51
CA ASP A 4702 0.48 -61.73 41.07
C ASP A 4702 1.54 -62.52 40.32
N ARG A 4703 2.65 -62.86 40.96
CA ARG A 4703 3.70 -63.68 40.34
C ARG A 4703 3.17 -65.05 39.93
N LEU A 4704 2.19 -65.57 40.67
CA LEU A 4704 1.62 -66.89 40.39
C LEU A 4704 0.95 -66.94 39.03
N VAL A 4705 0.32 -65.85 38.60
CA VAL A 4705 -0.49 -65.92 37.39
C VAL A 4705 0.33 -65.77 36.11
N LEU A 4706 1.54 -65.19 36.17
CA LEU A 4706 2.31 -64.87 34.96
C LEU A 4706 2.61 -66.10 34.12
N ASN A 4707 2.84 -67.25 34.75
CA ASN A 4707 3.26 -68.46 34.07
C ASN A 4707 2.06 -69.29 33.61
N THR A 4708 0.87 -68.78 33.76
CA THR A 4708 -0.28 -69.63 33.52
C THR A 4708 -0.75 -69.43 32.09
N PRO A 4709 -1.26 -70.48 31.44
CA PRO A 4709 -1.80 -70.32 30.08
C PRO A 4709 -2.89 -69.29 29.91
N SER A 4710 -3.82 -69.17 30.86
CA SER A 4710 -4.84 -68.13 30.78
C SER A 4710 -4.53 -66.96 31.73
N PHE A 4711 -3.37 -66.31 31.54
CA PHE A 4711 -3.10 -65.13 32.37
C PHE A 4711 -4.10 -64.02 32.05
N PRO A 4712 -4.47 -63.72 30.77
CA PRO A 4712 -5.61 -62.83 30.55
C PRO A 4712 -6.85 -63.61 30.11
N SER A 4713 -7.86 -63.64 30.97
CA SER A 4713 -9.12 -64.25 30.60
C SER A 4713 -10.28 -63.28 30.58
N ASN A 4714 -10.16 -62.12 31.21
CA ASN A 4714 -11.21 -61.13 31.20
C ASN A 4714 -10.85 -59.95 30.31
N TYR A 4715 -9.63 -59.44 30.45
CA TYR A 4715 -9.15 -58.32 29.66
C TYR A 4715 -9.05 -58.74 28.20
N TRP A 4716 -9.33 -57.82 27.28
CA TRP A 4716 -9.44 -58.22 25.89
C TRP A 4716 -8.15 -58.20 25.10
N ASP A 4717 -7.03 -57.80 25.69
CA ASP A 4717 -5.76 -57.87 24.98
C ASP A 4717 -5.20 -59.27 25.09
N LYS A 4718 -5.20 -60.00 23.98
CA LYS A 4718 -4.65 -61.35 23.93
C LYS A 4718 -3.20 -61.34 23.45
N PHE A 4719 -2.65 -60.16 23.21
CA PHE A 4719 -1.30 -60.01 22.70
C PHE A 4719 -0.33 -59.51 23.75
N VAL A 4720 -0.71 -59.57 25.04
CA VAL A 4720 0.15 -59.03 26.09
C VAL A 4720 1.47 -59.80 26.14
N LYS A 4721 1.38 -61.14 26.06
CA LYS A 4721 2.56 -61.99 26.20
C LYS A 4721 3.53 -61.73 25.07
N ARG A 4722 2.97 -61.61 23.84
CA ARG A 4722 3.76 -61.26 22.67
C ARG A 4722 4.41 -59.89 22.86
N LYS A 4723 3.64 -58.89 23.32
CA LYS A 4723 4.16 -57.53 23.39
C LYS A 4723 5.35 -57.44 24.35
N VAL A 4724 5.25 -58.13 25.48
CA VAL A 4724 6.35 -58.17 26.44
C VAL A 4724 7.53 -58.94 25.87
N LEU A 4725 7.27 -60.04 25.17
CA LEU A 4725 8.32 -60.81 24.51
C LEU A 4725 9.02 -59.99 23.43
N ASP A 4726 8.28 -59.20 22.68
CA ASP A 4726 8.90 -58.34 21.66
C ASP A 4726 9.73 -57.23 22.29
N LYS A 4727 9.16 -56.48 23.24
CA LYS A 4727 9.87 -55.33 23.79
C LYS A 4727 11.06 -55.71 24.68
N HIS A 4728 10.90 -56.72 25.54
CA HIS A 4728 11.94 -57.06 26.51
C HIS A 4728 12.72 -58.31 26.15
N GLY A 4729 12.45 -58.87 24.97
CA GLY A 4729 13.08 -60.13 24.57
C GLY A 4729 14.57 -60.03 24.33
N ASP A 4730 15.02 -58.94 23.72
CA ASP A 4730 16.42 -58.88 23.36
C ASP A 4730 17.32 -58.41 24.50
N ILE A 4731 16.92 -57.37 25.25
CA ILE A 4731 17.82 -56.84 26.25
C ILE A 4731 17.87 -57.71 27.52
N PHE A 4732 16.81 -58.48 27.83
CA PHE A 4732 16.85 -59.40 28.95
C PHE A 4732 16.86 -60.88 28.58
N GLY A 4733 16.68 -61.23 27.32
CA GLY A 4733 16.82 -62.62 26.92
C GLY A 4733 15.47 -63.27 26.73
N ARG A 4734 15.24 -63.71 25.47
CA ARG A 4734 13.95 -64.26 25.08
C ARG A 4734 13.60 -65.51 25.88
N GLU A 4735 14.58 -66.41 26.07
CA GLU A 4735 14.30 -67.65 26.78
C GLU A 4735 13.86 -67.37 28.21
N ARG A 4736 14.49 -66.39 28.86
CA ARG A 4736 14.19 -66.05 30.25
C ARG A 4736 12.79 -65.45 30.33
N ILE A 4737 12.45 -64.58 29.36
CA ILE A 4737 11.11 -63.98 29.36
C ILE A 4737 10.07 -65.06 29.10
N ALA A 4738 10.35 -65.95 28.12
CA ALA A 4738 9.41 -67.00 27.75
C ALA A 4738 9.17 -67.95 28.91
N GLU A 4739 10.20 -68.14 29.74
CA GLU A 4739 10.07 -68.99 30.92
C GLU A 4739 9.23 -68.29 31.97
N LEU A 4740 9.46 -66.98 32.14
CA LEU A 4740 8.72 -66.20 33.11
C LEU A 4740 7.22 -66.19 32.78
N LEU A 4741 6.90 -66.10 31.49
CA LEU A 4741 5.50 -65.93 31.08
C LEU A 4741 4.91 -67.19 30.47
N GLY A 4742 5.56 -68.35 30.64
CA GLY A 4742 5.05 -69.64 30.23
C GLY A 4742 4.63 -69.77 28.77
N MET A 4743 5.47 -69.29 27.87
CA MET A 4743 5.16 -69.25 26.44
C MET A 4743 6.30 -69.92 25.70
N ASP A 4744 5.97 -70.79 24.75
CA ASP A 4744 6.97 -71.58 24.05
C ASP A 4744 7.34 -70.96 22.71
N LEU A 4745 8.61 -70.54 22.60
CA LEU A 4745 9.13 -69.88 21.40
C LEU A 4745 9.05 -70.82 20.20
N ALA A 4746 9.35 -72.11 20.41
CA ALA A 4746 9.35 -73.05 19.30
C ALA A 4746 7.93 -73.20 18.76
N SER A 4747 6.93 -73.25 19.65
CA SER A 4747 5.55 -73.32 19.18
C SER A 4747 5.17 -72.02 18.47
N LEU A 4748 5.76 -70.89 18.89
CA LEU A 4748 5.52 -69.62 18.20
C LEU A 4748 6.02 -69.68 16.77
N GLU A 4749 7.19 -70.28 16.57
CA GLU A 4749 7.77 -70.47 15.25
C GLU A 4749 6.92 -71.39 14.37
N ASP A 4772 -6.92 -75.30 35.30
CA ASP A 4772 -5.87 -74.31 35.51
C ASP A 4772 -5.81 -73.89 36.96
N VAL A 4773 -5.35 -74.82 37.80
CA VAL A 4773 -5.36 -74.67 39.25
C VAL A 4773 -4.56 -73.45 39.69
N LYS A 4774 -3.44 -73.17 39.01
CA LYS A 4774 -2.59 -72.04 39.36
C LYS A 4774 -3.32 -70.72 39.16
N TYR A 4775 -4.05 -70.60 38.05
CA TYR A 4775 -4.88 -69.43 37.78
C TYR A 4775 -6.02 -69.34 38.78
N GLN A 4776 -6.68 -70.47 39.04
CA GLN A 4776 -7.83 -70.45 39.93
C GLN A 4776 -7.44 -70.09 41.36
N ILE A 4777 -6.27 -70.55 41.83
CA ILE A 4777 -5.79 -70.12 43.14
C ILE A 4777 -5.39 -68.66 43.14
N TRP A 4778 -4.94 -68.13 41.98
CA TRP A 4778 -4.68 -66.69 41.92
C TRP A 4778 -5.98 -65.93 42.06
N LYS A 4779 -7.00 -66.40 41.32
CA LYS A 4779 -8.28 -65.71 41.26
C LYS A 4779 -8.90 -65.71 42.64
N PHE A 4780 -8.74 -66.84 43.35
CA PHE A 4780 -9.29 -67.02 44.68
C PHE A 4780 -8.63 -66.04 45.65
N GLY A 4781 -7.30 -65.87 45.56
CA GLY A 4781 -6.64 -64.87 46.40
C GLY A 4781 -7.11 -63.46 46.10
N VAL A 4782 -7.50 -63.20 44.85
CA VAL A 4782 -7.89 -61.85 44.47
C VAL A 4782 -9.31 -61.58 44.95
N ILE A 4783 -10.20 -62.57 44.83
CA ILE A 4783 -11.55 -62.44 45.38
C ILE A 4783 -11.49 -62.38 46.90
N PHE A 4784 -10.68 -63.24 47.53
CA PHE A 4784 -10.64 -63.33 48.99
C PHE A 4784 -9.88 -62.19 49.64
N THR A 4785 -9.39 -61.23 48.87
CA THR A 4785 -8.78 -60.05 49.46
C THR A 4785 -9.52 -58.79 49.06
N ASP A 4786 -10.67 -58.93 48.41
CA ASP A 4786 -11.53 -57.80 48.05
C ASP A 4786 -12.38 -57.42 49.26
N ASN A 4787 -12.49 -56.11 49.52
CA ASN A 4787 -13.21 -55.66 50.71
C ASN A 4787 -14.70 -55.96 50.64
N SER A 4788 -15.32 -55.82 49.47
CA SER A 4788 -16.76 -56.05 49.37
C SER A 4788 -17.11 -57.53 49.53
N PHE A 4789 -16.22 -58.42 49.12
CA PHE A 4789 -16.58 -59.83 49.19
C PHE A 4789 -16.33 -60.30 50.59
N LEU A 4790 -15.37 -59.68 51.26
CA LEU A 4790 -15.06 -60.01 52.65
C LEU A 4790 -16.21 -59.58 53.53
N TYR A 4791 -16.76 -58.39 53.23
CA TYR A 4791 -17.95 -57.93 53.94
C TYR A 4791 -19.14 -58.85 53.69
N LEU A 4792 -19.35 -59.26 52.43
CA LEU A 4792 -20.51 -60.09 52.12
C LEU A 4792 -20.40 -61.47 52.77
N GLY A 4793 -19.17 -61.99 52.83
CA GLY A 4793 -18.94 -63.24 53.53
C GLY A 4793 -19.10 -63.12 55.03
N TRP A 4794 -18.66 -61.99 55.61
CA TRP A 4794 -18.90 -61.72 57.02
C TRP A 4794 -20.40 -61.64 57.31
N TYR A 4795 -21.14 -61.02 56.39
CA TYR A 4795 -22.60 -60.94 56.50
C TYR A 4795 -23.22 -62.33 56.53
N MET A 4796 -22.69 -63.24 55.69
CA MET A 4796 -23.18 -64.61 55.66
C MET A 4796 -22.75 -65.38 56.91
N VAL A 4797 -21.58 -65.06 57.46
CA VAL A 4797 -21.15 -65.68 58.71
C VAL A 4797 -22.10 -65.27 59.83
N MET A 4798 -22.38 -63.97 59.94
CA MET A 4798 -23.24 -63.48 61.01
C MET A 4798 -24.65 -64.05 60.84
N SER A 4799 -25.07 -64.25 59.59
CA SER A 4799 -26.35 -64.89 59.29
C SER A 4799 -26.34 -66.36 59.70
N LEU A 4800 -25.17 -66.99 59.68
CA LEU A 4800 -25.09 -68.41 59.97
C LEU A 4800 -25.04 -68.60 61.48
N LEU A 4801 -24.25 -67.76 62.16
CA LEU A 4801 -24.18 -67.75 63.61
C LEU A 4801 -25.53 -67.37 64.21
N GLY A 4802 -26.34 -66.59 63.46
CA GLY A 4802 -27.61 -66.17 63.97
C GLY A 4802 -28.66 -67.27 64.03
N HIS A 4803 -28.29 -68.48 63.61
CA HIS A 4803 -29.12 -69.66 63.74
C HIS A 4803 -28.72 -70.45 64.96
N TYR A 4804 -27.61 -70.07 65.60
CA TYR A 4804 -27.12 -70.60 66.86
C TYR A 4804 -27.63 -69.73 68.00
N ASN A 4805 -27.37 -68.42 67.92
CA ASN A 4805 -27.90 -67.46 68.88
C ASN A 4805 -28.78 -66.50 68.10
N ASN A 4806 -29.96 -66.18 68.61
CA ASN A 4806 -30.83 -65.38 67.77
C ASN A 4806 -30.50 -63.90 67.81
N PHE A 4807 -29.54 -63.50 68.64
CA PHE A 4807 -29.25 -62.08 68.84
C PHE A 4807 -28.08 -61.65 68.00
N PHE A 4808 -27.53 -62.58 67.21
CA PHE A 4808 -26.44 -62.29 66.32
C PHE A 4808 -26.95 -61.71 65.02
N PHE A 4809 -28.26 -61.52 64.92
CA PHE A 4809 -28.92 -61.05 63.72
C PHE A 4809 -29.04 -59.55 63.74
N ALA A 4810 -28.42 -58.91 64.72
CA ALA A 4810 -28.50 -57.47 64.91
C ALA A 4810 -27.27 -56.77 64.35
N ALA A 4811 -26.30 -57.54 63.88
CA ALA A 4811 -25.12 -56.97 63.24
C ALA A 4811 -25.48 -56.57 61.83
N HIS A 4812 -26.52 -57.20 61.28
CA HIS A 4812 -26.94 -56.97 59.93
C HIS A 4812 -27.51 -55.57 59.79
N LEU A 4813 -28.10 -55.03 60.86
CA LEU A 4813 -28.74 -53.72 60.80
C LEU A 4813 -27.74 -52.62 60.46
N LEU A 4814 -26.46 -52.85 60.73
CA LEU A 4814 -25.37 -51.92 60.46
C LEU A 4814 -25.13 -51.73 58.97
N ASP A 4815 -25.70 -52.58 58.12
CA ASP A 4815 -25.55 -52.49 56.68
C ASP A 4815 -26.31 -51.28 56.11
N ILE A 4816 -27.21 -50.66 56.89
CA ILE A 4816 -27.89 -49.45 56.44
C ILE A 4816 -26.86 -48.35 56.12
N ALA A 4817 -25.81 -48.27 56.94
CA ALA A 4817 -24.72 -47.32 56.73
C ALA A 4817 -23.97 -47.62 55.44
N MET A 4818 -23.77 -48.90 55.13
CA MET A 4818 -23.01 -49.33 53.96
C MET A 4818 -23.93 -49.71 52.82
N GLY A 4819 -25.15 -49.19 52.83
CA GLY A 4819 -26.19 -49.50 51.86
C GLY A 4819 -26.90 -48.25 51.40
N VAL A 4820 -27.71 -47.65 52.28
CA VAL A 4820 -28.37 -46.39 51.95
C VAL A 4820 -27.33 -45.29 51.72
N LYS A 4821 -27.62 -44.38 50.80
CA LYS A 4821 -26.62 -43.40 50.40
C LYS A 4821 -26.72 -42.09 51.18
N THR A 4822 -27.90 -41.80 51.75
CA THR A 4822 -27.99 -40.63 52.61
C THR A 4822 -27.16 -40.86 53.86
N LEU A 4823 -27.22 -42.07 54.41
CA LEU A 4823 -26.51 -42.37 55.63
C LEU A 4823 -25.02 -42.33 55.37
N ARG A 4824 -24.60 -42.82 54.21
CA ARG A 4824 -23.19 -42.79 53.83
C ARG A 4824 -22.71 -41.35 53.68
N THR A 4825 -23.58 -40.46 53.19
CA THR A 4825 -23.21 -39.05 53.13
C THR A 4825 -23.15 -38.41 54.51
N ILE A 4826 -24.07 -38.77 55.41
CA ILE A 4826 -24.02 -38.24 56.78
C ILE A 4826 -22.81 -38.79 57.52
N LEU A 4827 -22.40 -40.01 57.21
CA LEU A 4827 -21.33 -40.69 57.93
C LEU A 4827 -19.96 -40.40 57.35
N SER A 4828 -19.88 -39.91 56.12
CA SER A 4828 -18.61 -39.45 55.59
C SER A 4828 -18.08 -38.25 56.37
N SER A 4829 -18.97 -37.46 56.96
CA SER A 4829 -18.53 -36.36 57.82
C SER A 4829 -17.77 -36.88 59.04
N VAL A 4830 -18.25 -37.98 59.63
CA VAL A 4830 -17.54 -38.61 60.74
C VAL A 4830 -16.27 -39.32 60.27
N THR A 4831 -16.31 -39.98 59.12
CA THR A 4831 -15.14 -40.75 58.71
C THR A 4831 -14.07 -39.89 58.05
N HIS A 4832 -14.45 -38.73 57.53
CA HIS A 4832 -13.53 -37.85 56.81
C HIS A 4832 -12.41 -37.38 57.74
N ASN A 4833 -12.78 -36.88 58.91
CA ASN A 4833 -11.84 -36.35 59.87
C ASN A 4833 -11.61 -37.36 61.00
N GLY A 4834 -11.71 -38.65 60.66
CA GLY A 4834 -11.60 -39.71 61.64
C GLY A 4834 -10.25 -39.80 62.32
N LYS A 4835 -9.15 -39.63 61.56
CA LYS A 4835 -7.83 -39.62 62.17
C LYS A 4835 -7.68 -38.47 63.15
N GLN A 4836 -8.19 -37.29 62.79
CA GLN A 4836 -8.11 -36.15 63.68
C GLN A 4836 -8.96 -36.36 64.93
N LEU A 4837 -10.11 -37.03 64.77
CA LEU A 4837 -10.94 -37.35 65.93
C LEU A 4837 -10.28 -38.34 66.89
N VAL A 4838 -9.63 -39.38 66.36
CA VAL A 4838 -8.98 -40.32 67.26
C VAL A 4838 -7.74 -39.69 67.89
N MET A 4839 -7.09 -38.76 67.20
CA MET A 4839 -5.97 -38.04 67.79
C MET A 4839 -6.45 -37.11 68.90
N THR A 4840 -7.62 -36.47 68.70
CA THR A 4840 -8.21 -35.63 69.75
C THR A 4840 -8.63 -36.46 70.96
N VAL A 4841 -9.11 -37.68 70.73
CA VAL A 4841 -9.42 -38.58 71.83
C VAL A 4841 -8.16 -38.99 72.59
N GLY A 4842 -7.06 -39.22 71.87
CA GLY A 4842 -5.78 -39.49 72.52
C GLY A 4842 -5.25 -38.31 73.30
N LEU A 4843 -5.53 -37.10 72.81
CA LEU A 4843 -5.19 -35.89 73.56
C LEU A 4843 -6.04 -35.78 74.83
N LEU A 4844 -7.33 -36.11 74.74
CA LEU A 4844 -8.18 -36.14 75.93
C LEU A 4844 -7.67 -37.15 76.95
N ALA A 4845 -7.26 -38.32 76.47
CA ALA A 4845 -6.68 -39.37 77.31
C ALA A 4845 -5.40 -38.94 78.02
N VAL A 4846 -4.54 -38.19 77.33
CA VAL A 4846 -3.36 -37.60 77.98
C VAL A 4846 -3.72 -36.52 79.01
N VAL A 4847 -4.62 -35.59 78.68
CA VAL A 4847 -4.93 -34.54 79.65
C VAL A 4847 -5.70 -35.06 80.87
N VAL A 4848 -6.59 -36.04 80.70
CA VAL A 4848 -7.24 -36.64 81.86
C VAL A 4848 -6.21 -37.39 82.71
N TYR A 4849 -5.10 -37.81 82.11
CA TYR A 4849 -4.05 -38.45 82.88
C TYR A 4849 -3.28 -37.43 83.67
N LEU A 4850 -3.05 -36.25 83.08
CA LEU A 4850 -2.32 -35.21 83.80
C LEU A 4850 -3.10 -34.70 85.00
N TYR A 4851 -4.42 -34.57 84.84
CA TYR A 4851 -5.28 -34.26 85.98
C TYR A 4851 -5.31 -35.39 87.00
N THR A 4852 -5.29 -36.66 86.53
CA THR A 4852 -5.21 -37.79 87.46
C THR A 4852 -3.95 -37.73 88.31
N VAL A 4853 -2.82 -37.39 87.69
CA VAL A 4853 -1.54 -37.31 88.40
C VAL A 4853 -1.60 -36.22 89.47
N VAL A 4854 -2.15 -35.05 89.11
CA VAL A 4854 -2.28 -33.94 90.05
C VAL A 4854 -3.23 -34.25 91.21
N ALA A 4855 -4.33 -34.94 90.94
CA ALA A 4855 -5.18 -35.38 92.04
C ALA A 4855 -4.56 -36.48 92.90
N PHE A 4856 -3.88 -37.45 92.29
CA PHE A 4856 -3.35 -38.55 93.09
C PHE A 4856 -2.23 -38.07 94.00
N ASN A 4857 -1.42 -37.13 93.51
CA ASN A 4857 -0.35 -36.56 94.32
C ASN A 4857 -0.86 -35.59 95.38
N PHE A 4858 -1.89 -34.80 95.09
CA PHE A 4858 -2.27 -33.73 96.00
C PHE A 4858 -3.71 -33.71 96.51
N PHE A 4859 -4.62 -34.50 95.97
CA PHE A 4859 -6.04 -34.32 96.24
C PHE A 4859 -6.70 -35.66 96.54
N ARG A 4860 -5.97 -36.54 97.23
CA ARG A 4860 -6.41 -37.91 97.45
C ARG A 4860 -7.53 -38.04 98.45
N LYS A 4861 -7.91 -36.98 99.14
CA LYS A 4861 -8.80 -37.07 100.28
C LYS A 4861 -10.20 -36.65 99.94
N PHE A 4862 -10.41 -36.25 98.68
CA PHE A 4862 -11.68 -35.72 98.21
C PHE A 4862 -12.36 -36.71 97.26
N TYR A 4863 -11.99 -37.98 97.32
CA TYR A 4863 -12.42 -38.94 96.32
C TYR A 4863 -13.05 -40.16 96.97
N ASN A 4864 -13.62 -39.99 98.15
CA ASN A 4864 -14.38 -41.06 98.78
C ASN A 4864 -15.79 -41.10 98.23
N LYS A 4865 -16.14 -42.20 97.56
CA LYS A 4865 -17.41 -42.32 96.88
C LYS A 4865 -18.37 -43.17 97.68
N SER A 4866 -18.06 -43.41 98.95
CA SER A 4866 -18.88 -44.19 99.87
C SER A 4866 -19.56 -43.27 100.87
N GLU A 4867 -20.89 -43.37 100.96
CA GLU A 4867 -21.62 -42.61 101.96
C GLU A 4867 -21.28 -43.09 103.36
N ASP A 4868 -21.13 -44.41 103.53
CA ASP A 4868 -20.86 -45.01 104.83
C ASP A 4868 -19.54 -44.53 105.42
N GLU A 4869 -19.54 -44.33 106.73
CA GLU A 4869 -18.38 -43.82 107.46
C GLU A 4869 -17.53 -44.93 108.05
N ASP A 4870 -17.89 -46.19 107.80
CA ASP A 4870 -17.10 -47.32 108.29
C ASP A 4870 -16.25 -47.95 107.20
N GLU A 4871 -16.64 -47.84 105.93
CA GLU A 4871 -15.91 -48.48 104.84
C GLU A 4871 -15.65 -47.40 103.80
N PRO A 4872 -14.41 -47.02 103.58
CA PRO A 4872 -14.14 -45.93 102.65
C PRO A 4872 -13.83 -46.41 101.24
N ASP A 4873 -14.68 -46.02 100.30
CA ASP A 4873 -14.45 -46.35 98.89
C ASP A 4873 -13.64 -45.25 98.21
N MET A 4874 -12.39 -45.11 98.66
CA MET A 4874 -11.45 -44.16 98.09
C MET A 4874 -11.30 -44.48 96.61
N LYS A 4875 -11.39 -43.48 95.75
CA LYS A 4875 -11.19 -43.76 94.33
C LYS A 4875 -9.91 -43.15 93.78
N CYS A 4876 -9.01 -42.72 94.65
CA CYS A 4876 -7.73 -42.17 94.20
C CYS A 4876 -6.59 -42.72 95.03
N ASP A 4877 -6.72 -43.93 95.56
CA ASP A 4877 -5.66 -44.51 96.35
C ASP A 4877 -4.88 -45.49 95.50
N ASP A 4878 -5.13 -45.45 94.21
CA ASP A 4878 -4.51 -46.32 93.23
C ASP A 4878 -4.48 -45.49 91.96
N MET A 4879 -3.60 -45.86 91.03
CA MET A 4879 -3.49 -44.99 89.88
C MET A 4879 -4.27 -45.55 88.73
N MET A 4880 -4.52 -46.85 88.76
CA MET A 4880 -5.40 -47.48 87.80
C MET A 4880 -6.83 -47.08 88.09
N THR A 4881 -7.20 -47.13 89.37
CA THR A 4881 -8.55 -46.79 89.78
C THR A 4881 -8.80 -45.29 89.64
N CYS A 4882 -7.80 -44.45 89.99
CA CYS A 4882 -8.00 -43.01 89.85
C CYS A 4882 -8.11 -42.59 88.38
N TYR A 4883 -7.37 -43.26 87.49
CA TYR A 4883 -7.53 -43.02 86.07
C TYR A 4883 -8.86 -43.55 85.54
N LEU A 4884 -9.31 -44.71 86.02
CA LEU A 4884 -10.62 -45.20 85.61
C LEU A 4884 -11.72 -44.27 86.07
N PHE A 4885 -11.57 -43.71 87.27
CA PHE A 4885 -12.55 -42.78 87.83
C PHE A 4885 -12.58 -41.49 87.03
N HIS A 4886 -11.40 -40.95 86.73
CA HIS A 4886 -11.32 -39.67 86.03
C HIS A 4886 -11.84 -39.79 84.60
N MET A 4887 -11.49 -40.88 83.91
CA MET A 4887 -11.94 -41.07 82.54
C MET A 4887 -13.43 -41.35 82.47
N TYR A 4888 -13.93 -42.24 83.33
CA TYR A 4888 -15.35 -42.49 83.36
C TYR A 4888 -16.18 -41.30 83.85
N VAL A 4889 -16.14 -41.04 85.15
CA VAL A 4889 -17.01 -40.02 85.74
C VAL A 4889 -16.64 -38.59 85.31
N GLY A 4890 -15.35 -38.26 85.18
CA GLY A 4890 -14.98 -36.87 84.91
C GLY A 4890 -15.34 -36.47 83.49
N VAL A 4891 -15.19 -37.38 82.55
CA VAL A 4891 -15.45 -37.02 81.17
C VAL A 4891 -16.92 -37.25 80.86
N ARG A 4892 -17.63 -38.03 81.67
CA ARG A 4892 -19.05 -38.24 81.47
C ARG A 4892 -19.90 -37.33 82.33
N ALA A 4893 -19.27 -36.47 83.11
CA ALA A 4893 -20.00 -35.50 83.93
C ALA A 4893 -19.98 -34.15 83.24
N GLY A 4894 -21.02 -33.36 83.50
CA GLY A 4894 -21.19 -32.11 82.79
C GLY A 4894 -20.50 -30.98 83.50
N GLY A 4895 -20.26 -31.13 84.79
CA GLY A 4895 -19.47 -30.18 85.54
C GLY A 4895 -18.04 -30.60 85.74
N GLY A 4896 -17.67 -31.77 85.23
CA GLY A 4896 -16.32 -32.27 85.34
C GLY A 4896 -16.18 -33.13 86.57
N ILE A 4897 -14.97 -33.20 87.13
CA ILE A 4897 -14.74 -34.02 88.32
C ILE A 4897 -15.44 -33.45 89.55
N GLY A 4898 -15.61 -32.12 89.62
CA GLY A 4898 -16.18 -31.49 90.79
C GLY A 4898 -17.64 -31.72 90.97
N ASP A 4899 -18.30 -32.30 89.97
CA ASP A 4899 -19.70 -32.63 90.08
C ASP A 4899 -19.83 -34.04 90.64
N GLU A 4900 -18.69 -34.66 90.92
CA GLU A 4900 -18.62 -36.07 91.31
C GLU A 4900 -17.68 -36.31 92.48
N ILE A 4901 -17.11 -35.27 93.10
CA ILE A 4901 -16.13 -35.47 94.17
C ILE A 4901 -16.54 -34.61 95.35
N GLU A 4902 -15.84 -34.79 96.46
CA GLU A 4902 -16.19 -34.13 97.71
C GLU A 4902 -15.99 -32.63 97.63
N ASP A 4903 -16.77 -31.91 98.44
CA ASP A 4903 -16.74 -30.45 98.42
C ASP A 4903 -15.39 -29.91 98.88
N PRO A 4904 -14.87 -28.89 98.19
CA PRO A 4904 -13.54 -28.37 98.54
C PRO A 4904 -13.57 -27.36 99.67
N ALA A 4905 -14.76 -26.91 100.10
CA ALA A 4905 -14.89 -25.81 101.05
C ALA A 4905 -14.32 -26.13 102.43
N GLY A 4906 -13.55 -25.19 102.97
CA GLY A 4906 -13.01 -25.27 104.30
C GLY A 4906 -11.63 -25.91 104.40
N ASP A 4907 -11.20 -26.63 103.38
CA ASP A 4907 -9.87 -27.20 103.36
C ASP A 4907 -8.85 -26.11 103.05
N GLU A 4908 -7.59 -26.36 103.45
CA GLU A 4908 -6.51 -25.45 103.10
C GLU A 4908 -6.31 -25.40 101.59
N TYR A 4909 -6.52 -26.53 100.92
CA TYR A 4909 -6.32 -26.67 99.48
C TYR A 4909 -7.56 -26.30 98.69
N GLU A 4910 -8.47 -25.51 99.27
CA GLU A 4910 -9.75 -25.18 98.63
C GLU A 4910 -9.54 -24.43 97.32
N LEU A 4911 -8.66 -23.43 97.32
CA LEU A 4911 -8.47 -22.63 96.11
C LEU A 4911 -7.75 -23.44 95.04
N TYR A 4912 -6.92 -24.39 95.47
CA TYR A 4912 -6.25 -25.29 94.55
C TYR A 4912 -7.26 -26.22 93.90
N ARG A 4913 -8.19 -26.76 94.70
CA ARG A 4913 -9.23 -27.62 94.16
C ARG A 4913 -10.21 -26.86 93.28
N VAL A 4914 -10.44 -25.58 93.56
CA VAL A 4914 -11.27 -24.75 92.69
C VAL A 4914 -10.60 -24.57 91.33
N VAL A 4915 -9.30 -24.27 91.33
CA VAL A 4915 -8.59 -24.11 90.07
C VAL A 4915 -8.47 -25.44 89.33
N PHE A 4916 -8.29 -26.54 90.06
CA PHE A 4916 -8.27 -27.88 89.46
C PHE A 4916 -9.58 -28.19 88.73
N ASP A 4917 -10.73 -27.96 89.40
CA ASP A 4917 -12.01 -28.28 88.77
C ASP A 4917 -12.36 -27.33 87.64
N ILE A 4918 -12.06 -26.03 87.77
CA ILE A 4918 -12.47 -25.15 86.69
C ILE A 4918 -11.53 -25.29 85.50
N THR A 4919 -10.28 -25.71 85.72
CA THR A 4919 -9.39 -25.94 84.59
C THR A 4919 -9.78 -27.21 83.88
N PHE A 4920 -10.17 -28.25 84.64
CA PHE A 4920 -10.62 -29.50 84.05
C PHE A 4920 -11.91 -29.24 83.28
N PHE A 4921 -12.82 -28.43 83.84
CA PHE A 4921 -14.06 -28.08 83.17
C PHE A 4921 -13.80 -27.34 81.86
N PHE A 4922 -12.95 -26.32 81.89
CA PHE A 4922 -12.72 -25.54 80.68
C PHE A 4922 -11.95 -26.35 79.65
N PHE A 4923 -10.86 -27.00 80.07
CA PHE A 4923 -9.96 -27.68 79.15
C PHE A 4923 -10.53 -28.98 78.61
N VAL A 4924 -11.19 -29.78 79.43
CA VAL A 4924 -11.65 -31.09 79.02
C VAL A 4924 -13.13 -31.07 78.61
N ILE A 4925 -13.99 -30.54 79.46
CA ILE A 4925 -15.42 -30.59 79.19
C ILE A 4925 -15.80 -29.65 78.06
N VAL A 4926 -15.21 -28.47 78.02
CA VAL A 4926 -15.62 -27.46 77.07
C VAL A 4926 -14.79 -27.50 75.79
N ILE A 4927 -13.47 -27.28 75.89
CA ILE A 4927 -12.63 -27.15 74.70
C ILE A 4927 -12.55 -28.45 73.90
N LEU A 4928 -12.32 -29.59 74.56
CA LEU A 4928 -12.09 -30.82 73.80
C LEU A 4928 -13.35 -31.33 73.10
N LEU A 4929 -14.49 -31.21 73.76
CA LEU A 4929 -15.73 -31.62 73.11
C LEU A 4929 -16.08 -30.66 72.00
N ALA A 4930 -15.70 -29.39 72.16
CA ALA A 4930 -15.81 -28.42 71.09
C ALA A 4930 -14.91 -28.78 69.92
N ILE A 4931 -13.72 -29.35 70.17
CA ILE A 4931 -12.88 -29.78 69.06
C ILE A 4931 -13.52 -30.94 68.31
N ILE A 4932 -14.16 -31.86 69.04
CA ILE A 4932 -14.86 -32.97 68.39
C ILE A 4932 -16.04 -32.47 67.55
N GLN A 4933 -16.80 -31.53 68.11
CA GLN A 4933 -17.91 -30.93 67.39
C GLN A 4933 -17.42 -30.09 66.21
N GLY A 4934 -16.34 -29.34 66.39
CA GLY A 4934 -15.79 -28.55 65.30
C GLY A 4934 -15.22 -29.39 64.18
N LEU A 4935 -14.65 -30.55 64.51
CA LEU A 4935 -14.19 -31.47 63.47
C LEU A 4935 -15.35 -31.99 62.62
N ILE A 4936 -16.47 -32.35 63.25
CA ILE A 4936 -17.65 -32.75 62.47
C ILE A 4936 -18.23 -31.59 61.66
N ILE A 4937 -18.39 -30.40 62.28
CA ILE A 4937 -18.97 -29.25 61.58
C ILE A 4937 -18.06 -28.79 60.45
N ASP A 4938 -16.75 -28.82 60.68
CA ASP A 4938 -15.78 -28.52 59.63
C ASP A 4938 -15.90 -29.53 58.50
N ALA A 4939 -16.10 -30.82 58.83
CA ALA A 4939 -16.15 -31.85 57.81
C ALA A 4939 -17.32 -31.64 56.87
N PHE A 4940 -18.47 -31.20 57.42
CA PHE A 4940 -19.65 -30.90 56.60
C PHE A 4940 -19.37 -29.79 55.59
N GLY A 4941 -18.67 -28.75 56.03
CA GLY A 4941 -18.33 -27.65 55.16
C GLY A 4941 -17.31 -28.03 54.11
N GLU A 4942 -16.33 -28.86 54.49
CA GLU A 4942 -15.38 -29.35 53.51
C GLU A 4942 -16.07 -30.21 52.45
N LEU A 4943 -17.01 -31.06 52.86
CA LEU A 4943 -17.69 -31.92 51.89
C LEU A 4943 -18.56 -31.10 50.95
N ARG A 4944 -19.20 -30.04 51.48
CA ARG A 4944 -19.98 -29.16 50.60
C ARG A 4944 -19.07 -28.43 49.61
N ASP A 4945 -17.93 -27.91 50.11
CA ASP A 4945 -17.02 -27.17 49.24
C ASP A 4945 -16.50 -28.07 48.13
N GLN A 4946 -16.20 -29.32 48.46
CA GLN A 4946 -15.70 -30.27 47.47
C GLN A 4946 -16.75 -30.53 46.39
N GLN A 4947 -18.01 -30.70 46.81
CA GLN A 4947 -19.09 -30.91 45.82
C GLN A 4947 -19.27 -29.69 44.93
N GLU A 4948 -19.22 -28.50 45.54
CA GLU A 4948 -19.39 -27.26 44.79
C GLU A 4948 -18.23 -27.04 43.82
N GLN A 4949 -17.00 -27.32 44.25
CA GLN A 4949 -15.87 -27.20 43.33
C GLN A 4949 -15.94 -28.17 42.16
N VAL A 4950 -16.45 -29.39 42.37
CA VAL A 4950 -16.65 -30.31 41.25
C VAL A 4950 -17.70 -29.78 40.28
N LYS A 4951 -18.80 -29.26 40.82
CA LYS A 4951 -19.89 -28.73 39.99
C LYS A 4951 -19.43 -27.50 39.22
N GLU A 4952 -18.70 -26.61 39.89
CA GLU A 4952 -18.23 -25.38 39.28
C GLU A 4952 -17.18 -25.65 38.21
N ASP A 4953 -16.26 -26.60 38.44
CA ASP A 4953 -15.30 -26.95 37.40
C ASP A 4953 -16.01 -27.54 36.19
N MET A 4954 -16.99 -28.42 36.42
CA MET A 4954 -17.66 -29.04 35.28
C MET A 4954 -18.58 -28.08 34.56
N GLU A 4955 -18.99 -26.99 35.19
CA GLU A 4955 -19.93 -26.11 34.54
C GLU A 4955 -19.23 -24.89 33.96
N THR A 4956 -17.95 -24.71 34.28
CA THR A 4956 -17.18 -23.57 33.81
C THR A 4956 -16.02 -24.00 32.93
N LYS A 4957 -15.89 -25.29 32.61
CA LYS A 4957 -14.74 -25.75 31.84
C LYS A 4957 -15.13 -27.04 31.15
N CYS A 4958 -14.39 -27.42 30.11
CA CYS A 4958 -14.65 -28.65 29.41
C CYS A 4958 -13.69 -29.73 29.89
N PHE A 4959 -14.22 -30.93 30.09
CA PHE A 4959 -13.42 -32.06 30.53
C PHE A 4959 -12.33 -32.43 29.52
N ILE A 4960 -12.71 -32.55 28.25
CA ILE A 4960 -11.77 -33.04 27.24
C ILE A 4960 -10.68 -32.03 26.91
N CYS A 4961 -11.03 -30.75 26.80
CA CYS A 4961 -10.04 -29.79 26.31
C CYS A 4961 -9.62 -28.71 27.28
N GLY A 4962 -10.41 -28.42 28.31
CA GLY A 4962 -9.98 -27.47 29.31
C GLY A 4962 -10.20 -26.02 28.95
N ILE A 4963 -10.70 -25.74 27.75
CA ILE A 4963 -11.02 -24.37 27.37
C ILE A 4963 -12.26 -23.93 28.14
N GLY A 4964 -12.23 -22.70 28.64
CA GLY A 4964 -13.31 -22.25 29.50
C GLY A 4964 -14.60 -22.01 28.74
N SER A 4965 -15.69 -21.95 29.50
CA SER A 4965 -17.02 -21.75 28.92
C SER A 4965 -17.19 -20.41 28.24
N ASP A 4966 -16.38 -19.40 28.61
CA ASP A 4966 -16.47 -18.06 28.04
C ASP A 4966 -16.38 -18.07 26.52
N TYR A 4967 -15.32 -18.72 25.98
CA TYR A 4967 -15.05 -18.71 24.55
C TYR A 4967 -16.19 -19.37 23.80
N PHE A 4968 -16.65 -20.52 24.28
CA PHE A 4968 -17.71 -21.21 23.58
C PHE A 4968 -19.00 -20.40 23.69
N ASP A 4969 -19.21 -19.78 24.85
CA ASP A 4969 -20.42 -19.05 25.17
C ASP A 4969 -20.53 -17.72 24.44
N THR A 4970 -19.49 -17.29 23.72
CA THR A 4970 -19.61 -16.08 22.91
C THR A 4970 -20.74 -16.23 21.89
N THR A 4971 -20.83 -17.39 21.27
CA THR A 4971 -21.92 -17.78 20.40
C THR A 4971 -23.03 -18.34 21.30
N PRO A 4972 -24.31 -18.12 20.98
CA PRO A 4972 -25.38 -18.59 21.88
C PRO A 4972 -25.41 -20.12 21.99
N HIS A 4973 -25.47 -20.59 23.24
CA HIS A 4973 -25.50 -22.00 23.61
C HIS A 4973 -24.27 -22.76 23.08
N GLY A 4974 -23.15 -22.04 23.07
CA GLY A 4974 -21.91 -22.63 22.60
C GLY A 4974 -21.40 -23.71 23.53
N PHE A 4975 -21.47 -23.46 24.85
CA PHE A 4975 -20.92 -24.40 25.81
C PHE A 4975 -21.68 -25.72 25.77
N GLU A 4976 -23.02 -25.65 25.71
CA GLU A 4976 -23.82 -26.88 25.65
C GLU A 4976 -23.55 -27.61 24.35
N THR A 4977 -23.38 -26.85 23.26
CA THR A 4977 -23.05 -27.48 21.99
C THR A 4977 -21.70 -28.19 22.06
N HIS A 4978 -20.70 -27.55 22.69
CA HIS A 4978 -19.37 -28.14 22.81
C HIS A 4978 -19.40 -29.38 23.68
N THR A 4979 -20.04 -29.30 24.86
CA THR A 4979 -20.07 -30.42 25.77
C THR A 4979 -20.91 -31.58 25.23
N LEU A 4980 -22.05 -31.29 24.60
CA LEU A 4980 -22.92 -32.36 24.17
C LEU A 4980 -22.61 -32.87 22.77
N GLU A 4981 -21.71 -32.22 22.02
CA GLU A 4981 -21.50 -32.67 20.65
C GLU A 4981 -20.03 -32.83 20.31
N GLU A 4982 -19.31 -31.70 20.29
CA GLU A 4982 -17.93 -31.68 19.85
C GLU A 4982 -17.00 -32.46 20.76
N HIS A 4983 -17.12 -32.28 22.08
CA HIS A 4983 -16.21 -32.94 23.01
C HIS A 4983 -16.99 -33.64 24.12
N ASN A 4984 -17.90 -34.52 23.74
CA ASN A 4984 -18.67 -35.27 24.72
C ASN A 4984 -17.87 -36.47 25.20
N LEU A 4985 -17.68 -36.59 26.53
CA LEU A 4985 -16.87 -37.67 27.10
C LEU A 4985 -17.50 -39.01 26.76
N ALA A 4986 -18.83 -39.08 26.83
CA ALA A 4986 -19.58 -40.28 26.46
C ALA A 4986 -19.17 -40.74 25.07
N ASN A 4987 -19.02 -39.78 24.14
CA ASN A 4987 -18.71 -40.14 22.76
C ASN A 4987 -17.32 -40.73 22.66
N TYR A 4988 -16.38 -40.27 23.50
CA TYR A 4988 -15.05 -40.88 23.54
C TYR A 4988 -15.14 -42.31 24.03
N MET A 4989 -15.99 -42.57 25.02
CA MET A 4989 -16.18 -43.94 25.47
C MET A 4989 -16.81 -44.79 24.38
N PHE A 4990 -17.84 -44.27 23.72
CA PHE A 4990 -18.52 -44.99 22.65
C PHE A 4990 -17.58 -45.28 21.49
N PHE A 4991 -16.65 -44.36 21.25
CA PHE A 4991 -15.64 -44.53 20.22
C PHE A 4991 -14.71 -45.66 20.60
N LEU A 4992 -14.28 -45.69 21.85
CA LEU A 4992 -13.39 -46.76 22.31
C LEU A 4992 -14.09 -48.11 22.25
N MET A 4993 -15.39 -48.13 22.54
CA MET A 4993 -16.19 -49.34 22.39
C MET A 4993 -16.19 -49.82 20.94
N TYR A 4994 -16.41 -48.87 20.03
CA TYR A 4994 -16.43 -49.17 18.61
C TYR A 4994 -15.07 -49.67 18.14
N LEU A 4995 -14.00 -48.98 18.57
CA LEU A 4995 -12.65 -49.34 18.12
C LEU A 4995 -12.25 -50.73 18.61
N ILE A 4996 -12.54 -51.04 19.88
CA ILE A 4996 -12.21 -52.36 20.42
C ILE A 4996 -13.02 -53.45 19.74
N ASN A 4997 -14.32 -53.20 19.52
CA ASN A 4997 -15.17 -54.21 18.90
C ASN A 4997 -14.78 -54.44 17.43
N LYS A 4998 -14.42 -53.37 16.72
CA LYS A 4998 -14.10 -53.46 15.31
C LYS A 4998 -12.81 -54.24 15.08
N ASP A 4999 -12.87 -55.24 14.20
CA ASP A 4999 -11.68 -55.96 13.77
C ASP A 4999 -10.69 -54.99 13.12
N GLU A 5000 -9.41 -55.15 13.47
CA GLU A 5000 -8.38 -54.21 13.02
C GLU A 5000 -8.20 -54.17 11.50
N THR A 5001 -8.58 -55.24 10.80
CA THR A 5001 -8.50 -55.26 9.34
C THR A 5001 -9.34 -54.15 8.71
N GLU A 5002 -10.52 -53.89 9.28
CA GLU A 5002 -11.47 -52.96 8.68
C GLU A 5002 -11.26 -51.53 9.16
N HIS A 5003 -10.21 -51.30 9.94
CA HIS A 5003 -9.95 -49.99 10.51
C HIS A 5003 -9.58 -48.96 9.45
N THR A 5004 -10.19 -47.79 9.52
CA THR A 5004 -9.89 -46.68 8.62
C THR A 5004 -8.61 -46.01 9.12
N GLY A 5005 -8.07 -45.08 8.32
CA GLY A 5005 -6.76 -44.50 8.65
C GLY A 5005 -6.78 -43.78 9.99
N GLN A 5006 -7.82 -42.98 10.25
CA GLN A 5006 -7.87 -42.20 11.48
C GLN A 5006 -8.03 -43.16 12.65
N GLU A 5007 -8.86 -44.19 12.45
CA GLU A 5007 -9.14 -45.18 13.48
C GLU A 5007 -7.88 -45.96 13.81
N SER A 5008 -7.03 -46.23 12.81
CA SER A 5008 -5.81 -46.97 13.07
C SER A 5008 -4.76 -46.09 13.72
N TYR A 5009 -4.83 -44.77 13.47
CA TYR A 5009 -3.96 -43.84 14.18
C TYR A 5009 -4.32 -43.80 15.66
N VAL A 5010 -5.61 -43.75 15.95
CA VAL A 5010 -6.07 -43.72 17.34
C VAL A 5010 -5.82 -45.07 17.98
N TRP A 5011 -5.97 -46.15 17.21
CA TRP A 5011 -5.71 -47.49 17.71
C TRP A 5011 -4.25 -47.60 18.13
N LYS A 5012 -3.33 -47.14 17.27
CA LYS A 5012 -1.90 -47.29 17.54
C LYS A 5012 -1.53 -46.52 18.79
N MET A 5013 -2.11 -45.32 18.93
CA MET A 5013 -1.82 -44.48 20.09
C MET A 5013 -2.39 -45.10 21.36
N TYR A 5014 -3.56 -45.74 21.25
CA TYR A 5014 -4.15 -46.42 22.39
C TYR A 5014 -3.34 -47.63 22.80
N GLN A 5015 -2.87 -48.42 21.82
CA GLN A 5015 -2.06 -49.59 22.13
C GLN A 5015 -0.73 -49.21 22.78
N GLU A 5016 -0.19 -48.03 22.45
CA GLU A 5016 1.05 -47.62 23.11
C GLU A 5016 0.78 -46.71 24.30
N ARG A 5017 -0.49 -46.48 24.65
CA ARG A 5017 -0.90 -45.60 25.77
C ARG A 5017 -0.33 -44.20 25.66
N CYS A 5018 -0.38 -43.64 24.46
CA CYS A 5018 0.02 -42.27 24.24
C CYS A 5018 -1.27 -41.47 24.07
N TRP A 5019 -1.41 -40.41 24.85
CA TRP A 5019 -2.68 -39.72 24.90
C TRP A 5019 -2.62 -38.35 24.25
N ASP A 5020 -2.02 -38.28 23.08
CA ASP A 5020 -1.84 -37.00 22.43
C ASP A 5020 -2.90 -36.77 21.38
N PHE A 5021 -3.64 -37.82 21.02
CA PHE A 5021 -4.78 -37.64 20.12
C PHE A 5021 -5.87 -36.80 20.77
N PHE A 5022 -5.98 -36.85 22.11
CA PHE A 5022 -7.02 -36.10 22.82
C PHE A 5022 -6.75 -34.61 22.67
N PRO A 5023 -7.75 -33.80 22.35
CA PRO A 5023 -7.50 -32.37 22.11
C PRO A 5023 -7.26 -31.66 23.44
N ALA A 5024 -6.04 -31.17 23.63
CA ALA A 5024 -5.73 -30.41 24.83
C ALA A 5024 -5.51 -28.96 24.44
N GLY A 5025 -6.33 -28.08 24.99
CA GLY A 5025 -6.15 -26.66 24.76
C GLY A 5025 -6.63 -26.17 23.41
N ASP A 5026 -7.21 -27.03 22.59
CA ASP A 5026 -7.61 -26.66 21.24
C ASP A 5026 -8.87 -27.41 20.83
N CYS A 5027 -9.66 -26.76 19.98
CA CYS A 5027 -10.90 -27.34 19.48
C CYS A 5027 -11.02 -26.95 18.02
N PHE A 5028 -11.91 -27.66 17.30
CA PHE A 5028 -12.05 -27.46 15.87
C PHE A 5028 -12.56 -26.05 15.58
N ARG A 5029 -13.43 -25.53 16.46
CA ARG A 5029 -13.89 -24.15 16.34
C ARG A 5029 -12.71 -23.19 16.37
N LYS A 5030 -11.82 -23.38 17.35
CA LYS A 5030 -10.70 -22.46 17.53
C LYS A 5030 -9.76 -22.54 16.34
N GLN A 5031 -9.51 -23.76 15.84
CA GLN A 5031 -8.60 -23.92 14.71
C GLN A 5031 -9.17 -23.29 13.45
N TYR A 5032 -10.45 -23.53 13.16
CA TYR A 5032 -11.05 -23.09 11.91
C TYR A 5032 -11.93 -21.86 12.10
N GLU A 5033 -11.65 -21.05 13.13
CA GLU A 5033 -12.47 -19.90 13.48
C GLU A 5033 -12.55 -18.87 12.35
N ASP A 5034 -11.43 -18.59 11.68
CA ASP A 5034 -11.44 -17.65 10.56
C ASP A 5034 -12.30 -18.15 9.41
N GLN A 5035 -12.16 -19.43 9.05
CA GLN A 5035 -13.04 -20.01 8.02
C GLN A 5035 -14.48 -20.14 8.51
N LEU A 5036 -14.69 -20.49 9.78
CA LEU A 5036 -16.05 -20.68 10.27
C LEU A 5036 -16.84 -19.38 10.37
N SER A 5037 -16.16 -18.24 10.45
CA SER A 5037 -16.73 -16.88 10.46
C SER A 5037 -17.92 -16.63 9.53
N VAL B 11 -12.60 -22.57 -16.42
CA VAL B 11 -13.34 -23.81 -16.63
C VAL B 11 -14.26 -23.62 -17.84
N GLN B 12 -15.41 -22.97 -17.62
CA GLN B 12 -16.38 -22.59 -18.64
C GLN B 12 -16.90 -23.80 -19.43
N PHE B 13 -17.61 -24.66 -18.71
CA PHE B 13 -18.25 -25.82 -19.33
C PHE B 13 -19.59 -25.41 -19.94
N LEU B 14 -19.83 -25.86 -21.18
CA LEU B 14 -21.08 -25.58 -21.87
C LEU B 14 -22.26 -26.25 -21.18
N ARG B 15 -23.43 -25.64 -21.33
CA ARG B 15 -24.64 -26.14 -20.67
C ARG B 15 -25.84 -25.82 -21.55
N THR B 16 -26.92 -26.58 -21.35
CA THR B 16 -28.12 -26.41 -22.16
C THR B 16 -28.84 -25.13 -21.76
N ASP B 17 -29.77 -24.71 -22.62
CA ASP B 17 -30.62 -23.51 -22.52
C ASP B 17 -29.83 -22.22 -22.67
N ASP B 18 -28.52 -22.28 -22.85
CA ASP B 18 -27.68 -21.12 -23.10
C ASP B 18 -27.71 -20.81 -24.59
N GLU B 19 -26.93 -19.81 -25.00
CA GLU B 19 -26.85 -19.42 -26.39
C GLU B 19 -25.48 -19.75 -26.95
N VAL B 20 -25.45 -20.25 -28.19
CA VAL B 20 -24.23 -20.62 -28.89
C VAL B 20 -24.35 -20.17 -30.34
N VAL B 21 -23.24 -20.27 -31.07
CA VAL B 21 -23.21 -20.00 -32.49
C VAL B 21 -22.44 -21.11 -33.20
N LEU B 22 -23.03 -21.64 -34.26
CA LEU B 22 -22.28 -22.54 -35.14
C LEU B 22 -21.31 -21.74 -35.98
N GLN B 23 -20.09 -22.25 -36.11
CA GLN B 23 -18.97 -21.42 -36.55
C GLN B 23 -17.88 -22.28 -37.15
N CYS B 24 -17.32 -21.80 -38.27
CA CYS B 24 -16.39 -22.56 -39.08
C CYS B 24 -14.96 -22.07 -38.89
N SER B 25 -14.03 -22.75 -39.56
CA SER B 25 -12.66 -22.28 -39.74
C SER B 25 -12.19 -22.86 -41.08
N ALA B 26 -12.37 -22.10 -42.15
CA ALA B 26 -12.16 -22.57 -43.51
C ALA B 26 -10.89 -21.94 -44.09
N THR B 27 -10.40 -22.57 -45.16
CA THR B 27 -9.18 -22.14 -45.86
C THR B 27 -9.36 -22.22 -47.38
N VAL B 28 -9.83 -21.12 -47.96
CA VAL B 28 -9.90 -20.94 -49.40
C VAL B 28 -9.33 -19.57 -49.72
N LEU B 29 -8.89 -19.43 -50.98
CA LEU B 29 -8.25 -18.22 -51.52
C LEU B 29 -7.02 -17.80 -50.73
N LYS B 30 -6.40 -18.79 -50.06
CA LYS B 30 -5.19 -18.63 -49.27
C LYS B 30 -5.43 -17.69 -48.09
N GLU B 31 -6.53 -17.94 -47.37
CA GLU B 31 -6.71 -17.23 -46.10
C GLU B 31 -7.51 -18.09 -45.14
N GLN B 32 -7.37 -17.77 -43.86
CA GLN B 32 -8.06 -18.48 -42.78
C GLN B 32 -9.36 -17.76 -42.45
N LEU B 33 -10.31 -17.89 -43.38
CA LEU B 33 -11.61 -17.27 -43.19
C LEU B 33 -12.46 -18.04 -42.20
N LYS B 34 -13.20 -17.32 -41.37
CA LYS B 34 -13.99 -17.91 -40.31
C LYS B 34 -15.45 -17.58 -40.58
N LEU B 35 -16.29 -18.60 -40.63
CA LEU B 35 -17.65 -18.46 -41.10
C LEU B 35 -18.62 -18.76 -39.96
N CYS B 36 -19.91 -18.72 -40.28
CA CYS B 36 -20.95 -18.98 -39.30
C CYS B 36 -22.14 -19.59 -40.03
N LEU B 37 -23.01 -20.22 -39.24
CA LEU B 37 -24.28 -20.74 -39.73
C LEU B 37 -25.43 -19.82 -39.33
N ALA B 38 -26.17 -19.35 -40.31
CA ALA B 38 -27.32 -18.49 -40.06
C ALA B 38 -28.38 -18.79 -41.12
N ALA B 39 -29.64 -18.60 -40.73
CA ALA B 39 -30.76 -18.86 -41.62
C ALA B 39 -31.93 -17.96 -41.25
N GLU B 40 -32.57 -17.40 -42.28
CA GLU B 40 -33.79 -16.63 -42.07
C GLU B 40 -34.92 -17.50 -41.51
N GLY B 41 -35.04 -18.72 -42.04
CA GLY B 41 -36.08 -19.63 -41.61
C GLY B 41 -37.40 -19.35 -42.29
N PHE B 42 -38.01 -18.22 -41.96
CA PHE B 42 -39.28 -17.81 -42.54
C PHE B 42 -39.07 -17.46 -44.02
N GLY B 43 -39.55 -18.31 -44.91
CA GLY B 43 -39.41 -18.13 -46.33
C GLY B 43 -38.25 -18.90 -46.94
N ASN B 44 -37.27 -19.28 -46.13
CA ASN B 44 -36.15 -20.10 -46.59
C ASN B 44 -35.63 -20.87 -45.37
N ARG B 45 -36.04 -22.13 -45.26
CA ARG B 45 -35.62 -22.96 -44.13
C ARG B 45 -34.15 -23.33 -44.22
N LEU B 46 -33.60 -23.38 -45.43
CA LEU B 46 -32.22 -23.79 -45.66
C LEU B 46 -31.23 -22.79 -45.10
N CYS B 47 -30.10 -23.30 -44.61
CA CYS B 47 -29.07 -22.46 -44.03
C CYS B 47 -28.08 -22.02 -45.10
N PHE B 48 -27.06 -21.28 -44.67
CA PHE B 48 -25.99 -20.79 -45.54
C PHE B 48 -24.81 -20.41 -44.65
N LEU B 49 -23.73 -19.96 -45.29
CA LEU B 49 -22.52 -19.59 -44.59
C LEU B 49 -22.33 -18.08 -44.63
N GLU B 50 -22.26 -17.47 -43.45
CA GLU B 50 -22.06 -16.03 -43.35
C GLU B 50 -20.66 -15.75 -42.82
N PRO B 51 -19.80 -15.08 -43.59
CA PRO B 51 -18.45 -14.77 -43.11
C PRO B 51 -18.47 -13.88 -41.86
N THR B 52 -17.55 -14.14 -40.94
CA THR B 52 -17.51 -13.44 -39.67
C THR B 52 -16.11 -12.95 -39.31
N SER B 53 -15.04 -13.57 -39.85
CA SER B 53 -13.66 -13.20 -39.54
C SER B 53 -13.36 -11.75 -39.89
N ASN B 54 -13.94 -11.25 -40.99
CA ASN B 54 -13.83 -9.85 -41.38
C ASN B 54 -14.82 -9.04 -40.54
N ALA B 55 -14.54 -8.97 -39.24
CA ALA B 55 -15.43 -8.36 -38.25
C ALA B 55 -15.22 -6.87 -38.08
N GLN B 56 -14.27 -6.27 -38.77
CA GLN B 56 -14.03 -4.84 -38.64
C GLN B 56 -14.41 -4.06 -39.89
N ASN B 57 -14.20 -4.64 -41.08
CA ASN B 57 -14.65 -3.99 -42.30
C ASN B 57 -16.17 -4.08 -42.44
N VAL B 58 -16.74 -5.25 -42.16
CA VAL B 58 -18.19 -5.45 -42.25
C VAL B 58 -18.72 -6.11 -40.97
N PRO B 59 -19.84 -5.64 -40.45
CA PRO B 59 -20.44 -6.24 -39.25
C PRO B 59 -21.02 -7.62 -39.55
N PRO B 60 -21.14 -8.49 -38.54
CA PRO B 60 -21.78 -9.78 -38.75
C PRO B 60 -23.28 -9.74 -38.45
N ASP B 61 -23.97 -10.76 -38.97
CA ASP B 61 -25.41 -10.91 -38.73
C ASP B 61 -25.65 -11.75 -37.48
N LEU B 62 -25.58 -11.08 -36.33
CA LEU B 62 -25.71 -11.78 -35.06
C LEU B 62 -27.16 -12.14 -34.77
N ALA B 63 -28.13 -11.47 -35.39
CA ALA B 63 -29.52 -11.77 -35.09
C ALA B 63 -29.95 -13.10 -35.69
N ILE B 64 -29.19 -13.65 -36.62
CA ILE B 64 -29.52 -14.92 -37.26
C ILE B 64 -28.45 -15.98 -37.05
N CYS B 65 -27.25 -15.61 -36.60
CA CYS B 65 -26.25 -16.65 -36.34
C CYS B 65 -26.45 -17.34 -35.01
N CYS B 66 -27.31 -16.81 -34.14
CA CYS B 66 -27.52 -17.34 -32.80
C CYS B 66 -28.22 -18.70 -32.84
N PHE B 67 -27.90 -19.55 -31.85
CA PHE B 67 -28.51 -20.86 -31.70
C PHE B 67 -28.57 -21.25 -30.24
N THR B 68 -29.57 -22.06 -29.88
CA THR B 68 -29.82 -22.39 -28.48
C THR B 68 -29.87 -23.90 -28.30
N LEU B 69 -29.23 -24.36 -27.23
CA LEU B 69 -29.16 -25.78 -26.84
C LEU B 69 -30.37 -26.09 -25.96
N GLU B 70 -31.46 -26.53 -26.58
CA GLU B 70 -32.69 -26.77 -25.82
C GLU B 70 -32.59 -28.01 -24.94
N GLN B 71 -32.38 -29.18 -25.54
CA GLN B 71 -32.27 -30.41 -24.79
C GLN B 71 -31.03 -31.17 -25.21
N SER B 72 -30.34 -31.75 -24.22
CA SER B 72 -29.18 -32.60 -24.46
C SER B 72 -29.43 -33.92 -23.75
N LEU B 73 -29.63 -34.97 -24.53
CA LEU B 73 -29.98 -36.29 -24.02
C LEU B 73 -28.98 -37.33 -24.50
N SER B 74 -28.81 -38.39 -23.72
CA SER B 74 -27.99 -39.52 -24.13
C SER B 74 -28.65 -40.24 -25.30
N VAL B 75 -27.84 -41.00 -26.06
CA VAL B 75 -28.32 -41.70 -27.24
C VAL B 75 -29.44 -42.68 -26.89
N ARG B 76 -29.24 -43.45 -25.82
CA ARG B 76 -30.26 -44.39 -25.36
C ARG B 76 -31.54 -43.68 -24.93
N ALA B 77 -31.41 -42.67 -24.05
CA ALA B 77 -32.59 -41.91 -23.61
C ALA B 77 -33.27 -41.22 -24.79
N LEU B 78 -32.51 -40.87 -25.83
CA LEU B 78 -33.09 -40.39 -27.07
C LEU B 78 -33.94 -41.47 -27.72
N GLN B 79 -33.45 -42.72 -27.69
CA GLN B 79 -34.19 -43.81 -28.33
C GLN B 79 -35.52 -44.04 -27.61
N GLU B 80 -35.47 -44.15 -26.28
CA GLU B 80 -36.71 -44.35 -25.51
C GLU B 80 -37.65 -43.16 -25.61
N MET B 81 -37.12 -41.94 -25.61
CA MET B 81 -37.92 -40.73 -25.81
C MET B 81 -38.61 -40.74 -27.17
N LEU B 82 -37.90 -41.13 -28.23
CA LEU B 82 -38.50 -41.26 -29.54
C LEU B 82 -39.52 -42.38 -29.59
N ALA B 83 -39.27 -43.48 -28.88
CA ALA B 83 -40.20 -44.61 -28.84
C ALA B 83 -41.50 -44.22 -28.16
N ASN B 84 -41.43 -43.45 -27.08
CA ASN B 84 -42.63 -43.02 -26.38
C ASN B 84 -43.20 -41.76 -27.02
N HIS B 98 -31.41 -27.10 -16.54
CA HIS B 98 -30.08 -26.73 -17.00
C HIS B 98 -29.07 -27.85 -16.81
N ARG B 99 -29.25 -28.95 -17.51
CA ARG B 99 -28.32 -30.07 -17.42
C ARG B 99 -27.09 -29.79 -18.28
N THR B 100 -25.92 -30.13 -17.75
CA THR B 100 -24.68 -29.85 -18.43
C THR B 100 -24.52 -30.77 -19.64
N LEU B 101 -23.97 -30.23 -20.73
CA LEU B 101 -23.70 -31.01 -21.93
C LEU B 101 -22.67 -32.09 -21.63
N LEU B 102 -22.79 -33.22 -22.32
CA LEU B 102 -21.83 -34.30 -22.24
C LEU B 102 -21.53 -34.81 -23.64
N TYR B 103 -20.26 -35.17 -23.88
CA TYR B 103 -19.83 -35.65 -25.19
C TYR B 103 -20.57 -36.94 -25.55
N GLY B 104 -20.87 -37.09 -26.83
CA GLY B 104 -21.58 -38.25 -27.32
C GLY B 104 -23.08 -38.20 -27.12
N HIS B 105 -23.60 -37.19 -26.42
CA HIS B 105 -25.03 -37.08 -26.22
C HIS B 105 -25.71 -36.60 -27.49
N ALA B 106 -27.02 -36.46 -27.42
CA ALA B 106 -27.82 -35.94 -28.54
C ALA B 106 -28.36 -34.58 -28.13
N ILE B 107 -28.02 -33.55 -28.89
CA ILE B 107 -28.40 -32.18 -28.55
C ILE B 107 -29.48 -31.72 -29.51
N LEU B 108 -30.25 -30.73 -29.05
CA LEU B 108 -31.36 -30.16 -29.81
C LEU B 108 -31.06 -28.69 -30.07
N LEU B 109 -30.76 -28.37 -31.33
CA LEU B 109 -30.43 -27.01 -31.72
C LEU B 109 -31.66 -26.29 -32.23
N ARG B 110 -31.92 -25.10 -31.66
CA ARG B 110 -33.07 -24.29 -32.03
C ARG B 110 -32.58 -22.91 -32.42
N HIS B 111 -32.91 -22.49 -33.64
CA HIS B 111 -32.57 -21.15 -34.09
C HIS B 111 -33.27 -20.12 -33.21
N ALA B 112 -32.51 -19.13 -32.74
CA ALA B 112 -32.99 -18.19 -31.73
C ALA B 112 -34.14 -17.35 -32.26
N HIS B 113 -34.02 -16.85 -33.48
CA HIS B 113 -35.05 -15.98 -34.04
C HIS B 113 -36.22 -16.76 -34.63
N SER B 114 -35.97 -17.55 -35.66
CA SER B 114 -37.03 -18.23 -36.40
C SER B 114 -37.79 -19.25 -35.56
N ARG B 115 -37.22 -19.69 -34.44
CA ARG B 115 -37.72 -20.67 -33.48
C ARG B 115 -37.79 -22.09 -34.06
N MET B 116 -37.41 -22.26 -35.32
CA MET B 116 -37.35 -23.55 -35.97
C MET B 116 -36.08 -24.29 -35.56
N TYR B 117 -36.16 -25.61 -35.52
CA TYR B 117 -35.06 -26.44 -35.08
C TYR B 117 -34.21 -26.85 -36.26
N LEU B 118 -32.89 -26.91 -36.06
CA LEU B 118 -32.01 -27.44 -37.10
C LEU B 118 -32.22 -28.94 -37.28
N SER B 119 -32.17 -29.39 -38.53
CA SER B 119 -32.36 -30.80 -38.85
C SER B 119 -31.77 -31.09 -40.22
N CYS B 120 -31.69 -32.37 -40.53
CA CYS B 120 -31.21 -32.83 -41.83
C CYS B 120 -32.40 -33.01 -42.77
N LEU B 121 -32.48 -32.18 -43.82
CA LEU B 121 -33.58 -32.26 -44.76
C LEU B 121 -33.43 -33.49 -45.66
N THR B 122 -34.55 -34.12 -45.98
CA THR B 122 -34.54 -35.32 -46.80
C THR B 122 -34.11 -35.03 -48.23
N THR B 123 -34.70 -34.02 -48.85
CA THR B 123 -34.41 -33.69 -50.24
C THR B 123 -33.33 -32.62 -50.31
N SER B 124 -32.38 -32.82 -51.23
CA SER B 124 -31.24 -31.91 -51.38
C SER B 124 -31.17 -31.38 -52.79
N ARG B 125 -30.77 -30.11 -52.91
CA ARG B 125 -30.62 -29.43 -54.19
C ARG B 125 -29.16 -29.30 -54.61
N SER B 126 -28.21 -29.76 -53.80
CA SER B 126 -26.79 -29.68 -54.14
C SER B 126 -26.50 -30.59 -55.33
N MET B 127 -26.34 -29.98 -56.50
CA MET B 127 -26.13 -30.72 -57.74
C MET B 127 -24.70 -31.20 -57.91
N THR B 128 -23.76 -30.68 -57.10
CA THR B 128 -22.35 -31.01 -57.26
C THR B 128 -22.08 -32.48 -56.95
N ASP B 129 -22.67 -32.99 -55.89
CA ASP B 129 -22.39 -34.34 -55.42
C ASP B 129 -23.68 -35.06 -55.05
N LYS B 130 -23.65 -36.39 -55.15
CA LYS B 130 -24.72 -37.22 -54.64
C LYS B 130 -24.44 -37.50 -53.18
N LEU B 131 -25.30 -38.34 -52.55
CA LEU B 131 -25.21 -38.84 -51.16
C LEU B 131 -25.06 -37.72 -50.12
N ALA B 132 -25.35 -36.47 -50.49
CA ALA B 132 -25.16 -35.32 -49.62
C ALA B 132 -26.50 -34.60 -49.48
N PHE B 133 -27.04 -34.62 -48.28
CA PHE B 133 -28.28 -33.92 -48.00
C PHE B 133 -27.97 -32.53 -47.45
N ASP B 134 -28.98 -31.67 -47.45
CA ASP B 134 -28.79 -30.30 -47.01
C ASP B 134 -29.41 -30.08 -45.63
N VAL B 135 -28.81 -29.19 -44.88
CA VAL B 135 -29.29 -28.85 -43.56
C VAL B 135 -30.32 -27.72 -43.71
N GLY B 136 -31.32 -27.72 -42.84
CA GLY B 136 -32.36 -26.72 -42.90
C GLY B 136 -33.01 -26.48 -41.55
N LEU B 137 -34.21 -25.91 -41.57
CA LEU B 137 -34.94 -25.61 -40.36
C LEU B 137 -36.29 -26.31 -40.36
N GLN B 138 -36.61 -26.98 -39.27
CA GLN B 138 -37.82 -27.76 -39.14
C GLN B 138 -38.75 -27.09 -38.12
N GLU B 139 -40.06 -27.20 -38.39
CA GLU B 139 -41.07 -26.45 -37.63
C GLU B 139 -41.09 -26.84 -36.16
N ASP B 140 -41.01 -28.14 -35.86
CA ASP B 140 -41.12 -28.59 -34.49
C ASP B 140 -39.98 -29.52 -34.10
N ALA B 141 -40.06 -30.10 -32.90
CA ALA B 141 -39.05 -31.02 -32.41
C ALA B 141 -39.39 -32.48 -32.69
N THR B 142 -40.44 -32.73 -33.44
CA THR B 142 -40.85 -34.10 -33.76
C THR B 142 -39.82 -34.80 -34.63
N GLY B 143 -39.75 -36.12 -34.48
CA GLY B 143 -38.82 -36.92 -35.25
C GLY B 143 -37.43 -36.94 -34.62
N GLU B 144 -36.50 -37.52 -35.37
CA GLU B 144 -35.12 -37.65 -34.94
C GLU B 144 -34.16 -36.71 -35.64
N ALA B 145 -34.53 -36.20 -36.83
CA ALA B 145 -33.66 -35.32 -37.59
C ALA B 145 -33.31 -34.04 -36.84
N CYS B 146 -34.21 -33.57 -35.98
CA CYS B 146 -33.97 -32.37 -35.18
C CYS B 146 -32.86 -32.54 -34.17
N TRP B 147 -32.43 -33.76 -33.89
CA TRP B 147 -31.40 -34.04 -32.91
C TRP B 147 -30.07 -34.28 -33.59
N TRP B 148 -29.01 -33.85 -32.92
CA TRP B 148 -27.65 -34.00 -33.42
C TRP B 148 -26.79 -34.57 -32.31
N THR B 149 -25.84 -35.42 -32.68
CA THR B 149 -24.91 -36.01 -31.73
C THR B 149 -23.54 -35.39 -31.92
N MET B 150 -22.95 -34.91 -30.83
CA MET B 150 -21.66 -34.24 -30.87
C MET B 150 -20.56 -35.17 -30.38
N HIS B 151 -19.44 -35.16 -31.10
CA HIS B 151 -18.35 -36.06 -30.77
C HIS B 151 -17.07 -35.26 -30.54
N PRO B 152 -16.18 -35.75 -29.67
CA PRO B 152 -14.85 -35.14 -29.56
C PRO B 152 -14.09 -35.23 -30.87
N ALA B 153 -13.28 -34.19 -31.15
CA ALA B 153 -12.53 -34.13 -32.39
C ALA B 153 -11.52 -35.26 -32.49
N SER B 154 -10.79 -35.53 -31.40
CA SER B 154 -9.78 -36.57 -31.39
C SER B 154 -9.74 -37.16 -29.98
N LYS B 155 -8.74 -38.01 -29.74
CA LYS B 155 -8.61 -38.71 -28.47
C LYS B 155 -8.24 -37.81 -27.30
N GLN B 156 -7.84 -36.56 -27.54
CA GLN B 156 -7.51 -35.65 -26.43
C GLN B 156 -8.72 -35.30 -25.58
N ARG B 157 -9.93 -35.44 -26.12
CA ARG B 157 -11.16 -35.38 -25.35
C ARG B 157 -11.84 -36.74 -25.42
N SER B 158 -12.40 -37.18 -24.30
CA SER B 158 -13.03 -38.48 -24.20
C SER B 158 -14.54 -38.37 -24.38
N GLU B 159 -15.15 -39.48 -24.78
CA GLU B 159 -16.60 -39.52 -24.91
C GLU B 159 -17.25 -39.54 -23.54
N GLY B 160 -18.33 -38.77 -23.39
CA GLY B 160 -19.09 -38.72 -22.17
C GLY B 160 -18.74 -37.59 -21.23
N GLU B 161 -17.66 -36.86 -21.47
CA GLU B 161 -17.29 -35.77 -20.58
C GLU B 161 -17.88 -34.45 -21.06
N LYS B 162 -18.04 -33.55 -20.10
CA LYS B 162 -18.60 -32.22 -20.37
C LYS B 162 -17.65 -31.40 -21.23
N VAL B 163 -18.23 -30.61 -22.12
CA VAL B 163 -17.49 -29.85 -23.13
C VAL B 163 -17.26 -28.43 -22.62
N ARG B 164 -16.01 -27.98 -22.72
CA ARG B 164 -15.63 -26.61 -22.38
C ARG B 164 -15.84 -25.69 -23.57
N VAL B 165 -15.64 -24.39 -23.34
CA VAL B 165 -15.80 -23.42 -24.41
C VAL B 165 -14.67 -23.56 -25.42
N GLY B 166 -14.99 -23.29 -26.69
CA GLY B 166 -13.99 -23.30 -27.73
C GLY B 166 -13.47 -24.65 -28.16
N ASP B 167 -13.98 -25.74 -27.58
CA ASP B 167 -13.53 -27.07 -27.97
C ASP B 167 -13.94 -27.38 -29.40
N ASP B 168 -13.00 -27.94 -30.15
CA ASP B 168 -13.27 -28.32 -31.54
C ASP B 168 -14.15 -29.57 -31.55
N LEU B 169 -15.30 -29.47 -32.21
CA LEU B 169 -16.32 -30.51 -32.12
C LEU B 169 -16.72 -30.98 -33.50
N ILE B 170 -17.46 -32.10 -33.52
CA ILE B 170 -18.02 -32.67 -34.74
C ILE B 170 -19.45 -33.10 -34.41
N LEU B 171 -20.41 -32.71 -35.24
CA LEU B 171 -21.82 -33.04 -35.04
C LEU B 171 -22.24 -34.12 -36.04
N VAL B 172 -23.07 -35.05 -35.58
CA VAL B 172 -23.58 -36.12 -36.44
C VAL B 172 -25.11 -36.14 -36.32
N SER B 173 -25.79 -36.10 -37.45
CA SER B 173 -27.25 -36.17 -37.48
C SER B 173 -27.71 -37.57 -37.16
N VAL B 174 -28.71 -37.67 -36.27
CA VAL B 174 -29.23 -38.97 -35.88
C VAL B 174 -29.96 -39.65 -37.04
N SER B 175 -30.77 -38.88 -37.78
CA SER B 175 -31.62 -39.45 -38.82
C SER B 175 -30.83 -39.93 -40.02
N SER B 176 -29.80 -39.19 -40.43
CA SER B 176 -29.10 -39.50 -41.67
C SER B 176 -27.71 -40.09 -41.47
N GLU B 177 -27.15 -39.98 -40.25
CA GLU B 177 -25.80 -40.45 -39.91
C GLU B 177 -24.74 -39.82 -40.83
N ARG B 178 -25.00 -38.59 -41.25
CA ARG B 178 -24.13 -37.88 -42.18
C ARG B 178 -23.48 -36.69 -41.48
N TYR B 179 -22.16 -36.61 -41.61
CA TYR B 179 -21.41 -35.47 -41.12
C TYR B 179 -21.86 -34.20 -41.83
N LEU B 180 -22.15 -33.16 -41.05
CA LEU B 180 -22.45 -31.87 -41.67
C LEU B 180 -21.18 -31.35 -42.34
N HIS B 181 -21.27 -31.08 -43.63
CA HIS B 181 -20.10 -30.89 -44.47
C HIS B 181 -20.27 -29.65 -45.32
N LEU B 182 -19.23 -28.84 -45.41
CA LEU B 182 -19.27 -27.65 -46.23
C LEU B 182 -18.93 -28.00 -47.68
N SER B 183 -19.77 -27.56 -48.62
CA SER B 183 -19.60 -27.87 -50.04
C SER B 183 -18.50 -26.98 -50.61
N THR B 184 -17.26 -27.39 -50.35
CA THR B 184 -16.10 -26.64 -50.85
C THR B 184 -15.89 -26.86 -52.34
N ALA B 185 -16.45 -27.93 -52.90
CA ALA B 185 -16.27 -28.25 -54.32
C ALA B 185 -16.85 -27.18 -55.23
N SER B 186 -18.03 -26.66 -54.89
CA SER B 186 -18.62 -25.58 -55.65
C SER B 186 -17.88 -24.28 -55.38
N GLY B 187 -18.11 -23.29 -56.25
CA GLY B 187 -17.48 -21.99 -56.09
C GLY B 187 -17.89 -21.30 -54.80
N GLU B 188 -19.17 -21.37 -54.46
CA GLU B 188 -19.67 -20.81 -53.22
C GLU B 188 -19.53 -21.82 -52.09
N LEU B 189 -19.56 -21.32 -50.87
CA LEU B 189 -19.40 -22.15 -49.68
C LEU B 189 -20.76 -22.32 -49.01
N GLN B 190 -21.30 -23.53 -49.10
CA GLN B 190 -22.56 -23.90 -48.48
C GLN B 190 -22.27 -24.86 -47.34
N VAL B 191 -23.33 -25.40 -46.73
CA VAL B 191 -23.22 -26.45 -45.73
C VAL B 191 -24.23 -27.54 -46.07
N ASP B 192 -23.75 -28.78 -46.09
CA ASP B 192 -24.59 -29.92 -46.47
C ASP B 192 -24.36 -31.05 -45.46
N ALA B 193 -24.87 -32.24 -45.74
CA ALA B 193 -24.72 -33.40 -44.86
C ALA B 193 -24.19 -34.57 -45.68
N SER B 194 -22.91 -34.88 -45.53
CA SER B 194 -22.28 -35.94 -46.29
C SER B 194 -21.45 -36.78 -45.32
N PHE B 195 -20.55 -37.60 -45.85
CA PHE B 195 -19.74 -38.47 -45.02
C PHE B 195 -18.36 -37.91 -44.74
N MET B 196 -18.11 -36.66 -45.09
CA MET B 196 -16.86 -35.97 -44.79
C MET B 196 -17.08 -35.02 -43.62
N GLN B 197 -16.26 -35.15 -42.58
CA GLN B 197 -16.45 -34.39 -41.36
C GLN B 197 -16.05 -32.92 -41.53
N THR B 198 -16.50 -32.11 -40.57
CA THR B 198 -16.13 -30.70 -40.47
C THR B 198 -15.88 -30.39 -39.00
N LEU B 199 -14.94 -29.50 -38.75
CA LEU B 199 -14.55 -29.11 -37.39
C LEU B 199 -15.26 -27.84 -37.00
N TRP B 200 -15.89 -27.84 -35.82
CA TRP B 200 -16.84 -26.81 -35.41
C TRP B 200 -16.46 -26.19 -34.09
N ASN B 201 -16.49 -24.86 -34.06
CA ASN B 201 -16.23 -24.08 -32.86
C ASN B 201 -17.56 -23.64 -32.27
N MET B 202 -17.81 -24.01 -31.02
CA MET B 202 -19.06 -23.73 -30.34
C MET B 202 -18.77 -22.66 -29.30
N ASN B 203 -18.83 -21.40 -29.72
CA ASN B 203 -18.53 -20.27 -28.85
C ASN B 203 -19.81 -19.73 -28.26
N PRO B 204 -19.97 -19.75 -26.94
CA PRO B 204 -21.22 -19.27 -26.34
C PRO B 204 -21.38 -17.76 -26.47
N ILE B 205 -22.64 -17.34 -26.44
CA ILE B 205 -23.02 -15.93 -26.52
C ILE B 205 -23.47 -15.41 -25.16
N CYS B 206 -24.37 -16.13 -24.50
CA CYS B 206 -24.92 -15.73 -23.22
C CYS B 206 -25.01 -16.91 -22.28
N SER B 207 -24.96 -16.63 -20.98
CA SER B 207 -25.13 -17.67 -19.97
C SER B 207 -26.38 -17.46 -19.14
N CYS B 208 -26.52 -16.32 -18.46
CA CYS B 208 -27.66 -16.06 -17.58
C CYS B 208 -27.84 -14.56 -17.44
N CYS B 209 -28.96 -14.03 -17.92
CA CYS B 209 -29.33 -12.65 -17.69
C CYS B 209 -30.55 -12.59 -16.76
N GLU B 210 -30.43 -11.82 -15.69
CA GLU B 210 -31.51 -11.69 -14.71
C GLU B 210 -32.55 -10.70 -15.24
N GLU B 211 -33.52 -10.35 -14.40
CA GLU B 211 -34.63 -9.52 -14.85
C GLU B 211 -34.21 -8.06 -14.91
N GLY B 212 -34.33 -7.47 -16.09
CA GLY B 212 -34.08 -6.05 -16.29
C GLY B 212 -32.65 -5.59 -16.15
N TYR B 213 -31.68 -6.35 -16.63
CA TYR B 213 -30.30 -5.90 -16.76
C TYR B 213 -29.94 -5.86 -18.24
N VAL B 214 -29.46 -4.70 -18.69
CA VAL B 214 -29.21 -4.48 -20.11
C VAL B 214 -27.91 -5.18 -20.50
N THR B 215 -28.00 -6.06 -21.49
CA THR B 215 -26.85 -6.81 -21.99
C THR B 215 -26.75 -6.62 -23.50
N GLY B 216 -25.55 -6.92 -24.02
CA GLY B 216 -25.32 -6.80 -25.44
C GLY B 216 -26.10 -7.83 -26.24
N GLY B 217 -26.40 -7.49 -27.49
CA GLY B 217 -27.16 -8.36 -28.37
C GLY B 217 -28.65 -8.15 -28.31
N HIS B 218 -29.14 -7.34 -27.38
CA HIS B 218 -30.57 -7.12 -27.20
C HIS B 218 -31.08 -6.11 -28.22
N VAL B 219 -32.17 -6.45 -28.88
CA VAL B 219 -32.92 -5.47 -29.66
C VAL B 219 -33.81 -4.71 -28.68
N LEU B 220 -33.74 -3.39 -28.70
CA LEU B 220 -34.46 -2.63 -27.68
C LEU B 220 -34.68 -1.20 -28.15
N ARG B 221 -35.44 -0.46 -27.35
CA ARG B 221 -35.61 0.98 -27.54
C ARG B 221 -34.84 1.77 -26.49
N LEU B 222 -34.55 3.01 -26.84
CA LEU B 222 -33.81 3.95 -26.00
C LEU B 222 -34.70 5.14 -25.65
N PHE B 223 -35.43 5.04 -24.55
CA PHE B 223 -36.25 6.14 -24.09
C PHE B 223 -35.40 7.29 -23.56
N HIS B 224 -36.01 8.45 -23.47
CA HIS B 224 -35.46 9.56 -22.74
C HIS B 224 -36.08 9.52 -21.35
N GLY B 225 -35.40 10.16 -20.38
CA GLY B 225 -35.82 10.16 -18.98
C GLY B 225 -37.22 10.71 -18.73
N HIS B 226 -37.77 11.48 -19.67
CA HIS B 226 -39.08 12.10 -19.57
C HIS B 226 -40.21 11.12 -19.91
N MET B 227 -39.88 9.90 -20.37
CA MET B 227 -40.76 8.79 -20.76
C MET B 227 -41.57 9.05 -22.04
N ASP B 228 -41.43 10.21 -22.69
CA ASP B 228 -42.26 10.52 -23.84
C ASP B 228 -41.47 10.57 -25.13
N GLU B 229 -40.47 11.46 -25.22
CA GLU B 229 -39.65 11.51 -26.43
C GLU B 229 -38.75 10.28 -26.51
N CYS B 230 -38.49 9.84 -27.74
CA CYS B 230 -38.00 8.51 -27.99
C CYS B 230 -37.23 8.52 -29.30
N LEU B 231 -36.19 7.70 -29.39
CA LEU B 231 -35.31 7.72 -30.56
C LEU B 231 -35.99 6.96 -31.69
N THR B 232 -36.38 7.68 -32.74
CA THR B 232 -37.03 7.08 -33.91
C THR B 232 -36.41 7.64 -35.19
N ILE B 233 -36.29 6.78 -36.18
CA ILE B 233 -36.01 7.25 -37.54
C ILE B 233 -37.33 7.65 -38.18
N SER B 234 -37.27 8.29 -39.34
CA SER B 234 -38.46 8.71 -40.07
C SER B 234 -39.33 7.52 -40.46
N ALA B 235 -40.60 7.80 -40.70
CA ALA B 235 -41.56 6.75 -41.05
C ALA B 235 -41.27 6.21 -42.44
N ALA B 236 -41.83 5.03 -42.72
CA ALA B 236 -41.61 4.33 -43.99
C ALA B 236 -42.19 5.11 -45.15
N ASP B 237 -41.58 4.89 -46.33
CA ASP B 237 -41.95 5.53 -47.61
C ASP B 237 -41.87 7.06 -47.51
N SER B 238 -40.66 7.55 -47.28
CA SER B 238 -40.40 8.97 -47.15
C SER B 238 -39.22 9.38 -48.01
N ASP B 239 -39.28 10.61 -48.52
CA ASP B 239 -38.21 11.20 -49.31
C ASP B 239 -36.95 11.41 -48.47
N ASP B 240 -37.11 11.57 -47.16
CA ASP B 240 -36.00 11.77 -46.23
C ASP B 240 -35.06 10.57 -46.17
N GLN B 241 -35.48 9.40 -46.66
CA GLN B 241 -34.77 8.11 -46.68
C GLN B 241 -34.54 7.55 -45.29
N ARG B 242 -35.22 8.10 -44.27
CA ARG B 242 -35.29 7.54 -42.92
C ARG B 242 -33.93 7.45 -42.25
N ARG B 243 -33.02 8.34 -42.61
CA ARG B 243 -31.64 8.29 -42.19
C ARG B 243 -31.31 9.25 -41.06
N LEU B 244 -32.31 9.80 -40.38
CA LEU B 244 -32.07 10.77 -39.33
C LEU B 244 -32.81 10.36 -38.07
N VAL B 245 -32.17 10.49 -36.92
CA VAL B 245 -32.74 10.12 -35.63
C VAL B 245 -33.44 11.34 -35.04
N TYR B 246 -34.64 11.14 -34.49
CA TYR B 246 -35.42 12.21 -33.90
C TYR B 246 -35.91 11.76 -32.54
N TYR B 247 -35.86 12.67 -31.57
CA TYR B 247 -36.46 12.48 -30.24
C TYR B 247 -37.97 12.71 -30.34
N GLU B 248 -38.64 11.77 -31.01
CA GLU B 248 -40.05 11.89 -31.33
C GLU B 248 -40.88 11.23 -30.22
N GLY B 249 -41.90 11.94 -29.74
CA GLY B 249 -42.71 11.47 -28.66
C GLY B 249 -44.07 10.94 -29.11
N GLY B 250 -44.85 10.50 -28.13
CA GLY B 250 -46.17 9.95 -28.39
C GLY B 250 -46.15 8.47 -28.74
N ALA B 251 -47.09 8.05 -29.58
CA ALA B 251 -47.19 6.67 -30.04
C ALA B 251 -46.29 6.38 -31.25
N VAL B 252 -45.28 7.21 -31.49
CA VAL B 252 -44.40 7.02 -32.63
C VAL B 252 -43.52 5.79 -32.44
N CYS B 253 -43.01 5.58 -31.22
CA CYS B 253 -42.08 4.47 -31.01
C CYS B 253 -42.75 3.27 -30.33
N THR B 254 -44.01 3.02 -30.66
CA THR B 254 -44.58 1.71 -30.43
C THR B 254 -44.47 0.84 -31.68
N HIS B 255 -43.81 1.35 -32.71
CA HIS B 255 -43.70 0.69 -34.01
C HIS B 255 -42.34 0.02 -34.15
N ALA B 256 -42.16 -0.68 -35.27
CA ALA B 256 -40.93 -1.42 -35.55
C ALA B 256 -39.80 -0.53 -36.04
N ARG B 257 -40.07 0.73 -36.39
CA ARG B 257 -39.05 1.63 -36.89
C ARG B 257 -38.07 2.09 -35.83
N SER B 258 -38.36 1.87 -34.55
CA SER B 258 -37.62 2.47 -33.46
C SER B 258 -36.99 1.43 -32.54
N LEU B 259 -36.38 0.40 -33.12
CA LEU B 259 -35.71 -0.63 -32.35
C LEU B 259 -34.23 -0.62 -32.70
N TRP B 260 -33.38 -0.56 -31.68
CA TRP B 260 -31.94 -0.59 -31.85
C TRP B 260 -31.36 -1.84 -31.22
N ARG B 261 -30.29 -2.35 -31.83
CA ARG B 261 -29.63 -3.55 -31.36
C ARG B 261 -28.22 -3.21 -30.88
N LEU B 262 -27.90 -3.62 -29.66
CA LEU B 262 -26.59 -3.40 -29.05
C LEU B 262 -25.64 -4.49 -29.52
N GLU B 263 -24.92 -4.25 -30.62
CA GLU B 263 -24.13 -5.32 -31.22
C GLU B 263 -22.64 -5.07 -31.01
N PRO B 264 -21.95 -5.78 -30.10
CA PRO B 264 -20.52 -5.52 -29.89
C PRO B 264 -19.62 -6.03 -31.01
N LEU B 265 -18.32 -5.88 -30.82
CA LEU B 265 -17.32 -6.29 -31.82
C LEU B 265 -16.86 -7.72 -31.64
N ARG B 266 -16.78 -8.19 -30.39
CA ARG B 266 -16.25 -9.52 -30.09
C ARG B 266 -17.14 -10.61 -30.69
N ILE B 267 -16.53 -11.52 -31.43
CA ILE B 267 -17.30 -12.60 -32.03
C ILE B 267 -17.79 -13.57 -30.96
N SER B 268 -16.89 -14.01 -30.08
CA SER B 268 -17.25 -14.85 -28.96
C SER B 268 -17.69 -14.00 -27.78
N TRP B 269 -18.70 -14.49 -27.05
CA TRP B 269 -19.30 -13.80 -25.91
C TRP B 269 -19.82 -12.41 -26.27
N SER B 270 -20.39 -12.28 -27.48
CA SER B 270 -20.96 -11.01 -27.90
C SER B 270 -22.17 -10.60 -27.07
N GLY B 271 -22.85 -11.55 -26.45
CA GLY B 271 -24.01 -11.25 -25.62
C GLY B 271 -23.65 -10.99 -24.18
N SER B 272 -22.37 -10.70 -23.93
CA SER B 272 -21.89 -10.42 -22.59
C SER B 272 -22.55 -9.17 -22.02
N HIS B 273 -22.65 -9.14 -20.69
CA HIS B 273 -23.27 -8.02 -19.98
C HIS B 273 -22.48 -6.75 -20.26
N LEU B 274 -23.21 -5.64 -20.40
CA LEU B 274 -22.60 -4.38 -20.78
C LEU B 274 -21.62 -3.86 -19.74
N ARG B 275 -20.40 -3.59 -20.19
CA ARG B 275 -19.44 -2.84 -19.41
C ARG B 275 -19.28 -1.47 -20.07
N TRP B 276 -19.33 -0.42 -19.24
CA TRP B 276 -19.37 0.95 -19.74
C TRP B 276 -18.11 1.27 -20.54
N GLY B 277 -18.29 1.96 -21.66
CA GLY B 277 -17.15 2.32 -22.48
C GLY B 277 -16.55 1.17 -23.27
N GLN B 278 -17.38 0.29 -23.81
CA GLN B 278 -16.84 -0.75 -24.67
C GLN B 278 -17.27 -0.50 -26.11
N PRO B 279 -16.48 -0.89 -27.10
CA PRO B 279 -16.88 -0.63 -28.50
C PRO B 279 -18.04 -1.53 -28.91
N LEU B 280 -19.07 -0.91 -29.49
CA LEU B 280 -20.25 -1.64 -29.92
C LEU B 280 -20.98 -0.84 -30.99
N ARG B 281 -21.46 -1.55 -32.01
CA ARG B 281 -22.25 -0.97 -33.07
C ARG B 281 -23.71 -0.86 -32.65
N ILE B 282 -24.45 -0.03 -33.37
CA ILE B 282 -25.89 0.16 -33.21
C ILE B 282 -26.54 0.01 -34.57
N ARG B 283 -27.58 -0.82 -34.65
CA ARG B 283 -28.19 -1.14 -35.94
C ARG B 283 -29.69 -0.89 -35.88
N HIS B 284 -30.25 -0.48 -37.01
CA HIS B 284 -31.70 -0.49 -37.17
C HIS B 284 -32.14 -1.88 -37.63
N VAL B 285 -33.33 -2.29 -37.19
CA VAL B 285 -33.73 -3.68 -37.38
C VAL B 285 -34.35 -3.91 -38.76
N THR B 286 -35.35 -3.11 -39.16
CA THR B 286 -36.08 -3.37 -40.40
C THR B 286 -35.26 -3.01 -41.63
N THR B 287 -34.56 -1.87 -41.59
CA THR B 287 -33.77 -1.48 -42.75
C THR B 287 -32.39 -2.14 -42.76
N GLY B 288 -31.96 -2.68 -41.62
CA GLY B 288 -30.66 -3.32 -41.50
C GLY B 288 -29.52 -2.35 -41.73
N ARG B 289 -29.61 -1.19 -41.10
CA ARG B 289 -28.61 -0.14 -41.28
C ARG B 289 -28.05 0.29 -39.93
N TYR B 290 -26.77 0.66 -39.95
CA TYR B 290 -25.98 0.98 -38.77
C TYR B 290 -25.77 2.48 -38.66
N LEU B 291 -26.00 3.03 -37.47
CA LEU B 291 -25.66 4.43 -37.20
C LEU B 291 -24.17 4.66 -37.42
N ALA B 292 -23.85 5.69 -38.21
CA ALA B 292 -22.47 6.04 -38.53
C ALA B 292 -22.33 7.56 -38.57
N LEU B 293 -21.11 8.01 -38.25
CA LEU B 293 -20.75 9.42 -38.34
C LEU B 293 -20.17 9.65 -39.74
N THR B 294 -21.02 10.05 -40.67
CA THR B 294 -20.58 10.25 -42.03
C THR B 294 -20.05 11.69 -42.20
N GLU B 295 -19.22 11.87 -43.22
CA GLU B 295 -18.53 13.14 -43.41
C GLU B 295 -19.44 14.24 -43.95
N ASP B 296 -20.50 13.89 -44.68
CA ASP B 296 -21.34 14.89 -45.33
C ASP B 296 -22.63 15.19 -44.59
N GLN B 297 -23.28 14.19 -44.00
CA GLN B 297 -24.56 14.38 -43.32
C GLN B 297 -24.51 14.05 -41.84
N GLY B 298 -23.32 13.94 -41.27
CA GLY B 298 -23.14 13.68 -39.85
C GLY B 298 -23.61 12.31 -39.40
N LEU B 299 -24.68 12.25 -38.61
CA LEU B 299 -25.16 10.99 -38.05
C LEU B 299 -26.25 10.43 -38.97
N VAL B 300 -25.92 9.38 -39.73
CA VAL B 300 -26.90 8.71 -40.58
C VAL B 300 -26.75 7.20 -40.45
N VAL B 301 -27.77 6.47 -40.85
CA VAL B 301 -27.68 5.02 -40.92
C VAL B 301 -27.18 4.64 -42.31
N VAL B 302 -26.21 3.72 -42.34
CA VAL B 302 -25.54 3.28 -43.55
C VAL B 302 -25.60 1.76 -43.59
N ASP B 303 -25.51 1.21 -44.80
CA ASP B 303 -25.61 -0.23 -45.00
C ASP B 303 -24.47 -0.99 -44.31
N ALA B 304 -24.60 -2.32 -44.28
CA ALA B 304 -23.58 -3.18 -43.69
C ALA B 304 -22.30 -3.25 -44.53
N CYS B 305 -22.32 -2.76 -45.76
CA CYS B 305 -21.12 -2.75 -46.60
C CYS B 305 -20.23 -1.55 -46.34
N LYS B 306 -20.68 -0.60 -45.52
CA LYS B 306 -19.94 0.63 -45.23
C LYS B 306 -19.90 0.93 -43.74
N ALA B 307 -19.91 -0.11 -42.91
CA ALA B 307 -19.78 0.04 -41.45
C ALA B 307 -18.35 -0.39 -41.12
N HIS B 308 -17.42 0.57 -41.23
CA HIS B 308 -16.00 0.33 -41.08
C HIS B 308 -15.49 0.32 -39.64
N THR B 309 -16.40 0.29 -38.66
CA THR B 309 -16.17 0.12 -37.20
C THR B 309 -15.55 1.39 -36.59
N LYS B 310 -15.19 2.36 -37.44
CA LYS B 310 -14.64 3.62 -36.96
C LYS B 310 -15.77 4.60 -36.68
N ALA B 311 -16.61 4.86 -37.67
CA ALA B 311 -17.72 5.78 -37.50
C ALA B 311 -18.95 5.13 -36.89
N THR B 312 -19.01 3.80 -36.81
CA THR B 312 -20.21 3.12 -36.31
C THR B 312 -20.13 2.75 -34.84
N SER B 313 -18.94 2.46 -34.31
CA SER B 313 -18.82 2.04 -32.93
C SER B 313 -19.15 3.17 -31.96
N PHE B 314 -19.75 2.81 -30.83
CA PHE B 314 -20.09 3.77 -29.79
C PHE B 314 -19.81 3.14 -28.44
N CYS B 315 -20.11 3.88 -27.36
CA CYS B 315 -19.82 3.43 -26.00
C CYS B 315 -20.84 4.02 -25.04
N PHE B 316 -20.90 3.44 -23.85
CA PHE B 316 -21.76 3.91 -22.76
C PHE B 316 -20.94 4.36 -21.55
N ARG B 317 -21.54 5.22 -20.74
CA ARG B 317 -20.92 5.69 -19.50
C ARG B 317 -21.98 6.32 -18.61
N VAL B 318 -21.57 6.74 -17.41
CA VAL B 318 -22.49 7.23 -16.40
C VAL B 318 -22.69 8.74 -16.47
N SER B 319 -21.66 9.53 -16.76
CA SER B 319 -21.77 10.98 -16.74
C SER B 319 -21.00 11.56 -17.91
N LYS B 320 -20.96 12.89 -17.99
CA LYS B 320 -20.30 13.58 -19.09
C LYS B 320 -18.85 13.95 -18.79
N GLU B 321 -18.34 13.59 -17.61
CA GLU B 321 -16.95 13.88 -17.28
C GLU B 321 -16.01 12.95 -18.06
N LYS B 322 -14.85 13.49 -18.42
CA LYS B 322 -13.89 12.72 -19.22
C LYS B 322 -13.20 11.66 -18.38
N LEU B 323 -13.27 10.41 -18.84
CA LEU B 323 -12.62 9.31 -18.14
C LEU B 323 -11.29 8.96 -18.80
N PRO B 327 -12.04 1.56 -24.72
CA PRO B 327 -12.22 0.12 -24.86
C PRO B 327 -11.39 -0.68 -23.87
N LYS B 328 -12.04 -1.52 -23.08
CA LYS B 328 -11.39 -2.37 -22.10
C LYS B 328 -11.21 -3.77 -22.66
N ARG B 329 -10.30 -4.52 -22.03
CA ARG B 329 -10.02 -5.90 -22.42
C ARG B 329 -11.25 -6.77 -22.23
N ASP B 330 -11.55 -7.59 -23.24
CA ASP B 330 -12.73 -8.43 -23.22
C ASP B 330 -12.64 -9.50 -22.14
N VAL B 331 -13.77 -9.75 -21.48
CA VAL B 331 -13.86 -10.78 -20.45
C VAL B 331 -14.64 -11.97 -21.02
N GLU B 332 -14.08 -13.16 -20.84
CA GLU B 332 -14.69 -14.38 -21.37
C GLU B 332 -15.71 -14.89 -20.35
N GLY B 333 -16.86 -14.23 -20.34
CA GLY B 333 -17.91 -14.59 -19.40
C GLY B 333 -19.13 -13.72 -19.62
N MET B 334 -20.15 -13.99 -18.79
CA MET B 334 -21.41 -13.27 -18.86
C MET B 334 -21.20 -11.78 -18.60
N GLY B 335 -20.50 -11.45 -17.51
CA GLY B 335 -20.23 -10.07 -17.20
C GLY B 335 -20.95 -9.58 -15.97
N PRO B 336 -20.35 -8.62 -15.26
CA PRO B 336 -20.96 -8.13 -14.02
C PRO B 336 -22.20 -7.31 -14.31
N PRO B 337 -23.16 -7.27 -13.37
CA PRO B 337 -24.36 -6.45 -13.56
C PRO B 337 -24.10 -4.95 -13.41
N GLU B 338 -24.15 -4.22 -14.52
CA GLU B 338 -23.84 -2.80 -14.54
C GLU B 338 -25.03 -1.92 -14.87
N ILE B 339 -25.68 -2.17 -16.01
CA ILE B 339 -26.76 -1.31 -16.50
C ILE B 339 -28.08 -2.04 -16.36
N LYS B 340 -29.03 -1.39 -15.70
CA LYS B 340 -30.37 -1.93 -15.51
C LYS B 340 -31.35 -1.32 -16.50
N TYR B 341 -32.56 -1.88 -16.52
CA TYR B 341 -33.62 -1.46 -17.44
C TYR B 341 -34.58 -0.54 -16.71
N GLY B 342 -34.82 0.64 -17.28
CA GLY B 342 -35.69 1.63 -16.71
C GLY B 342 -35.04 2.57 -15.72
N GLU B 343 -33.79 2.31 -15.33
CA GLU B 343 -33.03 3.15 -14.42
C GLU B 343 -31.62 3.27 -14.99
N SER B 344 -30.70 3.81 -14.18
CA SER B 344 -29.25 3.90 -14.47
C SER B 344 -28.99 4.65 -15.78
N LEU B 345 -29.24 5.95 -15.73
CA LEU B 345 -29.09 6.85 -16.88
C LEU B 345 -27.69 6.74 -17.50
N CYS B 346 -27.66 6.58 -18.81
CA CYS B 346 -26.43 6.38 -19.55
C CYS B 346 -26.21 7.49 -20.59
N PHE B 347 -24.94 7.77 -20.86
CA PHE B 347 -24.55 8.70 -21.91
C PHE B 347 -23.77 7.95 -22.97
N VAL B 348 -23.90 8.43 -24.21
CA VAL B 348 -23.29 7.84 -25.38
C VAL B 348 -22.38 8.87 -26.04
N GLN B 349 -21.13 8.48 -26.25
CA GLN B 349 -20.13 9.31 -26.91
C GLN B 349 -19.50 8.46 -28.00
N HIS B 350 -19.27 9.08 -29.17
CA HIS B 350 -18.58 8.39 -30.25
C HIS B 350 -17.18 8.03 -29.80
N VAL B 351 -16.78 6.78 -30.10
CA VAL B 351 -15.51 6.26 -29.60
C VAL B 351 -14.32 7.02 -30.19
N ALA B 352 -14.39 7.37 -31.48
CA ALA B 352 -13.29 8.04 -32.15
C ALA B 352 -13.51 9.55 -32.24
N SER B 353 -14.64 9.97 -32.82
CA SER B 353 -14.93 11.39 -32.98
C SER B 353 -15.17 12.11 -31.66
N GLY B 354 -15.60 11.40 -30.63
CA GLY B 354 -15.85 11.99 -29.34
C GLY B 354 -17.12 12.82 -29.24
N LEU B 355 -17.92 12.89 -30.29
CA LEU B 355 -19.13 13.69 -30.27
C LEU B 355 -20.23 13.01 -29.47
N TRP B 356 -21.03 13.81 -28.77
CA TRP B 356 -22.09 13.33 -27.88
C TRP B 356 -23.47 13.60 -28.47
N LEU B 357 -24.41 12.69 -28.21
CA LEU B 357 -25.75 12.83 -28.75
C LEU B 357 -26.49 13.96 -28.06
N THR B 358 -27.22 14.77 -28.84
CA THR B 358 -28.01 15.88 -28.33
C THR B 358 -28.99 16.29 -29.42
N TYR B 359 -30.22 16.64 -29.02
CA TYR B 359 -31.22 17.13 -29.96
C TYR B 359 -30.78 18.47 -30.54
N ALA B 360 -31.12 18.69 -31.81
CA ALA B 360 -30.78 19.95 -32.46
C ALA B 360 -31.63 21.08 -31.88
N ALA B 361 -30.96 22.17 -31.51
CA ALA B 361 -31.66 23.32 -30.93
C ALA B 361 -32.68 24.02 -31.84
N PRO B 362 -32.40 24.35 -33.14
CA PRO B 362 -33.37 25.16 -33.90
C PRO B 362 -34.74 24.52 -34.07
N ASP B 363 -35.78 25.35 -34.03
CA ASP B 363 -37.15 24.89 -34.25
C ASP B 363 -37.76 25.63 -35.44
N PRO B 364 -38.03 24.95 -36.54
CA PRO B 364 -38.57 25.62 -37.73
C PRO B 364 -40.08 25.82 -37.66
N LYS B 365 -40.63 26.32 -38.78
CA LYS B 365 -42.06 26.52 -38.92
C LYS B 365 -42.80 25.20 -38.92
N ALA B 366 -42.14 24.12 -39.38
CA ALA B 366 -42.79 22.80 -39.37
C ALA B 366 -43.08 22.36 -37.94
N LEU B 367 -42.13 22.59 -37.03
CA LEU B 367 -42.36 22.27 -35.62
C LEU B 367 -43.19 23.33 -34.92
N ARG B 368 -43.36 24.51 -35.53
CA ARG B 368 -44.21 25.54 -34.96
C ARG B 368 -45.67 25.10 -34.87
N LEU B 369 -46.17 24.42 -35.91
CA LEU B 369 -47.53 23.92 -35.93
C LEU B 369 -47.65 22.41 -35.84
N GLY B 370 -46.79 21.67 -36.54
CA GLY B 370 -46.85 20.23 -36.56
C GLY B 370 -46.34 19.60 -35.27
N VAL B 371 -46.46 18.26 -35.21
CA VAL B 371 -46.04 17.51 -34.04
C VAL B 371 -44.53 17.65 -33.86
N LEU B 372 -44.09 17.75 -32.60
CA LEU B 372 -42.69 17.99 -32.30
C LEU B 372 -41.82 16.79 -32.64
N LYS B 373 -40.74 17.05 -33.37
CA LYS B 373 -39.67 16.09 -33.58
C LYS B 373 -38.37 16.88 -33.61
N LYS B 374 -37.48 16.56 -32.68
CA LYS B 374 -36.20 17.26 -32.53
C LYS B 374 -35.07 16.31 -32.91
N LYS B 375 -34.44 16.58 -34.06
CA LYS B 375 -33.38 15.73 -34.57
C LYS B 375 -32.18 15.70 -33.63
N ALA B 376 -31.77 14.49 -33.27
CA ALA B 376 -30.60 14.33 -32.43
C ALA B 376 -29.34 14.47 -33.28
N ILE B 377 -28.47 15.41 -32.92
CA ILE B 377 -27.22 15.64 -33.62
C ILE B 377 -26.08 15.23 -32.69
N LEU B 378 -25.14 14.46 -33.21
CA LEU B 378 -24.01 14.05 -32.39
C LEU B 378 -23.11 15.27 -32.20
N HIS B 379 -23.32 16.00 -31.11
CA HIS B 379 -22.69 17.30 -30.88
C HIS B 379 -21.44 17.15 -30.01
N GLN B 380 -20.65 18.22 -29.94
CA GLN B 380 -19.42 18.22 -29.14
C GLN B 380 -19.71 18.01 -27.66
N GLU B 381 -20.58 18.82 -27.08
CA GLU B 381 -20.97 18.59 -25.70
C GLU B 381 -22.48 18.57 -25.51
N GLY B 382 -23.21 19.42 -26.23
CA GLY B 382 -24.66 19.41 -26.18
C GLY B 382 -25.24 19.94 -24.88
N HIS B 383 -26.47 19.51 -24.62
CA HIS B 383 -27.25 19.95 -23.46
C HIS B 383 -27.00 19.01 -22.28
N MET B 384 -27.81 19.16 -21.23
CA MET B 384 -27.64 18.40 -20.01
C MET B 384 -28.55 17.18 -19.93
N ASP B 385 -29.82 17.31 -20.34
CA ASP B 385 -30.79 16.23 -20.20
C ASP B 385 -30.71 15.16 -21.31
N ASP B 386 -29.59 15.05 -22.03
CA ASP B 386 -29.45 14.07 -23.10
C ASP B 386 -29.09 12.66 -22.61
N ALA B 387 -29.26 12.39 -21.31
CA ALA B 387 -29.08 11.03 -20.79
C ALA B 387 -30.18 10.11 -21.30
N LEU B 388 -29.87 8.82 -21.37
CA LEU B 388 -30.75 7.84 -21.98
C LEU B 388 -31.26 6.82 -20.96
N PHE B 389 -32.55 6.52 -21.08
CA PHE B 389 -33.16 5.38 -20.40
C PHE B 389 -33.13 4.24 -21.40
N LEU B 390 -32.68 3.07 -20.96
CA LEU B 390 -32.66 1.90 -21.80
C LEU B 390 -33.87 1.05 -21.45
N THR B 391 -34.72 0.75 -22.43
CA THR B 391 -35.94 0.02 -22.15
C THR B 391 -35.97 -1.21 -23.05
N ARG B 392 -36.63 -2.24 -22.56
CA ARG B 392 -36.79 -3.52 -23.24
C ARG B 392 -37.85 -3.44 -24.33
N CYS B 393 -37.87 -4.49 -25.17
CA CYS B 393 -38.97 -4.73 -26.08
C CYS B 393 -39.27 -6.22 -26.03
N GLN B 394 -40.55 -6.54 -26.18
CA GLN B 394 -40.99 -7.92 -26.01
C GLN B 394 -40.58 -8.77 -27.23
N GLN B 395 -40.60 -10.09 -27.01
CA GLN B 395 -40.06 -11.06 -27.96
C GLN B 395 -40.80 -11.02 -29.28
N GLU B 396 -42.14 -10.87 -29.26
CA GLU B 396 -42.93 -10.97 -30.48
C GLU B 396 -42.55 -9.90 -31.49
N GLU B 397 -42.48 -8.64 -31.06
CA GLU B 397 -42.07 -7.57 -31.97
C GLU B 397 -40.58 -7.62 -32.30
N SER B 398 -39.75 -8.06 -31.35
CA SER B 398 -38.33 -8.26 -31.65
C SER B 398 -38.14 -9.34 -32.71
N GLN B 399 -38.89 -10.43 -32.61
CA GLN B 399 -38.89 -11.45 -33.65
C GLN B 399 -39.47 -10.89 -34.94
N ALA B 400 -40.50 -10.04 -34.82
CA ALA B 400 -41.24 -9.53 -35.98
C ALA B 400 -40.33 -8.77 -36.93
N ALA B 401 -39.44 -7.92 -36.37
CA ALA B 401 -38.70 -6.92 -37.16
C ALA B 401 -37.89 -7.55 -38.31
N ARG B 402 -37.39 -8.76 -38.11
CA ARG B 402 -36.60 -9.42 -39.13
C ARG B 402 -37.49 -9.79 -40.31
N MET B 403 -38.74 -10.21 -40.05
CA MET B 403 -39.59 -10.55 -41.19
C MET B 403 -39.94 -9.31 -42.00
N ILE B 404 -40.00 -8.12 -41.38
CA ILE B 404 -40.13 -6.89 -42.16
C ILE B 404 -38.91 -6.73 -43.07
N HIS B 405 -37.71 -6.94 -42.51
CA HIS B 405 -36.49 -6.82 -43.32
C HIS B 405 -36.43 -7.86 -44.43
N SER B 406 -36.81 -9.10 -44.13
CA SER B 406 -36.74 -10.20 -45.08
C SER B 406 -37.80 -10.05 -46.16
N THR B 407 -39.02 -9.70 -45.76
CA THR B 407 -40.14 -9.52 -46.66
C THR B 407 -39.89 -8.35 -47.60
N ALA B 408 -39.41 -7.22 -47.06
CA ALA B 408 -39.08 -6.09 -47.93
C ALA B 408 -37.95 -6.43 -48.89
N GLY B 409 -36.89 -7.11 -48.43
CA GLY B 409 -35.78 -7.44 -49.31
C GLY B 409 -36.17 -8.40 -50.42
N LEU B 410 -36.89 -9.47 -50.06
CA LEU B 410 -37.23 -10.50 -51.02
C LEU B 410 -38.28 -10.01 -51.99
N TYR B 411 -39.34 -9.35 -51.48
CA TYR B 411 -40.40 -8.97 -52.38
C TYR B 411 -39.98 -7.78 -53.23
N ASN B 412 -39.14 -6.87 -52.71
CA ASN B 412 -38.62 -5.80 -53.55
C ASN B 412 -37.77 -6.34 -54.69
N GLN B 413 -36.90 -7.32 -54.40
CA GLN B 413 -36.17 -8.00 -55.46
C GLN B 413 -37.10 -8.73 -56.42
N PHE B 414 -38.25 -9.18 -55.95
CA PHE B 414 -39.26 -9.73 -56.86
C PHE B 414 -39.93 -8.63 -57.68
N ILE B 415 -40.12 -7.45 -57.11
CA ILE B 415 -40.74 -6.34 -57.83
C ILE B 415 -39.86 -5.89 -58.98
N LYS B 416 -38.56 -5.64 -58.70
CA LYS B 416 -37.66 -5.26 -59.78
C LYS B 416 -37.40 -6.39 -60.77
N GLY B 417 -37.40 -7.65 -60.29
CA GLY B 417 -37.29 -8.77 -61.22
C GLY B 417 -38.54 -8.96 -62.05
N LEU B 418 -39.66 -8.44 -61.57
CA LEU B 418 -40.93 -8.56 -62.26
C LEU B 418 -41.00 -7.51 -63.36
N ASP B 419 -40.94 -6.23 -62.99
CA ASP B 419 -41.12 -5.19 -64.00
C ASP B 419 -39.92 -5.08 -64.95
N SER B 420 -38.82 -5.81 -64.68
CA SER B 420 -37.70 -5.82 -65.62
C SER B 420 -38.12 -6.36 -66.99
N PHE B 421 -39.11 -7.25 -67.05
CA PHE B 421 -39.64 -7.76 -68.31
C PHE B 421 -41.00 -7.16 -68.65
N SER B 422 -41.19 -5.86 -68.34
CA SER B 422 -42.45 -5.17 -68.61
C SER B 422 -42.79 -5.19 -70.09
N GLY B 423 -41.80 -4.96 -70.94
CA GLY B 423 -41.92 -5.15 -72.37
C GLY B 423 -41.20 -6.42 -72.77
N LYS B 424 -40.73 -6.44 -74.03
CA LYS B 424 -39.91 -7.50 -74.63
C LYS B 424 -40.59 -8.86 -74.47
N PRO B 425 -41.62 -9.18 -75.28
CA PRO B 425 -42.28 -10.50 -75.17
C PRO B 425 -41.30 -11.64 -75.39
N ARG B 426 -41.58 -12.75 -74.71
CA ARG B 426 -40.65 -13.87 -74.62
C ARG B 426 -40.35 -14.51 -75.97
N GLY B 427 -41.38 -14.89 -76.70
CA GLY B 427 -41.17 -15.71 -77.87
C GLY B 427 -40.66 -17.09 -77.47
N SER B 428 -39.41 -17.39 -77.81
CA SER B 428 -38.81 -18.66 -77.43
C SER B 428 -37.34 -18.51 -77.01
N GLY B 429 -36.94 -17.34 -76.53
CA GLY B 429 -35.54 -17.10 -76.31
C GLY B 429 -35.05 -17.21 -74.87
N PRO B 430 -33.88 -16.63 -74.60
CA PRO B 430 -33.28 -16.71 -73.26
C PRO B 430 -34.00 -15.81 -72.27
N PRO B 431 -33.82 -15.97 -70.95
CA PRO B 431 -34.63 -15.17 -70.01
C PRO B 431 -34.26 -13.70 -69.94
N ALA B 432 -35.29 -12.87 -69.72
CA ALA B 432 -35.11 -11.42 -69.71
C ALA B 432 -34.18 -10.95 -68.60
N GLY B 433 -34.34 -11.50 -67.40
CA GLY B 433 -33.48 -11.18 -66.30
C GLY B 433 -33.09 -12.43 -65.53
N PRO B 434 -32.64 -12.26 -64.29
CA PRO B 434 -32.37 -13.42 -63.44
C PRO B 434 -33.65 -14.15 -63.10
N ALA B 435 -33.50 -15.43 -62.79
CA ALA B 435 -34.64 -16.29 -62.44
C ALA B 435 -35.40 -15.73 -61.23
N LEU B 436 -36.72 -15.66 -61.36
CA LEU B 436 -37.54 -15.07 -60.31
C LEU B 436 -37.50 -15.90 -59.04
N PRO B 437 -37.49 -15.28 -57.86
CA PRO B 437 -37.50 -16.00 -56.58
C PRO B 437 -38.88 -16.58 -56.25
N ILE B 438 -39.39 -17.43 -57.14
CA ILE B 438 -40.74 -17.98 -57.02
C ILE B 438 -40.87 -18.85 -55.77
N GLU B 439 -39.94 -19.79 -55.57
CA GLU B 439 -40.03 -20.66 -54.40
C GLU B 439 -39.80 -19.92 -53.09
N ALA B 440 -38.91 -18.93 -53.11
CA ALA B 440 -38.68 -18.09 -51.93
C ALA B 440 -39.90 -17.27 -51.58
N VAL B 441 -40.56 -16.71 -52.60
CA VAL B 441 -41.73 -15.88 -52.37
C VAL B 441 -42.90 -16.75 -51.91
N ILE B 442 -43.12 -17.88 -52.58
CA ILE B 442 -44.23 -18.79 -52.24
C ILE B 442 -44.08 -19.32 -50.81
N LEU B 443 -42.86 -19.69 -50.42
CA LEU B 443 -42.59 -20.11 -49.05
C LEU B 443 -42.84 -18.97 -48.07
N SER B 444 -42.46 -17.74 -48.44
CA SER B 444 -42.67 -16.61 -47.54
C SER B 444 -44.16 -16.28 -47.42
N LEU B 445 -44.90 -16.43 -48.52
CA LEU B 445 -46.34 -16.20 -48.53
C LEU B 445 -47.03 -17.17 -47.59
N GLN B 446 -46.74 -18.47 -47.74
CA GLN B 446 -47.41 -19.45 -46.91
C GLN B 446 -46.96 -19.37 -45.46
N ASP B 447 -45.71 -18.91 -45.21
CA ASP B 447 -45.29 -18.64 -43.84
C ASP B 447 -46.01 -17.45 -43.23
N LEU B 448 -46.38 -16.46 -44.07
CA LEU B 448 -47.01 -15.28 -43.52
C LEU B 448 -48.51 -15.42 -43.39
N ILE B 449 -49.15 -16.20 -44.25
CA ILE B 449 -50.60 -16.42 -44.14
C ILE B 449 -50.91 -17.11 -42.82
N GLY B 450 -50.16 -18.17 -42.53
CA GLY B 450 -50.32 -18.80 -41.22
C GLY B 450 -49.76 -17.96 -40.09
N TYR B 451 -48.79 -17.07 -40.37
CA TYR B 451 -48.32 -16.16 -39.34
C TYR B 451 -49.40 -15.14 -38.95
N PHE B 452 -50.35 -14.89 -39.85
CA PHE B 452 -51.46 -13.98 -39.59
C PHE B 452 -52.81 -14.70 -39.55
N GLU B 453 -52.79 -16.02 -39.39
CA GLU B 453 -54.04 -16.78 -39.35
C GLU B 453 -54.83 -16.42 -38.10
N PRO B 454 -56.10 -16.04 -38.22
CA PRO B 454 -56.89 -15.74 -37.03
C PRO B 454 -57.02 -16.96 -36.14
N PRO B 455 -57.06 -16.76 -34.82
CA PRO B 455 -57.14 -17.90 -33.89
C PRO B 455 -58.44 -18.66 -34.04
N SER B 456 -58.37 -19.96 -33.73
CA SER B 456 -59.52 -20.86 -33.83
C SER B 456 -60.63 -20.44 -32.88
N GLU B 457 -61.87 -20.66 -33.33
CA GLU B 457 -63.05 -20.22 -32.59
C GLU B 457 -63.20 -20.94 -31.26
N GLU B 458 -62.81 -22.22 -31.20
CA GLU B 458 -63.01 -23.03 -30.00
C GLU B 458 -62.10 -22.66 -28.84
N LEU B 459 -61.17 -21.72 -29.02
CA LEU B 459 -60.33 -21.26 -27.93
C LEU B 459 -61.17 -20.58 -26.87
N GLN B 460 -60.74 -20.74 -25.61
CA GLN B 460 -61.43 -20.09 -24.50
C GLN B 460 -61.30 -18.58 -24.62
N HIS B 461 -62.39 -17.88 -24.33
CA HIS B 461 -62.47 -16.42 -24.47
C HIS B 461 -61.46 -15.72 -23.57
N GLU B 462 -61.10 -16.34 -22.45
CA GLU B 462 -60.08 -15.81 -21.55
C GLU B 462 -58.72 -15.76 -22.25
N GLU B 463 -58.44 -16.75 -23.09
CA GLU B 463 -57.17 -16.84 -23.79
C GLU B 463 -57.23 -16.37 -25.24
N LYS B 464 -58.42 -16.46 -25.86
CA LYS B 464 -58.58 -16.08 -27.26
C LYS B 464 -58.26 -14.61 -27.51
N GLN B 465 -58.72 -13.72 -26.61
CA GLN B 465 -58.48 -12.29 -26.78
C GLN B 465 -57.00 -11.96 -26.73
N SER B 466 -56.21 -12.76 -26.00
CA SER B 466 -54.77 -12.55 -25.96
C SER B 466 -54.18 -12.76 -27.34
N LYS B 467 -54.67 -13.75 -28.09
CA LYS B 467 -54.19 -13.96 -29.43
C LYS B 467 -54.70 -12.87 -30.37
N LEU B 468 -55.89 -12.32 -30.07
CA LEU B 468 -56.38 -11.20 -30.87
C LEU B 468 -55.47 -9.99 -30.73
N ARG B 469 -55.01 -9.70 -29.51
CA ARG B 469 -54.10 -8.57 -29.29
C ARG B 469 -52.81 -8.71 -30.09
N SER B 470 -52.23 -9.92 -30.09
CA SER B 470 -51.04 -10.19 -30.89
C SER B 470 -51.33 -10.06 -32.38
N LEU B 471 -52.51 -10.51 -32.81
CA LEU B 471 -52.88 -10.41 -34.22
C LEU B 471 -53.01 -8.96 -34.67
N ARG B 472 -53.68 -8.13 -33.86
CA ARG B 472 -53.80 -6.70 -34.18
C ARG B 472 -52.45 -6.03 -34.18
N ASN B 473 -51.61 -6.35 -33.19
CA ASN B 473 -50.29 -5.71 -33.10
C ASN B 473 -49.42 -6.08 -34.30
N ARG B 474 -49.43 -7.37 -34.70
CA ARG B 474 -48.64 -7.80 -35.85
C ARG B 474 -49.14 -7.18 -37.14
N GLN B 475 -50.46 -7.15 -37.35
CA GLN B 475 -51.03 -6.54 -38.54
C GLN B 475 -50.73 -5.05 -38.59
N SER B 476 -50.83 -4.38 -37.44
CA SER B 476 -50.57 -2.95 -37.38
C SER B 476 -49.12 -2.65 -37.74
N LEU B 477 -48.17 -3.43 -37.20
CA LEU B 477 -46.76 -3.21 -37.51
C LEU B 477 -46.45 -3.49 -38.97
N PHE B 478 -47.00 -4.58 -39.52
CA PHE B 478 -46.76 -4.92 -40.92
C PHE B 478 -47.37 -3.88 -41.87
N GLN B 479 -48.58 -3.41 -41.56
CA GLN B 479 -49.18 -2.36 -42.37
C GLN B 479 -48.39 -1.07 -42.24
N GLU B 480 -47.96 -0.74 -41.02
CA GLU B 480 -47.26 0.51 -40.72
C GLU B 480 -45.93 0.58 -41.46
N GLU B 481 -45.27 -0.56 -41.64
CA GLU B 481 -44.04 -0.58 -42.42
C GLU B 481 -44.27 -0.45 -43.93
N GLY B 482 -45.51 -0.26 -44.39
CA GLY B 482 -45.82 -0.06 -45.78
C GLY B 482 -45.89 -1.31 -46.62
N MET B 483 -45.66 -2.47 -46.03
CA MET B 483 -45.75 -3.73 -46.77
C MET B 483 -47.16 -4.06 -47.24
N LEU B 484 -48.18 -3.49 -46.60
CA LEU B 484 -49.54 -3.61 -47.15
C LEU B 484 -49.63 -2.93 -48.50
N SER B 485 -48.96 -1.78 -48.66
CA SER B 485 -48.90 -1.18 -49.99
C SER B 485 -47.92 -1.91 -50.89
N LEU B 486 -46.86 -2.49 -50.31
CA LEU B 486 -45.90 -3.22 -51.12
C LEU B 486 -46.56 -4.45 -51.73
N VAL B 487 -47.38 -5.18 -50.95
CA VAL B 487 -48.08 -6.31 -51.53
C VAL B 487 -49.15 -5.81 -52.51
N LEU B 488 -49.75 -4.63 -52.27
CA LEU B 488 -50.68 -4.08 -53.26
C LEU B 488 -49.99 -3.86 -54.58
N ASN B 489 -48.71 -3.49 -54.54
CA ASN B 489 -47.90 -3.38 -55.75
C ASN B 489 -47.79 -4.75 -56.42
N CYS B 490 -47.67 -5.81 -55.63
CA CYS B 490 -47.54 -7.16 -56.19
C CYS B 490 -48.80 -7.53 -56.96
N ILE B 491 -49.98 -7.26 -56.38
CA ILE B 491 -51.23 -7.51 -57.11
C ILE B 491 -51.31 -6.64 -58.36
N ASP B 492 -50.93 -5.36 -58.26
CA ASP B 492 -50.98 -4.46 -59.42
C ASP B 492 -50.08 -4.96 -60.56
N ARG B 493 -48.86 -5.38 -60.23
CA ARG B 493 -47.92 -5.89 -61.23
C ARG B 493 -48.41 -7.20 -61.86
N LEU B 494 -48.97 -8.11 -61.06
CA LEU B 494 -49.47 -9.36 -61.64
C LEU B 494 -50.75 -9.18 -62.45
N ASN B 495 -51.61 -8.24 -62.05
CA ASN B 495 -52.92 -8.09 -62.68
C ASN B 495 -52.86 -7.61 -64.12
N VAL B 496 -51.76 -6.98 -64.54
CA VAL B 496 -51.64 -6.47 -65.92
C VAL B 496 -51.68 -7.60 -66.96
N TYR B 497 -51.36 -8.82 -66.56
CA TYR B 497 -51.40 -9.96 -67.46
C TYR B 497 -52.73 -10.69 -67.30
N THR B 498 -53.39 -10.96 -68.43
CA THR B 498 -54.76 -11.46 -68.42
C THR B 498 -54.87 -12.93 -68.02
N THR B 499 -53.87 -13.75 -68.31
CA THR B 499 -53.96 -15.18 -68.04
C THR B 499 -52.56 -15.73 -67.85
N ALA B 500 -52.48 -17.03 -67.53
CA ALA B 500 -51.19 -17.69 -67.36
C ALA B 500 -50.40 -17.73 -68.66
N ALA B 501 -51.08 -17.96 -69.79
CA ALA B 501 -50.41 -17.95 -71.08
C ALA B 501 -49.82 -16.57 -71.39
N HIS B 502 -50.58 -15.50 -71.13
CA HIS B 502 -50.06 -14.16 -71.31
C HIS B 502 -48.93 -13.87 -70.33
N PHE B 503 -48.97 -14.47 -69.13
CA PHE B 503 -47.87 -14.30 -68.20
C PHE B 503 -46.63 -15.03 -68.71
N ALA B 504 -46.83 -16.16 -69.39
CA ALA B 504 -45.71 -16.88 -69.99
C ALA B 504 -45.12 -16.08 -71.13
N GLU B 505 -45.94 -15.21 -71.75
CA GLU B 505 -45.45 -14.42 -72.88
C GLU B 505 -44.50 -13.32 -72.44
N TYR B 506 -44.38 -13.04 -71.14
CA TYR B 506 -43.46 -12.03 -70.65
C TYR B 506 -42.53 -12.52 -69.56
N ALA B 507 -42.79 -13.68 -68.95
CA ALA B 507 -41.92 -14.19 -67.89
C ALA B 507 -41.36 -15.56 -68.21
N GLY B 508 -42.13 -16.44 -68.82
CA GLY B 508 -41.69 -17.77 -69.15
C GLY B 508 -42.62 -18.86 -68.63
N GLU B 509 -42.42 -20.05 -69.19
CA GLU B 509 -43.21 -21.22 -68.82
C GLU B 509 -42.97 -21.64 -67.39
N GLU B 510 -41.79 -21.34 -66.84
CA GLU B 510 -41.51 -21.71 -65.46
C GLU B 510 -42.34 -20.88 -64.48
N ALA B 511 -42.62 -19.62 -64.83
CA ALA B 511 -43.38 -18.76 -63.95
C ALA B 511 -44.88 -18.85 -64.20
N ALA B 512 -45.27 -19.33 -65.40
CA ALA B 512 -46.69 -19.48 -65.67
C ALA B 512 -47.31 -20.59 -64.83
N GLU B 513 -46.50 -21.50 -64.29
CA GLU B 513 -47.03 -22.57 -63.46
C GLU B 513 -47.47 -22.02 -62.12
N SER B 514 -46.70 -21.09 -61.57
CA SER B 514 -46.99 -20.54 -60.25
C SER B 514 -47.79 -19.25 -60.29
N TRP B 515 -48.21 -18.81 -61.49
CA TRP B 515 -48.97 -17.56 -61.61
C TRP B 515 -50.31 -17.63 -60.87
N LYS B 516 -51.07 -18.70 -61.12
CA LYS B 516 -52.36 -18.86 -60.47
C LYS B 516 -52.21 -19.10 -58.98
N GLU B 517 -51.09 -19.71 -58.58
CA GLU B 517 -50.86 -19.95 -57.15
C GLU B 517 -50.60 -18.63 -56.43
N ILE B 518 -49.70 -17.81 -56.99
CA ILE B 518 -49.29 -16.59 -56.30
C ILE B 518 -50.43 -15.59 -56.24
N VAL B 519 -51.27 -15.51 -57.29
CA VAL B 519 -52.34 -14.51 -57.28
C VAL B 519 -53.35 -14.81 -56.16
N ASN B 520 -53.67 -16.09 -55.95
CA ASN B 520 -54.53 -16.46 -54.82
C ASN B 520 -53.85 -16.23 -53.48
N LEU B 521 -52.55 -16.55 -53.38
CA LEU B 521 -51.84 -16.40 -52.11
C LEU B 521 -51.74 -14.94 -51.70
N LEU B 522 -51.50 -14.03 -52.66
CA LEU B 522 -51.33 -12.63 -52.32
C LEU B 522 -52.61 -12.06 -51.73
N TYR B 523 -53.77 -12.42 -52.31
CA TYR B 523 -55.05 -11.99 -51.76
C TYR B 523 -55.28 -12.57 -50.37
N GLU B 524 -54.90 -13.84 -50.16
CA GLU B 524 -55.03 -14.44 -48.84
C GLU B 524 -54.20 -13.69 -47.80
N LEU B 525 -52.96 -13.36 -48.16
CA LEU B 525 -52.08 -12.59 -47.28
C LEU B 525 -52.64 -11.20 -47.00
N LEU B 526 -53.16 -10.53 -48.04
CA LEU B 526 -53.81 -9.24 -47.87
C LEU B 526 -55.02 -9.30 -46.94
N ALA B 527 -55.88 -10.30 -47.13
CA ALA B 527 -57.04 -10.48 -46.27
C ALA B 527 -56.64 -10.76 -44.83
N SER B 528 -55.58 -11.55 -44.63
CA SER B 528 -55.04 -11.77 -43.29
C SER B 528 -54.51 -10.48 -42.69
N LEU B 529 -53.84 -9.65 -43.50
CA LEU B 529 -53.28 -8.41 -43.01
C LEU B 529 -54.37 -7.42 -42.61
N ILE B 530 -55.44 -7.34 -43.40
CA ILE B 530 -56.39 -6.26 -43.21
C ILE B 530 -57.51 -6.64 -42.24
N ARG B 531 -57.85 -7.93 -42.13
CA ARG B 531 -59.00 -8.36 -41.35
C ARG B 531 -58.80 -8.07 -39.87
N GLY B 532 -59.87 -7.59 -39.24
CA GLY B 532 -59.91 -7.37 -37.81
C GLY B 532 -59.46 -6.00 -37.36
N ASN B 533 -58.76 -5.24 -38.21
CA ASN B 533 -58.23 -3.94 -37.80
C ASN B 533 -58.97 -2.82 -38.51
N ARG B 534 -59.54 -1.92 -37.71
CA ARG B 534 -60.21 -0.74 -38.24
C ARG B 534 -59.19 0.21 -38.86
N ALA B 535 -58.06 0.43 -38.17
CA ALA B 535 -57.06 1.37 -38.65
C ALA B 535 -56.41 0.86 -39.94
N ASN B 536 -56.02 -0.40 -39.97
CA ASN B 536 -55.41 -0.97 -41.18
C ASN B 536 -56.44 -1.04 -42.31
N CYS B 537 -57.71 -1.21 -41.96
CA CYS B 537 -58.76 -1.26 -42.96
C CYS B 537 -59.12 0.11 -43.52
N ALA B 538 -58.89 1.18 -42.75
CA ALA B 538 -59.23 2.53 -43.17
C ALA B 538 -58.46 3.00 -44.38
N LEU B 539 -57.31 2.40 -44.69
CA LEU B 539 -56.50 2.77 -45.85
C LEU B 539 -57.18 2.50 -47.19
N PHE B 540 -58.26 1.73 -47.21
CA PHE B 540 -58.95 1.36 -48.43
C PHE B 540 -60.09 2.30 -48.78
N SER B 541 -60.09 3.51 -48.22
CA SER B 541 -61.10 4.50 -48.55
C SER B 541 -60.83 5.12 -49.92
N THR B 542 -59.57 5.31 -50.27
CA THR B 542 -59.19 5.96 -51.51
C THR B 542 -59.14 5.01 -52.69
N ASN B 543 -58.55 3.83 -52.51
CA ASN B 543 -58.43 2.84 -53.58
C ASN B 543 -59.53 1.78 -53.51
N LEU B 544 -60.72 2.19 -53.10
CA LEU B 544 -61.87 1.28 -53.09
C LEU B 544 -62.18 0.78 -54.49
N ASP B 545 -62.16 1.67 -55.49
CA ASP B 545 -62.43 1.25 -56.86
C ASP B 545 -61.34 0.34 -57.40
N TRP B 546 -60.13 0.40 -56.81
CA TRP B 546 -59.04 -0.45 -57.22
C TRP B 546 -59.39 -1.92 -56.98
N VAL B 547 -59.88 -2.23 -55.77
CA VAL B 547 -60.28 -3.60 -55.49
C VAL B 547 -61.56 -3.92 -56.26
N VAL B 548 -62.46 -2.93 -56.44
CA VAL B 548 -63.74 -3.19 -57.11
C VAL B 548 -63.52 -3.60 -58.56
N SER B 549 -62.50 -3.02 -59.21
CA SER B 549 -62.21 -3.32 -60.60
C SER B 549 -61.72 -4.75 -60.84
N LYS B 550 -61.32 -5.47 -59.80
CA LYS B 550 -60.73 -6.80 -59.97
C LYS B 550 -61.69 -7.95 -59.74
N LEU B 551 -62.93 -7.67 -59.32
CA LEU B 551 -63.91 -8.73 -59.11
C LEU B 551 -64.29 -9.45 -60.40
N ASP B 552 -64.14 -8.79 -61.55
CA ASP B 552 -64.44 -9.42 -62.83
C ASP B 552 -63.44 -10.53 -63.17
N ARG B 553 -62.18 -10.36 -62.75
CA ARG B 553 -61.09 -11.27 -63.10
C ARG B 553 -61.38 -12.67 -62.57
N LEU B 554 -61.18 -13.67 -63.43
CA LEU B 554 -61.48 -15.05 -63.09
C LEU B 554 -60.33 -15.81 -62.45
N GLU B 555 -59.10 -15.28 -62.51
CA GLU B 555 -57.96 -16.01 -61.94
C GLU B 555 -58.08 -16.17 -60.42
N ALA B 556 -58.54 -15.13 -59.71
CA ALA B 556 -58.78 -15.20 -58.27
C ALA B 556 -60.05 -14.42 -57.96
N SER B 557 -61.18 -15.11 -57.99
CA SER B 557 -62.49 -14.50 -57.76
C SER B 557 -62.84 -14.40 -56.28
N SER B 558 -62.79 -15.53 -55.57
CA SER B 558 -63.14 -15.51 -54.15
C SER B 558 -62.09 -14.83 -53.31
N GLY B 559 -60.83 -14.78 -53.76
CA GLY B 559 -59.81 -14.11 -52.97
C GLY B 559 -60.07 -12.63 -52.86
N ILE B 560 -60.39 -11.99 -53.99
CA ILE B 560 -60.64 -10.55 -53.98
C ILE B 560 -62.00 -10.30 -53.32
N LEU B 561 -62.97 -11.21 -53.54
CA LEU B 561 -64.28 -11.03 -52.91
C LEU B 561 -64.17 -11.08 -51.38
N GLU B 562 -63.31 -11.97 -50.87
CA GLU B 562 -63.05 -12.02 -49.44
C GLU B 562 -62.36 -10.76 -48.95
N VAL B 563 -61.43 -10.22 -49.75
CA VAL B 563 -60.76 -8.97 -49.38
C VAL B 563 -61.75 -7.82 -49.26
N LEU B 564 -62.67 -7.74 -50.24
CA LEU B 564 -63.73 -6.73 -50.21
C LEU B 564 -64.62 -6.91 -49.00
N TYR B 565 -64.97 -8.16 -48.68
CA TYR B 565 -65.82 -8.42 -47.52
C TYR B 565 -65.13 -7.98 -46.23
N CYS B 566 -63.82 -8.26 -46.12
CA CYS B 566 -63.06 -7.84 -44.95
C CYS B 566 -62.99 -6.33 -44.86
N VAL B 567 -63.00 -5.63 -46.00
CA VAL B 567 -62.98 -4.18 -45.95
C VAL B 567 -64.31 -3.67 -45.43
N LEU B 568 -65.40 -4.28 -45.90
CA LEU B 568 -66.73 -3.75 -45.62
C LEU B 568 -67.16 -4.01 -44.19
N ILE B 569 -66.87 -5.21 -43.65
CA ILE B 569 -67.34 -5.48 -42.29
C ILE B 569 -66.56 -4.74 -41.23
N GLU B 570 -65.49 -4.04 -41.62
CA GLU B 570 -64.59 -3.42 -40.66
C GLU B 570 -64.61 -1.90 -40.74
N SER B 571 -64.68 -1.30 -41.93
CA SER B 571 -64.67 0.16 -41.99
C SER B 571 -66.04 0.71 -42.37
N PRO B 572 -66.77 1.32 -41.44
CA PRO B 572 -68.04 1.98 -41.81
C PRO B 572 -67.88 3.16 -42.75
N GLU B 573 -66.71 3.79 -42.77
CA GLU B 573 -66.50 4.95 -43.63
C GLU B 573 -66.42 4.57 -45.11
N VAL B 574 -66.01 3.33 -45.40
CA VAL B 574 -65.94 2.85 -46.79
C VAL B 574 -67.32 2.82 -47.42
N LEU B 575 -68.35 2.47 -46.62
CA LEU B 575 -69.72 2.39 -47.12
C LEU B 575 -70.23 3.74 -47.62
N ASN B 576 -69.72 4.85 -47.07
CA ASN B 576 -70.12 6.17 -47.54
C ASN B 576 -69.54 6.48 -48.91
N ILE B 577 -68.56 5.71 -49.37
CA ILE B 577 -67.86 5.98 -50.61
C ILE B 577 -68.43 5.17 -51.78
N ILE B 578 -69.18 4.10 -51.51
CA ILE B 578 -69.69 3.22 -52.56
C ILE B 578 -70.75 3.93 -53.39
N GLN B 579 -70.55 3.96 -54.71
CA GLN B 579 -71.51 4.55 -55.64
C GLN B 579 -72.29 3.48 -56.43
N GLU B 580 -73.08 3.99 -57.37
CA GLU B 580 -73.89 3.16 -58.25
C GLU B 580 -73.03 2.26 -59.14
N ASN B 581 -71.84 2.73 -59.52
CA ASN B 581 -70.95 1.93 -60.35
C ASN B 581 -70.50 0.68 -59.59
N HIS B 582 -70.19 0.85 -58.31
CA HIS B 582 -69.72 -0.26 -57.50
C HIS B 582 -70.86 -1.23 -57.26
N ILE B 583 -72.08 -0.71 -57.06
CA ILE B 583 -73.22 -1.59 -56.82
C ILE B 583 -73.48 -2.45 -58.04
N LYS B 584 -73.46 -1.82 -59.24
CA LYS B 584 -73.69 -2.57 -60.47
C LYS B 584 -72.58 -3.58 -60.72
N SER B 585 -71.37 -3.26 -60.24
CA SER B 585 -70.25 -4.18 -60.39
C SER B 585 -70.47 -5.42 -59.53
N ILE B 586 -70.88 -5.22 -58.29
CA ILE B 586 -71.12 -6.34 -57.37
C ILE B 586 -72.27 -7.21 -57.88
N ILE B 587 -73.36 -6.58 -58.35
CA ILE B 587 -74.51 -7.31 -58.89
C ILE B 587 -74.09 -8.11 -60.13
N SER B 588 -73.14 -7.57 -60.91
CA SER B 588 -72.68 -8.27 -62.10
C SER B 588 -72.02 -9.60 -61.75
N LEU B 589 -71.48 -9.73 -60.52
CA LEU B 589 -70.93 -11.02 -60.11
C LEU B 589 -72.01 -12.08 -60.03
N LEU B 590 -73.16 -11.73 -59.48
CA LEU B 590 -74.28 -12.67 -59.46
C LEU B 590 -74.72 -13.00 -60.88
N ASP B 591 -74.68 -11.99 -61.76
CA ASP B 591 -74.97 -12.24 -63.18
C ASP B 591 -73.98 -13.19 -63.85
N LYS B 592 -72.68 -13.03 -63.57
CA LYS B 592 -71.61 -13.72 -64.29
C LYS B 592 -71.10 -14.99 -63.63
N HIS B 593 -71.01 -15.01 -62.30
CA HIS B 593 -70.41 -16.10 -61.55
C HIS B 593 -71.44 -16.99 -60.87
N GLY B 594 -72.71 -16.88 -61.22
CA GLY B 594 -73.71 -17.74 -60.64
C GLY B 594 -74.20 -17.26 -59.28
N ARG B 595 -74.83 -18.18 -58.55
CA ARG B 595 -75.44 -17.88 -57.26
C ARG B 595 -74.42 -18.08 -56.15
N ASN B 596 -73.50 -17.14 -56.05
CA ASN B 596 -72.49 -17.13 -54.99
C ASN B 596 -73.13 -16.44 -53.78
N HIS B 597 -73.46 -17.23 -52.76
CA HIS B 597 -74.17 -16.71 -51.60
C HIS B 597 -73.34 -15.69 -50.82
N LYS B 598 -72.00 -15.75 -50.92
CA LYS B 598 -71.16 -14.79 -50.23
C LYS B 598 -71.34 -13.37 -50.77
N VAL B 599 -71.72 -13.25 -52.04
CA VAL B 599 -71.97 -11.94 -52.63
C VAL B 599 -73.16 -11.28 -51.92
N LEU B 600 -74.17 -12.08 -51.58
CA LEU B 600 -75.28 -11.57 -50.79
C LEU B 600 -74.81 -11.05 -49.44
N ASP B 601 -73.81 -11.69 -48.83
CA ASP B 601 -73.23 -11.18 -47.60
C ASP B 601 -72.50 -9.86 -47.80
N VAL B 602 -71.90 -9.68 -48.98
CA VAL B 602 -71.29 -8.39 -49.32
C VAL B 602 -72.35 -7.30 -49.42
N LEU B 603 -73.47 -7.62 -50.07
CA LEU B 603 -74.57 -6.66 -50.15
C LEU B 603 -75.20 -6.44 -48.77
N CYS B 604 -75.29 -7.50 -47.96
CA CYS B 604 -75.84 -7.41 -46.61
C CYS B 604 -74.98 -6.54 -45.73
N SER B 605 -73.68 -6.47 -46.03
CA SER B 605 -72.78 -5.65 -45.24
C SER B 605 -72.75 -4.23 -45.76
N LEU B 606 -73.11 -4.03 -47.03
CA LEU B 606 -73.14 -2.68 -47.58
C LEU B 606 -74.33 -1.87 -47.09
N CYS B 607 -75.36 -2.53 -46.56
CA CYS B 607 -76.51 -1.79 -46.06
C CYS B 607 -76.23 -1.15 -44.70
N VAL B 608 -75.88 -1.98 -43.71
CA VAL B 608 -75.69 -1.53 -42.33
C VAL B 608 -74.29 -1.90 -41.88
N CYS B 609 -73.55 -0.92 -41.34
CA CYS B 609 -72.26 -1.13 -40.72
C CYS B 609 -72.28 -0.48 -39.35
N ASN B 610 -71.92 -1.25 -38.31
CA ASN B 610 -71.92 -0.80 -36.91
C ASN B 610 -73.29 -0.30 -36.47
N GLY B 611 -74.35 -0.91 -36.99
CA GLY B 611 -75.69 -0.60 -36.55
C GLY B 611 -76.28 0.71 -37.02
N VAL B 612 -75.78 1.29 -38.11
CA VAL B 612 -76.34 2.52 -38.65
C VAL B 612 -76.74 2.27 -40.10
N ALA B 613 -77.87 2.85 -40.49
CA ALA B 613 -78.39 2.68 -41.83
C ALA B 613 -77.68 3.59 -42.82
N VAL B 614 -77.56 3.11 -44.06
CA VAL B 614 -77.02 3.91 -45.17
C VAL B 614 -78.07 3.84 -46.27
N ARG B 615 -78.99 4.80 -46.28
CA ARG B 615 -80.13 4.72 -47.18
C ARG B 615 -79.74 4.95 -48.64
N SER B 616 -78.60 5.58 -48.89
CA SER B 616 -78.12 5.75 -50.27
C SER B 616 -77.78 4.40 -50.87
N ASN B 617 -76.99 3.60 -50.15
CA ASN B 617 -76.62 2.29 -50.65
C ASN B 617 -77.83 1.37 -50.66
N GLN B 618 -78.74 1.50 -49.68
CA GLN B 618 -79.90 0.62 -49.63
C GLN B 618 -80.80 0.85 -50.83
N ASP B 619 -80.97 2.12 -51.22
CA ASP B 619 -81.80 2.41 -52.39
C ASP B 619 -81.12 1.99 -53.68
N LEU B 620 -79.79 2.19 -53.80
CA LEU B 620 -79.13 1.77 -55.04
C LEU B 620 -79.19 0.27 -55.24
N ILE B 621 -79.02 -0.50 -54.14
CA ILE B 621 -79.11 -1.95 -54.18
C ILE B 621 -80.50 -2.38 -54.61
N THR B 622 -81.53 -1.76 -54.03
CA THR B 622 -82.87 -2.17 -54.40
C THR B 622 -83.25 -1.65 -55.78
N GLU B 623 -82.62 -0.56 -56.21
CA GLU B 623 -82.94 0.05 -57.49
C GLU B 623 -82.44 -0.83 -58.61
N ASN B 624 -81.34 -1.55 -58.37
CA ASN B 624 -80.69 -2.30 -59.43
C ASN B 624 -80.87 -3.81 -59.33
N LEU B 625 -81.22 -4.35 -58.17
CA LEU B 625 -81.29 -5.79 -58.01
C LEU B 625 -82.73 -6.30 -58.07
N LEU B 626 -83.61 -5.72 -57.26
CA LEU B 626 -84.99 -6.18 -57.14
C LEU B 626 -85.86 -6.09 -58.40
N PRO B 627 -85.96 -4.96 -59.13
CA PRO B 627 -86.95 -4.89 -60.23
C PRO B 627 -86.73 -5.87 -61.38
N GLY B 628 -85.47 -6.24 -61.66
CA GLY B 628 -85.18 -7.11 -62.78
C GLY B 628 -85.85 -8.47 -62.71
N ARG B 629 -85.94 -9.04 -61.49
CA ARG B 629 -86.53 -10.36 -61.22
C ARG B 629 -85.86 -11.45 -62.05
N GLU B 630 -84.55 -11.37 -62.18
CA GLU B 630 -83.76 -12.31 -62.95
C GLU B 630 -82.73 -13.05 -62.11
N LEU B 631 -82.19 -12.45 -61.06
CA LEU B 631 -81.17 -13.11 -60.26
C LEU B 631 -81.80 -13.82 -59.06
N LEU B 632 -82.45 -13.05 -58.20
CA LEU B 632 -83.02 -13.59 -56.98
C LEU B 632 -84.24 -14.45 -57.30
N LEU B 633 -84.34 -15.59 -56.61
CA LEU B 633 -85.48 -16.48 -56.76
C LEU B 633 -86.76 -15.82 -56.27
N GLN B 634 -87.83 -15.97 -57.04
CA GLN B 634 -89.11 -15.39 -56.72
C GLN B 634 -90.06 -16.46 -56.21
N THR B 635 -90.89 -16.09 -55.24
CA THR B 635 -91.85 -17.00 -54.63
C THR B 635 -93.25 -16.47 -54.87
N ASN B 636 -94.24 -17.35 -54.66
CA ASN B 636 -95.66 -17.05 -54.84
C ASN B 636 -96.45 -18.24 -54.33
N LEU B 637 -97.73 -18.01 -54.06
CA LEU B 637 -98.68 -19.06 -53.72
C LEU B 637 -99.38 -19.48 -55.00
N ILE B 638 -99.39 -20.78 -55.28
CA ILE B 638 -99.89 -21.31 -56.55
C ILE B 638 -100.85 -22.45 -56.26
N ASN B 639 -101.98 -22.47 -56.97
CA ASN B 639 -103.00 -23.48 -56.77
C ASN B 639 -102.55 -24.84 -57.30
N TYR B 640 -103.07 -25.89 -56.68
CA TYR B 640 -102.88 -27.24 -57.19
C TYR B 640 -103.80 -27.45 -58.39
N VAL B 641 -103.24 -27.97 -59.49
CA VAL B 641 -103.97 -28.21 -60.72
C VAL B 641 -103.81 -29.67 -61.07
N THR B 642 -104.92 -30.35 -61.38
CA THR B 642 -104.87 -31.75 -61.75
C THR B 642 -105.64 -31.97 -63.04
N SER B 643 -105.27 -33.04 -63.75
CA SER B 643 -105.91 -33.39 -65.01
C SER B 643 -106.69 -34.69 -64.88
N ILE B 644 -107.74 -34.80 -65.68
CA ILE B 644 -108.66 -35.94 -65.66
C ILE B 644 -108.95 -36.34 -67.11
N ARG B 645 -108.89 -37.65 -67.39
CA ARG B 645 -109.09 -38.16 -68.74
C ARG B 645 -110.10 -39.30 -68.76
N PRO B 646 -110.81 -39.46 -69.87
CA PRO B 646 -111.54 -40.70 -70.10
C PRO B 646 -110.62 -41.75 -70.69
N ASN B 647 -111.00 -43.02 -70.51
CA ASN B 647 -110.26 -44.15 -71.08
C ASN B 647 -110.59 -44.33 -72.57
N ILE B 648 -110.27 -43.30 -73.35
CA ILE B 648 -110.54 -43.27 -74.78
C ILE B 648 -109.29 -42.71 -75.43
N PHE B 649 -108.54 -43.57 -76.11
CA PHE B 649 -107.27 -43.19 -76.72
C PHE B 649 -107.40 -43.41 -78.22
N VAL B 650 -106.96 -42.43 -79.01
CA VAL B 650 -107.09 -42.51 -80.46
C VAL B 650 -105.76 -42.16 -81.10
N GLY B 651 -105.57 -42.63 -82.33
CA GLY B 651 -104.34 -42.38 -83.05
C GLY B 651 -104.43 -42.94 -84.46
N ARG B 652 -103.40 -42.63 -85.25
CA ARG B 652 -103.33 -43.05 -86.65
C ARG B 652 -101.98 -43.70 -86.89
N ALA B 653 -101.98 -44.76 -87.70
CA ALA B 653 -100.75 -45.45 -88.09
C ALA B 653 -101.02 -46.20 -89.38
N GLU B 654 -99.94 -46.65 -90.01
CA GLU B 654 -100.05 -47.41 -91.24
C GLU B 654 -100.71 -48.76 -90.94
N GLY B 655 -101.84 -49.03 -91.59
CA GLY B 655 -102.62 -50.21 -91.29
C GLY B 655 -103.27 -50.17 -89.92
N SER B 656 -103.71 -49.01 -89.47
CA SER B 656 -104.36 -48.87 -88.18
C SER B 656 -105.78 -49.40 -88.24
N THR B 657 -106.27 -49.82 -87.08
CA THR B 657 -107.63 -50.32 -86.94
C THR B 657 -108.57 -49.27 -86.35
N GLN B 658 -108.12 -48.02 -86.26
CA GLN B 658 -108.89 -46.94 -85.66
C GLN B 658 -109.38 -45.98 -86.75
N TYR B 659 -110.19 -45.02 -86.32
CA TYR B 659 -110.74 -43.99 -87.19
C TYR B 659 -110.25 -42.62 -86.73
N GLY B 660 -109.71 -41.84 -87.67
CA GLY B 660 -109.08 -40.57 -87.31
C GLY B 660 -109.98 -39.36 -87.32
N LYS B 661 -111.19 -39.47 -86.75
CA LYS B 661 -112.13 -38.36 -86.64
C LYS B 661 -112.97 -38.57 -85.41
N TRP B 662 -112.81 -37.71 -84.41
CA TRP B 662 -113.47 -37.91 -83.11
C TRP B 662 -113.99 -36.58 -82.58
N TYR B 663 -114.94 -36.68 -81.66
CA TYR B 663 -115.70 -35.53 -81.20
C TYR B 663 -116.21 -35.79 -79.79
N PHE B 664 -115.79 -34.97 -78.84
CA PHE B 664 -116.29 -35.06 -77.47
C PHE B 664 -116.67 -33.66 -77.00
N GLU B 665 -117.44 -33.60 -75.91
CA GLU B 665 -117.86 -32.32 -75.38
C GLU B 665 -117.72 -32.30 -73.87
N VAL B 666 -117.51 -31.11 -73.32
CA VAL B 666 -117.46 -30.92 -71.88
C VAL B 666 -118.37 -29.77 -71.50
N MET B 667 -119.25 -30.01 -70.52
CA MET B 667 -120.22 -29.03 -70.06
C MET B 667 -119.85 -28.53 -68.67
N VAL B 668 -120.04 -27.24 -68.42
CA VAL B 668 -119.65 -26.61 -67.17
C VAL B 668 -120.86 -26.52 -66.25
N ASP B 669 -120.74 -27.05 -65.04
CA ASP B 669 -121.82 -26.96 -64.05
C ASP B 669 -121.63 -25.76 -63.13
N GLU B 670 -120.52 -25.74 -62.38
CA GLU B 670 -120.23 -24.67 -61.42
C GLU B 670 -118.75 -24.34 -61.48
N VAL B 671 -118.44 -23.06 -61.70
CA VAL B 671 -117.06 -22.57 -61.69
C VAL B 671 -117.01 -21.30 -60.84
N VAL B 672 -116.18 -21.32 -59.81
CA VAL B 672 -115.98 -20.16 -58.95
C VAL B 672 -114.93 -19.27 -59.61
N PRO B 673 -115.22 -17.99 -59.87
CA PRO B 673 -114.23 -17.12 -60.52
C PRO B 673 -112.92 -16.97 -59.77
N PHE B 674 -112.97 -16.89 -58.44
CA PHE B 674 -111.75 -16.75 -57.64
C PHE B 674 -111.98 -17.45 -56.31
N LEU B 675 -111.56 -18.71 -56.25
CA LEU B 675 -111.56 -19.40 -54.96
C LEU B 675 -110.36 -18.99 -54.13
N THR B 676 -109.23 -18.71 -54.79
CA THR B 676 -107.99 -18.29 -54.13
C THR B 676 -107.52 -16.99 -54.73
N ALA B 677 -106.31 -16.56 -54.35
CA ALA B 677 -105.72 -15.35 -54.91
C ALA B 677 -105.48 -15.49 -56.40
N GLN B 678 -105.00 -16.65 -56.83
CA GLN B 678 -104.80 -16.92 -58.24
C GLN B 678 -106.10 -17.47 -58.83
N ALA B 679 -106.35 -17.12 -60.09
CA ALA B 679 -107.58 -17.45 -60.78
C ALA B 679 -107.78 -18.96 -60.89
N THR B 680 -109.02 -19.41 -60.78
CA THR B 680 -109.35 -20.82 -60.91
C THR B 680 -108.99 -21.33 -62.31
N HIS B 681 -108.32 -22.47 -62.36
CA HIS B 681 -107.83 -23.02 -63.62
C HIS B 681 -108.88 -23.96 -64.22
N LEU B 682 -109.09 -23.84 -65.53
CA LEU B 682 -110.00 -24.74 -66.23
C LEU B 682 -109.67 -24.72 -67.72
N ARG B 683 -109.16 -25.84 -68.23
CA ARG B 683 -108.88 -26.00 -69.66
C ARG B 683 -109.36 -27.37 -70.10
N VAL B 684 -109.86 -27.45 -71.33
CA VAL B 684 -110.34 -28.69 -71.93
C VAL B 684 -109.64 -28.88 -73.27
N GLY B 685 -109.15 -30.09 -73.53
CA GLY B 685 -108.49 -30.34 -74.80
C GLY B 685 -107.97 -31.75 -74.90
N TRP B 686 -106.97 -31.92 -75.77
CA TRP B 686 -106.37 -33.21 -76.05
C TRP B 686 -104.98 -33.28 -75.41
N ALA B 687 -104.43 -34.50 -75.40
CA ALA B 687 -103.08 -34.73 -74.88
C ALA B 687 -102.50 -35.96 -75.56
N LEU B 688 -101.24 -36.25 -75.22
CA LEU B 688 -100.46 -37.28 -75.88
C LEU B 688 -99.93 -38.27 -74.84
N THR B 689 -99.89 -39.54 -75.21
CA THR B 689 -99.63 -40.63 -74.26
C THR B 689 -98.15 -40.90 -74.01
N GLU B 690 -97.24 -40.17 -74.64
CA GLU B 690 -95.82 -40.47 -74.62
C GLU B 690 -95.01 -39.29 -74.14
N GLY B 691 -95.42 -38.72 -73.00
CA GLY B 691 -94.67 -37.62 -72.42
C GLY B 691 -95.48 -36.58 -71.67
N TYR B 692 -96.80 -36.65 -71.75
CA TYR B 692 -97.64 -35.74 -70.97
C TYR B 692 -97.81 -36.34 -69.59
N SER B 693 -96.91 -36.00 -68.68
CA SER B 693 -96.97 -36.48 -67.31
C SER B 693 -97.14 -35.28 -66.39
N PRO B 694 -98.38 -34.96 -66.00
CA PRO B 694 -98.65 -33.79 -65.14
C PRO B 694 -98.48 -34.08 -63.64
N TYR B 695 -97.22 -34.05 -63.21
CA TYR B 695 -96.92 -34.25 -61.79
C TYR B 695 -97.39 -33.04 -61.02
N PRO B 696 -98.22 -33.22 -59.97
CA PRO B 696 -98.79 -32.08 -59.25
C PRO B 696 -97.74 -31.25 -58.54
N GLY B 697 -98.03 -29.97 -58.40
CA GLY B 697 -97.14 -29.06 -57.71
C GLY B 697 -96.34 -28.20 -58.67
N GLY B 698 -95.04 -28.05 -58.40
CA GLY B 698 -94.19 -27.22 -59.22
C GLY B 698 -93.82 -27.89 -60.53
N GLY B 699 -93.09 -27.14 -61.35
CA GLY B 699 -92.65 -27.64 -62.63
C GLY B 699 -92.36 -26.52 -63.60
N GLU B 700 -92.77 -26.69 -64.85
CA GLU B 700 -92.51 -25.70 -65.88
C GLU B 700 -93.32 -24.43 -65.66
N GLY B 701 -92.72 -23.30 -66.02
CA GLY B 701 -93.40 -22.01 -65.93
C GLY B 701 -93.62 -21.61 -64.49
N TRP B 702 -94.86 -21.25 -64.17
CA TRP B 702 -95.22 -20.76 -62.84
C TRP B 702 -96.21 -21.70 -62.16
N GLY B 703 -95.94 -23.00 -62.24
CA GLY B 703 -96.72 -24.00 -61.52
C GLY B 703 -98.13 -24.18 -62.02
N GLY B 704 -98.84 -25.08 -61.35
CA GLY B 704 -100.21 -25.41 -61.72
C GLY B 704 -100.33 -25.96 -63.12
N ASN B 705 -99.41 -26.85 -63.50
CA ASN B 705 -99.33 -27.32 -64.87
C ASN B 705 -100.54 -28.18 -65.23
N GLY B 706 -101.09 -27.92 -66.41
CA GLY B 706 -102.21 -28.65 -66.94
C GLY B 706 -102.07 -28.94 -68.42
N VAL B 707 -103.07 -28.55 -69.20
CA VAL B 707 -103.07 -28.76 -70.63
C VAL B 707 -102.53 -27.51 -71.32
N GLY B 708 -101.55 -27.69 -72.20
CA GLY B 708 -100.94 -26.59 -72.92
C GLY B 708 -99.62 -26.13 -72.39
N ASP B 709 -99.21 -26.58 -71.20
CA ASP B 709 -97.92 -26.19 -70.65
C ASP B 709 -96.77 -26.70 -71.50
N ASP B 710 -96.85 -27.96 -71.92
CA ASP B 710 -95.86 -28.58 -72.79
C ASP B 710 -96.53 -29.01 -74.09
N LEU B 711 -95.71 -29.33 -75.08
CA LEU B 711 -96.21 -29.61 -76.42
C LEU B 711 -96.86 -30.98 -76.57
N TYR B 712 -97.08 -31.71 -75.49
CA TYR B 712 -97.81 -32.96 -75.56
C TYR B 712 -99.29 -32.76 -75.33
N SER B 713 -99.74 -31.53 -75.15
CA SER B 713 -101.14 -31.24 -74.88
C SER B 713 -101.60 -30.07 -75.73
N TYR B 714 -102.88 -30.08 -76.08
CA TYR B 714 -103.49 -29.01 -76.86
C TYR B 714 -104.84 -28.70 -76.24
N GLY B 715 -105.01 -27.49 -75.69
CA GLY B 715 -106.23 -27.16 -74.98
C GLY B 715 -106.74 -25.78 -75.32
N PHE B 716 -107.94 -25.50 -74.82
CA PHE B 716 -108.64 -24.24 -75.07
C PHE B 716 -109.36 -23.84 -73.78
N ASP B 717 -108.88 -22.76 -73.15
CA ASP B 717 -109.37 -22.32 -71.85
C ASP B 717 -110.69 -21.57 -71.92
N GLY B 718 -111.21 -21.32 -73.12
CA GLY B 718 -112.34 -20.47 -73.33
C GLY B 718 -111.99 -19.11 -73.91
N LEU B 719 -110.72 -18.72 -73.84
CA LEU B 719 -110.26 -17.48 -74.45
C LEU B 719 -108.97 -17.61 -75.24
N HIS B 720 -108.19 -18.68 -75.06
CA HIS B 720 -106.91 -18.83 -75.73
C HIS B 720 -106.73 -20.29 -76.12
N LEU B 721 -105.89 -20.52 -77.11
CA LEU B 721 -105.48 -21.87 -77.48
C LEU B 721 -104.12 -22.13 -76.85
N TRP B 722 -104.13 -22.87 -75.75
CA TRP B 722 -102.91 -23.09 -74.99
C TRP B 722 -102.08 -24.21 -75.61
N THR B 723 -100.78 -23.95 -75.76
CA THR B 723 -99.79 -24.92 -76.21
C THR B 723 -98.39 -24.37 -75.91
N GLY B 724 -97.53 -25.21 -75.36
CA GLY B 724 -96.17 -24.82 -75.02
C GLY B 724 -96.07 -23.72 -74.00
N HIS B 725 -96.99 -23.69 -73.02
CA HIS B 725 -97.05 -22.69 -71.93
C HIS B 725 -97.24 -21.27 -72.48
N VAL B 726 -97.90 -21.14 -73.63
CA VAL B 726 -98.15 -19.86 -74.28
C VAL B 726 -99.64 -19.74 -74.55
N ALA B 727 -100.22 -18.60 -74.23
CA ALA B 727 -101.62 -18.32 -74.47
C ALA B 727 -101.73 -17.37 -75.66
N ARG B 728 -102.56 -17.75 -76.63
CA ARG B 728 -102.75 -16.96 -77.84
C ARG B 728 -104.23 -16.60 -77.93
N PRO B 729 -104.60 -15.32 -77.89
CA PRO B 729 -106.02 -14.95 -77.95
C PRO B 729 -106.67 -15.34 -79.26
N VAL B 730 -107.91 -15.79 -79.19
CA VAL B 730 -108.69 -16.18 -80.35
C VAL B 730 -110.04 -15.46 -80.32
N THR B 731 -110.41 -14.88 -81.44
CA THR B 731 -111.71 -14.22 -81.56
C THR B 731 -112.79 -15.28 -81.61
N SER B 732 -113.85 -15.09 -80.82
CA SER B 732 -114.96 -16.02 -80.78
C SER B 732 -116.27 -15.24 -80.76
N PRO B 733 -117.36 -15.85 -81.23
CA PRO B 733 -118.67 -15.18 -81.17
C PRO B 733 -119.25 -15.16 -79.76
N GLY B 734 -118.83 -14.17 -78.97
CA GLY B 734 -119.21 -14.12 -77.57
C GLY B 734 -118.12 -14.69 -76.70
N GLN B 735 -116.90 -14.23 -76.92
CA GLN B 735 -115.74 -14.79 -76.23
C GLN B 735 -115.74 -14.39 -74.76
N HIS B 736 -115.52 -15.38 -73.89
CA HIS B 736 -115.31 -15.19 -72.46
C HIS B 736 -114.75 -16.47 -71.88
N LEU B 737 -114.29 -16.37 -70.62
CA LEU B 737 -113.82 -17.52 -69.89
C LEU B 737 -114.99 -18.48 -69.67
N LEU B 738 -114.67 -19.78 -69.61
CA LEU B 738 -115.68 -20.82 -69.46
C LEU B 738 -116.51 -20.64 -68.20
N ALA B 739 -117.77 -20.31 -68.39
CA ALA B 739 -118.74 -20.06 -67.34
C ALA B 739 -119.71 -21.24 -67.29
N PRO B 740 -120.60 -21.31 -66.28
CA PRO B 740 -121.65 -22.34 -66.31
C PRO B 740 -122.54 -22.23 -67.53
N GLU B 741 -122.99 -23.41 -68.01
CA GLU B 741 -123.80 -23.58 -69.23
C GLU B 741 -123.01 -23.10 -70.46
N ASP B 742 -121.85 -23.71 -70.64
CA ASP B 742 -120.98 -23.45 -71.79
C ASP B 742 -120.64 -24.76 -72.46
N VAL B 743 -120.63 -24.75 -73.79
CA VAL B 743 -120.39 -25.94 -74.59
C VAL B 743 -118.97 -25.91 -75.11
N VAL B 744 -118.22 -26.96 -74.85
CA VAL B 744 -116.84 -27.11 -75.31
C VAL B 744 -116.82 -28.35 -76.20
N SER B 745 -116.99 -28.15 -77.51
CA SER B 745 -117.02 -29.23 -78.48
C SER B 745 -115.64 -29.38 -79.11
N CYS B 746 -114.96 -30.49 -78.83
CA CYS B 746 -113.63 -30.77 -79.34
C CYS B 746 -113.73 -31.74 -80.51
N CYS B 747 -113.26 -31.30 -81.68
CA CYS B 747 -113.25 -32.05 -82.92
C CYS B 747 -111.80 -32.34 -83.32
N LEU B 748 -111.48 -33.61 -83.57
CA LEU B 748 -110.12 -33.99 -83.90
C LEU B 748 -110.12 -34.82 -85.17
N ASP B 749 -109.55 -34.26 -86.24
CA ASP B 749 -109.32 -35.01 -87.46
C ASP B 749 -107.84 -35.36 -87.53
N LEU B 750 -107.56 -36.67 -87.67
CA LEU B 750 -106.21 -37.18 -87.77
C LEU B 750 -105.81 -37.54 -89.21
N SER B 751 -106.73 -37.42 -90.18
CA SER B 751 -106.36 -37.58 -91.58
C SER B 751 -105.35 -36.52 -92.00
N VAL B 752 -105.68 -35.26 -91.75
CA VAL B 752 -104.72 -34.16 -91.80
C VAL B 752 -104.76 -33.67 -90.36
N PRO B 753 -103.61 -33.36 -89.74
CA PRO B 753 -103.63 -32.97 -88.32
C PRO B 753 -104.42 -31.69 -88.05
N SER B 754 -105.55 -31.81 -87.34
CA SER B 754 -106.38 -30.63 -87.11
C SER B 754 -107.24 -30.82 -85.88
N ILE B 755 -107.16 -29.86 -84.97
CA ILE B 755 -107.95 -29.85 -83.75
C ILE B 755 -108.82 -28.60 -83.76
N SER B 756 -110.12 -28.79 -83.70
CA SER B 756 -111.13 -27.76 -83.81
C SER B 756 -111.88 -27.67 -82.49
N PHE B 757 -112.27 -26.45 -82.12
CA PHE B 757 -113.05 -26.24 -80.92
C PHE B 757 -114.29 -25.44 -81.28
N ARG B 758 -115.39 -25.75 -80.61
CA ARG B 758 -116.64 -25.02 -80.79
C ARG B 758 -117.17 -24.58 -79.44
N ILE B 759 -117.54 -23.30 -79.34
CA ILE B 759 -118.10 -22.72 -78.13
C ILE B 759 -119.56 -22.41 -78.40
N ASN B 760 -120.44 -23.12 -77.70
CA ASN B 760 -121.91 -22.98 -77.78
C ASN B 760 -122.39 -23.08 -79.23
N GLY B 761 -121.87 -24.07 -79.95
CA GLY B 761 -122.19 -24.30 -81.35
C GLY B 761 -121.33 -23.48 -82.29
N CYS B 762 -121.07 -22.22 -81.95
CA CYS B 762 -120.19 -21.37 -82.75
C CYS B 762 -118.76 -21.87 -82.67
N PRO B 763 -118.12 -22.15 -83.80
CA PRO B 763 -116.76 -22.72 -83.75
C PRO B 763 -115.72 -21.70 -83.31
N VAL B 764 -114.77 -22.16 -82.51
CA VAL B 764 -113.66 -21.32 -82.10
C VAL B 764 -112.72 -21.13 -83.28
N GLN B 765 -112.51 -19.88 -83.66
CA GLN B 765 -111.76 -19.52 -84.87
C GLN B 765 -110.25 -19.70 -84.65
N GLY B 766 -109.86 -20.96 -84.56
CA GLY B 766 -108.46 -21.34 -84.39
C GLY B 766 -108.33 -22.85 -84.40
N VAL B 767 -107.39 -23.38 -85.18
CA VAL B 767 -107.21 -24.83 -85.32
C VAL B 767 -105.71 -25.15 -85.29
N PHE B 768 -105.34 -26.13 -84.47
CA PHE B 768 -103.96 -26.60 -84.45
C PHE B 768 -103.65 -27.33 -85.74
N GLU B 769 -102.43 -27.17 -86.23
CA GLU B 769 -102.00 -27.82 -87.47
C GLU B 769 -100.54 -28.20 -87.33
N ALA B 770 -100.12 -29.17 -88.15
CA ALA B 770 -98.74 -29.64 -88.24
C ALA B 770 -98.19 -30.08 -86.88
N PHE B 771 -99.04 -30.73 -86.09
CA PHE B 771 -98.64 -31.23 -84.80
C PHE B 771 -98.25 -32.70 -84.89
N ASN B 772 -97.43 -33.12 -83.93
CA ASN B 772 -96.94 -34.48 -83.88
C ASN B 772 -98.11 -35.44 -83.66
N LEU B 773 -98.04 -36.57 -84.35
CA LEU B 773 -99.09 -37.57 -84.29
C LEU B 773 -98.65 -38.87 -83.65
N ASP B 774 -97.34 -39.12 -83.58
CA ASP B 774 -96.78 -40.30 -82.94
C ASP B 774 -97.24 -40.40 -81.49
N GLY B 775 -97.71 -41.58 -81.10
CA GLY B 775 -98.39 -41.74 -79.84
C GLY B 775 -99.90 -41.78 -80.04
N LEU B 776 -100.61 -41.52 -78.95
CA LEU B 776 -102.06 -41.57 -78.94
C LEU B 776 -102.63 -40.24 -78.47
N PHE B 777 -103.90 -40.02 -78.77
CA PHE B 777 -104.60 -38.80 -78.39
C PHE B 777 -105.80 -39.17 -77.52
N PHE B 778 -106.01 -38.40 -76.45
CA PHE B 778 -107.08 -38.68 -75.52
C PHE B 778 -107.63 -37.38 -74.97
N PRO B 779 -108.92 -37.33 -74.62
CA PRO B 779 -109.47 -36.13 -73.98
C PRO B 779 -108.87 -35.91 -72.61
N VAL B 780 -108.76 -34.64 -72.22
CA VAL B 780 -108.20 -34.28 -70.92
C VAL B 780 -108.77 -32.94 -70.48
N VAL B 781 -109.11 -32.84 -69.20
CA VAL B 781 -109.54 -31.60 -68.58
C VAL B 781 -108.59 -31.28 -67.43
N SER B 782 -108.03 -30.08 -67.45
CA SER B 782 -107.11 -29.63 -66.42
C SER B 782 -107.81 -28.56 -65.59
N PHE B 783 -107.97 -28.84 -64.31
CA PHE B 783 -108.73 -27.96 -63.44
C PHE B 783 -108.02 -27.77 -62.12
N SER B 784 -108.21 -26.58 -61.56
CA SER B 784 -107.83 -26.31 -60.18
C SER B 784 -109.02 -26.63 -59.29
N ALA B 785 -108.85 -26.40 -58.00
CA ALA B 785 -109.90 -26.70 -57.03
C ALA B 785 -111.10 -25.78 -57.19
N GLY B 786 -112.29 -26.35 -57.04
CA GLY B 786 -113.52 -25.56 -57.04
C GLY B 786 -114.26 -25.51 -58.35
N VAL B 787 -114.37 -26.66 -59.02
CA VAL B 787 -115.10 -26.78 -60.29
C VAL B 787 -115.98 -28.01 -60.29
N LYS B 788 -117.00 -27.97 -61.15
CA LYS B 788 -117.83 -29.13 -61.47
C LYS B 788 -118.01 -29.15 -62.99
N VAL B 789 -117.57 -30.22 -63.64
CA VAL B 789 -117.73 -30.34 -65.08
C VAL B 789 -118.29 -31.72 -65.43
N ARG B 790 -118.87 -31.81 -66.63
CA ARG B 790 -119.49 -33.04 -67.10
C ARG B 790 -118.89 -33.43 -68.45
N PHE B 791 -118.67 -34.72 -68.63
CA PHE B 791 -118.12 -35.29 -69.85
C PHE B 791 -119.27 -35.77 -70.72
N LEU B 792 -119.55 -35.06 -71.80
CA LEU B 792 -120.57 -35.45 -72.76
C LEU B 792 -119.84 -36.17 -73.89
N LEU B 793 -119.77 -37.50 -73.76
CA LEU B 793 -119.13 -38.35 -74.75
C LEU B 793 -120.14 -38.92 -75.75
N GLY B 794 -121.40 -38.53 -75.65
CA GLY B 794 -122.41 -38.93 -76.61
C GLY B 794 -122.87 -40.35 -76.39
N GLY B 795 -123.87 -40.75 -77.19
CA GLY B 795 -124.42 -42.09 -77.11
C GLY B 795 -125.03 -42.36 -75.75
N ARG B 796 -124.58 -43.45 -75.14
CA ARG B 796 -125.02 -43.79 -73.79
C ARG B 796 -124.36 -42.88 -72.73
N HIS B 797 -123.31 -42.16 -73.09
CA HIS B 797 -122.54 -41.32 -72.17
C HIS B 797 -122.74 -39.83 -72.41
N GLY B 798 -123.96 -39.42 -72.74
CA GLY B 798 -124.31 -38.04 -72.94
C GLY B 798 -125.21 -37.89 -74.13
N GLU B 799 -125.40 -36.63 -74.55
CA GLU B 799 -126.26 -36.33 -75.69
C GLU B 799 -125.65 -35.37 -76.70
N PHE B 800 -124.51 -34.74 -76.36
CA PHE B 800 -123.72 -33.77 -77.12
C PHE B 800 -124.37 -32.40 -77.25
N LYS B 801 -125.67 -32.27 -76.93
CA LYS B 801 -126.46 -31.03 -76.96
C LYS B 801 -126.37 -30.21 -78.24
N PHE B 802 -125.84 -30.81 -79.32
CA PHE B 802 -125.45 -30.20 -80.56
C PHE B 802 -125.14 -31.33 -81.53
N LEU B 803 -125.55 -31.18 -82.78
CA LEU B 803 -125.23 -32.20 -83.79
C LEU B 803 -123.72 -32.20 -84.05
N PRO B 804 -123.06 -33.36 -83.97
CA PRO B 804 -121.63 -33.40 -84.28
C PRO B 804 -121.38 -33.11 -85.75
N PRO B 805 -120.24 -32.53 -86.09
CA PRO B 805 -119.91 -32.30 -87.50
C PRO B 805 -119.84 -33.60 -88.26
N PRO B 806 -120.26 -33.62 -89.53
CA PRO B 806 -120.29 -34.86 -90.32
C PRO B 806 -118.91 -35.50 -90.47
N GLY B 807 -118.88 -36.82 -90.36
CA GLY B 807 -117.66 -37.57 -90.43
C GLY B 807 -116.96 -37.76 -89.10
N TYR B 808 -117.33 -37.02 -88.07
CA TYR B 808 -116.69 -37.11 -86.77
C TYR B 808 -117.50 -38.04 -85.87
N ALA B 809 -116.82 -38.95 -85.24
CA ALA B 809 -117.55 -39.94 -84.47
C ALA B 809 -117.55 -39.59 -82.99
N PRO B 810 -118.61 -39.96 -82.27
CA PRO B 810 -118.62 -39.80 -80.81
C PRO B 810 -117.50 -40.58 -80.16
N CYS B 811 -116.89 -39.98 -79.12
CA CYS B 811 -115.71 -40.56 -78.50
C CYS B 811 -115.99 -41.83 -77.71
N HIS B 812 -117.24 -42.10 -77.33
CA HIS B 812 -117.55 -43.34 -76.63
C HIS B 812 -117.40 -44.58 -77.50
N GLU B 813 -117.25 -44.42 -78.81
CA GLU B 813 -117.12 -45.53 -79.74
C GLU B 813 -115.69 -46.02 -79.87
N ALA B 814 -114.73 -45.38 -79.20
CA ALA B 814 -113.33 -45.77 -79.26
C ALA B 814 -112.89 -46.60 -78.06
N VAL B 815 -113.82 -46.97 -77.16
CA VAL B 815 -113.47 -47.77 -75.99
C VAL B 815 -113.06 -49.18 -76.44
N LEU B 816 -111.98 -49.68 -75.84
CA LEU B 816 -111.50 -51.01 -76.15
C LEU B 816 -112.50 -52.06 -75.64
N PRO B 817 -112.65 -53.18 -76.36
CA PRO B 817 -113.67 -54.18 -75.98
C PRO B 817 -113.46 -54.78 -74.60
N ARG B 818 -112.21 -54.97 -74.18
CA ARG B 818 -111.94 -55.62 -72.89
C ARG B 818 -112.35 -54.73 -71.73
N GLU B 819 -112.01 -53.45 -71.80
CA GLU B 819 -112.21 -52.54 -70.68
C GLU B 819 -113.57 -51.84 -70.76
N ARG B 820 -114.05 -51.44 -69.60
CA ARG B 820 -115.27 -50.66 -69.46
C ARG B 820 -114.89 -49.22 -69.14
N LEU B 821 -115.63 -48.28 -69.72
CA LEU B 821 -115.31 -46.86 -69.59
C LEU B 821 -115.44 -46.39 -68.15
N ARG B 822 -114.49 -45.54 -67.75
CA ARG B 822 -114.49 -44.92 -66.43
C ARG B 822 -113.71 -43.62 -66.54
N LEU B 823 -113.62 -42.90 -65.43
CA LEU B 823 -112.93 -41.63 -65.37
C LEU B 823 -111.70 -41.78 -64.46
N GLU B 824 -110.53 -41.47 -65.00
CA GLU B 824 -109.26 -41.64 -64.30
C GLU B 824 -108.33 -40.47 -64.61
N PRO B 825 -107.38 -40.18 -63.74
CA PRO B 825 -106.41 -39.14 -64.04
C PRO B 825 -105.34 -39.66 -65.00
N ILE B 826 -104.35 -38.81 -65.27
CA ILE B 826 -103.21 -39.14 -66.11
C ILE B 826 -102.26 -39.94 -65.23
N LYS B 827 -101.21 -40.55 -65.82
CA LYS B 827 -100.19 -41.35 -65.15
C LYS B 827 -99.69 -40.72 -63.87
N GLU B 828 -99.85 -41.45 -62.77
CA GLU B 828 -99.63 -40.89 -61.44
C GLU B 828 -98.74 -41.76 -60.58
N TYR B 829 -98.67 -41.42 -59.29
CA TYR B 829 -97.86 -42.15 -58.34
C TYR B 829 -98.58 -42.45 -57.04
N ARG B 830 -99.84 -42.06 -56.89
CA ARG B 830 -100.53 -42.21 -55.63
C ARG B 830 -102.03 -42.22 -55.89
N ARG B 831 -102.77 -42.95 -55.05
CA ARG B 831 -104.23 -42.97 -55.10
C ARG B 831 -104.73 -43.34 -53.71
N GLU B 832 -106.00 -43.03 -53.47
CA GLU B 832 -106.60 -43.29 -52.17
C GLU B 832 -106.74 -44.79 -51.95
N GLY B 833 -106.66 -45.19 -50.69
CA GLY B 833 -106.81 -46.57 -50.30
C GLY B 833 -107.71 -46.76 -49.11
N PRO B 834 -108.28 -47.97 -48.97
CA PRO B 834 -109.19 -48.27 -47.85
C PRO B 834 -108.56 -48.12 -46.47
N ARG B 835 -107.49 -48.85 -46.22
CA ARG B 835 -106.82 -48.77 -44.92
C ARG B 835 -105.72 -47.72 -44.89
N GLY B 836 -105.12 -47.42 -46.04
CA GLY B 836 -104.09 -46.41 -46.13
C GLY B 836 -103.78 -46.11 -47.58
N PRO B 837 -103.18 -44.95 -47.83
CA PRO B 837 -102.80 -44.58 -49.21
C PRO B 837 -101.83 -45.58 -49.82
N HIS B 838 -102.03 -45.87 -51.09
CA HIS B 838 -101.24 -46.87 -51.80
C HIS B 838 -100.32 -46.16 -52.78
N LEU B 839 -99.02 -46.38 -52.63
CA LEU B 839 -98.09 -45.90 -53.64
C LEU B 839 -98.30 -46.72 -54.90
N VAL B 840 -98.41 -46.03 -56.03
CA VAL B 840 -98.79 -46.64 -57.28
C VAL B 840 -97.59 -46.67 -58.21
N GLY B 841 -97.17 -47.87 -58.60
CA GLY B 841 -96.16 -48.06 -59.61
C GLY B 841 -96.74 -47.63 -60.93
N PRO B 842 -95.90 -47.06 -61.83
CA PRO B 842 -96.32 -46.56 -63.17
C PRO B 842 -97.37 -47.36 -63.92
N SER B 843 -98.27 -46.70 -64.62
CA SER B 843 -99.37 -47.38 -65.30
C SER B 843 -98.94 -47.79 -66.70
N ARG B 844 -99.25 -49.04 -67.06
CA ARG B 844 -98.99 -49.52 -68.41
C ARG B 844 -99.89 -48.78 -69.38
N CYS B 845 -99.30 -48.25 -70.44
CA CYS B 845 -100.03 -47.41 -71.38
C CYS B 845 -100.10 -48.09 -72.73
N LEU B 846 -101.29 -48.06 -73.33
CA LEU B 846 -101.50 -48.63 -74.65
C LEU B 846 -100.80 -47.77 -75.70
N SER B 847 -100.47 -48.38 -76.82
CA SER B 847 -99.71 -47.74 -77.88
C SER B 847 -100.42 -47.87 -79.22
N HIS B 848 -100.13 -46.92 -80.12
CA HIS B 848 -100.69 -46.96 -81.47
C HIS B 848 -100.22 -48.21 -82.20
N THR B 849 -98.95 -48.60 -82.00
CA THR B 849 -98.41 -49.84 -82.55
C THR B 849 -99.20 -51.08 -82.11
N ASP B 850 -99.95 -51.00 -81.02
CA ASP B 850 -100.80 -52.08 -80.55
C ASP B 850 -102.17 -52.09 -81.24
N PHE B 851 -102.43 -51.16 -82.15
CA PHE B 851 -103.66 -51.21 -82.93
C PHE B 851 -103.44 -51.65 -84.36
N VAL B 852 -102.19 -51.84 -84.78
CA VAL B 852 -101.95 -52.37 -86.12
C VAL B 852 -101.85 -53.88 -85.99
N PRO B 853 -102.62 -54.66 -86.76
CA PRO B 853 -102.48 -56.11 -86.69
C PRO B 853 -101.33 -56.56 -87.58
N CYS B 854 -100.30 -57.13 -86.97
CA CYS B 854 -99.09 -57.55 -87.66
C CYS B 854 -98.93 -59.06 -87.60
N PRO B 855 -99.47 -59.79 -88.56
CA PRO B 855 -99.38 -61.25 -88.53
C PRO B 855 -98.06 -61.70 -89.15
N VAL B 856 -97.87 -63.02 -89.23
CA VAL B 856 -96.75 -63.57 -89.97
C VAL B 856 -97.19 -63.88 -91.39
N ASP B 857 -96.41 -63.39 -92.36
CA ASP B 857 -96.77 -63.55 -93.77
C ASP B 857 -96.82 -65.03 -94.15
N THR B 858 -97.92 -65.42 -94.80
CA THR B 858 -98.14 -66.81 -95.19
C THR B 858 -98.19 -66.97 -96.70
N VAL B 859 -97.27 -66.35 -97.43
CA VAL B 859 -97.21 -66.44 -98.88
C VAL B 859 -96.01 -67.24 -99.35
N GLN B 860 -94.80 -66.86 -98.91
CA GLN B 860 -93.57 -67.51 -99.38
C GLN B 860 -93.32 -68.81 -98.60
N ILE B 861 -94.23 -69.77 -98.80
CA ILE B 861 -94.17 -71.08 -98.18
C ILE B 861 -94.53 -72.13 -99.22
N VAL B 862 -93.53 -72.89 -99.68
CA VAL B 862 -93.82 -74.02 -100.55
C VAL B 862 -94.46 -75.14 -99.72
N LEU B 863 -95.58 -75.66 -100.22
CA LEU B 863 -96.40 -76.58 -99.45
C LEU B 863 -95.78 -77.98 -99.47
N PRO B 864 -95.53 -78.59 -98.31
CA PRO B 864 -94.75 -79.84 -98.25
C PRO B 864 -95.56 -81.06 -98.67
N PRO B 865 -94.87 -82.16 -99.01
CA PRO B 865 -95.59 -83.40 -99.36
C PRO B 865 -96.41 -84.00 -98.23
N HIS B 866 -95.90 -83.96 -96.99
CA HIS B 866 -96.64 -84.56 -95.89
C HIS B 866 -97.89 -83.76 -95.57
N LEU B 867 -97.92 -82.48 -95.96
CA LEU B 867 -99.08 -81.65 -95.77
C LEU B 867 -100.11 -81.87 -96.88
N GLU B 868 -99.66 -81.89 -98.16
CA GLU B 868 -100.62 -82.20 -99.24
C GLU B 868 -101.18 -83.62 -99.09
N ARG B 869 -100.42 -84.52 -98.46
CA ARG B 869 -100.91 -85.85 -98.14
C ARG B 869 -102.06 -85.81 -97.14
N ILE B 870 -102.10 -84.81 -96.26
CA ILE B 870 -103.19 -84.71 -95.30
C ILE B 870 -104.04 -83.44 -95.58
N ARG B 871 -103.99 -82.97 -96.83
CA ARG B 871 -104.69 -81.76 -97.25
C ARG B 871 -106.21 -81.90 -97.19
N GLU B 872 -106.73 -83.13 -97.13
CA GLU B 872 -108.14 -83.39 -97.33
C GLU B 872 -108.90 -83.54 -96.02
N LYS B 873 -108.46 -84.44 -95.14
CA LYS B 873 -109.20 -84.72 -93.90
C LYS B 873 -109.30 -83.50 -92.99
N LEU B 874 -108.20 -82.75 -92.85
CA LEU B 874 -108.21 -81.49 -92.10
C LEU B 874 -109.08 -80.40 -92.71
N ALA B 875 -109.49 -80.54 -93.97
CA ALA B 875 -110.47 -79.64 -94.57
C ALA B 875 -111.88 -80.18 -94.41
N GLU B 876 -112.04 -81.49 -94.61
CA GLU B 876 -113.34 -82.15 -94.46
C GLU B 876 -113.84 -82.01 -93.03
N ASN B 877 -112.93 -81.92 -92.07
CA ASN B 877 -113.31 -81.81 -90.68
C ASN B 877 -113.61 -80.37 -90.30
N ILE B 878 -113.36 -79.41 -91.19
CA ILE B 878 -113.68 -78.02 -90.91
C ILE B 878 -114.61 -77.43 -91.98
N HIS B 879 -115.31 -78.30 -92.70
CA HIS B 879 -116.26 -77.80 -93.69
C HIS B 879 -117.64 -77.52 -93.10
N GLU B 880 -118.04 -78.24 -92.05
CA GLU B 880 -119.29 -77.94 -91.36
C GLU B 880 -119.15 -78.01 -89.84
N LEU B 881 -117.92 -77.81 -89.34
CA LEU B 881 -117.71 -77.87 -87.90
C LEU B 881 -118.48 -76.76 -87.20
N TRP B 882 -118.51 -75.56 -87.81
CA TRP B 882 -119.37 -74.50 -87.27
C TRP B 882 -120.85 -74.83 -87.39
N ALA B 883 -121.21 -75.78 -88.26
CA ALA B 883 -122.58 -76.18 -88.48
C ALA B 883 -123.05 -77.25 -87.52
N LEU B 884 -122.11 -77.95 -86.88
CA LEU B 884 -122.48 -79.10 -86.04
C LEU B 884 -123.25 -78.70 -84.79
N THR B 885 -122.94 -77.52 -84.22
CA THR B 885 -123.48 -77.10 -82.93
C THR B 885 -125.00 -76.92 -82.97
N ARG B 886 -125.51 -76.36 -84.06
CA ARG B 886 -126.90 -75.87 -84.13
C ARG B 886 -127.88 -76.84 -84.78
N ILE B 887 -127.46 -78.05 -85.16
CA ILE B 887 -128.41 -79.01 -85.71
C ILE B 887 -129.33 -79.49 -84.59
N GLU B 888 -130.57 -79.88 -84.95
CA GLU B 888 -131.64 -80.25 -84.03
C GLU B 888 -132.05 -79.09 -83.11
N GLN B 889 -131.90 -77.87 -83.60
CA GLN B 889 -132.33 -76.66 -82.91
C GLN B 889 -133.20 -75.84 -83.85
N GLY B 890 -133.48 -74.59 -83.49
CA GLY B 890 -134.17 -73.68 -84.41
C GLY B 890 -133.45 -73.47 -85.73
N TRP B 891 -132.12 -73.60 -85.74
CA TRP B 891 -131.33 -73.52 -86.96
C TRP B 891 -131.04 -74.93 -87.49
N THR B 892 -132.12 -75.62 -87.87
CA THR B 892 -132.04 -76.97 -88.40
C THR B 892 -132.30 -76.92 -89.90
N TYR B 893 -131.42 -77.58 -90.66
CA TYR B 893 -131.34 -77.49 -92.11
C TYR B 893 -132.63 -77.99 -92.79
N GLY B 894 -132.78 -77.61 -94.06
CA GLY B 894 -133.88 -78.04 -94.89
C GLY B 894 -133.37 -78.22 -96.31
N PRO B 895 -133.91 -79.22 -97.02
CA PRO B 895 -133.47 -79.49 -98.40
C PRO B 895 -133.69 -78.36 -99.40
N VAL B 896 -134.69 -77.51 -99.19
CA VAL B 896 -134.99 -76.45 -100.14
C VAL B 896 -133.90 -75.38 -100.17
N ARG B 897 -133.32 -75.06 -99.02
CA ARG B 897 -132.36 -73.96 -98.89
C ARG B 897 -130.96 -74.49 -98.61
N ASP B 898 -130.05 -73.56 -98.35
CA ASP B 898 -128.64 -73.86 -98.12
C ASP B 898 -128.17 -72.98 -96.97
N ASP B 899 -126.84 -72.81 -96.85
CA ASP B 899 -126.23 -72.01 -95.79
C ASP B 899 -126.72 -70.56 -95.83
N ASN B 900 -126.57 -69.89 -94.67
CA ASN B 900 -126.83 -68.47 -94.44
C ASN B 900 -128.31 -68.10 -94.56
N LYS B 901 -129.21 -69.09 -94.49
CA LYS B 901 -130.65 -68.85 -94.63
C LYS B 901 -131.40 -69.17 -93.34
N ARG B 902 -130.79 -68.91 -92.18
CA ARG B 902 -131.29 -69.16 -90.83
C ARG B 902 -131.61 -70.63 -90.54
N LEU B 903 -131.26 -71.54 -91.45
CA LEU B 903 -131.38 -72.99 -91.37
C LEU B 903 -130.13 -73.61 -91.96
N HIS B 904 -128.99 -73.03 -91.57
CA HIS B 904 -127.70 -73.22 -92.24
C HIS B 904 -127.17 -74.66 -92.46
N PRO B 905 -127.17 -75.64 -91.44
CA PRO B 905 -126.16 -76.72 -91.41
C PRO B 905 -125.65 -77.43 -92.67
N CYS B 906 -126.53 -78.07 -93.44
CA CYS B 906 -126.20 -78.85 -94.65
C CYS B 906 -125.03 -79.80 -94.40
N LEU B 907 -125.25 -80.76 -93.51
CA LEU B 907 -124.23 -81.68 -93.04
C LEU B 907 -123.79 -82.71 -94.08
N VAL B 908 -124.45 -82.77 -95.25
CA VAL B 908 -124.27 -83.85 -96.22
C VAL B 908 -122.82 -83.95 -96.66
N ASN B 909 -122.34 -82.91 -97.34
CA ASN B 909 -120.98 -82.82 -97.87
C ASN B 909 -120.80 -81.41 -98.43
N PHE B 910 -119.56 -81.09 -98.75
CA PHE B 910 -119.21 -79.83 -99.40
C PHE B 910 -119.38 -79.88 -100.91
N HIS B 911 -119.60 -81.07 -101.49
CA HIS B 911 -119.94 -81.15 -102.90
C HIS B 911 -121.30 -80.51 -103.17
N SER B 912 -122.27 -80.75 -102.29
CA SER B 912 -123.55 -80.06 -102.38
C SER B 912 -123.37 -78.56 -102.19
N LEU B 913 -122.41 -78.16 -101.35
CA LEU B 913 -122.14 -76.77 -101.10
C LEU B 913 -121.39 -76.17 -102.29
N PRO B 914 -121.44 -74.83 -102.48
CA PRO B 914 -120.81 -74.20 -103.65
C PRO B 914 -119.31 -74.46 -103.76
N GLU B 915 -118.86 -74.70 -104.99
CA GLU B 915 -117.46 -75.04 -105.28
C GLU B 915 -116.43 -73.97 -104.88
N PRO B 916 -116.60 -72.65 -105.16
CA PRO B 916 -115.53 -71.69 -104.78
C PRO B 916 -115.27 -71.65 -103.28
N GLU B 917 -116.29 -71.50 -102.45
CA GLU B 917 -116.08 -71.54 -101.01
C GLU B 917 -115.60 -72.93 -100.56
N ARG B 918 -115.94 -73.98 -101.31
CA ARG B 918 -115.48 -75.34 -101.00
C ARG B 918 -113.96 -75.44 -101.08
N ASN B 919 -113.39 -75.24 -102.29
CA ASN B 919 -111.94 -75.31 -102.41
C ASN B 919 -111.25 -74.16 -101.66
N TYR B 920 -111.96 -73.06 -101.41
CA TYR B 920 -111.49 -72.03 -100.49
C TYR B 920 -111.31 -72.60 -99.09
N ASN B 921 -112.26 -73.42 -98.62
CA ASN B 921 -112.14 -74.04 -97.30
C ASN B 921 -110.98 -75.04 -97.28
N LEU B 922 -110.80 -75.81 -98.36
CA LEU B 922 -109.62 -76.67 -98.49
C LEU B 922 -108.32 -75.86 -98.35
N GLN B 923 -108.18 -74.79 -99.12
CA GLN B 923 -106.95 -74.04 -99.06
C GLN B 923 -106.88 -73.12 -97.83
N MET B 924 -107.98 -72.93 -97.10
CA MET B 924 -107.91 -72.36 -95.75
C MET B 924 -107.37 -73.35 -94.73
N SER B 925 -107.73 -74.64 -94.85
CA SER B 925 -107.06 -75.66 -94.06
C SER B 925 -105.58 -75.72 -94.37
N GLY B 926 -105.24 -75.66 -95.67
CA GLY B 926 -103.85 -75.51 -96.08
C GLY B 926 -103.20 -74.23 -95.55
N GLU B 927 -103.97 -73.15 -95.47
CA GLU B 927 -103.48 -71.88 -94.97
C GLU B 927 -103.14 -71.95 -93.49
N THR B 928 -103.99 -72.63 -92.71
CA THR B 928 -103.68 -72.90 -91.31
C THR B 928 -102.44 -73.76 -91.17
N LEU B 929 -102.28 -74.79 -92.00
CA LEU B 929 -101.02 -75.55 -92.00
C LEU B 929 -99.81 -74.69 -92.42
N LYS B 930 -100.02 -73.71 -93.28
CA LYS B 930 -98.92 -72.82 -93.68
C LYS B 930 -98.55 -71.89 -92.53
N THR B 931 -99.55 -71.45 -91.77
CA THR B 931 -99.29 -70.72 -90.53
C THR B 931 -98.53 -71.59 -89.53
N LEU B 932 -98.85 -72.89 -89.47
CA LEU B 932 -98.11 -73.81 -88.59
C LEU B 932 -96.65 -73.89 -89.02
N LEU B 933 -96.42 -73.92 -90.34
CA LEU B 933 -95.06 -73.92 -90.87
C LEU B 933 -94.32 -72.64 -90.50
N ALA B 934 -94.93 -71.48 -90.78
CA ALA B 934 -94.29 -70.20 -90.51
C ALA B 934 -94.06 -70.00 -89.02
N LEU B 935 -94.92 -70.57 -88.18
CA LEU B 935 -94.73 -70.50 -86.73
C LEU B 935 -93.58 -71.41 -86.30
N GLY B 936 -93.42 -72.54 -86.97
CA GLY B 936 -92.41 -73.51 -86.57
C GLY B 936 -92.95 -74.87 -86.15
N CYS B 937 -94.05 -75.29 -86.76
CA CYS B 937 -94.65 -76.60 -86.49
C CYS B 937 -94.37 -77.56 -87.65
N HIS B 938 -93.88 -78.74 -87.31
CA HIS B 938 -93.58 -79.79 -88.29
C HIS B 938 -94.14 -81.11 -87.77
N VAL B 939 -94.43 -82.02 -88.68
CA VAL B 939 -95.22 -83.21 -88.36
C VAL B 939 -94.37 -84.47 -88.53
N GLY B 940 -94.68 -85.47 -87.71
CA GLY B 940 -94.05 -86.77 -87.79
C GLY B 940 -94.99 -87.86 -87.37
N MET B 941 -94.97 -88.99 -88.08
CA MET B 941 -95.93 -90.07 -87.91
C MET B 941 -95.25 -91.23 -87.20
N ALA B 942 -95.84 -91.65 -86.07
CA ALA B 942 -95.32 -92.79 -85.32
C ALA B 942 -96.33 -93.92 -85.22
N ASP B 943 -97.52 -93.68 -84.65
CA ASP B 943 -98.31 -94.77 -84.09
C ASP B 943 -99.31 -95.28 -85.14
N GLU B 944 -100.27 -96.10 -84.70
CA GLU B 944 -101.33 -96.66 -85.54
C GLU B 944 -102.15 -95.58 -86.24
N LYS B 945 -102.48 -95.84 -87.51
CA LYS B 945 -103.23 -94.88 -88.32
C LYS B 945 -104.62 -94.69 -87.74
N ALA B 946 -104.95 -93.45 -87.36
CA ALA B 946 -106.25 -93.14 -86.78
C ALA B 946 -107.43 -93.46 -87.70
N GLU B 947 -107.20 -93.47 -89.02
CA GLU B 947 -108.23 -93.82 -90.00
C GLU B 947 -108.87 -95.16 -89.71
N ASP B 948 -108.09 -96.13 -89.24
CA ASP B 948 -108.63 -97.45 -88.91
C ASP B 948 -109.51 -97.38 -87.67
N ASN B 949 -109.02 -96.75 -86.60
CA ASN B 949 -109.62 -96.80 -85.28
C ASN B 949 -110.53 -95.58 -85.07
N LEU B 950 -110.87 -94.88 -86.15
CA LEU B 950 -111.85 -93.81 -86.15
C LEU B 950 -113.10 -94.29 -86.87
N LYS B 951 -114.24 -93.77 -86.45
CA LYS B 951 -115.52 -94.12 -87.08
C LYS B 951 -116.42 -92.90 -87.09
N LYS B 952 -117.41 -92.94 -87.97
CA LYS B 952 -118.44 -91.91 -88.05
C LYS B 952 -119.66 -92.38 -87.28
N THR B 953 -120.22 -91.50 -86.45
CA THR B 953 -121.29 -91.85 -85.54
C THR B 953 -122.58 -91.15 -85.99
N LYS B 954 -123.51 -91.92 -86.52
CA LYS B 954 -124.84 -91.40 -86.85
C LYS B 954 -125.61 -91.30 -85.54
N LEU B 955 -125.43 -90.16 -84.86
CA LEU B 955 -126.07 -89.93 -83.58
C LEU B 955 -127.58 -89.75 -83.76
N PRO B 956 -128.38 -90.05 -82.72
CA PRO B 956 -129.81 -89.65 -82.78
C PRO B 956 -130.00 -88.16 -82.97
N LYS B 957 -129.19 -87.34 -82.31
CA LYS B 957 -129.10 -85.92 -82.66
C LYS B 957 -128.37 -85.75 -83.98
N THR B 958 -128.60 -84.60 -84.61
CA THR B 958 -128.08 -84.22 -85.93
C THR B 958 -128.59 -85.15 -87.05
N TYR B 959 -129.70 -85.83 -86.81
CA TYR B 959 -130.32 -86.64 -87.86
C TYR B 959 -131.05 -85.74 -88.84
N MET B 960 -130.83 -85.98 -90.13
CA MET B 960 -131.44 -85.19 -91.20
C MET B 960 -131.98 -86.08 -92.30
N MET B 961 -132.95 -85.53 -93.03
CA MET B 961 -133.62 -86.22 -94.11
C MET B 961 -132.93 -86.00 -95.45
N SER B 962 -132.09 -84.98 -95.56
CA SER B 962 -131.42 -84.63 -96.81
C SER B 962 -130.18 -85.49 -96.95
N ASN B 963 -130.30 -86.55 -97.78
CA ASN B 963 -129.21 -87.43 -98.22
C ASN B 963 -128.47 -88.04 -97.02
N GLY B 964 -129.24 -88.68 -96.14
CA GLY B 964 -128.68 -89.38 -95.01
C GLY B 964 -128.20 -88.46 -93.92
N TYR B 965 -127.86 -89.06 -92.78
CA TYR B 965 -127.42 -88.31 -91.62
C TYR B 965 -126.00 -88.74 -91.25
N LYS B 966 -125.20 -87.77 -90.83
CA LYS B 966 -123.81 -87.96 -90.47
C LYS B 966 -123.39 -86.79 -89.61
N PRO B 967 -122.30 -86.90 -88.85
CA PRO B 967 -121.73 -85.71 -88.20
C PRO B 967 -121.38 -84.66 -89.25
N ALA B 968 -121.69 -83.39 -88.95
CA ALA B 968 -121.43 -82.32 -89.90
C ALA B 968 -119.95 -82.16 -90.23
N PRO B 969 -118.98 -82.11 -89.25
CA PRO B 969 -117.58 -82.27 -89.64
C PRO B 969 -117.25 -83.76 -89.73
N LEU B 970 -116.00 -84.10 -89.97
CA LEU B 970 -115.62 -85.51 -89.95
C LEU B 970 -115.45 -85.93 -88.49
N ASP B 971 -115.99 -87.10 -88.15
CA ASP B 971 -116.04 -87.54 -86.76
C ASP B 971 -114.64 -87.88 -86.23
N LEU B 972 -114.51 -87.92 -84.91
CA LEU B 972 -113.25 -88.22 -84.26
C LEU B 972 -113.54 -88.85 -82.91
N SER B 973 -112.67 -89.77 -82.49
CA SER B 973 -112.79 -90.47 -81.22
C SER B 973 -111.96 -89.75 -80.15
N HIS B 974 -111.78 -90.40 -79.01
CA HIS B 974 -110.98 -89.92 -77.88
C HIS B 974 -109.55 -89.52 -78.27
N VAL B 975 -109.26 -88.23 -78.16
CA VAL B 975 -107.97 -87.62 -78.51
C VAL B 975 -107.76 -86.46 -77.52
N ARG B 976 -106.51 -86.24 -77.10
CA ARG B 976 -106.21 -85.22 -76.10
C ARG B 976 -105.18 -84.25 -76.67
N LEU B 977 -104.87 -83.19 -75.90
CA LEU B 977 -103.96 -82.15 -76.37
C LEU B 977 -103.12 -81.63 -75.21
N THR B 978 -101.81 -81.52 -75.42
CA THR B 978 -100.89 -81.03 -74.41
C THR B 978 -100.84 -79.49 -74.40
N PRO B 979 -100.32 -78.88 -73.31
CA PRO B 979 -100.28 -77.40 -73.27
C PRO B 979 -99.50 -76.73 -74.39
N ALA B 980 -98.43 -77.36 -74.92
CA ALA B 980 -97.75 -76.83 -76.09
C ALA B 980 -98.72 -76.62 -77.26
N GLN B 981 -99.60 -77.59 -77.48
CA GLN B 981 -100.64 -77.46 -78.50
C GLN B 981 -101.64 -76.37 -78.14
N THR B 982 -101.92 -76.19 -76.84
CA THR B 982 -102.86 -75.12 -76.44
C THR B 982 -102.29 -73.74 -76.78
N THR B 983 -101.04 -73.48 -76.40
CA THR B 983 -100.41 -72.21 -76.74
C THR B 983 -100.31 -72.03 -78.25
N LEU B 984 -99.93 -73.10 -78.96
CA LEU B 984 -99.77 -73.02 -80.41
C LEU B 984 -101.10 -72.72 -81.11
N VAL B 985 -102.20 -73.34 -80.65
CA VAL B 985 -103.49 -73.06 -81.28
C VAL B 985 -103.95 -71.65 -80.90
N ASP B 986 -103.55 -71.16 -79.71
CA ASP B 986 -103.86 -69.78 -79.32
C ASP B 986 -103.22 -68.80 -80.29
N ARG B 987 -101.92 -68.94 -80.55
CA ARG B 987 -101.28 -68.01 -81.48
C ARG B 987 -101.70 -68.27 -82.94
N LEU B 988 -102.14 -69.50 -83.25
CA LEU B 988 -102.69 -69.78 -84.57
C LEU B 988 -104.00 -69.02 -84.80
N ALA B 989 -104.86 -68.97 -83.77
CA ALA B 989 -106.08 -68.17 -83.84
C ALA B 989 -105.74 -66.69 -83.88
N GLU B 990 -104.69 -66.29 -83.13
CA GLU B 990 -104.20 -64.92 -83.19
C GLU B 990 -103.82 -64.53 -84.62
N ASN B 991 -103.08 -65.40 -85.31
CA ASN B 991 -102.65 -65.09 -86.66
C ASN B 991 -103.79 -65.22 -87.66
N GLY B 992 -104.90 -65.83 -87.26
CA GLY B 992 -106.06 -65.82 -88.14
C GLY B 992 -106.81 -64.52 -88.00
N HIS B 993 -107.02 -64.11 -86.75
CA HIS B 993 -107.71 -62.87 -86.44
C HIS B 993 -106.97 -61.67 -87.02
N ASN B 994 -105.63 -61.66 -86.91
CA ASN B 994 -104.89 -60.48 -87.36
C ASN B 994 -104.82 -60.40 -88.87
N VAL B 995 -104.98 -61.52 -89.58
CA VAL B 995 -105.06 -61.48 -91.03
C VAL B 995 -106.43 -60.99 -91.46
N TRP B 996 -107.48 -61.46 -90.76
CA TRP B 996 -108.84 -61.00 -91.04
C TRP B 996 -108.95 -59.50 -90.82
N ALA B 997 -108.41 -59.02 -89.70
CA ALA B 997 -108.45 -57.60 -89.37
C ALA B 997 -107.64 -56.78 -90.37
N ARG B 998 -106.47 -57.29 -90.77
CA ARG B 998 -105.64 -56.64 -91.77
C ARG B 998 -106.40 -56.49 -93.09
N ASP B 999 -107.10 -57.56 -93.50
CA ASP B 999 -107.87 -57.53 -94.74
C ASP B 999 -109.00 -56.50 -94.65
N ARG B 1000 -109.74 -56.49 -93.53
CA ARG B 1000 -110.84 -55.55 -93.35
C ARG B 1000 -110.35 -54.10 -93.41
N VAL B 1001 -109.21 -53.83 -92.75
CA VAL B 1001 -108.60 -52.50 -92.80
C VAL B 1001 -108.23 -52.16 -94.23
N ALA B 1002 -107.63 -53.12 -94.96
CA ALA B 1002 -107.32 -52.91 -96.37
C ALA B 1002 -108.57 -52.70 -97.22
N GLN B 1003 -109.75 -53.15 -96.76
CA GLN B 1003 -111.00 -52.76 -97.40
C GLN B 1003 -111.63 -51.54 -96.75
N GLY B 1004 -110.88 -50.84 -95.90
CA GLY B 1004 -111.32 -49.56 -95.38
C GLY B 1004 -111.92 -49.57 -94.00
N TRP B 1005 -112.39 -50.73 -93.52
CA TRP B 1005 -113.08 -50.85 -92.25
C TRP B 1005 -112.25 -50.36 -91.07
N SER B 1006 -112.94 -50.09 -89.95
CA SER B 1006 -112.28 -49.66 -88.73
C SER B 1006 -113.10 -50.11 -87.51
N TYR B 1007 -112.63 -49.75 -86.33
CA TYR B 1007 -113.23 -50.17 -85.07
C TYR B 1007 -114.29 -49.17 -84.61
N SER B 1008 -115.34 -49.69 -83.98
CA SER B 1008 -116.36 -48.90 -83.29
C SER B 1008 -117.07 -49.84 -82.33
N ALA B 1009 -117.21 -49.43 -81.07
CA ALA B 1009 -117.85 -50.27 -80.04
C ALA B 1009 -119.31 -50.62 -80.36
N VAL B 1010 -119.96 -49.85 -81.24
CA VAL B 1010 -121.28 -50.15 -81.75
C VAL B 1010 -121.13 -50.49 -83.23
N GLN B 1011 -121.77 -51.57 -83.67
CA GLN B 1011 -121.55 -52.07 -85.01
C GLN B 1011 -122.32 -51.21 -86.01
N ASP B 1012 -121.64 -50.78 -87.07
CA ASP B 1012 -122.23 -50.01 -88.15
C ASP B 1012 -121.77 -50.61 -89.48
N ILE B 1013 -122.58 -51.48 -90.05
CA ILE B 1013 -122.26 -52.13 -91.32
C ILE B 1013 -122.24 -51.12 -92.48
N PRO B 1014 -123.27 -50.28 -92.73
CA PRO B 1014 -123.15 -49.31 -93.85
C PRO B 1014 -122.03 -48.30 -93.70
N ALA B 1015 -121.66 -47.95 -92.46
CA ALA B 1015 -120.49 -47.12 -92.21
C ALA B 1015 -119.20 -47.91 -92.15
N ARG B 1016 -119.29 -49.25 -92.28
CA ARG B 1016 -118.14 -50.16 -92.42
C ARG B 1016 -117.25 -50.11 -91.17
N ARG B 1017 -117.89 -50.28 -90.00
CA ARG B 1017 -117.17 -50.34 -88.73
C ARG B 1017 -117.69 -51.51 -87.91
N ASN B 1018 -116.80 -52.12 -87.15
CA ASN B 1018 -117.06 -53.38 -86.47
C ASN B 1018 -116.56 -53.26 -85.03
N PRO B 1019 -117.21 -53.95 -84.08
CA PRO B 1019 -116.67 -54.01 -82.71
C PRO B 1019 -115.55 -55.00 -82.50
N ARG B 1020 -115.10 -55.72 -83.52
CA ARG B 1020 -114.07 -56.73 -83.33
C ARG B 1020 -112.83 -56.43 -84.15
N LEU B 1021 -112.77 -55.28 -84.82
CA LEU B 1021 -111.56 -54.84 -85.50
C LEU B 1021 -110.57 -54.24 -84.51
N VAL B 1022 -110.05 -55.10 -83.64
CA VAL B 1022 -108.90 -54.80 -82.79
C VAL B 1022 -107.99 -56.01 -82.87
N PRO B 1023 -106.69 -55.85 -82.65
CA PRO B 1023 -105.79 -57.01 -82.57
C PRO B 1023 -106.21 -57.98 -81.47
N TYR B 1024 -105.86 -59.26 -81.70
CA TYR B 1024 -106.28 -60.37 -80.85
C TYR B 1024 -105.97 -60.11 -79.38
N ARG B 1025 -104.80 -59.50 -79.10
CA ARG B 1025 -104.39 -59.22 -77.73
C ARG B 1025 -105.35 -58.25 -77.04
N LEU B 1026 -106.07 -57.44 -77.83
CA LEU B 1026 -107.03 -56.47 -77.32
C LEU B 1026 -108.46 -56.96 -77.45
N LEU B 1027 -108.66 -58.10 -78.13
CA LEU B 1027 -109.99 -58.68 -78.29
C LEU B 1027 -110.57 -59.11 -76.93
N ASP B 1028 -111.85 -59.46 -76.94
CA ASP B 1028 -112.51 -59.91 -75.73
C ASP B 1028 -112.38 -61.43 -75.61
N GLU B 1029 -112.53 -61.93 -74.38
CA GLU B 1029 -112.33 -63.35 -74.08
C GLU B 1029 -113.37 -64.22 -74.76
N ALA B 1030 -114.59 -63.71 -74.94
CA ALA B 1030 -115.65 -64.44 -75.64
C ALA B 1030 -115.24 -64.74 -77.08
N THR B 1031 -114.79 -63.72 -77.80
CA THR B 1031 -114.39 -63.91 -79.19
C THR B 1031 -113.09 -64.71 -79.29
N LYS B 1032 -112.15 -64.51 -78.35
CA LYS B 1032 -110.94 -65.32 -78.29
C LYS B 1032 -111.28 -66.80 -78.20
N ARG B 1033 -112.18 -67.15 -77.29
CA ARG B 1033 -112.59 -68.53 -77.10
C ARG B 1033 -113.33 -69.06 -78.33
N SER B 1034 -114.18 -68.23 -78.93
CA SER B 1034 -114.94 -68.65 -80.11
C SER B 1034 -114.02 -68.94 -81.29
N ASN B 1035 -113.00 -68.11 -81.50
CA ASN B 1035 -112.01 -68.43 -82.53
C ASN B 1035 -111.19 -69.66 -82.17
N ARG B 1036 -110.75 -69.76 -80.92
CA ARG B 1036 -109.87 -70.86 -80.51
C ARG B 1036 -110.55 -72.22 -80.54
N ASP B 1037 -111.88 -72.27 -80.36
CA ASP B 1037 -112.58 -73.55 -80.31
C ASP B 1037 -112.48 -74.33 -81.62
N SER B 1038 -112.71 -73.65 -82.75
CA SER B 1038 -112.71 -74.29 -84.07
C SER B 1038 -111.33 -74.85 -84.40
N LEU B 1039 -110.30 -74.00 -84.27
CA LEU B 1039 -108.96 -74.43 -84.58
C LEU B 1039 -108.41 -75.38 -83.54
N CYS B 1040 -108.94 -75.36 -82.30
CA CYS B 1040 -108.59 -76.38 -81.31
C CYS B 1040 -109.11 -77.74 -81.76
N GLN B 1041 -110.33 -77.77 -82.29
CA GLN B 1041 -110.86 -79.02 -82.87
C GLN B 1041 -109.99 -79.46 -84.04
N ALA B 1042 -109.56 -78.50 -84.88
CA ALA B 1042 -108.72 -78.81 -86.03
C ALA B 1042 -107.39 -79.43 -85.61
N VAL B 1043 -106.68 -78.78 -84.66
CA VAL B 1043 -105.39 -79.30 -84.21
C VAL B 1043 -105.58 -80.62 -83.46
N ARG B 1044 -106.74 -80.80 -82.82
CA ARG B 1044 -107.07 -82.07 -82.19
C ARG B 1044 -107.18 -83.18 -83.22
N THR B 1045 -107.87 -82.89 -84.34
CA THR B 1045 -108.00 -83.86 -85.43
C THR B 1045 -106.64 -84.17 -86.04
N LEU B 1046 -105.76 -83.17 -86.13
CA LEU B 1046 -104.39 -83.42 -86.58
C LEU B 1046 -103.66 -84.33 -85.61
N LEU B 1047 -103.83 -84.09 -84.31
CA LEU B 1047 -103.15 -84.87 -83.28
C LEU B 1047 -103.64 -86.31 -83.26
N GLY B 1048 -104.93 -86.52 -83.56
CA GLY B 1048 -105.49 -87.86 -83.60
C GLY B 1048 -104.78 -88.78 -84.57
N TYR B 1049 -104.39 -88.26 -85.75
CA TYR B 1049 -103.63 -89.00 -86.74
C TYR B 1049 -102.18 -89.23 -86.34
N GLY B 1050 -101.77 -88.82 -85.14
CA GLY B 1050 -100.47 -89.11 -84.59
C GLY B 1050 -99.37 -88.21 -85.08
N TYR B 1051 -99.68 -87.24 -85.93
CA TYR B 1051 -98.64 -86.37 -86.46
C TYR B 1051 -98.30 -85.32 -85.41
N ASN B 1052 -97.01 -85.25 -85.06
CA ASN B 1052 -96.56 -84.42 -83.96
C ASN B 1052 -96.77 -82.94 -84.24
N ILE B 1053 -97.16 -82.21 -83.20
CA ILE B 1053 -97.21 -80.76 -83.25
C ILE B 1053 -95.94 -80.27 -82.56
N GLU B 1054 -94.95 -79.87 -83.34
CA GLU B 1054 -93.64 -79.56 -82.77
C GLU B 1054 -93.59 -78.10 -82.40
N PRO B 1055 -93.37 -77.75 -81.12
CA PRO B 1055 -93.16 -76.36 -80.76
C PRO B 1055 -91.90 -75.81 -81.40
N PRO B 1056 -91.91 -74.54 -81.78
CA PRO B 1056 -90.71 -73.88 -82.31
C PRO B 1056 -89.78 -73.49 -81.17
N ASP B 1057 -88.65 -72.89 -81.53
CA ASP B 1057 -87.72 -72.36 -80.55
C ASP B 1057 -88.35 -71.17 -79.82
N GLN B 1058 -87.85 -70.93 -78.60
CA GLN B 1058 -88.35 -69.87 -77.73
C GLN B 1058 -87.38 -68.68 -77.77
N GLU B 1059 -87.91 -67.50 -78.08
CA GLU B 1059 -87.12 -66.28 -78.11
C GLU B 1059 -87.73 -65.29 -77.13
N PRO B 1060 -87.03 -64.92 -76.06
CA PRO B 1060 -87.57 -63.94 -75.12
C PRO B 1060 -87.50 -62.52 -75.67
N SER B 1061 -88.62 -61.82 -75.64
CA SER B 1061 -88.71 -60.48 -76.19
C SER B 1061 -89.41 -59.55 -75.21
N GLN B 1062 -89.03 -58.28 -75.26
CA GLN B 1062 -89.60 -57.22 -74.45
C GLN B 1062 -90.31 -56.22 -75.37
N VAL B 1063 -91.54 -55.86 -75.01
CA VAL B 1063 -92.34 -54.97 -75.86
C VAL B 1063 -91.72 -53.58 -75.92
N GLU B 1064 -91.38 -53.02 -74.76
CA GLU B 1064 -90.75 -51.70 -74.69
C GLU B 1064 -89.43 -51.84 -73.95
N ASN B 1065 -88.36 -51.33 -74.57
CA ASN B 1065 -87.02 -51.45 -74.04
C ASN B 1065 -86.33 -50.13 -73.79
N GLN B 1066 -86.59 -49.12 -74.63
CA GLN B 1066 -85.89 -47.84 -74.56
C GLN B 1066 -86.08 -47.15 -73.21
N SER B 1067 -87.33 -47.02 -72.77
CA SER B 1067 -87.65 -46.32 -71.54
C SER B 1067 -87.52 -47.28 -70.35
N ARG B 1068 -86.27 -47.58 -70.00
CA ARG B 1068 -85.98 -48.38 -68.82
C ARG B 1068 -86.29 -47.64 -67.52
N TRP B 1069 -86.42 -46.31 -67.58
CA TRP B 1069 -86.58 -45.51 -66.39
C TRP B 1069 -88.03 -45.35 -65.97
N ASP B 1070 -88.96 -45.24 -66.93
CA ASP B 1070 -90.38 -45.22 -66.61
C ASP B 1070 -90.84 -46.48 -65.90
N ARG B 1071 -90.17 -47.62 -66.14
CA ARG B 1071 -90.54 -48.87 -65.49
C ARG B 1071 -90.34 -48.82 -63.98
N VAL B 1072 -89.27 -48.19 -63.50
CA VAL B 1072 -88.93 -48.23 -62.09
C VAL B 1072 -89.16 -46.86 -61.46
N ARG B 1073 -89.88 -46.84 -60.36
CA ARG B 1073 -90.16 -45.65 -59.57
C ARG B 1073 -89.72 -45.96 -58.15
N ILE B 1074 -88.93 -45.07 -57.55
CA ILE B 1074 -88.33 -45.31 -56.25
C ILE B 1074 -88.90 -44.34 -55.24
N PHE B 1075 -89.55 -44.89 -54.21
CA PHE B 1075 -90.16 -44.13 -53.13
C PHE B 1075 -89.28 -44.28 -51.90
N ARG B 1076 -88.95 -43.17 -51.25
CA ARG B 1076 -88.09 -43.23 -50.07
C ARG B 1076 -88.46 -42.09 -49.14
N ALA B 1077 -88.09 -42.24 -47.87
CA ALA B 1077 -88.32 -41.14 -46.93
C ALA B 1077 -87.35 -40.00 -47.21
N GLU B 1078 -87.70 -38.82 -46.71
CA GLU B 1078 -86.85 -37.64 -46.86
C GLU B 1078 -85.56 -37.81 -46.07
N LYS B 1079 -84.49 -37.16 -46.53
CA LYS B 1079 -83.17 -37.30 -45.93
C LYS B 1079 -83.13 -36.87 -44.46
N SER B 1080 -84.00 -35.93 -44.07
CA SER B 1080 -84.05 -35.48 -42.68
C SER B 1080 -84.50 -36.57 -41.71
N TYR B 1081 -85.19 -37.60 -42.19
CA TYR B 1081 -85.68 -38.69 -41.38
C TYR B 1081 -84.66 -39.80 -41.19
N THR B 1082 -83.43 -39.61 -41.66
CA THR B 1082 -82.39 -40.64 -41.62
C THR B 1082 -82.09 -41.09 -40.20
N VAL B 1083 -81.98 -42.40 -40.02
CA VAL B 1083 -81.70 -43.03 -38.73
C VAL B 1083 -80.36 -43.73 -38.80
N GLN B 1084 -79.58 -43.59 -37.73
CA GLN B 1084 -78.27 -44.22 -37.62
C GLN B 1084 -78.16 -45.15 -36.42
N SER B 1085 -79.26 -45.42 -35.73
CA SER B 1085 -79.25 -46.27 -34.55
C SER B 1085 -80.65 -46.79 -34.30
N GLY B 1086 -80.75 -47.75 -33.38
CA GLY B 1086 -82.03 -48.30 -33.03
C GLY B 1086 -82.49 -49.46 -33.89
N ARG B 1087 -83.71 -49.90 -33.59
CA ARG B 1087 -84.36 -51.02 -34.24
C ARG B 1087 -85.64 -50.51 -34.89
N TRP B 1088 -85.69 -50.56 -36.23
CA TRP B 1088 -86.76 -49.94 -36.99
C TRP B 1088 -87.54 -50.97 -37.81
N TYR B 1089 -88.86 -50.81 -37.81
CA TYR B 1089 -89.80 -51.71 -38.48
C TYR B 1089 -90.85 -50.93 -39.27
N PHE B 1090 -91.08 -51.32 -40.52
CA PHE B 1090 -92.16 -50.76 -41.32
C PHE B 1090 -92.78 -51.83 -42.21
N GLU B 1091 -94.08 -51.70 -42.46
CA GLU B 1091 -94.83 -52.68 -43.25
C GLU B 1091 -95.03 -52.19 -44.68
N PHE B 1092 -94.68 -53.02 -45.64
CA PHE B 1092 -94.89 -52.78 -47.06
C PHE B 1092 -95.89 -53.83 -47.55
N GLU B 1093 -97.17 -53.52 -47.42
CA GLU B 1093 -98.22 -54.46 -47.81
C GLU B 1093 -98.29 -54.47 -49.34
N ALA B 1094 -97.71 -55.49 -49.96
CA ALA B 1094 -97.74 -55.60 -51.41
C ALA B 1094 -99.15 -55.97 -51.87
N VAL B 1095 -99.88 -55.01 -52.44
CA VAL B 1095 -101.24 -55.28 -52.91
C VAL B 1095 -101.23 -56.29 -54.04
N THR B 1096 -100.38 -56.07 -55.04
CA THR B 1096 -100.21 -57.00 -56.14
C THR B 1096 -98.93 -57.80 -55.94
N THR B 1097 -98.54 -58.59 -56.94
CA THR B 1097 -97.43 -59.52 -56.82
C THR B 1097 -96.42 -59.32 -57.97
N GLY B 1098 -96.02 -58.07 -58.18
CA GLY B 1098 -95.06 -57.75 -59.21
C GLY B 1098 -93.66 -57.52 -58.69
N GLU B 1099 -92.89 -56.73 -59.43
CA GLU B 1099 -91.51 -56.41 -59.09
C GLU B 1099 -91.50 -55.31 -58.04
N MET B 1100 -91.33 -55.71 -56.78
CA MET B 1100 -91.30 -54.79 -55.65
C MET B 1100 -90.07 -55.09 -54.82
N ARG B 1101 -89.10 -54.18 -54.83
CA ARG B 1101 -87.92 -54.29 -54.00
C ARG B 1101 -88.09 -53.35 -52.82
N VAL B 1102 -88.09 -53.90 -51.62
CA VAL B 1102 -88.27 -53.11 -50.41
C VAL B 1102 -87.10 -53.35 -49.46
N GLY B 1103 -86.63 -52.27 -48.83
CA GLY B 1103 -85.52 -52.39 -47.92
C GLY B 1103 -85.06 -51.08 -47.31
N TRP B 1104 -83.76 -50.94 -47.09
CA TRP B 1104 -83.19 -49.73 -46.54
C TRP B 1104 -82.10 -49.21 -47.47
N ALA B 1105 -82.17 -47.94 -47.79
CA ALA B 1105 -81.23 -47.31 -48.72
C ALA B 1105 -80.53 -46.12 -48.05
N ARG B 1106 -79.26 -45.94 -48.40
CA ARG B 1106 -78.47 -44.86 -47.87
C ARG B 1106 -79.00 -43.54 -48.41
N PRO B 1107 -78.79 -42.42 -47.68
CA PRO B 1107 -79.41 -41.14 -48.08
C PRO B 1107 -79.03 -40.63 -49.47
N GLU B 1108 -77.82 -40.89 -49.93
CA GLU B 1108 -77.36 -40.40 -51.22
C GLU B 1108 -77.63 -41.38 -52.36
N LEU B 1109 -78.68 -42.20 -52.24
CA LEU B 1109 -79.08 -43.14 -53.28
C LEU B 1109 -79.44 -42.40 -54.57
N ARG B 1110 -78.91 -42.89 -55.70
CA ARG B 1110 -79.24 -42.30 -56.98
C ARG B 1110 -80.68 -42.65 -57.38
N PRO B 1111 -81.35 -41.78 -58.13
CA PRO B 1111 -82.75 -42.02 -58.46
C PRO B 1111 -83.00 -42.86 -59.71
N ASP B 1112 -81.95 -43.20 -60.47
CA ASP B 1112 -82.15 -43.89 -61.74
C ASP B 1112 -81.61 -45.31 -61.79
N VAL B 1113 -80.81 -45.72 -60.81
CA VAL B 1113 -80.23 -47.06 -60.81
C VAL B 1113 -81.13 -47.97 -59.98
N GLU B 1114 -81.28 -49.22 -60.44
CA GLU B 1114 -82.07 -50.19 -59.70
C GLU B 1114 -81.45 -50.48 -58.34
N LEU B 1115 -82.30 -50.62 -57.34
CA LEU B 1115 -81.86 -50.89 -55.97
C LEU B 1115 -81.16 -52.24 -55.88
N GLY B 1116 -80.02 -52.24 -55.21
CA GLY B 1116 -79.19 -53.41 -55.08
C GLY B 1116 -78.07 -53.50 -56.09
N ALA B 1117 -78.14 -52.73 -57.17
CA ALA B 1117 -77.05 -52.71 -58.15
C ALA B 1117 -75.76 -52.12 -57.60
N ASP B 1118 -75.86 -51.33 -56.54
CA ASP B 1118 -74.70 -50.74 -55.88
C ASP B 1118 -74.74 -51.06 -54.40
N GLU B 1119 -73.82 -50.47 -53.63
CA GLU B 1119 -73.79 -50.64 -52.19
C GLU B 1119 -74.82 -49.76 -51.49
N LEU B 1120 -75.50 -48.89 -52.24
CA LEU B 1120 -76.32 -47.83 -51.67
C LEU B 1120 -77.69 -48.30 -51.21
N ALA B 1121 -78.06 -49.57 -51.41
CA ALA B 1121 -79.38 -50.03 -51.02
C ALA B 1121 -79.32 -51.51 -50.69
N TYR B 1122 -79.73 -51.87 -49.48
CA TYR B 1122 -79.92 -53.27 -49.10
C TYR B 1122 -81.43 -53.53 -49.18
N VAL B 1123 -81.85 -54.28 -50.19
CA VAL B 1123 -83.26 -54.50 -50.46
C VAL B 1123 -83.53 -55.99 -50.68
N PHE B 1124 -84.80 -56.35 -50.56
CA PHE B 1124 -85.29 -57.68 -50.83
C PHE B 1124 -86.26 -57.58 -52.00
N ASN B 1125 -86.09 -58.46 -52.98
CA ASN B 1125 -86.95 -58.55 -54.15
C ASN B 1125 -87.87 -59.74 -53.90
N GLY B 1126 -89.17 -59.52 -54.10
CA GLY B 1126 -90.18 -60.52 -53.79
C GLY B 1126 -90.95 -61.06 -54.96
N HIS B 1127 -90.71 -60.51 -56.15
CA HIS B 1127 -91.33 -61.07 -57.35
C HIS B 1127 -90.83 -62.48 -57.59
N ARG B 1128 -89.52 -62.69 -57.44
CA ARG B 1128 -88.93 -64.00 -57.62
C ARG B 1128 -87.99 -64.37 -56.46
N GLY B 1129 -88.04 -63.63 -55.35
CA GLY B 1129 -87.42 -64.04 -54.10
C GLY B 1129 -85.92 -64.04 -54.00
N GLN B 1130 -85.29 -62.85 -54.01
CA GLN B 1130 -83.85 -62.74 -53.76
C GLN B 1130 -83.58 -61.53 -52.89
N ARG B 1131 -82.33 -61.37 -52.47
CA ARG B 1131 -81.87 -60.15 -51.82
C ARG B 1131 -80.79 -59.51 -52.69
N TRP B 1132 -80.86 -58.19 -52.83
CA TRP B 1132 -80.05 -57.47 -53.80
C TRP B 1132 -79.02 -56.59 -53.11
N HIS B 1133 -77.74 -56.84 -53.42
CA HIS B 1133 -76.64 -55.95 -53.04
C HIS B 1133 -75.47 -56.30 -53.96
N LEU B 1134 -75.13 -55.37 -54.87
CA LEU B 1134 -74.11 -55.55 -55.91
C LEU B 1134 -74.41 -56.75 -56.83
N GLY B 1135 -75.65 -57.16 -56.91
CA GLY B 1135 -76.05 -58.33 -57.66
C GLY B 1135 -77.23 -58.99 -56.98
N SER B 1136 -77.33 -60.30 -57.17
CA SER B 1136 -78.44 -61.06 -56.60
C SER B 1136 -77.92 -62.38 -56.03
N GLU B 1137 -78.62 -62.86 -55.01
CA GLU B 1137 -78.36 -64.17 -54.42
C GLU B 1137 -79.67 -64.67 -53.83
N PRO B 1138 -79.91 -65.99 -53.83
CA PRO B 1138 -81.22 -66.50 -53.38
C PRO B 1138 -81.48 -66.26 -51.90
N PHE B 1139 -82.72 -65.86 -51.59
CA PHE B 1139 -83.15 -65.57 -50.24
C PHE B 1139 -84.67 -65.54 -50.19
N GLY B 1140 -85.26 -66.32 -49.29
CA GLY B 1140 -86.68 -66.27 -49.03
C GLY B 1140 -87.54 -66.81 -50.17
N ARG B 1141 -88.84 -66.71 -49.95
CA ARG B 1141 -89.85 -67.16 -50.89
C ARG B 1141 -90.59 -65.97 -51.49
N PRO B 1142 -90.85 -65.99 -52.80
CA PRO B 1142 -91.69 -64.96 -53.40
C PRO B 1142 -93.08 -64.96 -52.78
N TRP B 1143 -93.63 -63.77 -52.59
CA TRP B 1143 -94.90 -63.59 -51.91
C TRP B 1143 -96.06 -63.79 -52.87
N GLN B 1144 -97.27 -63.55 -52.35
CA GLN B 1144 -98.45 -63.51 -53.19
C GLN B 1144 -99.19 -62.20 -52.90
N SER B 1145 -100.41 -62.05 -53.43
CA SER B 1145 -101.17 -60.83 -53.24
C SER B 1145 -101.60 -60.66 -51.79
N GLY B 1146 -101.64 -59.40 -51.35
CA GLY B 1146 -102.07 -59.09 -50.00
C GLY B 1146 -101.10 -59.48 -48.90
N ASP B 1147 -99.82 -59.59 -49.21
CA ASP B 1147 -98.82 -59.99 -48.23
C ASP B 1147 -98.12 -58.78 -47.63
N VAL B 1148 -98.10 -58.71 -46.30
CA VAL B 1148 -97.50 -57.60 -45.57
C VAL B 1148 -96.03 -57.92 -45.34
N VAL B 1149 -95.15 -57.25 -46.08
CA VAL B 1149 -93.71 -57.43 -45.96
C VAL B 1149 -93.21 -56.47 -44.89
N GLY B 1150 -92.78 -56.98 -43.74
CA GLY B 1150 -92.28 -56.14 -42.68
C GLY B 1150 -90.76 -56.19 -42.69
N CYS B 1151 -90.15 -55.02 -42.70
CA CYS B 1151 -88.70 -54.91 -42.80
C CYS B 1151 -88.14 -54.51 -41.44
N MET B 1152 -87.22 -55.32 -40.93
CA MET B 1152 -86.46 -55.01 -39.74
C MET B 1152 -85.16 -54.33 -40.11
N ILE B 1153 -84.61 -53.60 -39.14
CA ILE B 1153 -83.23 -53.14 -39.19
C ILE B 1153 -82.80 -52.90 -37.74
N ASP B 1154 -81.58 -53.35 -37.43
CA ASP B 1154 -81.06 -53.26 -36.08
C ASP B 1154 -79.63 -52.76 -36.21
N LEU B 1155 -79.42 -51.50 -35.84
CA LEU B 1155 -78.09 -50.90 -35.95
C LEU B 1155 -77.20 -51.22 -34.75
N THR B 1156 -77.73 -51.90 -33.73
CA THR B 1156 -76.89 -52.30 -32.60
C THR B 1156 -75.92 -53.40 -33.00
N GLU B 1157 -76.45 -54.51 -33.52
CA GLU B 1157 -75.61 -55.60 -34.00
C GLU B 1157 -75.44 -55.56 -35.51
N ASN B 1158 -76.01 -54.53 -36.17
CA ASN B 1158 -75.86 -54.29 -37.61
C ASN B 1158 -76.40 -55.45 -38.44
N THR B 1159 -77.70 -55.69 -38.29
CA THR B 1159 -78.38 -56.75 -39.03
C THR B 1159 -79.67 -56.28 -39.66
N ILE B 1160 -80.00 -56.90 -40.79
CA ILE B 1160 -81.21 -56.63 -41.56
C ILE B 1160 -81.98 -57.93 -41.69
N ILE B 1161 -83.24 -57.90 -41.28
CA ILE B 1161 -84.10 -59.08 -41.25
C ILE B 1161 -85.40 -58.73 -41.99
N PHE B 1162 -85.96 -59.70 -42.71
CA PHE B 1162 -87.22 -59.51 -43.40
C PHE B 1162 -88.23 -60.52 -42.86
N THR B 1163 -89.44 -60.05 -42.60
CA THR B 1163 -90.54 -60.87 -42.11
C THR B 1163 -91.67 -60.81 -43.13
N LEU B 1164 -92.19 -61.96 -43.53
CA LEU B 1164 -93.29 -62.02 -44.47
C LEU B 1164 -94.48 -62.63 -43.75
N ASN B 1165 -95.55 -61.83 -43.62
CA ASN B 1165 -96.80 -62.22 -42.95
C ASN B 1165 -96.54 -62.73 -41.54
N GLY B 1166 -95.67 -62.04 -40.81
CA GLY B 1166 -95.31 -62.44 -39.47
C GLY B 1166 -94.36 -63.61 -39.38
N GLU B 1167 -93.83 -64.07 -40.50
CA GLU B 1167 -92.90 -65.20 -40.54
C GLU B 1167 -91.55 -64.70 -41.04
N VAL B 1168 -90.49 -65.05 -40.31
CA VAL B 1168 -89.16 -64.60 -40.65
C VAL B 1168 -88.65 -65.32 -41.89
N LEU B 1169 -88.27 -64.57 -42.91
CA LEU B 1169 -87.68 -65.14 -44.11
C LEU B 1169 -86.30 -65.70 -43.81
N MET B 1170 -85.96 -66.78 -44.51
CA MET B 1170 -84.73 -67.50 -44.27
C MET B 1170 -83.89 -67.56 -45.54
N SER B 1171 -82.57 -67.50 -45.37
CA SER B 1171 -81.64 -67.60 -46.48
C SER B 1171 -81.37 -69.08 -46.77
N ASP B 1172 -80.37 -69.36 -47.60
CA ASP B 1172 -80.00 -70.73 -47.91
C ASP B 1172 -79.06 -71.34 -46.87
N SER B 1173 -79.43 -71.19 -45.61
CA SER B 1173 -78.69 -71.69 -44.45
C SER B 1173 -79.60 -71.56 -43.24
N GLY B 1174 -79.06 -71.78 -42.05
CA GLY B 1174 -79.81 -71.58 -40.83
C GLY B 1174 -79.87 -70.15 -40.34
N SER B 1175 -79.22 -69.23 -41.04
CA SER B 1175 -79.21 -67.83 -40.63
C SER B 1175 -80.52 -67.14 -41.00
N GLU B 1176 -81.02 -66.33 -40.07
CA GLU B 1176 -82.26 -65.60 -40.25
C GLU B 1176 -82.03 -64.12 -40.53
N THR B 1177 -80.81 -63.74 -40.87
CA THR B 1177 -80.46 -62.35 -41.14
C THR B 1177 -80.19 -62.22 -42.63
N ALA B 1178 -80.90 -61.29 -43.28
CA ALA B 1178 -80.68 -61.06 -44.70
C ALA B 1178 -79.31 -60.45 -44.96
N PHE B 1179 -78.95 -59.41 -44.21
CA PHE B 1179 -77.64 -58.79 -44.36
C PHE B 1179 -77.02 -58.60 -42.98
N ARG B 1180 -75.70 -58.59 -42.96
CA ARG B 1180 -74.96 -58.59 -41.71
C ARG B 1180 -73.65 -57.85 -41.96
N GLU B 1181 -73.05 -57.33 -40.87
CA GLU B 1181 -71.83 -56.53 -40.87
C GLU B 1181 -71.99 -55.27 -41.72
N ILE B 1182 -73.18 -54.67 -41.64
CA ILE B 1182 -73.46 -53.43 -42.35
C ILE B 1182 -72.88 -52.27 -41.56
N GLU B 1183 -72.10 -51.43 -42.24
CA GLU B 1183 -71.50 -50.27 -41.59
C GLU B 1183 -72.58 -49.22 -41.34
N ILE B 1184 -72.30 -48.35 -40.37
CA ILE B 1184 -73.21 -47.27 -40.03
C ILE B 1184 -73.39 -46.33 -41.21
N GLY B 1185 -72.29 -45.86 -41.80
CA GLY B 1185 -72.30 -44.99 -42.95
C GLY B 1185 -72.97 -43.67 -42.66
N ASP B 1186 -73.62 -43.13 -43.68
CA ASP B 1186 -74.40 -41.91 -43.49
C ASP B 1186 -75.70 -42.21 -42.75
N GLY B 1187 -76.26 -43.39 -42.96
CA GLY B 1187 -77.52 -43.76 -42.34
C GLY B 1187 -78.38 -44.61 -43.27
N PHE B 1188 -79.59 -44.93 -42.82
CA PHE B 1188 -80.49 -45.75 -43.62
C PHE B 1188 -81.88 -45.15 -43.62
N LEU B 1189 -82.57 -45.31 -44.75
CA LEU B 1189 -83.92 -44.83 -44.96
C LEU B 1189 -84.79 -45.98 -45.42
N PRO B 1190 -86.06 -46.01 -45.01
CA PRO B 1190 -87.01 -46.96 -45.59
C PRO B 1190 -87.20 -46.66 -47.07
N VAL B 1191 -87.22 -47.70 -47.88
CA VAL B 1191 -87.29 -47.51 -49.32
C VAL B 1191 -88.07 -48.68 -49.93
N CYS B 1192 -88.79 -48.38 -51.00
CA CYS B 1192 -89.48 -49.39 -51.76
C CYS B 1192 -89.58 -48.93 -53.20
N SER B 1193 -89.73 -49.90 -54.09
CA SER B 1193 -89.86 -49.62 -55.51
C SER B 1193 -90.98 -50.46 -56.07
N LEU B 1194 -91.61 -49.96 -57.12
CA LEU B 1194 -92.73 -50.65 -57.75
C LEU B 1194 -92.53 -50.68 -59.25
N GLY B 1195 -92.70 -51.86 -59.84
CA GLY B 1195 -92.67 -52.01 -61.28
C GLY B 1195 -93.96 -51.49 -61.92
N PRO B 1196 -93.99 -51.45 -63.24
CA PRO B 1196 -95.17 -50.94 -63.96
C PRO B 1196 -96.43 -51.75 -63.64
N GLY B 1197 -97.55 -51.03 -63.49
CA GLY B 1197 -98.81 -51.69 -63.17
C GLY B 1197 -98.83 -52.40 -61.85
N GLN B 1198 -98.30 -51.78 -60.80
CA GLN B 1198 -98.20 -52.41 -59.49
C GLN B 1198 -98.71 -51.46 -58.41
N VAL B 1199 -99.23 -52.01 -57.31
CA VAL B 1199 -99.78 -51.21 -56.22
C VAL B 1199 -99.29 -51.76 -54.88
N GLY B 1200 -98.77 -50.88 -54.03
CA GLY B 1200 -98.29 -51.31 -52.73
C GLY B 1200 -98.55 -50.26 -51.68
N HIS B 1201 -98.76 -50.72 -50.44
CA HIS B 1201 -99.05 -49.83 -49.32
C HIS B 1201 -97.80 -49.74 -48.47
N LEU B 1202 -97.34 -48.52 -48.21
CA LEU B 1202 -96.15 -48.33 -47.43
C LEU B 1202 -96.57 -47.72 -46.09
N ASN B 1203 -96.82 -48.57 -45.10
CA ASN B 1203 -97.23 -48.14 -43.78
C ASN B 1203 -95.99 -48.05 -42.90
N LEU B 1204 -95.57 -46.81 -42.63
CA LEU B 1204 -94.42 -46.53 -41.79
C LEU B 1204 -94.70 -46.67 -40.30
N GLY B 1205 -95.88 -47.17 -39.93
CA GLY B 1205 -96.24 -47.35 -38.55
C GLY B 1205 -96.39 -46.05 -37.80
N GLN B 1206 -96.95 -45.03 -38.46
CA GLN B 1206 -97.20 -43.76 -37.78
C GLN B 1206 -98.21 -43.93 -36.66
N ASP B 1207 -99.23 -44.75 -36.89
CA ASP B 1207 -100.18 -45.16 -35.87
C ASP B 1207 -99.88 -46.61 -35.51
N VAL B 1208 -99.62 -46.87 -34.23
CA VAL B 1208 -99.18 -48.20 -33.82
C VAL B 1208 -100.32 -49.23 -33.98
N SER B 1209 -101.56 -48.82 -33.69
CA SER B 1209 -102.70 -49.71 -33.77
C SER B 1209 -103.03 -50.12 -35.21
N SER B 1210 -102.59 -49.34 -36.19
CA SER B 1210 -102.88 -49.63 -37.58
C SER B 1210 -102.06 -50.80 -38.11
N LEU B 1211 -100.92 -51.09 -37.49
CA LEU B 1211 -100.06 -52.17 -37.94
C LEU B 1211 -100.71 -53.53 -37.68
N ARG B 1212 -100.37 -54.50 -38.52
CA ARG B 1212 -100.99 -55.83 -38.47
C ARG B 1212 -100.09 -56.89 -37.86
N PHE B 1213 -98.86 -57.04 -38.36
CA PHE B 1213 -97.95 -58.08 -37.89
C PHE B 1213 -96.90 -57.56 -36.93
N PHE B 1214 -97.02 -56.30 -36.50
CA PHE B 1214 -96.12 -55.75 -35.50
C PHE B 1214 -96.28 -56.45 -34.16
N ALA B 1215 -97.52 -56.79 -33.79
CA ALA B 1215 -97.75 -57.53 -32.55
C ALA B 1215 -97.10 -58.90 -32.61
N ILE B 1216 -97.15 -59.55 -33.78
CA ILE B 1216 -96.54 -60.86 -33.94
C ILE B 1216 -95.01 -60.75 -33.89
N CYS B 1217 -94.43 -59.76 -34.56
CA CYS B 1217 -92.98 -59.66 -34.56
C CYS B 1217 -92.53 -58.21 -34.44
N GLY B 1218 -91.51 -58.00 -33.61
CA GLY B 1218 -90.88 -56.71 -33.42
C GLY B 1218 -91.20 -56.05 -32.09
N LEU B 1219 -92.47 -56.12 -31.70
CA LEU B 1219 -92.91 -55.51 -30.45
C LEU B 1219 -92.26 -56.20 -29.26
N GLN B 1220 -92.20 -57.52 -29.28
CA GLN B 1220 -91.58 -58.21 -28.16
C GLN B 1220 -90.06 -58.24 -28.32
N GLU B 1221 -89.58 -57.95 -29.53
CA GLU B 1221 -88.15 -57.96 -29.81
C GLU B 1221 -87.52 -56.59 -29.63
N GLY B 1222 -88.29 -55.61 -29.17
CA GLY B 1222 -87.73 -54.28 -28.98
C GLY B 1222 -87.70 -53.39 -30.20
N PHE B 1223 -88.24 -53.85 -31.33
CA PHE B 1223 -88.25 -53.01 -32.52
C PHE B 1223 -89.23 -51.86 -32.36
N GLU B 1224 -89.00 -50.83 -33.16
CA GLU B 1224 -89.77 -49.61 -33.08
C GLU B 1224 -90.37 -49.29 -34.44
N PRO B 1225 -91.60 -48.78 -34.48
CA PRO B 1225 -92.10 -48.20 -35.73
C PRO B 1225 -91.23 -47.02 -36.13
N PHE B 1226 -91.03 -46.88 -37.45
CA PHE B 1226 -90.10 -45.86 -37.94
C PHE B 1226 -90.59 -44.44 -37.66
N ALA B 1227 -91.91 -44.25 -37.61
CA ALA B 1227 -92.50 -42.94 -37.36
C ALA B 1227 -93.46 -43.03 -36.19
N ILE B 1228 -93.01 -43.64 -35.10
CA ILE B 1228 -93.90 -43.96 -33.98
C ILE B 1228 -94.44 -42.69 -33.31
N ASN B 1229 -93.59 -41.69 -33.10
CA ASN B 1229 -94.01 -40.43 -32.47
C ASN B 1229 -93.70 -39.33 -33.47
N MET B 1230 -94.62 -39.13 -34.41
CA MET B 1230 -94.53 -38.07 -35.40
C MET B 1230 -95.94 -37.60 -35.70
N GLN B 1231 -96.15 -36.29 -35.69
CA GLN B 1231 -97.48 -35.75 -35.97
CA GLN B 1231 -97.48 -35.75 -35.97
C GLN B 1231 -97.75 -35.72 -37.47
N ARG B 1232 -96.87 -35.09 -38.23
CA ARG B 1232 -97.02 -35.09 -39.67
C ARG B 1232 -96.57 -36.44 -40.24
N PRO B 1233 -97.21 -36.91 -41.31
CA PRO B 1233 -96.73 -38.11 -41.99
C PRO B 1233 -95.35 -37.88 -42.58
N VAL B 1234 -94.57 -38.96 -42.64
CA VAL B 1234 -93.20 -38.90 -43.17
C VAL B 1234 -93.23 -38.43 -44.61
N THR B 1235 -92.49 -37.36 -44.89
CA THR B 1235 -92.40 -36.84 -46.25
C THR B 1235 -91.67 -37.83 -47.14
N THR B 1236 -92.34 -38.25 -48.20
CA THR B 1236 -91.78 -39.21 -49.16
C THR B 1236 -91.25 -38.46 -50.36
N TRP B 1237 -90.10 -38.91 -50.83
CA TRP B 1237 -89.48 -38.41 -52.04
C TRP B 1237 -89.49 -39.54 -53.05
N PHE B 1238 -90.06 -39.26 -54.21
CA PHE B 1238 -90.19 -40.24 -55.28
C PHE B 1238 -89.36 -39.81 -56.48
N SER B 1239 -88.73 -40.79 -57.12
CA SER B 1239 -87.95 -40.51 -58.30
C SER B 1239 -88.89 -40.09 -59.43
N LYS B 1240 -88.60 -38.96 -60.04
CA LYS B 1240 -89.39 -38.41 -61.13
C LYS B 1240 -88.64 -38.69 -62.43
N SER B 1241 -89.26 -39.47 -63.30
CA SER B 1241 -88.66 -39.79 -64.60
C SER B 1241 -89.02 -38.73 -65.65
N LEU B 1242 -88.78 -37.47 -65.29
CA LEU B 1242 -88.99 -36.33 -66.18
C LEU B 1242 -87.65 -35.65 -66.34
N PRO B 1243 -87.04 -35.71 -67.53
CA PRO B 1243 -85.68 -35.19 -67.71
C PRO B 1243 -85.57 -33.70 -67.40
N GLN B 1244 -84.45 -33.34 -66.75
CA GLN B 1244 -84.15 -31.94 -66.42
C GLN B 1244 -82.66 -31.74 -66.58
N PHE B 1245 -82.28 -30.69 -67.31
CA PHE B 1245 -80.88 -30.41 -67.57
C PHE B 1245 -80.19 -29.98 -66.29
N GLU B 1246 -79.12 -30.69 -65.92
CA GLU B 1246 -78.36 -30.39 -64.72
C GLU B 1246 -76.87 -30.40 -65.04
N PRO B 1247 -76.06 -29.68 -64.28
CA PRO B 1247 -74.62 -29.61 -64.58
C PRO B 1247 -73.92 -30.95 -64.40
N VAL B 1248 -72.77 -31.06 -65.06
CA VAL B 1248 -71.95 -32.26 -65.00
C VAL B 1248 -70.98 -32.21 -63.83
N PRO B 1249 -70.97 -33.22 -62.96
CA PRO B 1249 -69.94 -33.29 -61.94
C PRO B 1249 -68.59 -33.54 -62.56
N PRO B 1250 -67.51 -32.97 -62.01
CA PRO B 1250 -66.17 -33.24 -62.54
C PRO B 1250 -65.73 -34.70 -62.39
N GLU B 1251 -66.35 -35.45 -61.49
CA GLU B 1251 -65.99 -36.85 -61.23
C GLU B 1251 -66.72 -37.83 -62.14
N HIS B 1252 -67.35 -37.34 -63.22
CA HIS B 1252 -68.11 -38.21 -64.11
C HIS B 1252 -67.19 -39.23 -64.77
N PRO B 1253 -67.61 -40.50 -64.86
CA PRO B 1253 -66.68 -41.53 -65.36
C PRO B 1253 -66.39 -41.45 -66.85
N HIS B 1254 -67.38 -41.15 -67.68
CA HIS B 1254 -67.20 -41.20 -69.13
C HIS B 1254 -67.01 -39.83 -69.77
N TYR B 1255 -67.86 -38.87 -69.43
CA TYR B 1255 -67.87 -37.57 -70.08
C TYR B 1255 -67.18 -36.53 -69.19
N GLU B 1256 -66.46 -35.61 -69.83
CA GLU B 1256 -65.85 -34.50 -69.10
C GLU B 1256 -65.92 -33.26 -69.97
N VAL B 1257 -65.92 -32.10 -69.32
CA VAL B 1257 -66.04 -30.80 -69.99
C VAL B 1257 -64.82 -29.97 -69.62
N ALA B 1258 -64.20 -29.37 -70.63
CA ALA B 1258 -62.99 -28.57 -70.45
C ALA B 1258 -63.32 -27.10 -70.66
N ARG B 1259 -62.83 -26.26 -69.76
CA ARG B 1259 -62.99 -24.81 -69.84
C ARG B 1259 -61.63 -24.21 -70.13
N MET B 1260 -61.35 -23.95 -71.41
CA MET B 1260 -60.05 -23.47 -71.84
C MET B 1260 -60.08 -21.96 -72.00
N ASP B 1261 -59.07 -21.29 -71.44
CA ASP B 1261 -58.96 -19.85 -71.51
C ASP B 1261 -58.71 -19.40 -72.95
N GLY B 1262 -59.18 -18.20 -73.27
CA GLY B 1262 -59.04 -17.69 -74.62
C GLY B 1262 -57.63 -17.25 -74.95
N THR B 1263 -57.36 -17.18 -76.25
CA THR B 1263 -56.07 -16.76 -76.76
C THR B 1263 -56.23 -15.46 -77.54
N VAL B 1264 -55.13 -14.98 -78.12
CA VAL B 1264 -55.14 -13.75 -78.89
C VAL B 1264 -55.89 -13.90 -80.21
N ASP B 1265 -56.08 -15.13 -80.69
CA ASP B 1265 -56.73 -15.38 -81.96
C ASP B 1265 -58.05 -16.15 -81.86
N THR B 1266 -58.27 -16.90 -80.78
CA THR B 1266 -59.48 -17.68 -80.62
C THR B 1266 -60.18 -17.33 -79.31
N PRO B 1267 -61.50 -17.25 -79.31
CA PRO B 1267 -62.25 -16.99 -78.07
C PRO B 1267 -62.17 -18.19 -77.14
N PRO B 1268 -62.39 -18.01 -75.83
CA PRO B 1268 -62.45 -19.16 -74.93
C PRO B 1268 -63.56 -20.12 -75.30
N CYS B 1269 -63.30 -21.41 -75.08
CA CYS B 1269 -64.19 -22.46 -75.55
C CYS B 1269 -64.51 -23.45 -74.44
N LEU B 1270 -65.66 -24.11 -74.58
CA LEU B 1270 -66.07 -25.21 -73.71
C LEU B 1270 -65.96 -26.50 -74.52
N ARG B 1271 -65.19 -27.46 -74.03
CA ARG B 1271 -64.79 -28.60 -74.86
C ARG B 1271 -65.19 -29.90 -74.18
N LEU B 1272 -65.83 -30.79 -74.92
CA LEU B 1272 -66.29 -32.07 -74.39
C LEU B 1272 -65.47 -33.22 -74.96
N ALA B 1273 -64.98 -34.09 -74.07
CA ALA B 1273 -64.17 -35.24 -74.44
C ALA B 1273 -64.71 -36.50 -73.77
N HIS B 1274 -64.51 -37.63 -74.44
CA HIS B 1274 -64.92 -38.94 -73.95
C HIS B 1274 -63.67 -39.67 -73.49
N ARG B 1275 -63.47 -39.75 -72.17
CA ARG B 1275 -62.23 -40.31 -71.64
C ARG B 1275 -62.17 -41.83 -71.81
N THR B 1276 -63.27 -42.52 -71.51
CA THR B 1276 -63.27 -43.98 -71.56
C THR B 1276 -63.51 -44.52 -72.96
N TRP B 1277 -63.74 -43.66 -73.95
CA TRP B 1277 -63.93 -44.10 -75.33
C TRP B 1277 -62.68 -44.80 -75.85
N GLY B 1278 -62.89 -45.87 -76.61
CA GLY B 1278 -61.80 -46.67 -77.11
C GLY B 1278 -61.28 -47.71 -76.14
N SER B 1279 -61.91 -47.85 -74.99
CA SER B 1279 -61.52 -48.82 -73.97
C SER B 1279 -62.69 -49.75 -73.69
N GLN B 1280 -62.46 -50.71 -72.79
CA GLN B 1280 -63.50 -51.67 -72.44
C GLN B 1280 -64.58 -50.98 -71.60
N ASN B 1281 -65.77 -51.59 -71.63
CA ASN B 1281 -67.00 -51.22 -70.90
C ASN B 1281 -67.32 -49.73 -70.91
N SER B 1282 -67.00 -49.05 -72.01
CA SER B 1282 -67.32 -47.63 -72.14
C SER B 1282 -68.81 -47.42 -72.38
N LEU B 1283 -69.31 -46.28 -71.93
CA LEU B 1283 -70.71 -45.92 -72.10
C LEU B 1283 -70.83 -45.07 -73.36
N VAL B 1284 -71.54 -45.60 -74.36
CA VAL B 1284 -71.81 -44.89 -75.60
C VAL B 1284 -73.32 -44.88 -75.79
N GLU B 1285 -73.90 -43.68 -75.81
CA GLU B 1285 -75.34 -43.54 -75.85
C GLU B 1285 -75.69 -42.14 -76.34
N MET B 1286 -76.97 -41.95 -76.65
CA MET B 1286 -77.50 -40.66 -77.06
C MET B 1286 -77.29 -39.64 -75.93
N LEU B 1287 -76.71 -38.50 -76.27
CA LEU B 1287 -76.39 -37.47 -75.29
C LEU B 1287 -77.14 -36.20 -75.62
N PHE B 1288 -77.82 -35.64 -74.62
CA PHE B 1288 -78.51 -34.37 -74.75
C PHE B 1288 -77.74 -33.36 -73.93
N LEU B 1289 -77.27 -32.31 -74.60
CA LEU B 1289 -76.35 -31.34 -74.06
C LEU B 1289 -76.85 -29.93 -74.37
N ARG B 1290 -76.77 -29.04 -73.38
CA ARG B 1290 -77.22 -27.67 -73.53
C ARG B 1290 -76.45 -26.77 -72.58
N LEU B 1291 -76.42 -25.48 -72.91
CA LEU B 1291 -75.76 -24.49 -72.07
C LEU B 1291 -76.64 -24.16 -70.87
N SER B 1292 -76.03 -23.51 -69.88
CA SER B 1292 -76.73 -23.29 -68.62
C SER B 1292 -77.46 -21.95 -68.57
N LEU B 1293 -77.44 -21.17 -69.65
CA LEU B 1293 -78.07 -19.86 -69.64
C LEU B 1293 -78.91 -19.64 -70.88
N PRO B 1294 -80.07 -18.99 -70.75
CA PRO B 1294 -80.95 -18.76 -71.89
C PRO B 1294 -80.75 -17.40 -72.55
N VAL B 1295 -81.39 -17.25 -73.71
CA VAL B 1295 -81.55 -15.96 -74.37
C VAL B 1295 -83.04 -15.73 -74.59
N GLN B 1296 -83.50 -14.54 -74.24
CA GLN B 1296 -84.91 -14.17 -74.33
C GLN B 1296 -85.11 -13.18 -75.46
N PHE B 1297 -86.07 -13.47 -76.34
CA PHE B 1297 -86.41 -12.56 -77.42
C PHE B 1297 -87.15 -11.36 -76.86
N HIS B 1298 -86.98 -10.22 -77.54
CA HIS B 1298 -87.46 -8.93 -77.05
C HIS B 1298 -88.98 -8.91 -76.96
N GLN B 1299 -89.49 -7.94 -76.18
CA GLN B 1299 -90.93 -7.83 -75.97
C GLN B 1299 -91.67 -7.52 -77.26
N HIS B 1300 -91.14 -6.60 -78.06
CA HIS B 1300 -91.76 -6.20 -79.32
C HIS B 1300 -90.73 -6.25 -80.43
N PHE B 1301 -91.18 -6.65 -81.61
CA PHE B 1301 -90.30 -6.78 -82.76
C PHE B 1301 -90.43 -5.56 -83.66
N ARG B 1302 -89.38 -5.31 -84.45
CA ARG B 1302 -89.34 -4.18 -85.35
C ARG B 1302 -90.44 -4.27 -86.40
N CYS B 1303 -91.02 -3.12 -86.75
CA CYS B 1303 -92.13 -3.07 -87.68
C CYS B 1303 -91.71 -3.47 -89.09
N THR B 1304 -92.49 -4.36 -89.70
CA THR B 1304 -92.31 -4.90 -91.06
C THR B 1304 -90.93 -5.48 -91.31
N ASP B 1419 -57.30 -8.33 -91.54
CA ASP B 1419 -58.63 -7.83 -91.85
C ASP B 1419 -59.63 -8.33 -90.82
N ASN B 1420 -60.91 -8.37 -91.22
CA ASN B 1420 -62.04 -8.87 -90.42
C ASN B 1420 -62.15 -8.10 -89.10
N ARG B 1421 -62.43 -6.79 -89.23
CA ARG B 1421 -62.64 -5.93 -88.09
C ARG B 1421 -64.10 -5.50 -88.02
N ASP B 1422 -64.63 -5.43 -86.81
CA ASP B 1422 -65.99 -4.95 -86.63
C ASP B 1422 -66.09 -3.44 -86.87
N ASP B 1423 -67.13 -3.03 -87.58
CA ASP B 1423 -67.40 -1.62 -87.75
C ASP B 1423 -68.04 -1.09 -86.48
N PRO B 1424 -67.46 -0.06 -85.84
CA PRO B 1424 -68.02 0.44 -84.56
C PRO B 1424 -69.46 0.91 -84.64
N GLU B 1425 -69.89 1.47 -85.76
CA GLU B 1425 -71.26 1.96 -85.89
C GLU B 1425 -72.26 0.85 -86.18
N ILE B 1426 -71.79 -0.39 -86.38
CA ILE B 1426 -72.66 -1.52 -86.63
C ILE B 1426 -72.67 -2.48 -85.44
N ILE B 1427 -71.49 -2.78 -84.88
CA ILE B 1427 -71.40 -3.72 -83.76
C ILE B 1427 -72.06 -3.18 -82.50
N LEU B 1428 -72.18 -1.86 -82.35
CA LEU B 1428 -72.86 -1.32 -81.16
C LEU B 1428 -74.37 -1.45 -81.26
N ASN B 1429 -74.95 -1.23 -82.43
CA ASN B 1429 -76.40 -1.25 -82.58
C ASN B 1429 -76.95 -2.53 -83.21
N THR B 1430 -76.10 -3.53 -83.45
CA THR B 1430 -76.59 -4.79 -84.02
C THR B 1430 -77.45 -5.54 -83.00
N THR B 1431 -78.38 -6.34 -83.53
CA THR B 1431 -79.28 -7.13 -82.70
C THR B 1431 -79.17 -8.61 -82.98
N THR B 1432 -78.08 -9.04 -83.62
CA THR B 1432 -77.88 -10.44 -83.98
C THR B 1432 -76.77 -11.02 -83.12
N TYR B 1433 -77.02 -12.23 -82.60
CA TYR B 1433 -76.10 -12.95 -81.73
C TYR B 1433 -75.78 -14.32 -82.32
N TYR B 1434 -74.54 -14.75 -82.16
CA TYR B 1434 -74.03 -15.90 -82.88
C TYR B 1434 -73.12 -16.75 -82.02
N TYR B 1435 -73.20 -18.07 -82.20
CA TYR B 1435 -72.25 -18.96 -81.56
C TYR B 1435 -71.90 -20.09 -82.53
N SER B 1436 -70.67 -20.59 -82.40
CA SER B 1436 -70.16 -21.59 -83.32
C SER B 1436 -69.85 -22.87 -82.55
N VAL B 1437 -69.99 -24.00 -83.22
CA VAL B 1437 -69.63 -25.30 -82.67
C VAL B 1437 -68.66 -25.96 -83.64
N ARG B 1438 -67.58 -26.52 -83.10
CA ARG B 1438 -66.56 -27.15 -83.93
C ARG B 1438 -66.57 -28.65 -83.69
N VAL B 1439 -67.31 -29.37 -84.54
CA VAL B 1439 -67.37 -30.83 -84.45
C VAL B 1439 -66.02 -31.37 -84.90
N PHE B 1440 -65.33 -32.04 -83.98
CA PHE B 1440 -63.98 -32.53 -84.22
C PHE B 1440 -63.95 -33.71 -85.17
N ALA B 1441 -62.76 -33.97 -85.72
CA ALA B 1441 -62.55 -35.11 -86.58
C ALA B 1441 -62.71 -36.41 -85.79
N GLY B 1442 -63.26 -37.42 -86.46
CA GLY B 1442 -63.56 -38.67 -85.82
C GLY B 1442 -64.96 -38.78 -85.28
N GLN B 1443 -65.63 -37.64 -85.09
CA GLN B 1443 -67.03 -37.62 -84.68
C GLN B 1443 -67.89 -37.44 -85.92
N GLU B 1444 -68.77 -38.39 -86.16
CA GLU B 1444 -69.57 -38.41 -87.39
C GLU B 1444 -70.61 -37.30 -87.36
N PRO B 1445 -70.59 -36.38 -88.33
CA PRO B 1445 -71.62 -35.33 -88.37
C PRO B 1445 -73.04 -35.83 -88.58
N SER B 1446 -73.22 -37.05 -89.11
CA SER B 1446 -74.55 -37.61 -89.32
C SER B 1446 -75.28 -37.94 -88.03
N CYS B 1447 -74.60 -37.94 -86.88
CA CYS B 1447 -75.25 -38.12 -85.58
C CYS B 1447 -74.99 -36.91 -84.68
N VAL B 1448 -74.99 -35.72 -85.28
CA VAL B 1448 -74.81 -34.47 -84.56
C VAL B 1448 -75.97 -33.56 -84.93
N TRP B 1449 -76.60 -32.96 -83.93
CA TRP B 1449 -77.66 -31.98 -84.10
C TRP B 1449 -77.20 -30.71 -83.44
N VAL B 1450 -77.42 -29.56 -84.08
CA VAL B 1450 -77.00 -28.26 -83.57
C VAL B 1450 -78.19 -27.30 -83.62
N GLY B 1451 -78.38 -26.53 -82.54
CA GLY B 1451 -79.44 -25.55 -82.51
C GLY B 1451 -79.76 -24.96 -81.15
N TRP B 1452 -81.04 -24.68 -80.90
CA TRP B 1452 -81.49 -24.07 -79.66
C TRP B 1452 -82.75 -24.75 -79.18
N VAL B 1453 -82.93 -24.80 -77.86
CA VAL B 1453 -84.11 -25.43 -77.27
C VAL B 1453 -84.72 -24.50 -76.23
N THR B 1454 -86.03 -24.55 -76.12
CA THR B 1454 -86.74 -23.86 -75.05
C THR B 1454 -86.50 -24.62 -73.75
N PRO B 1455 -86.61 -23.95 -72.59
CA PRO B 1455 -86.33 -24.64 -71.31
C PRO B 1455 -87.31 -25.75 -70.92
N ASP B 1456 -88.33 -26.05 -71.72
CA ASP B 1456 -89.25 -27.14 -71.42
C ASP B 1456 -88.93 -28.40 -72.23
N TYR B 1457 -87.67 -28.56 -72.61
CA TYR B 1457 -87.23 -29.73 -73.36
C TYR B 1457 -87.03 -30.89 -72.38
N HIS B 1458 -87.84 -31.94 -72.52
CA HIS B 1458 -87.71 -33.13 -71.68
C HIS B 1458 -87.84 -34.39 -72.53
N GLN B 1459 -87.17 -34.40 -73.69
CA GLN B 1459 -87.23 -35.51 -74.63
C GLN B 1459 -85.94 -36.31 -74.57
N HIS B 1460 -85.95 -37.38 -73.78
CA HIS B 1460 -84.80 -38.27 -73.66
C HIS B 1460 -85.07 -39.50 -74.53
N ASP B 1461 -84.77 -39.36 -75.81
CA ASP B 1461 -85.03 -40.39 -76.80
C ASP B 1461 -83.72 -41.04 -77.20
N MET B 1462 -83.65 -42.37 -77.14
CA MET B 1462 -82.44 -43.08 -77.53
C MET B 1462 -82.15 -42.95 -79.03
N ASN B 1463 -83.20 -42.83 -79.85
CA ASN B 1463 -83.08 -42.78 -81.29
C ASN B 1463 -83.53 -41.43 -81.84
N PHE B 1464 -83.09 -40.37 -81.17
CA PHE B 1464 -83.52 -39.01 -81.51
C PHE B 1464 -83.01 -38.62 -82.89
N ASP B 1465 -83.85 -37.88 -83.61
CA ASP B 1465 -83.50 -37.24 -84.87
C ASP B 1465 -84.46 -36.07 -85.04
N LEU B 1466 -84.41 -35.42 -86.22
CA LEU B 1466 -85.27 -34.27 -86.49
C LEU B 1466 -86.76 -34.64 -86.56
N SER B 1467 -87.08 -35.92 -86.76
CA SER B 1467 -88.48 -36.34 -86.85
C SER B 1467 -89.17 -36.35 -85.49
N LYS B 1468 -88.43 -36.60 -84.42
CA LYS B 1468 -89.00 -36.67 -83.08
C LYS B 1468 -89.16 -35.32 -82.43
N VAL B 1469 -88.77 -34.24 -83.12
CA VAL B 1469 -88.88 -32.89 -82.58
C VAL B 1469 -90.34 -32.53 -82.41
N ARG B 1470 -90.70 -32.02 -81.23
CA ARG B 1470 -92.06 -31.57 -80.98
C ARG B 1470 -92.30 -30.23 -81.68
N ALA B 1471 -93.38 -30.14 -82.43
CA ALA B 1471 -93.72 -28.90 -83.13
C ALA B 1471 -95.21 -28.85 -83.38
N VAL B 1472 -95.76 -27.63 -83.34
CA VAL B 1472 -97.18 -27.39 -83.59
C VAL B 1472 -97.30 -25.96 -84.13
N THR B 1473 -98.20 -25.76 -85.08
CA THR B 1473 -98.45 -24.45 -85.66
C THR B 1473 -99.91 -24.11 -85.41
N VAL B 1474 -100.15 -22.95 -84.82
CA VAL B 1474 -101.52 -22.52 -84.54
C VAL B 1474 -102.03 -21.68 -85.71
N THR B 1475 -103.15 -22.11 -86.30
CA THR B 1475 -103.80 -21.42 -87.40
C THR B 1475 -104.99 -20.62 -86.87
N MET B 1476 -104.96 -19.31 -87.07
CA MET B 1476 -105.95 -18.38 -86.57
C MET B 1476 -106.49 -17.57 -87.73
N GLY B 1477 -107.82 -17.40 -87.75
CA GLY B 1477 -108.49 -16.63 -88.79
C GLY B 1477 -109.79 -16.10 -88.25
N ASP B 1478 -110.53 -15.41 -89.12
CA ASP B 1478 -111.86 -14.91 -88.76
C ASP B 1478 -112.89 -16.04 -88.90
N GLU B 1479 -114.18 -15.69 -88.88
CA GLU B 1479 -115.25 -16.68 -88.85
C GLU B 1479 -115.24 -17.60 -90.08
N GLN B 1480 -115.04 -17.03 -91.27
CA GLN B 1480 -115.02 -17.82 -92.50
C GLN B 1480 -113.67 -17.60 -93.19
N GLY B 1481 -112.87 -18.67 -93.26
CA GLY B 1481 -111.56 -18.69 -93.92
C GLY B 1481 -110.63 -17.62 -93.39
N ASN B 1482 -109.91 -16.98 -94.31
CA ASN B 1482 -109.05 -15.81 -94.10
C ASN B 1482 -108.11 -15.97 -92.90
N VAL B 1483 -107.24 -16.97 -92.99
CA VAL B 1483 -106.27 -17.25 -91.95
C VAL B 1483 -105.29 -16.08 -91.87
N HIS B 1484 -105.36 -15.34 -90.76
CA HIS B 1484 -104.55 -14.15 -90.56
C HIS B 1484 -103.40 -14.39 -89.60
N SER B 1485 -103.18 -15.62 -89.16
CA SER B 1485 -102.10 -15.94 -88.23
C SER B 1485 -101.81 -17.42 -88.31
N SER B 1486 -100.57 -17.80 -88.63
CA SER B 1486 -100.21 -19.22 -88.64
C SER B 1486 -98.80 -19.27 -88.07
N LEU B 1487 -98.71 -19.47 -86.75
CA LEU B 1487 -97.42 -19.41 -86.07
C LEU B 1487 -96.85 -20.79 -85.77
N LYS B 1488 -95.57 -20.96 -86.10
CA LYS B 1488 -94.81 -22.18 -85.88
C LYS B 1488 -94.16 -22.15 -84.50
N CYS B 1489 -94.56 -23.07 -83.63
CA CYS B 1489 -94.10 -23.13 -82.25
C CYS B 1489 -93.47 -24.48 -81.98
N SER B 1490 -92.39 -24.50 -81.20
CA SER B 1490 -91.71 -25.74 -80.90
C SER B 1490 -90.90 -25.56 -79.62
N ASN B 1491 -90.48 -26.69 -79.06
CA ASN B 1491 -89.59 -26.69 -77.92
C ASN B 1491 -88.15 -26.99 -78.31
N CYS B 1492 -87.97 -27.58 -79.48
CA CYS B 1492 -86.68 -28.00 -79.98
C CYS B 1492 -86.47 -27.41 -81.35
N TYR B 1493 -85.34 -26.73 -81.55
CA TYR B 1493 -85.01 -26.09 -82.82
C TYR B 1493 -83.59 -26.50 -83.17
N MET B 1494 -83.44 -27.52 -84.01
CA MET B 1494 -82.14 -28.14 -84.23
C MET B 1494 -81.97 -28.37 -85.72
N VAL B 1495 -80.72 -28.46 -86.16
CA VAL B 1495 -80.41 -28.81 -87.55
C VAL B 1495 -79.46 -29.99 -87.56
N TRP B 1496 -79.73 -30.93 -88.46
CA TRP B 1496 -78.95 -32.16 -88.52
C TRP B 1496 -77.60 -31.86 -89.14
N GLY B 1497 -76.52 -32.30 -88.46
CA GLY B 1497 -75.17 -32.04 -88.93
C GLY B 1497 -74.78 -32.79 -90.18
N GLY B 1498 -75.52 -33.83 -90.54
CA GLY B 1498 -75.21 -34.60 -91.73
C GLY B 1498 -75.57 -33.93 -93.04
N ASP B 1499 -76.31 -32.82 -92.97
CA ASP B 1499 -76.71 -32.06 -94.15
C ASP B 1499 -75.67 -31.02 -94.55
N PHE B 1500 -74.53 -30.98 -93.88
CA PHE B 1500 -73.50 -29.98 -94.13
C PHE B 1500 -72.18 -30.60 -94.56
N VAL B 1501 -72.20 -31.87 -94.95
CA VAL B 1501 -71.01 -32.60 -95.36
C VAL B 1501 -71.22 -33.13 -96.77
N SER B 1502 -70.16 -33.08 -97.57
CA SER B 1502 -70.25 -33.56 -98.95
C SER B 1502 -70.36 -35.08 -98.97
N PRO B 1503 -71.38 -35.64 -99.61
CA PRO B 1503 -71.52 -37.10 -99.66
C PRO B 1503 -70.53 -37.76 -100.62
N GLY B 1504 -69.26 -37.80 -100.24
CA GLY B 1504 -68.25 -38.40 -101.07
C GLY B 1504 -68.37 -39.92 -101.15
N GLN B 1505 -67.65 -40.49 -102.12
CA GLN B 1505 -67.67 -41.93 -102.32
C GLN B 1505 -67.09 -42.68 -101.11
N GLN B 1506 -66.01 -42.16 -100.55
CA GLN B 1506 -65.36 -42.77 -99.39
C GLN B 1506 -64.60 -41.68 -98.65
N GLY B 1507 -64.28 -41.96 -97.39
CA GLY B 1507 -63.57 -40.99 -96.57
C GLY B 1507 -64.48 -40.21 -95.65
N ARG B 1508 -65.36 -40.93 -94.94
CA ARG B 1508 -66.27 -40.33 -93.97
C ARG B 1508 -65.54 -39.78 -92.75
N ILE B 1509 -64.28 -40.15 -92.54
CA ILE B 1509 -63.47 -39.59 -91.44
C ILE B 1509 -62.87 -38.30 -91.98
N SER B 1510 -63.61 -37.21 -91.82
CA SER B 1510 -63.19 -35.92 -92.37
C SER B 1510 -62.06 -35.36 -91.53
N HIS B 1511 -61.00 -34.91 -92.20
CA HIS B 1511 -59.89 -34.23 -91.56
C HIS B 1511 -60.19 -32.76 -91.26
N THR B 1512 -61.29 -32.24 -91.80
CA THR B 1512 -61.73 -30.87 -91.54
C THR B 1512 -62.83 -30.90 -90.48
N ASP B 1513 -62.67 -30.06 -89.45
CA ASP B 1513 -63.62 -30.02 -88.35
C ASP B 1513 -64.83 -29.21 -88.82
N LEU B 1514 -66.01 -29.81 -88.75
CA LEU B 1514 -67.24 -29.14 -89.17
C LEU B 1514 -67.60 -28.00 -88.22
N VAL B 1515 -67.54 -26.76 -88.71
CA VAL B 1515 -67.79 -25.59 -87.86
C VAL B 1515 -69.19 -25.09 -88.20
N ILE B 1516 -70.17 -25.58 -87.46
CA ILE B 1516 -71.55 -25.14 -87.63
C ILE B 1516 -71.77 -23.86 -86.84
N GLY B 1517 -72.33 -22.84 -87.47
CA GLY B 1517 -72.57 -21.57 -86.81
C GLY B 1517 -74.05 -21.25 -86.78
N CYS B 1518 -74.47 -20.57 -85.70
CA CYS B 1518 -75.88 -20.20 -85.57
C CYS B 1518 -76.01 -18.74 -85.19
N LEU B 1519 -76.82 -18.02 -85.97
CA LEU B 1519 -77.13 -16.61 -85.76
C LEU B 1519 -78.61 -16.49 -85.43
N VAL B 1520 -78.91 -15.67 -84.44
CA VAL B 1520 -80.25 -15.42 -83.93
C VAL B 1520 -80.44 -13.91 -83.82
N ASP B 1521 -81.54 -13.38 -84.36
CA ASP B 1521 -81.83 -11.96 -84.20
C ASP B 1521 -82.98 -11.84 -83.19
N LEU B 1522 -82.70 -11.14 -82.08
CA LEU B 1522 -83.71 -10.94 -81.04
C LEU B 1522 -84.67 -9.80 -81.34
N ALA B 1523 -84.42 -9.00 -82.37
CA ALA B 1523 -85.32 -7.90 -82.70
C ALA B 1523 -86.35 -8.28 -83.76
N THR B 1524 -86.25 -9.48 -84.33
CA THR B 1524 -87.16 -9.93 -85.38
C THR B 1524 -87.69 -11.32 -85.06
N GLY B 1525 -86.93 -12.09 -84.29
CA GLY B 1525 -87.34 -13.43 -83.99
C GLY B 1525 -87.01 -14.46 -85.03
N LEU B 1526 -86.11 -14.15 -85.96
CA LEU B 1526 -85.68 -15.10 -86.95
C LEU B 1526 -84.29 -15.59 -86.61
N MET B 1527 -83.93 -16.74 -87.18
CA MET B 1527 -82.59 -17.25 -87.00
C MET B 1527 -82.20 -18.12 -88.19
N THR B 1528 -80.91 -18.12 -88.47
CA THR B 1528 -80.33 -18.87 -89.59
C THR B 1528 -79.29 -19.86 -89.07
N PHE B 1529 -78.66 -20.56 -90.02
CA PHE B 1529 -77.65 -21.56 -89.74
C PHE B 1529 -76.62 -21.55 -90.86
N THR B 1530 -75.35 -21.65 -90.50
CA THR B 1530 -74.24 -21.63 -91.45
C THR B 1530 -73.47 -22.94 -91.35
N ALA B 1531 -73.29 -23.60 -92.50
CA ALA B 1531 -72.60 -24.88 -92.52
C ALA B 1531 -71.10 -24.72 -92.27
N ASN B 1532 -70.45 -23.78 -92.95
CA ASN B 1532 -69.04 -23.49 -92.73
C ASN B 1532 -68.79 -21.99 -92.80
N GLY B 1533 -69.67 -21.22 -92.18
CA GLY B 1533 -69.65 -19.77 -92.31
C GLY B 1533 -70.46 -19.26 -93.48
N LYS B 1534 -70.91 -20.15 -94.35
CA LYS B 1534 -71.78 -19.82 -95.47
C LYS B 1534 -73.20 -20.23 -95.11
N GLU B 1535 -74.15 -19.33 -95.35
CA GLU B 1535 -75.52 -19.54 -94.90
C GLU B 1535 -76.18 -20.70 -95.64
N SER B 1536 -77.07 -21.40 -94.94
CA SER B 1536 -77.81 -22.53 -95.46
C SER B 1536 -79.27 -22.13 -95.66
N ASN B 1537 -80.00 -22.98 -96.38
CA ASN B 1537 -81.39 -22.68 -96.69
C ASN B 1537 -82.31 -22.76 -95.47
N THR B 1538 -81.87 -23.39 -94.39
CA THR B 1538 -82.72 -23.54 -93.22
C THR B 1538 -82.80 -22.22 -92.44
N PHE B 1539 -83.94 -22.02 -91.79
CA PHE B 1539 -84.22 -20.84 -90.98
C PHE B 1539 -85.36 -21.18 -90.05
N PHE B 1540 -85.59 -20.30 -89.07
CA PHE B 1540 -86.72 -20.47 -88.16
C PHE B 1540 -87.21 -19.12 -87.65
N GLN B 1541 -88.52 -18.99 -87.55
CA GLN B 1541 -89.17 -17.80 -86.99
C GLN B 1541 -89.91 -18.20 -85.72
N VAL B 1542 -89.66 -17.45 -84.65
CA VAL B 1542 -90.24 -17.71 -83.33
C VAL B 1542 -90.93 -16.44 -82.86
N GLU B 1543 -91.86 -16.62 -81.92
CA GLU B 1543 -92.62 -15.52 -81.36
C GLU B 1543 -91.78 -14.73 -80.37
N PRO B 1544 -92.15 -13.48 -80.06
CA PRO B 1544 -91.44 -12.73 -79.02
C PRO B 1544 -91.59 -13.33 -77.63
N ASN B 1545 -90.71 -12.87 -76.72
CA ASN B 1545 -90.64 -13.32 -75.33
C ASN B 1545 -90.41 -14.83 -75.23
N THR B 1546 -89.59 -15.35 -76.14
CA THR B 1546 -89.25 -16.76 -76.20
C THR B 1546 -87.87 -16.97 -75.61
N LYS B 1547 -87.74 -17.96 -74.73
CA LYS B 1547 -86.47 -18.34 -74.12
C LYS B 1547 -85.88 -19.53 -74.84
N LEU B 1548 -84.62 -19.40 -75.26
CA LEU B 1548 -83.93 -20.46 -75.98
C LEU B 1548 -82.59 -20.75 -75.34
N PHE B 1549 -82.32 -22.03 -75.09
CA PHE B 1549 -81.07 -22.50 -74.54
C PHE B 1549 -80.21 -23.09 -75.66
N PRO B 1550 -78.95 -22.69 -75.79
CA PRO B 1550 -78.07 -23.28 -76.82
C PRO B 1550 -77.83 -24.76 -76.59
N ALA B 1551 -78.33 -25.63 -77.46
CA ALA B 1551 -78.20 -27.07 -77.27
C ALA B 1551 -77.58 -27.73 -78.49
N VAL B 1552 -76.83 -28.81 -78.24
CA VAL B 1552 -76.18 -29.60 -79.28
C VAL B 1552 -76.28 -31.06 -78.81
N PHE B 1553 -77.09 -31.86 -79.50
CA PHE B 1553 -77.28 -33.27 -79.17
C PHE B 1553 -76.32 -34.12 -79.98
N VAL B 1554 -75.73 -35.15 -79.35
CA VAL B 1554 -74.68 -35.90 -80.04
C VAL B 1554 -74.59 -37.32 -79.51
N LEU B 1555 -74.25 -38.25 -80.42
CA LEU B 1555 -73.86 -39.59 -80.03
C LEU B 1555 -72.35 -39.69 -80.16
N PRO B 1556 -71.61 -39.82 -79.05
CA PRO B 1556 -70.14 -39.78 -79.10
C PRO B 1556 -69.54 -40.93 -79.88
N THR B 1557 -68.55 -40.61 -80.74
CA THR B 1557 -67.89 -41.62 -81.54
C THR B 1557 -66.38 -41.41 -81.62
N HIS B 1558 -65.80 -40.57 -80.76
CA HIS B 1558 -64.37 -40.28 -80.82
C HIS B 1558 -63.93 -39.71 -79.48
N GLN B 1559 -62.61 -39.69 -79.27
CA GLN B 1559 -62.03 -39.02 -78.12
C GLN B 1559 -62.31 -37.52 -78.16
N ASN B 1560 -62.19 -36.92 -79.34
CA ASN B 1560 -62.46 -35.50 -79.56
C ASN B 1560 -63.82 -35.38 -80.23
N VAL B 1561 -64.79 -34.80 -79.53
CA VAL B 1561 -66.15 -34.81 -80.04
C VAL B 1561 -66.60 -33.42 -80.50
N ILE B 1562 -66.74 -32.48 -79.57
CA ILE B 1562 -67.37 -31.19 -79.81
C ILE B 1562 -66.72 -30.11 -78.93
N GLN B 1563 -66.58 -28.92 -79.51
CA GLN B 1563 -66.09 -27.76 -78.79
C GLN B 1563 -67.02 -26.57 -79.06
N PHE B 1564 -67.70 -26.11 -78.01
CA PHE B 1564 -68.54 -24.92 -78.07
C PHE B 1564 -67.65 -23.69 -78.11
N GLU B 1565 -67.72 -22.94 -79.19
CA GLU B 1565 -66.93 -21.73 -79.40
C GLU B 1565 -67.89 -20.55 -79.32
N LEU B 1566 -67.93 -19.90 -78.17
CA LEU B 1566 -68.77 -18.72 -77.95
C LEU B 1566 -68.12 -17.48 -78.61
N GLY B 1567 -67.98 -17.57 -79.93
CA GLY B 1567 -67.24 -16.60 -80.69
C GLY B 1567 -68.09 -15.51 -81.31
N LYS B 1568 -67.49 -14.83 -82.28
CA LYS B 1568 -68.12 -13.70 -82.94
C LYS B 1568 -67.51 -13.58 -84.34
N GLN B 1569 -68.21 -12.84 -85.20
CA GLN B 1569 -67.74 -12.60 -86.56
C GLN B 1569 -67.76 -11.11 -86.84
N LYS B 1570 -67.56 -10.73 -88.10
CA LYS B 1570 -67.53 -9.33 -88.49
C LYS B 1570 -68.90 -8.70 -88.28
N ASN B 1571 -68.94 -7.70 -87.37
CA ASN B 1571 -70.15 -6.94 -87.03
C ASN B 1571 -71.28 -7.83 -86.54
N ILE B 1572 -70.92 -8.88 -85.79
CA ILE B 1572 -71.89 -9.79 -85.19
C ILE B 1572 -71.57 -9.91 -83.71
N MET B 1573 -72.57 -9.65 -82.88
CA MET B 1573 -72.37 -9.45 -81.44
C MET B 1573 -72.34 -10.81 -80.74
N PRO B 1574 -71.32 -11.10 -79.93
CA PRO B 1574 -71.23 -12.42 -79.29
C PRO B 1574 -72.31 -12.64 -78.23
N LEU B 1575 -72.44 -13.91 -77.80
CA LEU B 1575 -73.42 -14.27 -76.78
C LEU B 1575 -73.05 -13.75 -75.38
N SER B 1576 -71.84 -13.22 -75.20
CA SER B 1576 -71.44 -12.60 -73.94
C SER B 1576 -72.31 -11.40 -73.58
N ALA B 1577 -73.01 -10.82 -74.56
CA ALA B 1577 -73.97 -9.77 -74.30
C ALA B 1577 -75.40 -10.26 -74.33
N ALA B 1578 -75.65 -11.37 -75.04
CA ALA B 1578 -76.99 -11.93 -75.07
C ALA B 1578 -77.31 -12.73 -73.82
N MET B 1579 -76.32 -12.97 -72.96
CA MET B 1579 -76.56 -13.73 -71.73
C MET B 1579 -76.60 -12.81 -70.52
N PHE B 1580 -75.58 -11.98 -70.35
CA PHE B 1580 -75.43 -11.13 -69.18
C PHE B 1580 -75.82 -9.70 -69.54
N LEU B 1581 -76.82 -9.17 -68.82
CA LEU B 1581 -77.36 -7.85 -69.13
C LEU B 1581 -76.36 -6.73 -68.87
N SER B 1582 -75.41 -6.95 -67.96
CA SER B 1582 -74.44 -5.91 -67.62
C SER B 1582 -73.31 -5.79 -68.62
N GLU B 1583 -73.24 -6.67 -69.62
CA GLU B 1583 -72.17 -6.66 -70.62
C GLU B 1583 -72.72 -6.50 -72.03
N ARG B 1584 -73.80 -5.72 -72.17
CA ARG B 1584 -74.49 -5.59 -73.45
C ARG B 1584 -73.62 -4.88 -74.50
N LYS B 1585 -72.70 -4.02 -74.09
CA LYS B 1585 -71.87 -3.28 -75.02
C LYS B 1585 -70.41 -3.71 -74.95
N ASN B 1586 -70.16 -4.97 -74.57
CA ASN B 1586 -68.80 -5.49 -74.49
C ASN B 1586 -68.61 -6.58 -75.55
N PRO B 1587 -67.97 -6.28 -76.68
CA PRO B 1587 -67.84 -7.29 -77.75
C PRO B 1587 -66.78 -8.36 -77.49
N ALA B 1588 -66.00 -8.25 -76.43
CA ALA B 1588 -64.98 -9.24 -76.14
C ALA B 1588 -65.63 -10.56 -75.74
N PRO B 1589 -65.32 -11.67 -76.41
CA PRO B 1589 -65.94 -12.95 -76.06
C PRO B 1589 -65.39 -13.45 -74.72
N GLN B 1590 -66.29 -13.90 -73.85
CA GLN B 1590 -65.94 -14.40 -72.54
C GLN B 1590 -66.81 -15.60 -72.23
N CYS B 1591 -66.32 -16.45 -71.32
CA CYS B 1591 -67.10 -17.58 -70.82
C CYS B 1591 -67.05 -17.57 -69.29
N PRO B 1592 -67.87 -16.73 -68.65
CA PRO B 1592 -67.88 -16.65 -67.18
C PRO B 1592 -68.34 -17.95 -66.55
N PRO B 1593 -67.97 -18.21 -65.28
CA PRO B 1593 -68.25 -19.53 -64.67
C PRO B 1593 -69.70 -19.97 -64.61
N ARG B 1594 -70.67 -19.05 -64.55
CA ARG B 1594 -72.08 -19.43 -64.54
C ARG B 1594 -72.47 -20.14 -65.84
N LEU B 1595 -71.97 -19.65 -66.97
CA LEU B 1595 -72.18 -20.34 -68.24
C LEU B 1595 -71.47 -21.70 -68.20
N GLU B 1596 -72.24 -22.77 -68.28
CA GLU B 1596 -71.66 -24.09 -68.08
C GLU B 1596 -72.39 -25.09 -68.98
N VAL B 1597 -71.73 -26.21 -69.23
CA VAL B 1597 -72.24 -27.25 -70.10
C VAL B 1597 -73.00 -28.28 -69.27
N GLN B 1598 -74.27 -28.50 -69.60
CA GLN B 1598 -75.15 -29.39 -68.87
C GLN B 1598 -75.64 -30.50 -69.78
N MET B 1599 -75.66 -31.73 -69.29
CA MET B 1599 -76.31 -32.80 -70.03
C MET B 1599 -77.58 -33.19 -69.28
N LEU B 1600 -78.28 -34.17 -69.81
CA LEU B 1600 -79.64 -34.43 -69.37
C LEU B 1600 -79.72 -35.69 -68.52
N MET B 1601 -80.07 -35.52 -67.25
CA MET B 1601 -80.43 -36.64 -66.39
C MET B 1601 -81.85 -37.08 -66.70
N PRO B 1602 -82.07 -38.33 -67.11
CA PRO B 1602 -83.45 -38.80 -67.35
C PRO B 1602 -84.34 -38.80 -66.11
N VAL B 1603 -83.79 -39.06 -64.94
CA VAL B 1603 -84.55 -39.17 -63.69
C VAL B 1603 -83.91 -38.27 -62.63
N SER B 1604 -84.74 -37.49 -61.94
CA SER B 1604 -84.30 -36.66 -60.84
C SER B 1604 -85.27 -36.84 -59.69
N TRP B 1605 -84.81 -36.59 -58.47
CA TRP B 1605 -85.67 -36.79 -57.31
C TRP B 1605 -86.75 -35.73 -57.23
N SER B 1606 -87.80 -36.02 -56.47
CA SER B 1606 -88.88 -35.05 -56.27
C SER B 1606 -89.56 -35.36 -54.95
N ARG B 1607 -90.33 -34.38 -54.48
CA ARG B 1607 -91.02 -34.48 -53.20
C ARG B 1607 -92.51 -34.67 -53.42
N MET B 1608 -93.07 -35.65 -52.71
CA MET B 1608 -94.49 -35.93 -52.79
C MET B 1608 -95.24 -34.95 -51.89
N PRO B 1609 -96.21 -34.21 -52.42
CA PRO B 1609 -96.98 -33.27 -51.58
C PRO B 1609 -97.70 -34.00 -50.45
N ASN B 1610 -97.79 -33.32 -49.30
CA ASN B 1610 -98.41 -33.93 -48.13
C ASN B 1610 -99.91 -34.13 -48.28
N HIS B 1611 -100.57 -33.34 -49.13
CA HIS B 1611 -101.98 -33.52 -49.40
C HIS B 1611 -102.23 -33.36 -50.88
N PHE B 1612 -103.29 -34.01 -51.37
CA PHE B 1612 -103.66 -33.98 -52.77
C PHE B 1612 -105.11 -33.56 -52.90
N LEU B 1613 -105.44 -33.05 -54.09
CA LEU B 1613 -106.80 -32.61 -54.40
C LEU B 1613 -107.78 -33.77 -54.30
N GLN B 1614 -108.91 -33.54 -53.62
CA GLN B 1614 -109.97 -34.52 -53.54
C GLN B 1614 -110.89 -34.33 -54.74
N VAL B 1615 -110.89 -35.31 -55.64
CA VAL B 1615 -111.63 -35.24 -56.89
C VAL B 1615 -112.65 -36.36 -56.90
N GLU B 1616 -113.91 -36.01 -57.17
CA GLU B 1616 -114.98 -36.99 -57.31
C GLU B 1616 -115.31 -37.12 -58.79
N THR B 1617 -115.11 -38.32 -59.33
CA THR B 1617 -115.38 -38.62 -60.73
C THR B 1617 -116.31 -39.82 -60.77
N ARG B 1618 -117.54 -39.61 -61.24
CA ARG B 1618 -118.50 -40.71 -61.28
C ARG B 1618 -119.55 -40.39 -62.34
N ARG B 1619 -120.32 -41.41 -62.72
CA ARG B 1619 -121.34 -41.20 -63.74
C ARG B 1619 -122.58 -40.61 -63.09
N ALA B 1620 -122.89 -39.35 -63.43
CA ALA B 1620 -124.02 -38.65 -62.83
C ALA B 1620 -125.35 -39.29 -63.17
N GLY B 1621 -125.53 -39.67 -64.43
CA GLY B 1621 -126.78 -40.27 -64.86
C GLY B 1621 -126.64 -40.85 -66.24
N GLU B 1622 -127.76 -41.42 -66.72
CA GLU B 1622 -127.80 -42.03 -68.03
C GLU B 1622 -127.54 -41.03 -69.15
N ARG B 1623 -128.15 -39.84 -69.06
CA ARG B 1623 -127.98 -38.82 -70.08
C ARG B 1623 -126.96 -37.76 -69.71
N LEU B 1624 -126.67 -37.56 -68.42
CA LEU B 1624 -125.68 -36.57 -68.03
C LEU B 1624 -124.27 -37.06 -68.34
N GLY B 1625 -123.99 -38.32 -68.02
CA GLY B 1625 -122.66 -38.87 -68.22
C GLY B 1625 -121.78 -38.72 -66.99
N TRP B 1626 -120.48 -38.83 -67.22
CA TRP B 1626 -119.51 -38.73 -66.15
C TRP B 1626 -119.38 -37.29 -65.67
N ALA B 1627 -119.23 -37.11 -64.37
CA ALA B 1627 -119.13 -35.80 -63.74
C ALA B 1627 -117.89 -35.76 -62.87
N VAL B 1628 -117.25 -34.58 -62.86
CA VAL B 1628 -116.06 -34.27 -62.09
C VAL B 1628 -116.46 -33.19 -61.09
N GLN B 1629 -115.97 -33.33 -59.86
CA GLN B 1629 -116.32 -32.40 -58.78
C GLN B 1629 -115.10 -32.22 -57.88
N CYS B 1630 -114.65 -30.97 -57.72
CA CYS B 1630 -113.57 -30.67 -56.79
C CYS B 1630 -113.93 -29.39 -56.06
N GLN B 1631 -113.89 -29.44 -54.74
CA GLN B 1631 -114.35 -28.33 -53.90
C GLN B 1631 -113.27 -27.76 -52.99
N ASP B 1632 -112.53 -28.63 -52.30
CA ASP B 1632 -111.58 -28.20 -51.28
C ASP B 1632 -110.38 -27.51 -51.92
N PRO B 1633 -110.11 -26.25 -51.59
CA PRO B 1633 -108.90 -25.60 -52.10
C PRO B 1633 -107.64 -26.09 -51.40
N LEU B 1634 -106.52 -25.95 -52.11
CA LEU B 1634 -105.22 -26.36 -51.60
C LEU B 1634 -104.17 -25.60 -52.38
N THR B 1635 -103.32 -24.85 -51.68
CA THR B 1635 -102.35 -23.98 -52.31
C THR B 1635 -100.94 -24.40 -51.90
N MET B 1636 -100.00 -24.27 -52.83
CA MET B 1636 -98.60 -24.64 -52.60
C MET B 1636 -97.71 -23.45 -52.89
N MET B 1637 -96.79 -23.16 -51.98
CA MET B 1637 -95.84 -22.06 -52.14
C MET B 1637 -94.66 -22.54 -52.97
N ALA B 1638 -94.56 -22.07 -54.21
CA ALA B 1638 -93.55 -22.54 -55.14
C ALA B 1638 -92.47 -21.49 -55.34
N LEU B 1639 -91.23 -21.89 -55.13
CA LEU B 1639 -90.08 -21.06 -55.44
C LEU B 1639 -89.74 -21.22 -56.91
N HIS B 1640 -89.43 -20.12 -57.57
CA HIS B 1640 -89.27 -20.08 -59.02
C HIS B 1640 -87.85 -19.68 -59.39
N ILE B 1641 -87.23 -20.44 -60.29
CA ILE B 1641 -85.94 -20.07 -60.85
C ILE B 1641 -86.21 -19.15 -62.05
N PRO B 1642 -85.65 -17.94 -62.07
CA PRO B 1642 -86.02 -16.96 -63.11
C PRO B 1642 -85.60 -17.33 -64.51
N GLU B 1643 -84.31 -17.65 -64.69
CA GLU B 1643 -83.79 -17.83 -66.05
C GLU B 1643 -84.30 -19.13 -66.67
N GLU B 1644 -84.35 -20.23 -65.90
CA GLU B 1644 -84.83 -21.48 -66.44
C GLU B 1644 -86.34 -21.53 -66.57
N ASN B 1645 -87.05 -20.56 -65.97
CA ASN B 1645 -88.51 -20.44 -66.03
C ASN B 1645 -89.19 -21.72 -65.53
N ARG B 1646 -88.62 -22.32 -64.50
CA ARG B 1646 -89.22 -23.48 -63.85
C ARG B 1646 -89.24 -23.29 -62.35
N CYS B 1647 -90.38 -23.59 -61.75
CA CYS B 1647 -90.58 -23.42 -60.32
C CYS B 1647 -90.76 -24.79 -59.67
N MET B 1648 -90.18 -24.94 -58.50
CA MET B 1648 -90.30 -26.14 -57.69
C MET B 1648 -90.91 -25.77 -56.36
N ASP B 1649 -91.47 -26.78 -55.68
CA ASP B 1649 -92.02 -26.60 -54.34
C ASP B 1649 -90.91 -26.13 -53.40
N ILE B 1650 -91.23 -25.11 -52.61
CA ILE B 1650 -90.25 -24.55 -51.68
C ILE B 1650 -89.93 -25.52 -50.54
N LEU B 1651 -90.78 -26.53 -50.32
CA LEU B 1651 -90.48 -27.54 -49.32
C LEU B 1651 -89.32 -28.44 -49.74
N GLU B 1652 -89.00 -28.47 -51.04
CA GLU B 1652 -87.88 -29.29 -51.53
C GLU B 1652 -86.53 -28.78 -51.05
N LEU B 1653 -86.45 -27.52 -50.60
CA LEU B 1653 -85.18 -26.97 -50.15
C LEU B 1653 -84.69 -27.62 -48.86
N SER B 1654 -85.55 -28.39 -48.17
CA SER B 1654 -85.12 -29.18 -47.02
C SER B 1654 -84.18 -30.31 -47.42
N GLU B 1655 -84.09 -30.62 -48.71
CA GLU B 1655 -83.15 -31.58 -49.26
C GLU B 1655 -82.14 -30.91 -50.16
N ARG B 1656 -82.57 -29.90 -50.92
CA ARG B 1656 -81.63 -29.16 -51.79
C ARG B 1656 -80.97 -28.08 -50.94
N LEU B 1657 -79.92 -28.49 -50.22
CA LEU B 1657 -79.20 -27.59 -49.34
C LEU B 1657 -78.40 -26.53 -50.09
N ASP B 1658 -78.17 -26.72 -51.40
CA ASP B 1658 -77.43 -25.74 -52.18
C ASP B 1658 -78.21 -24.44 -52.30
N LEU B 1659 -79.50 -24.51 -52.65
CA LEU B 1659 -80.31 -23.32 -52.79
C LEU B 1659 -80.86 -22.82 -51.47
N GLN B 1660 -80.93 -23.67 -50.43
CA GLN B 1660 -81.46 -23.26 -49.14
C GLN B 1660 -80.62 -22.17 -48.51
N ARG B 1661 -79.29 -22.32 -48.58
CA ARG B 1661 -78.39 -21.31 -48.04
C ARG B 1661 -78.52 -19.99 -48.79
N PHE B 1662 -78.60 -20.07 -50.12
CA PHE B 1662 -78.71 -18.87 -50.96
C PHE B 1662 -80.03 -18.15 -50.69
N HIS B 1663 -81.13 -18.88 -50.57
CA HIS B 1663 -82.42 -18.24 -50.34
C HIS B 1663 -82.53 -17.68 -48.93
N SER B 1664 -81.96 -18.38 -47.94
CA SER B 1664 -81.90 -17.83 -46.58
C SER B 1664 -81.06 -16.55 -46.54
N HIS B 1665 -79.96 -16.53 -47.26
CA HIS B 1665 -79.17 -15.30 -47.36
C HIS B 1665 -79.92 -14.22 -48.13
N THR B 1666 -80.75 -14.63 -49.10
CA THR B 1666 -81.58 -13.67 -49.82
C THR B 1666 -82.57 -13.00 -48.87
N LEU B 1667 -83.21 -13.79 -48.00
CA LEU B 1667 -84.08 -13.19 -46.99
C LEU B 1667 -83.31 -12.35 -45.97
N ARG B 1668 -82.03 -12.64 -45.78
CA ARG B 1668 -81.22 -11.79 -44.93
C ARG B 1668 -80.89 -10.48 -45.62
N LEU B 1669 -80.81 -10.51 -46.95
CA LEU B 1669 -80.58 -9.29 -47.70
C LEU B 1669 -81.86 -8.44 -47.74
N TYR B 1670 -83.01 -9.10 -47.80
CA TYR B 1670 -84.28 -8.37 -47.73
C TYR B 1670 -84.42 -7.65 -46.40
N ARG B 1671 -84.05 -8.34 -45.30
CA ARG B 1671 -84.07 -7.66 -44.00
C ARG B 1671 -83.01 -6.57 -43.92
N ALA B 1672 -81.90 -6.72 -44.66
CA ALA B 1672 -80.86 -5.71 -44.63
C ALA B 1672 -81.35 -4.46 -45.35
N VAL B 1673 -81.95 -4.62 -46.53
CA VAL B 1673 -82.40 -3.47 -47.31
C VAL B 1673 -83.69 -2.89 -46.78
N CYS B 1674 -84.32 -3.51 -45.78
CA CYS B 1674 -85.48 -2.88 -45.16
C CYS B 1674 -85.23 -2.65 -43.67
N ALA B 1675 -83.96 -2.69 -43.27
CA ALA B 1675 -83.61 -2.55 -41.86
C ALA B 1675 -83.53 -1.08 -41.50
N LEU B 1676 -83.82 -0.81 -40.22
CA LEU B 1676 -83.68 0.52 -39.60
C LEU B 1676 -84.60 1.58 -40.23
N GLY B 1677 -85.88 1.22 -40.34
CA GLY B 1677 -86.91 2.19 -40.69
C GLY B 1677 -86.97 2.63 -42.14
N ASN B 1678 -86.29 1.96 -43.06
CA ASN B 1678 -86.32 2.34 -44.46
C ASN B 1678 -87.64 1.94 -45.10
N ASN B 1679 -88.75 2.59 -44.70
CA ASN B 1679 -90.07 2.18 -45.16
C ASN B 1679 -90.30 2.48 -46.64
N ARG B 1680 -89.46 3.29 -47.26
CA ARG B 1680 -89.53 3.54 -48.70
C ARG B 1680 -89.27 2.25 -49.46
N VAL B 1681 -88.33 1.46 -48.99
CA VAL B 1681 -88.04 0.17 -49.61
C VAL B 1681 -88.92 -0.92 -48.99
N ALA B 1682 -89.25 -0.79 -47.69
CA ALA B 1682 -90.11 -1.78 -47.04
C ALA B 1682 -91.48 -1.87 -47.70
N HIS B 1683 -91.93 -0.79 -48.33
CA HIS B 1683 -93.12 -0.90 -49.17
C HIS B 1683 -92.85 -1.72 -50.41
N ALA B 1684 -91.69 -1.48 -51.05
CA ALA B 1684 -91.36 -2.17 -52.31
C ALA B 1684 -91.22 -3.66 -52.12
N LEU B 1685 -90.78 -4.11 -50.94
CA LEU B 1685 -90.59 -5.54 -50.71
C LEU B 1685 -91.90 -6.32 -50.70
N CYS B 1686 -93.02 -5.66 -50.42
CA CYS B 1686 -94.32 -6.32 -50.37
C CYS B 1686 -94.73 -6.91 -51.71
N SER B 1687 -94.16 -6.41 -52.81
CA SER B 1687 -94.43 -7.00 -54.12
C SER B 1687 -93.77 -8.37 -54.23
N HIS B 1688 -92.49 -8.44 -53.84
CA HIS B 1688 -91.76 -9.70 -53.95
C HIS B 1688 -92.28 -10.73 -52.96
N VAL B 1689 -92.41 -10.36 -51.69
CA VAL B 1689 -93.02 -11.25 -50.70
C VAL B 1689 -94.41 -10.72 -50.36
N ASP B 1690 -95.42 -11.37 -50.93
CA ASP B 1690 -96.79 -10.94 -50.70
C ASP B 1690 -97.23 -11.24 -49.26
N GLN B 1691 -98.33 -10.59 -48.88
CA GLN B 1691 -98.93 -10.83 -47.57
C GLN B 1691 -99.42 -12.27 -47.45
N ALA B 1692 -99.98 -12.81 -48.53
CA ALA B 1692 -100.45 -14.20 -48.51
C ALA B 1692 -99.30 -15.15 -48.33
N GLN B 1693 -98.16 -14.88 -49.00
CA GLN B 1693 -96.99 -15.73 -48.88
C GLN B 1693 -96.48 -15.74 -47.45
N LEU B 1694 -96.41 -14.57 -46.83
CA LEU B 1694 -95.92 -14.46 -45.46
C LEU B 1694 -96.86 -15.18 -44.49
N LEU B 1695 -98.16 -14.93 -44.62
CA LEU B 1695 -99.15 -15.52 -43.72
C LEU B 1695 -99.18 -17.04 -43.86
N HIS B 1696 -99.11 -17.54 -45.09
CA HIS B 1696 -99.07 -18.99 -45.29
C HIS B 1696 -97.79 -19.57 -44.71
N ALA B 1697 -96.66 -18.86 -44.90
CA ALA B 1697 -95.39 -19.34 -44.36
C ALA B 1697 -95.38 -19.36 -42.84
N LEU B 1698 -96.27 -18.60 -42.20
CA LEU B 1698 -96.37 -18.67 -40.74
C LEU B 1698 -96.84 -20.06 -40.31
N GLU B 1699 -97.81 -20.61 -41.03
CA GLU B 1699 -98.40 -21.90 -40.69
C GLU B 1699 -97.78 -23.06 -41.45
N ASP B 1700 -96.81 -22.79 -42.32
CA ASP B 1700 -96.19 -23.85 -43.12
C ASP B 1700 -95.33 -24.69 -42.19
N ALA B 1701 -95.87 -25.84 -41.77
CA ALA B 1701 -95.18 -26.67 -40.80
C ALA B 1701 -94.06 -27.52 -41.39
N HIS B 1702 -93.93 -27.59 -42.71
CA HIS B 1702 -92.87 -28.38 -43.32
C HIS B 1702 -91.75 -27.53 -43.88
N LEU B 1703 -91.76 -26.22 -43.62
CA LEU B 1703 -90.66 -25.38 -44.07
C LEU B 1703 -89.41 -25.72 -43.28
N PRO B 1704 -88.22 -25.55 -43.87
CA PRO B 1704 -86.99 -25.83 -43.11
C PRO B 1704 -86.73 -24.81 -42.01
N GLY B 1705 -85.63 -25.01 -41.31
CA GLY B 1705 -85.23 -24.18 -40.19
C GLY B 1705 -84.92 -22.75 -40.58
N PRO B 1706 -83.83 -22.55 -41.36
CA PRO B 1706 -83.46 -21.19 -41.75
C PRO B 1706 -84.54 -20.47 -42.52
N LEU B 1707 -85.31 -21.19 -43.34
CA LEU B 1707 -86.32 -20.52 -44.15
C LEU B 1707 -87.48 -20.08 -43.28
N ARG B 1708 -87.86 -20.90 -42.29
CA ARG B 1708 -88.96 -20.54 -41.40
C ARG B 1708 -88.60 -19.36 -40.52
N ALA B 1709 -87.38 -19.36 -39.96
CA ALA B 1709 -86.96 -18.24 -39.14
C ALA B 1709 -86.71 -16.99 -39.97
N GLY B 1710 -86.18 -17.16 -41.19
CA GLY B 1710 -85.98 -16.03 -42.07
C GLY B 1710 -87.27 -15.39 -42.50
N TYR B 1711 -88.31 -16.20 -42.74
CA TYR B 1711 -89.57 -15.62 -43.16
C TYR B 1711 -90.30 -14.95 -42.01
N TYR B 1712 -90.22 -15.52 -40.80
CA TYR B 1712 -90.80 -14.84 -39.63
C TYR B 1712 -90.10 -13.52 -39.36
N ASP B 1713 -88.77 -13.51 -39.45
CA ASP B 1713 -88.02 -12.29 -39.21
C ASP B 1713 -88.27 -11.28 -40.32
N LEU B 1714 -88.42 -11.75 -41.55
CA LEU B 1714 -88.69 -10.86 -42.67
C LEU B 1714 -90.04 -10.19 -42.50
N LEU B 1715 -91.05 -10.94 -42.02
CA LEU B 1715 -92.36 -10.34 -41.74
C LEU B 1715 -92.26 -9.28 -40.67
N ILE B 1716 -91.49 -9.56 -39.60
CA ILE B 1716 -91.31 -8.59 -38.52
C ILE B 1716 -90.59 -7.35 -39.03
N SER B 1717 -89.54 -7.55 -39.81
CA SER B 1717 -88.74 -6.43 -40.32
C SER B 1717 -89.56 -5.56 -41.26
N ILE B 1718 -90.30 -6.18 -42.18
CA ILE B 1718 -91.04 -5.41 -43.19
C ILE B 1718 -92.21 -4.67 -42.55
N HIS B 1719 -92.98 -5.36 -41.71
CA HIS B 1719 -94.26 -4.82 -41.28
C HIS B 1719 -94.29 -4.34 -39.85
N LEU B 1720 -93.31 -4.68 -39.03
CA LEU B 1720 -93.50 -4.40 -37.62
C LEU B 1720 -92.38 -3.60 -36.97
N GLU B 1721 -91.12 -3.81 -37.39
CA GLU B 1721 -89.98 -3.29 -36.64
C GLU B 1721 -89.92 -1.76 -36.63
N SER B 1722 -90.33 -1.09 -37.72
CA SER B 1722 -90.29 0.37 -37.77
C SER B 1722 -91.22 0.99 -36.74
N ALA B 1723 -92.43 0.47 -36.62
CA ALA B 1723 -93.36 0.99 -35.61
C ALA B 1723 -92.94 0.53 -34.22
N CYS B 1724 -92.43 -0.70 -34.12
CA CYS B 1724 -92.06 -1.29 -32.84
C CYS B 1724 -90.93 -0.53 -32.18
N ARG B 1725 -89.91 -0.16 -32.95
CA ARG B 1725 -88.74 0.52 -32.41
C ARG B 1725 -89.12 1.88 -31.82
N SER B 1726 -89.92 2.64 -32.57
CA SER B 1726 -90.38 3.95 -32.11
C SER B 1726 -91.26 3.82 -30.89
N ARG B 1727 -92.13 2.81 -30.84
CA ARG B 1727 -92.95 2.60 -29.65
C ARG B 1727 -92.09 2.16 -28.47
N ARG B 1728 -91.06 1.36 -28.74
CA ARG B 1728 -90.17 0.88 -27.69
C ARG B 1728 -89.41 2.03 -27.06
N SER B 1729 -88.96 2.98 -27.88
CA SER B 1729 -88.22 4.11 -27.33
C SER B 1729 -89.09 4.98 -26.44
N MET B 1730 -90.42 4.96 -26.64
CA MET B 1730 -91.33 5.71 -25.79
C MET B 1730 -91.91 4.84 -24.68
N LEU B 1731 -91.47 3.59 -24.57
CA LEU B 1731 -91.93 2.78 -23.44
C LEU B 1731 -91.21 3.13 -22.14
N SER B 1732 -90.13 3.89 -22.20
CA SER B 1732 -89.38 4.28 -21.01
C SER B 1732 -89.81 5.63 -20.45
N GLU B 1733 -90.82 6.26 -21.04
CA GLU B 1733 -91.32 7.54 -20.58
C GLU B 1733 -92.77 7.37 -20.14
N TYR B 1734 -93.17 8.15 -19.14
CA TYR B 1734 -94.51 8.03 -18.56
C TYR B 1734 -95.10 9.43 -18.42
N ILE B 1735 -95.79 9.86 -19.47
CA ILE B 1735 -96.51 11.13 -19.48
C ILE B 1735 -97.96 10.79 -19.17
N VAL B 1736 -98.31 10.86 -17.89
CA VAL B 1736 -99.62 10.42 -17.41
C VAL B 1736 -100.54 11.64 -17.38
N PRO B 1737 -101.57 11.70 -18.21
CA PRO B 1737 -102.52 12.82 -18.13
C PRO B 1737 -103.53 12.63 -17.03
N LEU B 1738 -103.98 13.75 -16.46
CA LEU B 1738 -104.99 13.75 -15.41
C LEU B 1738 -106.37 13.64 -16.05
N THR B 1739 -106.90 12.43 -16.11
CA THR B 1739 -108.15 12.12 -16.77
C THR B 1739 -109.02 11.27 -15.83
N PRO B 1740 -110.35 11.22 -16.07
CA PRO B 1740 -111.21 10.36 -15.23
C PRO B 1740 -110.79 8.90 -15.24
N GLU B 1741 -110.31 8.39 -16.37
CA GLU B 1741 -109.83 7.02 -16.38
C GLU B 1741 -108.50 6.90 -15.67
N THR B 1742 -107.71 7.98 -15.60
CA THR B 1742 -106.48 7.96 -14.82
C THR B 1742 -106.82 7.77 -13.36
N ARG B 1743 -107.87 8.45 -12.89
CA ARG B 1743 -108.27 8.35 -11.49
CA ARG B 1743 -108.27 8.34 -11.48
C ARG B 1743 -108.72 6.93 -11.13
N ALA B 1744 -109.36 6.23 -12.07
CA ALA B 1744 -109.85 4.88 -11.85
C ALA B 1744 -108.73 3.87 -11.60
N ILE B 1745 -107.49 4.18 -11.99
CA ILE B 1745 -106.36 3.28 -11.80
C ILE B 1745 -106.08 3.09 -10.33
N THR B 1746 -106.01 1.83 -9.89
CA THR B 1746 -105.72 1.48 -8.51
C THR B 1746 -104.58 0.48 -8.47
N LEU B 1747 -103.90 0.45 -7.33
CA LEU B 1747 -102.75 -0.43 -7.15
C LEU B 1747 -103.12 -1.90 -7.23
N PHE B 1748 -104.24 -2.27 -6.61
CA PHE B 1748 -104.68 -3.66 -6.57
C PHE B 1748 -106.12 -3.73 -7.03
N PRO B 1749 -106.54 -4.86 -7.61
CA PRO B 1749 -107.95 -5.01 -7.98
C PRO B 1749 -108.82 -4.99 -6.75
N PRO B 1750 -110.03 -4.44 -6.86
CA PRO B 1750 -110.95 -4.39 -5.70
C PRO B 1750 -111.39 -5.80 -5.31
N GLY B 1751 -111.13 -6.16 -4.06
CA GLY B 1751 -111.46 -7.48 -3.57
C GLY B 1751 -111.68 -7.52 -2.07
N ARG B 1752 -111.55 -8.71 -1.48
CA ARG B 1752 -111.84 -8.90 -0.07
C ARG B 1752 -110.85 -9.79 0.67
N LYS B 1753 -109.80 -10.28 0.01
CA LYS B 1753 -108.82 -11.11 0.73
C LYS B 1753 -107.96 -10.27 1.66
N GLY B 1754 -107.47 -9.14 1.19
CA GLY B 1754 -106.68 -8.25 2.03
C GLY B 1754 -106.63 -6.82 1.52
N GLY B 1755 -106.96 -5.87 2.40
CA GLY B 1755 -106.89 -4.47 2.03
C GLY B 1755 -105.48 -3.96 1.82
N ASN B 1756 -104.56 -4.34 2.72
CA ASN B 1756 -103.18 -3.86 2.60
C ASN B 1756 -102.44 -4.57 1.48
N ALA B 1757 -102.66 -5.87 1.31
CA ALA B 1757 -101.94 -6.61 0.28
C ALA B 1757 -102.87 -7.68 -0.26
N ARG B 1758 -103.60 -7.34 -1.32
CA ARG B 1758 -104.35 -8.32 -2.08
C ARG B 1758 -103.39 -9.05 -3.02
N ARG B 1759 -103.85 -10.20 -3.53
CA ARG B 1759 -103.07 -10.94 -4.52
C ARG B 1759 -102.87 -10.07 -5.75
N HIS B 1760 -101.68 -10.16 -6.34
CA HIS B 1760 -101.30 -9.29 -7.44
C HIS B 1760 -102.20 -9.49 -8.65
N GLY B 1761 -102.54 -8.38 -9.31
CA GLY B 1761 -103.28 -8.47 -10.54
C GLY B 1761 -102.42 -8.99 -11.68
N LEU B 1762 -103.10 -9.39 -12.74
CA LEU B 1762 -102.43 -9.95 -13.91
C LEU B 1762 -101.64 -8.85 -14.61
N PRO B 1763 -100.32 -9.01 -14.78
CA PRO B 1763 -99.51 -7.96 -15.41
C PRO B 1763 -99.93 -7.71 -16.86
N GLY B 1764 -99.93 -6.44 -17.24
CA GLY B 1764 -100.36 -6.04 -18.56
C GLY B 1764 -101.86 -6.05 -18.77
N VAL B 1765 -102.64 -6.42 -17.76
CA VAL B 1765 -104.09 -6.49 -17.85
C VAL B 1765 -104.66 -5.31 -17.09
N GLY B 1766 -105.49 -4.53 -17.75
CA GLY B 1766 -106.09 -3.36 -17.17
C GLY B 1766 -106.01 -2.21 -18.15
N VAL B 1767 -106.18 -1.00 -17.64
CA VAL B 1767 -106.15 0.20 -18.45
C VAL B 1767 -104.81 0.91 -18.22
N THR B 1768 -104.19 1.34 -19.31
CA THR B 1768 -102.96 2.11 -19.23
C THR B 1768 -103.24 3.47 -19.84
N THR B 1769 -102.90 4.53 -19.11
CA THR B 1769 -103.20 5.88 -19.55
C THR B 1769 -101.94 6.62 -20.01
N SER B 1770 -100.75 6.05 -19.78
CA SER B 1770 -99.49 6.64 -20.21
C SER B 1770 -99.49 6.89 -21.72
N LEU B 1771 -99.08 8.09 -22.09
CA LEU B 1771 -99.21 8.52 -23.48
C LEU B 1771 -98.20 7.83 -24.37
N ARG B 1772 -98.71 7.21 -25.43
CA ARG B 1772 -97.91 6.55 -26.45
C ARG B 1772 -98.50 6.97 -27.79
N PRO B 1773 -97.69 7.52 -28.70
CA PRO B 1773 -98.22 7.95 -30.01
C PRO B 1773 -98.75 6.78 -30.80
N PRO B 1774 -99.84 6.96 -31.53
CA PRO B 1774 -100.39 5.85 -32.33
C PRO B 1774 -99.50 5.51 -33.51
N HIS B 1775 -99.59 4.25 -33.94
CA HIS B 1775 -98.85 3.80 -35.10
C HIS B 1775 -99.42 4.42 -36.37
N HIS B 1776 -98.57 4.48 -37.39
CA HIS B 1776 -98.93 5.05 -38.68
C HIS B 1776 -98.58 4.06 -39.77
N PHE B 1777 -99.57 3.33 -40.27
CA PHE B 1777 -99.37 2.38 -41.35
C PHE B 1777 -99.95 2.93 -42.65
N SER B 1778 -99.69 2.20 -43.74
CA SER B 1778 -100.21 2.55 -45.04
C SER B 1778 -100.45 1.29 -45.85
N PRO B 1779 -101.60 1.19 -46.52
CA PRO B 1779 -101.87 0.03 -47.37
C PRO B 1779 -100.96 0.04 -48.59
N PRO B 1780 -100.12 -0.98 -48.75
CA PRO B 1780 -99.14 -0.97 -49.86
C PRO B 1780 -99.81 -1.18 -51.21
N CYS B 1781 -99.78 -0.15 -52.06
CA CYS B 1781 -100.29 -0.23 -53.41
C CYS B 1781 -99.25 0.31 -54.37
N PHE B 1782 -98.87 -0.50 -55.35
CA PHE B 1782 -97.80 -0.16 -56.28
C PHE B 1782 -98.28 0.48 -57.57
N VAL B 1783 -99.59 0.56 -57.78
CA VAL B 1783 -100.12 1.16 -59.00
C VAL B 1783 -100.74 2.52 -58.75
N ALA B 1784 -100.75 2.98 -57.51
CA ALA B 1784 -101.21 4.33 -57.22
C ALA B 1784 -100.29 5.35 -57.89
N ALA B 1785 -100.85 6.51 -58.20
CA ALA B 1785 -100.11 7.56 -58.90
C ALA B 1785 -98.92 8.04 -58.10
N LEU B 1786 -97.78 8.20 -58.79
CA LEU B 1786 -96.57 8.69 -58.16
C LEU B 1786 -96.76 10.12 -57.68
N PRO B 1787 -96.12 10.52 -56.58
CA PRO B 1787 -96.28 11.89 -56.07
C PRO B 1787 -95.85 12.94 -57.08
N ALA B 1788 -96.66 13.99 -57.21
CA ALA B 1788 -96.35 15.04 -58.17
C ALA B 1788 -95.22 15.94 -57.68
N ALA B 1789 -95.02 16.03 -56.37
CA ALA B 1789 -93.98 16.87 -55.81
C ALA B 1789 -92.60 16.28 -56.10
N GLY B 1790 -91.58 17.11 -55.90
CA GLY B 1790 -90.22 16.69 -56.16
C GLY B 1790 -89.66 15.80 -55.06
N VAL B 1791 -88.40 15.41 -55.24
CA VAL B 1791 -87.73 14.53 -54.30
C VAL B 1791 -87.51 15.26 -52.97
N ALA B 1792 -87.61 14.50 -51.87
CA ALA B 1792 -87.40 14.97 -50.49
C ALA B 1792 -88.35 16.10 -50.12
N GLU B 1793 -89.57 16.05 -50.65
CA GLU B 1793 -90.59 17.04 -50.30
C GLU B 1793 -91.86 16.35 -49.84
N ALA B 1794 -92.09 15.13 -50.35
CA ALA B 1794 -93.24 14.35 -49.92
C ALA B 1794 -93.06 13.88 -48.47
N PRO B 1795 -94.16 13.66 -47.73
CA PRO B 1795 -94.04 13.13 -46.37
C PRO B 1795 -93.47 11.72 -46.35
N ALA B 1796 -92.85 11.38 -45.22
CA ALA B 1796 -92.16 10.11 -45.04
C ALA B 1796 -93.07 8.93 -45.27
N ARG B 1797 -92.57 7.93 -45.99
CA ARG B 1797 -93.33 6.72 -46.22
C ARG B 1797 -93.55 5.98 -44.91
N LEU B 1798 -94.75 5.48 -44.71
CA LEU B 1798 -95.09 4.79 -43.49
C LEU B 1798 -94.86 3.29 -43.64
N SER B 1799 -94.99 2.58 -42.53
CA SER B 1799 -94.86 1.13 -42.56
C SER B 1799 -96.00 0.52 -43.36
N PRO B 1800 -95.71 -0.45 -44.22
CA PRO B 1800 -96.77 -1.16 -44.97
C PRO B 1800 -97.77 -1.83 -44.04
N ALA B 1801 -99.04 -1.76 -44.41
CA ALA B 1801 -100.08 -2.27 -43.54
C ALA B 1801 -100.17 -3.79 -43.64
N ILE B 1802 -100.74 -4.39 -42.60
CA ILE B 1802 -101.01 -5.83 -42.53
C ILE B 1802 -102.09 -6.04 -41.48
N PRO B 1803 -103.10 -6.91 -41.72
CA PRO B 1803 -104.16 -7.12 -40.70
C PRO B 1803 -103.63 -7.63 -39.37
N LEU B 1804 -103.76 -6.78 -38.34
CA LEU B 1804 -103.19 -7.13 -37.06
C LEU B 1804 -104.19 -7.78 -36.13
N GLU B 1805 -105.49 -7.51 -36.33
CA GLU B 1805 -106.52 -8.19 -35.55
C GLU B 1805 -106.52 -9.69 -35.84
N ALA B 1806 -106.36 -10.07 -37.10
CA ALA B 1806 -106.22 -11.47 -37.45
C ALA B 1806 -104.83 -11.98 -37.17
N LEU B 1807 -103.81 -11.12 -37.34
CA LEU B 1807 -102.44 -11.54 -37.13
C LEU B 1807 -102.17 -11.94 -35.68
N ARG B 1808 -102.72 -11.17 -34.73
CA ARG B 1808 -102.57 -11.51 -33.32
C ARG B 1808 -103.26 -12.84 -32.97
N ASP B 1809 -104.43 -13.10 -33.55
CA ASP B 1809 -105.12 -14.37 -33.32
C ASP B 1809 -104.34 -15.54 -33.89
N LYS B 1810 -103.76 -15.35 -35.08
CA LYS B 1810 -102.88 -16.37 -35.65
C LYS B 1810 -101.66 -16.60 -34.75
N ALA B 1811 -101.06 -15.50 -34.26
CA ALA B 1811 -99.88 -15.61 -33.41
C ALA B 1811 -100.19 -16.36 -32.12
N LEU B 1812 -101.39 -16.14 -31.57
CA LEU B 1812 -101.81 -16.92 -30.41
C LEU B 1812 -101.96 -18.38 -30.78
N ARG B 1813 -102.41 -18.63 -32.02
CA ARG B 1813 -102.81 -19.98 -32.39
C ARG B 1813 -101.60 -20.88 -32.55
N MET B 1814 -100.57 -20.42 -33.28
CA MET B 1814 -99.38 -21.26 -33.41
C MET B 1814 -98.66 -21.43 -32.09
N LEU B 1815 -98.66 -20.39 -31.26
CA LEU B 1815 -98.07 -20.49 -29.91
C LEU B 1815 -98.76 -21.55 -29.07
N GLY B 1816 -100.10 -21.61 -29.12
CA GLY B 1816 -100.81 -22.69 -28.45
C GLY B 1816 -100.49 -24.06 -29.02
N GLU B 1817 -100.39 -24.15 -30.34
CA GLU B 1817 -100.01 -25.41 -30.99
C GLU B 1817 -98.62 -25.83 -30.56
N ALA B 1818 -97.68 -24.88 -30.51
CA ALA B 1818 -96.30 -25.17 -30.16
C ALA B 1818 -96.21 -25.66 -28.71
N VAL B 1819 -96.99 -25.05 -27.81
CA VAL B 1819 -96.98 -25.47 -26.40
C VAL B 1819 -97.48 -26.90 -26.27
N ARG B 1820 -98.59 -27.21 -26.95
CA ARG B 1820 -99.11 -28.58 -26.92
C ARG B 1820 -98.13 -29.56 -27.57
N ASP B 1821 -97.55 -29.18 -28.72
CA ASP B 1821 -96.65 -30.08 -29.44
C ASP B 1821 -95.39 -30.33 -28.62
N GLY B 1822 -94.89 -29.28 -27.94
CA GLY B 1822 -93.73 -29.46 -27.10
C GLY B 1822 -94.03 -30.42 -25.97
N GLY B 1823 -95.26 -30.36 -25.44
CA GLY B 1823 -95.63 -31.30 -24.40
C GLY B 1823 -95.70 -32.72 -24.90
N GLN B 1824 -96.10 -32.91 -26.17
CA GLN B 1824 -96.19 -34.27 -26.72
C GLN B 1824 -94.83 -34.97 -26.91
N HIS B 1825 -93.72 -34.23 -26.85
CA HIS B 1825 -92.35 -34.74 -27.04
C HIS B 1825 -92.20 -35.47 -28.37
N ALA B 1826 -92.78 -34.89 -29.43
CA ALA B 1826 -92.70 -35.47 -30.77
C ALA B 1826 -91.27 -35.53 -31.27
N ARG B 1827 -90.95 -36.61 -31.99
CA ARG B 1827 -89.60 -36.82 -32.50
C ARG B 1827 -89.28 -35.92 -33.70
N ASP B 1828 -90.28 -35.29 -34.32
CA ASP B 1828 -90.05 -34.40 -35.45
C ASP B 1828 -90.74 -33.08 -35.13
N PRO B 1829 -90.07 -32.17 -34.44
CA PRO B 1829 -90.66 -30.86 -34.16
C PRO B 1829 -90.75 -30.03 -35.42
N VAL B 1830 -91.67 -29.05 -35.39
CA VAL B 1830 -91.91 -28.18 -36.53
C VAL B 1830 -90.65 -27.37 -36.85
N GLY B 1831 -90.29 -27.33 -38.13
CA GLY B 1831 -89.13 -26.60 -38.57
C GLY B 1831 -87.84 -27.38 -38.50
N GLY B 1832 -87.86 -28.58 -37.93
CA GLY B 1832 -86.70 -29.43 -37.83
C GLY B 1832 -86.03 -29.44 -36.47
N SER B 1833 -86.33 -28.47 -35.61
CA SER B 1833 -85.74 -28.45 -34.28
C SER B 1833 -86.64 -27.66 -33.34
N VAL B 1834 -86.38 -27.83 -32.04
CA VAL B 1834 -87.14 -27.13 -31.02
C VAL B 1834 -86.88 -25.63 -31.11
N GLU B 1835 -85.63 -25.24 -31.35
CA GLU B 1835 -85.28 -23.83 -31.46
C GLU B 1835 -86.00 -23.20 -32.63
N PHE B 1836 -86.00 -23.86 -33.78
CA PHE B 1836 -86.68 -23.31 -34.95
C PHE B 1836 -88.20 -23.40 -34.82
N GLN B 1837 -88.70 -24.16 -33.85
CA GLN B 1837 -90.13 -24.24 -33.62
C GLN B 1837 -90.60 -23.10 -32.72
N PHE B 1838 -89.81 -22.76 -31.71
CA PHE B 1838 -90.23 -21.78 -30.71
C PHE B 1838 -89.69 -20.38 -30.91
N VAL B 1839 -88.43 -20.22 -31.33
CA VAL B 1839 -87.82 -18.87 -31.42
C VAL B 1839 -88.55 -17.93 -32.39
N PRO B 1840 -88.84 -18.30 -33.66
CA PRO B 1840 -89.57 -17.34 -34.52
C PRO B 1840 -90.96 -16.97 -34.02
N VAL B 1841 -91.69 -17.93 -33.44
CA VAL B 1841 -93.01 -17.65 -32.90
C VAL B 1841 -92.90 -16.71 -31.71
N LEU B 1842 -91.94 -16.95 -30.83
CA LEU B 1842 -91.79 -16.11 -29.65
C LEU B 1842 -91.30 -14.72 -30.03
N LYS B 1843 -90.55 -14.61 -31.13
CA LYS B 1843 -90.16 -13.30 -31.65
C LYS B 1843 -91.39 -12.53 -32.11
N LEU B 1844 -92.31 -13.20 -32.80
CA LEU B 1844 -93.51 -12.53 -33.28
C LEU B 1844 -94.42 -12.12 -32.14
N VAL B 1845 -94.53 -12.98 -31.12
CA VAL B 1845 -95.35 -12.67 -29.95
C VAL B 1845 -94.75 -11.49 -29.20
N SER B 1846 -93.41 -11.48 -29.04
CA SER B 1846 -92.75 -10.39 -28.33
C SER B 1846 -92.94 -9.06 -29.04
N THR B 1847 -92.78 -9.06 -30.38
CA THR B 1847 -92.95 -7.83 -31.14
C THR B 1847 -94.38 -7.30 -31.06
N LEU B 1848 -95.37 -8.20 -31.17
CA LEU B 1848 -96.76 -7.76 -31.03
C LEU B 1848 -97.05 -7.27 -29.62
N LEU B 1849 -96.45 -7.91 -28.61
CA LEU B 1849 -96.67 -7.46 -27.23
C LEU B 1849 -96.10 -6.07 -27.01
N VAL B 1850 -94.91 -5.81 -27.56
CA VAL B 1850 -94.29 -4.49 -27.42
C VAL B 1850 -95.14 -3.45 -28.12
N MET B 1851 -95.64 -3.77 -29.32
CA MET B 1851 -96.52 -2.84 -30.03
C MET B 1851 -97.90 -2.72 -29.39
N GLY B 1852 -98.23 -3.58 -28.43
CA GLY B 1852 -99.53 -3.53 -27.77
C GLY B 1852 -100.70 -3.90 -28.65
N ILE B 1853 -100.49 -4.84 -29.58
CA ILE B 1853 -101.59 -5.31 -30.42
C ILE B 1853 -102.56 -6.15 -29.60
N PHE B 1854 -102.03 -6.99 -28.72
CA PHE B 1854 -102.84 -7.93 -27.94
C PHE B 1854 -103.75 -7.20 -26.95
N GLY B 1855 -104.99 -7.68 -26.86
CA GLY B 1855 -105.94 -7.17 -25.88
C GLY B 1855 -105.74 -7.84 -24.54
N ASP B 1856 -106.60 -7.46 -23.58
CA ASP B 1856 -106.52 -8.02 -22.23
C ASP B 1856 -106.78 -9.52 -22.21
N GLU B 1857 -107.77 -9.99 -22.98
CA GLU B 1857 -108.04 -11.42 -23.06
C GLU B 1857 -106.88 -12.17 -23.68
N ASP B 1858 -106.28 -11.58 -24.72
CA ASP B 1858 -105.13 -12.19 -25.38
C ASP B 1858 -103.96 -12.28 -24.41
N VAL B 1859 -103.75 -11.23 -23.61
CA VAL B 1859 -102.67 -11.25 -22.63
C VAL B 1859 -102.93 -12.36 -21.61
N LYS B 1860 -104.19 -12.49 -21.17
CA LYS B 1860 -104.56 -13.57 -20.24
C LYS B 1860 -104.25 -14.94 -20.82
N GLN B 1861 -104.42 -15.08 -22.14
CA GLN B 1861 -104.05 -16.32 -22.81
C GLN B 1861 -102.54 -16.53 -22.78
N ILE B 1862 -101.76 -15.50 -23.15
CA ILE B 1862 -100.31 -15.64 -23.19
C ILE B 1862 -99.77 -15.98 -21.81
N LEU B 1863 -100.34 -15.36 -20.76
CA LEU B 1863 -99.97 -15.72 -19.40
C LEU B 1863 -100.39 -17.14 -19.06
N LYS B 1864 -101.42 -17.66 -19.72
CA LYS B 1864 -101.81 -19.05 -19.46
C LYS B 1864 -100.80 -20.00 -20.08
N MET B 1865 -100.39 -19.74 -21.34
CA MET B 1865 -99.38 -20.62 -21.93
C MET B 1865 -98.04 -20.50 -21.23
N ILE B 1866 -97.70 -19.31 -20.71
CA ILE B 1866 -96.45 -19.16 -19.97
C ILE B 1866 -96.52 -19.91 -18.65
N GLU B 1867 -97.60 -19.74 -17.90
CA GLU B 1867 -97.78 -20.48 -16.65
C GLU B 1867 -99.26 -20.60 -16.31
N PRO B 1868 -99.87 -21.75 -16.58
CA PRO B 1868 -101.32 -21.89 -16.38
C PRO B 1868 -101.75 -22.12 -14.96
N GLU B 1869 -100.83 -22.20 -13.99
CA GLU B 1869 -101.21 -22.42 -12.60
C GLU B 1869 -101.07 -21.19 -11.73
N VAL B 1870 -99.91 -20.53 -11.76
CA VAL B 1870 -99.67 -19.37 -10.90
C VAL B 1870 -100.55 -18.19 -11.32
N PHE B 1871 -100.69 -17.97 -12.62
CA PHE B 1871 -101.37 -16.80 -13.15
C PHE B 1871 -102.85 -17.01 -13.37
N THR B 1872 -103.46 -17.95 -12.65
CA THR B 1872 -104.91 -18.09 -12.67
C THR B 1872 -105.57 -16.90 -11.99
N GLU B 1873 -106.76 -16.56 -12.44
CA GLU B 1873 -107.53 -15.44 -11.91
C GLU B 1873 -108.72 -15.96 -11.11
N GLU B 1874 -108.87 -15.44 -9.89
CA GLU B 1874 -109.95 -15.78 -8.97
C GLU B 1874 -109.94 -14.82 -7.78
N LEU B 1922 -101.19 -31.19 -23.32
CA LEU B 1922 -100.90 -31.10 -21.89
C LEU B 1922 -100.82 -29.65 -21.43
N GLU B 1923 -101.44 -29.35 -20.30
CA GLU B 1923 -101.48 -27.99 -19.76
C GLU B 1923 -100.22 -27.66 -18.96
N GLU B 1924 -99.05 -27.91 -19.55
CA GLU B 1924 -97.78 -27.60 -18.93
C GLU B 1924 -97.25 -26.30 -19.51
N GLY B 1925 -96.82 -25.40 -18.62
CA GLY B 1925 -96.38 -24.10 -19.06
C GLY B 1925 -95.05 -24.14 -19.80
N LEU B 1926 -94.76 -23.04 -20.50
CA LEU B 1926 -93.52 -22.92 -21.25
C LEU B 1926 -92.28 -22.96 -20.36
N LEU B 1927 -92.42 -22.57 -19.10
CA LEU B 1927 -91.30 -22.51 -18.18
C LEU B 1927 -90.89 -23.87 -17.65
N GLN B 1928 -91.64 -24.93 -17.93
CA GLN B 1928 -91.36 -26.26 -17.42
C GLN B 1928 -91.21 -27.27 -18.55
N MET B 1929 -90.55 -26.89 -19.64
CA MET B 1929 -90.48 -27.75 -20.81
C MET B 1929 -89.07 -28.09 -21.26
N LYS B 1930 -88.03 -27.66 -20.52
CA LYS B 1930 -86.62 -27.91 -20.81
C LYS B 1930 -86.28 -27.42 -22.22
N LEU B 1931 -86.36 -26.16 -22.35
CA LEU B 1931 -86.15 -25.49 -23.61
C LEU B 1931 -84.69 -25.08 -23.78
N PRO B 1932 -84.20 -25.00 -25.03
CA PRO B 1932 -82.80 -24.61 -25.25
C PRO B 1932 -82.56 -23.14 -24.92
N GLU B 1933 -81.28 -22.76 -24.99
CA GLU B 1933 -80.84 -21.42 -24.59
C GLU B 1933 -81.44 -20.33 -25.48
N SER B 1934 -81.51 -20.56 -26.78
CA SER B 1934 -82.02 -19.55 -27.72
C SER B 1934 -83.48 -19.21 -27.43
N VAL B 1935 -84.29 -20.21 -27.09
CA VAL B 1935 -85.69 -19.98 -26.72
C VAL B 1935 -85.77 -19.23 -25.40
N LYS B 1936 -84.84 -19.52 -24.48
CA LYS B 1936 -84.83 -18.89 -23.17
C LYS B 1936 -84.63 -17.37 -23.27
N LEU B 1937 -83.86 -16.92 -24.27
CA LEU B 1937 -83.67 -15.49 -24.48
C LEU B 1937 -85.00 -14.80 -24.83
N GLN B 1938 -85.78 -15.43 -25.71
CA GLN B 1938 -87.06 -14.85 -26.08
C GLN B 1938 -88.03 -14.89 -24.90
N MET B 1939 -87.92 -15.92 -24.06
CA MET B 1939 -88.73 -15.96 -22.84
C MET B 1939 -88.39 -14.81 -21.92
N CYS B 1940 -87.09 -14.50 -21.82
CA CYS B 1940 -86.65 -13.37 -21.02
C CYS B 1940 -87.17 -12.06 -21.58
N ASN B 1941 -87.23 -11.94 -22.92
CA ASN B 1941 -87.80 -10.74 -23.53
C ASN B 1941 -89.27 -10.59 -23.21
N LEU B 1942 -90.00 -11.70 -23.19
CA LEU B 1942 -91.42 -11.67 -22.83
C LEU B 1942 -91.59 -11.21 -21.39
N LEU B 1943 -90.81 -11.80 -20.48
CA LEU B 1943 -90.98 -11.47 -19.08
C LEU B 1943 -90.55 -10.05 -18.78
N GLU B 1944 -89.48 -9.56 -19.43
CA GLU B 1944 -89.07 -8.19 -19.18
C GLU B 1944 -90.12 -7.21 -19.70
N TYR B 1945 -90.86 -7.62 -20.74
CA TYR B 1945 -92.00 -6.81 -21.18
C TYR B 1945 -93.07 -6.74 -20.09
N PHE B 1946 -93.39 -7.90 -19.51
CA PHE B 1946 -94.39 -7.90 -18.43
C PHE B 1946 -93.90 -7.15 -17.20
N CYS B 1947 -92.60 -7.19 -16.92
CA CYS B 1947 -92.04 -6.40 -15.83
C CYS B 1947 -92.19 -4.91 -16.11
N ASP B 1948 -92.00 -4.50 -17.36
CA ASP B 1948 -92.24 -3.10 -17.73
C ASP B 1948 -93.70 -2.74 -17.55
N GLN B 1949 -94.61 -3.65 -17.88
CA GLN B 1949 -96.03 -3.40 -17.68
C GLN B 1949 -96.37 -3.23 -16.19
N GLU B 1950 -95.75 -4.06 -15.34
CA GLU B 1950 -95.91 -3.91 -13.89
C GLU B 1950 -95.37 -2.57 -13.39
N LEU B 1951 -94.22 -2.15 -13.93
CA LEU B 1951 -93.64 -0.87 -13.58
C LEU B 1951 -94.55 0.28 -13.98
N GLN B 1952 -95.03 0.27 -15.24
CA GLN B 1952 -95.91 1.32 -15.73
C GLN B 1952 -97.23 1.33 -14.94
N HIS B 1953 -97.70 0.16 -14.50
CA HIS B 1953 -98.86 0.11 -13.62
C HIS B 1953 -98.58 0.78 -12.28
N ARG B 1954 -97.36 0.58 -11.75
CA ARG B 1954 -96.99 1.24 -10.50
C ARG B 1954 -96.92 2.75 -10.68
N VAL B 1955 -96.31 3.20 -11.77
CA VAL B 1955 -96.15 4.63 -12.04
C VAL B 1955 -97.51 5.30 -12.20
N GLU B 1956 -98.40 4.68 -12.98
CA GLU B 1956 -99.73 5.22 -13.18
C GLU B 1956 -100.54 5.22 -11.88
N SER B 1957 -100.40 4.16 -11.07
CA SER B 1957 -101.07 4.11 -9.78
C SER B 1957 -100.60 5.23 -8.84
N LEU B 1958 -99.29 5.48 -8.82
CA LEU B 1958 -98.75 6.59 -8.03
C LEU B 1958 -99.23 7.93 -8.56
N ALA B 1959 -99.27 8.11 -9.89
CA ALA B 1959 -99.75 9.36 -10.46
C ALA B 1959 -101.23 9.57 -10.14
N ALA B 1960 -102.03 8.50 -10.18
CA ALA B 1960 -103.42 8.62 -9.79
C ALA B 1960 -103.56 8.95 -8.32
N PHE B 1961 -102.67 8.41 -7.48
CA PHE B 1961 -102.71 8.76 -6.07
C PHE B 1961 -102.37 10.23 -5.87
N ALA B 1962 -101.44 10.74 -6.69
CA ALA B 1962 -101.11 12.16 -6.65
C ALA B 1962 -102.30 13.02 -7.02
N GLU B 1963 -103.06 12.59 -8.04
CA GLU B 1963 -104.27 13.32 -8.44
C GLU B 1963 -105.32 13.30 -7.33
N ARG B 1964 -105.48 12.16 -6.67
CA ARG B 1964 -106.45 12.06 -5.57
C ARG B 1964 -105.99 12.75 -4.29
N TYR B 1965 -104.69 12.95 -4.13
CA TYR B 1965 -104.12 13.50 -2.91
C TYR B 1965 -103.92 15.01 -2.94
N VAL B 1966 -103.50 15.54 -4.10
CA VAL B 1966 -103.26 16.98 -4.24
C VAL B 1966 -104.55 17.77 -4.00
N ASP B 1967 -105.69 17.25 -4.48
CA ASP B 1967 -106.97 17.93 -4.29
C ASP B 1967 -107.35 18.08 -2.82
N LYS B 1968 -107.19 17.01 -2.03
CA LYS B 1968 -107.42 17.07 -0.59
C LYS B 1968 -106.41 17.97 0.11
N LEU B 1969 -105.14 17.89 -0.29
CA LEU B 1969 -104.11 18.69 0.36
C LEU B 1969 -104.30 20.18 0.06
N GLN B 1970 -104.70 20.51 -1.17
CA GLN B 1970 -105.01 21.88 -1.56
C GLN B 1970 -106.21 22.39 -0.78
N ALA B 1971 -107.24 21.55 -0.61
CA ALA B 1971 -108.45 21.94 0.11
C ALA B 1971 -108.12 22.22 1.57
N ASN B 1972 -107.36 21.33 2.21
CA ASN B 1972 -106.98 21.51 3.62
C ASN B 1972 -106.09 22.73 3.80
N GLN B 1973 -105.14 22.95 2.89
CA GLN B 1973 -104.25 24.10 2.98
C GLN B 1973 -104.99 25.42 2.70
N ARG B 1974 -106.04 25.36 1.89
CA ARG B 1974 -106.86 26.55 1.66
C ARG B 1974 -107.72 26.84 2.89
N SER B 1975 -108.30 25.80 3.50
CA SER B 1975 -109.10 26.02 4.71
C SER B 1975 -108.22 26.53 5.85
N ARG B 1976 -107.01 25.98 5.97
CA ARG B 1976 -106.08 26.44 6.99
C ARG B 1976 -105.60 27.85 6.72
N TYR B 1977 -105.71 28.34 5.48
CA TYR B 1977 -105.34 29.72 5.20
C TYR B 1977 -106.36 30.67 5.84
N ALA B 1978 -107.65 30.37 5.66
CA ALA B 1978 -108.71 31.16 6.26
C ALA B 1978 -108.65 31.09 7.77
N LEU B 1979 -108.41 29.89 8.32
CA LEU B 1979 -108.26 29.76 9.77
C LEU B 1979 -107.05 30.53 10.30
N LEU B 1980 -105.99 30.63 9.49
CA LEU B 1980 -104.84 31.44 9.90
C LEU B 1980 -105.19 32.92 9.85
N MET B 1981 -106.05 33.31 8.90
CA MET B 1981 -106.48 34.71 8.84
C MET B 1981 -107.30 35.08 10.06
N ARG B 1982 -108.19 34.19 10.50
CA ARG B 1982 -108.99 34.48 11.69
C ARG B 1982 -108.26 34.19 12.99
N ALA B 1983 -107.07 33.60 12.96
CA ALA B 1983 -106.35 33.33 14.21
C ALA B 1983 -105.75 34.59 14.83
N PHE B 1984 -105.78 35.73 14.11
CA PHE B 1984 -105.28 36.99 14.64
C PHE B 1984 -106.10 37.48 15.83
N THR B 1985 -107.33 36.99 15.99
CA THR B 1985 -108.18 37.38 17.09
C THR B 1985 -107.84 36.61 18.35
N MET B 1986 -107.09 35.52 18.23
CA MET B 1986 -106.74 34.67 19.36
C MET B 1986 -105.27 34.28 19.28
N SER B 1987 -104.42 35.19 18.83
CA SER B 1987 -103.00 34.90 18.72
C SER B 1987 -102.23 36.15 19.14
N ALA B 1988 -100.93 36.16 18.84
CA ALA B 1988 -100.04 37.26 19.18
C ALA B 1988 -98.99 37.35 18.07
N ALA B 1989 -97.85 37.98 18.36
CA ALA B 1989 -96.78 38.20 17.39
C ALA B 1989 -96.15 36.92 16.81
N GLU B 1990 -96.49 35.74 17.34
CA GLU B 1990 -95.97 34.45 16.89
C GLU B 1990 -96.66 33.91 15.64
N THR B 1991 -97.39 34.75 14.89
CA THR B 1991 -98.04 34.31 13.66
C THR B 1991 -97.03 33.87 12.59
N ALA B 1992 -95.80 34.42 12.64
CA ALA B 1992 -94.82 34.22 11.58
C ALA B 1992 -94.43 32.76 11.41
N ARG B 1993 -94.35 32.01 12.52
CA ARG B 1993 -93.93 30.62 12.46
C ARG B 1993 -94.94 29.77 11.67
N ARG B 1994 -96.22 29.95 11.94
CA ARG B 1994 -97.24 29.17 11.24
C ARG B 1994 -97.50 29.70 9.84
N THR B 1995 -97.36 31.01 9.60
CA THR B 1995 -97.60 31.53 8.26
C THR B 1995 -96.35 31.56 7.40
N ARG B 1996 -95.20 31.10 7.91
CA ARG B 1996 -94.03 30.94 7.06
C ARG B 1996 -94.28 29.90 5.97
N GLU B 1997 -95.17 28.94 6.25
CA GLU B 1997 -95.56 27.97 5.23
C GLU B 1997 -96.22 28.66 4.04
N PHE B 1998 -97.12 29.60 4.31
CA PHE B 1998 -97.79 30.29 3.22
C PHE B 1998 -96.94 31.42 2.64
N ARG B 1999 -95.92 31.89 3.36
CA ARG B 1999 -94.95 32.81 2.80
C ARG B 1999 -93.82 32.07 2.06
N SER B 2000 -93.84 30.76 2.08
CA SER B 2000 -92.89 29.95 1.37
C SER B 2000 -93.53 29.35 0.13
N PRO B 2001 -92.89 29.42 -1.02
CA PRO B 2001 -93.45 28.85 -2.27
C PRO B 2001 -93.72 27.35 -2.13
N PRO B 2002 -94.61 26.77 -2.96
CA PRO B 2002 -95.14 25.43 -2.66
C PRO B 2002 -94.14 24.28 -2.69
N GLN B 2003 -92.95 24.47 -3.29
CA GLN B 2003 -91.98 23.40 -3.40
C GLN B 2003 -91.51 22.93 -2.02
N GLU B 2004 -91.20 23.87 -1.13
CA GLU B 2004 -90.80 23.45 0.21
C GLU B 2004 -92.00 23.30 1.12
N GLN B 2005 -93.18 23.77 0.68
CA GLN B 2005 -94.40 23.55 1.44
C GLN B 2005 -94.75 22.07 1.47
N ILE B 2006 -94.74 21.42 0.30
CA ILE B 2006 -95.03 19.98 0.30
C ILE B 2006 -93.95 19.19 1.02
N ASN B 2007 -92.69 19.67 1.00
CA ASN B 2007 -91.63 19.04 1.80
C ASN B 2007 -91.95 19.06 3.28
N MET B 2008 -92.46 20.20 3.77
CA MET B 2008 -92.86 20.25 5.17
C MET B 2008 -94.15 19.49 5.43
N LEU B 2009 -95.11 19.56 4.49
CA LEU B 2009 -96.39 18.91 4.67
C LEU B 2009 -96.24 17.39 4.71
N LEU B 2010 -95.42 16.84 3.82
CA LEU B 2010 -95.18 15.41 3.76
C LEU B 2010 -94.06 14.97 4.69
N HIS B 2011 -93.45 15.91 5.42
CA HIS B 2011 -92.33 15.58 6.31
C HIS B 2011 -92.86 15.02 7.63
N PHE B 2012 -93.46 13.82 7.55
CA PHE B 2012 -93.93 13.13 8.74
C PHE B 2012 -93.70 11.62 8.65
N LYS B 2013 -92.67 11.19 7.91
CA LYS B 2013 -92.47 9.76 7.68
C LYS B 2013 -92.05 9.01 8.93
N ASP B 2014 -91.07 9.54 9.67
CA ASP B 2014 -90.47 8.82 10.78
C ASP B 2014 -91.12 9.13 12.13
N GLU B 2015 -92.26 9.83 12.11
CA GLU B 2015 -93.08 10.18 13.29
C GLU B 2015 -92.40 11.05 14.34
N ALA B 2016 -91.15 11.45 14.12
CA ALA B 2016 -90.43 12.35 15.02
C ALA B 2016 -90.55 13.80 14.59
N ASP B 2017 -91.36 14.08 13.57
CA ASP B 2017 -91.48 15.40 12.98
C ASP B 2017 -92.94 15.75 12.71
N GLU B 2018 -93.82 15.46 13.66
CA GLU B 2018 -95.24 15.72 13.50
C GLU B 2018 -95.65 17.11 13.97
N GLU B 2019 -94.74 17.85 14.60
CA GLU B 2019 -95.10 19.14 15.18
C GLU B 2019 -95.27 20.21 14.10
N ASP B 2020 -94.40 20.24 13.09
CA ASP B 2020 -94.47 21.27 12.07
C ASP B 2020 -95.60 21.01 11.07
N CYS B 2021 -95.87 19.75 10.79
CA CYS B 2021 -96.87 19.37 9.79
C CYS B 2021 -98.29 19.69 10.24
N PRO B 2022 -99.03 20.50 9.51
CA PRO B 2022 -100.44 20.79 9.87
C PRO B 2022 -101.46 19.86 9.24
N LEU B 2023 -101.06 18.80 8.56
CA LEU B 2023 -102.03 17.89 7.94
C LEU B 2023 -102.73 17.05 8.99
N PRO B 2024 -104.07 16.98 8.96
CA PRO B 2024 -104.79 16.13 9.91
C PRO B 2024 -104.48 14.65 9.73
N GLU B 2025 -104.88 13.88 10.76
CA GLU B 2025 -104.51 12.47 10.84
C GLU B 2025 -105.12 11.63 9.72
N ASP B 2026 -106.26 12.03 9.16
CA ASP B 2026 -106.83 11.28 8.05
C ASP B 2026 -105.97 11.38 6.79
N ILE B 2027 -105.46 12.58 6.49
CA ILE B 2027 -104.57 12.78 5.36
C ILE B 2027 -103.23 12.08 5.61
N ARG B 2028 -102.73 12.18 6.85
CA ARG B 2028 -101.48 11.49 7.21
C ARG B 2028 -101.62 9.99 7.09
N GLN B 2029 -102.77 9.45 7.52
CA GLN B 2029 -103.05 8.03 7.44
C GLN B 2029 -103.15 7.61 5.98
N ASP B 2030 -103.71 8.49 5.14
CA ASP B 2030 -103.89 8.19 3.73
C ASP B 2030 -102.54 7.96 3.06
N LEU B 2031 -101.60 8.89 3.29
CA LEU B 2031 -100.25 8.71 2.73
C LEU B 2031 -99.54 7.50 3.31
N GLN B 2032 -99.66 7.28 4.63
CA GLN B 2032 -99.05 6.09 5.25
C GLN B 2032 -99.71 4.80 4.76
N ASP B 2033 -100.98 4.87 4.36
CA ASP B 2033 -101.66 3.73 3.79
C ASP B 2033 -101.12 3.41 2.41
N PHE B 2034 -100.93 4.44 1.57
CA PHE B 2034 -100.43 4.17 0.24
C PHE B 2034 -98.95 3.84 0.23
N HIS B 2035 -98.24 4.20 1.30
CA HIS B 2035 -96.84 3.86 1.38
C HIS B 2035 -96.64 2.41 1.83
N GLN B 2036 -97.70 1.76 2.29
CA GLN B 2036 -97.58 0.38 2.73
C GLN B 2036 -98.00 -0.59 1.63
N ASP B 2037 -99.13 -0.33 0.96
CA ASP B 2037 -99.50 -1.20 -0.15
C ASP B 2037 -98.54 -1.05 -1.33
N LEU B 2038 -97.92 0.13 -1.52
CA LEU B 2038 -96.90 0.24 -2.57
C LEU B 2038 -95.70 -0.68 -2.30
N LEU B 2039 -95.24 -0.73 -1.05
CA LEU B 2039 -94.19 -1.67 -0.66
C LEU B 2039 -94.64 -3.12 -0.81
N ALA B 2040 -95.90 -3.40 -0.44
CA ALA B 2040 -96.43 -4.75 -0.63
C ALA B 2040 -96.51 -5.11 -2.12
N HIS B 2041 -96.90 -4.16 -2.96
CA HIS B 2041 -96.94 -4.36 -4.40
C HIS B 2041 -95.56 -4.58 -4.97
N CYS B 2042 -94.52 -4.08 -4.30
CA CYS B 2042 -93.16 -4.34 -4.72
C CYS B 2042 -92.52 -5.47 -3.91
N GLY B 2043 -93.31 -6.17 -3.10
CA GLY B 2043 -92.83 -7.29 -2.32
C GLY B 2043 -91.81 -6.99 -1.26
N ILE B 2044 -91.97 -5.88 -0.54
CA ILE B 2044 -91.00 -5.50 0.47
C ILE B 2044 -91.21 -6.28 1.76
N GLN B 2045 -92.37 -6.13 2.38
CA GLN B 2045 -92.65 -6.79 3.64
C GLN B 2045 -94.13 -7.06 3.76
N LEU B 2046 -94.48 -8.03 4.59
CA LEU B 2046 -95.86 -8.45 4.80
C LEU B 2046 -95.99 -9.21 6.11
N GLU B 2088 -95.28 -23.23 0.99
CA GLU B 2088 -95.11 -21.91 0.39
C GLU B 2088 -94.37 -22.00 -0.93
N LYS B 2089 -94.39 -23.19 -1.55
CA LYS B 2089 -93.71 -23.42 -2.82
C LYS B 2089 -94.38 -22.70 -3.98
N LYS B 2090 -95.60 -22.22 -3.81
CA LYS B 2090 -96.33 -21.54 -4.87
C LYS B 2090 -95.74 -20.15 -5.10
N PRO B 2091 -95.24 -19.85 -6.30
CA PRO B 2091 -94.73 -18.49 -6.56
C PRO B 2091 -95.77 -17.39 -6.38
N GLN B 2092 -97.01 -17.63 -6.84
CA GLN B 2092 -98.20 -16.82 -6.58
C GLN B 2092 -98.16 -15.43 -7.24
N SER B 2093 -97.04 -15.07 -7.88
CA SER B 2093 -96.89 -13.76 -8.48
C SER B 2093 -95.73 -13.80 -9.45
N LEU B 2094 -95.68 -12.79 -10.33
CA LEU B 2094 -94.60 -12.66 -11.29
C LEU B 2094 -93.27 -12.36 -10.61
N GLN B 2095 -93.31 -11.62 -9.49
CA GLN B 2095 -92.10 -11.27 -8.76
C GLN B 2095 -91.36 -12.50 -8.25
N GLU B 2096 -92.10 -13.47 -7.70
CA GLU B 2096 -91.45 -14.68 -7.24
C GLU B 2096 -91.27 -15.68 -8.37
N LEU B 2097 -92.10 -15.60 -9.40
CA LEU B 2097 -92.04 -16.54 -10.51
C LEU B 2097 -90.77 -16.35 -11.31
N VAL B 2098 -90.45 -15.09 -11.66
CA VAL B 2098 -89.27 -14.81 -12.49
C VAL B 2098 -88.01 -15.18 -11.73
N SER B 2099 -87.94 -14.80 -10.45
CA SER B 2099 -86.76 -15.09 -9.63
C SER B 2099 -86.55 -16.60 -9.47
N HIS B 2100 -87.64 -17.33 -9.21
CA HIS B 2100 -87.54 -18.78 -9.05
CA HIS B 2100 -87.54 -18.78 -9.05
C HIS B 2100 -87.12 -19.46 -10.35
N MET B 2101 -87.67 -19.00 -11.47
CA MET B 2101 -87.38 -19.61 -12.75
C MET B 2101 -85.94 -19.32 -13.15
N VAL B 2102 -85.51 -18.07 -13.03
CA VAL B 2102 -84.17 -17.68 -13.47
C VAL B 2102 -83.11 -18.41 -12.65
N VAL B 2103 -83.33 -18.48 -11.33
CA VAL B 2103 -82.40 -19.21 -10.47
C VAL B 2103 -82.37 -20.68 -10.85
N ARG B 2104 -83.55 -21.28 -11.14
CA ARG B 2104 -83.59 -22.68 -11.53
C ARG B 2104 -82.84 -22.92 -12.83
N TRP B 2105 -83.01 -22.02 -13.81
CA TRP B 2105 -82.31 -22.14 -15.09
C TRP B 2105 -80.81 -22.07 -14.91
N ALA B 2106 -80.35 -21.13 -14.08
CA ALA B 2106 -78.93 -20.96 -13.85
C ALA B 2106 -78.31 -22.16 -13.15
N GLN B 2107 -79.01 -22.72 -12.15
CA GLN B 2107 -78.44 -23.85 -11.43
C GLN B 2107 -78.61 -25.17 -12.17
N GLU B 2108 -79.56 -25.25 -13.11
CA GLU B 2108 -79.72 -26.48 -13.89
C GLU B 2108 -78.51 -26.79 -14.77
N ASP B 2109 -77.95 -25.77 -15.42
CA ASP B 2109 -76.83 -26.01 -16.32
C ASP B 2109 -76.04 -24.73 -16.51
N TYR B 2110 -74.79 -24.90 -16.91
CA TYR B 2110 -73.90 -23.79 -17.20
C TYR B 2110 -74.38 -23.09 -18.47
N VAL B 2111 -74.96 -21.90 -18.31
CA VAL B 2111 -75.48 -21.14 -19.44
C VAL B 2111 -74.33 -20.60 -20.26
N GLN B 2112 -74.35 -20.83 -21.57
CA GLN B 2112 -73.23 -20.45 -22.41
C GLN B 2112 -73.46 -19.17 -23.20
N SER B 2113 -74.69 -18.73 -23.36
CA SER B 2113 -74.96 -17.54 -24.14
C SER B 2113 -74.76 -16.28 -23.30
N PRO B 2114 -73.81 -15.40 -23.66
CA PRO B 2114 -73.64 -14.16 -22.90
C PRO B 2114 -74.85 -13.26 -22.90
N GLU B 2115 -75.59 -13.22 -24.02
CA GLU B 2115 -76.80 -12.41 -24.08
C GLU B 2115 -77.86 -12.97 -23.16
N LEU B 2116 -77.97 -14.29 -23.10
CA LEU B 2116 -78.95 -14.91 -22.21
C LEU B 2116 -78.59 -14.66 -20.76
N VAL B 2117 -77.29 -14.73 -20.43
CA VAL B 2117 -76.83 -14.51 -19.06
C VAL B 2117 -77.14 -13.10 -18.61
N ARG B 2118 -76.83 -12.12 -19.47
CA ARG B 2118 -77.12 -10.72 -19.15
C ARG B 2118 -78.62 -10.47 -19.04
N ALA B 2119 -79.42 -11.07 -19.94
CA ALA B 2119 -80.87 -10.88 -19.87
C ALA B 2119 -81.45 -11.49 -18.60
N MET B 2120 -80.94 -12.67 -18.21
CA MET B 2120 -81.43 -13.36 -17.03
C MET B 2120 -81.15 -12.55 -15.78
N PHE B 2121 -79.91 -12.09 -15.63
CA PHE B 2121 -79.63 -11.43 -14.36
C PHE B 2121 -80.10 -9.99 -14.37
N SER B 2122 -80.38 -9.40 -15.54
CA SER B 2122 -81.12 -8.15 -15.57
C SER B 2122 -82.54 -8.33 -15.05
N LEU B 2123 -83.19 -9.44 -15.42
CA LEU B 2123 -84.51 -9.74 -14.88
C LEU B 2123 -84.44 -9.99 -13.38
N LEU B 2124 -83.45 -10.75 -12.96
CA LEU B 2124 -83.34 -11.13 -11.55
C LEU B 2124 -83.07 -9.89 -10.70
N HIS B 2125 -82.25 -8.97 -11.20
CA HIS B 2125 -82.00 -7.73 -10.48
C HIS B 2125 -83.27 -6.91 -10.38
N ARG B 2126 -84.08 -6.88 -11.46
CA ARG B 2126 -85.28 -6.05 -11.41
C ARG B 2126 -86.33 -6.59 -10.44
N GLN B 2127 -86.43 -7.92 -10.31
CA GLN B 2127 -87.43 -8.46 -9.38
C GLN B 2127 -87.11 -8.10 -7.94
N TYR B 2128 -85.84 -8.24 -7.55
CA TYR B 2128 -85.47 -7.96 -6.17
C TYR B 2128 -85.46 -6.47 -5.88
N ASP B 2129 -84.88 -5.66 -6.77
CA ASP B 2129 -84.79 -4.22 -6.52
C ASP B 2129 -86.04 -3.53 -7.08
N GLY B 2130 -87.17 -3.81 -6.43
CA GLY B 2130 -88.43 -3.24 -6.85
C GLY B 2130 -88.48 -1.72 -6.70
N LEU B 2131 -88.04 -1.22 -5.55
CA LEU B 2131 -88.10 0.21 -5.31
C LEU B 2131 -87.07 0.98 -6.11
N GLY B 2132 -85.83 0.48 -6.17
CA GLY B 2132 -84.78 1.14 -6.94
C GLY B 2132 -85.09 1.22 -8.43
N GLU B 2133 -85.75 0.18 -8.95
CA GLU B 2133 -86.22 0.21 -10.34
C GLU B 2133 -87.23 1.31 -10.54
N LEU B 2134 -88.11 1.53 -9.56
CA LEU B 2134 -89.03 2.65 -9.62
C LEU B 2134 -88.28 3.98 -9.55
N LEU B 2135 -87.23 4.02 -8.73
CA LEU B 2135 -86.43 5.24 -8.57
C LEU B 2135 -85.76 5.63 -9.88
N ARG B 2136 -85.28 4.64 -10.62
CA ARG B 2136 -84.66 4.94 -11.91
C ARG B 2136 -85.67 5.35 -12.98
N ALA B 2137 -86.97 5.21 -12.71
CA ALA B 2137 -88.02 5.55 -13.65
C ALA B 2137 -88.74 6.85 -13.32
N LEU B 2138 -88.78 7.19 -12.03
CA LEU B 2138 -89.50 8.39 -11.59
C LEU B 2138 -89.07 9.72 -12.22
N PRO B 2139 -87.77 10.06 -12.42
CA PRO B 2139 -87.44 11.34 -13.05
C PRO B 2139 -88.02 11.53 -14.45
N ARG B 2140 -88.31 10.45 -15.16
CA ARG B 2140 -88.96 10.57 -16.46
C ARG B 2140 -90.47 10.61 -16.38
N ALA B 2141 -91.05 10.40 -15.20
CA ALA B 2141 -92.50 10.52 -15.05
C ALA B 2141 -92.89 11.99 -15.03
N TYR B 2142 -94.11 12.27 -15.50
CA TYR B 2142 -94.60 13.63 -15.60
C TYR B 2142 -96.10 13.61 -15.80
N THR B 2143 -96.80 14.50 -15.10
CA THR B 2143 -98.24 14.63 -15.21
C THR B 2143 -98.60 15.91 -15.94
N ILE B 2144 -99.57 15.83 -16.84
CA ILE B 2144 -100.00 16.97 -17.63
C ILE B 2144 -101.51 17.09 -17.59
N SER B 2145 -101.98 18.29 -17.89
CA SER B 2145 -103.40 18.56 -17.96
C SER B 2145 -104.00 17.90 -19.20
N PRO B 2146 -105.27 17.47 -19.13
CA PRO B 2146 -105.91 16.83 -20.30
C PRO B 2146 -106.06 17.74 -21.51
N SER B 2147 -105.99 19.06 -21.35
CA SER B 2147 -106.14 20.00 -22.44
C SER B 2147 -104.96 20.02 -23.41
N SER B 2148 -103.85 19.34 -23.10
CA SER B 2148 -102.66 19.37 -23.93
C SER B 2148 -102.25 18.01 -24.49
N VAL B 2149 -103.13 17.01 -24.42
CA VAL B 2149 -102.77 15.67 -24.90
C VAL B 2149 -102.54 15.66 -26.42
N GLU B 2150 -103.38 16.37 -27.18
CA GLU B 2150 -103.23 16.36 -28.64
C GLU B 2150 -101.96 17.08 -29.06
N ASP B 2151 -101.54 18.09 -28.29
CA ASP B 2151 -100.28 18.76 -28.57
C ASP B 2151 -99.12 17.89 -28.17
N THR B 2152 -99.31 17.07 -27.12
CA THR B 2152 -98.30 16.12 -26.72
C THR B 2152 -98.10 15.07 -27.82
N MET B 2153 -99.20 14.61 -28.41
CA MET B 2153 -99.10 13.66 -29.53
C MET B 2153 -98.38 14.27 -30.72
N SER B 2154 -98.74 15.53 -31.05
CA SER B 2154 -98.09 16.27 -32.14
C SER B 2154 -96.63 16.59 -31.85
N LEU B 2155 -96.19 16.47 -30.61
CA LEU B 2155 -94.81 16.71 -30.26
C LEU B 2155 -94.01 15.42 -30.19
N LEU B 2156 -94.59 14.40 -29.54
CA LEU B 2156 -93.96 13.09 -29.41
C LEU B 2156 -93.73 12.42 -30.77
N GLU B 2157 -94.65 12.62 -31.73
CA GLU B 2157 -94.41 12.08 -33.07
C GLU B 2157 -93.16 12.70 -33.71
N CYS B 2158 -92.98 14.01 -33.55
CA CYS B 2158 -91.78 14.66 -34.05
C CYS B 2158 -90.54 14.22 -33.28
N LEU B 2159 -90.68 13.99 -31.97
CA LEU B 2159 -89.56 13.48 -31.19
C LEU B 2159 -89.17 12.08 -31.67
N GLY B 2160 -90.17 11.24 -31.96
CA GLY B 2160 -89.89 9.94 -32.52
C GLY B 2160 -89.19 10.02 -33.85
N GLN B 2161 -89.48 11.07 -34.63
CA GLN B 2161 -88.75 11.30 -35.88
C GLN B 2161 -87.28 11.57 -35.59
N ILE B 2162 -87.00 12.39 -34.56
CA ILE B 2162 -85.61 12.74 -34.24
C ILE B 2162 -84.87 11.51 -33.74
N ARG B 2163 -85.50 10.73 -32.84
CA ARG B 2163 -84.86 9.52 -32.33
C ARG B 2163 -84.63 8.52 -33.45
N SER B 2164 -85.60 8.36 -34.36
CA SER B 2164 -85.45 7.44 -35.47
C SER B 2164 -84.40 7.89 -36.48
N LEU B 2165 -83.99 9.15 -36.44
CA LEU B 2165 -82.94 9.60 -37.35
C LEU B 2165 -81.56 9.53 -36.74
N LEU B 2166 -81.44 9.05 -35.50
CA LEU B 2166 -80.12 8.85 -34.90
C LEU B 2166 -79.39 7.65 -35.47
N ILE B 2167 -80.12 6.68 -36.03
CA ILE B 2167 -79.55 5.41 -36.45
C ILE B 2167 -79.33 5.37 -37.96
N VAL B 2168 -79.35 6.52 -38.63
CA VAL B 2168 -79.22 6.58 -40.08
C VAL B 2168 -78.20 7.64 -40.43
N GLN B 2169 -77.40 7.37 -41.46
CA GLN B 2169 -76.54 8.40 -42.03
C GLN B 2169 -77.39 9.56 -42.54
N MET B 2170 -77.00 10.77 -42.16
CA MET B 2170 -77.75 11.95 -42.57
C MET B 2170 -77.63 12.22 -44.06
N GLY B 2171 -78.76 12.54 -44.67
CA GLY B 2171 -78.84 12.84 -46.08
C GLY B 2171 -79.86 13.95 -46.25
N PRO B 2172 -79.96 14.50 -47.47
CA PRO B 2172 -80.93 15.59 -47.72
C PRO B 2172 -82.38 15.24 -47.41
N GLN B 2173 -82.76 13.98 -47.60
CA GLN B 2173 -84.09 13.53 -47.23
C GLN B 2173 -84.29 13.54 -45.72
N GLU B 2174 -83.32 13.00 -44.97
CA GLU B 2174 -83.46 12.98 -43.51
C GLU B 2174 -83.38 14.39 -42.95
N GLU B 2175 -82.54 15.21 -43.57
CA GLU B 2175 -82.36 16.60 -43.17
C GLU B 2175 -83.68 17.35 -43.26
N ASN B 2176 -84.38 17.19 -44.40
CA ASN B 2176 -85.67 17.86 -44.51
C ASN B 2176 -86.70 17.21 -43.60
N LEU B 2177 -86.52 15.92 -43.28
CA LEU B 2177 -87.48 15.26 -42.41
C LEU B 2177 -87.37 15.73 -40.97
N MET B 2178 -86.22 16.26 -40.58
CA MET B 2178 -86.07 16.67 -39.18
C MET B 2178 -86.09 18.18 -38.97
N ILE B 2179 -85.71 18.98 -39.99
CA ILE B 2179 -85.83 20.44 -39.83
C ILE B 2179 -87.28 20.84 -39.65
N GLN B 2180 -88.18 20.27 -40.46
CA GLN B 2180 -89.61 20.54 -40.27
C GLN B 2180 -90.13 19.91 -38.98
N SER B 2181 -89.50 18.83 -38.51
CA SER B 2181 -89.86 18.24 -37.22
C SER B 2181 -89.54 19.21 -36.09
N ILE B 2182 -88.34 19.80 -36.13
CA ILE B 2182 -87.93 20.78 -35.13
C ILE B 2182 -88.83 22.01 -35.22
N GLY B 2183 -89.15 22.44 -36.44
CA GLY B 2183 -90.06 23.56 -36.62
C GLY B 2183 -91.43 23.29 -36.04
N ASN B 2184 -91.89 22.04 -36.11
CA ASN B 2184 -93.14 21.69 -35.45
C ASN B 2184 -92.99 21.65 -33.94
N ILE B 2185 -91.78 21.40 -33.45
CA ILE B 2185 -91.56 21.46 -32.00
C ILE B 2185 -91.64 22.91 -31.52
N MET B 2186 -91.10 23.85 -32.31
CA MET B 2186 -91.10 25.27 -31.95
C MET B 2186 -92.53 25.79 -31.78
N ASN B 2187 -93.41 25.50 -32.72
CA ASN B 2187 -94.76 26.03 -32.72
C ASN B 2187 -95.69 25.27 -31.79
N ASN B 2188 -95.17 24.46 -30.87
CA ASN B 2188 -95.98 23.71 -29.92
C ASN B 2188 -95.91 24.36 -28.55
N LYS B 2189 -97.08 24.61 -27.95
CA LYS B 2189 -97.16 25.31 -26.68
C LYS B 2189 -96.54 24.51 -25.53
N VAL B 2190 -96.59 23.18 -25.59
CA VAL B 2190 -96.03 22.35 -24.53
C VAL B 2190 -94.52 22.46 -24.44
N PHE B 2191 -93.86 22.85 -25.54
CA PHE B 2191 -92.41 23.05 -25.54
C PHE B 2191 -92.02 24.21 -24.64
N TYR B 2192 -92.86 25.24 -24.56
CA TYR B 2192 -92.60 26.38 -23.69
C TYR B 2192 -93.24 26.20 -22.32
N GLN B 2193 -94.43 25.61 -22.26
CA GLN B 2193 -95.15 25.50 -21.00
C GLN B 2193 -94.52 24.52 -20.04
N HIS B 2194 -93.86 23.47 -20.54
CA HIS B 2194 -93.30 22.43 -19.68
C HIS B 2194 -91.82 22.19 -19.99
N PRO B 2195 -90.95 23.13 -19.61
CA PRO B 2195 -89.51 22.90 -19.79
C PRO B 2195 -88.99 21.72 -19.00
N ASN B 2196 -89.57 21.44 -17.82
CA ASN B 2196 -89.16 20.27 -17.04
C ASN B 2196 -89.45 18.99 -17.80
N LEU B 2197 -90.62 18.91 -18.43
CA LEU B 2197 -90.96 17.77 -19.28
C LEU B 2197 -90.03 17.69 -20.48
N MET B 2198 -89.70 18.84 -21.07
CA MET B 2198 -88.84 18.84 -22.25
C MET B 2198 -87.43 18.37 -21.91
N ARG B 2199 -86.96 18.73 -20.71
CA ARG B 2199 -85.67 18.24 -20.24
C ARG B 2199 -85.76 16.76 -19.88
N ALA B 2200 -86.90 16.33 -19.32
CA ALA B 2200 -87.08 14.94 -18.91
C ALA B 2200 -87.04 14.00 -20.11
N LEU B 2201 -87.68 14.38 -21.21
CA LEU B 2201 -87.59 13.58 -22.43
C LEU B 2201 -86.21 13.61 -23.08
N GLY B 2202 -85.34 14.53 -22.66
CA GLY B 2202 -83.99 14.59 -23.20
C GLY B 2202 -83.88 14.95 -24.65
N MET B 2203 -84.66 15.95 -25.10
CA MET B 2203 -84.57 16.39 -26.49
C MET B 2203 -83.21 17.01 -26.78
N HIS B 2204 -82.67 17.78 -25.83
CA HIS B 2204 -81.39 18.48 -25.98
C HIS B 2204 -80.25 17.50 -26.25
N GLU B 2205 -80.33 16.31 -25.67
CA GLU B 2205 -79.38 15.26 -26.00
C GLU B 2205 -79.52 14.85 -27.45
N THR B 2206 -80.70 14.34 -27.86
CA THR B 2206 -80.89 13.77 -29.19
C THR B 2206 -80.50 14.76 -30.29
N VAL B 2207 -80.79 16.06 -30.06
CA VAL B 2207 -80.33 17.09 -30.97
C VAL B 2207 -78.80 17.19 -30.91
N MET B 2208 -78.22 17.01 -29.72
CA MET B 2208 -76.77 17.16 -29.60
C MET B 2208 -76.06 16.07 -30.38
N GLU B 2209 -76.44 14.79 -30.18
CA GLU B 2209 -75.79 13.72 -30.94
C GLU B 2209 -76.05 13.83 -32.44
N VAL B 2210 -77.23 14.34 -32.86
CA VAL B 2210 -77.45 14.63 -34.29
C VAL B 2210 -76.42 15.64 -34.82
N MET B 2211 -76.16 16.70 -34.05
CA MET B 2211 -75.14 17.66 -34.43
C MET B 2211 -73.74 17.07 -34.32
N VAL B 2212 -73.49 16.22 -33.32
CA VAL B 2212 -72.19 15.59 -33.15
C VAL B 2212 -71.90 14.68 -34.35
N ASN B 2213 -72.91 13.93 -34.78
CA ASN B 2213 -72.77 13.00 -35.90
C ASN B 2213 -72.46 13.76 -37.19
N VAL B 2214 -73.19 14.84 -37.46
CA VAL B 2214 -72.95 15.57 -38.72
C VAL B 2214 -71.60 16.30 -38.67
N LEU B 2215 -71.23 16.87 -37.52
CA LEU B 2215 -69.91 17.50 -37.38
C LEU B 2215 -68.78 16.48 -37.48
N GLY B 2216 -68.96 15.29 -36.90
CA GLY B 2216 -67.97 14.24 -37.03
C GLY B 2216 -67.80 13.75 -38.45
N GLY B 2217 -68.90 13.59 -39.18
CA GLY B 2217 -68.82 13.20 -40.58
C GLY B 2217 -68.24 14.34 -41.39
N GLY B 2218 -67.15 14.08 -42.11
CA GLY B 2218 -66.43 15.14 -42.81
C GLY B 2218 -65.89 16.20 -41.88
N GLU B 2219 -65.30 15.77 -40.74
CA GLU B 2219 -64.84 16.68 -39.69
C GLU B 2219 -63.70 17.59 -40.15
N THR B 2220 -62.98 17.21 -41.20
CA THR B 2220 -61.84 17.97 -41.70
C THR B 2220 -62.10 18.55 -43.07
N LYS B 2221 -62.52 17.72 -44.02
CA LYS B 2221 -62.63 18.14 -45.42
C LYS B 2221 -63.74 19.18 -45.61
N GLU B 2222 -64.95 18.89 -45.12
CA GLU B 2222 -66.10 19.78 -45.28
C GLU B 2222 -67.24 19.37 -44.35
N ILE B 2223 -67.74 20.33 -43.56
CA ILE B 2223 -68.88 20.10 -42.67
C ILE B 2223 -70.15 20.21 -43.52
N ARG B 2224 -70.68 19.08 -43.94
CA ARG B 2224 -71.86 19.08 -44.80
C ARG B 2224 -73.11 19.45 -44.01
N PHE B 2225 -74.19 19.66 -44.76
CA PHE B 2225 -75.54 20.02 -44.30
C PHE B 2225 -75.59 21.26 -43.40
N PRO B 2226 -75.15 22.44 -43.88
CA PRO B 2226 -75.20 23.63 -43.03
C PRO B 2226 -76.60 24.05 -42.64
N LYS B 2227 -77.58 23.83 -43.53
CA LYS B 2227 -78.97 24.22 -43.23
C LYS B 2227 -79.54 23.39 -42.10
N MET B 2228 -78.95 22.23 -41.84
CA MET B 2228 -79.43 21.35 -40.79
C MET B 2228 -78.66 21.60 -39.51
N VAL B 2229 -77.36 21.94 -39.64
CA VAL B 2229 -76.58 22.30 -38.47
C VAL B 2229 -77.14 23.55 -37.82
N THR B 2230 -77.48 24.57 -38.63
CA THR B 2230 -78.09 25.77 -38.06
C THR B 2230 -79.49 25.51 -37.51
N SER B 2231 -80.17 24.46 -37.97
CA SER B 2231 -81.47 24.10 -37.41
C SER B 2231 -81.31 23.54 -36.01
N CYS B 2232 -80.31 22.68 -35.83
CA CYS B 2232 -80.03 22.11 -34.51
C CYS B 2232 -79.56 23.20 -33.56
N CYS B 2233 -78.61 24.03 -34.01
CA CYS B 2233 -78.04 25.06 -33.16
C CYS B 2233 -79.08 26.09 -32.77
N ARG B 2234 -79.94 26.50 -33.72
CA ARG B 2234 -81.02 27.44 -33.44
C ARG B 2234 -81.98 26.87 -32.42
N PHE B 2235 -82.29 25.57 -32.53
CA PHE B 2235 -83.17 24.93 -31.56
C PHE B 2235 -82.55 24.93 -30.18
N LEU B 2236 -81.26 24.58 -30.08
CA LEU B 2236 -80.59 24.56 -28.78
C LEU B 2236 -80.50 25.95 -28.17
N CYS B 2237 -80.19 26.96 -29.00
CA CYS B 2237 -80.14 28.35 -28.52
C CYS B 2237 -81.50 28.80 -27.99
N TYR B 2238 -82.57 28.47 -28.69
CA TYR B 2238 -83.89 28.79 -28.15
C TYR B 2238 -84.24 27.93 -26.94
N PHE B 2239 -83.65 26.73 -26.84
CA PHE B 2239 -83.89 25.86 -25.70
C PHE B 2239 -83.30 26.43 -24.42
N CYS B 2240 -82.13 27.05 -24.52
CA CYS B 2240 -81.48 27.60 -23.33
C CYS B 2240 -82.26 28.77 -22.74
N ARG B 2241 -82.87 29.58 -23.60
CA ARG B 2241 -83.54 30.79 -23.13
C ARG B 2241 -84.85 30.53 -22.42
N ILE B 2242 -85.36 29.28 -22.43
CA ILE B 2242 -86.65 28.99 -21.82
C ILE B 2242 -86.60 29.16 -20.30
N SER B 2243 -85.58 28.58 -19.66
CA SER B 2243 -85.50 28.62 -18.20
C SER B 2243 -84.06 28.36 -17.78
N ARG B 2244 -83.80 28.66 -16.49
CA ARG B 2244 -82.45 28.53 -15.95
C ARG B 2244 -81.97 27.08 -15.93
N GLN B 2245 -82.85 26.14 -15.54
CA GLN B 2245 -82.47 24.73 -15.44
C GLN B 2245 -82.07 24.16 -16.79
N ASN B 2246 -82.82 24.50 -17.85
CA ASN B 2246 -82.45 24.07 -19.19
C ASN B 2246 -81.11 24.67 -19.60
N GLN B 2247 -80.90 25.95 -19.25
CA GLN B 2247 -79.64 26.62 -19.51
C GLN B 2247 -78.50 25.94 -18.76
N ARG B 2248 -78.74 25.56 -17.51
CA ARG B 2248 -77.72 24.86 -16.73
C ARG B 2248 -77.44 23.49 -17.33
N SER B 2249 -78.48 22.82 -17.83
CA SER B 2249 -78.31 21.50 -18.43
C SER B 2249 -77.43 21.60 -19.67
N MET B 2250 -77.65 22.64 -20.48
CA MET B 2250 -76.79 22.88 -21.63
C MET B 2250 -75.36 23.24 -21.22
N PHE B 2251 -75.20 23.85 -20.04
CA PHE B 2251 -73.89 24.28 -19.59
C PHE B 2251 -72.96 23.09 -19.35
N ASP B 2252 -73.51 21.92 -19.00
CA ASP B 2252 -72.69 20.74 -18.82
C ASP B 2252 -72.10 20.23 -20.13
N HIS B 2253 -72.77 20.47 -21.25
CA HIS B 2253 -72.29 20.09 -22.57
C HIS B 2253 -71.39 21.14 -23.21
N LEU B 2254 -70.94 22.13 -22.45
CA LEU B 2254 -70.14 23.23 -22.99
C LEU B 2254 -68.82 22.74 -23.56
N SER B 2255 -68.13 21.85 -22.84
CA SER B 2255 -66.79 21.40 -23.22
C SER B 2255 -66.79 20.69 -24.56
N TYR B 2256 -67.86 19.95 -24.87
CA TYR B 2256 -67.93 19.20 -26.12
C TYR B 2256 -68.03 20.15 -27.32
N LEU B 2257 -68.64 21.31 -27.13
CA LEU B 2257 -69.00 22.16 -28.25
C LEU B 2257 -67.82 22.90 -28.86
N LEU B 2258 -66.77 23.15 -28.07
CA LEU B 2258 -65.66 23.99 -28.53
C LEU B 2258 -64.91 23.36 -29.69
N GLU B 2259 -64.48 22.11 -29.54
CA GLU B 2259 -63.73 21.47 -30.61
C GLU B 2259 -64.60 21.22 -31.84
N ASN B 2260 -65.89 20.90 -31.64
CA ASN B 2260 -66.79 20.80 -32.78
C ASN B 2260 -67.04 22.15 -33.45
N SER B 2261 -66.86 23.25 -32.73
CA SER B 2261 -66.99 24.57 -33.32
C SER B 2261 -65.66 25.13 -33.80
N GLY B 2262 -64.58 24.38 -33.61
CA GLY B 2262 -63.27 24.81 -34.09
C GLY B 2262 -63.21 24.94 -35.60
N ILE B 2263 -63.84 23.99 -36.30
CA ILE B 2263 -63.98 24.05 -37.74
C ILE B 2263 -65.43 24.29 -38.15
N GLY B 2264 -66.36 24.20 -37.21
CA GLY B 2264 -67.77 24.44 -37.46
C GLY B 2264 -68.12 25.87 -37.82
N LEU B 2265 -67.20 26.81 -37.58
CA LEU B 2265 -67.41 28.21 -37.95
C LEU B 2265 -67.46 28.44 -39.45
N GLY B 2266 -67.05 27.46 -40.26
CA GLY B 2266 -67.04 27.63 -41.71
C GLY B 2266 -68.41 27.95 -42.28
N MET B 2267 -69.44 27.31 -41.75
CA MET B 2267 -70.80 27.59 -42.17
C MET B 2267 -71.25 28.95 -41.63
N GLN B 2268 -72.32 29.47 -42.21
CA GLN B 2268 -72.87 30.77 -41.87
CA GLN B 2268 -72.87 30.77 -41.87
C GLN B 2268 -74.20 30.61 -41.14
N GLY B 2269 -74.42 31.46 -40.14
CA GLY B 2269 -75.64 31.40 -39.37
C GLY B 2269 -75.43 31.02 -37.91
N SER B 2270 -76.35 30.23 -37.37
CA SER B 2270 -76.28 29.81 -35.97
C SER B 2270 -75.21 28.75 -35.84
N THR B 2271 -73.99 29.19 -35.57
CA THR B 2271 -72.86 28.29 -35.40
C THR B 2271 -72.99 27.52 -34.09
N PRO B 2272 -72.31 26.37 -33.95
CA PRO B 2272 -72.29 25.67 -32.65
C PRO B 2272 -71.67 26.49 -31.52
N LEU B 2273 -70.82 27.46 -31.85
CA LEU B 2273 -70.26 28.37 -30.85
C LEU B 2273 -71.36 29.20 -30.19
N ASP B 2274 -72.35 29.63 -30.99
CA ASP B 2274 -73.44 30.43 -30.46
C ASP B 2274 -74.26 29.67 -29.43
N VAL B 2275 -74.33 28.34 -29.55
CA VAL B 2275 -74.97 27.50 -28.54
C VAL B 2275 -74.21 27.61 -27.22
N ALA B 2276 -72.87 27.57 -27.30
CA ALA B 2276 -72.03 27.71 -26.12
C ALA B 2276 -72.23 29.06 -25.46
N ALA B 2277 -72.27 30.13 -26.28
CA ALA B 2277 -72.45 31.48 -25.74
C ALA B 2277 -73.82 31.63 -25.09
N ALA B 2278 -74.87 31.10 -25.75
CA ALA B 2278 -76.21 31.18 -25.19
C ALA B 2278 -76.36 30.31 -23.95
N SER B 2279 -75.47 29.33 -23.78
CA SER B 2279 -75.57 28.46 -22.62
C SER B 2279 -75.07 29.18 -21.38
N VAL B 2280 -74.14 30.12 -21.55
CA VAL B 2280 -73.50 30.75 -20.41
C VAL B 2280 -74.02 32.16 -20.16
N ILE B 2281 -74.67 32.79 -21.13
CA ILE B 2281 -75.05 34.19 -21.00
C ILE B 2281 -76.16 34.36 -19.95
N ASP B 2282 -76.14 35.51 -19.25
CA ASP B 2282 -77.09 35.99 -18.26
C ASP B 2282 -77.15 35.17 -16.97
N ASN B 2283 -76.31 34.15 -16.82
CA ASN B 2283 -76.25 33.36 -15.59
C ASN B 2283 -74.91 33.59 -14.93
N ASN B 2284 -74.92 34.33 -13.82
CA ASN B 2284 -73.69 34.57 -13.08
C ASN B 2284 -73.12 33.30 -12.47
N GLU B 2285 -73.99 32.37 -12.08
CA GLU B 2285 -73.54 31.08 -11.56
C GLU B 2285 -72.79 30.29 -12.61
N LEU B 2286 -73.37 30.20 -13.82
CA LEU B 2286 -72.74 29.45 -14.90
C LEU B 2286 -71.46 30.14 -15.36
N ALA B 2287 -71.47 31.47 -15.39
CA ALA B 2287 -70.28 32.24 -15.76
C ALA B 2287 -69.14 32.01 -14.77
N LEU B 2288 -69.45 31.97 -13.48
CA LEU B 2288 -68.43 31.64 -12.49
C LEU B 2288 -67.98 30.19 -12.63
N ALA B 2289 -68.93 29.29 -12.85
CA ALA B 2289 -68.63 27.86 -12.95
C ALA B 2289 -67.80 27.51 -14.17
N LEU B 2290 -67.81 28.35 -15.20
CA LEU B 2290 -66.98 28.11 -16.38
C LEU B 2290 -65.51 28.11 -16.00
N GLN B 2291 -64.77 27.11 -16.48
CA GLN B 2291 -63.41 26.88 -16.05
C GLN B 2291 -62.38 27.31 -17.09
N GLU B 2292 -61.14 27.47 -16.62
CA GLU B 2292 -60.07 28.02 -17.43
C GLU B 2292 -59.66 27.11 -18.59
N GLN B 2293 -59.75 25.79 -18.42
CA GLN B 2293 -59.40 24.87 -19.49
C GLN B 2293 -60.33 25.00 -20.69
N ASP B 2294 -61.54 25.53 -20.48
CA ASP B 2294 -62.43 25.83 -21.58
C ASP B 2294 -61.97 27.08 -22.33
N LEU B 2295 -61.45 28.06 -21.59
CA LEU B 2295 -61.02 29.32 -22.20
C LEU B 2295 -59.70 29.16 -22.95
N GLU B 2296 -58.79 28.32 -22.44
CA GLU B 2296 -57.49 28.17 -23.08
C GLU B 2296 -57.63 27.55 -24.47
N LYS B 2297 -58.69 26.75 -24.68
CA LYS B 2297 -59.00 26.26 -26.02
C LYS B 2297 -59.36 27.41 -26.93
N VAL B 2298 -60.16 28.35 -26.43
CA VAL B 2298 -60.65 29.47 -27.24
C VAL B 2298 -59.49 30.36 -27.64
N VAL B 2299 -58.62 30.71 -26.68
CA VAL B 2299 -57.51 31.60 -26.99
C VAL B 2299 -56.49 30.93 -27.93
N SER B 2300 -56.22 29.62 -27.74
CA SER B 2300 -55.37 28.91 -28.69
C SER B 2300 -56.00 28.82 -30.08
N TYR B 2301 -57.33 28.65 -30.13
CA TYR B 2301 -58.03 28.72 -31.39
C TYR B 2301 -57.90 30.10 -32.02
N LEU B 2302 -57.99 31.17 -31.22
CA LEU B 2302 -57.76 32.51 -31.75
C LEU B 2302 -56.31 32.71 -32.19
N ALA B 2303 -55.38 31.97 -31.56
CA ALA B 2303 -53.98 32.03 -31.97
C ALA B 2303 -53.83 31.51 -33.38
N GLY B 2304 -54.50 30.39 -33.67
CA GLY B 2304 -54.47 29.88 -35.03
C GLY B 2304 -55.21 30.80 -35.98
N CYS B 2305 -56.35 31.36 -35.54
CA CYS B 2305 -57.16 32.26 -36.36
C CYS B 2305 -56.48 33.58 -36.67
N GLY B 2306 -55.41 33.91 -35.94
CA GLY B 2306 -54.64 35.11 -36.15
C GLY B 2306 -53.42 34.95 -37.03
N LEU B 2307 -53.21 33.77 -37.63
CA LEU B 2307 -52.04 33.57 -38.47
C LEU B 2307 -52.38 33.02 -39.86
N GLN B 2308 -53.66 32.83 -40.18
CA GLN B 2308 -54.09 32.55 -41.55
C GLN B 2308 -55.55 32.99 -41.68
N SER B 2309 -56.04 33.01 -42.92
CA SER B 2309 -57.41 33.41 -43.21
C SER B 2309 -58.37 32.24 -43.02
N CYS B 2310 -59.64 32.50 -43.30
CA CYS B 2310 -60.68 31.49 -43.20
C CYS B 2310 -60.56 30.55 -44.39
N PRO B 2311 -60.52 29.22 -44.18
CA PRO B 2311 -60.37 28.27 -45.30
C PRO B 2311 -61.48 28.35 -46.35
N MET B 2312 -62.73 28.60 -45.92
CA MET B 2312 -63.80 28.83 -46.89
C MET B 2312 -63.56 30.10 -47.67
N LEU B 2313 -63.09 31.16 -47.00
CA LEU B 2313 -62.75 32.39 -47.71
C LEU B 2313 -61.60 32.17 -48.69
N LEU B 2314 -60.66 31.28 -48.33
CA LEU B 2314 -59.58 30.91 -49.24
C LEU B 2314 -60.15 30.24 -50.48
N ALA B 2315 -61.13 29.35 -50.28
CA ALA B 2315 -61.70 28.60 -51.39
C ALA B 2315 -62.56 29.47 -52.29
N LYS B 2316 -63.15 30.54 -51.74
CA LYS B 2316 -64.03 31.38 -52.55
C LYS B 2316 -63.29 32.44 -53.34
N GLY B 2317 -61.98 32.52 -53.23
CA GLY B 2317 -61.22 33.52 -53.97
C GLY B 2317 -61.06 34.86 -53.29
N TYR B 2318 -61.26 34.93 -51.97
CA TYR B 2318 -61.05 36.16 -51.23
C TYR B 2318 -59.57 36.55 -51.27
N PRO B 2319 -59.26 37.86 -51.25
CA PRO B 2319 -57.86 38.28 -51.15
C PRO B 2319 -57.27 37.80 -49.83
N ASP B 2320 -56.29 36.90 -49.92
CA ASP B 2320 -55.73 36.24 -48.75
C ASP B 2320 -55.04 37.23 -47.82
N ILE B 2321 -55.34 37.11 -46.53
CA ILE B 2321 -54.76 37.95 -45.50
C ILE B 2321 -54.23 37.03 -44.40
N GLY B 2322 -53.21 37.52 -43.70
CA GLY B 2322 -52.54 36.67 -42.73
C GLY B 2322 -53.22 36.47 -41.39
N TRP B 2323 -54.54 36.66 -41.30
CA TRP B 2323 -55.30 36.47 -40.06
C TRP B 2323 -56.79 36.52 -40.37
N ASN B 2324 -57.56 35.63 -39.74
CA ASN B 2324 -58.98 35.49 -40.06
C ASN B 2324 -59.78 36.47 -39.22
N PRO B 2325 -60.53 37.40 -39.82
CA PRO B 2325 -61.41 38.26 -39.01
C PRO B 2325 -62.76 37.64 -38.69
N CYS B 2326 -63.24 36.67 -39.48
CA CYS B 2326 -64.54 36.07 -39.23
C CYS B 2326 -64.52 35.23 -37.96
N GLY B 2327 -63.64 34.24 -37.90
CA GLY B 2327 -63.54 33.40 -36.72
C GLY B 2327 -63.04 34.17 -35.53
N GLY B 2328 -62.29 35.25 -35.78
CA GLY B 2328 -61.81 36.10 -34.71
C GLY B 2328 -62.97 36.77 -34.00
N GLU B 2329 -63.83 37.46 -34.75
CA GLU B 2329 -64.98 38.15 -34.17
C GLU B 2329 -65.95 37.14 -33.53
N ARG B 2330 -66.08 35.96 -34.15
CA ARG B 2330 -66.96 34.92 -33.60
C ARG B 2330 -66.47 34.45 -32.23
N TYR B 2331 -65.16 34.29 -32.07
CA TYR B 2331 -64.60 34.02 -30.73
C TYR B 2331 -64.81 35.20 -29.79
N LEU B 2332 -64.59 36.42 -30.29
CA LEU B 2332 -64.58 37.59 -29.43
C LEU B 2332 -65.94 37.84 -28.80
N ASP B 2333 -67.03 37.66 -29.58
CA ASP B 2333 -68.36 37.90 -29.02
C ASP B 2333 -68.68 36.88 -27.91
N PHE B 2334 -68.22 35.64 -28.08
CA PHE B 2334 -68.37 34.63 -27.03
C PHE B 2334 -67.59 34.99 -25.79
N LEU B 2335 -66.35 35.45 -25.94
CA LEU B 2335 -65.58 35.90 -24.78
C LEU B 2335 -66.25 37.10 -24.11
N ARG B 2336 -66.85 37.98 -24.94
CA ARG B 2336 -67.58 39.13 -24.44
C ARG B 2336 -68.75 38.69 -23.59
N PHE B 2337 -69.44 37.63 -24.00
CA PHE B 2337 -70.55 37.13 -23.19
C PHE B 2337 -70.04 36.37 -21.99
N ALA B 2338 -68.80 35.88 -22.06
CA ALA B 2338 -68.24 35.04 -21.01
C ALA B 2338 -67.80 35.87 -19.81
N VAL B 2339 -67.29 37.08 -20.05
CA VAL B 2339 -66.70 37.87 -18.97
C VAL B 2339 -67.56 39.06 -18.57
N PHE B 2340 -68.79 39.15 -19.08
CA PHE B 2340 -69.68 40.25 -18.76
C PHE B 2340 -71.08 39.72 -18.46
N VAL B 2341 -71.55 39.94 -17.24
CA VAL B 2341 -72.82 39.42 -16.77
C VAL B 2341 -73.60 40.54 -16.09
N ASN B 2342 -74.80 40.83 -16.60
CA ASN B 2342 -75.77 41.76 -16.01
C ASN B 2342 -75.20 43.15 -15.79
N GLY B 2343 -74.32 43.59 -16.69
CA GLY B 2343 -73.71 44.90 -16.58
C GLY B 2343 -72.44 44.95 -15.75
N GLU B 2344 -72.06 43.86 -15.10
CA GLU B 2344 -70.85 43.82 -14.29
C GLU B 2344 -69.88 42.78 -14.85
N SER B 2345 -68.60 43.09 -14.79
CA SER B 2345 -67.59 42.14 -15.22
C SER B 2345 -67.39 41.07 -14.15
N VAL B 2346 -66.99 39.89 -14.60
CA VAL B 2346 -66.63 38.80 -13.71
C VAL B 2346 -65.12 38.83 -13.59
N GLU B 2347 -64.63 39.10 -12.38
CA GLU B 2347 -63.21 39.34 -12.16
C GLU B 2347 -62.35 38.12 -12.48
N GLU B 2348 -62.79 36.93 -12.04
CA GLU B 2348 -62.02 35.71 -12.27
C GLU B 2348 -61.90 35.38 -13.75
N ASN B 2349 -63.02 35.50 -14.48
CA ASN B 2349 -63.01 35.24 -15.91
C ASN B 2349 -62.20 36.29 -16.63
N ALA B 2350 -62.31 37.54 -16.19
CA ALA B 2350 -61.63 38.66 -16.85
C ALA B 2350 -60.12 38.50 -16.71
N ASN B 2351 -59.66 38.12 -15.51
CA ASN B 2351 -58.22 38.03 -15.31
C ASN B 2351 -57.64 36.81 -16.01
N VAL B 2352 -58.44 35.74 -16.12
CA VAL B 2352 -57.94 34.55 -16.81
C VAL B 2352 -57.82 34.83 -18.31
N VAL B 2353 -58.85 35.48 -18.89
CA VAL B 2353 -58.81 35.71 -20.33
C VAL B 2353 -57.69 36.70 -20.67
N VAL B 2354 -57.52 37.77 -19.87
CA VAL B 2354 -56.49 38.75 -20.21
C VAL B 2354 -55.10 38.15 -20.05
N ARG B 2355 -54.89 37.28 -19.03
CA ARG B 2355 -53.58 36.67 -18.91
C ARG B 2355 -53.33 35.65 -20.01
N LEU B 2356 -54.39 35.17 -20.68
CA LEU B 2356 -54.13 34.27 -21.80
C LEU B 2356 -53.88 35.04 -23.07
N LEU B 2357 -54.57 36.18 -23.26
CA LEU B 2357 -54.27 37.04 -24.41
C LEU B 2357 -52.85 37.58 -24.35
N ILE B 2358 -52.39 38.01 -23.16
CA ILE B 2358 -51.03 38.51 -23.07
C ILE B 2358 -50.04 37.35 -23.24
N ARG B 2359 -50.35 36.16 -22.70
CA ARG B 2359 -49.46 35.02 -22.83
C ARG B 2359 -49.34 34.54 -24.28
N LYS B 2360 -50.41 34.70 -25.08
CA LYS B 2360 -50.40 34.43 -26.52
C LYS B 2360 -50.62 35.72 -27.29
N PRO B 2361 -49.57 36.54 -27.47
CA PRO B 2361 -49.76 37.89 -28.04
C PRO B 2361 -50.26 37.91 -29.48
N GLU B 2362 -50.15 36.81 -30.22
CA GLU B 2362 -50.58 36.77 -31.62
C GLU B 2362 -52.08 36.95 -31.80
N CYS B 2363 -52.87 36.81 -30.74
CA CYS B 2363 -54.32 36.92 -30.82
C CYS B 2363 -54.79 38.34 -31.11
N PHE B 2364 -53.96 39.36 -30.85
CA PHE B 2364 -54.38 40.74 -31.03
C PHE B 2364 -54.56 41.11 -32.50
N GLY B 2365 -53.87 40.41 -33.39
CA GLY B 2365 -53.95 40.68 -34.81
C GLY B 2365 -52.71 41.38 -35.32
N PRO B 2366 -52.79 41.95 -36.53
CA PRO B 2366 -51.62 42.67 -37.09
C PRO B 2366 -51.20 43.88 -36.27
N ALA B 2367 -52.12 44.79 -36.02
CA ALA B 2367 -51.84 45.95 -35.18
C ALA B 2367 -51.82 45.51 -33.72
N LEU B 2368 -51.02 46.23 -32.92
CA LEU B 2368 -50.78 45.97 -31.49
C LEU B 2368 -50.16 44.59 -31.24
N ARG B 2369 -49.59 43.98 -32.28
CA ARG B 2369 -48.95 42.68 -32.14
CA ARG B 2369 -48.94 42.68 -32.16
C ARG B 2369 -47.68 42.76 -31.32
N GLY B 2370 -46.89 43.82 -31.51
CA GLY B 2370 -45.59 43.92 -30.88
C GLY B 2370 -44.56 44.15 -31.95
N GLU B 2371 -43.70 43.15 -32.19
CA GLU B 2371 -42.77 43.20 -33.31
C GLU B 2371 -43.53 43.36 -34.63
N GLY B 2372 -43.11 44.34 -35.43
CA GLY B 2372 -43.69 44.61 -36.74
C GLY B 2372 -45.12 45.13 -36.75
N GLY B 2373 -45.80 45.22 -35.60
CA GLY B 2373 -47.18 45.64 -35.56
C GLY B 2373 -47.36 47.06 -35.09
N SER B 2374 -47.84 47.93 -35.98
CA SER B 2374 -48.09 49.32 -35.65
C SER B 2374 -49.35 49.48 -34.80
N GLY B 2375 -49.75 50.72 -34.54
CA GLY B 2375 -50.92 50.98 -33.73
C GLY B 2375 -52.22 50.54 -34.39
N LEU B 2376 -53.26 50.42 -33.57
CA LEU B 2376 -54.56 49.96 -34.07
C LEU B 2376 -55.22 51.01 -34.94
N LEU B 2377 -54.86 52.28 -34.75
CA LEU B 2377 -55.31 53.32 -35.66
C LEU B 2377 -54.77 53.07 -37.05
N ALA B 2378 -53.51 52.63 -37.16
CA ALA B 2378 -52.95 52.32 -38.48
C ALA B 2378 -53.68 51.19 -39.18
N ALA B 2379 -54.45 50.39 -38.44
CA ALA B 2379 -55.25 49.31 -38.97
C ALA B 2379 -56.64 49.78 -39.39
N ILE B 2380 -57.25 50.69 -38.61
CA ILE B 2380 -58.67 51.04 -38.86
C ILE B 2380 -58.82 51.85 -40.16
N GLU B 2381 -57.97 52.87 -40.39
CA GLU B 2381 -58.03 53.59 -41.68
C GLU B 2381 -57.67 52.68 -42.85
N GLU B 2382 -56.68 51.81 -42.67
CA GLU B 2382 -56.35 50.80 -43.68
C GLU B 2382 -57.55 49.92 -44.02
N ALA B 2383 -58.33 49.55 -43.02
CA ALA B 2383 -59.55 48.80 -43.28
C ALA B 2383 -60.61 49.68 -43.94
N ILE B 2384 -60.60 50.97 -43.65
CA ILE B 2384 -61.55 51.90 -44.27
C ILE B 2384 -61.28 51.96 -45.77
N ARG B 2385 -60.00 52.09 -46.16
CA ARG B 2385 -59.62 52.12 -47.57
C ARG B 2385 -59.96 50.81 -48.25
N ILE B 2386 -59.66 49.69 -47.60
CA ILE B 2386 -59.92 48.38 -48.20
C ILE B 2386 -61.41 48.17 -48.39
N SER B 2387 -62.22 48.55 -47.39
CA SER B 2387 -63.67 48.42 -47.47
C SER B 2387 -64.26 49.31 -48.55
N GLU B 2388 -63.69 50.51 -48.76
CA GLU B 2388 -64.19 51.39 -49.79
C GLU B 2388 -63.76 50.96 -51.19
N ASP B 2389 -62.57 50.35 -51.32
CA ASP B 2389 -61.99 50.03 -52.61
C ASP B 2389 -62.44 48.64 -53.05
N PRO B 2390 -62.95 48.49 -54.27
CA PRO B 2390 -63.30 47.15 -54.78
C PRO B 2390 -62.05 46.37 -55.15
N ALA B 2391 -62.25 45.07 -55.39
CA ALA B 2391 -61.27 44.01 -55.70
C ALA B 2391 -60.35 43.68 -54.52
N ARG B 2392 -60.47 44.39 -53.40
CA ARG B 2392 -59.81 44.06 -52.16
C ARG B 2392 -60.79 43.95 -51.00
N ASP B 2393 -62.01 44.50 -51.15
CA ASP B 2393 -63.06 44.33 -50.15
C ASP B 2393 -63.47 42.87 -50.01
N GLY B 2394 -63.56 42.15 -51.13
CA GLY B 2394 -63.87 40.74 -51.13
C GLY B 2394 -63.40 40.08 -52.40
N PRO B 2395 -63.93 38.89 -52.71
CA PRO B 2395 -63.57 38.21 -53.98
C PRO B 2395 -63.93 39.02 -55.22
N GLY B 2396 -65.04 39.75 -55.19
CA GLY B 2396 -65.47 40.63 -56.26
C GLY B 2396 -65.72 39.95 -57.58
N VAL B 2397 -66.46 38.84 -57.56
CA VAL B 2397 -66.81 38.09 -58.76
C VAL B 2397 -67.73 38.90 -59.67
N PRO B 2410 -76.44 41.86 -49.03
CA PRO B 2410 -75.23 41.28 -49.63
C PRO B 2410 -75.54 40.37 -50.81
N PRO B 2411 -74.57 40.20 -51.74
CA PRO B 2411 -74.79 39.29 -52.88
C PRO B 2411 -75.11 37.86 -52.48
N GLU B 2412 -74.49 37.35 -51.43
CA GLU B 2412 -74.77 36.02 -50.91
C GLU B 2412 -75.68 36.04 -49.69
N GLU B 2413 -76.14 37.25 -49.29
CA GLU B 2413 -76.97 37.59 -48.12
C GLU B 2413 -76.18 37.49 -46.81
N ASN B 2414 -74.97 36.95 -46.86
CA ASN B 2414 -74.01 36.92 -45.76
C ASN B 2414 -72.60 37.12 -46.31
N ARG B 2415 -72.48 37.87 -47.41
CA ARG B 2415 -71.21 38.05 -48.10
C ARG B 2415 -70.21 38.78 -47.22
N VAL B 2416 -69.03 38.19 -47.06
CA VAL B 2416 -68.00 38.76 -46.21
C VAL B 2416 -67.25 39.84 -46.96
N HIS B 2417 -67.18 41.02 -46.37
CA HIS B 2417 -66.41 42.15 -46.88
C HIS B 2417 -65.24 42.29 -45.92
N LEU B 2418 -64.03 41.95 -46.39
CA LEU B 2418 -62.84 41.90 -45.54
C LEU B 2418 -62.48 43.26 -44.95
N GLY B 2419 -62.69 44.33 -45.72
CA GLY B 2419 -62.49 45.68 -45.19
C GLY B 2419 -63.36 45.99 -43.99
N HIS B 2420 -64.62 45.57 -44.01
CA HIS B 2420 -65.48 45.70 -42.85
C HIS B 2420 -65.17 44.66 -41.78
N ALA B 2421 -64.70 43.47 -42.18
CA ALA B 2421 -64.41 42.40 -41.23
C ALA B 2421 -63.23 42.72 -40.33
N ILE B 2422 -62.21 43.41 -40.87
CA ILE B 2422 -61.05 43.82 -40.06
C ILE B 2422 -61.47 44.79 -38.96
N MET B 2423 -62.27 45.78 -39.33
CA MET B 2423 -62.67 46.83 -38.42
C MET B 2423 -63.84 46.40 -37.53
N SER B 2424 -64.52 45.31 -37.88
CA SER B 2424 -65.48 44.73 -36.96
C SER B 2424 -64.76 43.86 -35.94
N PHE B 2425 -63.71 43.15 -36.39
CA PHE B 2425 -62.89 42.35 -35.49
C PHE B 2425 -62.27 43.22 -34.41
N TYR B 2426 -61.67 44.34 -34.82
CA TYR B 2426 -61.05 45.21 -33.82
C TYR B 2426 -62.09 45.89 -32.93
N ALA B 2427 -63.29 46.11 -33.45
CA ALA B 2427 -64.38 46.65 -32.63
C ALA B 2427 -64.80 45.67 -31.55
N ALA B 2428 -64.85 44.38 -31.90
CA ALA B 2428 -65.14 43.38 -30.89
C ALA B 2428 -63.97 43.23 -29.93
N LEU B 2429 -62.74 43.42 -30.40
CA LEU B 2429 -61.57 43.33 -29.53
C LEU B 2429 -61.58 44.43 -28.48
N ILE B 2430 -61.89 45.66 -28.90
CA ILE B 2430 -61.95 46.76 -27.93
C ILE B 2430 -63.17 46.61 -27.01
N ASP B 2431 -64.27 46.03 -27.50
CA ASP B 2431 -65.41 45.76 -26.64
C ASP B 2431 -65.07 44.70 -25.59
N LEU B 2432 -64.31 43.67 -25.99
CA LEU B 2432 -63.82 42.66 -25.06
C LEU B 2432 -62.92 43.29 -24.00
N LEU B 2433 -62.00 44.16 -24.41
CA LEU B 2433 -61.08 44.79 -23.45
C LEU B 2433 -61.84 45.67 -22.47
N GLY B 2434 -62.81 46.44 -22.97
CA GLY B 2434 -63.59 47.28 -22.08
C GLY B 2434 -64.44 46.49 -21.11
N ARG B 2435 -64.95 45.34 -21.55
CA ARG B 2435 -65.70 44.51 -20.60
C ARG B 2435 -64.78 43.68 -19.71
N CYS B 2436 -63.51 43.55 -20.07
CA CYS B 2436 -62.51 42.95 -19.20
C CYS B 2436 -61.89 43.96 -18.24
N ALA B 2437 -62.29 45.23 -18.34
CA ALA B 2437 -61.73 46.26 -17.47
C ALA B 2437 -62.19 46.07 -16.02
N PRO B 2438 -61.27 46.06 -15.06
CA PRO B 2438 -61.66 45.95 -13.64
C PRO B 2438 -62.54 47.11 -13.19
N GLU B 2439 -63.47 46.80 -12.30
CA GLU B 2439 -64.42 47.78 -11.80
C GLU B 2439 -63.78 48.88 -10.96
N MET B 2440 -64.45 50.03 -10.95
CA MET B 2440 -63.96 51.18 -10.23
C MET B 2440 -63.93 50.93 -8.72
N HIS B 2441 -64.89 50.15 -8.19
CA HIS B 2441 -64.89 49.88 -6.75
C HIS B 2441 -63.66 49.09 -6.34
N LEU B 2442 -63.15 48.26 -7.26
CA LEU B 2442 -61.89 47.56 -7.02
C LEU B 2442 -60.71 48.49 -7.18
N ILE B 2443 -60.81 49.46 -8.11
CA ILE B 2443 -59.68 50.37 -8.28
C ILE B 2443 -59.56 51.29 -7.07
N GLN B 2444 -60.69 51.87 -6.61
CA GLN B 2444 -60.66 52.71 -5.41
C GLN B 2444 -60.29 51.89 -4.17
N ALA B 2445 -60.58 50.58 -4.17
CA ALA B 2445 -60.07 49.75 -3.09
C ALA B 2445 -58.60 49.40 -3.29
N GLY B 2446 -58.04 49.69 -4.45
CA GLY B 2446 -56.63 49.49 -4.72
C GLY B 2446 -56.13 48.06 -4.72
N LYS B 2447 -56.91 47.14 -5.29
CA LYS B 2447 -56.48 45.75 -5.31
C LYS B 2447 -55.27 45.58 -6.22
N GLY B 2448 -54.37 44.68 -5.80
CA GLY B 2448 -53.08 44.51 -6.48
C GLY B 2448 -53.22 44.07 -7.91
N GLU B 2449 -54.00 43.01 -8.15
CA GLU B 2449 -54.15 42.55 -9.51
C GLU B 2449 -55.05 43.48 -10.31
N ALA B 2450 -56.00 44.15 -9.67
CA ALA B 2450 -56.88 45.08 -10.38
C ALA B 2450 -56.07 46.22 -11.00
N LEU B 2451 -55.15 46.78 -10.21
CA LEU B 2451 -54.24 47.79 -10.74
C LEU B 2451 -53.26 47.20 -11.76
N ARG B 2452 -52.74 45.99 -11.49
CA ARG B 2452 -51.77 45.38 -12.41
C ARG B 2452 -52.40 45.13 -13.78
N ILE B 2453 -53.58 44.50 -13.80
CA ILE B 2453 -54.27 44.18 -15.04
C ILE B 2453 -54.69 45.45 -15.76
N ARG B 2454 -55.24 46.44 -15.04
CA ARG B 2454 -55.71 47.62 -15.73
C ARG B 2454 -54.53 48.46 -16.25
N ALA B 2455 -53.38 48.38 -15.57
CA ALA B 2455 -52.18 49.00 -16.11
C ALA B 2455 -51.72 48.27 -17.37
N ILE B 2456 -51.86 46.94 -17.39
CA ILE B 2456 -51.52 46.17 -18.57
C ILE B 2456 -52.40 46.61 -19.75
N LEU B 2457 -53.70 46.81 -19.48
CA LEU B 2457 -54.61 47.33 -20.51
C LEU B 2457 -54.17 48.71 -21.00
N ARG B 2458 -53.65 49.54 -20.09
CA ARG B 2458 -53.19 50.87 -20.49
C ARG B 2458 -51.97 50.78 -21.40
N SER B 2459 -51.01 49.92 -21.02
CA SER B 2459 -49.79 49.79 -21.82
C SER B 2459 -50.07 49.17 -23.18
N LEU B 2460 -50.91 48.13 -23.21
CA LEU B 2460 -51.26 47.50 -24.48
C LEU B 2460 -52.12 48.39 -25.37
N VAL B 2461 -52.90 49.30 -24.80
CA VAL B 2461 -53.76 50.14 -25.64
C VAL B 2461 -53.42 51.61 -25.43
N PRO B 2462 -52.53 52.18 -26.24
CA PRO B 2462 -52.21 53.61 -26.13
C PRO B 2462 -53.42 54.48 -26.42
N LEU B 2463 -53.55 55.57 -25.66
CA LEU B 2463 -54.69 56.47 -25.75
C LEU B 2463 -54.64 57.40 -26.96
N ASP B 2464 -53.43 57.67 -27.49
CA ASP B 2464 -53.30 58.60 -28.61
C ASP B 2464 -54.00 58.08 -29.86
N ASP B 2465 -53.75 56.83 -30.24
CA ASP B 2465 -54.44 56.24 -31.38
C ASP B 2465 -55.93 56.07 -31.11
N LEU B 2466 -56.30 55.94 -29.82
CA LEU B 2466 -57.70 55.82 -29.42
C LEU B 2466 -58.47 57.08 -29.79
N VAL B 2467 -57.88 58.25 -29.53
CA VAL B 2467 -58.58 59.48 -29.87
C VAL B 2467 -58.72 59.61 -31.40
N GLY B 2468 -57.75 59.08 -32.16
CA GLY B 2468 -57.87 59.08 -33.62
C GLY B 2468 -59.05 58.24 -34.08
N ILE B 2469 -59.29 57.12 -33.39
CA ILE B 2469 -60.46 56.29 -33.66
C ILE B 2469 -61.74 57.07 -33.36
N ILE B 2470 -61.71 57.86 -32.29
CA ILE B 2470 -62.85 58.72 -31.96
C ILE B 2470 -63.09 59.73 -33.07
N SER B 2471 -62.00 60.36 -33.53
CA SER B 2471 -62.04 61.44 -34.50
C SER B 2471 -62.37 60.99 -35.92
N LEU B 2472 -62.40 59.68 -36.18
CA LEU B 2472 -62.71 59.22 -37.53
C LEU B 2472 -64.16 59.56 -37.92
N PRO B 2473 -64.41 59.90 -39.18
CA PRO B 2473 -65.75 60.33 -39.60
C PRO B 2473 -66.67 59.15 -39.93
N LEU B 2474 -67.86 59.50 -40.42
CA LEU B 2474 -68.88 58.58 -40.86
C LEU B 2474 -69.21 58.83 -42.33
N GLN B 2475 -69.68 57.79 -43.01
CA GLN B 2475 -70.20 57.92 -44.37
C GLN B 2475 -71.71 58.13 -44.28
N ILE B 2476 -72.19 59.19 -44.93
CA ILE B 2476 -73.52 59.72 -44.64
C ILE B 2476 -74.46 59.48 -45.82
N PRO B 2477 -75.74 59.12 -45.59
CA PRO B 2477 -76.73 59.14 -46.67
C PRO B 2477 -77.05 60.56 -47.10
N THR B 2478 -76.55 60.98 -48.25
CA THR B 2478 -76.66 62.35 -48.70
C THR B 2478 -77.78 62.48 -49.72
N LEU B 2479 -78.58 63.53 -49.59
CA LEU B 2479 -79.65 63.80 -50.54
C LEU B 2479 -79.05 64.28 -51.86
N GLY B 2480 -79.33 63.55 -52.93
CA GLY B 2480 -78.80 63.89 -54.24
C GLY B 2480 -79.19 62.82 -55.23
N LYS B 2481 -78.82 63.06 -56.49
CA LYS B 2481 -79.08 62.17 -57.64
C LYS B 2481 -80.58 61.90 -57.79
N ASP B 2482 -81.29 63.00 -58.12
CA ASP B 2482 -82.74 63.03 -58.34
C ASP B 2482 -83.53 62.69 -57.08
N GLY B 2483 -82.98 63.05 -55.91
CA GLY B 2483 -83.66 62.86 -54.65
C GLY B 2483 -83.48 61.50 -54.01
N ALA B 2484 -82.80 60.57 -54.67
CA ALA B 2484 -82.57 59.24 -54.11
C ALA B 2484 -81.67 59.32 -52.87
N LEU B 2485 -81.89 58.40 -51.95
CA LEU B 2485 -81.09 58.35 -50.72
C LEU B 2485 -79.82 57.57 -51.01
N VAL B 2486 -78.72 58.28 -51.27
CA VAL B 2486 -77.46 57.65 -51.60
C VAL B 2486 -76.83 57.17 -50.29
N GLN B 2487 -77.07 55.92 -49.92
CA GLN B 2487 -76.68 55.39 -48.64
C GLN B 2487 -75.49 54.45 -48.76
N PRO B 2488 -74.67 54.32 -47.72
CA PRO B 2488 -73.61 53.31 -47.74
C PRO B 2488 -74.16 51.92 -47.39
N LYS B 2489 -73.34 50.92 -47.67
CA LYS B 2489 -73.63 49.53 -47.31
C LYS B 2489 -72.96 49.21 -45.98
N MET B 2490 -73.76 49.03 -44.93
CA MET B 2490 -73.25 48.72 -43.58
C MET B 2490 -72.39 47.47 -43.55
N SER B 2491 -72.67 46.51 -44.44
CA SER B 2491 -71.82 45.33 -44.53
C SER B 2491 -70.44 45.63 -45.10
N ALA B 2492 -70.24 46.81 -45.70
CA ALA B 2492 -68.95 47.22 -46.24
C ALA B 2492 -68.65 48.69 -45.99
N SER B 2493 -68.94 49.20 -44.78
CA SER B 2493 -68.69 50.61 -44.48
C SER B 2493 -68.58 50.81 -42.97
N PHE B 2494 -68.12 52.00 -42.60
CA PHE B 2494 -68.05 52.43 -41.20
C PHE B 2494 -69.44 52.40 -40.57
N VAL B 2495 -69.54 51.83 -39.37
CA VAL B 2495 -70.84 51.73 -38.70
C VAL B 2495 -70.76 52.36 -37.32
N PRO B 2496 -71.86 52.90 -36.78
CA PRO B 2496 -71.82 53.47 -35.41
C PRO B 2496 -71.55 52.46 -34.31
N ASP B 2497 -71.75 51.17 -34.58
CA ASP B 2497 -71.53 50.12 -33.59
C ASP B 2497 -70.06 50.06 -33.20
N HIS B 2498 -69.15 50.24 -34.16
CA HIS B 2498 -67.73 50.11 -33.88
C HIS B 2498 -67.27 51.17 -32.88
N LYS B 2499 -67.78 52.40 -33.04
CA LYS B 2499 -67.46 53.47 -32.10
C LYS B 2499 -68.12 53.24 -30.74
N ALA B 2500 -69.39 52.77 -30.73
CA ALA B 2500 -70.02 52.47 -29.45
C ALA B 2500 -69.31 51.33 -28.71
N SER B 2501 -68.64 50.44 -29.47
CA SER B 2501 -67.82 49.40 -28.86
C SER B 2501 -66.60 49.99 -28.15
N MET B 2502 -66.17 51.18 -28.55
CA MET B 2502 -65.07 51.91 -27.94
C MET B 2502 -65.48 52.75 -26.74
N VAL B 2503 -66.68 53.36 -26.80
CA VAL B 2503 -67.14 54.26 -25.73
C VAL B 2503 -67.17 53.56 -24.38
N LEU B 2504 -67.58 52.27 -24.38
CA LEU B 2504 -67.53 51.45 -23.16
C LEU B 2504 -66.11 51.26 -22.67
N PHE B 2505 -65.17 51.07 -23.61
CA PHE B 2505 -63.77 50.83 -23.26
C PHE B 2505 -63.19 52.04 -22.57
N LEU B 2506 -63.37 53.20 -23.18
CA LEU B 2506 -62.82 54.43 -22.64
C LEU B 2506 -63.48 54.74 -21.29
N ASP B 2507 -64.79 54.51 -21.18
CA ASP B 2507 -65.50 54.74 -19.93
C ASP B 2507 -65.11 53.76 -18.83
N ARG B 2508 -64.44 52.64 -19.17
CA ARG B 2508 -64.14 51.63 -18.17
C ARG B 2508 -62.66 51.41 -17.90
N VAL B 2509 -61.76 51.89 -18.76
CA VAL B 2509 -60.31 51.68 -18.59
C VAL B 2509 -59.60 52.96 -18.16
N TYR B 2510 -59.68 54.01 -18.97
CA TYR B 2510 -59.00 55.24 -18.61
C TYR B 2510 -59.90 56.16 -17.79
N GLY B 2511 -61.13 56.36 -18.24
CA GLY B 2511 -62.07 57.18 -17.50
C GLY B 2511 -61.89 58.65 -17.77
N ILE B 2512 -62.82 59.43 -17.21
CA ILE B 2512 -62.84 60.87 -17.32
C ILE B 2512 -62.79 61.49 -15.93
N GLU B 2513 -61.76 62.27 -15.66
CA GLU B 2513 -61.60 62.87 -14.34
C GLU B 2513 -61.46 64.39 -14.48
N ASN B 2514 -60.86 64.85 -15.56
CA ASN B 2514 -60.68 66.28 -15.79
C ASN B 2514 -61.40 66.78 -17.05
N GLN B 2515 -61.81 68.06 -16.94
CA GLN B 2515 -62.64 68.70 -17.95
C GLN B 2515 -61.91 68.84 -19.27
N ASP B 2516 -60.60 69.14 -19.22
CA ASP B 2516 -59.84 69.39 -20.44
C ASP B 2516 -59.79 68.14 -21.32
N PHE B 2517 -59.54 66.97 -20.73
CA PHE B 2517 -59.54 65.71 -21.47
C PHE B 2517 -60.95 65.30 -21.81
N LEU B 2518 -61.95 65.83 -21.09
CA LEU B 2518 -63.32 65.47 -21.41
C LEU B 2518 -63.76 66.18 -22.69
N LEU B 2519 -63.67 67.51 -22.69
CA LEU B 2519 -64.09 68.28 -23.84
C LEU B 2519 -63.18 68.04 -25.05
N HIS B 2520 -61.92 67.65 -24.79
CA HIS B 2520 -60.94 67.42 -25.86
C HIS B 2520 -61.34 66.24 -26.71
N VAL B 2521 -61.94 65.21 -26.11
CA VAL B 2521 -62.33 64.04 -26.88
C VAL B 2521 -63.77 64.22 -27.37
N LEU B 2522 -64.59 64.95 -26.63
CA LEU B 2522 -65.99 65.15 -27.04
C LEU B 2522 -66.10 65.99 -28.30
N ASP B 2523 -65.31 67.06 -28.43
CA ASP B 2523 -65.51 67.96 -29.57
C ASP B 2523 -64.94 67.43 -30.89
N VAL B 2524 -63.96 66.53 -30.86
CA VAL B 2524 -63.33 66.13 -32.11
C VAL B 2524 -64.12 65.02 -32.81
N GLY B 2525 -64.46 63.94 -32.09
CA GLY B 2525 -65.16 62.84 -32.72
C GLY B 2525 -66.59 62.62 -32.28
N PHE B 2526 -66.87 62.82 -30.99
CA PHE B 2526 -68.23 62.62 -30.50
C PHE B 2526 -69.16 63.75 -30.92
N LEU B 2527 -68.60 64.91 -31.28
CA LEU B 2527 -69.46 66.00 -31.74
C LEU B 2527 -70.00 65.79 -33.16
N PRO B 2528 -69.17 65.59 -34.23
CA PRO B 2528 -69.76 65.47 -35.58
C PRO B 2528 -70.67 64.27 -35.78
N ASP B 2529 -70.53 63.22 -34.95
CA ASP B 2529 -71.44 62.09 -35.01
C ASP B 2529 -72.86 62.51 -34.65
N MET B 2530 -73.00 63.37 -33.64
CA MET B 2530 -74.34 63.75 -33.22
C MET B 2530 -74.83 64.98 -33.97
N ARG B 2531 -73.92 65.80 -34.52
CA ARG B 2531 -74.35 66.82 -35.48
C ARG B 2531 -74.93 66.16 -36.73
N ALA B 2532 -74.25 65.10 -37.21
CA ALA B 2532 -74.80 64.31 -38.31
C ALA B 2532 -76.11 63.64 -37.91
N ALA B 2533 -76.22 63.19 -36.65
CA ALA B 2533 -77.48 62.63 -36.17
C ALA B 2533 -78.61 63.66 -36.23
N ALA B 2534 -78.31 64.90 -35.85
CA ALA B 2534 -79.26 65.99 -35.96
C ALA B 2534 -79.66 66.26 -37.41
N SER B 2535 -78.69 66.23 -38.33
CA SER B 2535 -78.98 66.42 -39.75
C SER B 2535 -79.85 65.29 -40.31
N LEU B 2536 -79.54 64.04 -39.93
CA LEU B 2536 -80.31 62.89 -40.38
C LEU B 2536 -81.67 62.81 -39.68
N ASP B 2537 -81.85 63.53 -38.58
CA ASP B 2537 -83.11 63.53 -37.83
C ASP B 2537 -84.09 64.49 -38.49
N THR B 2538 -84.61 64.04 -39.63
CA THR B 2538 -85.60 64.78 -40.41
C THR B 2538 -86.72 63.83 -40.80
N ALA B 2539 -87.75 64.38 -41.45
CA ALA B 2539 -88.93 63.59 -41.83
C ALA B 2539 -88.65 62.53 -42.88
N THR B 2540 -87.49 62.55 -43.54
CA THR B 2540 -87.16 61.60 -44.59
C THR B 2540 -86.01 60.67 -44.25
N PHE B 2541 -85.07 61.10 -43.40
CA PHE B 2541 -83.87 60.32 -43.12
C PHE B 2541 -83.81 59.72 -41.72
N SER B 2542 -84.75 60.04 -40.83
CA SER B 2542 -84.67 59.52 -39.46
C SER B 2542 -85.05 58.05 -39.35
N THR B 2543 -85.57 57.44 -40.42
CA THR B 2543 -85.88 56.02 -40.42
C THR B 2543 -84.90 55.20 -41.24
N THR B 2544 -83.77 55.78 -41.65
CA THR B 2544 -82.78 55.07 -42.44
C THR B 2544 -82.05 54.01 -41.61
N GLU B 2545 -81.20 53.25 -42.29
CA GLU B 2545 -80.47 52.17 -41.64
C GLU B 2545 -79.38 52.69 -40.72
N MET B 2546 -78.87 53.91 -40.97
CA MET B 2546 -77.88 54.46 -40.07
C MET B 2546 -78.53 55.21 -38.92
N ALA B 2547 -79.70 55.81 -39.14
CA ALA B 2547 -80.37 56.61 -38.12
C ALA B 2547 -80.72 55.81 -36.86
N LEU B 2548 -81.23 54.59 -37.03
CA LEU B 2548 -81.46 53.69 -35.89
C LEU B 2548 -80.17 53.32 -35.17
N ALA B 2549 -79.10 53.06 -35.94
CA ALA B 2549 -77.80 52.79 -35.34
C ALA B 2549 -77.27 53.99 -34.59
N LEU B 2550 -77.44 55.19 -35.15
CA LEU B 2550 -77.02 56.42 -34.48
C LEU B 2550 -77.79 56.65 -33.19
N ASN B 2551 -79.10 56.37 -33.20
CA ASN B 2551 -79.91 56.50 -32.00
C ASN B 2551 -79.44 55.55 -30.90
N ARG B 2552 -79.10 54.31 -31.27
CA ARG B 2552 -78.58 53.39 -30.27
C ARG B 2552 -77.16 53.76 -29.86
N TYR B 2553 -76.39 54.29 -30.81
CA TYR B 2553 -75.00 54.68 -30.60
C TYR B 2553 -74.92 55.80 -29.58
N LEU B 2554 -75.82 56.77 -29.69
CA LEU B 2554 -75.69 57.92 -28.82
C LEU B 2554 -76.39 57.62 -27.52
N CYS B 2555 -77.67 57.23 -27.56
CA CYS B 2555 -78.44 57.06 -26.33
C CYS B 2555 -78.01 55.88 -25.47
N LEU B 2556 -77.19 54.96 -25.99
CA LEU B 2556 -76.74 53.84 -25.16
C LEU B 2556 -75.31 53.98 -24.70
N ALA B 2557 -74.48 54.72 -25.42
CA ALA B 2557 -73.08 54.87 -25.05
C ALA B 2557 -72.63 56.30 -24.81
N VAL B 2558 -73.02 57.24 -25.67
CA VAL B 2558 -72.48 58.60 -25.59
C VAL B 2558 -73.19 59.42 -24.53
N LEU B 2559 -74.52 59.54 -24.64
CA LEU B 2559 -75.27 60.38 -23.70
C LEU B 2559 -75.19 59.87 -22.26
N PRO B 2560 -75.30 58.54 -21.95
CA PRO B 2560 -74.98 58.10 -20.57
C PRO B 2560 -73.61 58.53 -20.11
N LEU B 2561 -72.61 58.50 -21.01
CA LEU B 2561 -71.25 58.89 -20.64
C LEU B 2561 -71.25 60.35 -20.20
N ILE B 2562 -71.99 61.18 -20.94
CA ILE B 2562 -72.09 62.59 -20.60
C ILE B 2562 -72.77 62.73 -19.24
N THR B 2563 -73.73 61.84 -18.95
CA THR B 2563 -74.41 61.87 -17.65
C THR B 2563 -73.45 61.55 -16.51
N LYS B 2564 -72.48 60.64 -16.73
CA LYS B 2564 -71.44 60.42 -15.71
C LYS B 2564 -70.30 61.43 -15.78
N CYS B 2565 -70.29 62.33 -16.74
CA CYS B 2565 -69.26 63.37 -16.84
C CYS B 2565 -69.82 64.78 -16.70
N ALA B 2566 -71.08 64.91 -16.34
CA ALA B 2566 -71.73 66.23 -16.20
C ALA B 2566 -71.08 67.21 -15.21
N PRO B 2567 -70.62 66.83 -13.99
CA PRO B 2567 -70.04 67.86 -13.08
C PRO B 2567 -68.87 68.64 -13.63
N LEU B 2568 -68.10 68.06 -14.55
CA LEU B 2568 -66.92 68.70 -15.10
C LEU B 2568 -67.25 69.88 -16.03
N PHE B 2569 -68.52 70.08 -16.38
CA PHE B 2569 -68.93 71.28 -17.13
C PHE B 2569 -69.14 72.50 -16.25
N ALA B 2570 -68.71 72.45 -14.99
CA ALA B 2570 -68.83 73.59 -14.09
C ALA B 2570 -67.98 74.77 -14.57
N GLY B 2571 -66.76 74.49 -15.04
CA GLY B 2571 -65.88 75.57 -15.45
C GLY B 2571 -65.53 75.57 -16.93
N THR B 2572 -66.53 75.33 -17.77
CA THR B 2572 -66.38 75.28 -19.22
C THR B 2572 -66.91 76.55 -19.88
N GLU B 2573 -66.67 77.71 -19.27
CA GLU B 2573 -67.15 78.95 -19.85
C GLU B 2573 -66.23 79.46 -20.95
N HIS B 2574 -64.95 79.09 -20.92
CA HIS B 2574 -64.03 79.47 -22.00
C HIS B 2574 -64.33 78.78 -23.32
N ARG B 2575 -65.10 77.70 -23.30
CA ARG B 2575 -65.55 77.01 -24.51
C ARG B 2575 -67.07 77.13 -24.67
N ALA B 2576 -67.55 78.36 -24.46
CA ALA B 2576 -68.98 78.65 -24.37
C ALA B 2576 -69.71 78.34 -25.67
N ILE B 2577 -69.13 78.72 -26.82
CA ILE B 2577 -69.83 78.59 -28.10
C ILE B 2577 -70.04 77.10 -28.44
N MET B 2578 -68.99 76.29 -28.28
CA MET B 2578 -69.11 74.88 -28.60
C MET B 2578 -70.01 74.15 -27.60
N VAL B 2579 -70.04 74.62 -26.33
CA VAL B 2579 -71.02 74.07 -25.39
C VAL B 2579 -72.44 74.39 -25.85
N ASP B 2580 -72.65 75.62 -26.34
CA ASP B 2580 -73.96 76.00 -26.86
C ASP B 2580 -74.36 75.15 -28.06
N SER B 2581 -73.37 74.81 -28.90
CA SER B 2581 -73.62 73.94 -30.05
C SER B 2581 -74.04 72.55 -29.59
N MET B 2582 -73.39 72.04 -28.54
CA MET B 2582 -73.73 70.72 -28.02
C MET B 2582 -75.14 70.71 -27.46
N LEU B 2583 -75.45 71.68 -26.59
CA LEU B 2583 -76.73 71.67 -25.87
C LEU B 2583 -77.89 71.87 -26.83
N HIS B 2584 -77.69 72.69 -27.87
CA HIS B 2584 -78.78 72.90 -28.82
CA HIS B 2584 -78.78 72.90 -28.82
C HIS B 2584 -78.97 71.69 -29.71
N THR B 2585 -77.87 71.07 -30.17
CA THR B 2585 -78.01 69.89 -31.02
C THR B 2585 -78.65 68.72 -30.27
N VAL B 2586 -78.25 68.50 -29.01
CA VAL B 2586 -78.90 67.43 -28.23
C VAL B 2586 -80.34 67.83 -27.90
N TYR B 2587 -80.64 69.13 -27.77
CA TYR B 2587 -82.02 69.55 -27.59
C TYR B 2587 -82.88 69.24 -28.81
N ARG B 2588 -82.34 69.43 -30.02
CA ARG B 2588 -83.02 68.98 -31.24
C ARG B 2588 -83.19 67.47 -31.27
N LEU B 2589 -82.19 66.75 -30.77
CA LEU B 2589 -82.30 65.29 -30.64
C LEU B 2589 -83.41 64.91 -29.68
N SER B 2590 -83.55 65.66 -28.58
CA SER B 2590 -84.67 65.44 -27.67
C SER B 2590 -85.98 65.71 -28.39
N ARG B 2591 -86.05 66.82 -29.12
CA ARG B 2591 -87.19 67.12 -29.96
C ARG B 2591 -86.97 66.57 -31.37
N GLY B 2592 -86.78 65.25 -31.42
CA GLY B 2592 -86.49 64.53 -32.62
C GLY B 2592 -87.59 63.53 -32.93
N ARG B 2593 -87.37 62.74 -33.98
CA ARG B 2593 -88.35 61.78 -34.44
C ARG B 2593 -87.71 60.42 -34.68
N SER B 2594 -88.55 59.38 -34.59
CA SER B 2594 -88.18 57.97 -34.77
C SER B 2594 -87.14 57.52 -33.75
N LEU B 2595 -87.27 57.99 -32.51
CA LEU B 2595 -86.49 57.49 -31.39
C LEU B 2595 -87.40 56.85 -30.36
N THR B 2596 -86.91 55.80 -29.72
CA THR B 2596 -87.70 55.04 -28.76
C THR B 2596 -87.89 55.86 -27.47
N LYS B 2597 -88.94 55.51 -26.73
CA LYS B 2597 -89.27 56.20 -25.49
C LYS B 2597 -88.16 56.06 -24.45
N ALA B 2598 -87.55 54.87 -24.35
CA ALA B 2598 -86.46 54.65 -23.42
C ALA B 2598 -85.28 55.54 -23.76
N GLN B 2599 -84.96 55.67 -25.06
CA GLN B 2599 -83.86 56.53 -25.45
C GLN B 2599 -84.22 57.99 -25.21
N ARG B 2600 -85.51 58.32 -25.33
CA ARG B 2600 -85.96 59.69 -25.12
C ARG B 2600 -85.75 60.10 -23.67
N ASP B 2601 -86.08 59.22 -22.72
CA ASP B 2601 -85.84 59.58 -21.33
C ASP B 2601 -84.37 59.51 -20.96
N VAL B 2602 -83.54 58.75 -21.70
CA VAL B 2602 -82.10 58.85 -21.50
C VAL B 2602 -81.59 60.22 -21.92
N ILE B 2603 -82.12 60.74 -23.05
CA ILE B 2603 -81.79 62.10 -23.48
C ILE B 2603 -82.25 63.12 -22.44
N GLU B 2604 -83.42 62.86 -21.84
CA GLU B 2604 -83.97 63.71 -20.79
C GLU B 2604 -83.02 63.79 -19.60
N ASP B 2605 -82.56 62.63 -19.13
CA ASP B 2605 -81.67 62.56 -17.97
C ASP B 2605 -80.34 63.25 -18.26
N CYS B 2606 -79.78 63.01 -19.45
CA CYS B 2606 -78.50 63.60 -19.83
C CYS B 2606 -78.60 65.12 -19.93
N LEU B 2607 -79.66 65.62 -20.58
CA LEU B 2607 -79.84 67.06 -20.75
C LEU B 2607 -80.10 67.73 -19.40
N MET B 2608 -80.89 67.09 -18.53
CA MET B 2608 -81.21 67.69 -17.24
C MET B 2608 -79.97 67.78 -16.36
N ALA B 2609 -79.13 66.73 -16.36
CA ALA B 2609 -77.89 66.84 -15.59
C ALA B 2609 -76.94 67.84 -16.22
N LEU B 2610 -77.03 68.04 -17.55
CA LEU B 2610 -76.21 69.03 -18.23
C LEU B 2610 -76.54 70.43 -17.73
N CYS B 2611 -77.85 70.72 -17.63
CA CYS B 2611 -78.24 72.05 -17.20
C CYS B 2611 -78.01 72.21 -15.70
N ARG B 2612 -78.09 71.11 -14.95
CA ARG B 2612 -77.84 71.19 -13.51
CA ARG B 2612 -77.84 71.19 -13.51
C ARG B 2612 -76.39 71.58 -13.25
N TYR B 2613 -75.45 71.03 -14.02
CA TYR B 2613 -74.03 71.24 -13.82
C TYR B 2613 -73.40 72.20 -14.82
N ILE B 2614 -74.21 73.02 -15.50
CA ILE B 2614 -73.69 74.06 -16.37
C ILE B 2614 -73.96 75.39 -15.68
N ARG B 2615 -73.11 76.39 -15.97
CA ARG B 2615 -73.28 77.71 -15.38
C ARG B 2615 -74.53 78.41 -15.93
N PRO B 2616 -75.17 79.29 -15.13
CA PRO B 2616 -76.43 79.92 -15.57
C PRO B 2616 -76.29 80.81 -16.80
N SER B 2617 -75.08 81.32 -17.08
CA SER B 2617 -74.88 82.22 -18.21
C SER B 2617 -75.09 81.49 -19.52
N MET B 2618 -74.85 80.18 -19.54
CA MET B 2618 -74.88 79.37 -20.75
C MET B 2618 -76.24 78.76 -21.04
N LEU B 2619 -77.32 79.35 -20.55
CA LEU B 2619 -78.66 78.97 -20.99
C LEU B 2619 -79.33 80.04 -21.83
N GLN B 2620 -78.58 81.08 -22.25
CA GLN B 2620 -79.20 82.18 -22.99
C GLN B 2620 -79.77 81.75 -24.35
N HIS B 2621 -79.05 80.93 -25.11
CA HIS B 2621 -79.56 80.47 -26.39
C HIS B 2621 -80.61 79.39 -26.19
N LEU B 2622 -80.40 78.51 -25.21
CA LEU B 2622 -81.34 77.42 -24.97
C LEU B 2622 -82.68 77.99 -24.54
N LEU B 2623 -82.66 78.94 -23.60
CA LEU B 2623 -83.88 79.61 -23.14
C LEU B 2623 -84.51 80.42 -24.27
N ARG B 2624 -83.68 80.98 -25.17
CA ARG B 2624 -84.21 81.71 -26.32
C ARG B 2624 -85.05 80.78 -27.21
N ARG B 2625 -84.56 79.55 -27.40
CA ARG B 2625 -85.36 78.52 -28.07
C ARG B 2625 -86.58 78.12 -27.24
N LEU B 2626 -86.41 78.06 -25.91
CA LEU B 2626 -87.51 77.67 -25.02
C LEU B 2626 -88.63 78.70 -25.03
N VAL B 2627 -88.34 79.96 -25.35
CA VAL B 2627 -89.38 80.99 -25.51
C VAL B 2627 -90.30 80.63 -26.69
N PHE B 2628 -89.77 79.88 -27.66
CA PHE B 2628 -90.55 79.50 -28.84
C PHE B 2628 -91.01 78.06 -28.81
N ASP B 2629 -90.60 77.29 -27.80
CA ASP B 2629 -91.00 75.89 -27.69
C ASP B 2629 -91.90 75.62 -26.49
N VAL B 2630 -91.53 76.11 -25.31
CA VAL B 2630 -92.33 75.86 -24.10
C VAL B 2630 -93.74 76.46 -24.15
N PRO B 2631 -93.96 77.72 -24.58
CA PRO B 2631 -95.35 78.24 -24.63
C PRO B 2631 -96.30 77.51 -25.56
N ILE B 2632 -95.79 76.71 -26.51
CA ILE B 2632 -96.67 75.87 -27.33
C ILE B 2632 -97.42 74.88 -26.45
N LEU B 2633 -96.77 74.38 -25.39
CA LEU B 2633 -97.35 73.49 -24.37
C LEU B 2633 -97.81 72.17 -25.00
N ASN B 2634 -96.92 71.60 -25.82
CA ASN B 2634 -97.18 70.36 -26.54
C ASN B 2634 -96.49 69.18 -25.85
N GLU B 2635 -96.53 68.02 -26.52
CA GLU B 2635 -95.87 66.82 -26.01
C GLU B 2635 -94.35 67.00 -25.94
N PHE B 2636 -93.77 67.77 -26.86
CA PHE B 2636 -92.34 68.06 -26.82
C PHE B 2636 -91.96 69.01 -25.69
N ALA B 2637 -92.93 69.62 -25.01
CA ALA B 2637 -92.69 70.55 -23.91
C ALA B 2637 -92.77 69.91 -22.53
N LYS B 2638 -92.99 68.60 -22.43
CA LYS B 2638 -93.02 67.94 -21.13
C LYS B 2638 -91.67 68.04 -20.42
N MET B 2639 -90.59 67.81 -21.15
CA MET B 2639 -89.23 67.83 -20.59
C MET B 2639 -88.73 69.28 -20.37
N PRO B 2640 -88.84 70.23 -21.33
CA PRO B 2640 -88.38 71.60 -21.03
C PRO B 2640 -89.08 72.30 -19.88
N LEU B 2641 -90.37 72.06 -19.64
CA LEU B 2641 -91.06 72.70 -18.52
C LEU B 2641 -90.44 72.31 -17.17
N LYS B 2642 -90.16 71.02 -16.98
CA LYS B 2642 -89.46 70.58 -15.78
C LYS B 2642 -88.00 71.02 -15.80
N LEU B 2643 -87.41 71.16 -16.99
CA LEU B 2643 -86.04 71.67 -17.10
C LEU B 2643 -85.98 73.12 -16.60
N LEU B 2644 -86.98 73.92 -17.00
CA LEU B 2644 -87.08 75.29 -16.55
C LEU B 2644 -87.28 75.34 -15.05
N THR B 2645 -88.07 74.38 -14.52
CA THR B 2645 -88.29 74.32 -13.08
C THR B 2645 -86.98 74.11 -12.34
N ASN B 2646 -86.15 73.17 -12.83
CA ASN B 2646 -84.86 72.91 -12.20
C ASN B 2646 -83.91 74.11 -12.30
N HIS B 2647 -83.87 74.75 -13.47
CA HIS B 2647 -82.97 75.88 -13.67
C HIS B 2647 -83.40 77.09 -12.85
N TYR B 2648 -84.69 77.41 -12.88
CA TYR B 2648 -85.15 78.61 -12.20
C TYR B 2648 -85.13 78.41 -10.69
N GLU B 2649 -85.47 77.20 -10.20
CA GLU B 2649 -85.34 76.90 -8.78
C GLU B 2649 -83.89 76.80 -8.33
N ARG B 2650 -82.95 76.76 -9.27
CA ARG B 2650 -81.53 76.69 -8.95
C ARG B 2650 -80.86 78.06 -9.03
N CYS B 2651 -81.36 78.93 -9.93
CA CYS B 2651 -80.76 80.22 -10.18
C CYS B 2651 -81.77 81.36 -10.06
N TRP B 2652 -82.75 81.23 -9.17
CA TRP B 2652 -83.81 82.23 -9.06
C TRP B 2652 -83.30 83.59 -8.58
N LYS B 2653 -82.36 83.60 -7.63
CA LYS B 2653 -81.80 84.88 -7.17
C LYS B 2653 -80.94 85.54 -8.24
N TYR B 2654 -80.37 84.75 -9.17
CA TYR B 2654 -79.49 85.28 -10.20
C TYR B 2654 -80.23 86.23 -11.12
N TYR B 2655 -81.50 85.94 -11.42
CA TYR B 2655 -82.27 86.80 -12.29
C TYR B 2655 -83.15 87.79 -11.54
N CYS B 2656 -83.38 87.58 -10.24
CA CYS B 2656 -84.32 88.41 -9.48
C CYS B 2656 -83.62 89.51 -8.69
N LEU B 2657 -82.70 89.13 -7.81
CA LEU B 2657 -82.03 90.09 -6.95
C LEU B 2657 -81.09 90.96 -7.79
N PRO B 2658 -81.09 92.29 -7.56
CA PRO B 2658 -80.14 93.19 -8.25
C PRO B 2658 -78.68 92.76 -8.15
N THR B 2659 -78.26 92.27 -6.98
CA THR B 2659 -76.91 91.76 -6.83
C THR B 2659 -76.77 90.34 -7.37
N GLY B 2660 -77.88 89.66 -7.62
CA GLY B 2660 -77.86 88.33 -8.21
C GLY B 2660 -77.54 87.24 -7.20
N TRP B 2661 -77.33 86.04 -7.74
CA TRP B 2661 -76.96 84.88 -6.94
C TRP B 2661 -75.52 85.06 -6.44
N ALA B 2662 -75.14 84.24 -5.45
CA ALA B 2662 -73.80 84.24 -4.89
C ALA B 2662 -72.73 83.95 -5.94
N ASN B 2663 -71.90 84.96 -6.23
CA ASN B 2663 -70.69 84.92 -7.08
C ASN B 2663 -70.91 84.34 -8.48
N PHE B 2664 -72.15 84.29 -8.97
CA PHE B 2664 -72.43 84.00 -10.37
C PHE B 2664 -72.70 85.26 -11.18
N GLY B 2665 -72.55 86.43 -10.58
CA GLY B 2665 -72.84 87.66 -11.28
C GLY B 2665 -74.33 87.95 -11.33
N VAL B 2666 -74.69 88.82 -12.28
CA VAL B 2666 -76.07 89.26 -12.48
C VAL B 2666 -76.40 89.02 -13.95
N THR B 2667 -77.69 88.78 -14.23
CA THR B 2667 -78.20 88.54 -15.58
C THR B 2667 -77.86 89.69 -16.54
N SER B 2668 -77.86 89.37 -17.84
CA SER B 2668 -77.49 90.33 -18.87
C SER B 2668 -78.70 91.02 -19.51
N GLU B 2669 -79.76 91.27 -18.72
CA GLU B 2669 -80.99 92.03 -19.00
C GLU B 2669 -81.75 91.57 -20.24
N GLU B 2670 -81.39 90.44 -20.83
CA GLU B 2670 -82.07 89.89 -22.00
C GLU B 2670 -83.04 88.79 -21.58
N GLU B 2671 -82.54 87.84 -20.77
CA GLU B 2671 -83.36 86.74 -20.32
C GLU B 2671 -84.48 87.19 -19.40
N LEU B 2672 -84.38 88.38 -18.80
CA LEU B 2672 -85.46 88.88 -17.95
C LEU B 2672 -86.72 89.08 -18.77
N HIS B 2673 -86.57 89.71 -19.95
CA HIS B 2673 -87.66 89.84 -20.90
C HIS B 2673 -88.06 88.50 -21.50
N LEU B 2674 -87.07 87.64 -21.80
CA LEU B 2674 -87.38 86.31 -22.32
C LEU B 2674 -88.17 85.46 -21.31
N THR B 2675 -87.79 85.56 -20.03
CA THR B 2675 -88.52 84.91 -18.95
C THR B 2675 -89.92 85.51 -18.82
N ARG B 2676 -90.05 86.82 -19.04
CA ARG B 2676 -91.37 87.47 -18.99
C ARG B 2676 -92.28 86.90 -20.08
N LYS B 2677 -91.77 86.83 -21.31
CA LYS B 2677 -92.54 86.24 -22.40
C LYS B 2677 -92.84 84.77 -22.16
N LEU B 2678 -91.94 84.04 -21.50
CA LEU B 2678 -92.25 82.68 -21.04
C LEU B 2678 -93.36 82.69 -19.99
N PHE B 2679 -93.35 83.67 -19.09
CA PHE B 2679 -94.33 83.75 -18.01
C PHE B 2679 -95.73 83.96 -18.55
N TRP B 2680 -95.91 84.95 -19.40
CA TRP B 2680 -97.28 85.17 -19.90
C TRP B 2680 -97.63 84.24 -21.04
N GLY B 2681 -96.65 83.74 -21.81
CA GLY B 2681 -96.95 82.74 -22.82
C GLY B 2681 -97.45 81.45 -22.20
N ILE B 2682 -96.78 80.98 -21.15
CA ILE B 2682 -97.22 79.79 -20.43
C ILE B 2682 -98.54 80.06 -19.70
N PHE B 2683 -98.69 81.24 -19.09
CA PHE B 2683 -99.91 81.57 -18.37
C PHE B 2683 -101.13 81.57 -19.30
N ASP B 2684 -100.98 82.14 -20.50
CA ASP B 2684 -102.06 82.13 -21.47
C ASP B 2684 -102.27 80.75 -22.08
N SER B 2685 -101.18 80.02 -22.37
CA SER B 2685 -101.30 78.68 -22.94
C SER B 2685 -102.01 77.75 -21.98
N LEU B 2686 -101.62 77.77 -20.71
CA LEU B 2686 -102.29 76.98 -19.70
C LEU B 2686 -103.71 77.48 -19.44
N ALA B 2687 -103.99 78.76 -19.72
CA ALA B 2687 -105.31 79.30 -19.48
C ALA B 2687 -106.30 78.82 -20.54
N HIS B 2688 -105.88 78.82 -21.81
CA HIS B 2688 -106.79 78.58 -22.92
C HIS B 2688 -106.69 77.18 -23.50
N LYS B 2689 -105.52 76.54 -23.42
CA LYS B 2689 -105.35 75.17 -23.87
C LYS B 2689 -106.10 74.22 -22.94
N LYS B 2690 -106.38 73.01 -23.46
CA LYS B 2690 -107.20 72.04 -22.76
C LYS B 2690 -106.58 71.60 -21.43
N TYR B 2691 -107.43 71.40 -20.43
CA TYR B 2691 -106.97 71.09 -19.08
C TYR B 2691 -106.52 69.64 -19.00
N ASP B 2692 -105.30 69.44 -18.51
CA ASP B 2692 -104.70 68.12 -18.38
C ASP B 2692 -104.32 67.91 -16.92
N GLN B 2693 -104.68 66.73 -16.38
CA GLN B 2693 -104.28 66.37 -15.02
C GLN B 2693 -102.77 66.37 -14.86
N GLU B 2694 -102.07 65.66 -15.74
CA GLU B 2694 -100.63 65.49 -15.58
C GLU B 2694 -99.85 66.77 -15.92
N LEU B 2695 -100.23 67.45 -17.00
CA LEU B 2695 -99.51 68.63 -17.47
C LEU B 2695 -99.56 69.79 -16.48
N TYR B 2696 -100.72 70.00 -15.85
CA TYR B 2696 -100.86 71.15 -14.95
C TYR B 2696 -100.01 70.98 -13.70
N ARG B 2697 -99.92 69.74 -13.20
CA ARG B 2697 -99.18 69.47 -11.97
C ARG B 2697 -97.69 69.70 -12.17
N MET B 2698 -97.14 69.30 -13.31
CA MET B 2698 -95.72 69.48 -13.56
C MET B 2698 -95.42 70.81 -14.22
N ALA B 2699 -96.44 71.59 -14.57
CA ALA B 2699 -96.21 72.92 -15.13
C ALA B 2699 -96.33 74.02 -14.08
N MET B 2700 -97.11 73.80 -13.02
CA MET B 2700 -97.20 74.79 -11.95
C MET B 2700 -95.89 75.10 -11.21
N PRO B 2701 -94.96 74.14 -10.89
CA PRO B 2701 -93.70 74.56 -10.26
C PRO B 2701 -92.88 75.44 -11.18
N CYS B 2702 -92.97 75.22 -12.50
CA CYS B 2702 -92.25 76.03 -13.47
C CYS B 2702 -92.70 77.47 -13.39
N LEU B 2703 -94.02 77.67 -13.35
CA LEU B 2703 -94.59 79.02 -13.25
C LEU B 2703 -94.17 79.69 -11.95
N CYS B 2704 -94.23 78.96 -10.83
CA CYS B 2704 -93.81 79.52 -9.55
C CYS B 2704 -92.32 79.86 -9.52
N ALA B 2705 -91.47 78.97 -10.07
CA ALA B 2705 -90.04 79.24 -10.16
C ALA B 2705 -89.72 80.42 -11.08
N ILE B 2706 -90.45 80.54 -12.20
CA ILE B 2706 -90.32 81.71 -13.07
C ILE B 2706 -90.71 82.98 -12.32
N ALA B 2707 -91.80 82.91 -11.55
CA ALA B 2707 -92.24 84.05 -10.76
C ALA B 2707 -91.20 84.44 -9.71
N GLY B 2708 -90.54 83.45 -9.12
CA GLY B 2708 -89.47 83.74 -8.17
C GLY B 2708 -88.26 84.37 -8.83
N ALA B 2709 -87.92 83.91 -10.03
CA ALA B 2709 -86.75 84.39 -10.73
C ALA B 2709 -86.94 85.76 -11.37
N LEU B 2710 -88.16 86.09 -11.78
CA LEU B 2710 -88.40 87.38 -12.40
C LEU B 2710 -88.21 88.51 -11.39
N PRO B 2711 -87.57 89.62 -11.80
CA PRO B 2711 -87.33 90.71 -10.86
C PRO B 2711 -88.63 91.40 -10.49
N PRO B 2712 -88.71 91.98 -9.27
CA PRO B 2712 -89.94 92.69 -8.88
C PRO B 2712 -90.27 93.89 -9.76
N ASP B 2713 -89.27 94.67 -10.18
CA ASP B 2713 -89.53 95.91 -10.89
C ASP B 2713 -88.57 96.13 -12.06
N TYR B 2714 -88.32 95.12 -12.87
CA TYR B 2714 -87.52 95.32 -14.06
C TYR B 2714 -88.41 95.78 -15.19
N VAL B 2715 -87.99 96.83 -15.90
CA VAL B 2715 -88.72 97.37 -17.02
C VAL B 2715 -88.08 96.83 -18.29
N ASP B 2716 -88.88 96.17 -19.13
CA ASP B 2716 -88.38 95.63 -20.39
C ASP B 2716 -87.96 96.78 -21.31
N ALA B 2717 -86.85 96.56 -22.03
CA ALA B 2717 -86.28 97.60 -22.89
C ALA B 2717 -87.24 97.99 -24.01
N SER B 2718 -87.88 97.00 -24.63
CA SER B 2718 -88.81 97.25 -25.73
C SER B 2718 -90.17 96.68 -25.36
N TYR B 2719 -91.12 97.56 -25.06
CA TYR B 2719 -92.50 97.14 -24.76
C TYR B 2719 -93.32 97.01 -26.06
N SER B 2720 -92.81 96.22 -27.00
CA SER B 2720 -93.48 95.97 -28.26
C SER B 2720 -93.43 94.48 -28.56
N SER B 2721 -94.52 93.96 -29.12
CA SER B 2721 -94.62 92.54 -29.42
C SER B 2721 -95.59 92.35 -30.58
N LYS B 2722 -95.39 91.25 -31.32
CA LYS B 2722 -96.29 90.91 -32.41
C LYS B 2722 -97.61 90.36 -31.90
N ALA B 2723 -97.56 89.56 -30.82
CA ALA B 2723 -98.71 88.92 -30.17
C ALA B 2723 -99.49 88.05 -31.15
N GLU B 2724 -98.79 87.03 -31.66
CA GLU B 2724 -99.35 86.09 -32.62
C GLU B 2724 -98.87 84.69 -32.26
N LYS B 2725 -99.09 83.75 -33.19
CA LYS B 2725 -98.72 82.33 -33.08
C LYS B 2725 -99.30 81.65 -31.83
N ASN B 2734 -92.36 74.11 -37.08
CA ASN B 2734 -91.29 74.68 -36.28
C ASN B 2734 -91.39 76.21 -36.22
N PHE B 2735 -90.24 76.88 -36.30
CA PHE B 2735 -90.20 78.34 -36.33
C PHE B 2735 -90.46 78.80 -37.76
N ASP B 2736 -91.64 79.38 -38.00
CA ASP B 2736 -92.06 79.79 -39.34
C ASP B 2736 -92.49 81.25 -39.31
N PRO B 2737 -91.54 82.18 -39.41
CA PRO B 2737 -91.89 83.61 -39.45
C PRO B 2737 -92.59 83.97 -40.76
N ARG B 2738 -93.60 84.82 -40.65
CA ARG B 2738 -94.33 85.25 -41.84
C ARG B 2738 -93.93 86.68 -42.19
N PRO B 2739 -93.32 86.90 -43.34
CA PRO B 2739 -93.00 88.26 -43.77
C PRO B 2739 -94.25 88.97 -44.31
N VAL B 2740 -94.05 90.22 -44.70
CA VAL B 2740 -95.12 91.04 -45.26
C VAL B 2740 -94.95 91.07 -46.77
N GLU B 2741 -95.97 90.63 -47.49
CA GLU B 2741 -95.93 90.62 -48.95
C GLU B 2741 -95.91 92.05 -49.50
N THR B 2742 -95.15 92.24 -50.58
CA THR B 2742 -94.94 93.57 -51.15
C THR B 2742 -95.22 93.63 -52.64
N LEU B 2743 -95.86 92.62 -53.22
CA LEU B 2743 -96.03 92.53 -54.66
C LEU B 2743 -97.37 93.07 -55.13
N ASN B 2744 -98.47 92.68 -54.47
CA ASN B 2744 -99.81 92.97 -54.94
C ASN B 2744 -100.22 94.43 -54.82
N VAL B 2745 -99.45 95.27 -54.14
CA VAL B 2745 -99.75 96.68 -54.01
C VAL B 2745 -98.65 97.47 -54.73
N ILE B 2746 -99.05 98.58 -55.37
CA ILE B 2746 -98.12 99.39 -56.14
C ILE B 2746 -97.38 100.32 -55.19
N ILE B 2747 -96.17 100.72 -55.57
CA ILE B 2747 -95.38 101.63 -54.75
C ILE B 2747 -95.94 103.05 -54.88
N PRO B 2748 -96.28 103.71 -53.78
CA PRO B 2748 -96.75 105.11 -53.86
C PRO B 2748 -95.61 106.03 -54.26
N GLU B 2749 -95.67 106.53 -55.49
CA GLU B 2749 -94.62 107.36 -56.07
C GLU B 2749 -94.88 108.85 -55.91
N LYS B 2750 -95.85 109.22 -55.06
CA LYS B 2750 -96.10 110.64 -54.78
C LYS B 2750 -94.90 111.31 -54.14
N LEU B 2751 -94.10 110.57 -53.38
CA LEU B 2751 -92.86 111.06 -52.78
C LEU B 2751 -91.62 110.58 -53.53
N ASP B 2752 -91.72 110.51 -54.88
CA ASP B 2752 -90.61 110.09 -55.73
C ASP B 2752 -89.39 110.99 -55.59
N SER B 2753 -89.61 112.23 -55.14
CA SER B 2753 -88.53 113.17 -54.82
C SER B 2753 -87.62 112.62 -53.72
N PHE B 2754 -88.15 111.74 -52.87
CA PHE B 2754 -87.37 111.07 -51.84
C PHE B 2754 -86.98 109.66 -52.27
N ILE B 2755 -87.84 108.97 -53.03
CA ILE B 2755 -87.53 107.60 -53.45
C ILE B 2755 -86.27 107.58 -54.33
N ASN B 2756 -86.18 108.49 -55.30
CA ASN B 2756 -84.97 108.56 -56.12
C ASN B 2756 -83.78 109.08 -55.31
N LYS B 2757 -84.01 110.07 -54.44
CA LYS B 2757 -82.93 110.65 -53.63
C LYS B 2757 -82.28 109.60 -52.74
N PHE B 2758 -83.10 108.76 -52.09
CA PHE B 2758 -82.56 107.71 -51.26
C PHE B 2758 -82.00 106.57 -52.09
N ALA B 2759 -82.42 106.46 -53.37
CA ALA B 2759 -81.96 105.37 -54.22
C ALA B 2759 -80.46 105.50 -54.46
N GLU B 2760 -79.99 106.72 -54.74
CA GLU B 2760 -78.55 106.86 -54.94
C GLU B 2760 -77.86 107.12 -53.60
N TYR B 2761 -78.55 107.73 -52.62
CA TYR B 2761 -77.85 108.02 -51.38
C TYR B 2761 -77.55 106.80 -50.53
N THR B 2762 -78.22 105.65 -50.76
CA THR B 2762 -77.79 104.43 -50.06
C THR B 2762 -76.39 104.01 -50.48
N HIS B 2763 -76.08 104.10 -51.77
CA HIS B 2763 -74.74 103.81 -52.26
C HIS B 2763 -73.78 104.94 -51.92
N GLU B 2764 -74.24 106.19 -51.93
CA GLU B 2764 -73.38 107.30 -51.54
C GLU B 2764 -72.96 107.21 -50.07
N LYS B 2765 -73.89 106.83 -49.19
CA LYS B 2765 -73.53 106.55 -47.80
C LYS B 2765 -72.67 105.30 -47.68
N TRP B 2766 -72.89 104.31 -48.56
CA TRP B 2766 -71.99 103.15 -48.59
C TRP B 2766 -70.58 103.58 -48.97
N ALA B 2767 -70.45 104.54 -49.90
CA ALA B 2767 -69.17 105.13 -50.25
C ALA B 2767 -68.56 105.88 -49.06
N PHE B 2768 -69.41 106.52 -48.24
CA PHE B 2768 -68.94 107.14 -47.00
C PHE B 2768 -68.37 106.09 -46.05
N ASP B 2769 -69.03 104.94 -45.94
CA ASP B 2769 -68.51 103.84 -45.13
C ASP B 2769 -67.19 103.32 -45.68
N LYS B 2770 -67.08 103.23 -47.02
CA LYS B 2770 -65.85 102.74 -47.63
C LYS B 2770 -64.71 103.74 -47.40
N ILE B 2771 -64.97 105.03 -47.58
CA ILE B 2771 -63.89 106.01 -47.43
C ILE B 2771 -63.51 106.15 -45.96
N GLN B 2772 -64.41 105.83 -45.03
CA GLN B 2772 -64.08 105.84 -43.61
C GLN B 2772 -63.56 104.49 -43.13
N ASN B 2773 -63.43 103.52 -44.04
CA ASN B 2773 -62.94 102.19 -43.72
C ASN B 2773 -61.42 102.06 -43.93
N ASN B 2774 -60.69 103.16 -43.74
CA ASN B 2774 -59.23 103.34 -43.79
C ASN B 2774 -58.63 103.22 -45.19
N TRP B 2775 -59.42 102.92 -46.21
CA TRP B 2775 -58.91 102.80 -47.58
C TRP B 2775 -59.73 103.69 -48.49
N SER B 2776 -59.03 104.37 -49.41
CA SER B 2776 -59.69 105.24 -50.37
C SER B 2776 -60.25 104.41 -51.52
N TYR B 2777 -60.73 105.07 -52.57
CA TYR B 2777 -61.34 104.37 -53.67
C TYR B 2777 -60.34 104.10 -54.79
N GLY B 2778 -60.65 103.08 -55.59
CA GLY B 2778 -59.83 102.72 -56.72
C GLY B 2778 -60.67 102.60 -57.97
N GLU B 2779 -60.01 102.76 -59.11
CA GLU B 2779 -60.70 102.71 -60.40
C GLU B 2779 -60.70 101.33 -61.04
N ASN B 2780 -59.98 100.37 -60.48
CA ASN B 2780 -59.97 98.99 -60.97
C ASN B 2780 -60.93 98.14 -60.15
N VAL B 2781 -61.75 97.35 -60.82
CA VAL B 2781 -62.79 96.54 -60.18
C VAL B 2781 -62.15 95.19 -59.84
N ASP B 2782 -61.59 95.09 -58.64
CA ASP B 2782 -60.98 93.85 -58.16
C ASP B 2782 -60.93 93.88 -56.64
N GLU B 2783 -60.65 92.73 -56.05
CA GLU B 2783 -60.69 92.56 -54.61
C GLU B 2783 -59.43 93.05 -53.89
N GLU B 2784 -58.43 93.55 -54.62
CA GLU B 2784 -57.19 94.03 -53.99
C GLU B 2784 -57.41 95.23 -53.08
N LEU B 2785 -58.50 95.96 -53.25
CA LEU B 2785 -58.83 97.13 -52.45
C LEU B 2785 -59.53 96.77 -51.14
N LYS B 2786 -59.88 95.48 -50.95
CA LYS B 2786 -60.56 94.89 -49.77
C LYS B 2786 -61.81 95.68 -49.31
N THR B 2787 -62.42 96.42 -50.23
CA THR B 2787 -63.67 97.15 -50.03
C THR B 2787 -64.49 96.98 -51.30
N HIS B 2788 -65.53 97.79 -51.47
CA HIS B 2788 -66.37 97.76 -52.65
C HIS B 2788 -65.59 98.21 -53.89
N PRO B 2789 -65.33 97.32 -54.85
CA PRO B 2789 -64.40 97.68 -55.94
C PRO B 2789 -64.99 98.63 -56.97
N MET B 2790 -66.23 98.41 -57.39
CA MET B 2790 -66.77 99.05 -58.59
C MET B 2790 -67.37 100.44 -58.35
N LEU B 2791 -67.07 101.07 -57.21
CA LEU B 2791 -67.52 102.43 -57.03
C LEU B 2791 -66.52 103.38 -57.68
N ARG B 2792 -67.02 104.29 -58.50
CA ARG B 2792 -66.26 105.22 -59.30
C ARG B 2792 -66.77 106.62 -59.01
N PRO B 2793 -65.99 107.68 -59.29
CA PRO B 2793 -66.49 109.04 -59.05
C PRO B 2793 -67.76 109.36 -59.84
N TYR B 2794 -68.64 110.12 -59.19
CA TYR B 2794 -69.97 110.44 -59.70
C TYR B 2794 -69.97 111.25 -61.00
N LYS B 2795 -68.83 111.85 -61.35
CA LYS B 2795 -68.74 112.59 -62.62
C LYS B 2795 -68.93 111.66 -63.82
N THR B 2796 -68.35 110.47 -63.76
CA THR B 2796 -68.43 109.50 -64.86
C THR B 2796 -68.87 108.13 -64.37
N PHE B 2797 -69.70 108.08 -63.33
CA PHE B 2797 -70.23 106.81 -62.82
C PHE B 2797 -71.55 106.52 -63.54
N SER B 2798 -71.54 105.45 -64.33
CA SER B 2798 -72.70 105.08 -65.13
C SER B 2798 -73.89 104.72 -64.26
N GLU B 2799 -75.09 105.11 -64.71
CA GLU B 2799 -76.33 104.83 -63.99
C GLU B 2799 -77.03 103.57 -64.47
N LYS B 2800 -76.30 102.66 -65.13
CA LYS B 2800 -76.86 101.37 -65.50
C LYS B 2800 -77.20 100.55 -64.26
N ASP B 2801 -76.33 100.56 -63.25
CA ASP B 2801 -76.55 99.82 -62.01
C ASP B 2801 -77.43 100.56 -61.00
N LYS B 2802 -77.52 101.89 -61.07
CA LYS B 2802 -78.32 102.66 -60.12
C LYS B 2802 -79.82 102.39 -60.25
N GLU B 2803 -80.27 101.95 -61.44
CA GLU B 2803 -81.65 101.52 -61.61
C GLU B 2803 -81.93 100.13 -61.04
N ILE B 2804 -80.91 99.31 -60.79
CA ILE B 2804 -81.10 97.98 -60.24
C ILE B 2804 -80.53 97.85 -58.83
N TYR B 2805 -79.88 98.89 -58.31
CA TYR B 2805 -79.44 98.92 -56.93
C TYR B 2805 -80.56 99.33 -55.98
N ARG B 2806 -81.68 99.78 -56.51
CA ARG B 2806 -82.76 100.31 -55.67
C ARG B 2806 -83.83 99.29 -55.34
N TRP B 2807 -83.63 98.03 -55.72
CA TRP B 2807 -84.58 96.96 -55.36
C TRP B 2807 -84.75 96.80 -53.84
N PRO B 2808 -83.68 96.67 -53.00
CA PRO B 2808 -83.92 96.68 -51.54
C PRO B 2808 -84.54 97.97 -51.05
N ILE B 2809 -84.20 99.11 -51.66
CA ILE B 2809 -84.82 100.38 -51.31
C ILE B 2809 -86.30 100.37 -51.64
N LYS B 2810 -86.66 99.87 -52.83
CA LYS B 2810 -88.07 99.80 -53.23
C LYS B 2810 -88.87 98.89 -52.31
N GLU B 2811 -88.29 97.74 -51.92
CA GLU B 2811 -88.93 96.87 -50.95
C GLU B 2811 -89.05 97.53 -49.58
N SER B 2812 -88.01 98.27 -49.16
CA SER B 2812 -88.04 98.95 -47.86
C SER B 2812 -89.13 100.01 -47.81
N LEU B 2813 -89.24 100.82 -48.86
CA LEU B 2813 -90.27 101.85 -48.91
C LEU B 2813 -91.67 101.24 -48.99
N LYS B 2814 -91.79 100.10 -49.68
CA LYS B 2814 -93.05 99.38 -49.70
C LYS B 2814 -93.38 98.86 -48.32
N ALA B 2815 -92.38 98.34 -47.60
CA ALA B 2815 -92.62 97.79 -46.27
C ALA B 2815 -93.04 98.88 -45.29
N MET B 2816 -92.36 100.04 -45.34
CA MET B 2816 -92.71 101.13 -44.43
C MET B 2816 -94.03 101.81 -44.77
N ILE B 2817 -94.61 101.52 -45.93
CA ILE B 2817 -95.89 102.16 -46.28
C ILE B 2817 -97.03 101.15 -46.41
N ALA B 2818 -96.74 99.84 -46.43
CA ALA B 2818 -97.78 98.84 -46.61
C ALA B 2818 -98.56 98.52 -45.35
N TRP B 2819 -98.05 98.86 -44.16
CA TRP B 2819 -98.76 98.55 -42.92
C TRP B 2819 -99.73 99.67 -42.51
N GLU B 2820 -100.54 100.15 -43.46
CA GLU B 2820 -101.46 101.29 -43.29
C GLU B 2820 -100.74 102.48 -42.63
N TRP B 2821 -99.55 102.79 -43.13
CA TRP B 2821 -98.65 103.79 -42.55
C TRP B 2821 -98.31 104.81 -43.63
N THR B 2822 -99.13 105.85 -43.72
CA THR B 2822 -98.93 106.89 -44.72
C THR B 2822 -97.81 107.84 -44.31
N ILE B 2823 -97.16 108.41 -45.32
CA ILE B 2823 -96.07 109.35 -45.14
C ILE B 2823 -96.36 110.57 -46.01
N GLU B 2824 -96.15 111.76 -45.46
CA GLU B 2824 -96.50 112.99 -46.14
C GLU B 2824 -95.33 113.98 -46.08
N LYS B 2825 -95.30 114.89 -47.05
CA LYS B 2825 -94.24 115.89 -47.16
C LYS B 2825 -94.36 116.91 -46.03
N ALA B 2826 -93.36 116.94 -45.15
CA ALA B 2826 -93.31 117.99 -44.14
C ALA B 2826 -92.82 119.30 -44.73
N ARG B 2827 -91.89 119.23 -45.68
CA ARG B 2827 -91.33 120.39 -46.35
C ARG B 2827 -91.92 120.51 -47.77
N GLU B 2828 -91.52 121.56 -48.48
CA GLU B 2828 -91.95 121.81 -49.86
C GLU B 2828 -90.70 122.13 -50.67
N GLY B 2829 -90.13 121.11 -51.31
CA GLY B 2829 -88.94 121.31 -52.11
C GLY B 2829 -88.55 120.02 -52.80
N GLU B 2830 -87.54 120.15 -53.67
CA GLU B 2830 -86.98 119.06 -54.49
C GLU B 2830 -88.03 118.32 -55.32
N TYR B 2855 -65.75 113.51 -55.80
CA TYR B 2855 -66.57 112.40 -55.33
C TYR B 2855 -66.49 112.29 -53.81
N ASN B 2856 -67.24 113.13 -53.13
CA ASN B 2856 -67.23 113.10 -51.67
C ASN B 2856 -68.66 113.20 -51.13
N PRO B 2857 -69.08 112.24 -50.32
CA PRO B 2857 -70.40 112.32 -49.70
C PRO B 2857 -70.45 113.33 -48.57
N GLN B 2858 -70.68 114.60 -48.94
CA GLN B 2858 -70.66 115.71 -47.98
C GLN B 2858 -71.67 115.60 -46.83
N PRO B 2859 -72.97 115.32 -47.02
CA PRO B 2859 -73.90 115.36 -45.87
C PRO B 2859 -73.71 114.15 -44.98
N PRO B 2860 -73.52 114.35 -43.67
CA PRO B 2860 -73.46 113.20 -42.76
C PRO B 2860 -74.85 112.81 -42.27
N ASP B 2861 -75.23 111.55 -42.50
CA ASP B 2861 -76.56 111.04 -42.18
C ASP B 2861 -76.38 109.81 -41.28
N LEU B 2862 -76.46 110.01 -39.98
CA LEU B 2862 -76.28 108.96 -38.98
C LEU B 2862 -77.54 108.86 -38.12
N SER B 2863 -77.49 107.96 -37.14
CA SER B 2863 -78.60 107.72 -36.22
C SER B 2863 -78.08 107.63 -34.78
N GLY B 2864 -77.21 108.57 -34.41
CA GLY B 2864 -76.59 108.52 -33.10
C GLY B 2864 -77.43 109.03 -31.95
N VAL B 2865 -78.50 109.75 -32.24
CA VAL B 2865 -79.33 110.33 -31.19
C VAL B 2865 -80.58 109.47 -31.00
N THR B 2866 -81.29 109.68 -29.89
CA THR B 2866 -82.53 108.97 -29.63
C THR B 2866 -83.67 109.52 -30.47
N LEU B 2867 -84.86 108.97 -30.25
CA LEU B 2867 -86.05 109.35 -31.01
C LEU B 2867 -87.29 108.98 -30.20
N SER B 2868 -88.42 109.57 -30.59
CA SER B 2868 -89.71 109.39 -29.91
C SER B 2868 -90.09 107.91 -29.87
N ARG B 2869 -90.66 107.48 -28.74
CA ARG B 2869 -90.84 106.06 -28.46
C ARG B 2869 -91.76 105.35 -29.46
N GLU B 2870 -92.88 105.98 -29.83
CA GLU B 2870 -93.80 105.37 -30.79
CA GLU B 2870 -93.80 105.38 -30.79
C GLU B 2870 -93.16 105.23 -32.16
N LEU B 2871 -92.39 106.22 -32.61
CA LEU B 2871 -91.80 106.14 -33.93
C LEU B 2871 -90.53 105.28 -33.94
N GLN B 2872 -89.83 105.17 -32.81
CA GLN B 2872 -88.69 104.25 -32.79
C GLN B 2872 -89.18 102.80 -32.73
N ALA B 2873 -90.27 102.51 -32.00
CA ALA B 2873 -90.86 101.18 -32.11
C ALA B 2873 -91.53 100.95 -33.47
N MET B 2874 -91.94 102.03 -34.15
CA MET B 2874 -92.41 101.93 -35.53
C MET B 2874 -91.28 101.43 -36.43
N ALA B 2875 -90.07 101.96 -36.23
CA ALA B 2875 -88.95 101.45 -36.99
C ALA B 2875 -88.51 100.08 -36.48
N GLU B 2876 -88.75 99.77 -35.20
CA GLU B 2876 -88.47 98.43 -34.70
C GLU B 2876 -89.32 97.40 -35.41
N GLN B 2877 -90.56 97.76 -35.75
CA GLN B 2877 -91.41 96.87 -36.53
C GLN B 2877 -90.96 96.83 -37.98
N LEU B 2878 -90.49 97.96 -38.53
CA LEU B 2878 -89.93 97.97 -39.88
C LEU B 2878 -88.70 97.09 -40.00
N ALA B 2879 -87.79 97.17 -39.04
CA ALA B 2879 -86.64 96.28 -38.99
C ALA B 2879 -87.05 94.83 -38.73
N GLU B 2880 -88.13 94.60 -37.98
CA GLU B 2880 -88.66 93.25 -37.84
C GLU B 2880 -89.18 92.71 -39.17
N ASN B 2881 -89.86 93.55 -39.95
CA ASN B 2881 -90.25 93.17 -41.31
C ASN B 2881 -89.05 93.02 -42.23
N TYR B 2882 -87.92 93.66 -41.90
CA TYR B 2882 -86.70 93.41 -42.66
C TYR B 2882 -86.15 92.04 -42.31
N HIS B 2883 -86.09 91.75 -41.00
CA HIS B 2883 -85.44 90.55 -40.50
C HIS B 2883 -86.22 89.30 -40.84
N ASN B 2884 -87.56 89.36 -40.79
CA ASN B 2884 -88.33 88.17 -41.18
C ASN B 2884 -88.23 87.88 -42.68
N THR B 2885 -88.03 88.91 -43.51
CA THR B 2885 -87.71 88.67 -44.93
C THR B 2885 -86.34 88.02 -45.11
N TRP B 2886 -85.34 88.47 -44.34
CA TRP B 2886 -84.05 87.74 -44.30
C TRP B 2886 -84.22 86.31 -43.79
N GLY B 2887 -85.03 86.11 -42.76
CA GLY B 2887 -85.24 84.77 -42.23
C GLY B 2887 -85.98 83.87 -43.21
N ARG B 2888 -86.94 84.43 -43.94
CA ARG B 2888 -87.75 83.67 -44.89
C ARG B 2888 -86.89 83.23 -46.06
N LYS B 2889 -86.11 84.16 -46.63
CA LYS B 2889 -85.33 83.80 -47.80
C LYS B 2889 -84.13 82.93 -47.40
N LYS B 2890 -83.59 83.10 -46.19
CA LYS B 2890 -82.49 82.23 -45.79
C LYS B 2890 -83.00 80.82 -45.47
N LYS B 2891 -84.17 80.71 -44.81
CA LYS B 2891 -84.71 79.40 -44.48
C LYS B 2891 -85.17 78.66 -45.72
N GLN B 2892 -85.50 79.37 -46.81
CA GLN B 2892 -85.92 78.69 -48.03
C GLN B 2892 -84.73 77.95 -48.64
N GLU B 2893 -83.59 78.64 -48.76
CA GLU B 2893 -82.40 78.04 -49.33
C GLU B 2893 -81.72 77.10 -48.35
N LEU B 2894 -82.07 77.16 -47.07
CA LEU B 2894 -81.47 76.32 -46.04
C LEU B 2894 -82.27 75.06 -45.74
N GLU B 2895 -83.58 75.04 -46.04
CA GLU B 2895 -84.42 73.87 -45.74
C GLU B 2895 -84.31 72.74 -46.77
N ALA B 2896 -83.25 72.73 -47.61
CA ALA B 2896 -83.06 71.66 -48.58
C ALA B 2896 -82.84 70.29 -47.91
N LYS B 2897 -82.34 70.28 -46.67
CA LYS B 2897 -82.16 69.03 -45.95
C LYS B 2897 -83.37 68.67 -45.08
N GLY B 2898 -84.27 69.62 -44.84
CA GLY B 2898 -85.49 69.35 -44.10
C GLY B 2898 -85.32 69.16 -42.61
N GLY B 2899 -84.23 69.65 -42.02
CA GLY B 2899 -84.01 69.50 -40.60
C GLY B 2899 -83.06 70.55 -40.07
N GLY B 2900 -83.24 70.88 -38.80
CA GLY B 2900 -82.36 71.83 -38.14
C GLY B 2900 -82.83 73.27 -38.33
N THR B 2901 -82.29 74.14 -37.47
CA THR B 2901 -82.60 75.56 -37.52
C THR B 2901 -81.32 76.35 -37.26
N HIS B 2902 -81.26 77.54 -37.85
CA HIS B 2902 -80.09 78.39 -37.66
C HIS B 2902 -80.15 79.03 -36.28
N PRO B 2903 -79.00 79.22 -35.62
CA PRO B 2903 -79.01 79.89 -34.30
C PRO B 2903 -79.56 81.31 -34.31
N LEU B 2904 -79.40 82.04 -35.41
CA LEU B 2904 -79.94 83.39 -35.52
C LEU B 2904 -81.40 83.43 -35.94
N LEU B 2905 -82.02 82.27 -36.20
CA LEU B 2905 -83.40 82.22 -36.68
C LEU B 2905 -84.40 82.55 -35.58
N VAL B 2906 -84.38 83.81 -35.12
CA VAL B 2906 -85.40 84.36 -34.22
C VAL B 2906 -85.74 85.76 -34.66
N PRO B 2907 -86.98 86.20 -34.42
CA PRO B 2907 -87.40 87.55 -34.84
C PRO B 2907 -86.61 88.64 -34.13
N TYR B 2908 -86.82 89.87 -34.64
CA TYR B 2908 -86.02 91.04 -34.26
C TYR B 2908 -86.17 91.38 -32.77
N ASP B 2909 -87.39 91.33 -32.24
CA ASP B 2909 -87.62 91.70 -30.85
C ASP B 2909 -86.94 90.76 -29.87
N THR B 2910 -86.99 89.45 -30.13
CA THR B 2910 -86.47 88.48 -29.16
C THR B 2910 -84.94 88.45 -29.14
N LEU B 2911 -84.30 88.65 -30.29
CA LEU B 2911 -82.85 88.60 -30.39
C LEU B 2911 -82.18 89.79 -29.69
N THR B 2912 -80.98 89.54 -29.16
CA THR B 2912 -80.24 90.49 -28.32
C THR B 2912 -79.73 91.66 -29.17
N ALA B 2913 -79.33 92.75 -28.51
CA ALA B 2913 -78.89 93.97 -29.19
C ALA B 2913 -77.64 93.76 -30.06
N LYS B 2914 -76.76 92.83 -29.66
CA LYS B 2914 -75.54 92.56 -30.42
C LYS B 2914 -75.86 92.04 -31.81
N GLU B 2915 -76.85 91.15 -31.92
CA GLU B 2915 -77.32 90.71 -33.22
C GLU B 2915 -78.46 91.59 -33.74
N LYS B 2916 -78.84 92.62 -33.00
CA LYS B 2916 -79.88 93.55 -33.44
C LYS B 2916 -79.29 94.77 -34.12
N ALA B 2917 -77.96 94.90 -34.11
CA ALA B 2917 -77.31 96.13 -34.55
C ALA B 2917 -77.55 96.42 -36.04
N ARG B 2918 -77.50 95.39 -36.89
CA ARG B 2918 -77.66 95.57 -38.34
C ARG B 2918 -79.07 96.08 -38.71
N ASP B 2919 -80.10 95.44 -38.15
CA ASP B 2919 -81.46 95.82 -38.50
C ASP B 2919 -81.84 97.13 -37.81
N ARG B 2920 -81.40 97.29 -36.56
CA ARG B 2920 -81.72 98.50 -35.80
C ARG B 2920 -81.10 99.70 -36.48
N GLU B 2921 -79.85 99.57 -36.93
CA GLU B 2921 -79.17 100.68 -37.59
C GLU B 2921 -79.85 100.98 -38.93
N LYS B 2922 -80.22 99.93 -39.69
CA LYS B 2922 -80.81 100.15 -41.01
C LYS B 2922 -82.14 100.90 -40.91
N ALA B 2923 -82.98 100.49 -39.96
CA ALA B 2923 -84.27 101.14 -39.75
C ALA B 2923 -84.11 102.52 -39.14
N GLN B 2924 -83.20 102.67 -38.18
CA GLN B 2924 -83.05 103.95 -37.50
C GLN B 2924 -82.42 104.98 -38.42
N GLU B 2925 -81.38 104.59 -39.17
CA GLU B 2925 -80.74 105.49 -40.11
C GLU B 2925 -81.71 105.90 -41.21
N LEU B 2926 -82.56 104.97 -41.70
CA LEU B 2926 -83.61 105.35 -42.63
C LEU B 2926 -84.61 106.33 -42.01
N LEU B 2927 -84.99 106.09 -40.74
CA LEU B 2927 -85.89 107.00 -40.04
C LEU B 2927 -85.28 108.38 -39.81
N LYS B 2928 -83.99 108.43 -39.46
CA LYS B 2928 -83.29 109.70 -39.35
C LYS B 2928 -83.18 110.40 -40.70
N PHE B 2929 -82.94 109.63 -41.77
CA PHE B 2929 -82.97 110.18 -43.14
C PHE B 2929 -84.33 110.78 -43.47
N LEU B 2930 -85.40 110.22 -42.89
CA LEU B 2930 -86.72 110.82 -43.04
C LEU B 2930 -86.83 112.08 -42.20
N GLN B 2931 -86.19 112.09 -41.03
CA GLN B 2931 -86.26 113.25 -40.15
C GLN B 2931 -85.56 114.45 -40.79
N MET B 2932 -84.32 114.24 -41.25
CA MET B 2932 -83.54 115.35 -41.81
C MET B 2932 -84.11 115.79 -43.15
N ASN B 2933 -84.72 114.87 -43.91
CA ASN B 2933 -85.31 115.28 -45.18
C ASN B 2933 -86.76 115.72 -45.03
N GLY B 2934 -87.32 115.68 -43.83
CA GLY B 2934 -88.66 116.18 -43.60
C GLY B 2934 -89.75 115.18 -43.91
N TYR B 2935 -89.70 114.02 -43.27
CA TYR B 2935 -90.69 112.97 -43.46
C TYR B 2935 -91.00 112.31 -42.14
N ALA B 2936 -92.29 112.18 -41.83
CA ALA B 2936 -92.74 111.55 -40.59
C ALA B 2936 -93.78 110.48 -40.92
N VAL B 2937 -93.61 109.29 -40.37
CA VAL B 2937 -94.51 108.17 -40.61
C VAL B 2937 -95.35 107.98 -39.36
N THR B 2938 -96.66 108.20 -39.49
CA THR B 2938 -97.60 108.06 -38.38
C THR B 2938 -98.80 107.26 -38.85
N ARG B 2939 -99.24 106.30 -38.04
CA ARG B 2939 -100.38 105.46 -38.37
C ARG B 2939 -101.69 106.25 -38.31
N LEU B 2946 -101.07 101.78 -24.96
CA LEU B 2946 -100.96 103.15 -25.42
C LEU B 2946 -100.32 104.01 -24.33
N ASP B 2947 -99.18 104.61 -24.69
CA ASP B 2947 -98.38 105.48 -23.83
C ASP B 2947 -98.01 104.80 -22.51
N THR B 2948 -97.37 103.64 -22.65
CA THR B 2948 -96.96 102.87 -21.49
C THR B 2948 -95.62 103.39 -20.97
N SER B 2949 -95.52 103.52 -19.66
CA SER B 2949 -94.33 104.03 -19.00
C SER B 2949 -93.73 102.96 -18.09
N SER B 2950 -92.69 103.37 -17.33
CA SER B 2950 -91.97 102.45 -16.47
C SER B 2950 -92.85 101.88 -15.36
N ILE B 2951 -93.89 102.63 -14.96
CA ILE B 2951 -94.77 102.18 -13.89
C ILE B 2951 -95.50 100.90 -14.33
N GLU B 2952 -96.06 100.94 -15.54
CA GLU B 2952 -96.82 99.82 -16.08
C GLU B 2952 -95.92 98.70 -16.57
N LYS B 2953 -94.70 99.01 -17.03
CA LYS B 2953 -93.82 97.97 -17.58
C LYS B 2953 -93.24 97.03 -16.51
N ARG B 2954 -93.42 97.33 -15.23
CA ARG B 2954 -92.93 96.48 -14.16
C ARG B 2954 -93.61 95.11 -14.17
N PHE B 2955 -92.88 94.10 -13.68
CA PHE B 2955 -93.42 92.76 -13.51
C PHE B 2955 -94.58 92.73 -12.54
N ALA B 2956 -94.40 93.32 -11.36
CA ALA B 2956 -95.44 93.29 -10.32
C ALA B 2956 -96.70 94.01 -10.77
N PHE B 2957 -96.54 95.17 -11.43
CA PHE B 2957 -97.68 95.91 -11.95
C PHE B 2957 -98.43 95.13 -13.02
N GLY B 2958 -97.70 94.48 -13.94
CA GLY B 2958 -98.36 93.64 -14.91
C GLY B 2958 -99.00 92.44 -14.26
N PHE B 2959 -98.34 91.89 -13.23
CA PHE B 2959 -98.82 90.72 -12.51
C PHE B 2959 -100.20 90.97 -11.96
N LEU B 2960 -100.35 92.08 -11.24
CA LEU B 2960 -101.60 92.30 -10.52
C LEU B 2960 -102.67 92.85 -11.45
N GLN B 2961 -102.28 93.58 -12.52
CA GLN B 2961 -103.30 94.11 -13.43
C GLN B 2961 -104.03 92.97 -14.14
N GLN B 2962 -103.27 91.97 -14.61
CA GLN B 2962 -103.89 90.79 -15.20
C GLN B 2962 -104.56 89.91 -14.15
N LEU B 2963 -104.11 89.93 -12.89
CA LEU B 2963 -104.89 89.25 -11.86
C LEU B 2963 -106.25 89.91 -11.65
N LEU B 2964 -106.31 91.24 -11.68
CA LEU B 2964 -107.60 91.93 -11.63
C LEU B 2964 -108.47 91.62 -12.86
N ARG B 2965 -107.84 91.57 -14.04
CA ARG B 2965 -108.52 91.14 -15.26
C ARG B 2965 -109.00 89.70 -15.17
N TRP B 2966 -108.36 88.88 -14.36
CA TRP B 2966 -108.86 87.54 -14.09
C TRP B 2966 -109.85 87.52 -12.93
N MET B 2967 -109.78 88.51 -12.04
CA MET B 2967 -110.69 88.61 -10.90
C MET B 2967 -112.11 88.91 -11.37
N ASP B 2968 -112.26 89.81 -12.35
CA ASP B 2968 -113.60 90.04 -12.89
C ASP B 2968 -114.17 88.78 -13.54
N ILE B 2969 -113.29 87.95 -14.13
CA ILE B 2969 -113.69 86.63 -14.59
C ILE B 2969 -113.99 85.71 -13.40
N SER B 2970 -113.29 85.90 -12.26
CA SER B 2970 -113.52 85.08 -11.07
C SER B 2970 -114.90 85.32 -10.47
N GLN B 2971 -115.50 86.47 -10.74
CA GLN B 2971 -116.89 86.67 -10.30
C GLN B 2971 -117.85 85.74 -11.04
N GLU B 2972 -117.46 85.25 -12.22
CA GLU B 2972 -118.37 84.50 -13.06
C GLU B 2972 -118.63 83.10 -12.50
N PHE B 2973 -117.58 82.39 -12.06
CA PHE B 2973 -117.83 81.02 -11.67
C PHE B 2973 -118.53 80.97 -10.32
N ILE B 2974 -118.21 81.90 -9.41
CA ILE B 2974 -118.93 81.95 -8.14
C ILE B 2974 -120.41 82.24 -8.37
N ALA B 2975 -120.74 83.21 -9.27
CA ALA B 2975 -122.15 83.46 -9.58
C ALA B 2975 -122.82 82.28 -10.28
N HIS B 2976 -122.11 81.62 -11.19
CA HIS B 2976 -122.68 80.49 -11.92
C HIS B 2976 -122.92 79.29 -11.01
N LEU B 2977 -121.93 78.92 -10.20
CA LEU B 2977 -122.09 77.76 -9.34
C LEU B 2977 -123.07 78.02 -8.19
N GLU B 2978 -123.17 79.28 -7.69
CA GLU B 2978 -124.25 79.58 -6.75
C GLU B 2978 -125.62 79.43 -7.41
N ALA B 2979 -125.74 79.87 -8.68
CA ALA B 2979 -127.01 79.75 -9.37
C ALA B 2979 -127.39 78.29 -9.58
N VAL B 2980 -126.41 77.45 -9.95
CA VAL B 2980 -126.72 76.06 -10.27
C VAL B 2980 -126.89 75.23 -9.00
N VAL B 2981 -126.38 75.69 -7.85
CA VAL B 2981 -126.59 74.90 -6.65
C VAL B 2981 -127.91 75.34 -6.02
N SER B 2982 -128.30 76.61 -6.21
CA SER B 2982 -129.57 77.08 -5.66
C SER B 2982 -130.75 76.49 -6.42
N SER B 2983 -130.70 76.50 -7.75
CA SER B 2983 -131.79 75.93 -8.54
C SER B 2983 -131.30 75.56 -9.93
N GLY B 2984 -132.03 74.65 -10.58
CA GLY B 2984 -131.64 74.21 -11.91
C GLY B 2984 -130.30 73.51 -11.95
N ARG B 2985 -130.18 72.35 -11.31
CA ARG B 2985 -128.92 71.62 -11.20
C ARG B 2985 -128.44 71.15 -12.56
N VAL B 2986 -127.32 71.72 -13.03
CA VAL B 2986 -126.70 71.33 -14.28
C VAL B 2986 -125.20 71.18 -14.02
N GLU B 2987 -124.63 70.09 -14.56
CA GLU B 2987 -123.21 69.82 -14.44
C GLU B 2987 -122.49 69.99 -15.77
N LYS B 2988 -123.06 70.78 -16.69
CA LYS B 2988 -122.43 71.02 -17.98
C LYS B 2988 -121.10 71.75 -17.81
N SER B 2989 -121.07 72.77 -16.94
CA SER B 2989 -119.91 73.63 -16.63
C SER B 2989 -119.29 74.22 -17.89
N PRO B 2990 -119.92 75.21 -18.52
CA PRO B 2990 -119.38 75.75 -19.80
C PRO B 2990 -118.00 76.38 -19.70
N HIS B 2991 -117.57 76.82 -18.52
CA HIS B 2991 -116.23 77.39 -18.37
C HIS B 2991 -115.39 76.59 -17.38
N GLU B 2992 -115.42 75.26 -17.53
CA GLU B 2992 -114.68 74.36 -16.65
C GLU B 2992 -113.17 74.57 -16.79
N GLN B 2993 -112.72 74.96 -17.99
CA GLN B 2993 -111.31 75.25 -18.23
C GLN B 2993 -110.85 76.40 -17.36
N GLU B 2994 -111.70 77.43 -17.24
CA GLU B 2994 -111.35 78.57 -16.42
C GLU B 2994 -111.47 78.22 -14.95
N ILE B 2995 -112.46 77.41 -14.57
CA ILE B 2995 -112.64 77.02 -13.17
C ILE B 2995 -111.41 76.26 -12.67
N LYS B 2996 -110.93 75.32 -13.50
CA LYS B 2996 -109.69 74.61 -13.20
C LYS B 2996 -108.50 75.56 -13.12
N PHE B 2997 -108.44 76.55 -14.01
CA PHE B 2997 -107.33 77.49 -13.94
C PHE B 2997 -107.38 78.34 -12.68
N PHE B 2998 -108.59 78.69 -12.24
CA PHE B 2998 -108.78 79.52 -11.05
C PHE B 2998 -108.32 78.76 -9.82
N ALA B 2999 -108.86 77.57 -9.61
CA ALA B 2999 -108.62 76.89 -8.36
C ALA B 2999 -107.31 76.08 -8.34
N LYS B 3000 -106.62 75.94 -9.48
CA LYS B 3000 -105.39 75.17 -9.51
C LYS B 3000 -104.14 75.94 -9.94
N ILE B 3001 -104.26 77.14 -10.52
CA ILE B 3001 -103.10 77.89 -11.02
C ILE B 3001 -102.92 79.22 -10.31
N LEU B 3002 -103.99 80.03 -10.24
CA LEU B 3002 -103.90 81.34 -9.59
C LEU B 3002 -103.52 81.22 -8.13
N LEU B 3003 -104.14 80.28 -7.40
CA LEU B 3003 -103.85 80.13 -5.97
C LEU B 3003 -102.39 79.74 -5.67
N PRO B 3004 -101.78 78.71 -6.29
CA PRO B 3004 -100.38 78.41 -5.92
C PRO B 3004 -99.38 79.42 -6.47
N LEU B 3005 -99.65 80.03 -7.62
CA LEU B 3005 -98.78 81.07 -8.13
C LEU B 3005 -98.77 82.29 -7.21
N ILE B 3006 -99.94 82.65 -6.68
CA ILE B 3006 -100.00 83.70 -5.66
C ILE B 3006 -99.29 83.25 -4.39
N ASN B 3007 -99.41 81.96 -4.05
CA ASN B 3007 -98.82 81.37 -2.84
C ASN B 3007 -97.31 81.55 -2.87
N GLN B 3008 -96.70 81.25 -4.01
CA GLN B 3008 -95.24 81.22 -4.06
C GLN B 3008 -94.68 82.60 -4.38
N TYR B 3009 -95.20 83.28 -5.42
CA TYR B 3009 -94.63 84.58 -5.81
C TYR B 3009 -94.80 85.64 -4.73
N PHE B 3010 -95.98 85.72 -4.11
CA PHE B 3010 -96.18 86.67 -3.02
C PHE B 3010 -95.28 86.34 -1.82
N THR B 3011 -94.99 85.07 -1.57
CA THR B 3011 -94.02 84.72 -0.54
C THR B 3011 -92.62 85.15 -0.95
N ASN B 3012 -92.29 85.02 -2.24
CA ASN B 3012 -90.98 85.41 -2.75
C ASN B 3012 -90.73 86.90 -2.57
N HIS B 3013 -91.74 87.72 -2.85
CA HIS B 3013 -91.54 89.17 -2.75
C HIS B 3013 -92.58 89.79 -1.82
N CYS B 3014 -92.78 89.15 -0.65
CA CYS B 3014 -93.68 89.70 0.36
C CYS B 3014 -93.16 91.02 0.93
N LEU B 3015 -91.85 91.10 1.17
CA LEU B 3015 -91.26 92.33 1.70
C LEU B 3015 -91.26 93.45 0.67
N TYR B 3016 -91.15 93.12 -0.62
CA TYR B 3016 -91.14 94.15 -1.67
C TYR B 3016 -92.48 94.89 -1.73
N PHE B 3017 -93.60 94.16 -1.63
CA PHE B 3017 -94.91 94.80 -1.51
C PHE B 3017 -95.10 95.50 -0.17
N LEU B 3018 -94.35 95.10 0.86
CA LEU B 3018 -94.31 95.87 2.09
C LEU B 3018 -93.30 97.00 2.02
N SER B 3019 -92.46 97.02 1.00
CA SER B 3019 -91.43 98.05 0.87
C SER B 3019 -92.05 99.34 0.36
N THR B 3020 -91.72 100.44 1.02
CA THR B 3020 -92.12 101.79 0.67
C THR B 3020 -90.88 102.66 0.70
N PRO B 3021 -90.87 103.78 -0.05
CA PRO B 3021 -89.71 104.70 0.01
C PRO B 3021 -89.33 105.18 1.40
N ALA B 3022 -90.33 105.42 2.27
CA ALA B 3022 -90.06 105.87 3.63
C ALA B 3022 -89.29 104.83 4.43
N LYS B 3023 -89.69 103.56 4.33
CA LYS B 3023 -89.04 102.46 5.04
C LYS B 3023 -88.80 101.33 4.04
N VAL B 3024 -87.58 101.26 3.49
CA VAL B 3024 -87.24 100.29 2.46
C VAL B 3024 -86.76 99.01 3.14
N LEU B 3025 -87.52 97.94 2.97
CA LEU B 3025 -87.14 96.64 3.50
C LEU B 3025 -86.55 95.71 2.44
N GLY B 3026 -86.95 95.87 1.19
CA GLY B 3026 -86.50 94.98 0.13
C GLY B 3026 -85.03 95.15 -0.20
N SER B 3027 -84.46 94.08 -0.77
CA SER B 3027 -83.07 94.12 -1.22
C SER B 3027 -82.88 95.09 -2.38
N GLY B 3028 -83.92 95.30 -3.18
CA GLY B 3028 -83.85 96.24 -4.28
C GLY B 3028 -85.22 96.65 -4.77
N GLY B 3029 -85.45 97.96 -4.89
CA GLY B 3029 -86.69 98.48 -5.40
C GLY B 3029 -87.79 98.56 -4.33
N HIS B 3030 -88.86 99.24 -4.71
CA HIS B 3030 -90.02 99.41 -3.86
C HIS B 3030 -91.28 99.28 -4.70
N ALA B 3031 -92.32 98.64 -4.14
CA ALA B 3031 -93.57 98.51 -4.84
C ALA B 3031 -94.26 99.87 -4.93
N SER B 3032 -94.86 100.15 -6.09
CA SER B 3032 -95.55 101.41 -6.24
C SER B 3032 -96.88 101.40 -5.47
N ASN B 3033 -97.40 102.61 -5.26
CA ASN B 3033 -98.64 102.81 -4.51
C ASN B 3033 -99.81 102.14 -5.20
N LYS B 3034 -99.87 102.24 -6.53
CA LYS B 3034 -100.95 101.61 -7.28
C LYS B 3034 -100.90 100.10 -7.14
N GLU B 3035 -99.68 99.52 -7.13
CA GLU B 3035 -99.50 98.08 -6.91
C GLU B 3035 -100.02 97.68 -5.54
N LYS B 3036 -99.82 98.55 -4.54
CA LYS B 3036 -100.34 98.32 -3.19
C LYS B 3036 -101.86 98.30 -3.20
N GLU B 3037 -102.49 99.30 -3.83
CA GLU B 3037 -103.95 99.34 -3.82
C GLU B 3037 -104.53 98.13 -4.54
N MET B 3038 -103.96 97.75 -5.69
CA MET B 3038 -104.55 96.63 -6.45
C MET B 3038 -104.41 95.31 -5.69
N ILE B 3039 -103.26 95.05 -5.02
CA ILE B 3039 -103.14 93.83 -4.21
C ILE B 3039 -104.16 93.88 -3.05
N THR B 3040 -104.33 95.07 -2.44
CA THR B 3040 -105.33 95.26 -1.39
C THR B 3040 -106.73 94.92 -1.88
N SER B 3041 -107.20 95.61 -2.93
CA SER B 3041 -108.50 95.39 -3.53
C SER B 3041 -108.72 93.94 -3.94
N LEU B 3042 -107.66 93.29 -4.45
CA LEU B 3042 -107.69 91.87 -4.78
C LEU B 3042 -107.96 91.01 -3.56
N PHE B 3043 -107.19 91.23 -2.48
CA PHE B 3043 -107.31 90.38 -1.29
C PHE B 3043 -108.67 90.59 -0.62
N CYS B 3044 -109.02 91.85 -0.38
CA CYS B 3044 -110.23 92.17 0.37
C CYS B 3044 -111.46 91.68 -0.37
N LYS B 3045 -111.52 91.88 -1.70
CA LYS B 3045 -112.71 91.38 -2.37
C LYS B 3045 -112.61 89.87 -2.57
N LEU B 3046 -111.39 89.31 -2.61
CA LEU B 3046 -111.20 87.86 -2.76
C LEU B 3046 -111.80 87.09 -1.60
N ALA B 3047 -111.66 87.64 -0.39
CA ALA B 3047 -112.34 87.05 0.76
C ALA B 3047 -113.86 87.14 0.62
N ALA B 3048 -114.39 88.25 0.10
CA ALA B 3048 -115.82 88.33 -0.20
C ALA B 3048 -116.24 87.38 -1.32
N LEU B 3049 -115.31 87.12 -2.26
CA LEU B 3049 -115.52 86.15 -3.33
C LEU B 3049 -115.72 84.76 -2.77
N VAL B 3050 -114.95 84.40 -1.75
CA VAL B 3050 -115.07 83.06 -1.17
C VAL B 3050 -116.03 83.07 0.03
N ARG B 3051 -116.52 84.24 0.44
CA ARG B 3051 -117.44 84.38 1.57
C ARG B 3051 -118.74 83.61 1.37
N HIS B 3052 -119.07 82.74 2.32
CA HIS B 3052 -120.27 81.88 2.31
C HIS B 3052 -120.31 80.94 1.12
N ARG B 3053 -119.14 80.63 0.54
CA ARG B 3053 -119.03 79.73 -0.60
C ARG B 3053 -117.99 78.66 -0.35
N VAL B 3054 -117.80 78.30 0.93
CA VAL B 3054 -116.88 77.22 1.27
C VAL B 3054 -117.39 75.89 0.74
N SER B 3055 -118.71 75.67 0.75
CA SER B 3055 -119.27 74.49 0.10
C SER B 3055 -119.13 74.55 -1.42
N LEU B 3056 -118.89 75.73 -1.98
CA LEU B 3056 -118.70 75.90 -3.42
C LEU B 3056 -117.25 75.67 -3.83
N PHE B 3057 -116.29 75.96 -2.96
CA PHE B 3057 -114.89 75.76 -3.29
C PHE B 3057 -114.35 74.41 -2.81
N GLY B 3058 -114.79 73.93 -1.65
CA GLY B 3058 -114.44 72.59 -1.19
C GLY B 3058 -112.98 72.37 -0.87
N THR B 3059 -112.35 71.46 -1.62
CA THR B 3059 -110.96 71.06 -1.37
C THR B 3059 -109.96 72.20 -1.59
N ASP B 3060 -110.35 73.26 -2.28
CA ASP B 3060 -109.48 74.39 -2.57
C ASP B 3060 -109.43 75.40 -1.43
N ALA B 3061 -110.19 75.17 -0.36
CA ALA B 3061 -110.20 76.06 0.80
C ALA B 3061 -108.85 76.24 1.47
N PRO B 3062 -108.02 75.19 1.75
CA PRO B 3062 -106.67 75.49 2.30
C PRO B 3062 -105.81 76.34 1.38
N ALA B 3063 -105.94 76.19 0.06
CA ALA B 3063 -105.19 77.04 -0.86
C ALA B 3063 -105.69 78.47 -0.81
N VAL B 3064 -107.01 78.66 -0.69
CA VAL B 3064 -107.56 80.01 -0.66
C VAL B 3064 -107.16 80.71 0.64
N VAL B 3065 -107.28 80.02 1.78
CA VAL B 3065 -106.89 80.65 3.05
C VAL B 3065 -105.38 80.89 3.10
N ASN B 3066 -104.59 80.07 2.38
CA ASN B 3066 -103.16 80.30 2.24
C ASN B 3066 -102.90 81.61 1.51
N CYS B 3067 -103.65 81.84 0.42
CA CYS B 3067 -103.55 83.10 -0.31
C CYS B 3067 -103.99 84.27 0.55
N LEU B 3068 -105.07 84.09 1.30
CA LEU B 3068 -105.61 85.15 2.14
C LEU B 3068 -104.61 85.53 3.24
N HIS B 3069 -103.93 84.53 3.81
CA HIS B 3069 -102.92 84.78 4.84
C HIS B 3069 -101.73 85.54 4.26
N ILE B 3070 -101.27 85.12 3.07
CA ILE B 3070 -100.08 85.73 2.49
C ILE B 3070 -100.38 87.16 2.04
N LEU B 3071 -101.54 87.39 1.43
CA LEU B 3071 -101.89 88.74 1.00
C LEU B 3071 -102.07 89.66 2.20
N ALA B 3072 -102.69 89.14 3.28
CA ALA B 3072 -102.93 89.93 4.48
C ALA B 3072 -101.61 90.34 5.12
N ARG B 3073 -100.65 89.40 5.20
CA ARG B 3073 -99.37 89.78 5.78
C ARG B 3073 -98.56 90.64 4.82
N SER B 3074 -98.92 90.65 3.52
CA SER B 3074 -98.22 91.46 2.54
C SER B 3074 -98.99 92.71 2.13
N LEU B 3075 -99.82 93.26 3.01
CA LEU B 3075 -100.59 94.46 2.71
C LEU B 3075 -99.92 95.67 3.35
N ASP B 3076 -99.46 96.62 2.53
CA ASP B 3076 -98.91 97.88 3.04
C ASP B 3076 -100.06 98.87 3.33
N ALA B 3077 -100.78 98.56 4.42
CA ALA B 3077 -102.05 99.23 4.74
C ALA B 3077 -101.87 100.71 5.07
N ARG B 3078 -100.74 101.09 5.70
CA ARG B 3078 -100.52 102.49 6.05
C ARG B 3078 -100.42 103.36 4.80
N THR B 3079 -99.67 102.89 3.80
CA THR B 3079 -99.58 103.61 2.54
C THR B 3079 -100.91 103.54 1.78
N VAL B 3080 -101.69 102.48 2.00
CA VAL B 3080 -103.01 102.38 1.36
C VAL B 3080 -103.92 103.48 1.88
N MET B 3081 -103.95 103.67 3.20
CA MET B 3081 -104.74 104.75 3.79
C MET B 3081 -104.20 106.13 3.44
N LYS B 3082 -102.88 106.29 3.40
CA LYS B 3082 -102.30 107.61 3.12
C LYS B 3082 -102.45 108.01 1.66
N SER B 3083 -102.44 107.04 0.74
CA SER B 3083 -102.63 107.34 -0.68
C SER B 3083 -103.32 106.13 -1.29
N GLY B 3084 -104.65 106.20 -1.37
CA GLY B 3084 -105.44 105.12 -1.91
C GLY B 3084 -106.81 105.55 -2.38
N PRO B 3085 -107.35 104.81 -3.34
CA PRO B 3085 -108.68 105.13 -3.89
C PRO B 3085 -109.84 104.71 -3.00
N GLU B 3086 -110.96 105.38 -3.27
CA GLU B 3086 -112.18 105.16 -2.50
C GLU B 3086 -112.70 103.75 -2.69
N ILE B 3087 -112.60 103.21 -3.92
CA ILE B 3087 -113.13 101.88 -4.21
C ILE B 3087 -112.38 100.82 -3.42
N VAL B 3088 -111.04 100.92 -3.36
CA VAL B 3088 -110.22 99.98 -2.60
C VAL B 3088 -110.51 100.09 -1.11
N LYS B 3089 -110.64 101.33 -0.61
CA LYS B 3089 -110.99 101.54 0.79
C LYS B 3089 -112.37 100.99 1.10
N ALA B 3090 -113.35 101.20 0.21
CA ALA B 3090 -114.68 100.65 0.36
C ALA B 3090 -114.67 99.13 0.38
N GLY B 3091 -113.83 98.52 -0.46
CA GLY B 3091 -113.74 97.06 -0.48
C GLY B 3091 -113.17 96.49 0.80
N LEU B 3092 -112.13 97.12 1.35
CA LEU B 3092 -111.53 96.61 2.58
C LEU B 3092 -112.42 96.88 3.78
N ARG B 3093 -113.08 98.04 3.82
CA ARG B 3093 -113.98 98.32 4.92
C ARG B 3093 -115.25 97.46 4.83
N SER B 3094 -115.71 97.13 3.62
CA SER B 3094 -116.80 96.18 3.46
C SER B 3094 -116.41 94.79 3.96
N PHE B 3095 -115.16 94.38 3.69
CA PHE B 3095 -114.63 93.15 4.28
C PHE B 3095 -114.63 93.17 5.81
N PHE B 3096 -114.19 94.28 6.41
CA PHE B 3096 -114.28 94.42 7.87
C PHE B 3096 -115.71 94.43 8.37
N GLU B 3097 -116.61 95.08 7.63
CA GLU B 3097 -118.03 95.10 7.96
C GLU B 3097 -118.64 93.71 7.90
N SER B 3098 -118.31 92.94 6.86
CA SER B 3098 -118.80 91.56 6.76
C SER B 3098 -118.20 90.69 7.85
N ALA B 3099 -116.95 90.94 8.24
CA ALA B 3099 -116.33 90.17 9.31
C ALA B 3099 -117.09 90.38 10.61
N SER B 3100 -117.43 91.64 10.89
CA SER B 3100 -118.23 91.98 12.07
C SER B 3100 -119.62 91.34 11.98
N GLU B 3101 -120.22 91.36 10.78
CA GLU B 3101 -121.55 90.76 10.60
C GLU B 3101 -121.53 89.27 10.89
N ASP B 3102 -120.54 88.55 10.33
CA ASP B 3102 -120.45 87.09 10.53
C ASP B 3102 -120.21 86.75 12.01
N ILE B 3103 -119.34 87.50 12.69
CA ILE B 3103 -119.14 87.28 14.12
C ILE B 3103 -120.41 87.58 14.90
N GLU B 3104 -121.09 88.69 14.57
CA GLU B 3104 -122.35 88.99 15.26
C GLU B 3104 -123.40 87.92 14.97
N LYS B 3105 -123.38 87.33 13.77
CA LYS B 3105 -124.25 86.20 13.48
C LYS B 3105 -123.86 84.98 14.30
N MET B 3106 -122.62 84.92 14.79
CA MET B 3106 -122.20 83.78 15.60
C MET B 3106 -122.59 83.95 17.06
N VAL B 3107 -122.68 85.21 17.55
CA VAL B 3107 -122.89 85.39 18.99
C VAL B 3107 -124.28 84.91 19.44
N GLU B 3108 -125.32 85.08 18.61
CA GLU B 3108 -126.61 84.50 18.98
C GLU B 3108 -126.66 83.00 18.77
N ASN B 3109 -125.90 82.48 17.79
CA ASN B 3109 -125.81 81.04 17.61
C ASN B 3109 -125.18 80.38 18.83
N LEU B 3110 -124.12 80.98 19.36
CA LEU B 3110 -123.49 80.46 20.57
C LEU B 3110 -124.20 80.90 21.85
N ARG B 3111 -125.17 81.80 21.76
CA ARG B 3111 -126.02 82.25 22.87
C ARG B 3111 -127.18 81.29 23.16
N LEU B 3112 -127.12 80.05 22.66
CA LEU B 3112 -128.14 78.99 22.78
C LEU B 3112 -129.46 79.35 22.10
N GLY B 3113 -129.49 80.37 21.25
CA GLY B 3113 -130.66 80.62 20.41
C GLY B 3113 -130.88 79.52 19.39
N LYS B 3114 -129.81 79.05 18.75
CA LYS B 3114 -129.85 77.91 17.86
C LYS B 3114 -128.69 77.00 18.20
N VAL B 3115 -128.95 75.69 18.26
CA VAL B 3115 -127.97 74.71 18.69
C VAL B 3115 -126.78 74.65 17.71
N SER B 3116 -127.08 74.65 16.41
CA SER B 3116 -126.11 74.53 15.30
C SER B 3116 -125.28 73.25 15.39
N LYS B 3123 -128.71 74.52 6.87
CA LYS B 3123 -129.07 75.91 6.60
C LYS B 3123 -127.82 76.76 6.39
N GLY B 3124 -128.01 78.07 6.21
CA GLY B 3124 -126.88 78.96 6.01
C GLY B 3124 -126.09 79.25 7.27
N VAL B 3125 -126.63 78.92 8.44
CA VAL B 3125 -125.90 79.10 9.69
C VAL B 3125 -124.67 78.20 9.71
N GLY B 3126 -124.83 76.93 9.29
CA GLY B 3126 -123.69 76.03 9.26
C GLY B 3126 -122.64 76.46 8.25
N GLN B 3127 -123.09 77.01 7.11
CA GLN B 3127 -122.19 77.51 6.08
C GLN B 3127 -121.36 78.68 6.59
N ASN B 3128 -122.02 79.66 7.23
CA ASN B 3128 -121.30 80.81 7.76
C ASN B 3128 -120.44 80.47 8.97
N LEU B 3129 -120.87 79.51 9.79
CA LEU B 3129 -120.07 79.05 10.93
C LEU B 3129 -118.78 78.39 10.45
N THR B 3130 -118.89 77.47 9.48
CA THR B 3130 -117.71 76.77 8.98
C THR B 3130 -116.83 77.73 8.20
N TYR B 3131 -117.44 78.63 7.41
CA TYR B 3131 -116.70 79.59 6.61
C TYR B 3131 -115.89 80.49 7.52
N THR B 3132 -116.51 81.02 8.57
CA THR B 3132 -115.79 81.94 9.43
C THR B 3132 -114.67 81.22 10.16
N THR B 3133 -114.94 80.02 10.69
CA THR B 3133 -113.98 79.31 11.52
C THR B 3133 -112.81 78.73 10.74
N VAL B 3134 -112.90 78.60 9.41
CA VAL B 3134 -111.78 78.09 8.65
C VAL B 3134 -111.16 79.15 7.73
N ALA B 3135 -111.94 80.09 7.20
CA ALA B 3135 -111.49 81.07 6.24
C ALA B 3135 -111.44 82.49 6.76
N LEU B 3136 -112.44 82.95 7.53
CA LEU B 3136 -112.41 84.34 7.93
C LEU B 3136 -111.50 84.56 9.14
N LEU B 3137 -111.85 83.99 10.29
CA LEU B 3137 -111.21 84.32 11.56
C LEU B 3137 -109.71 84.05 11.64
N PRO B 3138 -109.16 82.89 11.21
CA PRO B 3138 -107.69 82.76 11.21
C PRO B 3138 -107.00 83.79 10.33
N VAL B 3139 -107.63 84.16 9.21
CA VAL B 3139 -107.08 85.18 8.32
C VAL B 3139 -107.19 86.54 8.99
N LEU B 3140 -108.31 86.81 9.69
CA LEU B 3140 -108.43 88.05 10.44
C LEU B 3140 -107.33 88.16 11.48
N THR B 3141 -107.10 87.08 12.23
CA THR B 3141 -106.04 87.02 13.24
C THR B 3141 -104.65 87.28 12.65
N THR B 3142 -104.37 86.72 11.47
CA THR B 3142 -103.11 87.03 10.78
C THR B 3142 -103.07 88.48 10.32
N LEU B 3143 -104.20 89.01 9.85
CA LEU B 3143 -104.28 90.41 9.43
C LEU B 3143 -104.02 91.36 10.61
N PHE B 3144 -104.60 91.05 11.77
CA PHE B 3144 -104.34 91.83 12.97
C PHE B 3144 -102.90 91.70 13.41
N GLN B 3145 -102.29 90.51 13.21
CA GLN B 3145 -100.87 90.35 13.50
C GLN B 3145 -100.03 91.25 12.61
N HIS B 3146 -100.43 91.35 11.34
CA HIS B 3146 -99.76 92.22 10.38
C HIS B 3146 -99.86 93.68 10.81
N ILE B 3147 -101.03 94.09 11.30
CA ILE B 3147 -101.20 95.47 11.75
C ILE B 3147 -100.38 95.71 13.02
N ALA B 3148 -100.40 94.74 13.94
CA ALA B 3148 -99.79 94.90 15.26
C ALA B 3148 -98.27 94.98 15.17
N GLN B 3149 -97.65 94.08 14.39
CA GLN B 3149 -96.19 94.03 14.33
C GLN B 3149 -95.60 95.29 13.73
N HIS B 3150 -96.22 95.83 12.67
CA HIS B 3150 -95.76 97.04 12.02
C HIS B 3150 -96.37 98.30 12.59
N GLN B 3151 -97.20 98.19 13.64
CA GLN B 3151 -97.82 99.32 14.34
C GLN B 3151 -98.63 100.21 13.40
N PHE B 3152 -99.46 99.56 12.59
CA PHE B 3152 -100.35 100.25 11.66
C PHE B 3152 -101.71 100.55 12.28
N GLY B 3153 -101.89 100.28 13.57
CA GLY B 3153 -103.17 100.49 14.21
C GLY B 3153 -103.60 101.94 14.24
N ASP B 3154 -102.66 102.85 14.45
CA ASP B 3154 -102.99 104.27 14.50
C ASP B 3154 -103.24 104.84 13.12
N ASP B 3155 -102.48 104.40 12.11
CA ASP B 3155 -102.51 105.01 10.78
C ASP B 3155 -103.51 104.36 9.82
N VAL B 3156 -104.14 103.25 10.20
CA VAL B 3156 -105.07 102.55 9.32
C VAL B 3156 -106.46 102.44 9.94
N ILE B 3157 -106.56 102.10 11.22
CA ILE B 3157 -107.85 101.96 11.87
C ILE B 3157 -108.32 103.35 12.26
N LEU B 3158 -109.05 104.01 11.36
CA LEU B 3158 -109.35 105.43 11.51
C LEU B 3158 -110.84 105.73 11.67
N ASP B 3159 -111.68 105.35 10.71
CA ASP B 3159 -113.06 105.83 10.67
C ASP B 3159 -114.10 104.76 10.92
N ASP B 3160 -114.13 103.70 10.11
CA ASP B 3160 -115.08 102.60 10.27
C ASP B 3160 -114.40 101.27 10.53
N VAL B 3161 -113.10 101.15 10.23
CA VAL B 3161 -112.32 100.03 10.73
C VAL B 3161 -112.34 100.03 12.25
N GLN B 3162 -112.34 101.23 12.85
CA GLN B 3162 -112.61 101.40 14.27
C GLN B 3162 -113.95 100.80 14.67
N VAL B 3163 -115.02 101.18 13.96
CA VAL B 3163 -116.36 100.68 14.26
C VAL B 3163 -116.44 99.15 14.11
N SER B 3164 -115.77 98.61 13.09
CA SER B 3164 -115.65 97.16 12.92
C SER B 3164 -114.95 96.51 14.11
N CYS B 3165 -113.90 97.17 14.61
CA CYS B 3165 -113.19 96.70 15.79
C CYS B 3165 -114.08 96.72 17.02
N TYR B 3166 -114.84 97.81 17.22
CA TYR B 3166 -115.77 97.88 18.35
C TYR B 3166 -116.83 96.80 18.25
N ARG B 3167 -117.43 96.60 17.07
CA ARG B 3167 -118.48 95.60 16.92
C ARG B 3167 -117.97 94.19 17.19
N THR B 3168 -116.75 93.88 16.75
CA THR B 3168 -116.14 92.59 17.09
C THR B 3168 -115.81 92.50 18.57
N LEU B 3169 -115.26 93.58 19.16
CA LEU B 3169 -114.86 93.56 20.56
C LEU B 3169 -116.06 93.39 21.47
N CYS B 3170 -117.15 94.12 21.19
CA CYS B 3170 -118.37 94.00 21.99
C CYS B 3170 -118.95 92.61 21.83
N SER B 3171 -118.95 92.08 20.59
CA SER B 3171 -119.67 90.84 20.32
C SER B 3171 -118.99 89.65 21.00
N ILE B 3172 -117.67 89.51 20.82
CA ILE B 3172 -117.01 88.28 21.27
C ILE B 3172 -116.91 88.22 22.80
N TYR B 3173 -116.61 89.36 23.45
CA TYR B 3173 -116.50 89.36 24.92
C TYR B 3173 -117.83 89.06 25.61
N SER B 3174 -118.96 89.25 24.91
CA SER B 3174 -120.27 88.90 25.46
C SER B 3174 -120.51 87.39 25.54
N LEU B 3175 -119.56 86.56 25.09
CA LEU B 3175 -119.68 85.11 25.16
C LEU B 3175 -119.30 84.55 26.52
N GLY B 3176 -118.84 85.39 27.46
CA GLY B 3176 -118.57 84.92 28.80
C GLY B 3176 -119.79 84.47 29.59
N THR B 3177 -120.99 84.79 29.11
CA THR B 3177 -122.24 84.35 29.74
C THR B 3177 -122.80 83.11 29.07
N THR B 3178 -121.94 82.31 28.43
CA THR B 3178 -122.36 81.10 27.73
C THR B 3178 -121.55 79.92 28.22
N LYS B 3179 -122.24 78.79 28.44
CA LYS B 3179 -121.61 77.53 28.82
C LYS B 3179 -122.05 76.48 27.81
N ASN B 3180 -121.33 76.38 26.69
CA ASN B 3180 -121.69 75.45 25.62
C ASN B 3180 -120.43 74.86 25.01
N THR B 3181 -120.62 73.70 24.35
CA THR B 3181 -119.52 72.99 23.73
C THR B 3181 -118.89 73.79 22.60
N TYR B 3182 -119.73 74.43 21.77
CA TYR B 3182 -119.18 75.23 20.67
C TYR B 3182 -118.43 76.45 21.18
N VAL B 3183 -118.90 77.01 22.31
CA VAL B 3183 -118.21 78.14 22.92
C VAL B 3183 -116.86 77.70 23.42
N GLU B 3184 -116.80 76.53 24.07
CA GLU B 3184 -115.55 76.01 24.63
C GLU B 3184 -114.55 75.74 23.52
N LYS B 3185 -115.00 75.14 22.42
CA LYS B 3185 -114.04 74.76 21.39
C LYS B 3185 -113.58 75.97 20.59
N LEU B 3186 -114.42 77.01 20.48
CA LEU B 3186 -114.02 78.20 19.75
C LEU B 3186 -113.40 79.29 20.62
N ARG B 3187 -113.32 79.09 21.95
CA ARG B 3187 -112.63 80.05 22.81
C ARG B 3187 -111.15 80.31 22.47
N PRO B 3188 -110.28 79.31 22.18
CA PRO B 3188 -108.89 79.67 21.81
C PRO B 3188 -108.76 80.59 20.59
N ALA B 3189 -109.48 80.27 19.52
CA ALA B 3189 -109.46 81.10 18.30
C ALA B 3189 -110.03 82.48 18.52
N LEU B 3190 -111.16 82.58 19.25
CA LEU B 3190 -111.75 83.90 19.51
C LEU B 3190 -110.88 84.70 20.48
N GLY B 3191 -110.30 84.02 21.48
CA GLY B 3191 -109.41 84.67 22.42
C GLY B 3191 -108.18 85.24 21.76
N GLU B 3192 -107.61 84.49 20.80
CA GLU B 3192 -106.47 84.99 20.06
C GLU B 3192 -106.88 86.10 19.10
N CYS B 3193 -108.09 86.00 18.52
CA CYS B 3193 -108.57 87.02 17.59
C CYS B 3193 -108.73 88.36 18.31
N LEU B 3194 -109.37 88.36 19.49
CA LEU B 3194 -109.50 89.58 20.27
C LEU B 3194 -108.15 90.08 20.79
N ALA B 3195 -107.25 89.17 21.19
CA ALA B 3195 -105.94 89.61 21.64
C ALA B 3195 -105.19 90.29 20.50
N ARG B 3196 -105.23 89.71 19.30
CA ARG B 3196 -104.58 90.35 18.17
C ARG B 3196 -105.29 91.64 17.77
N LEU B 3197 -106.56 91.82 18.16
CA LEU B 3197 -107.16 93.15 18.05
C LEU B 3197 -106.46 94.10 19.01
N ALA B 3198 -106.31 93.67 20.27
CA ALA B 3198 -105.82 94.55 21.32
C ALA B 3198 -104.39 95.02 21.04
N ALA B 3199 -103.57 94.14 20.48
CA ALA B 3199 -102.20 94.50 20.09
C ALA B 3199 -102.13 95.52 18.95
N ALA B 3200 -103.19 95.63 18.15
CA ALA B 3200 -103.24 96.56 17.02
C ALA B 3200 -104.34 97.62 17.18
N MET B 3201 -104.98 97.69 18.32
CA MET B 3201 -106.11 98.58 18.53
C MET B 3201 -105.66 100.00 18.88
N PRO B 3202 -106.14 101.01 18.15
CA PRO B 3202 -105.75 102.39 18.44
C PRO B 3202 -106.55 103.05 19.55
N VAL B 3203 -107.49 102.35 20.20
CA VAL B 3203 -108.31 102.92 21.26
C VAL B 3203 -108.18 102.05 22.51
N ALA B 3204 -108.17 102.69 23.67
CA ALA B 3204 -108.03 101.98 24.94
C ALA B 3204 -109.42 101.60 25.43
N PHE B 3205 -109.82 100.36 25.17
CA PHE B 3205 -111.14 99.89 25.61
C PHE B 3205 -111.19 99.73 27.11
N LEU B 3206 -110.07 99.40 27.75
CA LEU B 3206 -110.04 99.29 29.20
C LEU B 3206 -109.86 100.63 29.89
N GLU B 3207 -109.64 101.71 29.14
CA GLU B 3207 -109.51 103.05 29.71
C GLU B 3207 -110.42 104.05 29.00
N PRO B 3208 -111.75 103.94 29.22
CA PRO B 3208 -112.64 104.92 28.61
C PRO B 3208 -112.65 106.23 29.37
N GLN B 3209 -112.32 106.21 30.68
CA GLN B 3209 -112.25 107.44 31.45
C GLN B 3209 -111.13 108.35 30.98
N LEU B 3210 -110.14 107.80 30.26
CA LEU B 3210 -109.11 108.60 29.60
C LEU B 3210 -109.13 108.43 28.08
N ASN B 3211 -110.20 107.85 27.52
CA ASN B 3211 -110.29 107.69 26.06
C ASN B 3211 -110.38 109.03 25.34
N GLU B 3212 -110.85 110.09 26.00
CA GLU B 3212 -110.92 111.43 25.42
C GLU B 3212 -109.55 112.13 25.32
N TYR B 3213 -108.44 111.45 25.58
CA TYR B 3213 -107.12 112.00 25.38
C TYR B 3213 -106.34 111.27 24.30
N ASN B 3214 -106.84 110.12 23.84
CA ASN B 3214 -106.16 109.36 22.81
C ASN B 3214 -106.20 110.09 21.48
N ALA B 3215 -105.05 110.11 20.79
CA ALA B 3215 -104.96 110.78 19.50
C ALA B 3215 -105.86 110.14 18.46
N CYS B 3216 -105.81 108.81 18.35
CA CYS B 3216 -106.67 108.09 17.41
C CYS B 3216 -107.93 107.57 18.11
N SER B 3217 -108.69 108.50 18.67
CA SER B 3217 -109.95 108.22 19.33
C SER B 3217 -111.05 108.93 18.56
N VAL B 3218 -112.18 108.26 18.37
CA VAL B 3218 -113.29 108.85 17.61
C VAL B 3218 -113.89 110.07 18.33
N TYR B 3219 -113.79 110.12 19.66
CA TYR B 3219 -114.29 111.23 20.47
C TYR B 3219 -113.31 112.39 20.56
N THR B 3220 -112.12 112.25 19.99
CA THR B 3220 -111.16 113.34 19.87
C THR B 3220 -110.99 113.78 18.43
N THR B 3221 -110.98 112.83 17.51
CA THR B 3221 -110.83 113.16 16.09
C THR B 3221 -112.12 113.77 15.54
N LYS B 3222 -113.27 113.19 15.89
CA LYS B 3222 -114.51 113.57 15.24
C LYS B 3222 -115.13 114.79 15.91
N SER B 3223 -115.84 115.56 15.09
CA SER B 3223 -116.53 116.76 15.53
C SER B 3223 -117.77 116.40 16.35
N PRO B 3224 -118.25 117.32 17.20
CA PRO B 3224 -119.52 117.08 17.89
C PRO B 3224 -120.70 116.86 16.96
N ARG B 3225 -120.70 117.49 15.78
CA ARG B 3225 -121.81 117.35 14.83
C ARG B 3225 -121.94 115.91 14.35
N GLU B 3226 -120.82 115.25 14.05
CA GLU B 3226 -120.83 113.86 13.60
C GLU B 3226 -120.98 112.94 14.82
N ARG B 3227 -120.72 111.64 14.60
CA ARG B 3227 -120.99 110.53 15.53
C ARG B 3227 -122.47 110.39 15.83
N ALA B 3228 -123.33 110.91 14.95
CA ALA B 3228 -124.77 110.86 15.03
C ALA B 3228 -125.43 110.26 13.80
N ILE B 3229 -124.89 110.52 12.60
CA ILE B 3229 -125.43 109.95 11.37
C ILE B 3229 -125.31 108.44 11.37
N LEU B 3230 -124.20 107.91 11.87
CA LEU B 3230 -124.01 106.49 12.06
C LEU B 3230 -124.16 106.22 13.56
N GLY B 3231 -124.81 105.09 13.90
CA GLY B 3231 -125.08 104.76 15.28
C GLY B 3231 -123.84 104.64 16.13
N LEU B 3232 -123.62 105.65 16.98
CA LEU B 3232 -122.50 105.73 17.90
C LEU B 3232 -123.04 106.27 19.22
N PRO B 3233 -122.71 105.66 20.36
CA PRO B 3233 -123.38 105.97 21.63
C PRO B 3233 -123.08 107.35 22.20
N ASN B 3234 -122.20 108.14 21.58
CA ASN B 3234 -121.73 109.47 22.01
C ASN B 3234 -121.02 109.45 23.36
N SER B 3235 -120.69 108.28 23.89
CA SER B 3235 -119.94 108.12 25.13
C SER B 3235 -119.24 106.77 25.08
N VAL B 3236 -117.93 106.79 25.30
CA VAL B 3236 -117.11 105.58 25.19
C VAL B 3236 -117.42 104.55 26.28
N GLU B 3237 -117.98 104.98 27.42
CA GLU B 3237 -118.23 104.08 28.54
C GLU B 3237 -119.33 103.06 28.27
N GLU B 3238 -120.13 103.23 27.20
CA GLU B 3238 -121.16 102.25 26.86
C GLU B 3238 -121.06 101.82 25.40
N MET B 3239 -119.94 102.09 24.74
CA MET B 3239 -119.70 101.59 23.39
C MET B 3239 -119.73 100.06 23.37
N CYS B 3240 -118.95 99.43 24.25
CA CYS B 3240 -119.04 98.01 24.53
C CYS B 3240 -119.58 97.83 25.95
N PRO B 3241 -120.87 97.47 26.11
CA PRO B 3241 -121.46 97.42 27.46
C PRO B 3241 -120.83 96.39 28.39
N ASP B 3242 -120.25 95.33 27.84
CA ASP B 3242 -119.69 94.26 28.67
C ASP B 3242 -118.20 94.44 28.95
N ILE B 3243 -117.58 95.52 28.49
CA ILE B 3243 -116.17 95.79 28.75
C ILE B 3243 -116.08 96.64 30.02
N PRO B 3244 -115.49 96.14 31.10
CA PRO B 3244 -115.28 96.95 32.30
C PRO B 3244 -114.11 97.91 32.13
N VAL B 3245 -113.91 98.76 33.13
CA VAL B 3245 -112.75 99.64 33.14
C VAL B 3245 -111.62 98.83 33.77
N LEU B 3246 -110.38 99.33 33.65
CA LEU B 3246 -109.20 98.51 33.95
C LEU B 3246 -109.11 98.12 35.44
N ASP B 3247 -109.46 99.04 36.36
CA ASP B 3247 -109.12 98.84 37.76
C ASP B 3247 -109.96 97.73 38.39
N ARG B 3248 -111.28 97.69 38.09
CA ARG B 3248 -112.08 96.62 38.68
C ARG B 3248 -111.69 95.29 38.07
N LEU B 3249 -111.30 95.28 36.79
CA LEU B 3249 -110.81 94.07 36.15
C LEU B 3249 -109.57 93.55 36.85
N MET B 3250 -108.65 94.46 37.21
CA MET B 3250 -107.48 94.10 38.00
C MET B 3250 -107.85 93.52 39.36
N ALA B 3251 -108.84 94.13 40.04
CA ALA B 3251 -109.35 93.59 41.29
C ALA B 3251 -109.99 92.22 41.11
N ASP B 3252 -110.78 92.04 40.05
CA ASP B 3252 -111.41 90.76 39.74
C ASP B 3252 -110.39 89.66 39.45
N ILE B 3253 -109.38 89.97 38.64
CA ILE B 3253 -108.30 89.02 38.38
C ILE B 3253 -107.52 88.71 39.65
N GLY B 3254 -107.22 89.72 40.49
CA GLY B 3254 -106.56 89.45 41.76
C GLY B 3254 -107.37 88.58 42.72
N GLY B 3255 -108.68 88.82 42.78
CA GLY B 3255 -109.57 87.95 43.57
C GLY B 3255 -109.66 86.53 43.03
N LEU B 3256 -109.69 86.38 41.71
CA LEU B 3256 -109.64 85.03 41.14
C LEU B 3256 -108.28 84.38 41.34
N ALA B 3257 -107.22 85.19 41.32
CA ALA B 3257 -105.88 84.71 41.55
C ALA B 3257 -105.73 84.15 42.96
N GLU B 3258 -106.28 84.85 43.95
CA GLU B 3258 -106.26 84.34 45.31
C GLU B 3258 -107.35 83.31 45.59
N SER B 3259 -108.30 83.13 44.66
CA SER B 3259 -109.41 82.21 44.85
C SER B 3259 -108.94 80.76 44.97
N GLY B 3260 -107.94 80.38 44.18
CA GLY B 3260 -107.54 78.99 44.14
C GLY B 3260 -108.39 78.12 43.25
N ALA B 3261 -109.15 78.72 42.33
CA ALA B 3261 -110.02 77.97 41.44
C ALA B 3261 -109.25 77.42 40.24
N ARG B 3262 -109.62 76.22 39.80
CA ARG B 3262 -108.98 75.55 38.68
C ARG B 3262 -109.58 75.96 37.34
N TYR B 3263 -109.08 75.34 36.26
CA TYR B 3263 -109.56 75.64 34.91
C TYR B 3263 -111.03 75.27 34.75
N THR B 3264 -111.43 74.11 35.31
CA THR B 3264 -112.79 73.60 35.13
C THR B 3264 -113.83 74.59 35.64
N GLU B 3265 -113.52 75.31 36.72
CA GLU B 3265 -114.38 76.36 37.24
C GLU B 3265 -113.98 77.75 36.76
N MET B 3266 -112.95 77.86 35.90
CA MET B 3266 -112.59 79.12 35.25
C MET B 3266 -112.42 78.95 33.74
N PRO B 3267 -113.49 78.55 33.00
CA PRO B 3267 -113.30 78.29 31.56
C PRO B 3267 -113.05 79.55 30.75
N HIS B 3268 -113.90 80.58 30.91
CA HIS B 3268 -113.78 81.81 30.15
C HIS B 3268 -112.64 82.70 30.63
N VAL B 3269 -112.24 82.54 31.90
CA VAL B 3269 -111.23 83.41 32.48
C VAL B 3269 -109.86 83.13 31.87
N ILE B 3270 -109.37 81.90 32.02
CA ILE B 3270 -108.03 81.54 31.54
C ILE B 3270 -107.96 81.67 30.01
N GLU B 3271 -109.01 81.22 29.33
CA GLU B 3271 -109.06 81.24 27.88
C GLU B 3271 -109.04 82.65 27.30
N ILE B 3272 -109.77 83.59 27.92
CA ILE B 3272 -110.02 84.89 27.31
C ILE B 3272 -109.44 86.03 28.14
N THR B 3273 -109.77 86.09 29.45
CA THR B 3273 -109.46 87.24 30.29
C THR B 3273 -107.96 87.53 30.40
N LEU B 3274 -107.15 86.48 30.61
CA LEU B 3274 -105.70 86.67 30.70
C LEU B 3274 -105.05 87.16 29.40
N PRO B 3275 -105.27 86.55 28.21
CA PRO B 3275 -104.59 87.06 27.00
C PRO B 3275 -104.97 88.47 26.61
N MET B 3276 -106.15 88.96 27.04
CA MET B 3276 -106.57 90.29 26.62
C MET B 3276 -105.65 91.32 27.24
N LEU B 3277 -105.32 91.16 28.52
CA LEU B 3277 -104.36 92.05 29.14
C LEU B 3277 -102.94 91.73 28.70
N CYS B 3278 -102.67 90.47 28.33
CA CYS B 3278 -101.37 90.10 27.74
C CYS B 3278 -101.11 90.80 26.42
N SER B 3279 -102.16 91.29 25.78
CA SER B 3279 -102.06 92.06 24.55
C SER B 3279 -102.38 93.54 24.75
N TYR B 3280 -103.09 93.89 25.81
CA TYR B 3280 -103.41 95.28 26.11
C TYR B 3280 -102.23 96.01 26.74
N LEU B 3281 -101.60 95.43 27.76
CA LEU B 3281 -100.49 96.09 28.44
C LEU B 3281 -99.29 96.44 27.54
N PRO B 3282 -98.75 95.54 26.68
CA PRO B 3282 -97.54 95.93 25.92
C PRO B 3282 -97.79 97.03 24.90
N ARG B 3283 -99.00 97.18 24.38
CA ARG B 3283 -99.20 98.12 23.29
C ARG B 3283 -99.25 99.56 23.80
N TRP B 3284 -99.74 99.76 25.02
CA TRP B 3284 -99.87 101.10 25.59
C TRP B 3284 -98.84 101.46 26.66
N TRP B 3285 -98.05 100.50 27.16
CA TRP B 3285 -97.18 100.80 28.30
C TRP B 3285 -96.11 101.84 27.95
N GLU B 3286 -95.49 101.75 26.77
CA GLU B 3286 -94.42 102.68 26.41
C GLU B 3286 -94.90 104.09 26.12
N ARG B 3287 -96.21 104.31 26.01
CA ARG B 3287 -96.76 105.64 25.76
C ARG B 3287 -97.44 106.23 26.98
N GLY B 3288 -97.28 105.62 28.15
CA GLY B 3288 -97.96 106.09 29.33
C GLY B 3288 -97.05 106.27 30.53
N PRO B 3289 -97.59 106.05 31.73
CA PRO B 3289 -96.81 106.26 32.95
C PRO B 3289 -95.69 105.23 33.11
N GLU B 3290 -94.65 105.64 33.84
CA GLU B 3290 -93.44 104.88 34.13
C GLU B 3290 -92.69 104.46 32.86
N ALA B 3291 -92.92 105.15 31.75
CA ALA B 3291 -92.25 104.98 30.48
C ALA B 3291 -91.41 106.23 30.18
N PRO B 3292 -90.29 106.08 29.48
CA PRO B 3292 -89.57 107.25 28.93
C PRO B 3292 -89.91 107.54 27.47
N PRO B 3293 -91.02 108.20 27.15
CA PRO B 3293 -91.26 108.52 25.73
C PRO B 3293 -90.34 109.62 25.25
N PRO B 3294 -89.63 109.42 24.11
CA PRO B 3294 -88.80 110.48 23.52
C PRO B 3294 -89.60 111.53 22.75
N ALA B 3295 -90.65 112.05 23.37
CA ALA B 3295 -91.62 112.95 22.79
C ALA B 3295 -91.78 114.19 23.65
N LEU B 3296 -90.65 114.81 23.99
CA LEU B 3296 -90.64 116.00 24.84
C LEU B 3296 -91.51 117.19 24.40
N PRO B 3297 -91.62 117.60 23.12
CA PRO B 3297 -92.58 118.69 22.81
C PRO B 3297 -94.04 118.28 23.04
N ALA B 3298 -94.36 117.01 22.81
CA ALA B 3298 -95.71 116.48 23.02
C ALA B 3298 -95.93 115.98 24.44
N GLY B 3299 -95.09 116.41 25.39
CA GLY B 3299 -95.27 116.03 26.77
C GLY B 3299 -96.43 116.71 27.47
N ALA B 3300 -96.87 117.87 26.95
CA ALA B 3300 -97.99 118.59 27.55
C ALA B 3300 -99.30 117.80 27.54
N PRO B 3301 -99.76 117.15 26.45
CA PRO B 3301 -100.96 116.30 26.57
C PRO B 3301 -100.69 115.13 27.50
N PRO B 3302 -101.61 114.85 28.44
CA PRO B 3302 -101.42 113.71 29.33
C PRO B 3302 -101.54 112.41 28.56
N PRO B 3303 -100.88 111.34 29.04
CA PRO B 3303 -100.95 110.04 28.36
C PRO B 3303 -102.37 109.49 28.29
N CYS B 3304 -102.65 108.81 27.17
CA CYS B 3304 -103.95 108.20 26.93
C CYS B 3304 -104.16 106.90 27.71
N THR B 3305 -103.22 106.53 28.56
CA THR B 3305 -103.30 105.29 29.32
C THR B 3305 -102.71 105.52 30.71
N ALA B 3306 -103.05 104.63 31.63
CA ALA B 3306 -102.56 104.66 33.00
C ALA B 3306 -101.93 103.33 33.37
N VAL B 3307 -101.09 102.80 32.48
CA VAL B 3307 -100.46 101.50 32.66
C VAL B 3307 -99.01 101.71 33.08
N THR B 3308 -98.69 101.31 34.30
CA THR B 3308 -97.34 101.36 34.83
C THR B 3308 -96.72 99.96 34.74
N SER B 3309 -95.50 99.84 35.25
CA SER B 3309 -94.85 98.53 35.33
C SER B 3309 -95.55 97.61 36.32
N ASP B 3310 -96.25 98.18 37.30
CA ASP B 3310 -97.01 97.39 38.26
C ASP B 3310 -98.15 96.62 37.60
N HIS B 3311 -98.69 97.14 36.49
CA HIS B 3311 -99.71 96.41 35.73
C HIS B 3311 -99.17 95.10 35.16
N LEU B 3312 -98.01 95.16 34.50
CA LEU B 3312 -97.40 93.95 33.98
C LEU B 3312 -96.89 93.06 35.10
N ASN B 3313 -96.42 93.65 36.20
CA ASN B 3313 -96.03 92.86 37.38
C ASN B 3313 -97.22 92.12 37.95
N SER B 3314 -98.37 92.79 38.01
CA SER B 3314 -99.61 92.18 38.49
C SER B 3314 -100.04 91.03 37.60
N LEU B 3315 -100.08 91.28 36.28
CA LEU B 3315 -100.50 90.24 35.34
C LEU B 3315 -99.55 89.04 35.34
N LEU B 3316 -98.23 89.29 35.37
CA LEU B 3316 -97.25 88.20 35.48
C LEU B 3316 -97.41 87.40 36.77
N GLY B 3317 -97.61 88.08 37.90
CA GLY B 3317 -97.85 87.37 39.15
C GLY B 3317 -99.13 86.56 39.15
N ASN B 3318 -100.20 87.13 38.59
CA ASN B 3318 -101.48 86.46 38.52
C ASN B 3318 -101.39 85.23 37.63
N ILE B 3319 -100.71 85.36 36.48
CA ILE B 3319 -100.61 84.26 35.54
C ILE B 3319 -99.82 83.13 36.16
N LEU B 3320 -98.67 83.43 36.79
CA LEU B 3320 -97.82 82.39 37.36
C LEU B 3320 -98.53 81.63 38.47
N ARG B 3321 -99.21 82.35 39.39
CA ARG B 3321 -99.95 81.64 40.43
C ARG B 3321 -101.15 80.88 39.87
N ILE B 3322 -101.74 81.34 38.75
CA ILE B 3322 -102.79 80.58 38.08
C ILE B 3322 -102.22 79.30 37.48
N ILE B 3323 -101.02 79.37 36.90
CA ILE B 3323 -100.40 78.22 36.26
C ILE B 3323 -100.09 77.15 37.31
N VAL B 3324 -99.45 77.57 38.42
CA VAL B 3324 -99.11 76.59 39.45
C VAL B 3324 -100.38 76.09 40.16
N ASN B 3325 -101.47 76.85 40.12
CA ASN B 3325 -102.73 76.42 40.71
C ASN B 3325 -103.25 75.17 40.00
N ASN B 3326 -103.15 75.14 38.67
CA ASN B 3326 -103.61 74.03 37.85
C ASN B 3326 -102.58 72.90 37.73
N LEU B 3327 -101.65 72.78 38.68
CA LEU B 3327 -100.60 71.76 38.61
C LEU B 3327 -101.15 70.35 38.64
N GLY B 3328 -102.27 70.14 39.34
CA GLY B 3328 -102.80 68.81 39.52
C GLY B 3328 -103.80 68.32 38.49
N ILE B 3329 -104.00 69.04 37.39
CA ILE B 3329 -104.96 68.59 36.39
C ILE B 3329 -104.32 67.54 35.49
N ASP B 3330 -105.13 66.56 35.08
CA ASP B 3330 -104.61 65.44 34.31
C ASP B 3330 -104.23 65.86 32.88
N GLU B 3331 -105.11 66.60 32.22
CA GLU B 3331 -104.93 66.95 30.81
C GLU B 3331 -105.15 68.45 30.62
N ALA B 3332 -104.35 69.06 29.73
CA ALA B 3332 -104.40 70.49 29.48
C ALA B 3332 -103.92 70.76 28.06
N THR B 3333 -104.84 71.05 27.15
CA THR B 3333 -104.50 71.57 25.83
C THR B 3333 -104.50 73.09 25.76
N TRP B 3334 -104.92 73.76 26.83
CA TRP B 3334 -104.91 75.22 26.92
C TRP B 3334 -103.57 75.80 27.34
N MET B 3335 -102.74 75.01 28.02
CA MET B 3335 -101.53 75.54 28.65
C MET B 3335 -100.51 76.03 27.63
N LYS B 3336 -100.38 75.28 26.52
CA LYS B 3336 -99.37 75.61 25.51
C LYS B 3336 -99.69 76.96 24.88
N ARG B 3337 -100.98 77.20 24.59
CA ARG B 3337 -101.33 78.48 23.99
C ARG B 3337 -101.24 79.58 25.02
N LEU B 3338 -101.59 79.29 26.30
CA LEU B 3338 -101.55 80.32 27.34
C LEU B 3338 -100.13 80.87 27.53
N ALA B 3339 -99.11 80.04 27.30
CA ALA B 3339 -97.74 80.50 27.51
C ALA B 3339 -97.31 81.54 26.48
N VAL B 3340 -97.67 81.33 25.19
CA VAL B 3340 -97.14 82.18 24.14
C VAL B 3340 -97.75 83.58 24.24
N PHE B 3341 -98.99 83.71 24.70
CA PHE B 3341 -99.54 85.04 24.92
C PHE B 3341 -98.88 85.72 26.11
N ALA B 3342 -98.46 84.94 27.11
CA ALA B 3342 -97.82 85.53 28.28
C ALA B 3342 -96.33 85.75 28.09
N GLN B 3343 -95.84 85.49 26.89
CA GLN B 3343 -94.41 85.65 26.58
C GLN B 3343 -93.99 87.11 26.31
N PRO B 3344 -94.72 87.95 25.54
CA PRO B 3344 -94.28 89.36 25.39
C PRO B 3344 -94.26 90.19 26.68
N ILE B 3345 -95.12 89.91 27.65
CA ILE B 3345 -95.28 90.77 28.84
C ILE B 3345 -94.20 90.58 29.90
N VAL B 3346 -93.36 89.56 29.78
CA VAL B 3346 -92.36 89.24 30.80
C VAL B 3346 -91.24 90.29 30.88
N SER B 3347 -91.08 91.14 29.86
CA SER B 3347 -89.97 92.09 29.79
C SER B 3347 -89.94 93.12 30.91
N ARG B 3348 -91.04 93.31 31.63
CA ARG B 3348 -91.10 94.26 32.73
C ARG B 3348 -91.18 93.57 34.10
N ALA B 3349 -90.71 92.33 34.17
CA ALA B 3349 -90.73 91.58 35.43
C ALA B 3349 -89.76 92.17 36.44
N ARG B 3350 -90.12 92.06 37.70
CA ARG B 3350 -89.38 92.59 38.84
C ARG B 3350 -88.59 91.47 39.53
N PRO B 3351 -87.48 91.82 40.21
CA PRO B 3351 -86.69 90.77 40.89
C PRO B 3351 -87.41 90.05 42.02
N GLU B 3352 -88.49 90.62 42.56
CA GLU B 3352 -89.24 89.98 43.64
C GLU B 3352 -89.97 88.72 43.18
N LEU B 3353 -90.15 88.54 41.85
CA LEU B 3353 -90.86 87.36 41.35
C LEU B 3353 -90.11 86.07 41.62
N LEU B 3354 -88.80 86.17 41.88
CA LEU B 3354 -87.94 85.01 42.07
C LEU B 3354 -88.38 84.24 43.31
N HIS B 3355 -88.29 84.90 44.47
CA HIS B 3355 -88.61 84.21 45.71
C HIS B 3355 -90.10 84.21 45.97
N SER B 3356 -90.85 85.17 45.41
CA SER B 3356 -92.27 85.21 45.68
C SER B 3356 -92.97 84.03 45.00
N HIS B 3357 -92.67 83.82 43.71
CA HIS B 3357 -93.32 82.77 42.93
C HIS B 3357 -92.38 81.68 42.46
N PHE B 3358 -91.27 82.04 41.80
CA PHE B 3358 -90.45 81.07 41.07
C PHE B 3358 -89.89 79.98 41.98
N ILE B 3359 -89.34 80.35 43.14
CA ILE B 3359 -88.79 79.34 44.05
C ILE B 3359 -89.87 78.40 44.60
N PRO B 3360 -91.02 78.86 45.14
CA PRO B 3360 -92.06 77.88 45.55
C PRO B 3360 -92.63 77.01 44.43
N THR B 3361 -92.79 77.57 43.22
CA THR B 3361 -93.31 76.77 42.09
C THR B 3361 -92.33 75.68 41.66
N ILE B 3362 -91.06 76.04 41.47
CA ILE B 3362 -90.04 75.05 41.14
C ILE B 3362 -89.85 74.07 42.29
N GLY B 3363 -89.98 74.55 43.54
CA GLY B 3363 -89.94 73.65 44.70
C GLY B 3363 -91.04 72.59 44.69
N ARG B 3364 -92.26 72.99 44.32
CA ARG B 3364 -93.34 72.01 44.12
C ARG B 3364 -93.04 71.08 42.94
N LEU B 3365 -92.47 71.63 41.86
CA LEU B 3365 -92.13 70.81 40.70
C LEU B 3365 -91.06 69.80 41.06
N ARG B 3366 -90.05 70.21 41.82
CA ARG B 3366 -88.92 69.34 42.14
C ARG B 3366 -89.36 68.24 43.08
N LYS B 3367 -90.24 68.54 44.05
CA LYS B 3367 -90.67 67.48 44.96
C LYS B 3367 -91.57 66.48 44.23
N ARG B 3368 -92.51 66.97 43.41
CA ARG B 3368 -93.35 66.05 42.64
C ARG B 3368 -92.54 65.22 41.65
N ALA B 3369 -91.54 65.82 41.01
CA ALA B 3369 -90.61 65.10 40.15
C ALA B 3369 -89.82 64.05 40.93
N GLY B 3370 -89.41 64.39 42.16
CA GLY B 3370 -88.72 63.44 43.00
C GLY B 3370 -89.58 62.25 43.35
N LYS B 3371 -90.87 62.49 43.61
CA LYS B 3371 -91.79 61.40 43.87
C LYS B 3371 -91.99 60.52 42.63
N VAL B 3372 -92.12 61.15 41.46
CA VAL B 3372 -92.33 60.39 40.22
C VAL B 3372 -91.11 59.52 39.90
N VAL B 3373 -89.91 60.08 40.01
CA VAL B 3373 -88.71 59.28 39.78
C VAL B 3373 -88.49 58.26 40.90
N ALA B 3374 -88.97 58.54 42.12
CA ALA B 3374 -88.95 57.53 43.18
C ALA B 3374 -89.83 56.35 42.82
N GLU B 3375 -91.00 56.62 42.22
CA GLU B 3375 -91.84 55.55 41.69
C GLU B 3375 -91.11 54.81 40.57
N GLU B 3376 -90.39 55.56 39.72
CA GLU B 3376 -89.69 54.96 38.59
C GLU B 3376 -88.63 53.99 39.08
N GLU B 3377 -87.86 54.39 40.10
CA GLU B 3377 -86.83 53.50 40.61
C GLU B 3377 -87.45 52.32 41.36
N GLN B 3378 -88.68 52.48 41.89
CA GLN B 3378 -89.37 51.31 42.45
C GLN B 3378 -89.68 50.30 41.35
N LEU B 3379 -90.03 50.80 40.15
CA LEU B 3379 -90.24 49.86 39.04
C LEU B 3379 -88.92 49.26 38.57
N ARG B 3380 -87.82 50.01 38.66
CA ARG B 3380 -86.55 49.47 38.16
C ARG B 3380 -85.94 48.45 39.12
N LEU B 3381 -86.12 48.62 40.43
CA LEU B 3381 -85.49 47.70 41.38
C LEU B 3381 -86.11 46.31 41.34
N GLU B 3382 -87.40 46.20 41.05
CA GLU B 3382 -88.07 44.91 40.94
C GLU B 3382 -88.52 44.70 39.48
N ALA B 3383 -87.89 43.74 38.81
CA ALA B 3383 -88.18 43.44 37.41
C ALA B 3383 -89.03 42.17 37.35
N LYS B 3384 -90.33 42.37 37.52
CA LYS B 3384 -91.33 41.30 37.50
C LYS B 3384 -92.36 41.61 36.42
N ALA B 3385 -93.41 40.78 36.38
CA ALA B 3385 -94.51 40.97 35.44
C ALA B 3385 -95.29 42.26 35.69
N GLU B 3386 -95.18 42.84 36.88
CA GLU B 3386 -95.84 44.09 37.22
C GLU B 3386 -95.03 45.33 36.84
N ALA B 3387 -93.88 45.15 36.18
CA ALA B 3387 -93.09 46.29 35.72
C ALA B 3387 -93.87 47.13 34.72
N GLU B 3388 -94.55 46.48 33.76
CA GLU B 3388 -95.42 47.22 32.84
C GLU B 3388 -96.63 47.80 33.57
N GLU B 3389 -97.20 47.07 34.53
CA GLU B 3389 -98.34 47.53 35.31
C GLU B 3389 -97.82 48.58 36.29
N GLY B 3390 -97.70 49.81 35.80
CA GLY B 3390 -97.07 50.85 36.58
C GLY B 3390 -96.21 51.69 35.67
N GLU B 3391 -95.78 51.10 34.56
CA GLU B 3391 -95.06 51.90 33.57
C GLU B 3391 -96.02 52.78 32.78
N LEU B 3392 -97.26 52.35 32.56
CA LEU B 3392 -98.26 53.26 32.00
C LEU B 3392 -98.62 54.38 32.98
N LEU B 3393 -98.51 54.10 34.29
CA LEU B 3393 -98.69 55.13 35.31
C LEU B 3393 -97.57 56.15 35.23
N VAL B 3394 -96.32 55.69 35.21
CA VAL B 3394 -95.21 56.64 35.16
C VAL B 3394 -95.16 57.32 33.80
N ARG B 3395 -95.70 56.70 32.74
CA ARG B 3395 -95.83 57.37 31.45
C ARG B 3395 -96.75 58.58 31.54
N ASP B 3396 -97.88 58.43 32.22
CA ASP B 3396 -98.76 59.58 32.45
C ASP B 3396 -98.13 60.58 33.43
N GLU B 3397 -97.47 60.10 34.48
CA GLU B 3397 -96.86 60.98 35.47
C GLU B 3397 -95.72 61.79 34.88
N PHE B 3398 -94.93 61.16 34.00
CA PHE B 3398 -93.88 61.90 33.29
C PHE B 3398 -94.47 62.87 32.29
N SER B 3399 -95.55 62.49 31.60
CA SER B 3399 -96.15 63.40 30.62
C SER B 3399 -96.72 64.65 31.29
N VAL B 3400 -97.42 64.49 32.41
CA VAL B 3400 -97.92 65.65 33.15
C VAL B 3400 -96.76 66.45 33.78
N LEU B 3401 -95.69 65.76 34.18
CA LEU B 3401 -94.47 66.45 34.64
C LEU B 3401 -93.86 67.28 33.51
N CYS B 3402 -93.85 66.73 32.30
CA CYS B 3402 -93.38 67.48 31.13
C CYS B 3402 -94.27 68.69 30.89
N ARG B 3403 -95.58 68.53 31.08
CA ARG B 3403 -96.52 69.63 30.86
C ARG B 3403 -96.25 70.77 31.82
N ASP B 3404 -96.04 70.46 33.10
CA ASP B 3404 -95.83 71.50 34.10
C ASP B 3404 -94.48 72.18 33.90
N LEU B 3405 -93.44 71.39 33.63
CA LEU B 3405 -92.12 71.98 33.42
C LEU B 3405 -92.12 72.84 32.15
N TYR B 3406 -92.80 72.37 31.09
CA TYR B 3406 -92.94 73.13 29.85
C TYR B 3406 -94.04 74.17 29.94
N ALA B 3407 -94.55 74.42 31.14
CA ALA B 3407 -95.48 75.50 31.42
C ALA B 3407 -94.82 76.59 32.24
N LEU B 3408 -93.84 76.22 33.07
CA LEU B 3408 -93.13 77.21 33.87
C LEU B 3408 -91.83 77.67 33.22
N TYR B 3409 -91.10 76.77 32.57
CA TYR B 3409 -89.88 77.12 31.84
C TYR B 3409 -90.03 78.18 30.73
N PRO B 3410 -91.06 78.17 29.85
CA PRO B 3410 -91.15 79.25 28.82
C PRO B 3410 -91.17 80.67 29.38
N LEU B 3411 -91.75 80.87 30.56
CA LEU B 3411 -91.67 82.14 31.25
C LEU B 3411 -90.41 82.29 32.10
N LEU B 3412 -89.92 81.19 32.67
CA LEU B 3412 -88.70 81.26 33.49
C LEU B 3412 -87.47 81.62 32.65
N ILE B 3413 -87.33 81.02 31.46
CA ILE B 3413 -86.21 81.34 30.57
C ILE B 3413 -86.26 82.80 30.15
N ARG B 3414 -87.44 83.29 29.81
CA ARG B 3414 -87.61 84.70 29.48
C ARG B 3414 -87.35 85.58 30.70
N TYR B 3415 -87.60 85.05 31.91
CA TYR B 3415 -87.27 85.79 33.13
C TYR B 3415 -85.76 85.79 33.39
N VAL B 3416 -85.07 84.70 33.04
CA VAL B 3416 -83.62 84.61 33.23
C VAL B 3416 -82.89 85.65 32.38
N ASP B 3417 -83.28 85.74 31.09
CA ASP B 3417 -82.62 86.65 30.13
C ASP B 3417 -82.81 88.10 30.57
N ASN B 3418 -84.00 88.43 31.08
CA ASN B 3418 -84.38 89.80 31.40
C ASN B 3418 -83.47 90.42 32.47
N ASN B 3419 -83.13 89.65 33.52
CA ASN B 3419 -82.46 90.20 34.68
C ASN B 3419 -81.10 89.52 34.90
N ARG B 3420 -80.54 88.88 33.86
CA ARG B 3420 -79.28 88.14 33.97
C ARG B 3420 -78.09 89.05 34.28
N ALA B 3421 -78.10 90.27 33.73
CA ALA B 3421 -76.96 91.17 33.82
C ALA B 3421 -76.62 91.47 35.28
N HIS B 3422 -77.65 91.72 36.09
CA HIS B 3422 -77.42 92.00 37.50
CA HIS B 3422 -77.38 91.99 37.49
C HIS B 3422 -77.09 90.73 38.27
N TRP B 3423 -77.57 89.57 37.79
CA TRP B 3423 -77.32 88.29 38.43
C TRP B 3423 -75.83 87.98 38.42
N LEU B 3424 -75.19 88.24 37.29
CA LEU B 3424 -73.77 87.97 37.19
C LEU B 3424 -72.92 89.13 37.67
N THR B 3425 -73.38 90.37 37.49
CA THR B 3425 -72.65 91.53 38.03
C THR B 3425 -72.60 91.48 39.55
N GLU B 3426 -73.73 91.18 40.19
CA GLU B 3426 -73.86 91.05 41.63
C GLU B 3426 -74.39 89.67 41.97
N PRO B 3427 -73.63 88.82 42.68
CA PRO B 3427 -74.11 87.46 43.02
C PRO B 3427 -75.41 87.47 43.80
N ASN B 3428 -76.30 86.52 43.48
CA ASN B 3428 -77.64 86.49 44.08
C ASN B 3428 -77.87 85.15 44.78
N ALA B 3429 -77.89 85.21 46.11
CA ALA B 3429 -78.15 84.03 46.93
C ALA B 3429 -79.55 83.48 46.67
N ASN B 3430 -80.50 84.36 46.32
CA ASN B 3430 -81.85 83.92 45.99
C ASN B 3430 -81.84 83.04 44.75
N ALA B 3431 -81.07 83.45 43.73
CA ALA B 3431 -80.99 82.66 42.51
C ALA B 3431 -80.19 81.38 42.71
N GLU B 3432 -79.39 81.31 43.80
CA GLU B 3432 -78.60 80.10 44.05
C GLU B 3432 -79.49 78.88 44.31
N GLU B 3433 -80.55 79.04 45.12
CA GLU B 3433 -81.44 77.91 45.38
C GLU B 3433 -82.18 77.50 44.11
N LEU B 3434 -82.56 78.49 43.29
CA LEU B 3434 -83.25 78.19 42.03
C LEU B 3434 -82.35 77.39 41.12
N PHE B 3435 -81.04 77.71 41.14
CA PHE B 3435 -80.06 76.94 40.39
C PHE B 3435 -79.97 75.52 40.90
N ARG B 3436 -80.03 75.35 42.24
CA ARG B 3436 -79.97 74.01 42.83
C ARG B 3436 -81.19 73.19 42.40
N MET B 3437 -82.37 73.82 42.42
CA MET B 3437 -83.62 73.10 42.20
C MET B 3437 -83.70 72.64 40.76
N VAL B 3438 -83.42 73.57 39.82
CA VAL B 3438 -83.52 73.23 38.40
C VAL B 3438 -82.43 72.21 38.06
N GLY B 3439 -81.26 72.30 38.70
CA GLY B 3439 -80.19 71.35 38.44
C GLY B 3439 -80.52 69.94 38.87
N GLU B 3440 -81.10 69.79 40.07
CA GLU B 3440 -81.55 68.48 40.53
C GLU B 3440 -82.68 67.93 39.67
N ILE B 3441 -83.57 68.81 39.18
CA ILE B 3441 -84.57 68.38 38.21
C ILE B 3441 -83.92 67.88 36.92
N PHE B 3442 -82.91 68.60 36.43
CA PHE B 3442 -82.19 68.14 35.24
C PHE B 3442 -81.40 66.86 35.50
N ILE B 3443 -80.97 66.64 36.75
CA ILE B 3443 -80.37 65.37 37.14
C ILE B 3443 -81.38 64.24 36.97
N TYR B 3444 -82.63 64.47 37.42
CA TYR B 3444 -83.70 63.51 37.16
C TYR B 3444 -83.98 63.34 35.67
N TRP B 3445 -83.84 64.44 34.91
CA TRP B 3445 -84.08 64.42 33.46
C TRP B 3445 -83.07 63.49 32.78
N SER B 3446 -81.81 63.60 33.17
CA SER B 3446 -80.77 62.79 32.55
C SER B 3446 -80.83 61.36 33.06
N LYS B 3447 -81.21 61.17 34.32
CA LYS B 3447 -81.22 59.85 34.93
C LYS B 3447 -82.51 59.10 34.66
N SER B 3448 -83.45 59.70 33.94
CA SER B 3448 -84.74 59.07 33.66
C SER B 3448 -84.96 59.09 32.15
N HIS B 3449 -84.72 57.94 31.51
CA HIS B 3449 -84.96 57.80 30.08
C HIS B 3449 -86.44 57.86 29.73
N ASN B 3450 -87.33 57.41 30.62
CA ASN B 3450 -88.77 57.52 30.38
C ASN B 3450 -89.25 58.97 30.29
N PHE B 3451 -88.75 59.84 31.18
CA PHE B 3451 -89.01 61.27 31.08
C PHE B 3451 -88.50 61.86 29.77
N LYS B 3452 -87.40 61.31 29.25
CA LYS B 3452 -86.92 61.74 27.96
C LYS B 3452 -87.81 61.23 26.84
N ARG B 3453 -88.24 59.96 26.94
CA ARG B 3453 -88.99 59.32 25.87
C ARG B 3453 -90.34 60.00 25.68
N GLU B 3454 -91.04 60.30 26.78
CA GLU B 3454 -92.29 61.03 26.64
C GLU B 3454 -92.10 62.54 26.52
N GLU B 3455 -90.86 63.04 26.62
CA GLU B 3455 -90.62 64.45 26.36
C GLU B 3455 -90.90 64.80 24.90
N GLN B 3456 -90.36 64.01 23.95
CA GLN B 3456 -90.73 64.28 22.56
C GLN B 3456 -92.17 63.89 22.27
N ASN B 3457 -92.76 62.99 23.05
CA ASN B 3457 -94.19 62.73 22.89
C ASN B 3457 -94.97 64.01 23.14
N PHE B 3458 -94.71 64.67 24.29
CA PHE B 3458 -95.39 65.91 24.62
C PHE B 3458 -95.12 66.99 23.57
N VAL B 3459 -93.91 66.98 22.99
CA VAL B 3459 -93.59 67.94 21.96
C VAL B 3459 -94.42 67.68 20.70
N VAL B 3460 -94.54 66.41 20.28
CA VAL B 3460 -95.19 66.14 19.00
C VAL B 3460 -96.71 66.32 19.12
N GLN B 3461 -97.33 65.94 20.25
CA GLN B 3461 -98.76 66.22 20.28
C GLN B 3461 -99.08 67.65 20.69
N ASN B 3462 -98.11 68.45 21.15
CA ASN B 3462 -98.40 69.84 21.44
C ASN B 3462 -97.87 70.79 20.36
N GLU B 3463 -97.19 70.25 19.35
CA GLU B 3463 -96.60 71.00 18.23
C GLU B 3463 -95.69 72.12 18.74
N ILE B 3464 -94.81 71.75 19.66
CA ILE B 3464 -93.90 72.73 20.25
C ILE B 3464 -92.82 73.06 19.22
N ASN B 3465 -92.78 74.33 18.80
CA ASN B 3465 -91.81 74.74 17.79
C ASN B 3465 -90.41 74.82 18.37
N ASN B 3466 -90.29 75.31 19.61
CA ASN B 3466 -89.05 75.57 20.35
C ASN B 3466 -88.17 76.65 19.71
N MET B 3467 -88.64 77.27 18.64
CA MET B 3467 -87.98 78.41 18.00
C MET B 3467 -88.55 79.73 18.48
N SER B 3468 -89.88 79.88 18.49
CA SER B 3468 -90.50 81.08 19.04
C SER B 3468 -90.21 81.26 20.52
N PHE B 3469 -90.18 80.15 21.28
CA PHE B 3469 -89.89 80.16 22.72
C PHE B 3469 -88.46 80.60 23.06
N LEU B 3470 -87.56 80.63 22.07
CA LEU B 3470 -86.19 81.06 22.29
C LEU B 3470 -85.81 82.27 21.46
N THR B 3471 -86.63 82.66 20.48
CA THR B 3471 -86.32 83.78 19.61
C THR B 3471 -87.35 84.91 19.62
N ALA B 3472 -88.41 84.83 20.45
CA ALA B 3472 -89.39 85.93 20.49
C ALA B 3472 -88.76 87.24 20.97
N ASP B 3473 -87.89 87.15 21.97
CA ASP B 3473 -87.12 88.31 22.41
C ASP B 3473 -86.20 88.80 21.29
N SER B 3474 -85.56 87.88 20.55
CA SER B 3474 -84.68 88.31 19.47
C SER B 3474 -85.47 88.96 18.34
N LYS B 3475 -86.71 88.50 18.14
CA LYS B 3475 -87.58 89.14 17.15
C LYS B 3475 -87.87 90.56 17.55
N SER B 3476 -88.13 90.78 18.85
CA SER B 3476 -88.46 92.12 19.28
C SER B 3476 -87.24 93.02 19.46
N LYS B 3477 -86.02 92.46 19.41
CA LYS B 3477 -84.82 93.29 19.52
C LYS B 3477 -84.40 93.91 18.19
N MET B 3478 -85.17 93.65 17.11
CA MET B 3478 -84.93 94.17 15.76
C MET B 3478 -83.57 93.71 15.22
N ALA B 3479 -83.42 92.38 15.16
CA ALA B 3479 -82.20 91.77 14.65
C ALA B 3479 -82.33 91.44 13.17
N ARG B 3498 -85.58 72.47 10.85
CA ARG B 3498 -85.29 71.70 9.64
C ARG B 3498 -84.72 70.33 10.00
N ARG B 3499 -83.58 70.34 10.70
CA ARG B 3499 -82.93 69.08 11.09
C ARG B 3499 -83.68 68.42 12.25
N GLY B 3500 -83.80 69.11 13.37
CA GLY B 3500 -84.52 68.57 14.50
C GLY B 3500 -85.68 69.44 14.93
N ASP B 3501 -86.38 69.99 13.94
CA ASP B 3501 -87.52 70.88 14.20
C ASP B 3501 -88.64 70.15 14.94
N ARG B 3502 -88.83 68.86 14.63
CA ARG B 3502 -89.80 68.06 15.38
C ARG B 3502 -89.40 67.92 16.84
N TYR B 3503 -88.16 67.50 17.10
CA TYR B 3503 -87.53 67.44 18.42
C TYR B 3503 -86.06 67.12 18.23
N SER B 3504 -85.23 67.75 19.07
CA SER B 3504 -83.80 67.44 19.14
C SER B 3504 -83.33 67.83 20.54
N VAL B 3505 -82.13 67.34 20.88
CA VAL B 3505 -81.54 67.60 22.20
C VAL B 3505 -81.29 69.09 22.41
N GLN B 3506 -80.84 69.78 21.36
CA GLN B 3506 -80.59 71.22 21.41
C GLN B 3506 -81.86 72.02 21.66
N THR B 3507 -83.00 71.53 21.22
CA THR B 3507 -84.28 72.21 21.41
C THR B 3507 -84.97 71.82 22.70
N SER B 3508 -84.37 70.96 23.52
CA SER B 3508 -84.93 70.65 24.83
C SER B 3508 -84.95 71.89 25.72
N LEU B 3509 -86.15 72.29 26.11
CA LEU B 3509 -86.32 73.53 26.86
C LEU B 3509 -85.68 73.41 28.25
N ILE B 3510 -85.61 72.18 28.77
CA ILE B 3510 -85.02 71.96 30.08
C ILE B 3510 -83.51 72.19 30.02
N VAL B 3511 -82.85 71.64 28.97
CA VAL B 3511 -81.41 71.87 28.89
C VAL B 3511 -81.16 73.34 28.54
N ALA B 3512 -82.17 74.00 27.95
CA ALA B 3512 -82.05 75.42 27.66
C ALA B 3512 -82.04 76.22 28.95
N THR B 3513 -83.01 75.98 29.85
CA THR B 3513 -83.06 76.75 31.10
C THR B 3513 -81.86 76.43 31.98
N LEU B 3514 -81.30 75.23 31.84
CA LEU B 3514 -80.05 74.90 32.53
C LEU B 3514 -78.90 75.76 32.02
N LYS B 3515 -78.71 75.80 30.70
CA LYS B 3515 -77.56 76.50 30.15
C LYS B 3515 -77.70 78.03 30.21
N LYS B 3516 -78.94 78.55 30.23
CA LYS B 3516 -79.12 80.00 30.29
C LYS B 3516 -78.64 80.59 31.61
N MET B 3517 -78.78 79.86 32.72
CA MET B 3517 -78.33 80.41 34.01
C MET B 3517 -77.38 79.48 34.75
N LEU B 3518 -76.71 78.58 34.04
CA LEU B 3518 -75.60 77.82 34.62
C LEU B 3518 -74.46 78.70 35.16
N PRO B 3519 -74.00 79.77 34.47
CA PRO B 3519 -72.91 80.57 35.07
C PRO B 3519 -73.23 81.20 36.41
N ILE B 3520 -74.51 81.30 36.81
CA ILE B 3520 -74.82 81.73 38.17
C ILE B 3520 -74.25 80.73 39.16
N GLY B 3521 -74.39 79.44 38.85
CA GLY B 3521 -73.78 78.39 39.63
C GLY B 3521 -72.27 78.38 39.56
N LEU B 3522 -71.72 78.64 38.37
CA LEU B 3522 -70.26 78.72 38.27
C LEU B 3522 -69.72 79.93 39.02
N ASN B 3523 -70.47 81.04 38.98
CA ASN B 3523 -70.09 82.28 39.65
C ASN B 3523 -70.05 82.10 41.15
N MET B 3524 -71.06 81.42 41.72
CA MET B 3524 -71.12 81.30 43.18
C MET B 3524 -70.06 80.37 43.76
N CYS B 3525 -69.31 79.64 42.92
CA CYS B 3525 -68.18 78.84 43.35
C CYS B 3525 -66.90 79.66 43.26
N ALA B 3526 -65.77 79.04 43.60
CA ALA B 3526 -64.50 79.77 43.62
C ALA B 3526 -63.53 79.21 42.59
N PRO B 3527 -62.69 80.09 42.00
CA PRO B 3527 -61.68 79.63 41.03
C PRO B 3527 -60.67 78.63 41.55
N THR B 3528 -60.30 78.66 42.84
CA THR B 3528 -59.41 77.63 43.39
C THR B 3528 -60.08 76.26 43.48
N ASP B 3529 -61.39 76.17 43.31
CA ASP B 3529 -62.09 74.90 43.32
C ASP B 3529 -62.21 74.26 41.95
N GLN B 3530 -61.51 74.77 40.93
CA GLN B 3530 -61.55 74.18 39.59
C GLN B 3530 -61.09 72.73 39.62
N ASP B 3531 -59.90 72.45 40.16
CA ASP B 3531 -59.42 71.07 40.21
C ASP B 3531 -60.37 70.17 41.00
N LEU B 3532 -61.10 70.75 41.98
CA LEU B 3532 -62.16 70.02 42.66
C LEU B 3532 -63.28 69.67 41.67
N ILE B 3533 -63.47 70.52 40.65
CA ILE B 3533 -64.52 70.23 39.66
C ILE B 3533 -64.08 69.08 38.78
N MET B 3534 -62.84 69.12 38.25
CA MET B 3534 -62.45 68.01 37.38
C MET B 3534 -62.26 66.68 38.13
N LEU B 3535 -61.81 66.69 39.39
CA LEU B 3535 -61.85 65.43 40.16
C LEU B 3535 -63.28 65.00 40.43
N ALA B 3536 -64.22 65.94 40.49
CA ALA B 3536 -65.60 65.54 40.57
C ALA B 3536 -66.14 65.06 39.22
N LYS B 3537 -65.55 65.51 38.11
CA LYS B 3537 -65.90 64.95 36.81
C LYS B 3537 -65.49 63.49 36.76
N THR B 3538 -64.32 63.19 37.35
CA THR B 3538 -63.85 61.81 37.39
C THR B 3538 -64.79 60.94 38.23
N ARG B 3539 -65.15 61.39 39.45
CA ARG B 3539 -66.00 60.56 40.31
C ARG B 3539 -67.40 60.37 39.70
N TYR B 3540 -67.95 61.42 39.05
CA TYR B 3540 -69.23 61.26 38.37
C TYR B 3540 -69.11 60.34 37.17
N ALA B 3541 -67.95 60.31 36.51
CA ALA B 3541 -67.76 59.28 35.49
C ALA B 3541 -67.65 57.89 36.13
N LEU B 3542 -67.14 57.83 37.38
CA LEU B 3542 -67.16 56.61 38.17
C LEU B 3542 -68.50 56.33 38.83
N LYS B 3543 -69.56 57.04 38.43
CA LYS B 3543 -70.94 56.83 38.90
C LYS B 3543 -71.11 57.01 40.41
N ASP B 3544 -70.46 58.01 40.98
CA ASP B 3544 -70.57 58.24 42.41
C ASP B 3544 -71.70 59.23 42.67
N THR B 3545 -72.61 58.87 43.59
CA THR B 3545 -73.76 59.70 43.87
C THR B 3545 -73.46 60.70 44.99
N ASP B 3546 -74.52 61.38 45.47
CA ASP B 3546 -74.40 62.53 46.36
C ASP B 3546 -73.75 62.16 47.68
N GLU B 3547 -73.99 60.95 48.19
CA GLU B 3547 -73.51 60.59 49.51
C GLU B 3547 -71.99 60.48 49.50
N GLU B 3548 -71.44 59.71 48.53
CA GLU B 3548 -70.02 59.44 48.55
C GLU B 3548 -69.20 60.57 47.94
N VAL B 3549 -69.80 61.41 47.09
CA VAL B 3549 -69.02 62.53 46.55
C VAL B 3549 -68.69 63.53 47.64
N ARG B 3550 -69.60 63.73 48.61
CA ARG B 3550 -69.35 64.69 49.68
C ARG B 3550 -68.20 64.23 50.56
N GLU B 3551 -68.17 62.95 50.93
CA GLU B 3551 -67.13 62.46 51.83
C GLU B 3551 -65.79 62.40 51.11
N PHE B 3552 -65.78 62.04 49.82
CA PHE B 3552 -64.53 62.08 49.07
C PHE B 3552 -64.01 63.51 48.92
N LEU B 3553 -64.91 64.48 48.68
CA LEU B 3553 -64.47 65.89 48.64
C LEU B 3553 -63.97 66.35 50.01
N GLN B 3554 -64.58 65.86 51.09
CA GLN B 3554 -64.07 66.13 52.44
C GLN B 3554 -62.66 65.59 52.62
N ASN B 3555 -62.37 64.44 52.01
CA ASN B 3555 -60.99 63.97 51.96
C ASN B 3555 -60.14 64.89 51.09
N ASN B 3556 -60.72 65.42 50.00
CA ASN B 3556 -60.05 66.31 49.06
C ASN B 3556 -60.15 67.79 49.45
N LEU B 3557 -60.38 68.09 50.74
CA LEU B 3557 -60.46 69.48 51.18
C LEU B 3557 -59.16 70.23 50.98
N HIS B 3558 -58.02 69.57 51.23
CA HIS B 3558 -56.71 70.17 51.02
C HIS B 3558 -56.21 70.01 49.59
N LEU B 3559 -57.00 69.40 48.71
CA LEU B 3559 -56.64 69.23 47.31
C LEU B 3559 -57.05 70.42 46.46
N GLN B 3560 -57.59 71.47 47.06
CA GLN B 3560 -58.04 72.66 46.33
C GLN B 3560 -56.86 73.37 45.68
N GLY B 3561 -57.16 74.09 44.59
CA GLY B 3561 -56.13 74.76 43.82
C GLY B 3561 -55.43 75.87 44.60
N LYS B 3562 -54.22 76.17 44.15
CA LYS B 3562 -53.37 77.20 44.73
C LYS B 3562 -53.28 78.35 43.74
N VAL B 3563 -53.56 79.57 44.22
CA VAL B 3563 -53.53 80.76 43.38
C VAL B 3563 -52.13 81.01 42.82
N GLU B 3564 -51.08 80.68 43.59
CA GLU B 3564 -49.71 80.82 43.12
C GLU B 3564 -49.33 79.79 42.06
N GLY B 3565 -50.15 78.76 41.85
CA GLY B 3565 -49.81 77.72 40.89
C GLY B 3565 -50.04 78.10 39.44
N SER B 3566 -50.85 79.13 39.18
CA SER B 3566 -51.14 79.54 37.83
C SER B 3566 -51.38 81.04 37.82
N PRO B 3567 -50.83 81.76 36.85
CA PRO B 3567 -51.08 83.21 36.75
C PRO B 3567 -52.54 83.57 36.54
N SER B 3568 -53.31 82.69 35.87
CA SER B 3568 -54.73 82.94 35.64
C SER B 3568 -55.53 83.03 36.94
N LEU B 3569 -55.07 82.34 37.98
CA LEU B 3569 -55.77 82.40 39.24
C LEU B 3569 -55.54 83.72 39.98
N ARG B 3570 -54.42 84.40 39.68
CA ARG B 3570 -54.14 85.68 40.32
C ARG B 3570 -55.19 86.72 39.92
N TRP B 3571 -55.41 86.87 38.61
CA TRP B 3571 -56.39 87.84 38.15
C TRP B 3571 -57.80 87.36 38.42
N GLN B 3572 -58.03 86.03 38.39
CA GLN B 3572 -59.37 85.53 38.67
C GLN B 3572 -59.77 85.83 40.11
N MET B 3573 -58.86 85.62 41.07
CA MET B 3573 -59.15 86.05 42.43
C MET B 3573 -59.18 87.57 42.59
N ALA B 3574 -58.39 88.30 41.78
CA ALA B 3574 -58.42 89.76 41.80
C ALA B 3574 -59.79 90.30 41.42
N LEU B 3575 -60.43 89.68 40.44
CA LEU B 3575 -61.76 90.15 40.07
C LEU B 3575 -62.82 89.54 40.97
N TYR B 3576 -62.57 88.31 41.44
CA TYR B 3576 -63.56 87.59 42.22
C TYR B 3576 -63.77 88.30 43.55
N ARG B 3577 -62.69 88.72 44.22
CA ARG B 3577 -62.94 89.64 45.33
C ARG B 3577 -63.18 91.06 44.84
N GLY B 3578 -62.94 91.36 43.56
CA GLY B 3578 -63.26 92.68 43.05
C GLY B 3578 -64.75 92.95 42.93
N LEU B 3579 -65.56 91.90 42.99
CA LEU B 3579 -67.02 92.11 43.01
C LEU B 3579 -67.45 92.52 44.41
N PRO B 3580 -68.26 93.56 44.55
CA PRO B 3580 -68.69 94.02 45.89
C PRO B 3580 -69.56 93.04 46.67
N GLY B 3581 -70.18 92.06 46.01
CA GLY B 3581 -71.08 91.15 46.69
C GLY B 3581 -70.42 89.89 47.23
N ARG B 3582 -69.11 89.94 47.42
CA ARG B 3582 -68.35 88.78 47.84
C ARG B 3582 -67.88 88.95 49.28
N GLU B 3583 -68.06 87.92 50.08
CA GLU B 3583 -67.58 87.87 51.45
C GLU B 3583 -66.72 86.63 51.62
N GLU B 3584 -65.60 86.78 52.32
CA GLU B 3584 -64.62 85.71 52.46
C GLU B 3584 -65.08 84.58 53.36
N ASP B 3585 -66.16 84.78 54.13
CA ASP B 3585 -66.62 83.78 55.09
C ASP B 3585 -67.47 82.69 54.46
N ALA B 3586 -67.78 82.81 53.17
CA ALA B 3586 -68.63 81.84 52.47
C ALA B 3586 -67.95 80.51 52.19
N ASP B 3587 -66.64 80.39 52.43
CA ASP B 3587 -65.92 79.16 52.10
C ASP B 3587 -65.93 78.14 53.23
N ASP B 3588 -67.13 77.80 53.72
CA ASP B 3588 -67.28 76.77 54.72
C ASP B 3588 -66.92 75.41 54.12
N PRO B 3589 -66.33 74.51 54.92
CA PRO B 3589 -65.94 73.18 54.38
C PRO B 3589 -67.08 72.37 53.79
N GLU B 3590 -68.27 72.41 54.42
CA GLU B 3590 -69.42 71.74 53.84
C GLU B 3590 -70.02 72.52 52.68
N LYS B 3591 -69.95 73.87 52.74
CA LYS B 3591 -70.53 74.71 51.70
C LYS B 3591 -69.79 74.52 50.37
N ILE B 3592 -68.46 74.52 50.42
CA ILE B 3592 -67.67 74.42 49.19
C ILE B 3592 -67.87 73.05 48.53
N VAL B 3593 -67.86 71.96 49.31
CA VAL B 3593 -68.05 70.63 48.73
C VAL B 3593 -69.47 70.46 48.23
N ARG B 3594 -70.44 71.15 48.86
CA ARG B 3594 -71.82 71.09 48.39
C ARG B 3594 -71.97 71.80 47.05
N ARG B 3595 -71.42 73.01 46.92
CA ARG B 3595 -71.58 73.75 45.67
C ARG B 3595 -70.74 73.12 44.55
N VAL B 3596 -69.59 72.55 44.88
CA VAL B 3596 -68.79 71.81 43.91
C VAL B 3596 -69.56 70.60 43.39
N GLN B 3597 -70.20 69.85 44.29
CA GLN B 3597 -71.02 68.71 43.85
C GLN B 3597 -72.19 69.16 42.97
N GLU B 3598 -72.83 70.28 43.33
CA GLU B 3598 -73.95 70.81 42.54
C GLU B 3598 -73.52 71.19 41.12
N VAL B 3599 -72.44 71.97 41.00
CA VAL B 3599 -72.01 72.42 39.68
C VAL B 3599 -71.40 71.27 38.89
N SER B 3600 -70.78 70.31 39.58
CA SER B 3600 -70.17 69.18 38.91
C SER B 3600 -71.25 68.30 38.30
N ALA B 3601 -72.27 67.96 39.08
CA ALA B 3601 -73.32 67.08 38.60
C ALA B 3601 -74.06 67.71 37.43
N VAL B 3602 -74.39 69.00 37.52
CA VAL B 3602 -75.12 69.64 36.42
C VAL B 3602 -74.27 69.78 35.15
N LEU B 3603 -72.97 70.05 35.29
CA LEU B 3603 -72.11 70.13 34.12
C LEU B 3603 -71.84 68.75 33.53
N TYR B 3604 -71.63 67.76 34.39
CA TYR B 3604 -71.33 66.40 33.95
C TYR B 3604 -72.52 65.84 33.18
N HIS B 3605 -73.73 66.03 33.73
CA HIS B 3605 -74.92 65.54 33.06
C HIS B 3605 -75.12 66.29 31.75
N LEU B 3606 -74.85 67.61 31.74
CA LEU B 3606 -75.09 68.40 30.54
C LEU B 3606 -74.16 67.94 29.41
N GLU B 3607 -72.88 67.70 29.72
CA GLU B 3607 -71.98 67.22 28.67
C GLU B 3607 -72.32 65.80 28.24
N GLN B 3608 -72.96 64.99 29.11
CA GLN B 3608 -73.42 63.67 28.65
C GLN B 3608 -74.59 63.84 27.69
N THR B 3609 -75.37 64.90 27.87
CA THR B 3609 -76.55 65.10 27.03
C THR B 3609 -76.10 65.64 25.67
N GLU B 3610 -75.42 66.78 25.68
CA GLU B 3610 -75.06 67.47 24.43
C GLU B 3610 -74.05 66.67 23.59
N HIS B 3611 -73.15 65.87 24.21
CA HIS B 3611 -72.26 64.98 23.47
C HIS B 3611 -72.78 63.54 23.57
N PRO B 3612 -73.71 63.10 22.71
CA PRO B 3612 -74.26 61.74 22.85
C PRO B 3612 -73.28 60.58 22.64
N TYR B 3613 -72.40 60.67 21.62
CA TYR B 3613 -71.36 59.67 21.27
C TYR B 3613 -71.96 58.26 21.08
N LYS B 3614 -73.11 58.21 20.41
CA LYS B 3614 -73.98 57.03 20.41
C LYS B 3614 -73.83 56.14 19.18
N SER B 3615 -72.90 56.43 18.28
CA SER B 3615 -72.81 55.72 17.00
C SER B 3615 -72.09 54.38 17.19
N LYS B 3616 -71.87 53.68 16.06
CA LYS B 3616 -71.14 52.40 15.94
C LYS B 3616 -71.95 51.20 16.45
N LYS B 3617 -73.27 51.35 16.59
CA LYS B 3617 -74.14 50.26 17.01
C LYS B 3617 -75.16 49.87 15.94
N ALA B 3618 -75.90 50.82 15.41
CA ALA B 3618 -76.84 50.55 14.31
C ALA B 3618 -76.25 51.16 13.03
N VAL B 3619 -75.47 50.36 12.32
CA VAL B 3619 -74.70 50.80 11.16
C VAL B 3619 -75.17 50.03 9.94
N TRP B 3620 -75.24 50.72 8.80
CA TRP B 3620 -75.60 50.17 7.50
C TRP B 3620 -74.58 49.12 7.07
N HIS B 3621 -74.96 47.84 7.09
CA HIS B 3621 -74.03 46.75 6.83
C HIS B 3621 -74.37 45.93 5.59
N LYS B 3622 -75.55 46.12 5.00
CA LYS B 3622 -76.05 45.46 3.77
C LYS B 3622 -75.82 43.94 3.76
N LEU B 3623 -76.46 43.28 4.75
CA LEU B 3623 -76.40 41.83 4.89
C LEU B 3623 -76.94 41.12 3.66
N LEU B 3624 -78.15 41.48 3.21
CA LEU B 3624 -78.70 40.93 1.99
C LEU B 3624 -79.47 41.96 1.17
N SER B 3625 -79.41 43.24 1.54
CA SER B 3625 -80.22 44.28 0.88
C SER B 3625 -79.79 44.51 -0.56
N LYS B 3626 -78.48 44.52 -0.83
CA LYS B 3626 -78.00 44.83 -2.18
C LYS B 3626 -78.39 43.76 -3.20
N GLN B 3627 -78.50 42.51 -2.78
CA GLN B 3627 -78.71 41.41 -3.71
C GLN B 3627 -80.02 40.64 -3.54
N ARG B 3628 -80.69 40.74 -2.39
CA ARG B 3628 -81.84 39.87 -2.16
C ARG B 3628 -82.98 40.67 -1.50
N ARG B 3629 -83.12 41.94 -1.88
CA ARG B 3629 -84.26 42.73 -1.39
C ARG B 3629 -85.58 42.29 -2.00
N ARG B 3630 -85.55 41.69 -3.19
CA ARG B 3630 -86.78 41.35 -3.89
C ARG B 3630 -87.53 40.19 -3.24
N ALA B 3631 -86.82 39.37 -2.45
CA ALA B 3631 -87.44 38.18 -1.87
C ALA B 3631 -88.46 38.56 -0.80
N VAL B 3632 -88.10 39.47 0.10
CA VAL B 3632 -88.98 39.81 1.22
C VAL B 3632 -90.24 40.52 0.70
N VAL B 3633 -90.09 41.33 -0.35
CA VAL B 3633 -91.22 42.00 -0.96
C VAL B 3633 -92.13 41.00 -1.67
N ALA B 3634 -91.54 40.09 -2.46
CA ALA B 3634 -92.33 39.21 -3.30
C ALA B 3634 -92.94 38.03 -2.56
N CYS B 3635 -92.27 37.53 -1.50
CA CYS B 3635 -92.70 36.32 -0.79
C CYS B 3635 -94.10 36.44 -0.20
N PHE B 3636 -94.50 37.65 0.19
CA PHE B 3636 -95.88 37.85 0.65
C PHE B 3636 -96.88 37.64 -0.49
N ARG B 3637 -96.46 37.85 -1.73
CA ARG B 3637 -97.36 37.82 -2.88
C ARG B 3637 -97.11 36.65 -3.82
N MET B 3638 -96.19 35.74 -3.50
CA MET B 3638 -96.01 34.56 -4.33
C MET B 3638 -97.24 33.66 -4.22
N THR B 3639 -97.43 32.83 -5.25
CA THR B 3639 -98.64 32.03 -5.33
C THR B 3639 -98.67 30.96 -4.23
N PRO B 3640 -99.75 30.88 -3.46
CA PRO B 3640 -99.88 29.80 -2.49
C PRO B 3640 -100.20 28.50 -3.21
N LEU B 3641 -100.05 27.40 -2.46
CA LEU B 3641 -100.15 26.06 -3.02
C LEU B 3641 -101.53 25.78 -3.60
N TYR B 3642 -102.60 26.22 -2.91
CA TYR B 3642 -103.96 25.91 -3.35
C TYR B 3642 -104.32 26.55 -4.69
N ASN B 3643 -103.58 27.56 -5.13
CA ASN B 3643 -103.81 28.18 -6.42
C ASN B 3643 -102.94 27.59 -7.54
N LEU B 3644 -102.10 26.61 -7.24
CA LEU B 3644 -101.30 25.95 -8.26
C LEU B 3644 -102.16 24.99 -9.08
N PRO B 3645 -101.87 24.84 -10.37
CA PRO B 3645 -102.60 23.85 -11.19
C PRO B 3645 -102.34 22.44 -10.67
N THR B 3646 -103.34 21.57 -10.88
CA THR B 3646 -103.30 20.21 -10.35
C THR B 3646 -102.13 19.41 -10.92
N HIS B 3647 -101.89 19.51 -12.23
CA HIS B 3647 -100.80 18.77 -12.85
C HIS B 3647 -99.43 19.25 -12.36
N ARG B 3648 -99.26 20.57 -12.23
CA ARG B 3648 -97.99 21.12 -11.75
C ARG B 3648 -97.74 20.71 -10.31
N ALA B 3649 -98.79 20.76 -9.49
CA ALA B 3649 -98.67 20.39 -8.08
C ALA B 3649 -98.33 18.92 -7.96
N CYS B 3650 -98.94 18.07 -8.80
CA CYS B 3650 -98.63 16.65 -8.77
C CYS B 3650 -97.19 16.39 -9.17
N ASN B 3651 -96.68 17.15 -10.15
CA ASN B 3651 -95.28 17.00 -10.57
C ASN B 3651 -94.33 17.35 -9.43
N MET B 3652 -94.61 18.43 -8.70
CA MET B 3652 -93.77 18.74 -7.54
C MET B 3652 -93.94 17.70 -6.43
N PHE B 3653 -95.17 17.18 -6.29
CA PHE B 3653 -95.48 16.21 -5.25
C PHE B 3653 -94.71 14.92 -5.44
N LEU B 3654 -94.57 14.46 -6.68
CA LEU B 3654 -93.86 13.20 -6.95
C LEU B 3654 -92.40 13.30 -6.52
N GLU B 3655 -91.74 14.41 -6.87
CA GLU B 3655 -90.35 14.62 -6.47
C GLU B 3655 -90.20 14.73 -4.95
N SER B 3656 -91.14 15.45 -4.30
CA SER B 3656 -91.12 15.54 -2.84
C SER B 3656 -91.33 14.19 -2.19
N TYR B 3657 -92.24 13.39 -2.76
CA TYR B 3657 -92.58 12.09 -2.20
C TYR B 3657 -91.41 11.15 -2.32
N LYS B 3658 -90.79 11.08 -3.50
CA LYS B 3658 -89.68 10.14 -3.67
C LYS B 3658 -88.49 10.57 -2.83
N ALA B 3659 -88.24 11.89 -2.75
CA ALA B 3659 -87.08 12.40 -2.04
C ALA B 3659 -87.24 12.33 -0.53
N ALA B 3660 -88.46 12.16 -0.03
CA ALA B 3660 -88.67 12.14 1.41
C ALA B 3660 -89.23 10.82 1.90
N TRP B 3661 -89.62 9.91 1.01
CA TRP B 3661 -90.21 8.66 1.43
C TRP B 3661 -89.57 7.42 0.81
N ILE B 3662 -89.01 7.54 -0.39
CA ILE B 3662 -88.48 6.39 -1.10
C ILE B 3662 -86.97 6.29 -0.98
N LEU B 3663 -86.25 7.41 -1.15
CA LEU B 3663 -84.81 7.43 -0.94
C LEU B 3663 -84.46 7.08 0.49
N THR B 3664 -85.26 7.56 1.44
CA THR B 3664 -85.05 7.24 2.85
C THR B 3664 -85.52 5.83 3.22
N GLU B 3665 -86.29 5.16 2.36
CA GLU B 3665 -86.74 3.81 2.64
C GLU B 3665 -85.58 2.83 2.68
N ASP B 3666 -85.62 1.91 3.64
CA ASP B 3666 -84.57 0.93 3.86
C ASP B 3666 -85.05 -0.45 3.44
N HIS B 3667 -84.28 -1.11 2.57
CA HIS B 3667 -84.58 -2.49 2.17
C HIS B 3667 -83.25 -3.16 1.82
N SER B 3668 -82.70 -3.91 2.76
CA SER B 3668 -81.42 -4.59 2.57
C SER B 3668 -81.71 -6.00 2.07
N PHE B 3669 -81.78 -6.15 0.75
CA PHE B 3669 -82.03 -7.44 0.12
C PHE B 3669 -80.75 -8.09 -0.40
N GLU B 3670 -79.60 -7.44 -0.21
CA GLU B 3670 -78.34 -7.92 -0.78
C GLU B 3670 -77.94 -9.27 -0.22
N ASP B 3671 -78.10 -9.45 1.09
CA ASP B 3671 -77.69 -10.68 1.75
C ASP B 3671 -78.50 -11.86 1.25
N ARG B 3672 -79.82 -11.68 1.11
CA ARG B 3672 -80.63 -12.79 0.65
C ARG B 3672 -80.54 -12.98 -0.86
N MET B 3673 -80.16 -11.93 -1.61
CA MET B 3673 -79.86 -12.11 -3.02
C MET B 3673 -78.65 -13.01 -3.22
N ILE B 3674 -77.54 -12.67 -2.56
CA ILE B 3674 -76.33 -13.48 -2.69
C ILE B 3674 -76.55 -14.87 -2.10
N ASP B 3675 -77.36 -14.97 -1.03
CA ASP B 3675 -77.69 -16.27 -0.46
C ASP B 3675 -78.44 -17.14 -1.48
N ASP B 3676 -79.41 -16.56 -2.19
CA ASP B 3676 -80.14 -17.30 -3.23
C ASP B 3676 -79.22 -17.67 -4.38
N LEU B 3677 -78.33 -16.76 -4.77
CA LEU B 3677 -77.47 -17.01 -5.92
C LEU B 3677 -76.34 -17.97 -5.61
N SER B 3678 -75.99 -18.16 -4.34
CA SER B 3678 -74.85 -19.00 -4.00
C SER B 3678 -75.23 -20.44 -3.68
N LYS B 3679 -76.52 -20.78 -3.75
CA LYS B 3679 -76.96 -22.14 -3.47
C LYS B 3679 -77.12 -22.92 -4.76
N ALA B 3680 -76.36 -24.00 -4.89
CA ALA B 3680 -76.50 -24.92 -6.02
C ALA B 3680 -77.47 -26.04 -5.68
N GLY B 3681 -78.67 -25.65 -5.23
CA GLY B 3681 -79.62 -26.63 -4.75
C GLY B 3681 -80.36 -27.33 -5.87
N GLU B 3682 -80.84 -28.53 -5.53
CA GLU B 3682 -81.68 -29.48 -6.30
C GLU B 3682 -80.90 -30.33 -7.30
N GLN B 3683 -79.58 -30.16 -7.45
CA GLN B 3683 -78.78 -31.11 -8.21
C GLN B 3683 -77.63 -31.71 -7.42
N GLU B 3684 -77.53 -31.42 -6.11
CA GLU B 3684 -76.55 -32.10 -5.27
C GLU B 3684 -76.86 -33.59 -5.17
N GLU B 3685 -78.15 -33.95 -5.24
CA GLU B 3685 -78.56 -35.35 -5.22
C GLU B 3685 -78.18 -36.07 -6.50
N GLU B 3686 -77.99 -35.34 -7.61
CA GLU B 3686 -77.57 -35.96 -8.86
C GLU B 3686 -76.18 -36.59 -8.74
N GLU B 3687 -75.25 -35.89 -8.09
CA GLU B 3687 -73.86 -36.32 -7.88
C GLU B 3687 -73.16 -36.68 -9.20
N GLU B 3688 -73.11 -35.68 -10.09
CA GLU B 3688 -72.49 -35.79 -11.42
C GLU B 3688 -71.10 -36.40 -11.36
N GLU B 3689 -70.85 -37.32 -12.28
CA GLU B 3689 -69.58 -38.03 -12.36
C GLU B 3689 -68.42 -37.09 -12.66
N VAL B 3690 -68.63 -36.11 -13.55
CA VAL B 3690 -67.57 -35.21 -13.98
C VAL B 3690 -67.08 -34.38 -12.79
N GLU B 3691 -65.77 -34.19 -12.71
CA GLU B 3691 -65.17 -33.32 -11.70
C GLU B 3691 -65.59 -31.87 -11.83
N GLU B 3692 -65.69 -31.36 -13.08
CA GLU B 3692 -66.03 -30.00 -13.53
C GLU B 3692 -66.84 -29.16 -12.53
N LYS B 3693 -67.98 -29.71 -12.09
CA LYS B 3693 -68.86 -29.11 -11.07
C LYS B 3693 -69.35 -27.72 -11.48
N LYS B 3694 -70.24 -27.72 -12.51
CA LYS B 3694 -70.84 -26.58 -13.21
C LYS B 3694 -71.19 -25.45 -12.24
N PRO B 3695 -70.75 -24.23 -12.55
CA PRO B 3695 -70.83 -23.13 -11.57
C PRO B 3695 -72.24 -22.80 -11.13
N ASP B 3696 -72.36 -22.47 -9.85
CA ASP B 3696 -73.59 -21.99 -9.28
C ASP B 3696 -73.89 -20.57 -9.79
N PRO B 3697 -75.17 -20.10 -9.68
CA PRO B 3697 -75.55 -18.82 -10.31
C PRO B 3697 -74.69 -17.63 -9.98
N LEU B 3698 -74.22 -17.53 -8.73
CA LEU B 3698 -73.35 -16.41 -8.35
C LEU B 3698 -72.05 -16.46 -9.12
N HIS B 3699 -71.48 -17.66 -9.29
CA HIS B 3699 -70.25 -17.81 -10.05
C HIS B 3699 -70.46 -17.47 -11.52
N GLN B 3700 -71.71 -17.58 -12.00
CA GLN B 3700 -71.92 -17.30 -13.41
C GLN B 3700 -71.92 -15.80 -13.70
N LEU B 3701 -72.38 -14.97 -12.76
CA LEU B 3701 -72.28 -13.52 -12.91
C LEU B 3701 -70.82 -13.11 -13.00
N VAL B 3702 -70.01 -13.60 -12.06
CA VAL B 3702 -68.61 -13.24 -11.98
C VAL B 3702 -67.88 -13.66 -13.26
N LEU B 3703 -68.17 -14.87 -13.76
CA LEU B 3703 -67.57 -15.33 -15.01
C LEU B 3703 -67.98 -14.44 -16.19
N HIS B 3704 -69.25 -14.05 -16.26
CA HIS B 3704 -69.72 -13.19 -17.35
C HIS B 3704 -69.08 -11.81 -17.28
N PHE B 3705 -69.02 -11.23 -16.09
CA PHE B 3705 -68.39 -9.92 -15.95
C PHE B 3705 -66.89 -10.00 -16.19
N SER B 3706 -66.23 -11.10 -15.81
CA SER B 3706 -64.83 -11.24 -16.16
C SER B 3706 -64.61 -11.52 -17.65
N ARG B 3707 -65.67 -11.88 -18.37
CA ARG B 3707 -65.54 -12.01 -19.82
C ARG B 3707 -65.63 -10.63 -20.45
N THR B 3708 -66.61 -9.83 -20.02
CA THR B 3708 -66.69 -8.46 -20.50
C THR B 3708 -65.46 -7.66 -20.08
N ALA B 3709 -64.88 -7.98 -18.92
CA ALA B 3709 -63.66 -7.35 -18.48
C ALA B 3709 -62.49 -7.68 -19.39
N LEU B 3710 -62.38 -8.95 -19.80
CA LEU B 3710 -61.24 -9.35 -20.60
C LEU B 3710 -61.41 -9.13 -22.09
N THR B 3711 -62.61 -8.82 -22.57
CA THR B 3711 -62.78 -8.58 -24.00
C THR B 3711 -62.00 -7.33 -24.43
N GLU B 3712 -61.51 -7.36 -25.66
CA GLU B 3712 -60.62 -6.31 -26.16
C GLU B 3712 -61.42 -5.18 -26.78
N LYS B 3713 -61.50 -4.06 -26.06
CA LYS B 3713 -62.22 -2.89 -26.50
C LYS B 3713 -61.41 -1.67 -26.12
N SER B 3714 -61.49 -0.63 -26.95
CA SER B 3714 -60.74 0.61 -26.68
C SER B 3714 -61.23 1.29 -25.41
N LYS B 3715 -62.54 1.36 -25.21
CA LYS B 3715 -63.12 2.04 -24.07
C LYS B 3715 -63.99 1.06 -23.30
N LEU B 3716 -63.91 1.11 -21.98
CA LEU B 3716 -64.77 0.30 -21.11
C LEU B 3716 -66.05 1.07 -20.86
N ASP B 3717 -67.06 0.79 -21.68
CA ASP B 3717 -68.32 1.51 -21.64
C ASP B 3717 -69.08 1.22 -20.35
N GLU B 3718 -69.87 2.20 -19.90
CA GLU B 3718 -70.65 2.07 -18.68
C GLU B 3718 -71.68 0.94 -18.78
N ASP B 3719 -71.85 0.23 -17.66
CA ASP B 3719 -72.74 -0.93 -17.59
C ASP B 3719 -73.55 -0.80 -16.30
N TYR B 3720 -74.77 -0.27 -16.40
CA TYR B 3720 -75.62 -0.09 -15.22
C TYR B 3720 -75.96 -1.41 -14.54
N LEU B 3721 -75.94 -2.51 -15.29
CA LEU B 3721 -76.10 -3.83 -14.68
C LEU B 3721 -74.93 -4.12 -13.76
N TYR B 3722 -73.72 -3.79 -14.22
CA TYR B 3722 -72.55 -4.04 -13.40
C TYR B 3722 -72.56 -3.17 -12.16
N MET B 3723 -72.98 -1.89 -12.30
CA MET B 3723 -73.16 -1.05 -11.11
C MET B 3723 -74.10 -1.68 -10.10
N ALA B 3724 -75.22 -2.22 -10.60
CA ALA B 3724 -76.22 -2.83 -9.73
C ALA B 3724 -75.67 -4.05 -9.02
N TYR B 3725 -74.95 -4.89 -9.73
CA TYR B 3725 -74.59 -6.16 -9.10
C TYR B 3725 -73.30 -6.03 -8.31
N ALA B 3726 -72.36 -5.21 -8.76
CA ALA B 3726 -71.17 -4.94 -7.98
C ALA B 3726 -71.53 -4.24 -6.67
N ASP B 3727 -72.48 -3.30 -6.72
CA ASP B 3727 -72.97 -2.67 -5.50
C ASP B 3727 -73.66 -3.68 -4.58
N ILE B 3728 -74.45 -4.60 -5.15
CA ILE B 3728 -75.14 -5.61 -4.35
C ILE B 3728 -74.14 -6.55 -3.66
N MET B 3729 -73.12 -6.99 -4.41
CA MET B 3729 -72.07 -7.82 -3.84
C MET B 3729 -71.29 -7.07 -2.76
N ALA B 3730 -70.97 -5.80 -3.01
CA ALA B 3730 -70.20 -5.03 -2.04
C ALA B 3730 -70.99 -4.80 -0.77
N LYS B 3731 -72.30 -4.55 -0.89
CA LYS B 3731 -73.13 -4.28 0.26
C LYS B 3731 -73.61 -5.56 0.95
N SER B 3732 -73.31 -6.73 0.39
CA SER B 3732 -73.74 -7.97 0.99
C SER B 3732 -72.68 -8.63 1.85
N CYS B 3733 -71.52 -7.99 2.04
CA CYS B 3733 -70.42 -8.61 2.78
C CYS B 3733 -70.27 -8.05 4.19
N HIS B 3734 -70.13 -6.72 4.32
CA HIS B 3734 -69.76 -6.11 5.59
C HIS B 3734 -70.82 -6.31 6.66
N LEU B 3735 -72.09 -5.98 6.36
CA LEU B 3735 -73.23 -6.03 7.29
C LEU B 3735 -72.98 -5.25 8.59
N GLU B 3736 -72.16 -4.19 8.50
CA GLU B 3736 -71.81 -3.38 9.68
C GLU B 3736 -71.38 -1.98 9.25
N VAL B 3749 -70.70 -0.76 26.47
CA VAL B 3749 -69.72 -0.63 25.40
C VAL B 3749 -68.59 -1.63 25.59
N GLU B 3750 -68.77 -2.52 26.57
CA GLU B 3750 -67.78 -3.56 26.86
C GLU B 3750 -68.23 -4.85 26.17
N VAL B 3751 -67.85 -4.98 24.91
CA VAL B 3751 -68.18 -6.15 24.10
C VAL B 3751 -66.97 -7.08 24.10
N SER B 3752 -67.21 -8.35 24.43
CA SER B 3752 -66.10 -9.23 24.78
C SER B 3752 -65.42 -9.80 23.55
N PHE B 3753 -64.27 -10.41 23.77
CA PHE B 3753 -63.42 -11.05 22.78
C PHE B 3753 -63.97 -12.41 22.32
N GLU B 3754 -65.17 -12.78 22.76
CA GLU B 3754 -65.79 -14.03 22.33
C GLU B 3754 -66.65 -13.85 21.08
N GLU B 3755 -67.59 -12.90 21.13
CA GLU B 3755 -68.46 -12.64 19.99
C GLU B 3755 -67.76 -11.90 18.86
N LYS B 3756 -66.66 -11.20 19.13
CA LYS B 3756 -65.86 -10.66 18.04
C LYS B 3756 -65.24 -11.76 17.19
N GLU B 3757 -64.84 -12.87 17.82
CA GLU B 3757 -64.39 -14.06 17.11
C GLU B 3757 -65.50 -14.72 16.29
N MET B 3758 -66.76 -14.37 16.54
CA MET B 3758 -67.88 -14.83 15.75
C MET B 3758 -68.12 -13.87 14.60
N GLU B 3759 -68.13 -12.57 14.91
CA GLU B 3759 -68.39 -11.53 13.92
C GLU B 3759 -67.36 -11.53 12.80
N LYS B 3760 -66.07 -11.53 13.14
CA LYS B 3760 -65.04 -11.53 12.09
C LYS B 3760 -65.07 -12.83 11.28
N GLN B 3761 -65.35 -13.96 11.93
CA GLN B 3761 -65.48 -15.22 11.20
C GLN B 3761 -66.70 -15.24 10.29
N ARG B 3762 -67.78 -14.57 10.69
CA ARG B 3762 -68.93 -14.42 9.80
C ARG B 3762 -68.60 -13.51 8.64
N LEU B 3763 -67.81 -12.46 8.89
CA LEU B 3763 -67.38 -11.58 7.79
C LEU B 3763 -66.52 -12.35 6.80
N LEU B 3764 -65.64 -13.21 7.32
CA LEU B 3764 -64.83 -14.07 6.45
C LEU B 3764 -65.70 -15.01 5.64
N TYR B 3765 -66.81 -15.49 6.22
CA TYR B 3765 -67.74 -16.32 5.46
C TYR B 3765 -68.39 -15.53 4.33
N GLN B 3766 -68.77 -14.28 4.61
CA GLN B 3766 -69.33 -13.39 3.58
C GLN B 3766 -68.35 -13.16 2.44
N GLN B 3767 -67.09 -12.92 2.78
CA GLN B 3767 -66.09 -12.70 1.74
C GLN B 3767 -65.74 -13.99 1.01
N SER B 3768 -65.65 -15.11 1.74
CA SER B 3768 -65.38 -16.40 1.12
C SER B 3768 -66.44 -16.80 0.12
N ARG B 3769 -67.70 -16.40 0.36
CA ARG B 3769 -68.80 -16.65 -0.55
C ARG B 3769 -68.58 -15.99 -1.91
N LEU B 3770 -67.76 -14.94 -1.95
CA LEU B 3770 -67.48 -14.22 -3.18
C LEU B 3770 -66.15 -14.66 -3.77
N HIS B 3771 -65.07 -14.56 -2.99
CA HIS B 3771 -63.73 -14.77 -3.54
C HIS B 3771 -63.48 -16.23 -3.89
N THR B 3772 -64.29 -17.17 -3.38
CA THR B 3772 -64.12 -18.54 -3.88
C THR B 3772 -64.66 -18.69 -5.29
N ARG B 3773 -65.36 -17.68 -5.80
CA ARG B 3773 -65.97 -17.70 -7.12
C ARG B 3773 -65.31 -16.72 -8.10
N GLY B 3774 -64.04 -16.37 -7.90
CA GLY B 3774 -63.37 -15.47 -8.81
C GLY B 3774 -63.61 -13.98 -8.64
N ALA B 3775 -64.35 -13.57 -7.60
CA ALA B 3775 -64.68 -12.16 -7.41
C ALA B 3775 -63.46 -11.27 -7.20
N ALA B 3776 -62.34 -11.82 -6.72
CA ALA B 3776 -61.13 -11.02 -6.61
C ALA B 3776 -60.53 -10.75 -7.98
N GLU B 3777 -60.53 -11.77 -8.83
CA GLU B 3777 -59.94 -11.65 -10.16
C GLU B 3777 -60.74 -10.69 -11.01
N MET B 3778 -62.08 -10.75 -10.93
CA MET B 3778 -62.85 -9.87 -11.81
C MET B 3778 -62.69 -8.41 -11.39
N VAL B 3779 -62.45 -8.16 -10.09
CA VAL B 3779 -62.16 -6.82 -9.61
C VAL B 3779 -60.84 -6.33 -10.19
N LEU B 3780 -59.82 -7.21 -10.16
CA LEU B 3780 -58.52 -6.84 -10.73
C LEU B 3780 -58.63 -6.61 -12.23
N GLN B 3781 -59.52 -7.35 -12.89
CA GLN B 3781 -59.63 -7.25 -14.32
C GLN B 3781 -60.28 -5.93 -14.71
N MET B 3782 -61.37 -5.55 -14.03
CA MET B 3782 -61.97 -4.27 -14.41
C MET B 3782 -61.12 -3.07 -13.99
N ILE B 3783 -60.29 -3.22 -12.95
CA ILE B 3783 -59.28 -2.18 -12.66
C ILE B 3783 -58.29 -2.04 -13.80
N SER B 3784 -57.83 -3.15 -14.36
CA SER B 3784 -56.93 -3.03 -15.51
C SER B 3784 -57.69 -2.58 -16.76
N ALA B 3785 -58.93 -3.03 -16.92
CA ALA B 3785 -59.72 -2.77 -18.11
C ALA B 3785 -60.13 -1.31 -18.23
N CYS B 3786 -60.30 -0.61 -17.10
CA CYS B 3786 -60.74 0.79 -17.16
C CYS B 3786 -59.72 1.71 -17.80
N LYS B 3787 -58.44 1.30 -17.86
CA LYS B 3787 -57.36 2.01 -18.55
C LYS B 3787 -57.13 3.42 -18.04
N GLY B 3788 -57.46 3.68 -16.78
CA GLY B 3788 -57.21 4.99 -16.21
C GLY B 3788 -58.33 5.99 -16.35
N GLU B 3789 -59.54 5.56 -16.66
CA GLU B 3789 -60.68 6.44 -16.85
C GLU B 3789 -61.52 6.41 -15.59
N THR B 3790 -61.58 7.53 -14.88
CA THR B 3790 -62.39 7.62 -13.68
C THR B 3790 -63.87 7.63 -14.02
N GLY B 3791 -64.67 6.95 -13.21
CA GLY B 3791 -66.09 6.88 -13.44
C GLY B 3791 -66.76 5.94 -12.46
N ALA B 3792 -68.05 5.70 -12.73
CA ALA B 3792 -68.82 4.78 -11.90
C ALA B 3792 -68.34 3.34 -12.01
N MET B 3793 -67.66 3.00 -13.13
CA MET B 3793 -67.04 1.70 -13.28
C MET B 3793 -66.00 1.47 -12.20
N VAL B 3794 -65.08 2.42 -12.07
CA VAL B 3794 -63.99 2.27 -11.14
C VAL B 3794 -64.51 2.40 -9.73
N SER B 3795 -65.42 3.35 -9.50
CA SER B 3795 -65.92 3.59 -8.14
C SER B 3795 -66.65 2.37 -7.58
N SER B 3796 -67.48 1.71 -8.40
CA SER B 3796 -68.13 0.49 -7.93
C SER B 3796 -67.21 -0.73 -7.95
N THR B 3797 -66.15 -0.69 -8.74
CA THR B 3797 -65.20 -1.81 -8.71
C THR B 3797 -64.33 -1.73 -7.47
N LEU B 3798 -63.81 -0.55 -7.16
CA LEU B 3798 -63.03 -0.37 -5.95
C LEU B 3798 -63.89 -0.56 -4.70
N LYS B 3799 -65.17 -0.17 -4.77
CA LYS B 3799 -66.09 -0.42 -3.67
C LYS B 3799 -66.24 -1.92 -3.41
N LEU B 3800 -66.28 -2.72 -4.49
CA LEU B 3800 -66.34 -4.16 -4.31
C LEU B 3800 -65.00 -4.72 -3.83
N GLY B 3801 -63.89 -4.20 -4.38
CA GLY B 3801 -62.58 -4.68 -3.97
C GLY B 3801 -62.30 -4.41 -2.50
N ILE B 3802 -62.80 -3.29 -1.99
CA ILE B 3802 -62.68 -3.02 -0.57
C ILE B 3802 -63.56 -3.95 0.23
N SER B 3803 -64.80 -4.16 -0.22
CA SER B 3803 -65.70 -4.99 0.57
C SER B 3803 -65.24 -6.45 0.59
N ILE B 3804 -64.56 -6.90 -0.47
CA ILE B 3804 -64.00 -8.25 -0.48
C ILE B 3804 -62.66 -8.30 0.29
N LEU B 3805 -61.95 -7.18 0.41
CA LEU B 3805 -60.68 -7.14 1.11
C LEU B 3805 -60.77 -6.59 2.53
N ASN B 3806 -61.99 -6.38 3.04
CA ASN B 3806 -62.15 -5.78 4.35
C ASN B 3806 -61.55 -6.64 5.45
N GLY B 3807 -60.80 -5.99 6.34
CA GLY B 3807 -60.10 -6.69 7.40
C GLY B 3807 -58.80 -7.32 6.99
N GLY B 3808 -58.35 -7.08 5.76
CA GLY B 3808 -57.12 -7.66 5.25
C GLY B 3808 -57.17 -9.16 5.10
N ASN B 3809 -58.12 -9.65 4.29
CA ASN B 3809 -58.26 -11.08 4.06
C ASN B 3809 -57.02 -11.66 3.39
N ALA B 3810 -56.34 -12.57 4.11
CA ALA B 3810 -55.05 -13.09 3.68
C ALA B 3810 -55.17 -13.90 2.39
N GLU B 3811 -56.20 -14.71 2.27
CA GLU B 3811 -56.34 -15.53 1.07
C GLU B 3811 -56.72 -14.68 -0.13
N VAL B 3812 -57.49 -13.61 0.10
CA VAL B 3812 -57.84 -12.72 -1.01
C VAL B 3812 -56.60 -12.02 -1.54
N GLN B 3813 -55.74 -11.53 -0.63
CA GLN B 3813 -54.47 -10.93 -1.06
C GLN B 3813 -53.59 -11.95 -1.76
N GLN B 3814 -53.62 -13.20 -1.31
CA GLN B 3814 -52.86 -14.26 -1.97
C GLN B 3814 -53.38 -14.53 -3.38
N LYS B 3815 -54.71 -14.53 -3.55
CA LYS B 3815 -55.32 -14.78 -4.85
C LYS B 3815 -55.00 -13.65 -5.82
N MET B 3816 -55.13 -12.40 -5.36
CA MET B 3816 -54.85 -11.26 -6.21
C MET B 3816 -53.37 -11.22 -6.60
N LEU B 3817 -52.48 -11.49 -5.65
CA LEU B 3817 -51.05 -11.48 -5.95
C LEU B 3817 -50.69 -12.58 -6.93
N ASP B 3818 -51.28 -13.77 -6.76
CA ASP B 3818 -51.01 -14.86 -7.68
C ASP B 3818 -51.50 -14.53 -9.08
N TYR B 3819 -52.69 -13.92 -9.17
CA TYR B 3819 -53.25 -13.60 -10.49
C TYR B 3819 -52.41 -12.54 -11.19
N LEU B 3820 -51.88 -11.57 -10.44
CA LEU B 3820 -51.04 -10.57 -11.07
C LEU B 3820 -49.71 -11.17 -11.49
N LYS B 3821 -49.19 -12.09 -10.68
CA LYS B 3821 -47.86 -12.60 -10.92
C LYS B 3821 -47.85 -13.59 -12.08
N ASP B 3822 -48.95 -14.31 -12.31
CA ASP B 3822 -48.91 -15.24 -13.43
C ASP B 3822 -49.47 -14.62 -14.70
N LYS B 3823 -50.43 -13.67 -14.60
CA LYS B 3823 -50.89 -13.00 -15.80
C LYS B 3823 -49.85 -12.04 -16.37
N LYS B 3824 -49.06 -11.39 -15.50
CA LYS B 3824 -47.95 -10.50 -15.90
C LYS B 3824 -48.41 -9.38 -16.82
N GLU B 3825 -49.45 -8.67 -16.43
CA GLU B 3825 -49.94 -7.55 -17.21
C GLU B 3825 -49.51 -6.22 -16.58
N VAL B 3826 -49.25 -5.25 -17.46
CA VAL B 3826 -48.82 -3.93 -17.01
C VAL B 3826 -50.00 -2.97 -16.87
N GLY B 3827 -51.14 -3.26 -17.51
CA GLY B 3827 -52.26 -2.36 -17.53
C GLY B 3827 -52.88 -2.09 -16.18
N PHE B 3828 -52.69 -3.00 -15.22
CA PHE B 3828 -53.21 -2.81 -13.87
C PHE B 3828 -52.53 -1.65 -13.18
N PHE B 3829 -51.20 -1.64 -13.19
CA PHE B 3829 -50.49 -0.57 -12.52
C PHE B 3829 -50.44 0.68 -13.39
N GLN B 3830 -50.53 0.54 -14.71
CA GLN B 3830 -50.67 1.72 -15.57
C GLN B 3830 -51.97 2.45 -15.27
N SER B 3831 -53.03 1.69 -15.00
CA SER B 3831 -54.30 2.29 -14.61
C SER B 3831 -54.19 2.92 -13.23
N ILE B 3832 -53.67 2.18 -12.25
CA ILE B 3832 -53.56 2.69 -10.88
C ILE B 3832 -52.75 3.99 -10.82
N GLN B 3833 -51.65 4.04 -11.59
CA GLN B 3833 -50.88 5.26 -11.76
C GLN B 3833 -51.70 6.37 -12.42
N ALA B 3834 -52.54 6.02 -13.40
CA ALA B 3834 -53.31 7.06 -14.08
C ALA B 3834 -54.38 7.64 -13.15
N LEU B 3835 -55.11 6.78 -12.44
CA LEU B 3835 -56.12 7.25 -11.50
C LEU B 3835 -55.49 8.09 -10.40
N MET B 3836 -54.33 7.65 -9.89
CA MET B 3836 -53.69 8.39 -8.82
C MET B 3836 -53.22 9.75 -9.31
N GLN B 3837 -52.87 9.85 -10.60
CA GLN B 3837 -52.47 11.16 -11.11
C GLN B 3837 -53.67 12.06 -11.33
N THR B 3838 -54.82 11.48 -11.73
CA THR B 3838 -56.01 12.31 -11.95
C THR B 3838 -56.77 12.64 -10.69
N CYS B 3839 -56.39 12.08 -9.53
CA CYS B 3839 -57.05 12.46 -8.29
C CYS B 3839 -56.82 13.95 -7.99
N SER B 3840 -57.89 14.65 -7.62
CA SER B 3840 -57.84 16.10 -7.47
C SER B 3840 -57.42 16.51 -6.06
N VAL B 3841 -56.90 17.73 -5.98
CA VAL B 3841 -56.50 18.35 -4.73
C VAL B 3841 -57.27 19.65 -4.57
N LEU B 3842 -57.03 20.36 -3.45
CA LEU B 3842 -57.70 21.62 -3.18
C LEU B 3842 -57.31 22.69 -4.18
N ASP B 3843 -58.31 23.39 -4.73
CA ASP B 3843 -58.07 24.48 -5.67
C ASP B 3843 -58.66 25.76 -5.09
N LEU B 3844 -57.79 26.77 -4.95
CA LEU B 3844 -58.24 28.06 -4.43
C LEU B 3844 -59.14 28.80 -5.42
N ASN B 3845 -58.81 28.74 -6.72
CA ASN B 3845 -59.62 29.44 -7.72
C ASN B 3845 -61.05 28.90 -7.75
N ALA B 3846 -61.17 27.57 -7.71
CA ALA B 3846 -62.47 26.93 -7.64
C ALA B 3846 -63.15 27.24 -6.32
N PHE B 3847 -62.37 27.40 -5.25
CA PHE B 3847 -62.98 27.72 -3.97
C PHE B 3847 -63.51 29.14 -3.95
N GLU B 3848 -62.77 30.09 -4.52
CA GLU B 3848 -63.22 31.48 -4.58
C GLU B 3848 -64.48 31.62 -5.41
N ARG B 3849 -64.55 30.88 -6.53
CA ARG B 3849 -65.78 30.85 -7.32
C ARG B 3849 -66.92 30.24 -6.52
N GLN B 3850 -66.63 29.20 -5.73
CA GLN B 3850 -67.67 28.60 -4.91
C GLN B 3850 -68.14 29.59 -3.84
N ASN B 3851 -67.21 30.40 -3.31
CA ASN B 3851 -67.56 31.41 -2.30
C ASN B 3851 -68.51 32.43 -2.90
N LYS B 3852 -68.23 32.86 -4.13
CA LYS B 3852 -69.13 33.81 -4.78
C LYS B 3852 -70.44 33.18 -5.22
N ALA B 3853 -70.53 31.85 -5.25
CA ALA B 3853 -71.77 31.19 -5.67
C ALA B 3853 -72.89 31.43 -4.65
N GLU B 3854 -72.60 31.19 -3.36
CA GLU B 3854 -73.62 31.44 -2.35
C GLU B 3854 -73.84 32.92 -2.12
N GLY B 3855 -72.89 33.77 -2.52
CA GLY B 3855 -73.10 35.21 -2.42
C GLY B 3855 -74.27 35.63 -3.30
N LEU B 3856 -74.38 35.03 -4.49
CA LEU B 3856 -75.52 35.31 -5.34
C LEU B 3856 -76.75 34.60 -4.81
N GLY B 3857 -76.62 33.31 -4.49
CA GLY B 3857 -77.74 32.55 -3.95
C GLY B 3857 -78.97 32.41 -4.85
N MET B 3858 -78.77 32.09 -6.13
CA MET B 3858 -79.87 32.02 -7.09
C MET B 3858 -80.85 30.89 -6.76
N VAL B 3859 -82.12 31.12 -7.10
CA VAL B 3859 -83.19 30.16 -6.86
C VAL B 3859 -83.73 29.67 -8.19
N ASN B 3860 -84.68 28.74 -8.15
CA ASN B 3860 -85.25 28.12 -9.34
C ASN B 3860 -86.71 28.52 -9.56
N GLU B 3861 -87.23 28.14 -10.72
CA GLU B 3861 -88.61 28.47 -11.10
C GLU B 3861 -89.62 27.65 -10.31
N ASP B 3862 -89.37 26.35 -10.13
CA ASP B 3862 -90.30 25.49 -9.40
C ASP B 3862 -90.28 25.77 -7.90
N GLY B 3863 -91.20 26.64 -7.48
CA GLY B 3863 -91.26 27.07 -6.09
C GLY B 3863 -90.01 27.86 -5.76
N THR B 3864 -89.28 27.43 -4.73
CA THR B 3864 -88.04 28.09 -4.34
C THR B 3864 -87.22 27.10 -3.54
N VAL B 3865 -85.94 26.99 -3.86
CA VAL B 3865 -85.01 26.15 -3.12
C VAL B 3865 -84.12 27.03 -2.24
N ILE B 3866 -84.01 26.66 -0.98
CA ILE B 3866 -83.28 27.44 0.01
C ILE B 3866 -81.83 26.95 0.00
N ASN B 3867 -80.95 27.74 -0.64
CA ASN B 3867 -79.50 27.47 -0.73
C ASN B 3867 -79.22 26.09 -1.31
N ARG B 3868 -79.57 25.95 -2.60
CA ARG B 3868 -79.48 24.69 -3.33
C ARG B 3868 -78.07 24.10 -3.26
N GLN B 3869 -78.02 22.80 -2.98
CA GLN B 3869 -76.77 22.13 -2.66
C GLN B 3869 -76.27 21.32 -3.87
N ASN B 3870 -76.36 21.93 -5.06
CA ASN B 3870 -75.80 21.35 -6.27
C ASN B 3870 -74.30 21.09 -6.11
N GLY B 3871 -73.76 20.25 -7.01
CA GLY B 3871 -72.41 19.69 -6.96
C GLY B 3871 -71.27 20.59 -6.51
N GLU B 3872 -70.60 20.17 -5.44
CA GLU B 3872 -69.47 20.92 -4.91
C GLU B 3872 -68.21 20.52 -5.66
N LYS B 3873 -67.47 21.52 -6.14
CA LYS B 3873 -66.45 21.30 -7.16
C LYS B 3873 -65.03 21.33 -6.64
N VAL B 3874 -64.82 21.32 -5.32
CA VAL B 3874 -63.48 21.24 -4.75
C VAL B 3874 -63.39 19.95 -3.97
N MET B 3875 -62.44 19.08 -4.35
CA MET B 3875 -62.33 17.70 -3.86
C MET B 3875 -63.64 16.94 -4.08
N ALA B 3876 -64.19 17.06 -5.29
CA ALA B 3876 -65.42 16.34 -5.61
C ALA B 3876 -65.22 14.84 -5.60
N ASP B 3877 -64.02 14.37 -5.98
CA ASP B 3877 -63.67 12.96 -5.97
C ASP B 3877 -62.93 12.56 -4.71
N ASP B 3878 -63.21 13.24 -3.58
CA ASP B 3878 -62.56 12.90 -2.32
C ASP B 3878 -62.90 11.48 -1.87
N GLU B 3879 -64.15 11.06 -2.04
CA GLU B 3879 -64.54 9.70 -1.68
C GLU B 3879 -63.85 8.69 -2.58
N PHE B 3880 -63.61 9.05 -3.83
CA PHE B 3880 -62.91 8.16 -4.73
C PHE B 3880 -61.43 8.07 -4.44
N THR B 3881 -60.82 9.16 -3.97
CA THR B 3881 -59.42 9.07 -3.60
C THR B 3881 -59.27 8.35 -2.26
N GLN B 3882 -60.26 8.54 -1.38
CA GLN B 3882 -60.29 7.86 -0.10
C GLN B 3882 -60.37 6.36 -0.28
N ASP B 3883 -61.21 5.88 -1.19
CA ASP B 3883 -61.32 4.45 -1.25
C ASP B 3883 -60.37 3.85 -2.29
N LEU B 3884 -59.67 4.68 -3.07
CA LEU B 3884 -58.57 4.14 -3.85
C LEU B 3884 -57.38 3.85 -2.95
N PHE B 3885 -57.09 4.78 -2.03
CA PHE B 3885 -56.00 4.49 -1.12
C PHE B 3885 -56.41 3.48 -0.07
N ARG B 3886 -57.69 3.42 0.31
CA ARG B 3886 -58.14 2.38 1.22
C ARG B 3886 -57.98 1.00 0.59
N PHE B 3887 -58.25 0.88 -0.72
CA PHE B 3887 -58.00 -0.38 -1.43
C PHE B 3887 -56.52 -0.74 -1.46
N LEU B 3888 -55.67 0.26 -1.72
CA LEU B 3888 -54.22 0.00 -1.72
C LEU B 3888 -53.72 -0.39 -0.33
N GLN B 3889 -54.25 0.26 0.71
CA GLN B 3889 -53.91 -0.10 2.08
C GLN B 3889 -54.35 -1.51 2.40
N LEU B 3890 -55.56 -1.89 1.94
CA LEU B 3890 -56.09 -3.22 2.20
C LEU B 3890 -55.25 -4.30 1.54
N LEU B 3891 -54.62 -3.98 0.41
CA LEU B 3891 -53.80 -4.97 -0.27
C LEU B 3891 -52.58 -5.37 0.58
N CYS B 3892 -51.87 -4.39 1.12
CA CYS B 3892 -50.67 -4.65 1.89
C CYS B 3892 -50.90 -4.79 3.38
N GLU B 3893 -52.14 -4.69 3.86
CA GLU B 3893 -52.40 -4.83 5.29
C GLU B 3893 -52.13 -6.25 5.76
N GLY B 3894 -51.69 -6.36 7.02
CA GLY B 3894 -51.30 -7.63 7.59
C GLY B 3894 -49.86 -8.01 7.35
N HIS B 3895 -49.01 -7.04 7.00
CA HIS B 3895 -47.58 -7.22 6.72
C HIS B 3895 -47.34 -8.28 5.64
N ASN B 3896 -47.98 -8.05 4.50
CA ASN B 3896 -47.84 -8.91 3.33
C ASN B 3896 -46.63 -8.42 2.56
N ASN B 3897 -45.44 -8.83 3.01
CA ASN B 3897 -44.18 -8.40 2.40
C ASN B 3897 -44.04 -8.84 0.94
N ASP B 3898 -44.72 -9.92 0.55
CA ASP B 3898 -44.74 -10.37 -0.83
C ASP B 3898 -45.43 -9.35 -1.72
N PHE B 3899 -46.46 -8.69 -1.20
CA PHE B 3899 -47.21 -7.76 -2.01
C PHE B 3899 -46.61 -6.36 -1.86
N GLN B 3900 -46.05 -6.07 -0.69
CA GLN B 3900 -45.38 -4.79 -0.47
C GLN B 3900 -44.21 -4.64 -1.43
N ASN B 3901 -43.42 -5.71 -1.61
CA ASN B 3901 -42.36 -5.64 -2.60
C ASN B 3901 -42.90 -5.61 -4.02
N TYR B 3902 -44.13 -6.07 -4.22
CA TYR B 3902 -44.71 -6.10 -5.55
C TYR B 3902 -45.15 -4.72 -5.98
N LEU B 3903 -45.66 -3.93 -5.03
CA LEU B 3903 -46.04 -2.56 -5.37
C LEU B 3903 -44.82 -1.73 -5.75
N ARG B 3904 -43.72 -1.90 -5.01
CA ARG B 3904 -42.50 -1.15 -5.29
C ARG B 3904 -41.93 -1.54 -6.64
N THR B 3905 -41.92 -2.84 -6.95
CA THR B 3905 -41.39 -3.27 -8.25
C THR B 3905 -42.02 -4.59 -8.64
N GLN B 3906 -42.11 -4.82 -9.94
CA GLN B 3906 -42.71 -6.03 -10.46
C GLN B 3906 -41.68 -6.80 -11.28
N THR B 3907 -41.22 -7.92 -10.71
CA THR B 3907 -40.26 -8.76 -11.42
C THR B 3907 -40.92 -9.44 -12.62
N GLY B 3908 -42.16 -9.90 -12.45
CA GLY B 3908 -42.84 -10.56 -13.55
C GLY B 3908 -43.17 -9.65 -14.71
N ASN B 3909 -43.60 -8.42 -14.42
CA ASN B 3909 -44.03 -7.49 -15.44
C ASN B 3909 -42.85 -7.03 -16.29
N THR B 3910 -43.18 -6.54 -17.49
CA THR B 3910 -42.14 -6.04 -18.39
C THR B 3910 -41.55 -4.73 -17.88
N THR B 3911 -42.41 -3.80 -17.44
CA THR B 3911 -41.98 -2.55 -16.85
C THR B 3911 -42.46 -2.47 -15.40
N THR B 3912 -41.68 -1.79 -14.58
CA THR B 3912 -41.98 -1.64 -13.16
C THR B 3912 -42.51 -0.24 -12.89
N ILE B 3913 -43.67 -0.16 -12.26
CA ILE B 3913 -44.28 1.12 -11.88
C ILE B 3913 -44.24 1.23 -10.37
N ASN B 3914 -43.59 2.28 -9.88
CA ASN B 3914 -43.39 2.48 -8.45
C ASN B 3914 -44.60 3.22 -7.89
N ILE B 3915 -45.57 2.44 -7.42
CA ILE B 3915 -46.78 2.98 -6.82
C ILE B 3915 -46.47 3.76 -5.56
N ILE B 3916 -45.45 3.34 -4.81
CA ILE B 3916 -45.03 4.04 -3.59
C ILE B 3916 -44.60 5.47 -3.91
N ILE B 3917 -43.79 5.63 -4.97
CA ILE B 3917 -43.35 6.95 -5.40
C ILE B 3917 -44.53 7.77 -5.89
N CYS B 3918 -45.40 7.17 -6.72
CA CYS B 3918 -46.56 7.93 -7.20
C CYS B 3918 -47.53 8.30 -6.07
N THR B 3919 -47.50 7.53 -4.98
CA THR B 3919 -48.27 7.86 -3.78
C THR B 3919 -47.67 9.08 -3.09
N VAL B 3920 -46.33 9.14 -3.06
CA VAL B 3920 -45.67 10.30 -2.49
C VAL B 3920 -45.98 11.53 -3.32
N ASP B 3921 -45.94 11.38 -4.64
CA ASP B 3921 -46.20 12.49 -5.56
C ASP B 3921 -47.60 13.06 -5.37
N TYR B 3922 -48.58 12.17 -5.14
CA TYR B 3922 -49.92 12.65 -4.82
C TYR B 3922 -49.95 13.36 -3.47
N LEU B 3923 -49.23 12.81 -2.48
CA LEU B 3923 -49.20 13.43 -1.15
C LEU B 3923 -48.60 14.82 -1.21
N LEU B 3924 -47.56 14.99 -2.01
CA LEU B 3924 -46.93 16.29 -2.23
C LEU B 3924 -47.90 17.28 -2.87
N ARG B 3925 -48.66 16.83 -3.87
CA ARG B 3925 -49.66 17.71 -4.48
C ARG B 3925 -50.73 18.12 -3.47
N LEU B 3926 -51.18 17.16 -2.66
CA LEU B 3926 -52.18 17.45 -1.64
C LEU B 3926 -51.66 18.41 -0.59
N GLN B 3927 -50.40 18.22 -0.17
CA GLN B 3927 -49.84 19.08 0.87
C GLN B 3927 -49.65 20.50 0.37
N GLU B 3928 -49.27 20.67 -0.92
CA GLU B 3928 -49.17 22.01 -1.48
C GLU B 3928 -50.53 22.68 -1.55
N SER B 3929 -51.57 21.89 -1.84
CA SER B 3929 -52.92 22.43 -1.93
C SER B 3929 -53.43 22.87 -0.56
N ILE B 3930 -53.28 22.00 0.45
CA ILE B 3930 -53.78 22.33 1.80
C ILE B 3930 -52.96 23.48 2.39
N SER B 3931 -51.65 23.54 2.11
CA SER B 3931 -50.82 24.66 2.55
C SER B 3931 -51.30 25.99 1.95
N ASP B 3932 -51.57 26.01 0.64
CA ASP B 3932 -52.12 27.21 0.02
C ASP B 3932 -53.50 27.57 0.58
N PHE B 3933 -54.31 26.55 0.86
CA PHE B 3933 -55.62 26.77 1.47
C PHE B 3933 -55.48 27.35 2.88
N TYR B 3934 -54.41 26.99 3.59
CA TYR B 3934 -54.13 27.66 4.86
C TYR B 3934 -53.71 29.10 4.63
N TRP B 3935 -52.84 29.31 3.63
CA TRP B 3935 -52.33 30.64 3.33
C TRP B 3935 -53.43 31.63 2.95
N TYR B 3936 -54.57 31.11 2.49
CA TYR B 3936 -55.66 32.01 2.13
C TYR B 3936 -56.48 32.39 3.35
N TYR B 3937 -56.47 31.56 4.38
CA TYR B 3937 -57.14 31.85 5.65
C TYR B 3937 -56.18 32.36 6.71
N SER B 3938 -54.91 32.59 6.35
CA SER B 3938 -53.94 33.10 7.30
C SER B 3938 -54.36 34.47 7.84
N GLY B 3939 -54.79 35.37 6.95
CA GLY B 3939 -55.23 36.68 7.37
C GLY B 3939 -56.47 36.64 8.24
N LYS B 3940 -57.47 35.86 7.82
CA LYS B 3940 -58.74 35.79 8.52
C LYS B 3940 -58.59 35.11 9.88
N ASP B 3941 -59.22 35.71 10.89
CA ASP B 3941 -59.15 35.15 12.23
C ASP B 3941 -60.04 33.92 12.41
N VAL B 3942 -61.17 33.86 11.71
CA VAL B 3942 -62.11 32.77 11.86
C VAL B 3942 -62.27 32.06 10.52
N ILE B 3943 -62.48 30.75 10.58
CA ILE B 3943 -62.70 29.92 9.40
C ILE B 3943 -64.19 29.62 9.29
N GLU B 3944 -64.80 30.02 8.17
CA GLU B 3944 -66.23 29.83 7.97
C GLU B 3944 -66.56 28.35 7.76
N GLU B 3945 -67.87 28.06 7.70
CA GLU B 3945 -68.37 26.69 7.65
C GLU B 3945 -67.91 25.95 6.39
N GLN B 3946 -67.96 26.63 5.24
CA GLN B 3946 -67.51 26.01 3.99
C GLN B 3946 -66.02 25.70 4.05
N GLY B 3947 -65.23 26.62 4.61
CA GLY B 3947 -63.80 26.37 4.76
C GLY B 3947 -63.54 25.18 5.65
N LYS B 3948 -64.31 25.07 6.74
CA LYS B 3948 -64.15 23.96 7.68
C LYS B 3948 -64.46 22.64 6.99
N ARG B 3949 -65.52 22.61 6.17
CA ARG B 3949 -65.86 21.37 5.48
C ARG B 3949 -64.79 21.00 4.47
N ASN B 3950 -64.22 22.01 3.78
CA ASN B 3950 -63.18 21.73 2.80
C ASN B 3950 -61.91 21.23 3.45
N PHE B 3951 -61.64 21.68 4.68
CA PHE B 3951 -60.53 21.07 5.42
C PHE B 3951 -60.86 19.64 5.79
N SER B 3952 -62.04 19.40 6.36
CA SER B 3952 -62.42 18.07 6.87
C SER B 3952 -62.35 17.01 5.78
N LYS B 3953 -62.82 17.35 4.58
CA LYS B 3953 -62.69 16.46 3.43
C LYS B 3953 -61.23 16.24 3.03
N ALA B 3954 -60.43 17.32 2.99
CA ALA B 3954 -59.04 17.16 2.56
C ALA B 3954 -58.22 16.42 3.61
N MET B 3955 -58.50 16.69 4.88
CA MET B 3955 -57.79 16.08 5.98
C MET B 3955 -58.11 14.61 6.08
N SER B 3956 -59.38 14.22 5.86
CA SER B 3956 -59.72 12.81 5.86
C SER B 3956 -59.00 12.06 4.74
N VAL B 3957 -58.86 12.70 3.57
CA VAL B 3957 -58.09 12.08 2.49
C VAL B 3957 -56.61 11.98 2.84
N ALA B 3958 -56.05 13.02 3.48
CA ALA B 3958 -54.66 12.96 3.91
C ALA B 3958 -54.41 11.91 4.97
N LYS B 3959 -55.39 11.70 5.86
CA LYS B 3959 -55.33 10.62 6.83
C LYS B 3959 -55.26 9.27 6.14
N GLN B 3960 -56.07 9.09 5.09
CA GLN B 3960 -56.06 7.82 4.37
C GLN B 3960 -54.72 7.60 3.68
N VAL B 3961 -54.14 8.68 3.13
CA VAL B 3961 -52.86 8.58 2.42
C VAL B 3961 -51.75 8.18 3.39
N PHE B 3962 -51.73 8.81 4.57
CA PHE B 3962 -50.72 8.44 5.58
C PHE B 3962 -50.90 7.02 6.07
N ASN B 3963 -52.15 6.56 6.25
CA ASN B 3963 -52.38 5.18 6.64
C ASN B 3963 -51.87 4.20 5.59
N SER B 3964 -52.11 4.50 4.31
CA SER B 3964 -51.61 3.64 3.23
C SER B 3964 -50.08 3.66 3.17
N LEU B 3965 -49.47 4.84 3.39
CA LEU B 3965 -48.02 4.89 3.41
C LEU B 3965 -47.46 4.14 4.61
N THR B 3966 -48.19 4.10 5.72
CA THR B 3966 -47.76 3.33 6.87
C THR B 3966 -47.75 1.85 6.52
N GLU B 3967 -48.80 1.39 5.84
CA GLU B 3967 -48.92 -0.02 5.49
C GLU B 3967 -47.91 -0.43 4.44
N TYR B 3968 -47.38 0.52 3.67
CA TYR B 3968 -46.39 0.14 2.66
C TYR B 3968 -45.06 -0.22 3.30
N ILE B 3969 -44.75 0.35 4.46
CA ILE B 3969 -43.44 0.19 5.06
C ILE B 3969 -43.47 -0.69 6.30
N GLN B 3970 -44.64 -0.94 6.90
CA GLN B 3970 -44.64 -1.78 8.08
C GLN B 3970 -44.29 -3.22 7.73
N GLY B 3971 -43.76 -3.93 8.72
CA GLY B 3971 -43.36 -5.31 8.55
C GLY B 3971 -41.96 -5.68 9.05
N PRO B 3972 -40.89 -4.86 8.82
CA PRO B 3972 -40.70 -3.73 7.90
C PRO B 3972 -40.31 -4.16 6.49
N CYS B 3973 -40.63 -3.36 5.48
CA CYS B 3973 -40.22 -3.63 4.10
C CYS B 3973 -39.03 -2.74 3.80
N THR B 3974 -37.83 -3.32 3.81
CA THR B 3974 -36.60 -2.54 3.63
C THR B 3974 -36.55 -1.86 2.26
N GLY B 3975 -37.16 -2.48 1.25
CA GLY B 3975 -37.18 -1.88 -0.08
C GLY B 3975 -37.97 -0.58 -0.08
N ASN B 3976 -39.15 -0.61 0.54
CA ASN B 3976 -39.97 0.60 0.58
C ASN B 3976 -39.35 1.64 1.50
N GLN B 3977 -38.68 1.21 2.57
CA GLN B 3977 -38.04 2.18 3.45
C GLN B 3977 -36.92 2.92 2.73
N GLN B 3978 -36.11 2.20 1.94
CA GLN B 3978 -35.10 2.90 1.13
C GLN B 3978 -35.73 3.72 0.02
N SER B 3979 -36.91 3.32 -0.46
CA SER B 3979 -37.56 4.08 -1.53
C SER B 3979 -38.09 5.40 -0.97
N LEU B 3980 -38.72 5.35 0.20
CA LEU B 3980 -39.26 6.57 0.78
C LEU B 3980 -38.12 7.47 1.23
N ALA B 3981 -37.02 6.88 1.71
CA ALA B 3981 -35.88 7.68 2.13
C ALA B 3981 -35.30 8.44 0.95
N HIS B 3982 -35.19 7.76 -0.20
CA HIS B 3982 -34.69 8.40 -1.41
C HIS B 3982 -35.78 9.10 -2.21
N SER B 3983 -36.96 9.28 -1.63
CA SER B 3983 -38.06 9.92 -2.32
C SER B 3983 -38.21 11.37 -1.90
N ARG B 3984 -39.27 12.00 -2.41
CA ARG B 3984 -39.63 13.39 -2.08
C ARG B 3984 -40.60 13.49 -0.93
N LEU B 3985 -40.62 12.50 -0.03
CA LEU B 3985 -41.55 12.49 1.09
C LEU B 3985 -41.23 13.60 2.10
N TRP B 3986 -39.95 13.92 2.27
CA TRP B 3986 -39.50 14.88 3.28
C TRP B 3986 -40.09 16.27 3.08
N ASP B 3987 -40.13 16.74 1.84
CA ASP B 3987 -40.69 18.07 1.55
C ASP B 3987 -42.16 18.16 1.94
N ALA B 3988 -42.92 17.09 1.67
CA ALA B 3988 -44.31 17.02 2.10
C ALA B 3988 -44.42 16.94 3.61
N VAL B 3989 -43.44 16.30 4.26
CA VAL B 3989 -43.46 16.20 5.72
C VAL B 3989 -43.24 17.57 6.34
N VAL B 3990 -42.23 18.31 5.84
CA VAL B 3990 -41.91 19.63 6.37
C VAL B 3990 -43.09 20.56 6.17
N GLY B 3991 -43.70 20.50 4.98
CA GLY B 3991 -44.83 21.35 4.67
C GLY B 3991 -46.00 21.07 5.60
N PHE B 3992 -46.27 19.79 5.87
CA PHE B 3992 -47.33 19.43 6.79
C PHE B 3992 -47.05 19.94 8.20
N LEU B 3993 -45.81 19.81 8.67
CA LEU B 3993 -45.43 20.30 9.99
C LEU B 3993 -45.65 21.80 10.13
N HIS B 3994 -45.23 22.56 9.11
CA HIS B 3994 -45.48 24.00 9.06
C HIS B 3994 -46.96 24.32 9.08
N VAL B 3995 -47.76 23.52 8.36
CA VAL B 3995 -49.21 23.71 8.38
C VAL B 3995 -49.79 23.39 9.75
N PHE B 3996 -49.28 22.31 10.39
CA PHE B 3996 -49.77 21.84 11.69
C PHE B 3996 -49.60 22.90 12.75
N ALA B 3997 -48.42 23.53 12.79
CA ALA B 3997 -48.06 24.43 13.88
C ALA B 3997 -49.03 25.59 13.91
N HIS B 3998 -48.97 26.40 12.85
CA HIS B 3998 -49.76 27.63 12.77
C HIS B 3998 -51.25 27.31 12.80
N MET B 3999 -51.65 26.12 12.32
CA MET B 3999 -53.07 25.81 12.32
C MET B 3999 -53.53 25.51 13.74
N MET B 4000 -52.70 24.83 14.55
CA MET B 4000 -53.08 24.57 15.94
C MET B 4000 -53.19 25.86 16.73
N MET B 4001 -52.21 26.78 16.57
CA MET B 4001 -52.33 28.06 17.27
C MET B 4001 -53.57 28.83 16.82
N LYS B 4002 -53.85 28.86 15.52
CA LYS B 4002 -54.99 29.60 15.02
C LYS B 4002 -56.31 29.00 15.49
N LEU B 4003 -56.43 27.68 15.47
CA LEU B 4003 -57.67 27.00 15.87
C LEU B 4003 -57.83 26.88 17.37
N ALA B 4004 -56.79 27.15 18.15
CA ALA B 4004 -56.94 27.10 19.59
C ALA B 4004 -57.46 28.41 20.17
N GLN B 4005 -57.62 29.44 19.35
CA GLN B 4005 -58.08 30.74 19.82
C GLN B 4005 -59.58 30.78 20.07
N ASP B 4006 -60.33 29.77 19.63
CA ASP B 4006 -61.78 29.80 19.74
C ASP B 4006 -62.30 28.37 19.84
N SER B 4007 -63.53 28.27 20.34
CA SER B 4007 -64.19 26.99 20.59
C SER B 4007 -65.04 26.51 19.42
N SER B 4008 -65.06 27.25 18.31
CA SER B 4008 -65.86 26.86 17.16
C SER B 4008 -65.11 25.96 16.19
N GLN B 4009 -63.83 25.68 16.43
CA GLN B 4009 -63.05 24.84 15.54
C GLN B 4009 -62.39 23.70 16.30
N ILE B 4010 -63.06 23.21 17.34
CA ILE B 4010 -62.56 22.08 18.10
C ILE B 4010 -62.60 20.81 17.24
N GLU B 4011 -63.61 20.68 16.38
CA GLU B 4011 -63.72 19.52 15.50
C GLU B 4011 -62.54 19.46 14.55
N LEU B 4012 -62.25 20.59 13.90
CA LEU B 4012 -61.14 20.65 12.96
C LEU B 4012 -59.83 20.38 13.67
N LEU B 4013 -59.67 20.94 14.87
CA LEU B 4013 -58.40 20.79 15.57
C LEU B 4013 -58.19 19.35 16.04
N LYS B 4014 -59.25 18.67 16.49
CA LYS B 4014 -59.06 17.28 16.90
C LYS B 4014 -58.81 16.37 15.68
N GLU B 4015 -59.42 16.68 14.52
CA GLU B 4015 -59.01 15.95 13.33
C GLU B 4015 -57.57 16.26 12.93
N LEU B 4016 -57.09 17.47 13.25
CA LEU B 4016 -55.67 17.75 13.03
C LEU B 4016 -54.81 16.89 13.93
N LEU B 4017 -55.24 16.69 15.17
CA LEU B 4017 -54.46 15.91 16.12
C LEU B 4017 -54.36 14.46 15.67
N ASP B 4018 -55.49 13.86 15.28
CA ASP B 4018 -55.42 12.47 14.83
C ASP B 4018 -54.70 12.33 13.48
N LEU B 4019 -54.74 13.38 12.63
CA LEU B 4019 -54.01 13.32 11.37
C LEU B 4019 -52.51 13.33 11.61
N GLN B 4020 -52.04 14.25 12.45
CA GLN B 4020 -50.62 14.27 12.73
C GLN B 4020 -50.20 13.09 13.57
N LYS B 4021 -51.13 12.50 14.35
CA LYS B 4021 -50.82 11.24 15.02
C LYS B 4021 -50.57 10.12 14.02
N ASP B 4022 -51.41 10.01 12.97
CA ASP B 4022 -51.11 9.03 11.93
C ASP B 4022 -49.90 9.39 11.09
N MET B 4023 -49.47 10.65 11.17
CA MET B 4023 -48.27 11.05 10.45
C MET B 4023 -47.04 10.66 11.22
N VAL B 4024 -46.99 10.97 12.51
CA VAL B 4024 -45.83 10.59 13.32
C VAL B 4024 -45.75 9.07 13.42
N VAL B 4025 -46.90 8.37 13.45
CA VAL B 4025 -46.91 6.91 13.38
C VAL B 4025 -46.25 6.42 12.10
N MET B 4026 -46.55 7.07 10.96
CA MET B 4026 -45.84 6.77 9.71
C MET B 4026 -44.34 7.04 9.83
N LEU B 4027 -43.98 8.15 10.48
CA LEU B 4027 -42.56 8.46 10.68
C LEU B 4027 -41.86 7.40 11.53
N LEU B 4028 -42.53 6.92 12.58
CA LEU B 4028 -41.97 5.84 13.38
C LEU B 4028 -41.80 4.58 12.56
N SER B 4029 -42.80 4.28 11.70
CA SER B 4029 -42.75 3.10 10.86
C SER B 4029 -41.59 3.18 9.88
N LEU B 4030 -41.19 4.40 9.50
CA LEU B 4030 -40.02 4.57 8.65
C LEU B 4030 -38.74 4.16 9.36
N LEU B 4031 -38.71 4.26 10.68
CA LEU B 4031 -37.51 4.01 11.47
C LEU B 4031 -37.39 2.58 11.96
N GLU B 4032 -38.31 1.69 11.57
CA GLU B 4032 -38.25 0.30 12.00
C GLU B 4032 -37.00 -0.37 11.46
N GLY B 4033 -36.19 -0.92 12.35
CA GLY B 4033 -34.99 -1.64 11.96
C GLY B 4033 -33.93 -0.79 11.29
N ASN B 4034 -33.65 0.40 11.84
CA ASN B 4034 -32.61 1.27 11.32
C ASN B 4034 -31.33 1.08 12.13
N VAL B 4035 -30.20 1.05 11.43
CA VAL B 4035 -28.91 0.88 12.09
C VAL B 4035 -28.46 2.22 12.67
N VAL B 4036 -27.43 2.17 13.53
CA VAL B 4036 -26.81 3.39 14.03
C VAL B 4036 -26.20 4.14 12.86
N ASN B 4037 -26.39 5.47 12.85
CA ASN B 4037 -26.05 6.34 11.70
C ASN B 4037 -26.75 5.87 10.44
N GLY B 4038 -28.00 5.46 10.61
CA GLY B 4038 -28.80 4.98 9.48
C GLY B 4038 -29.00 6.08 8.44
N MET B 4039 -28.93 5.66 7.17
CA MET B 4039 -29.05 6.58 6.05
C MET B 4039 -30.41 7.27 6.05
N ILE B 4040 -31.48 6.51 6.30
CA ILE B 4040 -32.82 7.09 6.36
C ILE B 4040 -32.95 8.01 7.57
N ALA B 4041 -32.29 7.65 8.68
CA ALA B 4041 -32.35 8.46 9.88
C ALA B 4041 -31.64 9.79 9.66
N ARG B 4042 -30.61 9.81 8.81
CA ARG B 4042 -29.91 11.06 8.56
C ARG B 4042 -30.82 12.06 7.85
N GLN B 4043 -31.59 11.59 6.85
CA GLN B 4043 -32.55 12.50 6.21
C GLN B 4043 -33.65 12.89 7.18
N MET B 4044 -33.99 12.01 8.12
CA MET B 4044 -34.98 12.38 9.14
C MET B 4044 -34.46 13.52 10.02
N VAL B 4045 -33.17 13.47 10.35
CA VAL B 4045 -32.54 14.55 11.10
C VAL B 4045 -32.50 15.83 10.27
N ASP B 4046 -32.09 15.75 9.01
CA ASP B 4046 -32.06 16.92 8.13
C ASP B 4046 -33.44 17.52 7.92
N MET B 4047 -34.47 16.66 7.86
CA MET B 4047 -35.87 17.10 7.89
C MET B 4047 -36.18 17.92 9.13
N LEU B 4048 -35.80 17.41 10.29
CA LEU B 4048 -36.12 18.11 11.54
C LEU B 4048 -35.35 19.42 11.63
N VAL B 4049 -34.10 19.44 11.16
CA VAL B 4049 -33.30 20.66 11.17
C VAL B 4049 -33.91 21.69 10.24
N GLU B 4050 -34.36 21.27 9.05
CA GLU B 4050 -35.00 22.19 8.11
C GLU B 4050 -36.30 22.75 8.70
N SER B 4051 -37.08 21.91 9.37
CA SER B 4051 -38.31 22.37 10.02
C SER B 4051 -38.12 22.58 11.52
N SER B 4052 -36.94 23.08 11.92
CA SER B 4052 -36.60 23.24 13.33
C SER B 4052 -37.53 24.18 14.07
N SER B 4053 -37.85 25.33 13.47
CA SER B 4053 -38.76 26.28 14.10
C SER B 4053 -40.16 25.72 14.24
N ASN B 4054 -40.64 24.99 13.23
CA ASN B 4054 -41.98 24.45 13.25
C ASN B 4054 -42.12 23.37 14.31
N VAL B 4055 -41.19 22.40 14.34
CA VAL B 4055 -41.30 21.28 15.28
C VAL B 4055 -41.12 21.77 16.71
N GLU B 4056 -40.25 22.78 16.90
CA GLU B 4056 -40.10 23.38 18.22
C GLU B 4056 -41.40 24.05 18.66
N MET B 4057 -42.04 24.78 17.77
CA MET B 4057 -43.30 25.42 18.15
C MET B 4057 -44.49 24.44 18.23
N ILE B 4058 -44.34 23.24 17.64
CA ILE B 4058 -45.24 22.12 17.92
C ILE B 4058 -45.09 21.69 19.38
N LEU B 4059 -43.87 21.36 19.77
CA LEU B 4059 -43.62 20.90 21.13
C LEU B 4059 -43.93 22.00 22.12
N LYS B 4060 -43.60 23.24 21.77
CA LYS B 4060 -43.89 24.41 22.58
C LYS B 4060 -45.38 24.60 22.77
N PHE B 4061 -46.21 24.10 21.82
CA PHE B 4061 -47.64 24.11 22.03
C PHE B 4061 -48.08 22.98 22.95
N PHE B 4062 -47.39 21.85 22.88
CA PHE B 4062 -47.81 20.67 23.63
C PHE B 4062 -47.49 20.78 25.11
N ASP B 4063 -46.21 21.05 25.42
CA ASP B 4063 -45.79 21.14 26.82
C ASP B 4063 -46.49 22.27 27.55
N MET B 4064 -46.80 23.36 26.85
CA MET B 4064 -47.42 24.50 27.52
C MET B 4064 -48.84 24.19 28.00
N PHE B 4065 -49.48 23.14 27.47
CA PHE B 4065 -50.67 22.55 28.10
C PHE B 4065 -50.38 21.49 29.14
N LEU B 4066 -49.38 20.63 28.89
CA LEU B 4066 -49.07 19.57 29.86
C LEU B 4066 -48.50 20.12 31.16
N LYS B 4067 -47.55 21.04 31.05
CA LYS B 4067 -46.95 21.69 32.20
C LYS B 4067 -47.98 22.48 32.98
N LEU B 4068 -48.81 23.25 32.27
CA LEU B 4068 -49.79 24.08 32.96
C LEU B 4068 -50.90 23.24 33.58
N LYS B 4069 -51.07 21.98 33.14
CA LYS B 4069 -52.06 21.08 33.75
C LYS B 4069 -51.80 20.92 35.25
N ASP B 4070 -50.53 20.96 35.66
CA ASP B 4070 -50.15 20.94 37.06
C ASP B 4070 -49.88 22.33 37.61
N ILE B 4071 -49.36 23.26 36.78
CA ILE B 4071 -49.01 24.61 37.23
C ILE B 4071 -50.27 25.36 37.69
N VAL B 4072 -51.44 25.02 37.14
CA VAL B 4072 -52.70 25.60 37.65
C VAL B 4072 -52.94 25.25 39.12
N GLY B 4073 -52.37 24.15 39.61
CA GLY B 4073 -52.39 23.82 41.01
C GLY B 4073 -51.13 24.17 41.78
N SER B 4074 -50.14 24.80 41.13
CA SER B 4074 -48.89 25.18 41.77
C SER B 4074 -49.16 26.24 42.84
N GLU B 4075 -48.37 26.19 43.92
CA GLU B 4075 -48.56 27.06 45.08
C GLU B 4075 -48.42 28.54 44.74
N ALA B 4076 -47.48 28.89 43.85
CA ALA B 4076 -47.30 30.28 43.43
C ALA B 4076 -48.55 30.83 42.73
N PHE B 4077 -49.18 30.02 41.87
CA PHE B 4077 -50.42 30.45 41.23
C PHE B 4077 -51.59 30.40 42.21
N GLN B 4078 -51.64 29.35 43.05
CA GLN B 4078 -52.75 29.20 43.99
C GLN B 4078 -52.79 30.35 45.00
N ASP B 4079 -51.63 30.96 45.29
CA ASP B 4079 -51.63 32.14 46.14
C ASP B 4079 -52.32 33.31 45.45
N TYR B 4080 -52.36 33.33 44.12
CA TYR B 4080 -53.09 34.36 43.41
C TYR B 4080 -54.53 33.95 43.12
N VAL B 4081 -54.87 32.69 43.39
CA VAL B 4081 -56.25 32.25 43.18
C VAL B 4081 -57.15 32.91 44.21
N THR B 4082 -58.12 33.69 43.74
CA THR B 4082 -58.97 34.48 44.62
C THR B 4082 -60.45 34.11 44.59
N ASP B 4083 -60.94 33.50 43.52
CA ASP B 4083 -62.36 33.19 43.41
C ASP B 4083 -62.59 31.69 43.58
N PRO B 4084 -63.38 31.26 44.57
CA PRO B 4084 -63.71 29.83 44.71
C PRO B 4084 -64.67 29.29 43.66
N ARG B 4085 -65.10 30.10 42.68
CA ARG B 4085 -65.96 29.65 41.59
C ARG B 4085 -65.20 28.92 40.48
N GLY B 4086 -63.91 28.67 40.66
CA GLY B 4086 -63.09 28.13 39.60
C GLY B 4086 -62.70 29.13 38.53
N LEU B 4087 -62.90 30.42 38.77
CA LEU B 4087 -62.61 31.43 37.77
C LEU B 4087 -61.54 32.37 38.29
N ILE B 4088 -60.89 33.09 37.36
CA ILE B 4088 -59.83 34.06 37.66
C ILE B 4088 -59.58 34.93 36.42
N SER B 4089 -59.27 36.20 36.62
CA SER B 4089 -59.19 37.20 35.56
C SER B 4089 -57.91 37.04 34.73
N LYS B 4090 -57.85 37.82 33.62
CA LYS B 4090 -56.70 37.78 32.72
C LYS B 4090 -55.46 38.35 33.39
N LYS B 4091 -55.60 39.53 34.01
CA LYS B 4091 -54.45 40.20 34.61
C LYS B 4091 -53.90 39.39 35.77
N ASP B 4092 -54.76 38.62 36.44
CA ASP B 4092 -54.27 37.79 37.53
C ASP B 4092 -53.45 36.62 36.99
N PHE B 4093 -53.77 36.14 35.79
CA PHE B 4093 -52.91 35.18 35.12
C PHE B 4093 -51.57 35.80 34.84
N GLN B 4094 -51.60 37.04 34.32
CA GLN B 4094 -50.37 37.72 33.91
C GLN B 4094 -49.45 37.95 35.11
N LYS B 4095 -50.02 38.28 36.27
CA LYS B 4095 -49.25 38.53 37.47
C LYS B 4095 -49.05 37.27 38.32
N ALA B 4096 -49.54 36.12 37.86
CA ALA B 4096 -49.39 34.88 38.62
C ALA B 4096 -48.49 33.85 37.96
N MET B 4097 -48.61 33.65 36.65
CA MET B 4097 -47.76 32.69 35.95
C MET B 4097 -46.29 33.10 35.95
N ASP B 4098 -46.01 34.41 35.90
CA ASP B 4098 -44.61 34.86 35.94
C ASP B 4098 -43.92 34.55 37.25
N SER B 4099 -44.67 34.31 38.33
CA SER B 4099 -44.10 33.88 39.60
C SER B 4099 -43.48 32.49 39.51
N GLN B 4100 -43.87 31.68 38.52
CA GLN B 4100 -43.24 30.38 38.32
C GLN B 4100 -41.85 30.49 37.71
N LYS B 4101 -41.52 31.65 37.12
CA LYS B 4101 -40.25 31.90 36.41
C LYS B 4101 -40.00 30.86 35.33
N GLN B 4102 -41.06 30.50 34.61
CA GLN B 4102 -41.01 29.46 33.58
C GLN B 4102 -41.69 29.87 32.29
N PHE B 4103 -42.16 31.11 32.19
CA PHE B 4103 -42.95 31.53 31.04
C PHE B 4103 -42.43 32.83 30.46
N THR B 4104 -42.59 32.97 29.14
CA THR B 4104 -42.18 34.17 28.42
C THR B 4104 -43.42 34.91 27.92
N GLY B 4105 -43.22 36.19 27.60
CA GLY B 4105 -44.28 37.11 27.21
C GLY B 4105 -45.20 36.69 26.08
N PRO B 4106 -44.68 36.47 24.85
CA PRO B 4106 -45.56 36.18 23.70
C PRO B 4106 -46.43 34.96 23.92
N GLU B 4107 -45.91 33.93 24.57
CA GLU B 4107 -46.74 32.76 24.80
C GLU B 4107 -47.59 32.90 26.06
N ILE B 4108 -47.27 33.84 26.95
CA ILE B 4108 -48.24 34.18 27.99
C ILE B 4108 -49.46 34.83 27.38
N GLN B 4109 -49.25 35.75 26.44
CA GLN B 4109 -50.34 36.36 25.68
C GLN B 4109 -51.11 35.33 24.87
N PHE B 4110 -50.39 34.39 24.25
CA PHE B 4110 -51.00 33.28 23.52
C PHE B 4110 -51.86 32.40 24.43
N LEU B 4111 -51.35 32.09 25.63
CA LEU B 4111 -52.09 31.29 26.59
C LEU B 4111 -53.33 32.02 27.08
N LEU B 4112 -53.20 33.34 27.29
CA LEU B 4112 -54.32 34.17 27.72
C LEU B 4112 -55.41 34.17 26.67
N SER B 4113 -55.02 34.31 25.39
CA SER B 4113 -56.01 34.36 24.34
C SER B 4113 -56.69 33.00 24.18
N CYS B 4114 -55.90 31.92 24.26
CA CYS B 4114 -56.45 30.57 24.15
C CYS B 4114 -57.41 30.23 25.28
N SER B 4115 -57.19 30.81 26.46
CA SER B 4115 -58.07 30.58 27.60
C SER B 4115 -59.48 31.05 27.29
N GLU B 4116 -60.47 30.27 27.73
CA GLU B 4116 -61.86 30.52 27.42
C GLU B 4116 -62.40 31.69 28.23
N ALA B 4117 -61.95 32.90 27.90
CA ALA B 4117 -62.45 34.10 28.56
C ALA B 4117 -63.91 34.31 28.23
N ASP B 4118 -64.71 34.61 29.25
CA ASP B 4118 -66.14 34.83 29.08
C ASP B 4118 -66.35 36.30 28.73
N GLU B 4119 -67.62 36.73 28.71
CA GLU B 4119 -67.93 38.13 28.46
C GLU B 4119 -67.47 39.03 29.61
N ASN B 4120 -67.26 38.48 30.81
CA ASN B 4120 -66.82 39.27 31.95
C ASN B 4120 -65.30 39.31 32.10
N GLU B 4121 -64.57 38.69 31.17
CA GLU B 4121 -63.11 38.46 31.27
C GLU B 4121 -62.74 37.71 32.55
N MET B 4122 -63.61 36.81 32.97
CA MET B 4122 -63.48 36.07 34.23
C MET B 4122 -63.29 34.63 33.76
N ILE B 4123 -62.05 34.24 33.56
CA ILE B 4123 -61.72 33.05 32.76
C ILE B 4123 -61.99 31.79 33.58
N ASN B 4124 -62.64 30.81 32.95
CA ASN B 4124 -62.82 29.47 33.51
C ASN B 4124 -61.66 28.63 33.00
N PHE B 4125 -60.68 28.39 33.87
CA PHE B 4125 -59.49 27.62 33.53
C PHE B 4125 -59.62 26.16 33.94
N GLU B 4126 -60.76 25.75 34.50
CA GLU B 4126 -60.94 24.37 34.91
C GLU B 4126 -60.97 23.40 33.73
N GLU B 4127 -61.68 23.76 32.66
CA GLU B 4127 -61.72 22.90 31.49
C GLU B 4127 -60.76 23.33 30.40
N PHE B 4128 -60.11 24.50 30.57
CA PHE B 4128 -59.15 25.03 29.60
C PHE B 4128 -58.00 24.05 29.41
N ALA B 4129 -57.41 23.58 30.52
CA ALA B 4129 -56.31 22.63 30.40
C ALA B 4129 -56.83 21.27 29.96
N ASN B 4130 -57.91 20.79 30.59
CA ASN B 4130 -58.42 19.43 30.38
C ASN B 4130 -59.10 19.24 29.03
N ARG B 4131 -59.19 20.28 28.19
CA ARG B 4131 -59.85 20.15 26.90
C ARG B 4131 -59.13 19.17 25.98
N PHE B 4132 -57.81 19.27 25.90
CA PHE B 4132 -57.00 18.51 24.96
C PHE B 4132 -56.06 17.49 25.60
N GLN B 4133 -56.13 17.30 26.93
CA GLN B 4133 -55.14 16.46 27.63
C GLN B 4133 -55.15 15.02 27.11
N GLU B 4134 -56.32 14.50 26.74
CA GLU B 4134 -56.40 13.12 26.28
C GLU B 4134 -55.81 12.95 24.88
N PRO B 4135 -56.24 13.68 23.83
CA PRO B 4135 -55.63 13.41 22.51
C PRO B 4135 -54.18 13.87 22.37
N ALA B 4136 -53.83 15.03 22.91
CA ALA B 4136 -52.48 15.58 22.75
C ALA B 4136 -51.38 14.79 23.46
N ARG B 4137 -51.75 13.90 24.37
CA ARG B 4137 -50.75 13.09 25.06
C ARG B 4137 -50.17 12.04 24.12
N ASP B 4138 -51.02 11.48 23.26
CA ASP B 4138 -50.59 10.44 22.33
C ASP B 4138 -49.58 10.97 21.33
N ILE B 4139 -49.86 12.15 20.76
CA ILE B 4139 -48.92 12.77 19.82
C ILE B 4139 -47.65 13.17 20.54
N GLY B 4140 -47.78 13.68 21.78
CA GLY B 4140 -46.59 14.07 22.54
C GLY B 4140 -45.69 12.89 22.83
N PHE B 4141 -46.29 11.72 23.06
CA PHE B 4141 -45.49 10.54 23.31
C PHE B 4141 -44.84 10.07 22.03
N ASN B 4142 -45.59 10.07 20.92
CA ASN B 4142 -45.05 9.55 19.67
C ASN B 4142 -43.89 10.42 19.18
N VAL B 4143 -44.00 11.74 19.33
CA VAL B 4143 -42.87 12.59 18.96
C VAL B 4143 -41.72 12.40 19.94
N ALA B 4144 -42.01 12.07 21.21
CA ALA B 4144 -40.95 11.76 22.15
C ALA B 4144 -40.21 10.50 21.74
N VAL B 4145 -40.95 9.47 21.29
CA VAL B 4145 -40.34 8.24 20.78
C VAL B 4145 -39.50 8.52 19.56
N LEU B 4146 -40.02 9.36 18.64
CA LEU B 4146 -39.31 9.71 17.43
C LEU B 4146 -38.00 10.42 17.73
N LEU B 4147 -38.03 11.38 18.66
CA LEU B 4147 -36.82 12.08 19.07
C LEU B 4147 -35.84 11.17 19.80
N THR B 4148 -36.35 10.29 20.66
CA THR B 4148 -35.46 9.37 21.38
C THR B 4148 -34.80 8.39 20.42
N ASN B 4149 -35.56 7.89 19.45
CA ASN B 4149 -35.04 6.96 18.46
C ASN B 4149 -33.96 7.61 17.62
N LEU B 4150 -34.19 8.86 17.20
CA LEU B 4150 -33.18 9.56 16.41
C LEU B 4150 -31.94 9.86 17.23
N SER B 4151 -32.13 10.27 18.49
CA SER B 4151 -30.99 10.63 19.33
C SER B 4151 -30.12 9.40 19.60
N GLU B 4152 -30.75 8.26 19.83
CA GLU B 4152 -29.99 7.06 20.14
C GLU B 4152 -29.31 6.47 18.91
N HIS B 4153 -29.97 6.53 17.74
CA HIS B 4153 -29.37 5.95 16.55
C HIS B 4153 -28.45 6.91 15.80
N VAL B 4154 -28.49 8.20 16.12
CA VAL B 4154 -27.58 9.19 15.53
C VAL B 4154 -26.95 9.94 16.69
N PRO B 4155 -25.96 9.38 17.37
CA PRO B 4155 -25.45 10.02 18.60
C PRO B 4155 -24.43 11.11 18.34
N HIS B 4156 -23.72 11.04 17.21
CA HIS B 4156 -22.61 11.93 16.91
C HIS B 4156 -23.02 13.10 16.02
N ASP B 4157 -24.27 13.58 16.15
CA ASP B 4157 -24.70 14.73 15.36
C ASP B 4157 -24.95 15.92 16.27
N PRO B 4158 -24.03 16.88 16.33
CA PRO B 4158 -24.23 18.08 17.15
C PRO B 4158 -25.43 18.90 16.73
N ARG B 4159 -25.77 18.85 15.44
CA ARG B 4159 -26.93 19.59 14.95
C ARG B 4159 -28.19 19.00 15.57
N LEU B 4160 -28.24 17.67 15.67
CA LEU B 4160 -29.36 16.99 16.31
C LEU B 4160 -29.38 17.26 17.80
N ARG B 4161 -28.20 17.44 18.42
CA ARG B 4161 -28.13 17.68 19.87
C ARG B 4161 -28.86 18.94 20.32
N ASN B 4162 -29.07 19.91 19.43
CA ASN B 4162 -29.80 21.12 19.77
C ASN B 4162 -31.25 20.82 20.14
N PHE B 4163 -31.87 19.87 19.44
CA PHE B 4163 -33.28 19.59 19.64
C PHE B 4163 -33.55 18.95 20.98
N LEU B 4164 -32.53 18.30 21.57
CA LEU B 4164 -32.71 17.69 22.89
C LEU B 4164 -33.04 18.76 23.91
N GLU B 4165 -32.19 19.81 24.01
CA GLU B 4165 -32.51 20.91 24.93
C GLU B 4165 -33.71 21.72 24.46
N LEU B 4166 -34.01 21.72 23.16
CA LEU B 4166 -35.25 22.33 22.71
C LEU B 4166 -36.48 21.55 23.17
N ALA B 4167 -36.33 20.27 23.47
CA ALA B 4167 -37.45 19.39 23.80
C ALA B 4167 -37.33 18.74 25.19
N GLU B 4168 -36.47 19.25 26.06
CA GLU B 4168 -36.31 18.65 27.40
C GLU B 4168 -37.59 18.67 28.22
N SER B 4169 -38.50 19.61 27.97
CA SER B 4169 -39.77 19.63 28.70
C SER B 4169 -40.59 18.37 28.42
N ILE B 4170 -40.63 17.94 27.17
CA ILE B 4170 -41.48 16.81 26.83
C ILE B 4170 -40.77 15.49 27.05
N LEU B 4171 -39.44 15.42 26.84
CA LEU B 4171 -38.72 14.19 27.14
C LEU B 4171 -38.75 13.90 28.63
N GLU B 4172 -38.50 14.91 29.46
CA GLU B 4172 -38.57 14.71 30.90
C GLU B 4172 -40.01 14.45 31.35
N TYR B 4173 -41.01 14.98 30.62
CA TYR B 4173 -42.37 14.66 30.99
C TYR B 4173 -42.72 13.21 30.67
N PHE B 4174 -42.15 12.66 29.60
CA PHE B 4174 -42.49 11.31 29.19
C PHE B 4174 -41.43 10.28 29.54
N ARG B 4175 -40.44 10.67 30.35
CA ARG B 4175 -39.43 9.73 30.82
C ARG B 4175 -40.01 8.55 31.61
N PRO B 4176 -40.94 8.70 32.57
CA PRO B 4176 -41.44 7.51 33.28
C PRO B 4176 -42.23 6.52 32.42
N TYR B 4177 -42.55 6.83 31.16
CA TYR B 4177 -43.40 5.96 30.36
C TYR B 4177 -42.67 5.32 29.20
N LEU B 4178 -41.50 5.82 28.82
CA LEU B 4178 -40.79 5.32 27.66
C LEU B 4178 -40.15 3.99 28.01
N GLY B 4179 -40.63 2.88 27.45
CA GLY B 4179 -40.04 1.60 27.71
C GLY B 4179 -39.30 1.15 26.48
N ARG B 4180 -38.03 0.81 26.66
CA ARG B 4180 -37.21 0.39 25.55
C ARG B 4180 -36.72 -1.02 25.82
N ILE B 4181 -36.86 -1.88 24.83
CA ILE B 4181 -36.31 -3.22 24.91
C ILE B 4181 -35.38 -3.41 23.73
N GLU B 4182 -34.56 -4.45 23.80
CA GLU B 4182 -33.77 -4.85 22.64
C GLU B 4182 -34.10 -6.28 22.28
N ILE B 4183 -34.52 -6.49 21.04
CA ILE B 4183 -34.87 -7.81 20.55
C ILE B 4183 -33.97 -8.21 19.38
N MET B 4184 -33.40 -9.40 19.45
CA MET B 4184 -32.75 -9.94 18.27
C MET B 4184 -33.85 -10.14 17.24
N GLY B 4185 -33.63 -9.69 16.01
CA GLY B 4185 -34.79 -9.67 15.14
C GLY B 4185 -34.69 -10.39 13.82
N ALA B 4186 -35.68 -10.13 12.95
CA ALA B 4186 -35.77 -10.78 11.65
C ALA B 4186 -34.54 -10.44 10.80
N SER B 4187 -34.07 -9.20 10.91
CA SER B 4187 -32.94 -8.70 10.13
C SER B 4187 -31.65 -9.45 10.43
N ARG B 4188 -31.59 -10.17 11.56
CA ARG B 4188 -30.50 -10.95 12.16
C ARG B 4188 -29.66 -10.04 13.03
N ARG B 4189 -30.16 -8.84 13.33
CA ARG B 4189 -29.43 -7.86 14.12
C ARG B 4189 -30.35 -7.33 15.22
N ILE B 4190 -29.73 -6.97 16.34
CA ILE B 4190 -30.47 -6.51 17.51
C ILE B 4190 -31.06 -5.13 17.26
N GLU B 4191 -32.32 -4.94 17.67
CA GLU B 4191 -33.01 -3.70 17.40
C GLU B 4191 -33.79 -3.26 18.63
N ARG B 4192 -33.96 -1.95 18.77
CA ARG B 4192 -34.65 -1.34 19.91
C ARG B 4192 -36.11 -1.06 19.64
N ILE B 4193 -36.98 -1.52 20.54
CA ILE B 4193 -38.41 -1.28 20.48
C ILE B 4193 -38.79 -0.28 21.59
N TYR B 4194 -39.69 0.65 21.26
CA TYR B 4194 -40.19 1.68 22.18
C TYR B 4194 -41.69 1.49 22.35
N PHE B 4195 -42.14 1.52 23.61
CA PHE B 4195 -43.52 1.26 24.01
C PHE B 4195 -43.93 2.10 25.21
N GLU B 4196 -45.24 2.02 25.53
CA GLU B 4196 -45.86 2.77 26.62
C GLU B 4196 -45.94 1.95 27.87
N ILE B 4197 -45.43 2.50 28.97
CA ILE B 4197 -45.60 1.88 30.26
C ILE B 4197 -46.80 2.59 30.87
N SER B 4198 -47.85 1.84 31.19
CA SER B 4198 -49.01 2.47 31.80
C SER B 4198 -48.68 2.86 33.24
N GLU B 4199 -49.30 3.96 33.69
CA GLU B 4199 -49.01 4.47 35.03
C GLU B 4199 -49.43 3.47 36.10
N THR B 4200 -50.60 2.83 35.90
CA THR B 4200 -51.08 1.86 36.88
C THR B 4200 -50.16 0.66 36.93
N ASN B 4201 -49.73 0.18 35.75
CA ASN B 4201 -48.83 -0.96 35.67
C ASN B 4201 -47.50 -0.65 36.33
N ARG B 4202 -46.99 0.56 36.12
CA ARG B 4202 -45.73 0.97 36.71
C ARG B 4202 -45.82 1.07 38.23
N ALA B 4203 -46.92 1.63 38.76
CA ALA B 4203 -47.11 1.65 40.21
C ALA B 4203 -47.24 0.25 40.76
N GLN B 4204 -47.99 -0.61 40.06
CA GLN B 4204 -48.24 -1.95 40.56
C GLN B 4204 -46.95 -2.75 40.50
N TRP B 4205 -46.03 -2.36 39.63
CA TRP B 4205 -44.71 -2.96 39.62
C TRP B 4205 -43.94 -2.51 40.86
N GLU B 4206 -44.08 -1.24 41.24
CA GLU B 4206 -43.27 -0.80 42.37
C GLU B 4206 -43.85 -1.29 43.70
N MET B 4207 -45.03 -1.91 43.69
CA MET B 4207 -45.67 -2.37 44.93
C MET B 4207 -44.82 -3.45 45.60
N PRO B 4208 -44.81 -3.49 46.94
CA PRO B 4208 -43.91 -4.43 47.66
C PRO B 4208 -44.20 -5.91 47.46
N GLN B 4209 -45.47 -6.30 47.32
CA GLN B 4209 -45.79 -7.71 47.05
C GLN B 4209 -45.23 -8.17 45.71
N VAL B 4210 -45.34 -7.33 44.68
CA VAL B 4210 -44.85 -7.71 43.37
C VAL B 4210 -43.33 -7.79 43.40
N LYS B 4211 -42.70 -6.86 44.12
CA LYS B 4211 -41.24 -6.85 44.26
C LYS B 4211 -40.76 -8.10 44.98
N GLU B 4212 -41.51 -8.56 46.00
CA GLU B 4212 -41.16 -9.80 46.66
C GLU B 4212 -41.30 -10.98 45.71
N SER B 4213 -42.35 -10.97 44.87
CA SER B 4213 -42.54 -12.02 43.87
C SER B 4213 -41.34 -12.05 42.93
N LYS B 4214 -40.86 -10.87 42.54
CA LYS B 4214 -39.68 -10.76 41.68
C LYS B 4214 -38.44 -11.30 42.38
N ARG B 4215 -38.28 -11.00 43.66
CA ARG B 4215 -37.09 -11.45 44.40
C ARG B 4215 -37.07 -12.95 44.53
N GLN B 4216 -38.24 -13.55 44.80
CA GLN B 4216 -38.35 -15.00 44.86
C GLN B 4216 -38.07 -15.61 43.51
N PHE B 4217 -38.52 -14.95 42.42
CA PHE B 4217 -38.24 -15.44 41.08
C PHE B 4217 -36.75 -15.47 40.80
N ILE B 4218 -36.04 -14.38 41.11
CA ILE B 4218 -34.62 -14.30 40.78
C ILE B 4218 -33.83 -15.31 41.60
N PHE B 4219 -34.20 -15.49 42.86
CA PHE B 4219 -33.52 -16.50 43.68
C PHE B 4219 -33.78 -17.90 43.17
N ASP B 4220 -35.03 -18.22 42.83
CA ASP B 4220 -35.38 -19.54 42.34
C ASP B 4220 -34.70 -19.87 41.01
N VAL B 4221 -34.74 -18.93 40.06
CA VAL B 4221 -34.08 -19.12 38.77
C VAL B 4221 -32.57 -19.23 38.93
N VAL B 4222 -31.94 -18.36 39.72
CA VAL B 4222 -30.48 -18.39 39.78
C VAL B 4222 -30.00 -19.63 40.52
N ASN B 4223 -30.56 -19.91 41.71
CA ASN B 4223 -30.08 -21.06 42.47
C ASN B 4223 -30.48 -22.39 41.85
N GLU B 4224 -31.76 -22.57 41.50
CA GLU B 4224 -32.18 -23.88 40.98
C GLU B 4224 -32.74 -23.65 39.60
N GLY B 4225 -31.85 -23.45 38.65
CA GLY B 4225 -32.30 -23.11 37.31
C GLY B 4225 -31.20 -23.38 36.32
N GLY B 4226 -31.58 -23.29 35.05
CA GLY B 4226 -30.63 -23.47 33.98
C GLY B 4226 -30.75 -22.32 33.00
N GLU B 4227 -29.65 -22.08 32.29
CA GLU B 4227 -29.63 -21.05 31.27
C GLU B 4227 -30.56 -21.39 30.11
N ALA B 4228 -30.65 -22.68 29.75
CA ALA B 4228 -31.48 -23.08 28.62
C ALA B 4228 -32.96 -22.85 28.95
N GLU B 4229 -33.35 -23.16 30.18
CA GLU B 4229 -34.73 -23.10 30.64
C GLU B 4229 -35.07 -21.70 31.14
N LYS B 4230 -34.05 -20.82 31.22
CA LYS B 4230 -34.17 -19.51 31.87
C LYS B 4230 -35.22 -18.64 31.22
N MET B 4231 -35.18 -18.50 29.89
CA MET B 4231 -36.10 -17.59 29.23
C MET B 4231 -37.54 -18.08 29.34
N GLU B 4232 -37.76 -19.40 29.28
CA GLU B 4232 -39.09 -19.95 29.46
C GLU B 4232 -39.62 -19.65 30.86
N LEU B 4233 -38.75 -19.83 31.87
CA LEU B 4233 -39.11 -19.54 33.25
C LEU B 4233 -39.39 -18.06 33.44
N PHE B 4234 -38.61 -17.22 32.76
CA PHE B 4234 -38.79 -15.78 32.84
C PHE B 4234 -40.14 -15.38 32.26
N VAL B 4235 -40.45 -15.88 31.06
CA VAL B 4235 -41.69 -15.50 30.38
C VAL B 4235 -42.89 -15.97 31.21
N SER B 4236 -42.78 -17.15 31.82
CA SER B 4236 -43.83 -17.65 32.70
C SER B 4236 -44.02 -16.74 33.91
N PHE B 4237 -42.91 -16.26 34.48
CA PHE B 4237 -42.98 -15.30 35.59
C PHE B 4237 -43.64 -14.00 35.16
N CYS B 4238 -43.31 -13.51 33.96
CA CYS B 4238 -43.96 -12.31 33.43
C CYS B 4238 -45.45 -12.54 33.28
N GLU B 4239 -45.86 -13.69 32.75
CA GLU B 4239 -47.27 -13.95 32.47
C GLU B 4239 -48.06 -13.99 33.78
N ASP B 4240 -47.47 -14.63 34.80
CA ASP B 4240 -48.09 -14.71 36.11
C ASP B 4240 -48.22 -13.33 36.73
N THR B 4241 -47.18 -12.50 36.54
CA THR B 4241 -47.23 -11.12 37.01
C THR B 4241 -48.33 -10.34 36.30
N ILE B 4242 -48.47 -10.49 34.97
CA ILE B 4242 -49.48 -9.74 34.22
C ILE B 4242 -50.87 -10.10 34.68
N PHE B 4243 -51.08 -11.40 34.98
CA PHE B 4243 -52.38 -11.81 35.51
C PHE B 4243 -52.63 -11.22 36.88
N GLU B 4244 -51.61 -11.23 37.76
CA GLU B 4244 -51.78 -10.69 39.10
C GLU B 4244 -52.04 -9.17 39.07
N MET B 4245 -51.39 -8.47 38.13
CA MET B 4245 -51.66 -7.05 37.92
C MET B 4245 -53.10 -6.80 37.47
N GLN B 4246 -53.64 -7.68 36.62
CA GLN B 4246 -55.04 -7.52 36.21
C GLN B 4246 -56.00 -7.82 37.35
N ILE B 4247 -55.71 -8.83 38.17
CA ILE B 4247 -56.53 -9.10 39.35
C ILE B 4247 -56.50 -7.90 40.30
N ALA B 4248 -55.32 -7.33 40.53
CA ALA B 4248 -55.19 -6.14 41.38
C ALA B 4248 -55.96 -4.96 40.81
N ALA B 4249 -55.95 -4.81 39.48
CA ALA B 4249 -56.74 -3.76 38.84
C ALA B 4249 -58.22 -3.97 39.06
N GLN B 4250 -58.69 -5.23 38.94
CA GLN B 4250 -60.11 -5.52 39.11
C GLN B 4250 -60.55 -5.20 40.53
N ILE B 4251 -59.72 -5.55 41.52
CA ILE B 4251 -60.12 -5.38 42.91
C ILE B 4251 -59.82 -3.98 43.44
N SER B 4252 -59.12 -3.15 42.66
CA SER B 4252 -58.69 -1.84 43.12
C SER B 4252 -59.88 -0.92 43.40
N GLU B 4253 -59.65 0.03 44.30
CA GLU B 4253 -60.70 0.91 44.82
C GLU B 4253 -61.37 1.70 43.69
N PRO B 4254 -62.70 1.82 43.68
CA PRO B 4254 -63.42 2.63 42.72
C PRO B 4254 -63.88 3.96 43.31
N GLY B 4542 -78.58 -6.81 41.29
CA GLY B 4542 -79.05 -5.53 41.77
C GLY B 4542 -78.14 -4.90 42.81
N GLU B 4543 -78.76 -4.25 43.81
CA GLU B 4543 -77.97 -3.69 44.91
C GLU B 4543 -77.30 -4.79 45.71
N LEU B 4544 -77.95 -5.96 45.82
CA LEU B 4544 -77.36 -7.10 46.51
C LEU B 4544 -76.07 -7.53 45.82
N GLU B 4545 -76.12 -7.60 44.48
CA GLU B 4545 -74.98 -8.03 43.69
C GLU B 4545 -73.84 -7.01 43.74
N VAL B 4546 -74.19 -5.73 43.66
CA VAL B 4546 -73.17 -4.67 43.77
C VAL B 4546 -72.52 -4.68 45.15
N GLN B 4547 -73.32 -4.89 46.20
CA GLN B 4547 -72.78 -4.99 47.56
C GLN B 4547 -71.85 -6.19 47.68
N ARG B 4548 -72.27 -7.34 47.11
CA ARG B 4548 -71.46 -8.55 47.12
C ARG B 4548 -70.12 -8.28 46.46
N VAL B 4549 -70.13 -7.67 45.27
CA VAL B 4549 -68.90 -7.45 44.52
C VAL B 4549 -68.00 -6.49 45.31
N LYS B 4550 -68.59 -5.45 45.92
CA LYS B 4550 -67.83 -4.44 46.64
C LYS B 4550 -67.14 -5.06 47.84
N PHE B 4551 -67.89 -5.89 48.56
CA PHE B 4551 -67.39 -6.56 49.76
C PHE B 4551 -66.28 -7.52 49.39
N LEU B 4552 -66.49 -8.29 48.32
CA LEU B 4552 -65.51 -9.29 47.90
C LEU B 4552 -64.21 -8.63 47.47
N ASN B 4553 -64.31 -7.46 46.82
CA ASN B 4553 -63.12 -6.70 46.45
C ASN B 4553 -62.42 -6.14 47.68
N TYR B 4554 -63.19 -5.66 48.66
CA TYR B 4554 -62.61 -5.17 49.90
C TYR B 4554 -61.87 -6.28 50.63
N LEU B 4555 -62.48 -7.48 50.68
CA LEU B 4555 -61.84 -8.65 51.29
C LEU B 4555 -60.54 -9.01 50.59
N SER B 4556 -60.53 -8.91 49.25
CA SER B 4556 -59.31 -9.21 48.50
C SER B 4556 -58.23 -8.17 48.75
N ARG B 4557 -58.60 -6.89 48.78
CA ARG B 4557 -57.63 -5.85 49.08
C ARG B 4557 -57.11 -5.94 50.51
N ASN B 4558 -57.93 -6.45 51.43
CA ASN B 4558 -57.59 -6.49 52.84
C ASN B 4558 -57.23 -7.89 53.33
N PHE B 4559 -56.87 -8.81 52.42
CA PHE B 4559 -56.59 -10.19 52.79
C PHE B 4559 -55.41 -10.29 53.76
N TYR B 4560 -54.36 -9.49 53.54
CA TYR B 4560 -53.16 -9.65 54.35
C TYR B 4560 -53.34 -9.01 55.71
N THR B 4561 -54.18 -7.98 55.78
CA THR B 4561 -54.56 -7.41 57.07
C THR B 4561 -55.34 -8.42 57.87
N LEU B 4562 -56.26 -9.15 57.23
CA LEU B 4562 -57.00 -10.18 57.94
C LEU B 4562 -56.08 -11.31 58.37
N ARG B 4563 -55.05 -11.60 57.57
CA ARG B 4563 -54.10 -12.63 57.89
C ARG B 4563 -53.20 -12.23 59.05
N PHE B 4564 -53.10 -10.94 59.35
CA PHE B 4564 -52.30 -10.53 60.48
C PHE B 4564 -53.19 -10.25 61.69
N LEU B 4565 -54.46 -9.93 61.42
CA LEU B 4565 -55.45 -9.77 62.47
C LEU B 4565 -55.73 -11.11 63.14
N ALA B 4566 -55.74 -12.19 62.36
CA ALA B 4566 -55.96 -13.51 62.93
C ALA B 4566 -54.80 -13.93 63.82
N LEU B 4567 -53.58 -13.54 63.46
CA LEU B 4567 -52.44 -13.78 64.33
C LEU B 4567 -52.52 -12.97 65.62
N PHE B 4568 -52.99 -11.71 65.52
CA PHE B 4568 -53.19 -10.92 66.73
C PHE B 4568 -54.28 -11.53 67.61
N LEU B 4569 -55.35 -12.06 67.00
CA LEU B 4569 -56.43 -12.65 67.77
C LEU B 4569 -55.99 -13.95 68.42
N ALA B 4570 -55.13 -14.72 67.75
CA ALA B 4570 -54.60 -15.94 68.33
C ALA B 4570 -53.70 -15.63 69.51
N PHE B 4571 -52.85 -14.61 69.40
CA PHE B 4571 -52.04 -14.20 70.53
C PHE B 4571 -52.88 -13.65 71.67
N ALA B 4572 -53.95 -12.91 71.37
CA ALA B 4572 -54.86 -12.43 72.40
C ALA B 4572 -55.60 -13.57 73.09
N ILE B 4573 -55.99 -14.60 72.36
CA ILE B 4573 -56.80 -15.64 72.99
C ILE B 4573 -55.88 -16.54 73.79
N ASN B 4574 -54.66 -16.72 73.31
CA ASN B 4574 -53.68 -17.49 74.06
C ASN B 4574 -53.24 -16.74 75.30
N PHE B 4575 -53.24 -15.39 75.26
CA PHE B 4575 -53.00 -14.62 76.48
C PHE B 4575 -54.16 -14.73 77.45
N ILE B 4576 -55.37 -14.99 76.94
CA ILE B 4576 -56.52 -15.16 77.84
C ILE B 4576 -56.54 -16.60 78.31
N LEU B 4577 -55.72 -17.45 77.70
CA LEU B 4577 -55.74 -18.88 77.95
C LEU B 4577 -54.74 -19.21 79.04
N LEU B 4578 -54.01 -18.20 79.51
CA LEU B 4578 -52.95 -18.33 80.49
C LEU B 4578 -53.46 -18.12 81.91
N PHE B 4579 -54.76 -17.86 82.05
CA PHE B 4579 -55.41 -17.72 83.34
C PHE B 4579 -56.31 -18.90 83.63
N TYR B 4580 -56.13 -20.02 82.93
CA TYR B 4580 -56.95 -21.18 83.22
C TYR B 4580 -56.47 -21.90 84.46
N LYS B 4581 -57.37 -22.73 85.00
CA LYS B 4581 -57.21 -23.42 86.26
C LYS B 4581 -58.10 -24.64 86.23
N VAL B 4582 -57.80 -25.59 87.11
CA VAL B 4582 -58.63 -26.78 87.21
C VAL B 4582 -59.00 -27.01 88.67
N SER B 4583 -60.26 -27.38 88.89
CA SER B 4583 -60.76 -27.75 90.21
C SER B 4583 -61.65 -28.96 90.06
N ASP B 4584 -61.54 -29.90 91.01
CA ASP B 4584 -62.53 -30.97 91.07
C ASP B 4584 -63.90 -30.41 91.42
N SER B 4585 -63.94 -29.49 92.37
CA SER B 4585 -65.19 -28.85 92.77
C SER B 4585 -65.63 -27.86 91.68
N PRO B 4586 -66.93 -27.76 91.42
CA PRO B 4586 -67.44 -26.77 90.43
C PRO B 4586 -67.10 -25.35 90.85
N PRO B 4587 -66.77 -24.47 89.89
CA PRO B 4587 -66.37 -23.07 90.12
C PRO B 4587 -67.34 -22.24 90.97
N ASN B 4626 -64.69 -38.61 89.11
CA ASN B 4626 -64.69 -37.20 89.49
C ASN B 4626 -64.31 -36.29 88.31
N MET B 4627 -65.33 -35.79 87.61
CA MET B 4627 -65.10 -34.85 86.52
C MET B 4627 -64.52 -33.55 87.05
N VAL B 4628 -63.50 -33.05 86.36
CA VAL B 4628 -62.80 -31.85 86.76
C VAL B 4628 -63.35 -30.67 85.96
N TYR B 4629 -63.38 -29.51 86.59
CA TYR B 4629 -63.94 -28.32 85.99
C TYR B 4629 -62.82 -27.39 85.56
N TYR B 4630 -62.96 -26.81 84.36
CA TYR B 4630 -62.02 -25.81 83.89
C TYR B 4630 -62.70 -24.45 83.96
N PHE B 4631 -62.05 -23.49 84.60
CA PHE B 4631 -62.59 -22.15 84.71
C PHE B 4631 -61.50 -21.11 84.58
N LEU B 4632 -61.85 -19.95 84.04
CA LEU B 4632 -60.94 -18.83 84.03
C LEU B 4632 -60.95 -18.20 85.42
N GLU B 4633 -59.76 -17.99 85.97
CA GLU B 4633 -59.62 -17.27 87.24
C GLU B 4633 -59.00 -15.90 87.02
N GLU B 4634 -59.83 -14.87 87.06
CA GLU B 4634 -59.33 -13.50 87.03
C GLU B 4634 -60.17 -12.65 87.95
N SER B 4635 -59.51 -11.72 88.65
CA SER B 4635 -60.21 -10.81 89.54
C SER B 4635 -61.08 -9.84 88.76
N THR B 4636 -60.56 -9.34 87.63
CA THR B 4636 -61.22 -8.29 86.85
C THR B 4636 -62.61 -8.69 86.36
N GLY B 4637 -62.75 -9.92 85.86
CA GLY B 4637 -64.00 -10.38 85.32
C GLY B 4637 -64.22 -9.99 83.87
N TYR B 4638 -63.31 -9.21 83.30
CA TYR B 4638 -63.35 -8.73 81.93
C TYR B 4638 -62.80 -9.74 80.94
N MET B 4639 -61.95 -10.65 81.41
CA MET B 4639 -61.28 -11.62 80.55
C MET B 4639 -62.25 -12.62 79.90
N GLU B 4640 -63.16 -13.21 80.67
CA GLU B 4640 -64.04 -14.23 80.12
C GLU B 4640 -65.00 -13.71 79.03
N PRO B 4641 -65.69 -12.55 79.19
CA PRO B 4641 -66.48 -12.03 78.05
C PRO B 4641 -65.61 -11.71 76.87
N ALA B 4642 -64.44 -11.14 77.14
CA ALA B 4642 -63.46 -10.87 76.08
C ALA B 4642 -63.09 -12.15 75.37
N LEU B 4643 -62.93 -13.25 76.11
CA LEU B 4643 -62.58 -14.53 75.48
C LEU B 4643 -63.69 -15.00 74.54
N TRP B 4644 -64.95 -14.81 74.95
CA TRP B 4644 -66.06 -15.24 74.11
C TRP B 4644 -66.13 -14.40 72.84
N CYS B 4645 -66.00 -13.08 73.00
CA CYS B 4645 -66.05 -12.17 71.86
C CYS B 4645 -64.89 -12.38 70.90
N LEU B 4646 -63.68 -12.56 71.44
CA LEU B 4646 -62.49 -12.81 70.65
C LEU B 4646 -62.53 -14.14 69.91
N SER B 4647 -63.11 -15.18 70.51
CA SER B 4647 -63.26 -16.44 69.80
C SER B 4647 -64.27 -16.34 68.65
N LEU B 4648 -65.38 -15.63 68.87
CA LEU B 4648 -66.34 -15.40 67.79
C LEU B 4648 -65.71 -14.55 66.68
N LEU B 4649 -64.95 -13.52 67.08
CA LEU B 4649 -64.23 -12.69 66.11
C LEU B 4649 -63.23 -13.53 65.33
N HIS B 4650 -62.46 -14.37 66.04
CA HIS B 4650 -61.42 -15.18 65.39
C HIS B 4650 -62.02 -16.05 64.29
N THR B 4651 -63.14 -16.72 64.61
CA THR B 4651 -63.76 -17.61 63.64
C THR B 4651 -64.27 -16.82 62.43
N LEU B 4652 -64.80 -15.62 62.70
CA LEU B 4652 -65.21 -14.72 61.62
C LEU B 4652 -64.04 -14.33 60.71
N VAL B 4653 -62.92 -13.91 61.31
CA VAL B 4653 -61.73 -13.53 60.56
C VAL B 4653 -61.18 -14.70 59.76
N ALA B 4654 -61.26 -15.91 60.31
CA ALA B 4654 -60.82 -17.11 59.59
C ALA B 4654 -61.67 -17.38 58.36
N PHE B 4655 -62.99 -17.15 58.48
CA PHE B 4655 -63.86 -17.31 57.32
C PHE B 4655 -63.54 -16.25 56.28
N LEU B 4656 -63.38 -15.00 56.72
CA LEU B 4656 -63.08 -13.90 55.81
C LEU B 4656 -61.76 -14.12 55.10
N CYS B 4657 -60.79 -14.73 55.80
CA CYS B 4657 -59.50 -15.07 55.22
C CYS B 4657 -59.64 -16.08 54.09
N ILE B 4658 -60.45 -17.12 54.29
CA ILE B 4658 -60.66 -18.12 53.23
C ILE B 4658 -61.35 -17.50 52.02
N ILE B 4659 -62.38 -16.67 52.26
CA ILE B 4659 -63.10 -16.04 51.15
C ILE B 4659 -62.16 -15.09 50.39
N GLY B 4660 -61.41 -14.25 51.12
CA GLY B 4660 -60.43 -13.39 50.50
C GLY B 4660 -59.34 -14.14 49.75
N TYR B 4661 -59.02 -15.36 50.20
CA TYR B 4661 -58.04 -16.17 49.46
C TYR B 4661 -58.62 -16.69 48.17
N ASN B 4662 -59.86 -17.17 48.18
CA ASN B 4662 -60.46 -17.63 46.92
C ASN B 4662 -60.62 -16.48 45.95
N CYS B 4663 -60.94 -15.30 46.47
CA CYS B 4663 -61.06 -14.10 45.65
C CYS B 4663 -59.73 -13.63 45.08
N LEU B 4664 -58.64 -13.72 45.85
CA LEU B 4664 -57.36 -13.19 45.39
C LEU B 4664 -56.35 -14.18 44.84
N LYS B 4665 -56.03 -15.25 45.56
CA LYS B 4665 -54.89 -16.07 45.14
C LYS B 4665 -55.30 -17.36 44.44
N VAL B 4666 -56.58 -17.72 44.46
CA VAL B 4666 -57.02 -18.89 43.69
C VAL B 4666 -57.04 -18.60 42.18
N PRO B 4667 -57.41 -17.37 41.69
CA PRO B 4667 -57.31 -17.13 40.23
C PRO B 4667 -55.95 -17.37 39.61
N LEU B 4668 -54.86 -17.00 40.29
CA LEU B 4668 -53.54 -17.29 39.75
C LEU B 4668 -53.25 -18.79 39.70
N VAL B 4669 -53.78 -19.57 40.64
CA VAL B 4669 -53.61 -21.02 40.59
C VAL B 4669 -54.36 -21.62 39.40
N ILE B 4670 -55.57 -21.11 39.13
CA ILE B 4670 -56.34 -21.56 37.98
C ILE B 4670 -55.68 -21.11 36.68
N PHE B 4671 -55.20 -19.87 36.62
CA PHE B 4671 -54.52 -19.38 35.44
C PHE B 4671 -53.25 -20.19 35.18
N LYS B 4672 -52.50 -20.53 36.24
CA LYS B 4672 -51.29 -21.33 36.04
C LYS B 4672 -51.62 -22.72 35.54
N ARG B 4673 -52.78 -23.24 35.92
CA ARG B 4673 -53.06 -24.62 35.59
C ARG B 4673 -53.66 -24.71 34.20
N GLU B 4674 -54.50 -23.72 33.84
CA GLU B 4674 -55.00 -23.65 32.48
C GLU B 4674 -53.87 -23.35 31.50
N LYS B 4675 -52.94 -22.47 31.87
CA LYS B 4675 -51.83 -22.14 30.97
C LYS B 4675 -50.96 -23.38 30.75
N GLU B 4676 -50.71 -24.16 31.81
CA GLU B 4676 -49.86 -25.33 31.69
C GLU B 4676 -50.56 -26.41 30.89
N LEU B 4677 -51.87 -26.57 31.09
CA LEU B 4677 -52.62 -27.55 30.32
C LEU B 4677 -52.68 -27.16 28.84
N ALA B 4678 -52.91 -25.88 28.55
CA ALA B 4678 -53.00 -25.43 27.16
C ALA B 4678 -51.69 -25.62 26.43
N ARG B 4679 -50.57 -25.34 27.11
CA ARG B 4679 -49.26 -25.58 26.51
C ARG B 4679 -48.97 -27.07 26.31
N LYS B 4680 -49.31 -27.91 27.30
CA LYS B 4680 -49.11 -29.35 27.13
C LYS B 4680 -50.01 -29.91 26.03
N LEU B 4681 -51.25 -29.43 25.94
CA LEU B 4681 -52.18 -29.81 24.89
C LEU B 4681 -51.70 -29.40 23.50
N GLU B 4682 -51.10 -28.23 23.38
CA GLU B 4682 -50.77 -27.73 22.05
C GLU B 4682 -49.34 -28.04 21.62
N PHE B 4683 -48.36 -27.74 22.45
CA PHE B 4683 -46.97 -27.86 22.05
C PHE B 4683 -46.41 -29.24 22.32
N ASP B 4684 -47.10 -30.08 23.08
CA ASP B 4684 -46.60 -31.40 23.43
C ASP B 4684 -47.53 -32.54 23.09
N GLY B 4685 -48.80 -32.27 22.77
CA GLY B 4685 -49.77 -33.32 22.48
C GLY B 4685 -49.95 -34.36 23.56
N LEU B 4686 -50.02 -33.91 24.82
CA LEU B 4686 -50.04 -34.84 25.94
C LEU B 4686 -51.30 -35.70 25.95
N TYR B 4687 -52.46 -35.11 25.75
CA TYR B 4687 -53.69 -35.89 25.87
C TYR B 4687 -54.06 -36.60 24.58
N ILE B 4688 -53.38 -36.29 23.48
CA ILE B 4688 -53.70 -36.89 22.19
C ILE B 4688 -52.65 -37.96 21.94
N THR B 4689 -51.47 -37.52 21.54
CA THR B 4689 -50.39 -38.41 21.17
C THR B 4689 -49.82 -39.16 22.36
N GLU B 4690 -49.67 -38.50 23.52
CA GLU B 4690 -48.94 -39.20 24.58
C GLU B 4690 -49.82 -39.97 25.57
N GLN B 4691 -50.95 -39.39 26.04
CA GLN B 4691 -51.84 -39.92 27.09
C GLN B 4691 -51.15 -39.92 28.45
N PRO B 4692 -51.66 -39.13 29.41
CA PRO B 4692 -51.00 -39.04 30.73
C PRO B 4692 -51.00 -40.35 31.49
N GLY B 4693 -49.94 -40.53 32.28
CA GLY B 4693 -49.80 -41.72 33.10
C GLY B 4693 -50.74 -41.74 34.29
N ASP B 4694 -50.91 -42.96 34.81
CA ASP B 4694 -51.80 -43.18 35.96
C ASP B 4694 -51.31 -42.46 37.21
N ASP B 4695 -49.99 -42.39 37.40
CA ASP B 4695 -49.40 -41.72 38.56
C ASP B 4695 -49.69 -40.22 38.58
N ASP B 4696 -50.04 -39.63 37.45
CA ASP B 4696 -50.26 -38.19 37.31
C ASP B 4696 -51.67 -37.89 37.76
N VAL B 4697 -51.83 -37.60 39.06
CA VAL B 4697 -53.14 -37.23 39.59
C VAL B 4697 -53.61 -35.93 38.95
N LYS B 4698 -52.69 -35.00 38.73
CA LYS B 4698 -53.01 -33.73 38.07
C LYS B 4698 -53.46 -33.99 36.63
N GLY B 4699 -52.69 -34.85 35.92
CA GLY B 4699 -53.03 -35.20 34.54
C GLY B 4699 -54.39 -35.85 34.43
N GLN B 4700 -54.70 -36.78 35.34
CA GLN B 4700 -55.98 -37.47 35.26
C GLN B 4700 -57.11 -36.50 35.59
N TRP B 4701 -56.92 -35.64 36.59
CA TRP B 4701 -57.99 -34.74 36.99
C TRP B 4701 -58.30 -33.76 35.86
N ASP B 4702 -57.26 -33.29 35.18
CA ASP B 4702 -57.40 -32.27 34.15
C ASP B 4702 -58.16 -32.76 32.93
N ARG B 4703 -58.35 -34.07 32.78
CA ARG B 4703 -59.14 -34.63 31.69
C ARG B 4703 -60.58 -34.12 31.71
N LEU B 4704 -61.10 -33.85 32.89
CA LEU B 4704 -62.48 -33.40 33.06
C LEU B 4704 -62.72 -32.06 32.37
N VAL B 4705 -61.72 -31.17 32.38
CA VAL B 4705 -61.97 -29.82 31.90
C VAL B 4705 -61.89 -29.70 30.38
N LEU B 4706 -61.20 -30.61 29.68
CA LEU B 4706 -60.93 -30.47 28.24
C LEU B 4706 -62.21 -30.35 27.42
N ASN B 4707 -63.27 -31.06 27.83
CA ASN B 4707 -64.50 -31.12 27.06
C ASN B 4707 -65.47 -30.01 27.44
N THR B 4708 -65.04 -29.08 28.25
CA THR B 4708 -66.00 -28.13 28.78
C THR B 4708 -65.97 -26.88 27.92
N PRO B 4709 -67.12 -26.21 27.74
CA PRO B 4709 -67.14 -24.95 26.96
C PRO B 4709 -66.21 -23.86 27.46
N SER B 4710 -66.08 -23.68 28.77
CA SER B 4710 -65.13 -22.70 29.30
C SER B 4710 -63.86 -23.36 29.83
N PHE B 4711 -63.15 -24.09 28.98
CA PHE B 4711 -61.87 -24.66 29.44
C PHE B 4711 -60.88 -23.55 29.76
N PRO B 4712 -60.73 -22.45 28.95
CA PRO B 4712 -59.96 -21.30 29.44
C PRO B 4712 -60.87 -20.15 29.86
N SER B 4713 -60.91 -19.86 31.15
CA SER B 4713 -61.65 -18.71 31.62
C SER B 4713 -60.78 -17.66 32.28
N ASN B 4714 -59.57 -18.00 32.68
CA ASN B 4714 -58.66 -17.03 33.29
C ASN B 4714 -57.54 -16.65 32.32
N TYR B 4715 -56.94 -17.64 31.68
CA TYR B 4715 -55.85 -17.42 30.74
C TYR B 4715 -56.40 -16.68 29.53
N TRP B 4716 -55.60 -15.81 28.94
CA TRP B 4716 -56.13 -14.92 27.90
C TRP B 4716 -56.08 -15.49 26.49
N ASP B 4717 -55.53 -16.68 26.28
CA ASP B 4717 -55.57 -17.27 24.94
C ASP B 4717 -56.92 -17.96 24.74
N LYS B 4718 -57.74 -17.38 23.88
CA LYS B 4718 -59.03 -17.95 23.53
C LYS B 4718 -58.95 -18.81 22.28
N PHE B 4719 -57.75 -18.98 21.72
CA PHE B 4719 -57.54 -19.71 20.50
C PHE B 4719 -56.88 -21.06 20.74
N VAL B 4720 -56.84 -21.53 21.99
CA VAL B 4720 -56.14 -22.78 22.31
C VAL B 4720 -56.80 -23.94 21.58
N LYS B 4721 -58.13 -23.99 21.60
CA LYS B 4721 -58.88 -25.12 21.03
C LYS B 4721 -58.65 -25.17 19.54
N ARG B 4722 -58.69 -23.99 18.89
CA ARG B 4722 -58.38 -23.88 17.47
C ARG B 4722 -56.96 -24.34 17.19
N LYS B 4723 -55.99 -23.89 18.00
CA LYS B 4723 -54.58 -24.17 17.70
C LYS B 4723 -54.31 -25.68 17.75
N VAL B 4724 -54.90 -26.35 18.73
CA VAL B 4724 -54.75 -27.81 18.84
C VAL B 4724 -55.48 -28.51 17.70
N LEU B 4725 -56.66 -28.01 17.33
CA LEU B 4725 -57.40 -28.54 16.18
C LEU B 4725 -56.63 -28.37 14.88
N ASP B 4726 -55.97 -27.22 14.70
CA ASP B 4726 -55.17 -27.02 13.50
C ASP B 4726 -53.94 -27.91 13.46
N LYS B 4727 -53.16 -27.94 14.55
CA LYS B 4727 -51.90 -28.68 14.52
C LYS B 4727 -52.10 -30.21 14.54
N HIS B 4728 -53.04 -30.72 15.34
CA HIS B 4728 -53.19 -32.17 15.50
C HIS B 4728 -54.41 -32.72 14.78
N GLY B 4729 -55.10 -31.87 14.02
CA GLY B 4729 -56.34 -32.29 13.35
C GLY B 4729 -56.14 -33.31 12.26
N ASP B 4730 -55.08 -33.17 11.48
CA ASP B 4730 -54.94 -34.07 10.35
C ASP B 4730 -54.29 -35.40 10.70
N ILE B 4731 -53.23 -35.40 11.50
CA ILE B 4731 -52.53 -36.65 11.75
C ILE B 4731 -53.27 -37.55 12.76
N PHE B 4732 -54.09 -36.99 13.66
CA PHE B 4732 -54.90 -37.79 14.57
C PHE B 4732 -56.40 -37.76 14.30
N GLY B 4733 -56.88 -36.91 13.41
CA GLY B 4733 -58.28 -36.95 13.05
C GLY B 4733 -59.05 -35.84 13.72
N ARG B 4734 -59.63 -34.97 12.87
CA ARG B 4734 -60.32 -33.77 13.34
C ARG B 4734 -61.51 -34.12 14.23
N GLU B 4735 -62.30 -35.13 13.82
CA GLU B 4735 -63.50 -35.47 14.58
C GLU B 4735 -63.12 -35.94 15.99
N ARG B 4736 -62.03 -36.72 16.09
CA ARG B 4736 -61.59 -37.25 17.38
C ARG B 4736 -61.10 -36.12 18.27
N ILE B 4737 -60.36 -35.17 17.68
CA ILE B 4737 -59.87 -34.02 18.45
C ILE B 4737 -61.05 -33.17 18.90
N ALA B 4738 -62.00 -32.93 17.99
CA ALA B 4738 -63.15 -32.08 18.28
C ALA B 4738 -64.01 -32.70 19.38
N GLU B 4739 -64.04 -34.03 19.43
CA GLU B 4739 -64.78 -34.73 20.46
C GLU B 4739 -64.05 -34.61 21.79
N LEU B 4740 -62.72 -34.73 21.75
CA LEU B 4740 -61.91 -34.62 22.96
C LEU B 4740 -62.06 -33.24 23.59
N LEU B 4741 -62.12 -32.20 22.75
CA LEU B 4741 -62.10 -30.84 23.26
C LEU B 4741 -63.45 -30.14 23.17
N GLY B 4742 -64.53 -30.91 22.93
CA GLY B 4742 -65.89 -30.40 22.95
C GLY B 4742 -66.19 -29.23 22.04
N MET B 4743 -65.74 -29.29 20.80
CA MET B 4743 -65.84 -28.20 19.85
C MET B 4743 -66.49 -28.73 18.59
N ASP B 4744 -67.47 -28.01 18.05
CA ASP B 4744 -68.25 -28.50 16.92
C ASP B 4744 -67.72 -27.92 15.61
N LEU B 4745 -67.21 -28.81 14.74
CA LEU B 4745 -66.63 -28.43 13.45
C LEU B 4745 -67.68 -27.77 12.56
N ALA B 4746 -68.91 -28.29 12.58
CA ALA B 4746 -69.95 -27.73 11.73
C ALA B 4746 -70.26 -26.31 12.16
N SER B 4747 -70.31 -26.05 13.47
CA SER B 4747 -70.53 -24.67 13.93
C SER B 4747 -69.34 -23.80 13.55
N LEU B 4748 -68.14 -24.39 13.50
CA LEU B 4748 -66.96 -23.63 13.07
C LEU B 4748 -67.11 -23.19 11.63
N GLU B 4749 -67.63 -24.07 10.78
CA GLU B 4749 -67.89 -23.77 9.37
C GLU B 4749 -68.96 -22.68 9.20
N ASP B 4772 -71.99 -24.59 34.35
CA ASP B 4772 -70.91 -25.43 33.86
C ASP B 4772 -70.35 -26.29 34.97
N VAL B 4773 -71.16 -27.27 35.39
CA VAL B 4773 -70.87 -28.10 36.56
C VAL B 4773 -69.56 -28.86 36.38
N LYS B 4774 -69.26 -29.31 35.16
CA LYS B 4774 -68.03 -30.05 34.90
C LYS B 4774 -66.80 -29.19 35.15
N TYR B 4775 -66.85 -27.94 34.69
CA TYR B 4775 -65.77 -26.98 34.94
C TYR B 4775 -65.69 -26.66 36.42
N GLN B 4776 -66.83 -26.42 37.07
CA GLN B 4776 -66.83 -26.04 38.47
C GLN B 4776 -66.30 -27.16 39.36
N ILE B 4777 -66.62 -28.41 39.06
CA ILE B 4777 -66.03 -29.53 39.80
C ILE B 4777 -64.54 -29.68 39.51
N TRP B 4778 -64.09 -29.27 38.31
CA TRP B 4778 -62.66 -29.28 38.06
C TRP B 4778 -61.99 -28.22 38.94
N LYS B 4779 -62.60 -27.03 38.97
CA LYS B 4779 -62.03 -25.89 39.67
C LYS B 4779 -61.95 -26.23 41.15
N PHE B 4780 -63.00 -26.90 41.65
CA PHE B 4780 -63.08 -27.29 43.05
C PHE B 4780 -61.98 -28.27 43.39
N GLY B 4781 -61.71 -29.24 42.52
CA GLY B 4781 -60.59 -30.15 42.77
C GLY B 4781 -59.25 -29.44 42.78
N VAL B 4782 -59.15 -28.36 42.01
CA VAL B 4782 -57.87 -27.65 41.89
C VAL B 4782 -57.68 -26.77 43.12
N ILE B 4783 -58.75 -26.13 43.59
CA ILE B 4783 -58.67 -25.36 44.83
C ILE B 4783 -58.46 -26.30 46.01
N PHE B 4784 -59.18 -27.42 46.05
CA PHE B 4784 -59.14 -28.33 47.20
C PHE B 4784 -57.89 -29.19 47.23
N THR B 4785 -56.96 -29.00 46.29
CA THR B 4785 -55.69 -29.70 46.37
C THR B 4785 -54.53 -28.72 46.46
N ASP B 4786 -54.83 -27.43 46.64
CA ASP B 4786 -53.82 -26.41 46.84
C ASP B 4786 -53.39 -26.40 48.30
N ASN B 4787 -52.08 -26.31 48.54
CA ASN B 4787 -51.57 -26.39 49.91
C ASN B 4787 -52.00 -25.20 50.78
N SER B 4788 -52.02 -24.00 50.20
CA SER B 4788 -52.37 -22.82 50.99
C SER B 4788 -53.85 -22.82 51.36
N PHE B 4789 -54.71 -23.39 50.53
CA PHE B 4789 -56.12 -23.31 50.84
C PHE B 4789 -56.44 -24.40 51.83
N LEU B 4790 -55.68 -25.48 51.76
CA LEU B 4790 -55.86 -26.60 52.69
C LEU B 4790 -55.43 -26.16 54.07
N TYR B 4791 -54.33 -25.39 54.15
CA TYR B 4791 -53.90 -24.82 55.41
C TYR B 4791 -54.93 -23.84 55.94
N LEU B 4792 -55.47 -22.97 55.08
CA LEU B 4792 -56.42 -21.97 55.56
C LEU B 4792 -57.72 -22.60 56.04
N GLY B 4793 -58.14 -23.67 55.37
CA GLY B 4793 -59.29 -24.43 55.82
C GLY B 4793 -59.03 -25.18 57.10
N TRP B 4794 -57.83 -25.73 57.27
CA TRP B 4794 -57.46 -26.35 58.54
C TRP B 4794 -57.46 -25.32 59.66
N TYR B 4795 -56.99 -24.10 59.37
CA TYR B 4795 -57.03 -23.00 60.32
C TYR B 4795 -58.46 -22.70 60.76
N MET B 4796 -59.38 -22.73 59.80
CA MET B 4796 -60.80 -22.50 60.11
C MET B 4796 -61.41 -23.66 60.86
N VAL B 4797 -60.94 -24.88 60.59
CA VAL B 4797 -61.41 -26.04 61.35
C VAL B 4797 -60.97 -25.91 62.79
N MET B 4798 -59.68 -25.58 63.02
CA MET B 4798 -59.17 -25.48 64.38
C MET B 4798 -59.86 -24.33 65.11
N SER B 4799 -60.23 -23.28 64.37
CA SER B 4799 -60.98 -22.16 64.92
C SER B 4799 -62.41 -22.59 65.28
N LEU B 4800 -62.94 -23.57 64.58
CA LEU B 4800 -64.31 -23.99 64.80
C LEU B 4800 -64.36 -24.95 65.97
N LEU B 4801 -63.39 -25.88 66.01
CA LEU B 4801 -63.25 -26.80 67.13
C LEU B 4801 -62.91 -26.03 68.41
N GLY B 4802 -62.28 -24.86 68.28
CA GLY B 4802 -61.91 -24.09 69.45
C GLY B 4802 -63.09 -23.43 70.14
N HIS B 4803 -64.30 -23.62 69.62
CA HIS B 4803 -65.52 -23.17 70.26
C HIS B 4803 -66.17 -24.32 71.02
N TYR B 4804 -65.64 -25.53 70.84
CA TYR B 4804 -66.00 -26.73 71.58
C TYR B 4804 -65.07 -26.90 72.77
N ASN B 4805 -63.77 -26.91 72.51
CA ASN B 4805 -62.76 -26.93 73.58
C ASN B 4805 -61.95 -25.66 73.46
N ASN B 4806 -61.69 -24.99 74.57
CA ASN B 4806 -61.04 -23.70 74.38
C ASN B 4806 -59.54 -23.81 74.19
N PHE B 4807 -58.99 -25.01 74.25
CA PHE B 4807 -57.55 -25.20 74.21
C PHE B 4807 -57.10 -25.57 72.82
N PHE B 4808 -58.04 -25.65 71.89
CA PHE B 4808 -57.75 -25.96 70.50
C PHE B 4808 -57.34 -24.70 69.76
N PHE B 4809 -57.26 -23.58 70.47
CA PHE B 4809 -56.97 -22.29 69.90
C PHE B 4809 -55.48 -22.02 69.94
N ALA B 4810 -54.70 -23.03 70.34
CA ALA B 4810 -53.27 -22.90 70.49
C ALA B 4810 -52.53 -23.45 69.29
N ALA B 4811 -53.26 -24.05 68.35
CA ALA B 4811 -52.67 -24.52 67.12
C ALA B 4811 -52.42 -23.36 66.20
N HIS B 4812 -53.19 -22.29 66.40
CA HIS B 4812 -53.12 -21.10 65.57
C HIS B 4812 -51.79 -20.41 65.76
N LEU B 4813 -51.19 -20.51 66.96
CA LEU B 4813 -49.95 -19.81 67.25
C LEU B 4813 -48.82 -20.27 66.36
N LEU B 4814 -48.91 -21.48 65.81
CA LEU B 4814 -47.93 -22.07 64.92
C LEU B 4814 -47.86 -21.36 63.58
N ASP B 4815 -48.83 -20.50 63.27
CA ASP B 4815 -48.85 -19.75 62.02
C ASP B 4815 -47.78 -18.66 61.99
N ILE B 4816 -47.15 -18.33 63.13
CA ILE B 4816 -46.05 -17.38 63.16
C ILE B 4816 -44.92 -17.87 62.25
N ALA B 4817 -44.67 -19.19 62.26
CA ALA B 4817 -43.66 -19.82 61.42
C ALA B 4817 -44.02 -19.68 59.95
N MET B 4818 -45.31 -19.80 59.62
CA MET B 4818 -45.77 -19.76 58.25
C MET B 4818 -46.34 -18.40 57.88
N GLY B 4819 -45.91 -17.37 58.62
CA GLY B 4819 -46.39 -16.02 58.48
C GLY B 4819 -45.26 -15.02 58.51
N VAL B 4820 -44.63 -14.83 59.67
CA VAL B 4820 -43.48 -13.96 59.78
C VAL B 4820 -42.34 -14.53 58.94
N LYS B 4821 -41.53 -13.63 58.36
CA LYS B 4821 -40.50 -14.07 57.42
C LYS B 4821 -39.16 -14.29 58.06
N THR B 4822 -38.90 -13.66 59.21
CA THR B 4822 -37.66 -13.96 59.92
C THR B 4822 -37.71 -15.39 60.42
N LEU B 4823 -38.87 -15.80 60.94
CA LEU B 4823 -38.99 -17.14 61.49
C LEU B 4823 -38.86 -18.17 60.38
N ARG B 4824 -39.42 -17.86 59.22
CA ARG B 4824 -39.31 -18.76 58.08
C ARG B 4824 -37.86 -18.87 57.62
N THR B 4825 -37.10 -17.79 57.73
CA THR B 4825 -35.67 -17.87 57.43
C THR B 4825 -34.90 -18.67 58.48
N ILE B 4826 -35.23 -18.51 59.75
CA ILE B 4826 -34.59 -19.30 60.80
C ILE B 4826 -34.97 -20.78 60.69
N LEU B 4827 -36.17 -21.07 60.22
CA LEU B 4827 -36.69 -22.43 60.16
C LEU B 4827 -36.34 -23.13 58.88
N SER B 4828 -35.96 -22.40 57.83
CA SER B 4828 -35.46 -23.05 56.63
C SER B 4828 -34.16 -23.78 56.90
N SER B 4829 -33.39 -23.33 57.89
CA SER B 4829 -32.18 -24.07 58.28
C SER B 4829 -32.53 -25.45 58.82
N VAL B 4830 -33.60 -25.56 59.60
CA VAL B 4830 -34.07 -26.85 60.08
C VAL B 4830 -34.71 -27.67 58.96
N THR B 4831 -35.48 -27.05 58.08
CA THR B 4831 -36.18 -27.82 57.07
C THR B 4831 -35.30 -28.17 55.87
N HIS B 4832 -34.22 -27.42 55.66
CA HIS B 4832 -33.35 -27.62 54.51
C HIS B 4832 -32.72 -29.00 54.57
N ASN B 4833 -32.13 -29.34 55.71
CA ASN B 4833 -31.44 -30.60 55.91
C ASN B 4833 -32.32 -31.57 56.68
N GLY B 4834 -33.64 -31.45 56.50
CA GLY B 4834 -34.60 -32.25 57.26
C GLY B 4834 -34.51 -33.74 56.99
N LYS B 4835 -34.32 -34.13 55.73
CA LYS B 4835 -34.14 -35.55 55.41
C LYS B 4835 -32.90 -36.11 56.07
N GLN B 4836 -31.81 -35.35 56.06
CA GLN B 4836 -30.59 -35.81 56.69
C GLN B 4836 -30.75 -35.89 58.21
N LEU B 4837 -31.53 -34.98 58.79
CA LEU B 4837 -31.79 -35.04 60.22
C LEU B 4837 -32.63 -36.25 60.61
N VAL B 4838 -33.67 -36.58 59.83
CA VAL B 4838 -34.46 -37.75 60.18
C VAL B 4838 -33.67 -39.03 59.93
N MET B 4839 -32.77 -39.02 58.95
CA MET B 4839 -31.91 -40.17 58.74
C MET B 4839 -30.92 -40.34 59.89
N THR B 4840 -30.39 -39.22 60.42
CA THR B 4840 -29.52 -39.28 61.58
C THR B 4840 -30.25 -39.75 62.83
N VAL B 4841 -31.53 -39.39 62.96
CA VAL B 4841 -32.35 -39.91 64.05
C VAL B 4841 -32.57 -41.41 63.91
N GLY B 4842 -32.78 -41.88 62.68
CA GLY B 4842 -32.88 -43.31 62.45
C GLY B 4842 -31.60 -44.06 62.71
N LEU B 4843 -30.47 -43.40 62.45
CA LEU B 4843 -29.17 -43.96 62.83
C LEU B 4843 -29.01 -44.03 64.33
N LEU B 4844 -29.45 -43.00 65.05
CA LEU B 4844 -29.44 -43.03 66.51
C LEU B 4844 -30.30 -44.17 67.05
N ALA B 4845 -31.48 -44.36 66.45
CA ALA B 4845 -32.40 -45.44 66.81
C ALA B 4845 -31.80 -46.82 66.58
N VAL B 4846 -31.05 -47.01 65.49
CA VAL B 4846 -30.31 -48.26 65.30
C VAL B 4846 -29.17 -48.45 66.30
N VAL B 4847 -28.36 -47.43 66.56
CA VAL B 4847 -27.23 -47.63 67.49
C VAL B 4847 -27.70 -47.82 68.93
N VAL B 4848 -28.76 -47.12 69.36
CA VAL B 4848 -29.32 -47.37 70.70
C VAL B 4848 -29.89 -48.78 70.78
N TYR B 4849 -30.27 -49.36 69.64
CA TYR B 4849 -30.75 -50.73 69.65
C TYR B 4849 -29.59 -51.69 69.79
N LEU B 4850 -28.46 -51.37 69.15
CA LEU B 4850 -27.31 -52.26 69.25
C LEU B 4850 -26.75 -52.29 70.66
N TYR B 4851 -26.74 -51.13 71.32
CA TYR B 4851 -26.41 -51.09 72.75
C TYR B 4851 -27.44 -51.81 73.60
N THR B 4852 -28.73 -51.71 73.26
CA THR B 4852 -29.75 -52.44 73.98
C THR B 4852 -29.51 -53.95 73.90
N VAL B 4853 -29.15 -54.44 72.71
CA VAL B 4853 -28.90 -55.87 72.52
C VAL B 4853 -27.71 -56.33 73.36
N VAL B 4854 -26.65 -55.53 73.38
CA VAL B 4854 -25.46 -55.85 74.18
C VAL B 4854 -25.74 -55.83 75.69
N ALA B 4855 -26.54 -54.87 76.16
CA ALA B 4855 -26.94 -54.90 77.55
C ALA B 4855 -27.89 -56.04 77.89
N PHE B 4856 -28.86 -56.34 77.02
CA PHE B 4856 -29.84 -57.37 77.37
C PHE B 4856 -29.18 -58.75 77.42
N ASN B 4857 -28.23 -58.99 76.51
CA ASN B 4857 -27.51 -60.25 76.50
C ASN B 4857 -26.49 -60.36 77.63
N PHE B 4858 -25.81 -59.27 77.99
CA PHE B 4858 -24.69 -59.37 78.92
C PHE B 4858 -24.74 -58.54 80.19
N PHE B 4859 -25.65 -57.58 80.33
CA PHE B 4859 -25.56 -56.60 81.40
C PHE B 4859 -26.91 -56.41 82.06
N ARG B 4860 -27.66 -57.51 82.21
CA ARG B 4860 -29.03 -57.45 82.68
C ARG B 4860 -29.16 -57.17 84.17
N LYS B 4861 -28.07 -57.15 84.91
CA LYS B 4861 -28.14 -57.14 86.36
C LYS B 4861 -27.86 -55.76 86.92
N PHE B 4862 -27.59 -54.80 86.03
CA PHE B 4862 -27.23 -53.45 86.40
C PHE B 4862 -28.34 -52.47 86.08
N TYR B 4863 -29.57 -52.95 85.93
CA TYR B 4863 -30.65 -52.13 85.42
C TYR B 4863 -31.85 -52.15 86.35
N ASN B 4864 -31.61 -52.38 87.63
CA ASN B 4864 -32.69 -52.28 88.62
C ASN B 4864 -32.89 -50.84 89.03
N LYS B 4865 -34.06 -50.30 88.73
CA LYS B 4865 -34.34 -48.90 88.96
C LYS B 4865 -35.21 -48.72 90.20
N SER B 4866 -35.29 -49.75 91.03
CA SER B 4866 -36.04 -49.72 92.28
C SER B 4866 -35.09 -49.67 93.46
N GLU B 4867 -35.30 -48.69 94.33
CA GLU B 4867 -34.51 -48.61 95.55
C GLU B 4867 -34.82 -49.77 96.48
N ASP B 4868 -36.10 -50.15 96.56
CA ASP B 4868 -36.57 -51.22 97.45
C ASP B 4868 -35.91 -52.55 97.12
N GLU B 4869 -35.60 -53.31 98.16
CA GLU B 4869 -34.93 -54.59 98.03
C GLU B 4869 -35.91 -55.76 98.01
N ASP B 4870 -37.20 -55.48 98.06
CA ASP B 4870 -38.22 -56.52 98.00
C ASP B 4870 -38.88 -56.64 96.64
N GLU B 4871 -38.93 -55.56 95.87
CA GLU B 4871 -39.60 -55.56 94.58
C GLU B 4871 -38.61 -55.02 93.56
N PRO B 4872 -38.15 -55.83 92.62
CA PRO B 4872 -37.12 -55.36 91.69
C PRO B 4872 -37.72 -54.83 90.39
N ASP B 4873 -37.48 -53.54 90.14
CA ASP B 4873 -37.92 -52.94 88.88
C ASP B 4873 -36.83 -53.04 87.83
N MET B 4874 -36.55 -54.28 87.44
CA MET B 4874 -35.59 -54.58 86.39
C MET B 4874 -36.04 -53.86 85.12
N LYS B 4875 -35.12 -53.15 84.46
CA LYS B 4875 -35.52 -52.50 83.22
C LYS B 4875 -34.86 -53.12 81.99
N CYS B 4876 -34.28 -54.30 82.13
CA CYS B 4876 -33.68 -54.98 80.99
C CYS B 4876 -34.06 -56.45 80.98
N ASP B 4877 -35.22 -56.80 81.52
CA ASP B 4877 -35.64 -58.19 81.52
C ASP B 4877 -36.62 -58.42 80.40
N ASP B 4878 -36.72 -57.45 79.52
CA ASP B 4878 -37.62 -57.47 78.39
C ASP B 4878 -36.93 -56.63 77.33
N MET B 4879 -37.30 -56.82 76.08
CA MET B 4879 -36.54 -56.13 75.07
C MET B 4879 -37.26 -54.88 74.63
N MET B 4880 -38.57 -54.86 74.84
CA MET B 4880 -39.36 -53.66 74.62
C MET B 4880 -39.05 -52.66 75.70
N THR B 4881 -39.01 -53.14 76.95
CA THR B 4881 -38.74 -52.26 78.07
C THR B 4881 -37.28 -51.80 78.07
N CYS B 4882 -36.34 -52.69 77.73
CA CYS B 4882 -34.94 -52.28 77.71
C CYS B 4882 -34.67 -51.27 76.59
N TYR B 4883 -35.36 -51.41 75.45
CA TYR B 4883 -35.27 -50.40 74.41
C TYR B 4883 -35.95 -49.10 74.79
N LEU B 4884 -37.09 -49.16 75.47
CA LEU B 4884 -37.73 -47.94 75.95
C LEU B 4884 -36.84 -47.23 76.97
N PHE B 4885 -36.15 -47.99 77.80
CA PHE B 4885 -35.26 -47.44 78.81
C PHE B 4885 -34.07 -46.78 78.16
N HIS B 4886 -33.46 -47.46 77.20
CA HIS B 4886 -32.25 -46.96 76.56
C HIS B 4886 -32.54 -45.73 75.73
N MET B 4887 -33.67 -45.71 75.00
CA MET B 4887 -34.02 -44.56 74.18
C MET B 4887 -34.42 -43.37 75.03
N TYR B 4888 -35.26 -43.60 76.05
CA TYR B 4888 -35.62 -42.52 76.93
C TYR B 4888 -34.47 -42.00 77.78
N VAL B 4889 -34.07 -42.78 78.80
CA VAL B 4889 -33.08 -42.32 79.76
C VAL B 4889 -31.68 -42.18 79.15
N GLY B 4890 -31.25 -43.09 78.26
CA GLY B 4890 -29.88 -43.05 77.79
C GLY B 4890 -29.63 -41.88 76.87
N VAL B 4891 -30.62 -41.54 76.05
CA VAL B 4891 -30.40 -40.47 75.10
C VAL B 4891 -30.78 -39.15 75.74
N ARG B 4892 -31.53 -39.17 76.83
CA ARG B 4892 -31.88 -37.94 77.52
C ARG B 4892 -30.96 -37.67 78.70
N ALA B 4893 -29.99 -38.53 78.93
CA ALA B 4893 -29.01 -38.32 79.99
C ALA B 4893 -27.73 -37.77 79.40
N GLY B 4894 -27.01 -36.99 80.21
CA GLY B 4894 -25.84 -36.29 79.71
C GLY B 4894 -24.60 -37.13 79.83
N GLY B 4895 -24.61 -38.10 80.72
CA GLY B 4895 -23.53 -39.05 80.82
C GLY B 4895 -23.82 -40.36 80.13
N GLY B 4896 -24.99 -40.50 79.54
CA GLY B 4896 -25.37 -41.69 78.82
C GLY B 4896 -26.11 -42.64 79.74
N ILE B 4897 -26.02 -43.95 79.46
CA ILE B 4897 -26.70 -44.93 80.29
C ILE B 4897 -26.08 -45.03 81.68
N GLY B 4898 -24.77 -44.79 81.80
CA GLY B 4898 -24.08 -44.95 83.06
C GLY B 4898 -24.41 -43.92 84.10
N ASP B 4899 -25.12 -42.87 83.71
CA ASP B 4899 -25.56 -41.87 84.65
C ASP B 4899 -26.91 -42.26 85.21
N GLU B 4900 -27.42 -43.42 84.77
CA GLU B 4900 -28.77 -43.87 85.08
C GLU B 4900 -28.83 -45.34 85.44
N ILE B 4901 -27.69 -46.04 85.57
CA ILE B 4901 -27.71 -47.48 85.84
C ILE B 4901 -26.77 -47.75 87.01
N GLU B 4902 -26.79 -48.99 87.48
CA GLU B 4902 -26.05 -49.38 88.67
C GLU B 4902 -24.55 -49.31 88.45
N ASP B 4903 -23.82 -49.08 89.53
CA ASP B 4903 -22.38 -48.92 89.47
C ASP B 4903 -21.69 -50.19 89.01
N PRO B 4904 -20.70 -50.08 88.12
CA PRO B 4904 -20.04 -51.28 87.60
C PRO B 4904 -18.93 -51.82 88.49
N ALA B 4905 -18.55 -51.07 89.52
CA ALA B 4905 -17.38 -51.39 90.34
C ALA B 4905 -17.53 -52.70 91.10
N GLY B 4906 -16.47 -53.51 91.05
CA GLY B 4906 -16.38 -54.76 91.77
C GLY B 4906 -16.90 -55.98 91.05
N ASP B 4907 -17.68 -55.80 89.99
CA ASP B 4907 -18.13 -56.93 89.19
C ASP B 4907 -16.99 -57.42 88.31
N GLU B 4908 -17.11 -58.68 87.87
CA GLU B 4908 -16.15 -59.23 86.91
C GLU B 4908 -16.24 -58.49 85.59
N TYR B 4909 -17.43 -58.06 85.22
CA TYR B 4909 -17.69 -57.38 83.96
C TYR B 4909 -17.48 -55.87 84.05
N GLU B 4910 -16.73 -55.40 85.05
CA GLU B 4910 -16.56 -53.97 85.29
C GLU B 4910 -15.93 -53.27 84.10
N LEU B 4911 -14.86 -53.84 83.54
CA LEU B 4911 -14.17 -53.18 82.44
C LEU B 4911 -15.02 -53.21 81.18
N TYR B 4912 -15.85 -54.24 81.05
CA TYR B 4912 -16.77 -54.33 79.93
C TYR B 4912 -17.84 -53.26 80.05
N ARG B 4913 -18.38 -53.06 81.26
CA ARG B 4913 -19.37 -52.02 81.47
C ARG B 4913 -18.77 -50.62 81.34
N VAL B 4914 -17.49 -50.45 81.67
CA VAL B 4914 -16.82 -49.17 81.45
C VAL B 4914 -16.72 -48.87 79.97
N VAL B 4915 -16.31 -49.86 79.18
CA VAL B 4915 -16.21 -49.67 77.73
C VAL B 4915 -17.59 -49.48 77.11
N PHE B 4916 -18.60 -50.19 77.61
CA PHE B 4916 -19.99 -50.01 77.16
C PHE B 4916 -20.47 -48.57 77.37
N ASP B 4917 -20.27 -48.04 78.58
CA ASP B 4917 -20.74 -46.68 78.87
C ASP B 4917 -19.94 -45.61 78.14
N ILE B 4918 -18.61 -45.77 78.04
CA ILE B 4918 -17.87 -44.70 77.39
C ILE B 4918 -18.04 -44.76 75.87
N THR B 4919 -18.34 -45.93 75.32
CA THR B 4919 -18.60 -45.98 73.89
C THR B 4919 -19.96 -45.41 73.59
N PHE B 4920 -20.95 -45.69 74.46
CA PHE B 4920 -22.28 -45.12 74.29
C PHE B 4920 -22.21 -43.60 74.45
N PHE B 4921 -21.43 -43.13 75.41
CA PHE B 4921 -21.23 -41.69 75.62
C PHE B 4921 -20.60 -41.03 74.40
N PHE B 4922 -19.51 -41.60 73.88
CA PHE B 4922 -18.84 -40.97 72.75
C PHE B 4922 -19.69 -41.06 71.49
N PHE B 4923 -20.20 -42.26 71.20
CA PHE B 4923 -20.88 -42.51 69.93
C PHE B 4923 -22.27 -41.89 69.88
N VAL B 4924 -23.04 -41.97 70.95
CA VAL B 4924 -24.42 -41.50 70.94
C VAL B 4924 -24.55 -40.09 71.49
N ILE B 4925 -24.02 -39.84 72.67
CA ILE B 4925 -24.21 -38.54 73.33
C ILE B 4925 -23.41 -37.46 72.63
N VAL B 4926 -22.20 -37.77 72.20
CA VAL B 4926 -21.31 -36.74 71.66
C VAL B 4926 -21.40 -36.66 70.14
N ILE B 4927 -21.07 -37.75 69.43
CA ILE B 4927 -20.99 -37.67 67.96
C ILE B 4927 -22.35 -37.44 67.31
N LEU B 4928 -23.40 -38.14 67.74
CA LEU B 4928 -24.68 -38.02 67.02
C LEU B 4928 -25.35 -36.67 67.23
N LEU B 4929 -25.26 -36.13 68.44
CA LEU B 4929 -25.83 -34.81 68.69
C LEU B 4929 -25.00 -33.76 67.97
N ALA B 4930 -23.70 -34.01 67.85
CA ALA B 4930 -22.85 -33.16 67.03
C ALA B 4930 -23.24 -33.23 65.57
N ILE B 4931 -23.69 -34.39 65.08
CA ILE B 4931 -24.15 -34.45 63.69
C ILE B 4931 -25.42 -33.64 63.50
N ILE B 4932 -26.31 -33.67 64.49
CA ILE B 4932 -27.54 -32.86 64.43
C ILE B 4932 -27.22 -31.36 64.45
N GLN B 4933 -26.29 -30.98 65.33
CA GLN B 4933 -25.84 -29.59 65.41
C GLN B 4933 -25.08 -29.18 64.15
N GLY B 4934 -24.23 -30.05 63.62
CA GLY B 4934 -23.51 -29.75 62.40
C GLY B 4934 -24.41 -29.64 61.19
N LEU B 4935 -25.49 -30.42 61.14
CA LEU B 4935 -26.46 -30.28 60.06
C LEU B 4935 -27.14 -28.92 60.09
N ILE B 4936 -27.53 -28.45 61.27
CA ILE B 4936 -28.10 -27.10 61.38
C ILE B 4936 -27.06 -26.00 61.05
N ILE B 4937 -25.85 -26.10 61.60
CA ILE B 4937 -24.82 -25.10 61.37
C ILE B 4937 -24.39 -25.09 59.90
N ASP B 4938 -24.29 -26.28 59.29
CA ASP B 4938 -24.02 -26.39 57.87
C ASP B 4938 -25.13 -25.74 57.06
N ALA B 4939 -26.39 -25.93 57.48
CA ALA B 4939 -27.52 -25.40 56.72
C ALA B 4939 -27.49 -23.88 56.67
N PHE B 4940 -27.10 -23.25 57.79
CA PHE B 4940 -26.97 -21.79 57.84
C PHE B 4940 -25.94 -21.28 56.84
N GLY B 4941 -24.80 -21.98 56.74
CA GLY B 4941 -23.76 -21.59 55.81
C GLY B 4941 -24.16 -21.82 54.36
N GLU B 4942 -24.87 -22.92 54.10
CA GLU B 4942 -25.39 -23.16 52.75
C GLU B 4942 -26.38 -22.08 52.35
N LEU B 4943 -27.27 -21.68 53.26
CA LEU B 4943 -28.26 -20.67 52.93
C LEU B 4943 -27.60 -19.31 52.68
N ARG B 4944 -26.56 -18.99 53.45
CA ARG B 4944 -25.82 -17.75 53.19
C ARG B 4944 -25.12 -17.80 51.85
N ASP B 4945 -24.47 -18.93 51.54
CA ASP B 4945 -23.74 -19.05 50.28
C ASP B 4945 -24.69 -18.92 49.10
N GLN B 4946 -25.89 -19.51 49.22
CA GLN B 4946 -26.88 -19.42 48.16
C GLN B 4946 -27.32 -17.98 47.93
N GLN B 4947 -27.55 -17.24 49.02
CA GLN B 4947 -27.95 -15.83 48.89
C GLN B 4947 -26.83 -15.01 48.27
N GLU B 4948 -25.59 -15.26 48.68
CA GLU B 4948 -24.45 -14.54 48.15
C GLU B 4948 -24.23 -14.85 46.68
N GLN B 4949 -24.36 -16.12 46.28
CA GLN B 4949 -24.24 -16.46 44.87
C GLN B 4949 -25.31 -15.82 44.00
N VAL B 4950 -26.54 -15.69 44.52
CA VAL B 4950 -27.58 -14.98 43.76
C VAL B 4950 -27.22 -13.50 43.60
N LYS B 4951 -26.75 -12.89 44.69
CA LYS B 4951 -26.39 -11.47 44.66
C LYS B 4951 -25.20 -11.23 43.73
N GLU B 4952 -24.20 -12.09 43.81
CA GLU B 4952 -23.00 -11.96 43.00
C GLU B 4952 -23.28 -12.18 41.52
N ASP B 4953 -24.12 -13.16 41.19
CA ASP B 4953 -24.50 -13.35 39.79
C ASP B 4953 -25.25 -12.14 39.26
N MET B 4954 -26.18 -11.59 40.06
CA MET B 4954 -26.96 -10.47 39.57
C MET B 4954 -26.15 -9.19 39.51
N GLU B 4955 -25.03 -9.12 40.24
CA GLU B 4955 -24.29 -7.87 40.27
C GLU B 4955 -23.09 -7.93 39.35
N THR B 4956 -22.78 -9.12 38.83
CA THR B 4956 -21.63 -9.32 37.95
C THR B 4956 -22.04 -9.76 36.56
N LYS B 4957 -23.34 -9.83 36.27
CA LYS B 4957 -23.78 -10.34 34.97
C LYS B 4957 -25.16 -9.78 34.70
N CYS B 4958 -25.56 -9.80 33.44
CA CYS B 4958 -26.88 -9.32 33.06
C CYS B 4958 -27.82 -10.51 32.89
N PHE B 4959 -29.04 -10.34 33.41
CA PHE B 4959 -30.05 -11.39 33.30
C PHE B 4959 -30.43 -11.69 31.85
N ILE B 4960 -30.70 -10.65 31.06
CA ILE B 4960 -31.20 -10.85 29.70
C ILE B 4960 -30.15 -11.41 28.77
N CYS B 4961 -28.91 -10.91 28.85
CA CYS B 4961 -27.93 -11.28 27.84
C CYS B 4961 -26.73 -12.06 28.34
N GLY B 4962 -26.41 -12.02 29.62
CA GLY B 4962 -25.34 -12.84 30.13
C GLY B 4962 -23.95 -12.27 29.94
N ILE B 4963 -23.82 -11.12 29.28
CA ILE B 4963 -22.52 -10.48 29.13
C ILE B 4963 -22.12 -9.90 30.48
N GLY B 4964 -20.85 -10.07 30.84
CA GLY B 4964 -20.40 -9.67 32.15
C GLY B 4964 -20.34 -8.17 32.31
N SER B 4965 -20.31 -7.74 33.58
CA SER B 4965 -20.26 -6.33 33.91
C SER B 4965 -19.00 -5.62 33.43
N ASP B 4966 -17.91 -6.36 33.21
CA ASP B 4966 -16.64 -5.78 32.77
C ASP B 4966 -16.79 -4.95 31.50
N TYR B 4967 -17.39 -5.56 30.46
CA TYR B 4967 -17.50 -4.93 29.16
C TYR B 4967 -18.31 -3.64 29.26
N PHE B 4968 -19.45 -3.71 29.95
CA PHE B 4968 -20.28 -2.52 30.05
C PHE B 4968 -19.58 -1.47 30.89
N ASP B 4969 -18.87 -1.91 31.93
CA ASP B 4969 -18.21 -1.05 32.90
C ASP B 4969 -16.97 -0.38 32.34
N THR B 4970 -16.53 -0.73 31.13
CA THR B 4970 -15.41 0.00 30.52
C THR B 4970 -15.74 1.48 30.40
N THR B 4971 -16.96 1.78 29.97
CA THR B 4971 -17.52 3.11 29.96
C THR B 4971 -18.08 3.40 31.36
N PRO B 4972 -17.99 4.64 31.86
CA PRO B 4972 -18.46 4.90 33.24
C PRO B 4972 -19.96 4.66 33.38
N HIS B 4973 -20.32 3.92 34.43
CA HIS B 4973 -21.69 3.55 34.78
C HIS B 4973 -22.39 2.80 33.64
N GLY B 4974 -21.60 2.00 32.93
CA GLY B 4974 -22.12 1.22 31.83
C GLY B 4974 -23.07 0.14 32.29
N PHE B 4975 -22.70 -0.56 33.38
CA PHE B 4975 -23.50 -1.68 33.84
C PHE B 4975 -24.87 -1.22 34.30
N GLU B 4976 -24.93 -0.11 35.06
CA GLU B 4976 -26.21 0.41 35.53
C GLU B 4976 -27.03 0.88 34.35
N THR B 4977 -26.38 1.49 33.36
CA THR B 4977 -27.08 1.91 32.16
C THR B 4977 -27.67 0.70 31.41
N HIS B 4978 -26.89 -0.38 31.30
CA HIS B 4978 -27.37 -1.59 30.62
C HIS B 4978 -28.52 -2.23 31.37
N THR B 4979 -28.38 -2.41 32.68
CA THR B 4979 -29.42 -3.07 33.47
C THR B 4979 -30.67 -2.21 33.56
N LEU B 4980 -30.53 -0.90 33.73
CA LEU B 4980 -31.71 -0.08 33.94
C LEU B 4980 -32.32 0.44 32.65
N GLU B 4981 -31.68 0.26 31.49
CA GLU B 4981 -32.24 0.85 30.29
C GLU B 4981 -32.31 -0.14 29.14
N GLU B 4982 -31.13 -0.56 28.66
CA GLU B 4982 -31.03 -1.40 27.48
C GLU B 4982 -31.65 -2.77 27.66
N HIS B 4983 -31.37 -3.44 28.79
CA HIS B 4983 -31.86 -4.80 29.00
C HIS B 4983 -32.50 -4.92 30.37
N ASN B 4984 -33.50 -4.08 30.63
CA ASN B 4984 -34.21 -4.14 31.90
C ASN B 4984 -35.29 -5.20 31.84
N LEU B 4985 -35.26 -6.16 32.79
CA LEU B 4985 -36.22 -7.27 32.79
C LEU B 4985 -37.64 -6.73 32.93
N ALA B 4986 -37.81 -5.72 33.79
CA ALA B 4986 -39.09 -5.06 33.97
C ALA B 4986 -39.64 -4.61 32.62
N ASN B 4987 -38.77 -4.06 31.77
CA ASN B 4987 -39.22 -3.52 30.50
C ASN B 4987 -39.71 -4.64 29.60
N TYR B 4988 -39.10 -5.83 29.70
CA TYR B 4988 -39.58 -6.99 28.94
C TYR B 4988 -40.97 -7.38 29.41
N MET B 4989 -41.20 -7.32 30.72
CA MET B 4989 -42.54 -7.61 31.23
C MET B 4989 -43.54 -6.56 30.76
N PHE B 4990 -43.16 -5.28 30.85
CA PHE B 4990 -44.03 -4.19 30.42
C PHE B 4990 -44.36 -4.29 28.94
N PHE B 4991 -43.39 -4.77 28.16
CA PHE B 4991 -43.57 -4.99 26.73
C PHE B 4991 -44.58 -6.08 26.50
N LEU B 4992 -44.46 -7.18 27.24
CA LEU B 4992 -45.40 -8.28 27.11
C LEU B 4992 -46.81 -7.86 27.53
N MET B 4993 -46.90 -7.00 28.55
CA MET B 4993 -48.20 -6.42 28.93
C MET B 4993 -48.79 -5.62 27.79
N TYR B 4994 -47.96 -4.79 27.16
CA TYR B 4994 -48.39 -3.96 26.04
C TYR B 4994 -48.82 -4.83 24.87
N LEU B 4995 -48.02 -5.84 24.55
CA LEU B 4995 -48.30 -6.70 23.39
C LEU B 4995 -49.59 -7.48 23.57
N ILE B 4996 -49.82 -8.04 24.77
CA ILE B 4996 -51.05 -8.78 25.04
C ILE B 4996 -52.26 -7.85 25.01
N ASN B 4997 -52.13 -6.66 25.60
CA ASN B 4997 -53.26 -5.73 25.65
C ASN B 4997 -53.59 -5.21 24.26
N LYS B 4998 -52.57 -4.94 23.45
CA LYS B 4998 -52.77 -4.37 22.12
C LYS B 4998 -53.45 -5.35 21.18
N ASP B 4999 -54.54 -4.90 20.55
CA ASP B 4999 -55.20 -5.68 19.51
C ASP B 4999 -54.22 -5.96 18.37
N GLU B 5000 -54.24 -7.21 17.87
CA GLU B 5000 -53.26 -7.64 16.87
C GLU B 5000 -53.36 -6.88 15.56
N THR B 5001 -54.52 -6.28 15.25
CA THR B 5001 -54.65 -5.48 14.03
C THR B 5001 -53.69 -4.31 14.01
N GLU B 5002 -53.47 -3.68 15.16
CA GLU B 5002 -52.68 -2.46 15.24
C GLU B 5002 -51.21 -2.74 15.45
N HIS B 5003 -50.81 -4.00 15.44
CA HIS B 5003 -49.44 -4.39 15.71
C HIS B 5003 -48.49 -3.94 14.60
N THR B 5004 -47.36 -3.35 15.00
CA THR B 5004 -46.33 -2.92 14.07
C THR B 5004 -45.51 -4.15 13.68
N GLY B 5005 -44.62 -3.99 12.70
CA GLY B 5005 -43.91 -5.16 12.17
C GLY B 5005 -43.08 -5.86 13.22
N GLN B 5006 -42.34 -5.08 14.03
CA GLN B 5006 -41.46 -5.68 15.02
C GLN B 5006 -42.31 -6.38 16.08
N GLU B 5007 -43.41 -5.71 16.45
CA GLU B 5007 -44.33 -6.22 17.45
C GLU B 5007 -44.97 -7.52 16.99
N SER B 5008 -45.26 -7.62 15.69
CA SER B 5008 -45.87 -8.84 15.18
C SER B 5008 -44.85 -9.95 15.05
N TYR B 5009 -43.58 -9.59 14.85
CA TYR B 5009 -42.51 -10.59 14.87
C TYR B 5009 -42.37 -11.19 16.27
N VAL B 5010 -42.38 -10.32 17.28
CA VAL B 5010 -42.26 -10.78 18.66
C VAL B 5010 -43.53 -11.53 19.06
N TRP B 5011 -44.69 -11.08 18.56
CA TRP B 5011 -45.95 -11.76 18.83
C TRP B 5011 -45.91 -13.17 18.30
N LYS B 5012 -45.45 -13.33 17.05
CA LYS B 5012 -45.46 -14.64 16.41
C LYS B 5012 -44.54 -15.58 17.17
N MET B 5013 -43.39 -15.06 17.60
CA MET B 5013 -42.43 -15.89 18.32
C MET B 5013 -42.96 -16.27 19.69
N TYR B 5014 -43.70 -15.35 20.32
CA TYR B 5014 -44.31 -15.64 21.61
C TYR B 5014 -45.43 -16.68 21.48
N GLN B 5015 -46.25 -16.56 20.44
CA GLN B 5015 -47.33 -17.54 20.23
C GLN B 5015 -46.77 -18.92 19.94
N GLU B 5016 -45.60 -19.01 19.31
CA GLU B 5016 -45.03 -20.34 19.09
C GLU B 5016 -44.03 -20.73 20.17
N ARG B 5017 -43.87 -19.90 21.22
CA ARG B 5017 -42.94 -20.13 22.33
C ARG B 5017 -41.51 -20.35 21.86
N CYS B 5018 -41.07 -19.54 20.92
CA CYS B 5018 -39.69 -19.55 20.47
C CYS B 5018 -39.02 -18.34 21.09
N TRP B 5019 -37.90 -18.56 21.77
CA TRP B 5019 -37.32 -17.49 22.56
C TRP B 5019 -36.02 -16.99 21.97
N ASP B 5020 -36.01 -16.75 20.66
CA ASP B 5020 -34.79 -16.36 20.01
C ASP B 5020 -34.74 -14.86 19.80
N PHE B 5021 -35.87 -14.18 19.98
CA PHE B 5021 -35.87 -12.73 19.94
C PHE B 5021 -35.06 -12.15 21.10
N PHE B 5022 -35.00 -12.86 22.24
CA PHE B 5022 -34.28 -12.36 23.40
C PHE B 5022 -32.79 -12.32 23.08
N PRO B 5023 -32.10 -11.23 23.41
CA PRO B 5023 -30.68 -11.13 23.03
C PRO B 5023 -29.83 -12.01 23.92
N ALA B 5024 -29.22 -13.03 23.34
CA ALA B 5024 -28.33 -13.91 24.08
C ALA B 5024 -26.91 -13.66 23.60
N GLY B 5025 -26.04 -13.24 24.51
CA GLY B 5025 -24.65 -13.07 24.17
C GLY B 5025 -24.33 -11.84 23.38
N ASP B 5026 -25.31 -10.98 23.10
CA ASP B 5026 -25.10 -9.82 22.25
C ASP B 5026 -25.98 -8.67 22.70
N CYS B 5027 -25.48 -7.46 22.48
CA CYS B 5027 -26.20 -6.25 22.84
C CYS B 5027 -25.96 -5.23 21.73
N PHE B 5028 -26.80 -4.19 21.71
CA PHE B 5028 -26.75 -3.19 20.65
C PHE B 5028 -25.42 -2.45 20.70
N ARG B 5029 -24.89 -2.22 21.90
CA ARG B 5029 -23.57 -1.62 22.04
C ARG B 5029 -22.52 -2.45 21.34
N LYS B 5030 -22.54 -3.77 21.58
CA LYS B 5030 -21.52 -4.65 21.03
C LYS B 5030 -21.64 -4.71 19.52
N GLN B 5031 -22.88 -4.75 19.00
CA GLN B 5031 -23.08 -4.82 17.56
C GLN B 5031 -22.62 -3.55 16.88
N TYR B 5032 -22.97 -2.39 17.43
CA TYR B 5032 -22.71 -1.11 16.78
C TYR B 5032 -21.54 -0.37 17.42
N GLU B 5033 -20.62 -1.11 18.05
CA GLU B 5033 -19.50 -0.52 18.79
C GLU B 5033 -18.60 0.34 17.92
N ASP B 5034 -18.30 -0.13 16.71
CA ASP B 5034 -17.47 0.65 15.78
C ASP B 5034 -18.14 1.97 15.39
N GLN B 5035 -19.43 1.92 15.05
CA GLN B 5035 -20.16 3.15 14.78
C GLN B 5035 -20.38 4.00 16.03
N LEU B 5036 -20.61 3.36 17.19
CA LEU B 5036 -20.87 4.12 18.41
C LEU B 5036 -19.64 4.86 18.93
N SER B 5037 -18.44 4.40 18.55
CA SER B 5037 -17.14 5.02 18.86
C SER B 5037 -17.07 6.55 18.83
N VAL C 11 -24.95 17.05 -4.93
CA VAL C 11 -26.26 17.60 -4.63
C VAL C 11 -26.26 19.08 -5.05
N GLN C 12 -25.69 19.94 -4.20
CA GLN C 12 -25.48 21.36 -4.44
C GLN C 12 -26.80 22.10 -4.73
N PHE C 13 -27.65 22.14 -3.70
CA PHE C 13 -28.90 22.88 -3.78
C PHE C 13 -28.66 24.36 -3.49
N LEU C 14 -29.24 25.23 -4.31
CA LEU C 14 -29.13 26.66 -4.11
C LEU C 14 -29.82 27.11 -2.84
N ARG C 15 -29.33 28.20 -2.27
CA ARG C 15 -29.86 28.72 -1.01
C ARG C 15 -29.72 30.24 -1.00
N THR C 16 -30.54 30.88 -0.17
CA THR C 16 -30.55 32.34 -0.10
C THR C 16 -29.29 32.83 0.61
N ASP C 17 -29.03 34.13 0.47
CA ASP C 17 -27.90 34.89 1.02
C ASP C 17 -26.57 34.51 0.40
N ASP C 18 -26.55 33.56 -0.53
CA ASP C 18 -25.35 33.18 -1.26
C ASP C 18 -25.18 34.13 -2.45
N GLU C 19 -24.17 33.87 -3.27
CA GLU C 19 -23.90 34.68 -4.44
C GLU C 19 -24.18 33.88 -5.70
N VAL C 20 -24.79 34.54 -6.70
CA VAL C 20 -25.12 33.93 -7.98
C VAL C 20 -24.82 34.94 -9.08
N VAL C 21 -24.91 34.48 -10.32
CA VAL C 21 -24.77 35.34 -11.49
C VAL C 21 -25.87 35.00 -12.48
N LEU C 22 -26.55 36.04 -12.97
CA LEU C 22 -27.47 35.86 -14.09
C LEU C 22 -26.67 35.69 -15.37
N GLN C 23 -27.10 34.73 -16.19
CA GLN C 23 -26.22 34.20 -17.23
C GLN C 23 -27.04 33.59 -18.35
N CYS C 24 -26.63 33.86 -19.59
CA CYS C 24 -27.39 33.51 -20.78
C CYS C 24 -26.77 32.32 -21.49
N SER C 25 -27.43 31.89 -22.57
CA SER C 25 -26.87 30.97 -23.55
C SER C 25 -27.54 31.32 -24.89
N ALA C 26 -26.90 32.19 -25.66
CA ALA C 26 -27.47 32.77 -26.86
C ALA C 26 -26.80 32.18 -28.10
N THR C 27 -27.50 32.35 -29.23
CA THR C 27 -27.03 31.84 -30.53
C THR C 27 -27.27 32.88 -31.64
N VAL C 28 -26.27 33.73 -31.85
CA VAL C 28 -26.24 34.67 -32.96
C VAL C 28 -24.87 34.57 -33.60
N LEU C 29 -24.81 34.97 -34.88
CA LEU C 29 -23.60 34.94 -35.73
C LEU C 29 -23.01 33.54 -35.84
N LYS C 30 -23.88 32.53 -35.66
CA LYS C 30 -23.56 31.11 -35.75
C LYS C 30 -22.53 30.72 -34.69
N GLU C 31 -22.79 31.14 -33.45
CA GLU C 31 -21.98 30.61 -32.34
C GLU C 31 -22.81 30.57 -31.08
N GLN C 32 -22.36 29.74 -30.14
CA GLN C 32 -23.02 29.57 -28.85
C GLN C 32 -22.38 30.49 -27.83
N LEU C 33 -22.67 31.78 -27.99
CA LEU C 33 -22.14 32.78 -27.08
C LEU C 33 -22.89 32.78 -25.76
N LYS C 34 -22.14 32.96 -24.67
CA LYS C 34 -22.69 32.89 -23.33
C LYS C 34 -22.51 34.25 -22.67
N LEU C 35 -23.60 34.82 -22.19
CA LEU C 35 -23.61 36.21 -21.75
C LEU C 35 -23.88 36.26 -20.25
N CYS C 36 -23.97 37.49 -19.73
CA CYS C 36 -24.22 37.70 -18.32
C CYS C 36 -24.98 39.00 -18.17
N LEU C 37 -25.61 39.16 -17.00
CA LEU C 37 -26.28 40.40 -16.61
C LEU C 37 -25.42 41.18 -15.62
N ALA C 38 -25.10 42.41 -15.98
CA ALA C 38 -24.32 43.28 -15.11
C ALA C 38 -24.79 44.71 -15.32
N ALA C 39 -24.67 45.51 -14.25
CA ALA C 39 -25.11 46.90 -14.29
C ALA C 39 -24.27 47.72 -13.31
N GLU C 40 -23.86 48.91 -13.76
CA GLU C 40 -23.17 49.84 -12.89
C GLU C 40 -24.08 50.31 -11.74
N GLY C 41 -25.35 50.56 -12.05
CA GLY C 41 -26.29 51.04 -11.06
C GLY C 41 -26.19 52.53 -10.82
N PHE C 42 -25.08 52.95 -10.22
CA PHE C 42 -24.83 54.36 -9.94
C PHE C 42 -24.60 55.10 -11.25
N GLY C 43 -25.58 55.91 -11.65
CA GLY C 43 -25.52 56.66 -12.88
C GLY C 43 -26.24 56.01 -14.04
N ASN C 44 -26.47 54.70 -13.97
CA ASN C 44 -27.24 53.99 -14.98
C ASN C 44 -27.84 52.75 -14.31
N ARG C 45 -29.12 52.86 -13.93
CA ARG C 45 -29.80 51.76 -13.27
C ARG C 45 -30.06 50.59 -14.21
N LEU C 46 -30.18 50.87 -15.50
CA LEU C 46 -30.50 49.86 -16.50
C LEU C 46 -29.37 48.86 -16.67
N CYS C 47 -29.74 47.62 -16.95
CA CYS C 47 -28.77 46.55 -17.13
C CYS C 47 -28.36 46.45 -18.59
N PHE C 48 -27.50 45.47 -18.88
CA PHE C 48 -27.01 45.19 -20.22
C PHE C 48 -26.45 43.77 -20.23
N LEU C 49 -25.98 43.35 -21.40
CA LEU C 49 -25.44 42.00 -21.59
C LEU C 49 -23.94 42.07 -21.77
N GLU C 50 -23.21 41.38 -20.89
CA GLU C 50 -21.77 41.34 -20.97
C GLU C 50 -21.33 39.95 -21.40
N PRO C 51 -20.66 39.80 -22.54
CA PRO C 51 -20.20 38.47 -22.98
C PRO C 51 -19.20 37.87 -21.99
N THR C 52 -19.30 36.55 -21.81
CA THR C 52 -18.48 35.85 -20.82
C THR C 52 -17.85 34.58 -21.40
N SER C 53 -18.43 33.98 -22.45
CA SER C 53 -17.92 32.74 -23.04
C SER C 53 -16.49 32.88 -23.54
N ASN C 54 -16.15 34.06 -24.08
CA ASN C 54 -14.78 34.37 -24.50
C ASN C 54 -13.98 34.75 -23.26
N ALA C 55 -13.77 33.76 -22.39
CA ALA C 55 -13.14 33.97 -21.08
C ALA C 55 -11.63 33.88 -21.11
N GLN C 56 -11.02 33.60 -22.26
CA GLN C 56 -9.57 33.51 -22.34
C GLN C 56 -8.95 34.64 -23.13
N ASN C 57 -9.62 35.11 -24.19
CA ASN C 57 -9.13 36.27 -24.91
C ASN C 57 -9.35 37.55 -24.11
N VAL C 58 -10.53 37.70 -23.51
CA VAL C 58 -10.85 38.88 -22.70
C VAL C 58 -11.42 38.47 -21.34
N PRO C 59 -11.00 39.11 -20.27
CA PRO C 59 -11.54 38.80 -18.93
C PRO C 59 -12.97 39.26 -18.78
N PRO C 60 -13.75 38.66 -17.89
CA PRO C 60 -15.11 39.14 -17.63
C PRO C 60 -15.16 40.16 -16.50
N ASP C 61 -16.27 40.90 -16.46
CA ASP C 61 -16.52 41.89 -15.41
C ASP C 61 -17.25 41.24 -14.24
N LEU C 62 -16.47 40.58 -13.38
CA LEU C 62 -17.06 39.84 -12.27
C LEU C 62 -17.50 40.78 -11.15
N ALA C 63 -16.97 42.00 -11.09
CA ALA C 63 -17.35 42.89 -10.00
C ALA C 63 -18.77 43.43 -10.18
N ILE C 64 -19.33 43.31 -11.37
CA ILE C 64 -20.68 43.80 -11.65
C ILE C 64 -21.63 42.70 -12.10
N CYS C 65 -21.13 41.51 -12.47
CA CYS C 65 -22.05 40.44 -12.83
C CYS C 65 -22.63 39.72 -11.63
N CYS C 66 -22.09 39.96 -10.43
CA CYS C 66 -22.50 39.27 -9.22
C CYS C 66 -23.92 39.68 -8.80
N PHE C 67 -24.63 38.74 -8.17
CA PHE C 67 -25.98 38.98 -7.65
C PHE C 67 -26.23 38.11 -6.44
N THR C 68 -27.08 38.60 -5.53
CA THR C 68 -27.29 37.93 -4.26
C THR C 68 -28.78 37.68 -4.03
N LEU C 69 -29.08 36.48 -3.54
CA LEU C 69 -30.44 36.02 -3.23
C LEU C 69 -30.76 36.42 -1.80
N GLU C 70 -31.35 37.61 -1.63
CA GLU C 70 -31.61 38.10 -0.28
C GLU C 70 -32.75 37.35 0.40
N GLN C 71 -33.95 37.39 -0.17
CA GLN C 71 -35.10 36.72 0.40
C GLN C 71 -35.79 35.88 -0.66
N SER C 72 -36.21 34.68 -0.27
CA SER C 72 -36.99 33.80 -1.13
C SER C 72 -38.26 33.42 -0.37
N LEU C 73 -39.39 33.91 -0.85
CA LEU C 73 -40.68 33.73 -0.20
C LEU C 73 -41.67 33.09 -1.16
N SER C 74 -42.64 32.37 -0.60
CA SER C 74 -43.73 31.83 -1.39
C SER C 74 -44.61 32.95 -1.92
N VAL C 75 -45.37 32.67 -2.98
CA VAL C 75 -46.22 33.67 -3.62
C VAL C 75 -47.25 34.23 -2.64
N ARG C 76 -47.89 33.34 -1.88
CA ARG C 76 -48.86 33.77 -0.88
C ARG C 76 -48.22 34.62 0.22
N ALA C 77 -47.12 34.11 0.82
CA ALA C 77 -46.42 34.88 1.85
C ALA C 77 -45.90 36.21 1.30
N LEU C 78 -45.59 36.26 0.00
CA LEU C 78 -45.28 37.52 -0.65
C LEU C 78 -46.48 38.45 -0.64
N GLN C 79 -47.68 37.90 -0.87
CA GLN C 79 -48.88 38.73 -0.91
C GLN C 79 -49.15 39.34 0.47
N GLU C 80 -49.13 38.50 1.51
CA GLU C 80 -49.36 38.99 2.86
C GLU C 80 -48.25 39.95 3.33
N MET C 81 -47.00 39.66 2.97
CA MET C 81 -45.89 40.58 3.26
C MET C 81 -46.08 41.93 2.59
N LEU C 82 -46.51 41.94 1.32
CA LEU C 82 -46.81 43.19 0.64
C LEU C 82 -48.01 43.89 1.25
N ALA C 83 -49.02 43.14 1.69
CA ALA C 83 -50.20 43.72 2.31
C ALA C 83 -49.86 44.40 3.62
N ASN C 84 -48.98 43.79 4.42
CA ASN C 84 -48.59 44.39 5.70
C ASN C 84 -47.44 45.37 5.49
N HIS C 98 -30.97 31.54 6.38
CA HIS C 98 -30.53 30.80 5.20
C HIS C 98 -31.53 29.73 4.78
N ARG C 99 -32.72 30.17 4.37
CA ARG C 99 -33.75 29.24 3.91
C ARG C 99 -33.45 28.81 2.47
N THR C 100 -33.65 27.52 2.20
CA THR C 100 -33.33 26.97 0.90
C THR C 100 -34.35 27.45 -0.12
N LEU C 101 -33.87 27.73 -1.34
CA LEU C 101 -34.74 28.13 -2.45
C LEU C 101 -35.70 27.00 -2.79
N LEU C 102 -36.90 27.37 -3.24
CA LEU C 102 -37.88 26.43 -3.72
C LEU C 102 -38.50 26.96 -5.01
N TYR C 103 -38.77 26.04 -5.95
CA TYR C 103 -39.34 26.42 -7.24
C TYR C 103 -40.71 27.07 -7.05
N GLY C 104 -41.01 28.05 -7.89
CA GLY C 104 -42.26 28.76 -7.82
C GLY C 104 -42.32 29.85 -6.77
N HIS C 105 -41.29 29.97 -5.93
CA HIS C 105 -41.27 31.00 -4.90
C HIS C 105 -40.97 32.35 -5.53
N ALA C 106 -40.93 33.38 -4.69
CA ALA C 106 -40.58 34.73 -5.12
C ALA C 106 -39.24 35.09 -4.50
N ILE C 107 -38.26 35.39 -5.35
CA ILE C 107 -36.90 35.66 -4.88
C ILE C 107 -36.62 37.14 -5.01
N LEU C 108 -35.66 37.60 -4.21
CA LEU C 108 -35.25 39.00 -4.16
C LEU C 108 -33.79 39.10 -4.60
N LEU C 109 -33.57 39.64 -5.79
CA LEU C 109 -32.23 39.78 -6.34
C LEU C 109 -31.66 41.15 -6.03
N ARG C 110 -30.45 41.16 -5.46
CA ARG C 110 -29.77 42.39 -5.08
C ARG C 110 -28.40 42.40 -5.72
N HIS C 111 -28.12 43.44 -6.52
CA HIS C 111 -26.81 43.59 -7.12
C HIS C 111 -25.76 43.76 -6.02
N ALA C 112 -24.68 42.99 -6.13
CA ALA C 112 -23.68 42.89 -5.06
C ALA C 112 -22.99 44.21 -4.82
N HIS C 113 -22.60 44.91 -5.88
CA HIS C 113 -21.88 46.16 -5.73
C HIS C 113 -22.80 47.35 -5.47
N SER C 114 -23.66 47.67 -6.43
CA SER C 114 -24.49 48.87 -6.37
C SER C 114 -25.48 48.85 -5.21
N ARG C 115 -25.77 47.68 -4.64
CA ARG C 115 -26.69 47.39 -3.55
C ARG C 115 -28.15 47.62 -3.93
N MET C 116 -28.42 48.04 -5.16
CA MET C 116 -29.75 48.22 -5.68
C MET C 116 -30.34 46.88 -6.10
N TYR C 117 -31.66 46.76 -5.98
CA TYR C 117 -32.35 45.52 -6.26
C TYR C 117 -32.80 45.50 -7.71
N LEU C 118 -32.74 44.33 -8.34
CA LEU C 118 -33.29 44.17 -9.68
C LEU C 118 -34.81 44.27 -9.65
N SER C 119 -35.37 44.92 -10.68
CA SER C 119 -36.82 45.09 -10.77
C SER C 119 -37.19 45.40 -12.21
N CYS C 120 -38.48 45.36 -12.48
CA CYS C 120 -39.02 45.70 -13.80
C CYS C 120 -39.38 47.18 -13.83
N LEU C 121 -38.67 47.96 -14.64
CA LEU C 121 -38.92 49.39 -14.73
C LEU C 121 -40.22 49.65 -15.50
N THR C 122 -40.96 50.66 -15.07
CA THR C 122 -42.23 50.99 -15.70
C THR C 122 -42.04 51.54 -17.10
N THR C 123 -41.14 52.49 -17.27
CA THR C 123 -40.93 53.13 -18.57
C THR C 123 -39.79 52.44 -19.30
N SER C 124 -39.99 52.20 -20.60
CA SER C 124 -39.02 51.50 -21.43
C SER C 124 -38.62 52.35 -22.63
N ARG C 125 -37.34 52.25 -22.99
CA ARG C 125 -36.77 52.96 -24.12
C ARG C 125 -36.56 52.08 -25.34
N SER C 126 -36.87 50.78 -25.25
CA SER C 126 -36.71 49.86 -26.38
C SER C 126 -37.70 50.22 -27.47
N MET C 127 -37.19 50.86 -28.53
CA MET C 127 -38.03 51.35 -29.62
C MET C 127 -38.40 50.25 -30.60
N THR C 128 -37.74 49.08 -30.53
CA THR C 128 -37.97 48.02 -31.50
C THR C 128 -39.37 47.44 -31.37
N ASP C 129 -39.83 47.22 -30.15
CA ASP C 129 -41.10 46.56 -29.90
C ASP C 129 -41.89 47.28 -28.82
N LYS C 130 -43.21 47.15 -28.88
CA LYS C 130 -44.07 47.60 -27.81
C LYS C 130 -44.19 46.48 -26.80
N LEU C 131 -45.04 46.69 -25.76
CA LEU C 131 -45.39 45.73 -24.69
C LEU C 131 -44.17 45.14 -23.98
N ALA C 132 -42.98 45.73 -24.13
CA ALA C 132 -41.75 45.21 -23.59
C ALA C 132 -41.13 46.27 -22.69
N PHE C 133 -41.07 45.98 -21.40
CA PHE C 133 -40.45 46.89 -20.45
C PHE C 133 -39.00 46.49 -20.24
N ASP C 134 -38.22 47.39 -19.66
CA ASP C 134 -36.81 47.15 -19.46
C ASP C 134 -36.51 46.85 -17.99
N VAL C 135 -35.51 46.03 -17.78
CA VAL C 135 -35.08 45.68 -16.44
C VAL C 135 -34.06 46.71 -15.97
N GLY C 136 -34.06 47.00 -14.67
CA GLY C 136 -33.15 47.98 -14.13
C GLY C 136 -32.84 47.73 -12.66
N LEU C 137 -32.38 48.76 -11.98
CA LEU C 137 -32.01 48.66 -10.57
C LEU C 137 -32.82 49.65 -9.75
N GLN C 138 -33.40 49.18 -8.67
CA GLN C 138 -34.27 49.97 -7.81
C GLN C 138 -33.58 50.18 -6.46
N GLU C 139 -33.81 51.36 -5.89
CA GLU C 139 -33.08 51.82 -4.70
C GLU C 139 -33.33 50.92 -3.49
N ASP C 140 -34.59 50.52 -3.27
CA ASP C 140 -34.91 49.74 -2.09
C ASP C 140 -35.71 48.49 -2.44
N ALA C 141 -36.18 47.77 -1.42
CA ALA C 141 -36.97 46.56 -1.61
C ALA C 141 -38.46 46.82 -1.59
N THR C 142 -38.87 48.08 -1.55
CA THR C 142 -40.29 48.43 -1.52
C THR C 142 -40.99 48.03 -2.82
N GLY C 143 -42.28 47.74 -2.70
CA GLY C 143 -43.07 47.35 -3.85
C GLY C 143 -42.92 45.87 -4.18
N GLU C 144 -43.49 45.51 -5.33
CA GLU C 144 -43.47 44.14 -5.80
C GLU C 144 -42.53 43.90 -6.97
N ALA C 145 -42.16 44.96 -7.71
CA ALA C 145 -41.29 44.83 -8.87
C ALA C 145 -39.92 44.26 -8.51
N CYS C 146 -39.45 44.52 -7.30
CA CYS C 146 -38.16 44.00 -6.83
C CYS C 146 -38.14 42.49 -6.69
N TRP C 147 -39.30 41.84 -6.69
CA TRP C 147 -39.40 40.41 -6.51
C TRP C 147 -39.59 39.73 -7.85
N TRP C 148 -39.02 38.54 -7.97
CA TRP C 148 -39.11 37.73 -9.18
C TRP C 148 -39.50 36.32 -8.79
N THR C 149 -40.30 35.68 -9.63
CA THR C 149 -40.72 34.30 -9.41
C THR C 149 -40.02 33.40 -10.40
N MET C 150 -39.39 32.34 -9.90
CA MET C 150 -38.63 31.42 -10.73
C MET C 150 -39.41 30.14 -10.97
N HIS C 151 -39.38 29.68 -12.21
CA HIS C 151 -40.16 28.51 -12.58
C HIS C 151 -39.24 27.45 -13.18
N PRO C 152 -39.57 26.16 -13.01
CA PRO C 152 -38.84 25.11 -13.74
C PRO C 152 -39.00 25.28 -15.24
N ALA C 153 -37.93 24.92 -15.97
CA ALA C 153 -37.93 25.07 -17.42
C ALA C 153 -38.97 24.19 -18.08
N SER C 154 -39.08 22.93 -17.64
CA SER C 154 -40.04 22.00 -18.20
C SER C 154 -40.48 21.06 -17.10
N LYS C 155 -41.22 20.01 -17.47
CA LYS C 155 -41.79 19.07 -16.52
C LYS C 155 -40.76 18.19 -15.83
N GLN C 156 -39.50 18.17 -16.29
CA GLN C 156 -38.47 17.36 -15.63
C GLN C 156 -38.14 17.86 -14.24
N ARG C 157 -38.42 19.12 -13.93
CA ARG C 157 -38.39 19.66 -12.59
C ARG C 157 -39.80 20.07 -12.19
N SER C 158 -40.17 19.80 -10.95
CA SER C 158 -41.51 20.08 -10.45
C SER C 158 -41.54 21.41 -9.69
N GLU C 159 -42.72 21.99 -9.61
CA GLU C 159 -42.89 23.22 -8.86
C GLU C 159 -42.83 22.92 -7.37
N GLY C 160 -42.14 23.79 -6.62
CA GLY C 160 -42.04 23.67 -5.19
C GLY C 160 -40.80 22.98 -4.68
N GLU C 161 -40.02 22.34 -5.54
CA GLU C 161 -38.82 21.65 -5.08
C GLU C 161 -37.60 22.57 -5.14
N LYS C 162 -36.63 22.23 -4.30
CA LYS C 162 -35.39 23.00 -4.23
C LYS C 162 -34.57 22.86 -5.50
N VAL C 163 -33.92 23.94 -5.89
CA VAL C 163 -33.20 24.03 -7.16
C VAL C 163 -31.73 23.72 -6.93
N ARG C 164 -31.19 22.84 -7.77
CA ARG C 164 -29.77 22.50 -7.77
C ARG C 164 -28.98 23.49 -8.62
N VAL C 165 -27.65 23.35 -8.59
CA VAL C 165 -26.80 24.23 -9.38
C VAL C 165 -26.95 23.92 -10.87
N GLY C 166 -26.83 24.95 -11.69
CA GLY C 166 -26.85 24.78 -13.13
C GLY C 166 -28.20 24.45 -13.74
N ASP C 167 -29.27 24.38 -12.94
CA ASP C 167 -30.58 24.09 -13.48
C ASP C 167 -31.06 25.23 -14.38
N ASP C 168 -31.60 24.87 -15.53
CA ASP C 168 -32.14 25.86 -16.46
C ASP C 168 -33.45 26.41 -15.90
N LEU C 169 -33.50 27.73 -15.74
CA LEU C 169 -34.62 28.36 -15.03
C LEU C 169 -35.25 29.45 -15.88
N ILE C 170 -36.41 29.91 -15.42
CA ILE C 170 -37.14 31.01 -16.04
C ILE C 170 -37.65 31.90 -14.91
N LEU C 171 -37.42 33.21 -15.01
CA LEU C 171 -37.84 34.17 -14.00
C LEU C 171 -39.04 34.96 -14.52
N VAL C 172 -39.99 35.24 -13.63
CA VAL C 172 -41.17 36.03 -13.97
C VAL C 172 -41.29 37.16 -12.95
N SER C 173 -41.42 38.39 -13.47
CA SER C 173 -41.61 39.56 -12.60
C SER C 173 -43.00 39.57 -12.02
N VAL C 174 -43.10 39.82 -10.72
CA VAL C 174 -44.40 39.85 -10.05
C VAL C 174 -45.24 41.04 -10.53
N SER C 175 -44.61 42.21 -10.65
CA SER C 175 -45.34 43.43 -10.96
C SER C 175 -45.87 43.46 -12.38
N SER C 176 -45.09 42.98 -13.34
CA SER C 176 -45.46 43.11 -14.75
C SER C 176 -45.91 41.82 -15.40
N GLU C 177 -45.64 40.66 -14.77
CA GLU C 177 -45.96 39.33 -15.29
C GLU C 177 -45.35 39.11 -16.68
N ARG C 178 -44.18 39.71 -16.90
CA ARG C 178 -43.50 39.66 -18.19
C ARG C 178 -42.20 38.87 -18.05
N TYR C 179 -42.03 37.91 -18.95
CA TYR C 179 -40.79 37.16 -19.04
C TYR C 179 -39.64 38.09 -19.36
N LEU C 180 -38.55 37.98 -18.60
CA LEU C 180 -37.35 38.74 -18.95
C LEU C 180 -36.80 38.19 -20.26
N HIS C 181 -36.66 39.06 -21.24
CA HIS C 181 -36.46 38.65 -22.62
C HIS C 181 -35.32 39.44 -23.23
N LEU C 182 -34.44 38.76 -23.96
CA LEU C 182 -33.34 39.43 -24.62
C LEU C 182 -33.80 39.98 -25.98
N SER C 183 -33.52 41.25 -26.23
CA SER C 183 -33.94 41.93 -27.46
C SER C 183 -33.03 41.50 -28.60
N THR C 184 -33.31 40.31 -29.14
CA THR C 184 -32.53 39.76 -30.24
C THR C 184 -32.87 40.46 -31.56
N ALA C 185 -34.03 41.11 -31.64
CA ALA C 185 -34.47 41.77 -32.88
C ALA C 185 -33.53 42.90 -33.28
N SER C 186 -33.08 43.70 -32.31
CA SER C 186 -32.13 44.75 -32.60
C SER C 186 -30.75 44.16 -32.86
N GLY C 187 -29.87 44.98 -33.45
CA GLY C 187 -28.52 44.53 -33.73
C GLY C 187 -27.74 44.18 -32.48
N GLU C 188 -27.88 44.99 -31.43
CA GLU C 188 -27.25 44.72 -30.16
C GLU C 188 -28.14 43.82 -29.32
N LEU C 189 -27.52 43.18 -28.33
CA LEU C 189 -28.23 42.24 -27.45
C LEU C 189 -28.44 42.91 -26.10
N GLN C 190 -29.69 43.25 -25.81
CA GLN C 190 -30.10 43.84 -24.55
C GLN C 190 -30.92 42.81 -23.79
N VAL C 191 -31.48 43.23 -22.65
CA VAL C 191 -32.42 42.42 -21.89
C VAL C 191 -33.61 43.29 -21.52
N ASP C 192 -34.81 42.78 -21.79
CA ASP C 192 -36.04 43.53 -21.56
C ASP C 192 -37.04 42.62 -20.85
N ALA C 193 -38.30 43.04 -20.74
CA ALA C 193 -39.36 42.26 -20.09
C ALA C 193 -40.55 42.18 -21.04
N SER C 194 -40.74 41.04 -21.68
CA SER C 194 -41.82 40.86 -22.64
C SER C 194 -42.49 39.52 -22.34
N PHE C 195 -43.28 39.02 -23.27
CA PHE C 195 -44.00 37.78 -23.07
C PHE C 195 -43.31 36.58 -23.69
N MET C 196 -42.08 36.74 -24.16
CA MET C 196 -41.27 35.66 -24.68
C MET C 196 -40.23 35.25 -23.64
N GLN C 197 -40.20 33.96 -23.30
CA GLN C 197 -39.35 33.48 -22.24
C GLN C 197 -37.88 33.44 -22.65
N THR C 198 -37.02 33.33 -21.64
CA THR C 198 -35.58 33.15 -21.81
C THR C 198 -35.11 32.11 -20.80
N LEU C 199 -34.12 31.32 -21.19
CA LEU C 199 -33.58 30.25 -20.35
C LEU C 199 -32.33 30.74 -19.64
N TRP C 200 -32.28 30.54 -18.32
CA TRP C 200 -31.29 31.18 -17.45
C TRP C 200 -30.52 30.16 -16.64
N ASN C 201 -29.20 30.33 -16.64
CA ASN C 201 -28.29 29.50 -15.86
C ASN C 201 -27.91 30.27 -14.60
N MET C 202 -28.18 29.68 -13.44
CA MET C 202 -27.93 30.31 -12.15
C MET C 202 -26.75 29.59 -11.52
N ASN C 203 -25.55 30.04 -11.86
CA ASN C 203 -24.32 29.42 -11.38
C ASN C 203 -23.83 30.15 -10.16
N PRO C 204 -23.74 29.49 -9.00
CA PRO C 204 -23.31 30.19 -7.78
C PRO C 204 -21.83 30.58 -7.83
N ILE C 205 -21.52 31.62 -7.06
CA ILE C 205 -20.16 32.13 -6.94
C ILE C 205 -19.54 31.74 -5.60
N CYS C 206 -20.26 31.99 -4.51
CA CYS C 206 -19.79 31.71 -3.17
C CYS C 206 -20.88 31.08 -2.33
N SER C 207 -20.47 30.30 -1.33
CA SER C 207 -21.43 29.72 -0.39
C SER C 207 -21.24 30.24 1.02
N CYS C 208 -20.06 30.09 1.62
CA CYS C 208 -19.81 30.51 3.00
C CYS C 208 -18.32 30.75 3.17
N CYS C 209 -17.93 31.99 3.45
CA CYS C 209 -16.56 32.31 3.82
C CYS C 209 -16.52 32.73 5.29
N GLU C 210 -15.64 32.09 6.05
CA GLU C 210 -15.51 32.39 7.47
C GLU C 210 -14.66 33.66 7.65
N GLU C 211 -14.30 33.97 8.89
CA GLU C 211 -13.62 35.22 9.18
C GLU C 211 -12.14 35.09 8.84
N GLY C 212 -11.68 35.96 7.95
CA GLY C 212 -10.26 36.05 7.60
C GLY C 212 -9.68 34.89 6.84
N TYR C 213 -10.41 34.31 5.90
CA TYR C 213 -9.86 33.35 4.96
C TYR C 213 -9.93 33.94 3.55
N VAL C 214 -8.79 33.97 2.87
CA VAL C 214 -8.68 34.63 1.58
C VAL C 214 -9.30 33.75 0.51
N THR C 215 -10.28 34.30 -0.21
CA THR C 215 -10.98 33.60 -1.27
C THR C 215 -10.92 34.43 -2.54
N GLY C 216 -11.18 33.75 -3.67
CA GLY C 216 -11.17 34.43 -4.95
C GLY C 216 -12.33 35.39 -5.10
N GLY C 217 -12.14 36.41 -5.92
CA GLY C 217 -13.14 37.44 -6.15
C GLY C 217 -13.05 38.61 -5.20
N HIS C 218 -12.20 38.55 -4.19
CA HIS C 218 -12.08 39.61 -3.20
C HIS C 218 -11.21 40.74 -3.74
N VAL C 219 -11.70 41.96 -3.60
CA VAL C 219 -10.86 43.14 -3.79
C VAL C 219 -10.08 43.35 -2.50
N LEU C 220 -8.77 43.47 -2.60
CA LEU C 220 -7.97 43.53 -1.37
C LEU C 220 -6.62 44.16 -1.65
N ARG C 221 -5.87 44.38 -0.58
CA ARG C 221 -4.47 44.79 -0.67
C ARG C 221 -3.53 43.65 -0.31
N LEU C 222 -2.30 43.78 -0.80
CA LEU C 222 -1.24 42.80 -0.60
C LEU C 222 -0.09 43.45 0.17
N PHE C 223 -0.14 43.37 1.50
CA PHE C 223 0.92 43.89 2.33
C PHE C 223 2.18 43.03 2.21
N HIS C 224 3.29 43.60 2.62
CA HIS C 224 4.51 42.86 2.84
C HIS C 224 4.55 42.52 4.32
N GLY C 225 5.33 41.49 4.67
CA GLY C 225 5.43 41.00 6.04
C GLY C 225 5.89 42.02 7.07
N HIS C 226 6.52 43.11 6.63
CA HIS C 226 7.03 44.17 7.48
C HIS C 226 5.94 45.15 7.91
N MET C 227 4.71 45.01 7.38
CA MET C 227 3.51 45.81 7.62
C MET C 227 3.58 47.25 7.08
N ASP C 228 4.68 47.66 6.45
CA ASP C 228 4.81 49.05 6.02
C ASP C 228 4.80 49.18 4.51
N GLU C 229 5.75 48.56 3.80
CA GLU C 229 5.75 48.63 2.35
C GLU C 229 4.60 47.81 1.78
N CYS C 230 4.07 48.28 0.66
CA CYS C 230 2.76 47.88 0.20
C CYS C 230 2.71 48.04 -1.31
N LEU C 231 1.97 47.16 -1.98
CA LEU C 231 1.95 47.16 -3.44
C LEU C 231 1.03 48.28 -3.93
N THR C 232 1.62 49.30 -4.55
CA THR C 232 0.87 50.44 -5.08
C THR C 232 1.34 50.78 -6.48
N ILE C 233 0.41 51.17 -7.34
CA ILE C 233 0.77 51.81 -8.59
C ILE C 233 1.00 53.28 -8.32
N SER C 234 1.53 54.00 -9.31
CA SER C 234 1.79 55.44 -9.18
C SER C 234 0.49 56.21 -8.95
N ALA C 235 0.65 57.40 -8.38
CA ALA C 235 -0.50 58.25 -8.06
C ALA C 235 -1.15 58.78 -9.33
N ALA C 236 -2.39 59.25 -9.18
CA ALA C 236 -3.17 59.73 -10.31
C ALA C 236 -2.57 60.99 -10.91
N ASP C 237 -2.84 61.17 -12.21
CA ASP C 237 -2.36 62.30 -13.03
C ASP C 237 -0.83 62.36 -13.04
N SER C 238 -0.23 61.32 -13.60
CA SER C 238 1.22 61.21 -13.69
C SER C 238 1.63 60.83 -15.10
N ASP C 239 2.81 61.33 -15.50
CA ASP C 239 3.40 61.02 -16.80
C ASP C 239 3.79 59.54 -16.89
N ASP C 240 4.06 58.91 -15.74
CA ASP C 240 4.44 57.50 -15.68
C ASP C 240 3.33 56.56 -16.16
N GLN C 241 2.09 57.05 -16.27
CA GLN C 241 0.86 56.34 -16.67
C GLN C 241 0.46 55.27 -15.69
N ARG C 242 1.04 55.27 -14.47
CA ARG C 242 0.61 54.46 -13.34
C ARG C 242 0.69 52.97 -13.61
N ARG C 243 1.62 52.57 -14.48
CA ARG C 243 1.71 51.21 -14.97
C ARG C 243 2.80 50.39 -14.29
N LEU C 244 3.33 50.85 -13.16
CA LEU C 244 4.41 50.15 -12.49
C LEU C 244 4.06 49.95 -11.02
N VAL C 245 4.35 48.77 -10.50
CA VAL C 245 4.06 48.42 -9.11
C VAL C 245 5.27 48.77 -8.25
N TYR C 246 5.03 49.37 -7.09
CA TYR C 246 6.08 49.78 -6.18
C TYR C 246 5.73 49.31 -4.78
N TYR C 247 6.72 48.80 -4.06
CA TYR C 247 6.61 48.46 -2.64
C TYR C 247 6.71 49.75 -1.82
N GLU C 248 5.66 50.57 -1.92
CA GLU C 248 5.64 51.90 -1.33
C GLU C 248 5.02 51.82 0.06
N GLY C 249 5.69 52.43 1.04
CA GLY C 249 5.26 52.38 2.41
C GLY C 249 4.58 53.66 2.88
N GLY C 250 4.17 53.65 4.14
CA GLY C 250 3.50 54.79 4.74
C GLY C 250 2.00 54.80 4.49
N ALA C 251 1.43 56.00 4.40
CA ALA C 251 0.01 56.18 4.12
C ALA C 251 -0.32 56.15 2.63
N VAL C 252 0.57 55.58 1.80
CA VAL C 252 0.33 55.54 0.37
C VAL C 252 -0.79 54.58 0.03
N CYS C 253 -0.84 53.42 0.70
CA CYS C 253 -1.86 52.42 0.35
C CYS C 253 -3.03 52.41 1.32
N THR C 254 -3.42 53.58 1.82
CA THR C 254 -4.74 53.74 2.38
C THR C 254 -5.71 54.29 1.34
N HIS C 255 -5.25 54.43 0.10
CA HIS C 255 -6.03 55.04 -0.97
C HIS C 255 -6.59 53.96 -1.88
N ALA C 256 -7.38 54.40 -2.87
CA ALA C 256 -8.04 53.49 -3.81
C ALA C 256 -7.11 52.99 -4.90
N ARG C 257 -5.92 53.57 -5.06
CA ARG C 257 -4.99 53.16 -6.10
C ARG C 257 -4.35 51.81 -5.85
N SER C 258 -4.47 51.25 -4.65
CA SER C 258 -3.71 50.08 -4.23
C SER C 258 -4.61 48.92 -3.85
N LEU C 259 -5.64 48.65 -4.65
CA LEU C 259 -6.53 47.53 -4.41
C LEU C 259 -6.44 46.57 -5.58
N TRP C 260 -6.22 45.29 -5.28
CA TRP C 260 -6.14 44.24 -6.28
C TRP C 260 -7.27 43.26 -6.09
N ARG C 261 -7.75 42.71 -7.19
CA ARG C 261 -8.86 41.76 -7.18
C ARG C 261 -8.35 40.39 -7.66
N LEU C 262 -8.62 39.37 -6.86
CA LEU C 262 -8.24 37.99 -7.17
C LEU C 262 -9.30 37.38 -8.09
N GLU C 263 -9.10 37.48 -9.40
CA GLU C 263 -10.16 37.08 -10.33
C GLU C 263 -9.77 35.80 -11.06
N PRO C 264 -10.33 34.63 -10.72
CA PRO C 264 -9.94 33.40 -11.42
C PRO C 264 -10.49 33.29 -12.85
N LEU C 265 -10.21 32.15 -13.48
CA LEU C 265 -10.62 31.90 -14.86
C LEU C 265 -12.00 31.25 -14.96
N ARG C 266 -12.33 30.40 -13.99
CA ARG C 266 -13.58 29.64 -14.04
C ARG C 266 -14.79 30.57 -13.95
N ILE C 267 -15.72 30.41 -14.88
CA ILE C 267 -16.91 31.25 -14.87
C ILE C 267 -17.81 30.88 -13.69
N SER C 268 -18.08 29.59 -13.52
CA SER C 268 -18.85 29.12 -12.38
C SER C 268 -17.92 28.87 -11.20
N TRP C 269 -18.43 29.18 -10.00
CA TRP C 269 -17.68 29.07 -8.74
C TRP C 269 -16.38 29.86 -8.77
N SER C 270 -16.41 31.05 -9.38
CA SER C 270 -15.23 31.91 -9.41
C SER C 270 -14.84 32.43 -8.04
N GLY C 271 -15.78 32.49 -7.11
CA GLY C 271 -15.50 32.95 -5.76
C GLY C 271 -15.08 31.84 -4.83
N SER C 272 -14.66 30.70 -5.41
CA SER C 272 -14.22 29.57 -4.62
C SER C 272 -12.98 29.90 -3.81
N HIS C 273 -12.84 29.19 -2.69
CA HIS C 273 -11.71 29.40 -1.78
C HIS C 273 -10.41 29.09 -2.52
N LEU C 274 -9.38 29.89 -2.22
CA LEU C 274 -8.11 29.79 -2.92
C LEU C 274 -7.42 28.45 -2.69
N ARG C 275 -7.10 27.78 -3.79
CA ARG C 275 -6.20 26.64 -3.77
C ARG C 275 -4.89 27.08 -4.43
N TRP C 276 -3.77 26.75 -3.77
CA TRP C 276 -2.47 27.25 -4.19
C TRP C 276 -2.13 26.75 -5.58
N GLY C 277 -1.56 27.64 -6.39
CA GLY C 277 -1.19 27.27 -7.75
C GLY C 277 -2.36 27.12 -8.70
N GLN C 278 -3.35 28.00 -8.61
CA GLN C 278 -4.42 27.94 -9.59
C GLN C 278 -4.34 29.18 -10.49
N PRO C 279 -4.76 29.09 -11.75
CA PRO C 279 -4.67 30.26 -12.63
C PRO C 279 -5.69 31.32 -12.24
N LEU C 280 -5.21 32.56 -12.10
CA LEU C 280 -6.07 33.67 -11.72
C LEU C 280 -5.44 34.98 -12.16
N ARG C 281 -6.27 35.88 -12.66
CA ARG C 281 -5.86 37.21 -13.06
C ARG C 281 -5.83 38.14 -11.84
N ILE C 282 -5.13 39.26 -12.00
CA ILE C 282 -5.04 40.32 -11.01
C ILE C 282 -5.38 41.63 -11.70
N ARG C 283 -6.29 42.41 -11.12
CA ARG C 283 -6.78 43.61 -11.78
C ARG C 283 -6.64 44.81 -10.84
N HIS C 284 -6.39 45.97 -11.41
CA HIS C 284 -6.53 47.22 -10.67
C HIS C 284 -7.99 47.68 -10.74
N VAL C 285 -8.45 48.31 -9.67
CA VAL C 285 -9.88 48.58 -9.53
C VAL C 285 -10.29 49.86 -10.26
N THR C 286 -9.61 50.99 -10.00
CA THR C 286 -10.05 52.28 -10.54
C THR C 286 -9.74 52.40 -12.03
N THR C 287 -8.55 51.96 -12.45
CA THR C 287 -8.20 52.06 -13.86
C THR C 287 -8.75 50.89 -14.68
N GLY C 288 -9.14 49.80 -14.02
CA GLY C 288 -9.66 48.62 -14.68
C GLY C 288 -8.64 47.97 -15.57
N ARG C 289 -7.43 47.81 -15.05
CA ARG C 289 -6.33 47.24 -15.82
C ARG C 289 -5.73 46.05 -15.09
N TYR C 290 -5.26 45.09 -15.88
CA TYR C 290 -4.77 43.80 -15.42
C TYR C 290 -3.25 43.75 -15.51
N LEU C 291 -2.61 43.29 -14.43
CA LEU C 291 -1.17 43.02 -14.46
C LEU C 291 -0.84 42.00 -15.54
N ALA C 292 0.13 42.33 -16.39
CA ALA C 292 0.56 41.47 -17.48
C ALA C 292 2.08 41.56 -17.64
N LEU C 293 2.65 40.47 -18.14
CA LEU C 293 4.08 40.40 -18.46
C LEU C 293 4.21 40.79 -19.92
N THR C 294 4.45 42.07 -20.17
CA THR C 294 4.56 42.56 -21.53
C THR C 294 6.01 42.41 -22.03
N GLU C 295 6.16 42.37 -23.35
CA GLU C 295 7.46 42.09 -23.94
C GLU C 295 8.43 43.27 -23.86
N ASP C 296 7.92 44.50 -23.80
CA ASP C 296 8.79 45.68 -23.85
C ASP C 296 9.06 46.30 -22.48
N GLN C 297 8.07 46.34 -21.59
CA GLN C 297 8.21 46.99 -20.29
C GLN C 297 8.03 46.03 -19.13
N GLY C 298 8.07 44.72 -19.38
CA GLY C 298 7.96 43.70 -18.35
C GLY C 298 6.61 43.65 -17.66
N LEU C 299 6.54 44.03 -16.39
CA LEU C 299 5.31 43.93 -15.63
C LEU C 299 4.57 45.27 -15.69
N VAL C 300 3.49 45.34 -16.46
CA VAL C 300 2.66 46.54 -16.54
C VAL C 300 1.19 46.15 -16.48
N VAL C 301 0.34 47.12 -16.16
CA VAL C 301 -1.09 46.91 -16.24
C VAL C 301 -1.57 47.29 -17.64
N VAL C 302 -2.41 46.43 -18.22
CA VAL C 302 -2.90 46.56 -19.57
C VAL C 302 -4.42 46.45 -19.53
N ASP C 303 -5.07 47.03 -20.54
CA ASP C 303 -6.53 47.06 -20.60
C ASP C 303 -7.12 45.64 -20.71
N ALA C 304 -8.45 45.57 -20.56
CA ALA C 304 -9.16 44.31 -20.69
C ALA C 304 -9.22 43.78 -22.12
N CYS C 305 -8.84 44.58 -23.11
CA CYS C 305 -8.82 44.12 -24.50
C CYS C 305 -7.53 43.41 -24.86
N LYS C 306 -6.55 43.39 -23.96
CA LYS C 306 -5.24 42.78 -24.21
C LYS C 306 -4.80 41.90 -23.05
N ALA C 307 -5.75 41.29 -22.34
CA ALA C 307 -5.45 40.34 -21.27
C ALA C 307 -5.73 38.96 -21.85
N HIS C 308 -4.72 38.39 -22.52
CA HIS C 308 -4.83 37.14 -23.25
C HIS C 308 -4.66 35.89 -22.40
N THR C 309 -4.68 36.02 -21.07
CA THR C 309 -4.69 34.96 -20.04
C THR C 309 -3.32 34.25 -19.96
N LYS C 310 -2.41 34.58 -20.87
CA LYS C 310 -1.07 34.02 -20.86
C LYS C 310 -0.16 34.87 -19.98
N ALA C 311 -0.06 36.16 -20.28
CA ALA C 311 0.78 37.05 -19.50
C ALA C 311 0.09 37.59 -18.25
N THR C 312 -1.23 37.42 -18.12
CA THR C 312 -1.94 38.00 -16.98
C THR C 312 -2.17 37.03 -15.84
N SER C 313 -2.31 35.73 -16.12
CA SER C 313 -2.59 34.76 -15.08
C SER C 313 -1.40 34.58 -14.15
N PHE C 314 -1.70 34.35 -12.87
CA PHE C 314 -0.68 34.12 -11.86
C PHE C 314 -1.15 33.01 -10.93
N CYS C 315 -0.34 32.70 -9.91
CA CYS C 315 -0.63 31.61 -8.98
C CYS C 315 -0.04 31.93 -7.62
N PHE C 316 -0.51 31.19 -6.61
CA PHE C 316 0.00 31.28 -5.24
C PHE C 316 0.62 29.98 -4.78
N ARG C 317 1.51 30.07 -3.79
CA ARG C 317 2.14 28.90 -3.19
C ARG C 317 2.76 29.30 -1.85
N VAL C 318 3.33 28.31 -1.16
CA VAL C 318 3.83 28.50 0.19
C VAL C 318 5.31 28.88 0.21
N SER C 319 6.15 28.33 -0.66
CA SER C 319 7.58 28.58 -0.62
C SER C 319 8.11 28.73 -2.04
N LYS C 320 9.42 28.91 -2.16
CA LYS C 320 10.06 29.11 -3.45
C LYS C 320 10.56 27.83 -4.09
N GLU C 321 10.36 26.68 -3.45
CA GLU C 321 10.79 25.41 -4.02
C GLU C 321 9.86 25.02 -5.18
N LYS C 322 10.46 24.37 -6.19
CA LYS C 322 9.70 23.99 -7.38
C LYS C 322 8.78 22.82 -7.09
N LEU C 323 7.49 22.99 -7.38
CA LEU C 323 6.52 21.93 -7.18
C LEU C 323 6.21 21.22 -8.50
N PRO C 327 -1.74 24.43 -12.58
CA PRO C 327 -3.20 24.49 -12.54
C PRO C 327 -3.84 23.14 -12.23
N LYS C 328 -4.65 23.10 -11.18
CA LYS C 328 -5.35 21.89 -10.76
C LYS C 328 -6.78 21.91 -11.29
N ARG C 329 -7.39 20.72 -11.30
CA ARG C 329 -8.77 20.56 -11.75
C ARG C 329 -9.71 21.32 -10.83
N ASP C 330 -10.65 22.06 -11.43
CA ASP C 330 -11.57 22.89 -10.69
C ASP C 330 -12.52 22.05 -9.85
N VAL C 331 -12.81 22.53 -8.64
CA VAL C 331 -13.73 21.87 -7.73
C VAL C 331 -15.04 22.67 -7.68
N GLU C 332 -16.15 21.98 -7.85
CA GLU C 332 -17.46 22.63 -7.86
C GLU C 332 -17.95 22.78 -6.43
N GLY C 333 -17.39 23.77 -5.74
CA GLY C 333 -17.74 24.01 -4.36
C GLY C 333 -17.00 25.20 -3.82
N MET C 334 -17.27 25.49 -2.54
CA MET C 334 -16.66 26.63 -1.85
C MET C 334 -15.14 26.48 -1.82
N GLY C 335 -14.65 25.33 -1.38
CA GLY C 335 -13.23 25.09 -1.33
C GLY C 335 -12.68 25.00 0.08
N PRO C 336 -11.62 24.21 0.26
CA PRO C 336 -11.06 24.01 1.60
C PRO C 336 -10.38 25.27 2.09
N PRO C 337 -10.33 25.49 3.42
CA PRO C 337 -9.63 26.66 3.96
C PRO C 337 -8.11 26.54 3.88
N GLU C 338 -7.49 27.32 3.00
CA GLU C 338 -6.05 27.25 2.76
C GLU C 338 -5.31 28.51 3.19
N ILE C 339 -5.71 29.67 2.67
CA ILE C 339 -5.00 30.92 2.90
C ILE C 339 -5.81 31.80 3.84
N LYS C 340 -5.18 32.25 4.91
CA LYS C 340 -5.81 33.13 5.89
C LYS C 340 -5.37 34.58 5.67
N TYR C 341 -6.03 35.48 6.38
CA TYR C 341 -5.79 36.92 6.28
C TYR C 341 -4.88 37.37 7.41
N GLY C 342 -3.78 38.03 7.07
CA GLY C 342 -2.81 38.51 8.02
C GLY C 342 -1.73 37.52 8.40
N GLU C 343 -1.86 36.26 7.96
CA GLU C 343 -0.88 35.21 8.21
C GLU C 343 -0.70 34.45 6.91
N SER C 344 -0.01 33.30 6.98
CA SER C 344 0.16 32.33 5.89
C SER C 344 0.80 32.99 4.66
N LEU C 345 2.09 33.32 4.81
CA LEU C 345 2.88 33.99 3.78
C LEU C 345 2.82 33.23 2.45
N CYS C 346 2.54 33.97 1.38
CA CYS C 346 2.37 33.40 0.06
C CYS C 346 3.39 33.97 -0.93
N PHE C 347 3.75 33.16 -1.92
CA PHE C 347 4.60 33.58 -3.02
C PHE C 347 3.83 33.49 -4.31
N VAL C 348 4.17 34.40 -5.24
CA VAL C 348 3.52 34.54 -6.53
C VAL C 348 4.55 34.33 -7.63
N GLN C 349 4.25 33.41 -8.54
CA GLN C 349 5.09 33.11 -9.69
C GLN C 349 4.20 33.15 -10.92
N HIS C 350 4.72 33.73 -12.00
CA HIS C 350 3.99 33.75 -13.26
C HIS C 350 3.78 32.32 -13.73
N VAL C 351 2.54 32.03 -14.18
CA VAL C 351 2.18 30.66 -14.53
C VAL C 351 2.97 30.16 -15.73
N ALA C 352 3.19 31.02 -16.73
CA ALA C 352 3.88 30.62 -17.95
C ALA C 352 5.35 31.04 -17.93
N SER C 353 5.62 32.33 -17.72
CA SER C 353 7.00 32.82 -17.72
C SER C 353 7.81 32.32 -16.54
N GLY C 354 7.17 31.96 -15.44
CA GLY C 354 7.86 31.47 -14.27
C GLY C 354 8.60 32.52 -13.45
N LEU C 355 8.50 33.79 -13.82
CA LEU C 355 9.20 34.84 -13.10
C LEU C 355 8.51 35.15 -11.77
N TRP C 356 9.31 35.47 -10.76
CA TRP C 356 8.83 35.73 -9.40
C TRP C 356 8.93 37.21 -9.05
N LEU C 357 7.98 37.69 -8.25
CA LEU C 357 7.96 39.10 -7.89
C LEU C 357 9.09 39.41 -6.91
N THR C 358 9.76 40.55 -7.12
CA THR C 358 10.85 41.02 -6.27
C THR C 358 11.07 42.49 -6.57
N TYR C 359 11.36 43.27 -5.53
CA TYR C 359 11.67 44.69 -5.68
C TYR C 359 12.98 44.85 -6.45
N ALA C 360 13.05 45.90 -7.27
CA ALA C 360 14.27 46.16 -8.02
C ALA C 360 15.38 46.63 -7.09
N ALA C 361 16.55 46.01 -7.23
CA ALA C 361 17.69 46.36 -6.37
C ALA C 361 18.22 47.80 -6.51
N PRO C 362 18.45 48.39 -7.72
CA PRO C 362 19.10 49.70 -7.77
C PRO C 362 18.34 50.82 -7.06
N ASP C 363 19.08 51.73 -6.43
CA ASP C 363 18.49 52.89 -5.77
C ASP C 363 19.06 54.17 -6.37
N PRO C 364 18.27 54.96 -7.08
CA PRO C 364 18.77 56.17 -7.72
C PRO C 364 18.86 57.36 -6.76
N LYS C 365 19.21 58.52 -7.34
CA LYS C 365 19.28 59.76 -6.60
C LYS C 365 17.91 60.19 -6.12
N ALA C 366 16.84 59.81 -6.85
CA ALA C 366 15.49 60.16 -6.43
C ALA C 366 15.16 59.49 -5.09
N LEU C 367 15.55 58.22 -4.93
CA LEU C 367 15.35 57.53 -3.67
C LEU C 367 16.40 57.91 -2.64
N ARG C 368 17.50 58.55 -3.06
CA ARG C 368 18.51 59.01 -2.12
C ARG C 368 17.96 60.06 -1.16
N LEU C 369 17.15 60.99 -1.67
CA LEU C 369 16.54 62.03 -0.86
C LEU C 369 15.04 61.89 -0.67
N GLY C 370 14.31 61.53 -1.73
CA GLY C 370 12.87 61.41 -1.67
C GLY C 370 12.41 60.17 -0.92
N VAL C 371 11.09 60.07 -0.76
CA VAL C 371 10.48 58.95 -0.06
C VAL C 371 10.76 57.66 -0.83
N LEU C 372 11.01 56.57 -0.09
CA LEU C 372 11.39 55.31 -0.69
C LEU C 372 10.23 54.67 -1.45
N LYS C 373 10.51 54.28 -2.69
CA LYS C 373 9.62 53.44 -3.48
C LYS C 373 10.51 52.51 -4.31
N LYS C 374 10.35 51.21 -4.09
CA LYS C 374 11.16 50.19 -4.76
C LYS C 374 10.28 49.40 -5.71
N LYS C 375 10.49 49.62 -7.01
CA LYS C 375 9.67 48.98 -8.04
C LYS C 375 9.83 47.46 -8.01
N ALA C 376 8.70 46.77 -7.93
CA ALA C 376 8.71 45.32 -7.95
C ALA C 376 8.87 44.84 -9.39
N ILE C 377 9.91 44.05 -9.65
CA ILE C 377 10.17 43.49 -10.97
C ILE C 377 9.94 41.99 -10.90
N LEU C 378 9.20 41.45 -11.86
CA LEU C 378 8.97 40.02 -11.87
C LEU C 378 10.26 39.33 -12.29
N HIS C 379 11.09 38.95 -11.31
CA HIS C 379 12.43 38.47 -11.55
C HIS C 379 12.47 36.94 -11.60
N GLN C 380 13.60 36.40 -12.05
CA GLN C 380 13.78 34.95 -12.15
C GLN C 380 13.69 34.27 -10.78
N GLU C 381 14.48 34.72 -9.82
CA GLU C 381 14.34 34.18 -8.47
C GLU C 381 14.22 35.27 -7.42
N GLY C 382 14.94 36.38 -7.57
CA GLY C 382 14.82 37.49 -6.67
C GLY C 382 15.42 37.26 -5.29
N HIS C 383 14.92 38.02 -4.33
CA HIS C 383 15.40 38.01 -2.96
C HIS C 383 14.61 37.00 -2.14
N MET C 384 14.79 37.04 -0.82
CA MET C 384 14.17 36.08 0.08
C MET C 384 12.89 36.62 0.73
N ASP C 385 12.87 37.89 1.16
CA ASP C 385 11.74 38.45 1.88
C ASP C 385 10.58 38.91 0.98
N ASP C 386 10.49 38.43 -0.27
CA ASP C 386 9.43 38.84 -1.18
C ASP C 386 8.11 38.09 -0.96
N ALA C 387 7.94 37.42 0.18
CA ALA C 387 6.66 36.81 0.53
C ALA C 387 5.61 37.88 0.81
N LEU C 388 4.35 37.52 0.60
CA LEU C 388 3.24 38.46 0.67
C LEU C 388 2.29 38.14 1.81
N PHE C 389 1.88 39.20 2.51
CA PHE C 389 0.77 39.15 3.45
C PHE C 389 -0.46 39.57 2.66
N LEU C 390 -1.54 38.81 2.77
CA LEU C 390 -2.79 39.16 2.13
C LEU C 390 -3.69 39.81 3.15
N THR C 391 -4.15 41.02 2.89
CA THR C 391 -4.94 41.74 3.87
C THR C 391 -6.25 42.15 3.20
N ARG C 392 -7.28 42.27 4.01
CA ARG C 392 -8.62 42.63 3.60
C ARG C 392 -8.74 44.14 3.36
N CYS C 393 -9.85 44.53 2.74
CA CYS C 393 -10.27 45.91 2.67
C CYS C 393 -11.77 45.94 2.94
N GLN C 394 -12.21 47.01 3.60
CA GLN C 394 -13.59 47.10 4.03
C GLN C 394 -14.51 47.39 2.83
N GLN C 395 -15.81 47.12 3.06
CA GLN C 395 -16.82 47.13 2.01
C GLN C 395 -16.96 48.51 1.39
N GLU C 396 -16.92 49.58 2.21
CA GLU C 396 -17.19 50.93 1.70
C GLU C 396 -16.20 51.35 0.64
N GLU C 397 -14.90 51.19 0.91
CA GLU C 397 -13.89 51.53 -0.09
C GLU C 397 -13.86 50.54 -1.25
N SER C 398 -14.14 49.26 -0.98
CA SER C 398 -14.25 48.28 -2.06
C SER C 398 -15.41 48.64 -2.99
N GLN C 399 -16.54 49.03 -2.44
CA GLN C 399 -17.65 49.53 -3.24
C GLN C 399 -17.27 50.83 -3.94
N ALA C 400 -16.49 51.68 -3.25
CA ALA C 400 -16.16 53.01 -3.74
C ALA C 400 -15.41 52.95 -5.07
N ALA C 401 -14.45 52.01 -5.18
CA ALA C 401 -13.47 52.01 -6.28
C ALA C 401 -14.14 51.97 -7.67
N ARG C 402 -15.28 51.31 -7.78
CA ARG C 402 -15.97 51.21 -9.05
C ARG C 402 -16.52 52.57 -9.44
N MET C 403 -17.01 53.35 -8.48
CA MET C 403 -17.52 54.67 -8.87
C MET C 403 -16.40 55.58 -9.34
N ILE C 404 -15.17 55.40 -8.84
CA ILE C 404 -14.03 56.12 -9.43
C ILE C 404 -13.85 55.71 -10.88
N HIS C 405 -13.92 54.40 -11.15
CA HIS C 405 -13.78 53.92 -12.54
C HIS C 405 -14.91 54.40 -13.44
N SER C 406 -16.14 54.38 -12.93
CA SER C 406 -17.32 54.76 -13.70
C SER C 406 -17.35 56.26 -13.94
N THR C 407 -17.07 57.03 -12.89
CA THR C 407 -17.06 58.48 -12.95
C THR C 407 -15.97 58.98 -13.87
N ALA C 408 -14.76 58.42 -13.76
CA ALA C 408 -13.69 58.80 -14.69
C ALA C 408 -14.03 58.43 -16.12
N GLY C 409 -14.58 57.24 -16.37
CA GLY C 409 -14.90 56.84 -17.73
C GLY C 409 -15.99 57.69 -18.36
N LEU C 410 -17.07 57.92 -17.61
CA LEU C 410 -18.21 58.63 -18.15
C LEU C 410 -17.90 60.11 -18.31
N TYR C 411 -17.29 60.72 -17.28
CA TYR C 411 -17.08 62.15 -17.38
C TYR C 411 -15.95 62.46 -18.34
N ASN C 412 -14.93 61.60 -18.45
CA ASN C 412 -13.90 61.80 -19.47
C ASN C 412 -14.47 61.74 -20.87
N GLN C 413 -15.36 60.76 -21.13
CA GLN C 413 -16.07 60.72 -22.40
C GLN C 413 -16.95 61.95 -22.59
N PHE C 414 -17.45 62.53 -21.51
CA PHE C 414 -18.16 63.81 -21.61
C PHE C 414 -17.21 64.96 -21.91
N ILE C 415 -15.99 64.92 -21.36
CA ILE C 415 -15.01 65.97 -21.60
C ILE C 415 -14.60 66.01 -23.07
N LYS C 416 -14.23 64.84 -23.62
CA LYS C 416 -13.88 64.81 -25.04
C LYS C 416 -15.07 65.05 -25.95
N GLY C 417 -16.27 64.62 -25.54
CA GLY C 417 -17.47 64.94 -26.31
C GLY C 417 -17.83 66.40 -26.22
N LEU C 418 -17.36 67.08 -25.18
CA LEU C 418 -17.65 68.48 -24.96
C LEU C 418 -16.71 69.32 -25.83
N ASP C 419 -15.40 69.20 -25.60
CA ASP C 419 -14.48 70.07 -26.34
C ASP C 419 -14.37 69.69 -27.82
N SER C 420 -14.98 68.57 -28.24
CA SER C 420 -14.99 68.24 -29.67
C SER C 420 -15.69 69.32 -30.49
N PHE C 421 -16.65 70.03 -29.92
CA PHE C 421 -17.32 71.14 -30.59
C PHE C 421 -16.87 72.50 -30.07
N SER C 422 -15.57 72.62 -29.74
CA SER C 422 -15.01 73.87 -29.22
C SER C 422 -15.19 75.01 -30.20
N GLY C 423 -14.97 74.76 -31.48
CA GLY C 423 -15.30 75.68 -32.54
C GLY C 423 -16.54 75.19 -33.27
N LYS C 424 -16.64 75.56 -34.55
CA LYS C 424 -17.69 75.14 -35.49
C LYS C 424 -19.08 75.42 -34.92
N PRO C 425 -19.55 76.68 -34.94
CA PRO C 425 -20.90 76.98 -34.42
C PRO C 425 -21.98 76.20 -35.15
N ARG C 426 -23.04 75.88 -34.41
CA ARG C 426 -24.06 74.95 -34.87
C ARG C 426 -24.80 75.44 -36.11
N GLY C 427 -25.33 76.65 -36.06
CA GLY C 427 -26.24 77.07 -37.10
C GLY C 427 -27.52 76.26 -37.05
N SER C 428 -27.76 75.43 -38.06
CA SER C 428 -28.94 74.58 -38.09
C SER C 428 -28.63 73.18 -38.63
N GLY C 429 -27.39 72.72 -38.52
CA GLY C 429 -27.02 71.49 -39.19
C GLY C 429 -26.96 70.24 -38.34
N PRO C 430 -26.26 69.22 -38.84
CA PRO C 430 -26.17 67.93 -38.12
C PRO C 430 -25.23 68.03 -36.93
N PRO C 431 -25.25 67.08 -35.97
CA PRO C 431 -24.44 67.27 -34.76
C PRO C 431 -22.94 67.10 -34.96
N ALA C 432 -22.18 67.89 -34.19
CA ALA C 432 -20.73 67.93 -34.34
C ALA C 432 -20.08 66.58 -34.02
N GLY C 433 -20.53 65.93 -32.95
CA GLY C 433 -20.03 64.63 -32.59
C GLY C 433 -21.17 63.72 -32.18
N PRO C 434 -20.85 62.64 -31.46
CA PRO C 434 -21.90 61.78 -30.91
C PRO C 434 -22.69 62.51 -29.85
N ALA C 435 -23.93 62.06 -29.66
CA ALA C 435 -24.83 62.65 -28.67
C ALA C 435 -24.22 62.60 -27.26
N LEU C 436 -24.27 63.73 -26.57
CA LEU C 436 -23.65 63.84 -25.26
C LEU C 436 -24.36 62.95 -24.24
N PRO C 437 -23.62 62.32 -23.33
CA PRO C 437 -24.22 61.49 -22.27
C PRO C 437 -24.87 62.32 -21.16
N ILE C 438 -25.84 63.14 -21.55
CA ILE C 438 -26.49 64.08 -20.63
C ILE C 438 -27.25 63.34 -19.52
N GLU C 439 -28.08 62.36 -19.90
CA GLU C 439 -28.84 61.64 -18.89
C GLU C 439 -27.96 60.77 -18.00
N ALA C 440 -26.91 60.19 -18.57
CA ALA C 440 -25.95 59.41 -17.79
C ALA C 440 -25.20 60.27 -16.80
N VAL C 441 -24.79 61.47 -17.24
CA VAL C 441 -24.04 62.37 -16.37
C VAL C 441 -24.95 62.92 -15.28
N ILE C 442 -26.16 63.35 -15.65
CA ILE C 442 -27.12 63.93 -14.69
C ILE C 442 -27.49 62.89 -13.62
N LEU C 443 -27.73 61.65 -14.04
CA LEU C 443 -28.00 60.57 -13.09
C LEU C 443 -26.79 60.33 -12.19
N SER C 444 -25.57 60.39 -12.74
CA SER C 444 -24.38 60.16 -11.92
C SER C 444 -24.17 61.31 -10.95
N LEU C 445 -24.48 62.54 -11.38
CA LEU C 445 -24.36 63.71 -10.53
C LEU C 445 -25.29 63.59 -9.33
N GLN C 446 -26.57 63.30 -9.60
CA GLN C 446 -27.53 63.22 -8.50
C GLN C 446 -27.27 62.00 -7.61
N ASP C 447 -26.69 60.92 -8.17
CA ASP C 447 -26.26 59.80 -7.34
C ASP C 447 -25.07 60.16 -6.46
N LEU C 448 -24.20 61.07 -6.93
CA LEU C 448 -23.03 61.39 -6.14
C LEU C 448 -23.28 62.49 -5.13
N ILE C 449 -24.19 63.42 -5.42
CA ILE C 449 -24.51 64.48 -4.46
C ILE C 449 -25.10 63.86 -3.20
N GLY C 450 -26.06 62.95 -3.38
CA GLY C 450 -26.57 62.23 -2.23
C GLY C 450 -25.58 61.21 -1.68
N TYR C 451 -24.65 60.72 -2.51
CA TYR C 451 -23.61 59.85 -1.99
C TYR C 451 -22.65 60.60 -1.06
N PHE C 452 -22.56 61.92 -1.21
CA PHE C 452 -21.73 62.76 -0.37
C PHE C 452 -22.54 63.72 0.49
N GLU C 453 -23.84 63.45 0.64
CA GLU C 453 -24.69 64.33 1.44
C GLU C 453 -24.27 64.25 2.91
N PRO C 454 -24.02 65.38 3.56
CA PRO C 454 -23.67 65.35 4.98
C PRO C 454 -24.81 64.77 5.81
N PRO C 455 -24.48 64.04 6.88
CA PRO C 455 -25.53 63.42 7.70
C PRO C 455 -26.41 64.45 8.38
N SER C 456 -27.66 64.05 8.63
CA SER C 456 -28.65 64.92 9.26
C SER C 456 -28.23 65.30 10.67
N GLU C 457 -28.60 66.52 11.07
CA GLU C 457 -28.18 67.07 12.35
C GLU C 457 -28.78 66.32 13.52
N GLU C 458 -30.01 65.81 13.38
CA GLU C 458 -30.72 65.17 14.48
C GLU C 458 -30.18 63.80 14.85
N LEU C 459 -29.19 63.27 14.12
CA LEU C 459 -28.56 62.01 14.47
C LEU C 459 -27.85 62.13 15.81
N GLN C 460 -27.85 61.03 16.56
CA GLN C 460 -27.16 60.99 17.84
C GLN C 460 -25.66 61.15 17.63
N HIS C 461 -25.03 61.93 18.50
CA HIS C 461 -23.60 62.25 18.39
C HIS C 461 -22.73 61.00 18.48
N GLU C 462 -23.22 59.97 19.18
CA GLU C 462 -22.53 58.69 19.27
C GLU C 462 -22.44 58.03 17.90
N GLU C 463 -23.47 58.18 17.08
CA GLU C 463 -23.52 57.58 15.76
C GLU C 463 -23.20 58.55 14.63
N LYS C 464 -23.44 59.85 14.85
CA LYS C 464 -23.21 60.86 13.82
C LYS C 464 -21.75 60.92 13.39
N GLN C 465 -20.82 60.86 14.35
CA GLN C 465 -19.40 60.94 14.04
C GLN C 465 -18.94 59.77 13.18
N SER C 466 -19.61 58.62 13.31
CA SER C 466 -19.28 57.47 12.47
C SER C 466 -19.57 57.80 11.02
N LYS C 467 -20.67 58.52 10.75
CA LYS C 467 -20.96 58.90 9.38
C LYS C 467 -20.01 60.00 8.91
N LEU C 468 -19.53 60.83 9.85
CA LEU C 468 -18.53 61.83 9.48
C LEU C 468 -17.25 61.17 9.00
N ARG C 469 -16.81 60.12 9.69
CA ARG C 469 -15.60 59.40 9.29
C ARG C 469 -15.71 58.83 7.88
N SER C 470 -16.86 58.22 7.58
CA SER C 470 -17.11 57.72 6.23
C SER C 470 -17.15 58.84 5.21
N LEU C 471 -17.73 59.99 5.58
CA LEU C 471 -17.79 61.13 4.68
C LEU C 471 -16.40 61.68 4.35
N ARG C 472 -15.56 61.83 5.38
CA ARG C 472 -14.18 62.29 5.16
C ARG C 472 -13.40 61.29 4.32
N ASN C 473 -13.56 59.99 4.62
CA ASN C 473 -12.81 58.97 3.88
C ASN C 473 -13.22 58.95 2.41
N ARG C 474 -14.54 59.03 2.14
CA ARG C 474 -15.02 59.03 0.76
C ARG C 474 -14.56 60.27 0.01
N GLN C 475 -14.66 61.45 0.63
CA GLN C 475 -14.21 62.69 0.00
C GLN C 475 -12.72 62.66 -0.26
N SER C 476 -11.94 62.14 0.70
CA SER C 476 -10.50 62.06 0.55
C SER C 476 -10.13 61.16 -0.62
N LEU C 477 -10.77 59.99 -0.73
CA LEU C 477 -10.47 59.08 -1.83
C LEU C 477 -10.86 59.67 -3.17
N PHE C 478 -12.03 60.30 -3.25
CA PHE C 478 -12.48 60.90 -4.51
C PHE C 478 -11.60 62.07 -4.92
N GLN C 479 -11.19 62.91 -3.97
CA GLN C 479 -10.27 64.00 -4.28
C GLN C 479 -8.92 63.45 -4.69
N GLU C 480 -8.44 62.42 -3.98
CA GLU C 480 -7.12 61.83 -4.20
C GLU C 480 -7.01 61.22 -5.59
N GLU C 481 -8.11 60.67 -6.10
CA GLU C 481 -8.10 60.15 -7.46
C GLU C 481 -8.13 61.25 -8.53
N GLY C 482 -8.09 62.52 -8.16
CA GLY C 482 -8.04 63.62 -9.09
C GLY C 482 -9.37 64.02 -9.69
N MET C 483 -10.45 63.35 -9.32
CA MET C 483 -11.77 63.71 -9.82
C MET C 483 -12.27 65.07 -9.34
N LEU C 484 -11.72 65.57 -8.23
CA LEU C 484 -12.00 66.96 -7.86
C LEU C 484 -11.46 67.92 -8.90
N SER C 485 -10.27 67.63 -9.46
CA SER C 485 -9.80 68.43 -10.57
C SER C 485 -10.53 68.10 -11.86
N LEU C 486 -10.97 66.84 -12.02
CA LEU C 486 -11.70 66.47 -13.22
C LEU C 486 -13.03 67.21 -13.28
N VAL C 487 -13.74 67.31 -12.15
CA VAL C 487 -14.97 68.08 -12.16
C VAL C 487 -14.66 69.57 -12.32
N LEU C 488 -13.51 70.05 -11.79
CA LEU C 488 -13.13 71.44 -12.04
C LEU C 488 -12.98 71.70 -13.52
N ASN C 489 -12.51 70.70 -14.26
CA ASN C 489 -12.45 70.79 -15.72
C ASN C 489 -13.86 70.94 -16.29
N CYS C 490 -14.84 70.24 -15.69
CA CYS C 490 -16.22 70.31 -16.18
C CYS C 490 -16.75 71.73 -16.03
N ILE C 491 -16.53 72.35 -14.87
CA ILE C 491 -16.94 73.75 -14.69
C ILE C 491 -16.21 74.66 -15.67
N ASP C 492 -14.90 74.45 -15.86
CA ASP C 492 -14.12 75.29 -16.78
C ASP C 492 -14.65 75.19 -18.22
N ARG C 493 -14.93 73.97 -18.67
CA ARG C 493 -15.46 73.75 -20.02
C ARG C 493 -16.85 74.36 -20.19
N LEU C 494 -17.73 74.22 -19.19
CA LEU C 494 -19.06 74.81 -19.32
C LEU C 494 -19.07 76.33 -19.20
N ASN C 495 -18.16 76.90 -18.40
CA ASN C 495 -18.18 78.33 -18.11
C ASN C 495 -17.83 79.20 -19.31
N VAL C 496 -17.17 78.64 -20.33
CA VAL C 496 -16.78 79.43 -21.52
C VAL C 496 -18.00 79.94 -22.30
N TYR C 497 -19.15 79.31 -22.14
CA TYR C 497 -20.37 79.73 -22.79
C TYR C 497 -21.18 80.60 -21.85
N THR C 498 -21.61 81.77 -22.35
CA THR C 498 -22.21 82.80 -21.50
C THR C 498 -23.64 82.46 -21.08
N THR C 499 -24.40 81.74 -21.89
CA THR C 499 -25.81 81.48 -21.58
C THR C 499 -26.22 80.18 -22.25
N ALA C 500 -27.47 79.78 -22.01
CA ALA C 500 -28.01 78.57 -22.63
C ALA C 500 -28.11 78.71 -24.14
N ALA C 501 -28.50 79.89 -24.63
CA ALA C 501 -28.55 80.12 -26.07
C ALA C 501 -27.17 80.00 -26.71
N HIS C 502 -26.15 80.59 -26.07
CA HIS C 502 -24.79 80.44 -26.57
C HIS C 502 -24.32 79.00 -26.46
N PHE C 503 -24.80 78.24 -25.47
CA PHE C 503 -24.46 76.84 -25.39
C PHE C 503 -25.13 76.06 -26.52
N ALA C 504 -26.33 76.49 -26.91
CA ALA C 504 -27.02 75.87 -28.04
C ALA C 504 -26.28 76.17 -29.33
N GLU C 505 -25.55 77.29 -29.36
CA GLU C 505 -24.83 77.67 -30.57
C GLU C 505 -23.62 76.79 -30.82
N TYR C 506 -23.21 75.95 -29.87
CA TYR C 506 -22.09 75.05 -30.05
C TYR C 506 -22.40 73.61 -29.73
N ALA C 507 -23.50 73.31 -29.05
CA ALA C 507 -23.85 71.93 -28.71
C ALA C 507 -25.19 71.51 -29.27
N GLY C 508 -26.18 72.38 -29.26
CA GLY C 508 -27.50 72.07 -29.76
C GLY C 508 -28.60 72.37 -28.76
N GLU C 509 -29.82 72.39 -29.29
CA GLU C 509 -31.01 72.66 -28.49
C GLU C 509 -31.28 71.57 -27.48
N GLU C 510 -30.83 70.34 -27.76
CA GLU C 510 -31.05 69.25 -26.81
C GLU C 510 -30.20 69.44 -25.55
N ALA C 511 -29.00 70.01 -25.70
CA ALA C 511 -28.13 70.20 -24.56
C ALA C 511 -28.36 71.54 -23.86
N ALA C 512 -28.98 72.50 -24.57
CA ALA C 512 -29.26 73.77 -23.93
C ALA C 512 -30.34 73.63 -22.86
N GLU C 513 -31.12 72.55 -22.89
CA GLU C 513 -32.15 72.36 -21.87
C GLU C 513 -31.51 71.98 -20.55
N SER C 514 -30.47 71.15 -20.60
CA SER C 514 -29.83 70.66 -19.39
C SER C 514 -28.61 71.48 -18.98
N TRP C 515 -28.33 72.58 -19.70
CA TRP C 515 -27.16 73.41 -19.37
C TRP C 515 -27.27 74.03 -17.97
N LYS C 516 -28.41 74.65 -17.68
CA LYS C 516 -28.61 75.27 -16.38
C LYS C 516 -28.70 74.24 -15.28
N GLU C 517 -29.18 73.04 -15.61
CA GLU C 517 -29.26 71.98 -14.60
C GLU C 517 -27.87 71.51 -14.22
N ILE C 518 -27.03 71.22 -15.23
CA ILE C 518 -25.72 70.63 -14.96
C ILE C 518 -24.81 71.62 -14.25
N VAL C 519 -24.90 72.92 -14.60
CA VAL C 519 -24.00 73.89 -13.97
C VAL C 519 -24.27 73.99 -12.46
N ASN C 520 -25.55 73.97 -12.06
CA ASN C 520 -25.87 73.93 -10.64
C ASN C 520 -25.46 72.63 -9.98
N LEU C 521 -25.67 71.50 -10.68
CA LEU C 521 -25.34 70.20 -10.08
C LEU C 521 -23.84 70.05 -9.86
N LEU C 522 -23.02 70.54 -10.79
CA LEU C 522 -21.58 70.37 -10.66
C LEU C 522 -21.06 71.11 -9.44
N TYR C 523 -21.56 72.33 -9.20
CA TYR C 523 -21.19 73.07 -8.00
C TYR C 523 -21.65 72.36 -6.73
N GLU C 524 -22.86 71.78 -6.76
CA GLU C 524 -23.34 71.03 -5.60
C GLU C 524 -22.43 69.84 -5.30
N LEU C 525 -22.04 69.11 -6.34
CA LEU C 525 -21.12 67.98 -6.19
C LEU C 525 -19.76 68.43 -5.66
N LEU C 526 -19.24 69.54 -6.20
CA LEU C 526 -17.99 70.11 -5.71
C LEU C 526 -18.06 70.51 -4.24
N ALA C 527 -19.14 71.19 -3.85
CA ALA C 527 -19.33 71.58 -2.46
C ALA C 527 -19.43 70.36 -1.54
N SER C 528 -20.12 69.32 -2.00
CA SER C 528 -20.17 68.06 -1.25
C SER C 528 -18.79 67.44 -1.12
N LEU C 529 -17.99 67.49 -2.19
CA LEU C 529 -16.66 66.91 -2.16
C LEU C 529 -15.74 67.65 -1.22
N ILE C 530 -15.82 68.98 -1.22
CA ILE C 530 -14.80 69.76 -0.52
C ILE C 530 -15.18 70.03 0.94
N ARG C 531 -16.48 70.08 1.26
CA ARG C 531 -16.92 70.48 2.59
C ARG C 531 -16.47 69.47 3.65
N GLY C 532 -16.02 70.01 4.78
CA GLY C 532 -15.67 69.22 5.94
C GLY C 532 -14.24 68.76 5.99
N ASN C 533 -13.50 68.80 4.87
CA ASN C 533 -12.13 68.29 4.84
C ASN C 533 -11.15 69.44 4.69
N ARG C 534 -10.23 69.53 5.65
CA ARG C 534 -9.16 70.52 5.59
C ARG C 534 -8.20 70.18 4.46
N ALA C 535 -7.82 68.91 4.33
CA ALA C 535 -6.86 68.51 3.31
C ALA C 535 -7.42 68.70 1.90
N ASN C 536 -8.66 68.24 1.68
CA ASN C 536 -9.28 68.42 0.37
C ASN C 536 -9.54 69.90 0.09
N CYS C 537 -9.78 70.68 1.13
CA CYS C 537 -10.01 72.10 0.96
C CYS C 537 -8.73 72.88 0.69
N ALA C 538 -7.58 72.37 1.14
CA ALA C 538 -6.30 73.06 0.98
C ALA C 538 -5.89 73.22 -0.48
N LEU C 539 -6.43 72.42 -1.39
CA LEU C 539 -6.09 72.51 -2.81
C LEU C 539 -6.55 73.80 -3.47
N PHE C 540 -7.40 74.58 -2.82
CA PHE C 540 -7.94 75.81 -3.38
C PHE C 540 -7.13 77.05 -2.99
N SER C 541 -5.88 76.85 -2.57
CA SER C 541 -5.00 77.98 -2.26
C SER C 541 -4.50 78.65 -3.53
N THR C 542 -4.24 77.87 -4.58
CA THR C 542 -3.68 78.39 -5.81
C THR C 542 -4.74 78.94 -6.76
N ASN C 543 -5.84 78.21 -6.94
CA ASN C 543 -6.91 78.63 -7.83
C ASN C 543 -8.05 79.34 -7.09
N LEU C 544 -7.70 80.09 -6.06
CA LEU C 544 -8.69 80.89 -5.34
C LEU C 544 -9.35 81.91 -6.26
N ASP C 545 -8.55 82.59 -7.09
CA ASP C 545 -9.12 83.57 -8.01
C ASP C 545 -9.99 82.91 -9.08
N TRP C 546 -9.78 81.61 -9.33
CA TRP C 546 -10.57 80.88 -10.29
C TRP C 546 -12.04 80.84 -9.85
N VAL C 547 -12.27 80.47 -8.58
CA VAL C 547 -13.64 80.46 -8.08
C VAL C 547 -14.13 81.90 -7.91
N VAL C 548 -13.23 82.84 -7.55
CA VAL C 548 -13.66 84.23 -7.30
C VAL C 548 -14.18 84.86 -8.59
N SER C 549 -13.59 84.51 -9.73
CA SER C 549 -13.99 85.06 -11.01
C SER C 549 -15.39 84.64 -11.46
N LYS C 550 -15.98 83.62 -10.85
CA LYS C 550 -17.27 83.09 -11.30
C LYS C 550 -18.46 83.58 -10.51
N LEU C 551 -18.25 84.35 -9.43
CA LEU C 551 -19.36 84.88 -8.65
C LEU C 551 -20.22 85.86 -9.44
N ASP C 552 -19.66 86.50 -10.46
CA ASP C 552 -20.44 87.43 -11.28
C ASP C 552 -21.49 86.69 -12.13
N ARG C 553 -21.18 85.47 -12.55
CA ARG C 553 -22.03 84.70 -13.46
C ARG C 553 -23.39 84.44 -12.83
N LEU C 554 -24.45 84.67 -13.61
CA LEU C 554 -25.81 84.54 -13.11
C LEU C 554 -26.41 83.16 -13.27
N GLU C 555 -25.80 82.28 -14.07
CA GLU C 555 -26.37 80.95 -14.28
C GLU C 555 -26.40 80.12 -12.98
N ALA C 556 -25.34 80.19 -12.18
CA ALA C 556 -25.29 79.51 -10.88
C ALA C 556 -24.58 80.44 -9.89
N SER C 557 -25.36 81.28 -9.21
CA SER C 557 -24.84 82.25 -8.26
C SER C 557 -24.63 81.66 -6.87
N SER C 558 -25.68 81.07 -6.30
CA SER C 558 -25.56 80.51 -4.96
C SER C 558 -24.72 79.26 -4.94
N GLY C 559 -24.61 78.52 -6.05
CA GLY C 559 -23.79 77.32 -6.05
C GLY C 559 -22.32 77.65 -5.84
N ILE C 560 -21.82 78.65 -6.58
CA ILE C 560 -20.42 79.01 -6.46
C ILE C 560 -20.22 79.74 -5.13
N LEU C 561 -21.21 80.53 -4.69
CA LEU C 561 -21.08 81.22 -3.40
C LEU C 561 -20.97 80.22 -2.25
N GLU C 562 -21.74 79.13 -2.33
CA GLU C 562 -21.64 78.05 -1.34
C GLU C 562 -20.29 77.37 -1.40
N VAL C 563 -19.75 77.17 -2.62
CA VAL C 563 -18.42 76.57 -2.76
C VAL C 563 -17.35 77.43 -2.10
N LEU C 564 -17.44 78.74 -2.33
CA LEU C 564 -16.52 79.70 -1.70
C LEU C 564 -16.65 79.67 -0.19
N TYR C 565 -17.89 79.60 0.31
CA TYR C 565 -18.11 79.56 1.76
C TYR C 565 -17.49 78.30 2.36
N CYS C 566 -17.65 77.16 1.67
CA CYS C 566 -17.06 75.91 2.13
C CYS C 566 -15.56 75.98 2.12
N VAL C 567 -14.97 76.75 1.20
CA VAL C 567 -13.52 76.88 1.18
C VAL C 567 -13.07 77.69 2.39
N LEU C 568 -13.81 78.76 2.68
CA LEU C 568 -13.36 79.72 3.69
C LEU C 568 -13.52 79.18 5.10
N ILE C 569 -14.64 78.48 5.39
CA ILE C 569 -14.82 78.02 6.76
C ILE C 569 -13.92 76.86 7.12
N GLU C 570 -13.18 76.32 6.15
CA GLU C 570 -12.40 75.11 6.36
C GLU C 570 -10.90 75.36 6.26
N SER C 571 -10.42 76.20 5.35
CA SER C 571 -8.97 76.40 5.24
C SER C 571 -8.58 77.78 5.75
N PRO C 572 -7.95 77.88 6.91
CA PRO C 572 -7.42 79.19 7.37
C PRO C 572 -6.33 79.77 6.48
N GLU C 573 -5.61 78.93 5.74
CA GLU C 573 -4.53 79.41 4.90
C GLU C 573 -5.03 80.18 3.68
N VAL C 574 -6.26 79.87 3.23
CA VAL C 574 -6.86 80.58 2.10
C VAL C 574 -7.06 82.05 2.43
N LEU C 575 -7.42 82.35 3.69
CA LEU C 575 -7.65 83.73 4.11
C LEU C 575 -6.40 84.60 3.98
N ASN C 576 -5.21 84.00 4.08
CA ASN C 576 -3.98 84.76 3.92
C ASN C 576 -3.75 85.15 2.46
N ILE C 577 -4.48 84.54 1.53
CA ILE C 577 -4.27 84.75 0.10
C ILE C 577 -5.23 85.81 -0.47
N ILE C 578 -6.33 86.11 0.23
CA ILE C 578 -7.34 87.03 -0.28
C ILE C 578 -6.80 88.46 -0.32
N GLN C 579 -6.88 89.09 -1.50
CA GLN C 579 -6.46 90.47 -1.68
C GLN C 579 -7.66 91.43 -1.81
N GLU C 580 -7.31 92.68 -2.11
CA GLU C 580 -8.27 93.74 -2.30
C GLU C 580 -9.19 93.48 -3.50
N ASN C 581 -8.66 92.81 -4.53
CA ASN C 581 -9.45 92.50 -5.71
C ASN C 581 -10.59 91.54 -5.34
N HIS C 582 -10.28 90.56 -4.50
CA HIS C 582 -11.26 89.57 -4.11
C HIS C 582 -12.29 90.22 -3.21
N ILE C 583 -11.86 91.13 -2.33
CA ILE C 583 -12.80 91.79 -1.43
C ILE C 583 -13.79 92.62 -2.22
N LYS C 584 -13.28 93.39 -3.21
CA LYS C 584 -14.16 94.22 -4.04
C LYS C 584 -15.09 93.36 -4.88
N SER C 585 -14.64 92.15 -5.23
CA SER C 585 -15.46 91.22 -5.99
C SER C 585 -16.64 90.75 -5.14
N ILE C 586 -16.36 90.36 -3.90
CA ILE C 586 -17.40 89.87 -3.00
C ILE C 586 -18.40 90.98 -2.69
N ILE C 587 -17.91 92.21 -2.43
CA ILE C 587 -18.78 93.35 -2.15
C ILE C 587 -19.65 93.66 -3.38
N SER C 588 -19.11 93.44 -4.57
CA SER C 588 -19.88 93.68 -5.79
C SER C 588 -21.12 92.79 -5.86
N LEU C 589 -21.09 91.62 -5.20
CA LEU C 589 -22.28 90.78 -5.17
C LEU C 589 -23.42 91.47 -4.43
N LEU C 590 -23.11 92.10 -3.31
CA LEU C 590 -24.13 92.86 -2.59
C LEU C 590 -24.63 94.02 -3.45
N ASP C 591 -23.71 94.63 -4.21
CA ASP C 591 -24.11 95.67 -5.17
C ASP C 591 -25.03 95.16 -6.27
N LYS C 592 -24.75 93.99 -6.83
CA LYS C 592 -25.42 93.48 -8.03
C LYS C 592 -26.57 92.53 -7.77
N HIS C 593 -26.46 91.67 -6.76
CA HIS C 593 -27.43 90.61 -6.49
C HIS C 593 -28.32 90.92 -5.30
N GLY C 594 -28.35 92.15 -4.83
CA GLY C 594 -29.23 92.50 -3.74
C GLY C 594 -28.66 92.15 -2.37
N ARG C 595 -29.55 92.10 -1.39
CA ARG C 595 -29.18 91.85 0.00
C ARG C 595 -29.20 90.36 0.29
N ASN C 596 -28.17 89.68 -0.21
CA ASN C 596 -27.99 88.25 0.03
C ASN C 596 -27.24 88.12 1.36
N HIS C 597 -27.96 87.68 2.39
CA HIS C 597 -27.38 87.62 3.74
C HIS C 597 -26.23 86.62 3.83
N LYS C 598 -26.20 85.62 2.95
CA LYS C 598 -25.11 84.65 2.96
C LYS C 598 -23.77 85.28 2.61
N VAL C 599 -23.80 86.36 1.82
CA VAL C 599 -22.57 87.06 1.46
C VAL C 599 -21.95 87.66 2.72
N LEU C 600 -22.79 88.17 3.62
CA LEU C 600 -22.30 88.65 4.91
C LEU C 600 -21.61 87.54 5.68
N ASP C 601 -22.12 86.30 5.59
CA ASP C 601 -21.45 85.17 6.22
C ASP C 601 -20.10 84.87 5.58
N VAL C 602 -19.98 85.11 4.27
CA VAL C 602 -18.69 84.98 3.59
C VAL C 602 -17.70 86.02 4.13
N LEU C 603 -18.16 87.26 4.28
CA LEU C 603 -17.31 88.30 4.86
C LEU C 603 -17.01 88.00 6.33
N CYS C 604 -18.00 87.47 7.06
CA CYS C 604 -17.82 87.12 8.46
C CYS C 604 -16.80 86.01 8.63
N SER C 605 -16.66 85.16 7.61
CA SER C 605 -15.70 84.08 7.68
C SER C 605 -14.33 84.54 7.20
N LEU C 606 -14.28 85.60 6.40
CA LEU C 606 -13.00 86.11 5.94
C LEU C 606 -12.25 86.87 7.02
N CYS C 607 -12.93 87.30 8.09
CA CYS C 607 -12.24 88.01 9.15
C CYS C 607 -11.46 87.05 10.06
N VAL C 608 -12.16 86.08 10.66
CA VAL C 608 -11.57 85.17 11.62
C VAL C 608 -11.78 83.74 11.16
N CYS C 609 -10.70 82.96 11.12
CA CYS C 609 -10.75 81.53 10.86
C CYS C 609 -9.96 80.81 11.93
N ASN C 610 -10.60 79.81 12.57
CA ASN C 610 -10.03 79.04 13.68
C ASN C 610 -9.60 79.93 14.85
N GLY C 611 -10.34 81.01 15.08
CA GLY C 611 -10.10 81.85 16.23
C GLY C 611 -8.89 82.75 16.17
N VAL C 612 -8.38 83.08 14.98
CA VAL C 612 -7.25 83.99 14.85
C VAL C 612 -7.67 85.14 13.94
N ALA C 613 -7.22 86.34 14.29
CA ALA C 613 -7.56 87.53 13.54
C ALA C 613 -6.70 87.66 12.30
N VAL C 614 -7.27 88.24 11.24
CA VAL C 614 -6.54 88.56 10.01
C VAL C 614 -6.80 90.04 9.76
N ARG C 615 -5.93 90.90 10.28
CA ARG C 615 -6.18 92.33 10.25
C ARG C 615 -6.06 92.91 8.84
N SER C 616 -5.36 92.23 7.94
CA SER C 616 -5.29 92.69 6.55
C SER C 616 -6.66 92.61 5.90
N ASN C 617 -7.32 91.46 6.03
CA ASN C 617 -8.64 91.31 5.44
C ASN C 617 -9.65 92.17 6.18
N GLN C 618 -9.50 92.32 7.50
CA GLN C 618 -10.46 93.11 8.26
C GLN C 618 -10.42 94.56 7.84
N ASP C 619 -9.21 95.09 7.60
CA ASP C 619 -9.10 96.47 7.15
C ASP C 619 -9.58 96.64 5.72
N LEU C 620 -9.29 95.68 4.83
CA LEU C 620 -9.77 95.84 3.45
C LEU C 620 -11.29 95.82 3.37
N ILE C 621 -11.93 94.94 4.16
CA ILE C 621 -13.38 94.87 4.22
C ILE C 621 -13.96 96.18 4.73
N THR C 622 -13.37 96.73 5.79
CA THR C 622 -13.91 97.97 6.31
C THR C 622 -13.56 99.14 5.42
N GLU C 623 -12.47 99.03 4.68
CA GLU C 623 -12.02 100.13 3.82
C GLU C 623 -12.95 100.29 2.65
N ASN C 624 -13.56 99.18 2.21
CA ASN C 624 -14.35 99.20 0.99
C ASN C 624 -15.85 99.11 1.22
N LEU C 625 -16.30 98.63 2.37
CA LEU C 625 -17.72 98.42 2.58
C LEU C 625 -18.35 99.54 3.41
N LEU C 626 -17.77 99.82 4.57
CA LEU C 626 -18.33 100.79 5.51
C LEU C 626 -18.42 102.24 5.02
N PRO C 627 -17.38 102.89 4.47
CA PRO C 627 -17.50 104.34 4.18
C PRO C 627 -18.55 104.73 3.15
N GLY C 628 -18.85 103.85 2.19
CA GLY C 628 -19.80 104.18 1.14
C GLY C 628 -21.20 104.50 1.63
N ARG C 629 -21.65 103.79 2.68
CA ARG C 629 -22.99 103.94 3.29
C ARG C 629 -24.09 103.77 2.26
N GLU C 630 -23.91 102.81 1.36
CA GLU C 630 -24.86 102.52 0.30
C GLU C 630 -25.43 101.12 0.37
N LEU C 631 -24.69 100.14 0.87
CA LEU C 631 -25.19 98.77 0.92
C LEU C 631 -25.83 98.47 2.27
N LEU C 632 -25.04 98.57 3.33
CA LEU C 632 -25.51 98.24 4.66
C LEU C 632 -26.49 99.30 5.17
N LEU C 633 -27.56 98.82 5.80
CA LEU C 633 -28.55 99.72 6.39
C LEU C 633 -27.95 100.52 7.53
N GLN C 634 -28.26 101.82 7.56
CA GLN C 634 -27.75 102.72 8.58
C GLN C 634 -28.84 103.04 9.58
N THR C 635 -28.45 103.16 10.84
CA THR C 635 -29.37 103.45 11.93
C THR C 635 -28.99 104.78 12.57
N ASN C 636 -29.92 105.34 13.35
CA ASN C 636 -29.75 106.61 14.05
C ASN C 636 -30.95 106.79 14.97
N LEU C 637 -30.79 107.69 15.94
CA LEU C 637 -31.88 108.11 16.81
C LEU C 637 -32.47 109.37 16.22
N ILE C 638 -33.79 109.39 16.05
CA ILE C 638 -34.47 110.47 15.34
C ILE C 638 -35.66 110.93 16.18
N ASN C 639 -35.83 112.25 16.29
CA ASN C 639 -36.90 112.82 17.09
C ASN C 639 -38.26 112.61 16.43
N TYR C 640 -39.29 112.53 17.27
CA TYR C 640 -40.66 112.52 16.79
C TYR C 640 -41.06 113.94 16.39
N VAL C 641 -41.63 114.08 15.19
CA VAL C 641 -42.04 115.37 14.65
C VAL C 641 -43.51 115.27 14.32
N THR C 642 -44.31 116.25 14.75
CA THR C 642 -45.72 116.26 14.46
C THR C 642 -46.13 117.62 13.90
N SER C 643 -47.22 117.62 13.14
CA SER C 643 -47.75 118.83 12.53
C SER C 643 -49.08 119.21 13.14
N ILE C 644 -49.36 120.51 13.13
CA ILE C 644 -50.56 121.10 13.73
C ILE C 644 -51.11 122.14 12.76
N ARG C 645 -52.43 122.10 12.53
CA ARG C 645 -53.08 123.00 11.59
C ARG C 645 -54.30 123.68 12.20
N PRO C 646 -54.62 124.88 11.75
CA PRO C 646 -55.93 125.45 12.04
C PRO C 646 -56.96 124.94 11.05
N ASN C 647 -58.23 124.98 11.46
CA ASN C 647 -59.34 124.60 10.59
C ASN C 647 -59.69 125.72 9.60
N ILE C 648 -58.71 126.05 8.75
CA ILE C 648 -58.84 127.12 7.78
C ILE C 648 -58.25 126.58 6.49
N PHE C 649 -59.10 126.28 5.51
CA PHE C 649 -58.68 125.68 4.26
C PHE C 649 -59.06 126.65 3.14
N VAL C 650 -58.12 126.89 2.22
CA VAL C 650 -58.35 127.84 1.14
C VAL C 650 -57.96 127.20 -0.18
N GLY C 651 -58.53 127.73 -1.26
CA GLY C 651 -58.25 127.20 -2.59
C GLY C 651 -58.94 128.04 -3.64
N ARG C 652 -58.63 127.73 -4.89
CA ARG C 652 -59.16 128.45 -6.05
C ARG C 652 -59.73 127.44 -7.03
N ALA C 653 -60.85 127.79 -7.65
CA ALA C 653 -61.48 126.96 -8.68
C ALA C 653 -62.37 127.85 -9.53
N GLU C 654 -62.78 127.31 -10.67
CA GLU C 654 -63.67 128.04 -11.57
C GLU C 654 -65.03 128.22 -10.90
N GLY C 655 -65.45 129.48 -10.73
CA GLY C 655 -66.66 129.78 -9.98
C GLY C 655 -66.54 129.48 -8.51
N SER C 656 -65.37 129.71 -7.91
CA SER C 656 -65.17 129.48 -6.50
C SER C 656 -65.82 130.58 -5.67
N THR C 657 -66.17 130.23 -4.44
CA THR C 657 -66.76 131.17 -3.50
C THR C 657 -65.73 131.69 -2.49
N GLN C 658 -64.45 131.43 -2.73
CA GLN C 658 -63.38 131.81 -1.82
C GLN C 658 -62.57 132.97 -2.41
N TYR C 659 -61.64 133.47 -1.61
CA TYR C 659 -60.74 134.55 -2.00
C TYR C 659 -59.30 134.06 -1.98
N GLY C 660 -58.57 134.28 -3.07
CA GLY C 660 -57.23 133.72 -3.20
C GLY C 660 -56.10 134.59 -2.69
N LYS C 661 -56.26 135.19 -1.51
CA LYS C 661 -55.22 136.01 -0.90
C LYS C 661 -55.38 135.92 0.60
N TRP C 662 -54.42 135.31 1.29
CA TRP C 662 -54.54 135.04 2.72
C TRP C 662 -53.22 135.30 3.42
N TYR C 663 -53.30 135.50 4.73
CA TYR C 663 -52.18 135.97 5.53
C TYR C 663 -52.34 135.51 6.96
N PHE C 664 -51.41 134.71 7.45
CA PHE C 664 -51.40 134.28 8.84
C PHE C 664 -50.01 134.48 9.41
N GLU C 665 -49.90 134.45 10.74
CA GLU C 665 -48.62 134.62 11.39
C GLU C 665 -48.45 133.61 12.50
N VAL C 666 -47.19 133.27 12.79
CA VAL C 666 -46.87 132.39 13.90
C VAL C 666 -45.76 133.04 14.72
N MET C 667 -45.97 133.12 16.04
CA MET C 667 -45.04 133.74 16.96
C MET C 667 -44.39 132.68 17.83
N VAL C 668 -43.10 132.85 18.11
CA VAL C 668 -42.32 131.87 18.86
C VAL C 668 -42.24 132.29 20.32
N ASP C 669 -42.64 131.41 21.23
CA ASP C 669 -42.54 131.70 22.66
C ASP C 669 -41.25 131.14 23.26
N GLU C 670 -41.07 129.82 23.19
CA GLU C 670 -39.90 129.15 23.75
C GLU C 670 -39.46 128.05 22.80
N VAL C 671 -38.18 128.08 22.40
CA VAL C 671 -37.58 127.04 21.57
C VAL C 671 -36.24 126.65 22.19
N VAL C 672 -36.10 125.37 22.51
CA VAL C 672 -34.84 124.84 23.05
C VAL C 672 -33.95 124.51 21.87
N PRO C 673 -32.72 125.04 21.80
CA PRO C 673 -31.84 124.75 20.65
C PRO C 673 -31.51 123.28 20.47
N PHE C 674 -31.31 122.54 21.56
CA PHE C 674 -31.00 121.12 21.46
C PHE C 674 -31.59 120.42 22.68
N LEU C 675 -32.80 119.90 22.51
CA LEU C 675 -33.36 119.05 23.56
C LEU C 675 -32.78 117.65 23.49
N THR C 676 -32.48 117.17 22.28
CA THR C 676 -31.90 115.85 22.05
C THR C 676 -30.62 115.99 21.26
N ALA C 677 -30.06 114.85 20.83
CA ALA C 677 -28.87 114.87 19.99
C ALA C 677 -29.14 115.54 18.66
N GLN C 678 -30.29 115.27 18.05
CA GLN C 678 -30.68 115.91 16.81
C GLN C 678 -31.38 117.24 17.14
N ALA C 679 -31.17 118.22 16.27
CA ALA C 679 -31.66 119.58 16.47
C ALA C 679 -33.19 119.61 16.54
N THR C 680 -33.72 120.48 17.39
CA THR C 680 -35.16 120.65 17.52
C THR C 680 -35.76 121.14 16.21
N HIS C 681 -36.85 120.49 15.78
CA HIS C 681 -37.47 120.79 14.50
C HIS C 681 -38.55 121.86 14.68
N LEU C 682 -38.57 122.82 13.76
CA LEU C 682 -39.60 123.86 13.77
C LEU C 682 -39.70 124.47 12.38
N ARG C 683 -40.82 124.24 11.70
CA ARG C 683 -41.09 124.84 10.39
C ARG C 683 -42.53 125.33 10.36
N VAL C 684 -42.76 126.45 9.68
CA VAL C 684 -44.09 127.03 9.52
C VAL C 684 -44.35 127.25 8.04
N GLY C 685 -45.53 126.87 7.57
CA GLY C 685 -45.85 127.06 6.17
C GLY C 685 -47.21 126.53 5.81
N TRP C 686 -47.39 126.24 4.52
CA TRP C 686 -48.65 125.77 3.98
C TRP C 686 -48.55 124.28 3.65
N ALA C 687 -49.70 123.68 3.37
CA ALA C 687 -49.78 122.28 2.98
C ALA C 687 -51.01 122.06 2.11
N LEU C 688 -51.17 120.83 1.64
CA LEU C 688 -52.19 120.47 0.67
C LEU C 688 -53.03 119.32 1.21
N THR C 689 -54.34 119.35 0.95
CA THR C 689 -55.30 118.44 1.57
C THR C 689 -55.43 117.09 0.89
N GLU C 690 -54.68 116.83 -0.18
CA GLU C 690 -54.88 115.65 -1.02
C GLU C 690 -53.59 114.87 -1.15
N GLY C 691 -52.95 114.58 -0.01
CA GLY C 691 -51.74 113.77 -0.03
C GLY C 691 -50.71 114.10 1.03
N TYR C 692 -50.89 115.19 1.76
CA TYR C 692 -49.97 115.50 2.87
C TYR C 692 -50.46 114.75 4.09
N SER C 693 -49.96 113.53 4.27
CA SER C 693 -50.31 112.70 5.41
C SER C 693 -49.05 112.45 6.21
N PRO C 694 -48.78 113.22 7.26
CA PRO C 694 -47.57 113.07 8.08
C PRO C 694 -47.70 112.02 9.18
N TYR C 695 -47.53 110.77 8.77
CA TYR C 695 -47.57 109.66 9.72
C TYR C 695 -46.33 109.73 10.60
N PRO C 696 -46.49 109.74 11.93
CA PRO C 696 -45.33 109.91 12.82
C PRO C 696 -44.35 108.74 12.74
N GLY C 697 -43.09 109.05 12.98
CA GLY C 697 -42.06 108.04 12.98
C GLY C 697 -41.23 108.08 11.71
N GLY C 698 -40.95 106.90 11.14
CA GLY C 698 -40.14 106.82 9.95
C GLY C 698 -40.90 107.21 8.70
N GLY C 699 -40.17 107.21 7.59
CA GLY C 699 -40.75 107.56 6.31
C GLY C 699 -39.71 108.04 5.33
N GLU C 700 -40.03 109.09 4.59
CA GLU C 700 -39.13 109.61 3.58
C GLU C 700 -37.91 110.28 4.21
N GLY C 701 -36.78 110.15 3.52
CA GLY C 701 -35.54 110.79 3.97
C GLY C 701 -35.02 110.16 5.24
N TRP C 702 -34.73 111.00 6.23
CA TRP C 702 -34.15 110.56 7.50
C TRP C 702 -35.10 110.83 8.66
N GLY C 703 -36.38 110.50 8.47
CA GLY C 703 -37.36 110.57 9.54
C GLY C 703 -37.70 111.98 9.99
N GLY C 704 -38.58 112.04 10.97
CA GLY C 704 -39.06 113.31 11.52
C GLY C 704 -39.75 114.16 10.48
N ASN C 705 -40.59 113.55 9.65
CA ASN C 705 -41.18 114.24 8.53
C ASN C 705 -42.16 115.32 8.98
N GLY C 706 -42.06 116.48 8.36
CA GLY C 706 -42.93 117.61 8.63
C GLY C 706 -43.35 118.34 7.37
N VAL C 707 -43.11 119.64 7.34
CA VAL C 707 -43.45 120.47 6.20
C VAL C 707 -42.24 120.60 5.29
N GLY C 708 -42.42 120.31 4.01
CA GLY C 708 -41.35 120.39 3.03
C GLY C 708 -40.73 119.08 2.65
N ASP C 709 -41.03 117.99 3.37
CA ASP C 709 -40.49 116.69 3.03
C ASP C 709 -40.99 116.21 1.67
N ASP C 710 -42.29 116.37 1.41
CA ASP C 710 -42.90 116.03 0.14
C ASP C 710 -43.51 117.28 -0.48
N LEU C 711 -43.85 117.18 -1.76
CA LEU C 711 -44.30 118.34 -2.52
C LEU C 711 -45.72 118.78 -2.21
N TYR C 712 -46.37 118.23 -1.20
CA TYR C 712 -47.67 118.70 -0.78
C TYR C 712 -47.57 119.77 0.29
N SER C 713 -46.36 120.17 0.67
CA SER C 713 -46.17 121.15 1.71
C SER C 713 -45.12 122.16 1.28
N TYR C 714 -45.26 123.39 1.76
CA TYR C 714 -44.33 124.47 1.48
C TYR C 714 -44.07 125.20 2.78
N GLY C 715 -42.83 125.16 3.29
CA GLY C 715 -42.53 125.75 4.57
C GLY C 715 -41.23 126.52 4.57
N PHE C 716 -41.01 127.22 5.68
CA PHE C 716 -39.83 128.07 5.87
C PHE C 716 -39.37 127.93 7.32
N ASP C 717 -38.20 127.31 7.51
CA ASP C 717 -37.69 126.98 8.83
C ASP C 717 -37.05 128.16 9.55
N GLY C 718 -36.96 129.32 8.90
CA GLY C 718 -36.22 130.45 9.38
C GLY C 718 -34.91 130.67 8.66
N LEU C 719 -34.41 129.66 7.95
CA LEU C 719 -33.20 129.81 7.15
C LEU C 719 -33.30 129.23 5.75
N HIS C 720 -34.28 128.39 5.46
CA HIS C 720 -34.39 127.74 4.15
C HIS C 720 -35.86 127.66 3.78
N LEU C 721 -36.12 127.55 2.48
CA LEU C 721 -37.46 127.27 1.98
C LEU C 721 -37.55 125.79 1.68
N TRP C 722 -38.17 125.05 2.58
CA TRP C 722 -38.23 123.60 2.46
C TRP C 722 -39.33 123.18 1.50
N THR C 723 -38.98 122.27 0.60
CA THR C 723 -39.90 121.62 -0.34
C THR C 723 -39.22 120.41 -0.95
N GLY C 724 -39.93 119.29 -1.01
CA GLY C 724 -39.41 118.05 -1.56
C GLY C 724 -38.21 117.50 -0.83
N HIS C 725 -38.16 117.65 0.50
CA HIS C 725 -37.08 117.17 1.38
C HIS C 725 -35.73 117.82 1.02
N VAL C 726 -35.77 119.05 0.48
CA VAL C 726 -34.57 119.78 0.09
C VAL C 726 -34.60 121.14 0.76
N ALA C 727 -33.48 121.56 1.33
CA ALA C 727 -33.34 122.85 1.97
C ALA C 727 -32.52 123.76 1.06
N ARG C 728 -33.05 124.95 0.80
CA ARG C 728 -32.40 125.91 -0.07
C ARG C 728 -32.18 127.19 0.73
N PRO C 729 -30.93 127.61 0.95
CA PRO C 729 -30.68 128.82 1.74
C PRO C 729 -31.24 130.07 1.09
N VAL C 730 -31.78 130.96 1.91
CA VAL C 730 -32.34 132.22 1.45
C VAL C 730 -31.73 133.37 2.27
N THR C 731 -31.29 134.39 1.58
CA THR C 731 -30.75 135.58 2.24
C THR C 731 -31.89 136.35 2.88
N SER C 732 -31.71 136.74 4.14
CA SER C 732 -32.72 137.48 4.87
C SER C 732 -32.06 138.61 5.65
N PRO C 733 -32.79 139.69 5.94
CA PRO C 733 -32.22 140.77 6.76
C PRO C 733 -32.11 140.40 8.23
N GLY C 734 -31.03 139.71 8.59
CA GLY C 734 -30.88 139.19 9.94
C GLY C 734 -31.27 137.74 10.00
N GLN C 735 -30.74 136.95 9.07
CA GLN C 735 -31.13 135.55 8.95
C GLN C 735 -30.59 134.73 10.10
N HIS C 736 -31.48 133.92 10.69
CA HIS C 736 -31.14 132.93 11.71
C HIS C 736 -32.31 131.98 11.87
N LEU C 737 -32.05 130.89 12.60
CA LEU C 737 -33.09 129.93 12.93
C LEU C 737 -34.11 130.62 13.84
N LEU C 738 -35.38 130.18 13.74
CA LEU C 738 -36.48 130.76 14.49
C LEU C 738 -36.24 130.70 15.99
N ALA C 739 -36.03 131.85 16.59
CA ALA C 739 -35.76 132.04 18.00
C ALA C 739 -37.00 132.63 18.65
N PRO C 740 -37.05 132.74 19.99
CA PRO C 740 -38.16 133.46 20.63
C PRO C 740 -38.24 134.91 20.18
N GLU C 741 -39.49 135.40 20.10
CA GLU C 741 -39.84 136.75 19.62
C GLU C 741 -39.42 136.92 18.15
N ASP C 742 -39.94 136.02 17.32
CA ASP C 742 -39.72 136.05 15.88
C ASP C 742 -41.07 136.02 15.18
N VAL C 743 -41.17 136.79 14.10
CA VAL C 743 -42.41 136.94 13.35
C VAL C 743 -42.32 136.12 12.08
N VAL C 744 -43.28 135.24 11.87
CA VAL C 744 -43.36 134.40 10.68
C VAL C 744 -44.67 134.76 9.99
N SER C 745 -44.61 135.70 9.04
CA SER C 745 -45.78 136.17 8.31
C SER C 745 -45.88 135.42 6.98
N CYS C 746 -46.90 134.58 6.84
CA CYS C 746 -47.12 133.79 5.63
C CYS C 746 -48.20 134.45 4.79
N CYS C 747 -47.83 134.82 3.56
CA CYS C 747 -48.69 135.46 2.57
C CYS C 747 -48.90 134.51 1.40
N LEU C 748 -50.16 134.25 1.04
CA LEU C 748 -50.46 133.31 -0.03
C LEU C 748 -51.40 133.97 -1.02
N ASP C 749 -50.91 134.22 -2.24
CA ASP C 749 -51.75 134.67 -3.33
C ASP C 749 -51.99 133.49 -4.26
N LEU C 750 -53.27 133.19 -4.50
CA LEU C 750 -53.68 132.12 -5.38
C LEU C 750 -54.14 132.61 -6.76
N SER C 751 -54.18 133.93 -6.98
CA SER C 751 -54.45 134.44 -8.32
C SER C 751 -53.35 134.02 -9.29
N VAL C 752 -52.11 134.29 -8.93
CA VAL C 752 -50.94 133.69 -9.58
C VAL C 752 -50.32 132.92 -8.42
N PRO C 753 -49.87 131.68 -8.62
CA PRO C 753 -49.35 130.90 -7.48
C PRO C 753 -48.12 131.52 -6.82
N SER C 754 -48.26 131.98 -5.58
CA SER C 754 -47.13 132.65 -4.94
C SER C 754 -47.27 132.59 -3.43
N ILE C 755 -46.23 132.09 -2.78
CA ILE C 755 -46.16 132.00 -1.32
C ILE C 755 -45.00 132.85 -0.84
N SER C 756 -45.29 133.83 -0.01
CA SER C 756 -44.35 134.82 0.47
C SER C 756 -44.19 134.65 1.98
N PHE C 757 -42.99 134.88 2.47
CA PHE C 757 -42.72 134.81 3.90
C PHE C 757 -42.07 136.12 4.33
N ARG C 758 -42.39 136.55 5.54
CA ARG C 758 -41.79 137.74 6.12
C ARG C 758 -41.26 137.42 7.51
N ILE C 759 -40.02 137.81 7.77
CA ILE C 759 -39.37 137.60 9.06
C ILE C 759 -39.20 138.97 9.71
N ASN C 760 -39.92 139.16 10.82
CA ASN C 760 -39.90 140.39 11.63
C ASN C 760 -40.17 141.63 10.77
N GLY C 761 -41.18 141.52 9.91
CA GLY C 761 -41.57 142.58 8.99
C GLY C 761 -40.78 142.55 7.70
N CYS C 762 -39.48 142.30 7.77
CA CYS C 762 -38.64 142.18 6.58
C CYS C 762 -39.01 140.93 5.80
N PRO C 763 -39.35 141.05 4.52
CA PRO C 763 -39.80 139.87 3.77
C PRO C 763 -38.66 138.91 3.46
N VAL C 764 -38.97 137.62 3.55
CA VAL C 764 -38.01 136.59 3.18
C VAL C 764 -37.85 136.57 1.67
N GLN C 765 -36.62 136.77 1.21
CA GLN C 765 -36.33 136.94 -0.22
C GLN C 765 -36.36 135.60 -0.95
N GLY C 766 -37.57 135.07 -1.08
CA GLY C 766 -37.83 133.82 -1.77
C GLY C 766 -39.31 133.53 -1.81
N VAL C 767 -39.84 133.18 -2.98
CA VAL C 767 -41.27 132.95 -3.17
C VAL C 767 -41.46 131.70 -4.03
N PHE C 768 -42.33 130.80 -3.57
CA PHE C 768 -42.68 129.63 -4.37
C PHE C 768 -43.51 130.06 -5.57
N GLU C 769 -43.30 129.40 -6.70
CA GLU C 769 -44.02 129.72 -7.92
C GLU C 769 -44.27 128.43 -8.68
N ALA C 770 -45.28 128.46 -9.56
CA ALA C 770 -45.65 127.36 -10.45
C ALA C 770 -45.91 126.06 -9.68
N PHE C 771 -46.54 126.19 -8.53
CA PHE C 771 -46.89 125.05 -7.71
C PHE C 771 -48.32 124.62 -7.98
N ASN C 772 -48.58 123.34 -7.69
CA ASN C 772 -49.90 122.76 -7.90
C ASN C 772 -50.92 123.44 -7.01
N LEU C 773 -52.10 123.66 -7.57
CA LEU C 773 -53.17 124.34 -6.86
C LEU C 773 -54.36 123.45 -6.58
N ASP C 774 -54.50 122.34 -7.30
CA ASP C 774 -55.57 121.37 -7.09
C ASP C 774 -55.56 120.86 -5.65
N GLY C 775 -56.73 120.86 -5.03
CA GLY C 775 -56.82 120.64 -3.61
C GLY C 775 -57.01 121.95 -2.86
N LEU C 776 -56.71 121.91 -1.57
CA LEU C 776 -56.87 123.04 -0.69
C LEU C 776 -55.55 123.38 -0.01
N PHE C 777 -55.46 124.60 0.51
CA PHE C 777 -54.27 125.07 1.20
C PHE C 777 -54.65 125.47 2.62
N PHE C 778 -53.80 125.09 3.58
CA PHE C 778 -54.08 125.36 4.98
C PHE C 778 -52.78 125.63 5.71
N PRO C 779 -52.80 126.45 6.77
CA PRO C 779 -51.59 126.66 7.57
C PRO C 779 -51.20 125.39 8.30
N VAL C 780 -49.90 125.23 8.51
CA VAL C 780 -49.37 124.05 9.20
C VAL C 780 -48.04 124.41 9.86
N VAL C 781 -47.85 123.93 11.09
CA VAL C 781 -46.59 124.06 11.80
C VAL C 781 -46.09 122.65 12.14
N SER C 782 -44.86 122.37 11.76
CA SER C 782 -44.24 121.07 12.01
C SER C 782 -43.16 121.27 13.07
N PHE C 783 -43.33 120.61 14.20
CA PHE C 783 -42.43 120.80 15.32
C PHE C 783 -42.06 119.48 15.95
N SER C 784 -40.84 119.44 16.48
CA SER C 784 -40.42 118.35 17.34
C SER C 784 -40.75 118.73 18.78
N ALA C 785 -40.38 117.86 19.70
CA ALA C 785 -40.67 118.08 21.12
C ALA C 785 -39.87 119.24 21.69
N GLY C 786 -40.52 120.03 22.54
CA GLY C 786 -39.83 121.10 23.25
C GLY C 786 -39.97 122.48 22.65
N VAL C 787 -41.18 122.82 22.21
CA VAL C 787 -41.47 124.14 21.63
C VAL C 787 -42.77 124.69 22.20
N LYS C 788 -42.89 126.02 22.11
CA LYS C 788 -44.13 126.73 22.39
C LYS C 788 -44.32 127.77 21.29
N VAL C 789 -45.40 127.68 20.53
CA VAL C 789 -45.67 128.64 19.48
C VAL C 789 -47.11 129.14 19.57
N ARG C 790 -47.36 130.30 18.97
CA ARG C 790 -48.68 130.92 19.00
C ARG C 790 -49.14 131.19 17.57
N PHE C 791 -50.43 130.97 17.34
CA PHE C 791 -51.07 131.18 16.04
C PHE C 791 -51.72 132.56 16.06
N LEU C 792 -51.13 133.52 15.33
CA LEU C 792 -51.69 134.84 15.19
C LEU C 792 -52.46 134.84 13.87
N LEU C 793 -53.76 134.56 13.96
CA LEU C 793 -54.64 134.53 12.81
C LEU C 793 -55.38 135.86 12.63
N GLY C 794 -55.09 136.86 13.46
CA GLY C 794 -55.66 138.18 13.31
C GLY C 794 -57.08 138.24 13.80
N GLY C 795 -57.63 139.46 13.77
CA GLY C 795 -59.00 139.69 14.21
C GLY C 795 -59.19 139.34 15.67
N ARG C 796 -60.17 138.48 15.92
CA ARG C 796 -60.42 137.99 17.27
C ARG C 796 -59.37 136.95 17.69
N HIS C 797 -58.60 136.41 16.75
CA HIS C 797 -57.62 135.36 17.01
C HIS C 797 -56.18 135.84 16.89
N GLY C 798 -55.91 137.05 17.35
CA GLY C 798 -54.58 137.61 17.36
C GLY C 798 -54.61 139.06 16.95
N GLU C 799 -53.42 139.61 16.69
CA GLU C 799 -53.30 141.01 16.29
C GLU C 799 -52.39 141.23 15.09
N PHE C 800 -51.64 140.20 14.66
CA PHE C 800 -50.69 140.14 13.55
C PHE C 800 -49.39 140.90 13.79
N LYS C 801 -49.34 141.76 14.83
CA LYS C 801 -48.18 142.56 15.25
C LYS C 801 -47.48 143.35 14.14
N PHE C 802 -48.13 143.49 12.98
CA PHE C 802 -47.61 143.99 11.73
C PHE C 802 -48.80 144.19 10.81
N LEU C 803 -48.80 145.27 10.05
CA LEU C 803 -49.88 145.49 9.08
C LEU C 803 -49.79 144.45 7.97
N PRO C 804 -50.87 143.73 7.67
CA PRO C 804 -50.83 142.77 6.56
C PRO C 804 -50.67 143.48 5.23
N PRO C 805 -50.03 142.85 4.25
CA PRO C 805 -49.91 143.45 2.92
C PRO C 805 -51.27 143.69 2.31
N PRO C 806 -51.44 144.77 1.55
CA PRO C 806 -52.74 145.11 0.97
C PRO C 806 -53.28 144.03 0.04
N GLY C 807 -54.58 143.78 0.14
CA GLY C 807 -55.23 142.75 -0.62
C GLY C 807 -55.24 141.39 0.02
N TYR C 808 -54.43 141.17 1.05
CA TYR C 808 -54.35 139.87 1.71
C TYR C 808 -55.25 139.87 2.94
N ALA C 809 -56.05 138.85 3.06
CA ALA C 809 -57.01 138.85 4.14
C ALA C 809 -56.52 138.01 5.31
N PRO C 810 -56.91 138.39 6.54
CA PRO C 810 -56.61 137.55 7.70
C PRO C 810 -57.24 136.17 7.57
N CYS C 811 -56.50 135.15 8.02
CA CYS C 811 -56.92 133.77 7.83
C CYS C 811 -58.13 133.37 8.66
N HIS C 812 -58.46 134.11 9.72
CA HIS C 812 -59.65 133.78 10.50
C HIS C 812 -60.95 134.03 9.75
N GLU C 813 -60.90 134.71 8.61
CA GLU C 813 -62.08 135.02 7.82
C GLU C 813 -62.46 133.90 6.87
N ALA C 814 -61.68 132.82 6.81
CA ALA C 814 -61.97 131.70 5.94
C ALA C 814 -62.65 130.53 6.66
N VAL C 815 -63.01 130.70 7.94
CA VAL C 815 -63.65 129.63 8.68
C VAL C 815 -65.06 129.40 8.13
N LEU C 816 -65.41 128.12 7.97
CA LEU C 816 -66.73 127.76 7.47
C LEU C 816 -67.80 128.13 8.50
N PRO C 817 -69.00 128.54 8.05
CA PRO C 817 -70.03 129.00 9.00
C PRO C 817 -70.48 127.95 9.99
N ARG C 818 -70.53 126.68 9.58
CA ARG C 818 -71.03 125.63 10.47
C ARG C 818 -70.07 125.36 11.62
N GLU C 819 -68.78 125.30 11.32
CA GLU C 819 -67.78 124.90 12.30
C GLU C 819 -67.21 126.11 13.04
N ARG C 820 -66.74 125.85 14.25
CA ARG C 820 -66.05 126.83 15.07
C ARG C 820 -64.56 126.52 15.05
N LEU C 821 -63.74 127.56 15.01
CA LEU C 821 -62.30 127.40 14.88
C LEU C 821 -61.70 126.71 16.10
N ARG C 822 -60.74 125.82 15.83
CA ARG C 822 -60.00 125.11 16.86
C ARG C 822 -58.67 124.71 16.27
N LEU C 823 -57.84 124.07 17.09
CA LEU C 823 -56.51 123.64 16.68
C LEU C 823 -56.48 122.10 16.68
N GLU C 824 -56.12 121.52 15.53
CA GLU C 824 -56.14 120.08 15.34
C GLU C 824 -54.93 119.67 14.50
N PRO C 825 -54.48 118.43 14.62
CA PRO C 825 -53.39 117.96 13.76
C PRO C 825 -53.92 117.61 12.36
N ILE C 826 -53.02 117.09 11.54
CA ILE C 826 -53.34 116.64 10.19
C ILE C 826 -53.98 115.27 10.35
N LYS C 827 -54.55 114.71 9.26
CA LYS C 827 -55.20 113.40 9.20
C LYS C 827 -54.41 112.32 9.91
N GLU C 828 -55.04 111.71 10.91
CA GLU C 828 -54.35 110.81 11.82
C GLU C 828 -55.06 109.49 12.00
N TYR C 829 -54.59 108.71 12.97
CA TYR C 829 -55.17 107.41 13.27
C TYR C 829 -55.39 107.18 14.75
N ARG C 830 -55.09 108.14 15.61
CA ARG C 830 -55.18 107.92 17.04
C ARG C 830 -55.34 109.27 17.74
N ARG C 831 -56.03 109.26 18.87
CA ARG C 831 -56.18 110.45 19.70
C ARG C 831 -56.45 109.98 21.12
N GLU C 832 -56.22 110.89 22.07
CA GLU C 832 -56.41 110.57 23.48
C GLU C 832 -57.89 110.36 23.78
N GLY C 833 -58.16 109.51 24.76
CA GLY C 833 -59.51 109.23 25.19
C GLY C 833 -59.65 109.22 26.69
N PRO C 834 -60.89 109.44 27.18
CA PRO C 834 -61.15 109.47 28.63
C PRO C 834 -60.82 108.16 29.35
N ARG C 835 -61.44 107.07 28.93
CA ARG C 835 -61.18 105.78 29.56
C ARG C 835 -60.05 105.01 28.89
N GLY C 836 -59.81 105.26 27.61
CA GLY C 836 -58.74 104.60 26.89
C GLY C 836 -58.54 105.26 25.54
N PRO C 837 -57.37 105.07 24.94
CA PRO C 837 -57.10 105.63 23.60
C PRO C 837 -58.08 105.10 22.56
N HIS C 838 -58.50 105.98 21.67
CA HIS C 838 -59.49 105.65 20.66
C HIS C 838 -58.81 105.59 19.31
N LEU C 839 -58.91 104.43 18.65
CA LEU C 839 -58.46 104.35 17.27
C LEU C 839 -59.41 105.16 16.42
N VAL C 840 -58.84 106.01 15.56
CA VAL C 840 -59.59 106.98 14.80
C VAL C 840 -59.62 106.57 13.34
N GLY C 841 -60.81 106.33 12.81
CA GLY C 841 -61.01 106.10 11.41
C GLY C 841 -60.76 107.40 10.68
N PRO C 842 -60.20 107.32 9.44
CA PRO C 842 -59.87 108.51 8.61
C PRO C 842 -60.82 109.70 8.66
N SER C 843 -60.30 110.92 8.63
CA SER C 843 -61.13 112.11 8.76
C SER C 843 -61.64 112.55 7.39
N ARG C 844 -62.93 112.86 7.33
CA ARG C 844 -63.52 113.39 6.11
C ARG C 844 -62.95 114.78 5.85
N CYS C 845 -62.47 115.00 4.64
CA CYS C 845 -61.79 116.24 4.29
C CYS C 845 -62.60 117.01 3.28
N LEU C 846 -62.72 118.32 3.51
CA LEU C 846 -63.43 119.20 2.60
C LEU C 846 -62.62 119.37 1.31
N SER C 847 -63.30 119.70 0.24
CA SER C 847 -62.70 119.80 -1.09
C SER C 847 -63.02 121.15 -1.73
N HIS C 848 -62.13 121.56 -2.64
CA HIS C 848 -62.34 122.80 -3.39
C HIS C 848 -63.62 122.71 -4.22
N THR C 849 -63.88 121.54 -4.81
CA THR C 849 -65.13 121.29 -5.54
C THR C 849 -66.38 121.50 -4.68
N ASP C 850 -66.25 121.46 -3.35
CA ASP C 850 -67.35 121.73 -2.44
C ASP C 850 -67.53 123.22 -2.17
N PHE C 851 -66.72 124.09 -2.77
CA PHE C 851 -66.94 125.52 -2.65
C PHE C 851 -67.50 126.15 -3.92
N VAL C 852 -67.63 125.38 -5.00
CA VAL C 852 -68.26 125.91 -6.20
C VAL C 852 -69.74 125.58 -6.11
N PRO C 853 -70.64 126.56 -6.24
CA PRO C 853 -72.06 126.22 -6.23
C PRO C 853 -72.50 125.78 -7.62
N CYS C 854 -72.93 124.53 -7.73
CA CYS C 854 -73.32 123.93 -9.00
C CYS C 854 -74.80 123.58 -9.00
N PRO C 855 -75.66 124.49 -9.43
CA PRO C 855 -77.09 124.23 -9.42
C PRO C 855 -77.49 123.49 -10.69
N VAL C 856 -78.79 123.23 -10.84
CA VAL C 856 -79.32 122.70 -12.08
C VAL C 856 -79.79 123.87 -12.94
N ASP C 857 -79.34 123.88 -14.21
CA ASP C 857 -79.66 124.98 -15.11
C ASP C 857 -81.17 125.07 -15.34
N THR C 858 -81.70 126.28 -15.19
CA THR C 858 -83.14 126.52 -15.33
C THR C 858 -83.44 127.44 -16.50
N VAL C 859 -82.82 127.21 -17.66
CA VAL C 859 -83.05 128.02 -18.85
C VAL C 859 -83.79 127.24 -19.92
N GLN C 860 -83.27 126.06 -20.30
CA GLN C 860 -83.86 125.29 -21.41
C GLN C 860 -85.06 124.47 -20.89
N ILE C 861 -86.10 125.20 -20.48
CA ILE C 861 -87.34 124.62 -19.98
C ILE C 861 -88.51 125.40 -20.58
N VAL C 862 -89.23 124.78 -21.52
CA VAL C 862 -90.46 125.39 -22.01
C VAL C 862 -91.54 125.28 -20.93
N LEU C 863 -92.19 126.40 -20.65
CA LEU C 863 -93.10 126.49 -19.51
C LEU C 863 -94.44 125.84 -19.86
N PRO C 864 -94.91 124.88 -19.07
CA PRO C 864 -96.09 124.07 -19.45
C PRO C 864 -97.40 124.81 -19.26
N PRO C 865 -98.47 124.34 -19.92
CA PRO C 865 -99.79 124.97 -19.74
C PRO C 865 -100.34 124.87 -18.33
N HIS C 866 -100.14 123.74 -17.64
CA HIS C 866 -100.70 123.60 -16.30
C HIS C 866 -99.98 124.50 -15.31
N LEU C 867 -98.75 124.91 -15.65
CA LEU C 867 -97.99 125.83 -14.82
C LEU C 867 -98.40 127.27 -15.09
N GLU C 868 -98.50 127.68 -16.37
CA GLU C 868 -98.99 129.04 -16.65
C GLU C 868 -100.43 129.23 -16.16
N ARG C 869 -101.20 128.14 -16.09
CA ARG C 869 -102.53 128.18 -15.50
C ARG C 869 -102.48 128.51 -14.01
N ILE C 870 -101.41 128.14 -13.31
CA ILE C 870 -101.31 128.45 -11.90
C ILE C 870 -100.15 129.44 -11.65
N ARG C 871 -99.80 130.20 -12.68
CA ARG C 871 -98.69 131.15 -12.63
C ARG C 871 -98.95 132.31 -11.67
N GLU C 872 -100.20 132.53 -11.28
CA GLU C 872 -100.59 133.75 -10.58
C GLU C 872 -100.68 133.56 -9.07
N LYS C 873 -101.45 132.58 -8.60
CA LYS C 873 -101.67 132.39 -7.17
C LYS C 873 -100.39 132.08 -6.41
N LEU C 874 -99.53 131.22 -6.98
CA LEU C 874 -98.22 130.93 -6.41
C LEU C 874 -97.27 132.12 -6.41
N ALA C 875 -97.56 133.17 -7.16
CA ALA C 875 -96.80 134.41 -7.08
C ALA C 875 -97.43 135.38 -6.08
N GLU C 876 -98.77 135.47 -6.12
CA GLU C 876 -99.51 136.33 -5.20
C GLU C 876 -99.27 135.90 -3.76
N ASN C 877 -99.02 134.62 -3.54
CA ASN C 877 -98.81 134.11 -2.20
C ASN C 877 -97.37 134.30 -1.77
N ILE C 878 -96.48 134.74 -2.65
CA ILE C 878 -95.10 135.00 -2.27
C ILE C 878 -94.69 136.44 -2.59
N HIS C 879 -95.68 137.32 -2.72
CA HIS C 879 -95.35 138.73 -2.95
C HIS C 879 -95.13 139.51 -1.66
N GLU C 880 -95.77 139.12 -0.56
CA GLU C 880 -95.51 139.74 0.73
C GLU C 880 -95.43 138.72 1.86
N LEU C 881 -95.08 137.47 1.52
CA LEU C 881 -94.99 136.44 2.55
C LEU C 881 -93.88 136.77 3.54
N TRP C 882 -92.75 137.30 3.04
CA TRP C 882 -91.72 137.79 3.95
C TRP C 882 -92.18 139.00 4.76
N ALA C 883 -93.23 139.69 4.30
CA ALA C 883 -93.75 140.87 4.96
C ALA C 883 -94.77 140.53 6.04
N LEU C 884 -95.33 139.32 6.01
CA LEU C 884 -96.41 138.98 6.93
C LEU C 884 -95.96 138.90 8.39
N THR C 885 -94.72 138.46 8.62
CA THR C 885 -94.22 138.17 9.96
C THR C 885 -94.16 139.43 10.84
N ARG C 886 -93.75 140.55 10.26
CA ARG C 886 -93.39 141.75 11.02
C ARG C 886 -94.48 142.80 11.12
N ILE C 887 -95.69 142.55 10.60
CA ILE C 887 -96.77 143.52 10.75
C ILE C 887 -97.21 143.52 12.21
N GLU C 888 -97.73 144.67 12.67
CA GLU C 888 -98.10 144.94 14.07
C GLU C 888 -96.90 144.86 15.01
N GLN C 889 -95.71 145.17 14.50
CA GLN C 889 -94.48 145.25 15.28
C GLN C 889 -93.83 146.61 15.03
N GLY C 890 -92.58 146.77 15.44
CA GLY C 890 -91.82 147.97 15.10
C GLY C 890 -91.67 148.20 13.60
N TRP C 891 -91.70 147.14 12.81
CA TRP C 891 -91.67 147.24 11.35
C TRP C 891 -93.10 147.15 10.80
N THR C 892 -93.90 148.16 11.16
CA THR C 892 -95.29 148.25 10.72
C THR C 892 -95.40 149.35 9.68
N TYR C 893 -96.06 149.02 8.56
CA TYR C 893 -96.09 149.82 7.35
C TYR C 893 -96.76 151.19 7.60
N GLY C 894 -96.52 152.11 6.66
CA GLY C 894 -97.11 153.43 6.67
C GLY C 894 -97.38 153.85 5.23
N PRO C 895 -98.49 154.58 5.02
CA PRO C 895 -98.85 155.01 3.65
C PRO C 895 -97.84 155.92 2.96
N VAL C 896 -97.06 156.69 3.71
CA VAL C 896 -96.12 157.63 3.09
C VAL C 896 -94.97 156.89 2.39
N ARG C 897 -94.49 155.79 2.95
CA ARG C 897 -93.32 155.09 2.45
C ARG C 897 -93.71 153.74 1.85
N ASP C 898 -92.69 152.98 1.48
CA ASP C 898 -92.85 151.69 0.82
C ASP C 898 -91.83 150.73 1.44
N ASP C 899 -91.55 149.62 0.73
CA ASP C 899 -90.61 148.61 1.19
C ASP C 899 -89.20 149.19 1.41
N ASN C 900 -88.42 148.46 2.23
CA ASN C 900 -87.01 148.71 2.53
C ASN C 900 -86.78 149.99 3.32
N LYS C 901 -87.82 150.56 3.95
CA LYS C 901 -87.71 151.82 4.68
C LYS C 901 -87.97 151.61 6.18
N ARG C 902 -87.55 150.46 6.73
CA ARG C 902 -87.71 150.03 8.12
C ARG C 902 -89.17 149.93 8.58
N LEU C 903 -90.12 150.10 7.67
CA LEU C 903 -91.56 149.97 7.85
C LEU C 903 -92.14 149.24 6.63
N HIS C 904 -91.44 148.18 6.25
CA HIS C 904 -91.59 147.53 4.94
C HIS C 904 -92.99 147.06 4.49
N PRO C 905 -93.87 146.34 5.34
CA PRO C 905 -94.86 145.38 4.79
C PRO C 905 -95.64 145.64 3.49
N CYS C 906 -96.42 146.72 3.42
CA CYS C 906 -97.28 147.08 2.28
C CYS C 906 -98.10 145.89 1.80
N LEU C 907 -98.99 145.42 2.67
CA LEU C 907 -99.78 144.21 2.45
C LEU C 907 -100.86 144.35 1.39
N VAL C 908 -101.08 145.57 0.86
CA VAL C 908 -102.24 145.87 0.00
C VAL C 908 -102.26 144.96 -1.22
N ASN C 909 -101.25 145.11 -2.08
CA ASN C 909 -101.10 144.36 -3.32
C ASN C 909 -99.75 144.72 -3.91
N PHE C 910 -99.36 143.96 -4.93
CA PHE C 910 -98.14 144.22 -5.69
C PHE C 910 -98.35 145.24 -6.79
N HIS C 911 -99.60 145.61 -7.09
CA HIS C 911 -99.84 146.72 -8.01
C HIS C 911 -99.34 148.03 -7.43
N SER C 912 -99.57 148.25 -6.13
CA SER C 912 -99.00 149.41 -5.46
C SER C 912 -97.48 149.34 -5.45
N LEU C 913 -96.93 148.12 -5.37
CA LEU C 913 -95.50 147.92 -5.38
C LEU C 913 -94.95 148.10 -6.80
N PRO C 914 -93.65 148.42 -6.95
CA PRO C 914 -93.09 148.69 -8.28
C PRO C 914 -93.23 147.53 -9.26
N GLU C 915 -93.55 147.88 -10.51
CA GLU C 915 -93.80 146.90 -11.57
C GLU C 915 -92.63 145.96 -11.90
N PRO C 916 -91.35 146.42 -12.06
CA PRO C 916 -90.28 145.46 -12.42
C PRO C 916 -90.08 144.37 -11.39
N GLU C 917 -89.93 144.71 -10.11
CA GLU C 917 -89.82 143.68 -9.09
C GLU C 917 -91.11 142.87 -8.97
N ARG C 918 -92.26 143.45 -9.34
CA ARG C 918 -93.53 142.74 -9.33
C ARG C 918 -93.52 141.57 -10.31
N ASN C 919 -93.40 141.85 -11.62
CA ASN C 919 -93.36 140.76 -12.58
C ASN C 919 -92.09 139.91 -12.43
N TYR C 920 -91.03 140.46 -11.83
CA TYR C 920 -89.89 139.66 -11.41
C TYR C 920 -90.30 138.62 -10.38
N ASN C 921 -91.15 138.99 -9.42
CA ASN C 921 -91.63 138.04 -8.42
C ASN C 921 -92.53 136.98 -9.07
N LEU C 922 -93.38 137.39 -10.02
CA LEU C 922 -94.15 136.42 -10.81
C LEU C 922 -93.23 135.40 -11.49
N GLN C 923 -92.23 135.88 -12.22
CA GLN C 923 -91.38 134.95 -12.94
C GLN C 923 -90.35 134.28 -12.02
N MET C 924 -90.18 134.75 -10.78
CA MET C 924 -89.48 133.96 -9.76
C MET C 924 -90.32 132.81 -9.24
N SER C 925 -91.64 133.01 -9.09
CA SER C 925 -92.53 131.88 -8.82
C SER C 925 -92.50 130.88 -9.97
N GLY C 926 -92.53 131.39 -11.21
CA GLY C 926 -92.31 130.54 -12.37
C GLY C 926 -90.94 129.86 -12.37
N GLU C 927 -89.92 130.57 -11.88
CA GLU C 927 -88.57 130.03 -11.82
C GLU C 927 -88.48 128.87 -10.83
N THR C 928 -89.15 129.01 -9.68
CA THR C 928 -89.26 127.90 -8.74
C THR C 928 -89.99 126.72 -9.35
N LEU C 929 -91.08 126.97 -10.08
CA LEU C 929 -91.74 125.87 -10.81
C LEU C 929 -90.83 125.26 -11.89
N LYS C 930 -89.95 126.06 -12.49
CA LYS C 930 -89.02 125.52 -13.49
C LYS C 930 -87.96 124.66 -12.82
N THR C 931 -87.53 125.06 -11.62
CA THR C 931 -86.67 124.20 -10.81
C THR C 931 -87.38 122.89 -10.44
N LEU C 932 -88.69 122.96 -10.16
CA LEU C 932 -89.46 121.74 -9.88
C LEU C 932 -89.47 120.82 -11.10
N LEU C 933 -89.60 121.41 -12.29
CA LEU C 933 -89.54 120.64 -13.53
C LEU C 933 -88.18 119.99 -13.71
N ALA C 934 -87.10 120.79 -13.60
CA ALA C 934 -85.75 120.27 -13.81
C ALA C 934 -85.39 119.23 -12.76
N LEU C 935 -85.94 119.35 -11.56
CA LEU C 935 -85.73 118.35 -10.51
C LEU C 935 -86.49 117.07 -10.84
N GLY C 936 -87.67 117.20 -11.44
CA GLY C 936 -88.51 116.04 -11.70
C GLY C 936 -89.86 116.05 -11.00
N CYS C 937 -90.43 117.24 -10.81
CA CYS C 937 -91.75 117.40 -10.20
C CYS C 937 -92.78 117.74 -11.27
N HIS C 938 -93.89 117.02 -11.26
CA HIS C 938 -95.00 117.23 -12.19
C HIS C 938 -96.30 117.21 -11.40
N VAL C 939 -97.32 117.87 -11.93
CA VAL C 939 -98.53 118.17 -11.16
C VAL C 939 -99.73 117.44 -11.78
N GLY C 940 -100.67 117.08 -10.91
CA GLY C 940 -101.92 116.46 -11.32
C GLY C 940 -103.04 116.84 -10.39
N MET C 941 -104.22 117.10 -10.94
CA MET C 941 -105.35 117.64 -10.19
C MET C 941 -106.38 116.53 -10.00
N ALA C 942 -106.74 116.28 -8.73
CA ALA C 942 -107.75 115.28 -8.41
C ALA C 942 -108.95 115.89 -7.69
N ASP C 943 -108.75 116.53 -6.53
CA ASP C 943 -109.84 116.69 -5.58
C ASP C 943 -110.53 118.06 -5.81
N GLU C 944 -111.38 118.46 -4.86
CA GLU C 944 -112.10 119.73 -4.87
C GLU C 944 -111.17 120.93 -4.97
N LYS C 945 -111.56 121.92 -5.78
CA LYS C 945 -110.75 123.10 -6.01
C LYS C 945 -110.62 123.89 -4.71
N ALA C 946 -109.38 124.08 -4.24
CA ALA C 946 -109.12 124.81 -3.01
C ALA C 946 -109.62 126.25 -3.03
N GLU C 947 -109.73 126.85 -4.22
CA GLU C 947 -110.25 128.22 -4.38
C GLU C 947 -111.61 128.39 -3.72
N ASP C 948 -112.46 127.37 -3.79
CA ASP C 948 -113.79 127.45 -3.17
C ASP C 948 -113.67 127.42 -1.65
N ASN C 949 -112.90 126.47 -1.11
CA ASN C 949 -112.88 126.16 0.31
C ASN C 949 -111.72 126.90 0.99
N LEU C 950 -111.16 127.90 0.31
CA LEU C 950 -110.18 128.81 0.87
C LEU C 950 -110.82 130.17 1.05
N LYS C 951 -110.35 130.90 2.07
CA LYS C 951 -110.86 132.24 2.34
C LYS C 951 -109.72 133.12 2.84
N LYS C 952 -109.92 134.42 2.73
CA LYS C 952 -109.00 135.42 3.26
C LYS C 952 -109.49 135.87 4.62
N THR C 953 -108.58 135.93 5.59
CA THR C 953 -108.93 136.20 6.97
C THR C 953 -108.37 137.57 7.37
N LYS C 954 -109.26 138.54 7.53
CA LYS C 954 -108.88 139.85 8.05
C LYS C 954 -108.72 139.70 9.55
N LEU C 955 -107.52 139.29 9.95
CA LEU C 955 -107.22 139.07 11.36
C LEU C 955 -107.18 140.41 12.11
N PRO C 956 -107.44 140.39 13.43
CA PRO C 956 -107.16 141.61 14.23
C PRO C 956 -105.72 142.05 14.15
N LYS C 957 -104.77 141.11 14.16
CA LYS C 957 -103.40 141.42 13.80
C LYS C 957 -103.29 141.65 12.30
N THR C 958 -102.22 142.34 11.90
CA THR C 958 -101.93 142.76 10.52
C THR C 958 -103.00 143.71 9.96
N TYR C 959 -103.75 144.37 10.83
CA TYR C 959 -104.69 145.38 10.39
C TYR C 959 -103.96 146.66 10.03
N MET C 960 -104.29 147.22 8.86
CA MET C 960 -103.66 148.44 8.36
C MET C 960 -104.69 149.41 7.83
N MET C 961 -104.30 150.68 7.81
CA MET C 961 -105.14 151.77 7.36
C MET C 961 -104.99 152.05 5.87
N SER C 962 -103.92 151.56 5.25
CA SER C 962 -103.63 151.82 3.84
C SER C 962 -104.41 150.81 3.00
N ASN C 963 -105.54 151.27 2.45
CA ASN C 963 -106.37 150.56 1.47
C ASN C 963 -106.80 149.18 2.00
N GLY C 964 -107.42 149.20 3.18
CA GLY C 964 -107.96 148.00 3.77
C GLY C 964 -106.91 147.08 4.33
N TYR C 965 -107.37 146.06 5.05
CA TYR C 965 -106.48 145.11 5.69
C TYR C 965 -106.76 143.71 5.15
N LYS C 966 -105.69 142.94 4.98
CA LYS C 966 -105.73 141.60 4.43
C LYS C 966 -104.45 140.90 4.84
N PRO C 967 -104.41 139.56 4.80
CA PRO C 967 -103.12 138.87 4.94
C PRO C 967 -102.15 139.34 3.86
N ALA C 968 -100.89 139.56 4.25
CA ALA C 968 -99.89 140.05 3.31
C ALA C 968 -99.64 139.09 2.15
N PRO C 969 -99.43 137.74 2.35
CA PRO C 969 -99.51 136.84 1.20
C PRO C 969 -100.97 136.44 0.98
N LEU C 970 -101.24 135.55 0.05
CA LEU C 970 -102.59 135.06 -0.14
C LEU C 970 -102.86 134.02 0.94
N ASP C 971 -104.03 134.10 1.57
CA ASP C 971 -104.34 133.26 2.73
C ASP C 971 -104.52 131.79 2.31
N LEU C 972 -104.42 130.90 3.30
CA LEU C 972 -104.56 129.47 3.07
C LEU C 972 -105.08 128.83 4.35
N SER C 973 -105.88 127.77 4.18
CA SER C 973 -106.46 127.04 5.29
C SER C 973 -105.58 125.83 5.62
N HIS C 974 -106.11 124.93 6.46
CA HIS C 974 -105.46 123.68 6.85
C HIS C 974 -104.99 122.82 5.67
N VAL C 975 -103.67 122.68 5.55
CA VAL C 975 -102.99 121.94 4.48
C VAL C 975 -101.73 121.32 5.11
N ARG C 976 -101.38 120.11 4.69
CA ARG C 976 -100.25 119.40 5.28
C ARG C 976 -99.26 119.03 4.18
N LEU C 977 -98.11 118.45 4.58
CA LEU C 977 -97.05 118.13 3.63
C LEU C 977 -96.36 116.84 4.04
N THR C 978 -96.16 115.94 3.08
CA THR C 978 -95.50 114.67 3.32
C THR C 978 -93.97 114.81 3.26
N PRO C 979 -93.22 113.82 3.80
CA PRO C 979 -91.74 113.94 3.77
C PRO C 979 -91.12 114.07 2.38
N ALA C 980 -91.71 113.45 1.34
CA ALA C 980 -91.24 113.67 -0.02
C ALA C 980 -91.22 115.16 -0.38
N GLN C 981 -92.28 115.87 0.00
CA GLN C 981 -92.32 117.32 -0.20
C GLN C 981 -91.30 118.04 0.66
N THR C 982 -91.01 117.52 1.87
CA THR C 982 -89.99 118.15 2.72
C THR C 982 -88.61 118.07 2.07
N THR C 983 -88.22 116.87 1.62
CA THR C 983 -86.93 116.73 0.93
C THR C 983 -86.89 117.57 -0.35
N LEU C 984 -87.99 117.56 -1.11
CA LEU C 984 -88.03 118.30 -2.37
C LEU C 984 -87.90 119.81 -2.13
N VAL C 985 -88.57 120.34 -1.09
CA VAL C 985 -88.45 121.77 -0.83
C VAL C 985 -87.06 122.08 -0.29
N ASP C 986 -86.43 121.12 0.41
CA ASP C 986 -85.04 121.29 0.87
C ASP C 986 -84.11 121.49 -0.31
N ARG C 987 -84.17 120.58 -1.30
CA ARG C 987 -83.28 120.75 -2.45
C ARG C 987 -83.72 121.91 -3.36
N LEU C 988 -85.00 122.29 -3.31
CA LEU C 988 -85.45 123.49 -4.03
C LEU C 988 -84.82 124.75 -3.45
N ALA C 989 -84.74 124.83 -2.11
CA ALA C 989 -84.05 125.94 -1.46
C ALA C 989 -82.55 125.87 -1.73
N GLU C 990 -82.00 124.65 -1.77
CA GLU C 990 -80.61 124.45 -2.16
C GLU C 990 -80.33 125.04 -3.54
N ASN C 991 -81.20 124.76 -4.51
CA ASN C 991 -80.98 125.26 -5.86
C ASN C 991 -81.30 126.74 -5.96
N GLY C 992 -81.96 127.32 -4.96
CA GLY C 992 -82.13 128.76 -4.97
C GLY C 992 -80.88 129.43 -4.45
N HIS C 993 -80.37 128.90 -3.33
CA HIS C 993 -79.16 129.42 -2.70
C HIS C 993 -77.97 129.32 -3.65
N ASN C 994 -77.84 128.19 -4.36
CA ASN C 994 -76.66 128.01 -5.20
C ASN C 994 -76.71 128.87 -6.45
N VAL C 995 -77.90 129.27 -6.89
CA VAL C 995 -78.00 130.20 -8.00
C VAL C 995 -77.68 131.61 -7.53
N TRP C 996 -78.16 131.97 -6.34
CA TRP C 996 -77.83 133.28 -5.76
C TRP C 996 -76.33 133.42 -5.55
N ALA C 997 -75.71 132.38 -4.99
CA ALA C 997 -74.27 132.39 -4.74
C ALA C 997 -73.48 132.43 -6.05
N ARG C 998 -73.94 131.68 -7.06
CA ARG C 998 -73.32 131.69 -8.38
C ARG C 998 -73.36 133.09 -8.98
N ASP C 999 -74.51 133.77 -8.86
CA ASP C 999 -74.66 135.12 -9.39
C ASP C 999 -73.73 136.09 -8.67
N ARG C 1000 -73.67 136.01 -7.33
CA ARG C 1000 -72.80 136.90 -6.55
C ARG C 1000 -71.34 136.72 -6.93
N VAL C 1001 -70.91 135.45 -7.10
CA VAL C 1001 -69.55 135.16 -7.54
C VAL C 1001 -69.32 135.75 -8.91
N ALA C 1002 -70.29 135.59 -9.83
CA ALA C 1002 -70.19 136.21 -11.15
C ALA C 1002 -70.16 137.73 -11.09
N GLN C 1003 -70.66 138.34 -10.00
CA GLN C 1003 -70.44 139.76 -9.77
C GLN C 1003 -69.21 140.03 -8.91
N GLY C 1004 -68.37 139.01 -8.69
CA GLY C 1004 -67.09 139.21 -8.05
C GLY C 1004 -67.02 138.87 -6.59
N TRP C 1005 -68.16 138.81 -5.90
CA TRP C 1005 -68.22 138.59 -4.46
C TRP C 1005 -67.55 137.29 -4.02
N SER C 1006 -67.23 137.21 -2.72
CA SER C 1006 -66.64 136.01 -2.15
C SER C 1006 -67.04 135.88 -0.68
N TYR C 1007 -66.53 134.85 -0.03
CA TYR C 1007 -66.87 134.54 1.35
C TYR C 1007 -65.93 135.22 2.33
N SER C 1008 -66.47 135.63 3.48
CA SER C 1008 -65.70 136.12 4.62
C SER C 1008 -66.60 136.00 5.83
N ALA C 1009 -66.08 135.42 6.92
CA ALA C 1009 -66.87 135.22 8.15
C ALA C 1009 -67.36 136.52 8.78
N VAL C 1010 -66.74 137.65 8.44
CA VAL C 1010 -67.19 138.98 8.84
C VAL C 1010 -67.65 139.69 7.57
N GLN C 1011 -68.82 140.33 7.64
CA GLN C 1011 -69.42 140.89 6.45
C GLN C 1011 -68.72 142.20 6.09
N ASP C 1012 -68.35 142.34 4.82
CA ASP C 1012 -67.73 143.54 4.29
C ASP C 1012 -68.41 143.89 2.97
N ILE C 1013 -69.40 144.77 3.02
CA ILE C 1013 -70.14 145.19 1.83
C ILE C 1013 -69.24 145.98 0.87
N PRO C 1014 -68.51 147.06 1.26
CA PRO C 1014 -67.64 147.75 0.27
C PRO C 1014 -66.54 146.88 -0.32
N ALA C 1015 -66.05 145.90 0.44
CA ALA C 1015 -65.11 144.92 -0.09
C ALA C 1015 -65.78 143.76 -0.78
N ARG C 1016 -67.13 143.75 -0.80
CA ARG C 1016 -67.95 142.80 -1.57
C ARG C 1016 -67.71 141.36 -1.11
N ARG C 1017 -67.83 141.15 0.21
CA ARG C 1017 -67.70 139.82 0.79
C ARG C 1017 -68.83 139.61 1.80
N ASN C 1018 -69.29 138.37 1.89
CA ASN C 1018 -70.50 138.02 2.62
C ASN C 1018 -70.21 136.79 3.47
N PRO C 1019 -70.86 136.65 4.64
CA PRO C 1019 -70.74 135.40 5.41
C PRO C 1019 -71.61 134.27 4.94
N ARG C 1020 -72.38 134.43 3.87
CA ARG C 1020 -73.29 133.38 3.44
C ARG C 1020 -72.97 132.91 2.02
N LEU C 1021 -71.89 133.41 1.42
CA LEU C 1021 -71.42 132.89 0.14
C LEU C 1021 -70.65 131.59 0.32
N VAL C 1022 -71.38 130.56 0.73
CA VAL C 1022 -70.91 129.18 0.71
C VAL C 1022 -72.05 128.35 0.13
N PRO C 1023 -71.76 127.20 -0.48
CA PRO C 1023 -72.83 126.30 -0.93
C PRO C 1023 -73.72 125.87 0.23
N TYR C 1024 -74.99 125.57 -0.13
CA TYR C 1024 -76.05 125.27 0.84
C TYR C 1024 -75.62 124.18 1.82
N ARG C 1025 -74.90 123.16 1.33
CA ARG C 1025 -74.46 122.05 2.17
C ARG C 1025 -73.51 122.52 3.27
N LEU C 1026 -72.84 123.66 3.05
CA LEU C 1026 -71.90 124.24 4.00
C LEU C 1026 -72.51 125.39 4.77
N LEU C 1027 -73.72 125.83 4.38
CA LEU C 1027 -74.42 126.91 5.07
C LEU C 1027 -74.76 126.51 6.51
N ASP C 1028 -75.22 127.49 7.28
CA ASP C 1028 -75.60 127.24 8.66
C ASP C 1028 -77.09 126.89 8.71
N GLU C 1029 -77.48 126.22 9.81
CA GLU C 1029 -78.84 125.71 9.96
C GLU C 1029 -79.86 126.84 10.07
N ALA C 1030 -79.46 127.97 10.64
CA ALA C 1030 -80.34 129.14 10.74
C ALA C 1030 -80.74 129.64 9.35
N THR C 1031 -79.76 129.83 8.48
CA THR C 1031 -80.05 130.31 7.13
C THR C 1031 -80.75 129.24 6.29
N LYS C 1032 -80.38 127.96 6.48
CA LYS C 1032 -81.09 126.86 5.82
C LYS C 1032 -82.57 126.90 6.13
N ARG C 1033 -82.91 127.03 7.41
CA ARG C 1033 -84.29 127.08 7.85
C ARG C 1033 -85.00 128.33 7.32
N SER C 1034 -84.29 129.47 7.34
CA SER C 1034 -84.88 130.72 6.85
C SER C 1034 -85.21 130.65 5.37
N ASN C 1035 -84.32 130.07 4.56
CA ASN C 1035 -84.66 129.85 3.16
C ASN C 1035 -85.78 128.84 2.99
N ARG C 1036 -85.72 127.73 3.73
CA ARG C 1036 -86.70 126.66 3.56
C ARG C 1036 -88.12 127.05 3.98
N ASP C 1037 -88.26 128.00 4.92
CA ASP C 1037 -89.58 128.37 5.42
C ASP C 1037 -90.46 128.98 4.33
N SER C 1038 -89.91 129.91 3.55
CA SER C 1038 -90.68 130.61 2.51
C SER C 1038 -91.15 129.64 1.44
N LEU C 1039 -90.21 128.85 0.90
CA LEU C 1039 -90.56 127.92 -0.15
C LEU C 1039 -91.37 126.74 0.38
N CYS C 1040 -91.27 126.44 1.69
CA CYS C 1040 -92.16 125.45 2.30
C CYS C 1040 -93.59 125.96 2.30
N GLN C 1041 -93.77 127.25 2.60
CA GLN C 1041 -95.10 127.86 2.49
C GLN C 1041 -95.58 127.82 1.04
N ALA C 1042 -94.68 128.08 0.09
CA ALA C 1042 -95.03 128.05 -1.33
C ALA C 1042 -95.49 126.67 -1.77
N VAL C 1043 -94.71 125.63 -1.45
CA VAL C 1043 -95.07 124.27 -1.86
C VAL C 1043 -96.32 123.82 -1.11
N ARG C 1044 -96.53 124.34 0.11
CA ARG C 1044 -97.76 124.08 0.85
C ARG C 1044 -98.97 124.64 0.11
N THR C 1045 -98.85 125.89 -0.37
CA THR C 1045 -99.92 126.52 -1.14
C THR C 1045 -100.18 125.77 -2.44
N LEU C 1046 -99.13 125.23 -3.06
CA LEU C 1046 -99.31 124.39 -4.24
C LEU C 1046 -100.06 123.12 -3.88
N LEU C 1047 -99.71 122.50 -2.74
CA LEU C 1047 -100.33 121.26 -2.30
C LEU C 1047 -101.80 121.47 -1.96
N GLY C 1048 -102.14 122.65 -1.41
CA GLY C 1048 -103.52 122.95 -1.07
C GLY C 1048 -104.47 122.86 -2.25
N TYR C 1049 -104.03 123.31 -3.43
CA TYR C 1049 -104.80 123.20 -4.66
C TYR C 1049 -104.87 121.78 -5.21
N GLY C 1050 -104.32 120.79 -4.50
CA GLY C 1050 -104.45 119.40 -4.84
C GLY C 1050 -103.52 118.92 -5.92
N TYR C 1051 -102.66 119.79 -6.44
CA TYR C 1051 -101.76 119.38 -7.51
C TYR C 1051 -100.59 118.61 -6.90
N ASN C 1052 -100.39 117.39 -7.40
CA ASN C 1052 -99.42 116.48 -6.81
C ASN C 1052 -98.00 116.99 -6.95
N ILE C 1053 -97.21 116.77 -5.91
CA ILE C 1053 -95.78 117.01 -5.95
C ILE C 1053 -95.13 115.65 -6.18
N GLU C 1054 -94.72 115.37 -7.41
CA GLU C 1054 -94.26 114.03 -7.75
C GLU C 1054 -92.77 113.94 -7.52
N PRO C 1055 -92.29 113.05 -6.65
CA PRO C 1055 -90.85 112.84 -6.52
C PRO C 1055 -90.26 112.29 -7.80
N PRO C 1056 -89.04 112.68 -8.14
CA PRO C 1056 -88.35 112.11 -9.30
C PRO C 1056 -87.77 110.74 -8.95
N ASP C 1057 -87.12 110.13 -9.94
CA ASP C 1057 -86.43 108.88 -9.73
C ASP C 1057 -85.23 109.08 -8.80
N GLN C 1058 -84.84 107.99 -8.13
CA GLN C 1058 -83.75 108.00 -7.17
C GLN C 1058 -82.49 107.40 -7.81
N GLU C 1059 -81.39 108.15 -7.78
CA GLU C 1059 -80.12 107.68 -8.31
C GLU C 1059 -79.09 107.70 -7.19
N PRO C 1060 -78.57 106.56 -6.76
CA PRO C 1060 -77.55 106.55 -5.71
C PRO C 1060 -76.18 106.99 -6.23
N SER C 1061 -75.57 107.95 -5.56
CA SER C 1061 -74.31 108.51 -5.98
C SER C 1061 -73.35 108.59 -4.80
N GLN C 1062 -72.06 108.47 -5.10
CA GLN C 1062 -70.98 108.58 -4.14
C GLN C 1062 -70.13 109.79 -4.48
N VAL C 1063 -69.84 110.62 -3.47
CA VAL C 1063 -69.10 111.87 -3.69
C VAL C 1063 -67.68 111.58 -4.14
N GLU C 1064 -66.98 110.68 -3.44
CA GLU C 1064 -65.62 110.30 -3.80
C GLU C 1064 -65.58 108.80 -4.00
N ASN C 1065 -65.05 108.38 -5.15
CA ASN C 1065 -65.01 106.97 -5.52
C ASN C 1065 -63.62 106.43 -5.78
N GLN C 1066 -62.71 107.26 -6.32
CA GLN C 1066 -61.38 106.82 -6.72
C GLN C 1066 -60.59 106.26 -5.54
N SER C 1067 -60.52 107.01 -4.45
CA SER C 1067 -59.73 106.61 -3.29
C SER C 1067 -60.56 105.69 -2.39
N ARG C 1068 -60.72 104.45 -2.86
CA ARG C 1068 -61.39 103.42 -2.06
C ARG C 1068 -60.55 102.99 -0.87
N TRP C 1069 -59.25 103.29 -0.86
CA TRP C 1069 -58.35 102.80 0.16
C TRP C 1069 -58.28 103.73 1.36
N ASP C 1070 -58.33 105.05 1.15
CA ASP C 1070 -58.39 105.99 2.26
C ASP C 1070 -59.61 105.79 3.14
N ARG C 1071 -60.71 105.26 2.57
CA ARG C 1071 -61.93 105.01 3.35
C ARG C 1071 -61.71 103.97 4.44
N VAL C 1072 -60.95 102.91 4.16
CA VAL C 1072 -60.84 101.79 5.08
C VAL C 1072 -59.43 101.77 5.68
N ARG C 1073 -59.37 101.69 7.00
CA ARG C 1073 -58.13 101.59 7.77
C ARG C 1073 -58.27 100.36 8.64
N ILE C 1074 -57.27 99.48 8.62
CA ILE C 1074 -57.34 98.20 9.31
C ILE C 1074 -56.33 98.18 10.44
N PHE C 1075 -56.82 98.02 11.66
CA PHE C 1075 -56.02 97.95 12.87
C PHE C 1075 -55.98 96.50 13.33
N ARG C 1076 -54.79 95.99 13.62
CA ARG C 1076 -54.68 94.60 14.05
C ARG C 1076 -53.48 94.47 14.98
N ALA C 1077 -53.48 93.41 15.78
CA ALA C 1077 -52.32 93.17 16.64
C ALA C 1077 -51.14 92.70 15.80
N GLU C 1078 -49.94 92.82 16.38
CA GLU C 1078 -48.72 92.38 15.71
C GLU C 1078 -48.72 90.86 15.58
N LYS C 1079 -48.02 90.37 14.55
CA LYS C 1079 -48.00 88.94 14.24
C LYS C 1079 -47.44 88.09 15.38
N SER C 1080 -46.53 88.66 16.19
CA SER C 1080 -45.96 87.93 17.32
C SER C 1080 -46.98 87.59 18.39
N TYR C 1081 -48.10 88.29 18.45
CA TYR C 1081 -49.15 88.07 19.43
C TYR C 1081 -50.16 87.01 19.00
N THR C 1082 -49.92 86.34 17.87
CA THR C 1082 -50.84 85.36 17.31
C THR C 1082 -51.13 84.22 18.28
N VAL C 1083 -52.41 83.87 18.40
CA VAL C 1083 -52.89 82.81 19.28
C VAL C 1083 -53.48 81.69 18.43
N GLN C 1084 -53.18 80.46 18.82
CA GLN C 1084 -53.69 79.28 18.13
C GLN C 1084 -54.49 78.36 19.05
N SER C 1085 -54.78 78.80 20.27
CA SER C 1085 -55.51 77.98 21.24
C SER C 1085 -56.12 78.89 22.29
N GLY C 1086 -56.99 78.31 23.11
CA GLY C 1086 -57.61 79.05 24.18
C GLY C 1086 -58.88 79.79 23.79
N ARG C 1087 -59.38 80.52 24.78
CA ARG C 1087 -60.61 81.30 24.68
C ARG C 1087 -60.27 82.76 24.91
N TRP C 1088 -60.45 83.59 23.88
CA TRP C 1088 -59.99 84.97 23.90
C TRP C 1088 -61.16 85.94 23.73
N TYR C 1089 -61.10 87.02 24.52
CA TYR C 1089 -62.13 88.06 24.58
C TYR C 1089 -61.51 89.45 24.56
N PHE C 1090 -62.04 90.34 23.70
CA PHE C 1090 -61.64 91.74 23.69
C PHE C 1090 -62.84 92.62 23.39
N GLU C 1091 -62.84 93.83 23.97
CA GLU C 1091 -63.94 94.78 23.81
C GLU C 1091 -63.60 95.84 22.77
N PHE C 1092 -64.50 96.03 21.81
CA PHE C 1092 -64.41 97.06 20.80
C PHE C 1092 -65.58 98.02 21.04
N GLU C 1093 -65.35 99.01 21.91
CA GLU C 1093 -66.41 99.96 22.24
C GLU C 1093 -66.57 100.92 21.07
N ALA C 1094 -67.59 100.71 20.25
CA ALA C 1094 -67.85 101.58 19.11
C ALA C 1094 -68.37 102.92 19.60
N VAL C 1095 -67.52 103.97 19.56
CA VAL C 1095 -67.94 105.29 20.01
C VAL C 1095 -69.06 105.83 19.12
N THR C 1096 -68.86 105.78 17.81
CA THR C 1096 -69.88 106.19 16.85
C THR C 1096 -70.55 104.95 16.27
N THR C 1097 -71.40 105.14 15.25
CA THR C 1097 -72.22 104.07 14.71
C THR C 1097 -72.05 103.97 13.18
N GLY C 1098 -70.80 103.93 12.73
CA GLY C 1098 -70.50 103.81 11.33
C GLY C 1098 -70.11 102.42 10.90
N GLU C 1099 -69.34 102.34 9.82
CA GLU C 1099 -68.87 101.08 9.25
C GLU C 1099 -67.69 100.59 10.06
N MET C 1100 -67.95 99.65 10.98
CA MET C 1100 -66.93 99.07 11.84
C MET C 1100 -67.05 97.56 11.77
N ARG C 1101 -66.07 96.91 11.15
CA ARG C 1101 -66.00 95.46 11.11
C ARG C 1101 -64.97 95.01 12.13
N VAL C 1102 -65.41 94.22 13.11
CA VAL C 1102 -64.52 93.75 14.16
C VAL C 1102 -64.58 92.23 14.23
N GLY C 1103 -63.41 91.61 14.41
CA GLY C 1103 -63.35 90.17 14.47
C GLY C 1103 -61.96 89.60 14.65
N TRP C 1104 -61.69 88.45 14.04
CA TRP C 1104 -60.39 87.82 14.11
C TRP C 1104 -59.88 87.57 12.69
N ALA C 1105 -58.65 87.96 12.44
CA ALA C 1105 -58.04 87.84 11.12
C ALA C 1105 -56.75 87.03 11.21
N ARG C 1106 -56.50 86.25 10.16
CA ARG C 1106 -55.31 85.43 10.08
C ARG C 1106 -54.09 86.33 9.93
N PRO C 1107 -52.90 85.88 10.36
CA PRO C 1107 -51.71 86.76 10.37
C PRO C 1107 -51.31 87.35 9.02
N GLU C 1108 -51.52 86.62 7.93
CA GLU C 1108 -51.12 87.08 6.61
C GLU C 1108 -52.22 87.85 5.89
N LEU C 1109 -53.10 88.52 6.64
CA LEU C 1109 -54.16 89.34 6.07
C LEU C 1109 -53.58 90.48 5.24
N ARG C 1110 -54.13 90.67 4.03
CA ARG C 1110 -53.69 91.76 3.18
C ARG C 1110 -54.19 93.11 3.74
N PRO C 1111 -53.45 94.19 3.52
CA PRO C 1111 -53.84 95.48 4.10
C PRO C 1111 -54.80 96.31 3.28
N ASP C 1112 -55.13 95.89 2.05
CA ASP C 1112 -55.96 96.72 1.17
C ASP C 1112 -57.33 96.14 0.85
N VAL C 1113 -57.57 94.88 1.16
CA VAL C 1113 -58.86 94.26 0.85
C VAL C 1113 -59.76 94.36 2.08
N GLU C 1114 -61.05 94.61 1.84
CA GLU C 1114 -62.00 94.68 2.93
C GLU C 1114 -62.12 93.35 3.65
N LEU C 1115 -62.23 93.41 4.97
CA LEU C 1115 -62.33 92.22 5.81
C LEU C 1115 -63.60 91.44 5.49
N GLY C 1116 -63.45 90.13 5.35
CA GLY C 1116 -64.53 89.25 4.99
C GLY C 1116 -64.63 88.95 3.51
N ALA C 1117 -63.97 89.74 2.66
CA ALA C 1117 -63.96 89.46 1.22
C ALA C 1117 -63.22 88.18 0.88
N ASP C 1118 -62.34 87.73 1.77
CA ASP C 1118 -61.60 86.48 1.57
C ASP C 1118 -61.78 85.59 2.79
N GLU C 1119 -61.05 84.48 2.84
CA GLU C 1119 -61.08 83.58 3.98
C GLU C 1119 -60.22 84.09 5.13
N LEU C 1120 -59.49 85.18 4.91
CA LEU C 1120 -58.45 85.62 5.84
C LEU C 1120 -58.98 86.39 7.04
N ALA C 1121 -60.28 86.64 7.13
CA ALA C 1121 -60.81 87.41 8.24
C ALA C 1121 -62.24 86.98 8.52
N TYR C 1122 -62.52 86.55 9.74
CA TYR C 1122 -63.89 86.31 10.20
C TYR C 1122 -64.28 87.52 11.05
N VAL C 1123 -65.15 88.37 10.51
CA VAL C 1123 -65.51 89.62 11.15
C VAL C 1123 -67.02 89.79 11.18
N PHE C 1124 -67.47 90.69 12.04
CA PHE C 1124 -68.86 91.08 12.16
C PHE C 1124 -68.94 92.55 11.81
N ASN C 1125 -69.90 92.89 10.95
CA ASN C 1125 -70.17 94.26 10.53
C ASN C 1125 -71.40 94.71 11.31
N GLY C 1126 -71.30 95.88 11.93
CA GLY C 1126 -72.35 96.38 12.81
C GLY C 1126 -73.06 97.62 12.35
N HIS C 1127 -72.60 98.20 11.24
CA HIS C 1127 -73.32 99.34 10.67
C HIS C 1127 -74.70 98.92 10.21
N ARG C 1128 -74.80 97.76 9.56
CA ARG C 1128 -76.06 97.23 9.09
C ARG C 1128 -76.25 95.76 9.47
N GLY C 1129 -75.41 95.23 10.37
CA GLY C 1129 -75.65 93.95 11.00
C GLY C 1129 -75.52 92.69 10.18
N GLN C 1130 -74.29 92.33 9.76
CA GLN C 1130 -74.04 91.05 9.10
C GLN C 1130 -72.73 90.47 9.60
N ARG C 1131 -72.44 89.25 9.17
CA ARG C 1131 -71.13 88.64 9.39
C ARG C 1131 -70.49 88.38 8.02
N TRP C 1132 -69.19 88.67 7.92
CA TRP C 1132 -68.51 88.69 6.63
C TRP C 1132 -67.49 87.57 6.54
N HIS C 1133 -67.67 86.70 5.53
CA HIS C 1133 -66.66 85.71 5.15
C HIS C 1133 -67.00 85.29 3.73
N LEU C 1134 -66.14 85.66 2.77
CA LEU C 1134 -66.33 85.45 1.33
C LEU C 1134 -67.63 86.09 0.81
N GLY C 1135 -68.15 87.08 1.50
CA GLY C 1135 -69.41 87.70 1.17
C GLY C 1135 -70.10 88.15 2.44
N SER C 1136 -71.42 88.19 2.39
CA SER C 1136 -72.21 88.64 3.53
C SER C 1136 -73.42 87.73 3.71
N GLU C 1137 -73.85 87.61 4.96
CA GLU C 1137 -75.08 86.90 5.31
C GLU C 1137 -75.63 87.54 6.58
N PRO C 1138 -76.96 87.57 6.77
CA PRO C 1138 -77.53 88.28 7.93
C PRO C 1138 -77.16 87.63 9.26
N PHE C 1139 -76.85 88.50 10.24
CA PHE C 1139 -76.46 88.07 11.57
C PHE C 1139 -76.54 89.25 12.52
N GLY C 1140 -77.29 89.10 13.61
CA GLY C 1140 -77.32 90.08 14.67
C GLY C 1140 -78.03 91.36 14.29
N ARG C 1141 -78.01 92.29 15.25
CA ARG C 1141 -78.63 93.59 15.11
C ARG C 1141 -77.57 94.68 15.04
N PRO C 1142 -77.74 95.66 14.15
CA PRO C 1142 -76.83 96.82 14.15
C PRO C 1142 -76.89 97.55 15.48
N TRP C 1143 -75.73 98.02 15.93
CA TRP C 1143 -75.59 98.65 17.23
C TRP C 1143 -75.97 100.12 17.17
N GLN C 1144 -75.78 100.80 18.30
CA GLN C 1144 -75.92 102.25 18.34
C GLN C 1144 -74.65 102.82 18.97
N SER C 1145 -74.65 104.12 19.28
CA SER C 1145 -73.48 104.76 19.85
C SER C 1145 -73.21 104.27 21.27
N GLY C 1146 -71.92 104.18 21.61
CA GLY C 1146 -71.52 103.77 22.93
C GLY C 1146 -71.72 102.30 23.24
N ASP C 1147 -71.76 101.45 22.23
CA ASP C 1147 -71.98 100.02 22.43
C ASP C 1147 -70.67 99.26 22.45
N VAL C 1148 -70.48 98.46 23.50
CA VAL C 1148 -69.26 97.68 23.69
C VAL C 1148 -69.43 96.34 23.00
N VAL C 1149 -68.77 96.16 21.87
CA VAL C 1149 -68.83 94.92 21.10
C VAL C 1149 -67.73 94.00 21.63
N GLY C 1150 -68.09 92.92 22.31
CA GLY C 1150 -67.12 91.99 22.83
C GLY C 1150 -67.05 90.78 21.91
N CYS C 1151 -65.84 90.44 21.50
CA CYS C 1151 -65.63 89.35 20.55
C CYS C 1151 -65.05 88.16 21.29
N MET C 1152 -65.73 87.03 21.17
CA MET C 1152 -65.26 85.75 21.65
C MET C 1152 -64.51 85.01 20.56
N ILE C 1153 -63.65 84.09 20.99
CA ILE C 1153 -63.09 83.08 20.10
C ILE C 1153 -62.68 81.90 20.99
N ASP C 1154 -63.00 80.70 20.53
CA ASP C 1154 -62.74 79.49 21.29
C ASP C 1154 -62.14 78.49 20.32
N LEU C 1155 -60.84 78.25 20.45
CA LEU C 1155 -60.15 77.34 19.55
C LEU C 1155 -60.28 75.87 19.98
N THR C 1156 -60.90 75.60 21.13
CA THR C 1156 -61.12 74.22 21.55
C THR C 1156 -62.17 73.56 20.67
N GLU C 1157 -63.36 74.15 20.61
CA GLU C 1157 -64.42 73.64 19.75
C GLU C 1157 -64.52 74.41 18.44
N ASN C 1158 -63.61 75.37 18.22
CA ASN C 1158 -63.49 76.14 16.98
C ASN C 1158 -64.76 76.92 16.67
N THR C 1159 -65.09 77.84 17.58
CA THR C 1159 -66.27 78.68 17.42
C THR C 1159 -65.96 80.14 17.67
N ILE C 1160 -66.71 81.00 16.99
CA ILE C 1160 -66.61 82.45 17.09
C ILE C 1160 -67.97 82.98 17.49
N ILE C 1161 -68.01 83.75 18.57
CA ILE C 1161 -69.25 84.28 19.14
C ILE C 1161 -69.07 85.79 19.32
N PHE C 1162 -70.15 86.55 19.11
CA PHE C 1162 -70.13 87.99 19.31
C PHE C 1162 -71.15 88.34 20.38
N THR C 1163 -70.77 89.21 21.30
CA THR C 1163 -71.62 89.70 22.37
C THR C 1163 -71.74 91.21 22.23
N LEU C 1164 -72.97 91.71 22.26
CA LEU C 1164 -73.21 93.15 22.17
C LEU C 1164 -73.83 93.59 23.47
N ASN C 1165 -73.12 94.46 24.19
CA ASN C 1165 -73.54 95.01 25.49
C ASN C 1165 -73.89 93.90 26.48
N GLY C 1166 -73.07 92.86 26.52
CA GLY C 1166 -73.31 91.73 27.39
C GLY C 1166 -74.38 90.78 26.93
N GLU C 1167 -74.90 90.97 25.72
CA GLU C 1167 -75.95 90.12 25.17
C GLU C 1167 -75.40 89.40 23.94
N VAL C 1168 -75.60 88.09 23.90
CA VAL C 1168 -75.07 87.28 22.81
C VAL C 1168 -75.87 87.53 21.54
N LEU C 1169 -75.18 87.92 20.47
CA LEU C 1169 -75.82 88.09 19.18
C LEU C 1169 -76.24 86.75 18.60
N MET C 1170 -77.34 86.76 17.86
CA MET C 1170 -77.94 85.55 17.34
C MET C 1170 -78.05 85.63 15.82
N SER C 1171 -77.87 84.48 15.17
CA SER C 1171 -78.00 84.39 13.73
C SER C 1171 -79.47 84.17 13.37
N ASP C 1172 -79.74 83.83 12.12
CA ASP C 1172 -81.11 83.56 11.68
C ASP C 1172 -81.54 82.12 11.97
N SER C 1173 -81.30 81.68 13.19
CA SER C 1173 -81.63 80.34 13.69
C SER C 1173 -81.46 80.37 15.20
N GLY C 1174 -81.52 79.21 15.83
CA GLY C 1174 -81.27 79.11 17.25
C GLY C 1174 -79.81 79.03 17.64
N SER C 1175 -78.91 79.04 16.66
CA SER C 1175 -77.48 78.96 16.95
C SER C 1175 -76.93 80.30 17.42
N GLU C 1176 -76.08 80.25 18.44
CA GLU C 1176 -75.48 81.43 19.02
C GLU C 1176 -74.02 81.59 18.62
N THR C 1177 -73.57 80.87 17.61
CA THR C 1177 -72.19 80.92 17.14
C THR C 1177 -72.18 81.60 15.78
N ALA C 1178 -71.38 82.66 15.67
CA ALA C 1178 -71.26 83.37 14.39
C ALA C 1178 -70.58 82.50 13.34
N PHE C 1179 -69.45 81.89 13.69
CA PHE C 1179 -68.74 81.02 12.77
C PHE C 1179 -68.37 79.73 13.50
N ARG C 1180 -68.24 78.66 12.72
CA ARG C 1180 -68.07 77.33 13.27
C ARG C 1180 -67.25 76.53 12.27
N GLU C 1181 -66.59 75.46 12.77
CA GLU C 1181 -65.70 74.59 12.01
C GLU C 1181 -64.54 75.38 11.39
N ILE C 1182 -64.04 76.35 12.16
CA ILE C 1182 -62.89 77.14 11.72
C ILE C 1182 -61.62 76.35 11.97
N GLU C 1183 -60.79 76.24 10.93
CA GLU C 1183 -59.53 75.52 11.07
C GLU C 1183 -58.55 76.35 11.89
N ILE C 1184 -57.57 75.66 12.47
CA ILE C 1184 -56.54 76.31 13.26
C ILE C 1184 -55.73 77.27 12.40
N GLY C 1185 -55.25 76.79 11.25
CA GLY C 1185 -54.48 77.59 10.31
C GLY C 1185 -53.20 78.12 10.91
N ASP C 1186 -52.81 79.30 10.47
CA ASP C 1186 -51.64 79.96 11.06
C ASP C 1186 -51.98 80.52 12.43
N GLY C 1187 -53.21 80.95 12.63
CA GLY C 1187 -53.62 81.53 13.89
C GLY C 1187 -54.62 82.66 13.70
N PHE C 1188 -54.99 83.32 14.78
CA PHE C 1188 -55.95 84.42 14.72
C PHE C 1188 -55.47 85.60 15.53
N LEU C 1189 -55.79 86.80 15.05
CA LEU C 1189 -55.44 88.05 15.67
C LEU C 1189 -56.69 88.88 15.87
N PRO C 1190 -56.79 89.64 16.95
CA PRO C 1190 -57.86 90.63 17.08
C PRO C 1190 -57.72 91.69 16.01
N VAL C 1191 -58.83 92.06 15.40
CA VAL C 1191 -58.79 93.00 14.29
C VAL C 1191 -60.06 93.83 14.30
N CYS C 1192 -59.92 95.08 13.87
CA CYS C 1192 -61.06 95.97 13.71
C CYS C 1192 -60.74 96.95 12.60
N SER C 1193 -61.80 97.48 12.00
CA SER C 1193 -61.66 98.46 10.94
C SER C 1193 -62.64 99.59 11.19
N LEU C 1194 -62.29 100.77 10.71
CA LEU C 1194 -63.13 101.95 10.90
C LEU C 1194 -63.28 102.68 9.58
N GLY C 1195 -64.53 103.02 9.24
CA GLY C 1195 -64.81 103.84 8.08
C GLY C 1195 -64.46 105.30 8.33
N PRO C 1196 -64.54 106.11 7.28
CA PRO C 1196 -64.20 107.54 7.41
C PRO C 1196 -65.08 108.26 8.44
N GLY C 1197 -64.44 109.15 9.21
CA GLY C 1197 -65.16 109.88 10.24
C GLY C 1197 -65.75 109.02 11.33
N GLN C 1198 -64.98 108.05 11.84
CA GLN C 1198 -65.48 107.12 12.84
C GLN C 1198 -64.47 107.00 13.98
N VAL C 1199 -64.96 106.70 15.19
CA VAL C 1199 -64.10 106.58 16.36
C VAL C 1199 -64.48 105.34 17.16
N GLY C 1200 -63.49 104.52 17.50
CA GLY C 1200 -63.76 103.32 18.27
C GLY C 1200 -62.63 103.02 19.24
N HIS C 1201 -62.99 102.41 20.36
CA HIS C 1201 -62.03 102.08 21.41
C HIS C 1201 -61.76 100.59 21.33
N LEU C 1202 -60.49 100.22 21.23
CA LEU C 1202 -60.13 98.82 21.14
C LEU C 1202 -59.42 98.44 22.44
N ASN C 1203 -60.20 97.95 23.41
CA ASN C 1203 -59.68 97.55 24.70
C ASN C 1203 -59.41 96.05 24.65
N LEU C 1204 -58.12 95.70 24.59
CA LEU C 1204 -57.66 94.32 24.55
C LEU C 1204 -57.69 93.64 25.91
N GLY C 1205 -58.25 94.30 26.93
CA GLY C 1205 -58.32 93.75 28.26
C GLY C 1205 -56.97 93.58 28.92
N GLN C 1206 -56.07 94.54 28.70
CA GLN C 1206 -54.76 94.49 29.35
C GLN C 1206 -54.91 94.61 30.86
N ASP C 1207 -55.83 95.46 31.31
CA ASP C 1207 -56.21 95.56 32.71
C ASP C 1207 -57.60 94.94 32.86
N VAL C 1208 -57.71 93.94 33.73
CA VAL C 1208 -58.96 93.18 33.83
C VAL C 1208 -60.08 94.06 34.41
N SER C 1209 -59.74 94.92 35.38
CA SER C 1209 -60.73 95.77 36.03
C SER C 1209 -61.30 96.83 35.08
N SER C 1210 -60.58 97.16 34.02
CA SER C 1210 -61.03 98.18 33.09
C SER C 1210 -62.17 97.70 32.20
N LEU C 1211 -62.30 96.39 32.02
CA LEU C 1211 -63.35 95.85 31.18
C LEU C 1211 -64.73 96.05 31.82
N ARG C 1212 -65.74 96.15 30.96
CA ARG C 1212 -67.10 96.46 31.41
C ARG C 1212 -68.03 95.25 31.39
N PHE C 1213 -68.13 94.56 30.26
CA PHE C 1213 -69.05 93.43 30.11
C PHE C 1213 -68.35 92.08 30.24
N PHE C 1214 -67.07 92.08 30.62
CA PHE C 1214 -66.36 90.83 30.86
C PHE C 1214 -66.94 90.08 32.05
N ALA C 1215 -67.34 90.80 33.10
CA ALA C 1215 -67.98 90.16 34.25
C ALA C 1215 -69.29 89.51 33.85
N ILE C 1216 -70.04 90.16 32.96
CA ILE C 1216 -71.32 89.62 32.50
C ILE C 1216 -71.08 88.39 31.63
N CYS C 1217 -70.12 88.44 30.71
CA CYS C 1217 -69.90 87.30 29.84
C CYS C 1217 -68.41 87.05 29.63
N GLY C 1218 -68.05 85.77 29.67
CA GLY C 1218 -66.70 85.31 29.40
C GLY C 1218 -65.94 84.85 30.64
N LEU C 1219 -66.08 85.63 31.72
CA LEU C 1219 -65.39 85.31 32.97
C LEU C 1219 -65.90 84.00 33.55
N GLN C 1220 -67.22 83.81 33.53
CA GLN C 1220 -67.74 82.57 34.07
C GLN C 1220 -67.66 81.46 33.02
N GLU C 1221 -67.45 81.82 31.77
CA GLU C 1221 -67.37 80.85 30.69
C GLU C 1221 -65.95 80.40 30.42
N GLY C 1222 -64.99 80.86 31.22
CA GLY C 1222 -63.61 80.46 31.00
C GLY C 1222 -62.85 81.27 29.98
N PHE C 1223 -63.45 82.32 29.41
CA PHE C 1223 -62.73 83.13 28.44
C PHE C 1223 -61.66 83.96 29.13
N GLU C 1224 -60.68 84.37 28.32
CA GLU C 1224 -59.53 85.08 28.82
C GLU C 1224 -59.39 86.40 28.08
N PRO C 1225 -58.98 87.47 28.77
CA PRO C 1225 -58.57 88.68 28.06
C PRO C 1225 -57.36 88.37 27.18
N PHE C 1226 -57.33 89.00 26.00
CA PHE C 1226 -56.30 88.68 25.02
C PHE C 1226 -54.90 89.08 25.50
N ALA C 1227 -54.81 90.12 26.33
CA ALA C 1227 -53.54 90.60 26.85
C ALA C 1227 -53.59 90.66 28.36
N ILE C 1228 -54.06 89.58 28.99
CA ILE C 1228 -54.34 89.59 30.42
C ILE C 1228 -53.06 89.77 31.24
N ASN C 1229 -51.98 89.09 30.87
CA ASN C 1229 -50.70 89.20 31.59
C ASN C 1229 -49.68 89.69 30.58
N MET C 1230 -49.65 91.00 30.37
CA MET C 1230 -48.68 91.64 29.50
C MET C 1230 -48.36 93.00 30.09
N GLN C 1231 -47.07 93.32 30.19
CA GLN C 1231 -46.67 94.61 30.75
CA GLN C 1231 -46.67 94.61 30.75
C GLN C 1231 -46.80 95.72 29.71
N ARG C 1232 -46.18 95.54 28.56
CA ARG C 1232 -46.33 96.52 27.49
C ARG C 1232 -47.68 96.33 26.81
N PRO C 1233 -48.30 97.42 26.35
CA PRO C 1233 -49.52 97.30 25.56
C PRO C 1233 -49.24 96.57 24.25
N VAL C 1234 -50.25 95.85 23.76
CA VAL C 1234 -50.13 95.09 22.52
C VAL C 1234 -49.80 96.03 21.36
N THR C 1235 -48.71 95.73 20.66
CA THR C 1235 -48.31 96.53 19.51
C THR C 1235 -49.33 96.36 18.39
N THR C 1236 -49.89 97.47 17.96
CA THR C 1236 -50.89 97.48 16.88
C THR C 1236 -50.22 97.86 15.58
N TRP C 1237 -50.61 97.17 14.53
CA TRP C 1237 -50.18 97.45 13.17
C TRP C 1237 -51.40 97.93 12.40
N PHE C 1238 -51.28 99.10 11.81
CA PHE C 1238 -52.36 99.73 11.06
C PHE C 1238 -51.99 99.82 9.59
N SER C 1239 -52.97 99.59 8.73
CA SER C 1239 -52.74 99.70 7.31
C SER C 1239 -52.50 101.16 6.96
N LYS C 1240 -51.41 101.43 6.26
CA LYS C 1240 -51.04 102.77 5.85
C LYS C 1240 -51.37 102.92 4.37
N SER C 1241 -52.29 103.83 4.07
CA SER C 1241 -52.68 104.09 2.68
C SER C 1241 -51.75 105.12 2.03
N LEU C 1242 -50.45 104.88 2.13
CA LEU C 1242 -49.42 105.70 1.52
C LEU C 1242 -48.65 104.82 0.57
N PRO C 1243 -48.78 105.03 -0.74
CA PRO C 1243 -48.17 104.11 -1.72
C PRO C 1243 -46.65 104.02 -1.58
N GLN C 1244 -46.14 102.79 -1.74
CA GLN C 1244 -44.70 102.53 -1.70
C GLN C 1244 -44.39 101.46 -2.72
N PHE C 1245 -43.39 101.71 -3.57
CA PHE C 1245 -43.03 100.79 -4.62
C PHE C 1245 -42.43 99.53 -4.02
N GLU C 1246 -43.00 98.38 -4.35
CA GLU C 1246 -42.54 97.10 -3.85
C GLU C 1246 -42.46 96.10 -5.01
N PRO C 1247 -41.60 95.09 -4.91
CA PRO C 1247 -41.45 94.13 -6.02
C PRO C 1247 -42.71 93.31 -6.25
N VAL C 1248 -42.79 92.77 -7.47
CA VAL C 1248 -43.91 91.93 -7.88
C VAL C 1248 -43.66 90.47 -7.52
N PRO C 1249 -44.59 89.83 -6.81
CA PRO C 1249 -44.48 88.39 -6.61
C PRO C 1249 -44.68 87.65 -7.91
N PRO C 1250 -43.98 86.54 -8.13
CA PRO C 1250 -44.19 85.75 -9.35
C PRO C 1250 -45.58 85.14 -9.46
N GLU C 1251 -46.30 85.01 -8.34
CA GLU C 1251 -47.62 84.40 -8.31
C GLU C 1251 -48.74 85.40 -8.58
N HIS C 1252 -48.41 86.60 -9.07
CA HIS C 1252 -49.41 87.63 -9.30
C HIS C 1252 -50.42 87.17 -10.36
N PRO C 1253 -51.72 87.40 -10.14
CA PRO C 1253 -52.72 86.84 -11.07
C PRO C 1253 -52.75 87.49 -12.44
N HIS C 1254 -52.61 88.82 -12.52
CA HIS C 1254 -52.79 89.53 -13.78
C HIS C 1254 -51.47 89.92 -14.45
N TYR C 1255 -50.55 90.51 -13.69
CA TYR C 1255 -49.33 91.06 -14.24
C TYR C 1255 -48.16 90.11 -13.97
N GLU C 1256 -47.25 90.02 -14.94
CA GLU C 1256 -46.03 89.24 -14.75
C GLU C 1256 -44.89 89.96 -15.44
N VAL C 1257 -43.67 89.72 -14.95
CA VAL C 1257 -42.46 90.37 -15.46
C VAL C 1257 -41.50 89.28 -15.91
N ALA C 1258 -40.95 89.45 -17.11
CA ALA C 1258 -40.04 88.48 -17.72
C ALA C 1258 -38.63 89.05 -17.72
N ARG C 1259 -37.67 88.23 -17.33
CA ARG C 1259 -36.25 88.58 -17.33
C ARG C 1259 -35.57 87.74 -18.40
N MET C 1260 -35.42 88.30 -19.59
CA MET C 1260 -34.88 87.58 -20.73
C MET C 1260 -33.40 87.88 -20.88
N ASP C 1261 -32.60 86.83 -21.06
CA ASP C 1261 -31.16 86.96 -21.22
C ASP C 1261 -30.84 87.67 -22.54
N GLY C 1262 -29.71 88.37 -22.55
CA GLY C 1262 -29.33 89.13 -23.72
C GLY C 1262 -28.81 88.25 -24.85
N THR C 1263 -28.83 88.82 -26.05
CA THR C 1263 -28.37 88.14 -27.24
C THR C 1263 -27.16 88.90 -27.80
N VAL C 1264 -26.65 88.42 -28.94
CA VAL C 1264 -25.50 89.03 -29.58
C VAL C 1264 -25.84 90.40 -30.19
N ASP C 1265 -27.12 90.68 -30.42
CA ASP C 1265 -27.54 91.92 -31.04
C ASP C 1265 -28.40 92.82 -30.14
N THR C 1266 -29.06 92.27 -29.13
CA THR C 1266 -29.92 93.04 -28.25
C THR C 1266 -29.50 92.86 -26.80
N PRO C 1267 -29.53 93.92 -26.00
CA PRO C 1267 -29.22 93.81 -24.57
C PRO C 1267 -30.31 93.05 -23.85
N PRO C 1268 -30.02 92.47 -22.67
CA PRO C 1268 -31.09 91.84 -21.88
C PRO C 1268 -32.17 92.83 -21.48
N CYS C 1269 -33.40 92.34 -21.42
CA CYS C 1269 -34.56 93.20 -21.24
C CYS C 1269 -35.46 92.68 -20.13
N LEU C 1270 -36.22 93.59 -19.54
CA LEU C 1270 -37.26 93.27 -18.57
C LEU C 1270 -38.61 93.51 -19.24
N ARG C 1271 -39.46 92.49 -19.29
CA ARG C 1271 -40.63 92.53 -20.16
C ARG C 1271 -41.89 92.29 -19.34
N LEU C 1272 -42.90 93.13 -19.52
CA LEU C 1272 -44.15 93.03 -18.79
C LEU C 1272 -45.28 92.57 -19.70
N ALA C 1273 -46.02 91.55 -19.26
CA ALA C 1273 -47.13 90.99 -20.01
C ALA C 1273 -48.36 90.86 -19.11
N HIS C 1274 -49.53 90.97 -19.74
CA HIS C 1274 -50.82 90.85 -19.07
C HIS C 1274 -51.40 89.49 -19.43
N ARG C 1275 -51.34 88.53 -18.50
CA ARG C 1275 -51.74 87.17 -18.80
C ARG C 1275 -53.26 87.04 -18.93
N THR C 1276 -54.01 87.65 -18.01
CA THR C 1276 -55.46 87.51 -18.01
C THR C 1276 -56.15 88.46 -18.96
N TRP C 1277 -55.41 89.33 -19.64
CA TRP C 1277 -55.99 90.26 -20.62
C TRP C 1277 -56.63 89.48 -21.77
N GLY C 1278 -57.79 89.97 -22.22
CA GLY C 1278 -58.54 89.31 -23.25
C GLY C 1278 -59.44 88.19 -22.76
N SER C 1279 -59.52 87.98 -21.46
CA SER C 1279 -60.35 86.96 -20.84
C SER C 1279 -61.34 87.61 -19.89
N GLN C 1280 -62.19 86.78 -19.29
CA GLN C 1280 -63.19 87.28 -18.36
C GLN C 1280 -62.52 87.72 -17.06
N ASN C 1281 -63.22 88.62 -16.35
CA ASN C 1281 -62.88 89.21 -15.04
C ASN C 1281 -61.43 89.65 -14.89
N SER C 1282 -60.83 90.13 -15.98
CA SER C 1282 -59.46 90.63 -15.94
C SER C 1282 -59.39 91.99 -15.24
N LEU C 1283 -58.26 92.26 -14.61
CA LEU C 1283 -58.04 93.51 -13.92
C LEU C 1283 -57.32 94.46 -14.88
N VAL C 1284 -57.99 95.55 -15.24
CA VAL C 1284 -57.43 96.59 -16.09
C VAL C 1284 -57.56 97.90 -15.33
N GLU C 1285 -56.42 98.52 -15.03
CA GLU C 1285 -56.39 99.71 -14.20
C GLU C 1285 -55.08 100.44 -14.43
N MET C 1286 -55.02 101.68 -13.91
CA MET C 1286 -53.82 102.49 -13.95
C MET C 1286 -52.69 101.78 -13.21
N LEU C 1287 -51.54 101.65 -13.86
CA LEU C 1287 -50.41 100.94 -13.29
C LEU C 1287 -49.23 101.89 -13.15
N PHE C 1288 -48.64 101.91 -11.96
CA PHE C 1288 -47.44 102.69 -11.68
C PHE C 1288 -46.30 101.71 -11.51
N LEU C 1289 -45.29 101.86 -12.36
CA LEU C 1289 -44.20 100.92 -12.50
C LEU C 1289 -42.87 101.67 -12.49
N ARG C 1290 -41.89 101.13 -11.78
CA ARG C 1290 -40.58 101.74 -11.66
C ARG C 1290 -39.53 100.67 -11.39
N LEU C 1291 -38.28 101.00 -11.71
CA LEU C 1291 -37.17 100.10 -11.46
C LEU C 1291 -36.80 100.13 -9.98
N SER C 1292 -36.01 99.13 -9.57
CA SER C 1292 -35.72 98.97 -8.15
C SER C 1292 -34.45 99.67 -7.71
N LEU C 1293 -33.78 100.40 -8.60
CA LEU C 1293 -32.52 101.05 -8.25
C LEU C 1293 -32.49 102.48 -8.75
N PRO C 1294 -31.93 103.41 -7.97
CA PRO C 1294 -31.88 104.82 -8.35
C PRO C 1294 -30.58 105.21 -9.04
N VAL C 1295 -30.59 106.43 -9.59
CA VAL C 1295 -29.39 107.10 -10.06
C VAL C 1295 -29.29 108.44 -9.35
N GLN C 1296 -28.12 108.75 -8.83
CA GLN C 1296 -27.87 109.96 -8.06
C GLN C 1296 -27.02 110.92 -8.88
N PHE C 1297 -27.46 112.16 -8.99
CA PHE C 1297 -26.69 113.19 -9.67
C PHE C 1297 -25.50 113.59 -8.81
N HIS C 1298 -24.42 113.99 -9.49
CA HIS C 1298 -23.14 114.24 -8.85
C HIS C 1298 -23.22 115.40 -7.87
N GLN C 1299 -22.24 115.46 -6.96
CA GLN C 1299 -22.22 116.49 -5.93
C GLN C 1299 -22.09 117.89 -6.53
N HIS C 1300 -21.21 118.05 -7.51
CA HIS C 1300 -20.98 119.34 -8.16
C HIS C 1300 -21.06 119.18 -9.66
N PHE C 1301 -21.60 120.18 -10.33
CA PHE C 1301 -21.77 120.15 -11.77
C PHE C 1301 -20.65 120.93 -12.44
N ARG C 1302 -20.40 120.60 -13.71
CA ARG C 1302 -19.35 121.24 -14.49
C ARG C 1302 -19.63 122.73 -14.67
N CYS C 1303 -18.57 123.53 -14.62
CA CYS C 1303 -18.69 124.98 -14.71
C CYS C 1303 -19.20 125.43 -16.08
N THR C 1304 -20.20 126.31 -16.06
CA THR C 1304 -20.84 126.90 -17.24
C THR C 1304 -21.34 125.88 -18.27
N ASP C 1419 -21.50 98.91 -38.55
CA ASP C 1419 -21.14 100.21 -38.02
C ASP C 1419 -21.62 100.34 -36.58
N ASN C 1420 -21.80 101.59 -36.13
CA ASN C 1420 -22.31 101.95 -34.80
C ASN C 1420 -21.42 101.35 -33.69
N ARG C 1421 -20.16 101.80 -33.67
CA ARG C 1421 -19.21 101.40 -32.65
C ARG C 1421 -18.90 102.58 -31.74
N ASP C 1422 -18.76 102.29 -30.45
CA ASP C 1422 -18.37 103.32 -29.50
C ASP C 1422 -16.91 103.72 -29.68
N ASP C 1423 -16.65 105.02 -29.63
CA ASP C 1423 -15.28 105.51 -29.65
C ASP C 1423 -14.70 105.33 -28.26
N PRO C 1424 -13.57 104.61 -28.12
CA PRO C 1424 -12.99 104.36 -26.78
C PRO C 1424 -12.65 105.61 -25.99
N GLU C 1425 -12.23 106.69 -26.65
CA GLU C 1425 -11.87 107.91 -25.94
C GLU C 1425 -13.08 108.74 -25.55
N ILE C 1426 -14.29 108.34 -25.95
CA ILE C 1426 -15.50 109.04 -25.59
C ILE C 1426 -16.35 108.23 -24.61
N ILE C 1427 -16.49 106.92 -24.86
CA ILE C 1427 -17.31 106.07 -24.00
C ILE C 1427 -16.71 105.92 -22.60
N LEU C 1428 -15.40 106.08 -22.45
CA LEU C 1428 -14.80 105.98 -21.11
C LEU C 1428 -15.06 107.23 -20.27
N ASN C 1429 -15.00 108.41 -20.87
CA ASN C 1429 -15.15 109.65 -20.12
C ASN C 1429 -16.53 110.30 -20.26
N THR C 1430 -17.48 109.65 -20.93
CA THR C 1430 -18.81 110.22 -21.06
C THR C 1430 -19.53 110.22 -19.71
N THR C 1431 -20.45 111.17 -19.55
CA THR C 1431 -21.23 111.31 -18.32
C THR C 1431 -22.72 111.20 -18.58
N THR C 1432 -23.11 110.66 -19.73
CA THR C 1432 -24.52 110.55 -20.10
C THR C 1432 -24.93 109.09 -20.06
N TYR C 1433 -26.10 108.83 -19.46
CA TYR C 1433 -26.66 107.50 -19.30
C TYR C 1433 -28.04 107.42 -19.92
N TYR C 1434 -28.36 106.29 -20.53
CA TYR C 1434 -29.53 106.17 -21.38
C TYR C 1434 -30.21 104.83 -21.21
N TYR C 1435 -31.55 104.85 -21.27
CA TYR C 1435 -32.30 103.60 -21.31
C TYR C 1435 -33.48 103.76 -22.26
N SER C 1436 -33.87 102.65 -22.88
CA SER C 1436 -34.91 102.67 -23.89
C SER C 1436 -36.08 101.81 -23.42
N VAL C 1437 -37.28 102.18 -23.85
CA VAL C 1437 -38.48 101.41 -23.59
C VAL C 1437 -39.15 101.13 -24.93
N ARG C 1438 -39.57 99.89 -25.13
CA ARG C 1438 -40.20 99.49 -26.39
C ARG C 1438 -41.66 99.18 -26.14
N VAL C 1439 -42.52 100.18 -26.36
CA VAL C 1439 -43.96 100.00 -26.22
C VAL C 1439 -44.43 99.14 -27.37
N PHE C 1440 -44.95 97.95 -27.04
CA PHE C 1440 -45.35 96.96 -28.02
C PHE C 1440 -46.62 97.36 -28.76
N ALA C 1441 -46.82 96.71 -29.91
CA ALA C 1441 -48.03 96.91 -30.69
C ALA C 1441 -49.25 96.42 -29.93
N GLY C 1442 -50.36 97.13 -30.11
CA GLY C 1442 -51.57 96.83 -29.38
C GLY C 1442 -51.73 97.62 -28.10
N GLN C 1443 -50.64 98.18 -27.58
CA GLN C 1443 -50.69 99.04 -26.41
C GLN C 1443 -50.70 100.49 -26.89
N GLU C 1444 -51.73 101.22 -26.53
CA GLU C 1444 -51.93 102.58 -27.03
C GLU C 1444 -50.91 103.52 -26.42
N PRO C 1445 -50.09 104.20 -27.23
CA PRO C 1445 -49.13 105.17 -26.67
C PRO C 1445 -49.76 106.36 -25.97
N SER C 1446 -51.03 106.67 -26.25
CA SER C 1446 -51.72 107.79 -25.61
C SER C 1446 -51.99 107.56 -24.13
N CYS C 1447 -51.82 106.34 -23.62
CA CYS C 1447 -51.93 106.07 -22.18
C CYS C 1447 -50.62 105.47 -21.66
N VAL C 1448 -49.50 105.97 -22.17
CA VAL C 1448 -48.18 105.55 -21.74
C VAL C 1448 -47.40 106.81 -21.36
N TRP C 1449 -46.77 106.78 -20.20
CA TRP C 1449 -45.89 107.85 -19.73
C TRP C 1449 -44.53 107.24 -19.51
N VAL C 1450 -43.47 107.94 -19.92
CA VAL C 1450 -42.10 107.46 -19.80
C VAL C 1450 -41.24 108.55 -19.15
N GLY C 1451 -40.39 108.15 -18.20
CA GLY C 1451 -39.50 109.09 -17.57
C GLY C 1451 -38.81 108.61 -16.30
N TRP C 1452 -38.61 109.52 -15.35
CA TRP C 1452 -37.93 109.21 -14.10
C TRP C 1452 -38.65 109.85 -12.94
N VAL C 1453 -38.60 109.20 -11.77
CA VAL C 1453 -39.26 109.71 -10.58
C VAL C 1453 -38.29 109.69 -9.41
N THR C 1454 -38.43 110.67 -8.53
CA THR C 1454 -37.70 110.68 -7.27
C THR C 1454 -38.32 109.63 -6.35
N PRO C 1455 -37.55 109.11 -5.37
CA PRO C 1455 -38.09 108.04 -4.50
C PRO C 1455 -39.24 108.45 -3.58
N ASP C 1456 -39.69 109.71 -3.59
CA ASP C 1456 -40.82 110.13 -2.76
C ASP C 1456 -42.12 110.20 -3.57
N TYR C 1457 -42.21 109.40 -4.63
CA TYR C 1457 -43.41 109.36 -5.46
C TYR C 1457 -44.45 108.48 -4.77
N HIS C 1458 -45.57 109.08 -4.36
CA HIS C 1458 -46.66 108.34 -3.73
C HIS C 1458 -48.00 108.79 -4.30
N GLN C 1459 -48.06 108.95 -5.63
CA GLN C 1459 -49.27 109.42 -6.32
C GLN C 1459 -49.94 108.26 -7.02
N HIS C 1460 -50.94 107.67 -6.35
CA HIS C 1460 -51.72 106.58 -6.92
C HIS C 1460 -53.04 107.15 -7.42
N ASP C 1461 -53.00 107.69 -8.63
CA ASP C 1461 -54.14 108.37 -9.23
C ASP C 1461 -54.71 107.48 -10.32
N MET C 1462 -56.02 107.23 -10.28
CA MET C 1462 -56.67 106.41 -11.30
C MET C 1462 -56.66 107.09 -12.67
N ASN C 1463 -56.69 108.42 -12.70
CA ASN C 1463 -56.77 109.19 -13.93
C ASN C 1463 -55.52 110.04 -14.13
N PHE C 1464 -54.37 109.42 -13.89
CA PHE C 1464 -53.09 110.12 -13.94
C PHE C 1464 -52.79 110.58 -15.37
N ASP C 1465 -52.19 111.77 -15.46
CA ASP C 1465 -51.65 112.32 -16.69
C ASP C 1465 -50.58 113.32 -16.29
N LEU C 1466 -50.04 114.06 -17.28
CA LEU C 1466 -49.00 115.05 -17.01
C LEU C 1466 -49.49 116.22 -16.16
N SER C 1467 -50.81 116.44 -16.09
CA SER C 1467 -51.34 117.56 -15.31
C SER C 1467 -51.28 117.30 -13.81
N LYS C 1468 -51.36 116.05 -13.39
CA LYS C 1468 -51.36 115.70 -11.98
C LYS C 1468 -49.96 115.60 -11.39
N VAL C 1469 -48.93 115.83 -12.21
CA VAL C 1469 -47.54 115.76 -11.75
C VAL C 1469 -47.29 116.87 -10.75
N ARG C 1470 -46.70 116.52 -9.61
CA ARG C 1470 -46.34 117.51 -8.60
C ARG C 1470 -45.10 118.27 -9.06
N ALA C 1471 -45.16 119.59 -9.01
CA ALA C 1471 -44.03 120.42 -9.40
C ALA C 1471 -44.12 121.76 -8.71
N VAL C 1472 -42.95 122.32 -8.38
CA VAL C 1472 -42.85 123.63 -7.73
C VAL C 1472 -41.49 124.22 -8.13
N THR C 1473 -41.45 125.53 -8.36
CA THR C 1473 -40.23 126.23 -8.71
C THR C 1473 -39.98 127.28 -7.64
N VAL C 1474 -38.80 127.27 -7.06
CA VAL C 1474 -38.46 128.24 -6.02
C VAL C 1474 -37.77 129.43 -6.67
N THR C 1475 -38.34 130.63 -6.46
CA THR C 1475 -37.82 131.88 -6.97
C THR C 1475 -37.06 132.61 -5.85
N MET C 1476 -35.78 132.86 -6.07
CA MET C 1476 -34.89 133.46 -5.10
C MET C 1476 -34.24 134.68 -5.72
N GLY C 1477 -34.18 135.77 -4.95
CA GLY C 1477 -33.57 137.01 -5.40
C GLY C 1477 -33.09 137.80 -4.20
N ASP C 1478 -32.55 138.98 -4.47
CA ASP C 1478 -32.13 139.89 -3.40
C ASP C 1478 -33.35 140.65 -2.86
N GLU C 1479 -33.10 141.71 -2.08
CA GLU C 1479 -34.17 142.43 -1.39
C GLU C 1479 -35.19 143.04 -2.35
N GLN C 1480 -34.73 143.65 -3.44
CA GLN C 1480 -35.62 144.27 -4.41
C GLN C 1480 -35.36 143.63 -5.78
N GLY C 1481 -36.36 142.91 -6.28
CA GLY C 1481 -36.34 142.26 -7.60
C GLY C 1481 -35.16 141.33 -7.77
N ASN C 1482 -34.55 141.39 -8.95
CA ASN C 1482 -33.29 140.71 -9.33
C ASN C 1482 -33.27 139.23 -8.93
N VAL C 1483 -34.20 138.47 -9.50
CA VAL C 1483 -34.31 137.05 -9.24
C VAL C 1483 -33.06 136.36 -9.79
N HIS C 1484 -32.22 135.85 -8.89
CA HIS C 1484 -30.96 135.23 -9.24
C HIS C 1484 -31.01 133.71 -9.17
N SER C 1485 -32.18 133.13 -8.90
CA SER C 1485 -32.32 131.68 -8.81
C SER C 1485 -33.77 131.32 -9.00
N SER C 1486 -34.08 130.48 -9.98
CA SER C 1486 -35.46 130.03 -10.17
C SER C 1486 -35.34 128.56 -10.56
N LEU C 1487 -35.41 127.68 -9.56
CA LEU C 1487 -35.19 126.26 -9.79
C LEU C 1487 -36.48 125.46 -9.86
N LYS C 1488 -36.57 124.61 -10.88
CA LYS C 1488 -37.71 123.73 -11.13
C LYS C 1488 -37.49 122.40 -10.41
N CYS C 1489 -38.35 122.09 -9.45
CA CYS C 1489 -38.24 120.90 -8.63
C CYS C 1489 -39.51 120.07 -8.75
N SER C 1490 -39.37 118.75 -8.78
CA SER C 1490 -40.52 117.88 -8.91
C SER C 1490 -40.15 116.50 -8.38
N ASN C 1491 -41.19 115.70 -8.15
CA ASN C 1491 -41.01 114.31 -7.77
C ASN C 1491 -41.23 113.36 -8.94
N CYS C 1492 -41.92 113.84 -9.97
CA CYS C 1492 -42.28 113.06 -11.13
C CYS C 1492 -41.80 113.78 -12.37
N TYR C 1493 -41.06 113.08 -13.23
CA TYR C 1493 -40.51 113.64 -14.46
C TYR C 1493 -40.84 112.67 -15.58
N MET C 1494 -41.92 112.93 -16.31
CA MET C 1494 -42.45 111.95 -17.25
C MET C 1494 -42.81 112.67 -18.54
N VAL C 1495 -42.84 111.93 -19.64
CA VAL C 1495 -43.29 112.47 -20.93
C VAL C 1495 -44.39 111.57 -21.46
N TRP C 1496 -45.43 112.20 -22.00
CA TRP C 1496 -46.59 111.48 -22.48
C TRP C 1496 -46.24 110.80 -23.79
N GLY C 1497 -46.53 109.49 -23.89
CA GLY C 1497 -46.20 108.73 -25.08
C GLY C 1497 -47.04 109.07 -26.30
N GLY C 1498 -48.17 109.74 -26.11
CA GLY C 1498 -49.02 110.10 -27.22
C GLY C 1498 -48.50 111.25 -28.07
N ASP C 1499 -47.46 111.93 -27.61
CA ASP C 1499 -46.85 113.04 -28.33
C ASP C 1499 -45.76 112.58 -29.30
N PHE C 1500 -45.57 111.28 -29.45
CA PHE C 1500 -44.52 110.73 -30.30
C PHE C 1500 -45.07 109.85 -31.42
N VAL C 1501 -46.37 109.95 -31.68
CA VAL C 1501 -47.04 109.16 -32.70
C VAL C 1501 -47.71 110.10 -33.69
N SER C 1502 -47.65 109.74 -34.96
CA SER C 1502 -48.27 110.56 -36.00
C SER C 1502 -49.79 110.48 -35.91
N PRO C 1503 -50.48 111.61 -35.79
CA PRO C 1503 -51.95 111.58 -35.71
C PRO C 1503 -52.62 111.27 -37.05
N GLY C 1504 -52.52 110.03 -37.51
CA GLY C 1504 -53.11 109.65 -38.76
C GLY C 1504 -54.63 109.62 -38.71
N GLN C 1505 -55.23 109.55 -39.90
CA GLN C 1505 -56.69 109.50 -40.01
C GLN C 1505 -57.27 108.24 -39.37
N GLN C 1506 -56.61 107.10 -39.58
CA GLN C 1506 -57.06 105.83 -39.03
C GLN C 1506 -55.85 104.92 -38.93
N GLY C 1507 -55.97 103.88 -38.10
CA GLY C 1507 -54.88 102.95 -37.90
C GLY C 1507 -54.10 103.21 -36.64
N ARG C 1508 -54.81 103.41 -35.53
CA ARG C 1508 -54.20 103.63 -34.22
C ARG C 1508 -53.47 102.39 -33.70
N ILE C 1509 -53.72 101.22 -34.28
CA ILE C 1509 -53.00 99.99 -33.90
C ILE C 1509 -51.72 99.99 -34.73
N SER C 1510 -50.68 100.61 -34.19
CA SER C 1510 -49.43 100.76 -34.91
C SER C 1510 -48.69 99.43 -34.94
N HIS C 1511 -48.23 99.04 -36.12
CA HIS C 1511 -47.40 97.86 -36.29
C HIS C 1511 -45.95 98.10 -35.92
N THR C 1512 -45.56 99.35 -35.70
CA THR C 1512 -44.22 99.71 -35.27
C THR C 1512 -44.23 99.95 -33.76
N ASP C 1513 -43.30 99.32 -33.06
CA ASP C 1513 -43.22 99.43 -31.60
C ASP C 1513 -42.56 100.77 -31.28
N LEU C 1514 -43.24 101.59 -30.49
CA LEU C 1514 -42.72 102.90 -30.11
C LEU C 1514 -41.52 102.76 -29.17
N VAL C 1515 -40.34 103.15 -29.63
CA VAL C 1515 -39.12 102.99 -28.84
C VAL C 1515 -38.76 104.37 -28.28
N ILE C 1516 -39.26 104.65 -27.08
CA ILE C 1516 -38.94 105.91 -26.41
C ILE C 1516 -37.62 105.76 -25.68
N GLY C 1517 -36.71 106.71 -25.87
CA GLY C 1517 -35.41 106.66 -25.23
C GLY C 1517 -35.20 107.86 -24.33
N CYS C 1518 -34.47 107.64 -23.23
CA CYS C 1518 -34.19 108.72 -22.30
C CYS C 1518 -32.72 108.77 -21.96
N LEU C 1519 -32.15 109.97 -22.12
CA LEU C 1519 -30.75 110.26 -21.80
C LEU C 1519 -30.72 111.26 -20.65
N VAL C 1520 -29.84 111.01 -19.70
CA VAL C 1520 -29.65 111.80 -18.49
C VAL C 1520 -28.16 112.08 -18.34
N ASP C 1521 -27.77 113.33 -18.12
CA ASP C 1521 -26.37 113.64 -17.86
C ASP C 1521 -26.24 113.97 -16.37
N LEU C 1522 -25.42 113.18 -15.67
CA LEU C 1522 -25.20 113.38 -14.24
C LEU C 1522 -24.18 114.46 -13.93
N ALA C 1523 -23.46 114.97 -14.92
CA ALA C 1523 -22.48 116.01 -14.68
C ALA C 1523 -23.03 117.42 -14.90
N THR C 1524 -24.27 117.53 -15.38
CA THR C 1524 -24.89 118.82 -15.66
C THR C 1524 -26.28 118.89 -15.05
N GLY C 1525 -26.91 117.73 -14.87
CA GLY C 1525 -28.25 117.72 -14.34
C GLY C 1525 -29.34 117.95 -15.34
N LEU C 1526 -29.05 117.82 -16.63
CA LEU C 1526 -30.05 117.96 -17.66
C LEU C 1526 -30.40 116.59 -18.21
N MET C 1527 -31.56 116.50 -18.84
CA MET C 1527 -31.95 115.26 -19.50
C MET C 1527 -32.88 115.56 -20.65
N THR C 1528 -32.81 114.70 -21.65
CA THR C 1528 -33.61 114.81 -22.87
C THR C 1528 -34.47 113.56 -23.06
N PHE C 1529 -35.20 113.53 -24.17
CA PHE C 1529 -36.09 112.45 -24.53
C PHE C 1529 -36.09 112.29 -26.04
N THR C 1530 -36.06 111.05 -26.51
CA THR C 1530 -36.04 110.73 -27.94
C THR C 1530 -37.27 109.90 -28.28
N ALA C 1531 -38.02 110.36 -29.29
CA ALA C 1531 -39.24 109.67 -29.69
C ALA C 1531 -38.93 108.35 -30.40
N ASN C 1532 -38.01 108.35 -31.36
CA ASN C 1532 -37.59 107.13 -32.04
C ASN C 1532 -36.09 107.15 -32.28
N GLY C 1533 -35.33 107.58 -31.28
CA GLY C 1533 -33.91 107.81 -31.43
C GLY C 1533 -33.58 109.21 -31.90
N LYS C 1534 -34.58 109.99 -32.30
CA LYS C 1534 -34.42 111.38 -32.68
C LYS C 1534 -34.91 112.25 -31.53
N GLU C 1535 -34.11 113.25 -31.17
CA GLU C 1535 -34.39 114.06 -29.99
C GLU C 1535 -35.67 114.87 -30.15
N SER C 1536 -36.36 115.08 -29.04
CA SER C 1536 -37.59 115.85 -28.98
C SER C 1536 -37.33 117.17 -28.28
N ASN C 1537 -38.30 118.08 -28.39
CA ASN C 1537 -38.15 119.41 -27.81
C ASN C 1537 -38.19 119.40 -26.28
N THR C 1538 -38.68 118.33 -25.67
CA THR C 1538 -38.78 118.30 -24.21
C THR C 1538 -37.41 118.06 -23.57
N PHE C 1539 -37.24 118.61 -22.38
CA PHE C 1539 -36.01 118.49 -21.60
C PHE C 1539 -36.35 118.81 -20.16
N PHE C 1540 -35.41 118.51 -19.26
CA PHE C 1540 -35.58 118.86 -17.85
C PHE C 1540 -34.23 119.10 -17.19
N GLN C 1541 -34.19 120.11 -16.32
CA GLN C 1541 -33.01 120.43 -15.52
C GLN C 1541 -33.35 120.22 -14.05
N VAL C 1542 -32.49 119.48 -13.36
CA VAL C 1542 -32.66 119.13 -11.96
C VAL C 1542 -31.41 119.54 -11.20
N GLU C 1543 -31.58 119.71 -9.89
CA GLU C 1543 -30.50 120.11 -9.01
C GLU C 1543 -29.55 118.95 -8.75
N PRO C 1544 -28.31 119.21 -8.31
CA PRO C 1544 -27.41 118.12 -7.94
C PRO C 1544 -27.89 117.34 -6.71
N ASN C 1545 -27.27 116.16 -6.53
CA ASN C 1545 -27.58 115.22 -5.45
C ASN C 1545 -29.05 114.80 -5.46
N THR C 1546 -29.59 114.62 -6.66
CA THR C 1546 -30.96 114.22 -6.87
C THR C 1546 -31.01 112.74 -7.23
N LYS C 1547 -31.90 112.00 -6.58
CA LYS C 1547 -32.11 110.58 -6.84
C LYS C 1547 -33.32 110.40 -7.74
N LEU C 1548 -33.13 109.65 -8.83
CA LEU C 1548 -34.19 109.41 -9.80
C LEU C 1548 -34.31 107.92 -10.08
N PHE C 1549 -35.54 107.41 -10.00
CA PHE C 1549 -35.85 106.03 -10.30
C PHE C 1549 -36.47 105.95 -11.70
N PRO C 1550 -35.99 105.06 -12.57
CA PRO C 1550 -36.61 104.90 -13.90
C PRO C 1550 -38.03 104.39 -13.82
N ALA C 1551 -39.01 105.21 -14.19
CA ALA C 1551 -40.42 104.82 -14.08
C ALA C 1551 -41.14 104.97 -15.41
N VAL C 1552 -42.12 104.09 -15.63
CA VAL C 1552 -42.96 104.10 -16.83
C VAL C 1552 -44.37 103.72 -16.35
N PHE C 1553 -45.29 104.67 -16.40
CA PHE C 1553 -46.68 104.46 -15.98
C PHE C 1553 -47.52 104.08 -17.18
N VAL C 1554 -48.43 103.11 -17.00
CA VAL C 1554 -49.16 102.59 -18.16
C VAL C 1554 -50.51 102.03 -17.76
N LEU C 1555 -51.49 102.19 -18.65
CA LEU C 1555 -52.76 101.49 -18.54
C LEU C 1555 -52.75 100.35 -19.55
N PRO C 1556 -52.71 99.09 -19.10
CA PRO C 1556 -52.56 97.95 -20.02
C PRO C 1556 -53.72 97.80 -20.98
N THR C 1557 -53.40 97.56 -22.26
CA THR C 1557 -54.44 97.39 -23.27
C THR C 1557 -54.11 96.26 -24.26
N HIS C 1558 -53.15 95.39 -23.94
CA HIS C 1558 -52.76 94.32 -24.85
C HIS C 1558 -52.03 93.25 -24.06
N GLN C 1559 -51.88 92.07 -24.69
CA GLN C 1559 -51.06 91.01 -24.14
C GLN C 1559 -49.60 91.43 -24.04
N ASN C 1560 -49.10 92.12 -25.07
CA ASN C 1560 -47.74 92.62 -25.12
C ASN C 1560 -47.79 94.12 -24.85
N VAL C 1561 -47.23 94.55 -23.72
CA VAL C 1561 -47.39 95.94 -23.31
C VAL C 1561 -46.10 96.73 -23.44
N ILE C 1562 -45.08 96.40 -22.65
CA ILE C 1562 -43.88 97.21 -22.49
C ILE C 1562 -42.68 96.30 -22.21
N GLN C 1563 -41.53 96.67 -22.79
CA GLN C 1563 -40.27 96.00 -22.55
C GLN C 1563 -39.20 97.04 -22.24
N PHE C 1564 -38.69 97.01 -21.00
CA PHE C 1564 -37.58 97.86 -20.58
C PHE C 1564 -36.29 97.32 -21.17
N GLU C 1565 -35.66 98.11 -22.02
CA GLU C 1565 -34.42 97.76 -22.69
C GLU C 1565 -33.32 98.62 -22.09
N LEU C 1566 -32.56 98.04 -21.16
CA LEU C 1566 -31.43 98.72 -20.52
C LEU C 1566 -30.22 98.74 -21.46
N GLY C 1567 -30.42 99.41 -22.60
CA GLY C 1567 -29.47 99.39 -23.68
C GLY C 1567 -28.52 100.56 -23.70
N LYS C 1568 -27.89 100.74 -24.85
CA LYS C 1568 -26.88 101.77 -25.04
C LYS C 1568 -26.84 102.13 -26.52
N GLN C 1569 -26.24 103.29 -26.81
CA GLN C 1569 -26.10 103.75 -28.18
C GLN C 1569 -24.64 104.11 -28.44
N LYS C 1570 -24.38 104.75 -29.57
CA LYS C 1570 -23.02 105.12 -29.95
C LYS C 1570 -22.48 106.16 -28.97
N ASN C 1571 -21.41 105.78 -28.25
CA ASN C 1571 -20.72 106.63 -27.28
C ASN C 1571 -21.65 107.13 -26.18
N ILE C 1572 -22.59 106.27 -25.77
CA ILE C 1572 -23.52 106.58 -24.68
C ILE C 1572 -23.46 105.43 -23.69
N MET C 1573 -23.21 105.76 -22.43
CA MET C 1573 -22.86 104.78 -21.40
C MET C 1573 -24.14 104.17 -20.82
N PRO C 1574 -24.27 102.84 -20.77
CA PRO C 1574 -25.51 102.24 -20.28
C PRO C 1574 -25.71 102.44 -18.78
N LEU C 1575 -26.94 102.13 -18.33
CA LEU C 1575 -27.29 102.26 -16.91
C LEU C 1575 -26.61 101.20 -16.03
N SER C 1576 -25.97 100.19 -16.63
CA SER C 1576 -25.20 99.21 -15.87
C SER C 1576 -24.04 99.83 -15.10
N ALA C 1577 -23.62 101.04 -15.48
CA ALA C 1577 -22.62 101.77 -14.73
C ALA C 1577 -23.24 102.87 -13.88
N ALA C 1578 -24.43 103.36 -14.26
CA ALA C 1578 -25.09 104.38 -13.47
C ALA C 1578 -25.79 103.79 -12.25
N MET C 1579 -25.87 102.47 -12.15
CA MET C 1579 -26.52 101.83 -11.01
C MET C 1579 -25.50 101.25 -10.04
N PHE C 1580 -24.57 100.44 -10.54
CA PHE C 1580 -23.61 99.73 -9.72
C PHE C 1580 -22.25 100.43 -9.81
N LEU C 1581 -21.75 100.87 -8.65
CA LEU C 1581 -20.50 101.64 -8.61
C LEU C 1581 -19.29 100.82 -9.03
N SER C 1582 -19.34 99.50 -8.87
CA SER C 1582 -18.21 98.65 -9.21
C SER C 1582 -18.09 98.36 -10.70
N GLU C 1583 -19.05 98.79 -11.51
CA GLU C 1583 -19.05 98.53 -12.94
C GLU C 1583 -19.07 99.83 -13.75
N ARG C 1584 -18.40 100.87 -13.23
CA ARG C 1584 -18.44 102.19 -13.85
C ARG C 1584 -17.77 102.21 -15.23
N LYS C 1585 -16.80 101.33 -15.47
CA LYS C 1585 -16.09 101.31 -16.73
C LYS C 1585 -16.40 100.06 -17.54
N ASN C 1586 -17.59 99.48 -17.36
CA ASN C 1586 -17.99 98.29 -18.10
C ASN C 1586 -19.15 98.63 -19.02
N PRO C 1587 -18.91 98.83 -20.33
CA PRO C 1587 -20.01 99.24 -21.23
C PRO C 1587 -20.95 98.12 -21.63
N ALA C 1588 -20.68 96.88 -21.25
CA ALA C 1588 -21.56 95.78 -21.60
C ALA C 1588 -22.88 95.90 -20.86
N PRO C 1589 -24.02 95.91 -21.55
CA PRO C 1589 -25.31 96.04 -20.86
C PRO C 1589 -25.64 94.75 -20.11
N GLN C 1590 -26.07 94.90 -18.86
CA GLN C 1590 -26.41 93.78 -18.01
C GLN C 1590 -27.65 94.14 -17.20
N CYS C 1591 -28.36 93.11 -16.74
CA CYS C 1591 -29.50 93.30 -15.85
C CYS C 1591 -29.34 92.35 -14.65
N PRO C 1592 -28.52 92.73 -13.68
CA PRO C 1592 -28.30 91.87 -12.50
C PRO C 1592 -29.57 91.71 -11.68
N PRO C 1593 -29.68 90.63 -10.88
CA PRO C 1593 -30.95 90.33 -10.19
C PRO C 1593 -31.50 91.39 -9.25
N ARG C 1594 -30.65 92.24 -8.66
CA ARG C 1594 -31.14 93.31 -7.79
C ARG C 1594 -32.00 94.30 -8.58
N LEU C 1595 -31.58 94.64 -9.79
CA LEU C 1595 -32.41 95.48 -10.66
C LEU C 1595 -33.69 94.72 -11.01
N GLU C 1596 -34.83 95.25 -10.59
CA GLU C 1596 -36.07 94.52 -10.74
C GLU C 1596 -37.20 95.51 -10.99
N VAL C 1597 -38.28 95.00 -11.55
CA VAL C 1597 -39.44 95.80 -11.92
C VAL C 1597 -40.44 95.78 -10.77
N GLN C 1598 -40.80 96.97 -10.27
CA GLN C 1598 -41.68 97.13 -9.13
C GLN C 1598 -42.91 97.92 -9.53
N MET C 1599 -44.08 97.49 -9.10
CA MET C 1599 -45.27 98.32 -9.26
C MET C 1599 -45.68 98.84 -7.90
N LEU C 1600 -46.76 99.59 -7.87
CA LEU C 1600 -47.08 100.39 -6.70
C LEU C 1600 -48.26 99.79 -5.94
N MET C 1601 -48.00 99.34 -4.71
CA MET C 1601 -49.06 98.98 -3.78
C MET C 1601 -49.64 100.24 -3.16
N PRO C 1602 -50.94 100.50 -3.32
CA PRO C 1602 -51.54 101.69 -2.67
C PRO C 1602 -51.49 101.67 -1.15
N VAL C 1603 -51.60 100.49 -0.53
CA VAL C 1603 -51.65 100.34 0.92
C VAL C 1603 -50.61 99.32 1.36
N SER C 1604 -49.83 99.66 2.39
CA SER C 1604 -48.86 98.76 2.98
C SER C 1604 -49.01 98.83 4.49
N TRP C 1605 -48.61 97.77 5.18
CA TRP C 1605 -48.77 97.74 6.63
C TRP C 1605 -47.80 98.68 7.31
N SER C 1606 -48.10 99.03 8.56
CA SER C 1606 -47.21 99.89 9.33
C SER C 1606 -47.44 99.62 10.81
N ARG C 1607 -46.49 100.06 11.62
CA ARG C 1607 -46.51 99.84 13.06
C ARG C 1607 -46.85 101.13 13.79
N MET C 1608 -47.79 101.04 14.72
CA MET C 1608 -48.20 102.18 15.51
C MET C 1608 -47.20 102.37 16.65
N PRO C 1609 -46.59 103.54 16.80
CA PRO C 1609 -45.65 103.77 17.90
C PRO C 1609 -46.31 103.58 19.26
N ASN C 1610 -45.54 103.06 20.22
CA ASN C 1610 -46.08 102.78 21.54
C ASN C 1610 -46.41 104.03 22.32
N HIS C 1611 -45.77 105.17 22.02
CA HIS C 1611 -46.09 106.43 22.65
C HIS C 1611 -46.08 107.53 21.61
N PHE C 1612 -46.86 108.57 21.88
CA PHE C 1612 -46.99 109.71 20.98
C PHE C 1612 -46.70 110.99 21.73
N LEU C 1613 -46.34 112.02 20.96
CA LEU C 1613 -46.04 113.33 21.52
C LEU C 1613 -47.26 113.91 22.22
N GLN C 1614 -47.05 114.44 23.43
CA GLN C 1614 -48.11 115.12 24.17
C GLN C 1614 -48.10 116.58 23.76
N VAL C 1615 -49.16 117.00 23.06
CA VAL C 1615 -49.27 118.34 22.50
C VAL C 1615 -50.46 119.03 23.14
N GLU C 1616 -50.24 120.23 23.67
CA GLU C 1616 -51.32 121.05 24.23
C GLU C 1616 -51.61 122.17 23.24
N THR C 1617 -52.84 122.19 22.72
CA THR C 1617 -53.29 123.20 21.78
C THR C 1617 -54.55 123.82 22.33
N ARG C 1618 -54.49 125.10 22.69
CA ARG C 1618 -55.66 125.76 23.27
C ARG C 1618 -55.53 127.26 23.05
N ARG C 1619 -56.64 127.97 23.23
CA ARG C 1619 -56.61 129.42 23.02
C ARG C 1619 -56.06 130.09 24.27
N ALA C 1620 -54.87 130.69 24.14
CA ALA C 1620 -54.20 131.30 25.29
C ALA C 1620 -54.98 132.50 25.83
N GLY C 1621 -55.49 133.34 24.94
CA GLY C 1621 -56.22 134.52 25.37
C GLY C 1621 -56.92 135.16 24.20
N GLU C 1622 -57.62 136.27 24.50
CA GLU C 1622 -58.36 137.00 23.49
C GLU C 1622 -57.44 137.58 22.42
N ARG C 1623 -56.31 138.15 22.83
CA ARG C 1623 -55.38 138.75 21.88
C ARG C 1623 -54.21 137.84 21.53
N LEU C 1624 -53.87 136.87 22.38
CA LEU C 1624 -52.76 135.97 22.06
C LEU C 1624 -53.17 134.98 20.99
N GLY C 1625 -54.36 134.41 21.11
CA GLY C 1625 -54.82 133.41 20.17
C GLY C 1625 -54.49 131.99 20.62
N TRP C 1626 -54.52 131.08 19.65
CA TRP C 1626 -54.24 129.69 19.93
C TRP C 1626 -52.75 129.47 20.19
N ALA C 1627 -52.44 128.61 21.14
CA ALA C 1627 -51.08 128.31 21.54
C ALA C 1627 -50.85 126.81 21.49
N VAL C 1628 -49.63 126.44 21.08
CA VAL C 1628 -49.16 125.07 20.98
C VAL C 1628 -48.02 124.92 21.99
N GLN C 1629 -48.00 123.79 22.68
CA GLN C 1629 -47.01 123.53 23.73
C GLN C 1629 -46.64 122.05 23.71
N CYS C 1630 -45.36 121.76 23.54
CA CYS C 1630 -44.88 120.38 23.62
C CYS C 1630 -43.57 120.39 24.39
N GLN C 1631 -43.49 119.57 25.42
CA GLN C 1631 -42.35 119.57 26.33
C GLN C 1631 -41.61 118.24 26.40
N ASP C 1632 -42.35 117.13 26.53
CA ASP C 1632 -41.75 115.82 26.77
C ASP C 1632 -41.03 115.33 25.52
N PRO C 1633 -39.73 115.07 25.58
CA PRO C 1633 -39.03 114.49 24.43
C PRO C 1633 -39.35 113.01 24.24
N LEU C 1634 -39.20 112.56 23.00
CA LEU C 1634 -39.45 111.18 22.64
C LEU C 1634 -38.68 110.89 21.36
N THR C 1635 -37.80 109.89 21.39
CA THR C 1635 -36.92 109.59 20.28
C THR C 1635 -37.18 108.19 19.77
N MET C 1636 -37.07 108.00 18.46
CA MET C 1636 -37.31 106.71 17.82
C MET C 1636 -36.08 106.31 17.01
N MET C 1637 -35.63 105.07 17.19
CA MET C 1637 -34.48 104.55 16.46
C MET C 1637 -34.94 104.04 15.10
N ALA C 1638 -34.58 104.76 14.03
CA ALA C 1638 -35.05 104.45 12.70
C ALA C 1638 -33.94 103.83 11.86
N LEU C 1639 -34.22 102.67 11.30
CA LEU C 1639 -33.34 102.04 10.34
C LEU C 1639 -33.61 102.63 8.96
N HIS C 1640 -32.55 102.90 8.22
CA HIS C 1640 -32.64 103.64 6.96
C HIS C 1640 -32.17 102.77 5.80
N ILE C 1641 -32.95 102.72 4.73
CA ILE C 1641 -32.53 102.07 3.49
C ILE C 1641 -31.76 103.12 2.68
N PRO C 1642 -30.52 102.83 2.29
CA PRO C 1642 -29.67 103.85 1.66
C PRO C 1642 -30.13 104.31 0.29
N GLU C 1643 -30.37 103.35 -0.62
CA GLU C 1643 -30.63 103.72 -2.01
C GLU C 1643 -32.03 104.34 -2.17
N GLU C 1644 -33.04 103.79 -1.49
CA GLU C 1644 -34.38 104.34 -1.60
C GLU C 1644 -34.56 105.61 -0.80
N ASN C 1645 -33.60 105.94 0.09
CA ASN C 1645 -33.60 107.15 0.91
C ASN C 1645 -34.88 107.24 1.75
N ARG C 1646 -35.33 106.10 2.25
CA ARG C 1646 -36.46 106.05 3.16
C ARG C 1646 -36.14 105.20 4.37
N CYS C 1647 -36.47 105.72 5.54
CA CYS C 1647 -36.18 105.05 6.80
C CYS C 1647 -37.49 104.64 7.46
N MET C 1648 -37.49 103.46 8.07
CA MET C 1648 -38.61 102.94 8.81
C MET C 1648 -38.17 102.67 10.23
N ASP C 1649 -39.15 102.60 11.13
CA ASP C 1649 -38.88 102.26 12.53
C ASP C 1649 -38.24 100.88 12.60
N ILE C 1650 -37.18 100.78 13.40
CA ILE C 1650 -36.46 99.52 13.54
C ILE C 1650 -37.29 98.48 14.28
N LEU C 1651 -38.33 98.90 15.00
CA LEU C 1651 -39.22 97.95 15.64
C LEU C 1651 -40.06 97.17 14.64
N GLU C 1652 -40.19 97.67 13.41
CA GLU C 1652 -40.95 96.98 12.37
C GLU C 1652 -40.30 95.68 11.93
N LEU C 1653 -39.00 95.51 12.20
CA LEU C 1653 -38.31 94.29 11.78
C LEU C 1653 -38.79 93.06 12.54
N SER C 1654 -39.56 93.24 13.63
CA SER C 1654 -40.21 92.12 14.31
C SER C 1654 -41.29 91.47 13.46
N GLU C 1655 -41.71 92.13 12.38
CA GLU C 1655 -42.64 91.59 11.41
C GLU C 1655 -41.97 91.40 10.06
N ARG C 1656 -41.08 92.31 9.68
CA ARG C 1656 -40.36 92.17 8.41
C ARG C 1656 -39.15 91.27 8.66
N LEU C 1657 -39.40 89.97 8.62
CA LEU C 1657 -38.36 88.97 8.86
C LEU C 1657 -37.33 88.91 7.76
N ASP C 1658 -37.62 89.48 6.58
CA ASP C 1658 -36.66 89.48 5.48
C ASP C 1658 -35.44 90.32 5.81
N LEU C 1659 -35.65 91.54 6.31
CA LEU C 1659 -34.55 92.42 6.65
C LEU C 1659 -33.97 92.13 8.02
N GLN C 1660 -34.72 91.47 8.91
CA GLN C 1660 -34.24 91.18 10.26
C GLN C 1660 -33.03 90.26 10.22
N ARG C 1661 -33.08 89.23 9.38
CA ARG C 1661 -31.95 88.32 9.24
C ARG C 1661 -30.73 89.03 8.68
N PHE C 1662 -30.94 89.87 7.67
CA PHE C 1662 -29.84 90.60 7.04
C PHE C 1662 -29.20 91.57 8.02
N HIS C 1663 -30.00 92.30 8.79
CA HIS C 1663 -29.45 93.26 9.73
C HIS C 1663 -28.77 92.58 10.91
N SER C 1664 -29.32 91.45 11.38
CA SER C 1664 -28.64 90.67 12.42
C SER C 1664 -27.30 90.13 11.91
N HIS C 1665 -27.26 89.68 10.67
CA HIS C 1665 -25.99 89.26 10.08
C HIS C 1665 -25.05 90.45 9.89
N THR C 1666 -25.61 91.63 9.62
CA THR C 1666 -24.80 92.84 9.52
C THR C 1666 -24.12 93.14 10.86
N LEU C 1667 -24.87 93.03 11.96
CA LEU C 1667 -24.25 93.20 13.27
C LEU C 1667 -23.26 92.09 13.60
N ARG C 1668 -23.43 90.92 12.99
CA ARG C 1668 -22.44 89.87 13.16
C ARG C 1668 -21.18 90.18 12.37
N LEU C 1669 -21.32 90.90 11.26
CA LEU C 1669 -20.17 91.31 10.49
C LEU C 1669 -19.43 92.45 11.20
N TYR C 1670 -20.18 93.33 11.86
CA TYR C 1670 -19.56 94.38 12.66
C TYR C 1670 -18.73 93.79 13.79
N ARG C 1671 -19.27 92.76 14.47
CA ARG C 1671 -18.48 92.08 15.50
C ARG C 1671 -17.31 91.33 14.89
N ALA C 1672 -17.44 90.87 13.64
CA ALA C 1672 -16.35 90.14 13.01
C ALA C 1672 -15.21 91.11 12.70
N VAL C 1673 -15.54 92.27 12.12
CA VAL C 1673 -14.50 93.23 11.73
C VAL C 1673 -13.98 94.01 12.92
N CYS C 1674 -14.55 93.84 14.11
CA CYS C 1674 -13.96 94.47 15.29
C CYS C 1674 -13.57 93.42 16.32
N ALA C 1675 -13.47 92.17 15.89
CA ALA C 1675 -13.17 91.07 16.79
C ALA C 1675 -11.67 90.97 16.99
N LEU C 1676 -11.30 90.47 18.18
CA LEU C 1676 -9.91 90.15 18.55
C LEU C 1676 -9.00 91.38 18.57
N GLY C 1677 -9.46 92.42 19.27
CA GLY C 1677 -8.62 93.57 19.58
C GLY C 1677 -8.32 94.54 18.44
N ASN C 1678 -9.02 94.45 17.32
CA ASN C 1678 -8.78 95.36 16.20
C ASN C 1678 -9.35 96.74 16.50
N ASN C 1679 -8.75 97.46 17.47
CA ASN C 1679 -9.30 98.74 17.90
C ASN C 1679 -9.17 99.84 16.85
N ARG C 1680 -8.35 99.63 15.82
CA ARG C 1680 -8.25 100.57 14.71
C ARG C 1680 -9.58 100.66 13.99
N VAL C 1681 -10.24 99.54 13.82
CA VAL C 1681 -11.56 99.52 13.19
C VAL C 1681 -12.65 99.72 14.24
N ALA C 1682 -12.43 99.23 15.47
CA ALA C 1682 -13.42 99.41 16.53
C ALA C 1682 -13.67 100.88 16.83
N HIS C 1683 -12.70 101.74 16.57
CA HIS C 1683 -12.98 103.17 16.61
C HIS C 1683 -13.89 103.60 15.48
N ALA C 1684 -13.63 103.08 14.27
CA ALA C 1684 -14.40 103.48 13.09
C ALA C 1684 -15.85 103.08 13.18
N LEU C 1685 -16.15 101.98 13.88
CA LEU C 1685 -17.53 101.51 13.99
C LEU C 1685 -18.41 102.45 14.81
N CYS C 1686 -17.82 103.26 15.69
CA CYS C 1686 -18.57 104.19 16.53
C CYS C 1686 -19.32 105.24 15.71
N SER C 1687 -18.88 105.50 14.48
CA SER C 1687 -19.61 106.41 13.61
C SER C 1687 -20.92 105.78 13.16
N HIS C 1688 -20.86 104.53 12.70
CA HIS C 1688 -22.06 103.86 12.22
C HIS C 1688 -23.03 103.57 13.35
N VAL C 1689 -22.55 102.96 14.43
CA VAL C 1689 -23.39 102.75 15.62
C VAL C 1689 -22.94 103.72 16.71
N ASP C 1690 -23.72 104.79 16.88
CA ASP C 1690 -23.39 105.78 17.87
C ASP C 1690 -23.58 105.25 19.29
N GLN C 1691 -22.99 105.98 20.24
CA GLN C 1691 -23.15 105.65 21.65
C GLN C 1691 -24.60 105.79 22.08
N ALA C 1692 -25.29 106.81 21.57
CA ALA C 1692 -26.70 107.02 21.91
C ALA C 1692 -27.54 105.87 21.39
N GLN C 1693 -27.24 105.40 20.16
CA GLN C 1693 -27.98 104.29 19.57
C GLN C 1693 -27.82 103.04 20.41
N LEU C 1694 -26.59 102.75 20.84
CA LEU C 1694 -26.32 101.56 21.63
C LEU C 1694 -27.01 101.65 22.99
N LEU C 1695 -26.88 102.79 23.67
CA LEU C 1695 -27.46 102.98 25.00
C LEU C 1695 -28.98 102.90 24.95
N HIS C 1696 -29.60 103.51 23.93
CA HIS C 1696 -31.05 103.42 23.79
C HIS C 1696 -31.46 101.99 23.50
N ALA C 1697 -30.69 101.29 22.65
CA ALA C 1697 -31.01 99.90 22.33
C ALA C 1697 -30.88 98.99 23.54
N LEU C 1698 -30.14 99.41 24.57
CA LEU C 1698 -30.08 98.61 25.80
C LEU C 1698 -31.46 98.56 26.46
N GLU C 1699 -32.16 99.69 26.49
CA GLU C 1699 -33.44 99.81 27.14
C GLU C 1699 -34.61 99.63 26.20
N ASP C 1700 -34.36 99.40 24.91
CA ASP C 1700 -35.43 99.26 23.93
C ASP C 1700 -36.11 97.92 24.18
N ALA C 1701 -37.25 97.96 24.86
CA ALA C 1701 -37.93 96.74 25.26
C ALA C 1701 -38.74 96.09 24.14
N HIS C 1702 -38.92 96.77 23.00
CA HIS C 1702 -39.68 96.19 21.91
C HIS C 1702 -38.80 95.73 20.76
N LEU C 1703 -37.48 95.74 20.93
CA LEU C 1703 -36.60 95.24 19.90
C LEU C 1703 -36.76 93.72 19.78
N PRO C 1704 -36.56 93.16 18.60
CA PRO C 1704 -36.66 91.69 18.47
C PRO C 1704 -35.52 90.96 19.17
N GLY C 1705 -35.57 89.64 19.06
CA GLY C 1705 -34.61 88.76 19.70
C GLY C 1705 -33.20 88.91 19.16
N PRO C 1706 -32.99 88.53 17.89
CA PRO C 1706 -31.64 88.63 17.31
C PRO C 1706 -31.09 90.04 17.32
N LEU C 1707 -31.95 91.05 17.14
CA LEU C 1707 -31.44 92.42 17.09
C LEU C 1707 -31.01 92.88 18.47
N ARG C 1708 -31.76 92.49 19.51
CA ARG C 1708 -31.41 92.88 20.87
C ARG C 1708 -30.12 92.21 21.33
N ALA C 1709 -29.98 90.92 21.04
CA ALA C 1709 -28.75 90.23 21.42
C ALA C 1709 -27.57 90.67 20.56
N GLY C 1710 -27.81 90.96 19.28
CA GLY C 1710 -26.76 91.45 18.42
C GLY C 1710 -26.27 92.81 18.83
N TYR C 1711 -27.17 93.69 19.29
CA TYR C 1711 -26.74 95.01 19.69
C TYR C 1711 -26.02 94.99 21.03
N TYR C 1712 -26.47 94.14 21.97
CA TYR C 1712 -25.73 93.99 23.23
C TYR C 1712 -24.34 93.43 22.99
N ASP C 1713 -24.23 92.42 22.12
CA ASP C 1713 -22.93 91.83 21.83
C ASP C 1713 -22.06 92.81 21.06
N LEU C 1714 -22.66 93.60 20.18
CA LEU C 1714 -21.90 94.59 19.43
C LEU C 1714 -21.32 95.64 20.36
N LEU C 1715 -22.10 96.07 21.36
CA LEU C 1715 -21.59 97.01 22.36
C LEU C 1715 -20.42 96.42 23.12
N ILE C 1716 -20.54 95.15 23.52
CA ILE C 1716 -19.47 94.49 24.25
C ILE C 1716 -18.23 94.36 23.38
N SER C 1717 -18.41 93.97 22.12
CA SER C 1717 -17.29 93.77 21.21
C SER C 1717 -16.57 95.09 20.93
N ILE C 1718 -17.34 96.15 20.65
CA ILE C 1718 -16.73 97.42 20.27
C ILE C 1718 -16.03 98.06 21.46
N HIS C 1719 -16.69 98.09 22.61
CA HIS C 1719 -16.22 98.92 23.71
C HIS C 1719 -15.61 98.16 24.86
N LEU C 1720 -15.79 96.85 24.94
CA LEU C 1720 -15.39 96.20 26.17
C LEU C 1720 -14.45 95.02 25.99
N GLU C 1721 -14.60 94.24 24.91
CA GLU C 1721 -13.92 92.95 24.81
C GLU C 1721 -12.39 93.09 24.74
N SER C 1722 -11.87 94.14 24.09
CA SER C 1722 -10.42 94.30 23.99
C SER C 1722 -9.78 94.51 25.36
N ALA C 1723 -10.38 95.34 26.19
CA ALA C 1723 -9.85 95.55 27.54
C ALA C 1723 -10.14 94.33 28.42
N CYS C 1724 -11.31 93.72 28.22
CA CYS C 1724 -11.75 92.59 29.04
C CYS C 1724 -10.84 91.39 28.87
N ARG C 1725 -10.46 91.09 27.63
CA ARG C 1725 -9.64 89.91 27.34
C ARG C 1725 -8.27 90.03 28.01
N SER C 1726 -7.64 91.20 27.86
CA SER C 1726 -6.34 91.46 28.47
C SER C 1726 -6.42 91.42 29.98
N ARG C 1727 -7.49 91.96 30.57
CA ARG C 1727 -7.65 91.88 32.02
C ARG C 1727 -7.90 90.44 32.45
N ARG C 1728 -8.65 89.68 31.64
CA ARG C 1728 -8.96 88.29 31.96
C ARG C 1728 -7.69 87.46 31.98
N SER C 1729 -6.79 87.70 31.03
CA SER C 1729 -5.55 86.91 30.99
C SER C 1729 -4.68 87.19 32.20
N MET C 1730 -4.82 88.36 32.84
CA MET C 1730 -4.07 88.67 34.04
C MET C 1730 -4.88 88.37 35.30
N LEU C 1731 -6.07 87.80 35.16
CA LEU C 1731 -6.80 87.40 36.36
C LEU C 1731 -6.28 86.10 36.96
N SER C 1732 -5.45 85.37 36.24
CA SER C 1732 -4.88 84.12 36.74
C SER C 1732 -3.53 84.29 37.40
N GLU C 1733 -3.03 85.52 37.52
CA GLU C 1733 -1.76 85.79 38.15
C GLU C 1733 -2.01 86.67 39.38
N TYR C 1734 -1.17 86.49 40.40
CA TYR C 1734 -1.34 87.20 41.67
C TYR C 1734 0.02 87.75 42.09
N ILE C 1735 0.28 88.98 41.66
CA ILE C 1735 1.49 89.70 42.04
C ILE C 1735 1.07 90.63 43.17
N VAL C 1736 1.23 90.16 44.41
CA VAL C 1736 0.73 90.87 45.59
C VAL C 1736 1.87 91.73 46.12
N PRO C 1737 1.77 93.05 46.08
CA PRO C 1737 2.82 93.89 46.68
C PRO C 1737 2.65 94.02 48.18
N LEU C 1738 3.78 94.18 48.86
CA LEU C 1738 3.79 94.35 50.31
C LEU C 1738 3.52 95.82 50.64
N THR C 1739 2.27 96.13 50.94
CA THR C 1739 1.79 97.48 51.18
C THR C 1739 0.98 97.51 52.46
N PRO C 1740 0.80 98.71 53.07
CA PRO C 1740 -0.04 98.78 54.29
C PRO C 1740 -1.46 98.28 54.07
N GLU C 1741 -2.04 98.51 52.89
CA GLU C 1741 -3.36 97.98 52.63
C GLU C 1741 -3.31 96.47 52.40
N THR C 1742 -2.16 95.94 51.95
CA THR C 1742 -2.01 94.49 51.84
C THR C 1742 -2.09 93.87 53.22
N ARG C 1743 -1.45 94.52 54.21
CA ARG C 1743 -1.46 93.99 55.57
CA ARG C 1743 -1.47 93.98 55.57
C ARG C 1743 -2.87 93.96 56.16
N ALA C 1744 -3.70 94.95 55.81
CA ALA C 1744 -5.06 95.04 56.32
C ALA C 1744 -5.95 93.88 55.88
N ILE C 1745 -5.57 93.15 54.82
CA ILE C 1745 -6.36 92.04 54.31
C ILE C 1745 -6.39 90.92 55.33
N THR C 1746 -7.59 90.45 55.67
CA THR C 1746 -7.79 89.36 56.61
C THR C 1746 -8.68 88.31 55.99
N LEU C 1747 -8.56 87.09 56.49
CA LEU C 1747 -9.31 85.96 55.97
C LEU C 1747 -10.81 86.13 56.17
N PHE C 1748 -11.21 86.60 57.34
CA PHE C 1748 -12.62 86.76 57.68
C PHE C 1748 -12.85 88.17 58.18
N PRO C 1749 -14.06 88.71 58.00
CA PRO C 1749 -14.36 90.03 58.55
C PRO C 1749 -14.29 90.00 60.06
N PRO C 1750 -13.85 91.10 60.68
CA PRO C 1750 -13.77 91.14 62.16
C PRO C 1750 -15.16 91.10 62.77
N GLY C 1751 -15.38 90.11 63.63
CA GLY C 1751 -16.67 89.91 64.25
C GLY C 1751 -16.59 89.20 65.59
N ARG C 1752 -17.70 88.60 66.01
CA ARG C 1752 -17.78 87.97 67.32
C ARG C 1752 -18.52 86.64 67.34
N LYS C 1753 -18.98 86.13 66.20
CA LYS C 1753 -19.65 84.83 66.21
C LYS C 1753 -18.66 83.69 66.42
N GLY C 1754 -17.54 83.72 65.71
CA GLY C 1754 -16.53 82.70 65.88
C GLY C 1754 -15.15 83.13 65.41
N GLY C 1755 -14.15 82.98 66.28
CA GLY C 1755 -12.79 83.32 65.90
C GLY C 1755 -12.19 82.38 64.88
N ASN C 1756 -12.41 81.07 65.05
CA ASN C 1756 -11.83 80.10 64.12
C ASN C 1756 -12.58 80.10 62.79
N ALA C 1757 -13.91 80.21 62.83
CA ALA C 1757 -14.68 80.16 61.59
C ALA C 1757 -15.87 81.09 61.75
N ARG C 1758 -15.69 82.34 61.33
CA ARG C 1758 -16.79 83.27 61.20
C ARG C 1758 -17.54 82.98 59.90
N ARG C 1759 -18.76 83.51 59.79
CA ARG C 1759 -19.52 83.39 58.55
C ARG C 1759 -18.76 84.07 57.42
N HIS C 1760 -18.81 83.45 56.24
CA HIS C 1760 -18.02 83.91 55.11
C HIS C 1760 -18.41 85.32 54.69
N GLY C 1761 -17.39 86.11 54.34
CA GLY C 1761 -17.66 87.42 53.80
C GLY C 1761 -18.21 87.35 52.39
N LEU C 1762 -18.76 88.48 51.96
CA LEU C 1762 -19.37 88.57 50.64
C LEU C 1762 -18.29 88.48 49.57
N PRO C 1763 -18.35 87.52 48.65
CA PRO C 1763 -17.31 87.38 47.63
C PRO C 1763 -17.23 88.60 46.72
N GLY C 1764 -16.00 88.98 46.37
CA GLY C 1764 -15.77 90.15 45.57
C GLY C 1764 -15.92 91.47 46.30
N VAL C 1765 -16.25 91.44 47.58
CA VAL C 1765 -16.44 92.65 48.38
C VAL C 1765 -15.25 92.79 49.31
N GLY C 1766 -14.60 93.94 49.25
CA GLY C 1766 -13.43 94.21 50.05
C GLY C 1766 -12.38 94.87 49.18
N VAL C 1767 -11.15 94.85 49.66
CA VAL C 1767 -10.03 95.44 48.96
C VAL C 1767 -9.20 94.33 48.32
N THR C 1768 -8.82 94.53 47.06
CA THR C 1768 -7.95 93.61 46.36
C THR C 1768 -6.68 94.35 46.00
N THR C 1769 -5.54 93.77 46.36
CA THR C 1769 -4.26 94.43 46.15
C THR C 1769 -3.47 93.80 45.01
N SER C 1770 -3.92 92.65 44.49
CA SER C 1770 -3.28 91.97 43.37
C SER C 1770 -3.16 92.89 42.17
N LEU C 1771 -1.98 92.93 41.58
CA LEU C 1771 -1.69 93.91 40.54
C LEU C 1771 -2.39 93.56 39.25
N ARG C 1772 -3.14 94.51 38.72
CA ARG C 1772 -3.83 94.41 37.44
C ARG C 1772 -3.58 95.72 36.71
N PRO C 1773 -3.06 95.68 35.49
CA PRO C 1773 -2.80 96.93 34.74
C PRO C 1773 -4.08 97.68 34.46
N PRO C 1774 -4.06 99.01 34.53
CA PRO C 1774 -5.28 99.78 34.25
C PRO C 1774 -5.66 99.73 32.78
N HIS C 1775 -6.95 99.91 32.53
CA HIS C 1775 -7.45 99.95 31.17
C HIS C 1775 -7.00 101.23 30.48
N HIS C 1776 -6.97 101.17 29.15
CA HIS C 1776 -6.55 102.29 28.32
C HIS C 1776 -7.61 102.54 27.26
N PHE C 1777 -8.46 103.53 27.48
CA PHE C 1777 -9.48 103.90 26.52
C PHE C 1777 -9.11 105.20 25.82
N SER C 1778 -9.92 105.55 24.81
CA SER C 1778 -9.74 106.78 24.07
C SER C 1778 -11.08 107.30 23.61
N PRO C 1779 -11.34 108.60 23.76
CA PRO C 1779 -12.59 109.18 23.28
C PRO C 1779 -12.63 109.18 21.76
N PRO C 1780 -13.58 108.48 21.15
CA PRO C 1780 -13.60 108.37 19.68
C PRO C 1780 -13.99 109.67 19.00
N CYS C 1781 -13.04 110.27 18.28
CA CYS C 1781 -13.29 111.48 17.51
C CYS C 1781 -12.77 111.29 16.10
N PHE C 1782 -13.63 111.47 15.11
CA PHE C 1782 -13.30 111.20 13.72
C PHE C 1782 -12.83 112.43 12.96
N VAL C 1783 -12.87 113.61 13.57
CA VAL C 1783 -12.43 114.83 12.89
C VAL C 1783 -11.11 115.34 13.43
N ALA C 1784 -10.53 114.66 14.41
CA ALA C 1784 -9.20 115.02 14.89
C ALA C 1784 -8.18 114.81 13.77
N ALA C 1785 -7.10 115.58 13.83
CA ALA C 1785 -6.06 115.53 12.80
C ALA C 1785 -5.42 114.16 12.71
N LEU C 1786 -5.24 113.69 11.47
CA LEU C 1786 -4.60 112.41 11.23
C LEU C 1786 -3.14 112.45 11.69
N PRO C 1787 -2.59 111.34 12.18
CA PRO C 1787 -1.20 111.32 12.64
C PRO C 1787 -0.22 111.71 11.54
N ALA C 1788 0.75 112.55 11.90
CA ALA C 1788 1.73 113.01 10.92
C ALA C 1788 2.76 111.93 10.60
N ALA C 1789 2.98 111.00 11.53
CA ALA C 1789 3.95 109.94 11.32
C ALA C 1789 3.45 108.95 10.29
N GLY C 1790 4.37 108.11 9.80
CA GLY C 1790 4.04 107.13 8.79
C GLY C 1790 3.31 105.94 9.36
N VAL C 1791 3.00 104.99 8.47
CA VAL C 1791 2.27 103.79 8.85
C VAL C 1791 3.14 102.92 9.76
N ALA C 1792 2.48 102.25 10.72
CA ALA C 1792 3.09 101.32 11.68
C ALA C 1792 4.18 101.99 12.51
N GLU C 1793 3.98 103.27 12.83
CA GLU C 1793 4.91 104.00 13.69
C GLU C 1793 4.17 104.65 14.84
N ALA C 1794 2.89 104.99 14.61
CA ALA C 1794 2.06 105.55 15.66
C ALA C 1794 1.75 104.50 16.72
N PRO C 1795 1.52 104.91 17.98
CA PRO C 1795 1.13 103.93 19.01
C PRO C 1795 -0.22 103.30 18.72
N ALA C 1796 -0.40 102.09 19.27
CA ALA C 1796 -1.59 101.29 19.02
C ALA C 1796 -2.86 102.01 19.43
N ARG C 1797 -3.88 101.92 18.58
CA ARG C 1797 -5.16 102.51 18.89
C ARG C 1797 -5.79 101.81 20.08
N LEU C 1798 -6.36 102.59 20.98
CA LEU C 1798 -6.96 102.06 22.18
C LEU C 1798 -8.45 101.78 21.96
N SER C 1799 -9.05 101.14 22.95
CA SER C 1799 -10.49 100.88 22.89
C SER C 1799 -11.25 102.19 22.94
N PRO C 1800 -12.28 102.35 22.11
CA PRO C 1800 -13.13 103.55 22.17
C PRO C 1800 -13.79 103.72 23.53
N ALA C 1801 -13.86 104.96 24.00
CA ALA C 1801 -14.37 105.20 25.33
C ALA C 1801 -15.89 105.16 25.35
N ILE C 1802 -16.44 104.92 26.54
CA ILE C 1802 -17.87 104.91 26.79
C ILE C 1802 -18.07 105.13 28.29
N PRO C 1803 -19.04 105.97 28.72
CA PRO C 1803 -19.24 106.18 30.18
C PRO C 1803 -19.57 104.91 30.94
N LEU C 1804 -18.65 104.51 31.81
CA LEU C 1804 -18.82 103.25 32.51
C LEU C 1804 -19.46 103.42 33.87
N GLU C 1805 -19.32 104.60 34.48
CA GLU C 1805 -20.00 104.87 35.74
C GLU C 1805 -21.51 104.86 35.55
N ALA C 1806 -22.00 105.44 34.46
CA ALA C 1806 -23.41 105.37 34.14
C ALA C 1806 -23.79 104.03 33.54
N LEU C 1807 -22.87 103.43 32.77
CA LEU C 1807 -23.15 102.15 32.11
C LEU C 1807 -23.38 101.04 33.13
N ARG C 1808 -22.58 101.01 34.20
CA ARG C 1808 -22.77 100.00 35.25
C ARG C 1808 -24.11 100.18 35.98
N ASP C 1809 -24.52 101.43 36.22
CA ASP C 1809 -25.81 101.69 36.86
C ASP C 1809 -26.97 101.27 35.97
N LYS C 1810 -26.84 101.53 34.66
CA LYS C 1810 -27.83 101.05 33.71
C LYS C 1810 -27.88 99.52 33.70
N ALA C 1811 -26.70 98.88 33.71
CA ALA C 1811 -26.63 97.42 33.67
C ALA C 1811 -27.28 96.82 34.91
N LEU C 1812 -27.10 97.47 36.07
CA LEU C 1812 -27.80 97.03 37.26
C LEU C 1812 -29.30 97.19 37.10
N ARG C 1813 -29.70 98.25 36.39
CA ARG C 1813 -31.11 98.63 36.37
C ARG C 1813 -31.92 97.65 35.55
N MET C 1814 -31.45 97.32 34.33
CA MET C 1814 -32.20 96.34 33.53
C MET C 1814 -32.18 94.97 34.16
N LEU C 1815 -31.07 94.60 34.80
CA LEU C 1815 -31.00 93.32 35.52
C LEU C 1815 -32.02 93.24 36.64
N GLY C 1816 -32.20 94.33 37.40
CA GLY C 1816 -33.26 94.37 38.40
C GLY C 1816 -34.65 94.28 37.79
N GLU C 1817 -34.85 94.98 36.67
CA GLU C 1817 -36.14 94.91 35.97
C GLU C 1817 -36.41 93.50 35.48
N ALA C 1818 -35.38 92.84 34.93
CA ALA C 1818 -35.53 91.49 34.39
C ALA C 1818 -35.86 90.50 35.50
N VAL C 1819 -35.24 90.66 36.68
CA VAL C 1819 -35.52 89.77 37.81
C VAL C 1819 -36.97 89.92 38.26
N ARG C 1820 -37.43 91.17 38.39
CA ARG C 1820 -38.83 91.40 38.76
C ARG C 1820 -39.78 90.89 37.68
N ASP C 1821 -39.47 91.15 36.41
CA ASP C 1821 -40.35 90.76 35.31
C ASP C 1821 -40.43 89.24 35.22
N GLY C 1822 -39.28 88.56 35.43
CA GLY C 1822 -39.29 87.12 35.41
C GLY C 1822 -40.16 86.57 36.52
N GLY C 1823 -40.14 87.24 37.68
CA GLY C 1823 -41.01 86.81 38.76
C GLY C 1823 -42.48 86.99 38.44
N GLN C 1824 -42.81 88.03 37.67
CA GLN C 1824 -44.23 88.27 37.32
C GLN C 1824 -44.82 87.22 36.38
N HIS C 1825 -43.99 86.38 35.74
CA HIS C 1825 -44.41 85.35 34.78
C HIS C 1825 -45.25 85.93 33.64
N ALA C 1826 -44.82 87.09 33.13
CA ALA C 1826 -45.51 87.75 32.03
C ALA C 1826 -45.51 86.90 30.77
N ARG C 1827 -46.63 86.94 30.03
CA ARG C 1827 -46.77 86.15 28.82
C ARG C 1827 -45.96 86.71 27.65
N ASP C 1828 -45.48 87.95 27.73
CA ASP C 1828 -44.68 88.55 26.66
C ASP C 1828 -43.40 89.07 27.30
N PRO C 1829 -42.38 88.23 27.42
CA PRO C 1829 -41.10 88.69 27.96
C PRO C 1829 -40.40 89.61 26.99
N VAL C 1830 -39.50 90.45 27.54
CA VAL C 1830 -38.76 91.42 26.74
C VAL C 1830 -37.89 90.71 25.71
N GLY C 1831 -37.94 91.19 24.47
CA GLY C 1831 -37.17 90.60 23.39
C GLY C 1831 -37.84 89.44 22.70
N GLY C 1832 -38.97 88.98 23.21
CA GLY C 1832 -39.71 87.89 22.61
C GLY C 1832 -39.54 86.55 23.30
N SER C 1833 -38.52 86.40 24.14
CA SER C 1833 -38.32 85.14 24.84
C SER C 1833 -37.52 85.39 26.11
N VAL C 1834 -37.55 84.40 27.00
CA VAL C 1834 -36.82 84.48 28.26
C VAL C 1834 -35.32 84.51 27.99
N GLU C 1835 -34.86 83.70 27.04
CA GLU C 1835 -33.44 83.66 26.70
C GLU C 1835 -32.98 85.00 26.18
N PHE C 1836 -33.74 85.61 25.28
CA PHE C 1836 -33.36 86.91 24.74
C PHE C 1836 -33.56 88.03 25.75
N GLN C 1837 -34.26 87.75 26.85
CA GLN C 1837 -34.43 88.75 27.89
C GLN C 1837 -33.26 88.73 28.87
N PHE C 1838 -32.76 87.54 29.18
CA PHE C 1838 -31.73 87.40 30.21
C PHE C 1838 -30.31 87.26 29.69
N VAL C 1839 -30.09 86.52 28.59
CA VAL C 1839 -28.72 86.26 28.12
C VAL C 1839 -27.93 87.52 27.76
N PRO C 1840 -28.44 88.46 26.93
CA PRO C 1840 -27.63 89.67 26.65
C PRO C 1840 -27.32 90.53 27.88
N VAL C 1841 -28.28 90.65 28.80
CA VAL C 1841 -28.06 91.41 30.01
C VAL C 1841 -27.01 90.73 30.88
N LEU C 1842 -27.08 89.41 31.01
CA LEU C 1842 -26.12 88.69 31.84
C LEU C 1842 -24.74 88.70 31.21
N LYS C 1843 -24.68 88.77 29.87
CA LYS C 1843 -23.39 88.93 29.18
C LYS C 1843 -22.77 90.27 29.53
N LEU C 1844 -23.58 91.33 29.55
CA LEU C 1844 -23.05 92.65 29.86
C LEU C 1844 -22.62 92.75 31.32
N VAL C 1845 -23.38 92.13 32.22
CA VAL C 1845 -23.03 92.12 33.64
C VAL C 1845 -21.74 91.34 33.84
N SER C 1846 -21.60 90.18 33.17
CA SER C 1846 -20.41 89.37 33.31
C SER C 1846 -19.16 90.10 32.82
N THR C 1847 -19.28 90.77 31.66
CA THR C 1847 -18.14 91.50 31.11
C THR C 1847 -17.73 92.66 32.02
N LEU C 1848 -18.71 93.40 32.56
CA LEU C 1848 -18.37 94.48 33.49
C LEU C 1848 -17.77 93.93 34.77
N LEU C 1849 -18.26 92.78 35.24
CA LEU C 1849 -17.71 92.18 36.46
C LEU C 1849 -16.26 91.77 36.26
N VAL C 1850 -15.95 91.19 35.10
CA VAL C 1850 -14.58 90.77 34.80
C VAL C 1850 -13.69 91.98 34.73
N MET C 1851 -14.16 93.06 34.07
CA MET C 1851 -13.38 94.29 34.01
C MET C 1851 -13.31 95.02 35.34
N GLY C 1852 -14.09 94.61 36.34
CA GLY C 1852 -14.08 95.26 37.64
C GLY C 1852 -14.63 96.67 37.65
N ILE C 1853 -15.63 96.94 36.81
CA ILE C 1853 -16.27 98.25 36.81
C ILE C 1853 -17.10 98.44 38.07
N PHE C 1854 -17.80 97.40 38.48
CA PHE C 1854 -18.73 97.47 39.61
C PHE C 1854 -17.99 97.69 40.93
N GLY C 1855 -18.55 98.57 41.76
CA GLY C 1855 -18.03 98.80 43.09
C GLY C 1855 -18.55 97.76 44.07
N ASP C 1856 -18.16 97.92 45.34
CA ASP C 1856 -18.58 96.99 46.39
C ASP C 1856 -20.08 97.01 46.60
N GLU C 1857 -20.70 98.19 46.59
CA GLU C 1857 -22.15 98.28 46.73
C GLU C 1857 -22.85 97.64 45.56
N ASP C 1858 -22.32 97.85 44.35
CA ASP C 1858 -22.89 97.25 43.15
C ASP C 1858 -22.81 95.74 43.23
N VAL C 1859 -21.67 95.22 43.71
CA VAL C 1859 -21.50 93.78 43.84
C VAL C 1859 -22.53 93.24 44.84
N LYS C 1860 -22.73 93.97 45.96
CA LYS C 1860 -23.74 93.58 46.96
C LYS C 1860 -25.13 93.51 46.34
N GLN C 1861 -25.41 94.41 45.39
CA GLN C 1861 -26.67 94.37 44.67
C GLN C 1861 -26.75 93.12 43.80
N ILE C 1862 -25.71 92.85 43.01
CA ILE C 1862 -25.73 91.70 42.10
C ILE C 1862 -25.90 90.41 42.89
N LEU C 1863 -25.22 90.32 44.05
CA LEU C 1863 -25.42 89.17 44.93
C LEU C 1863 -26.83 89.13 45.50
N LYS C 1864 -27.50 90.28 45.60
CA LYS C 1864 -28.88 90.27 46.08
C LYS C 1864 -29.80 89.73 45.00
N MET C 1865 -29.63 90.17 43.74
CA MET C 1865 -30.48 89.62 42.69
C MET C 1865 -30.19 88.14 42.44
N ILE C 1866 -28.93 87.71 42.63
CA ILE C 1866 -28.61 86.29 42.46
C ILE C 1866 -29.24 85.47 43.57
N GLU C 1867 -29.08 85.91 44.82
CA GLU C 1867 -29.71 85.22 45.94
C GLU C 1867 -29.92 86.18 47.11
N PRO C 1868 -31.13 86.69 47.30
CA PRO C 1868 -31.36 87.71 48.32
C PRO C 1868 -31.50 87.18 49.73
N GLU C 1869 -31.41 85.86 49.95
CA GLU C 1869 -31.53 85.32 51.30
C GLU C 1869 -30.21 84.83 51.87
N VAL C 1870 -29.47 84.01 51.13
CA VAL C 1870 -28.22 83.45 51.64
C VAL C 1870 -27.16 84.54 51.81
N PHE C 1871 -27.08 85.44 50.85
CA PHE C 1871 -26.02 86.44 50.80
C PHE C 1871 -26.36 87.73 51.52
N THR C 1872 -27.28 87.67 52.49
CA THR C 1872 -27.54 88.82 53.34
C THR C 1872 -26.34 89.09 54.25
N GLU C 1873 -26.15 90.35 54.60
CA GLU C 1873 -25.04 90.77 55.45
C GLU C 1873 -25.58 91.18 56.82
N GLU C 1874 -24.96 90.65 57.87
CA GLU C 1874 -25.30 90.92 59.26
C GLU C 1874 -24.23 90.31 60.18
N LEU C 1922 -41.24 90.60 42.96
CA LEU C 1922 -40.99 89.54 43.93
C LEU C 1922 -39.51 89.37 44.20
N GLU C 1923 -39.15 89.23 45.48
CA GLU C 1923 -37.75 89.11 45.89
C GLU C 1923 -37.25 87.67 45.76
N GLU C 1924 -37.46 87.06 44.60
CA GLU C 1924 -36.99 85.71 44.32
C GLU C 1924 -35.71 85.79 43.51
N GLY C 1925 -34.71 85.03 43.93
CA GLY C 1925 -33.42 85.10 43.28
C GLY C 1925 -33.43 84.47 41.89
N LEU C 1926 -32.37 84.80 41.13
CA LEU C 1926 -32.23 84.27 39.78
C LEU C 1926 -32.08 82.75 39.75
N LEU C 1927 -31.59 82.16 40.84
CA LEU C 1927 -31.35 80.73 40.89
C LEU C 1927 -32.62 79.92 41.11
N GLN C 1928 -33.76 80.56 41.36
CA GLN C 1928 -35.01 79.87 41.64
C GLN C 1928 -36.11 80.30 40.68
N MET C 1929 -35.77 80.47 39.39
CA MET C 1929 -36.74 81.00 38.45
C MET C 1929 -37.00 80.11 37.24
N LYS C 1930 -36.42 78.90 37.20
CA LYS C 1930 -36.58 77.91 36.13
C LYS C 1930 -36.21 78.54 34.78
N LEU C 1931 -34.97 78.83 34.69
CA LEU C 1931 -34.41 79.50 33.54
C LEU C 1931 -33.90 78.48 32.52
N PRO C 1932 -33.90 78.84 31.22
CA PRO C 1932 -33.43 77.91 30.19
C PRO C 1932 -31.92 77.70 30.28
N GLU C 1933 -31.44 76.76 29.44
CA GLU C 1933 -30.04 76.34 29.46
C GLU C 1933 -29.09 77.47 29.08
N SER C 1934 -29.45 78.27 28.08
CA SER C 1934 -28.58 79.36 27.62
C SER C 1934 -28.33 80.39 28.71
N VAL C 1935 -29.36 80.72 29.50
CA VAL C 1935 -29.20 81.63 30.63
C VAL C 1935 -28.33 81.01 31.71
N LYS C 1936 -28.47 79.69 31.89
CA LYS C 1936 -27.71 78.97 32.92
C LYS C 1936 -26.21 79.06 32.68
N LEU C 1937 -25.79 79.10 31.41
CA LEU C 1937 -24.37 79.24 31.08
C LEU C 1937 -23.83 80.59 31.58
N GLN C 1938 -24.60 81.66 31.37
CA GLN C 1938 -24.16 82.97 31.82
C GLN C 1938 -24.16 83.03 33.35
N MET C 1939 -25.10 82.32 33.98
CA MET C 1939 -25.09 82.24 35.44
C MET C 1939 -23.83 81.56 35.95
N CYS C 1940 -23.41 80.50 35.23
CA CYS C 1940 -22.18 79.81 35.58
C CYS C 1940 -20.97 80.72 35.40
N ASN C 1941 -20.98 81.58 34.37
CA ASN C 1941 -19.90 82.54 34.18
C ASN C 1941 -19.83 83.54 35.32
N LEU C 1942 -21.00 83.97 35.81
CA LEU C 1942 -21.04 84.89 36.95
C LEU C 1942 -20.47 84.23 38.19
N LEU C 1943 -20.91 83.00 38.46
CA LEU C 1943 -20.46 82.34 39.67
C LEU C 1943 -18.99 82.00 39.62
N GLU C 1944 -18.47 81.58 38.44
CA GLU C 1944 -17.06 81.27 38.36
C GLU C 1944 -16.22 82.54 38.54
N TYR C 1945 -16.78 83.70 38.17
CA TYR C 1945 -16.11 84.96 38.48
C TYR C 1945 -16.03 85.17 39.98
N PHE C 1946 -17.15 84.94 40.68
CA PHE C 1946 -17.13 85.10 42.14
C PHE C 1946 -16.23 84.07 42.81
N CYS C 1947 -16.14 82.86 42.25
CA CYS C 1947 -15.20 81.86 42.76
C CYS C 1947 -13.77 82.33 42.59
N ASP C 1948 -13.46 82.97 41.46
CA ASP C 1948 -12.13 83.55 41.27
C ASP C 1948 -11.86 84.66 42.29
N GLN C 1949 -12.87 85.46 42.59
CA GLN C 1949 -12.72 86.50 43.60
C GLN C 1949 -12.44 85.91 44.99
N GLU C 1950 -13.13 84.81 45.33
CA GLU C 1950 -12.86 84.10 46.58
C GLU C 1950 -11.44 83.53 46.61
N LEU C 1951 -10.99 82.99 45.48
CA LEU C 1951 -9.63 82.47 45.37
C LEU C 1951 -8.60 83.57 45.56
N GLN C 1952 -8.77 84.70 44.85
CA GLN C 1952 -7.85 85.82 44.96
C GLN C 1952 -7.86 86.40 46.38
N HIS C 1953 -9.02 86.37 47.04
CA HIS C 1953 -9.08 86.76 48.45
C HIS C 1953 -8.27 85.83 49.33
N ARG C 1954 -8.32 84.52 49.03
CA ARG C 1954 -7.51 83.56 49.78
C ARG C 1954 -6.02 83.79 49.56
N VAL C 1955 -5.63 84.01 48.30
CA VAL C 1955 -4.23 84.22 47.95
C VAL C 1955 -3.69 85.48 48.63
N GLU C 1956 -4.45 86.57 48.55
CA GLU C 1956 -4.04 87.82 49.18
C GLU C 1956 -3.98 87.69 50.70
N SER C 1957 -4.94 86.97 51.29
CA SER C 1957 -4.93 86.73 52.74
C SER C 1957 -3.69 85.94 53.17
N LEU C 1958 -3.33 84.91 52.39
CA LEU C 1958 -2.12 84.15 52.67
C LEU C 1958 -0.87 85.00 52.50
N ALA C 1959 -0.82 85.84 51.45
CA ALA C 1959 0.33 86.72 51.25
C ALA C 1959 0.45 87.73 52.39
N ALA C 1960 -0.68 88.26 52.86
CA ALA C 1960 -0.64 89.16 54.01
C ALA C 1960 -0.18 88.44 55.26
N PHE C 1961 -0.57 87.16 55.41
CA PHE C 1961 -0.09 86.39 56.55
C PHE C 1961 1.41 86.18 56.46
N ALA C 1962 1.92 85.99 55.24
CA ALA C 1962 3.36 85.87 55.03
C ALA C 1962 4.08 87.15 55.43
N GLU C 1963 3.50 88.31 55.07
CA GLU C 1963 4.09 89.59 55.47
C GLU C 1963 4.09 89.77 56.98
N ARG C 1964 3.00 89.37 57.65
CA ARG C 1964 2.93 89.47 59.10
C ARG C 1964 3.77 88.43 59.83
N TYR C 1965 4.09 87.32 59.17
CA TYR C 1965 4.80 86.21 59.79
C TYR C 1965 6.31 86.26 59.61
N VAL C 1966 6.76 86.68 58.41
CA VAL C 1966 8.20 86.74 58.12
C VAL C 1966 8.89 87.72 59.06
N ASP C 1967 8.24 88.85 59.38
CA ASP C 1967 8.84 89.83 60.27
C ASP C 1967 9.09 89.28 61.67
N LYS C 1968 8.11 88.56 62.24
CA LYS C 1968 8.30 87.90 63.52
C LYS C 1968 9.34 86.78 63.45
N LEU C 1969 9.32 86.00 62.37
CA LEU C 1969 10.26 84.89 62.25
C LEU C 1969 11.69 85.40 62.08
N GLN C 1970 11.87 86.50 61.34
CA GLN C 1970 13.17 87.13 61.18
C GLN C 1970 13.65 87.69 62.51
N ALA C 1971 12.75 88.30 63.28
CA ALA C 1971 13.12 88.88 64.57
C ALA C 1971 13.55 87.79 65.54
N ASN C 1972 12.79 86.70 65.61
CA ASN C 1972 13.13 85.59 66.51
C ASN C 1972 14.43 84.92 66.08
N GLN C 1973 14.64 84.72 64.78
CA GLN C 1973 15.87 84.10 64.29
C GLN C 1973 17.08 85.02 64.47
N ARG C 1974 16.87 86.33 64.45
CA ARG C 1974 17.96 87.26 64.73
C ARG C 1974 18.30 87.24 66.22
N SER C 1975 17.28 87.22 67.09
CA SER C 1975 17.54 87.17 68.53
C SER C 1975 18.23 85.86 68.89
N ARG C 1976 17.79 84.75 68.28
CA ARG C 1976 18.41 83.46 68.52
C ARG C 1976 19.83 83.41 67.98
N TYR C 1977 20.19 84.30 67.04
CA TYR C 1977 21.56 84.33 66.56
C TYR C 1977 22.48 84.87 67.65
N ALA C 1978 22.06 85.97 68.29
CA ALA C 1978 22.82 86.56 69.39
C ALA C 1978 22.90 85.61 70.56
N LEU C 1979 21.78 84.94 70.89
CA LEU C 1979 21.81 83.95 71.97
C LEU C 1979 22.71 82.77 71.64
N LEU C 1980 22.82 82.41 70.35
CA LEU C 1980 23.75 81.35 69.96
C LEU C 1980 25.18 81.84 70.09
N MET C 1981 25.42 83.14 69.84
CA MET C 1981 26.76 83.68 70.01
C MET C 1981 27.18 83.66 71.47
N ARG C 1982 26.27 84.00 72.38
CA ARG C 1982 26.61 83.96 73.80
C ARG C 1982 26.50 82.57 74.42
N ALA C 1983 26.01 81.57 73.69
CA ALA C 1983 25.92 80.22 74.26
C ALA C 1983 27.28 79.53 74.36
N PHE C 1984 28.33 80.13 73.78
CA PHE C 1984 29.67 79.55 73.87
C PHE C 1984 30.20 79.56 75.29
N THR C 1985 29.64 80.39 76.17
CA THR C 1985 30.06 80.46 77.55
C THR C 1985 29.45 79.35 78.38
N MET C 1986 28.41 78.69 77.86
CA MET C 1986 27.70 77.64 78.57
C MET C 1986 27.42 76.47 77.65
N SER C 1987 28.35 76.17 76.75
CA SER C 1987 28.17 75.07 75.82
C SER C 1987 29.51 74.36 75.65
N ALA C 1988 29.60 73.50 74.63
CA ALA C 1988 30.79 72.73 74.34
C ALA C 1988 30.86 72.56 72.82
N ALA C 1989 31.60 71.56 72.35
CA ALA C 1989 31.81 71.31 70.92
C ALA C 1989 30.54 71.00 70.12
N GLU C 1990 29.39 70.82 70.78
CA GLU C 1990 28.11 70.50 70.15
C GLU C 1990 27.40 71.73 69.57
N THR C 1991 28.10 72.86 69.39
CA THR C 1991 27.49 74.05 68.80
C THR C 1991 27.04 73.83 67.37
N ALA C 1992 27.69 72.90 66.65
CA ALA C 1992 27.47 72.72 65.21
C ALA C 1992 26.04 72.33 64.89
N ARG C 1993 25.41 71.52 65.75
CA ARG C 1993 24.05 71.06 65.49
C ARG C 1993 23.06 72.22 65.48
N ARG C 1994 23.16 73.10 66.47
CA ARG C 1994 22.23 74.23 66.54
C ARG C 1994 22.61 75.34 65.56
N THR C 1995 23.90 75.52 65.25
CA THR C 1995 24.27 76.57 64.31
C THR C 1995 24.32 76.09 62.86
N ARG C 1996 24.00 74.82 62.60
CA ARG C 1996 23.86 74.37 61.22
C ARG C 1996 22.70 75.10 60.53
N GLU C 1997 21.70 75.53 61.31
CA GLU C 1997 20.61 76.32 60.76
C GLU C 1997 21.13 77.63 60.18
N PHE C 1998 22.02 78.30 60.91
CA PHE C 1998 22.55 79.57 60.42
C PHE C 1998 23.68 79.37 59.42
N ARG C 1999 24.30 78.19 59.38
CA ARG C 1999 25.23 77.86 58.31
C ARG C 1999 24.52 77.31 57.07
N SER C 2000 23.22 77.15 57.13
CA SER C 2000 22.43 76.72 56.01
C SER C 2000 21.66 77.90 55.43
N PRO C 2001 21.67 78.08 54.12
CA PRO C 2001 20.95 79.20 53.48
C PRO C 2001 19.45 79.15 53.79
N PRO C 2002 18.72 80.28 53.67
CA PRO C 2002 17.38 80.36 54.27
C PRO C 2002 16.31 79.44 53.68
N GLN C 2003 16.54 78.88 52.48
CA GLN C 2003 15.55 78.04 51.84
C GLN C 2003 15.25 76.79 52.67
N GLU C 2004 16.29 76.13 53.17
CA GLU C 2004 16.04 74.96 54.01
C GLU C 2004 15.88 75.36 55.47
N GLN C 2005 16.20 76.61 55.81
CA GLN C 2005 15.96 77.11 57.16
C GLN C 2005 14.47 77.19 57.43
N ILE C 2006 13.71 77.80 56.51
CA ILE C 2006 12.26 77.86 56.72
C ILE C 2006 11.63 76.47 56.67
N ASN C 2007 12.20 75.54 55.89
CA ASN C 2007 11.74 74.15 55.90
C ASN C 2007 11.88 73.53 57.29
N MET C 2008 13.01 73.78 57.95
CA MET C 2008 13.17 73.27 59.30
C MET C 2008 12.33 74.06 60.31
N LEU C 2009 12.24 75.38 60.13
CA LEU C 2009 11.50 76.22 61.06
C LEU C 2009 10.02 75.88 61.04
N LEU C 2010 9.45 75.70 59.85
CA LEU C 2010 8.03 75.37 59.70
C LEU C 2010 7.78 73.87 59.79
N HIS C 2011 8.83 73.07 59.98
CA HIS C 2011 8.68 71.61 60.02
C HIS C 2011 8.21 71.19 61.42
N PHE C 2012 6.96 71.56 61.74
CA PHE C 2012 6.35 71.15 63.00
C PHE C 2012 4.86 70.84 62.83
N LYS C 2013 4.44 70.40 61.64
CA LYS C 2013 3.02 70.21 61.37
C LYS C 2013 2.43 69.04 62.14
N ASP C 2014 3.10 67.89 62.13
CA ASP C 2014 2.54 66.66 62.67
C ASP C 2014 2.92 66.42 64.13
N GLU C 2015 3.53 67.42 64.78
CA GLU C 2015 3.92 67.41 66.20
C GLU C 2015 4.93 66.35 66.62
N ALA C 2016 5.41 65.54 65.68
CA ALA C 2016 6.44 64.54 65.94
C ALA C 2016 7.84 65.07 65.63
N ASP C 2017 7.95 66.35 65.29
CA ASP C 2017 9.20 66.96 64.86
C ASP C 2017 9.40 68.32 65.50
N GLU C 2018 9.13 68.42 66.80
CA GLU C 2018 9.26 69.68 67.52
C GLU C 2018 10.66 69.90 68.10
N GLU C 2019 11.52 68.88 68.04
CA GLU C 2019 12.83 68.98 68.68
C GLU C 2019 13.77 69.89 67.89
N ASP C 2020 13.77 69.80 66.56
CA ASP C 2020 14.70 70.59 65.76
C ASP C 2020 14.26 72.03 65.64
N CYS C 2021 12.95 72.28 65.62
CA CYS C 2021 12.40 73.62 65.42
C CYS C 2021 12.65 74.51 66.63
N PRO C 2022 13.33 75.64 66.47
CA PRO C 2022 13.53 76.58 67.59
C PRO C 2022 12.47 77.66 67.73
N LEU C 2023 11.38 77.61 66.98
CA LEU C 2023 10.35 78.64 67.09
C LEU C 2023 9.56 78.48 68.37
N PRO C 2024 9.38 79.55 69.16
CA PRO C 2024 8.56 79.46 70.37
C PRO C 2024 7.11 79.14 70.08
N GLU C 2025 6.41 78.75 71.16
CA GLU C 2025 5.05 78.25 71.05
C GLU C 2025 4.06 79.28 70.54
N ASP C 2026 4.32 80.57 70.76
CA ASP C 2026 3.42 81.60 70.24
C ASP C 2026 3.46 81.67 68.71
N ILE C 2027 4.66 81.59 68.13
CA ILE C 2027 4.83 81.58 66.69
C ILE C 2027 4.27 80.28 66.11
N ARG C 2028 4.52 79.16 66.80
CA ARG C 2028 3.97 77.87 66.36
C ARG C 2028 2.45 77.87 66.38
N GLN C 2029 1.88 78.46 67.43
CA GLN C 2029 0.44 78.56 67.58
C GLN C 2029 -0.12 79.46 66.48
N ASP C 2030 0.62 80.51 66.12
CA ASP C 2030 0.17 81.46 65.11
C ASP C 2030 -0.01 80.75 63.77
N LEU C 2031 1.01 79.97 63.36
CA LEU C 2031 0.89 79.21 62.11
C LEU C 2031 -0.21 78.15 62.18
N GLN C 2032 -0.30 77.44 63.32
CA GLN C 2032 -1.38 76.45 63.48
C GLN C 2032 -2.76 77.10 63.52
N ASP C 2033 -2.82 78.35 63.96
CA ASP C 2033 -4.07 79.10 63.95
C ASP C 2033 -4.47 79.45 62.53
N PHE C 2034 -3.51 79.93 61.71
CA PHE C 2034 -3.87 80.29 60.35
C PHE C 2034 -4.08 79.07 59.47
N HIS C 2035 -3.56 77.92 59.89
CA HIS C 2035 -3.78 76.71 59.12
C HIS C 2035 -5.16 76.12 59.40
N GLN C 2036 -5.85 76.60 60.42
CA GLN C 2036 -7.17 76.08 60.74
C GLN C 2036 -8.27 76.95 60.14
N ASP C 2037 -8.17 78.27 60.27
CA ASP C 2037 -9.16 79.13 59.63
C ASP C 2037 -9.05 79.08 58.11
N LEU C 2038 -7.84 78.84 57.55
CA LEU C 2038 -7.75 78.66 56.10
C LEU C 2038 -8.54 77.44 55.62
N LEU C 2039 -8.43 76.33 56.34
CA LEU C 2039 -9.25 75.15 56.05
C LEU C 2039 -10.73 75.42 56.25
N ALA C 2040 -11.08 76.17 57.30
CA ALA C 2040 -12.48 76.54 57.50
C ALA C 2040 -12.99 77.44 56.37
N HIS C 2041 -12.15 78.37 55.91
CA HIS C 2041 -12.49 79.23 54.79
C HIS C 2041 -12.65 78.45 53.51
N CYS C 2042 -12.01 77.28 53.41
CA CYS C 2042 -12.20 76.41 52.27
C CYS C 2042 -13.19 75.29 52.56
N GLY C 2043 -13.87 75.35 53.70
CA GLY C 2043 -14.88 74.37 54.07
C GLY C 2043 -14.39 72.96 54.29
N ILE C 2044 -13.24 72.80 54.93
CA ILE C 2044 -12.68 71.47 55.15
C ILE C 2044 -13.35 70.78 56.32
N GLN C 2045 -13.24 71.36 57.51
CA GLN C 2045 -13.80 70.75 58.71
C GLN C 2045 -14.17 71.83 59.70
N LEU C 2046 -15.09 71.49 60.60
CA LEU C 2046 -15.59 72.42 61.61
C LEU C 2046 -16.23 71.64 62.75
N GLU C 2088 -30.57 72.43 58.62
CA GLU C 2088 -29.31 72.82 58.01
C GLU C 2088 -29.46 73.00 56.50
N LYS C 2089 -30.70 73.24 56.06
CA LYS C 2089 -31.00 73.42 54.64
C LYS C 2089 -30.45 74.73 54.09
N LYS C 2090 -30.05 75.66 54.95
CA LYS C 2090 -29.54 76.95 54.53
C LYS C 2090 -28.13 76.79 53.95
N PRO C 2091 -27.91 77.14 52.68
CA PRO C 2091 -26.54 77.05 52.13
C PRO C 2091 -25.52 77.90 52.86
N GLN C 2092 -25.89 79.13 53.24
CA GLN C 2092 -25.16 80.02 54.14
C GLN C 2092 -23.84 80.55 53.56
N SER C 2093 -23.46 80.08 52.37
CA SER C 2093 -22.20 80.48 51.75
C SER C 2093 -22.24 80.12 50.29
N LEU C 2094 -21.32 80.73 49.53
CA LEU C 2094 -21.20 80.46 48.11
C LEU C 2094 -20.72 79.03 47.85
N GLN C 2095 -19.89 78.49 48.74
CA GLN C 2095 -19.37 77.13 48.59
C GLN C 2095 -20.49 76.09 48.59
N GLU C 2096 -21.45 76.24 49.50
CA GLU C 2096 -22.57 75.31 49.51
C GLU C 2096 -23.64 75.70 48.53
N LEU C 2097 -23.73 76.99 48.20
CA LEU C 2097 -24.76 77.49 47.30
C LEU C 2097 -24.55 76.97 45.89
N VAL C 2098 -23.31 77.08 45.39
CA VAL C 2098 -23.01 76.67 44.01
C VAL C 2098 -23.21 75.17 43.87
N SER C 2099 -22.70 74.39 44.84
CA SER C 2099 -22.82 72.93 44.79
C SER C 2099 -24.28 72.49 44.84
N HIS C 2100 -25.07 73.12 45.72
CA HIS C 2100 -26.49 72.77 45.83
CA HIS C 2100 -26.49 72.77 45.83
C HIS C 2100 -27.25 73.12 44.56
N MET C 2101 -26.95 74.28 43.98
CA MET C 2101 -27.65 74.74 42.80
C MET C 2101 -27.29 73.86 41.60
N VAL C 2102 -26.00 73.60 41.41
CA VAL C 2102 -25.54 72.84 40.24
C VAL C 2102 -26.10 71.42 40.28
N VAL C 2103 -26.07 70.81 41.47
CA VAL C 2103 -26.64 69.47 41.62
C VAL C 2103 -28.13 69.50 41.34
N ARG C 2104 -28.84 70.53 41.83
CA ARG C 2104 -30.27 70.63 41.59
C ARG C 2104 -30.58 70.78 40.10
N TRP C 2105 -29.79 71.60 39.39
CA TRP C 2105 -29.97 71.78 37.96
C TRP C 2105 -29.76 70.49 37.19
N ALA C 2106 -28.73 69.75 37.56
CA ALA C 2106 -28.41 68.49 36.88
C ALA C 2106 -29.49 67.45 37.11
N GLN C 2107 -30.01 67.34 38.33
CA GLN C 2107 -31.02 66.33 38.60
C GLN C 2107 -32.40 66.74 38.16
N GLU C 2108 -32.66 68.04 37.97
CA GLU C 2108 -33.96 68.49 37.49
C GLU C 2108 -34.25 68.01 36.07
N ASP C 2109 -33.26 68.07 35.17
CA ASP C 2109 -33.49 67.69 33.79
C ASP C 2109 -32.18 67.32 33.13
N TYR C 2110 -32.28 66.55 32.06
CA TYR C 2110 -31.13 66.14 31.27
C TYR C 2110 -30.60 67.37 30.53
N VAL C 2111 -29.46 67.88 30.96
CA VAL C 2111 -28.85 69.05 30.35
C VAL C 2111 -28.29 68.69 28.98
N GLN C 2112 -28.65 69.46 27.96
CA GLN C 2112 -28.26 69.11 26.61
C GLN C 2112 -27.08 69.91 26.07
N SER C 2113 -26.76 71.04 26.68
CA SER C 2113 -25.68 71.87 26.18
C SER C 2113 -24.34 71.36 26.70
N PRO C 2114 -23.42 70.92 25.81
CA PRO C 2114 -22.10 70.48 26.29
C PRO C 2114 -21.30 71.56 26.99
N GLU C 2115 -21.43 72.81 26.54
CA GLU C 2115 -20.72 73.91 27.19
C GLU C 2115 -21.28 74.14 28.58
N LEU C 2116 -22.60 74.03 28.73
CA LEU C 2116 -23.21 74.21 30.04
C LEU C 2116 -22.79 73.09 30.98
N VAL C 2117 -22.73 71.85 30.46
CA VAL C 2117 -22.34 70.70 31.28
C VAL C 2117 -20.92 70.85 31.79
N ARG C 2118 -20.01 71.23 30.88
CA ARG C 2118 -18.61 71.44 31.28
C ARG C 2118 -18.48 72.60 32.26
N ALA C 2119 -19.22 73.70 32.04
CA ALA C 2119 -19.14 74.83 32.96
C ALA C 2119 -19.67 74.47 34.34
N MET C 2120 -20.76 73.70 34.38
CA MET C 2120 -21.38 73.30 35.64
C MET C 2120 -20.43 72.43 36.44
N PHE C 2121 -19.86 71.40 35.81
CA PHE C 2121 -19.06 70.51 36.63
C PHE C 2121 -17.67 71.07 36.87
N SER C 2122 -17.23 72.06 36.09
CA SER C 2122 -16.04 72.82 36.46
C SER C 2122 -16.28 73.61 37.74
N LEU C 2123 -17.48 74.22 37.86
CA LEU C 2123 -17.83 74.91 39.10
C LEU C 2123 -17.93 73.94 40.26
N LEU C 2124 -18.56 72.80 40.02
CA LEU C 2124 -18.79 71.83 41.10
C LEU C 2124 -17.47 71.26 41.58
N HIS C 2125 -16.53 71.02 40.66
CA HIS C 2125 -15.22 70.54 41.05
C HIS C 2125 -14.49 71.59 41.87
N ARG C 2126 -14.63 72.88 41.50
CA ARG C 2126 -13.90 73.91 42.23
C ARG C 2126 -14.43 74.10 43.65
N GLN C 2127 -15.74 73.94 43.85
CA GLN C 2127 -16.27 74.13 45.21
C GLN C 2127 -15.75 73.06 46.16
N TYR C 2128 -15.75 71.80 45.71
CA TYR C 2128 -15.32 70.72 46.58
C TYR C 2128 -13.81 70.72 46.77
N ASP C 2129 -13.04 70.88 45.69
CA ASP C 2129 -11.58 70.84 45.80
C ASP C 2129 -11.05 72.25 46.08
N GLY C 2130 -11.36 72.72 47.28
CA GLY C 2130 -10.93 74.05 47.69
C GLY C 2130 -9.41 74.18 47.80
N LEU C 2131 -8.77 73.21 48.44
CA LEU C 2131 -7.33 73.28 48.63
C LEU C 2131 -6.56 73.04 47.35
N GLY C 2132 -6.97 72.02 46.57
CA GLY C 2132 -6.30 71.73 45.31
C GLY C 2132 -6.39 72.86 44.30
N GLU C 2133 -7.52 73.57 44.31
CA GLU C 2133 -7.66 74.77 43.48
C GLU C 2133 -6.67 75.83 43.89
N LEU C 2134 -6.43 75.98 45.20
CA LEU C 2134 -5.40 76.88 45.67
C LEU C 2134 -4.01 76.40 45.24
N LEU C 2135 -3.81 75.08 45.26
CA LEU C 2135 -2.52 74.50 44.88
C LEU C 2135 -2.20 74.79 43.42
N ARG C 2136 -3.22 74.73 42.56
CA ARG C 2136 -3.00 75.04 41.15
C ARG C 2136 -2.77 76.52 40.90
N ALA C 2137 -2.98 77.38 41.89
CA ALA C 2137 -2.82 78.82 41.76
C ALA C 2137 -1.56 79.35 42.42
N LEU C 2138 -1.10 78.66 43.47
CA LEU C 2138 0.08 79.11 44.22
C LEU C 2138 1.38 79.31 43.42
N PRO C 2139 1.79 78.43 42.47
CA PRO C 2139 3.03 78.70 41.73
C PRO C 2139 3.04 80.01 40.96
N ARG C 2140 1.88 80.54 40.59
CA ARG C 2140 1.82 81.84 39.94
C ARG C 2140 1.75 83.00 40.92
N ALA C 2141 1.60 82.74 42.21
CA ALA C 2141 1.62 83.81 43.19
C ALA C 2141 3.05 84.29 43.40
N TYR C 2142 3.18 85.57 43.75
CA TYR C 2142 4.49 86.18 43.93
C TYR C 2142 4.34 87.49 44.68
N THR C 2143 5.23 87.74 45.63
CA THR C 2143 5.22 88.97 46.40
C THR C 2143 6.40 89.84 46.00
N ILE C 2144 6.16 91.14 45.87
CA ILE C 2144 7.18 92.09 45.46
C ILE C 2144 7.18 93.28 46.40
N SER C 2145 8.31 93.98 46.40
CA SER C 2145 8.46 95.19 47.19
C SER C 2145 7.63 96.32 46.58
N PRO C 2146 7.11 97.23 47.40
CA PRO C 2146 6.32 98.36 46.87
C PRO C 2146 7.09 99.31 45.97
N SER C 2147 8.43 99.31 46.02
CA SER C 2147 9.24 100.20 45.21
C SER C 2147 9.26 99.84 43.73
N SER C 2148 8.71 98.69 43.33
CA SER C 2148 8.76 98.24 41.95
C SER C 2148 7.38 98.08 41.30
N VAL C 2149 6.32 98.61 41.91
CA VAL C 2149 4.98 98.45 41.34
C VAL C 2149 4.85 99.17 39.99
N GLU C 2150 5.41 100.38 39.87
CA GLU C 2150 5.28 101.12 38.61
C GLU C 2150 6.05 100.44 37.49
N ASP C 2151 7.16 99.78 37.83
CA ASP C 2151 7.90 99.02 36.83
C ASP C 2151 7.16 97.75 36.48
N THR C 2152 6.44 97.19 37.45
CA THR C 2152 5.61 96.03 37.19
C THR C 2152 4.49 96.40 36.23
N MET C 2153 3.88 97.56 36.42
CA MET C 2153 2.84 98.04 35.49
C MET C 2153 3.40 98.24 34.09
N SER C 2154 4.59 98.87 34.01
CA SER C 2154 5.26 99.10 32.74
C SER C 2154 5.73 97.80 32.08
N LEU C 2155 5.76 96.70 32.81
CA LEU C 2155 6.14 95.42 32.25
C LEU C 2155 4.93 94.59 31.86
N LEU C 2156 3.93 94.54 32.76
CA LEU C 2156 2.70 93.81 32.52
C LEU C 2156 1.93 94.35 31.32
N GLU C 2157 1.96 95.67 31.10
CA GLU C 2157 1.31 96.21 29.90
C GLU C 2157 1.96 95.67 28.62
N CYS C 2158 3.30 95.59 28.60
CA CYS C 2158 4.00 95.01 27.46
C CYS C 2158 3.73 93.52 27.34
N LEU C 2159 3.62 92.82 28.48
CA LEU C 2159 3.27 91.41 28.45
C LEU C 2159 1.87 91.21 27.87
N GLY C 2160 0.93 92.08 28.26
CA GLY C 2160 -0.40 92.03 27.69
C GLY C 2160 -0.38 92.27 26.20
N GLN C 2161 0.56 93.10 25.72
CA GLN C 2161 0.73 93.28 24.27
C GLN C 2161 1.14 91.97 23.62
N ILE C 2162 2.08 91.24 24.25
CA ILE C 2162 2.56 89.98 23.66
C ILE C 2162 1.45 88.95 23.65
N ARG C 2163 0.71 88.82 24.76
CA ARG C 2163 -0.39 87.86 24.83
C ARG C 2163 -1.47 88.22 23.82
N SER C 2164 -1.79 89.52 23.68
CA SER C 2164 -2.80 89.95 22.73
C SER C 2164 -2.37 89.76 21.28
N LEU C 2165 -1.08 89.57 21.03
CA LEU C 2165 -0.64 89.33 19.66
C LEU C 2165 -0.54 87.85 19.32
N LEU C 2166 -0.88 86.96 20.25
CA LEU C 2166 -0.92 85.54 19.95
C LEU C 2166 -2.11 85.15 19.09
N ILE C 2167 -3.17 85.94 19.11
CA ILE C 2167 -4.43 85.59 18.46
C ILE C 2167 -4.60 86.30 17.12
N VAL C 2168 -3.52 86.86 16.57
CA VAL C 2168 -3.59 87.62 15.33
C VAL C 2168 -2.49 87.14 14.41
N GLN C 2169 -2.79 87.08 13.11
CA GLN C 2169 -1.75 86.87 12.11
C GLN C 2169 -0.72 87.98 12.19
N MET C 2170 0.55 87.60 12.21
CA MET C 2170 1.62 88.57 12.31
C MET C 2170 1.76 89.39 11.03
N GLY C 2171 1.93 90.69 11.21
CA GLY C 2171 2.09 91.63 10.13
C GLY C 2171 3.09 92.68 10.57
N PRO C 2172 3.52 93.55 9.65
CA PRO C 2172 4.49 94.60 10.00
C PRO C 2172 4.06 95.53 11.12
N GLN C 2173 2.76 95.80 11.23
CA GLN C 2173 2.24 96.58 12.34
C GLN C 2173 2.38 95.84 13.67
N GLU C 2174 1.99 94.56 13.71
CA GLU C 2174 2.10 93.80 14.95
C GLU C 2174 3.55 93.57 15.32
N GLU C 2175 4.38 93.37 14.29
CA GLU C 2175 5.81 93.16 14.46
C GLU C 2175 6.44 94.36 15.17
N ASN C 2176 6.12 95.56 14.68
CA ASN C 2176 6.67 96.74 15.34
C ASN C 2176 6.02 96.95 16.70
N LEU C 2177 4.79 96.45 16.89
CA LEU C 2177 4.14 96.62 18.19
C LEU C 2177 4.75 95.74 19.26
N MET C 2178 5.41 94.66 18.86
CA MET C 2178 5.96 93.75 19.87
C MET C 2178 7.47 93.83 20.01
N ILE C 2179 8.20 94.23 18.96
CA ILE C 2179 9.66 94.40 19.10
C ILE C 2179 9.96 95.50 20.12
N GLN C 2180 9.24 96.63 20.03
CA GLN C 2180 9.41 97.68 21.03
C GLN C 2180 8.87 97.25 22.39
N SER C 2181 7.89 96.35 22.41
CA SER C 2181 7.40 95.80 23.67
C SER C 2181 8.49 94.99 24.36
N ILE C 2182 9.17 94.13 23.60
CA ILE C 2182 10.27 93.33 24.11
C ILE C 2182 11.41 94.25 24.55
N GLY C 2183 11.70 95.27 23.76
CA GLY C 2183 12.72 96.24 24.13
C GLY C 2183 12.40 96.96 25.42
N ASN C 2184 11.11 97.21 25.68
CA ASN C 2184 10.73 97.78 26.96
C ASN C 2184 10.84 96.75 28.08
N ILE C 2185 10.74 95.47 27.76
CA ILE C 2185 10.96 94.44 28.78
C ILE C 2185 12.44 94.39 29.17
N MET C 2186 13.33 94.55 28.18
CA MET C 2186 14.78 94.51 28.44
C MET C 2186 15.20 95.60 29.42
N ASN C 2187 14.74 96.83 29.20
CA ASN C 2187 15.16 97.96 30.00
C ASN C 2187 14.42 98.06 31.33
N ASN C 2188 13.75 97.01 31.77
CA ASN C 2188 13.03 97.00 33.03
C ASN C 2188 13.81 96.21 34.07
N LYS C 2189 14.02 96.82 35.24
CA LYS C 2189 14.82 96.20 36.29
C LYS C 2189 14.20 94.94 36.85
N VAL C 2190 12.86 94.85 36.88
CA VAL C 2190 12.18 93.67 37.41
C VAL C 2190 12.42 92.43 36.57
N PHE C 2191 12.77 92.60 35.29
CA PHE C 2191 13.07 91.48 34.41
C PHE C 2191 14.34 90.77 34.86
N TYR C 2192 15.30 91.51 35.40
CA TYR C 2192 16.54 90.93 35.91
C TYR C 2192 16.44 90.61 37.39
N GLN C 2193 15.76 91.44 38.17
CA GLN C 2193 15.71 91.26 39.62
C GLN C 2193 14.88 90.07 40.03
N HIS C 2194 13.85 89.71 39.26
CA HIS C 2194 12.94 88.63 39.64
C HIS C 2194 12.79 87.61 38.52
N PRO C 2195 13.83 86.81 38.28
CA PRO C 2195 13.70 85.73 37.27
C PRO C 2195 12.64 84.71 37.62
N ASN C 2196 12.44 84.44 38.92
CA ASN C 2196 11.38 83.51 39.33
C ASN C 2196 10.01 84.04 38.93
N LEU C 2197 9.78 85.33 39.14
CA LEU C 2197 8.54 85.97 38.69
C LEU C 2197 8.42 85.93 37.17
N MET C 2198 9.53 86.16 36.47
CA MET C 2198 9.49 86.18 35.01
C MET C 2198 9.17 84.80 34.45
N ARG C 2199 9.68 83.75 35.11
CA ARG C 2199 9.34 82.39 34.74
C ARG C 2199 7.90 82.06 35.12
N ALA C 2200 7.43 82.59 36.26
CA ALA C 2200 6.08 82.32 36.73
C ALA C 2200 5.04 82.89 35.77
N LEU C 2201 5.25 84.10 35.27
CA LEU C 2201 4.35 84.65 34.26
C LEU C 2201 4.44 83.94 32.92
N GLY C 2202 5.45 83.11 32.70
CA GLY C 2202 5.57 82.37 31.46
C GLY C 2202 5.80 83.19 30.23
N MET C 2203 6.69 84.19 30.30
CA MET C 2203 7.01 85.00 29.13
C MET C 2203 7.70 84.17 28.05
N HIS C 2204 8.60 83.27 28.48
CA HIS C 2204 9.38 82.42 27.57
C HIS C 2204 8.47 81.55 26.70
N GLU C 2205 7.33 81.13 27.25
CA GLU C 2205 6.34 80.44 26.44
C GLU C 2205 5.78 81.36 25.37
N THR C 2206 5.15 82.48 25.77
CA THR C 2206 4.44 83.36 24.84
C THR C 2206 5.35 83.82 23.69
N VAL C 2207 6.64 84.07 24.02
CA VAL C 2207 7.61 84.37 22.98
C VAL C 2207 7.84 83.13 22.11
N MET C 2208 7.82 81.93 22.71
CA MET C 2208 8.09 80.72 21.94
C MET C 2208 6.99 80.49 20.92
N GLU C 2209 5.72 80.52 21.34
CA GLU C 2209 4.63 80.33 20.38
C GLU C 2209 4.58 81.44 19.33
N VAL C 2210 4.95 82.69 19.68
CA VAL C 2210 5.09 83.74 18.67
C VAL C 2210 6.12 83.36 17.60
N MET C 2211 7.26 82.83 18.03
CA MET C 2211 8.26 82.35 17.09
C MET C 2211 7.80 81.10 16.35
N VAL C 2212 7.07 80.21 17.02
CA VAL C 2212 6.57 79.00 16.39
C VAL C 2212 5.57 79.37 15.29
N ASN C 2213 4.70 80.34 15.57
CA ASN C 2213 3.69 80.78 14.62
C ASN C 2213 4.34 81.39 13.38
N VAL C 2214 5.34 82.27 13.57
CA VAL C 2214 5.96 82.90 12.40
C VAL C 2214 6.79 81.89 11.61
N LEU C 2215 7.50 80.99 12.29
CA LEU C 2215 8.24 79.93 11.60
C LEU C 2215 7.31 78.96 10.86
N GLY C 2216 6.17 78.62 11.47
CA GLY C 2216 5.20 77.79 10.80
C GLY C 2216 4.59 78.43 9.57
N GLY C 2217 4.27 79.72 9.66
CA GLY C 2217 3.76 80.44 8.50
C GLY C 2217 4.86 80.59 7.48
N GLY C 2218 4.63 80.12 6.25
CA GLY C 2218 5.67 80.09 5.23
C GLY C 2218 6.85 79.24 5.62
N GLU C 2219 6.58 78.04 6.19
CA GLU C 2219 7.62 77.16 6.73
C GLU C 2219 8.57 76.64 5.65
N THR C 2220 8.15 76.65 4.39
CA THR C 2220 8.95 76.12 3.29
C THR C 2220 9.38 77.21 2.33
N LYS C 2221 8.42 78.01 1.84
CA LYS C 2221 8.70 78.98 0.78
C LYS C 2221 9.62 80.10 1.27
N GLU C 2222 9.29 80.74 2.39
CA GLU C 2222 10.07 81.86 2.93
C GLU C 2222 9.66 82.16 4.37
N ILE C 2223 10.64 82.21 5.27
CA ILE C 2223 10.40 82.56 6.67
C ILE C 2223 10.34 84.08 6.75
N ARG C 2224 9.13 84.62 6.77
CA ARG C 2224 8.96 86.07 6.79
C ARG C 2224 9.29 86.64 8.16
N PHE C 2225 9.35 87.97 8.21
CA PHE C 2225 9.64 88.82 9.37
C PHE C 2225 10.95 88.48 10.08
N PRO C 2226 12.11 88.55 9.41
CA PRO C 2226 13.37 88.22 10.08
C PRO C 2226 13.71 89.16 11.23
N LYS C 2227 13.34 90.44 11.11
CA LYS C 2227 13.63 91.42 12.17
C LYS C 2227 12.88 91.10 13.44
N MET C 2228 11.80 90.34 13.32
CA MET C 2228 10.98 89.99 14.47
C MET C 2228 11.41 88.65 15.03
N VAL C 2229 11.85 87.73 14.14
CA VAL C 2229 12.37 86.46 14.59
C VAL C 2229 13.63 86.67 15.42
N THR C 2230 14.54 87.55 14.94
CA THR C 2230 15.73 87.83 15.73
C THR C 2230 15.41 88.59 17.02
N SER C 2231 14.27 89.28 17.09
CA SER C 2231 13.87 89.94 18.32
C SER C 2231 13.45 88.92 19.37
N CYS C 2232 12.70 87.91 18.93
CA CYS C 2232 12.28 86.84 19.83
C CYS C 2232 13.49 86.03 20.28
N CYS C 2233 14.34 85.64 19.33
CA CYS C 2233 15.49 84.81 19.64
C CYS C 2233 16.47 85.52 20.55
N ARG C 2234 16.72 86.82 20.29
CA ARG C 2234 17.59 87.63 21.14
C ARG C 2234 17.04 87.72 22.55
N PHE C 2235 15.72 87.88 22.68
CA PHE C 2235 15.11 87.92 24.00
C PHE C 2235 15.29 86.61 24.73
N LEU C 2236 15.05 85.49 24.05
CA LEU C 2236 15.21 84.17 24.68
C LEU C 2236 16.65 83.91 25.08
N CYS C 2237 17.60 84.27 24.20
CA CYS C 2237 19.03 84.12 24.51
C CYS C 2237 19.42 84.94 25.74
N TYR C 2238 18.94 86.17 25.84
CA TYR C 2238 19.20 86.94 27.05
C TYR C 2238 18.43 86.39 28.25
N PHE C 2239 17.31 85.72 28.01
CA PHE C 2239 16.52 85.13 29.09
C PHE C 2239 17.26 83.97 29.75
N CYS C 2240 17.97 83.18 28.93
CA CYS C 2240 18.67 82.01 29.49
C CYS C 2240 19.82 82.42 30.39
N ARG C 2241 20.50 83.52 30.05
CA ARG C 2241 21.69 83.93 30.80
C ARG C 2241 21.40 84.51 32.16
N ILE C 2242 20.12 84.77 32.49
CA ILE C 2242 19.78 85.40 33.76
C ILE C 2242 20.10 84.48 34.94
N SER C 2243 19.66 83.22 34.86
CA SER C 2243 19.84 82.29 35.97
C SER C 2243 19.75 80.87 35.46
N ARG C 2244 20.18 79.93 36.31
CA ARG C 2244 20.21 78.52 35.94
C ARG C 2244 18.81 77.95 35.72
N GLN C 2245 17.84 78.31 36.58
CA GLN C 2245 16.49 77.78 36.47
C GLN C 2245 15.83 78.19 35.17
N ASN C 2246 16.00 79.46 34.76
CA ASN C 2246 15.48 79.90 33.48
C ASN C 2246 16.15 79.16 32.33
N GLN C 2247 17.46 78.94 32.45
CA GLN C 2247 18.21 78.16 31.47
C GLN C 2247 17.69 76.73 31.40
N ARG C 2248 17.41 76.13 32.56
CA ARG C 2248 16.87 74.77 32.58
C ARG C 2248 15.48 74.73 31.97
N SER C 2249 14.68 75.79 32.22
CA SER C 2249 13.33 75.85 31.67
C SER C 2249 13.39 75.89 30.15
N MET C 2250 14.33 76.67 29.61
CA MET C 2250 14.53 76.71 28.16
C MET C 2250 15.03 75.37 27.63
N PHE C 2251 15.76 74.61 28.46
CA PHE C 2251 16.33 73.36 28.01
C PHE C 2251 15.25 72.32 27.68
N ASP C 2252 14.09 72.41 28.32
CA ASP C 2252 12.99 71.52 28.01
C ASP C 2252 12.41 71.76 26.62
N HIS C 2253 12.49 72.99 26.12
CA HIS C 2253 12.03 73.34 24.79
C HIS C 2253 13.07 73.13 23.71
N LEU C 2254 14.18 72.44 24.02
CA LEU C 2254 15.27 72.26 23.08
C LEU C 2254 14.84 71.49 21.84
N SER C 2255 14.08 70.41 22.03
CA SER C 2255 13.70 69.51 20.93
C SER C 2255 12.87 70.22 19.88
N TYR C 2256 12.02 71.16 20.30
CA TYR C 2256 11.16 71.87 19.36
C TYR C 2256 11.97 72.78 18.43
N LEU C 2257 13.10 73.29 18.92
CA LEU C 2257 13.81 74.35 18.21
C LEU C 2257 14.57 73.86 17.00
N LEU C 2258 14.99 72.58 17.00
CA LEU C 2258 15.86 72.07 15.94
C LEU C 2258 15.19 72.09 14.58
N GLU C 2259 13.99 71.51 14.48
CA GLU C 2259 13.32 71.47 13.18
C GLU C 2259 12.88 72.86 12.74
N ASN C 2260 12.48 73.73 13.68
CA ASN C 2260 12.20 75.11 13.31
C ASN C 2260 13.46 75.87 12.88
N SER C 2261 14.63 75.43 13.32
CA SER C 2261 15.88 76.04 12.89
C SER C 2261 16.50 75.34 11.69
N GLY C 2262 15.86 74.27 11.22
CA GLY C 2262 16.35 73.57 10.04
C GLY C 2262 16.33 74.44 8.79
N ILE C 2263 15.27 75.24 8.64
CA ILE C 2263 15.18 76.21 7.56
C ILE C 2263 15.27 77.63 8.10
N GLY C 2264 15.19 77.81 9.42
CA GLY C 2264 15.29 79.11 10.06
C GLY C 2264 16.65 79.77 9.94
N LEU C 2265 17.68 79.01 9.55
CA LEU C 2265 19.02 79.57 9.34
C LEU C 2265 19.11 80.52 8.16
N GLY C 2266 18.09 80.56 7.30
CA GLY C 2266 18.12 81.44 6.13
C GLY C 2266 18.27 82.90 6.49
N MET C 2267 17.60 83.33 7.55
CA MET C 2267 17.73 84.70 8.02
C MET C 2267 19.10 84.90 8.68
N GLN C 2268 19.47 86.16 8.85
CA GLN C 2268 20.75 86.54 9.42
CA GLN C 2268 20.75 86.54 9.42
C GLN C 2268 20.56 87.15 10.80
N GLY C 2269 21.48 86.84 11.70
CA GLY C 2269 21.39 87.34 13.06
C GLY C 2269 21.17 86.27 14.10
N SER C 2270 20.37 86.58 15.11
CA SER C 2270 20.08 85.65 16.20
C SER C 2270 19.13 84.59 15.69
N THR C 2271 19.69 83.51 15.17
CA THR C 2271 18.90 82.40 14.65
C THR C 2271 18.25 81.63 15.80
N PRO C 2272 17.18 80.86 15.53
CA PRO C 2272 16.61 80.00 16.58
C PRO C 2272 17.58 78.93 17.08
N LEU C 2273 18.58 78.57 16.29
CA LEU C 2273 19.62 77.64 16.73
C LEU C 2273 20.42 78.23 17.89
N ASP C 2274 20.69 79.54 17.84
CA ASP C 2274 21.45 80.19 18.89
C ASP C 2274 20.72 80.14 20.23
N VAL C 2275 19.39 80.10 20.20
CA VAL C 2275 18.60 79.91 21.41
C VAL C 2275 18.89 78.54 22.01
N ALA C 2276 18.95 77.52 21.15
CA ALA C 2276 19.28 76.16 21.58
C ALA C 2276 20.66 76.10 22.19
N ALA C 2277 21.64 76.74 21.53
CA ALA C 2277 23.01 76.73 22.03
C ALA C 2277 23.11 77.45 23.37
N ALA C 2278 22.45 78.62 23.49
CA ALA C 2278 22.47 79.36 24.74
C ALA C 2278 21.71 78.64 25.84
N SER C 2279 20.82 77.71 25.48
CA SER C 2279 20.06 77.00 26.48
C SER C 2279 20.93 75.95 27.15
N VAL C 2280 21.92 75.42 26.44
CA VAL C 2280 22.71 74.31 26.95
C VAL C 2280 24.10 74.75 27.42
N ILE C 2281 24.57 75.92 27.02
CA ILE C 2281 25.94 76.31 27.32
C ILE C 2281 26.12 76.59 28.81
N ASP C 2282 27.33 76.30 29.33
CA ASP C 2282 27.83 76.53 30.68
C ASP C 2282 27.13 75.71 31.76
N ASN C 2283 26.20 74.83 31.40
CA ASN C 2283 25.53 73.96 32.38
C ASN C 2283 25.93 72.53 32.09
N ASN C 2284 26.77 71.96 32.97
CA ASN C 2284 27.18 70.57 32.81
C ASN C 2284 26.03 69.61 32.99
N GLU C 2285 25.06 69.96 33.85
CA GLU C 2285 23.87 69.13 34.04
C GLU C 2285 23.04 69.07 32.77
N LEU C 2286 22.80 70.23 32.15
CA LEU C 2286 22.00 70.28 30.93
C LEU C 2286 22.74 69.62 29.77
N ALA C 2287 24.07 69.80 29.72
CA ALA C 2287 24.89 69.17 28.69
C ALA C 2287 24.85 67.65 28.80
N LEU C 2288 24.90 67.13 30.02
CA LEU C 2288 24.75 65.68 30.21
C LEU C 2288 23.34 65.24 29.86
N ALA C 2289 22.34 66.01 30.28
CA ALA C 2289 20.94 65.66 30.07
C ALA C 2289 20.54 65.68 28.60
N LEU C 2290 21.27 66.40 27.76
CA LEU C 2290 21.00 66.41 26.32
C LEU C 2290 21.14 65.02 25.75
N GLN C 2291 20.16 64.60 24.95
CA GLN C 2291 20.08 63.22 24.48
C GLN C 2291 20.50 63.08 23.02
N GLU C 2292 20.80 61.83 22.64
CA GLU C 2292 21.36 61.53 21.34
C GLU C 2292 20.38 61.77 20.20
N GLN C 2293 19.07 61.59 20.43
CA GLN C 2293 18.09 61.84 19.39
C GLN C 2293 18.04 63.30 18.98
N ASP C 2294 18.48 64.21 19.86
CA ASP C 2294 18.60 65.61 19.50
C ASP C 2294 19.81 65.83 18.59
N LEU C 2295 20.89 65.10 18.85
CA LEU C 2295 22.12 65.27 18.07
C LEU C 2295 21.99 64.65 16.68
N GLU C 2296 21.28 63.52 16.56
CA GLU C 2296 21.18 62.85 15.27
C GLU C 2296 20.42 63.71 14.26
N LYS C 2297 19.52 64.57 14.75
CA LYS C 2297 18.88 65.56 13.89
C LYS C 2297 19.91 66.53 13.34
N VAL C 2298 20.82 66.98 14.20
CA VAL C 2298 21.82 67.98 13.81
C VAL C 2298 22.76 67.41 12.77
N VAL C 2299 23.26 66.19 13.00
CA VAL C 2299 24.21 65.59 12.07
C VAL C 2299 23.54 65.26 10.73
N SER C 2300 22.28 64.77 10.74
CA SER C 2300 21.55 64.57 9.50
C SER C 2300 21.28 65.89 8.77
N TYR C 2301 21.00 66.95 9.53
CA TYR C 2301 20.90 68.27 8.94
C TYR C 2301 22.22 68.71 8.32
N LEU C 2302 23.34 68.43 8.99
CA LEU C 2302 24.64 68.72 8.39
C LEU C 2302 24.91 67.85 7.16
N ALA C 2303 24.31 66.66 7.12
CA ALA C 2303 24.45 65.79 5.96
C ALA C 2303 23.82 66.45 4.76
N GLY C 2304 22.62 67.01 4.96
CA GLY C 2304 21.99 67.74 3.86
C GLY C 2304 22.75 69.00 3.52
N CYS C 2305 23.25 69.71 4.54
CA CYS C 2305 24.01 70.95 4.35
C CYS C 2305 25.34 70.75 3.66
N GLY C 2306 25.82 69.52 3.59
CA GLY C 2306 27.05 69.17 2.92
C GLY C 2306 26.91 68.70 1.49
N LEU C 2307 25.70 68.74 0.92
CA LEU C 2307 25.52 68.30 -0.45
C LEU C 2307 24.81 69.32 -1.34
N GLN C 2308 24.49 70.50 -0.83
CA GLN C 2308 24.05 71.63 -1.66
C GLN C 2308 24.36 72.92 -0.89
N SER C 2309 24.22 74.05 -1.59
CA SER C 2309 24.48 75.35 -1.01
C SER C 2309 23.26 75.87 -0.25
N CYS C 2310 23.39 77.08 0.29
CA CYS C 2310 22.32 77.72 1.01
C CYS C 2310 21.28 78.22 0.01
N PRO C 2311 19.99 77.90 0.20
CA PRO C 2311 18.95 78.34 -0.76
C PRO C 2311 18.84 79.85 -0.94
N MET C 2312 19.03 80.62 0.15
CA MET C 2312 19.08 82.07 0.01
C MET C 2312 20.29 82.50 -0.80
N LEU C 2313 21.44 81.85 -0.57
CA LEU C 2313 22.62 82.15 -1.38
C LEU C 2313 22.40 81.79 -2.84
N LEU C 2314 21.62 80.72 -3.10
CA LEU C 2314 21.26 80.36 -4.46
C LEU C 2314 20.43 81.47 -5.09
N ALA C 2315 19.49 82.02 -4.32
CA ALA C 2315 18.59 83.04 -4.84
C ALA C 2315 19.30 84.36 -5.07
N LYS C 2316 20.37 84.64 -4.31
CA LYS C 2316 21.05 85.92 -4.44
C LYS C 2316 22.09 85.93 -5.55
N GLY C 2317 22.29 84.83 -6.27
CA GLY C 2317 23.27 84.78 -7.33
C GLY C 2317 24.67 84.42 -6.91
N TYR C 2318 24.85 83.81 -5.74
CA TYR C 2318 26.16 83.34 -5.31
C TYR C 2318 26.66 82.24 -6.24
N PRO C 2319 27.98 82.14 -6.45
CA PRO C 2319 28.53 81.01 -7.22
C PRO C 2319 28.22 79.70 -6.51
N ASP C 2320 27.40 78.87 -7.15
CA ASP C 2320 26.90 77.65 -6.53
C ASP C 2320 28.02 76.67 -6.22
N ILE C 2321 28.00 76.12 -5.01
CA ILE C 2321 28.98 75.15 -4.56
C ILE C 2321 28.23 73.97 -3.97
N GLY C 2322 28.85 72.80 -4.03
CA GLY C 2322 28.16 71.59 -3.64
C GLY C 2322 28.02 71.31 -2.16
N TRP C 2323 28.11 72.33 -1.30
CA TRP C 2323 27.98 72.18 0.16
C TRP C 2323 27.89 73.55 0.80
N ASN C 2324 27.00 73.69 1.79
CA ASN C 2324 26.72 74.99 2.39
C ASN C 2324 27.70 75.25 3.52
N PRO C 2325 28.51 76.31 3.46
CA PRO C 2325 29.37 76.64 4.61
C PRO C 2325 28.68 77.44 5.70
N CYS C 2326 27.61 78.17 5.38
CA CYS C 2326 26.93 79.00 6.38
C CYS C 2326 26.22 78.13 7.40
N GLY C 2327 25.31 77.26 6.95
CA GLY C 2327 24.59 76.39 7.86
C GLY C 2327 25.51 75.37 8.49
N GLY C 2328 26.62 75.06 7.80
CA GLY C 2328 27.60 74.14 8.35
C GLY C 2328 28.24 74.72 9.59
N GLU C 2329 28.79 75.94 9.48
CA GLU C 2329 29.43 76.59 10.63
C GLU C 2329 28.42 76.86 11.75
N ARG C 2330 27.18 77.19 11.37
CA ARG C 2330 26.13 77.43 12.36
C ARG C 2330 25.82 76.18 13.18
N TYR C 2331 25.78 75.02 12.52
CA TYR C 2331 25.69 73.75 13.26
C TYR C 2331 26.93 73.50 14.11
N LEU C 2332 28.12 73.76 13.54
CA LEU C 2332 29.36 73.39 14.20
C LEU C 2332 29.56 74.13 15.51
N ASP C 2333 29.22 75.44 15.54
CA ASP C 2333 29.40 76.19 16.78
C ASP C 2333 28.47 75.67 17.89
N PHE C 2334 27.26 75.25 17.51
CA PHE C 2334 26.34 74.63 18.46
C PHE C 2334 26.88 73.31 18.99
N LEU C 2335 27.43 72.47 18.10
CA LEU C 2335 28.04 71.23 18.55
C LEU C 2335 29.24 71.50 19.46
N ARG C 2336 29.99 72.57 19.13
CA ARG C 2336 31.12 73.00 19.94
C ARG C 2336 30.67 73.38 21.34
N PHE C 2337 29.52 74.05 21.45
CA PHE C 2337 29.02 74.39 22.76
C PHE C 2337 28.41 73.17 23.45
N ALA C 2338 28.02 72.17 22.66
CA ALA C 2338 27.34 71.00 23.20
C ALA C 2338 28.30 70.04 23.87
N VAL C 2339 29.52 69.92 23.33
CA VAL C 2339 30.46 68.90 23.82
C VAL C 2339 31.61 69.50 24.62
N PHE C 2340 31.54 70.79 24.95
CA PHE C 2340 32.60 71.45 25.71
C PHE C 2340 31.99 72.31 26.80
N VAL C 2341 32.29 71.98 28.05
CA VAL C 2341 31.71 72.66 29.21
C VAL C 2341 32.82 73.01 30.19
N ASN C 2342 32.97 74.30 30.49
CA ASN C 2342 33.87 74.84 31.52
C ASN C 2342 35.32 74.42 31.31
N GLY C 2343 35.75 74.29 30.06
CA GLY C 2343 37.10 73.91 29.74
C GLY C 2343 37.33 72.42 29.64
N GLU C 2344 36.33 71.60 29.97
CA GLU C 2344 36.47 70.15 29.88
C GLU C 2344 35.47 69.59 28.89
N SER C 2345 35.88 68.57 28.15
CA SER C 2345 34.98 67.91 27.23
C SER C 2345 34.03 66.98 27.99
N VAL C 2346 32.85 66.79 27.43
CA VAL C 2346 31.88 65.84 27.95
C VAL C 2346 32.04 64.57 27.14
N GLU C 2347 32.47 63.50 27.81
CA GLU C 2347 32.84 62.26 27.12
C GLU C 2347 31.66 61.62 26.39
N GLU C 2348 30.49 61.56 27.04
CA GLU C 2348 29.32 60.94 26.43
C GLU C 2348 28.86 61.69 25.18
N ASN C 2349 28.82 63.03 25.27
CA ASN C 2349 28.43 63.84 24.12
C ASN C 2349 29.47 63.74 23.03
N ALA C 2350 30.74 63.73 23.42
CA ALA C 2350 31.84 63.71 22.45
C ALA C 2350 31.82 62.41 21.66
N ASN C 2351 31.59 61.28 22.35
CA ASN C 2351 31.64 60.00 21.65
C ASN C 2351 30.41 59.82 20.78
N VAL C 2352 29.27 60.39 21.20
CA VAL C 2352 28.06 60.25 20.38
C VAL C 2352 28.21 61.08 19.11
N VAL C 2353 28.73 62.31 19.23
CA VAL C 2353 28.82 63.17 18.05
C VAL C 2353 29.86 62.60 17.09
N VAL C 2354 31.01 62.12 17.60
CA VAL C 2354 32.03 61.62 16.68
C VAL C 2354 31.56 60.35 15.99
N ARG C 2355 30.81 59.47 16.70
CA ARG C 2355 30.32 58.29 16.02
C ARG C 2355 29.22 58.62 15.02
N LEU C 2356 28.60 59.80 15.14
CA LEU C 2356 27.62 60.15 14.12
C LEU C 2356 28.29 60.80 12.92
N LEU C 2357 29.34 61.60 13.15
CA LEU C 2357 30.11 62.14 12.03
C LEU C 2357 30.77 61.04 11.22
N ILE C 2358 31.34 60.02 11.88
CA ILE C 2358 31.95 58.95 11.12
C ILE C 2358 30.87 58.12 10.42
N ARG C 2359 29.72 57.90 11.08
CA ARG C 2359 28.64 57.13 10.46
C ARG C 2359 28.04 57.84 9.25
N LYS C 2360 28.04 59.18 9.24
CA LYS C 2360 27.63 59.99 8.10
C LYS C 2360 28.82 60.79 7.58
N PRO C 2361 29.70 60.15 6.78
CA PRO C 2361 30.97 60.81 6.39
C PRO C 2361 30.82 62.07 5.55
N GLU C 2362 29.66 62.29 4.92
CA GLU C 2362 29.46 63.46 4.06
C GLU C 2362 29.50 64.78 4.81
N CYS C 2363 29.39 64.75 6.14
CA CYS C 2363 29.39 65.97 6.94
C CYS C 2363 30.73 66.69 6.95
N PHE C 2364 31.83 65.99 6.63
CA PHE C 2364 33.15 66.60 6.71
C PHE C 2364 33.36 67.66 5.63
N GLY C 2365 32.64 67.56 4.52
CA GLY C 2365 32.77 68.49 3.43
C GLY C 2365 33.51 67.89 2.26
N PRO C 2366 33.96 68.74 1.32
CA PRO C 2366 34.71 68.24 0.15
C PRO C 2366 36.02 67.56 0.52
N ALA C 2367 36.88 68.26 1.25
CA ALA C 2367 38.13 67.67 1.72
C ALA C 2367 37.83 66.74 2.88
N LEU C 2368 38.69 65.72 3.02
CA LEU C 2368 38.59 64.65 4.03
C LEU C 2368 37.29 63.83 3.90
N ARG C 2369 36.63 63.93 2.74
CA ARG C 2369 35.40 63.18 2.51
CA ARG C 2369 35.40 63.18 2.49
C ARG C 2369 35.66 61.68 2.39
N GLY C 2370 36.76 61.30 1.74
CA GLY C 2370 37.02 59.91 1.46
C GLY C 2370 37.23 59.74 -0.03
N GLU C 2371 36.28 59.09 -0.70
CA GLU C 2371 36.30 59.02 -2.16
C GLU C 2371 36.27 60.42 -2.76
N GLY C 2372 37.20 60.68 -3.67
CA GLY C 2372 37.30 61.95 -4.38
C GLY C 2372 37.70 63.16 -3.55
N GLY C 2373 37.85 63.02 -2.22
CA GLY C 2373 38.16 64.15 -1.38
C GLY C 2373 39.60 64.19 -0.93
N SER C 2374 40.34 65.20 -1.37
CA SER C 2374 41.73 65.37 -1.00
C SER C 2374 41.86 65.89 0.43
N GLY C 2375 43.09 66.20 0.84
CA GLY C 2375 43.33 66.69 2.19
C GLY C 2375 42.73 68.06 2.45
N LEU C 2376 42.60 68.39 3.74
CA LEU C 2376 41.99 69.66 4.13
C LEU C 2376 42.90 70.83 3.80
N LEU C 2377 44.21 70.58 3.70
CA LEU C 2377 45.12 71.61 3.21
C LEU C 2377 44.78 71.98 1.78
N ALA C 2378 44.43 70.99 0.95
CA ALA C 2378 44.05 71.28 -0.43
C ALA C 2378 42.80 72.15 -0.52
N ALA C 2379 42.01 72.22 0.55
CA ALA C 2379 40.83 73.04 0.64
C ALA C 2379 41.15 74.45 1.12
N ILE C 2380 42.07 74.58 2.09
CA ILE C 2380 42.28 75.90 2.73
C ILE C 2380 42.95 76.89 1.76
N GLU C 2381 44.02 76.48 1.04
CA GLU C 2381 44.60 77.38 0.03
C GLU C 2381 43.62 77.68 -1.10
N GLU C 2382 42.85 76.67 -1.52
CA GLU C 2382 41.78 76.89 -2.50
C GLU C 2382 40.77 77.95 -2.03
N ALA C 2383 40.44 77.92 -0.75
CA ALA C 2383 39.57 78.96 -0.21
C ALA C 2383 40.30 80.30 -0.13
N ILE C 2384 41.61 80.28 0.07
CA ILE C 2384 42.40 81.51 0.11
C ILE C 2384 42.34 82.20 -1.25
N ARG C 2385 42.53 81.42 -2.33
CA ARG C 2385 42.46 81.96 -3.68
C ARG C 2385 41.07 82.48 -3.99
N ILE C 2386 40.04 81.71 -3.62
CA ILE C 2386 38.66 82.12 -3.91
C ILE C 2386 38.32 83.40 -3.16
N SER C 2387 38.72 83.49 -1.88
CA SER C 2387 38.47 84.68 -1.07
C SER C 2387 39.21 85.90 -1.60
N GLU C 2388 40.42 85.71 -2.15
CA GLU C 2388 41.16 86.83 -2.70
C GLU C 2388 40.63 87.26 -4.06
N ASP C 2389 40.11 86.32 -4.86
CA ASP C 2389 39.72 86.59 -6.23
C ASP C 2389 38.26 87.04 -6.29
N PRO C 2390 37.95 88.15 -6.95
CA PRO C 2390 36.55 88.57 -7.10
C PRO C 2390 35.84 87.70 -8.13
N ALA C 2391 34.51 87.84 -8.17
CA ALA C 2391 33.51 87.12 -8.97
C ALA C 2391 33.37 85.65 -8.57
N ARG C 2392 34.17 85.16 -7.63
CA ARG C 2392 34.02 83.86 -7.02
C ARG C 2392 33.93 83.95 -5.50
N ASP C 2393 34.37 85.07 -4.90
CA ASP C 2393 34.21 85.29 -3.47
C ASP C 2393 32.74 85.35 -3.07
N GLY C 2394 31.92 86.00 -3.90
CA GLY C 2394 30.49 86.09 -3.66
C GLY C 2394 29.75 86.38 -4.95
N PRO C 2395 28.50 86.85 -4.84
CA PRO C 2395 27.74 87.23 -6.05
C PRO C 2395 28.39 88.35 -6.85
N GLY C 2396 29.03 89.30 -6.18
CA GLY C 2396 29.77 90.39 -6.81
C GLY C 2396 28.95 91.29 -7.69
N VAL C 2397 27.79 91.73 -7.19
CA VAL C 2397 26.91 92.63 -7.93
C VAL C 2397 27.55 94.00 -8.13
N PRO C 2410 30.79 94.97 5.52
CA PRO C 2410 30.26 94.29 4.34
C PRO C 2410 29.22 95.13 3.61
N PRO C 2411 29.04 94.89 2.28
CA PRO C 2411 28.01 95.64 1.53
C PRO C 2411 26.60 95.48 2.08
N GLU C 2412 26.25 94.30 2.56
CA GLU C 2412 24.95 94.06 3.18
C GLU C 2412 25.02 94.05 4.70
N GLU C 2413 26.22 94.33 5.27
CA GLU C 2413 26.60 94.34 6.69
C GLU C 2413 26.68 92.92 7.27
N ASN C 2414 26.24 91.93 6.51
CA ASN C 2414 26.40 90.50 6.81
C ASN C 2414 26.66 89.73 5.53
N ARG C 2415 27.30 90.38 4.56
CA ARG C 2415 27.52 89.80 3.23
C ARG C 2415 28.41 88.57 3.32
N VAL C 2416 27.93 87.47 2.75
CA VAL C 2416 28.66 86.21 2.80
C VAL C 2416 29.72 86.18 1.72
N HIS C 2417 30.95 85.92 2.12
CA HIS C 2417 32.09 85.75 1.22
C HIS C 2417 32.41 84.26 1.28
N LEU C 2418 32.13 83.55 0.18
CA LEU C 2418 32.25 82.09 0.16
C LEU C 2418 33.68 81.61 0.37
N GLY C 2419 34.66 82.36 -0.15
CA GLY C 2419 36.06 82.05 0.12
C GLY C 2419 36.42 82.07 1.59
N HIS C 2420 35.89 83.04 2.34
CA HIS C 2420 36.06 83.05 3.78
C HIS C 2420 35.16 82.04 4.48
N ALA C 2421 33.98 81.76 3.91
CA ALA C 2421 33.03 80.84 4.53
C ALA C 2421 33.52 79.40 4.53
N ILE C 2422 34.24 79.00 3.47
CA ILE C 2422 34.82 77.64 3.40
C ILE C 2422 35.85 77.44 4.51
N MET C 2423 36.73 78.41 4.67
CA MET C 2423 37.83 78.32 5.60
C MET C 2423 37.40 78.67 7.02
N SER C 2424 36.23 79.29 7.18
CA SER C 2424 35.65 79.44 8.52
C SER C 2424 34.95 78.16 8.92
N PHE C 2425 34.29 77.50 7.96
CA PHE C 2425 33.64 76.22 8.20
C PHE C 2425 34.66 75.19 8.66
N TYR C 2426 35.78 75.08 7.95
CA TYR C 2426 36.79 74.10 8.36
C TYR C 2426 37.47 74.48 9.67
N ALA C 2427 37.54 75.78 9.97
CA ALA C 2427 38.06 76.23 11.26
C ALA C 2427 37.16 75.79 12.41
N ALA C 2428 35.84 75.89 12.20
CA ALA C 2428 34.92 75.40 13.20
C ALA C 2428 34.96 73.88 13.27
N LEU C 2429 35.20 73.21 12.15
CA LEU C 2429 35.29 71.75 12.15
C LEU C 2429 36.48 71.26 12.96
N ILE C 2430 37.63 71.90 12.78
CA ILE C 2430 38.81 71.51 13.56
C ILE C 2430 38.65 71.92 15.03
N ASP C 2431 37.94 73.02 15.31
CA ASP C 2431 37.66 73.38 16.70
C ASP C 2431 36.73 72.36 17.36
N LEU C 2432 35.74 71.87 16.61
CA LEU C 2432 34.87 70.80 17.09
C LEU C 2432 35.66 69.53 17.38
N LEU C 2433 36.56 69.15 16.47
CA LEU C 2433 37.35 67.93 16.67
C LEU C 2433 38.25 68.05 17.89
N GLY C 2434 38.89 69.21 18.05
CA GLY C 2434 39.75 69.42 19.20
C GLY C 2434 38.99 69.42 20.51
N ARG C 2435 37.76 69.94 20.50
CA ARG C 2435 36.97 69.88 21.73
C ARG C 2435 36.30 68.52 21.92
N CYS C 2436 36.24 67.71 20.86
CA CYS C 2436 35.81 66.32 20.97
C CYS C 2436 36.95 65.38 21.35
N ALA C 2437 38.17 65.91 21.47
CA ALA C 2437 39.32 65.07 21.80
C ALA C 2437 39.23 64.55 23.24
N PRO C 2438 39.39 63.25 23.46
CA PRO C 2438 39.38 62.71 24.83
C PRO C 2438 40.51 63.28 25.68
N GLU C 2439 40.21 63.45 26.96
CA GLU C 2439 41.15 64.03 27.90
C GLU C 2439 42.37 63.16 28.16
N MET C 2440 43.46 63.82 28.54
CA MET C 2440 44.71 63.15 28.80
C MET C 2440 44.61 62.19 29.98
N HIS C 2441 43.81 62.55 31.01
CA HIS C 2441 43.68 61.67 32.17
C HIS C 2441 43.02 60.34 31.78
N LEU C 2442 42.16 60.38 30.76
CA LEU C 2442 41.58 59.16 30.22
C LEU C 2442 42.59 58.43 29.35
N ILE C 2443 43.45 59.17 28.64
CA ILE C 2443 44.43 58.48 27.80
C ILE C 2443 45.47 57.78 28.67
N GLN C 2444 45.99 58.47 29.70
CA GLN C 2444 46.95 57.84 30.62
C GLN C 2444 46.28 56.72 31.41
N ALA C 2445 44.96 56.79 31.61
CA ALA C 2445 44.27 55.64 32.21
C ALA C 2445 44.02 54.55 31.18
N GLY C 2446 44.25 54.82 29.90
CA GLY C 2446 44.14 53.83 28.84
C GLY C 2446 42.76 53.27 28.58
N LYS C 2447 41.74 54.11 28.62
CA LYS C 2447 40.38 53.62 28.39
C LYS C 2447 40.22 53.17 26.93
N GLY C 2448 39.44 52.10 26.75
CA GLY C 2448 39.31 51.46 25.44
C GLY C 2448 38.73 52.36 24.39
N GLU C 2449 37.60 53.00 24.71
CA GLU C 2449 37.00 53.87 23.72
C GLU C 2449 37.77 55.18 23.58
N ALA C 2450 38.42 55.63 24.66
CA ALA C 2450 39.21 56.86 24.59
C ALA C 2450 40.34 56.72 23.58
N LEU C 2451 41.05 55.59 23.64
CA LEU C 2451 42.07 55.30 22.64
C LEU C 2451 41.47 55.06 21.26
N ARG C 2452 40.34 54.33 21.19
CA ARG C 2452 39.72 54.04 19.90
C ARG C 2452 39.29 55.32 19.19
N ILE C 2453 38.57 56.19 19.89
CA ILE C 2453 38.08 57.44 19.32
C ILE C 2453 39.24 58.36 18.96
N ARG C 2454 40.24 58.49 19.85
CA ARG C 2454 41.32 59.41 19.54
C ARG C 2454 42.19 58.89 18.39
N ALA C 2455 42.27 57.55 18.25
CA ALA C 2455 42.93 56.99 17.07
C ALA C 2455 42.13 57.29 15.82
N ILE C 2456 40.80 57.25 15.93
CA ILE C 2456 39.94 57.59 14.79
C ILE C 2456 40.19 59.04 14.37
N LEU C 2457 40.32 59.94 15.36
CA LEU C 2457 40.67 61.33 15.07
C LEU C 2457 42.02 61.44 14.38
N ARG C 2458 42.97 60.59 14.77
CA ARG C 2458 44.29 60.63 14.14
C ARG C 2458 44.22 60.18 12.68
N SER C 2459 43.48 59.09 12.42
CA SER C 2459 43.37 58.58 11.06
C SER C 2459 42.60 59.53 10.16
N LEU C 2460 41.50 60.10 10.67
CA LEU C 2460 40.72 61.05 9.88
C LEU C 2460 41.45 62.37 9.66
N VAL C 2461 42.35 62.76 10.56
CA VAL C 2461 43.04 64.04 10.38
C VAL C 2461 44.54 63.82 10.30
N PRO C 2462 45.10 63.67 9.10
CA PRO C 2462 46.55 63.52 8.97
C PRO C 2462 47.30 64.77 9.43
N LEU C 2463 48.44 64.54 10.08
CA LEU C 2463 49.24 65.62 10.67
C LEU C 2463 50.05 66.41 9.65
N ASP C 2464 50.36 65.80 8.49
CA ASP C 2464 51.19 66.46 7.49
C ASP C 2464 50.50 67.70 6.93
N ASP C 2465 49.24 67.57 6.51
CA ASP C 2465 48.49 68.73 6.03
C ASP C 2465 48.23 69.73 7.15
N LEU C 2466 48.20 69.25 8.40
CA LEU C 2466 48.00 70.11 9.57
C LEU C 2466 49.15 71.09 9.70
N VAL C 2467 50.38 70.61 9.52
CA VAL C 2467 51.52 71.52 9.63
C VAL C 2467 51.49 72.55 8.49
N GLY C 2468 50.97 72.17 7.32
CA GLY C 2468 50.82 73.13 6.22
C GLY C 2468 49.85 74.24 6.58
N ILE C 2469 48.79 73.89 7.31
CA ILE C 2469 47.85 74.88 7.82
C ILE C 2469 48.54 75.81 8.80
N ILE C 2470 49.44 75.25 9.62
CA ILE C 2470 50.22 76.06 10.55
C ILE C 2470 51.10 77.03 9.77
N SER C 2471 51.77 76.52 8.73
CA SER C 2471 52.75 77.26 7.95
C SER C 2471 52.14 78.30 7.03
N LEU C 2472 50.82 78.33 6.87
CA LEU C 2472 50.21 79.32 5.99
C LEU C 2472 50.39 80.74 6.55
N PRO C 2473 50.59 81.73 5.68
CA PRO C 2473 50.87 83.10 6.14
C PRO C 2473 49.59 83.88 6.45
N LEU C 2474 49.80 85.16 6.77
CA LEU C 2474 48.75 86.14 7.05
C LEU C 2474 48.85 87.29 6.06
N GLN C 2475 47.71 87.94 5.83
CA GLN C 2475 47.67 89.18 5.06
C GLN C 2475 47.77 90.36 6.03
N ILE C 2476 48.72 91.25 5.77
CA ILE C 2476 49.16 92.20 6.79
C ILE C 2476 48.74 93.62 6.41
N PRO C 2477 48.30 94.45 7.38
CA PRO C 2477 48.14 95.89 7.10
C PRO C 2477 49.48 96.57 6.92
N THR C 2478 49.83 96.91 5.68
CA THR C 2478 51.14 97.42 5.35
C THR C 2478 51.08 98.94 5.20
N LEU C 2479 52.08 99.63 5.76
CA LEU C 2479 52.17 101.07 5.64
C LEU C 2479 52.57 101.44 4.20
N GLY C 2480 51.72 102.21 3.54
CA GLY C 2480 51.98 102.61 2.17
C GLY C 2480 50.79 103.37 1.64
N LYS C 2481 50.94 103.85 0.40
CA LYS C 2481 49.92 104.63 -0.34
C LYS C 2481 49.53 105.88 0.45
N ASP C 2482 50.52 106.78 0.59
CA ASP C 2482 50.42 108.06 1.28
C ASP C 2482 50.13 107.90 2.77
N GLY C 2483 50.65 106.82 3.36
CA GLY C 2483 50.52 106.58 4.78
C GLY C 2483 49.25 105.90 5.22
N ALA C 2484 48.32 105.64 4.31
CA ALA C 2484 47.07 104.96 4.66
C ALA C 2484 47.34 103.52 5.11
N LEU C 2485 46.49 103.04 6.00
CA LEU C 2485 46.63 101.67 6.51
C LEU C 2485 45.93 100.74 5.53
N VAL C 2486 46.69 100.10 4.65
CA VAL C 2486 46.13 99.21 3.64
C VAL C 2486 45.84 97.88 4.33
N GLN C 2487 44.61 97.71 4.80
CA GLN C 2487 44.24 96.57 5.61
C GLN C 2487 43.39 95.58 4.82
N PRO C 2488 43.42 94.29 5.17
CA PRO C 2488 42.50 93.34 4.54
C PRO C 2488 41.12 93.40 5.19
N LYS C 2489 40.16 92.79 4.50
CA LYS C 2489 38.80 92.64 5.00
C LYS C 2489 38.66 91.28 5.67
N MET C 2490 38.51 91.28 6.99
CA MET C 2490 38.37 90.04 7.77
C MET C 2490 37.20 89.18 7.32
N SER C 2491 36.14 89.81 6.80
CA SER C 2491 35.03 89.05 6.26
C SER C 2491 35.39 88.32 4.96
N ALA C 2492 36.52 88.66 4.33
CA ALA C 2492 36.97 88.00 3.11
C ALA C 2492 38.49 87.80 3.09
N SER C 2493 39.08 87.37 4.21
CA SER C 2493 40.52 87.16 4.27
C SER C 2493 40.87 86.20 5.40
N PHE C 2494 42.13 85.76 5.39
CA PHE C 2494 42.69 84.92 6.45
C PHE C 2494 42.62 85.66 7.80
N VAL C 2495 42.15 84.96 8.83
CA VAL C 2495 42.01 85.58 10.15
C VAL C 2495 42.78 84.77 11.19
N PRO C 2496 43.27 85.39 12.26
CA PRO C 2496 43.97 84.62 13.32
C PRO C 2496 43.10 83.63 14.06
N ASP C 2497 41.77 83.79 14.00
CA ASP C 2497 40.84 82.91 14.69
C ASP C 2497 40.93 81.49 14.13
N HIS C 2498 41.09 81.36 12.81
CA HIS C 2498 41.11 80.05 12.18
C HIS C 2498 42.30 79.22 12.67
N LYS C 2499 43.45 79.87 12.82
CA LYS C 2499 44.63 79.18 13.35
C LYS C 2499 44.48 78.87 14.83
N ALA C 2500 43.92 79.82 15.62
CA ALA C 2500 43.69 79.52 17.03
C ALA C 2500 42.68 78.39 17.22
N SER C 2501 41.78 78.20 16.24
CA SER C 2501 40.87 77.05 16.26
C SER C 2501 41.62 75.74 16.09
N MET C 2502 42.80 75.77 15.47
CA MET C 2502 43.67 74.62 15.27
C MET C 2502 44.58 74.34 16.46
N VAL C 2503 45.09 75.41 17.11
CA VAL C 2503 46.05 75.25 18.23
C VAL C 2503 45.47 74.38 19.34
N LEU C 2504 44.17 74.55 19.62
CA LEU C 2504 43.47 73.69 20.59
C LEU C 2504 43.44 72.25 20.13
N PHE C 2505 43.24 72.04 18.82
CA PHE C 2505 43.14 70.68 18.27
C PHE C 2505 44.45 69.96 18.44
N LEU C 2506 45.54 70.61 18.03
CA LEU C 2506 46.85 69.99 18.09
C LEU C 2506 47.24 69.76 19.56
N ASP C 2507 46.91 70.70 20.45
CA ASP C 2507 47.20 70.55 21.86
C ASP C 2507 46.36 69.47 22.54
N ARG C 2508 45.28 69.01 21.89
CA ARG C 2508 44.38 68.05 22.53
C ARG C 2508 44.32 66.69 21.87
N VAL C 2509 44.78 66.54 20.63
CA VAL C 2509 44.70 65.26 19.91
C VAL C 2509 46.07 64.59 19.79
N TYR C 2510 47.03 65.27 19.16
CA TYR C 2510 48.35 64.66 19.00
C TYR C 2510 49.26 65.00 20.17
N GLY C 2511 49.32 66.26 20.55
CA GLY C 2511 50.12 66.68 21.68
C GLY C 2511 51.57 66.87 21.32
N ILE C 2512 52.33 67.37 22.30
CA ILE C 2512 53.75 67.63 22.18
C ILE C 2512 54.49 66.84 23.25
N GLU C 2513 55.38 65.95 22.82
CA GLU C 2513 56.11 65.12 23.76
C GLU C 2513 57.61 65.27 23.52
N ASN C 2514 58.02 65.49 22.28
CA ASN C 2514 59.43 65.65 21.95
C ASN C 2514 59.75 67.03 21.37
N GLN C 2515 60.99 67.45 21.67
CA GLN C 2515 61.47 68.79 21.35
C GLN C 2515 61.55 69.01 19.84
N ASP C 2516 61.95 67.98 19.09
CA ASP C 2516 62.14 68.12 17.65
C ASP C 2516 60.83 68.46 16.95
N PHE C 2517 59.74 67.77 17.30
CA PHE C 2517 58.42 68.05 16.75
C PHE C 2517 57.86 69.32 17.34
N LEU C 2518 58.38 69.76 18.49
CA LEU C 2518 57.88 70.99 19.07
C LEU C 2518 58.43 72.19 18.29
N LEU C 2519 59.76 72.28 18.20
CA LEU C 2519 60.38 73.39 17.51
C LEU C 2519 60.10 73.35 16.01
N HIS C 2520 59.84 72.15 15.47
CA HIS C 2520 59.59 71.98 14.04
C HIS C 2520 58.30 72.66 13.63
N VAL C 2521 57.29 72.65 14.50
CA VAL C 2521 56.02 73.28 14.14
C VAL C 2521 56.04 74.73 14.61
N LEU C 2522 56.78 75.04 15.68
CA LEU C 2522 56.82 76.42 16.19
C LEU C 2522 57.53 77.36 15.22
N ASP C 2523 58.64 76.93 14.61
CA ASP C 2523 59.40 77.87 13.80
C ASP C 2523 58.81 78.14 12.42
N VAL C 2524 57.99 77.24 11.87
CA VAL C 2524 57.53 77.43 10.50
C VAL C 2524 56.29 78.34 10.46
N GLY C 2525 55.27 78.05 11.26
CA GLY C 2525 54.06 78.85 11.21
C GLY C 2525 53.76 79.70 12.42
N PHE C 2526 54.06 79.18 13.62
CA PHE C 2526 53.81 79.95 14.84
C PHE C 2526 54.81 81.08 15.02
N LEU C 2527 55.97 80.99 14.37
CA LEU C 2527 56.94 82.07 14.48
C LEU C 2527 56.56 83.32 13.68
N PRO C 2528 56.32 83.27 12.34
CA PRO C 2528 56.03 84.53 11.61
C PRO C 2528 54.74 85.22 12.03
N ASP C 2529 53.80 84.49 12.64
CA ASP C 2529 52.59 85.11 13.17
C ASP C 2529 52.93 86.09 14.29
N MET C 2530 53.87 85.70 15.17
CA MET C 2530 54.18 86.56 16.29
C MET C 2530 55.29 87.55 15.95
N ARG C 2531 56.12 87.25 14.95
CA ARG C 2531 57.01 88.29 14.41
C ARG C 2531 56.20 89.40 13.77
N ALA C 2532 55.15 89.03 13.02
CA ALA C 2532 54.21 90.02 12.49
C ALA C 2532 53.48 90.74 13.61
N ALA C 2533 53.15 90.03 14.70
CA ALA C 2533 52.54 90.68 15.85
C ALA C 2533 53.46 91.73 16.45
N ALA C 2534 54.76 91.43 16.53
CA ALA C 2534 55.75 92.38 17.00
C ALA C 2534 55.85 93.58 16.07
N SER C 2535 55.81 93.36 14.75
CA SER C 2535 55.85 94.46 13.79
C SER C 2535 54.60 95.34 13.90
N LEU C 2536 53.42 94.72 14.04
CA LEU C 2536 52.17 95.46 14.18
C LEU C 2536 52.05 96.12 15.55
N ASP C 2537 52.85 95.69 16.52
CA ASP C 2537 52.82 96.25 17.88
C ASP C 2537 53.64 97.54 17.91
N THR C 2538 53.03 98.58 17.33
CA THR C 2538 53.62 99.91 17.28
C THR C 2538 52.55 100.92 17.66
N ALA C 2539 52.95 102.19 17.75
CA ALA C 2539 52.04 103.27 18.17
C ALA C 2539 50.91 103.53 17.20
N THR C 2540 50.96 103.01 15.97
CA THR C 2540 49.95 103.25 14.96
C THR C 2540 49.15 102.03 14.57
N PHE C 2541 49.73 100.82 14.68
CA PHE C 2541 49.08 99.61 14.20
C PHE C 2541 48.61 98.66 15.29
N SER C 2542 48.94 98.92 16.56
CA SER C 2542 48.57 97.98 17.62
C SER C 2542 47.08 98.04 17.98
N THR C 2543 46.33 99.01 17.45
CA THR C 2543 44.90 99.09 17.68
C THR C 2543 44.09 98.69 16.46
N THR C 2544 44.72 98.11 15.44
CA THR C 2544 44.02 97.70 14.23
C THR C 2544 43.11 96.50 14.48
N GLU C 2545 42.35 96.14 13.45
CA GLU C 2545 41.40 95.04 13.56
C GLU C 2545 42.09 93.69 13.63
N MET C 2546 43.32 93.59 13.09
CA MET C 2546 44.03 92.32 13.20
C MET C 2546 44.83 92.25 14.49
N ALA C 2547 45.31 93.38 15.00
CA ALA C 2547 46.14 93.41 16.20
C ALA C 2547 45.44 92.84 17.44
N LEU C 2548 44.17 93.20 17.64
CA LEU C 2548 43.38 92.60 18.71
C LEU C 2548 43.18 91.10 18.53
N ALA C 2549 42.94 90.68 17.28
CA ALA C 2549 42.82 89.25 16.98
C ALA C 2549 44.13 88.53 17.23
N LEU C 2550 45.25 89.14 16.85
CA LEU C 2550 46.58 88.56 17.10
C LEU C 2550 46.86 88.44 18.59
N ASN C 2551 46.47 89.45 19.37
CA ASN C 2551 46.65 89.40 20.82
C ASN C 2551 45.85 88.25 21.44
N ARG C 2552 44.61 88.06 20.97
CA ARG C 2552 43.83 86.94 21.49
C ARG C 2552 44.35 85.61 20.94
N TYR C 2553 44.86 85.62 19.71
CA TYR C 2553 45.37 84.44 19.03
C TYR C 2553 46.58 83.91 19.77
N LEU C 2554 47.46 84.80 20.20
CA LEU C 2554 48.70 84.33 20.78
C LEU C 2554 48.47 84.07 22.25
N CYS C 2555 47.98 85.07 23.00
CA CYS C 2555 47.87 84.94 24.45
C CYS C 2555 46.81 83.94 24.91
N LEU C 2556 45.91 83.48 24.03
CA LEU C 2556 44.91 82.50 24.45
C LEU C 2556 45.21 81.10 23.96
N ALA C 2557 45.94 80.96 22.86
CA ALA C 2557 46.24 79.64 22.31
C ALA C 2557 47.72 79.32 22.19
N VAL C 2558 48.54 80.25 21.72
CA VAL C 2558 49.94 79.93 21.42
C VAL C 2558 50.80 79.97 22.67
N LEU C 2559 50.80 81.11 23.37
CA LEU C 2559 51.66 81.25 24.56
C LEU C 2559 51.29 80.27 25.67
N PRO C 2560 50.00 80.01 26.02
CA PRO C 2560 49.72 78.89 26.95
C PRO C 2560 50.29 77.57 26.48
N LEU C 2561 50.26 77.31 25.16
CA LEU C 2561 50.79 76.05 24.64
C LEU C 2561 52.28 75.97 24.94
N ILE C 2562 52.98 77.09 24.77
CA ILE C 2562 54.40 77.15 25.06
C ILE C 2562 54.62 76.90 26.56
N THR C 2563 53.68 77.38 27.39
CA THR C 2563 53.78 77.15 28.83
C THR C 2563 53.65 75.67 29.17
N LYS C 2564 52.80 74.92 28.45
CA LYS C 2564 52.76 73.47 28.64
C LYS C 2564 53.84 72.72 27.88
N CYS C 2565 54.65 73.40 27.08
CA CYS C 2565 55.76 72.76 26.35
C CYS C 2565 57.13 73.29 26.75
N ALA C 2566 57.19 74.09 27.80
CA ALA C 2566 58.45 74.69 28.26
C ALA C 2566 59.57 73.70 28.64
N PRO C 2567 59.35 72.57 29.35
CA PRO C 2567 60.50 71.69 29.70
C PRO C 2567 61.32 71.18 28.53
N LEU C 2568 60.72 71.04 27.35
CA LEU C 2568 61.40 70.50 26.18
C LEU C 2568 62.45 71.46 25.61
N PHE C 2569 62.52 72.71 26.09
CA PHE C 2569 63.60 73.62 25.70
C PHE C 2569 64.88 73.41 26.50
N ALA C 2570 64.98 72.31 27.25
CA ALA C 2570 66.19 72.01 28.01
C ALA C 2570 67.39 71.76 27.08
N GLY C 2571 67.16 71.04 25.98
CA GLY C 2571 68.27 70.71 25.09
C GLY C 2571 68.16 71.32 23.70
N THR C 2572 67.75 72.58 23.63
CA THR C 2572 67.58 73.31 22.38
C THR C 2572 68.74 74.27 22.14
N GLU C 2573 69.96 73.86 22.46
CA GLU C 2573 71.10 74.74 22.24
C GLU C 2573 71.57 74.73 20.80
N HIS C 2574 71.32 73.65 20.06
CA HIS C 2574 71.66 73.59 18.64
C HIS C 2574 70.83 74.54 17.78
N ARG C 2575 69.69 75.01 18.29
CA ARG C 2575 68.86 76.00 17.62
C ARG C 2575 68.85 77.32 18.39
N ALA C 2576 70.05 77.72 18.82
CA ALA C 2576 70.22 78.84 19.73
C ALA C 2576 69.74 80.16 19.14
N ILE C 2577 70.06 80.43 17.87
CA ILE C 2577 69.75 81.72 17.27
C ILE C 2577 68.23 81.91 17.16
N MET C 2578 67.52 80.88 16.69
CA MET C 2578 66.08 81.00 16.54
C MET C 2578 65.38 81.03 17.90
N VAL C 2579 65.96 80.36 18.92
CA VAL C 2579 65.42 80.52 20.27
C VAL C 2579 65.58 81.96 20.75
N ASP C 2580 66.74 82.57 20.45
CA ASP C 2580 66.97 83.97 20.80
C ASP C 2580 65.98 84.89 20.12
N SER C 2581 65.64 84.57 18.86
CA SER C 2581 64.64 85.34 18.11
C SER C 2581 63.28 85.24 18.77
N MET C 2582 62.92 84.03 19.24
CA MET C 2582 61.63 83.84 19.89
C MET C 2582 61.57 84.62 21.18
N LEU C 2583 62.59 84.47 22.04
CA LEU C 2583 62.54 85.05 23.39
C LEU C 2583 62.55 86.57 23.31
N HIS C 2584 63.29 87.13 22.34
CA HIS C 2584 63.32 88.60 22.22
CA HIS C 2584 63.31 88.59 22.22
C HIS C 2584 62.02 89.13 21.66
N THR C 2585 61.45 88.45 20.64
CA THR C 2585 60.18 88.92 20.08
C THR C 2585 59.04 88.84 21.10
N VAL C 2586 58.98 87.75 21.87
CA VAL C 2586 57.94 87.67 22.91
C VAL C 2586 58.25 88.67 24.04
N TYR C 2587 59.53 88.99 24.28
CA TYR C 2587 59.85 90.04 25.24
C TYR C 2587 59.36 91.41 24.79
N ARG C 2588 59.48 91.72 23.50
CA ARG C 2588 58.87 92.93 22.94
C ARG C 2588 57.34 92.90 23.06
N LEU C 2589 56.76 91.72 22.88
CA LEU C 2589 55.32 91.56 23.09
C LEU C 2589 54.94 91.82 24.54
N SER C 2590 55.77 91.37 25.48
CA SER C 2590 55.55 91.70 26.88
C SER C 2590 55.65 93.20 27.09
N ARG C 2591 56.67 93.82 26.51
CA ARG C 2591 56.81 95.27 26.53
C ARG C 2591 56.15 95.86 25.28
N GLY C 2592 54.84 95.58 25.16
CA GLY C 2592 54.04 95.97 24.04
C GLY C 2592 52.92 96.91 24.49
N ARG C 2593 52.06 97.26 23.54
CA ARG C 2593 50.98 98.20 23.78
C ARG C 2593 49.67 97.67 23.24
N SER C 2594 48.58 98.16 23.85
CA SER C 2594 47.19 97.80 23.53
C SER C 2594 46.92 96.31 23.72
N LEU C 2595 47.50 95.74 24.78
CA LEU C 2595 47.17 94.39 25.22
C LEU C 2595 46.56 94.43 26.61
N THR C 2596 45.61 93.53 26.86
CA THR C 2596 44.89 93.50 28.12
C THR C 2596 45.81 92.99 29.24
N LYS C 2597 45.45 93.34 30.48
CA LYS C 2597 46.23 92.94 31.65
C LYS C 2597 46.28 91.43 31.81
N ALA C 2598 45.15 90.75 31.56
CA ALA C 2598 45.11 89.30 31.65
C ALA C 2598 46.05 88.67 30.64
N GLN C 2599 46.08 89.20 29.42
CA GLN C 2599 46.99 88.66 28.42
C GLN C 2599 48.43 88.98 28.79
N ARG C 2600 48.64 90.12 29.46
CA ARG C 2600 49.99 90.52 29.86
C ARG C 2600 50.55 89.54 30.87
N ASP C 2601 49.73 89.13 31.85
CA ASP C 2601 50.24 88.16 32.82
C ASP C 2601 50.33 86.76 32.23
N VAL C 2602 49.57 86.45 31.17
CA VAL C 2602 49.80 85.19 30.46
C VAL C 2602 51.16 85.21 29.78
N ILE C 2603 51.53 86.35 29.18
CA ILE C 2603 52.86 86.51 28.60
C ILE C 2603 53.94 86.39 29.68
N GLU C 2604 53.64 86.93 30.86
CA GLU C 2604 54.54 86.85 32.01
C GLU C 2604 54.81 85.39 32.39
N ASP C 2605 53.74 84.61 32.52
CA ASP C 2605 53.85 83.21 32.91
C ASP C 2605 54.62 82.40 31.87
N CYS C 2606 54.31 82.63 30.59
CA CYS C 2606 54.96 81.91 29.50
C CYS C 2606 56.46 82.23 29.43
N LEU C 2607 56.80 83.52 29.54
CA LEU C 2607 58.20 83.94 29.47
C LEU C 2607 58.98 83.43 30.69
N MET C 2608 58.36 83.46 31.88
CA MET C 2608 59.05 83.02 33.08
C MET C 2608 59.32 81.53 33.04
N ALA C 2609 58.34 80.73 32.57
CA ALA C 2609 58.62 79.30 32.43
C ALA C 2609 59.64 79.04 31.33
N LEU C 2610 59.70 79.93 30.31
CA LEU C 2610 60.69 79.80 29.26
C LEU C 2610 62.10 79.93 29.81
N CYS C 2611 62.29 80.95 30.67
CA CYS C 2611 63.62 81.16 31.22
C CYS C 2611 63.94 80.11 32.26
N ARG C 2612 62.91 79.59 32.94
CA ARG C 2612 63.14 78.55 33.94
CA ARG C 2612 63.14 78.55 33.94
C ARG C 2612 63.67 77.29 33.27
N TYR C 2613 63.13 76.94 32.10
CA TYR C 2613 63.47 75.70 31.41
C TYR C 2613 64.38 75.92 30.20
N ILE C 2614 65.06 77.06 30.12
CA ILE C 2614 66.06 77.29 29.09
C ILE C 2614 67.42 77.26 29.76
N ARG C 2615 68.45 76.88 29.00
CA ARG C 2615 69.81 76.82 29.53
C ARG C 2615 70.34 78.23 29.82
N PRO C 2616 71.24 78.36 30.82
CA PRO C 2616 71.73 79.71 31.20
C PRO C 2616 72.50 80.43 30.12
N SER C 2617 73.07 79.70 29.15
CA SER C 2617 73.88 80.31 28.10
C SER C 2617 73.02 81.17 27.20
N MET C 2618 71.73 80.83 27.08
CA MET C 2618 70.81 81.48 26.16
C MET C 2618 70.07 82.65 26.76
N LEU C 2619 70.62 83.30 27.78
CA LEU C 2619 70.09 84.58 28.24
C LEU C 2619 71.02 85.74 27.94
N GLN C 2620 72.07 85.52 27.13
CA GLN C 2620 73.04 86.58 26.87
C GLN C 2620 72.44 87.79 26.15
N HIS C 2621 71.62 87.57 25.13
CA HIS C 2621 71.00 88.68 24.43
C HIS C 2621 69.86 89.27 25.24
N LEU C 2622 69.10 88.41 25.92
CA LEU C 2622 67.96 88.88 26.71
C LEU C 2622 68.47 89.77 27.84
N LEU C 2623 69.50 89.30 28.56
CA LEU C 2623 70.11 90.09 29.63
C LEU C 2623 70.75 91.35 29.09
N ARG C 2624 71.29 91.30 27.85
CA ARG C 2624 71.86 92.49 27.23
C ARG C 2624 70.79 93.57 27.05
N ARG C 2625 69.59 93.15 26.65
CA ARG C 2625 68.44 94.06 26.61
C ARG C 2625 68.03 94.49 28.02
N LEU C 2626 68.10 93.56 28.98
CA LEU C 2626 67.72 93.86 30.37
C LEU C 2626 68.65 94.88 31.00
N VAL C 2627 69.89 94.99 30.53
CA VAL C 2627 70.81 96.04 31.01
C VAL C 2627 70.27 97.43 30.62
N PHE C 2628 69.48 97.50 29.55
CA PHE C 2628 68.92 98.76 29.08
C PHE C 2628 67.46 98.94 29.43
N ASP C 2629 66.83 97.92 30.01
CA ASP C 2629 65.41 98.01 30.38
C ASP C 2629 65.18 97.98 31.88
N VAL C 2630 65.82 97.04 32.59
CA VAL C 2630 65.62 96.93 34.05
C VAL C 2630 66.09 98.16 34.83
N PRO C 2631 67.29 98.74 34.59
CA PRO C 2631 67.69 99.93 35.37
C PRO C 2631 66.80 101.16 35.21
N ILE C 2632 65.95 101.22 34.18
CA ILE C 2632 64.97 102.30 34.06
C ILE C 2632 64.02 102.26 35.26
N LEU C 2633 63.67 101.05 35.72
CA LEU C 2633 62.84 100.80 36.91
C LEU C 2633 61.43 101.38 36.71
N ASN C 2634 60.86 101.09 35.55
CA ASN C 2634 59.55 101.57 35.16
C ASN C 2634 58.49 100.47 35.33
N GLU C 2635 57.28 100.76 34.85
CA GLU C 2635 56.19 99.79 34.89
C GLU C 2635 56.49 98.56 34.03
N PHE C 2636 57.22 98.74 32.93
CA PHE C 2636 57.62 97.61 32.10
C PHE C 2636 58.70 96.76 32.75
N ALA C 2637 59.30 97.20 33.85
CA ALA C 2637 60.33 96.47 34.56
C ALA C 2637 59.83 95.63 35.73
N LYS C 2638 58.51 95.59 35.98
CA LYS C 2638 57.99 94.76 37.05
C LYS C 2638 58.26 93.28 36.81
N MET C 2639 58.05 92.82 35.58
CA MET C 2639 58.24 91.42 35.22
C MET C 2639 59.73 91.05 35.05
N PRO C 2640 60.57 91.83 34.32
CA PRO C 2640 62.00 91.45 34.24
C PRO C 2640 62.74 91.41 35.57
N LEU C 2641 62.43 92.26 36.54
CA LEU C 2641 63.11 92.23 37.84
C LEU C 2641 62.90 90.89 38.55
N LYS C 2642 61.66 90.39 38.57
CA LYS C 2642 61.40 89.07 39.12
C LYS C 2642 61.95 87.98 38.21
N LEU C 2643 62.02 88.23 36.90
CA LEU C 2643 62.63 87.27 35.98
C LEU C 2643 64.11 87.10 36.31
N LEU C 2644 64.79 88.23 36.57
CA LEU C 2644 66.19 88.20 36.95
C LEU C 2644 66.36 87.48 38.26
N THR C 2645 65.40 87.68 39.19
CA THR C 2645 65.46 86.99 40.47
C THR C 2645 65.42 85.48 40.29
N ASN C 2646 64.51 85.00 39.42
CA ASN C 2646 64.42 83.56 39.16
C ASN C 2646 65.67 83.02 38.47
N HIS C 2647 66.20 83.76 37.49
CA HIS C 2647 67.37 83.30 36.77
C HIS C 2647 68.62 83.30 37.64
N TYR C 2648 68.83 84.38 38.39
CA TYR C 2648 70.05 84.48 39.17
C TYR C 2648 69.99 83.55 40.38
N GLU C 2649 68.81 83.38 41.00
CA GLU C 2649 68.65 82.40 42.07
C GLU C 2649 68.72 80.97 41.56
N ARG C 2650 68.66 80.78 40.25
CA ARG C 2650 68.74 79.44 39.65
C ARG C 2650 70.14 79.13 39.15
N CYS C 2651 70.88 80.16 38.70
CA CYS C 2651 72.19 79.99 38.10
C CYS C 2651 73.25 80.86 38.78
N TRP C 2652 73.13 81.10 40.08
CA TRP C 2652 74.04 82.00 40.78
C TRP C 2652 75.48 81.47 40.81
N LYS C 2653 75.66 80.16 41.01
CA LYS C 2653 77.01 79.60 41.01
C LYS C 2653 77.64 79.63 39.62
N TYR C 2654 76.81 79.62 38.56
CA TYR C 2654 77.31 79.60 37.19
C TYR C 2654 78.11 80.85 36.87
N TYR C 2655 77.69 82.00 37.40
CA TYR C 2655 78.39 83.24 37.14
C TYR C 2655 79.38 83.61 38.25
N CYS C 2656 79.28 83.00 39.43
CA CYS C 2656 80.09 83.40 40.57
C CYS C 2656 81.32 82.51 40.76
N LEU C 2657 81.09 81.21 40.92
CA LEU C 2657 82.19 80.28 41.18
C LEU C 2657 83.04 80.13 39.92
N PRO C 2658 84.39 80.15 40.07
CA PRO C 2658 85.28 79.92 38.92
C PRO C 2658 84.99 78.64 38.14
N THR C 2659 84.65 77.56 38.83
CA THR C 2659 84.26 76.33 38.15
C THR C 2659 82.82 76.37 37.68
N GLY C 2660 82.02 77.32 38.16
CA GLY C 2660 80.65 77.49 37.72
C GLY C 2660 79.69 76.51 38.36
N TRP C 2661 78.46 76.51 37.84
CA TRP C 2661 77.42 75.61 38.29
C TRP C 2661 77.76 74.18 37.82
N ALA C 2662 77.07 73.19 38.41
CA ALA C 2662 77.23 71.79 38.04
C ALA C 2662 76.93 71.53 36.57
N ASN C 2663 77.97 71.17 35.81
CA ASN C 2663 77.95 70.70 34.41
C ASN C 2663 77.22 71.64 33.44
N PHE C 2664 77.03 72.91 33.80
CA PHE C 2664 76.59 73.93 32.86
C PHE C 2664 77.73 74.77 32.33
N GLY C 2665 78.97 74.44 32.69
CA GLY C 2665 80.10 75.24 32.27
C GLY C 2665 80.26 76.49 33.11
N VAL C 2666 81.00 77.44 32.55
CA VAL C 2666 81.31 78.71 33.20
C VAL C 2666 80.91 79.81 32.24
N THR C 2667 80.54 80.98 32.79
CA THR C 2667 80.14 82.16 32.02
C THR C 2667 81.22 82.60 31.02
N SER C 2668 80.78 83.33 29.99
CA SER C 2668 81.66 83.76 28.92
C SER C 2668 82.18 85.19 29.11
N GLU C 2669 82.42 85.59 30.37
CA GLU C 2669 83.06 86.83 30.87
C GLU C 2669 82.42 88.12 30.35
N GLU C 2670 81.27 88.05 29.69
CA GLU C 2670 80.56 89.21 29.18
C GLU C 2670 79.43 89.60 30.13
N GLU C 2671 78.61 88.62 30.50
CA GLU C 2671 77.49 88.86 31.38
C GLU C 2671 77.94 89.27 32.78
N LEU C 2672 79.18 88.96 33.16
CA LEU C 2672 79.66 89.38 34.48
C LEU C 2672 79.69 90.90 34.57
N HIS C 2673 80.21 91.56 33.52
CA HIS C 2673 80.17 93.01 33.41
C HIS C 2673 78.75 93.52 33.21
N LEU C 2674 77.95 92.80 32.40
CA LEU C 2674 76.55 93.20 32.21
C LEU C 2674 75.74 93.12 33.51
N THR C 2675 75.99 92.08 34.30
CA THR C 2675 75.39 91.94 35.63
C THR C 2675 75.88 93.04 36.56
N ARG C 2676 77.16 93.44 36.42
CA ARG C 2676 77.69 94.53 37.23
C ARG C 2676 76.96 95.84 36.92
N LYS C 2677 76.81 96.16 35.63
CA LYS C 2677 76.06 97.35 35.24
C LYS C 2677 74.60 97.26 35.65
N LEU C 2678 74.02 96.06 35.66
CA LEU C 2678 72.68 95.88 36.26
C LEU C 2678 72.70 96.14 37.76
N PHE C 2679 73.76 95.71 38.44
CA PHE C 2679 73.86 95.86 39.90
C PHE C 2679 73.91 97.32 40.30
N TRP C 2680 74.80 98.09 39.70
CA TRP C 2680 74.86 99.50 40.12
C TRP C 2680 73.79 100.35 39.44
N GLY C 2681 73.32 99.96 38.26
CA GLY C 2681 72.19 100.67 37.65
C GLY C 2681 70.93 100.56 38.48
N ILE C 2682 70.62 99.34 38.94
CA ILE C 2682 69.48 99.12 39.81
C ILE C 2682 69.70 99.77 41.18
N PHE C 2683 70.92 99.67 41.72
CA PHE C 2683 71.22 100.25 43.02
C PHE C 2683 71.04 101.77 43.00
N ASP C 2684 71.50 102.43 41.94
CA ASP C 2684 71.31 103.87 41.81
C ASP C 2684 69.87 104.23 41.49
N SER C 2685 69.20 103.45 40.62
CA SER C 2685 67.81 103.72 40.28
C SER C 2685 66.92 103.61 41.49
N LEU C 2686 67.09 102.55 42.28
CA LEU C 2686 66.34 102.38 43.51
C LEU C 2686 66.76 103.41 44.56
N ALA C 2687 67.98 103.96 44.46
CA ALA C 2687 68.43 104.94 45.43
C ALA C 2687 67.77 106.29 45.19
N HIS C 2688 67.69 106.71 43.93
CA HIS C 2688 67.28 108.07 43.60
C HIS C 2688 65.83 108.16 43.11
N LYS C 2689 65.31 107.10 42.49
CA LYS C 2689 63.92 107.08 42.06
C LYS C 2689 63.00 107.00 43.29
N LYS C 2690 61.73 107.39 43.07
CA LYS C 2690 60.76 107.51 44.15
C LYS C 2690 60.50 106.17 44.85
N TYR C 2691 60.34 106.23 46.17
CA TYR C 2691 60.19 105.03 46.98
C TYR C 2691 58.80 104.45 46.81
N ASP C 2692 58.74 103.17 46.48
CA ASP C 2692 57.49 102.45 46.26
C ASP C 2692 57.45 101.25 47.20
N GLN C 2693 56.30 101.08 47.88
CA GLN C 2693 56.11 99.91 48.74
C GLN C 2693 56.24 98.61 47.97
N GLU C 2694 55.51 98.49 46.86
CA GLU C 2694 55.47 97.23 46.12
C GLU C 2694 56.77 96.96 45.36
N LEU C 2695 57.31 97.99 44.70
CA LEU C 2695 58.49 97.84 43.86
C LEU C 2695 59.74 97.43 44.64
N TYR C 2696 59.92 98.00 45.84
CA TYR C 2696 61.13 97.72 46.61
C TYR C 2696 61.15 96.28 47.10
N ARG C 2697 59.97 95.77 47.48
CA ARG C 2697 59.87 94.41 48.03
C ARG C 2697 60.21 93.37 46.97
N MET C 2698 59.75 93.56 45.74
CA MET C 2698 60.01 92.60 44.69
C MET C 2698 61.30 92.91 43.94
N ALA C 2699 61.95 94.04 44.25
CA ALA C 2699 63.23 94.34 43.63
C ALA C 2699 64.42 93.94 44.51
N MET C 2700 64.24 93.91 45.83
CA MET C 2700 65.31 93.46 46.71
C MET C 2700 65.79 92.02 46.50
N PRO C 2701 64.95 90.98 46.23
CA PRO C 2701 65.53 89.66 45.97
C PRO C 2701 66.38 89.65 44.71
N CYS C 2702 66.02 90.48 43.72
CA CYS C 2702 66.80 90.58 42.49
C CYS C 2702 68.20 91.07 42.79
N LEU C 2703 68.30 92.12 43.61
CA LEU C 2703 69.60 92.67 43.99
C LEU C 2703 70.42 91.65 44.76
N CYS C 2704 69.79 90.94 45.71
CA CYS C 2704 70.51 89.91 46.46
C CYS C 2704 70.97 88.75 45.58
N ALA C 2705 70.10 88.30 44.66
CA ALA C 2705 70.48 87.24 43.72
C ALA C 2705 71.58 87.67 42.76
N ILE C 2706 71.54 88.94 42.30
CA ILE C 2706 72.63 89.49 41.50
C ILE C 2706 73.92 89.51 42.29
N ALA C 2707 73.85 89.91 43.57
CA ALA C 2707 75.02 89.93 44.43
C ALA C 2707 75.59 88.53 44.63
N GLY C 2708 74.71 87.53 44.74
CA GLY C 2708 75.18 86.15 44.84
C GLY C 2708 75.83 85.66 43.57
N ALA C 2709 75.28 86.05 42.42
CA ALA C 2709 75.79 85.59 41.14
C ALA C 2709 77.07 86.28 40.72
N LEU C 2710 77.27 87.54 41.11
CA LEU C 2710 78.47 88.25 40.72
C LEU C 2710 79.71 87.64 41.38
N PRO C 2711 80.82 87.50 40.64
CA PRO C 2711 82.01 86.89 41.22
C PRO C 2711 82.63 87.78 42.27
N PRO C 2712 83.30 87.20 43.27
CA PRO C 2712 83.94 88.03 44.31
C PRO C 2712 85.03 88.96 43.77
N ASP C 2713 85.84 88.51 42.81
CA ASP C 2713 87.00 89.28 42.37
C ASP C 2713 87.17 89.24 40.86
N TYR C 2714 86.11 89.40 40.08
CA TYR C 2714 86.26 89.49 38.64
C TYR C 2714 86.54 90.93 38.25
N VAL C 2715 87.55 91.14 37.42
CA VAL C 2715 87.92 92.46 36.94
C VAL C 2715 87.32 92.63 35.55
N ASP C 2716 86.52 93.69 35.38
CA ASP C 2716 85.91 93.97 34.09
C ASP C 2716 86.99 94.32 33.07
N ALA C 2717 86.80 93.83 31.84
CA ALA C 2717 87.79 94.02 30.78
C ALA C 2717 87.99 95.49 30.45
N SER C 2718 86.90 96.26 30.37
CA SER C 2718 86.97 97.68 30.03
C SER C 2718 86.33 98.47 31.17
N TYR C 2719 87.16 99.16 31.95
CA TYR C 2719 86.66 100.03 33.03
C TYR C 2719 86.34 101.43 32.49
N SER C 2720 85.51 101.49 31.45
CA SER C 2720 85.09 102.74 30.86
C SER C 2720 83.59 102.70 30.62
N SER C 2721 82.93 103.84 30.84
CA SER C 2721 81.49 103.93 30.70
C SER C 2721 81.10 105.36 30.37
N LYS C 2722 79.96 105.51 29.68
CA LYS C 2722 79.45 106.83 29.36
C LYS C 2722 78.85 107.51 30.58
N ALA C 2723 78.16 106.73 31.43
CA ALA C 2723 77.49 107.18 32.66
C ALA C 2723 76.47 108.28 32.36
N GLU C 2724 75.47 107.90 31.58
CA GLU C 2724 74.40 108.81 31.17
C GLU C 2724 73.08 108.04 31.20
N LYS C 2725 72.05 108.65 30.62
CA LYS C 2725 70.68 108.12 30.53
C LYS C 2725 70.08 107.77 31.89
N ASN C 2734 62.65 104.45 23.74
CA ASN C 2734 63.38 103.19 23.72
C ASN C 2734 64.90 103.42 23.78
N PHE C 2735 65.65 102.64 23.01
CA PHE C 2735 67.09 102.79 22.92
C PHE C 2735 67.40 103.90 21.92
N ASP C 2736 67.86 105.05 22.42
CA ASP C 2736 68.10 106.23 21.59
C ASP C 2736 69.52 106.74 21.84
N PRO C 2737 70.51 106.15 21.16
CA PRO C 2737 71.89 106.62 21.30
C PRO C 2737 72.07 108.00 20.66
N ARG C 2738 72.85 108.84 21.34
CA ARG C 2738 73.10 110.18 20.80
C ARG C 2738 74.52 110.24 20.25
N PRO C 2739 74.68 110.46 18.95
CA PRO C 2739 76.01 110.63 18.38
C PRO C 2739 76.56 112.03 18.68
N VAL C 2740 77.78 112.26 18.22
CA VAL C 2740 78.46 113.54 18.38
C VAL C 2740 78.36 114.30 17.07
N GLU C 2741 77.77 115.49 17.12
CA GLU C 2741 77.63 116.32 15.93
C GLU C 2741 78.99 116.80 15.44
N THR C 2742 79.14 116.86 14.12
CA THR C 2742 80.42 117.19 13.50
C THR C 2742 80.33 118.31 12.47
N LEU C 2743 79.21 119.04 12.42
CA LEU C 2743 78.97 120.02 11.37
C LEU C 2743 79.36 121.43 11.79
N ASN C 2744 78.95 121.86 12.99
CA ASN C 2744 79.08 123.25 13.41
C ASN C 2744 80.51 123.68 13.71
N VAL C 2745 81.47 122.76 13.77
CA VAL C 2745 82.86 123.10 14.01
C VAL C 2745 83.66 122.75 12.76
N ILE C 2746 84.67 123.58 12.46
CA ILE C 2746 85.48 123.39 11.25
C ILE C 2746 86.55 122.35 11.55
N ILE C 2747 87.01 121.66 10.51
CA ILE C 2747 88.05 120.66 10.66
C ILE C 2747 89.40 121.35 10.85
N PRO C 2748 90.15 121.05 11.92
CA PRO C 2748 91.48 121.63 12.10
C PRO C 2748 92.45 121.08 11.07
N GLU C 2749 92.82 121.91 10.11
CA GLU C 2749 93.67 121.52 8.99
C GLU C 2749 95.14 121.82 9.24
N LYS C 2750 95.52 122.13 10.48
CA LYS C 2750 96.92 122.33 10.82
C LYS C 2750 97.75 121.08 10.59
N LEU C 2751 97.15 119.90 10.74
CA LEU C 2751 97.80 118.62 10.47
C LEU C 2751 97.34 118.02 9.13
N ASP C 2752 97.14 118.89 8.12
CA ASP C 2752 96.73 118.46 6.78
C ASP C 2752 97.74 117.52 6.14
N SER C 2753 99.00 117.57 6.59
CA SER C 2753 100.04 116.64 6.18
C SER C 2753 99.67 115.19 6.52
N PHE C 2754 98.83 115.01 7.55
CA PHE C 2754 98.33 113.70 7.92
C PHE C 2754 96.92 113.46 7.38
N ILE C 2755 96.09 114.52 7.31
CA ILE C 2755 94.72 114.35 6.82
C ILE C 2755 94.72 113.87 5.37
N ASN C 2756 95.54 114.49 4.51
CA ASN C 2756 95.63 114.02 3.13
C ASN C 2756 96.31 112.65 3.05
N LYS C 2757 97.36 112.44 3.85
CA LYS C 2757 98.10 111.17 3.83
C LYS C 2757 97.20 109.99 4.18
N PHE C 2758 96.36 110.16 5.22
CA PHE C 2758 95.43 109.11 5.59
C PHE C 2758 94.27 109.02 4.62
N ALA C 2759 94.00 110.11 3.86
CA ALA C 2759 92.88 110.11 2.92
C ALA C 2759 93.11 109.07 1.83
N GLU C 2760 94.33 109.01 1.29
CA GLU C 2760 94.57 108.00 0.26
C GLU C 2760 95.01 106.69 0.91
N TYR C 2761 95.65 106.73 2.09
CA TYR C 2761 96.11 105.48 2.66
C TYR C 2761 95.00 104.58 3.19
N THR C 2762 93.79 105.11 3.44
CA THR C 2762 92.68 104.21 3.77
C THR C 2762 92.34 103.29 2.61
N HIS C 2763 92.33 103.83 1.39
CA HIS C 2763 92.10 103.01 0.21
C HIS C 2763 93.33 102.18 -0.14
N GLU C 2764 94.53 102.71 0.10
CA GLU C 2764 95.74 101.93 -0.14
C GLU C 2764 95.82 100.70 0.79
N LYS C 2765 95.46 100.88 2.06
CA LYS C 2765 95.33 99.74 2.97
C LYS C 2765 94.17 98.83 2.58
N TRP C 2766 93.09 99.40 2.04
CA TRP C 2766 92.01 98.57 1.51
C TRP C 2766 92.52 97.72 0.34
N ALA C 2767 93.39 98.29 -0.51
CA ALA C 2767 94.05 97.55 -1.57
C ALA C 2767 94.95 96.45 -1.01
N PHE C 2768 95.59 96.71 0.14
CA PHE C 2768 96.37 95.68 0.82
C PHE C 2768 95.46 94.54 1.28
N ASP C 2769 94.28 94.86 1.80
CA ASP C 2769 93.30 93.83 2.16
C ASP C 2769 92.84 93.04 0.94
N LYS C 2770 92.63 93.74 -0.19
CA LYS C 2770 92.19 93.06 -1.40
C LYS C 2770 93.29 92.13 -1.93
N ILE C 2771 94.53 92.61 -1.96
CA ILE C 2771 95.60 91.78 -2.51
C ILE C 2771 95.91 90.62 -1.57
N GLN C 2772 95.61 90.75 -0.27
CA GLN C 2772 95.78 89.64 0.66
C GLN C 2772 94.53 88.78 0.77
N ASN C 2773 93.50 89.10 0.00
CA ASN C 2773 92.24 88.35 -0.01
C ASN C 2773 92.21 87.26 -1.08
N ASN C 2774 93.38 86.70 -1.40
CA ASN C 2774 93.67 85.58 -2.32
C ASN C 2774 93.47 85.93 -3.80
N TRP C 2775 93.01 87.13 -4.13
CA TRP C 2775 92.80 87.51 -5.53
C TRP C 2775 93.53 88.82 -5.80
N SER C 2776 94.18 88.89 -6.96
CA SER C 2776 94.90 90.09 -7.36
C SER C 2776 93.92 91.12 -7.92
N TYR C 2777 94.44 92.20 -8.49
CA TYR C 2777 93.58 93.26 -8.98
C TYR C 2777 93.30 93.09 -10.47
N GLY C 2778 92.18 93.68 -10.90
CA GLY C 2778 91.79 93.66 -12.28
C GLY C 2778 91.48 95.06 -12.77
N GLU C 2779 91.58 95.23 -14.09
CA GLU C 2779 91.36 96.53 -14.70
C GLU C 2779 89.93 96.75 -15.17
N ASN C 2780 89.09 95.73 -15.13
CA ASN C 2780 87.67 95.85 -15.49
C ASN C 2780 86.84 96.03 -14.23
N VAL C 2781 85.92 96.98 -14.26
CA VAL C 2781 85.09 97.32 -13.10
C VAL C 2781 83.83 96.45 -13.18
N ASP C 2782 83.89 95.28 -12.55
CA ASP C 2782 82.76 94.36 -12.49
C ASP C 2782 82.94 93.43 -11.31
N GLU C 2783 81.87 92.71 -10.98
CA GLU C 2783 81.84 91.87 -9.80
C GLU C 2783 82.49 90.50 -9.99
N GLU C 2784 83.00 90.19 -11.19
CA GLU C 2784 83.63 88.89 -11.45
C GLU C 2784 84.89 88.67 -10.62
N LEU C 2785 85.51 89.74 -10.11
CA LEU C 2785 86.73 89.65 -9.31
C LEU C 2785 86.44 89.40 -7.84
N LYS C 2786 85.15 89.40 -7.44
CA LYS C 2786 84.61 89.18 -6.07
C LYS C 2786 85.34 89.99 -4.98
N THR C 2787 85.95 91.11 -5.37
CA THR C 2787 86.59 92.08 -4.48
C THR C 2787 86.23 93.46 -4.99
N HIS C 2788 86.94 94.48 -4.53
CA HIS C 2788 86.72 95.86 -4.97
C HIS C 2788 87.12 96.02 -6.44
N PRO C 2789 86.17 96.28 -7.34
CA PRO C 2789 86.49 96.23 -8.78
C PRO C 2789 87.29 97.42 -9.27
N MET C 2790 86.93 98.64 -8.85
CA MET C 2790 87.41 99.85 -9.51
C MET C 2790 88.76 100.35 -9.00
N LEU C 2791 89.52 99.52 -8.29
CA LEU C 2791 90.86 99.93 -7.90
C LEU C 2791 91.82 99.64 -9.06
N ARG C 2792 92.61 100.63 -9.43
CA ARG C 2792 93.51 100.61 -10.56
C ARG C 2792 94.88 101.03 -10.05
N PRO C 2793 95.98 100.69 -10.78
CA PRO C 2793 97.31 101.11 -10.33
C PRO C 2793 97.44 102.62 -10.20
N TYR C 2794 98.20 103.04 -9.17
CA TYR C 2794 98.36 104.44 -8.79
C TYR C 2794 99.04 105.30 -9.85
N LYS C 2795 99.69 104.68 -10.84
CA LYS C 2795 100.31 105.44 -11.92
C LYS C 2795 99.26 106.19 -12.74
N THR C 2796 98.13 105.55 -13.02
CA THR C 2796 97.06 106.16 -13.81
C THR C 2796 95.71 106.05 -13.12
N PHE C 2797 95.69 106.09 -11.79
CA PHE C 2797 94.44 106.05 -11.04
C PHE C 2797 93.98 107.49 -10.80
N SER C 2798 92.84 107.83 -11.41
CA SER C 2798 92.30 109.18 -11.35
C SER C 2798 91.93 109.57 -9.93
N GLU C 2799 92.19 110.83 -9.58
CA GLU C 2799 91.88 111.36 -8.25
C GLU C 2799 90.52 112.05 -8.18
N LYS C 2800 89.61 111.75 -9.12
CA LYS C 2800 88.26 112.26 -9.03
C LYS C 2800 87.53 111.70 -7.82
N ASP C 2801 87.72 110.41 -7.53
CA ASP C 2801 87.07 109.76 -6.39
C ASP C 2801 87.83 109.95 -5.08
N LYS C 2802 89.14 110.22 -5.12
CA LYS C 2802 89.92 110.39 -3.90
C LYS C 2802 89.52 111.63 -3.10
N GLU C 2803 88.95 112.64 -3.76
CA GLU C 2803 88.39 113.78 -3.06
C GLU C 2803 87.04 113.50 -2.40
N ILE C 2804 86.33 112.44 -2.78
CA ILE C 2804 85.05 112.10 -2.19
C ILE C 2804 85.10 110.81 -1.41
N TYR C 2805 86.23 110.10 -1.42
CA TYR C 2805 86.43 108.93 -0.58
C TYR C 2805 86.84 109.31 0.84
N ARG C 2806 87.15 110.57 1.09
CA ARG C 2806 87.67 111.00 2.39
C ARG C 2806 86.60 111.53 3.32
N TRP C 2807 85.32 111.44 2.94
CA TRP C 2807 84.22 111.85 3.82
C TRP C 2807 84.19 111.07 5.14
N PRO C 2808 84.23 109.71 5.17
CA PRO C 2808 84.36 109.03 6.48
C PRO C 2808 85.63 109.39 7.21
N ILE C 2809 86.73 109.62 6.49
CA ILE C 2809 87.98 110.05 7.11
C ILE C 2809 87.82 111.43 7.74
N LYS C 2810 87.18 112.36 7.01
CA LYS C 2810 86.97 113.71 7.54
C LYS C 2810 86.08 113.69 8.78
N GLU C 2811 85.03 112.86 8.78
CA GLU C 2811 84.20 112.69 9.96
C GLU C 2811 84.97 112.05 11.11
N SER C 2812 85.84 111.07 10.80
CA SER C 2812 86.62 110.40 11.84
C SER C 2812 87.60 111.37 12.50
N LEU C 2813 88.29 112.18 11.70
CA LEU C 2813 89.23 113.15 12.25
C LEU C 2813 88.50 114.24 13.05
N LYS C 2814 87.30 114.60 12.60
CA LYS C 2814 86.48 115.54 13.36
C LYS C 2814 86.07 114.91 14.68
N ALA C 2815 85.70 113.63 14.67
CA ALA C 2815 85.26 112.97 15.89
C ALA C 2815 86.41 112.85 16.89
N MET C 2816 87.60 112.47 16.42
CA MET C 2816 88.75 112.34 17.32
C MET C 2816 89.28 113.68 17.82
N ILE C 2817 88.84 114.80 17.25
CA ILE C 2817 89.33 116.09 17.72
C ILE C 2817 88.23 116.96 18.33
N ALA C 2818 86.95 116.59 18.18
CA ALA C 2818 85.85 117.40 18.69
C ALA C 2818 85.59 117.23 20.17
N TRP C 2819 86.09 116.16 20.81
CA TRP C 2819 85.84 115.95 22.23
C TRP C 2819 86.91 116.61 23.11
N GLU C 2820 87.23 117.88 22.82
CA GLU C 2820 88.31 118.65 23.48
C GLU C 2820 89.61 117.83 23.54
N TRP C 2821 89.96 117.22 22.42
CA TRP C 2821 91.08 116.28 22.32
C TRP C 2821 92.03 116.77 21.22
N THR C 2822 92.98 117.60 21.61
CA THR C 2822 93.93 118.16 20.66
C THR C 2822 95.00 117.14 20.29
N ILE C 2823 95.53 117.30 19.08
CA ILE C 2823 96.57 116.43 18.54
C ILE C 2823 97.67 117.33 17.99
N GLU C 2824 98.92 116.97 18.27
CA GLU C 2824 100.05 117.81 17.90
C GLU C 2824 101.13 116.96 17.22
N LYS C 2825 101.95 117.62 16.40
CA LYS C 2825 103.00 116.96 15.65
C LYS C 2825 104.12 116.51 16.59
N ALA C 2826 104.31 115.20 16.70
CA ALA C 2826 105.45 114.69 17.44
C ALA C 2826 106.74 114.81 16.64
N ARG C 2827 106.65 114.62 15.32
CA ARG C 2827 107.78 114.71 14.42
C ARG C 2827 107.73 116.03 13.64
N GLU C 2828 108.73 116.26 12.81
CA GLU C 2828 108.81 117.46 11.95
C GLU C 2828 109.15 116.98 10.54
N GLY C 2829 108.13 116.79 9.72
CA GLY C 2829 108.34 116.34 8.36
C GLY C 2829 107.03 116.28 7.61
N GLU C 2830 107.15 116.01 6.31
CA GLU C 2830 106.04 115.92 5.35
C GLU C 2830 105.14 117.15 5.33
N TYR C 2855 102.11 99.13 -8.29
CA TYR C 2855 100.98 99.36 -7.39
C TYR C 2855 101.03 98.39 -6.22
N ASN C 2856 101.87 98.69 -5.25
CA ASN C 2856 101.98 97.81 -4.09
C ASN C 2856 102.01 98.64 -2.81
N PRO C 2857 101.10 98.38 -1.88
CA PRO C 2857 101.13 99.07 -0.59
C PRO C 2857 102.25 98.56 0.32
N GLN C 2858 103.45 99.11 0.12
CA GLN C 2858 104.63 98.66 0.85
C GLN C 2858 104.55 98.77 2.37
N PRO C 2859 104.15 99.89 3.01
CA PRO C 2859 104.23 99.94 4.48
C PRO C 2859 103.13 99.12 5.11
N PRO C 2860 103.46 98.21 6.04
CA PRO C 2860 102.41 97.49 6.77
C PRO C 2860 101.96 98.26 8.00
N ASP C 2861 100.66 98.55 8.08
CA ASP C 2861 100.08 99.35 9.15
C ASP C 2861 98.96 98.52 9.79
N LEU C 2862 99.28 97.84 10.88
CA LEU C 2862 98.35 96.99 11.61
C LEU C 2862 98.22 97.46 13.05
N SER C 2863 97.42 96.73 13.82
CA SER C 2863 97.19 97.03 15.23
C SER C 2863 97.28 95.76 16.07
N GLY C 2864 98.31 94.96 15.82
CA GLY C 2864 98.44 93.69 16.49
C GLY C 2864 98.98 93.73 17.90
N VAL C 2865 99.59 94.84 18.30
CA VAL C 2865 100.19 94.95 19.62
C VAL C 2865 99.25 95.73 20.55
N THR C 2866 99.51 95.66 21.85
CA THR C 2866 98.73 96.40 22.82
C THR C 2866 99.11 97.88 22.82
N LEU C 2867 98.49 98.63 23.73
CA LEU C 2867 98.70 100.07 23.82
C LEU C 2867 98.31 100.53 25.22
N SER C 2868 98.77 101.74 25.58
CA SER C 2868 98.55 102.34 26.90
C SER C 2868 97.06 102.44 27.20
N ARG C 2869 96.69 102.17 28.45
CA ARG C 2869 95.29 101.97 28.83
C ARG C 2869 94.42 103.21 28.60
N GLU C 2870 94.92 104.40 28.96
CA GLU C 2870 94.15 105.63 28.76
CA GLU C 2870 94.16 105.63 28.77
C GLU C 2870 93.92 105.91 27.28
N LEU C 2871 94.94 105.69 26.44
CA LEU C 2871 94.78 105.99 25.03
C LEU C 2871 94.02 104.89 24.28
N GLN C 2872 94.07 103.65 24.77
CA GLN C 2872 93.26 102.61 24.13
C GLN C 2872 91.79 102.80 24.51
N ALA C 2873 91.48 103.19 25.75
CA ALA C 2873 90.10 103.57 26.05
C ALA C 2873 89.70 104.88 25.38
N MET C 2874 90.66 105.75 25.05
CA MET C 2874 90.40 106.93 24.23
C MET C 2874 89.91 106.50 22.85
N ALA C 2875 90.55 105.48 22.27
CA ALA C 2875 90.06 104.97 21.00
C ALA C 2875 88.79 104.16 21.18
N GLU C 2876 88.58 103.55 22.36
CA GLU C 2876 87.32 102.87 22.63
C GLU C 2876 86.16 103.84 22.60
N GLN C 2877 86.39 105.08 23.06
CA GLN C 2877 85.37 106.11 22.97
C GLN C 2877 85.23 106.61 21.54
N LEU C 2878 86.34 106.69 20.80
CA LEU C 2878 86.26 107.05 19.38
C LEU C 2878 85.47 106.04 18.57
N ALA C 2879 85.72 104.75 18.78
CA ALA C 2879 84.93 103.70 18.16
C ALA C 2879 83.49 103.70 18.65
N GLU C 2880 83.24 104.08 19.91
CA GLU C 2880 81.87 104.26 20.37
C GLU C 2880 81.17 105.40 19.64
N ASN C 2881 81.87 106.51 19.40
CA ASN C 2881 81.34 107.58 18.56
C ASN C 2881 81.19 107.15 17.11
N TYR C 2882 81.95 106.14 16.68
CA TYR C 2882 81.73 105.58 15.34
C TYR C 2882 80.44 104.76 15.33
N HIS C 2883 80.29 103.91 16.35
CA HIS C 2883 79.20 102.95 16.39
C HIS C 2883 77.86 103.63 16.62
N ASN C 2884 77.82 104.67 17.47
CA ASN C 2884 76.54 105.37 17.65
C ASN C 2884 76.12 106.14 16.40
N THR C 2885 77.08 106.61 15.59
CA THR C 2885 76.73 107.16 14.27
C THR C 2885 76.18 106.10 13.32
N TRP C 2886 76.78 104.90 13.32
CA TRP C 2886 76.16 103.76 12.60
C TRP C 2886 74.77 103.42 13.15
N GLY C 2887 74.61 103.43 14.47
CA GLY C 2887 73.31 103.12 15.06
C GLY C 2887 72.27 104.18 14.73
N ARG C 2888 72.68 105.45 14.72
CA ARG C 2888 71.77 106.56 14.46
C ARG C 2888 71.29 106.52 13.02
N LYS C 2889 72.23 106.35 12.07
CA LYS C 2889 71.81 106.38 10.68
C LYS C 2889 71.09 105.09 10.31
N LYS C 2890 71.41 103.95 10.94
CA LYS C 2890 70.68 102.74 10.63
C LYS C 2890 69.27 102.79 11.23
N LYS C 2891 69.13 103.31 12.46
CA LYS C 2891 67.82 103.38 13.08
C LYS C 2891 66.92 104.40 12.39
N GLN C 2892 67.51 105.40 11.70
CA GLN C 2892 66.67 106.37 10.99
C GLN C 2892 65.98 105.70 9.81
N GLU C 2893 66.75 104.95 9.01
CA GLU C 2893 66.20 104.26 7.86
C GLU C 2893 65.41 103.03 8.25
N LEU C 2894 65.56 102.55 9.50
CA LEU C 2894 64.87 101.36 9.98
C LEU C 2894 63.59 101.67 10.73
N GLU C 2895 63.43 102.88 11.28
CA GLU C 2895 62.24 103.24 12.05
C GLU C 2895 61.02 103.62 11.19
N ALA C 2896 61.02 103.27 9.89
CA ALA C 2896 59.87 103.57 9.03
C ALA C 2896 58.60 102.83 9.47
N LYS C 2897 58.74 101.70 10.16
CA LYS C 2897 57.59 100.98 10.67
C LYS C 2897 57.22 101.38 12.10
N GLY C 2898 58.11 102.07 12.80
CA GLY C 2898 57.82 102.57 14.13
C GLY C 2898 57.78 101.53 15.23
N GLY C 2899 58.41 100.37 15.03
CA GLY C 2899 58.41 99.34 16.04
C GLY C 2899 59.58 98.39 15.86
N GLY C 2900 60.01 97.82 16.97
CA GLY C 2900 61.09 96.84 16.95
C GLY C 2900 62.46 97.50 17.04
N THR C 2901 63.45 96.66 17.38
CA THR C 2901 64.83 97.11 17.48
C THR C 2901 65.74 96.04 16.91
N HIS C 2902 66.87 96.48 16.36
CA HIS C 2902 67.83 95.55 15.79
C HIS C 2902 68.59 94.85 16.91
N PRO C 2903 68.93 93.56 16.74
CA PRO C 2903 69.72 92.87 17.79
C PRO C 2903 71.09 93.49 18.07
N LEU C 2904 71.72 94.10 17.07
CA LEU C 2904 73.00 94.75 17.28
C LEU C 2904 72.88 96.17 17.81
N LEU C 2905 71.66 96.68 18.01
CA LEU C 2905 71.46 98.06 18.45
C LEU C 2905 71.81 98.24 19.92
N VAL C 2906 73.10 98.10 20.24
CA VAL C 2906 73.65 98.44 21.56
C VAL C 2906 74.97 99.15 21.37
N PRO C 2907 75.33 100.04 22.30
CA PRO C 2907 76.59 100.79 22.18
C PRO C 2907 77.81 99.87 22.24
N TYR C 2908 78.96 100.49 21.92
CA TYR C 2908 80.22 99.77 21.72
C TYR C 2908 80.69 99.04 22.98
N ASP C 2909 80.59 99.70 24.15
CA ASP C 2909 81.08 99.10 25.39
C ASP C 2909 80.29 97.86 25.79
N THR C 2910 78.96 97.90 25.65
CA THR C 2910 78.13 96.79 26.13
C THR C 2910 78.22 95.56 25.23
N LEU C 2911 78.37 95.76 23.93
CA LEU C 2911 78.42 94.66 22.98
C LEU C 2911 79.73 93.85 23.10
N THR C 2912 79.62 92.56 22.81
CA THR C 2912 80.70 91.58 23.01
C THR C 2912 81.82 91.82 21.99
N ALA C 2913 83.01 91.24 22.25
CA ALA C 2913 84.18 91.44 21.40
C ALA C 2913 83.99 90.93 19.97
N LYS C 2914 83.18 89.88 19.79
CA LYS C 2914 82.94 89.33 18.46
C LYS C 2914 82.26 90.35 17.55
N GLU C 2915 81.29 91.10 18.08
CA GLU C 2915 80.70 92.18 17.33
C GLU C 2915 81.42 93.51 17.57
N LYS C 2916 82.49 93.50 18.37
CA LYS C 2916 83.29 94.70 18.62
C LYS C 2916 84.48 94.78 17.69
N ALA C 2917 84.71 93.73 16.89
CA ALA C 2917 85.94 93.62 16.11
C ALA C 2917 86.07 94.73 15.06
N ARG C 2918 84.98 95.08 14.38
CA ARG C 2918 85.01 96.09 13.31
C ARG C 2918 85.36 97.48 13.85
N ASP C 2919 84.70 97.90 14.93
CA ASP C 2919 84.94 99.23 15.45
C ASP C 2919 86.27 99.29 16.20
N ARG C 2920 86.58 98.21 16.93
CA ARG C 2920 87.82 98.16 17.69
C ARG C 2920 89.01 98.22 16.75
N GLU C 2921 88.94 97.47 15.64
CA GLU C 2921 90.02 97.47 14.68
C GLU C 2921 90.14 98.83 14.00
N LYS C 2922 89.00 99.44 13.64
CA LYS C 2922 89.04 100.73 12.94
C LYS C 2922 89.69 101.82 13.80
N ALA C 2923 89.30 101.87 15.07
CA ALA C 2923 89.87 102.86 15.99
C ALA C 2923 91.31 102.53 16.35
N GLN C 2924 91.63 101.25 16.56
CA GLN C 2924 92.96 100.88 16.99
C GLN C 2924 93.95 101.05 15.84
N GLU C 2925 93.58 100.62 14.63
CA GLU C 2925 94.44 100.79 13.47
C GLU C 2925 94.66 102.26 13.16
N LEU C 2926 93.62 103.10 13.31
CA LEU C 2926 93.83 104.54 13.18
C LEU C 2926 94.78 105.09 14.25
N LEU C 2927 94.63 104.61 15.50
CA LEU C 2927 95.53 105.02 16.58
C LEU C 2927 96.97 104.57 16.35
N LYS C 2928 97.16 103.34 15.86
CA LYS C 2928 98.48 102.87 15.49
C LYS C 2928 99.05 103.67 14.33
N PHE C 2929 98.21 104.02 13.35
CA PHE C 2929 98.62 104.92 12.26
C PHE C 2929 99.08 106.27 12.78
N LEU C 2930 98.49 106.71 13.91
CA LEU C 2930 98.97 107.92 14.57
C LEU C 2930 100.29 107.67 15.27
N GLN C 2931 100.46 106.46 15.83
CA GLN C 2931 101.69 106.14 16.54
C GLN C 2931 102.87 106.10 15.57
N MET C 2932 102.72 105.36 14.47
CA MET C 2932 103.83 105.21 13.52
C MET C 2932 104.09 106.52 12.78
N ASN C 2933 103.06 107.33 12.56
CA ASN C 2933 103.31 108.61 11.89
C ASN C 2933 103.64 109.73 12.86
N GLY C 2934 103.67 109.45 14.16
CA GLY C 2934 104.08 110.45 15.14
C GLY C 2934 102.97 111.38 15.57
N TYR C 2935 101.88 110.82 16.09
CA TYR C 2935 100.74 111.59 16.55
C TYR C 2935 100.19 110.97 17.81
N ALA C 2936 99.99 111.80 18.84
CA ALA C 2936 99.44 111.35 20.12
C ALA C 2936 98.27 112.25 20.51
N VAL C 2937 97.15 111.63 20.88
CA VAL C 2937 95.95 112.36 21.26
C VAL C 2937 95.81 112.27 22.77
N THR C 2938 95.91 113.41 23.45
CA THR C 2938 95.80 113.49 24.90
C THR C 2938 94.87 114.62 25.27
N ARG C 2939 93.95 114.38 26.20
CA ARG C 2939 93.00 115.38 26.65
C ARG C 2939 93.68 116.48 27.46
N LEU C 2946 90.55 107.53 37.89
CA LEU C 2946 91.88 107.88 37.42
C LEU C 2946 92.89 106.83 37.88
N ASP C 2947 93.54 106.20 36.89
CA ASP C 2947 94.56 105.16 37.07
C ASP C 2947 94.04 104.00 37.92
N THR C 2948 92.92 103.43 37.46
CA THR C 2948 92.30 102.32 38.16
C THR C 2948 92.97 101.01 37.75
N SER C 2949 93.23 100.17 38.74
CA SER C 2949 93.90 98.89 38.53
C SER C 2949 92.97 97.75 38.94
N SER C 2950 93.53 96.52 38.92
CA SER C 2950 92.75 95.33 39.19
C SER C 2950 92.23 95.29 40.62
N ILE C 2951 92.92 95.98 41.54
CA ILE C 2951 92.50 96.00 42.94
C ILE C 2951 91.14 96.68 43.07
N GLU C 2952 91.02 97.84 42.43
CA GLU C 2952 89.79 98.63 42.49
C GLU C 2952 88.70 98.07 41.58
N LYS C 2953 89.07 97.41 40.48
CA LYS C 2953 88.05 96.91 39.54
C LYS C 2953 87.27 95.71 40.07
N ARG C 2954 87.67 95.12 41.20
CA ARG C 2954 86.97 94.00 41.78
C ARG C 2954 85.56 94.38 42.22
N PHE C 2955 84.66 93.38 42.20
CA PHE C 2955 83.30 93.55 42.69
C PHE C 2955 83.27 93.90 44.17
N ALA C 2956 83.98 93.13 44.99
CA ALA C 2956 83.97 93.33 46.44
C ALA C 2956 84.54 94.69 46.83
N PHE C 2957 85.64 95.09 46.17
CA PHE C 2957 86.23 96.40 46.42
C PHE C 2957 85.30 97.53 46.03
N GLY C 2958 84.63 97.42 44.87
CA GLY C 2958 83.65 98.43 44.52
C GLY C 2958 82.46 98.40 45.45
N PHE C 2959 82.07 97.20 45.90
CA PHE C 2959 80.94 97.01 46.79
C PHE C 2959 81.13 97.82 48.06
N LEU C 2960 82.29 97.63 48.69
CA LEU C 2960 82.47 98.23 50.01
C LEU C 2960 82.85 99.70 49.89
N GLN C 2961 83.50 100.12 48.78
CA GLN C 2961 83.86 101.53 48.65
C GLN C 2961 82.60 102.39 48.56
N GLN C 2962 81.63 101.95 47.75
CA GLN C 2962 80.35 102.65 47.69
C GLN C 2962 79.52 102.46 48.95
N LEU C 2963 79.70 101.35 49.68
CA LEU C 2963 79.06 101.28 50.99
C LEU C 2963 79.62 102.31 51.96
N LEU C 2964 80.94 102.54 51.94
CA LEU C 2964 81.52 103.62 52.73
C LEU C 2964 81.02 105.00 52.28
N ARG C 2965 80.92 105.20 50.96
CA ARG C 2965 80.32 106.41 50.40
C ARG C 2965 78.86 106.57 50.81
N TRP C 2966 78.17 105.47 51.09
CA TRP C 2966 76.83 105.56 51.64
C TRP C 2966 76.84 105.65 53.17
N MET C 2967 77.92 105.19 53.81
CA MET C 2967 78.05 105.25 55.26
C MET C 2967 78.19 106.70 55.74
N ASP C 2968 78.98 107.50 55.01
CA ASP C 2968 79.05 108.92 55.38
C ASP C 2968 77.69 109.61 55.23
N ILE C 2969 76.89 109.15 54.26
CA ILE C 2969 75.50 109.58 54.17
C ILE C 2969 74.67 109.00 55.33
N SER C 2970 75.02 107.80 55.81
CA SER C 2970 74.30 107.18 56.93
C SER C 2970 74.48 107.94 58.22
N GLN C 2971 75.56 108.72 58.34
CA GLN C 2971 75.69 109.59 59.51
C GLN C 2971 74.61 110.68 59.53
N GLU C 2972 74.05 111.02 58.36
CA GLU C 2972 73.15 112.15 58.26
C GLU C 2972 71.80 111.85 58.90
N PHE C 2973 71.22 110.67 58.64
CA PHE C 2973 69.87 110.47 59.14
C PHE C 2973 69.90 110.22 60.64
N ILE C 2974 70.93 109.54 61.15
CA ILE C 2974 71.04 109.37 62.60
C ILE C 2974 71.19 110.72 63.29
N ALA C 2975 72.04 111.63 62.75
CA ALA C 2975 72.15 112.96 63.34
C ALA C 2975 70.86 113.77 63.22
N HIS C 2976 70.17 113.66 62.08
CA HIS C 2976 68.94 114.42 61.87
C HIS C 2976 67.82 113.92 62.78
N LEU C 2977 67.60 112.61 62.83
CA LEU C 2977 66.52 112.09 63.66
C LEU C 2977 66.81 112.22 65.15
N GLU C 2978 68.09 112.15 65.58
CA GLU C 2978 68.40 112.49 66.97
C GLU C 2978 68.07 113.95 67.26
N ALA C 2979 68.39 114.86 66.32
CA ALA C 2979 68.10 116.26 66.53
C ALA C 2979 66.60 116.51 66.63
N VAL C 2980 65.81 115.85 65.77
CA VAL C 2980 64.38 116.12 65.74
C VAL C 2980 63.66 115.40 66.88
N VAL C 2981 64.26 114.37 67.47
CA VAL C 2981 63.58 113.73 68.59
C VAL C 2981 63.97 114.45 69.86
N SER C 2982 65.18 115.03 69.91
CA SER C 2982 65.59 115.77 71.10
C SER C 2982 64.85 117.09 71.22
N SER C 2983 64.73 117.84 70.12
CA SER C 2983 64.01 119.11 70.16
C SER C 2983 63.55 119.50 68.77
N GLY C 2984 62.53 120.36 68.71
CA GLY C 2984 61.99 120.78 67.43
C GLY C 2984 61.40 119.66 66.61
N ARG C 2985 60.31 119.04 67.10
CA ARG C 2985 59.70 117.89 66.44
C ARG C 2985 59.15 118.25 65.07
N VAL C 2986 59.76 117.71 64.02
CA VAL C 2986 59.30 117.91 62.65
C VAL C 2986 59.30 116.55 61.96
N GLU C 2987 58.21 116.28 61.22
CA GLU C 2987 58.07 115.04 60.46
C GLU C 2987 58.17 115.28 58.97
N LYS C 2988 58.82 116.38 58.56
CA LYS C 2988 58.98 116.67 57.13
C LYS C 2988 59.84 115.60 56.45
N SER C 2989 60.93 115.18 57.11
CA SER C 2989 61.90 114.18 56.63
C SER C 2989 62.43 114.50 55.23
N PRO C 2990 63.30 115.50 55.08
CA PRO C 2990 63.76 115.89 53.72
C PRO C 2990 64.50 114.81 52.95
N HIS C 2991 65.08 113.82 53.63
CA HIS C 2991 65.77 112.73 52.93
C HIS C 2991 65.13 111.39 53.24
N GLU C 2992 63.80 111.33 53.17
CA GLU C 2992 63.05 110.11 53.46
C GLU C 2992 63.36 109.02 52.44
N GLN C 2993 63.67 109.43 51.20
CA GLN C 2993 64.05 108.48 50.14
C GLN C 2993 65.31 107.74 50.53
N GLU C 2994 66.27 108.47 51.11
CA GLU C 2994 67.51 107.84 51.52
C GLU C 2994 67.29 107.01 52.78
N ILE C 2995 66.45 107.49 53.70
CA ILE C 2995 66.18 106.75 54.94
C ILE C 2995 65.57 105.38 54.62
N LYS C 2996 64.60 105.38 53.70
CA LYS C 2996 64.02 104.13 53.22
C LYS C 2996 65.06 103.25 52.54
N PHE C 2997 65.97 103.85 51.76
CA PHE C 2997 67.00 103.04 51.12
C PHE C 2997 67.96 102.43 52.14
N PHE C 2998 68.25 103.17 53.21
CA PHE C 2998 69.17 102.72 54.25
C PHE C 2998 68.57 101.53 54.98
N ALA C 2999 67.36 101.69 55.50
CA ALA C 2999 66.82 100.68 56.38
C ALA C 2999 66.13 99.53 55.63
N LYS C 3000 65.94 99.64 54.31
CA LYS C 3000 65.27 98.58 53.56
C LYS C 3000 66.09 97.93 52.45
N ILE C 3001 67.22 98.52 52.03
CA ILE C 3001 68.00 97.99 50.91
C ILE C 3001 69.41 97.58 51.33
N LEU C 3002 70.14 98.49 52.01
CA LEU C 3002 71.50 98.19 52.44
C LEU C 3002 71.55 97.01 53.38
N LEU C 3003 70.64 96.95 54.36
CA LEU C 3003 70.65 95.85 55.33
C LEU C 3003 70.41 94.47 54.71
N PRO C 3004 69.37 94.23 53.87
CA PRO C 3004 69.22 92.86 53.34
C PRO C 3004 70.26 92.51 52.28
N LEU C 3005 70.73 93.48 51.49
CA LEU C 3005 71.79 93.21 50.54
C LEU C 3005 73.08 92.81 51.24
N ILE C 3006 73.39 93.47 52.36
CA ILE C 3006 74.52 93.04 53.17
C ILE C 3006 74.26 91.66 53.77
N ASN C 3007 73.00 91.40 54.16
CA ASN C 3007 72.58 90.14 54.78
C ASN C 3007 72.87 88.98 53.85
N GLN C 3008 72.52 89.14 52.58
CA GLN C 3008 72.60 88.00 51.67
C GLN C 3008 73.98 87.91 51.03
N TYR C 3009 74.52 89.02 50.49
CA TYR C 3009 75.81 88.97 49.80
C TYR C 3009 76.96 88.58 50.74
N PHE C 3010 77.00 89.16 51.95
CA PHE C 3010 78.03 88.79 52.91
C PHE C 3010 77.89 87.33 53.34
N THR C 3011 76.67 86.79 53.39
CA THR C 3011 76.50 85.37 53.65
C THR C 3011 77.00 84.54 52.47
N ASN C 3012 76.78 85.03 51.25
CA ASN C 3012 77.22 84.34 50.04
C ASN C 3012 78.74 84.22 49.99
N HIS C 3013 79.45 85.28 50.35
CA HIS C 3013 80.91 85.24 50.27
C HIS C 3013 81.53 85.58 51.62
N CYS C 3014 80.99 84.98 52.69
CA CYS C 3014 81.56 85.16 54.02
C CYS C 3014 82.96 84.57 54.13
N LEU C 3015 83.17 83.40 53.54
CA LEU C 3015 84.48 82.76 53.57
C LEU C 3015 85.50 83.50 52.72
N TYR C 3016 85.06 84.14 51.63
CA TYR C 3016 85.98 84.89 50.75
C TYR C 3016 86.60 86.07 51.49
N PHE C 3017 85.80 86.81 52.26
CA PHE C 3017 86.34 87.87 53.12
C PHE C 3017 87.15 87.30 54.29
N LEU C 3018 86.91 86.05 54.68
CA LEU C 3018 87.79 85.38 55.61
C LEU C 3018 88.99 84.75 54.92
N SER C 3019 88.98 84.69 53.60
CA SER C 3019 90.07 84.07 52.85
C SER C 3019 91.25 85.03 52.78
N THR C 3020 92.43 84.51 53.08
CA THR C 3020 93.70 85.19 53.00
C THR C 3020 94.68 84.29 52.26
N PRO C 3021 95.72 84.86 51.62
CA PRO C 3021 96.73 84.03 50.94
C PRO C 3021 97.36 82.95 51.81
N ALA C 3022 97.60 83.26 53.10
CA ALA C 3022 98.20 82.29 54.01
C ALA C 3022 97.30 81.08 54.22
N LYS C 3023 96.00 81.30 54.42
CA LYS C 3023 95.03 80.23 54.62
C LYS C 3023 93.84 80.49 53.71
N VAL C 3024 93.81 79.84 52.55
CA VAL C 3024 92.78 80.07 51.55
C VAL C 3024 91.61 79.13 51.83
N LEU C 3025 90.47 79.71 52.19
CA LEU C 3025 89.26 78.93 52.42
C LEU C 3025 88.28 78.97 51.24
N GLY C 3026 88.30 80.06 50.47
CA GLY C 3026 87.35 80.22 49.39
C GLY C 3026 87.60 79.26 48.23
N SER C 3027 86.53 79.02 47.46
CA SER C 3027 86.64 78.19 46.27
C SER C 3027 87.51 78.84 45.20
N GLY C 3028 87.55 80.17 45.18
CA GLY C 3028 88.39 80.88 44.23
C GLY C 3028 88.65 82.31 44.66
N GLY C 3029 89.91 82.72 44.66
CA GLY C 3029 90.28 84.08 44.99
C GLY C 3029 90.37 84.33 46.49
N HIS C 3030 90.93 85.49 46.82
CA HIS C 3030 91.09 85.93 48.19
C HIS C 3030 90.77 87.41 48.27
N ALA C 3031 90.11 87.82 49.36
CA ALA C 3031 89.82 89.22 49.56
C ALA C 3031 91.10 89.99 49.86
N SER C 3032 91.22 91.18 49.29
CA SER C 3032 92.40 91.98 49.55
C SER C 3032 92.36 92.58 50.96
N ASN C 3033 93.54 93.01 51.40
CA ASN C 3033 93.71 93.58 52.74
C ASN C 3033 92.88 94.84 52.91
N LYS C 3034 92.86 95.69 51.88
CA LYS C 3034 92.07 96.91 51.95
C LYS C 3034 90.59 96.61 52.07
N GLU C 3035 90.11 95.57 51.37
CA GLU C 3035 88.72 95.12 51.48
C GLU C 3035 88.41 94.67 52.90
N LYS C 3036 89.38 94.02 53.54
CA LYS C 3036 89.24 93.61 54.95
C LYS C 3036 89.10 94.83 55.85
N GLU C 3037 89.98 95.82 55.70
CA GLU C 3037 89.91 96.97 56.58
C GLU C 3037 88.59 97.72 56.39
N MET C 3038 88.15 97.91 55.13
CA MET C 3038 86.92 98.68 54.91
C MET C 3038 85.69 97.96 55.47
N ILE C 3039 85.59 96.62 55.32
CA ILE C 3039 84.46 95.90 55.94
C ILE C 3039 84.55 96.03 57.47
N THR C 3040 85.77 95.95 58.03
CA THR C 3040 85.98 96.14 59.46
C THR C 3040 85.48 97.51 59.93
N SER C 3041 86.03 98.58 59.34
CA SER C 3041 85.65 99.95 59.66
C SER C 3041 84.15 100.19 59.50
N LEU C 3042 83.54 99.57 58.47
CA LEU C 3042 82.10 99.62 58.26
C LEU C 3042 81.35 99.00 59.43
N PHE C 3043 81.73 97.78 59.82
CA PHE C 3043 80.98 97.08 60.87
C PHE C 3043 81.14 97.78 62.21
N CYS C 3044 82.39 98.07 62.58
CA CYS C 3044 82.68 98.62 63.89
C CYS C 3044 82.03 99.98 64.06
N LYS C 3045 82.10 100.85 63.03
CA LYS C 3045 81.44 102.13 63.22
C LYS C 3045 79.93 101.99 63.05
N LEU C 3046 79.47 100.97 62.29
CA LEU C 3046 78.04 100.74 62.10
C LEU C 3046 77.33 100.43 63.41
N ALA C 3047 78.00 99.67 64.27
CA ALA C 3047 77.48 99.45 65.61
C ALA C 3047 77.43 100.76 66.42
N ALA C 3048 78.43 101.62 66.29
CA ALA C 3048 78.37 102.94 66.91
C ALA C 3048 77.30 103.83 66.28
N LEU C 3049 77.02 103.62 64.98
CA LEU C 3049 75.93 104.30 64.28
C LEU C 3049 74.59 103.97 64.89
N VAL C 3050 74.39 102.70 65.25
CA VAL C 3050 73.12 102.29 65.83
C VAL C 3050 73.16 102.34 67.36
N ARG C 3051 74.32 102.63 67.95
CA ARG C 3051 74.49 102.71 69.40
C ARG C 3051 73.60 103.77 70.04
N HIS C 3052 72.81 103.36 71.02
CA HIS C 3052 71.86 104.22 71.76
C HIS C 3052 70.80 104.85 70.85
N ARG C 3053 70.54 104.23 69.70
CA ARG C 3053 69.55 104.70 68.75
C ARG C 3053 68.59 103.60 68.36
N VAL C 3054 68.36 102.64 69.28
CA VAL C 3054 67.40 101.58 69.02
C VAL C 3054 65.99 102.14 68.94
N SER C 3055 65.67 103.16 69.75
CA SER C 3055 64.40 103.85 69.60
C SER C 3055 64.32 104.64 68.30
N LEU C 3056 65.45 104.93 67.67
CA LEU C 3056 65.50 105.65 66.40
C LEU C 3056 65.36 104.72 65.21
N PHE C 3057 65.80 103.47 65.33
CA PHE C 3057 65.68 102.52 64.23
C PHE C 3057 64.43 101.64 64.32
N GLY C 3058 64.03 101.25 65.52
CA GLY C 3058 62.77 100.54 65.72
C GLY C 3058 62.70 99.16 65.11
N THR C 3059 61.78 99.00 64.15
CA THR C 3059 61.52 97.70 63.53
C THR C 3059 62.70 97.16 62.72
N ASP C 3060 63.66 98.01 62.37
CA ASP C 3060 64.82 97.62 61.59
C ASP C 3060 65.94 97.03 62.44
N ALA C 3061 65.75 96.98 63.76
CA ALA C 3061 66.74 96.40 64.67
C ALA C 3061 67.09 94.95 64.39
N PRO C 3062 66.14 94.00 64.15
CA PRO C 3062 66.60 92.64 63.77
C PRO C 3062 67.42 92.60 62.49
N ALA C 3063 67.14 93.47 61.52
CA ALA C 3063 67.96 93.52 60.31
C ALA C 3063 69.35 94.06 60.61
N VAL C 3064 69.43 95.06 61.50
CA VAL C 3064 70.73 95.65 61.81
C VAL C 3064 71.59 94.64 62.58
N VAL C 3065 71.00 93.97 63.59
CA VAL C 3065 71.77 92.99 64.35
C VAL C 3065 72.13 91.78 63.48
N ASN C 3066 71.31 91.48 62.46
CA ASN C 3066 71.65 90.45 61.48
C ASN C 3066 72.90 90.84 60.70
N CYS C 3067 72.97 92.11 60.27
CA CYS C 3067 74.15 92.62 59.59
C CYS C 3067 75.36 92.59 60.51
N LEU C 3068 75.17 93.00 61.77
CA LEU C 3068 76.25 93.05 62.74
C LEU C 3068 76.82 91.65 63.00
N HIS C 3069 75.94 90.65 63.08
CA HIS C 3069 76.36 89.26 63.29
C HIS C 3069 77.15 88.75 62.09
N ILE C 3070 76.66 89.04 60.87
CA ILE C 3070 77.31 88.51 59.68
C ILE C 3070 78.66 89.19 59.46
N LEU C 3071 78.73 90.50 59.66
CA LEU C 3071 80.01 91.20 59.49
C LEU C 3071 81.02 90.74 60.53
N ALA C 3072 80.56 90.54 61.78
CA ALA C 3072 81.43 90.10 62.86
C ALA C 3072 82.00 88.72 62.57
N ARG C 3073 81.16 87.80 62.08
CA ARG C 3073 81.69 86.48 61.77
C ARG C 3073 82.52 86.51 60.49
N SER C 3074 82.38 87.57 59.67
CA SER C 3074 83.14 87.69 58.44
C SER C 3074 84.29 88.70 58.54
N LEU C 3075 84.85 88.91 59.73
CA LEU C 3075 85.95 89.85 59.92
C LEU C 3075 87.27 89.07 59.99
N ASP C 3076 88.17 89.31 59.04
CA ASP C 3076 89.51 88.72 59.08
C ASP C 3076 90.42 89.58 59.98
N ALA C 3077 90.16 89.47 61.29
CA ALA C 3077 90.76 90.37 62.28
C ALA C 3077 92.27 90.21 62.40
N ARG C 3078 92.80 88.99 62.22
CA ARG C 3078 94.24 88.77 62.32
C ARG C 3078 94.99 89.54 61.24
N THR C 3079 94.49 89.48 60.01
CA THR C 3079 95.09 90.24 58.93
C THR C 3079 94.84 91.74 59.12
N VAL C 3080 93.75 92.10 59.78
CA VAL C 3080 93.49 93.52 60.07
C VAL C 3080 94.56 94.07 61.01
N MET C 3081 94.87 93.33 62.07
CA MET C 3081 95.93 93.74 62.99
C MET C 3081 97.31 93.69 62.34
N LYS C 3082 97.57 92.68 61.52
CA LYS C 3082 98.90 92.55 60.91
C LYS C 3082 99.15 93.58 59.82
N SER C 3083 98.10 94.00 59.10
CA SER C 3083 98.25 95.03 58.07
C SER C 3083 96.93 95.80 58.03
N GLY C 3084 96.89 96.91 58.77
CA GLY C 3084 95.70 97.73 58.84
C GLY C 3084 95.97 99.15 59.28
N PRO C 3085 95.10 100.06 58.85
CA PRO C 3085 95.27 101.48 59.20
C PRO C 3085 94.84 101.82 60.62
N GLU C 3086 95.39 102.96 61.06
CA GLU C 3086 95.14 103.45 62.42
C GLU C 3086 93.69 103.81 62.61
N ILE C 3087 93.05 104.39 61.58
CA ILE C 3087 91.66 104.83 61.71
C ILE C 3087 90.73 103.62 61.92
N VAL C 3088 90.95 102.54 61.16
CA VAL C 3088 90.15 101.32 61.30
C VAL C 3088 90.38 100.68 62.67
N LYS C 3089 91.65 100.63 63.11
CA LYS C 3089 91.96 100.11 64.43
C LYS C 3089 91.33 100.96 65.52
N ALA C 3090 91.38 102.29 65.39
CA ALA C 3090 90.74 103.19 66.33
C ALA C 3090 89.24 102.99 66.38
N GLY C 3091 88.62 102.75 65.22
CA GLY C 3091 87.18 102.51 65.18
C GLY C 3091 86.78 101.23 65.89
N LEU C 3092 87.54 100.15 65.68
CA LEU C 3092 87.19 98.89 66.32
C LEU C 3092 87.50 98.91 67.81
N ARG C 3093 88.61 99.55 68.20
CA ARG C 3093 88.92 99.66 69.61
C ARG C 3093 87.96 100.61 70.33
N SER C 3094 87.48 101.66 69.64
CA SER C 3094 86.43 102.51 70.20
C SER C 3094 85.13 101.73 70.40
N PHE C 3095 84.79 100.85 69.45
CA PHE C 3095 83.68 99.93 69.64
C PHE C 3095 83.84 99.02 70.86
N PHE C 3096 85.03 98.44 71.04
CA PHE C 3096 85.30 97.67 72.26
C PHE C 3096 85.25 98.51 73.52
N GLU C 3097 85.75 99.75 73.44
CA GLU C 3097 85.69 100.69 74.56
C GLU C 3097 84.26 101.03 74.91
N SER C 3098 83.41 101.30 73.91
CA SER C 3098 82.00 101.58 74.17
C SER C 3098 81.28 100.35 74.71
N ALA C 3099 81.67 99.16 74.25
CA ALA C 3099 81.06 97.93 74.76
C ALA C 3099 81.33 97.79 76.25
N SER C 3100 82.58 98.05 76.65
CA SER C 3100 82.96 98.03 78.06
C SER C 3100 82.21 99.11 78.83
N GLU C 3101 82.06 100.30 78.24
CA GLU C 3101 81.34 101.39 78.91
C GLU C 3101 79.89 101.02 79.17
N ASP C 3102 79.21 100.48 78.15
CA ASP C 3102 77.79 100.11 78.29
C ASP C 3102 77.60 99.01 79.34
N ILE C 3103 78.49 98.00 79.34
CA ILE C 3103 78.42 96.97 80.37
C ILE C 3103 78.69 97.55 81.75
N GLU C 3104 79.70 98.42 81.87
CA GLU C 3104 79.97 99.05 83.16
C GLU C 3104 78.79 99.93 83.58
N LYS C 3105 78.10 100.56 82.63
CA LYS C 3105 76.87 101.28 82.95
C LYS C 3105 75.77 100.34 83.41
N MET C 3106 75.87 99.05 83.06
CA MET C 3106 74.84 98.10 83.49
C MET C 3106 75.12 97.57 84.88
N VAL C 3107 76.40 97.50 85.30
CA VAL C 3107 76.70 96.83 86.56
C VAL C 3107 76.16 97.61 87.78
N GLU C 3108 76.17 98.95 87.73
CA GLU C 3108 75.53 99.69 88.82
C GLU C 3108 74.01 99.68 88.72
N ASN C 3109 73.46 99.59 87.49
CA ASN C 3109 72.02 99.45 87.34
C ASN C 3109 71.53 98.15 87.95
N LEU C 3110 72.26 97.06 87.73
CA LEU C 3110 71.91 95.78 88.33
C LEU C 3110 72.41 95.63 89.76
N ARG C 3111 73.22 96.57 90.25
CA ARG C 3111 73.70 96.64 91.63
C ARG C 3111 72.68 97.28 92.59
N LEU C 3112 71.41 97.38 92.19
CA LEU C 3112 70.29 97.99 92.93
C LEU C 3112 70.47 99.49 93.16
N GLY C 3113 71.41 100.14 92.47
CA GLY C 3113 71.48 101.59 92.50
C GLY C 3113 70.28 102.25 91.85
N LYS C 3114 69.84 101.72 90.71
CA LYS C 3114 68.62 102.14 90.05
C LYS C 3114 67.84 100.91 89.65
N VAL C 3115 66.53 100.92 89.89
CA VAL C 3115 65.67 99.76 89.67
C VAL C 3115 65.61 99.40 88.18
N SER C 3116 65.47 100.40 87.32
CA SER C 3116 65.32 100.27 85.86
C SER C 3116 64.14 99.40 85.46
N LYS C 3123 64.31 107.34 80.67
CA LYS C 3123 65.63 107.96 80.64
C LYS C 3123 66.56 107.19 79.69
N GLY C 3124 67.82 107.61 79.63
CA GLY C 3124 68.78 106.94 78.77
C GLY C 3124 69.25 105.59 79.29
N VAL C 3125 68.98 105.29 80.56
CA VAL C 3125 69.34 103.98 81.12
C VAL C 3125 68.55 102.89 80.42
N GLY C 3126 67.24 103.11 80.21
CA GLY C 3126 66.43 102.11 79.53
C GLY C 3126 66.85 101.93 78.08
N GLN C 3127 67.25 103.03 77.44
CA GLN C 3127 67.72 102.98 76.05
C GLN C 3127 69.00 102.16 75.93
N ASN C 3128 69.97 102.42 76.81
CA ASN C 3128 71.23 101.68 76.76
C ASN C 3128 71.07 100.24 77.22
N LEU C 3129 70.16 99.97 78.17
CA LEU C 3129 69.87 98.61 78.61
C LEU C 3129 69.28 97.78 77.47
N THR C 3130 68.27 98.34 76.78
CA THR C 3130 67.62 97.62 75.70
C THR C 3130 68.57 97.49 74.52
N TYR C 3131 69.34 98.55 74.23
CA TYR C 3131 70.27 98.56 73.12
C TYR C 3131 71.32 97.47 73.33
N THR C 3132 71.90 97.41 74.53
CA THR C 3132 72.95 96.43 74.76
C THR C 3132 72.39 95.02 74.69
N THR C 3133 71.22 94.79 75.31
CA THR C 3133 70.68 93.44 75.42
C THR C 3133 70.13 92.90 74.11
N VAL C 3134 69.86 93.75 73.10
CA VAL C 3134 69.37 93.25 71.83
C VAL C 3134 70.39 93.42 70.70
N ALA C 3135 71.20 94.47 70.72
CA ALA C 3135 72.13 94.81 69.65
C ALA C 3135 73.59 94.63 70.00
N LEU C 3136 74.03 95.03 71.20
CA LEU C 3136 75.46 94.93 71.47
C LEU C 3136 75.86 93.52 71.88
N LEU C 3137 75.37 93.04 73.03
CA LEU C 3137 75.88 91.82 73.65
C LEU C 3137 75.73 90.54 72.82
N PRO C 3138 74.58 90.22 72.17
CA PRO C 3138 74.57 89.03 71.30
C PRO C 3138 75.57 89.13 70.15
N VAL C 3139 75.77 90.34 69.62
CA VAL C 3139 76.75 90.55 68.56
C VAL C 3139 78.16 90.41 69.12
N LEU C 3140 78.40 90.92 70.34
CA LEU C 3140 79.69 90.72 70.99
C LEU C 3140 79.99 89.24 71.15
N THR C 3141 79.01 88.48 71.64
CA THR C 3141 79.12 87.03 71.81
C THR C 3141 79.44 86.31 70.50
N THR C 3142 78.79 86.71 69.40
CA THR C 3142 79.14 86.16 68.09
C THR C 3142 80.54 86.58 67.65
N LEU C 3143 80.93 87.82 67.95
CA LEU C 3143 82.27 88.30 67.62
C LEU C 3143 83.34 87.51 68.38
N PHE C 3144 83.10 87.24 69.66
CA PHE C 3144 84.01 86.42 70.45
C PHE C 3144 84.03 84.99 69.93
N GLN C 3145 82.89 84.49 69.44
CA GLN C 3145 82.86 83.16 68.83
C GLN C 3145 83.74 83.13 67.58
N HIS C 3146 83.69 84.22 66.81
CA HIS C 3146 84.52 84.36 65.61
C HIS C 3146 86.00 84.36 65.98
N ILE C 3147 86.36 85.05 67.06
CA ILE C 3147 87.76 85.08 67.49
C ILE C 3147 88.18 83.71 68.00
N ALA C 3148 87.31 83.06 68.77
CA ALA C 3148 87.63 81.81 69.45
C ALA C 3148 87.83 80.66 68.47
N GLN C 3149 86.91 80.52 67.50
CA GLN C 3149 86.97 79.39 66.57
C GLN C 3149 88.22 79.43 65.71
N HIS C 3150 88.60 80.62 65.22
CA HIS C 3150 89.77 80.78 64.38
C HIS C 3150 91.04 81.08 65.18
N GLN C 3151 90.96 81.11 66.52
CA GLN C 3151 92.09 81.32 67.42
C GLN C 3151 92.82 82.63 67.13
N PHE C 3152 92.03 83.70 66.99
CA PHE C 3152 92.56 85.04 66.76
C PHE C 3152 92.80 85.78 68.07
N GLY C 3153 92.64 85.13 69.22
CA GLY C 3153 92.81 85.80 70.49
C GLY C 3153 94.22 86.30 70.73
N ASP C 3154 95.21 85.53 70.31
CA ASP C 3154 96.60 85.94 70.50
C ASP C 3154 97.02 87.03 69.54
N ASP C 3155 96.55 86.96 68.29
CA ASP C 3155 97.03 87.85 67.23
C ASP C 3155 96.21 89.14 67.08
N VAL C 3156 95.09 89.28 67.79
CA VAL C 3156 94.24 90.46 67.67
C VAL C 3156 94.08 91.19 69.00
N ILE C 3157 93.86 90.46 70.09
CA ILE C 3157 93.67 91.08 71.39
C ILE C 3157 95.06 91.40 71.95
N LEU C 3158 95.57 92.59 71.64
CA LEU C 3158 96.97 92.92 71.91
C LEU C 3158 97.16 94.04 72.92
N ASP C 3159 96.62 95.23 72.67
CA ASP C 3159 96.99 96.41 73.45
C ASP C 3159 95.86 96.96 74.31
N ASP C 3160 94.73 97.34 73.71
CA ASP C 3160 93.58 97.87 74.43
C ASP C 3160 92.34 97.02 74.27
N VAL C 3161 92.30 96.14 73.25
CA VAL C 3161 91.29 95.09 73.21
C VAL C 3161 91.43 94.20 74.44
N GLN C 3162 92.68 93.99 74.89
CA GLN C 3162 92.96 93.38 76.18
C GLN C 3162 92.30 94.14 77.32
N VAL C 3163 92.52 95.45 77.39
CA VAL C 3163 91.95 96.29 78.45
C VAL C 3163 90.42 96.26 78.41
N SER C 3164 89.83 96.26 77.21
CA SER C 3164 88.39 96.10 77.05
C SER C 3164 87.92 94.75 77.59
N CYS C 3165 88.70 93.70 77.34
CA CYS C 3165 88.40 92.38 77.87
C CYS C 3165 88.47 92.36 79.40
N TYR C 3166 89.51 92.97 79.98
CA TYR C 3166 89.60 93.05 81.43
C TYR C 3166 88.44 93.82 82.03
N ARG C 3167 88.09 94.97 81.45
CA ARG C 3167 86.99 95.78 81.98
C ARG C 3167 85.66 95.04 81.93
N THR C 3168 85.41 94.30 80.85
CA THR C 3168 84.21 93.46 80.80
C THR C 3168 84.28 92.30 81.79
N LEU C 3169 85.46 91.65 81.89
CA LEU C 3169 85.61 90.49 82.78
C LEU C 3169 85.42 90.90 84.23
N CYS C 3170 86.03 92.01 84.63
CA CYS C 3170 85.90 92.49 86.01
C CYS C 3170 84.46 92.89 86.27
N SER C 3171 83.81 93.56 85.30
CA SER C 3171 82.50 94.14 85.55
C SER C 3171 81.44 93.05 85.72
N ILE C 3172 81.38 92.09 84.78
CA ILE C 3172 80.26 91.15 84.79
C ILE C 3172 80.35 90.16 85.94
N TYR C 3173 81.57 89.67 86.26
CA TYR C 3173 81.71 88.71 87.36
C TYR C 3173 81.37 89.32 88.72
N SER C 3174 81.40 90.65 88.84
CA SER C 3174 81.01 91.33 90.07
C SER C 3174 79.50 91.29 90.32
N LEU C 3175 78.71 90.70 89.41
CA LEU C 3175 77.27 90.58 89.58
C LEU C 3175 76.87 89.40 90.45
N GLY C 3176 77.83 88.58 90.90
CA GLY C 3176 77.51 87.51 91.83
C GLY C 3176 77.04 87.97 93.20
N THR C 3177 77.22 89.25 93.53
CA THR C 3177 76.74 89.81 94.80
C THR C 3177 75.40 90.51 94.63
N THR C 3178 74.61 90.10 93.63
CA THR C 3178 73.31 90.71 93.36
C THR C 3178 72.25 89.63 93.30
N LYS C 3179 71.10 89.92 93.91
CA LYS C 3179 69.94 89.03 93.87
C LYS C 3179 68.76 89.85 93.36
N ASN C 3180 68.62 89.93 92.04
CA ASN C 3180 67.56 90.74 91.42
C ASN C 3180 67.02 90.03 90.20
N THR C 3181 65.79 90.44 89.82
CA THR C 3181 65.11 89.84 88.68
C THR C 3181 65.86 90.11 87.38
N TYR C 3182 66.35 91.35 87.20
CA TYR C 3182 67.08 91.66 85.97
C TYR C 3182 68.39 90.91 85.89
N VAL C 3183 69.02 90.68 87.06
CA VAL C 3183 70.26 89.91 87.10
C VAL C 3183 69.97 88.47 86.70
N GLU C 3184 68.88 87.91 87.22
CA GLU C 3184 68.52 86.52 86.93
C GLU C 3184 68.23 86.33 85.45
N LYS C 3185 67.49 87.28 84.86
CA LYS C 3185 67.08 87.09 83.47
C LYS C 3185 68.25 87.34 82.52
N LEU C 3186 69.20 88.20 82.91
CA LEU C 3186 70.35 88.46 82.05
C LEU C 3186 71.56 87.58 82.35
N ARG C 3187 71.49 86.70 83.36
CA ARG C 3187 72.59 85.76 83.61
C ARG C 3187 72.93 84.81 82.45
N PRO C 3188 71.98 84.17 81.72
CA PRO C 3188 72.41 83.33 80.58
C PRO C 3188 73.22 84.06 79.50
N ALA C 3189 72.75 85.23 79.08
CA ALA C 3189 73.45 86.03 78.07
C ALA C 3189 74.80 86.53 78.56
N LEU C 3190 74.88 87.01 79.81
CA LEU C 3190 76.16 87.48 80.34
C LEU C 3190 77.12 86.31 80.57
N GLY C 3191 76.59 85.17 81.04
CA GLY C 3191 77.39 83.99 81.24
C GLY C 3191 77.99 83.47 79.96
N GLU C 3192 77.20 83.49 78.88
CA GLU C 3192 77.73 83.08 77.57
C GLU C 3192 78.70 84.12 77.03
N CYS C 3193 78.45 85.41 77.30
CA CYS C 3193 79.34 86.47 76.81
C CYS C 3193 80.72 86.33 77.45
N LEU C 3194 80.78 86.13 78.77
CA LEU C 3194 82.05 85.92 79.44
C LEU C 3194 82.71 84.60 79.03
N ALA C 3195 81.91 83.54 78.84
CA ALA C 3195 82.50 82.28 78.39
C ALA C 3195 83.13 82.44 77.02
N ARG C 3196 82.43 83.12 76.10
CA ARG C 3196 83.01 83.35 74.79
C ARG C 3196 84.20 84.31 74.85
N LEU C 3197 84.31 85.11 75.92
CA LEU C 3197 85.57 85.81 76.16
C LEU C 3197 86.66 84.80 76.48
N ALA C 3198 86.37 83.88 77.41
CA ALA C 3198 87.37 82.97 77.93
C ALA C 3198 87.93 82.05 76.83
N ALA C 3199 87.07 81.63 75.92
CA ALA C 3199 87.50 80.81 74.77
C ALA C 3199 88.41 81.56 73.80
N ALA C 3200 88.36 82.89 73.78
CA ALA C 3200 89.18 83.71 72.90
C ALA C 3200 90.15 84.62 73.65
N MET C 3201 90.27 84.46 74.94
CA MET C 3201 91.09 85.34 75.77
C MET C 3201 92.57 84.95 75.74
N PRO C 3202 93.46 85.89 75.41
CA PRO C 3202 94.89 85.57 75.37
C PRO C 3202 95.59 85.63 76.72
N VAL C 3203 94.88 85.90 77.82
CA VAL C 3203 95.48 86.00 79.14
C VAL C 3203 94.74 85.05 80.08
N ALA C 3204 95.49 84.43 80.99
CA ALA C 3204 94.91 83.48 81.94
C ALA C 3204 94.48 84.25 83.18
N PHE C 3205 93.18 84.57 83.24
CA PHE C 3205 92.66 85.30 84.40
C PHE C 3205 92.63 84.43 85.64
N LEU C 3206 92.46 83.12 85.49
CA LEU C 3206 92.49 82.22 86.63
C LEU C 3206 93.90 81.83 87.04
N GLU C 3207 94.92 82.24 86.28
CA GLU C 3207 96.31 81.95 86.62
C GLU C 3207 97.16 83.22 86.57
N PRO C 3208 96.97 84.13 87.55
CA PRO C 3208 97.81 85.33 87.56
C PRO C 3208 99.19 85.04 88.14
N GLN C 3209 99.32 84.00 88.99
CA GLN C 3209 100.62 83.63 89.54
C GLN C 3209 101.56 83.13 88.45
N LEU C 3210 101.03 82.71 87.30
CA LEU C 3210 101.84 82.37 86.13
C LEU C 3210 101.53 83.27 84.94
N ASN C 3211 100.81 84.38 85.14
CA ASN C 3211 100.51 85.30 84.04
C ASN C 3211 101.76 85.96 83.48
N GLU C 3212 102.84 86.07 84.26
CA GLU C 3212 104.11 86.64 83.80
C GLU C 3212 104.91 85.69 82.88
N TYR C 3213 104.35 84.57 82.44
CA TYR C 3213 104.98 83.70 81.47
C TYR C 3213 104.21 83.63 80.16
N ASN C 3214 102.99 84.16 80.12
CA ASN C 3214 102.18 84.15 78.91
C ASN C 3214 102.79 85.05 77.85
N ALA C 3215 102.83 84.55 76.61
CA ALA C 3215 103.38 85.32 75.51
C ALA C 3215 102.58 86.58 75.24
N CYS C 3216 101.25 86.45 75.16
CA CYS C 3216 100.37 87.60 74.94
C CYS C 3216 99.83 88.13 76.27
N SER C 3217 100.74 88.51 77.14
CA SER C 3217 100.43 89.09 78.44
C SER C 3217 100.97 90.51 78.46
N VAL C 3218 100.19 91.44 79.01
CA VAL C 3218 100.62 92.84 79.05
C VAL C 3218 101.85 93.04 79.96
N TYR C 3219 102.03 92.18 80.95
CA TYR C 3219 103.17 92.23 81.87
C TYR C 3219 104.41 91.54 81.32
N THR C 3220 104.31 90.91 80.16
CA THR C 3220 105.46 90.35 79.46
C THR C 3220 105.77 91.12 78.19
N THR C 3221 104.74 91.55 77.47
CA THR C 3221 104.95 92.30 76.24
C THR C 3221 105.40 93.73 76.56
N LYS C 3222 104.76 94.37 77.55
CA LYS C 3222 104.98 95.79 77.75
C LYS C 3222 106.21 96.04 78.63
N SER C 3223 106.84 97.18 78.38
CA SER C 3223 108.01 97.61 79.11
C SER C 3223 107.63 98.07 80.52
N PRO C 3224 108.59 98.05 81.46
CA PRO C 3224 108.31 98.63 82.79
C PRO C 3224 107.91 100.10 82.76
N ARG C 3225 108.43 100.87 81.79
CA ARG C 3225 108.11 102.30 81.71
C ARG C 3225 106.62 102.51 81.45
N GLU C 3226 106.04 101.72 80.55
CA GLU C 3226 104.61 101.82 80.24
C GLU C 3226 103.80 101.11 81.32
N ARG C 3227 102.51 100.88 81.03
CA ARG C 3227 101.47 100.41 81.96
C ARG C 3227 101.25 101.39 83.10
N ALA C 3228 101.61 102.66 82.89
CA ALA C 3228 101.46 103.75 83.83
C ALA C 3228 100.69 104.94 83.25
N ILE C 3229 100.88 105.24 81.96
CA ILE C 3229 100.15 106.34 81.32
C ILE C 3229 98.66 106.06 81.29
N LEU C 3230 98.28 104.82 81.03
CA LEU C 3230 96.89 104.38 81.12
C LEU C 3230 96.75 103.58 82.41
N GLY C 3231 95.62 103.76 83.10
CA GLY C 3231 95.40 103.11 84.38
C GLY C 3231 95.46 101.61 84.32
N LEU C 3232 96.56 101.05 84.84
CA LEU C 3232 96.81 99.62 84.90
C LEU C 3232 97.43 99.34 86.27
N PRO C 3233 96.96 98.32 87.00
CA PRO C 3233 97.34 98.14 88.40
C PRO C 3233 98.78 97.73 88.64
N ASN C 3234 99.58 97.49 87.59
CA ASN C 3234 100.97 97.02 87.61
C ASN C 3234 101.14 95.65 88.28
N SER C 3235 100.05 94.93 88.52
CA SER C 3235 100.08 93.58 89.07
C SER C 3235 98.79 92.90 88.65
N VAL C 3236 98.93 91.72 88.04
CA VAL C 3236 97.78 90.99 87.49
C VAL C 3236 96.85 90.47 88.58
N GLU C 3237 97.33 90.28 89.82
CA GLU C 3237 96.53 89.71 90.88
C GLU C 3237 95.40 90.63 91.36
N GLU C 3238 95.40 91.92 90.98
CA GLU C 3238 94.32 92.82 91.35
C GLU C 3238 93.76 93.56 90.14
N MET C 3239 94.05 93.08 88.93
CA MET C 3239 93.45 93.63 87.72
C MET C 3239 91.93 93.49 87.77
N CYS C 3240 91.45 92.27 88.02
CA CYS C 3240 90.05 92.01 88.34
C CYS C 3240 89.97 91.57 89.80
N PRO C 3241 89.53 92.46 90.71
CA PRO C 3241 89.56 92.13 92.14
C PRO C 3241 88.67 90.95 92.54
N ASP C 3242 87.61 90.67 91.78
CA ASP C 3242 86.68 89.61 92.14
C ASP C 3242 87.00 88.28 91.46
N ILE C 3243 88.08 88.19 90.69
CA ILE C 3243 88.48 86.95 90.05
C ILE C 3243 89.46 86.22 90.98
N PRO C 3244 89.11 85.05 91.50
CA PRO C 3244 90.05 84.27 92.32
C PRO C 3244 91.07 83.56 91.45
N VAL C 3245 92.03 82.91 92.11
CA VAL C 3245 92.99 82.08 91.40
C VAL C 3245 92.34 80.71 91.24
N LEU C 3246 92.92 79.86 90.39
CA LEU C 3246 92.23 78.64 89.94
C LEU C 3246 91.99 77.64 91.09
N ASP C 3247 92.97 77.49 92.01
CA ASP C 3247 92.93 76.36 92.94
C ASP C 3247 91.82 76.52 93.98
N ARG C 3248 91.64 77.74 94.53
CA ARG C 3248 90.57 77.90 95.51
C ARG C 3248 89.22 77.79 94.83
N LEU C 3249 89.13 78.24 93.56
CA LEU C 3249 87.91 78.08 92.79
C LEU C 3249 87.55 76.62 92.62
N MET C 3250 88.56 75.78 92.34
CA MET C 3250 88.37 74.34 92.27
C MET C 3250 87.90 73.76 93.60
N ALA C 3251 88.49 74.22 94.72
CA ALA C 3251 88.03 73.81 96.04
C ALA C 3251 86.60 74.26 96.32
N ASP C 3252 86.26 75.50 95.95
CA ASP C 3252 84.91 76.03 96.12
C ASP C 3252 83.87 75.26 95.30
N ILE C 3253 84.19 74.97 94.04
CA ILE C 3253 83.31 74.15 93.21
C ILE C 3253 83.18 72.74 93.77
N GLY C 3254 84.28 72.13 94.23
CA GLY C 3254 84.19 70.82 94.85
C GLY C 3254 83.35 70.79 96.13
N GLY C 3255 83.49 71.82 96.97
CA GLY C 3255 82.63 71.95 98.15
C GLY C 3255 81.17 72.17 97.81
N LEU C 3256 80.89 72.97 96.78
CA LEU C 3256 79.50 73.10 96.34
C LEU C 3256 78.99 71.82 95.69
N ALA C 3257 79.87 71.09 95.02
CA ALA C 3257 79.52 69.82 94.41
C ALA C 3257 79.11 68.80 95.46
N GLU C 3258 79.86 68.74 96.57
CA GLU C 3258 79.48 67.85 97.65
C GLU C 3258 78.40 68.43 98.56
N SER C 3259 78.05 69.72 98.39
CA SER C 3259 77.07 70.38 99.24
C SER C 3259 75.68 69.75 99.09
N GLY C 3260 75.31 69.38 97.87
CA GLY C 3260 73.95 68.92 97.63
C GLY C 3260 72.94 70.02 97.46
N ALA C 3261 73.39 71.24 97.16
CA ALA C 3261 72.50 72.37 96.99
C ALA C 3261 71.90 72.40 95.58
N ARG C 3262 70.63 72.82 95.49
CA ARG C 3262 69.91 72.89 94.23
C ARG C 3262 70.15 74.21 93.51
N TYR C 3263 69.47 74.38 92.36
CA TYR C 3263 69.60 75.60 91.56
C TYR C 3263 69.10 76.82 92.33
N THR C 3264 67.97 76.67 93.05
CA THR C 3264 67.34 77.79 93.73
C THR C 3264 68.29 78.44 94.74
N GLU C 3265 69.12 77.64 95.40
CA GLU C 3265 70.14 78.14 96.30
C GLU C 3265 71.51 78.27 95.64
N MET C 3266 71.62 77.98 94.33
CA MET C 3266 72.85 78.23 93.56
C MET C 3266 72.55 78.97 92.26
N PRO C 3267 71.99 80.21 92.32
CA PRO C 3267 71.62 80.88 91.06
C PRO C 3267 72.81 81.32 90.22
N HIS C 3268 73.78 82.02 90.83
CA HIS C 3268 74.94 82.53 90.12
C HIS C 3268 75.95 81.44 89.80
N VAL C 3269 75.95 80.35 90.57
CA VAL C 3269 76.95 79.30 90.41
C VAL C 3269 76.72 78.54 89.10
N ILE C 3270 75.55 77.92 88.96
CA ILE C 3270 75.25 77.10 87.79
C ILE C 3270 75.25 77.96 86.52
N GLU C 3271 74.65 79.15 86.62
CA GLU C 3271 74.53 80.05 85.48
C GLU C 3271 75.88 80.55 84.98
N ILE C 3272 76.81 80.88 85.88
CA ILE C 3272 78.03 81.59 85.51
C ILE C 3272 79.28 80.78 85.79
N THR C 3273 79.44 80.27 87.03
CA THR C 3273 80.68 79.66 87.49
C THR C 3273 81.10 78.44 86.67
N LEU C 3274 80.14 77.54 86.38
CA LEU C 3274 80.46 76.36 85.58
C LEU C 3274 80.87 76.68 84.13
N PRO C 3275 80.13 77.48 83.33
CA PRO C 3275 80.58 77.72 81.94
C PRO C 3275 81.92 78.42 81.82
N MET C 3276 82.34 79.16 82.86
CA MET C 3276 83.59 79.91 82.74
C MET C 3276 84.75 78.93 82.65
N LEU C 3277 84.73 77.89 83.48
CA LEU C 3277 85.76 76.87 83.37
C LEU C 3277 85.51 75.96 82.18
N CYS C 3278 84.24 75.81 81.75
CA CYS C 3278 83.92 75.08 80.52
C CYS C 3278 84.51 75.74 79.28
N SER C 3279 84.86 77.02 79.39
CA SER C 3279 85.52 77.76 78.33
C SER C 3279 86.98 78.08 78.63
N TYR C 3280 87.37 78.06 79.90
CA TYR C 3280 88.75 78.30 80.30
C TYR C 3280 89.63 77.07 80.07
N LEU C 3281 89.20 75.89 80.52
CA LEU C 3281 90.01 74.69 80.38
C LEU C 3281 90.37 74.31 78.94
N PRO C 3282 89.43 74.28 77.95
CA PRO C 3282 89.84 73.82 76.60
C PRO C 3282 90.82 74.75 75.91
N ARG C 3283 90.82 76.05 76.21
CA ARG C 3283 91.64 76.97 75.44
C ARG C 3283 93.11 76.88 75.83
N TRP C 3284 93.39 76.57 77.10
CA TRP C 3284 94.76 76.49 77.59
C TRP C 3284 95.30 75.08 77.82
N TRP C 3285 94.45 74.04 77.77
CA TRP C 3285 94.93 72.71 78.15
C TRP C 3285 96.02 72.19 77.20
N GLU C 3286 95.86 72.38 75.89
CA GLU C 3286 96.84 71.86 74.93
C GLU C 3286 98.17 72.58 74.95
N ARG C 3287 98.28 73.72 75.64
CA ARG C 3287 99.53 74.46 75.73
C ARG C 3287 100.18 74.36 77.10
N GLY C 3288 99.69 73.46 77.95
CA GLY C 3288 100.22 73.35 79.30
C GLY C 3288 100.59 71.94 79.70
N PRO C 3289 100.43 71.64 80.99
CA PRO C 3289 100.82 70.31 81.49
C PRO C 3289 99.90 69.20 80.98
N GLU C 3290 100.46 67.99 80.93
CA GLU C 3290 99.83 66.76 80.45
C GLU C 3290 99.35 66.87 79.00
N ALA C 3291 99.92 67.79 78.23
CA ALA C 3291 99.68 67.99 76.82
C ALA C 3291 100.96 67.66 76.04
N PRO C 3292 100.83 67.16 74.82
CA PRO C 3292 102.00 67.05 73.90
C PRO C 3292 102.12 68.23 72.94
N PRO C 3293 102.66 69.38 73.33
CA PRO C 3293 102.83 70.45 72.33
C PRO C 3293 103.95 70.13 71.36
N PRO C 3294 103.70 70.23 70.03
CA PRO C 3294 104.76 70.04 69.04
C PRO C 3294 105.66 71.26 68.86
N ALA C 3295 106.15 71.79 69.98
CA ALA C 3295 106.92 73.02 70.07
C ALA C 3295 108.22 72.79 70.83
N LEU C 3296 108.95 71.76 70.40
CA LEU C 3296 110.22 71.39 71.04
C LEU C 3296 111.29 72.49 71.18
N PRO C 3297 111.56 73.39 70.20
CA PRO C 3297 112.53 74.46 70.50
C PRO C 3297 112.03 75.43 71.57
N ALA C 3298 110.72 75.68 71.62
CA ALA C 3298 110.11 76.56 72.61
C ALA C 3298 109.73 75.83 73.90
N GLY C 3299 110.32 74.66 74.14
CA GLY C 3299 110.05 73.93 75.36
C GLY C 3299 110.70 74.52 76.59
N ALA C 3300 111.76 75.32 76.41
CA ALA C 3300 112.45 75.95 77.54
C ALA C 3300 111.56 76.90 78.35
N PRO C 3301 110.78 77.83 77.77
CA PRO C 3301 109.84 78.61 78.60
C PRO C 3301 108.80 77.71 79.22
N PRO C 3302 108.54 77.85 80.52
CA PRO C 3302 107.50 77.03 81.16
C PRO C 3302 106.13 77.42 80.66
N PRO C 3303 105.17 76.48 80.67
CA PRO C 3303 103.81 76.79 80.20
C PRO C 3303 103.14 77.89 81.01
N CYS C 3304 102.34 78.70 80.31
CA CYS C 3304 101.60 79.80 80.91
C CYS C 3304 100.37 79.35 81.70
N THR C 3305 100.16 78.05 81.83
CA THR C 3305 99.00 77.51 82.52
C THR C 3305 99.40 76.25 83.27
N ALA C 3306 98.57 75.86 84.23
CA ALA C 3306 98.77 74.66 85.03
C ALA C 3306 97.54 73.79 84.98
N VAL C 3307 97.00 73.58 83.78
CA VAL C 3307 95.77 72.81 83.59
C VAL C 3307 96.14 71.44 83.05
N THR C 3308 95.89 70.41 83.84
CA THR C 3308 96.09 69.03 83.45
C THR C 3308 94.75 68.42 83.04
N SER C 3309 94.77 67.13 82.73
CA SER C 3309 93.53 66.40 82.44
C SER C 3309 92.65 66.26 83.67
N ASP C 3310 93.25 66.31 84.86
CA ASP C 3310 92.50 66.25 86.11
C ASP C 3310 91.58 67.46 86.29
N HIS C 3311 91.95 68.60 85.71
CA HIS C 3311 91.07 69.78 85.73
C HIS C 3311 89.77 69.53 84.99
N LEU C 3312 89.86 69.01 83.76
CA LEU C 3312 88.65 68.69 83.01
C LEU C 3312 87.91 67.51 83.63
N ASN C 3313 88.64 66.55 84.21
CA ASN C 3313 88.01 65.45 84.94
C ASN C 3313 87.23 65.97 86.13
N SER C 3314 87.80 66.93 86.86
CA SER C 3314 87.14 67.55 88.00
C SER C 3314 85.88 68.28 87.57
N LEU C 3315 86.00 69.13 86.54
CA LEU C 3315 84.86 69.90 86.06
C LEU C 3315 83.74 69.00 85.53
N LEU C 3316 84.09 67.96 84.75
CA LEU C 3316 83.10 66.98 84.28
C LEU C 3316 82.42 66.24 85.43
N GLY C 3317 83.18 65.82 86.44
CA GLY C 3317 82.58 65.18 87.60
C GLY C 3317 81.67 66.10 88.39
N ASN C 3318 82.10 67.36 88.56
CA ASN C 3318 81.32 68.34 89.30
C ASN C 3318 80.03 68.64 88.56
N ILE C 3319 80.11 68.80 87.24
CA ILE C 3319 78.93 69.15 86.45
C ILE C 3319 77.92 68.01 86.51
N LEU C 3320 78.38 66.76 86.32
CA LEU C 3320 77.47 65.62 86.29
C LEU C 3320 76.77 65.43 87.63
N ARG C 3321 77.51 65.52 88.74
CA ARG C 3321 76.84 65.41 90.04
C ARG C 3321 75.94 66.60 90.34
N ILE C 3322 76.25 67.79 89.79
CA ILE C 3322 75.34 68.93 89.90
C ILE C 3322 74.06 68.68 89.11
N ILE C 3323 74.18 68.08 87.91
CA ILE C 3323 73.02 67.82 87.08
C ILE C 3323 72.08 66.82 87.76
N VAL C 3324 72.65 65.71 88.25
CA VAL C 3324 71.82 64.70 88.90
C VAL C 3324 71.27 65.23 90.24
N ASN C 3325 71.94 66.22 90.84
CA ASN C 3325 71.47 66.82 92.08
C ASN C 3325 70.11 67.50 91.86
N ASN C 3326 69.97 68.20 90.74
CA ASN C 3326 68.75 68.93 90.39
C ASN C 3326 67.71 68.05 89.69
N LEU C 3327 67.75 66.72 89.91
CA LEU C 3327 66.82 65.81 89.25
C LEU C 3327 65.38 66.05 89.65
N GLY C 3328 65.14 66.51 90.88
CA GLY C 3328 63.80 66.66 91.39
C GLY C 3328 63.13 68.01 91.17
N ILE C 3329 63.73 68.91 90.39
CA ILE C 3329 63.11 70.21 90.18
C ILE C 3329 62.04 70.11 89.10
N ASP C 3330 60.96 70.87 89.29
CA ASP C 3330 59.82 70.79 88.40
C ASP C 3330 60.13 71.38 87.01
N GLU C 3331 60.73 72.57 86.99
CA GLU C 3331 60.96 73.30 85.75
C GLU C 3331 62.42 73.77 85.69
N ALA C 3332 62.99 73.73 84.48
CA ALA C 3332 64.39 74.09 84.27
C ALA C 3332 64.56 74.58 82.84
N THR C 3333 64.69 75.90 82.66
CA THR C 3333 65.10 76.47 81.38
C THR C 3333 66.61 76.69 81.28
N TRP C 3334 67.35 76.47 82.37
CA TRP C 3334 68.80 76.59 82.40
C TRP C 3334 69.52 75.34 81.92
N MET C 3335 68.87 74.18 81.97
CA MET C 3335 69.55 72.92 81.74
C MET C 3335 70.02 72.77 80.30
N LYS C 3336 69.19 73.23 79.36
CA LYS C 3336 69.49 73.06 77.93
C LYS C 3336 70.75 73.86 77.59
N ARG C 3337 70.86 75.08 78.12
CA ARG C 3337 72.04 75.87 77.82
C ARG C 3337 73.24 75.33 78.56
N LEU C 3338 73.05 74.81 79.79
CA LEU C 3338 74.17 74.29 80.57
C LEU C 3338 74.85 73.11 79.86
N ALA C 3339 74.08 72.33 79.09
CA ALA C 3339 74.67 71.17 78.42
C ALA C 3339 75.64 71.57 77.31
N VAL C 3340 75.27 72.59 76.50
CA VAL C 3340 76.07 72.90 75.32
C VAL C 3340 77.43 73.48 75.72
N PHE C 3341 77.48 74.22 76.84
CA PHE C 3341 78.78 74.69 77.30
C PHE C 3341 79.62 73.54 77.84
N ALA C 3342 78.97 72.52 78.41
CA ALA C 3342 79.73 71.39 78.94
C ALA C 3342 80.04 70.34 77.89
N GLN C 3343 79.71 70.63 76.64
CA GLN C 3343 79.95 69.69 75.54
C GLN C 3343 81.41 69.70 75.03
N PRO C 3344 82.12 70.84 74.82
CA PRO C 3344 83.53 70.75 74.41
C PRO C 3344 84.49 70.06 75.39
N ILE C 3345 84.23 70.14 76.70
CA ILE C 3345 85.18 69.66 77.72
C ILE C 3345 85.18 68.15 77.92
N VAL C 3346 84.22 67.43 77.35
CA VAL C 3346 84.08 66.00 77.58
C VAL C 3346 85.22 65.18 76.94
N SER C 3347 85.98 65.76 76.01
CA SER C 3347 87.00 65.03 75.25
C SER C 3347 88.14 64.47 76.11
N ARG C 3348 88.30 64.94 77.34
CA ARG C 3348 89.34 64.45 78.23
C ARG C 3348 88.79 63.62 79.38
N ALA C 3349 87.60 63.05 79.20
CA ALA C 3349 86.97 62.23 80.24
C ALA C 3349 87.74 60.93 80.44
N ARG C 3350 87.71 60.45 81.67
CA ARG C 3350 88.40 59.26 82.12
C ARG C 3350 87.43 58.08 82.23
N PRO C 3351 87.92 56.84 82.10
CA PRO C 3351 87.01 55.67 82.20
C PRO C 3351 86.34 55.49 83.55
N GLU C 3352 86.88 56.10 84.62
CA GLU C 3352 86.28 55.98 85.95
C GLU C 3352 84.93 56.68 86.05
N LEU C 3353 84.61 57.59 85.10
CA LEU C 3353 83.34 58.31 85.16
C LEU C 3353 82.14 57.40 84.96
N LEU C 3354 82.37 56.21 84.38
CA LEU C 3354 81.31 55.28 84.05
C LEU C 3354 80.63 54.80 85.33
N HIS C 3355 81.39 54.12 86.18
CA HIS C 3355 80.80 53.56 87.38
C HIS C 3355 80.70 54.59 88.48
N SER C 3356 81.55 55.63 88.46
CA SER C 3356 81.50 56.61 89.53
C SER C 3356 80.21 57.42 89.44
N HIS C 3357 79.89 57.93 88.24
CA HIS C 3357 78.73 58.78 88.03
C HIS C 3357 77.68 58.18 87.12
N PHE C 3358 78.06 57.73 85.92
CA PHE C 3358 77.10 57.39 84.86
C PHE C 3358 76.14 56.27 85.29
N ILE C 3359 76.67 55.19 85.88
CA ILE C 3359 75.80 54.09 86.30
C ILE C 3359 74.83 54.51 87.41
N PRO C 3360 75.25 55.16 88.53
CA PRO C 3360 74.23 55.63 89.50
C PRO C 3360 73.22 56.65 88.97
N THR C 3361 73.64 57.56 88.09
CA THR C 3361 72.71 58.54 87.52
C THR C 3361 71.66 57.89 86.62
N ILE C 3362 72.10 57.03 85.69
CA ILE C 3362 71.16 56.30 84.84
C ILE C 3362 70.31 55.35 85.68
N GLY C 3363 70.89 54.77 86.74
CA GLY C 3363 70.12 53.94 87.67
C GLY C 3363 68.98 54.69 88.35
N ARG C 3364 69.24 55.93 88.78
CA ARG C 3364 68.17 56.79 89.29
C ARG C 3364 67.15 57.14 88.20
N LEU C 3365 67.64 57.40 86.98
CA LEU C 3365 66.75 57.71 85.87
C LEU C 3365 65.86 56.53 85.54
N ARG C 3366 66.43 55.32 85.53
CA ARG C 3366 65.69 54.13 85.13
C ARG C 3366 64.64 53.78 86.18
N LYS C 3367 64.96 53.95 87.47
CA LYS C 3367 63.96 53.62 88.48
C LYS C 3367 62.83 54.65 88.47
N ARG C 3368 63.16 55.94 88.36
CA ARG C 3368 62.11 56.96 88.28
C ARG C 3368 61.26 56.80 87.03
N ALA C 3369 61.88 56.46 85.90
CA ALA C 3369 61.15 56.14 84.67
C ALA C 3369 60.25 54.92 84.85
N GLY C 3370 60.74 53.91 85.57
CA GLY C 3370 59.92 52.74 85.86
C GLY C 3370 58.71 53.08 86.69
N LYS C 3371 58.87 53.98 87.66
CA LYS C 3371 57.74 54.42 88.46
C LYS C 3371 56.73 55.21 87.61
N VAL C 3372 57.23 56.09 86.73
CA VAL C 3372 56.34 56.90 85.89
C VAL C 3372 55.55 56.01 84.93
N VAL C 3373 56.22 55.06 84.28
CA VAL C 3373 55.49 54.14 83.39
C VAL C 3373 54.61 53.18 84.19
N ALA C 3374 54.96 52.87 85.45
CA ALA C 3374 54.06 52.10 86.31
C ALA C 3374 52.78 52.88 86.58
N GLU C 3375 52.91 54.19 86.80
CA GLU C 3375 51.72 55.05 86.90
C GLU C 3375 50.94 55.05 85.59
N GLU C 3376 51.67 55.07 84.46
CA GLU C 3376 51.01 55.11 83.15
C GLU C 3376 50.18 53.85 82.94
N GLU C 3377 50.74 52.69 83.27
CA GLU C 3377 49.98 51.46 83.09
C GLU C 3377 48.84 51.36 84.10
N GLN C 3378 48.95 52.05 85.26
CA GLN C 3378 47.78 52.12 86.15
C GLN C 3378 46.66 52.90 85.48
N LEU C 3379 47.01 53.95 84.73
CA LEU C 3379 45.96 54.66 83.99
C LEU C 3379 45.42 53.82 82.83
N ARG C 3380 46.25 52.99 82.22
CA ARG C 3380 45.78 52.21 81.08
C ARG C 3380 44.91 51.03 81.50
N LEU C 3381 45.18 50.40 82.66
CA LEU C 3381 44.41 49.23 83.07
C LEU C 3381 42.97 49.59 83.44
N GLU C 3382 42.74 50.77 83.99
CA GLU C 3382 41.39 51.22 84.34
C GLU C 3382 41.01 52.41 83.45
N ALA C 3383 40.04 52.19 82.57
CA ALA C 3383 39.60 53.22 81.63
C ALA C 3383 38.26 53.78 82.13
N LYS C 3384 38.37 54.74 83.04
CA LYS C 3384 37.23 55.41 83.64
C LYS C 3384 37.35 56.91 83.39
N ALA C 3385 36.44 57.67 84.01
CA ALA C 3385 36.45 59.13 83.91
C ALA C 3385 37.69 59.76 84.55
N GLU C 3386 38.39 59.03 85.42
CA GLU C 3386 39.61 59.51 86.05
C GLU C 3386 40.86 59.24 85.23
N ALA C 3387 40.72 58.69 84.02
CA ALA C 3387 41.87 58.47 83.14
C ALA C 3387 42.54 59.79 82.79
N GLU C 3388 41.76 60.82 82.44
CA GLU C 3388 42.34 62.14 82.21
C GLU C 3388 42.88 62.74 83.50
N GLU C 3389 42.20 62.54 84.63
CA GLU C 3389 42.65 63.04 85.93
C GLU C 3389 43.82 62.17 86.37
N GLY C 3390 45.00 62.52 85.88
CA GLY C 3390 46.15 61.67 86.09
C GLY C 3390 46.98 61.64 84.83
N GLU C 3391 46.32 61.88 83.69
CA GLU C 3391 47.07 62.00 82.45
C GLU C 3391 47.80 63.33 82.37
N LEU C 3392 47.25 64.39 82.95
CA LEU C 3392 48.02 65.63 83.08
C LEU C 3392 49.19 65.47 84.04
N LEU C 3393 49.05 64.58 85.04
CA LEU C 3393 50.15 64.24 85.93
C LEU C 3393 51.25 63.52 85.17
N VAL C 3394 50.89 62.48 84.41
CA VAL C 3394 51.91 61.74 83.68
C VAL C 3394 52.47 62.59 82.54
N ARG C 3395 51.71 63.57 82.03
CA ARG C 3395 52.24 64.52 81.06
C ARG C 3395 53.38 65.35 81.65
N ASP C 3396 53.20 65.83 82.89
CA ASP C 3396 54.29 66.53 83.56
C ASP C 3396 55.43 65.57 83.94
N GLU C 3397 55.10 64.36 84.40
CA GLU C 3397 56.12 63.39 84.80
C GLU C 3397 56.96 62.94 83.61
N PHE C 3398 56.32 62.75 82.45
CA PHE C 3398 57.06 62.42 81.24
C PHE C 3398 57.88 63.60 80.77
N SER C 3399 57.36 64.83 80.87
CA SER C 3399 58.12 66.00 80.43
C SER C 3399 59.38 66.21 81.27
N VAL C 3400 59.27 66.08 82.59
CA VAL C 3400 60.45 66.18 83.45
C VAL C 3400 61.40 64.98 83.24
N LEU C 3401 60.84 63.80 82.93
CA LEU C 3401 61.66 62.65 82.55
C LEU C 3401 62.43 62.93 81.26
N CYS C 3402 61.77 63.57 80.29
CA CYS C 3402 62.44 63.99 79.06
C CYS C 3402 63.55 64.98 79.37
N ARG C 3403 63.30 65.89 80.31
CA ARG C 3403 64.30 66.90 80.66
C ARG C 3403 65.54 66.25 81.24
N ASP C 3404 65.37 65.29 82.14
CA ASP C 3404 66.51 64.66 82.80
C ASP C 3404 67.27 63.78 81.80
N LEU C 3405 66.55 63.02 80.98
CA LEU C 3405 67.22 62.17 80.01
C LEU C 3405 67.95 63.02 78.97
N TYR C 3406 67.34 64.13 78.54
CA TYR C 3406 67.96 65.08 77.61
C TYR C 3406 68.92 66.03 78.32
N ALA C 3407 69.23 65.75 79.57
CA ALA C 3407 70.26 66.45 80.32
C ALA C 3407 71.47 65.57 80.56
N LEU C 3408 71.26 64.25 80.64
CA LEU C 3408 72.38 63.34 80.83
C LEU C 3408 72.87 62.74 79.51
N TYR C 3409 71.97 62.43 78.58
CA TYR C 3409 72.35 61.95 77.26
C TYR C 3409 73.29 62.85 76.43
N PRO C 3410 73.11 64.19 76.35
CA PRO C 3410 74.08 65.00 75.55
C PRO C 3410 75.54 64.86 75.96
N LEU C 3411 75.80 64.64 77.25
CA LEU C 3411 77.13 64.32 77.73
C LEU C 3411 77.47 62.84 77.63
N LEU C 3412 76.47 61.96 77.83
CA LEU C 3412 76.71 60.52 77.75
C LEU C 3412 77.09 60.09 76.34
N ILE C 3413 76.39 60.61 75.31
CA ILE C 3413 76.72 60.28 73.92
C ILE C 3413 78.12 60.74 73.57
N ARG C 3414 78.48 61.95 74.00
CA ARG C 3414 79.83 62.45 73.80
C ARG C 3414 80.84 61.62 74.60
N TYR C 3415 80.41 61.04 75.72
CA TYR C 3415 81.28 60.14 76.47
C TYR C 3415 81.43 58.79 75.79
N VAL C 3416 80.37 58.31 75.12
CA VAL C 3416 80.42 57.04 74.40
C VAL C 3416 81.43 57.09 73.25
N ASP C 3417 81.37 58.17 72.45
CA ASP C 3417 82.23 58.33 71.27
C ASP C 3417 83.69 58.39 71.69
N ASN C 3418 83.97 59.08 72.81
CA ASN C 3418 85.33 59.35 73.25
C ASN C 3418 86.12 58.07 73.54
N ASN C 3419 85.49 57.09 74.20
CA ASN C 3419 86.20 55.93 74.71
C ASN C 3419 85.65 54.63 74.09
N ARG C 3420 84.96 54.73 72.94
CA ARG C 3420 84.34 53.57 72.29
C ARG C 3420 85.37 52.55 71.80
N ALA C 3421 86.53 53.03 71.33
CA ALA C 3421 87.51 52.17 70.70
C ALA C 3421 87.98 51.08 71.65
N HIS C 3422 88.22 51.44 72.91
CA HIS C 3422 88.65 50.46 73.89
CA HIS C 3422 88.65 50.44 73.86
C HIS C 3422 87.49 49.59 74.34
N TRP C 3423 86.26 50.12 74.28
CA TRP C 3423 85.06 49.38 74.68
C TRP C 3423 84.87 48.17 73.79
N LEU C 3424 85.08 48.35 72.49
CA LEU C 3424 84.91 47.25 71.56
C LEU C 3424 86.18 46.43 71.40
N THR C 3425 87.36 47.05 71.50
CA THR C 3425 88.61 46.30 71.47
C THR C 3425 88.71 45.34 72.65
N GLU C 3426 88.39 45.83 73.85
CA GLU C 3426 88.38 45.06 75.08
C GLU C 3426 87.00 45.12 75.71
N PRO C 3427 86.29 43.99 75.84
CA PRO C 3427 84.93 44.01 76.44
C PRO C 3427 84.91 44.58 77.85
N ASN C 3428 83.87 45.36 78.15
CA ASN C 3428 83.78 46.06 79.44
C ASN C 3428 82.51 45.67 80.17
N ALA C 3429 82.69 44.90 81.25
CA ALA C 3429 81.57 44.49 82.08
C ALA C 3429 80.90 45.68 82.74
N ASN C 3430 81.65 46.76 83.00
CA ASN C 3430 81.08 47.97 83.56
C ASN C 3430 80.09 48.59 82.58
N ALA C 3431 80.46 48.64 81.30
CA ALA C 3431 79.57 49.20 80.29
C ALA C 3431 78.38 48.29 80.01
N GLU C 3432 78.48 47.01 80.40
CA GLU C 3432 77.37 46.08 80.17
C GLU C 3432 76.11 46.48 80.94
N GLU C 3433 76.26 46.86 82.22
CA GLU C 3433 75.09 47.28 82.99
C GLU C 3433 74.50 48.58 82.43
N LEU C 3434 75.38 49.49 81.98
CA LEU C 3434 74.91 50.75 81.40
C LEU C 3434 74.10 50.47 80.14
N PHE C 3435 74.52 49.46 79.37
CA PHE C 3435 73.76 49.03 78.20
C PHE C 3435 72.41 48.48 78.60
N ARG C 3436 72.37 47.72 79.71
CA ARG C 3436 71.10 47.16 80.19
C ARG C 3436 70.15 48.28 80.59
N MET C 3437 70.68 49.29 81.30
CA MET C 3437 69.84 50.32 81.89
C MET C 3437 69.24 51.19 80.80
N VAL C 3438 70.10 51.64 79.86
CA VAL C 3438 69.62 52.51 78.79
C VAL C 3438 68.67 51.72 77.89
N GLY C 3439 68.91 50.42 77.70
CA GLY C 3439 68.03 49.62 76.87
C GLY C 3439 66.64 49.46 77.46
N GLU C 3440 66.56 49.19 78.77
CA GLU C 3440 65.26 49.11 79.45
C GLU C 3440 64.55 50.46 79.45
N ILE C 3441 65.30 51.56 79.57
CA ILE C 3441 64.70 52.88 79.41
C ILE C 3441 64.14 53.07 78.00
N PHE C 3442 64.89 52.64 76.98
CA PHE C 3442 64.38 52.72 75.61
C PHE C 3442 63.19 51.79 75.38
N ILE C 3443 63.13 50.67 76.12
CA ILE C 3443 61.95 49.81 76.11
C ILE C 3443 60.73 50.58 76.62
N TYR C 3444 60.90 51.33 77.71
CA TYR C 3444 59.84 52.22 78.18
C TYR C 3444 59.52 53.31 77.16
N TRP C 3445 60.54 53.79 76.44
CA TRP C 3445 60.36 54.83 75.42
C TRP C 3445 59.46 54.32 74.30
N SER C 3446 59.71 53.09 73.85
CA SER C 3446 58.93 52.54 72.76
C SER C 3446 57.56 52.11 73.23
N LYS C 3447 57.45 51.64 74.48
CA LYS C 3447 56.21 51.12 75.01
C LYS C 3447 55.32 52.22 75.59
N SER C 3448 55.78 53.47 75.56
CA SER C 3448 55.03 54.59 76.13
C SER C 3448 54.89 55.66 75.05
N HIS C 3449 53.71 55.71 74.43
CA HIS C 3449 53.40 56.74 73.44
C HIS C 3449 53.31 58.13 74.04
N ASN C 3450 52.89 58.26 75.30
CA ASN C 3450 52.85 59.56 75.97
C ASN C 3450 54.24 60.17 76.14
N PHE C 3451 55.23 59.35 76.53
CA PHE C 3451 56.63 59.78 76.57
C PHE C 3451 57.13 60.22 75.20
N LYS C 3452 56.61 59.60 74.14
CA LYS C 3452 56.96 60.03 72.80
C LYS C 3452 56.27 61.34 72.46
N ARG C 3453 54.99 61.47 72.84
CA ARG C 3453 54.20 62.63 72.44
C ARG C 3453 54.75 63.90 73.09
N GLU C 3454 55.09 63.83 74.38
CA GLU C 3454 55.70 65.00 74.99
C GLU C 3454 57.20 65.10 74.74
N GLU C 3455 57.81 64.12 74.06
CA GLU C 3455 59.20 64.25 73.67
C GLU C 3455 59.39 65.38 72.66
N GLN C 3456 58.56 65.42 71.60
CA GLN C 3456 58.66 66.57 70.70
C GLN C 3456 58.14 67.84 71.34
N ASN C 3457 57.27 67.74 72.35
CA ASN C 3457 56.88 68.94 73.09
C ASN C 3457 58.11 69.57 73.73
N PHE C 3458 58.89 68.76 74.46
CA PHE C 3458 60.10 69.26 75.11
C PHE C 3458 61.09 69.79 74.07
N VAL C 3459 61.13 69.17 72.88
CA VAL C 3459 62.02 69.65 71.84
C VAL C 3459 61.57 71.03 71.34
N VAL C 3460 60.26 71.21 71.11
CA VAL C 3460 59.81 72.46 70.49
C VAL C 3460 59.89 73.62 71.48
N GLN C 3461 59.56 73.40 72.77
CA GLN C 3461 59.73 74.56 73.65
C GLN C 3461 61.16 74.74 74.13
N ASN C 3462 62.08 73.79 73.89
CA ASN C 3462 63.46 74.01 74.26
C ASN C 3462 64.34 74.35 73.06
N GLU C 3463 63.77 74.34 71.86
CA GLU C 3463 64.46 74.63 70.58
C GLU C 3463 65.69 73.73 70.41
N ILE C 3464 65.48 72.44 70.63
CA ILE C 3464 66.58 71.48 70.53
C ILE C 3464 66.89 71.28 69.05
N ASN C 3465 68.12 71.65 68.65
CA ASN C 3465 68.51 71.53 67.25
C ASN C 3465 68.76 70.08 66.87
N ASN C 3466 69.36 69.30 67.78
CA ASN C 3466 69.80 67.91 67.62
C ASN C 3466 70.88 67.72 66.54
N MET C 3467 71.36 68.81 65.95
CA MET C 3467 72.47 68.79 65.02
C MET C 3467 73.78 69.12 65.70
N SER C 3468 73.83 70.19 66.51
CA SER C 3468 75.03 70.51 67.28
C SER C 3468 75.36 69.42 68.30
N PHE C 3469 74.34 68.81 68.91
CA PHE C 3469 74.51 67.73 69.89
C PHE C 3469 75.08 66.44 69.29
N LEU C 3470 75.10 66.31 67.96
CA LEU C 3470 75.65 65.15 67.30
C LEU C 3470 76.81 65.49 66.38
N THR C 3471 77.03 66.77 66.07
CA THR C 3471 78.09 67.17 65.16
C THR C 3471 79.13 68.12 65.76
N ALA C 3472 79.04 68.46 67.05
CA ALA C 3472 80.06 69.35 67.65
C ALA C 3472 81.45 68.72 67.61
N ASP C 3473 81.53 67.42 67.89
CA ASP C 3473 82.78 66.69 67.75
C ASP C 3473 83.24 66.68 66.29
N SER C 3474 82.31 66.50 65.34
CA SER C 3474 82.70 66.49 63.93
C SER C 3474 83.18 67.87 63.49
N LYS C 3475 82.61 68.92 64.09
CA LYS C 3475 83.07 70.28 63.80
C LYS C 3475 84.50 70.44 64.26
N SER C 3476 84.82 69.90 65.45
CA SER C 3476 86.17 70.08 65.95
C SER C 3476 87.17 69.11 65.33
N LYS C 3477 86.71 68.09 64.58
CA LYS C 3477 87.64 67.17 63.92
C LYS C 3477 88.16 67.70 62.60
N MET C 3478 87.74 68.92 62.20
CA MET C 3478 88.15 69.60 60.96
C MET C 3478 87.74 68.78 59.73
N ALA C 3479 86.44 68.54 59.62
CA ALA C 3479 85.88 67.79 58.50
C ALA C 3479 85.41 68.74 57.41
N ARG C 3498 66.09 70.41 58.02
CA ARG C 3498 65.24 70.80 56.91
C ARG C 3498 63.96 69.97 56.89
N ARG C 3499 64.13 68.65 56.76
CA ARG C 3499 62.98 67.74 56.73
C ARG C 3499 62.37 67.58 58.12
N GLY C 3500 63.14 67.09 59.06
CA GLY C 3500 62.65 66.93 60.41
C GLY C 3500 63.47 67.71 61.43
N ASP C 3501 63.87 68.92 61.04
CA ASP C 3501 64.68 69.78 61.91
C ASP C 3501 63.94 70.14 63.20
N ARG C 3502 62.61 70.32 63.10
CA ARG C 3502 61.81 70.54 64.30
C ARG C 3502 61.85 69.34 65.23
N TYR C 3503 61.55 68.15 64.71
CA TYR C 3503 61.67 66.86 65.39
C TYR C 3503 61.44 65.77 64.37
N SER C 3504 62.21 64.69 64.52
CA SER C 3504 62.04 63.47 63.73
C SER C 3504 62.59 62.31 64.55
N VAL C 3505 62.23 61.09 64.12
CA VAL C 3505 62.66 59.87 64.81
C VAL C 3505 64.18 59.73 64.79
N GLN C 3506 64.80 60.08 63.65
CA GLN C 3506 66.25 60.02 63.51
C GLN C 3506 66.98 60.98 64.45
N THR C 3507 66.35 62.10 64.79
CA THR C 3507 66.94 63.07 65.70
C THR C 3507 66.62 62.82 67.15
N SER C 3508 65.90 61.75 67.47
CA SER C 3508 65.66 61.38 68.86
C SER C 3508 66.97 61.02 69.55
N LEU C 3509 67.32 61.79 70.57
CA LEU C 3509 68.60 61.63 71.24
C LEU C 3509 68.67 60.28 71.97
N ILE C 3510 67.50 59.77 72.37
CA ILE C 3510 67.46 58.49 73.07
C ILE C 3510 67.80 57.36 72.11
N VAL C 3511 67.21 57.38 70.90
CA VAL C 3511 67.54 56.32 69.95
C VAL C 3511 68.99 56.50 69.49
N ALA C 3512 69.51 57.74 69.60
CA ALA C 3512 70.90 57.99 69.27
C ALA C 3512 71.82 57.30 70.26
N THR C 3513 71.59 57.52 71.57
CA THR C 3513 72.46 56.91 72.58
C THR C 3513 72.32 55.39 72.58
N LEU C 3514 71.16 54.88 72.16
CA LEU C 3514 71.00 53.44 71.97
C LEU C 3514 71.90 52.93 70.85
N LYS C 3515 71.83 53.57 69.68
CA LYS C 3515 72.56 53.06 68.53
C LYS C 3515 74.07 53.33 68.62
N LYS C 3516 74.50 54.36 69.36
CA LYS C 3516 75.92 54.64 69.48
C LYS C 3516 76.67 53.55 70.23
N MET C 3517 76.04 52.92 71.23
CA MET C 3517 76.74 51.86 71.97
C MET C 3517 75.97 50.55 72.02
N LEU C 3518 75.06 50.33 71.06
CA LEU C 3518 74.45 49.01 70.89
C LEU C 3518 75.47 47.89 70.61
N PRO C 3519 76.50 48.06 69.75
CA PRO C 3519 77.44 46.93 69.56
C PRO C 3519 78.16 46.47 70.80
N ILE C 3520 78.20 47.27 71.89
CA ILE C 3520 78.73 46.76 73.15
C ILE C 3520 77.88 45.59 73.62
N GLY C 3521 76.55 45.74 73.50
CA GLY C 3521 75.63 44.66 73.78
C GLY C 3521 75.74 43.50 72.82
N LEU C 3522 75.93 43.80 71.53
CA LEU C 3522 76.12 42.71 70.57
C LEU C 3522 77.44 41.98 70.82
N ASN C 3523 78.47 42.73 71.20
CA ASN C 3523 79.80 42.18 71.48
C ASN C 3523 79.76 41.23 72.66
N MET C 3524 79.06 41.62 73.73
CA MET C 3524 79.07 40.79 74.94
C MET C 3524 78.29 39.49 74.79
N CYS C 3525 77.55 39.30 73.70
CA CYS C 3525 76.88 38.05 73.39
C CYS C 3525 77.79 37.18 72.52
N ALA C 3526 77.30 36.00 72.13
CA ALA C 3526 78.12 35.07 71.37
C ALA C 3526 77.55 34.84 69.97
N PRO C 3527 78.44 34.63 68.97
CA PRO C 3527 77.96 34.35 67.61
C PRO C 3527 77.10 33.11 67.45
N THR C 3528 77.29 32.06 68.25
CA THR C 3528 76.39 30.90 68.19
C THR C 3528 74.99 31.21 68.70
N ASP C 3529 74.77 32.34 69.35
CA ASP C 3529 73.45 32.74 69.82
C ASP C 3529 72.68 33.57 68.81
N GLN C 3530 73.15 33.68 67.56
CA GLN C 3530 72.43 34.44 66.53
C GLN C 3530 71.03 33.89 66.32
N ASP C 3531 70.91 32.58 66.04
CA ASP C 3531 69.58 32.01 65.83
C ASP C 3531 68.68 32.18 67.06
N LEU C 3532 69.30 32.25 68.27
CA LEU C 3532 68.55 32.61 69.46
C LEU C 3532 68.02 34.04 69.35
N ILE C 3533 68.75 34.90 68.63
CA ILE C 3533 68.29 36.28 68.47
C ILE C 3533 67.09 36.32 67.54
N MET C 3534 67.18 35.66 66.37
CA MET C 3534 66.03 35.73 65.47
C MET C 3534 64.79 34.97 66.00
N LEU C 3535 64.96 33.86 66.74
CA LEU C 3535 63.78 33.29 67.40
C LEU C 3535 63.27 34.21 68.50
N ALA C 3536 64.13 35.03 69.08
CA ALA C 3536 63.63 36.04 69.98
C ALA C 3536 62.98 37.22 69.24
N LYS C 3537 63.37 37.46 67.99
CA LYS C 3537 62.66 38.44 67.17
C LYS C 3537 61.24 37.96 66.93
N THR C 3538 61.10 36.65 66.71
CA THR C 3538 59.76 36.08 66.50
C THR C 3538 58.90 36.23 67.76
N ARG C 3539 59.44 35.84 68.93
CA ARG C 3539 58.63 35.91 70.15
C ARG C 3539 58.27 37.36 70.51
N TYR C 3540 59.20 38.32 70.30
CA TYR C 3540 58.88 39.72 70.51
C TYR C 3540 57.86 40.22 69.52
N ALA C 3541 57.86 39.69 68.29
CA ALA C 3541 56.76 40.02 67.40
C ALA C 3541 55.45 39.39 67.88
N LEU C 3542 55.55 38.23 68.57
CA LEU C 3542 54.42 37.62 69.25
C LEU C 3542 54.09 38.27 70.59
N LYS C 3543 54.67 39.44 70.89
CA LYS C 3543 54.40 40.23 72.10
C LYS C 3543 54.70 39.49 73.40
N ASP C 3544 55.80 38.75 73.44
CA ASP C 3544 56.16 38.02 74.64
C ASP C 3544 57.07 38.89 75.50
N THR C 3545 56.74 39.02 76.79
CA THR C 3545 57.50 39.87 77.69
C THR C 3545 58.61 39.09 78.37
N ASP C 3546 59.25 39.73 79.37
CA ASP C 3546 60.48 39.24 79.97
C ASP C 3546 60.30 37.90 80.66
N GLU C 3547 59.12 37.65 81.24
CA GLU C 3547 58.93 36.43 82.01
C GLU C 3547 58.94 35.22 81.10
N GLU C 3548 58.13 35.26 80.02
CA GLU C 3548 57.97 34.08 79.19
C GLU C 3548 59.10 33.93 78.18
N VAL C 3549 59.81 35.01 77.83
CA VAL C 3549 60.93 34.85 76.90
C VAL C 3549 62.05 34.06 77.55
N ARG C 3550 62.28 34.24 78.86
CA ARG C 3550 63.35 33.52 79.54
C ARG C 3550 63.06 32.02 79.56
N GLU C 3551 61.83 31.63 79.88
CA GLU C 3551 61.51 30.21 79.99
C GLU C 3551 61.50 29.55 78.61
N PHE C 3552 61.01 30.27 77.58
CA PHE C 3552 61.08 29.73 76.23
C PHE C 3552 62.53 29.58 75.76
N LEU C 3553 63.40 30.55 76.08
CA LEU C 3553 64.83 30.39 75.75
C LEU C 3553 65.46 29.24 76.53
N GLN C 3554 65.02 29.02 77.77
CA GLN C 3554 65.46 27.85 78.54
C GLN C 3554 65.05 26.56 77.85
N ASN C 3555 63.87 26.55 77.22
CA ASN C 3555 63.51 25.42 76.37
C ASN C 3555 64.42 25.38 75.14
N ASN C 3556 64.79 26.54 74.60
CA ASN C 3556 65.64 26.67 73.42
C ASN C 3556 67.14 26.70 73.75
N LEU C 3557 67.54 26.16 74.91
CA LEU C 3557 68.95 26.13 75.28
C LEU C 3557 69.79 25.29 74.31
N HIS C 3558 69.24 24.17 73.85
CA HIS C 3558 69.92 23.33 72.87
C HIS C 3558 69.67 23.76 71.44
N LEU C 3559 68.91 24.83 71.22
CA LEU C 3559 68.65 25.35 69.89
C LEU C 3559 69.71 26.33 69.42
N GLN C 3560 70.77 26.53 70.20
CA GLN C 3560 71.84 27.46 69.85
C GLN C 3560 72.58 27.00 68.61
N GLY C 3561 73.16 27.97 67.89
CA GLY C 3561 73.84 27.69 66.65
C GLY C 3561 75.08 26.81 66.82
N LYS C 3562 75.42 26.14 65.72
CA LYS C 3562 76.57 25.24 65.64
C LYS C 3562 77.62 25.90 64.77
N VAL C 3563 78.85 25.99 65.29
CA VAL C 3563 79.96 26.60 64.56
C VAL C 3563 80.27 25.85 63.27
N GLU C 3564 80.09 24.52 63.27
CA GLU C 3564 80.31 23.73 62.06
C GLU C 3564 79.21 23.92 61.01
N GLY C 3565 78.11 24.58 61.36
CA GLY C 3565 77.01 24.76 60.42
C GLY C 3565 77.23 25.84 59.39
N SER C 3566 78.16 26.76 59.64
CA SER C 3566 78.42 27.85 58.73
C SER C 3566 79.88 28.22 58.82
N PRO C 3567 80.55 28.45 57.69
CA PRO C 3567 81.96 28.88 57.72
C PRO C 3567 82.18 30.21 58.42
N SER C 3568 81.19 31.11 58.38
CA SER C 3568 81.30 32.41 59.03
C SER C 3568 81.45 32.29 60.55
N LEU C 3569 80.89 31.22 61.12
CA LEU C 3569 81.03 31.05 62.56
C LEU C 3569 82.41 30.58 62.96
N ARG C 3570 83.15 29.95 62.04
CA ARG C 3570 84.51 29.50 62.35
C ARG C 3570 85.41 30.70 62.63
N TRP C 3571 85.42 31.67 61.71
CA TRP C 3571 86.27 32.84 61.91
C TRP C 3571 85.70 33.74 62.98
N GLN C 3572 84.36 33.78 63.12
CA GLN C 3572 83.78 34.61 64.17
C GLN C 3572 84.19 34.12 65.55
N MET C 3573 84.14 32.80 65.79
CA MET C 3573 84.67 32.27 67.03
C MET C 3573 86.19 32.38 67.13
N ALA C 3574 86.90 32.33 65.99
CA ALA C 3574 88.35 32.51 65.99
C ALA C 3574 88.74 33.90 66.49
N LEU C 3575 87.98 34.91 66.11
CA LEU C 3575 88.31 36.25 66.60
C LEU C 3575 87.70 36.48 67.97
N TYR C 3576 86.54 35.86 68.22
CA TYR C 3576 85.82 36.09 69.46
C TYR C 3576 86.64 35.56 70.63
N ARG C 3577 87.21 34.36 70.51
CA ARG C 3577 88.21 34.01 71.52
C ARG C 3577 89.56 34.65 71.24
N GLY C 3578 89.75 35.26 70.06
CA GLY C 3578 90.98 35.98 69.81
C GLY C 3578 91.12 37.27 70.60
N LEU C 3579 90.02 37.75 71.17
CA LEU C 3579 90.12 38.92 72.04
C LEU C 3579 90.61 38.49 73.42
N PRO C 3580 91.60 39.18 73.98
CA PRO C 3580 92.15 38.77 75.30
C PRO C 3580 91.17 38.89 76.47
N GLY C 3581 90.09 39.65 76.35
CA GLY C 3581 89.18 39.86 77.46
C GLY C 3581 88.04 38.86 77.52
N ARG C 3582 88.20 37.71 76.88
CA ARG C 3582 87.15 36.71 76.80
C ARG C 3582 87.50 35.51 77.66
N GLU C 3583 86.54 35.06 78.45
CA GLU C 3583 86.66 33.85 79.25
C GLU C 3583 85.51 32.92 78.90
N GLU C 3584 85.82 31.63 78.79
CA GLU C 3584 84.85 30.64 78.34
C GLU C 3584 83.77 30.34 79.37
N ASP C 3585 83.96 30.76 80.62
CA ASP C 3585 83.02 30.43 81.70
C ASP C 3585 81.81 31.35 81.73
N ALA C 3586 81.78 32.38 80.88
CA ALA C 3586 80.69 33.36 80.87
C ALA C 3586 79.39 32.82 80.27
N ASP C 3587 79.40 31.63 79.68
CA ASP C 3587 78.21 31.09 79.02
C ASP C 3587 77.30 30.31 79.95
N ASP C 3588 76.92 30.94 81.07
CA ASP C 3588 75.98 30.33 81.99
C ASP C 3588 74.60 30.24 81.33
N PRO C 3589 73.83 29.19 81.64
CA PRO C 3589 72.49 29.03 81.01
C PRO C 3589 71.54 30.20 81.25
N GLU C 3590 71.54 30.78 82.46
CA GLU C 3590 70.73 31.95 82.71
C GLU C 3590 71.35 33.22 82.12
N LYS C 3591 72.69 33.29 82.09
CA LYS C 3591 73.38 34.47 81.58
C LYS C 3591 73.13 34.65 80.08
N ILE C 3592 73.24 33.55 79.33
CA ILE C 3592 73.09 33.64 77.87
C ILE C 3592 71.65 34.03 77.50
N VAL C 3593 70.64 33.43 78.15
CA VAL C 3593 69.26 33.76 77.83
C VAL C 3593 68.92 35.17 78.30
N ARG C 3594 69.59 35.65 79.36
CA ARG C 3594 69.38 37.02 79.81
C ARG C 3594 69.95 38.02 78.81
N ARG C 3595 71.18 37.81 78.35
CA ARG C 3595 71.77 38.77 77.42
C ARG C 3595 71.12 38.69 76.04
N VAL C 3596 70.67 37.50 75.63
CA VAL C 3596 69.91 37.35 74.39
C VAL C 3596 68.60 38.13 74.47
N GLN C 3597 67.89 38.02 75.60
CA GLN C 3597 66.65 38.79 75.77
C GLN C 3597 66.92 40.30 75.76
N GLU C 3598 68.01 40.73 76.40
CA GLU C 3598 68.38 42.15 76.42
C GLU C 3598 68.65 42.70 75.02
N VAL C 3599 69.50 42.00 74.25
CA VAL C 3599 69.86 42.50 72.93
C VAL C 3599 68.69 42.35 71.96
N SER C 3600 67.86 41.32 72.17
CA SER C 3600 66.71 41.10 71.30
C SER C 3600 65.70 42.21 71.48
N ALA C 3601 65.35 42.52 72.73
CA ALA C 3601 64.35 43.53 73.00
C ALA C 3601 64.81 44.90 72.49
N VAL C 3602 66.07 45.26 72.73
CA VAL C 3602 66.55 46.57 72.27
C VAL C 3602 66.63 46.67 70.74
N LEU C 3603 67.02 45.58 70.06
CA LEU C 3603 67.05 45.61 68.61
C LEU C 3603 65.65 45.57 68.01
N TYR C 3604 64.76 44.77 68.60
CA TYR C 3604 63.40 44.64 68.11
C TYR C 3604 62.67 45.96 68.22
N HIS C 3605 62.82 46.63 69.38
CA HIS C 3605 62.17 47.91 69.57
C HIS C 3605 62.78 48.94 68.63
N LEU C 3606 64.11 48.89 68.42
CA LEU C 3606 64.76 49.89 67.58
C LEU C 3606 64.27 49.77 66.13
N GLU C 3607 64.17 48.52 65.62
CA GLU C 3607 63.66 48.38 64.25
C GLU C 3607 62.18 48.73 64.15
N GLN C 3608 61.41 48.63 65.26
CA GLN C 3608 60.02 49.11 65.20
C GLN C 3608 60.01 50.63 65.13
N THR C 3609 61.01 51.27 65.71
CA THR C 3609 61.04 52.74 65.74
C THR C 3609 61.48 53.24 64.38
N GLU C 3610 62.67 52.84 63.94
CA GLU C 3610 63.26 53.38 62.71
C GLU C 3610 62.47 52.97 61.45
N HIS C 3611 61.81 51.79 61.43
CA HIS C 3611 60.92 51.42 60.33
C HIS C 3611 59.47 51.60 60.76
N PRO C 3612 58.87 52.80 60.64
CA PRO C 3612 57.49 52.99 61.12
C PRO C 3612 56.40 52.19 60.39
N TYR C 3613 56.46 52.11 59.05
CA TYR C 3613 55.52 51.37 58.18
C TYR C 3613 54.06 51.78 58.42
N LYS C 3614 53.85 53.09 58.58
CA LYS C 3614 52.61 53.64 59.13
C LYS C 3614 51.62 54.15 58.09
N SER C 3615 51.89 53.97 56.80
CA SER C 3615 51.08 54.57 55.74
C SER C 3615 49.82 53.73 55.50
N LYS C 3616 49.04 54.14 54.48
CA LYS C 3616 47.82 53.48 53.99
C LYS C 3616 46.61 53.67 54.91
N LYS C 3617 46.66 54.66 55.81
CA LYS C 3617 45.56 54.97 56.70
C LYS C 3617 44.98 56.37 56.47
N ALA C 3618 45.82 57.39 56.46
CA ALA C 3618 45.37 58.76 56.16
C ALA C 3618 45.90 59.12 54.77
N VAL C 3619 45.10 58.83 53.75
CA VAL C 3619 45.50 58.95 52.35
C VAL C 3619 44.58 59.96 51.68
N TRP C 3620 45.15 60.78 50.79
CA TRP C 3620 44.45 61.77 49.98
C TRP C 3620 43.45 61.08 49.05
N HIS C 3621 42.15 61.22 49.33
CA HIS C 3621 41.12 60.50 48.60
C HIS C 3621 40.16 61.40 47.83
N LYS C 3622 40.20 62.72 48.06
CA LYS C 3622 39.39 63.77 47.40
C LYS C 3622 37.90 63.41 47.30
N LEU C 3623 37.29 63.25 48.49
CA LEU C 3623 35.87 62.95 48.60
C LEU C 3623 35.00 64.02 47.96
N LEU C 3624 35.22 65.29 48.32
CA LEU C 3624 34.51 66.39 47.69
C LEU C 3624 35.39 67.62 47.47
N SER C 3625 36.71 67.50 47.70
CA SER C 3625 37.61 68.65 47.62
C SER C 3625 37.74 69.20 46.21
N LYS C 3626 37.82 68.32 45.20
CA LYS C 3626 38.05 68.77 43.83
C LYS C 3626 36.86 69.56 43.28
N GLN C 3627 35.64 69.25 43.71
CA GLN C 3627 34.45 69.84 43.13
C GLN C 3627 33.60 70.68 44.07
N ARG C 3628 33.75 70.55 45.39
CA ARG C 3628 32.82 71.22 46.29
C ARG C 3628 33.59 71.83 47.47
N ARG C 3629 34.80 72.33 47.22
CA ARG C 3629 35.53 73.03 48.28
C ARG C 3629 34.94 74.39 48.59
N ARG C 3630 34.23 75.01 47.64
CA ARG C 3630 33.73 76.36 47.83
C ARG C 3630 32.58 76.43 48.83
N ALA C 3631 31.89 75.30 49.06
CA ALA C 3631 30.72 75.30 49.93
C ALA C 3631 31.11 75.53 51.38
N VAL C 3632 32.13 74.81 51.86
CA VAL C 3632 32.51 74.89 53.28
C VAL C 3632 33.06 76.29 53.59
N VAL C 3633 33.77 76.89 52.64
CA VAL C 3633 34.30 78.24 52.82
C VAL C 3633 33.16 79.25 52.82
N ALA C 3634 32.23 79.14 51.86
CA ALA C 3634 31.22 80.17 51.69
C ALA C 3634 30.07 80.07 52.68
N CYS C 3635 29.73 78.85 53.14
CA CYS C 3635 28.56 78.62 54.00
C CYS C 3635 28.62 79.40 55.31
N PHE C 3636 29.83 79.64 55.83
CA PHE C 3636 29.96 80.48 57.01
C PHE C 3636 29.56 81.92 56.71
N ARG C 3637 29.68 82.35 55.46
CA ARG C 3637 29.47 83.75 55.09
C ARG C 3637 28.25 83.97 54.21
N MET C 3638 27.45 82.94 53.94
CA MET C 3638 26.21 83.15 53.21
C MET C 3638 25.23 83.95 54.06
N THR C 3639 24.30 84.61 53.37
CA THR C 3639 23.39 85.52 54.05
C THR C 3639 22.43 84.77 54.98
N PRO C 3640 22.35 85.16 56.24
CA PRO C 3640 21.35 84.56 57.13
C PRO C 3640 19.97 85.08 56.78
N LEU C 3641 18.96 84.39 57.33
CA LEU C 3641 17.57 84.64 56.97
C LEU C 3641 17.12 86.05 57.34
N TYR C 3642 17.54 86.54 58.53
CA TYR C 3642 17.09 87.84 59.00
C TYR C 3642 17.56 89.01 58.13
N ASN C 3643 18.58 88.80 57.31
CA ASN C 3643 19.06 89.82 56.39
C ASN C 3643 18.44 89.73 54.99
N LEU C 3644 17.56 88.76 54.75
CA LEU C 3644 16.87 88.65 53.48
C LEU C 3644 15.78 89.70 53.37
N PRO C 3645 15.52 90.22 52.16
CA PRO C 3645 14.41 91.16 51.97
C PRO C 3645 13.08 90.49 52.27
N THR C 3646 12.11 91.30 52.73
CA THR C 3646 10.82 90.79 53.16
C THR C 3646 10.06 90.10 52.03
N HIS C 3647 10.06 90.70 50.83
CA HIS C 3647 9.35 90.11 49.71
C HIS C 3647 9.99 88.79 49.26
N ARG C 3648 11.32 88.73 49.23
CA ARG C 3648 12.01 87.50 48.83
C ARG C 3648 11.76 86.40 49.85
N ALA C 3649 11.81 86.76 51.14
CA ALA C 3649 11.58 85.78 52.20
C ALA C 3649 10.16 85.26 52.13
N CYS C 3650 9.19 86.14 51.85
CA CYS C 3650 7.81 85.71 51.73
C CYS C 3650 7.63 84.76 50.55
N ASN C 3651 8.33 85.04 49.44
CA ASN C 3651 8.26 84.15 48.26
C ASN C 3651 8.78 82.76 48.59
N MET C 3652 9.90 82.67 49.32
CA MET C 3652 10.39 81.36 49.73
C MET C 3652 9.45 80.71 50.75
N PHE C 3653 8.84 81.54 51.62
CA PHE C 3653 7.95 81.06 52.66
C PHE C 3653 6.72 80.40 52.08
N LEU C 3654 6.16 80.97 51.02
CA LEU C 3654 4.94 80.41 50.42
C LEU C 3654 5.20 79.00 49.88
N GLU C 3655 6.32 78.82 49.17
CA GLU C 3655 6.67 77.51 48.65
C GLU C 3655 6.94 76.50 49.77
N SER C 3656 7.64 76.95 50.83
CA SER C 3656 7.87 76.08 51.99
C SER C 3656 6.57 75.69 52.68
N TYR C 3657 5.66 76.66 52.79
CA TYR C 3657 4.39 76.44 53.47
C TYR C 3657 3.53 75.46 52.70
N LYS C 3658 3.40 75.67 51.39
CA LYS C 3658 2.55 74.77 50.61
C LYS C 3658 3.15 73.37 50.56
N ALA C 3659 4.49 73.28 50.43
CA ALA C 3659 5.16 72.00 50.29
C ALA C 3659 5.21 71.23 51.60
N ALA C 3660 4.99 71.88 52.73
CA ALA C 3660 5.09 71.19 54.01
C ALA C 3660 3.78 71.18 54.78
N TRP C 3661 2.76 71.91 54.32
CA TRP C 3661 1.52 71.99 55.05
C TRP C 3661 0.28 71.69 54.20
N ILE C 3662 0.33 71.97 52.90
CA ILE C 3662 -0.84 71.84 52.05
C ILE C 3662 -0.80 70.55 51.24
N LEU C 3663 0.35 70.22 50.64
CA LEU C 3663 0.50 68.95 49.95
C LEU C 3663 0.32 67.78 50.89
N THR C 3664 0.82 67.91 52.12
CA THR C 3664 0.65 66.87 53.13
C THR C 3664 -0.75 66.85 53.74
N GLU C 3665 -1.55 67.89 53.53
CA GLU C 3665 -2.90 67.92 54.07
C GLU C 3665 -3.78 66.86 53.43
N ASP C 3666 -4.60 66.21 54.25
CA ASP C 3666 -5.47 65.12 53.82
C ASP C 3666 -6.92 65.58 53.81
N HIS C 3667 -7.60 65.41 52.67
CA HIS C 3667 -9.02 65.72 52.57
C HIS C 3667 -9.61 64.79 51.51
N SER C 3668 -10.23 63.70 51.95
CA SER C 3668 -10.82 62.72 51.05
C SER C 3668 -12.29 63.07 50.87
N PHE C 3669 -12.56 63.89 49.86
CA PHE C 3669 -13.93 64.31 49.53
C PHE C 3669 -14.52 63.52 48.37
N GLU C 3670 -13.76 62.57 47.81
CA GLU C 3670 -14.19 61.86 46.62
C GLU C 3670 -15.45 61.03 46.86
N ASP C 3671 -15.51 60.37 48.01
CA ASP C 3671 -16.65 59.50 48.32
C ASP C 3671 -17.93 60.30 48.44
N ARG C 3672 -17.87 61.45 49.12
CA ARG C 3672 -19.07 62.23 49.27
C ARG C 3672 -19.40 63.04 48.01
N MET C 3673 -18.40 63.31 47.16
CA MET C 3673 -18.68 63.89 45.85
C MET C 3673 -19.50 62.93 45.00
N ILE C 3674 -19.02 61.70 44.85
CA ILE C 3674 -19.73 60.71 44.04
C ILE C 3674 -21.07 60.37 44.68
N ASP C 3675 -21.14 60.37 46.02
CA ASP C 3675 -22.40 60.14 46.71
C ASP C 3675 -23.41 61.23 46.38
N ASP C 3676 -22.98 62.50 46.37
CA ASP C 3676 -23.87 63.60 46.00
C ASP C 3676 -24.28 63.51 44.54
N LEU C 3677 -23.34 63.15 43.67
CA LEU C 3677 -23.63 63.11 42.24
C LEU C 3677 -24.47 61.91 41.83
N SER C 3678 -24.51 60.86 42.64
CA SER C 3678 -25.21 59.65 42.26
C SER C 3678 -26.64 59.59 42.78
N LYS C 3679 -27.09 60.61 43.51
CA LYS C 3679 -28.45 60.63 44.04
C LYS C 3679 -29.36 61.43 43.12
N ALA C 3680 -30.38 60.77 42.59
CA ALA C 3680 -31.41 61.44 41.79
C ALA C 3680 -32.57 61.88 42.68
N GLY C 3681 -32.24 62.61 43.75
CA GLY C 3681 -33.23 62.97 44.73
C GLY C 3681 -34.10 64.13 44.29
N GLU C 3682 -35.29 64.18 44.89
CA GLU C 3682 -36.37 65.18 44.81
C GLU C 3682 -37.26 65.06 43.56
N GLN C 3683 -37.00 64.11 42.65
CA GLN C 3683 -37.95 63.81 41.59
C GLN C 3683 -38.37 62.35 41.55
N GLU C 3684 -37.95 61.53 42.52
CA GLU C 3684 -38.47 60.18 42.63
C GLU C 3684 -39.96 60.18 42.94
N GLU C 3685 -40.43 61.20 43.66
CA GLU C 3685 -41.85 61.35 43.96
C GLU C 3685 -42.66 61.72 42.73
N GLU C 3686 -42.02 62.31 41.71
CA GLU C 3686 -42.71 62.64 40.47
C GLU C 3686 -43.22 61.40 39.75
N GLU C 3687 -42.39 60.35 39.70
CA GLU C 3687 -42.68 59.07 39.04
C GLU C 3687 -43.11 59.25 37.58
N GLU C 3688 -42.20 59.87 36.81
CA GLU C 3688 -42.39 60.14 35.38
C GLU C 3688 -42.87 58.93 34.61
N GLU C 3689 -43.86 59.17 33.74
CA GLU C 3689 -44.47 58.11 32.94
C GLU C 3689 -43.47 57.48 31.98
N VAL C 3690 -42.60 58.30 31.36
CA VAL C 3690 -41.66 57.82 30.36
C VAL C 3690 -40.69 56.83 30.99
N GLU C 3691 -40.39 55.75 30.27
CA GLU C 3691 -39.38 54.78 30.69
C GLU C 3691 -37.99 55.37 30.80
N GLU C 3692 -37.60 56.25 29.84
CA GLU C 3692 -36.32 56.96 29.65
C GLU C 3692 -35.47 57.11 30.91
N LYS C 3693 -36.06 57.69 31.96
CA LYS C 3693 -35.44 57.86 33.29
C LYS C 3693 -34.14 58.66 33.22
N LYS C 3694 -34.31 59.98 32.93
CA LYS C 3694 -33.28 61.01 32.70
C LYS C 3694 -32.10 60.84 33.65
N PRO C 3695 -30.88 60.82 33.11
CA PRO C 3695 -29.71 60.44 33.90
C PRO C 3695 -29.45 61.34 35.09
N ASP C 3696 -29.01 60.71 36.18
CA ASP C 3696 -28.58 61.41 37.37
C ASP C 3696 -27.24 62.13 37.09
N PRO C 3697 -26.86 63.13 37.94
CA PRO C 3697 -25.69 63.97 37.63
C PRO C 3697 -24.42 63.22 37.34
N LEU C 3698 -24.14 62.12 38.06
CA LEU C 3698 -22.94 61.35 37.81
C LEU C 3698 -22.95 60.76 36.41
N HIS C 3699 -24.11 60.25 35.97
CA HIS C 3699 -24.24 59.72 34.62
C HIS C 3699 -24.05 60.80 33.57
N GLN C 3700 -24.31 62.06 33.93
CA GLN C 3700 -24.18 63.11 32.93
C GLN C 3700 -22.72 63.46 32.65
N LEU C 3701 -21.85 63.36 33.66
CA LEU C 3701 -20.42 63.55 33.44
C LEU C 3701 -19.89 62.50 32.48
N VAL C 3702 -20.23 61.23 32.76
CA VAL C 3702 -19.76 60.11 31.97
C VAL C 3702 -20.24 60.24 30.52
N LEU C 3703 -21.51 60.62 30.33
CA LEU C 3703 -22.03 60.83 28.99
C LEU C 3703 -21.29 61.96 28.26
N HIS C 3704 -21.01 63.06 28.96
CA HIS C 3704 -20.30 64.19 28.34
C HIS C 3704 -18.88 63.81 27.98
N PHE C 3705 -18.17 63.12 28.87
CA PHE C 3705 -16.82 62.69 28.57
C PHE C 3705 -16.80 61.63 27.49
N SER C 3706 -17.80 60.75 27.42
CA SER C 3706 -17.87 59.82 26.30
C SER C 3706 -18.26 60.50 25.00
N ARG C 3707 -18.77 61.72 25.06
CA ARG C 3707 -19.02 62.47 23.83
C ARG C 3707 -17.73 63.08 23.34
N THR C 3708 -16.97 63.70 24.25
CA THR C 3708 -15.66 64.22 23.88
C THR C 3708 -14.73 63.08 23.46
N ALA C 3709 -14.90 61.90 24.04
CA ALA C 3709 -14.13 60.73 23.64
C ALA C 3709 -14.45 60.31 22.22
N LEU C 3710 -15.73 60.31 21.86
CA LEU C 3710 -16.11 59.83 20.55
C LEU C 3710 -16.05 60.88 19.45
N THR C 3711 -15.89 62.16 19.78
CA THR C 3711 -15.80 63.17 18.73
C THR C 3711 -14.54 62.95 17.88
N GLU C 3712 -14.64 63.29 16.61
CA GLU C 3712 -13.58 63.00 15.65
C GLU C 3712 -12.58 64.14 15.60
N LYS C 3713 -11.41 63.91 16.20
CA LYS C 3713 -10.34 64.89 16.24
C LYS C 3713 -9.03 64.16 16.03
N SER C 3714 -8.08 64.85 15.38
CA SER C 3714 -6.77 64.24 15.12
C SER C 3714 -6.01 63.96 16.40
N LYS C 3715 -6.03 64.89 17.35
CA LYS C 3715 -5.30 64.76 18.59
C LYS C 3715 -6.26 64.88 19.75
N LEU C 3716 -6.09 64.04 20.76
CA LEU C 3716 -6.87 64.10 21.99
C LEU C 3716 -6.19 65.07 22.94
N ASP C 3717 -6.63 66.33 22.90
CA ASP C 3717 -6.01 67.40 23.67
C ASP C 3717 -6.24 67.20 25.16
N GLU C 3718 -5.28 67.68 25.96
CA GLU C 3718 -5.36 67.56 27.41
C GLU C 3718 -6.57 68.30 27.99
N ASP C 3719 -7.18 67.69 29.00
CA ASP C 3719 -8.40 68.21 29.62
C ASP C 3719 -8.21 68.10 31.14
N TYR C 3720 -7.79 69.20 31.78
CA TYR C 3720 -7.57 69.20 33.22
C TYR C 3720 -8.85 68.90 34.01
N LEU C 3721 -10.01 69.21 33.43
CA LEU C 3721 -11.27 68.81 34.05
C LEU C 3721 -11.38 67.30 34.08
N TYR C 3722 -10.99 66.65 32.98
CA TYR C 3722 -11.07 65.20 32.94
C TYR C 3722 -10.09 64.58 33.92
N MET C 3723 -8.87 65.14 34.02
CA MET C 3723 -7.94 64.69 35.06
C MET C 3723 -8.55 64.76 36.45
N ALA C 3724 -9.22 65.88 36.73
CA ALA C 3724 -9.82 66.09 38.05
C ALA C 3724 -10.92 65.08 38.32
N TYR C 3725 -11.77 64.83 37.35
CA TYR C 3725 -12.93 64.01 37.67
C TYR C 3725 -12.63 62.54 37.52
N ALA C 3726 -11.78 62.16 36.57
CA ALA C 3726 -11.34 60.77 36.47
C ALA C 3726 -10.55 60.37 37.72
N ASP C 3727 -9.71 61.27 38.22
CA ASP C 3727 -9.00 61.01 39.47
C ASP C 3727 -9.97 60.89 40.65
N ILE C 3728 -11.01 61.75 40.69
CA ILE C 3728 -11.99 61.70 41.77
C ILE C 3728 -12.77 60.38 41.75
N MET C 3729 -13.20 59.96 40.56
CA MET C 3729 -13.88 58.68 40.40
C MET C 3729 -12.98 57.52 40.78
N ALA C 3730 -11.71 57.56 40.35
CA ALA C 3730 -10.79 56.47 40.65
C ALA C 3730 -10.51 56.37 42.13
N LYS C 3731 -10.37 57.52 42.81
CA LYS C 3731 -10.07 57.52 44.22
C LYS C 3731 -11.31 57.34 45.09
N SER C 3732 -12.50 57.30 44.50
CA SER C 3732 -13.72 57.13 45.27
C SER C 3732 -14.19 55.69 45.34
N CYS C 3733 -13.45 54.74 44.78
CA CYS C 3733 -13.91 53.36 44.72
C CYS C 3733 -13.21 52.46 45.75
N HIS C 3734 -11.87 52.43 45.73
CA HIS C 3734 -11.11 51.46 46.51
C HIS C 3734 -11.29 51.65 48.01
N LEU C 3735 -11.10 52.87 48.51
CA LEU C 3735 -11.15 53.22 49.94
C LEU C 3735 -10.22 52.35 50.80
N GLU C 3736 -9.12 51.87 50.22
CA GLU C 3736 -8.18 51.00 50.93
C GLU C 3736 -6.79 51.08 50.29
N VAL C 3749 -3.90 40.46 63.62
CA VAL C 3749 -3.80 40.34 62.17
C VAL C 3749 -4.68 39.20 61.67
N GLU C 3750 -5.49 38.66 62.58
CA GLU C 3750 -6.41 37.57 62.25
C GLU C 3750 -7.79 38.18 62.00
N VAL C 3751 -8.01 38.61 60.77
CA VAL C 3751 -9.28 39.21 60.36
C VAL C 3751 -10.10 38.14 59.66
N SER C 3752 -11.35 37.98 60.10
CA SER C 3752 -12.10 36.78 59.74
C SER C 3752 -12.73 36.91 58.36
N PHE C 3753 -13.22 35.78 57.87
CA PHE C 3753 -13.88 35.62 56.58
C PHE C 3753 -15.32 36.17 56.58
N GLU C 3754 -15.74 36.81 57.66
CA GLU C 3754 -17.07 37.41 57.73
C GLU C 3754 -17.07 38.86 57.24
N GLU C 3755 -16.20 39.69 57.82
CA GLU C 3755 -16.12 41.09 57.42
C GLU C 3755 -15.44 41.30 56.07
N LYS C 3756 -14.63 40.35 55.61
CA LYS C 3756 -14.14 40.42 54.25
C LYS C 3756 -15.26 40.30 53.23
N GLU C 3757 -16.27 39.47 53.51
CA GLU C 3757 -17.48 39.40 52.71
C GLU C 3757 -18.30 40.67 52.74
N MET C 3758 -18.03 41.57 53.68
CA MET C 3758 -18.65 42.88 53.74
C MET C 3758 -17.83 43.87 52.94
N GLU C 3759 -16.51 43.85 53.16
CA GLU C 3759 -15.59 44.77 52.49
C GLU C 3759 -15.61 44.62 50.98
N LYS C 3760 -15.48 43.39 50.48
CA LYS C 3760 -15.50 43.20 49.02
C LYS C 3760 -16.86 43.53 48.43
N GLN C 3761 -17.94 43.24 49.15
CA GLN C 3761 -19.28 43.63 48.68
C GLN C 3761 -19.48 45.14 48.68
N ARG C 3762 -18.86 45.84 49.63
CA ARG C 3762 -18.90 47.30 49.61
C ARG C 3762 -18.07 47.84 48.46
N LEU C 3763 -16.94 47.19 48.15
CA LEU C 3763 -16.14 47.60 46.99
C LEU C 3763 -16.93 47.41 45.71
N LEU C 3764 -17.67 46.30 45.61
CA LEU C 3764 -18.53 46.07 44.46
C LEU C 3764 -19.61 47.13 44.36
N TYR C 3765 -20.12 47.61 45.50
CA TYR C 3765 -21.09 48.70 45.48
C TYR C 3765 -20.47 49.98 44.94
N GLN C 3766 -19.23 50.27 45.35
CA GLN C 3766 -18.49 51.44 44.85
C GLN C 3766 -18.29 51.36 43.34
N GLN C 3767 -17.92 50.18 42.85
CA GLN C 3767 -17.72 50.03 41.41
C GLN C 3767 -19.04 50.02 40.65
N SER C 3768 -20.07 49.39 41.21
CA SER C 3768 -21.40 49.38 40.59
C SER C 3768 -21.97 50.77 40.44
N ARG C 3769 -21.65 51.68 41.38
CA ARG C 3769 -22.07 53.07 41.32
C ARG C 3769 -21.52 53.77 40.08
N LEU C 3770 -20.43 53.28 39.52
CA LEU C 3770 -19.80 53.88 38.35
C LEU C 3770 -20.19 53.11 37.09
N HIS C 3771 -19.93 51.80 37.07
CA HIS C 3771 -20.09 51.03 35.83
C HIS C 3771 -21.54 50.87 35.44
N THR C 3772 -22.50 51.09 36.36
CA THR C 3772 -23.88 51.09 35.90
C THR C 3772 -24.22 52.34 35.10
N ARG C 3773 -23.32 53.32 35.08
CA ARG C 3773 -23.50 54.59 34.40
C ARG C 3773 -22.58 54.76 33.19
N GLY C 3774 -22.10 53.67 32.58
CA GLY C 3774 -21.25 53.79 31.42
C GLY C 3774 -19.77 54.07 31.66
N ALA C 3775 -19.33 54.08 32.92
CA ALA C 3775 -17.93 54.40 33.23
C ALA C 3775 -16.94 53.41 32.65
N ALA C 3776 -17.34 52.17 32.37
CA ALA C 3776 -16.45 51.24 31.71
C ALA C 3776 -16.26 51.61 30.25
N GLU C 3777 -17.35 51.99 29.59
CA GLU C 3777 -17.31 52.32 28.18
C GLU C 3777 -16.51 53.58 27.95
N MET C 3778 -16.66 54.59 28.82
CA MET C 3778 -15.93 55.83 28.56
C MET C 3778 -14.43 55.63 28.76
N VAL C 3779 -14.05 54.69 29.64
CA VAL C 3779 -12.64 54.35 29.82
C VAL C 3779 -12.11 53.70 28.55
N LEU C 3780 -12.90 52.77 27.98
CA LEU C 3780 -12.47 52.12 26.73
C LEU C 3780 -12.40 53.12 25.59
N GLN C 3781 -13.27 54.13 25.63
CA GLN C 3781 -13.31 55.08 24.55
C GLN C 3781 -12.09 55.98 24.59
N MET C 3782 -11.74 56.49 25.77
CA MET C 3782 -10.55 57.35 25.80
C MET C 3782 -9.26 56.57 25.59
N ILE C 3783 -9.23 55.27 25.92
CA ILE C 3783 -8.10 54.42 25.53
C ILE C 3783 -7.98 54.33 24.02
N SER C 3784 -9.10 54.16 23.32
CA SER C 3784 -9.02 54.14 21.86
C SER C 3784 -8.75 55.54 21.30
N ALA C 3785 -9.32 56.57 21.92
CA ALA C 3785 -9.23 57.93 21.44
C ALA C 3785 -7.83 58.51 21.56
N CYS C 3786 -7.04 58.06 22.54
CA CYS C 3786 -5.69 58.61 22.72
C CYS C 3786 -4.75 58.29 21.56
N LYS C 3787 -5.06 57.26 20.76
CA LYS C 3787 -4.34 56.90 19.54
C LYS C 3787 -2.88 56.59 19.77
N GLY C 3788 -2.52 56.13 20.97
CA GLY C 3788 -1.15 55.75 21.24
C GLY C 3788 -0.27 56.84 21.77
N GLU C 3789 -0.82 57.94 22.27
CA GLU C 3789 -0.05 59.06 22.77
C GLU C 3789 -0.03 58.98 24.29
N THR C 3790 1.15 58.74 24.86
CA THR C 3790 1.29 58.68 26.30
C THR C 3790 1.15 60.06 26.91
N GLY C 3791 0.48 60.13 28.06
CA GLY C 3791 0.28 61.40 28.74
C GLY C 3791 -0.61 61.24 29.95
N ALA C 3792 -0.99 62.39 30.51
CA ALA C 3792 -1.88 62.41 31.67
C ALA C 3792 -3.28 61.92 31.33
N MET C 3793 -3.67 62.00 30.04
CA MET C 3793 -4.93 61.44 29.58
C MET C 3793 -4.97 59.94 29.82
N VAL C 3794 -3.94 59.25 29.34
CA VAL C 3794 -3.92 57.80 29.44
C VAL C 3794 -3.70 57.40 30.88
N SER C 3795 -2.80 58.10 31.58
CA SER C 3795 -2.48 57.72 32.96
C SER C 3795 -3.70 57.82 33.88
N SER C 3796 -4.49 58.89 33.74
CA SER C 3796 -5.71 58.98 34.54
C SER C 3796 -6.84 58.12 34.01
N THR C 3797 -6.80 57.74 32.74
CA THR C 3797 -7.83 56.84 32.22
C THR C 3797 -7.57 55.42 32.69
N LEU C 3798 -6.32 54.96 32.59
CA LEU C 3798 -5.96 53.64 33.09
C LEU C 3798 -6.10 53.57 34.60
N LYS C 3799 -5.83 54.67 35.31
CA LYS C 3799 -6.05 54.72 36.75
C LYS C 3799 -7.52 54.50 37.09
N LEU C 3800 -8.42 55.08 36.27
CA LEU C 3800 -9.83 54.85 36.49
C LEU C 3800 -10.24 53.43 36.08
N GLY C 3801 -9.69 52.94 34.97
CA GLY C 3801 -10.02 51.59 34.52
C GLY C 3801 -9.60 50.53 35.52
N ILE C 3802 -8.47 50.76 36.20
CA ILE C 3802 -8.05 49.85 37.25
C ILE C 3802 -8.98 49.96 38.45
N SER C 3803 -9.33 51.19 38.83
CA SER C 3803 -10.15 51.35 40.03
C SER C 3803 -11.56 50.79 39.81
N ILE C 3804 -12.05 50.82 38.57
CA ILE C 3804 -13.34 50.22 38.26
C ILE C 3804 -13.21 48.70 38.06
N LEU C 3805 -12.03 48.19 37.71
CA LEU C 3805 -11.83 46.76 37.51
C LEU C 3805 -11.16 46.06 38.68
N ASN C 3806 -10.99 46.75 39.81
CA ASN C 3806 -10.29 46.18 40.95
C ASN C 3806 -10.99 44.94 41.48
N GLY C 3807 -10.21 43.89 41.73
CA GLY C 3807 -10.74 42.63 42.18
C GLY C 3807 -11.30 41.76 41.08
N GLY C 3808 -11.14 42.17 39.82
CA GLY C 3808 -11.67 41.42 38.69
C GLY C 3808 -13.18 41.37 38.64
N ASN C 3809 -13.81 42.54 38.59
CA ASN C 3809 -15.27 42.61 38.52
C ASN C 3809 -15.80 41.96 37.26
N ALA C 3810 -16.59 40.88 37.45
CA ALA C 3810 -17.04 40.04 36.35
C ALA C 3810 -17.97 40.81 35.40
N GLU C 3811 -18.88 41.60 35.96
CA GLU C 3811 -19.81 42.32 35.10
C GLU C 3811 -19.11 43.44 34.35
N VAL C 3812 -18.08 44.05 34.96
CA VAL C 3812 -17.34 45.09 34.26
C VAL C 3812 -16.60 44.50 33.07
N GLN C 3813 -15.95 43.34 33.28
CA GLN C 3813 -15.30 42.66 32.15
C GLN C 3813 -16.30 42.25 31.08
N GLN C 3814 -17.51 41.85 31.50
CA GLN C 3814 -18.56 41.51 30.54
C GLN C 3814 -19.00 42.73 29.75
N LYS C 3815 -19.13 43.89 30.40
CA LYS C 3815 -19.55 45.11 29.74
C LYS C 3815 -18.49 45.57 28.74
N MET C 3816 -17.22 45.56 29.15
CA MET C 3816 -16.14 45.97 28.27
C MET C 3816 -16.02 45.04 27.07
N LEU C 3817 -16.12 43.73 27.30
CA LEU C 3817 -16.03 42.77 26.20
C LEU C 3817 -17.19 42.93 25.23
N ASP C 3818 -18.40 43.16 25.75
CA ASP C 3818 -19.55 43.36 24.89
C ASP C 3818 -19.39 44.62 24.06
N TYR C 3819 -18.89 45.70 24.68
CA TYR C 3819 -18.74 46.96 23.96
C TYR C 3819 -17.69 46.83 22.86
N LEU C 3820 -16.61 46.09 23.12
CA LEU C 3820 -15.61 45.91 22.08
C LEU C 3820 -16.14 45.03 20.96
N LYS C 3821 -16.94 44.02 21.33
CA LYS C 3821 -17.36 43.04 20.34
C LYS C 3821 -18.45 43.60 19.44
N ASP C 3822 -19.27 44.53 19.94
CA ASP C 3822 -20.29 45.05 19.04
C ASP C 3822 -19.84 46.33 18.34
N LYS C 3823 -18.98 47.15 18.98
CA LYS C 3823 -18.46 48.31 18.27
C LYS C 3823 -17.48 47.93 17.17
N LYS C 3824 -16.69 46.86 17.37
CA LYS C 3824 -15.75 46.33 16.37
C LYS C 3824 -14.77 47.37 15.86
N GLU C 3825 -14.10 48.05 16.79
CA GLU C 3825 -13.11 49.05 16.42
C GLU C 3825 -11.70 48.49 16.63
N VAL C 3826 -10.79 48.92 15.76
CA VAL C 3826 -9.41 48.47 15.82
C VAL C 3826 -8.53 49.44 16.61
N GLY C 3827 -8.98 50.69 16.78
CA GLY C 3827 -8.17 51.71 17.42
C GLY C 3827 -7.82 51.42 18.87
N PHE C 3828 -8.62 50.59 19.54
CA PHE C 3828 -8.35 50.24 20.93
C PHE C 3828 -7.08 49.43 21.04
N PHE C 3829 -6.96 48.37 20.23
CA PHE C 3829 -5.78 47.54 20.31
C PHE C 3829 -4.62 48.17 19.55
N GLN C 3830 -4.89 49.01 18.55
CA GLN C 3830 -3.81 49.77 17.92
C GLN C 3830 -3.16 50.70 18.92
N SER C 3831 -3.98 51.31 19.79
CA SER C 3831 -3.45 52.16 20.85
C SER C 3831 -2.69 51.33 21.87
N ILE C 3832 -3.28 50.24 22.36
CA ILE C 3832 -2.64 49.41 23.38
C ILE C 3832 -1.28 48.88 22.90
N GLN C 3833 -1.22 48.47 21.63
CA GLN C 3833 0.04 48.10 20.99
C GLN C 3833 1.02 49.28 20.93
N ALA C 3834 0.51 50.49 20.66
CA ALA C 3834 1.42 51.63 20.55
C ALA C 3834 2.00 52.00 21.91
N LEU C 3835 1.15 52.05 22.94
CA LEU C 3835 1.63 52.36 24.29
C LEU C 3835 2.61 51.31 24.77
N MET C 3836 2.32 50.03 24.49
CA MET C 3836 3.21 48.97 24.95
C MET C 3836 4.55 49.05 24.23
N GLN C 3837 4.55 49.55 22.98
CA GLN C 3837 5.83 49.69 22.30
C GLN C 3837 6.61 50.89 22.82
N THR C 3838 5.91 51.97 23.20
CA THR C 3838 6.61 53.15 23.72
C THR C 3838 6.99 53.05 25.18
N CYS C 3839 6.58 51.99 25.89
CA CYS C 3839 7.02 51.83 27.27
C CYS C 3839 8.54 51.64 27.33
N SER C 3840 9.19 52.36 28.24
CA SER C 3840 10.64 52.41 28.30
C SER C 3840 11.22 51.29 29.15
N VAL C 3841 12.48 50.97 28.88
CA VAL C 3841 13.25 49.98 29.62
C VAL C 3841 14.49 50.65 30.18
N LEU C 3842 15.32 49.89 30.89
CA LEU C 3842 16.55 50.41 31.49
C LEU C 3842 17.54 50.83 30.43
N ASP C 3843 18.10 52.03 30.57
CA ASP C 3843 19.12 52.53 29.64
C ASP C 3843 20.40 52.81 30.42
N LEU C 3844 21.48 52.16 29.99
CA LEU C 3844 22.77 52.36 30.63
C LEU C 3844 23.34 53.75 30.36
N ASN C 3845 23.18 54.25 29.13
CA ASN C 3845 23.72 55.58 28.80
C ASN C 3845 23.07 56.66 29.64
N ALA C 3846 21.74 56.58 29.78
CA ALA C 3846 21.01 57.49 30.64
C ALA C 3846 21.38 57.29 32.10
N PHE C 3847 21.71 56.05 32.48
CA PHE C 3847 22.10 55.82 33.86
C PHE C 3847 23.47 56.41 34.15
N GLU C 3848 24.41 56.26 33.22
CA GLU C 3848 25.76 56.83 33.41
C GLU C 3848 25.71 58.34 33.50
N ARG C 3849 24.87 58.97 32.66
CA ARG C 3849 24.67 60.41 32.77
C ARG C 3849 24.05 60.77 34.11
N GLN C 3850 23.10 59.95 34.60
CA GLN C 3850 22.51 60.22 35.90
C GLN C 3850 23.55 60.07 37.00
N ASN C 3851 24.48 59.12 36.85
CA ASN C 3851 25.55 58.92 37.83
C ASN C 3851 26.43 60.16 37.90
N LYS C 3852 26.77 60.72 36.74
CA LYS C 3852 27.57 61.93 36.74
C LYS C 3852 26.80 63.16 37.18
N ALA C 3853 25.47 63.08 37.25
CA ALA C 3853 24.68 64.24 37.68
C ALA C 3853 24.93 64.56 39.16
N GLU C 3854 24.83 63.54 40.02
CA GLU C 3854 25.09 63.77 41.43
C GLU C 3854 26.56 63.99 41.71
N GLY C 3855 27.45 63.57 40.79
CA GLY C 3855 28.86 63.86 40.96
C GLY C 3855 29.11 65.36 40.95
N LEU C 3856 28.39 66.08 40.09
CA LEU C 3856 28.49 67.53 40.08
C LEU C 3856 27.74 68.11 41.26
N GLY C 3857 26.50 67.66 41.48
CA GLY C 3857 25.71 68.14 42.60
C GLY C 3857 25.39 69.63 42.62
N MET C 3858 24.96 70.19 41.48
CA MET C 3858 24.72 71.63 41.38
C MET C 3858 23.55 72.08 42.26
N VAL C 3859 23.65 73.32 42.75
CA VAL C 3859 22.63 73.91 43.61
C VAL C 3859 21.97 75.08 42.88
N ASN C 3860 20.98 75.70 43.51
CA ASN C 3860 20.21 76.78 42.92
C ASN C 3860 20.47 78.12 43.61
N GLU C 3861 19.93 79.18 43.00
CA GLU C 3861 20.11 80.54 43.52
C GLU C 3861 19.30 80.77 44.78
N ASP C 3862 18.05 80.31 44.81
CA ASP C 3862 17.18 80.51 45.97
C ASP C 3862 17.61 79.64 47.15
N GLY C 3863 18.43 80.23 48.01
CA GLY C 3863 18.99 79.51 49.15
C GLY C 3863 19.91 78.41 48.65
N THR C 3864 19.64 77.17 49.04
CA THR C 3864 20.42 76.03 48.59
C THR C 3864 19.59 74.78 48.77
N VAL C 3865 19.54 73.94 47.74
CA VAL C 3865 18.86 72.66 47.80
C VAL C 3865 19.88 71.53 47.95
N ILE C 3866 19.64 70.65 48.90
CA ILE C 3866 20.58 69.57 49.23
C ILE C 3866 20.21 68.37 48.36
N ASN C 3867 20.99 68.14 47.30
CA ASN C 3867 20.84 67.01 46.37
C ASN C 3867 19.43 66.97 45.77
N ARG C 3868 19.15 68.00 44.96
CA ARG C 3868 17.84 68.21 44.35
C ARG C 3868 17.36 66.97 43.59
N GLN C 3869 16.11 66.61 43.81
CA GLN C 3869 15.57 65.34 43.34
C GLN C 3869 14.70 65.56 42.10
N ASN C 3870 15.18 66.42 41.18
CA ASN C 3870 14.54 66.62 39.89
C ASN C 3870 14.41 65.30 39.13
N GLY C 3871 13.54 65.31 38.11
CA GLY C 3871 13.10 64.13 37.35
C GLY C 3871 14.12 63.06 37.00
N GLU C 3872 13.86 61.85 37.47
CA GLU C 3872 14.74 60.73 37.19
C GLU C 3872 14.38 60.12 35.84
N LYS C 3873 15.38 59.93 34.99
CA LYS C 3873 15.15 59.70 33.57
C LYS C 3873 15.34 58.26 33.13
N VAL C 3874 15.47 57.31 34.06
CA VAL C 3874 15.56 55.90 33.72
C VAL C 3874 14.35 55.21 34.32
N MET C 3875 13.53 54.58 33.47
CA MET C 3875 12.22 54.03 33.83
C MET C 3875 11.34 55.11 34.47
N ALA C 3876 11.30 56.28 33.82
CA ALA C 3876 10.46 57.36 34.32
C ALA C 3876 8.98 57.01 34.26
N ASP C 3877 8.58 56.23 33.25
CA ASP C 3877 7.21 55.78 33.07
C ASP C 3877 6.99 54.39 33.66
N ASP C 3878 7.75 54.03 34.71
CA ASP C 3878 7.58 52.72 35.34
C ASP C 3878 6.19 52.55 35.94
N GLU C 3879 5.66 53.59 36.56
CA GLU C 3879 4.31 53.53 37.12
C GLU C 3879 3.27 53.39 36.02
N PHE C 3880 3.53 53.98 34.87
CA PHE C 3880 2.62 53.86 33.75
C PHE C 3880 2.68 52.49 33.09
N THR C 3881 3.86 51.86 33.08
CA THR C 3881 3.91 50.52 32.54
C THR C 3881 3.34 49.51 33.53
N GLN C 3882 3.53 49.80 34.83
CA GLN C 3882 2.97 48.98 35.89
C GLN C 3882 1.46 48.97 35.84
N ASP C 3883 0.83 50.12 35.63
CA ASP C 3883 -0.60 50.08 35.68
C ASP C 3883 -1.22 49.87 34.30
N LEU C 3884 -0.41 49.87 33.23
CA LEU C 3884 -0.93 49.39 31.96
C LEU C 3884 -1.05 47.88 31.98
N PHE C 3885 -0.01 47.21 32.52
CA PHE C 3885 -0.12 45.77 32.59
C PHE C 3885 -1.06 45.35 33.71
N ARG C 3886 -1.18 46.14 34.77
CA ARG C 3886 -2.17 45.83 35.81
C ARG C 3886 -3.59 45.91 35.24
N PHE C 3887 -3.85 46.89 34.36
CA PHE C 3887 -5.14 46.96 33.68
C PHE C 3887 -5.39 45.75 32.78
N LEU C 3888 -4.35 45.35 32.03
CA LEU C 3888 -4.49 44.17 31.17
C LEU C 3888 -4.71 42.90 32.00
N GLN C 3889 -4.01 42.78 33.12
CA GLN C 3889 -4.21 41.65 34.03
C GLN C 3889 -5.62 41.65 34.59
N LEU C 3890 -6.13 42.83 34.95
CA LEU C 3890 -7.47 42.94 35.51
C LEU C 3890 -8.53 42.53 34.51
N LEU C 3891 -8.28 42.74 33.22
CA LEU C 3891 -9.26 42.37 32.21
C LEU C 3891 -9.48 40.85 32.18
N CYS C 3892 -8.39 40.09 32.15
CA CYS C 3892 -8.48 38.63 32.05
C CYS C 3892 -8.50 37.92 33.39
N GLU C 3893 -8.46 38.64 34.51
CA GLU C 3893 -8.48 37.97 35.81
C GLU C 3893 -9.82 37.31 36.07
N GLY C 3894 -9.78 36.20 36.81
CA GLY C 3894 -10.95 35.40 37.07
C GLY C 3894 -11.24 34.35 36.03
N HIS C 3895 -10.24 34.00 35.21
CA HIS C 3895 -10.33 33.00 34.13
C HIS C 3895 -11.47 33.33 33.15
N ASN C 3896 -11.40 34.55 32.62
CA ASN C 3896 -12.35 35.02 31.63
C ASN C 3896 -11.84 34.57 30.26
N ASN C 3897 -12.11 33.31 29.92
CA ASN C 3897 -11.64 32.73 28.67
C ASN C 3897 -12.20 33.42 27.43
N ASP C 3898 -13.36 34.07 27.56
CA ASP C 3898 -13.94 34.85 26.47
C ASP C 3898 -13.07 36.05 26.15
N PHE C 3899 -12.45 36.64 27.17
CA PHE C 3899 -11.66 37.83 26.94
C PHE C 3899 -10.21 37.43 26.67
N GLN C 3900 -9.76 36.32 27.26
CA GLN C 3900 -8.42 35.82 26.99
C GLN C 3900 -8.27 35.47 25.52
N ASN C 3901 -9.29 34.82 24.94
CA ASN C 3901 -9.23 34.57 23.50
C ASN C 3901 -9.37 35.84 22.69
N TYR C 3902 -9.95 36.89 23.28
CA TYR C 3902 -10.15 38.14 22.56
C TYR C 3902 -8.85 38.91 22.45
N LEU C 3903 -8.02 38.85 23.49
CA LEU C 3903 -6.72 39.51 23.41
C LEU C 3903 -5.84 38.87 22.36
N ARG C 3904 -5.85 37.53 22.29
CA ARG C 3904 -5.03 36.82 21.31
C ARG C 3904 -5.51 37.12 19.90
N THR C 3905 -6.83 37.14 19.68
CA THR C 3905 -7.32 37.43 18.34
C THR C 3905 -8.73 38.01 18.45
N GLN C 3906 -9.08 38.82 17.46
CA GLN C 3906 -10.38 39.47 17.44
C GLN C 3906 -11.14 39.04 16.19
N THR C 3907 -12.16 38.20 16.39
CA THR C 3907 -12.99 37.76 15.28
C THR C 3907 -13.83 38.91 14.73
N GLY C 3908 -14.37 39.75 15.63
CA GLY C 3908 -15.19 40.86 15.17
C GLY C 3908 -14.41 41.92 14.42
N ASN C 3909 -13.20 42.23 14.88
CA ASN C 3909 -12.40 43.30 14.29
C ASN C 3909 -11.94 42.92 12.89
N THR C 3910 -11.59 43.95 12.12
CA THR C 3910 -11.10 43.71 10.76
C THR C 3910 -9.70 43.11 10.78
N THR C 3911 -8.80 43.64 11.61
CA THR C 3911 -7.47 43.10 11.80
C THR C 3911 -7.30 42.63 13.24
N THR C 3912 -6.48 41.60 13.41
CA THR C 3912 -6.23 41.02 14.72
C THR C 3912 -4.85 41.45 15.21
N ILE C 3913 -4.80 42.00 16.42
CA ILE C 3913 -3.55 42.42 17.04
C ILE C 3913 -3.29 41.51 18.23
N ASN C 3914 -2.15 40.82 18.21
CA ASN C 3914 -1.80 39.84 19.22
C ASN C 3914 -1.11 40.56 20.37
N ILE C 3915 -1.92 40.96 21.35
CA ILE C 3915 -1.43 41.64 22.54
C ILE C 3915 -0.50 40.73 23.35
N ILE C 3916 -0.77 39.42 23.34
CA ILE C 3916 0.07 38.45 24.04
C ILE C 3916 1.49 38.47 23.49
N ILE C 3917 1.62 38.48 22.16
CA ILE C 3917 2.92 38.54 21.51
C ILE C 3917 3.59 39.87 21.80
N CYS C 3918 2.85 40.98 21.67
CA CYS C 3918 3.47 42.27 21.97
C CYS C 3918 3.86 42.42 23.45
N THR C 3919 3.21 41.67 24.32
CA THR C 3919 3.59 41.61 25.73
C THR C 3919 4.91 40.86 25.89
N VAL C 3920 5.08 39.79 25.11
CA VAL C 3920 6.34 39.06 25.14
C VAL C 3920 7.46 39.95 24.62
N ASP C 3921 7.19 40.69 23.55
CA ASP C 3921 8.18 41.57 22.94
C ASP C 3921 8.66 42.63 23.92
N TYR C 3922 7.71 43.17 24.71
CA TYR C 3922 8.11 44.11 25.76
C TYR C 3922 8.94 43.42 26.84
N LEU C 3923 8.55 42.19 27.21
CA LEU C 3923 9.29 41.46 28.24
C LEU C 3923 10.71 41.18 27.79
N LEU C 3924 10.89 40.84 26.52
CA LEU C 3924 12.20 40.64 25.93
C LEU C 3924 13.05 41.91 25.97
N ARG C 3925 12.45 43.05 25.65
CA ARG C 3925 13.18 44.31 25.73
C ARG C 3925 13.60 44.62 27.17
N LEU C 3926 12.69 44.37 28.12
CA LEU C 3926 12.99 44.61 29.52
C LEU C 3926 14.09 43.68 30.02
N GLN C 3927 14.04 42.41 29.60
CA GLN C 3927 15.04 41.45 30.08
C GLN C 3927 16.41 41.77 29.52
N GLU C 3928 16.48 42.25 28.27
CA GLU C 3928 17.77 42.66 27.72
C GLU C 3928 18.32 43.87 28.46
N SER C 3929 17.42 44.77 28.87
CA SER C 3929 17.84 45.96 29.59
C SER C 3929 18.37 45.61 30.99
N ILE C 3930 17.62 44.79 31.73
CA ILE C 3930 18.04 44.43 33.08
C ILE C 3930 19.30 43.56 33.04
N SER C 3931 19.43 42.69 32.03
CA SER C 3931 20.65 41.91 31.86
C SER C 3931 21.87 42.80 31.63
N ASP C 3932 21.75 43.80 30.75
CA ASP C 3932 22.84 44.74 30.54
C ASP C 3932 23.14 45.55 31.81
N PHE C 3933 22.09 45.91 32.55
CA PHE C 3933 22.26 46.62 33.82
C PHE C 3933 22.98 45.74 34.84
N TYR C 3934 22.78 44.42 34.77
CA TYR C 3934 23.58 43.53 35.61
C TYR C 3934 25.02 43.50 35.12
N TRP C 3935 25.20 43.44 33.80
CA TRP C 3935 26.54 43.36 33.22
C TRP C 3935 27.39 44.58 33.54
N TYR C 3936 26.75 45.70 33.89
CA TYR C 3936 27.52 46.89 34.22
C TYR C 3936 27.95 46.86 35.68
N TYR C 3937 27.22 46.15 36.52
CA TYR C 3937 27.57 45.96 37.93
C TYR C 3937 28.26 44.63 38.19
N SER C 3938 28.56 43.87 37.12
CA SER C 3938 29.23 42.59 37.30
C SER C 3938 30.60 42.76 37.93
N GLY C 3939 31.37 43.75 37.46
CA GLY C 3939 32.69 44.00 38.02
C GLY C 3939 32.63 44.48 39.46
N LYS C 3940 31.73 45.42 39.75
CA LYS C 3940 31.63 46.01 41.07
C LYS C 3940 31.10 45.00 42.09
N ASP C 3941 31.73 44.97 43.25
CA ASP C 3941 31.30 44.06 44.31
C ASP C 3941 30.04 44.51 45.02
N VAL C 3942 29.82 45.81 45.14
CA VAL C 3942 28.67 46.34 45.85
C VAL C 3942 27.83 47.19 44.89
N ILE C 3943 26.52 47.15 45.10
CA ILE C 3943 25.57 47.93 44.32
C ILE C 3943 25.14 49.14 45.13
N GLU C 3944 25.38 50.34 44.59
CA GLU C 3944 25.06 51.57 45.29
C GLU C 3944 23.55 51.78 45.37
N GLU C 3945 23.15 52.83 46.11
CA GLU C 3945 21.75 53.08 46.41
C GLU C 3945 20.93 53.38 45.15
N GLN C 3946 21.49 54.19 44.24
CA GLN C 3946 20.80 54.50 42.99
C GLN C 3946 20.61 53.24 42.15
N GLY C 3947 21.64 52.38 42.10
CA GLY C 3947 21.52 51.13 41.37
C GLY C 3947 20.45 50.25 41.96
N LYS C 3948 20.38 50.20 43.29
CA LYS C 3948 19.37 49.38 43.98
C LYS C 3948 17.97 49.88 43.65
N ARG C 3949 17.78 51.21 43.64
CA ARG C 3949 16.46 51.73 43.32
C ARG C 3949 16.08 51.44 41.88
N ASN C 3950 17.07 51.52 40.96
CA ASN C 3950 16.78 51.24 39.56
C ASN C 3950 16.44 49.78 39.32
N PHE C 3951 17.03 48.89 40.14
CA PHE C 3951 16.58 47.49 40.08
C PHE C 3951 15.18 47.36 40.61
N SER C 3952 14.89 47.94 41.79
CA SER C 3952 13.60 47.77 42.45
C SER C 3952 12.44 48.24 41.57
N LYS C 3953 12.63 49.37 40.89
CA LYS C 3953 11.65 49.84 39.91
C LYS C 3953 11.51 48.89 38.73
N ALA C 3954 12.64 48.40 38.18
CA ALA C 3954 12.56 47.53 37.01
C ALA C 3954 11.98 46.17 37.37
N MET C 3955 12.35 45.68 38.55
CA MET C 3955 11.90 44.38 39.02
C MET C 3955 10.43 44.40 39.33
N SER C 3956 9.92 45.49 39.92
CA SER C 3956 8.49 45.60 40.17
C SER C 3956 7.70 45.59 38.87
N VAL C 3957 8.24 46.25 37.83
CA VAL C 3957 7.58 46.21 36.52
C VAL C 3957 7.64 44.81 35.91
N ALA C 3958 8.77 44.11 36.06
CA ALA C 3958 8.87 42.74 35.57
C ALA C 3958 7.94 41.79 36.30
N LYS C 3959 7.74 42.02 37.60
CA LYS C 3959 6.76 41.26 38.37
C LYS C 3959 5.37 41.45 37.82
N GLN C 3960 5.02 42.70 37.47
CA GLN C 3960 3.69 42.96 36.93
C GLN C 3960 3.52 42.27 35.57
N VAL C 3961 4.58 42.28 34.76
CA VAL C 3961 4.51 41.66 33.43
C VAL C 3961 4.30 40.16 33.55
N PHE C 3962 5.04 39.51 34.46
CA PHE C 3962 4.85 38.07 34.67
C PHE C 3962 3.47 37.75 35.21
N ASN C 3963 2.94 38.58 36.12
CA ASN C 3963 1.58 38.37 36.61
C ASN C 3963 0.55 38.47 35.48
N SER C 3964 0.71 39.45 34.60
CA SER C 3964 -0.20 39.59 33.46
C SER C 3964 -0.07 38.42 32.49
N LEU C 3965 1.17 37.94 32.27
CA LEU C 3965 1.34 36.77 31.42
C LEU C 3965 0.76 35.53 32.05
N THR C 3966 0.76 35.45 33.38
CA THR C 3966 0.14 34.33 34.07
C THR C 3966 -1.36 34.35 33.82
N GLU C 3967 -1.96 35.54 33.92
CA GLU C 3967 -3.40 35.67 33.75
C GLU C 3967 -3.84 35.45 32.32
N TYR C 3968 -2.92 35.59 31.36
CA TYR C 3968 -3.31 35.36 29.96
C TYR C 3968 -3.51 33.88 29.69
N ILE C 3969 -2.80 33.01 30.40
CA ILE C 3969 -2.81 31.59 30.11
C ILE C 3969 -3.56 30.77 31.15
N GLN C 3970 -3.85 31.31 32.33
CA GLN C 3970 -4.56 30.51 33.30
C GLN C 3970 -6.00 30.27 32.85
N GLY C 3971 -6.57 29.17 33.34
CA GLY C 3971 -7.93 28.79 33.00
C GLY C 3971 -8.13 27.33 32.57
N PRO C 3972 -7.25 26.72 31.73
CA PRO C 3972 -6.20 27.26 30.85
C PRO C 3972 -6.74 27.73 29.50
N CYS C 3973 -6.06 28.67 28.86
CA CYS C 3973 -6.43 29.14 27.52
C CYS C 3973 -5.47 28.47 26.54
N THR C 3974 -5.95 27.44 25.84
CA THR C 3974 -5.10 26.67 24.94
C THR C 3974 -4.55 27.51 23.80
N GLY C 3975 -5.31 28.53 23.37
CA GLY C 3975 -4.84 29.41 22.31
C GLY C 3975 -3.62 30.19 22.74
N ASN C 3976 -3.68 30.76 23.95
CA ASN C 3976 -2.55 31.53 24.44
C ASN C 3976 -1.37 30.63 24.76
N GLN C 3977 -1.64 29.40 25.24
CA GLN C 3977 -0.55 28.48 25.53
C GLN C 3977 0.21 28.11 24.26
N GLN C 3978 -0.51 27.85 23.16
CA GLN C 3978 0.19 27.61 21.89
C GLN C 3978 0.84 28.87 21.36
N SER C 3979 0.31 30.05 21.69
CA SER C 3979 0.90 31.29 21.21
C SER C 3979 2.22 31.54 21.93
N LEU C 3980 2.24 31.34 23.25
CA LEU C 3980 3.46 31.57 24.00
C LEU C 3980 4.49 30.51 23.66
N ALA C 3981 4.03 29.28 23.39
CA ALA C 3981 4.96 28.22 23.03
C ALA C 3981 5.64 28.54 21.71
N HIS C 3982 4.87 29.06 20.74
CA HIS C 3982 5.44 29.46 19.46
C HIS C 3982 5.96 30.88 19.46
N SER C 3983 6.10 31.50 20.63
CA SER C 3983 6.58 32.86 20.72
C SER C 3983 8.05 32.91 21.10
N ARG C 3984 8.54 34.13 21.32
CA ARG C 3984 9.92 34.39 21.75
C ARG C 3984 10.06 34.49 23.25
N LEU C 3985 9.16 33.85 24.01
CA LEU C 3985 9.19 33.92 25.45
C LEU C 3985 10.40 33.21 26.05
N TRP C 3986 10.84 32.12 25.41
CA TRP C 3986 11.92 31.29 25.92
C TRP C 3986 13.23 32.04 26.07
N ASP C 3987 13.58 32.87 25.09
CA ASP C 3987 14.83 33.64 25.16
C ASP C 3987 14.84 34.59 26.35
N ALA C 3988 13.69 35.22 26.62
CA ALA C 3988 13.55 36.06 27.80
C ALA C 3988 13.61 35.25 29.08
N VAL C 3989 13.11 34.01 29.03
CA VAL C 3989 13.15 33.15 30.21
C VAL C 3989 14.58 32.76 30.53
N VAL C 3990 15.34 32.35 29.51
CA VAL C 3990 16.73 31.94 29.70
C VAL C 3990 17.55 33.12 30.22
N GLY C 3991 17.32 34.30 29.64
CA GLY C 3991 18.05 35.48 30.05
C GLY C 3991 17.77 35.82 31.50
N PHE C 3992 16.50 35.72 31.91
CA PHE C 3992 16.14 35.98 33.30
C PHE C 3992 16.80 34.99 34.24
N LEU C 3993 16.82 33.70 33.88
CA LEU C 3993 17.46 32.67 34.69
C LEU C 3993 18.95 32.95 34.90
N HIS C 3994 19.63 33.31 33.80
CA HIS C 3994 21.04 33.71 33.87
C HIS C 3994 21.24 34.92 34.77
N VAL C 3995 20.31 35.88 34.70
CA VAL C 3995 20.39 37.05 35.58
C VAL C 3995 20.15 36.65 37.03
N PHE C 3996 19.18 35.74 37.26
CA PHE C 3996 18.80 35.31 38.61
C PHE C 3996 19.97 34.67 39.32
N ALA C 3997 20.69 33.78 38.63
CA ALA C 3997 21.72 32.96 39.26
C ALA C 3997 22.80 33.85 39.83
N HIS C 3998 23.51 34.53 38.93
CA HIS C 3998 24.64 35.35 39.31
C HIS C 3998 24.21 36.48 40.24
N MET C 3999 22.95 36.94 40.12
CA MET C 3999 22.54 38.04 40.98
C MET C 3999 22.34 37.52 42.41
N MET C 4000 21.81 36.30 42.57
CA MET C 4000 21.65 35.75 43.92
C MET C 4000 22.99 35.52 44.58
N MET C 4001 23.97 34.95 43.84
CA MET C 4001 25.29 34.78 44.44
C MET C 4001 25.92 36.12 44.80
N LYS C 4002 25.80 37.12 43.92
CA LYS C 4002 26.40 38.42 44.19
C LYS C 4002 25.74 39.12 45.38
N LEU C 4003 24.42 39.07 45.47
CA LEU C 4003 23.68 39.73 46.55
C LEU C 4003 23.70 38.96 47.85
N ALA C 4004 24.11 37.70 47.84
CA ALA C 4004 24.19 36.95 49.08
C ALA C 4004 25.50 37.18 49.82
N GLN C 4005 26.43 37.92 49.23
CA GLN C 4005 27.73 38.17 49.85
C GLN C 4005 27.68 39.21 50.95
N ASP C 4006 26.57 39.96 51.07
CA ASP C 4006 26.50 41.05 52.03
C ASP C 4006 25.05 41.23 52.47
N SER C 4007 24.90 41.90 53.61
CA SER C 4007 23.60 42.12 54.24
C SER C 4007 22.95 43.44 53.83
N SER C 4008 23.57 44.20 52.93
CA SER C 4008 23.01 45.47 52.50
C SER C 4008 22.08 45.34 51.31
N GLN C 4009 21.94 44.15 50.73
CA GLN C 4009 21.08 43.95 49.58
C GLN C 4009 20.07 42.84 49.82
N ILE C 4010 19.64 42.70 51.07
CA ILE C 4010 18.62 41.71 51.40
C ILE C 4010 17.28 42.09 50.77
N GLU C 4011 16.99 43.40 50.70
CA GLU C 4011 15.74 43.87 50.09
C GLU C 4011 15.68 43.49 48.63
N LEU C 4012 16.77 43.77 47.90
CA LEU C 4012 16.83 43.46 46.47
C LEU C 4012 16.73 41.95 46.27
N LEU C 4013 17.42 41.19 47.12
CA LEU C 4013 17.44 39.74 46.92
C LEU C 4013 16.07 39.13 47.20
N LYS C 4014 15.36 39.61 48.23
CA LYS C 4014 14.02 39.06 48.47
C LYS C 4014 13.03 39.47 47.38
N GLU C 4015 13.18 40.68 46.81
CA GLU C 4015 12.37 40.97 45.63
C GLU C 4015 12.76 40.10 44.44
N LEU C 4016 14.02 39.67 44.37
CA LEU C 4016 14.40 38.71 43.34
C LEU C 4016 13.70 37.39 43.56
N LEU C 4017 13.58 36.97 44.82
CA LEU C 4017 12.96 35.69 45.13
C LEU C 4017 11.49 35.71 44.75
N ASP C 4018 10.76 36.77 45.13
CA ASP C 4018 9.35 36.81 44.77
C ASP C 4018 9.14 37.02 43.26
N LEU C 4019 10.10 37.68 42.58
CA LEU C 4019 9.98 37.84 41.14
C LEU C 4019 10.13 36.51 40.43
N GLN C 4020 11.16 35.75 40.79
CA GLN C 4020 11.32 34.45 40.16
C GLN C 4020 10.26 33.48 40.62
N LYS C 4021 9.67 33.68 41.81
CA LYS C 4021 8.52 32.89 42.20
C LYS C 4021 7.33 33.15 41.28
N ASP C 4022 7.05 34.42 40.94
CA ASP C 4022 6.00 34.68 39.97
C ASP C 4022 6.38 34.27 38.55
N MET C 4023 7.67 34.03 38.33
CA MET C 4023 8.10 33.55 37.02
C MET C 4023 7.88 32.06 36.91
N VAL C 4024 8.32 31.29 37.90
CA VAL C 4024 8.10 29.85 37.87
C VAL C 4024 6.61 29.54 37.94
N VAL C 4025 5.83 30.36 38.67
CA VAL C 4025 4.37 30.22 38.66
C VAL C 4025 3.82 30.40 37.25
N MET C 4026 4.33 31.39 36.50
CA MET C 4026 3.97 31.53 35.09
C MET C 4026 4.38 30.30 34.27
N LEU C 4027 5.56 29.76 34.55
CA LEU C 4027 6.00 28.55 33.85
C LEU C 4027 5.09 27.36 34.14
N LEU C 4028 4.66 27.22 35.39
CA LEU C 4028 3.70 26.16 35.73
C LEU C 4028 2.39 26.37 35.00
N SER C 4029 1.94 27.63 34.92
CA SER C 4029 0.69 27.95 34.26
C SER C 4029 0.77 27.62 32.77
N LEU C 4030 1.97 27.67 32.20
CA LEU C 4030 2.15 27.27 30.81
C LEU C 4030 1.91 25.78 30.61
N LEU C 4031 2.14 24.99 31.65
CA LEU C 4031 2.07 23.53 31.57
C LEU C 4031 0.70 22.97 31.93
N GLU C 4032 -0.28 23.82 32.19
CA GLU C 4032 -1.62 23.36 32.54
C GLU C 4032 -2.24 22.60 31.38
N GLY C 4033 -2.64 21.36 31.62
CA GLY C 4033 -3.28 20.54 30.60
C GLY C 4033 -2.41 20.20 29.41
N ASN C 4034 -1.17 19.80 29.66
CA ASN C 4034 -0.28 19.38 28.59
C ASN C 4034 -0.28 17.87 28.47
N VAL C 4035 -0.28 17.37 27.23
CA VAL C 4035 -0.29 15.94 26.99
C VAL C 4035 1.12 15.39 27.15
N VAL C 4036 1.24 14.06 27.22
CA VAL C 4036 2.55 13.42 27.21
C VAL C 4036 3.23 13.72 25.89
N ASN C 4037 4.54 14.04 25.96
CA ASN C 4037 5.32 14.55 24.81
C ASN C 4037 4.68 15.80 24.24
N GLY C 4038 4.18 16.65 25.13
CA GLY C 4038 3.55 17.89 24.72
C GLY C 4038 4.52 18.80 23.99
N MET C 4039 3.99 19.45 22.94
CA MET C 4039 4.78 20.32 22.09
C MET C 4039 5.36 21.49 22.88
N ILE C 4040 4.54 22.10 23.75
CA ILE C 4040 5.01 23.20 24.59
C ILE C 4040 6.04 22.69 25.61
N ALA C 4041 5.83 21.47 26.11
CA ALA C 4041 6.75 20.90 27.08
C ALA C 4041 8.10 20.63 26.44
N ARG C 4042 8.12 20.32 25.15
CA ARG C 4042 9.40 20.06 24.49
C ARG C 4042 10.25 21.33 24.43
N GLN C 4043 9.63 22.47 24.11
CA GLN C 4043 10.39 23.72 24.15
C GLN C 4043 10.79 24.07 25.58
N MET C 4044 9.97 23.68 26.56
CA MET C 4044 10.35 23.91 27.96
C MET C 4044 11.61 23.11 28.32
N VAL C 4045 11.69 21.88 27.81
CA VAL C 4045 12.89 21.06 27.99
C VAL C 4045 14.08 21.68 27.28
N ASP C 4046 13.91 22.09 26.02
CA ASP C 4046 14.99 22.73 25.27
C ASP C 4046 15.46 24.02 25.92
N MET C 4047 14.53 24.78 26.51
CA MET C 4047 14.85 25.92 27.36
C MET C 4047 15.76 25.54 28.51
N LEU C 4048 15.39 24.48 29.23
CA LEU C 4048 16.18 24.08 30.39
C LEU C 4048 17.55 23.57 29.97
N VAL C 4049 17.62 22.86 28.85
CA VAL C 4049 18.90 22.37 28.34
C VAL C 4049 19.79 23.53 27.93
N GLU C 4050 19.22 24.54 27.26
CA GLU C 4050 19.99 25.72 26.88
C GLU C 4050 20.50 26.47 28.10
N SER C 4051 19.67 26.59 29.14
CA SER C 4051 20.08 27.24 30.39
C SER C 4051 20.45 26.23 31.45
N SER C 4052 21.08 25.11 31.06
CA SER C 4052 21.40 24.02 31.98
C SER C 4052 22.33 24.44 33.11
N SER C 4053 23.38 25.19 32.78
CA SER C 4053 24.32 25.65 33.80
C SER C 4053 23.66 26.61 34.78
N ASN C 4054 22.80 27.50 34.27
CA ASN C 4054 22.16 28.50 35.11
C ASN C 4054 21.17 27.85 36.07
N VAL C 4055 20.29 26.97 35.56
CA VAL C 4055 19.26 26.37 36.41
C VAL C 4055 19.89 25.43 37.43
N GLU C 4056 20.98 24.75 37.04
CA GLU C 4056 21.72 23.93 37.98
C GLU C 4056 22.32 24.77 39.09
N MET C 4057 22.91 25.91 38.75
CA MET C 4057 23.49 26.75 39.79
C MET C 4057 22.43 27.53 40.59
N ILE C 4058 21.19 27.62 40.07
CA ILE C 4058 20.03 28.03 40.87
C ILE C 4058 19.75 27.00 41.95
N LEU C 4059 19.56 25.75 41.54
CA LEU C 4059 19.25 24.70 42.49
C LEU C 4059 20.41 24.49 43.44
N LYS C 4060 21.64 24.58 42.92
CA LYS C 4060 22.85 24.48 43.71
C LYS C 4060 22.93 25.57 44.76
N PHE C 4061 22.29 26.73 44.51
CA PHE C 4061 22.20 27.75 45.54
C PHE C 4061 21.13 27.41 46.57
N PHE C 4062 20.05 26.77 46.12
CA PHE C 4062 18.92 26.52 47.01
C PHE C 4062 19.20 25.40 48.00
N ASP C 4063 19.60 24.23 47.47
CA ASP C 4063 19.85 23.08 48.34
C ASP C 4063 20.99 23.33 49.31
N MET C 4064 21.98 24.13 48.91
CA MET C 4064 23.12 24.36 49.78
C MET C 4064 22.75 25.17 51.03
N PHE C 4065 21.61 25.87 51.02
CA PHE C 4065 20.99 26.37 52.25
C PHE C 4065 20.05 25.39 52.93
N LEU C 4066 19.26 24.65 52.16
CA LEU C 4066 18.32 23.70 52.78
C LEU C 4066 19.04 22.54 53.46
N LYS C 4067 20.01 21.96 52.77
CA LYS C 4067 20.81 20.87 53.32
C LYS C 4067 21.60 21.32 54.54
N LEU C 4068 22.22 22.50 54.45
CA LEU C 4068 23.03 22.97 55.56
C LEU C 4068 22.17 23.39 56.75
N LYS C 4069 20.87 23.63 56.53
CA LYS C 4069 19.95 23.94 57.64
C LYS C 4069 19.95 22.83 58.68
N ASP C 4070 20.13 21.58 58.25
CA ASP C 4070 20.27 20.45 59.15
C ASP C 4070 21.73 20.07 59.38
N ILE C 4071 22.61 20.26 58.38
CA ILE C 4071 24.02 19.88 58.49
C ILE C 4071 24.71 20.69 59.60
N VAL C 4072 24.23 21.92 59.87
CA VAL C 4072 24.75 22.69 61.01
C VAL C 4072 24.53 21.96 62.35
N GLY C 4073 23.52 21.09 62.43
CA GLY C 4073 23.34 20.23 63.56
C GLY C 4073 23.85 18.81 63.41
N SER C 4074 24.49 18.49 62.28
CA SER C 4074 25.03 17.16 62.04
C SER C 4074 26.16 16.87 63.02
N GLU C 4075 26.27 15.59 63.41
CA GLU C 4075 27.24 15.16 64.43
C GLU C 4075 28.68 15.43 64.03
N ALA C 4076 29.02 15.25 62.75
CA ALA C 4076 30.37 15.53 62.27
C ALA C 4076 30.75 17.00 62.44
N PHE C 4077 29.82 17.91 62.16
CA PHE C 4077 30.09 19.33 62.38
C PHE C 4077 30.03 19.68 63.86
N GLN C 4078 29.07 19.09 64.59
CA GLN C 4078 28.92 19.40 66.02
C GLN C 4078 30.15 18.97 66.81
N ASP C 4079 30.87 17.95 66.33
CA ASP C 4079 32.13 17.59 66.98
C ASP C 4079 33.17 18.68 66.81
N TYR C 4080 33.06 19.51 65.77
CA TYR C 4080 33.96 20.64 65.61
C TYR C 4080 33.41 21.90 66.25
N VAL C 4081 32.15 21.87 66.71
CA VAL C 4081 31.59 23.03 67.38
C VAL C 4081 32.27 23.21 68.73
N THR C 4082 32.92 24.37 68.91
CA THR C 4082 33.72 24.61 70.11
C THR C 4082 33.23 25.76 70.98
N ASP C 4083 32.49 26.72 70.44
CA ASP C 4083 32.05 27.88 71.21
C ASP C 4083 30.57 27.77 71.52
N PRO C 4084 30.17 27.76 72.80
CA PRO C 4084 28.73 27.77 73.15
C PRO C 4084 28.02 29.10 72.89
N ARG C 4085 28.70 30.11 72.36
CA ARG C 4085 28.08 31.39 72.01
C ARG C 4085 27.32 31.36 70.69
N GLY C 4086 27.19 30.19 70.06
CA GLY C 4086 26.62 30.11 68.74
C GLY C 4086 27.53 30.55 67.63
N LEU C 4087 28.82 30.72 67.90
CA LEU C 4087 29.75 31.21 66.90
C LEU C 4087 30.83 30.16 66.64
N ILE C 4088 31.50 30.29 65.48
CA ILE C 4088 32.57 29.38 65.07
C ILE C 4088 33.34 30.02 63.90
N SER C 4089 34.65 29.80 63.84
CA SER C 4089 35.55 30.49 62.91
C SER C 4089 35.41 29.95 61.49
N LYS C 4090 36.08 30.65 60.55
CA LYS C 4090 36.05 30.27 59.14
C LYS C 4090 36.78 28.95 58.91
N LYS C 4091 38.00 28.84 59.46
CA LYS C 4091 38.81 27.65 59.23
C LYS C 4091 38.16 26.42 59.85
N ASP C 4092 37.39 26.62 60.92
CA ASP C 4092 36.71 25.48 61.53
C ASP C 4092 35.57 25.00 60.63
N PHE C 4093 34.95 25.91 59.89
CA PHE C 4093 34.00 25.51 58.86
C PHE C 4093 34.70 24.68 57.81
N GLN C 4094 35.88 25.17 57.37
CA GLN C 4094 36.61 24.51 56.29
C GLN C 4094 37.02 23.10 56.69
N LYS C 4095 37.41 22.91 57.95
CA LYS C 4095 37.84 21.61 58.44
C LYS C 4095 36.68 20.80 59.04
N ALA C 4096 35.46 21.31 59.00
CA ALA C 4096 34.31 20.60 59.55
C ALA C 4096 33.31 20.15 58.51
N MET C 4097 32.97 21.00 57.54
CA MET C 4097 32.02 20.62 56.50
C MET C 4097 32.54 19.50 55.60
N ASP C 4098 33.86 19.46 55.36
CA ASP C 4098 34.43 18.39 54.54
C ASP C 4098 34.30 17.01 55.18
N SER C 4099 34.10 16.94 56.50
CA SER C 4099 33.84 15.69 57.18
C SER C 4099 32.50 15.08 56.78
N GLN C 4100 31.57 15.88 56.25
CA GLN C 4100 30.31 15.33 55.74
C GLN C 4100 30.48 14.61 54.42
N LYS C 4101 31.60 14.83 53.71
CA LYS C 4101 31.89 14.27 52.38
C LYS C 4101 30.76 14.59 51.39
N GLN C 4102 30.26 15.82 51.46
CA GLN C 4102 29.13 16.26 50.64
C GLN C 4102 29.36 17.62 50.01
N PHE C 4103 30.55 18.20 50.17
CA PHE C 4103 30.79 19.57 49.72
C PHE C 4103 32.07 19.65 48.90
N THR C 4104 32.08 20.57 47.94
CA THR C 4104 33.22 20.83 47.08
C THR C 4104 33.81 22.20 47.41
N GLY C 4105 35.07 22.38 47.00
CA GLY C 4105 35.86 23.57 47.29
C GLY C 4105 35.26 24.93 46.96
N PRO C 4106 34.97 25.20 45.67
CA PRO C 4106 34.51 26.55 45.29
C PRO C 4106 33.24 26.97 46.02
N GLU C 4107 32.32 26.04 46.25
CA GLU C 4107 31.11 26.43 46.97
C GLU C 4107 31.31 26.38 48.48
N ILE C 4108 32.35 25.71 48.97
CA ILE C 4108 32.71 25.90 50.38
C ILE C 4108 33.20 27.32 50.61
N GLN C 4109 34.04 27.82 49.70
CA GLN C 4109 34.49 29.21 49.74
C GLN C 4109 33.32 30.18 49.58
N PHE C 4110 32.39 29.86 48.67
CA PHE C 4110 31.18 30.65 48.49
C PHE C 4110 30.31 30.68 49.76
N LEU C 4111 30.16 29.53 50.41
CA LEU C 4111 29.40 29.45 51.65
C LEU C 4111 30.07 30.24 52.76
N LEU C 4112 31.41 30.16 52.82
CA LEU C 4112 32.19 30.90 53.81
C LEU C 4112 32.00 32.39 53.63
N SER C 4113 32.05 32.86 52.37
CA SER C 4113 31.92 34.28 52.12
C SER C 4113 30.50 34.75 52.44
N CYS C 4114 29.50 33.94 52.06
CA CYS C 4114 28.11 34.28 52.34
C CYS C 4114 27.80 34.34 53.83
N SER C 4115 28.51 33.53 54.62
CA SER C 4115 28.31 33.52 56.07
C SER C 4115 28.64 34.89 56.66
N GLU C 4116 27.82 35.32 57.62
CA GLU C 4116 27.94 36.64 58.20
C GLU C 4116 29.13 36.74 59.14
N ALA C 4117 30.33 36.72 58.57
CA ALA C 4117 31.54 36.86 59.37
C ALA C 4117 31.61 38.25 59.97
N ASP C 4118 31.94 38.31 61.26
CA ASP C 4118 32.03 39.58 61.98
C ASP C 4118 33.43 40.13 61.79
N GLU C 4119 33.76 41.21 62.52
CA GLU C 4119 35.10 41.77 62.47
C GLU C 4119 36.14 40.83 63.08
N ASN C 4120 35.72 39.89 63.93
CA ASN C 4120 36.65 38.95 64.56
C ASN C 4120 36.82 37.66 63.76
N GLU C 4121 36.18 37.55 62.59
CA GLU C 4121 36.08 36.31 61.81
C GLU C 4121 35.48 35.17 62.63
N MET C 4122 34.56 35.50 63.52
CA MET C 4122 33.96 34.56 64.46
C MET C 4122 32.49 34.51 64.02
N ILE C 4123 32.19 33.59 63.11
CA ILE C 4123 30.96 33.66 62.31
C ILE C 4123 29.77 33.25 63.16
N ASN C 4124 28.69 34.02 63.08
CA ASN C 4124 27.39 33.67 63.67
C ASN C 4124 26.60 32.95 62.59
N PHE C 4125 26.53 31.62 62.70
CA PHE C 4125 25.82 30.78 61.74
C PHE C 4125 24.40 30.46 62.19
N GLU C 4126 23.96 30.98 63.33
CA GLU C 4126 22.61 30.72 63.81
C GLU C 4126 21.54 31.33 62.90
N GLU C 4127 21.74 32.57 62.47
CA GLU C 4127 20.77 33.20 61.58
C GLU C 4127 21.17 33.13 60.12
N PHE C 4128 22.40 32.66 59.83
CA PHE C 4128 22.90 32.53 58.47
C PHE C 4128 22.01 31.61 57.66
N ALA C 4129 21.70 30.43 58.20
CA ALA C 4129 20.83 29.50 57.47
C ALA C 4129 19.40 30.01 57.46
N ASN C 4130 18.90 30.44 58.63
CA ASN C 4130 17.49 30.80 58.81
C ASN C 4130 17.11 32.13 58.14
N ARG C 4131 18.06 32.82 57.49
CA ARG C 4131 17.76 34.10 56.87
C ARG C 4131 16.76 33.96 55.72
N PHE C 4132 16.96 32.96 54.86
CA PHE C 4132 16.17 32.78 53.65
C PHE C 4132 15.30 31.53 53.63
N GLN C 4133 15.22 30.77 54.74
CA GLN C 4133 14.54 29.48 54.72
C GLN C 4133 13.06 29.61 54.35
N GLU C 4134 12.42 30.70 54.78
CA GLU C 4134 11.00 30.87 54.49
C GLU C 4134 10.74 31.21 53.02
N PRO C 4135 11.33 32.27 52.42
CA PRO C 4135 10.99 32.53 51.01
C PRO C 4135 11.55 31.52 50.02
N ALA C 4136 12.78 31.05 50.20
CA ALA C 4136 13.41 30.15 49.25
C ALA C 4136 12.79 28.75 49.18
N ARG C 4137 11.97 28.39 50.16
CA ARG C 4137 11.30 27.09 50.12
C ARG C 4137 10.22 27.07 49.06
N ASP C 4138 9.51 28.18 48.90
CA ASP C 4138 8.43 28.27 47.93
C ASP C 4138 8.94 28.12 46.50
N ILE C 4139 10.04 28.83 46.18
CA ILE C 4139 10.63 28.71 44.85
C ILE C 4139 11.21 27.32 44.66
N GLY C 4140 11.81 26.75 45.71
CA GLY C 4140 12.37 25.40 45.59
C GLY C 4140 11.30 24.36 45.31
N PHE C 4141 10.11 24.57 45.89
CA PHE C 4141 9.03 23.64 45.65
C PHE C 4141 8.49 23.83 44.24
N ASN C 4142 8.33 25.08 43.80
CA ASN C 4142 7.74 25.33 42.50
C ASN C 4142 8.64 24.80 41.39
N VAL C 4143 9.96 24.96 41.53
CA VAL C 4143 10.86 24.38 40.53
C VAL C 4143 10.86 22.87 40.63
N ALA C 4144 10.63 22.31 41.83
CA ALA C 4144 10.50 20.86 41.96
C ALA C 4144 9.26 20.36 41.23
N VAL C 4145 8.14 21.10 41.34
CA VAL C 4145 6.92 20.77 40.60
C VAL C 4145 7.15 20.86 39.11
N LEU C 4146 7.85 21.91 38.66
CA LEU C 4146 8.14 22.11 37.25
C LEU C 4146 8.98 20.98 36.69
N LEU C 4147 10.01 20.56 37.42
CA LEU C 4147 10.85 19.44 37.01
C LEU C 4147 10.10 18.13 37.02
N THR C 4148 9.26 17.91 38.05
CA THR C 4148 8.48 16.67 38.11
C THR C 4148 7.48 16.59 36.98
N ASN C 4149 6.83 17.71 36.67
CA ASN C 4149 5.85 17.77 35.60
C ASN C 4149 6.51 17.47 34.26
N LEU C 4150 7.70 18.07 34.02
CA LEU C 4150 8.39 17.82 32.77
C LEU C 4150 8.86 16.38 32.67
N SER C 4151 9.38 15.83 33.78
CA SER C 4151 9.90 14.47 33.76
C SER C 4151 8.78 13.47 33.49
N GLU C 4152 7.61 13.70 34.08
CA GLU C 4152 6.52 12.76 33.90
C GLU C 4152 5.87 12.89 32.53
N HIS C 4153 5.77 14.11 31.99
CA HIS C 4153 5.13 14.27 30.70
C HIS C 4153 6.08 14.10 29.52
N VAL C 4154 7.39 14.09 29.75
CA VAL C 4154 8.39 13.84 28.72
C VAL C 4154 9.29 12.73 29.25
N PRO C 4155 8.88 11.48 29.21
CA PRO C 4155 9.67 10.43 29.87
C PRO C 4155 10.81 9.90 29.01
N HIS C 4156 10.69 10.00 27.69
CA HIS C 4156 11.64 9.40 26.76
C HIS C 4156 12.68 10.39 26.26
N ASP C 4157 13.07 11.37 27.09
CA ASP C 4157 14.09 12.32 26.70
C ASP C 4157 15.34 12.12 27.54
N PRO C 4158 16.38 11.47 27.00
CA PRO C 4158 17.63 11.29 27.75
C PRO C 4158 18.31 12.59 28.12
N ARG C 4159 18.11 13.62 27.29
CA ARG C 4159 18.70 14.93 27.57
C ARG C 4159 18.07 15.49 28.84
N LEU C 4160 16.76 15.31 28.98
CA LEU C 4160 16.06 15.73 30.19
C LEU C 4160 16.47 14.90 31.39
N ARG C 4161 16.80 13.62 31.17
CA ARG C 4161 17.18 12.73 32.28
C ARG C 4161 18.41 13.19 33.04
N ASN C 4162 19.27 14.00 32.43
CA ASN C 4162 20.45 14.53 33.10
C ASN C 4162 20.07 15.43 34.27
N PHE C 4163 19.02 16.23 34.11
CA PHE C 4163 18.63 17.19 35.13
C PHE C 4163 18.10 16.53 36.38
N LEU C 4164 17.60 15.30 36.26
CA LEU C 4164 17.11 14.58 37.43
C LEU C 4164 18.24 14.36 38.42
N GLU C 4165 19.35 13.76 37.96
CA GLU C 4165 20.51 13.60 38.85
C GLU C 4165 21.17 14.93 39.18
N LEU C 4166 21.02 15.94 38.32
CA LEU C 4166 21.49 17.27 38.69
C LEU C 4166 20.66 17.89 39.82
N ALA C 4167 19.43 17.43 40.00
CA ALA C 4167 18.51 18.01 40.97
C ALA C 4167 18.00 17.03 42.01
N GLU C 4168 18.65 15.88 42.19
CA GLU C 4168 18.19 14.89 43.18
C GLU C 4168 18.19 15.42 44.60
N SER C 4169 19.02 16.41 44.93
CA SER C 4169 19.01 16.99 46.26
C SER C 4169 17.68 17.65 46.57
N ILE C 4170 17.13 18.38 45.60
CA ILE C 4170 15.90 19.12 45.88
C ILE C 4170 14.67 18.26 45.66
N LEU C 4171 14.69 17.32 44.70
CA LEU C 4171 13.55 16.42 44.54
C LEU C 4171 13.40 15.53 45.76
N GLU C 4172 14.51 14.95 46.24
CA GLU C 4172 14.43 14.14 47.44
C GLU C 4172 14.11 14.98 48.68
N TYR C 4173 14.48 16.27 48.67
CA TYR C 4173 14.09 17.10 49.80
C TYR C 4173 12.59 17.39 49.79
N PHE C 4174 11.99 17.51 48.61
CA PHE C 4174 10.59 17.86 48.52
C PHE C 4174 9.69 16.68 48.19
N ARG C 4175 10.22 15.46 48.24
CA ARG C 4175 9.42 14.26 48.03
C ARG C 4175 8.27 14.11 49.04
N PRO C 4176 8.44 14.30 50.37
CA PRO C 4176 7.28 14.13 51.27
C PRO C 4176 6.16 15.15 51.08
N TYR C 4177 6.33 16.19 50.25
CA TYR C 4177 5.32 17.24 50.15
C TYR C 4177 4.63 17.27 48.80
N LEU C 4178 5.19 16.63 47.78
CA LEU C 4178 4.63 16.69 46.44
C LEU C 4178 3.40 15.81 46.37
N GLY C 4179 2.21 16.39 46.24
CA GLY C 4179 1.01 15.61 46.14
C GLY C 4179 0.50 15.70 44.72
N ARG C 4180 0.30 14.54 44.11
CA ARG C 4180 -0.16 14.51 42.74
C ARG C 4180 -1.51 13.78 42.71
N ILE C 4181 -2.46 14.37 42.02
CA ILE C 4181 -3.74 13.73 41.79
C ILE C 4181 -3.96 13.66 40.30
N GLU C 4182 -4.93 12.85 39.89
CA GLU C 4182 -5.36 12.85 38.50
C GLU C 4182 -6.84 13.16 38.45
N ILE C 4183 -7.21 14.20 37.72
CA ILE C 4183 -8.59 14.62 37.57
C ILE C 4183 -9.02 14.54 36.11
N MET C 4184 -10.16 13.90 35.86
CA MET C 4184 -10.75 14.02 34.54
C MET C 4184 -11.13 15.48 34.38
N GLY C 4185 -10.78 16.09 33.25
CA GLY C 4185 -10.95 17.54 33.25
C GLY C 4185 -11.77 18.15 32.16
N ALA C 4186 -11.67 19.49 32.05
CA ALA C 4186 -12.45 20.25 31.08
C ALA C 4186 -12.10 19.82 29.66
N SER C 4187 -10.82 19.52 29.43
CA SER C 4187 -10.30 19.15 28.11
C SER C 4187 -10.91 17.86 27.58
N ARG C 4188 -11.53 17.05 28.49
CA ARG C 4188 -12.15 15.73 28.34
C ARG C 4188 -11.10 14.66 28.50
N ARG C 4189 -9.92 15.03 29.00
CA ARG C 4189 -8.81 14.10 29.17
C ARG C 4189 -8.26 14.24 30.58
N ILE C 4190 -7.74 13.12 31.10
CA ILE C 4190 -7.24 13.07 32.47
C ILE C 4190 -5.94 13.86 32.58
N GLU C 4191 -5.82 14.63 33.66
CA GLU C 4191 -4.66 15.50 33.82
C GLU C 4191 -4.17 15.44 35.27
N ARG C 4192 -2.87 15.65 35.45
CA ARG C 4192 -2.22 15.59 36.75
C ARG C 4192 -2.08 16.96 37.40
N ILE C 4193 -2.53 17.05 38.65
CA ILE C 4193 -2.40 18.26 39.46
C ILE C 4193 -1.34 18.02 40.54
N TYR C 4194 -0.51 19.05 40.80
CA TYR C 4194 0.55 19.02 41.81
C TYR C 4194 0.27 20.10 42.85
N PHE C 4195 0.37 19.71 44.12
CA PHE C 4195 0.04 20.54 45.28
C PHE C 4195 0.95 20.25 46.46
N GLU C 4196 0.81 21.10 47.49
CA GLU C 4196 1.60 21.04 48.73
C GLU C 4196 0.90 20.25 49.80
N ILE C 4197 1.59 19.27 50.35
CA ILE C 4197 1.09 18.56 51.51
C ILE C 4197 1.75 19.23 52.70
N SER C 4198 0.96 19.79 53.60
CA SER C 4198 1.54 20.43 54.77
C SER C 4198 2.09 19.36 55.71
N GLU C 4199 3.18 19.72 56.41
CA GLU C 4199 3.83 18.76 57.29
C GLU C 4199 2.90 18.33 58.43
N THR C 4200 2.16 19.30 58.99
CA THR C 4200 1.25 18.99 60.09
C THR C 4200 0.14 18.09 59.61
N ASN C 4201 -0.42 18.38 58.42
CA ASN C 4201 -1.48 17.58 57.85
C ASN C 4201 -1.01 16.16 57.57
N ARG C 4202 0.22 16.03 57.06
CA ARG C 4202 0.78 14.72 56.77
C ARG C 4202 1.01 13.91 58.03
N ALA C 4203 1.53 14.54 59.10
CA ALA C 4203 1.68 13.83 60.37
C ALA C 4203 0.33 13.44 60.93
N GLN C 4204 -0.65 14.35 60.84
CA GLN C 4204 -1.95 14.09 61.44
C GLN C 4204 -2.65 13.00 60.64
N TRP C 4205 -2.27 12.83 59.37
CA TRP C 4205 -2.76 11.71 58.59
C TRP C 4205 -2.14 10.42 59.10
N GLU C 4206 -0.86 10.46 59.46
CA GLU C 4206 -0.24 9.20 59.86
C GLU C 4206 -0.65 8.81 61.29
N MET C 4207 -1.36 9.68 62.00
CA MET C 4207 -1.76 9.40 63.39
C MET C 4207 -2.69 8.19 63.45
N PRO C 4208 -2.61 7.38 64.52
CA PRO C 4208 -3.40 6.13 64.57
C PRO C 4208 -4.91 6.30 64.63
N GLN C 4209 -5.42 7.35 65.29
CA GLN C 4209 -6.86 7.59 65.31
C GLN C 4209 -7.40 7.88 63.91
N VAL C 4210 -6.67 8.68 63.13
CA VAL C 4210 -7.14 9.03 61.80
C VAL C 4210 -7.09 7.79 60.91
N LYS C 4211 -6.04 6.96 61.09
CA LYS C 4211 -5.91 5.72 60.32
C LYS C 4211 -7.04 4.76 60.65
N GLU C 4212 -7.46 4.71 61.92
CA GLU C 4212 -8.61 3.89 62.28
C GLU C 4212 -9.88 4.42 61.64
N SER C 4213 -10.03 5.75 61.59
CA SER C 4213 -11.17 6.36 60.93
C SER C 4213 -11.20 5.97 59.46
N LYS C 4214 -10.03 5.97 58.83
CA LYS C 4214 -9.90 5.54 57.43
C LYS C 4214 -10.28 4.08 57.26
N ARG C 4215 -9.85 3.23 58.19
CA ARG C 4215 -10.12 1.79 58.08
C ARG C 4215 -11.61 1.51 58.21
N GLN C 4216 -12.26 2.21 59.14
CA GLN C 4216 -13.70 2.09 59.30
C GLN C 4216 -14.42 2.60 58.06
N PHE C 4217 -13.90 3.68 57.45
CA PHE C 4217 -14.49 4.19 56.22
C PHE C 4217 -14.43 3.17 55.10
N ILE C 4218 -13.26 2.55 54.90
CA ILE C 4218 -13.10 1.63 53.77
C ILE C 4218 -13.97 0.39 53.98
N PHE C 4219 -14.05 -0.09 55.22
CA PHE C 4219 -14.92 -1.24 55.50
C PHE C 4219 -16.38 -0.90 55.28
N ASP C 4220 -16.83 0.26 55.77
CA ASP C 4220 -18.21 0.67 55.62
C ASP C 4220 -18.61 0.89 54.16
N VAL C 4221 -17.78 1.59 53.40
CA VAL C 4221 -18.03 1.81 51.98
C VAL C 4221 -18.01 0.50 51.20
N VAL C 4222 -17.02 -0.37 51.43
CA VAL C 4222 -16.92 -1.57 50.61
C VAL C 4222 -18.05 -2.54 50.94
N ASN C 4223 -18.25 -2.83 52.23
CA ASN C 4223 -19.28 -3.81 52.58
C ASN C 4223 -20.70 -3.28 52.37
N GLU C 4224 -21.01 -2.08 52.86
CA GLU C 4224 -22.39 -1.60 52.74
C GLU C 4224 -22.34 -0.29 51.96
N GLY C 4225 -22.16 -0.42 50.66
CA GLY C 4225 -21.98 0.78 49.85
C GLY C 4225 -22.26 0.46 48.41
N GLY C 4226 -22.32 1.52 47.62
CA GLY C 4226 -22.52 1.38 46.20
C GLY C 4226 -21.48 2.19 45.46
N GLU C 4227 -21.22 1.77 44.22
CA GLU C 4227 -20.29 2.49 43.36
C GLU C 4227 -20.82 3.87 43.01
N ALA C 4228 -22.15 4.00 42.81
CA ALA C 4228 -22.71 5.29 42.41
C ALA C 4228 -22.57 6.29 43.56
N GLU C 4229 -22.79 5.84 44.78
CA GLU C 4229 -22.80 6.67 45.97
C GLU C 4229 -21.39 6.81 46.54
N LYS C 4230 -20.43 6.06 45.97
CA LYS C 4230 -19.08 5.93 46.53
C LYS C 4230 -18.36 7.25 46.61
N MET C 4231 -18.35 8.03 45.52
CA MET C 4231 -17.58 9.26 45.52
C MET C 4231 -18.16 10.28 46.49
N GLU C 4232 -19.49 10.33 46.61
CA GLU C 4232 -20.13 11.22 47.57
C GLU C 4232 -19.75 10.85 48.99
N LEU C 4233 -19.76 9.54 49.28
CA LEU C 4233 -19.37 9.04 50.60
C LEU C 4233 -17.90 9.33 50.87
N PHE C 4234 -17.07 9.21 49.84
CA PHE C 4234 -15.65 9.48 49.97
C PHE C 4234 -15.42 10.94 50.31
N VAL C 4235 -16.05 11.84 49.55
CA VAL C 4235 -15.84 13.28 49.74
C VAL C 4235 -16.32 13.69 51.13
N SER C 4236 -17.43 13.09 51.59
CA SER C 4236 -17.93 13.34 52.94
C SER C 4236 -16.92 12.89 53.99
N PHE C 4237 -16.30 11.73 53.76
CA PHE C 4237 -15.25 11.24 54.67
C PHE C 4237 -14.06 12.17 54.68
N CYS C 4238 -13.66 12.68 53.52
CA CYS C 4238 -12.57 13.66 53.45
C CYS C 4238 -12.93 14.91 54.23
N GLU C 4239 -14.15 15.40 54.08
CA GLU C 4239 -14.55 16.66 54.72
C GLU C 4239 -14.53 16.51 56.24
N ASP C 4240 -15.02 15.36 56.71
CA ASP C 4240 -15.03 15.07 58.14
C ASP C 4240 -13.60 14.96 58.67
N THR C 4241 -12.72 14.35 57.88
CA THR C 4241 -11.31 14.29 58.24
C THR C 4241 -10.69 15.68 58.32
N ILE C 4242 -10.97 16.56 57.34
CA ILE C 4242 -10.38 17.89 57.32
C ILE C 4242 -10.81 18.69 58.54
N PHE C 4243 -12.08 18.52 58.94
CA PHE C 4243 -12.55 19.18 60.15
C PHE C 4243 -11.85 18.64 61.38
N GLU C 4244 -11.70 17.31 61.47
CA GLU C 4244 -11.05 16.72 62.63
C GLU C 4244 -9.57 17.12 62.72
N MET C 4245 -8.91 17.25 61.56
CA MET C 4245 -7.54 17.76 61.52
C MET C 4245 -7.45 19.21 62.01
N GLN C 4246 -8.45 20.03 61.68
CA GLN C 4246 -8.44 21.41 62.18
C GLN C 4246 -8.71 21.46 63.68
N ILE C 4247 -9.60 20.62 64.19
CA ILE C 4247 -9.82 20.54 65.63
C ILE C 4247 -8.54 20.10 66.35
N ALA C 4248 -7.86 19.09 65.81
CA ALA C 4248 -6.59 18.63 66.37
C ALA C 4248 -5.53 19.72 66.35
N ALA C 4249 -5.51 20.52 65.28
CA ALA C 4249 -4.59 21.65 65.21
C ALA C 4249 -4.90 22.68 66.28
N GLN C 4250 -6.20 22.97 66.50
CA GLN C 4250 -6.59 23.96 67.50
C GLN C 4250 -6.16 23.51 68.89
N ILE C 4251 -6.35 22.22 69.19
CA ILE C 4251 -6.09 21.73 70.54
C ILE C 4251 -4.63 21.35 70.74
N SER C 4252 -3.82 21.36 69.67
CA SER C 4252 -2.44 20.90 69.74
C SER C 4252 -1.59 21.79 70.66
N GLU C 4253 -0.55 21.19 71.21
CA GLU C 4253 0.29 21.82 72.23
C GLU C 4253 0.92 23.11 71.71
N PRO C 4254 0.92 24.19 72.50
CA PRO C 4254 1.58 25.44 72.14
C PRO C 4254 2.92 25.62 72.84
N GLY C 4542 -9.13 37.20 80.36
CA GLY C 4542 -7.86 37.45 80.99
C GLY C 4542 -7.06 36.19 81.26
N GLU C 4543 -6.37 36.17 82.41
CA GLU C 4543 -5.65 34.96 82.80
C GLU C 4543 -6.61 33.81 83.07
N LEU C 4544 -7.82 34.12 83.58
CA LEU C 4544 -8.83 33.11 83.81
C LEU C 4544 -9.22 32.44 82.50
N GLU C 4545 -9.42 33.26 81.45
CA GLU C 4545 -9.84 32.78 80.15
C GLU C 4545 -8.73 31.97 79.48
N VAL C 4546 -7.48 32.44 79.59
CA VAL C 4546 -6.35 31.69 79.03
C VAL C 4546 -6.17 30.36 79.74
N GLN C 4547 -6.34 30.34 81.07
CA GLN C 4547 -6.28 29.10 81.84
C GLN C 4547 -7.38 28.14 81.41
N ARG C 4548 -8.61 28.67 81.24
CA ARG C 4548 -9.74 27.87 80.79
C ARG C 4548 -9.43 27.23 79.45
N VAL C 4549 -8.94 28.02 78.50
CA VAL C 4549 -8.69 27.51 77.15
C VAL C 4549 -7.59 26.44 77.21
N LYS C 4550 -6.55 26.68 78.02
CA LYS C 4550 -5.41 25.77 78.12
C LYS C 4550 -5.87 24.43 78.68
N PHE C 4551 -6.68 24.50 79.73
CA PHE C 4551 -7.19 23.31 80.41
C PHE C 4551 -8.10 22.53 79.47
N LEU C 4552 -8.97 23.24 78.77
CA LEU C 4552 -9.93 22.59 77.87
C LEU C 4552 -9.21 21.89 76.72
N ASN C 4553 -8.12 22.50 76.23
CA ASN C 4553 -7.30 21.86 75.20
C ASN C 4553 -6.57 20.64 75.75
N TYR C 4554 -6.07 20.73 76.99
CA TYR C 4554 -5.42 19.59 77.61
C TYR C 4554 -6.39 18.44 77.78
N LEU C 4555 -7.62 18.74 78.22
CA LEU C 4555 -8.68 17.74 78.35
C LEU C 4555 -8.99 17.07 77.02
N SER C 4556 -9.02 17.87 75.95
CA SER C 4556 -9.30 17.31 74.62
C SER C 4556 -8.16 16.43 74.15
N ARG C 4557 -6.91 16.86 74.35
CA ARG C 4557 -5.77 16.03 73.98
C ARG C 4557 -5.68 14.76 74.82
N ASN C 4558 -6.17 14.80 76.06
CA ASN C 4558 -6.05 13.69 76.98
C ASN C 4558 -7.36 12.94 77.20
N PHE C 4559 -8.33 13.09 76.28
CA PHE C 4559 -9.64 12.49 76.44
C PHE C 4559 -9.55 10.96 76.52
N TYR C 4560 -8.70 10.35 75.69
CA TYR C 4560 -8.68 8.89 75.62
C TYR C 4560 -7.94 8.31 76.80
N THR C 4561 -6.98 9.06 77.33
CA THR C 4561 -6.32 8.66 78.57
C THR C 4561 -7.31 8.69 79.71
N LEU C 4562 -8.17 9.71 79.77
CA LEU C 4562 -9.18 9.76 80.81
C LEU C 4562 -10.19 8.63 80.63
N ARG C 4563 -10.46 8.26 79.37
CA ARG C 4563 -11.39 7.17 79.10
C ARG C 4563 -10.81 5.82 79.47
N PHE C 4564 -9.49 5.72 79.61
CA PHE C 4564 -8.91 4.46 80.03
C PHE C 4564 -8.59 4.49 81.52
N LEU C 4565 -8.40 5.69 82.06
CA LEU C 4565 -8.22 5.88 83.49
C LEU C 4565 -9.51 5.55 84.23
N ALA C 4566 -10.65 5.89 83.64
CA ALA C 4566 -11.93 5.56 84.26
C ALA C 4566 -12.17 4.06 84.29
N LEU C 4567 -11.73 3.34 83.26
CA LEU C 4567 -11.78 1.90 83.28
C LEU C 4567 -10.86 1.30 84.34
N PHE C 4568 -9.66 1.87 84.51
CA PHE C 4568 -8.77 1.42 85.57
C PHE C 4568 -9.39 1.68 86.95
N LEU C 4569 -10.05 2.82 87.11
CA LEU C 4569 -10.66 3.16 88.40
C LEU C 4569 -11.85 2.27 88.69
N ALA C 4570 -12.61 1.90 87.66
CA ALA C 4570 -13.72 0.98 87.83
C ALA C 4570 -13.23 -0.40 88.23
N PHE C 4571 -12.16 -0.88 87.60
CA PHE C 4571 -11.58 -2.15 88.01
C PHE C 4571 -11.00 -2.09 89.41
N ALA C 4572 -10.38 -0.97 89.78
CA ALA C 4572 -9.88 -0.80 91.15
C ALA C 4572 -11.00 -0.76 92.17
N ILE C 4573 -12.13 -0.14 91.85
CA ILE C 4573 -13.16 0.00 92.87
C ILE C 4573 -13.90 -1.31 92.99
N ASN C 4574 -14.03 -2.02 91.88
CA ASN C 4574 -14.64 -3.33 91.90
C ASN C 4574 -13.74 -4.34 92.61
N PHE C 4575 -12.42 -4.15 92.55
CA PHE C 4575 -11.51 -4.97 93.35
C PHE C 4575 -11.63 -4.63 94.82
N ILE C 4576 -12.03 -3.40 95.15
CA ILE C 4576 -12.20 -3.04 96.57
C ILE C 4576 -13.59 -3.48 96.99
N LEU C 4577 -14.43 -3.86 96.04
CA LEU C 4577 -15.82 -4.17 96.29
C LEU C 4577 -15.96 -5.66 96.57
N LEU C 4578 -14.86 -6.39 96.48
CA LEU C 4578 -14.81 -7.84 96.63
C LEU C 4578 -14.51 -8.25 98.06
N PHE C 4579 -14.34 -7.27 98.95
CA PHE C 4579 -14.13 -7.49 100.37
C PHE C 4579 -15.35 -7.09 101.18
N TYR C 4580 -16.51 -6.96 100.54
CA TYR C 4580 -17.70 -6.61 101.29
C TYR C 4580 -18.26 -7.82 102.02
N LYS C 4581 -19.10 -7.52 103.01
CA LYS C 4581 -19.65 -8.48 103.94
C LYS C 4581 -20.94 -7.91 104.48
N VAL C 4582 -21.78 -8.78 105.03
CA VAL C 4582 -23.02 -8.32 105.65
C VAL C 4582 -23.14 -8.93 107.04
N SER C 4583 -23.58 -8.10 107.98
CA SER C 4583 -23.86 -8.53 109.35
C SER C 4583 -25.16 -7.87 109.80
N ASP C 4584 -25.99 -8.63 110.51
CA ASP C 4584 -27.12 -8.02 111.19
C ASP C 4584 -26.64 -7.06 112.27
N SER C 4585 -25.64 -7.49 113.04
CA SER C 4585 -25.07 -6.65 114.08
C SER C 4585 -24.23 -5.54 113.45
N PRO C 4586 -24.26 -4.33 114.02
CA PRO C 4586 -23.41 -3.23 113.51
C PRO C 4586 -21.93 -3.57 113.60
N PRO C 4587 -21.12 -3.15 112.61
CA PRO C 4587 -19.67 -3.44 112.52
C PRO C 4587 -18.85 -3.08 113.76
N ASN C 4626 -35.06 -6.05 111.13
CA ASN C 4626 -33.62 -6.10 111.39
C ASN C 4626 -32.80 -5.60 110.20
N MET C 4627 -32.45 -4.32 110.24
CA MET C 4627 -31.61 -3.74 109.21
C MET C 4627 -30.22 -4.36 109.24
N VAL C 4628 -29.71 -4.70 108.07
CA VAL C 4628 -28.42 -5.35 107.93
C VAL C 4628 -27.37 -4.30 107.59
N TYR C 4629 -26.17 -4.51 108.08
CA TYR C 4629 -25.08 -3.55 107.90
C TYR C 4629 -24.11 -4.08 106.86
N TYR C 4630 -23.66 -3.19 105.97
CA TYR C 4630 -22.64 -3.54 105.00
C TYR C 4630 -21.34 -2.87 105.43
N PHE C 4631 -20.27 -3.65 105.52
CA PHE C 4631 -18.98 -3.13 105.90
C PHE C 4631 -17.86 -3.81 105.11
N LEU C 4632 -16.80 -3.05 104.85
CA LEU C 4632 -15.61 -3.64 104.27
C LEU C 4632 -14.86 -4.38 105.37
N GLU C 4633 -14.50 -5.62 105.10
CA GLU C 4633 -13.66 -6.40 106.00
C GLU C 4633 -12.26 -6.61 105.42
N GLU C 4634 -11.31 -5.84 105.92
CA GLU C 4634 -9.91 -6.05 105.55
C GLU C 4634 -9.04 -5.83 106.77
N SER C 4635 -8.00 -6.66 106.90
CA SER C 4635 -7.08 -6.52 108.01
C SER C 4635 -6.25 -5.25 107.88
N THR C 4636 -5.82 -4.93 106.65
CA THR C 4636 -4.91 -3.81 106.39
C THR C 4636 -5.47 -2.47 106.85
N GLY C 4637 -6.74 -2.21 106.57
CA GLY C 4637 -7.35 -0.94 106.90
C GLY C 4637 -7.12 0.13 105.86
N TYR C 4638 -6.32 -0.16 104.84
CA TYR C 4638 -5.98 0.74 103.75
C TYR C 4638 -7.03 0.77 102.66
N MET C 4639 -7.82 -0.29 102.56
CA MET C 4639 -8.81 -0.43 101.50
C MET C 4639 -9.94 0.59 101.58
N GLU C 4640 -10.53 0.80 102.76
CA GLU C 4640 -11.67 1.71 102.88
C GLU C 4640 -11.33 3.18 102.57
N PRO C 4641 -10.22 3.78 103.08
CA PRO C 4641 -9.87 5.14 102.63
C PRO C 4641 -9.60 5.19 101.15
N ALA C 4642 -8.91 4.17 100.64
CA ALA C 4642 -8.66 4.05 99.21
C ALA C 4642 -9.97 4.02 98.45
N LEU C 4643 -10.99 3.32 98.98
CA LEU C 4643 -12.28 3.26 98.30
C LEU C 4643 -12.92 4.64 98.23
N TRP C 4644 -12.80 5.42 99.31
CA TRP C 4644 -13.40 6.75 99.31
C TRP C 4644 -12.69 7.67 98.32
N CYS C 4645 -11.35 7.63 98.33
CA CYS C 4645 -10.56 8.45 97.43
C CYS C 4645 -10.77 8.07 95.96
N LEU C 4646 -10.80 6.77 95.68
CA LEU C 4646 -11.02 6.26 94.34
C LEU C 4646 -12.42 6.57 93.80
N SER C 4647 -13.44 6.55 94.67
CA SER C 4647 -14.77 6.95 94.22
C SER C 4647 -14.86 8.44 93.90
N LEU C 4648 -14.23 9.27 94.73
CA LEU C 4648 -14.17 10.71 94.43
C LEU C 4648 -13.38 10.97 93.15
N LEU C 4649 -12.27 10.25 92.98
CA LEU C 4649 -11.48 10.36 91.76
C LEU C 4649 -12.30 9.92 90.56
N HIS C 4650 -13.01 8.79 90.67
CA HIS C 4650 -13.79 8.25 89.56
C HIS C 4650 -14.81 9.27 89.06
N THR C 4651 -15.53 9.89 90.01
CA THR C 4651 -16.56 10.85 89.63
C THR C 4651 -15.93 12.07 88.95
N LEU C 4652 -14.75 12.48 89.44
CA LEU C 4652 -13.99 13.56 88.79
C LEU C 4652 -13.60 13.21 87.36
N VAL C 4653 -13.03 12.02 87.16
CA VAL C 4653 -12.63 11.56 85.83
C VAL C 4653 -13.83 11.45 84.90
N ALA C 4654 -14.99 11.05 85.42
CA ALA C 4654 -16.20 10.98 84.61
C ALA C 4654 -16.66 12.35 84.15
N PHE C 4655 -16.53 13.35 85.03
CA PHE C 4655 -16.86 14.72 84.63
C PHE C 4655 -15.88 15.21 83.57
N LEU C 4656 -14.59 14.97 83.80
CA LEU C 4656 -13.55 15.41 82.86
C LEU C 4656 -13.74 14.75 81.51
N CYS C 4657 -14.20 13.49 81.50
CA CYS C 4657 -14.49 12.77 80.27
C CYS C 4657 -15.61 13.42 79.48
N ILE C 4658 -16.69 13.83 80.16
CA ILE C 4658 -17.80 14.50 79.46
C ILE C 4658 -17.35 15.84 78.89
N ILE C 4659 -16.59 16.62 79.68
CA ILE C 4659 -16.12 17.92 79.20
C ILE C 4659 -15.18 17.75 78.01
N GLY C 4660 -14.22 16.82 78.12
CA GLY C 4660 -13.33 16.50 77.01
C GLY C 4660 -14.07 16.00 75.78
N TYR C 4661 -15.22 15.33 75.98
CA TYR C 4661 -16.01 14.89 74.83
C TYR C 4661 -16.69 16.05 74.15
N ASN C 4662 -17.27 16.98 74.92
CA ASN C 4662 -17.89 18.14 74.29
C ASN C 4662 -16.85 18.99 73.57
N CYS C 4663 -15.66 19.08 74.15
CA CYS C 4663 -14.56 19.81 73.53
C CYS C 4663 -14.03 19.14 72.26
N LEU C 4664 -13.96 17.81 72.22
CA LEU C 4664 -13.38 17.12 71.08
C LEU C 4664 -14.34 16.52 70.06
N LYS C 4665 -15.30 15.71 70.47
CA LYS C 4665 -16.07 14.96 69.48
C LYS C 4665 -17.44 15.54 69.19
N VAL C 4666 -17.91 16.50 69.99
CA VAL C 4666 -19.17 17.17 69.67
C VAL C 4666 -19.03 18.12 68.47
N PRO C 4667 -17.88 18.85 68.27
CA PRO C 4667 -17.78 19.67 67.03
C PRO C 4667 -17.97 18.92 65.73
N LEU C 4668 -17.45 17.70 65.61
CA LEU C 4668 -17.68 16.94 64.39
C LEU C 4668 -19.15 16.55 64.22
N VAL C 4669 -19.88 16.32 65.31
CA VAL C 4669 -21.31 16.04 65.21
C VAL C 4669 -22.07 17.27 64.72
N ILE C 4670 -21.69 18.46 65.22
CA ILE C 4670 -22.31 19.70 64.76
C ILE C 4670 -21.93 20.00 63.33
N PHE C 4671 -20.67 19.80 62.96
CA PHE C 4671 -20.24 20.01 61.59
C PHE C 4671 -20.97 19.06 60.64
N LYS C 4672 -21.14 17.80 61.05
CA LYS C 4672 -21.85 16.85 60.19
C LYS C 4672 -23.31 17.25 60.02
N ARG C 4673 -23.88 17.89 61.04
CA ARG C 4673 -25.31 18.14 60.98
C ARG C 4673 -25.57 19.43 60.23
N GLU C 4674 -24.70 20.43 60.42
CA GLU C 4674 -24.79 21.64 59.63
C GLU C 4674 -24.50 21.36 58.16
N LYS C 4675 -23.51 20.51 57.87
CA LYS C 4675 -23.19 20.20 56.48
C LYS C 4675 -24.37 19.49 55.82
N GLU C 4676 -25.02 18.56 56.54
CA GLU C 4676 -26.12 17.82 55.97
C GLU C 4676 -27.33 18.72 55.77
N LEU C 4677 -27.57 19.62 56.72
CA LEU C 4677 -28.68 20.56 56.58
C LEU C 4677 -28.43 21.53 55.42
N ALA C 4678 -27.21 22.04 55.30
CA ALA C 4678 -26.90 22.99 54.23
C ALA C 4678 -27.05 22.36 52.86
N ARG C 4679 -26.63 21.10 52.73
CA ARG C 4679 -26.81 20.39 51.47
C ARG C 4679 -28.28 20.10 51.18
N LYS C 4680 -29.05 19.67 52.19
CA LYS C 4680 -30.48 19.44 51.97
C LYS C 4680 -31.22 20.74 51.65
N LEU C 4681 -30.84 21.84 52.31
CA LEU C 4681 -31.40 23.16 52.04
C LEU C 4681 -31.08 23.65 50.63
N GLU C 4682 -29.89 23.38 50.14
CA GLU C 4682 -29.49 23.97 48.87
C GLU C 4682 -29.73 23.05 47.68
N PHE C 4683 -29.27 21.82 47.75
CA PHE C 4683 -29.32 20.93 46.59
C PHE C 4683 -30.62 20.16 46.51
N ASP C 4684 -31.43 20.16 47.56
CA ASP C 4684 -32.66 19.39 47.57
C ASP C 4684 -33.90 20.20 47.89
N GLY C 4685 -33.77 21.43 48.39
CA GLY C 4685 -34.92 22.25 48.77
C GLY C 4685 -35.86 21.62 49.77
N LEU C 4686 -35.30 20.98 50.80
CA LEU C 4686 -36.11 20.22 51.74
C LEU C 4686 -37.07 21.12 52.52
N TYR C 4687 -36.60 22.23 53.05
CA TYR C 4687 -37.46 23.04 53.90
C TYR C 4687 -38.32 24.02 53.11
N ILE C 4688 -38.06 24.17 51.82
CA ILE C 4688 -38.80 25.12 51.00
C ILE C 4688 -39.80 24.30 50.20
N THR C 4689 -39.30 23.65 49.15
CA THR C 4689 -40.14 22.90 48.23
C THR C 4689 -40.73 21.65 48.86
N GLU C 4690 -39.96 20.92 49.68
CA GLU C 4690 -40.48 19.63 50.12
C GLU C 4690 -41.22 19.65 51.45
N GLN C 4691 -40.70 20.34 52.49
CA GLN C 4691 -41.19 20.37 53.88
C GLN C 4691 -41.01 19.01 54.55
N PRO C 4692 -40.18 18.94 55.60
CA PRO C 4692 -39.91 17.65 56.26
C PRO C 4692 -41.14 17.03 56.90
N GLY C 4693 -41.16 15.70 56.91
CA GLY C 4693 -42.25 14.96 57.51
C GLY C 4693 -42.23 14.98 59.02
N ASP C 4694 -43.40 14.67 59.58
CA ASP C 4694 -43.58 14.68 61.04
C ASP C 4694 -42.71 13.63 61.72
N ASP C 4695 -42.53 12.47 61.07
CA ASP C 4695 -41.70 11.40 61.63
C ASP C 4695 -40.23 11.80 61.78
N ASP C 4696 -39.78 12.82 61.07
CA ASP C 4696 -38.38 13.25 61.05
C ASP C 4696 -38.16 14.14 62.25
N VAL C 4697 -37.76 13.53 63.37
CA VAL C 4697 -37.44 14.31 64.58
C VAL C 4697 -36.25 15.22 64.31
N LYS C 4698 -35.28 14.72 63.56
CA LYS C 4698 -34.11 15.53 63.19
C LYS C 4698 -34.54 16.70 62.31
N GLY C 4699 -35.40 16.41 61.31
CA GLY C 4699 -35.90 17.45 60.42
C GLY C 4699 -36.66 18.52 61.16
N GLN C 4700 -37.53 18.12 62.10
CA GLN C 4700 -38.32 19.11 62.83
C GLN C 4700 -37.43 19.92 63.73
N TRP C 4701 -36.45 19.28 64.41
CA TRP C 4701 -35.61 20.01 65.34
C TRP C 4701 -34.77 21.04 64.59
N ASP C 4702 -34.28 20.67 63.41
CA ASP C 4702 -33.38 21.52 62.65
C ASP C 4702 -34.04 22.79 62.14
N ARG C 4703 -35.37 22.88 62.18
CA ARG C 4703 -36.10 24.08 61.79
C ARG C 4703 -35.71 25.27 62.65
N LEU C 4704 -35.36 25.02 63.91
CA LEU C 4704 -35.01 26.07 64.85
C LEU C 4704 -33.76 26.84 64.41
N VAL C 4705 -32.80 26.14 63.80
CA VAL C 4705 -31.52 26.79 63.53
C VAL C 4705 -31.54 27.64 62.25
N LEU C 4706 -32.46 27.39 61.31
CA LEU C 4706 -32.43 28.05 59.99
C LEU C 4706 -32.50 29.57 60.10
N ASN C 4707 -33.24 30.09 61.09
CA ASN C 4707 -33.48 31.52 61.21
C ASN C 4707 -32.42 32.19 62.07
N THR C 4708 -31.39 31.49 62.43
CA THR C 4708 -30.46 32.05 63.40
C THR C 4708 -29.31 32.69 62.66
N PRO C 4709 -28.76 33.80 63.19
CA PRO C 4709 -27.58 34.42 62.54
C PRO C 4709 -26.37 33.51 62.35
N SER C 4710 -26.06 32.66 63.32
CA SER C 4710 -24.96 31.71 63.14
C SER C 4710 -25.47 30.30 62.83
N PHE C 4711 -26.22 30.15 61.74
CA PHE C 4711 -26.64 28.79 61.35
C PHE C 4711 -25.41 27.95 60.98
N PRO C 4712 -24.39 28.45 60.22
CA PRO C 4712 -23.15 27.68 60.11
C PRO C 4712 -22.04 28.29 60.96
N SER C 4713 -21.63 27.59 62.01
CA SER C 4713 -20.51 28.04 62.80
C SER C 4713 -19.33 27.08 62.78
N ASN C 4714 -19.53 25.84 62.38
CA ASN C 4714 -18.44 24.87 62.29
C ASN C 4714 -18.06 24.60 60.84
N TYR C 4715 -19.06 24.38 59.99
CA TYR C 4715 -18.84 24.10 58.57
C TYR C 4715 -18.27 25.35 57.92
N TRP C 4716 -17.39 25.17 56.93
CA TRP C 4716 -16.66 26.31 56.41
C TRP C 4716 -17.35 27.04 55.27
N ASP C 4717 -18.51 26.58 54.80
CA ASP C 4717 -19.22 27.34 53.77
C ASP C 4717 -20.03 28.45 54.44
N LYS C 4718 -19.60 29.68 54.23
CA LYS C 4718 -20.31 30.85 54.74
C LYS C 4718 -21.27 31.42 53.72
N PHE C 4719 -21.39 30.78 52.56
CA PHE C 4719 -22.22 31.25 51.47
C PHE C 4719 -23.48 30.41 51.30
N VAL C 4720 -23.83 29.59 52.29
CA VAL C 4720 -24.98 28.69 52.16
C VAL C 4720 -26.26 29.50 52.01
N LYS C 4721 -26.41 30.55 52.83
CA LYS C 4721 -27.63 31.34 52.84
C LYS C 4721 -27.82 32.04 51.52
N ARG C 4722 -26.71 32.60 50.99
CA ARG C 4722 -26.71 33.21 49.67
C ARG C 4722 -27.08 32.19 48.61
N LYS C 4723 -26.47 30.99 48.65
CA LYS C 4723 -26.67 30.01 47.58
C LYS C 4723 -28.14 29.59 47.50
N VAL C 4724 -28.77 29.40 48.66
CA VAL C 4724 -30.19 29.04 48.69
C VAL C 4724 -31.05 30.20 48.24
N LEU C 4725 -30.68 31.43 48.64
CA LEU C 4725 -31.38 32.63 48.18
C LEU C 4725 -31.27 32.81 46.67
N ASP C 4726 -30.09 32.54 46.10
CA ASP C 4726 -29.94 32.64 44.66
C ASP C 4726 -30.73 31.57 43.91
N LYS C 4727 -30.60 30.30 44.31
CA LYS C 4727 -31.23 29.22 43.56
C LYS C 4727 -32.76 29.19 43.73
N HIS C 4728 -33.27 29.40 44.95
CA HIS C 4728 -34.70 29.25 45.21
C HIS C 4728 -35.41 30.58 45.38
N GLY C 4729 -34.71 31.69 45.16
CA GLY C 4729 -35.28 33.01 45.39
C GLY C 4729 -36.38 33.38 44.42
N ASP C 4730 -36.23 33.02 43.16
CA ASP C 4730 -37.22 33.47 42.20
C ASP C 4730 -38.45 32.58 42.12
N ILE C 4731 -38.30 31.26 42.13
CA ILE C 4731 -39.46 30.41 41.94
C ILE C 4731 -40.31 30.29 43.22
N PHE C 4732 -39.73 30.48 44.41
CA PHE C 4732 -40.51 30.48 45.64
C PHE C 4732 -40.63 31.84 46.34
N GLY C 4733 -39.91 32.86 45.88
CA GLY C 4733 -40.09 34.18 46.44
C GLY C 4733 -38.98 34.53 47.41
N ARG C 4734 -38.25 35.60 47.05
CA ARG C 4734 -37.07 36.01 47.81
C ARG C 4734 -37.43 36.39 49.24
N GLU C 4735 -38.53 37.14 49.41
CA GLU C 4735 -38.90 37.60 50.74
C GLU C 4735 -39.19 36.41 51.66
N ARG C 4736 -39.87 35.38 51.12
CA ARG C 4736 -40.25 34.21 51.89
C ARG C 4736 -39.00 33.43 52.28
N ILE C 4737 -38.04 33.29 51.34
CA ILE C 4737 -36.80 32.59 51.63
C ILE C 4737 -36.01 33.37 52.67
N ALA C 4738 -35.93 34.69 52.51
CA ALA C 4738 -35.15 35.53 53.40
C ALA C 4738 -35.73 35.49 54.82
N GLU C 4739 -37.05 35.32 54.91
CA GLU C 4739 -37.70 35.22 56.20
C GLU C 4739 -37.40 33.87 56.82
N LEU C 4740 -37.42 32.82 56.00
CA LEU C 4740 -37.13 31.47 56.48
C LEU C 4740 -35.72 31.38 57.03
N LEU C 4741 -34.76 32.04 56.37
CA LEU C 4741 -33.36 31.90 56.72
C LEU C 4741 -32.79 33.11 57.44
N GLY C 4742 -33.66 34.01 57.92
CA GLY C 4742 -33.26 35.15 58.73
C GLY C 4742 -32.21 36.07 58.16
N MET C 4743 -32.35 36.43 56.90
CA MET C 4743 -31.37 37.21 56.17
C MET C 4743 -32.07 38.42 55.57
N ASP C 4744 -31.48 39.60 55.70
CA ASP C 4744 -32.14 40.83 55.28
C ASP C 4744 -31.64 41.26 53.90
N LEU C 4745 -32.57 41.26 52.93
CA LEU C 4745 -32.26 41.61 51.54
C LEU C 4745 -31.79 43.05 51.43
N ALA C 4746 -32.39 43.96 52.21
CA ALA C 4746 -32.00 45.36 52.13
C ALA C 4746 -30.57 45.53 52.62
N SER C 4747 -30.19 44.82 53.69
CA SER C 4747 -28.80 44.89 54.15
C SER C 4747 -27.87 44.26 53.12
N LEU C 4748 -28.37 43.27 52.36
CA LEU C 4748 -27.57 42.68 51.29
C LEU C 4748 -27.27 43.71 50.22
N GLU C 4749 -28.27 44.52 49.88
CA GLU C 4749 -28.12 45.60 48.90
C GLU C 4749 -27.15 46.68 49.37
N ASP C 4772 -26.91 33.94 71.36
CA ASP C 4772 -27.70 33.27 70.33
C ASP C 4772 -28.41 32.06 70.91
N VAL C 4773 -29.40 32.34 71.76
CA VAL C 4773 -30.10 31.31 72.53
C VAL C 4773 -30.76 30.29 71.64
N LYS C 4774 -31.30 30.71 70.49
CA LYS C 4774 -31.96 29.81 69.56
C LYS C 4774 -30.99 28.78 69.00
N TYR C 4775 -29.79 29.24 68.63
CA TYR C 4775 -28.73 28.35 68.16
C TYR C 4775 -28.26 27.45 69.28
N GLN C 4776 -28.05 28.00 70.48
CA GLN C 4776 -27.53 27.21 71.58
C GLN C 4776 -28.53 26.13 72.01
N ILE C 4777 -29.82 26.41 71.99
CA ILE C 4777 -30.82 25.37 72.27
C ILE C 4777 -30.87 24.34 71.15
N TRP C 4778 -30.54 24.74 69.91
CA TRP C 4778 -30.46 23.75 68.84
C TRP C 4778 -29.28 22.82 69.11
N LYS C 4779 -28.14 23.43 69.48
CA LYS C 4779 -26.90 22.70 69.66
C LYS C 4779 -27.09 21.72 70.81
N PHE C 4780 -27.79 22.18 71.85
CA PHE C 4780 -28.06 21.37 73.03
C PHE C 4780 -28.90 20.17 72.68
N GLY C 4781 -29.93 20.35 71.84
CA GLY C 4781 -30.72 19.20 71.39
C GLY C 4781 -29.90 18.22 70.57
N VAL C 4782 -28.89 18.72 69.87
CA VAL C 4782 -28.10 17.86 68.99
C VAL C 4782 -27.10 17.08 69.83
N ILE C 4783 -26.49 17.73 70.82
CA ILE C 4783 -25.62 17.03 71.76
C ILE C 4783 -26.42 16.05 72.60
N PHE C 4784 -27.59 16.46 73.09
CA PHE C 4784 -28.37 15.64 74.00
C PHE C 4784 -29.13 14.52 73.31
N THR C 4785 -28.95 14.36 71.99
CA THR C 4785 -29.54 13.22 71.32
C THR C 4785 -28.47 12.36 70.67
N ASP C 4786 -27.19 12.65 70.96
CA ASP C 4786 -26.08 11.85 70.47
C ASP C 4786 -25.89 10.65 71.38
N ASN C 4787 -25.68 9.46 70.79
CA ASN C 4787 -25.59 8.24 71.58
C ASN C 4787 -24.36 8.21 72.50
N SER C 4788 -23.22 8.72 72.01
CA SER C 4788 -22.01 8.66 72.83
C SER C 4788 -22.08 9.61 74.01
N PHE C 4789 -22.81 10.73 73.88
CA PHE C 4789 -22.81 11.68 74.97
C PHE C 4789 -23.82 11.22 75.98
N LEU C 4790 -24.85 10.51 75.50
CA LEU C 4790 -25.88 9.98 76.39
C LEU C 4790 -25.27 8.86 77.22
N TYR C 4791 -24.42 8.04 76.60
CA TYR C 4791 -23.70 7.02 77.33
C TYR C 4791 -22.75 7.65 78.35
N LEU C 4792 -22.02 8.69 77.96
CA LEU C 4792 -21.05 9.28 78.88
C LEU C 4792 -21.75 9.95 80.07
N GLY C 4793 -22.90 10.56 79.81
CA GLY C 4793 -23.70 11.11 80.88
C GLY C 4793 -24.31 10.06 81.78
N TRP C 4794 -24.74 8.94 81.20
CA TRP C 4794 -25.21 7.81 82.02
C TRP C 4794 -24.07 7.27 82.88
N TYR C 4795 -22.86 7.22 82.33
CA TYR C 4795 -21.67 6.81 83.08
C TYR C 4795 -21.45 7.73 84.28
N MET C 4796 -21.64 9.03 84.08
CA MET C 4796 -21.50 10.00 85.15
C MET C 4796 -22.63 9.90 86.16
N VAL C 4797 -23.83 9.54 85.70
CA VAL C 4797 -24.95 9.33 86.62
C VAL C 4797 -24.64 8.12 87.51
N MET C 4798 -24.20 7.02 86.91
CA MET C 4798 -23.93 5.81 87.69
C MET C 4798 -22.78 6.07 88.65
N SER C 4799 -21.83 6.93 88.25
CA SER C 4799 -20.73 7.34 89.11
C SER C 4799 -21.23 8.21 90.27
N LEU C 4800 -22.32 8.92 90.05
CA LEU C 4800 -22.82 9.84 91.07
C LEU C 4800 -23.66 9.06 92.05
N LEU C 4801 -24.50 8.16 91.54
CA LEU C 4801 -25.30 7.26 92.37
C LEU C 4801 -24.39 6.33 93.17
N GLY C 4802 -23.19 6.05 92.65
CA GLY C 4802 -22.29 5.16 93.34
C GLY C 4802 -21.66 5.76 94.59
N HIS C 4803 -22.00 7.01 94.90
CA HIS C 4803 -21.59 7.66 96.13
C HIS C 4803 -22.71 7.58 97.16
N TYR C 4804 -23.88 7.12 96.73
CA TYR C 4804 -25.04 6.83 97.57
C TYR C 4804 -25.02 5.36 97.97
N ASN C 4805 -24.94 4.47 96.99
CA ASN C 4805 -24.79 3.04 97.23
C ASN C 4805 -23.47 2.62 96.61
N ASN C 4806 -22.67 1.83 97.33
CA ASN C 4806 -21.36 1.58 96.75
C ASN C 4806 -21.38 0.49 95.70
N PHE C 4807 -22.51 -0.13 95.45
CA PHE C 4807 -22.59 -1.28 94.56
C PHE C 4807 -23.06 -0.85 93.19
N PHE C 4808 -23.29 0.44 93.01
CA PHE C 4808 -23.71 0.99 91.74
C PHE C 4808 -22.50 1.26 90.86
N PHE C 4809 -21.32 0.91 91.35
CA PHE C 4809 -20.06 1.17 90.68
C PHE C 4809 -19.68 -0.01 89.82
N ALA C 4810 -20.58 -0.98 89.70
CA ALA C 4810 -20.31 -2.21 88.96
C ALA C 4810 -20.92 -2.14 87.57
N ALA C 4811 -21.66 -1.08 87.27
CA ALA C 4811 -22.20 -0.88 85.95
C ALA C 4811 -21.11 -0.38 85.03
N HIS C 4812 -20.09 0.24 85.62
CA HIS C 4812 -18.99 0.82 84.88
C HIS C 4812 -18.17 -0.27 84.21
N LEU C 4813 -18.12 -1.47 84.82
CA LEU C 4813 -17.29 -2.55 84.29
C LEU C 4813 -17.74 -2.97 82.91
N LEU C 4814 -19.00 -2.72 82.56
CA LEU C 4814 -19.59 -3.04 81.28
C LEU C 4814 -19.01 -2.22 80.14
N ASP C 4815 -18.27 -1.15 80.45
CA ASP C 4815 -17.64 -0.31 79.45
C ASP C 4815 -16.47 -1.02 78.75
N ILE C 4816 -15.99 -2.15 79.28
CA ILE C 4816 -14.96 -2.93 78.61
C ILE C 4816 -15.44 -3.35 77.22
N ALA C 4817 -16.73 -3.72 77.11
CA ALA C 4817 -17.35 -4.09 75.85
C ALA C 4817 -17.38 -2.92 74.89
N MET C 4818 -17.64 -1.71 75.40
CA MET C 4818 -17.76 -0.52 74.58
C MET C 4818 -16.49 0.31 74.59
N GLY C 4819 -15.36 -0.34 74.90
CA GLY C 4819 -14.07 0.29 75.03
C GLY C 4819 -12.99 -0.51 74.35
N VAL C 4820 -12.64 -1.68 74.90
CA VAL C 4820 -11.67 -2.56 74.26
C VAL C 4820 -12.22 -3.04 72.92
N LYS C 4821 -11.32 -3.22 71.95
CA LYS C 4821 -11.77 -3.54 70.60
C LYS C 4821 -11.82 -5.01 70.31
N THR C 4822 -11.06 -5.84 71.06
CA THR C 4822 -11.20 -7.27 70.89
C THR C 4822 -12.58 -7.70 71.36
N LEU C 4823 -13.03 -7.13 72.48
CA LEU C 4823 -14.32 -7.52 73.03
C LEU C 4823 -15.43 -7.10 72.09
N ARG C 4824 -15.28 -5.92 71.49
CA ARG C 4824 -16.26 -5.44 70.54
C ARG C 4824 -16.31 -6.33 69.31
N THR C 4825 -15.15 -6.88 68.91
CA THR C 4825 -15.15 -7.85 67.81
C THR C 4825 -15.79 -9.18 68.21
N ILE C 4826 -15.54 -9.65 69.42
CA ILE C 4826 -16.17 -10.88 69.90
C ILE C 4826 -17.68 -10.69 70.08
N LEU C 4827 -18.10 -9.49 70.43
CA LEU C 4827 -19.49 -9.21 70.74
C LEU C 4827 -20.29 -8.81 69.52
N SER C 4828 -19.63 -8.40 68.44
CA SER C 4828 -20.35 -8.16 67.19
C SER C 4828 -20.95 -9.45 66.65
N SER C 4829 -20.35 -10.60 66.96
CA SER C 4829 -20.94 -11.87 66.57
C SER C 4829 -22.29 -12.08 67.25
N VAL C 4830 -22.41 -11.72 68.52
CA VAL C 4830 -23.69 -11.78 69.22
C VAL C 4830 -24.66 -10.71 68.74
N THR C 4831 -24.18 -9.50 68.47
CA THR C 4831 -25.10 -8.43 68.10
C THR C 4831 -25.50 -8.46 66.64
N HIS C 4832 -24.68 -9.10 65.79
CA HIS C 4832 -24.92 -9.14 64.35
C HIS C 4832 -26.23 -9.85 64.06
N ASN C 4833 -26.41 -11.03 64.63
CA ASN C 4833 -27.59 -11.85 64.41
C ASN C 4833 -28.55 -11.72 65.59
N GLY C 4834 -28.55 -10.56 66.23
CA GLY C 4834 -29.35 -10.33 67.43
C GLY C 4834 -30.85 -10.43 67.21
N LYS C 4835 -31.35 -9.87 66.09
CA LYS C 4835 -32.76 -10.00 65.78
C LYS C 4835 -33.16 -11.45 65.57
N GLN C 4836 -32.32 -12.21 64.89
CA GLN C 4836 -32.62 -13.62 64.67
C GLN C 4836 -32.57 -14.40 65.98
N LEU C 4837 -31.67 -14.02 66.89
CA LEU C 4837 -31.62 -14.66 68.20
C LEU C 4837 -32.85 -14.37 69.04
N VAL C 4838 -33.33 -13.12 69.05
CA VAL C 4838 -34.52 -12.84 69.84
C VAL C 4838 -35.75 -13.47 69.20
N MET C 4839 -35.76 -13.61 67.87
CA MET C 4839 -36.86 -14.31 67.22
C MET C 4839 -36.84 -15.80 67.56
N THR C 4840 -35.64 -16.40 67.63
CA THR C 4840 -35.50 -17.79 68.02
C THR C 4840 -35.92 -18.00 69.47
N VAL C 4841 -35.66 -17.02 70.34
CA VAL C 4841 -36.13 -17.09 71.72
C VAL C 4841 -37.65 -17.00 71.79
N GLY C 4842 -38.25 -16.16 70.94
CA GLY C 4842 -39.70 -16.11 70.86
C GLY C 4842 -40.31 -17.38 70.32
N LEU C 4843 -39.60 -18.05 69.41
CA LEU C 4843 -40.01 -19.37 68.96
C LEU C 4843 -39.93 -20.40 70.06
N LEU C 4844 -38.87 -20.35 70.87
CA LEU C 4844 -38.76 -21.23 72.03
C LEU C 4844 -39.91 -21.00 73.01
N ALA C 4845 -40.25 -19.73 73.24
CA ALA C 4845 -41.36 -19.34 74.10
C ALA C 4845 -42.71 -19.86 73.61
N VAL C 4846 -42.94 -19.82 72.30
CA VAL C 4846 -44.14 -20.45 71.73
C VAL C 4846 -44.14 -21.97 71.85
N VAL C 4847 -43.04 -22.66 71.54
CA VAL C 4847 -43.06 -24.12 71.62
C VAL C 4847 -43.15 -24.63 73.06
N VAL C 4848 -42.50 -23.96 74.02
CA VAL C 4848 -42.66 -24.35 75.42
C VAL C 4848 -44.10 -24.10 75.87
N TYR C 4849 -44.81 -23.19 75.21
CA TYR C 4849 -46.21 -22.98 75.54
C TYR C 4849 -47.06 -24.10 74.98
N LEU C 4850 -46.71 -24.58 73.78
CA LEU C 4850 -47.49 -25.66 73.20
C LEU C 4850 -47.34 -26.96 73.99
N TYR C 4851 -46.12 -27.21 74.48
CA TYR C 4851 -45.92 -28.32 75.42
C TYR C 4851 -46.64 -28.10 76.74
N THR C 4852 -46.68 -26.85 77.23
CA THR C 4852 -47.42 -26.55 78.45
C THR C 4852 -48.91 -26.87 78.28
N VAL C 4853 -49.48 -26.52 77.13
CA VAL C 4853 -50.89 -26.78 76.86
C VAL C 4853 -51.18 -28.27 76.84
N VAL C 4854 -50.30 -29.04 76.20
CA VAL C 4854 -50.44 -30.50 76.13
C VAL C 4854 -50.30 -31.16 77.50
N ALA C 4855 -49.37 -30.69 78.33
CA ALA C 4855 -49.30 -31.20 79.69
C ALA C 4855 -50.47 -30.79 80.56
N PHE C 4856 -50.93 -29.53 80.46
CA PHE C 4856 -52.00 -29.09 81.35
C PHE C 4856 -53.30 -29.81 81.02
N ASN C 4857 -53.56 -30.05 79.74
CA ASN C 4857 -54.75 -30.77 79.34
C ASN C 4857 -54.67 -32.27 79.63
N PHE C 4858 -53.51 -32.89 79.48
CA PHE C 4858 -53.42 -34.34 79.56
C PHE C 4858 -52.48 -34.96 80.58
N PHE C 4859 -51.59 -34.20 81.21
CA PHE C 4859 -50.51 -34.79 81.98
C PHE C 4859 -50.37 -34.09 83.32
N ARG C 4860 -51.50 -33.70 83.91
CA ARG C 4860 -51.51 -32.89 85.11
C ARG C 4860 -51.10 -33.64 86.37
N LYS C 4861 -50.92 -34.94 86.31
CA LYS C 4861 -50.78 -35.75 87.51
C LYS C 4861 -49.33 -36.13 87.74
N PHE C 4862 -48.45 -35.70 86.85
CA PHE C 4862 -47.05 -36.05 86.89
C PHE C 4862 -46.19 -34.85 87.27
N TYR C 4863 -46.78 -33.85 87.91
CA TYR C 4863 -46.10 -32.58 88.13
C TYR C 4863 -46.13 -32.18 89.59
N ASN C 4864 -46.22 -33.16 90.48
CA ASN C 4864 -46.11 -32.88 91.91
C ASN C 4864 -44.65 -32.79 92.32
N LYS C 4865 -44.25 -31.62 92.77
CA LYS C 4865 -42.86 -31.36 93.08
C LYS C 4865 -42.63 -31.39 94.59
N SER C 4866 -43.58 -31.93 95.33
CA SER C 4866 -43.50 -32.07 96.78
C SER C 4866 -43.26 -33.52 97.15
N GLU C 4867 -42.22 -33.76 97.95
CA GLU C 4867 -41.96 -35.11 98.44
C GLU C 4867 -43.05 -35.54 99.41
N ASP C 4868 -43.52 -34.61 100.24
CA ASP C 4868 -44.53 -34.90 101.27
C ASP C 4868 -45.83 -35.39 100.64
N GLU C 4869 -46.46 -36.35 101.31
CA GLU C 4869 -47.70 -36.96 100.84
C GLU C 4869 -48.94 -36.31 101.45
N ASP C 4870 -48.76 -35.27 102.26
CA ASP C 4870 -49.88 -34.56 102.85
C ASP C 4870 -50.17 -33.24 102.17
N GLU C 4871 -49.18 -32.61 101.55
CA GLU C 4871 -49.35 -31.31 100.91
C GLU C 4871 -48.84 -31.43 99.48
N PRO C 4872 -49.70 -31.34 98.49
CA PRO C 4872 -49.23 -31.54 97.11
C PRO C 4872 -48.87 -30.23 96.42
N ASP C 4873 -47.60 -30.12 96.04
CA ASP C 4873 -47.16 -28.95 95.28
C ASP C 4873 -47.27 -29.20 93.79
N MET C 4874 -48.52 -29.34 93.34
CA MET C 4874 -48.83 -29.52 91.93
C MET C 4874 -48.27 -28.34 91.17
N LYS C 4875 -47.56 -28.58 90.07
CA LYS C 4875 -47.07 -27.45 89.30
C LYS C 4875 -47.74 -27.32 87.94
N CYS C 4876 -48.85 -28.01 87.74
CA CYS C 4876 -49.59 -27.89 86.48
C CYS C 4876 -51.08 -27.76 86.74
N ASP C 4877 -51.47 -27.20 87.87
CA ASP C 4877 -52.88 -27.03 88.17
C ASP C 4877 -53.29 -25.62 87.88
N ASP C 4878 -52.43 -24.89 87.20
CA ASP C 4878 -52.62 -23.51 86.84
C ASP C 4878 -51.83 -23.34 85.56
N MET C 4879 -52.18 -22.32 84.78
CA MET C 4879 -51.52 -22.24 83.49
C MET C 4879 -50.38 -21.25 83.55
N MET C 4880 -50.45 -20.33 84.50
CA MET C 4880 -49.34 -19.43 84.76
C MET C 4880 -48.22 -20.20 85.41
N THR C 4881 -48.57 -21.03 86.40
CA THR C 4881 -47.57 -21.80 87.11
C THR C 4881 -47.00 -22.91 86.22
N CYS C 4882 -47.84 -23.56 85.41
CA CYS C 4882 -47.32 -24.62 84.54
C CYS C 4882 -46.40 -24.04 83.45
N TYR C 4883 -46.71 -22.84 82.96
CA TYR C 4883 -45.80 -22.17 82.05
C TYR C 4883 -44.52 -21.69 82.72
N LEU C 4884 -44.61 -21.20 83.96
CA LEU C 4884 -43.40 -20.83 84.69
C LEU C 4884 -42.53 -22.05 84.94
N PHE C 4885 -43.16 -23.19 85.22
CA PHE C 4885 -42.44 -24.43 85.48
C PHE C 4885 -41.75 -24.91 84.23
N HIS C 4886 -42.47 -24.91 83.11
CA HIS C 4886 -41.94 -25.43 81.86
C HIS C 4886 -40.82 -24.56 81.34
N MET C 4887 -40.96 -23.23 81.43
CA MET C 4887 -39.92 -22.32 80.95
C MET C 4887 -38.70 -22.36 81.84
N TYR C 4888 -38.90 -22.33 83.16
CA TYR C 4888 -37.76 -22.43 84.06
C TYR C 4888 -37.08 -23.79 84.03
N VAL C 4889 -37.72 -24.81 84.63
CA VAL C 4889 -37.10 -26.11 84.79
C VAL C 4889 -36.90 -26.85 83.46
N GLY C 4890 -37.86 -26.77 82.51
CA GLY C 4890 -37.75 -27.57 81.32
C GLY C 4890 -36.66 -27.09 80.40
N VAL C 4891 -36.48 -25.77 80.33
CA VAL C 4891 -35.49 -25.25 79.40
C VAL C 4891 -34.15 -25.17 80.10
N ARG C 4892 -34.13 -25.22 81.43
CA ARG C 4892 -32.87 -25.21 82.16
C ARG C 4892 -32.42 -26.61 82.54
N ALA C 4893 -33.16 -27.63 82.16
CA ALA C 4893 -32.78 -29.01 82.42
C ALA C 4893 -32.18 -29.60 81.16
N GLY C 4894 -31.28 -30.56 81.35
CA GLY C 4894 -30.54 -31.11 80.23
C GLY C 4894 -31.26 -32.27 79.61
N GLY C 4895 -32.14 -32.91 80.36
CA GLY C 4895 -32.99 -33.94 79.81
C GLY C 4895 -34.38 -33.46 79.47
N GLY C 4896 -34.66 -32.19 79.69
CA GLY C 4896 -35.94 -31.61 79.39
C GLY C 4896 -36.86 -31.69 80.59
N ILE C 4897 -38.17 -31.75 80.36
CA ILE C 4897 -39.13 -31.81 81.46
C ILE C 4897 -39.05 -33.15 82.20
N GLY C 4898 -38.69 -34.23 81.50
CA GLY C 4898 -38.68 -35.55 82.10
C GLY C 4898 -37.58 -35.78 83.09
N ASP C 4899 -36.64 -34.85 83.18
CA ASP C 4899 -35.59 -34.94 84.17
C ASP C 4899 -36.03 -34.25 85.44
N GLU C 4900 -37.27 -33.71 85.43
CA GLU C 4900 -37.78 -32.88 86.49
C GLU C 4900 -39.21 -33.24 86.86
N ILE C 4901 -39.81 -34.29 86.30
CA ILE C 4901 -41.21 -34.62 86.57
C ILE C 4901 -41.30 -36.09 86.94
N GLU C 4902 -42.49 -36.50 87.37
CA GLU C 4902 -42.70 -37.84 87.89
C GLU C 4902 -42.53 -38.90 86.80
N ASP C 4903 -42.14 -40.09 87.23
CA ASP C 4903 -41.87 -41.18 86.31
C ASP C 4903 -43.12 -41.61 85.56
N PRO C 4904 -43.02 -41.86 84.26
CA PRO C 4904 -44.20 -42.22 83.47
C PRO C 4904 -44.56 -43.69 83.53
N ALA C 4905 -43.69 -44.53 84.11
CA ALA C 4905 -43.84 -45.98 84.07
C ALA C 4905 -45.08 -46.47 84.81
N GLY C 4906 -45.81 -47.38 84.16
CA GLY C 4906 -46.97 -48.03 84.71
C GLY C 4906 -48.29 -47.33 84.48
N ASP C 4907 -48.28 -46.06 84.10
CA ASP C 4907 -49.51 -45.37 83.76
C ASP C 4907 -49.99 -45.81 82.38
N GLU C 4908 -51.28 -45.61 82.14
CA GLU C 4908 -51.84 -45.86 80.81
C GLU C 4908 -51.24 -44.92 79.78
N TYR C 4909 -50.95 -43.70 80.19
CA TYR C 4909 -50.41 -42.67 79.32
C TYR C 4909 -48.89 -42.70 79.23
N GLU C 4910 -48.27 -43.84 79.57
CA GLU C 4910 -46.81 -43.94 79.62
C GLU C 4910 -46.18 -43.65 78.27
N LEU C 4911 -46.71 -44.24 77.20
CA LEU C 4911 -46.11 -44.06 75.88
C LEU C 4911 -46.32 -42.65 75.39
N TYR C 4912 -47.43 -42.02 75.81
CA TYR C 4912 -47.69 -40.64 75.47
C TYR C 4912 -46.70 -39.73 76.18
N ARG C 4913 -46.43 -39.99 77.46
CA ARG C 4913 -45.45 -39.21 78.19
C ARG C 4913 -44.04 -39.44 77.69
N VAL C 4914 -43.74 -40.63 77.18
CA VAL C 4914 -42.44 -40.88 76.56
C VAL C 4914 -42.26 -40.04 75.31
N VAL C 4915 -43.29 -40.02 74.46
CA VAL C 4915 -43.23 -39.22 73.24
C VAL C 4915 -43.22 -37.73 73.57
N PHE C 4916 -43.95 -37.31 74.60
CA PHE C 4916 -43.93 -35.91 75.06
C PHE C 4916 -42.52 -35.48 75.48
N ASP C 4917 -41.86 -36.29 76.32
CA ASP C 4917 -40.52 -35.93 76.79
C ASP C 4917 -39.46 -36.01 75.70
N ILE C 4918 -39.52 -37.01 74.82
CA ILE C 4918 -38.46 -37.10 73.83
C ILE C 4918 -38.68 -36.07 72.72
N THR C 4919 -39.92 -35.64 72.50
CA THR C 4919 -40.14 -34.60 71.50
C THR C 4919 -39.69 -33.26 72.07
N PHE C 4920 -39.98 -33.02 73.36
CA PHE C 4920 -39.53 -31.79 74.02
C PHE C 4920 -38.00 -31.76 74.05
N PHE C 4921 -37.38 -32.90 74.34
CA PHE C 4921 -35.92 -33.00 74.35
C PHE C 4921 -35.33 -32.70 72.98
N PHE C 4922 -35.86 -33.33 71.93
CA PHE C 4922 -35.28 -33.12 70.60
C PHE C 4922 -35.56 -31.71 70.10
N PHE C 4923 -36.81 -31.27 70.20
CA PHE C 4923 -37.23 -30.01 69.62
C PHE C 4923 -36.73 -28.79 70.38
N VAL C 4924 -36.78 -28.83 71.71
CA VAL C 4924 -36.42 -27.67 72.52
C VAL C 4924 -34.98 -27.72 73.00
N ILE C 4925 -34.58 -28.82 73.61
CA ILE C 4925 -33.24 -28.90 74.22
C ILE C 4925 -32.17 -28.99 73.15
N VAL C 4926 -32.42 -29.74 72.08
CA VAL C 4926 -31.39 -30.00 71.09
C VAL C 4926 -31.46 -29.02 69.93
N ILE C 4927 -32.57 -28.98 69.19
CA ILE C 4927 -32.63 -28.18 67.97
C ILE C 4927 -32.57 -26.68 68.26
N LEU C 4928 -33.31 -26.18 69.26
CA LEU C 4928 -33.36 -24.72 69.44
C LEU C 4928 -32.06 -24.15 69.97
N LEU C 4929 -31.40 -24.87 70.88
CA LEU C 4929 -30.11 -24.40 71.38
C LEU C 4929 -29.06 -24.52 70.28
N ALA C 4930 -29.22 -25.51 69.40
CA ALA C 4930 -28.39 -25.59 68.21
C ALA C 4930 -28.62 -24.43 67.29
N ILE C 4931 -29.86 -23.91 67.19
CA ILE C 4931 -30.09 -22.73 66.36
C ILE C 4931 -29.40 -21.52 66.95
N ILE C 4932 -29.42 -21.39 68.28
CA ILE C 4932 -28.71 -20.28 68.94
C ILE C 4932 -27.20 -20.37 68.73
N GLN C 4933 -26.66 -21.59 68.86
CA GLN C 4933 -25.24 -21.82 68.61
C GLN C 4933 -24.89 -21.63 67.15
N GLY C 4934 -25.74 -22.10 66.24
CA GLY C 4934 -25.50 -21.91 64.82
C GLY C 4934 -25.57 -20.47 64.38
N LEU C 4935 -26.44 -19.67 65.01
CA LEU C 4935 -26.48 -18.24 64.73
C LEU C 4935 -25.18 -17.55 65.13
N ILE C 4936 -24.64 -17.88 66.29
CA ILE C 4936 -23.33 -17.33 66.68
C ILE C 4936 -22.19 -17.83 65.76
N ILE C 4937 -22.14 -19.13 65.48
CA ILE C 4937 -21.08 -19.70 64.64
C ILE C 4937 -21.18 -19.16 63.22
N ASP C 4938 -22.40 -19.03 62.70
CA ASP C 4938 -22.63 -18.40 61.41
C ASP C 4938 -22.15 -16.97 61.40
N ALA C 4939 -22.41 -16.24 62.51
CA ALA C 4939 -22.04 -14.82 62.56
C ALA C 4939 -20.54 -14.63 62.46
N PHE C 4940 -19.77 -15.53 63.11
CA PHE C 4940 -18.31 -15.49 63.02
C PHE C 4940 -17.81 -15.65 61.59
N GLY C 4941 -18.42 -16.58 60.85
CA GLY C 4941 -18.05 -16.81 59.47
C GLY C 4941 -18.44 -15.67 58.56
N GLU C 4942 -19.61 -15.07 58.80
CA GLU C 4942 -20.01 -13.90 58.05
C GLU C 4942 -19.07 -12.74 58.30
N LEU C 4943 -18.66 -12.53 59.54
CA LEU C 4943 -17.76 -11.41 59.85
C LEU C 4943 -16.39 -11.63 59.22
N ARG C 4944 -15.90 -12.88 59.19
CA ARG C 4944 -14.65 -13.16 58.51
C ARG C 4944 -14.76 -12.93 57.02
N ASP C 4945 -15.86 -13.39 56.41
CA ASP C 4945 -16.04 -13.24 54.97
C ASP C 4945 -16.11 -11.78 54.59
N GLN C 4946 -16.76 -10.96 55.43
CA GLN C 4946 -16.86 -9.53 55.17
C GLN C 4946 -15.49 -8.87 55.21
N GLN C 4947 -14.67 -9.24 56.20
CA GLN C 4947 -13.32 -8.69 56.30
C GLN C 4947 -12.48 -9.10 55.10
N GLU C 4948 -12.59 -10.37 54.70
CA GLU C 4948 -11.83 -10.87 53.57
C GLU C 4948 -12.26 -10.22 52.26
N GLN C 4949 -13.57 -10.02 52.06
CA GLN C 4949 -14.03 -9.32 50.87
C GLN C 4949 -13.56 -7.88 50.81
N VAL C 4950 -13.48 -7.19 51.95
CA VAL C 4950 -12.93 -5.83 51.95
C VAL C 4950 -11.45 -5.84 51.56
N LYS C 4951 -10.70 -6.79 52.14
CA LYS C 4951 -9.26 -6.88 51.86
C LYS C 4951 -9.02 -7.25 50.40
N GLU C 4952 -9.79 -8.20 49.88
CA GLU C 4952 -9.63 -8.67 48.51
C GLU C 4952 -10.02 -7.58 47.50
N ASP C 4953 -11.09 -6.83 47.77
CA ASP C 4953 -11.44 -5.73 46.88
C ASP C 4953 -10.35 -4.67 46.87
N MET C 4954 -9.81 -4.33 48.06
CA MET C 4954 -8.81 -3.29 48.10
C MET C 4954 -7.47 -3.75 47.54
N GLU C 4955 -7.24 -5.05 47.44
CA GLU C 4955 -5.94 -5.52 46.99
C GLU C 4955 -5.99 -5.93 45.53
N THR C 4956 -7.20 -6.01 44.96
CA THR C 4956 -7.38 -6.43 43.58
C THR C 4956 -7.99 -5.34 42.73
N LYS C 4957 -8.19 -4.14 43.28
CA LYS C 4957 -8.86 -3.08 42.52
C LYS C 4957 -8.43 -1.75 43.11
N CYS C 4958 -8.61 -0.69 42.34
CA CYS C 4958 -8.27 0.65 42.82
C CYS C 4958 -9.54 1.35 43.28
N PHE C 4959 -9.42 2.04 44.42
CA PHE C 4959 -10.55 2.78 44.97
C PHE C 4959 -11.02 3.90 44.05
N ILE C 4960 -10.08 4.72 43.56
CA ILE C 4960 -10.45 5.90 42.77
C ILE C 4960 -11.01 5.54 41.41
N CYS C 4961 -10.41 4.58 40.72
CA CYS C 4961 -10.79 4.34 39.33
C CYS C 4961 -11.42 3.00 39.03
N GLY C 4962 -11.23 1.99 39.86
CA GLY C 4962 -11.91 0.73 39.65
C GLY C 4962 -11.26 -0.19 38.65
N ILE C 4963 -10.17 0.24 38.01
CA ILE C 4963 -9.44 -0.63 37.10
C ILE C 4963 -8.71 -1.68 37.92
N GLY C 4964 -8.74 -2.92 37.45
CA GLY C 4964 -8.19 -4.01 38.22
C GLY C 4964 -6.68 -3.97 38.26
N SER C 4965 -6.13 -4.70 39.25
CA SER C 4965 -4.69 -4.76 39.44
C SER C 4965 -3.93 -5.39 38.29
N ASP C 4966 -4.60 -6.22 37.48
CA ASP C 4966 -3.97 -6.91 36.35
C ASP C 4966 -3.28 -5.93 35.40
N TYR C 4967 -4.02 -4.91 34.94
CA TYR C 4967 -3.53 -3.97 33.95
C TYR C 4967 -2.31 -3.23 34.48
N PHE C 4968 -2.40 -2.74 35.72
CA PHE C 4968 -1.28 -1.99 36.26
C PHE C 4968 -0.10 -2.93 36.49
N ASP C 4969 -0.39 -4.16 36.90
CA ASP C 4969 0.61 -5.16 37.26
C ASP C 4969 1.33 -5.73 36.05
N THR C 4970 0.90 -5.40 34.82
CA THR C 4970 1.66 -5.85 33.65
C THR C 4970 3.09 -5.33 33.70
N THR C 4971 3.25 -4.08 34.09
CA THR C 4971 4.53 -3.46 34.37
C THR C 4971 4.89 -3.81 35.82
N PRO C 4972 6.18 -4.03 36.14
CA PRO C 4972 6.53 -4.44 37.51
C PRO C 4972 6.19 -3.36 38.53
N HIS C 4973 5.52 -3.79 39.61
CA HIS C 4973 5.08 -2.95 40.72
C HIS C 4973 4.17 -1.81 40.25
N GLY C 4974 3.37 -2.12 39.23
CA GLY C 4974 2.46 -1.13 38.69
C GLY C 4974 1.35 -0.79 39.65
N PHE C 4975 0.79 -1.81 40.32
CA PHE C 4975 -0.35 -1.58 41.20
C PHE C 4975 0.05 -0.71 42.38
N GLU C 4976 1.21 -0.98 42.99
CA GLU C 4976 1.68 -0.17 44.11
C GLU C 4976 1.96 1.24 43.65
N THR C 4977 2.53 1.37 42.46
CA THR C 4977 2.77 2.70 41.91
C THR C 4977 1.45 3.46 41.70
N HIS C 4978 0.44 2.78 41.17
CA HIS C 4978 -0.86 3.42 40.94
C HIS C 4978 -1.52 3.81 42.26
N THR C 4979 -1.57 2.90 43.22
CA THR C 4979 -2.23 3.19 44.49
C THR C 4979 -1.47 4.23 45.30
N LEU C 4980 -0.15 4.17 45.31
CA LEU C 4980 0.60 5.08 46.16
C LEU C 4980 0.94 6.40 45.48
N GLU C 4981 0.70 6.55 44.18
CA GLU C 4981 1.13 7.78 43.54
C GLU C 4981 0.04 8.40 42.69
N GLU C 4982 -0.33 7.70 41.61
CA GLU C 4982 -1.26 8.23 40.62
C GLU C 4982 -2.66 8.43 41.19
N HIS C 4983 -3.20 7.46 41.94
CA HIS C 4983 -4.56 7.56 42.44
C HIS C 4983 -4.61 7.25 43.92
N ASN C 4984 -3.83 7.99 44.70
CA ASN C 4984 -3.82 7.79 46.15
C ASN C 4984 -4.97 8.56 46.78
N LEU C 4985 -5.83 7.86 47.54
CA LEU C 4985 -7.00 8.49 48.15
C LEU C 4985 -6.58 9.60 49.10
N ALA C 4986 -5.50 9.35 49.86
CA ALA C 4986 -4.93 10.33 50.76
C ALA C 4986 -4.65 11.63 50.00
N ASN C 4987 -4.12 11.51 48.78
CA ASN C 4987 -3.74 12.69 48.02
C ASN C 4987 -4.98 13.48 47.62
N TYR C 4988 -6.11 12.79 47.37
CA TYR C 4988 -7.36 13.48 47.09
C TYR C 4988 -7.82 14.26 48.31
N MET C 4989 -7.66 13.67 49.49
CA MET C 4989 -7.99 14.40 50.71
C MET C 4989 -7.08 15.60 50.91
N PHE C 4990 -5.77 15.40 50.71
CA PHE C 4990 -4.80 16.48 50.86
C PHE C 4990 -5.07 17.61 49.87
N PHE C 4991 -5.54 17.24 48.69
CA PHE C 4991 -5.91 18.21 47.66
C PHE C 4991 -7.09 19.02 48.11
N LEU C 4992 -8.11 18.35 48.66
CA LEU C 4992 -9.28 19.04 49.15
C LEU C 4992 -8.93 19.97 50.31
N MET C 4993 -7.99 19.54 51.16
CA MET C 4993 -7.48 20.41 52.23
C MET C 4993 -6.85 21.66 51.66
N TYR C 4994 -6.02 21.48 50.63
CA TYR C 4994 -5.33 22.58 49.98
C TYR C 4994 -6.34 23.51 49.32
N LEU C 4995 -7.31 22.94 48.61
CA LEU C 4995 -8.29 23.75 47.87
C LEU C 4995 -9.15 24.58 48.82
N ILE C 4996 -9.61 23.98 49.93
CA ILE C 4996 -10.43 24.71 50.89
C ILE C 4996 -9.60 25.80 51.58
N ASN C 4997 -8.35 25.49 51.94
CA ASN C 4997 -7.52 26.47 52.63
C ASN C 4997 -7.16 27.63 51.71
N LYS C 4998 -6.88 27.33 50.43
CA LYS C 4998 -6.46 28.34 49.47
C LYS C 4998 -7.58 29.32 49.17
N ASP C 4999 -7.28 30.61 49.29
CA ASP C 4999 -8.21 31.67 48.88
C ASP C 4999 -8.51 31.53 47.39
N GLU C 5000 -9.79 31.69 47.04
CA GLU C 5000 -10.24 31.45 45.66
C GLU C 5000 -9.62 32.40 44.65
N THR C 5001 -9.15 33.58 45.09
CA THR C 5001 -8.48 34.50 44.17
C THR C 5001 -7.24 33.89 43.54
N GLU C 5002 -6.49 33.11 44.32
CA GLU C 5002 -5.21 32.58 43.87
C GLU C 5002 -5.35 31.25 43.16
N HIS C 5003 -6.57 30.79 42.95
CA HIS C 5003 -6.82 29.49 42.36
C HIS C 5003 -6.39 29.44 40.89
N THR C 5004 -5.69 28.39 40.51
CA THR C 5004 -5.27 28.17 39.14
C THR C 5004 -6.46 27.60 38.37
N GLY C 5005 -6.32 27.49 37.04
CA GLY C 5005 -7.48 27.10 36.22
C GLY C 5005 -8.00 25.73 36.59
N GLN C 5006 -7.10 24.76 36.77
CA GLN C 5006 -7.53 23.39 37.05
C GLN C 5006 -8.19 23.36 38.43
N GLU C 5007 -7.58 24.10 39.36
CA GLU C 5007 -8.06 24.17 40.73
C GLU C 5007 -9.45 24.80 40.78
N SER C 5008 -9.70 25.78 39.92
CA SER C 5008 -11.00 26.43 39.91
C SER C 5008 -12.03 25.56 39.23
N TYR C 5009 -11.60 24.71 38.30
CA TYR C 5009 -12.50 23.73 37.70
C TYR C 5009 -12.95 22.71 38.75
N VAL C 5010 -12.00 22.23 39.54
CA VAL C 5010 -12.31 21.26 40.58
C VAL C 5010 -13.11 21.94 41.69
N TRP C 5011 -12.81 23.22 41.96
CA TRP C 5011 -13.56 23.97 42.96
C TRP C 5011 -15.00 24.08 42.55
N LYS C 5012 -15.25 24.44 41.28
CA LYS C 5012 -16.61 24.67 40.81
C LYS C 5012 -17.40 23.38 40.89
N MET C 5013 -16.75 22.27 40.53
CA MET C 5013 -17.42 20.98 40.55
C MET C 5013 -17.72 20.54 41.98
N TYR C 5014 -16.80 20.87 42.90
CA TYR C 5014 -17.01 20.55 44.31
C TYR C 5014 -18.14 21.38 44.90
N GLN C 5015 -18.20 22.68 44.56
CA GLN C 5015 -19.27 23.53 45.06
C GLN C 5015 -20.63 23.10 44.54
N GLU C 5016 -20.68 22.53 43.34
CA GLU C 5016 -21.97 22.05 42.85
C GLU C 5016 -22.18 20.57 43.13
N ARG C 5017 -21.24 19.92 43.84
CA ARG C 5017 -21.30 18.49 44.19
C ARG C 5017 -21.44 17.60 42.96
N CYS C 5018 -20.69 17.90 41.92
CA CYS C 5018 -20.64 17.08 40.73
C CYS C 5018 -19.32 16.32 40.78
N TRP C 5019 -19.39 15.01 40.66
CA TRP C 5019 -18.20 14.21 40.92
C TRP C 5019 -17.66 13.58 39.65
N ASP C 5020 -17.55 14.38 38.60
CA ASP C 5020 -17.12 13.84 37.32
C ASP C 5020 -15.65 14.10 37.09
N PHE C 5021 -15.05 14.98 37.90
CA PHE C 5021 -13.61 15.17 37.83
C PHE C 5021 -12.86 13.91 38.24
N PHE C 5022 -13.45 13.10 39.14
CA PHE C 5022 -12.79 11.90 39.62
C PHE C 5022 -12.66 10.91 38.47
N PRO C 5023 -11.49 10.30 38.29
CA PRO C 5023 -11.31 9.41 37.13
C PRO C 5023 -12.04 8.10 37.36
N ALA C 5024 -13.06 7.83 36.55
CA ALA C 5024 -13.79 6.58 36.64
C ALA C 5024 -13.47 5.76 35.39
N GLY C 5025 -12.90 4.58 35.59
CA GLY C 5025 -12.65 3.69 34.48
C GLY C 5025 -11.48 4.06 33.62
N ASP C 5026 -10.74 5.11 33.96
CA ASP C 5026 -9.65 5.58 33.13
C ASP C 5026 -8.53 6.16 33.98
N CYS C 5027 -7.31 6.04 33.47
CA CYS C 5027 -6.13 6.54 34.15
C CYS C 5027 -5.21 7.14 33.10
N PHE C 5028 -4.25 7.94 33.56
CA PHE C 5028 -3.35 8.65 32.65
C PHE C 5028 -2.50 7.65 31.86
N ARG C 5029 -2.12 6.54 32.51
CA ARG C 5029 -1.40 5.47 31.81
C ARG C 5029 -2.22 4.96 30.64
N LYS C 5030 -3.50 4.68 30.88
CA LYS C 5030 -4.34 4.09 29.86
C LYS C 5030 -4.55 5.08 28.71
N GLN C 5031 -4.74 6.36 29.05
CA GLN C 5031 -4.96 7.36 28.02
C GLN C 5031 -3.73 7.56 27.15
N TYR C 5032 -2.55 7.65 27.79
CA TYR C 5032 -1.33 7.98 27.07
C TYR C 5032 -0.44 6.76 26.87
N GLU C 5033 -1.04 5.57 26.84
CA GLU C 5033 -0.29 4.31 26.74
C GLU C 5033 0.55 4.21 25.48
N ASP C 5034 -0.01 4.63 24.34
CA ASP C 5034 0.74 4.61 23.08
C ASP C 5034 1.96 5.53 23.13
N GLN C 5035 1.78 6.76 23.64
CA GLN C 5035 2.92 7.65 23.82
C GLN C 5035 3.86 7.18 24.93
N LEU C 5036 3.31 6.61 26.01
CA LEU C 5036 4.17 6.18 27.13
C LEU C 5036 5.05 4.98 26.78
N SER C 5037 4.65 4.20 25.77
CA SER C 5037 5.40 3.05 25.22
C SER C 5037 6.92 3.20 25.12
N VAL D 11 14.46 24.84 10.56
CA VAL D 11 14.94 25.77 11.58
C VAL D 11 16.36 26.19 11.20
N GLN D 12 17.34 25.34 11.51
CA GLN D 12 18.75 25.49 11.15
C GLN D 12 19.34 26.80 11.69
N PHE D 13 19.41 26.87 13.02
CA PHE D 13 20.04 28.00 13.69
C PHE D 13 21.55 27.81 13.74
N LEU D 14 22.29 28.87 13.41
CA LEU D 14 23.75 28.84 13.45
C LEU D 14 24.26 28.69 14.88
N ARG D 15 25.43 28.09 15.01
CA ARG D 15 26.02 27.82 16.32
C ARG D 15 27.54 27.89 16.20
N THR D 16 28.19 28.13 17.34
CA THR D 16 29.64 28.27 17.36
C THR D 16 30.29 26.90 17.16
N ASP D 17 31.60 26.94 16.86
CA ASP D 17 32.49 25.81 16.60
C ASP D 17 32.16 25.06 15.31
N ASP D 18 31.13 25.49 14.58
CA ASP D 18 30.79 24.92 13.29
C ASP D 18 31.62 25.61 12.21
N GLU D 19 31.37 25.26 10.95
CA GLU D 19 32.09 25.84 9.84
C GLU D 19 31.15 26.71 9.02
N VAL D 20 31.66 27.86 8.57
CA VAL D 20 30.91 28.82 7.76
C VAL D 20 31.83 29.36 6.67
N VAL D 21 31.26 30.10 5.74
CA VAL D 21 32.00 30.79 4.70
C VAL D 21 31.49 32.22 4.58
N LEU D 22 32.42 33.17 4.57
CA LEU D 22 32.06 34.54 4.23
C LEU D 22 31.83 34.65 2.73
N GLN D 23 30.77 35.36 2.36
CA GLN D 23 30.22 35.22 1.01
C GLN D 23 29.44 36.46 0.63
N CYS D 24 29.62 36.90 -0.61
CA CYS D 24 29.10 38.16 -1.10
C CYS D 24 27.90 37.95 -2.01
N SER D 25 27.32 39.07 -2.47
CA SER D 25 26.36 39.09 -3.56
C SER D 25 26.52 40.46 -4.24
N ALA D 26 27.37 40.51 -5.26
CA ALA D 26 27.78 41.75 -5.89
C ALA D 26 27.13 41.88 -7.27
N THR D 27 27.13 43.12 -7.76
CA THR D 27 26.55 43.47 -9.07
C THR D 27 27.45 44.44 -9.83
N VAL D 28 28.36 43.87 -10.63
CA VAL D 28 29.19 44.62 -11.56
C VAL D 28 29.13 43.89 -12.90
N LEU D 29 29.43 44.66 -13.96
CA LEU D 29 29.41 44.20 -15.36
C LEU D 29 28.06 43.63 -15.77
N LYS D 30 27.00 44.08 -15.07
CA LYS D 30 25.62 43.71 -15.31
C LYS D 30 25.40 42.22 -15.06
N GLU D 31 25.92 41.74 -13.92
CA GLU D 31 25.56 40.38 -13.51
C GLU D 31 25.58 40.28 -12.00
N GLN D 32 24.88 39.26 -11.50
CA GLN D 32 24.78 39.01 -10.06
C GLN D 32 25.84 38.00 -9.66
N LEU D 33 27.08 38.48 -9.65
CA LEU D 33 28.20 37.64 -9.27
C LEU D 33 28.27 37.45 -7.76
N LYS D 34 28.61 36.24 -7.34
CA LYS D 34 28.62 35.87 -5.94
C LYS D 34 30.04 35.50 -5.57
N LEU D 35 30.58 36.14 -4.54
CA LEU D 35 31.99 36.06 -4.22
C LEU D 35 32.16 35.39 -2.86
N CYS D 36 33.42 35.30 -2.43
CA CYS D 36 33.74 34.69 -1.15
C CYS D 36 34.99 35.37 -0.61
N LEU D 37 35.20 35.19 0.70
CA LEU D 37 36.42 35.64 1.37
C LEU D 37 37.35 34.46 1.62
N ALA D 38 38.57 34.57 1.11
CA ALA D 38 39.58 33.54 1.32
C ALA D 38 40.94 34.21 1.40
N ALA D 39 41.84 33.58 2.15
CA ALA D 39 43.18 34.12 2.35
C ALA D 39 44.15 32.97 2.60
N GLU D 40 45.33 33.05 1.96
CA GLU D 40 46.39 32.10 2.22
C GLU D 40 46.89 32.20 3.67
N GLY D 41 47.01 33.42 4.17
CA GLY D 41 47.50 33.64 5.52
C GLY D 41 49.01 33.60 5.61
N PHE D 42 49.57 32.41 5.42
CA PHE D 42 51.02 32.21 5.45
C PHE D 42 51.65 32.90 4.24
N GLY D 43 52.34 34.01 4.49
CA GLY D 43 52.97 34.79 3.45
C GLY D 43 52.15 35.97 2.97
N ASN D 44 50.85 35.95 3.20
CA ASN D 44 49.98 37.08 2.88
C ASN D 44 48.77 37.01 3.81
N ARG D 45 48.81 37.82 4.87
CA ARG D 45 47.73 37.83 5.84
C ARG D 45 46.46 38.45 5.28
N LEU D 46 46.61 39.35 4.31
CA LEU D 46 45.48 40.07 3.73
C LEU D 46 44.57 39.16 2.94
N CYS D 47 43.27 39.46 2.98
CA CYS D 47 42.27 38.67 2.29
C CYS D 47 42.07 39.20 0.87
N PHE D 48 41.14 38.57 0.16
CA PHE D 48 40.78 38.94 -1.21
C PHE D 48 39.41 38.34 -1.51
N LEU D 49 38.92 38.60 -2.72
CA LEU D 49 37.61 38.12 -3.15
C LEU D 49 37.78 37.04 -4.20
N GLU D 50 37.24 35.86 -3.91
CA GLU D 50 37.30 34.75 -4.85
C GLU D 50 35.91 34.49 -5.41
N PRO D 51 35.71 34.61 -6.72
CA PRO D 51 34.39 34.35 -7.31
C PRO D 51 33.96 32.90 -7.10
N THR D 52 32.66 32.70 -6.85
CA THR D 52 32.13 31.39 -6.55
C THR D 52 30.87 31.07 -7.35
N SER D 53 30.12 32.09 -7.83
CA SER D 53 28.88 31.88 -8.57
C SER D 53 29.09 31.06 -9.83
N ASN D 54 30.23 31.25 -10.50
CA ASN D 54 30.61 30.45 -11.67
C ASN D 54 31.17 29.12 -11.17
N ALA D 55 30.29 28.31 -10.57
CA ALA D 55 30.67 27.07 -9.91
C ALA D 55 30.70 25.87 -10.83
N GLN D 56 30.36 26.03 -12.11
CA GLN D 56 30.38 24.91 -13.04
C GLN D 56 31.48 25.02 -14.08
N ASN D 57 31.79 26.24 -14.54
CA ASN D 57 32.91 26.42 -15.44
C ASN D 57 34.24 26.27 -14.70
N VAL D 58 34.35 26.88 -13.52
CA VAL D 58 35.57 26.80 -12.71
C VAL D 58 35.25 26.40 -11.27
N PRO D 59 36.02 25.50 -10.68
CA PRO D 59 35.79 25.10 -9.29
C PRO D 59 36.15 26.21 -8.32
N PRO D 60 35.58 26.22 -7.12
CA PRO D 60 35.97 27.20 -6.11
C PRO D 60 37.09 26.70 -5.20
N ASP D 61 37.73 27.65 -4.53
CA ASP D 61 38.79 27.34 -3.56
C ASP D 61 38.20 27.15 -2.17
N LEU D 62 37.69 25.94 -1.94
CA LEU D 62 37.02 25.66 -0.67
C LEU D 62 38.01 25.46 0.46
N ALA D 63 39.27 25.15 0.15
CA ALA D 63 40.23 24.92 1.23
C ALA D 63 40.64 26.22 1.92
N ILE D 64 40.36 27.36 1.31
CA ILE D 64 40.71 28.65 1.88
C ILE D 64 39.50 29.54 2.12
N CYS D 65 38.33 29.22 1.56
CA CYS D 65 37.16 30.04 1.86
C CYS D 65 36.51 29.70 3.19
N CYS D 66 36.91 28.59 3.81
CA CYS D 66 36.30 28.12 5.04
C CYS D 66 36.64 29.04 6.22
N PHE D 67 35.70 29.12 7.18
CA PHE D 67 35.88 29.91 8.39
C PHE D 67 35.11 29.29 9.54
N THR D 68 35.62 29.48 10.76
CA THR D 68 35.06 28.82 11.93
C THR D 68 34.71 29.84 13.01
N LEU D 69 33.54 29.65 13.61
CA LEU D 69 33.01 30.49 14.69
C LEU D 69 33.51 29.94 16.01
N GLU D 70 34.66 30.45 16.47
CA GLU D 70 35.26 29.92 17.70
C GLU D 70 34.49 30.33 18.94
N GLN D 71 34.37 31.63 19.20
CA GLN D 71 33.67 32.12 20.36
C GLN D 71 32.68 33.20 19.96
N SER D 72 31.49 33.15 20.56
CA SER D 72 30.48 34.18 20.36
C SER D 72 30.07 34.70 21.73
N LEU D 73 30.42 35.94 22.02
CA LEU D 73 30.20 36.56 23.32
C LEU D 73 29.40 37.84 23.17
N SER D 74 28.66 38.19 24.21
CA SER D 74 27.95 39.47 24.25
C SER D 74 28.96 40.61 24.33
N VAL D 75 28.51 41.82 23.94
CA VAL D 75 29.37 42.99 23.91
C VAL D 75 29.94 43.30 25.29
N ARG D 76 29.08 43.25 26.31
CA ARG D 76 29.52 43.48 27.69
C ARG D 76 30.52 42.42 28.15
N ALA D 77 30.16 41.13 27.99
CA ALA D 77 31.08 40.05 28.38
C ALA D 77 32.39 40.12 27.58
N LEU D 78 32.34 40.66 26.36
CA LEU D 78 33.55 40.95 25.61
C LEU D 78 34.39 42.00 26.32
N GLN D 79 33.71 43.03 26.87
CA GLN D 79 34.45 44.11 27.54
C GLN D 79 35.15 43.58 28.79
N GLU D 80 34.42 42.85 29.62
CA GLU D 80 35.02 42.28 30.83
C GLU D 80 36.10 41.24 30.51
N MET D 81 35.88 40.42 29.48
CA MET D 81 36.91 39.48 29.02
C MET D 81 38.17 40.19 28.56
N LEU D 82 38.03 41.29 27.81
CA LEU D 82 39.18 42.08 27.41
C LEU D 82 39.84 42.76 28.60
N ALA D 83 39.05 43.21 29.57
CA ALA D 83 39.59 43.85 30.77
C ALA D 83 40.42 42.88 31.59
N ASN D 84 39.96 41.64 31.72
CA ASN D 84 40.70 40.64 32.49
C ASN D 84 41.75 39.97 31.61
N HIS D 98 29.43 24.66 22.81
CA HIS D 98 28.61 24.92 21.63
C HIS D 98 27.44 25.84 21.93
N ARG D 99 27.74 27.09 22.29
CA ARG D 99 26.69 28.07 22.56
C ARG D 99 26.15 28.63 21.26
N THR D 100 24.83 28.79 21.19
CA THR D 100 24.19 29.24 19.98
C THR D 100 24.49 30.72 19.75
N LEU D 101 24.68 31.09 18.49
CA LEU D 101 24.91 32.49 18.11
C LEU D 101 23.68 33.32 18.44
N LEU D 102 23.91 34.59 18.79
CA LEU D 102 22.85 35.54 19.03
C LEU D 102 23.20 36.86 18.35
N TYR D 103 22.18 37.52 17.79
CA TYR D 103 22.39 38.79 17.09
C TYR D 103 22.94 39.85 18.05
N GLY D 104 23.81 40.70 17.53
CA GLY D 104 24.43 41.75 18.32
C GLY D 104 25.60 41.29 19.16
N HIS D 105 25.88 39.99 19.21
CA HIS D 105 27.00 39.49 19.99
C HIS D 105 28.31 39.79 19.27
N ALA D 106 29.41 39.38 19.89
CA ALA D 106 30.74 39.52 19.30
C ALA D 106 31.26 38.13 18.98
N ILE D 107 31.56 37.89 17.71
CA ILE D 107 31.97 36.56 17.26
C ILE D 107 33.46 36.59 16.94
N LEU D 108 34.07 35.41 16.99
CA LEU D 108 35.49 35.22 16.74
C LEU D 108 35.66 34.33 15.52
N LEU D 109 36.11 34.93 14.42
CA LEU D 109 36.30 34.21 13.17
C LEU D 109 37.74 33.73 13.04
N ARG D 110 37.89 32.43 12.77
CA ARG D 110 39.21 31.81 12.63
C ARG D 110 39.27 31.11 11.29
N HIS D 111 40.24 31.49 10.46
CA HIS D 111 40.45 30.81 9.19
C HIS D 111 40.79 29.35 9.44
N ALA D 112 40.11 28.46 8.72
CA ALA D 112 40.19 27.02 8.98
C ALA D 112 41.58 26.48 8.72
N HIS D 113 42.20 26.89 7.62
CA HIS D 113 43.52 26.38 7.27
C HIS D 113 44.65 27.10 7.99
N SER D 114 44.80 28.39 7.74
CA SER D 114 45.94 29.16 8.25
C SER D 114 45.95 29.26 9.77
N ARG D 115 44.82 29.01 10.43
CA ARG D 115 44.56 29.06 11.87
C ARG D 115 44.63 30.48 12.43
N MET D 116 44.91 31.47 11.60
CA MET D 116 44.94 32.87 11.98
C MET D 116 43.52 33.42 12.04
N TYR D 117 43.31 34.38 12.93
CA TYR D 117 41.99 34.95 13.14
C TYR D 117 41.80 36.17 12.26
N LEU D 118 40.58 36.35 11.75
CA LEU D 118 40.26 37.57 11.02
C LEU D 118 40.24 38.76 11.95
N SER D 119 40.74 39.90 11.45
CA SER D 119 40.78 41.13 12.23
C SER D 119 40.92 42.32 11.30
N CYS D 120 40.76 43.50 11.86
CA CYS D 120 40.93 44.75 11.12
C CYS D 120 42.36 45.24 11.27
N LEU D 121 43.12 45.25 10.18
CA LEU D 121 44.51 45.67 10.22
C LEU D 121 44.59 47.19 10.37
N THR D 122 45.57 47.65 11.13
CA THR D 122 45.74 49.07 11.38
C THR D 122 46.16 49.82 10.13
N THR D 123 47.17 49.33 9.43
CA THR D 123 47.69 50.00 8.24
C THR D 123 47.03 49.44 6.99
N SER D 124 46.65 50.34 6.08
CA SER D 124 45.96 49.98 4.86
C SER D 124 46.72 50.47 3.64
N ARG D 125 46.69 49.66 2.58
CA ARG D 125 47.34 49.96 1.32
C ARG D 125 46.36 50.41 0.25
N SER D 126 45.06 50.45 0.54
CA SER D 126 44.06 50.88 -0.44
C SER D 126 44.23 52.36 -0.72
N MET D 127 44.80 52.66 -1.89
CA MET D 127 45.12 54.03 -2.28
C MET D 127 43.91 54.78 -2.80
N THR D 128 42.81 54.07 -3.12
CA THR D 128 41.64 54.70 -3.72
C THR D 128 40.97 55.67 -2.76
N ASP D 129 40.83 55.28 -1.50
CA ASP D 129 40.09 56.07 -0.53
C ASP D 129 40.85 56.14 0.79
N LYS D 130 40.61 57.21 1.54
CA LYS D 130 41.09 57.32 2.90
C LYS D 130 40.06 56.67 3.81
N LEU D 131 40.30 56.76 5.14
CA LEU D 131 39.42 56.28 6.24
C LEU D 131 38.99 54.82 6.09
N ALA D 132 39.66 54.04 5.24
CA ALA D 132 39.29 52.67 4.95
C ALA D 132 40.48 51.77 5.27
N PHE D 133 40.32 50.93 6.26
CA PHE D 133 41.37 49.98 6.63
C PHE D 133 41.10 48.65 5.94
N ASP D 134 42.11 47.80 5.92
CA ASP D 134 42.01 46.53 5.23
C ASP D 134 41.87 45.38 6.23
N VAL D 135 41.16 44.36 5.82
CA VAL D 135 40.97 43.18 6.65
C VAL D 135 42.12 42.21 6.38
N GLY D 136 42.53 41.48 7.41
CA GLY D 136 43.63 40.55 7.27
C GLY D 136 43.54 39.40 8.26
N LEU D 137 44.67 38.76 8.50
CA LEU D 137 44.73 37.62 9.41
C LEU D 137 45.73 37.90 10.53
N GLN D 138 45.31 37.66 11.76
CA GLN D 138 46.11 37.93 12.93
C GLN D 138 46.50 36.61 13.59
N GLU D 139 47.71 36.60 14.16
CA GLU D 139 48.33 35.36 14.66
C GLU D 139 47.53 34.74 15.80
N ASP D 140 47.06 35.56 16.74
CA ASP D 140 46.37 35.02 17.90
C ASP D 140 45.03 35.71 18.14
N ALA D 141 44.38 35.40 19.25
CA ALA D 141 43.10 35.99 19.61
C ALA D 141 43.24 37.20 20.52
N THR D 142 44.46 37.66 20.76
CA THR D 142 44.69 38.81 21.63
C THR D 142 44.12 40.08 21.01
N GLY D 143 43.74 41.01 21.89
CA GLY D 143 43.18 42.27 21.45
C GLY D 143 41.70 42.17 21.14
N GLU D 144 41.18 43.26 20.58
CA GLU D 144 39.78 43.36 20.23
C GLU D 144 39.51 43.27 18.74
N ALA D 145 40.52 43.55 17.90
CA ALA D 145 40.35 43.53 16.45
C ALA D 145 39.92 42.16 15.93
N CYS D 146 40.35 41.08 16.61
CA CYS D 146 39.97 39.73 16.22
C CYS D 146 38.48 39.45 16.36
N TRP D 147 37.75 40.29 17.08
CA TRP D 147 36.33 40.09 17.32
C TRP D 147 35.51 40.95 16.38
N TRP D 148 34.37 40.43 15.98
CA TRP D 148 33.45 41.12 15.09
C TRP D 148 32.05 41.03 15.67
N THR D 149 31.28 42.09 15.50
CA THR D 149 29.90 42.13 15.97
C THR D 149 28.96 42.04 14.78
N MET D 150 28.01 41.12 14.83
CA MET D 150 27.08 40.90 13.73
C MET D 150 25.72 41.51 14.05
N HIS D 151 25.15 42.17 13.05
CA HIS D 151 23.89 42.86 13.25
C HIS D 151 22.86 42.36 12.25
N PRO D 152 21.57 42.37 12.62
CA PRO D 152 20.52 42.09 11.63
C PRO D 152 20.53 43.13 10.53
N ALA D 153 20.19 42.67 9.30
CA ALA D 153 20.21 43.54 8.14
C ALA D 153 19.18 44.66 8.27
N SER D 154 17.97 44.33 8.72
CA SER D 154 16.91 45.32 8.87
C SER D 154 16.05 44.90 10.05
N LYS D 155 14.92 45.58 10.22
CA LYS D 155 14.03 45.36 11.35
C LYS D 155 13.30 44.02 11.31
N GLN D 156 13.33 43.29 10.18
CA GLN D 156 12.67 41.99 10.12
C GLN D 156 13.33 40.95 11.02
N ARG D 157 14.59 41.15 11.39
CA ARG D 157 15.25 40.39 12.44
C ARG D 157 15.58 41.33 13.59
N SER D 158 15.40 40.85 14.81
CA SER D 158 15.63 41.65 16.00
C SER D 158 17.01 41.39 16.59
N GLU D 159 17.50 42.36 17.35
CA GLU D 159 18.78 42.19 18.02
C GLU D 159 18.63 41.22 19.19
N GLY D 160 19.61 40.34 19.34
CA GLY D 160 19.64 39.39 20.43
C GLY D 160 19.10 38.02 20.11
N GLU D 161 18.45 37.82 18.97
CA GLU D 161 17.91 36.52 18.64
C GLU D 161 18.90 35.70 17.83
N LYS D 162 18.73 34.38 17.93
CA LYS D 162 19.60 33.44 17.22
C LYS D 162 19.40 33.54 15.72
N VAL D 163 20.49 33.37 14.98
CA VAL D 163 20.52 33.57 13.53
C VAL D 163 20.35 32.22 12.84
N ARG D 164 19.44 32.18 11.87
CA ARG D 164 19.22 31.01 11.03
C ARG D 164 20.18 31.01 9.85
N VAL D 165 20.15 29.92 9.08
CA VAL D 165 21.01 29.82 7.92
C VAL D 165 20.55 30.77 6.83
N GLY D 166 21.51 31.30 6.07
CA GLY D 166 21.21 32.14 4.94
C GLY D 166 20.71 33.54 5.26
N ASP D 167 20.63 33.91 6.54
CA ASP D 167 20.19 35.24 6.91
C ASP D 167 21.20 36.29 6.45
N ASP D 168 20.68 37.36 5.87
CA ASP D 168 21.53 38.46 5.42
C ASP D 168 22.03 39.24 6.63
N LEU D 169 23.35 39.35 6.75
CA LEU D 169 23.96 39.89 7.97
C LEU D 169 24.91 41.03 7.64
N ILE D 170 25.32 41.74 8.69
CA ILE D 170 26.29 42.81 8.60
C ILE D 170 27.23 42.66 9.79
N LEU D 171 28.55 42.69 9.54
CA LEU D 171 29.56 42.54 10.57
C LEU D 171 30.21 43.90 10.86
N VAL D 172 30.48 44.16 12.13
CA VAL D 172 31.15 45.39 12.54
C VAL D 172 32.35 45.03 13.40
N SER D 173 33.51 45.58 13.04
CA SER D 173 34.74 45.36 13.80
C SER D 173 34.69 46.13 15.10
N VAL D 174 35.06 45.46 16.20
CA VAL D 174 35.04 46.10 17.51
C VAL D 174 36.11 47.20 17.60
N SER D 175 37.32 46.91 17.09
CA SER D 175 38.44 47.82 17.25
C SER D 175 38.29 49.09 16.43
N SER D 176 37.78 48.98 15.21
CA SER D 176 37.75 50.13 14.30
C SER D 176 36.36 50.72 14.08
N GLU D 177 35.31 49.99 14.46
CA GLU D 177 33.91 50.40 14.27
C GLU D 177 33.61 50.71 12.80
N ARG D 178 34.28 49.98 11.91
CA ARG D 178 34.16 50.19 10.47
C ARG D 178 33.50 48.98 9.82
N TYR D 179 32.47 49.26 9.03
CA TYR D 179 31.81 48.24 8.23
C TYR D 179 32.80 47.63 7.25
N LEU D 180 32.85 46.30 7.21
CA LEU D 180 33.67 45.64 6.20
C LEU D 180 33.05 45.91 4.83
N HIS D 181 33.83 46.49 3.94
CA HIS D 181 33.30 47.10 2.72
C HIS D 181 34.12 46.65 1.53
N LEU D 182 33.45 46.30 0.45
CA LEU D 182 34.14 45.90 -0.77
C LEU D 182 34.52 47.14 -1.59
N SER D 183 35.78 47.21 -2.00
CA SER D 183 36.30 48.36 -2.74
C SER D 183 35.84 48.26 -4.19
N THR D 184 34.58 48.66 -4.41
CA THR D 184 34.00 48.63 -5.76
C THR D 184 34.54 49.76 -6.62
N ALA D 185 35.08 50.81 -6.01
CA ALA D 185 35.59 51.97 -6.75
C ALA D 185 36.75 51.61 -7.67
N SER D 186 37.66 50.77 -7.19
CA SER D 186 38.75 50.31 -8.02
C SER D 186 38.26 49.30 -9.04
N GLY D 187 39.09 49.05 -10.06
CA GLY D 187 38.73 48.08 -11.08
C GLY D 187 38.56 46.68 -10.54
N GLU D 188 39.44 46.26 -9.64
CA GLU D 188 39.35 44.97 -9.00
C GLU D 188 38.46 45.07 -7.76
N LEU D 189 37.97 43.92 -7.32
CA LEU D 189 37.07 43.85 -6.17
C LEU D 189 37.84 43.29 -4.98
N GLN D 190 38.11 44.16 -4.01
CA GLN D 190 38.78 43.81 -2.77
C GLN D 190 37.76 43.88 -1.65
N VAL D 191 38.24 43.70 -0.41
CA VAL D 191 37.44 43.90 0.79
C VAL D 191 38.24 44.74 1.77
N ASP D 192 37.61 45.79 2.29
CA ASP D 192 38.28 46.73 3.19
C ASP D 192 37.36 46.99 4.38
N ALA D 193 37.69 47.98 5.21
CA ALA D 193 36.90 48.34 6.39
C ALA D 193 36.63 49.84 6.35
N SER D 194 35.42 50.24 5.99
CA SER D 194 35.06 51.64 5.87
C SER D 194 33.71 51.83 6.55
N PHE D 195 33.07 52.96 6.29
CA PHE D 195 31.79 53.26 6.92
C PHE D 195 30.60 52.94 6.04
N MET D 196 30.82 52.26 4.92
CA MET D 196 29.75 51.79 4.05
C MET D 196 29.53 50.30 4.27
N GLN D 197 28.29 49.92 4.56
CA GLN D 197 27.98 48.55 4.91
C GLN D 197 28.02 47.61 3.70
N THR D 198 28.07 46.32 4.00
CA THR D 198 27.99 45.25 3.00
C THR D 198 27.09 44.16 3.55
N LEU D 199 26.35 43.51 2.68
CA LEU D 199 25.42 42.45 3.05
C LEU D 199 26.06 41.09 2.85
N TRP D 200 26.00 40.24 3.88
CA TRP D 200 26.79 39.02 3.97
C TRP D 200 25.92 37.80 4.18
N ASN D 201 26.19 36.77 3.38
CA ASN D 201 25.52 35.48 3.49
C ASN D 201 26.43 34.52 4.24
N MET D 202 25.93 33.98 5.35
CA MET D 202 26.69 33.09 6.21
C MET D 202 26.13 31.69 6.02
N ASN D 203 26.64 30.99 5.02
CA ASN D 203 26.18 29.66 4.69
C ASN D 203 27.06 28.63 5.35
N PRO D 204 26.52 27.79 6.24
CA PRO D 204 27.36 26.81 6.93
C PRO D 204 27.86 25.71 5.99
N ILE D 205 28.99 25.13 6.39
CA ILE D 205 29.61 24.03 5.66
C ILE D 205 29.41 22.70 6.37
N CYS D 206 29.70 22.66 7.67
CA CYS D 206 29.60 21.45 8.46
C CYS D 206 28.96 21.75 9.81
N SER D 207 28.31 20.74 10.38
CA SER D 207 27.74 20.87 11.72
C SER D 207 28.41 19.95 12.73
N CYS D 208 28.41 18.63 12.50
CA CYS D 208 28.97 17.66 13.44
C CYS D 208 29.35 16.40 12.68
N CYS D 209 30.64 16.08 12.63
CA CYS D 209 31.10 14.81 12.10
C CYS D 209 31.67 13.96 13.23
N GLU D 210 31.17 12.72 13.33
CA GLU D 210 31.61 11.81 14.38
C GLU D 210 32.95 11.18 13.98
N GLU D 211 33.41 10.20 14.75
CA GLU D 211 34.73 9.64 14.54
C GLU D 211 34.69 8.65 13.38
N GLY D 212 35.51 8.91 12.36
CA GLY D 212 35.68 8.00 11.24
C GLY D 212 34.50 7.85 10.31
N TYR D 213 33.78 8.92 10.01
CA TYR D 213 32.77 8.93 8.96
C TYR D 213 33.22 9.88 7.86
N VAL D 214 33.28 9.38 6.63
CA VAL D 214 33.83 10.15 5.51
C VAL D 214 32.80 11.17 5.06
N THR D 215 33.20 12.44 5.05
CA THR D 215 32.34 13.54 4.64
C THR D 215 33.05 14.35 3.57
N GLY D 216 32.25 15.14 2.84
CA GLY D 216 32.80 15.98 1.79
C GLY D 216 33.66 17.11 2.34
N GLY D 217 34.61 17.56 1.54
CA GLY D 217 35.52 18.62 1.93
C GLY D 217 36.79 18.13 2.60
N HIS D 218 36.88 16.84 2.90
CA HIS D 218 38.04 16.29 3.59
C HIS D 218 39.18 16.06 2.61
N VAL D 219 40.37 16.51 2.98
CA VAL D 219 41.58 16.10 2.29
C VAL D 219 41.98 14.74 2.85
N LEU D 220 42.19 13.76 1.98
CA LEU D 220 42.43 12.41 2.48
C LEU D 220 43.14 11.58 1.43
N ARG D 221 43.52 10.37 1.83
CA ARG D 221 44.03 9.36 0.90
C ARG D 221 43.01 8.26 0.66
N LEU D 222 43.19 7.59 -0.47
CA LEU D 222 42.32 6.50 -0.92
C LEU D 222 43.13 5.21 -1.01
N PHE D 223 43.17 4.45 0.08
CA PHE D 223 43.85 3.17 0.09
C PHE D 223 43.08 2.14 -0.73
N HIS D 224 43.78 1.08 -1.09
CA HIS D 224 43.16 -0.10 -1.63
C HIS D 224 42.97 -1.06 -0.46
N GLY D 225 42.05 -2.01 -0.62
CA GLY D 225 41.69 -2.96 0.43
C GLY D 225 42.84 -3.81 0.95
N HIS D 226 43.93 -3.92 0.19
CA HIS D 226 45.10 -4.71 0.53
C HIS D 226 46.03 -3.97 1.50
N MET D 227 45.75 -2.70 1.82
CA MET D 227 46.47 -1.79 2.71
C MET D 227 47.84 -1.35 2.20
N ASP D 228 48.28 -1.80 1.02
CA ASP D 228 49.63 -1.48 0.57
C ASP D 228 49.62 -0.57 -0.65
N GLU D 229 49.01 -0.98 -1.76
CA GLU D 229 48.94 -0.11 -2.92
C GLU D 229 47.98 1.05 -2.66
N CYS D 230 48.30 2.19 -3.26
CA CYS D 230 47.75 3.46 -2.83
C CYS D 230 47.77 4.42 -4.01
N LEU D 231 46.77 5.30 -4.08
CA LEU D 231 46.64 6.18 -5.23
C LEU D 231 47.62 7.33 -5.10
N THR D 232 48.62 7.36 -5.98
CA THR D 232 49.64 8.41 -5.98
C THR D 232 49.88 8.90 -7.40
N ILE D 233 50.12 10.19 -7.53
CA ILE D 233 50.66 10.74 -8.77
C ILE D 233 52.17 10.57 -8.73
N SER D 234 52.83 10.82 -9.86
CA SER D 234 54.29 10.71 -9.95
C SER D 234 54.98 11.70 -9.01
N ALA D 235 56.22 11.38 -8.68
CA ALA D 235 57.00 12.20 -7.76
C ALA D 235 57.35 13.54 -8.40
N ALA D 236 57.74 14.49 -7.55
CA ALA D 236 58.05 15.85 -7.99
C ALA D 236 59.28 15.87 -8.87
N ASP D 237 59.33 16.88 -9.76
CA ASP D 237 60.40 17.12 -10.73
C ASP D 237 60.59 15.92 -11.65
N SER D 238 59.55 15.64 -12.44
CA SER D 238 59.54 14.54 -13.37
C SER D 238 59.07 15.00 -14.74
N ASP D 239 59.62 14.36 -15.78
CA ASP D 239 59.24 14.62 -17.16
C ASP D 239 57.80 14.18 -17.43
N ASP D 240 57.30 13.22 -16.65
CA ASP D 240 55.93 12.71 -16.79
C ASP D 240 54.87 13.76 -16.48
N GLN D 241 55.25 14.87 -15.84
CA GLN D 241 54.41 16.00 -15.41
C GLN D 241 53.40 15.61 -14.35
N ARG D 242 53.56 14.43 -13.73
CA ARG D 242 52.83 14.00 -12.54
C ARG D 242 51.33 13.92 -12.76
N ARG D 243 50.93 13.64 -14.00
CA ARG D 243 49.54 13.70 -14.41
C ARG D 243 48.88 12.33 -14.50
N LEU D 244 49.49 11.30 -13.93
CA LEU D 244 48.94 9.95 -14.02
C LEU D 244 48.85 9.33 -12.63
N VAL D 245 47.75 8.65 -12.35
CA VAL D 245 47.51 8.01 -11.07
C VAL D 245 48.05 6.58 -11.12
N TYR D 246 48.73 6.16 -10.06
CA TYR D 246 49.30 4.83 -9.97
C TYR D 246 48.94 4.23 -8.63
N TYR D 247 48.58 2.94 -8.64
CA TYR D 247 48.37 2.15 -7.42
C TYR D 247 49.74 1.74 -6.86
N GLU D 248 50.45 2.73 -6.34
CA GLU D 248 51.83 2.56 -5.89
C GLU D 248 51.83 2.22 -4.40
N GLY D 249 52.58 1.18 -4.04
CA GLY D 249 52.63 0.70 -2.68
C GLY D 249 53.89 1.12 -1.94
N GLY D 250 53.96 0.69 -0.68
CA GLY D 250 55.10 1.01 0.17
C GLY D 250 54.96 2.35 0.87
N ALA D 251 56.10 3.01 1.10
CA ALA D 251 56.14 4.32 1.73
C ALA D 251 55.94 5.47 0.73
N VAL D 252 55.37 5.18 -0.44
CA VAL D 252 55.18 6.21 -1.44
C VAL D 252 54.10 7.19 -1.01
N CYS D 253 53.01 6.70 -0.42
CA CYS D 253 51.91 7.59 -0.06
C CYS D 253 51.89 7.95 1.42
N THR D 254 53.07 8.10 2.02
CA THR D 254 53.18 8.84 3.26
C THR D 254 53.54 10.30 2.99
N HIS D 255 53.61 10.68 1.73
CA HIS D 255 54.05 12.01 1.31
C HIS D 255 52.84 12.87 0.95
N ALA D 256 53.12 14.14 0.63
CA ALA D 256 52.08 15.11 0.29
C ALA D 256 51.56 14.96 -1.13
N ARG D 257 52.21 14.17 -1.98
CA ARG D 257 51.78 14.00 -3.35
C ARG D 257 50.51 13.18 -3.50
N SER D 258 50.07 12.50 -2.45
CA SER D 258 49.00 11.51 -2.55
C SER D 258 47.81 11.85 -1.67
N LEU D 259 47.39 13.11 -1.69
CA LEU D 259 46.23 13.54 -0.92
C LEU D 259 45.17 14.05 -1.89
N TRP D 260 43.95 13.54 -1.74
CA TRP D 260 42.82 13.95 -2.56
C TRP D 260 41.78 14.62 -1.70
N ARG D 261 41.08 15.59 -2.28
CA ARG D 261 40.05 16.35 -1.59
C ARG D 261 38.70 16.06 -2.23
N LEU D 262 37.73 15.68 -1.40
CA LEU D 262 36.36 15.39 -1.84
C LEU D 262 35.59 16.70 -1.92
N GLU D 263 35.58 17.34 -3.09
CA GLU D 263 35.01 18.68 -3.19
C GLU D 263 33.71 18.66 -3.97
N PRO D 264 32.53 18.76 -3.33
CA PRO D 264 31.27 18.72 -4.09
C PRO D 264 30.99 19.98 -4.90
N LEU D 265 29.82 20.00 -5.54
CA LEU D 265 29.40 21.12 -6.39
C LEU D 265 28.64 22.19 -5.62
N ARG D 266 27.86 21.78 -4.63
CA ARG D 266 27.00 22.71 -3.89
C ARG D 266 27.83 23.73 -3.12
N ILE D 267 27.52 25.01 -3.30
CA ILE D 267 28.26 26.05 -2.60
C ILE D 267 27.93 26.02 -1.11
N SER D 268 26.64 25.98 -0.78
CA SER D 268 26.22 25.86 0.61
C SER D 268 26.16 24.39 1.00
N TRP D 269 26.54 24.12 2.26
CA TRP D 269 26.61 22.76 2.82
C TRP D 269 27.50 21.83 2.00
N SER D 270 28.61 22.37 1.49
CA SER D 270 29.56 21.55 0.73
C SER D 270 30.24 20.49 1.58
N GLY D 271 30.31 20.69 2.89
CA GLY D 271 30.92 19.73 3.78
C GLY D 271 29.93 18.71 4.31
N SER D 272 28.79 18.58 3.63
CA SER D 272 27.77 17.62 4.02
C SER D 272 28.28 16.19 3.91
N HIS D 273 27.69 15.33 4.75
CA HIS D 273 28.07 13.92 4.79
C HIS D 273 27.80 13.28 3.43
N LEU D 274 28.70 12.38 3.03
CA LEU D 274 28.64 11.78 1.71
C LEU D 274 27.39 10.93 1.51
N ARG D 275 26.65 11.25 0.46
CA ARG D 275 25.59 10.38 -0.03
C ARG D 275 26.06 9.79 -1.36
N TRP D 276 25.89 8.46 -1.49
CA TRP D 276 26.44 7.73 -2.62
C TRP D 276 25.85 8.23 -3.93
N GLY D 277 26.70 8.36 -4.94
CA GLY D 277 26.24 8.83 -6.24
C GLY D 277 25.90 10.31 -6.29
N GLN D 278 26.70 11.15 -5.65
CA GLN D 278 26.47 12.58 -5.79
C GLN D 278 27.62 13.19 -6.59
N PRO D 279 27.37 14.26 -7.35
CA PRO D 279 28.46 14.86 -8.13
C PRO D 279 29.47 15.57 -7.24
N LEU D 280 30.75 15.25 -7.45
CA LEU D 280 31.82 15.84 -6.66
C LEU D 280 33.14 15.76 -7.43
N ARG D 281 33.91 16.83 -7.35
CA ARG D 281 35.23 16.90 -7.95
C ARG D 281 36.27 16.26 -7.02
N ILE D 282 37.41 15.94 -7.60
CA ILE D 282 38.57 15.41 -6.89
C ILE D 282 39.78 16.25 -7.28
N ARG D 283 40.53 16.72 -6.29
CA ARG D 283 41.63 17.64 -6.56
C ARG D 283 42.91 17.12 -5.92
N HIS D 284 44.03 17.40 -6.56
CA HIS D 284 45.33 17.23 -5.92
C HIS D 284 45.66 18.48 -5.11
N VAL D 285 46.35 18.28 -4.00
CA VAL D 285 46.52 19.38 -3.04
C VAL D 285 47.69 20.29 -3.41
N THR D 286 48.89 19.73 -3.64
CA THR D 286 50.08 20.56 -3.85
C THR D 286 50.08 21.21 -5.23
N THR D 287 49.70 20.46 -6.26
CA THR D 287 49.69 21.03 -7.60
C THR D 287 48.41 21.81 -7.89
N GLY D 288 47.37 21.60 -7.10
CA GLY D 288 46.09 22.27 -7.29
C GLY D 288 45.44 21.90 -8.60
N ARG D 289 45.43 20.61 -8.90
CA ARG D 289 44.88 20.12 -10.16
C ARG D 289 43.81 19.06 -9.90
N TYR D 290 42.82 19.05 -10.79
CA TYR D 290 41.62 18.23 -10.68
C TYR D 290 41.69 17.06 -11.66
N LEU D 291 41.39 15.86 -11.17
CA LEU D 291 41.24 14.70 -12.05
C LEU D 291 40.14 14.95 -13.08
N ALA D 292 40.47 14.72 -14.36
CA ALA D 292 39.55 14.93 -15.46
C ALA D 292 39.74 13.82 -16.50
N LEU D 293 38.65 13.53 -17.20
CA LEU D 293 38.67 12.58 -18.32
C LEU D 293 38.94 13.39 -19.58
N THR D 294 40.20 13.50 -19.96
CA THR D 294 40.56 14.28 -21.13
C THR D 294 40.48 13.40 -22.38
N GLU D 295 40.34 14.06 -23.53
CA GLU D 295 40.10 13.35 -24.78
C GLU D 295 41.36 12.67 -25.33
N ASP D 296 42.55 13.18 -25.01
CA ASP D 296 43.78 12.66 -25.60
C ASP D 296 44.54 11.71 -24.69
N GLN D 297 44.59 11.98 -23.39
CA GLN D 297 45.37 11.17 -22.45
C GLN D 297 44.51 10.51 -21.38
N GLY D 298 43.20 10.47 -21.58
CA GLY D 298 42.27 9.82 -20.65
C GLY D 298 42.18 10.48 -19.30
N LEU D 299 42.67 9.83 -18.25
CA LEU D 299 42.54 10.35 -16.90
C LEU D 299 43.81 11.13 -16.54
N VAL D 300 43.71 12.46 -16.51
CA VAL D 300 44.83 13.31 -16.11
C VAL D 300 44.33 14.39 -15.17
N VAL D 301 45.26 15.00 -14.43
CA VAL D 301 44.93 16.16 -13.63
C VAL D 301 45.14 17.42 -14.47
N VAL D 302 44.16 18.32 -14.41
CA VAL D 302 44.12 19.54 -15.20
C VAL D 302 43.90 20.70 -14.25
N ASP D 303 44.32 21.89 -14.68
CA ASP D 303 44.23 23.09 -13.85
C ASP D 303 42.77 23.46 -13.55
N ALA D 304 42.60 24.42 -12.63
CA ALA D 304 41.28 24.91 -12.27
C ALA D 304 40.62 25.74 -13.36
N CYS D 305 41.35 26.12 -14.40
CA CYS D 305 40.76 26.88 -15.51
C CYS D 305 40.13 25.98 -16.56
N LYS D 306 40.27 24.66 -16.43
CA LYS D 306 39.75 23.70 -17.39
C LYS D 306 39.02 22.54 -16.71
N ALA D 307 38.40 22.81 -15.56
CA ALA D 307 37.59 21.82 -14.85
C ALA D 307 36.14 22.23 -15.10
N HIS D 308 35.59 21.75 -16.23
CA HIS D 308 34.28 22.12 -16.72
C HIS D 308 33.13 21.33 -16.10
N THR D 309 33.38 20.56 -15.03
CA THR D 309 32.42 19.83 -14.18
C THR D 309 31.84 18.61 -14.91
N LYS D 310 32.15 18.48 -16.20
CA LYS D 310 31.70 17.33 -16.98
C LYS D 310 32.70 16.19 -16.85
N ALA D 311 33.96 16.44 -17.18
CA ALA D 311 34.99 15.42 -17.08
C ALA D 311 35.59 15.29 -15.69
N THR D 312 35.33 16.24 -14.79
CA THR D 312 35.95 16.21 -13.46
C THR D 312 35.08 15.60 -12.39
N SER D 313 33.75 15.71 -12.50
CA SER D 313 32.86 15.20 -11.46
C SER D 313 32.87 13.68 -11.43
N PHE D 314 32.73 13.13 -10.22
CA PHE D 314 32.69 11.69 -10.02
C PHE D 314 31.64 11.38 -8.96
N CYS D 315 31.49 10.10 -8.62
CA CYS D 315 30.47 9.65 -7.68
C CYS D 315 30.96 8.41 -6.95
N PHE D 316 30.29 8.09 -5.85
CA PHE D 316 30.55 6.88 -5.06
C PHE D 316 29.35 5.96 -5.03
N ARG D 317 29.61 4.68 -4.77
CA ARG D 317 28.55 3.67 -4.63
C ARG D 317 29.12 2.44 -3.95
N VAL D 318 28.25 1.46 -3.71
CA VAL D 318 28.61 0.27 -2.94
C VAL D 318 29.11 -0.87 -3.82
N SER D 319 28.55 -1.08 -5.01
CA SER D 319 28.92 -2.22 -5.84
C SER D 319 28.97 -1.78 -7.29
N LYS D 320 29.24 -2.74 -8.18
CA LYS D 320 29.37 -2.44 -9.60
C LYS D 320 28.08 -2.62 -10.38
N GLU D 321 26.98 -2.98 -9.72
CA GLU D 321 25.70 -3.13 -10.39
C GLU D 321 25.13 -1.76 -10.76
N LYS D 322 24.44 -1.71 -11.90
CA LYS D 322 23.89 -0.45 -12.39
C LYS D 322 22.68 -0.03 -11.58
N LEU D 323 22.72 1.19 -11.04
CA LEU D 323 21.61 1.72 -10.26
C LEU D 323 20.75 2.66 -11.11
N PRO D 327 22.93 11.79 -9.69
CA PRO D 327 22.86 12.94 -8.78
C PRO D 327 21.50 13.09 -8.12
N LYS D 328 21.49 13.12 -6.79
CA LYS D 328 20.28 13.28 -6.00
C LYS D 328 20.14 14.73 -5.56
N ARG D 329 18.91 15.08 -5.18
CA ARG D 329 18.60 16.43 -4.70
C ARG D 329 19.36 16.72 -3.42
N ASP D 330 19.96 17.92 -3.36
CA ASP D 330 20.79 18.31 -2.23
C ASP D 330 19.96 18.47 -0.97
N VAL D 331 20.52 18.03 0.16
CA VAL D 331 19.88 18.14 1.46
C VAL D 331 20.58 19.26 2.25
N GLU D 332 19.78 20.16 2.81
CA GLU D 332 20.32 21.29 3.57
C GLU D 332 20.57 20.84 5.00
N GLY D 333 21.65 20.11 5.19
CA GLY D 333 21.99 19.60 6.49
C GLY D 333 23.29 18.83 6.45
N MET D 334 23.68 18.32 7.63
CA MET D 334 24.92 17.56 7.78
C MET D 334 24.90 16.32 6.90
N GLY D 335 23.83 15.53 6.99
CA GLY D 335 23.72 14.34 6.18
C GLY D 335 23.80 13.06 6.98
N PRO D 336 23.12 12.01 6.51
CA PRO D 336 23.10 10.75 7.25
C PRO D 336 24.45 10.06 7.20
N PRO D 337 24.79 9.26 8.23
CA PRO D 337 26.06 8.53 8.21
C PRO D 337 26.06 7.35 7.23
N GLU D 338 26.80 7.47 6.14
CA GLU D 338 26.82 6.46 5.08
C GLU D 338 28.17 5.77 4.94
N ILE D 339 29.25 6.54 4.74
CA ILE D 339 30.57 5.99 4.46
C ILE D 339 31.46 6.18 5.67
N LYS D 340 32.06 5.10 6.14
CA LYS D 340 32.97 5.13 7.27
C LYS D 340 34.43 5.07 6.79
N TYR D 341 35.34 5.29 7.74
CA TYR D 341 36.77 5.33 7.47
C TYR D 341 37.40 3.99 7.82
N GLY D 342 38.11 3.40 6.86
CA GLY D 342 38.75 2.13 7.03
C GLY D 342 37.89 0.92 6.71
N GLU D 343 36.59 1.13 6.47
CA GLU D 343 35.65 0.07 6.11
C GLU D 343 34.79 0.61 4.98
N SER D 344 33.71 -0.12 4.66
CA SER D 344 32.66 0.28 3.71
C SER D 344 33.25 0.57 2.32
N LEU D 345 33.69 -0.50 1.67
CA LEU D 345 34.32 -0.44 0.34
C LEU D 345 33.44 0.31 -0.66
N CYS D 346 34.05 1.25 -1.36
CA CYS D 346 33.34 2.10 -2.31
C CYS D 346 33.90 1.95 -3.72
N PHE D 347 33.03 2.15 -4.70
CA PHE D 347 33.41 2.18 -6.10
C PHE D 347 33.14 3.55 -6.68
N VAL D 348 33.98 3.94 -7.65
CA VAL D 348 33.94 5.24 -8.30
C VAL D 348 33.71 5.04 -9.78
N GLN D 349 32.69 5.71 -10.31
CA GLN D 349 32.35 5.69 -11.72
C GLN D 349 32.20 7.14 -12.17
N HIS D 350 32.72 7.43 -13.36
CA HIS D 350 32.56 8.76 -13.93
C HIS D 350 31.08 9.04 -14.14
N VAL D 351 30.65 10.25 -13.75
CA VAL D 351 29.23 10.58 -13.77
C VAL D 351 28.68 10.61 -15.20
N ALA D 352 29.46 11.12 -16.15
CA ALA D 352 29.00 11.25 -17.53
C ALA D 352 29.54 10.12 -18.41
N SER D 353 30.86 9.94 -18.44
CA SER D 353 31.46 8.90 -19.28
C SER D 353 31.14 7.49 -18.81
N GLY D 354 30.84 7.30 -17.53
CA GLY D 354 30.51 6.01 -17.00
C GLY D 354 31.69 5.06 -16.82
N LEU D 355 32.91 5.51 -17.08
CA LEU D 355 34.07 4.65 -16.96
C LEU D 355 34.45 4.45 -15.49
N TRP D 356 34.93 3.26 -15.17
CA TRP D 356 35.27 2.86 -13.81
C TRP D 356 36.78 2.75 -13.63
N LEU D 357 37.26 3.09 -12.43
CA LEU D 357 38.69 3.06 -12.17
C LEU D 357 39.19 1.62 -12.08
N THR D 358 40.35 1.35 -12.68
CA THR D 358 40.98 0.04 -12.66
C THR D 358 42.44 0.21 -13.08
N TYR D 359 43.33 -0.54 -12.44
CA TYR D 359 44.74 -0.53 -12.79
C TYR D 359 44.93 -1.09 -14.19
N ALA D 360 45.90 -0.54 -14.92
CA ALA D 360 46.19 -1.03 -16.26
C ALA D 360 46.84 -2.41 -16.19
N ALA D 361 46.30 -3.34 -16.98
CA ALA D 361 46.82 -4.70 -17.00
C ALA D 361 48.28 -4.87 -17.46
N PRO D 362 48.76 -4.26 -18.58
CA PRO D 362 50.12 -4.60 -19.06
C PRO D 362 51.23 -4.27 -18.06
N ASP D 363 52.25 -5.13 -18.03
CA ASP D 363 53.42 -4.91 -17.18
C ASP D 363 54.68 -4.86 -18.04
N PRO D 364 55.33 -3.71 -18.15
CA PRO D 364 56.52 -3.58 -19.00
C PRO D 364 57.79 -4.08 -18.32
N LYS D 365 58.91 -3.87 -19.02
CA LYS D 365 60.22 -4.22 -18.51
C LYS D 365 60.59 -3.36 -17.31
N ALA D 366 60.05 -2.12 -17.24
CA ALA D 366 60.34 -1.26 -16.10
C ALA D 366 59.77 -1.87 -14.82
N LEU D 367 58.56 -2.42 -14.89
CA LEU D 367 57.98 -3.10 -13.74
C LEU D 367 58.53 -4.50 -13.56
N ARG D 368 59.21 -5.05 -14.58
CA ARG D 368 59.84 -6.36 -14.44
C ARG D 368 60.93 -6.36 -13.38
N LEU D 369 61.74 -5.30 -13.32
CA LEU D 369 62.81 -5.18 -12.34
C LEU D 369 62.55 -4.10 -11.28
N GLY D 370 62.04 -2.94 -11.68
CA GLY D 370 61.82 -1.85 -10.76
C GLY D 370 60.61 -2.07 -9.86
N VAL D 371 60.43 -1.13 -8.93
CA VAL D 371 59.33 -1.20 -7.98
C VAL D 371 58.00 -1.11 -8.72
N LEU D 372 57.01 -1.89 -8.25
CA LEU D 372 55.73 -1.98 -8.93
C LEU D 372 54.94 -0.69 -8.82
N LYS D 373 54.45 -0.22 -9.97
CA LYS D 373 53.47 0.85 -10.04
C LYS D 373 52.55 0.53 -11.21
N LYS D 374 51.26 0.36 -10.91
CA LYS D 374 50.25 -0.01 -11.89
C LYS D 374 49.31 1.17 -12.11
N LYS D 375 49.42 1.80 -13.28
CA LYS D 375 48.62 2.98 -13.59
C LYS D 375 47.13 2.65 -13.62
N ALA D 376 46.36 3.42 -12.86
CA ALA D 376 44.92 3.25 -12.84
C ALA D 376 44.32 3.92 -14.08
N ILE D 377 43.59 3.15 -14.89
CA ILE D 377 42.94 3.66 -16.08
C ILE D 377 41.44 3.62 -15.85
N LEU D 378 40.75 4.71 -16.15
CA LEU D 378 39.31 4.74 -15.98
C LEU D 378 38.70 3.86 -17.08
N HIS D 379 38.47 2.58 -16.77
CA HIS D 379 38.08 1.60 -17.76
C HIS D 379 36.56 1.41 -17.78
N GLN D 380 36.07 0.71 -18.81
CA GLN D 380 34.63 0.46 -18.95
C GLN D 380 34.09 -0.36 -17.78
N GLU D 381 34.69 -1.51 -17.50
CA GLU D 381 34.26 -2.27 -16.33
C GLU D 381 35.44 -2.66 -15.44
N GLY D 382 36.58 -3.01 -16.03
CA GLY D 382 37.76 -3.32 -15.26
C GLY D 382 37.71 -4.64 -14.52
N HIS D 383 38.52 -4.72 -13.48
CA HIS D 383 38.67 -5.92 -12.66
C HIS D 383 37.69 -5.89 -11.50
N MET D 384 37.86 -6.82 -10.56
CA MET D 384 36.95 -6.97 -9.44
C MET D 384 37.44 -6.27 -8.17
N ASP D 385 38.74 -6.36 -7.85
CA ASP D 385 39.27 -5.82 -6.61
C ASP D 385 39.55 -4.31 -6.65
N ASP D 386 38.96 -3.56 -7.58
CA ASP D 386 39.18 -2.12 -7.68
C ASP D 386 38.36 -1.29 -6.69
N ALA D 387 37.79 -1.91 -5.66
CA ALA D 387 37.11 -1.18 -4.59
C ALA D 387 38.11 -0.37 -3.77
N LEU D 388 37.64 0.70 -3.17
CA LEU D 388 38.49 1.66 -2.48
C LEU D 388 38.20 1.70 -0.98
N PHE D 389 39.29 1.74 -0.21
CA PHE D 389 39.24 2.07 1.21
C PHE D 389 39.49 3.56 1.31
N LEU D 390 38.66 4.26 2.07
CA LEU D 390 38.84 5.68 2.28
C LEU D 390 39.51 5.86 3.63
N THR D 391 40.65 6.53 3.66
CA THR D 391 41.39 6.67 4.90
C THR D 391 41.64 8.16 5.14
N ARG D 392 41.74 8.51 6.41
CA ARG D 392 41.96 9.87 6.87
C ARG D 392 43.43 10.28 6.71
N CYS D 393 43.66 11.59 6.87
CA CYS D 393 45.00 12.12 7.03
C CYS D 393 44.93 13.17 8.14
N GLN D 394 46.02 13.25 8.90
CA GLN D 394 46.04 14.11 10.07
C GLN D 394 46.14 15.58 9.66
N GLN D 395 45.79 16.45 10.62
CA GLN D 395 45.62 17.88 10.39
C GLN D 395 46.92 18.53 9.94
N GLU D 396 48.06 18.14 10.54
CA GLU D 396 49.32 18.81 10.27
C GLU D 396 49.72 18.70 8.81
N GLU D 397 49.70 17.49 8.25
CA GLU D 397 50.02 17.33 6.84
C GLU D 397 48.93 17.87 5.92
N SER D 398 47.66 17.77 6.34
CA SER D 398 46.58 18.39 5.57
C SER D 398 46.75 19.90 5.50
N GLN D 399 47.11 20.52 6.62
CA GLN D 399 47.44 21.94 6.62
C GLN D 399 48.68 22.20 5.80
N ALA D 400 49.66 21.28 5.87
CA ALA D 400 50.96 21.47 5.23
C ALA D 400 50.83 21.66 3.73
N ALA D 401 49.97 20.85 3.09
CA ALA D 401 49.94 20.72 1.62
C ALA D 401 49.72 22.07 0.91
N ARG D 402 48.96 22.96 1.53
CA ARG D 402 48.69 24.26 0.93
C ARG D 402 49.95 25.09 0.90
N MET D 403 50.79 25.00 1.95
CA MET D 403 52.02 25.80 1.91
C MET D 403 52.96 25.30 0.83
N ILE D 404 52.93 24.00 0.50
CA ILE D 404 53.68 23.53 -0.67
C ILE D 404 53.15 24.20 -1.93
N HIS D 405 51.82 24.25 -2.07
CA HIS D 405 51.22 24.91 -3.25
C HIS D 405 51.53 26.40 -3.30
N SER D 406 51.45 27.08 -2.16
CA SER D 406 51.66 28.52 -2.08
C SER D 406 53.12 28.86 -2.29
N THR D 407 54.01 28.11 -1.64
CA THR D 407 55.45 28.31 -1.73
C THR D 407 55.94 28.05 -3.14
N ALA D 408 55.49 26.96 -3.77
CA ALA D 408 55.87 26.70 -5.15
C ALA D 408 55.34 27.78 -6.09
N GLY D 409 54.08 28.22 -5.93
CA GLY D 409 53.53 29.23 -6.81
C GLY D 409 54.23 30.58 -6.68
N LEU D 410 54.45 31.02 -5.44
CA LEU D 410 55.02 32.34 -5.20
C LEU D 410 56.49 32.36 -5.56
N TYR D 411 57.24 31.34 -5.12
CA TYR D 411 58.66 31.40 -5.37
C TYR D 411 58.97 31.11 -6.82
N ASN D 412 58.19 30.26 -7.50
CA ASN D 412 58.38 30.07 -8.94
C ASN D 412 58.14 31.35 -9.71
N GLN D 413 57.07 32.09 -9.36
CA GLN D 413 56.86 33.41 -9.94
C GLN D 413 57.98 34.37 -9.60
N PHE D 414 58.63 34.19 -8.45
CA PHE D 414 59.83 34.98 -8.15
C PHE D 414 61.02 34.53 -8.99
N ILE D 415 61.12 33.23 -9.28
CA ILE D 415 62.22 32.72 -10.09
C ILE D 415 62.15 33.27 -11.50
N LYS D 416 60.97 33.16 -12.14
CA LYS D 416 60.84 33.72 -13.48
C LYS D 416 60.90 35.24 -13.50
N GLY D 417 60.41 35.90 -12.44
CA GLY D 417 60.56 37.34 -12.36
C GLY D 417 61.99 37.76 -12.10
N LEU D 418 62.80 36.85 -11.57
CA LEU D 418 64.18 37.12 -11.26
C LEU D 418 65.01 36.99 -12.54
N ASP D 419 65.02 35.80 -13.14
CA ASP D 419 65.89 35.60 -14.31
C ASP D 419 65.38 36.35 -15.54
N SER D 420 64.18 36.95 -15.49
CA SER D 420 63.71 37.77 -16.62
C SER D 420 64.65 38.94 -16.88
N PHE D 421 65.34 39.45 -15.86
CA PHE D 421 66.32 40.52 -16.03
C PHE D 421 67.75 40.01 -15.92
N SER D 422 68.00 38.80 -16.45
CA SER D 422 69.35 38.19 -16.40
C SER D 422 70.37 39.06 -17.11
N GLY D 423 70.02 39.61 -18.26
CA GLY D 423 70.80 40.61 -18.93
C GLY D 423 70.15 41.97 -18.75
N LYS D 424 70.39 42.86 -19.73
CA LYS D 424 69.80 44.20 -19.84
C LYS D 424 70.02 45.00 -18.56
N PRO D 425 71.22 45.54 -18.32
CA PRO D 425 71.47 46.34 -17.11
C PRO D 425 70.54 47.54 -17.03
N ARG D 426 70.20 47.90 -15.78
CA ARG D 426 69.16 48.88 -15.51
C ARG D 426 69.46 50.26 -16.07
N GLY D 427 70.63 50.80 -15.75
CA GLY D 427 70.88 52.19 -16.05
C GLY D 427 69.98 53.09 -15.21
N SER D 428 69.04 53.78 -15.86
CA SER D 428 68.09 54.63 -15.15
C SER D 428 66.68 54.54 -15.73
N GLY D 429 66.33 53.43 -16.37
CA GLY D 429 65.08 53.38 -17.10
C GLY D 429 63.92 52.67 -16.42
N PRO D 430 62.93 52.29 -17.21
CA PRO D 430 61.72 51.64 -16.66
C PRO D 430 62.00 50.20 -16.27
N PRO D 431 61.15 49.53 -15.46
CA PRO D 431 61.52 48.19 -14.98
C PRO D 431 61.45 47.10 -16.04
N ALA D 432 62.37 46.13 -15.91
CA ALA D 432 62.50 45.06 -16.89
C ALA D 432 61.25 44.20 -16.99
N GLY D 433 60.68 43.84 -15.85
CA GLY D 433 59.45 43.07 -15.82
C GLY D 433 58.50 43.62 -14.78
N PRO D 434 57.52 42.82 -14.38
CA PRO D 434 56.63 43.22 -13.28
C PRO D 434 57.40 43.31 -11.97
N ALA D 435 56.87 44.12 -11.07
CA ALA D 435 57.48 44.33 -9.75
C ALA D 435 57.61 43.00 -9.00
N LEU D 436 58.80 42.77 -8.44
CA LEU D 436 59.08 41.52 -7.77
C LEU D 436 58.23 41.36 -6.51
N PRO D 437 57.75 40.16 -6.20
CA PRO D 437 56.98 39.91 -4.98
C PRO D 437 57.85 39.87 -3.72
N ILE D 438 58.56 40.97 -3.47
CA ILE D 438 59.52 41.05 -2.37
C ILE D 438 58.83 40.91 -1.01
N GLU D 439 57.76 41.67 -0.79
CA GLU D 439 57.08 41.60 0.50
C GLU D 439 56.37 40.26 0.71
N ALA D 440 55.82 39.69 -0.37
CA ALA D 440 55.20 38.38 -0.29
C ALA D 440 56.21 37.28 0.02
N VAL D 441 57.39 37.37 -0.61
CA VAL D 441 58.42 36.37 -0.39
C VAL D 441 59.00 36.52 1.01
N ILE D 442 59.30 37.75 1.43
CA ILE D 442 59.88 38.01 2.76
C ILE D 442 58.93 37.55 3.86
N LEU D 443 57.63 37.83 3.71
CA LEU D 443 56.63 37.35 4.66
C LEU D 443 56.57 35.83 4.67
N SER D 444 56.68 35.20 3.49
CA SER D 444 56.63 33.74 3.43
C SER D 444 57.88 33.13 4.05
N LEU D 445 59.03 33.78 3.86
CA LEU D 445 60.28 33.32 4.44
C LEU D 445 60.20 33.33 5.95
N GLN D 446 59.78 34.48 6.52
CA GLN D 446 59.73 34.57 7.97
C GLN D 446 58.63 33.70 8.56
N ASP D 447 57.55 33.44 7.79
CA ASP D 447 56.55 32.47 8.23
C ASP D 447 57.09 31.05 8.21
N LEU D 448 58.01 30.74 7.29
CA LEU D 448 58.50 29.38 7.21
C LEU D 448 59.67 29.11 8.13
N ILE D 449 60.49 30.11 8.42
CA ILE D 449 61.60 29.93 9.35
C ILE D 449 61.06 29.57 10.73
N GLY D 450 60.07 30.34 11.19
CA GLY D 450 59.43 29.96 12.44
C GLY D 450 58.55 28.73 12.31
N TYR D 451 58.05 28.43 11.11
CA TYR D 451 57.32 27.19 10.92
C TYR D 451 58.22 25.97 11.06
N PHE D 452 59.53 26.14 10.85
CA PHE D 452 60.51 25.07 11.00
C PHE D 452 61.48 25.34 12.15
N GLU D 453 61.12 26.24 13.06
CA GLU D 453 62.00 26.55 14.19
C GLU D 453 62.10 25.34 15.11
N PRO D 454 63.30 24.88 15.45
CA PRO D 454 63.43 23.76 16.37
C PRO D 454 62.84 24.11 17.73
N PRO D 455 62.25 23.13 18.41
CA PRO D 455 61.63 23.40 19.72
C PRO D 455 62.64 23.82 20.76
N SER D 456 62.17 24.62 21.72
CA SER D 456 63.01 25.14 22.79
C SER D 456 63.55 24.01 23.67
N GLU D 457 64.77 24.22 24.17
CA GLU D 457 65.47 23.19 24.93
C GLU D 457 64.79 22.88 26.25
N GLU D 458 64.18 23.89 26.88
CA GLU D 458 63.58 23.72 28.20
C GLU D 458 62.30 22.90 28.21
N LEU D 459 61.79 22.48 27.05
CA LEU D 459 60.63 21.62 26.99
C LEU D 459 60.93 20.28 27.63
N GLN D 460 59.90 19.70 28.26
CA GLN D 460 60.04 18.39 28.87
C GLN D 460 60.30 17.34 27.80
N HIS D 461 61.21 16.41 28.09
CA HIS D 461 61.62 15.38 27.14
C HIS D 461 60.46 14.48 26.73
N GLU D 462 59.47 14.33 27.61
CA GLU D 462 58.26 13.57 27.30
C GLU D 462 57.49 14.24 26.16
N GLU D 463 57.48 15.56 26.12
CA GLU D 463 56.75 16.31 25.12
C GLU D 463 57.63 16.84 24.00
N LYS D 464 58.92 17.06 24.28
CA LYS D 464 59.84 17.62 23.29
C LYS D 464 59.98 16.71 22.06
N GLN D 465 60.09 15.39 22.28
CA GLN D 465 60.25 14.46 21.17
C GLN D 465 59.05 14.47 20.24
N SER D 466 57.86 14.78 20.78
CA SER D 466 56.67 14.88 19.94
C SER D 466 56.83 16.01 18.95
N LYS D 467 57.43 17.13 19.37
CA LYS D 467 57.66 18.22 18.45
C LYS D 467 58.77 17.87 17.46
N LEU D 468 59.74 17.04 17.91
CA LEU D 468 60.78 16.58 16.98
C LEU D 468 60.18 15.76 15.85
N ARG D 469 59.23 14.88 16.17
CA ARG D 469 58.57 14.06 15.14
C ARG D 469 57.87 14.92 14.10
N SER D 470 57.15 15.94 14.56
CA SER D 470 56.50 16.88 13.64
C SER D 470 57.52 17.65 12.82
N LEU D 471 58.64 18.03 13.44
CA LEU D 471 59.69 18.75 12.72
C LEU D 471 60.31 17.91 11.61
N ARG D 472 60.62 16.64 11.92
CA ARG D 472 61.17 15.74 10.91
C ARG D 472 60.16 15.49 9.80
N ASN D 473 58.88 15.28 10.16
CA ASN D 473 57.86 15.01 9.15
C ASN D 473 57.67 16.20 8.23
N ARG D 474 57.62 17.42 8.79
CA ARG D 474 57.45 18.62 7.98
C ARG D 474 58.65 18.85 7.07
N GLN D 475 59.87 18.70 7.60
CA GLN D 475 61.07 18.87 6.79
C GLN D 475 61.14 17.83 5.68
N SER D 476 60.77 16.59 6.00
CA SER D 476 60.80 15.51 5.02
C SER D 476 59.83 15.80 3.89
N LEU D 477 58.61 16.24 4.22
CA LEU D 477 57.62 16.54 3.18
C LEU D 477 58.05 17.72 2.32
N PHE D 478 58.57 18.78 2.95
CA PHE D 478 59.01 19.95 2.20
C PHE D 478 60.21 19.64 1.30
N GLN D 479 61.16 18.85 1.80
CA GLN D 479 62.28 18.43 0.97
C GLN D 479 61.81 17.53 -0.16
N GLU D 480 60.89 16.61 0.15
CA GLU D 480 60.39 15.62 -0.80
C GLU D 480 59.67 16.28 -1.96
N GLU D 481 58.98 17.39 -1.69
CA GLU D 481 58.34 18.13 -2.77
C GLU D 481 59.32 18.92 -3.64
N GLY D 482 60.63 18.82 -3.40
CA GLY D 482 61.63 19.47 -4.21
C GLY D 482 61.87 20.93 -3.90
N MET D 483 61.15 21.49 -2.93
CA MET D 483 61.35 22.88 -2.55
C MET D 483 62.71 23.15 -1.91
N LEU D 484 63.36 22.12 -1.37
CA LEU D 484 64.75 22.29 -0.94
C LEU D 484 65.64 22.59 -2.13
N SER D 485 65.39 21.95 -3.27
CA SER D 485 66.13 22.33 -4.47
C SER D 485 65.61 23.63 -5.05
N LEU D 486 64.31 23.92 -4.89
CA LEU D 486 63.78 25.17 -5.39
C LEU D 486 64.40 26.36 -4.66
N VAL D 487 64.55 26.26 -3.33
CA VAL D 487 65.21 27.34 -2.62
C VAL D 487 66.70 27.37 -2.98
N LEU D 488 67.32 26.19 -3.26
CA LEU D 488 68.71 26.21 -3.72
C LEU D 488 68.84 27.01 -5.01
N ASN D 489 67.82 26.95 -5.86
CA ASN D 489 67.77 27.78 -7.06
C ASN D 489 67.75 29.25 -6.67
N CYS D 490 67.04 29.59 -5.59
CA CYS D 490 66.95 30.99 -5.15
C CYS D 490 68.32 31.50 -4.75
N ILE D 491 69.07 30.70 -3.98
CA ILE D 491 70.44 31.10 -3.63
C ILE D 491 71.31 31.20 -4.87
N ASP D 492 71.19 30.24 -5.80
CA ASP D 492 72.00 30.27 -7.03
C ASP D 492 71.72 31.53 -7.86
N ARG D 493 70.45 31.88 -8.02
CA ARG D 493 70.06 33.08 -8.77
C ARG D 493 70.54 34.36 -8.09
N LEU D 494 70.43 34.45 -6.76
CA LEU D 494 70.89 35.66 -6.08
C LEU D 494 72.41 35.78 -6.03
N ASN D 495 73.12 34.64 -5.94
CA ASN D 495 74.57 34.67 -5.74
C ASN D 495 75.35 35.20 -6.93
N VAL D 496 74.75 35.21 -8.13
CA VAL D 496 75.44 35.70 -9.34
C VAL D 496 75.78 37.20 -9.24
N TYR D 497 75.08 37.94 -8.40
CA TYR D 497 75.33 39.35 -8.21
C TYR D 497 76.23 39.55 -6.99
N THR D 498 77.30 40.33 -7.16
CA THR D 498 78.35 40.43 -6.16
C THR D 498 77.95 41.27 -4.95
N THR D 499 77.10 42.27 -5.12
CA THR D 499 76.76 43.17 -4.03
C THR D 499 75.37 43.74 -4.28
N ALA D 500 74.90 44.55 -3.32
CA ALA D 500 73.59 45.19 -3.46
C ALA D 500 73.58 46.19 -4.61
N ALA D 501 74.67 46.94 -4.80
CA ALA D 501 74.76 47.86 -5.92
C ALA D 501 74.70 47.12 -7.26
N HIS D 502 75.41 46.00 -7.38
CA HIS D 502 75.33 45.20 -8.59
C HIS D 502 73.95 44.58 -8.75
N PHE D 503 73.26 44.29 -7.64
CA PHE D 503 71.89 43.80 -7.75
C PHE D 503 70.96 44.90 -8.23
N ALA D 504 71.25 46.15 -7.83
CA ALA D 504 70.48 47.29 -8.30
C ALA D 504 70.72 47.51 -9.79
N GLU D 505 71.88 47.08 -10.28
CA GLU D 505 72.20 47.27 -11.69
C GLU D 505 71.40 46.35 -12.60
N TYR D 506 70.69 45.35 -12.05
CA TYR D 506 69.87 44.46 -12.85
C TYR D 506 68.44 44.34 -12.36
N ALA D 507 68.13 44.79 -11.15
CA ALA D 507 66.76 44.69 -10.64
C ALA D 507 66.18 46.04 -10.26
N GLY D 508 66.97 46.93 -9.69
CA GLY D 508 66.50 48.24 -9.28
C GLY D 508 66.81 48.55 -7.83
N GLU D 509 66.68 49.85 -7.53
CA GLU D 509 66.93 50.35 -6.18
C GLU D 509 65.92 49.83 -5.18
N GLU D 510 64.72 49.49 -5.64
CA GLU D 510 63.70 48.97 -4.72
C GLU D 510 64.07 47.57 -4.23
N ALA D 511 64.73 46.78 -5.08
CA ALA D 511 65.10 45.43 -4.70
C ALA D 511 66.47 45.35 -4.04
N ALA D 512 67.30 46.38 -4.26
CA ALA D 512 68.60 46.38 -3.61
C ALA D 512 68.48 46.59 -2.11
N GLU D 513 67.35 47.10 -1.63
CA GLU D 513 67.17 47.29 -0.19
C GLU D 513 66.96 45.95 0.49
N SER D 514 66.22 45.06 -0.15
CA SER D 514 65.90 43.77 0.44
C SER D 514 66.86 42.65 0.02
N TRP D 515 67.90 42.99 -0.76
CA TRP D 515 68.84 41.97 -1.22
C TRP D 515 69.59 41.30 -0.06
N LYS D 516 70.14 42.11 0.85
CA LYS D 516 70.86 41.57 1.99
C LYS D 516 69.93 40.86 2.95
N GLU D 517 68.67 41.30 3.01
CA GLU D 517 67.71 40.64 3.89
C GLU D 517 67.39 39.24 3.37
N ILE D 518 67.08 39.14 2.07
CA ILE D 518 66.62 37.86 1.52
C ILE D 518 67.74 36.84 1.51
N VAL D 519 68.99 37.28 1.26
CA VAL D 519 70.09 36.30 1.18
C VAL D 519 70.31 35.63 2.55
N ASN D 520 70.22 36.41 3.64
CA ASN D 520 70.29 35.82 4.98
C ASN D 520 69.09 34.95 5.28
N LEU D 521 67.89 35.38 4.90
CA LEU D 521 66.68 34.62 5.20
C LEU D 521 66.68 33.27 4.49
N LEU D 522 67.14 33.23 3.23
CA LEU D 522 67.10 31.99 2.48
C LEU D 522 67.99 30.94 3.12
N TYR D 523 69.19 31.34 3.58
CA TYR D 523 70.06 30.43 4.29
C TYR D 523 69.44 29.95 5.60
N GLU D 524 68.76 30.87 6.33
CA GLU D 524 68.09 30.47 7.56
C GLU D 524 67.01 29.42 7.29
N LEU D 525 66.22 29.64 6.24
CA LEU D 525 65.19 28.68 5.85
C LEU D 525 65.79 27.34 5.44
N LEU D 526 66.88 27.38 4.67
CA LEU D 526 67.59 26.16 4.28
C LEU D 526 68.13 25.39 5.50
N ALA D 527 68.75 26.10 6.44
CA ALA D 527 69.26 25.48 7.65
C ALA D 527 68.13 24.87 8.48
N SER D 528 66.99 25.56 8.56
CA SER D 528 65.81 25.00 9.22
C SER D 528 65.32 23.75 8.51
N LEU D 529 65.33 23.76 7.18
CA LEU D 529 64.86 22.62 6.41
C LEU D 529 65.76 21.41 6.59
N ILE D 530 67.07 21.63 6.61
CA ILE D 530 68.00 20.50 6.53
C ILE D 530 68.37 19.97 7.92
N ARG D 531 68.34 20.82 8.95
CA ARG D 531 68.83 20.43 10.27
C ARG D 531 67.97 19.33 10.87
N GLY D 532 68.64 18.36 11.49
CA GLY D 532 68.00 17.30 12.23
C GLY D 532 67.66 16.07 11.42
N ASN D 533 67.65 16.16 10.09
CA ASN D 533 67.26 15.02 9.26
C ASN D 533 68.46 14.47 8.51
N ARG D 534 68.71 13.18 8.73
CA ARG D 534 69.78 12.48 8.01
C ARG D 534 69.41 12.34 6.54
N ALA D 535 68.16 11.97 6.24
CA ALA D 535 67.75 11.75 4.86
C ALA D 535 67.76 13.06 4.08
N ASN D 536 67.19 14.12 4.65
CA ASN D 536 67.20 15.41 3.96
C ASN D 536 68.61 15.97 3.85
N CYS D 537 69.47 15.64 4.81
CA CYS D 537 70.84 16.09 4.78
C CYS D 537 71.69 15.33 3.77
N ALA D 538 71.32 14.08 3.45
CA ALA D 538 72.09 13.25 2.53
C ALA D 538 72.14 13.80 1.12
N LEU D 539 71.22 14.68 0.73
CA LEU D 539 71.20 15.26 -0.60
C LEU D 539 72.39 16.17 -0.89
N PHE D 540 73.15 16.56 0.12
CA PHE D 540 74.28 17.47 -0.03
C PHE D 540 75.61 16.74 -0.25
N SER D 541 75.55 15.47 -0.66
CA SER D 541 76.77 14.73 -0.97
C SER D 541 77.35 15.16 -2.31
N THR D 542 76.51 15.48 -3.28
CA THR D 542 76.94 15.83 -4.61
C THR D 542 77.32 17.30 -4.75
N ASN D 543 76.49 18.20 -4.22
CA ASN D 543 76.74 19.64 -4.30
C ASN D 543 77.42 20.18 -3.04
N LEU D 544 78.29 19.38 -2.45
CA LEU D 544 79.07 19.84 -1.30
C LEU D 544 79.94 21.03 -1.67
N ASP D 545 80.61 20.98 -2.83
CA ASP D 545 81.44 22.10 -3.25
C ASP D 545 80.62 23.34 -3.56
N TRP D 546 79.32 23.16 -3.86
CA TRP D 546 78.44 24.28 -4.12
C TRP D 546 78.33 25.17 -2.89
N VAL D 547 78.06 24.56 -1.73
CA VAL D 547 77.99 25.35 -0.50
C VAL D 547 79.39 25.82 -0.12
N VAL D 548 80.43 25.00 -0.39
CA VAL D 548 81.80 25.36 0.02
C VAL D 548 82.26 26.62 -0.71
N SER D 549 81.85 26.78 -1.97
CA SER D 549 82.25 27.93 -2.76
C SER D 549 81.68 29.26 -2.27
N LYS D 550 80.68 29.24 -1.40
CA LYS D 550 80.01 30.47 -0.98
C LYS D 550 80.47 31.01 0.36
N LEU D 551 81.35 30.29 1.07
CA LEU D 551 81.87 30.78 2.35
C LEU D 551 82.69 32.05 2.21
N ASP D 552 83.28 32.29 1.03
CA ASP D 552 84.06 33.51 0.82
C ASP D 552 83.17 34.76 0.79
N ARG D 553 81.94 34.61 0.30
CA ARG D 553 81.01 35.74 0.11
C ARG D 553 80.71 36.41 1.44
N LEU D 554 80.78 37.75 1.45
CA LEU D 554 80.59 38.52 2.66
C LEU D 554 79.15 38.92 2.93
N GLU D 555 78.26 38.80 1.95
CA GLU D 555 76.87 39.22 2.17
C GLU D 555 76.17 38.38 3.24
N ALA D 556 76.40 37.06 3.25
CA ALA D 556 75.86 36.17 4.28
C ALA D 556 76.93 35.14 4.61
N SER D 557 77.76 35.45 5.60
CA SER D 557 78.85 34.59 6.02
C SER D 557 78.42 33.52 7.02
N SER D 558 77.80 33.96 8.12
CA SER D 558 77.38 32.99 9.14
C SER D 558 76.21 32.16 8.69
N GLY D 559 75.38 32.64 7.76
CA GLY D 559 74.26 31.85 7.29
C GLY D 559 74.72 30.60 6.57
N ILE D 560 75.68 30.76 5.65
CA ILE D 560 76.16 29.61 4.90
C ILE D 560 77.03 28.75 5.82
N LEU D 561 77.77 29.38 6.75
CA LEU D 561 78.59 28.59 7.68
C LEU D 561 77.71 27.70 8.56
N GLU D 562 76.56 28.23 8.99
CA GLU D 562 75.60 27.43 9.75
C GLU D 562 75.02 26.31 8.91
N VAL D 563 74.76 26.58 7.62
CA VAL D 563 74.25 25.53 6.73
C VAL D 563 75.25 24.40 6.59
N LEU D 564 76.53 24.76 6.42
CA LEU D 564 77.61 23.77 6.34
C LEU D 564 77.71 22.97 7.63
N TYR D 565 77.59 23.65 8.77
CA TYR D 565 77.67 22.97 10.06
C TYR D 565 76.52 21.96 10.21
N CYS D 566 75.32 22.36 9.79
CA CYS D 566 74.16 21.47 9.84
C CYS D 566 74.36 20.28 8.92
N VAL D 567 75.08 20.46 7.81
CA VAL D 567 75.32 19.33 6.93
C VAL D 567 76.28 18.36 7.60
N LEU D 568 77.31 18.90 8.25
CA LEU D 568 78.39 18.06 8.76
C LEU D 568 77.98 17.29 9.99
N ILE D 569 77.22 17.92 10.91
CA ILE D 569 76.88 17.19 12.14
C ILE D 569 75.83 16.12 11.91
N GLU D 570 75.27 16.04 10.71
CA GLU D 570 74.15 15.15 10.44
C GLU D 570 74.50 14.05 9.46
N SER D 571 75.29 14.31 8.41
CA SER D 571 75.59 13.25 7.46
C SER D 571 77.04 12.80 7.58
N PRO D 572 77.31 11.62 8.13
CA PRO D 572 78.69 11.09 8.15
C PRO D 572 79.26 10.81 6.77
N GLU D 573 78.42 10.58 5.77
CA GLU D 573 78.90 10.28 4.43
C GLU D 573 79.51 11.49 3.74
N VAL D 574 79.07 12.70 4.12
CA VAL D 574 79.61 13.93 3.56
C VAL D 574 81.09 14.08 3.90
N LEU D 575 81.48 13.65 5.11
CA LEU D 575 82.87 13.75 5.56
C LEU D 575 83.82 12.94 4.68
N ASN D 576 83.33 11.86 4.06
CA ASN D 576 84.16 11.07 3.17
C ASN D 576 84.43 11.79 1.86
N ILE D 577 83.68 12.86 1.56
CA ILE D 577 83.77 13.56 0.29
C ILE D 577 84.69 14.79 0.38
N ILE D 578 84.97 15.29 1.59
CA ILE D 578 85.76 16.51 1.77
C ILE D 578 87.21 16.27 1.37
N GLN D 579 87.72 17.11 0.45
CA GLN D 579 89.10 17.06 0.02
C GLN D 579 89.94 18.20 0.61
N GLU D 580 91.19 18.25 0.13
CA GLU D 580 92.15 19.26 0.52
C GLU D 580 91.70 20.66 0.12
N ASN D 581 90.98 20.77 -1.00
CA ASN D 581 90.50 22.07 -1.46
C ASN D 581 89.49 22.64 -0.46
N HIS D 582 88.62 21.77 0.06
CA HIS D 582 87.59 22.20 0.99
C HIS D 582 88.24 22.57 2.31
N ILE D 583 89.26 21.81 2.72
CA ILE D 583 89.93 22.11 3.99
C ILE D 583 90.60 23.47 3.93
N LYS D 584 91.31 23.74 2.81
CA LYS D 584 91.98 25.03 2.65
C LYS D 584 90.98 26.16 2.56
N SER D 585 89.78 25.87 2.05
CA SER D 585 88.72 26.87 1.96
C SER D 585 88.23 27.24 3.36
N ILE D 586 88.00 26.23 4.19
CA ILE D 586 87.51 26.47 5.55
C ILE D 586 88.56 27.22 6.37
N ILE D 587 89.84 26.81 6.25
CA ILE D 587 90.93 27.48 6.96
C ILE D 587 91.05 28.94 6.50
N SER D 588 90.77 29.19 5.22
CA SER D 588 90.82 30.56 4.70
C SER D 588 89.84 31.48 5.41
N LEU D 589 88.75 30.92 5.96
CA LEU D 589 87.81 31.75 6.72
C LEU D 589 88.48 32.30 7.97
N LEU D 590 89.23 31.47 8.67
CA LEU D 590 89.98 31.94 9.83
C LEU D 590 91.01 32.99 9.41
N ASP D 591 91.61 32.78 8.23
CA ASP D 591 92.52 33.79 7.68
C ASP D 591 91.84 35.12 7.37
N LYS D 592 90.64 35.08 6.79
CA LYS D 592 89.97 36.26 6.24
C LYS D 592 88.96 36.91 7.17
N HIS D 593 88.21 36.12 7.93
CA HIS D 593 87.11 36.61 8.76
C HIS D 593 87.46 36.65 10.24
N GLY D 594 88.72 36.54 10.59
CA GLY D 594 89.10 36.64 11.99
C GLY D 594 88.93 35.33 12.75
N ARG D 595 88.90 35.45 14.07
CA ARG D 595 88.82 34.30 14.97
C ARG D 595 87.36 33.97 15.24
N ASN D 596 86.72 33.37 14.25
CA ASN D 596 85.34 32.90 14.37
C ASN D 596 85.40 31.51 14.99
N HIS D 597 85.00 31.41 16.26
CA HIS D 597 85.12 30.15 16.99
C HIS D 597 84.22 29.05 16.40
N LYS D 598 83.15 29.43 15.70
CA LYS D 598 82.28 28.43 15.09
C LYS D 598 82.98 27.66 13.98
N VAL D 599 83.97 28.28 13.34
CA VAL D 599 84.73 27.60 12.30
C VAL D 599 85.50 26.43 12.91
N LEU D 600 86.02 26.63 14.13
CA LEU D 600 86.65 25.53 14.84
C LEU D 600 85.68 24.39 15.09
N ASP D 601 84.40 24.70 15.35
CA ASP D 601 83.39 23.65 15.48
C ASP D 601 83.14 22.92 14.16
N VAL D 602 83.26 23.63 13.04
CA VAL D 602 83.18 22.99 11.73
C VAL D 602 84.33 22.01 11.53
N LEU D 603 85.54 22.44 11.90
CA LEU D 603 86.69 21.54 11.82
C LEU D 603 86.57 20.40 12.82
N CYS D 604 86.03 20.69 14.02
CA CYS D 604 85.83 19.67 15.05
C CYS D 604 84.83 18.63 14.59
N SER D 605 83.90 19.02 13.72
CA SER D 605 82.91 18.08 13.22
C SER D 605 83.42 17.33 12.01
N LEU D 606 84.41 17.90 11.31
CA LEU D 606 84.97 17.21 10.16
C LEU D 606 85.89 16.06 10.55
N CYS D 607 86.36 16.02 11.80
CA CYS D 607 87.22 14.93 12.22
C CYS D 607 86.42 13.65 12.50
N VAL D 608 85.46 13.74 13.43
CA VAL D 608 84.70 12.58 13.87
C VAL D 608 83.21 12.85 13.67
N CYS D 609 82.52 11.92 13.01
CA CYS D 609 81.07 11.95 12.87
C CYS D 609 80.53 10.60 13.28
N ASN D 610 79.54 10.61 14.20
CA ASN D 610 78.93 9.40 14.76
C ASN D 610 79.95 8.47 15.41
N GLY D 611 80.99 9.05 16.01
CA GLY D 611 81.95 8.28 16.76
C GLY D 611 82.94 7.46 15.96
N VAL D 612 83.19 7.80 14.70
CA VAL D 612 84.17 7.09 13.89
C VAL D 612 85.19 8.10 13.38
N ALA D 613 86.46 7.68 13.36
CA ALA D 613 87.54 8.54 12.93
C ALA D 613 87.62 8.61 11.41
N VAL D 614 88.05 9.76 10.90
CA VAL D 614 88.31 9.95 9.47
C VAL D 614 89.73 10.48 9.39
N ARG D 615 90.70 9.58 9.25
CA ARG D 615 92.10 9.98 9.34
C ARG D 615 92.55 10.78 8.13
N SER D 616 91.85 10.68 7.00
CA SER D 616 92.18 11.51 5.84
C SER D 616 91.93 12.97 6.14
N ASN D 617 90.75 13.28 6.67
CA ASN D 617 90.43 14.66 7.00
C ASN D 617 91.28 15.13 8.17
N GLN D 618 91.56 14.24 9.13
CA GLN D 618 92.34 14.65 10.30
C GLN D 618 93.75 15.05 9.89
N ASP D 619 94.34 14.29 8.96
CA ASP D 619 95.68 14.63 8.50
C ASP D 619 95.69 15.88 7.64
N LEU D 620 94.66 16.07 6.78
CA LEU D 620 94.65 17.29 5.96
C LEU D 620 94.51 18.54 6.81
N ILE D 621 93.66 18.48 7.85
CA ILE D 621 93.47 19.59 8.77
C ILE D 621 94.77 19.91 9.49
N THR D 622 95.47 18.87 9.97
CA THR D 622 96.70 19.15 10.68
C THR D 622 97.81 19.53 9.72
N GLU D 623 97.72 19.09 8.47
CA GLU D 623 98.76 19.37 7.49
C GLU D 623 98.73 20.83 7.11
N ASN D 624 97.54 21.45 7.15
CA ASN D 624 97.38 22.80 6.65
C ASN D 624 97.19 23.85 7.74
N LEU D 625 96.79 23.47 8.94
CA LEU D 625 96.49 24.44 9.97
C LEU D 625 97.63 24.59 10.98
N LEU D 626 98.07 23.47 11.55
CA LEU D 626 99.07 23.48 12.60
C LEU D 626 100.46 24.02 12.24
N PRO D 627 101.14 23.59 11.14
CA PRO D 627 102.54 24.03 10.94
C PRO D 627 102.74 25.53 10.75
N GLY D 628 101.76 26.23 10.18
CA GLY D 628 101.91 27.65 9.90
C GLY D 628 102.16 28.51 11.13
N ARG D 629 101.52 28.16 12.25
CA ARG D 629 101.61 28.88 13.54
C ARG D 629 101.26 30.35 13.38
N GLU D 630 100.23 30.63 12.58
CA GLU D 630 99.78 31.98 12.31
C GLU D 630 98.34 32.22 12.75
N LEU D 631 97.48 31.21 12.74
CA LEU D 631 96.08 31.42 13.11
C LEU D 631 95.87 31.09 14.58
N LEU D 632 96.13 29.84 14.95
CA LEU D 632 95.89 29.39 16.31
C LEU D 632 96.91 29.99 17.27
N LEU D 633 96.41 30.41 18.44
CA LEU D 633 97.28 30.96 19.47
C LEU D 633 98.23 29.90 20.00
N GLN D 634 99.49 30.28 20.18
CA GLN D 634 100.52 29.39 20.66
C GLN D 634 100.85 29.70 22.11
N THR D 635 101.12 28.65 22.88
CA THR D 635 101.44 28.77 24.29
C THR D 635 102.85 28.25 24.54
N ASN D 636 103.40 28.60 25.70
CA ASN D 636 104.74 28.20 26.13
C ASN D 636 104.92 28.63 27.57
N LEU D 637 105.91 28.04 28.24
CA LEU D 637 106.32 28.44 29.57
C LEU D 637 107.47 29.41 29.42
N ILE D 638 107.36 30.57 30.07
CA ILE D 638 108.32 31.66 29.88
C ILE D 638 108.76 32.16 31.26
N ASN D 639 110.06 32.39 31.41
CA ASN D 639 110.62 32.83 32.68
C ASN D 639 110.24 34.28 32.97
N TYR D 640 110.16 34.59 34.26
CA TYR D 640 110.00 35.97 34.70
C TYR D 640 111.33 36.70 34.58
N VAL D 641 111.31 37.88 33.96
CA VAL D 641 112.51 38.68 33.75
C VAL D 641 112.26 40.04 34.36
N THR D 642 113.21 40.53 35.16
CA THR D 642 113.08 41.83 35.78
C THR D 642 114.34 42.65 35.53
N SER D 643 114.18 43.98 35.58
CA SER D 643 115.28 44.90 35.37
C SER D 643 115.61 45.65 36.65
N ILE D 644 116.88 46.03 36.77
CA ILE D 644 117.42 46.70 37.96
C ILE D 644 118.32 47.84 37.49
N ARG D 645 118.16 49.02 38.09
CA ARG D 645 118.91 50.21 37.71
C ARG D 645 119.54 50.89 38.91
N PRO D 646 120.66 51.56 38.71
CA PRO D 646 121.15 52.50 39.71
C PRO D 646 120.47 53.85 39.55
N ASN D 647 120.45 54.62 40.64
CA ASN D 647 119.90 55.97 40.62
C ASN D 647 120.89 56.97 40.01
N ILE D 648 121.21 56.74 38.74
CA ILE D 648 122.18 57.55 38.00
C ILE D 648 121.56 57.78 36.63
N PHE D 649 121.11 59.00 36.37
CA PHE D 649 120.43 59.34 35.14
C PHE D 649 121.25 60.42 34.44
N VAL D 650 121.47 60.25 33.14
CA VAL D 650 122.30 61.18 32.39
C VAL D 650 121.57 61.58 31.11
N GLY D 651 121.95 62.74 30.57
CA GLY D 651 121.32 63.24 29.36
C GLY D 651 122.00 64.52 28.91
N ARG D 652 121.60 64.97 27.73
CA ARG D 652 122.16 66.17 27.11
C ARG D 652 121.02 67.08 26.69
N ALA D 653 121.22 68.39 26.86
CA ALA D 653 120.25 69.39 26.44
C ALA D 653 120.98 70.71 26.27
N GLU D 654 120.31 71.66 25.61
CA GLU D 654 120.87 72.98 25.41
C GLU D 654 121.01 73.69 26.76
N GLY D 655 122.23 74.07 27.11
CA GLY D 655 122.51 74.63 28.42
C GLY D 655 122.36 73.62 29.54
N SER D 656 122.74 72.37 29.31
CA SER D 656 122.66 71.34 30.33
C SER D 656 123.78 71.50 31.35
N THR D 657 123.52 71.00 32.55
CA THR D 657 124.50 71.03 33.63
C THR D 657 125.19 69.68 33.81
N GLN D 658 125.01 68.76 32.85
CA GLN D 658 125.56 67.43 32.93
C GLN D 658 126.72 67.27 31.93
N TYR D 659 127.37 66.12 32.00
CA TYR D 659 128.47 65.76 31.12
C TYR D 659 128.10 64.54 30.29
N GLY D 660 128.28 64.63 28.97
CA GLY D 660 127.82 63.57 28.08
C GLY D 660 128.82 62.48 27.78
N LYS D 661 129.52 61.98 28.80
CA LYS D 661 130.47 60.88 28.65
C LYS D 661 130.51 60.11 29.95
N TRP D 662 130.04 58.87 29.93
CA TRP D 662 129.90 58.09 31.16
C TRP D 662 130.33 56.65 30.92
N TYR D 663 130.64 55.96 32.01
CA TYR D 663 131.28 54.65 31.96
C TYR D 663 130.94 53.88 33.22
N PHE D 664 130.27 52.74 33.07
CA PHE D 664 129.98 51.86 34.19
C PHE D 664 130.34 50.44 33.81
N GLU D 665 130.44 49.56 34.81
CA GLU D 665 130.78 48.18 34.54
C GLU D 665 129.90 47.26 35.36
N VAL D 666 129.68 46.05 34.85
CA VAL D 666 128.94 45.02 35.57
C VAL D 666 129.75 43.74 35.53
N MET D 667 129.94 43.13 36.72
CA MET D 667 130.71 41.91 36.88
C MET D 667 129.80 40.75 37.21
N VAL D 668 130.09 39.58 36.66
CA VAL D 668 129.25 38.40 36.82
C VAL D 668 129.82 37.52 37.92
N ASP D 669 129.00 37.19 38.92
CA ASP D 669 129.43 36.30 39.99
C ASP D 669 129.04 34.85 39.71
N GLU D 670 127.73 34.59 39.59
CA GLU D 670 127.22 33.24 39.35
C GLU D 670 126.07 33.32 38.35
N VAL D 671 126.17 32.55 37.27
CA VAL D 671 125.10 32.43 36.27
C VAL D 671 124.88 30.96 35.98
N VAL D 672 123.65 30.49 36.18
CA VAL D 672 123.28 29.11 35.87
C VAL D 672 122.90 29.06 34.40
N PRO D 673 123.53 28.19 33.59
CA PRO D 673 123.20 28.13 32.15
C PRO D 673 121.75 27.81 31.85
N PHE D 674 121.13 26.91 32.63
CA PHE D 674 119.74 26.54 32.40
C PHE D 674 119.11 26.21 33.75
N LEU D 675 118.48 27.21 34.36
CA LEU D 675 117.70 26.93 35.55
C LEU D 675 116.35 26.34 35.19
N THR D 676 115.78 26.76 34.05
CA THR D 676 114.50 26.28 33.56
C THR D 676 114.66 25.75 32.15
N ALA D 677 113.54 25.42 31.50
CA ALA D 677 113.57 24.97 30.12
C ALA D 677 114.09 26.06 29.20
N GLN D 678 113.67 27.30 29.41
CA GLN D 678 114.16 28.42 28.64
C GLN D 678 115.45 28.94 29.28
N ALA D 679 116.36 29.41 28.43
CA ALA D 679 117.68 29.85 28.85
C ALA D 679 117.60 31.03 29.82
N THR D 680 118.51 31.05 30.80
CA THR D 680 118.57 32.14 31.76
C THR D 680 118.88 33.46 31.06
N HIS D 681 118.12 34.49 31.39
CA HIS D 681 118.24 35.79 30.73
C HIS D 681 119.23 36.67 31.49
N LEU D 682 120.09 37.35 30.74
CA LEU D 682 121.04 38.29 31.34
C LEU D 682 121.51 39.27 30.27
N ARG D 683 121.13 40.53 30.40
CA ARG D 683 121.58 41.59 29.50
C ARG D 683 121.94 42.82 30.33
N VAL D 684 122.97 43.54 29.89
CA VAL D 684 123.43 44.76 30.55
C VAL D 684 123.49 45.88 29.51
N GLY D 685 122.97 47.05 29.86
CA GLY D 685 123.00 48.15 28.92
C GLY D 685 122.34 49.39 29.47
N TRP D 686 121.91 50.26 28.56
CA TRP D 686 121.29 51.53 28.89
C TRP D 686 119.79 51.46 28.61
N ALA D 687 119.08 52.48 29.09
CA ALA D 687 117.64 52.60 28.86
C ALA D 687 117.25 54.07 28.92
N LEU D 688 115.96 54.33 28.67
CA LEU D 688 115.44 55.67 28.52
C LEU D 688 114.28 55.88 29.49
N THR D 689 114.18 57.08 30.06
CA THR D 689 113.26 57.37 31.16
C THR D 689 111.84 57.71 30.73
N GLU D 690 111.55 57.72 29.43
CA GLU D 690 110.28 58.23 28.91
C GLU D 690 109.59 57.18 28.05
N GLY D 691 109.47 55.97 28.59
CA GLY D 691 108.76 54.92 27.87
C GLY D 691 109.26 53.51 28.09
N TYR D 692 110.40 53.35 28.75
CA TYR D 692 110.89 52.00 29.08
C TYR D 692 110.22 51.57 30.37
N SER D 693 109.07 50.93 30.24
CA SER D 693 108.33 50.43 31.39
C SER D 693 108.25 48.92 31.28
N PRO D 694 109.14 48.18 31.94
CA PRO D 694 109.16 46.70 31.87
C PRO D 694 108.22 46.03 32.86
N TYR D 695 106.95 45.99 32.46
CA TYR D 695 105.94 45.32 33.28
C TYR D 695 106.18 43.82 33.24
N PRO D 696 106.31 43.15 34.39
CA PRO D 696 106.65 41.73 34.41
C PRO D 696 105.57 40.86 33.78
N GLY D 697 105.99 39.75 33.22
CA GLY D 697 105.08 38.81 32.62
C GLY D 697 105.06 38.90 31.11
N GLY D 698 103.86 38.88 30.52
CA GLY D 698 103.73 38.93 29.08
C GLY D 698 103.94 40.32 28.53
N GLY D 699 103.89 40.40 27.20
CA GLY D 699 104.07 41.66 26.52
C GLY D 699 104.54 41.47 25.09
N GLU D 700 105.49 42.30 24.66
CA GLU D 700 105.98 42.24 23.30
C GLU D 700 106.80 40.98 23.05
N GLY D 701 106.70 40.47 21.83
CA GLY D 701 107.47 39.29 21.43
C GLY D 701 107.01 38.05 22.15
N TRP D 702 107.96 37.34 22.75
CA TRP D 702 107.69 36.07 23.42
C TRP D 702 107.99 36.16 24.91
N GLY D 703 107.55 37.25 25.54
CA GLY D 703 107.64 37.41 26.98
C GLY D 703 109.05 37.59 27.50
N GLY D 704 109.13 37.71 28.82
CA GLY D 704 110.40 37.92 29.51
C GLY D 704 111.10 39.19 29.07
N ASN D 705 110.34 40.27 28.92
CA ASN D 705 110.88 41.49 28.36
C ASN D 705 111.91 42.14 29.28
N GLY D 706 113.02 42.56 28.69
CA GLY D 706 114.09 43.23 29.40
C GLY D 706 114.66 44.40 28.63
N VAL D 707 115.97 44.39 28.42
CA VAL D 707 116.66 45.43 27.69
C VAL D 707 116.80 45.02 26.23
N GLY D 708 116.38 45.90 25.32
CA GLY D 708 116.45 45.63 23.90
C GLY D 708 115.16 45.21 23.26
N ASP D 709 114.13 44.89 24.04
CA ASP D 709 112.84 44.50 23.48
C ASP D 709 112.20 45.65 22.71
N ASP D 710 112.23 46.85 23.28
CA ASP D 710 111.72 48.05 22.64
C ASP D 710 112.85 49.06 22.47
N LEU D 711 112.61 50.08 21.66
CA LEU D 711 113.65 51.03 21.29
C LEU D 711 114.01 52.03 22.38
N TYR D 712 113.50 51.87 23.59
CA TYR D 712 113.90 52.72 24.70
C TYR D 712 115.07 52.14 25.45
N SER D 713 115.60 51.00 25.02
CA SER D 713 116.69 50.34 25.72
C SER D 713 117.74 49.88 24.71
N TYR D 714 118.99 49.86 25.15
CA TYR D 714 120.11 49.41 24.33
C TYR D 714 120.98 48.53 25.20
N GLY D 715 121.08 47.23 24.86
CA GLY D 715 121.82 46.30 25.69
C GLY D 715 122.69 45.36 24.89
N PHE D 716 123.50 44.61 25.62
CA PHE D 716 124.46 43.67 25.04
C PHE D 716 124.49 42.42 25.93
N ASP D 717 123.99 41.30 25.40
CA ASP D 717 123.83 40.07 26.15
C ASP D 717 125.12 39.28 26.31
N GLY D 718 126.21 39.74 25.70
CA GLY D 718 127.44 39.00 25.62
C GLY D 718 127.70 38.40 24.25
N LEU D 719 126.67 38.31 23.41
CA LEU D 719 126.84 37.84 22.04
C LEU D 719 126.13 38.68 20.99
N HIS D 720 125.18 39.53 21.37
CA HIS D 720 124.40 40.31 20.41
C HIS D 720 124.17 41.70 21.00
N LEU D 721 123.91 42.66 20.12
CA LEU D 721 123.49 43.99 20.53
C LEU D 721 121.98 44.06 20.39
N TRP D 722 121.29 43.93 21.50
CA TRP D 722 119.83 43.87 21.48
C TRP D 722 119.24 45.27 21.39
N THR D 723 118.27 45.42 20.48
CA THR D 723 117.47 46.63 20.31
C THR D 723 116.26 46.30 19.44
N GLY D 724 115.09 46.77 19.85
CA GLY D 724 113.85 46.52 19.13
C GLY D 724 113.46 45.08 19.01
N HIS D 725 113.75 44.27 20.04
CA HIS D 725 113.44 42.82 20.10
C HIS D 725 114.16 42.05 18.99
N VAL D 726 115.32 42.54 18.55
CA VAL D 726 116.11 41.92 17.49
C VAL D 726 117.52 41.70 18.01
N ALA D 727 118.07 40.52 17.79
CA ALA D 727 119.43 40.18 18.18
C ALA D 727 120.31 40.18 16.93
N ARG D 728 121.42 40.91 17.00
CA ARG D 728 122.35 41.01 15.90
C ARG D 728 123.71 40.52 16.36
N PRO D 729 124.25 39.45 15.78
CA PRO D 729 125.54 38.92 16.23
C PRO D 729 126.67 39.91 16.01
N VAL D 730 127.59 39.96 16.97
CA VAL D 730 128.76 40.83 16.90
C VAL D 730 130.02 40.00 17.16
N THR D 731 131.01 40.18 16.31
CA THR D 731 132.29 39.49 16.48
C THR D 731 133.02 40.12 17.66
N SER D 732 133.55 39.28 18.55
CA SER D 732 134.27 39.74 19.72
C SER D 732 135.52 38.88 19.91
N PRO D 733 136.55 39.42 20.55
CA PRO D 733 137.75 38.61 20.83
C PRO D 733 137.53 37.61 21.96
N GLY D 734 136.97 36.45 21.61
CA GLY D 734 136.60 35.47 22.61
C GLY D 734 135.13 35.57 22.94
N GLN D 735 134.30 35.61 21.89
CA GLN D 735 132.87 35.82 22.07
C GLN D 735 132.20 34.61 22.70
N HIS D 736 131.39 34.87 23.73
CA HIS D 736 130.53 33.87 24.35
C HIS D 736 129.51 34.59 25.22
N LEU D 737 128.51 33.82 25.68
CA LEU D 737 127.51 34.34 26.59
C LEU D 737 128.20 34.70 27.91
N LEU D 738 127.65 35.71 28.60
CA LEU D 738 128.21 36.21 29.84
C LEU D 738 128.31 35.12 30.91
N ALA D 739 129.53 34.74 31.22
CA ALA D 739 129.87 33.71 32.18
C ALA D 739 130.42 34.38 33.43
N PRO D 740 130.65 33.64 34.54
CA PRO D 740 131.34 34.23 35.69
C PRO D 740 132.73 34.73 35.34
N GLU D 741 133.11 35.83 36.01
CA GLU D 741 134.37 36.56 35.80
C GLU D 741 134.43 37.12 34.37
N ASP D 742 133.42 37.92 34.04
CA ASP D 742 133.33 38.60 32.76
C ASP D 742 133.13 40.08 33.00
N VAL D 743 133.79 40.90 32.19
CA VAL D 743 133.76 42.35 32.33
C VAL D 743 132.84 42.93 31.28
N VAL D 744 131.86 43.71 31.71
CA VAL D 744 130.91 44.38 30.83
C VAL D 744 131.10 45.88 31.06
N SER D 745 131.94 46.51 30.24
CA SER D 745 132.25 47.93 30.34
C SER D 745 131.37 48.71 29.36
N CYS D 746 130.45 49.50 29.88
CA CYS D 746 129.53 50.30 29.07
C CYS D 746 130.02 51.74 29.02
N CYS D 747 130.30 52.22 27.81
CA CYS D 747 130.77 53.56 27.52
C CYS D 747 129.70 54.32 26.73
N LEU D 748 129.31 55.49 27.21
CA LEU D 748 128.25 56.26 26.56
C LEU D 748 128.73 57.68 26.31
N ASP D 749 128.91 58.03 25.04
CA ASP D 749 129.18 59.40 24.66
C ASP D 749 127.91 60.00 24.09
N LEU D 750 127.49 61.13 24.68
CA LEU D 750 126.31 61.85 24.25
C LEU D 750 126.62 63.09 23.41
N SER D 751 127.91 63.42 23.22
CA SER D 751 128.27 64.49 22.29
C SER D 751 127.84 64.14 20.87
N VAL D 752 128.25 62.97 20.41
CA VAL D 752 127.69 62.35 19.21
C VAL D 752 127.08 61.08 19.79
N PRO D 753 125.87 60.69 19.39
CA PRO D 753 125.24 59.50 20.00
C PRO D 753 126.01 58.21 19.78
N SER D 754 126.58 57.64 20.84
CA SER D 754 127.40 56.44 20.66
C SER D 754 127.47 55.65 21.95
N ILE D 755 127.12 54.37 21.86
CA ILE D 755 127.16 53.44 22.99
C ILE D 755 128.15 52.34 22.64
N SER D 756 129.18 52.20 23.45
CA SER D 756 130.28 51.28 23.25
C SER D 756 130.27 50.24 24.37
N PHE D 757 130.64 49.01 24.03
CA PHE D 757 130.73 47.95 25.01
C PHE D 757 132.12 47.33 24.93
N ARG D 758 132.64 46.93 26.08
CA ARG D 758 133.93 46.24 26.15
C ARG D 758 133.78 44.96 26.95
N ILE D 759 134.29 43.86 26.41
CA ILE D 759 134.25 42.55 27.05
C ILE D 759 135.68 42.20 27.43
N ASN D 760 135.93 42.13 28.75
CA ASN D 760 137.23 41.78 29.35
C ASN D 760 138.35 42.66 28.79
N GLY D 761 138.08 43.96 28.71
CA GLY D 761 139.01 44.95 28.18
C GLY D 761 138.93 45.08 26.67
N CYS D 762 138.78 43.97 25.96
CA CYS D 762 138.62 44.00 24.51
C CYS D 762 137.28 44.60 24.14
N PRO D 763 137.25 45.65 23.32
CA PRO D 763 135.97 46.31 23.01
C PRO D 763 135.08 45.47 22.11
N VAL D 764 133.78 45.51 22.40
CA VAL D 764 132.81 44.84 21.56
C VAL D 764 132.66 45.61 20.26
N GLN D 765 132.91 44.93 19.15
CA GLN D 765 132.97 45.56 17.82
C GLN D 765 131.56 45.86 17.30
N GLY D 766 130.93 46.83 17.94
CA GLY D 766 129.60 47.29 17.58
C GLY D 766 129.19 48.47 18.44
N VAL D 767 128.70 49.54 17.83
CA VAL D 767 128.33 50.76 18.55
C VAL D 767 126.99 51.28 18.01
N PHE D 768 126.07 51.59 18.92
CA PHE D 768 124.81 52.20 18.53
C PHE D 768 125.06 53.62 18.05
N GLU D 769 124.31 54.05 17.04
CA GLU D 769 124.46 55.38 16.49
C GLU D 769 123.08 55.88 16.07
N ALA D 770 122.95 57.21 15.97
CA ALA D 770 121.74 57.90 15.51
C ALA D 770 120.51 57.49 16.32
N PHE D 771 120.70 57.32 17.62
CA PHE D 771 119.61 56.98 18.50
C PHE D 771 119.04 58.22 19.17
N ASN D 772 117.79 58.11 19.59
CA ASN D 772 117.08 59.21 20.22
C ASN D 772 117.76 59.57 21.53
N LEU D 773 117.83 60.87 21.79
CA LEU D 773 118.49 61.38 22.98
C LEU D 773 117.53 62.06 23.94
N ASP D 774 116.35 62.46 23.47
CA ASP D 774 115.33 63.07 24.32
C ASP D 774 114.96 62.15 25.47
N GLY D 775 114.93 62.71 26.68
CA GLY D 775 114.83 61.92 27.87
C GLY D 775 116.18 61.78 28.55
N LEU D 776 116.29 60.77 29.40
CA LEU D 776 117.48 60.51 30.17
C LEU D 776 117.99 59.10 29.91
N PHE D 777 119.26 58.87 30.23
CA PHE D 777 119.89 57.57 30.06
C PHE D 777 120.38 57.08 31.41
N PHE D 778 120.16 55.78 31.68
CA PHE D 778 120.55 55.21 32.96
C PHE D 778 120.98 53.77 32.76
N PRO D 779 121.90 53.26 33.59
CA PRO D 779 122.27 51.85 33.50
C PRO D 779 121.12 50.95 33.89
N VAL D 780 121.08 49.77 33.27
CA VAL D 780 120.02 48.80 33.54
C VAL D 780 120.55 47.39 33.26
N VAL D 781 120.20 46.46 34.14
CA VAL D 781 120.49 45.04 33.95
C VAL D 781 119.17 44.28 33.97
N SER D 782 118.95 43.48 32.93
CA SER D 782 117.74 42.68 32.79
C SER D 782 118.11 41.22 32.98
N PHE D 783 117.56 40.61 34.01
CA PHE D 783 117.93 39.25 34.36
C PHE D 783 116.70 38.42 34.68
N SER D 784 116.82 37.13 34.37
CA SER D 784 115.85 36.16 34.84
C SER D 784 116.33 35.61 36.18
N ALA D 785 115.59 34.66 36.71
CA ALA D 785 115.92 34.08 38.01
C ALA D 785 117.19 33.24 37.95
N GLY D 786 118.00 33.35 39.00
CA GLY D 786 119.19 32.51 39.13
C GLY D 786 120.48 33.14 38.69
N VAL D 787 120.68 34.41 39.06
CA VAL D 787 121.92 35.14 38.73
C VAL D 787 122.41 35.91 39.95
N LYS D 788 123.71 36.22 39.92
CA LYS D 788 124.35 37.13 40.87
C LYS D 788 125.26 38.05 40.07
N VAL D 789 125.01 39.36 40.12
CA VAL D 789 125.85 40.31 39.41
C VAL D 789 126.23 41.46 40.34
N ARG D 790 127.30 42.16 39.98
CA ARG D 790 127.82 43.26 40.77
C ARG D 790 127.92 44.51 39.90
N PHE D 791 127.57 45.65 40.49
CA PHE D 791 127.61 46.95 39.83
C PHE D 791 128.93 47.62 40.20
N LEU D 792 129.85 47.70 39.23
CA LEU D 792 131.11 48.39 39.42
C LEU D 792 130.93 49.79 38.83
N LEU D 793 130.55 50.73 39.69
CA LEU D 793 130.34 52.11 39.30
C LEU D 793 131.58 52.97 39.57
N GLY D 794 132.67 52.37 40.03
CA GLY D 794 133.93 53.06 40.21
C GLY D 794 133.92 53.92 41.46
N GLY D 795 135.09 54.52 41.73
CA GLY D 795 135.25 55.38 42.89
C GLY D 795 135.02 54.62 44.18
N ARG D 796 134.11 55.15 45.00
CA ARG D 796 133.73 54.48 46.24
C ARG D 796 132.83 53.27 45.97
N HIS D 797 132.27 53.16 44.78
CA HIS D 797 131.32 52.09 44.42
C HIS D 797 131.91 51.07 43.45
N GLY D 798 133.17 50.73 43.62
CA GLY D 798 133.83 49.74 42.82
C GLY D 798 135.23 50.18 42.47
N GLU D 799 135.84 49.45 41.53
CA GLU D 799 137.20 49.77 41.10
C GLU D 799 137.39 49.78 39.59
N PHE D 800 136.38 49.32 38.82
CA PHE D 800 136.29 49.21 37.36
C PHE D 800 137.18 48.12 36.76
N LYS D 801 138.13 47.57 37.53
CA LYS D 801 139.05 46.49 37.14
C LYS D 801 139.79 46.69 35.82
N PHE D 802 139.77 47.91 35.28
CA PHE D 802 140.19 48.30 33.96
C PHE D 802 140.20 49.82 33.92
N LEU D 803 141.20 50.40 33.29
CA LEU D 803 141.25 51.86 33.16
C LEU D 803 140.11 52.32 32.24
N PRO D 804 139.29 53.28 32.67
CA PRO D 804 138.23 53.79 31.79
C PRO D 804 138.83 54.53 30.61
N PRO D 805 138.15 54.52 29.46
CA PRO D 805 138.64 55.29 28.31
C PRO D 805 138.70 56.76 28.63
N PRO D 806 139.70 57.48 28.10
CA PRO D 806 139.88 58.91 28.40
C PRO D 806 138.67 59.76 28.02
N GLY D 807 138.33 60.70 28.88
CA GLY D 807 137.18 61.55 28.69
C GLY D 807 135.89 61.01 29.25
N TYR D 808 135.83 59.73 29.59
CA TYR D 808 134.61 59.12 30.11
C TYR D 808 134.66 59.10 31.63
N ALA D 809 133.59 59.54 32.23
CA ALA D 809 133.62 59.66 33.68
C ALA D 809 132.94 58.48 34.34
N PRO D 810 133.39 58.11 35.54
CA PRO D 810 132.69 57.08 36.31
C PRO D 810 131.27 57.49 36.63
N CYS D 811 130.35 56.51 36.57
CA CYS D 811 128.93 56.79 36.70
C CYS D 811 128.52 57.21 38.11
N HIS D 812 129.33 56.94 39.13
CA HIS D 812 128.98 57.38 40.48
C HIS D 812 129.05 58.89 40.65
N GLU D 813 129.62 59.61 39.69
CA GLU D 813 129.76 61.06 39.76
C GLU D 813 128.53 61.79 39.27
N ALA D 814 127.51 61.07 38.78
CA ALA D 814 126.29 61.68 38.28
C ALA D 814 125.15 61.65 39.30
N VAL D 815 125.41 61.20 40.53
CA VAL D 815 124.36 61.14 41.55
C VAL D 815 123.97 62.57 41.95
N LEU D 816 122.66 62.79 42.07
CA LEU D 816 122.15 64.09 42.47
C LEU D 816 122.53 64.37 43.93
N PRO D 817 122.80 65.64 44.28
CA PRO D 817 123.26 65.96 45.64
C PRO D 817 122.28 65.60 46.74
N ARG D 818 120.97 65.73 46.47
CA ARG D 818 119.97 65.48 47.51
C ARG D 818 119.89 64.00 47.86
N GLU D 819 119.91 63.13 46.85
CA GLU D 819 119.68 61.71 47.05
C GLU D 819 121.00 60.96 47.26
N ARG D 820 120.90 59.84 47.95
CA ARG D 820 122.00 58.93 48.17
C ARG D 820 121.81 57.71 47.27
N LEU D 821 122.91 57.21 46.72
CA LEU D 821 122.85 56.12 45.75
C LEU D 821 122.33 54.84 46.38
N ARG D 822 121.49 54.13 45.62
CA ARG D 822 120.95 52.84 46.02
C ARG D 822 120.60 52.08 44.75
N LEU D 823 120.11 50.86 44.93
CA LEU D 823 119.75 49.99 43.82
C LEU D 823 118.23 49.78 43.84
N GLU D 824 117.57 50.11 42.73
CA GLU D 824 116.12 50.06 42.62
C GLU D 824 115.73 49.55 41.23
N PRO D 825 114.55 48.97 41.09
CA PRO D 825 114.08 48.56 39.77
C PRO D 825 113.57 49.76 38.98
N ILE D 826 113.04 49.48 37.79
CA ILE D 826 112.45 50.48 36.92
C ILE D 826 111.04 50.72 37.47
N LYS D 827 110.34 51.76 36.96
CA LYS D 827 108.98 52.15 37.34
C LYS D 827 108.04 50.97 37.46
N GLU D 828 107.48 50.81 38.66
CA GLU D 828 106.74 49.60 38.99
C GLU D 828 105.38 49.90 39.60
N TYR D 829 104.73 48.86 40.12
CA TYR D 829 103.43 48.99 40.74
C TYR D 829 103.32 48.26 42.06
N ARG D 830 104.38 47.62 42.54
CA ARG D 830 104.29 46.82 43.75
C ARG D 830 105.68 46.69 44.36
N ARG D 831 105.73 46.58 45.68
CA ARG D 831 106.97 46.34 46.40
C ARG D 831 106.62 45.66 47.72
N GLU D 832 107.63 45.02 48.31
CA GLU D 832 107.43 44.30 49.55
C GLU D 832 107.14 45.28 50.69
N GLY D 833 106.36 44.81 51.66
CA GLY D 833 106.01 45.59 52.82
C GLY D 833 106.13 44.81 54.11
N PRO D 834 106.30 45.53 55.23
CA PRO D 834 106.44 44.88 56.55
C PRO D 834 105.24 44.04 56.96
N ARG D 835 104.07 44.65 57.03
CA ARG D 835 102.87 43.91 57.41
C ARG D 835 102.14 43.31 56.22
N GLY D 836 102.28 43.92 55.05
CA GLY D 836 101.65 43.41 53.84
C GLY D 836 102.19 44.14 52.63
N PRO D 837 102.03 43.53 51.45
CA PRO D 837 102.48 44.18 50.20
C PRO D 837 101.78 45.51 49.97
N HIS D 838 102.54 46.48 49.49
CA HIS D 838 102.03 47.84 49.29
C HIS D 838 101.90 48.09 47.80
N LEU D 839 100.68 48.41 47.36
CA LEU D 839 100.51 48.86 46.00
C LEU D 839 101.16 50.22 45.86
N VAL D 840 101.96 50.38 44.81
CA VAL D 840 102.79 51.55 44.63
C VAL D 840 102.25 52.39 43.48
N GLY D 841 101.86 53.62 43.79
CA GLY D 841 101.48 54.58 42.79
C GLY D 841 102.72 54.97 42.02
N PRO D 842 102.58 55.26 40.70
CA PRO D 842 103.71 55.63 39.80
C PRO D 842 104.81 56.50 40.38
N SER D 843 106.06 56.25 40.01
CA SER D 843 107.19 56.98 40.58
C SER D 843 107.46 58.24 39.78
N ARG D 844 107.65 59.35 40.50
CA ARG D 844 108.02 60.61 39.86
C ARG D 844 109.42 60.47 39.28
N CYS D 845 109.56 60.84 38.01
CA CYS D 845 110.80 60.64 37.29
C CYS D 845 111.42 61.99 36.94
N LEU D 846 112.73 62.10 37.16
CA LEU D 846 113.46 63.31 36.84
C LEU D 846 113.57 63.45 35.32
N SER D 847 113.74 64.68 34.86
CA SER D 847 113.77 65.00 33.44
C SER D 847 115.02 65.79 33.08
N HIS D 848 115.41 65.68 31.81
CA HIS D 848 116.55 66.44 31.30
C HIS D 848 116.29 67.94 31.41
N THR D 849 115.05 68.36 31.12
CA THR D 849 114.63 69.75 31.29
C THR D 849 114.82 70.26 32.73
N ASP D 850 114.92 69.37 33.71
CA ASP D 850 115.18 69.73 35.09
C ASP D 850 116.67 69.90 35.38
N PHE D 851 117.54 69.71 34.38
CA PHE D 851 118.96 69.99 34.57
C PHE D 851 119.41 71.26 33.88
N VAL D 852 118.54 71.91 33.12
CA VAL D 852 118.90 73.19 32.52
C VAL D 852 118.46 74.28 33.48
N PRO D 853 119.35 75.19 33.90
CA PRO D 853 118.90 76.27 34.77
C PRO D 853 118.30 77.40 33.93
N CYS D 854 117.01 77.65 34.14
CA CYS D 854 116.27 78.64 33.37
C CYS D 854 115.80 79.77 34.27
N PRO D 855 116.60 80.83 34.41
CA PRO D 855 116.22 81.93 35.29
C PRO D 855 115.34 82.91 34.53
N VAL D 856 114.96 84.00 35.21
CA VAL D 856 114.27 85.09 34.54
C VAL D 856 115.31 86.13 34.11
N ASP D 857 115.24 86.52 32.83
CA ASP D 857 116.22 87.43 32.26
C ASP D 857 116.17 88.79 32.99
N THR D 858 117.34 89.27 33.39
CA THR D 858 117.45 90.52 34.13
C THR D 858 118.23 91.57 33.35
N VAL D 859 117.94 91.74 32.06
CA VAL D 859 118.61 92.72 31.23
C VAL D 859 117.68 93.85 30.84
N GLN D 860 116.52 93.53 30.25
CA GLN D 860 115.60 94.55 29.74
C GLN D 860 114.74 95.11 30.89
N ILE D 861 115.42 95.78 31.83
CA ILE D 861 114.79 96.40 32.99
C ILE D 861 115.41 97.78 33.20
N VAL D 862 114.66 98.83 32.89
CA VAL D 862 115.12 100.18 33.22
C VAL D 862 115.02 100.38 34.73
N LEU D 863 116.11 100.87 35.32
CA LEU D 863 116.23 100.93 36.77
C LEU D 863 115.44 102.12 37.31
N PRO D 864 114.53 101.91 38.26
CA PRO D 864 113.60 102.98 38.68
C PRO D 864 114.25 104.00 39.60
N PRO D 865 113.63 105.19 39.73
CA PRO D 865 114.16 106.21 40.65
C PRO D 865 114.16 105.79 42.11
N HIS D 866 113.11 105.09 42.57
CA HIS D 866 113.06 104.73 43.98
C HIS D 866 114.10 103.67 44.31
N LEU D 867 114.58 102.94 43.29
CA LEU D 867 115.63 101.96 43.48
C LEU D 867 117.00 102.62 43.46
N GLU D 868 117.27 103.51 42.49
CA GLU D 868 118.56 104.23 42.53
C GLU D 868 118.68 105.10 43.77
N ARG D 869 117.54 105.54 44.32
CA ARG D 869 117.53 106.26 45.59
C ARG D 869 118.00 105.38 46.74
N ILE D 870 117.79 104.07 46.67
CA ILE D 870 118.24 103.18 47.74
C ILE D 870 119.34 102.23 47.21
N ARG D 871 120.03 102.66 46.15
CA ARG D 871 121.06 101.86 45.49
C ARG D 871 122.28 101.64 46.39
N GLU D 872 122.44 102.42 47.45
CA GLU D 872 123.68 102.47 48.20
C GLU D 872 123.63 101.62 49.47
N LYS D 873 122.63 101.84 50.33
CA LYS D 873 122.57 101.14 51.62
C LYS D 873 122.44 99.63 51.46
N LEU D 874 121.59 99.19 50.52
CA LEU D 874 121.46 97.76 50.19
C LEU D 874 122.72 97.15 49.59
N ALA D 875 123.67 97.95 49.13
CA ALA D 875 124.97 97.45 48.71
C ALA D 875 125.98 97.48 49.85
N GLU D 876 125.95 98.57 50.63
CA GLU D 876 126.83 98.72 51.78
C GLU D 876 126.56 97.63 52.80
N ASN D 877 125.33 97.15 52.87
CA ASN D 877 124.98 96.12 53.82
C ASN D 877 125.32 94.74 53.30
N ILE D 878 125.74 94.61 52.04
CA ILE D 878 126.14 93.32 51.51
C ILE D 878 127.58 93.36 50.97
N HIS D 879 128.36 94.32 51.44
CA HIS D 879 129.76 94.37 51.02
C HIS D 879 130.67 93.53 51.89
N GLU D 880 130.34 93.34 53.17
CA GLU D 880 131.10 92.44 54.03
C GLU D 880 130.20 91.58 54.91
N LEU D 881 128.96 91.35 54.47
CA LEU D 881 128.04 90.55 55.26
C LEU D 881 128.55 89.11 55.38
N TRP D 882 129.12 88.58 54.29
CA TRP D 882 129.77 87.27 54.38
C TRP D 882 131.01 87.31 55.27
N ALA D 883 131.57 88.50 55.52
CA ALA D 883 132.76 88.66 56.32
C ALA D 883 132.44 88.79 57.81
N LEU D 884 131.19 89.10 58.16
CA LEU D 884 130.86 89.38 59.55
C LEU D 884 130.95 88.15 60.44
N THR D 885 130.64 86.97 59.89
CA THR D 885 130.52 85.74 60.68
C THR D 885 131.85 85.33 61.31
N ARG D 886 132.94 85.47 60.57
CA ARG D 886 134.24 84.88 60.93
C ARG D 886 135.20 85.82 61.63
N ILE D 887 134.81 87.06 61.94
CA ILE D 887 135.69 87.94 62.69
C ILE D 887 135.80 87.43 64.12
N GLU D 888 136.94 87.71 64.77
CA GLU D 888 137.31 87.20 66.10
C GLU D 888 137.42 85.68 66.14
N GLN D 889 137.78 85.08 65.01
CA GLN D 889 138.03 83.65 64.89
C GLN D 889 139.40 83.44 64.26
N GLY D 890 139.70 82.22 63.83
CA GLY D 890 140.92 81.97 63.07
C GLY D 890 141.02 82.76 61.78
N TRP D 891 139.89 83.13 61.19
CA TRP D 891 139.86 83.98 60.01
C TRP D 891 139.60 85.44 60.42
N THR D 892 140.57 85.99 61.17
CA THR D 892 140.50 87.36 61.64
C THR D 892 141.49 88.20 60.85
N TYR D 893 141.01 89.34 60.36
CA TYR D 893 141.69 90.18 59.39
C TYR D 893 143.01 90.74 59.95
N GLY D 894 143.85 91.21 59.04
CA GLY D 894 145.12 91.84 59.36
C GLY D 894 145.38 92.96 58.36
N PRO D 895 145.99 94.05 58.83
CA PRO D 895 146.26 95.20 57.95
C PRO D 895 147.18 94.92 56.76
N VAL D 896 148.08 93.95 56.87
CA VAL D 896 149.02 93.68 55.79
C VAL D 896 148.32 93.09 54.56
N ARG D 897 147.32 92.25 54.75
CA ARG D 897 146.67 91.53 53.66
C ARG D 897 145.24 92.03 53.45
N ASP D 898 144.53 91.34 52.57
CA ASP D 898 143.17 91.71 52.18
C ASP D 898 142.37 90.41 52.08
N ASP D 899 141.22 90.48 51.38
CA ASP D 899 140.34 89.33 51.21
C ASP D 899 141.05 88.15 50.53
N ASN D 900 140.46 86.95 50.73
CA ASN D 900 140.85 85.68 50.12
C ASN D 900 142.22 85.19 50.58
N LYS D 901 142.75 85.71 51.68
CA LYS D 901 144.08 85.34 52.17
C LYS D 901 144.00 84.63 53.53
N ARG D 902 142.94 83.84 53.75
CA ARG D 902 142.64 83.09 54.97
C ARG D 902 142.46 83.96 56.21
N LEU D 903 142.46 85.28 56.06
CA LEU D 903 142.23 86.31 57.06
C LEU D 903 141.36 87.39 56.46
N HIS D 904 140.31 86.93 55.76
CA HIS D 904 139.54 87.75 54.83
C HIS D 904 138.92 89.08 55.31
N PRO D 905 138.21 89.19 56.54
CA PRO D 905 137.13 90.19 56.73
C PRO D 905 137.20 91.61 56.15
N CYS D 906 138.21 92.41 56.53
CA CYS D 906 138.39 93.81 56.12
C CYS D 906 137.09 94.61 56.27
N LEU D 907 136.64 94.74 57.51
CA LEU D 907 135.36 95.35 57.84
C LEU D 907 135.31 96.86 57.64
N VAL D 908 136.45 97.50 57.31
CA VAL D 908 136.58 98.96 57.32
C VAL D 908 135.56 99.59 56.38
N ASN D 909 135.71 99.32 55.08
CA ASN D 909 134.86 99.85 54.02
C ASN D 909 135.26 99.16 52.73
N PHE D 910 134.45 99.36 51.70
CA PHE D 910 134.72 98.88 50.36
C PHE D 910 135.62 99.82 49.56
N HIS D 911 135.86 101.04 50.07
CA HIS D 911 136.85 101.91 49.45
C HIS D 911 138.25 101.33 49.57
N SER D 912 138.57 100.77 50.74
CA SER D 912 139.83 100.05 50.91
C SER D 912 139.88 98.83 50.00
N LEU D 913 138.73 98.19 49.77
CA LEU D 913 138.64 97.03 48.91
C LEU D 913 138.73 97.46 47.44
N PRO D 914 139.14 96.56 46.53
CA PRO D 914 139.32 96.93 45.13
C PRO D 914 138.07 97.49 44.45
N GLU D 915 138.27 98.53 43.65
CA GLU D 915 137.17 99.24 42.97
C GLU D 915 136.31 98.38 42.03
N PRO D 916 136.85 97.53 41.12
CA PRO D 916 135.95 96.77 40.22
C PRO D 916 134.97 95.87 40.96
N GLU D 917 135.45 95.02 41.87
CA GLU D 917 134.53 94.20 42.65
C GLU D 917 133.64 95.07 43.55
N ARG D 918 134.09 96.27 43.92
CA ARG D 918 133.28 97.19 44.72
C ARG D 918 132.03 97.62 43.96
N ASN D 919 132.20 98.34 42.83
CA ASN D 919 131.02 98.74 42.07
C ASN D 919 130.30 97.54 41.45
N TYR D 920 130.98 96.41 41.28
CA TYR D 920 130.33 95.16 40.95
C TYR D 920 129.35 94.75 42.05
N ASN D 921 129.75 94.90 43.32
CA ASN D 921 128.86 94.57 44.44
C ASN D 921 127.68 95.54 44.48
N LEU D 922 127.92 96.83 44.22
CA LEU D 922 126.83 97.80 44.08
C LEU D 922 125.82 97.35 43.01
N GLN D 923 126.31 97.05 41.82
CA GLN D 923 125.39 96.68 40.76
C GLN D 923 124.89 95.24 40.89
N MET D 924 125.49 94.42 41.77
CA MET D 924 124.85 93.16 42.18
C MET D 924 123.69 93.39 43.13
N SER D 925 123.81 94.37 44.04
CA SER D 925 122.64 94.78 44.82
C SER D 925 121.54 95.32 43.92
N GLY D 926 121.92 96.14 42.93
CA GLY D 926 120.99 96.56 41.89
C GLY D 926 120.43 95.38 41.09
N GLU D 927 121.25 94.36 40.85
CA GLU D 927 120.83 93.19 40.11
C GLU D 927 119.79 92.38 40.87
N THR D 928 119.98 92.25 42.19
CA THR D 928 118.95 91.65 43.04
C THR D 928 117.67 92.45 43.02
N LEU D 929 117.76 93.79 43.09
CA LEU D 929 116.55 94.61 42.93
C LEU D 929 115.91 94.45 41.53
N LYS D 930 116.72 94.21 40.51
CA LYS D 930 116.17 93.99 39.17
C LYS D 930 115.46 92.64 39.09
N THR D 931 116.00 91.64 39.78
CA THR D 931 115.30 90.37 39.93
C THR D 931 113.98 90.56 40.69
N LEU D 932 113.96 91.45 41.70
CA LEU D 932 112.72 91.75 42.42
C LEU D 932 111.69 92.36 41.47
N LEU D 933 112.15 93.25 40.58
CA LEU D 933 111.28 93.84 39.57
C LEU D 933 110.73 92.79 38.63
N ALA D 934 111.61 91.96 38.05
CA ALA D 934 111.19 90.95 37.09
C ALA D 934 110.28 89.91 37.74
N LEU D 935 110.46 89.65 39.04
CA LEU D 935 109.59 88.74 39.77
C LEU D 935 108.23 89.39 40.00
N GLY D 936 108.21 90.70 40.22
CA GLY D 936 106.97 91.38 40.56
C GLY D 936 106.94 92.04 41.92
N CYS D 937 108.09 92.53 42.38
CA CYS D 937 108.20 93.24 43.66
C CYS D 937 108.36 94.73 43.41
N HIS D 938 107.55 95.52 44.10
CA HIS D 938 107.58 96.98 44.02
C HIS D 938 107.54 97.55 45.43
N VAL D 939 108.06 98.75 45.60
CA VAL D 939 108.33 99.30 46.93
C VAL D 939 107.45 100.52 47.18
N GLY D 940 107.10 100.71 48.45
CA GLY D 940 106.35 101.87 48.89
C GLY D 940 106.72 102.26 50.30
N MET D 941 106.84 103.56 50.56
CA MET D 941 107.35 104.08 51.82
C MET D 941 106.19 104.65 52.62
N ALA D 942 106.03 104.16 53.86
CA ALA D 942 104.98 104.65 54.75
C ALA D 942 105.56 105.25 56.02
N ASP D 943 106.32 104.49 56.82
CA ASP D 943 106.49 104.81 58.23
C ASP D 943 107.76 105.65 58.42
N GLU D 944 108.18 105.82 59.68
CA GLU D 944 109.39 106.55 60.06
C GLU D 944 110.65 106.01 59.39
N LYS D 945 111.51 106.92 58.96
CA LYS D 945 112.74 106.55 58.25
C LYS D 945 113.65 105.78 59.19
N ALA D 946 113.98 104.54 58.81
CA ALA D 946 114.84 103.68 59.62
C ALA D 946 116.23 104.26 59.86
N GLU D 947 116.71 105.14 58.97
CA GLU D 947 118.00 105.81 59.11
C GLU D 947 118.13 106.52 60.45
N ASP D 948 117.04 107.12 60.94
CA ASP D 948 117.07 107.81 62.23
C ASP D 948 117.19 106.81 63.37
N ASN D 949 116.37 105.77 63.37
CA ASN D 949 116.20 104.87 64.50
C ASN D 949 117.09 103.64 64.32
N LEU D 950 118.06 103.71 63.42
CA LEU D 950 119.09 102.70 63.25
C LEU D 950 120.41 103.27 63.74
N LYS D 951 121.26 102.39 64.25
CA LYS D 951 122.58 102.79 64.74
C LYS D 951 123.59 101.69 64.43
N LYS D 952 124.86 102.08 64.43
CA LYS D 952 125.96 101.14 64.26
C LYS D 952 126.51 100.78 65.63
N THR D 953 126.74 99.49 65.87
CA THR D 953 127.11 98.98 67.17
C THR D 953 128.55 98.47 67.11
N LYS D 954 129.45 99.20 67.75
CA LYS D 954 130.84 98.75 67.90
C LYS D 954 130.84 97.71 69.01
N LEU D 955 130.57 96.47 68.62
CA LEU D 955 130.50 95.37 69.57
C LEU D 955 131.90 95.05 70.11
N PRO D 956 131.99 94.47 71.32
CA PRO D 956 133.29 93.93 71.76
C PRO D 956 133.85 92.87 70.82
N LYS D 957 132.99 92.00 70.29
CA LYS D 957 133.37 91.16 69.17
C LYS D 957 133.46 91.99 67.90
N THR D 958 134.20 91.46 66.92
CA THR D 958 134.51 92.10 65.63
C THR D 958 135.31 93.40 65.79
N TYR D 959 135.99 93.56 66.92
CA TYR D 959 136.88 94.69 67.11
C TYR D 959 138.17 94.48 66.34
N MET D 960 138.59 95.50 65.59
CA MET D 960 139.80 95.44 64.78
C MET D 960 140.63 96.70 64.95
N MET D 961 141.92 96.55 64.66
CA MET D 961 142.90 97.61 64.78
C MET D 961 143.04 98.41 63.49
N SER D 962 142.59 97.87 62.36
CA SER D 962 142.73 98.51 61.06
C SER D 962 141.59 99.50 60.88
N ASN D 963 141.91 100.79 61.10
CA ASN D 963 141.04 101.94 60.84
C ASN D 963 139.69 101.81 61.55
N GLY D 964 139.77 101.60 62.87
CA GLY D 964 138.59 101.54 63.71
C GLY D 964 137.81 100.25 63.54
N TYR D 965 136.83 100.07 64.43
CA TYR D 965 136.02 98.87 64.43
C TYR D 965 134.56 99.24 64.20
N LYS D 966 133.87 98.40 63.45
CA LYS D 966 132.48 98.60 63.07
C LYS D 966 131.92 97.25 62.65
N PRO D 967 130.59 97.08 62.62
CA PRO D 967 130.03 95.89 61.98
C PRO D 967 130.47 95.81 60.53
N ALA D 968 130.83 94.60 60.08
CA ALA D 968 131.30 94.43 58.71
C ALA D 968 130.25 94.80 57.66
N PRO D 969 128.95 94.35 57.73
CA PRO D 969 127.94 94.99 56.89
C PRO D 969 127.42 96.24 57.60
N LEU D 970 126.42 96.89 57.04
CA LEU D 970 125.81 98.02 57.72
C LEU D 970 124.85 97.47 58.77
N ASP D 971 124.90 98.04 59.98
CA ASP D 971 124.15 97.50 61.11
C ASP D 971 122.64 97.71 60.92
N LEU D 972 121.86 96.94 61.67
CA LEU D 972 120.41 97.02 61.61
C LEU D 972 119.85 96.59 62.97
N SER D 973 118.72 97.20 63.34
CA SER D 973 118.05 96.92 64.60
C SER D 973 116.95 95.87 64.37
N HIS D 974 116.09 95.68 65.38
CA HIS D 974 114.95 94.78 65.34
C HIS D 974 114.02 95.01 64.14
N VAL D 975 113.97 94.01 63.25
CA VAL D 975 113.19 94.02 62.01
C VAL D 975 112.74 92.57 61.78
N ARG D 976 111.52 92.38 61.26
CA ARG D 976 110.97 91.05 61.07
C ARG D 976 110.57 90.87 59.62
N LEU D 977 110.13 89.65 59.26
CA LEU D 977 109.81 89.33 57.87
C LEU D 977 108.62 88.38 57.82
N THR D 978 107.65 88.68 56.96
CA THR D 978 106.47 87.87 56.79
C THR D 978 106.72 86.70 55.82
N PRO D 979 105.85 85.66 55.83
CA PRO D 979 106.08 84.52 54.91
C PRO D 979 106.13 84.86 53.43
N ALA D 980 105.37 85.88 52.97
CA ALA D 980 105.50 86.34 51.59
C ALA D 980 106.94 86.71 51.25
N GLN D 981 107.61 87.42 52.17
CA GLN D 981 109.02 87.75 52.00
C GLN D 981 109.89 86.51 52.05
N THR D 982 109.51 85.50 52.86
CA THR D 982 110.30 84.26 52.90
C THR D 982 110.27 83.53 51.56
N THR D 983 109.08 83.35 51.00
CA THR D 983 108.97 82.71 49.68
C THR D 983 109.68 83.54 48.61
N LEU D 984 109.52 84.87 48.66
CA LEU D 984 110.13 85.74 47.66
C LEU D 984 111.66 85.67 47.73
N VAL D 985 112.23 85.65 48.94
CA VAL D 985 113.69 85.58 49.05
C VAL D 985 114.16 84.18 48.63
N ASP D 986 113.32 83.15 48.84
CA ASP D 986 113.64 81.80 48.37
C ASP D 986 113.80 81.78 46.86
N ARG D 987 112.81 82.30 46.13
CA ARG D 987 112.93 82.30 44.67
C ARG D 987 113.96 83.32 44.18
N LEU D 988 114.24 84.37 44.97
CA LEU D 988 115.33 85.29 44.64
C LEU D 988 116.69 84.60 44.69
N ALA D 989 116.89 83.75 45.70
CA ALA D 989 118.12 82.95 45.78
C ALA D 989 118.14 81.91 44.67
N GLU D 990 116.97 81.35 44.34
CA GLU D 990 116.85 80.45 43.20
C GLU D 990 117.33 81.11 41.91
N ASN D 991 116.89 82.34 41.67
CA ASN D 991 117.27 83.03 40.45
C ASN D 991 118.70 83.53 40.51
N GLY D 992 119.32 83.53 41.69
CA GLY D 992 120.73 83.84 41.75
C GLY D 992 121.55 82.62 41.40
N HIS D 993 121.17 81.49 42.00
CA HIS D 993 121.84 80.22 41.76
C HIS D 993 121.75 79.82 40.29
N ASN D 994 120.57 80.00 39.68
CA ASN D 994 120.41 79.53 38.30
C ASN D 994 121.13 80.42 37.31
N VAL D 995 121.40 81.68 37.66
CA VAL D 995 122.21 82.54 36.81
C VAL D 995 123.68 82.17 36.95
N TRP D 996 124.11 81.88 38.18
CA TRP D 996 125.48 81.44 38.41
C TRP D 996 125.77 80.14 37.67
N ALA D 997 124.83 79.18 37.78
CA ALA D 997 124.98 77.89 37.11
C ALA D 997 124.97 78.05 35.59
N ARG D 998 124.08 78.92 35.08
CA ARG D 998 124.03 79.21 33.65
C ARG D 998 125.36 79.76 33.16
N ASP D 999 125.94 80.70 33.93
CA ASP D 999 127.22 81.29 33.56
C ASP D 999 128.33 80.24 33.54
N ARG D 1000 128.39 79.38 34.58
CA ARG D 1000 129.41 78.34 34.66
C ARG D 1000 129.31 77.38 33.48
N VAL D 1001 128.07 76.99 33.12
CA VAL D 1001 127.84 76.13 31.96
C VAL D 1001 128.33 76.83 30.71
N ALA D 1002 128.00 78.13 30.56
CA ALA D 1002 128.50 78.91 29.43
C ALA D 1002 130.02 79.03 29.42
N GLN D 1003 130.68 78.86 30.58
CA GLN D 1003 132.13 78.71 30.59
C GLN D 1003 132.57 77.26 30.53
N GLY D 1004 131.65 76.34 30.23
CA GLY D 1004 132.01 74.96 29.96
C GLY D 1004 131.82 74.00 31.10
N TRP D 1005 131.73 74.48 32.34
CA TRP D 1005 131.66 73.66 33.54
C TRP D 1005 130.46 72.71 33.52
N SER D 1006 130.52 71.68 34.37
CA SER D 1006 129.43 70.72 34.50
C SER D 1006 129.42 70.15 35.92
N TYR D 1007 128.50 69.23 36.16
CA TYR D 1007 128.28 68.65 37.48
C TYR D 1007 129.13 67.40 37.68
N SER D 1008 129.60 67.20 38.91
CA SER D 1008 130.26 65.96 39.34
C SER D 1008 130.19 65.95 40.86
N ALA D 1009 129.75 64.82 41.43
CA ALA D 1009 129.61 64.70 42.90
C ALA D 1009 130.91 64.86 43.65
N VAL D 1010 132.06 64.71 42.98
CA VAL D 1010 133.37 64.99 43.53
C VAL D 1010 133.93 66.20 42.78
N GLN D 1011 134.47 67.16 43.51
CA GLN D 1011 134.87 68.42 42.91
C GLN D 1011 136.19 68.23 42.17
N ASP D 1012 136.24 68.70 40.92
CA ASP D 1012 137.43 68.67 40.09
C ASP D 1012 137.60 70.04 39.44
N ILE D 1013 138.40 70.90 40.05
CA ILE D 1013 138.64 72.25 39.53
C ILE D 1013 139.41 72.20 38.20
N PRO D 1014 140.57 71.52 38.04
CA PRO D 1014 141.23 71.50 36.71
C PRO D 1014 140.40 70.86 35.61
N ALA D 1015 139.54 69.90 35.95
CA ALA D 1015 138.59 69.35 34.99
C ALA D 1015 137.32 70.16 34.87
N ARG D 1016 137.20 71.24 35.66
CA ARG D 1016 136.12 72.24 35.56
C ARG D 1016 134.76 71.60 35.83
N ARG D 1017 134.67 70.88 36.96
CA ARG D 1017 133.41 70.28 37.39
C ARG D 1017 133.21 70.56 38.87
N ASN D 1018 131.95 70.72 39.26
CA ASN D 1018 131.57 71.21 40.58
C ASN D 1018 130.45 70.32 41.12
N PRO D 1019 130.38 70.12 42.44
CA PRO D 1019 129.22 69.42 43.02
C PRO D 1019 127.98 70.26 43.20
N ARG D 1020 127.98 71.53 42.81
CA ARG D 1020 126.82 72.38 43.03
C ARG D 1020 126.25 72.90 41.72
N LEU D 1021 126.77 72.47 40.58
CA LEU D 1021 126.18 72.79 39.28
C LEU D 1021 124.96 71.91 39.01
N VAL D 1022 123.92 72.12 39.80
CA VAL D 1022 122.58 71.59 39.54
C VAL D 1022 121.62 72.74 39.78
N PRO D 1023 120.45 72.74 39.15
CA PRO D 1023 119.42 73.75 39.47
C PRO D 1023 119.03 73.72 40.94
N TYR D 1024 118.60 74.90 41.42
CA TYR D 1024 118.31 75.13 42.84
C TYR D 1024 117.36 74.08 43.39
N ARG D 1025 116.35 73.68 42.60
CA ARG D 1025 115.37 72.69 43.03
C ARG D 1025 116.02 71.34 43.33
N LEU D 1026 117.18 71.08 42.72
CA LEU D 1026 117.91 69.84 42.91
C LEU D 1026 119.08 70.00 43.86
N LEU D 1027 119.38 71.25 44.26
CA LEU D 1027 120.46 71.53 45.20
C LEU D 1027 120.18 70.90 46.56
N ASP D 1028 121.19 70.92 47.43
CA ASP D 1028 121.04 70.38 48.77
C ASP D 1028 120.57 71.49 49.71
N GLU D 1029 119.98 71.07 50.84
CA GLU D 1029 119.38 72.00 51.79
C GLU D 1029 120.43 72.88 52.46
N ALA D 1030 121.64 72.36 52.65
CA ALA D 1030 122.74 73.14 53.22
C ALA D 1030 123.07 74.35 52.34
N THR D 1031 123.26 74.11 51.04
CA THR D 1031 123.58 75.20 50.13
C THR D 1031 122.39 76.12 49.91
N LYS D 1032 121.16 75.56 49.87
CA LYS D 1032 119.95 76.39 49.80
C LYS D 1032 119.90 77.38 50.94
N ARG D 1033 120.13 76.91 52.16
CA ARG D 1033 120.11 77.76 53.34
C ARG D 1033 121.24 78.78 53.30
N SER D 1034 122.43 78.35 52.86
CA SER D 1034 123.58 79.26 52.80
C SER D 1034 123.34 80.39 51.81
N ASN D 1035 122.76 80.09 50.65
CA ASN D 1035 122.39 81.17 49.73
C ASN D 1035 121.28 82.04 50.30
N ARG D 1036 120.25 81.42 50.88
CA ARG D 1036 119.09 82.17 51.37
C ARG D 1036 119.41 83.09 52.54
N ASP D 1037 120.43 82.76 53.35
CA ASP D 1037 120.74 83.56 54.53
C ASP D 1037 121.16 84.98 54.18
N SER D 1038 122.06 85.12 53.20
CA SER D 1038 122.60 86.43 52.80
C SER D 1038 121.50 87.33 52.25
N LEU D 1039 120.73 86.81 51.29
CA LEU D 1039 119.68 87.59 50.69
C LEU D 1039 118.50 87.77 51.63
N CYS D 1040 118.33 86.88 52.62
CA CYS D 1040 117.34 87.11 53.67
C CYS D 1040 117.73 88.32 54.51
N GLN D 1041 119.02 88.43 54.83
CA GLN D 1041 119.51 89.63 55.52
C GLN D 1041 119.29 90.87 54.66
N ALA D 1042 119.54 90.75 53.34
CA ALA D 1042 119.35 91.86 52.42
C ALA D 1042 117.90 92.33 52.38
N VAL D 1043 116.95 91.39 52.19
CA VAL D 1043 115.54 91.76 52.12
C VAL D 1043 115.06 92.26 53.49
N ARG D 1044 115.67 91.76 54.57
CA ARG D 1044 115.39 92.27 55.91
C ARG D 1044 115.78 93.74 56.04
N THR D 1045 116.98 94.07 55.54
CA THR D 1045 117.45 95.46 55.55
C THR D 1045 116.56 96.35 54.69
N LEU D 1046 116.05 95.81 53.57
CA LEU D 1046 115.09 96.55 52.76
C LEU D 1046 113.80 96.79 53.54
N LEU D 1047 113.33 95.76 54.26
CA LEU D 1047 112.09 95.84 55.01
C LEU D 1047 112.21 96.83 56.16
N GLY D 1048 113.41 96.92 56.77
CA GLY D 1048 113.63 97.85 57.86
C GLY D 1048 113.35 99.29 57.49
N TYR D 1049 113.72 99.70 56.27
CA TYR D 1049 113.43 101.03 55.76
C TYR D 1049 111.96 101.24 55.39
N GLY D 1050 111.10 100.26 55.66
CA GLY D 1050 109.67 100.40 55.51
C GLY D 1050 109.17 100.24 54.10
N TYR D 1051 110.05 99.97 53.14
CA TYR D 1051 109.62 99.84 51.76
C TYR D 1051 109.00 98.46 51.57
N ASN D 1052 107.76 98.45 51.08
CA ASN D 1052 106.99 97.22 50.99
C ASN D 1052 107.60 96.23 50.02
N ILE D 1053 107.53 94.95 50.37
CA ILE D 1053 107.90 93.87 49.48
C ILE D 1053 106.58 93.32 48.95
N GLU D 1054 106.21 93.70 47.73
CA GLU D 1054 104.88 93.37 47.21
C GLU D 1054 104.94 92.04 46.50
N PRO D 1055 104.18 91.03 46.94
CA PRO D 1055 104.09 89.79 46.18
C PRO D 1055 103.47 90.01 44.82
N PRO D 1056 103.92 89.29 43.81
CA PRO D 1056 103.31 89.35 42.48
C PRO D 1056 102.03 88.52 42.46
N ASP D 1057 101.38 88.52 41.29
CA ASP D 1057 100.21 87.69 41.08
C ASP D 1057 100.60 86.21 41.09
N GLN D 1058 99.61 85.37 41.42
CA GLN D 1058 99.79 83.93 41.53
C GLN D 1058 99.24 83.24 40.28
N GLU D 1059 100.08 82.43 39.63
CA GLU D 1059 99.66 81.68 38.46
C GLU D 1059 99.87 80.20 38.73
N PRO D 1060 98.82 79.39 38.79
CA PRO D 1060 98.99 77.95 39.02
C PRO D 1060 99.49 77.23 37.77
N SER D 1061 100.55 76.47 37.92
CA SER D 1061 101.17 75.78 36.81
C SER D 1061 101.44 74.33 37.17
N GLN D 1062 101.39 73.46 36.16
CA GLN D 1062 101.68 72.04 36.28
C GLN D 1062 102.92 71.71 35.46
N VAL D 1063 103.86 70.98 36.08
CA VAL D 1063 105.13 70.68 35.42
C VAL D 1063 104.92 69.78 34.21
N GLU D 1064 104.15 68.70 34.38
CA GLU D 1064 103.85 67.78 33.29
C GLU D 1064 102.34 67.69 33.14
N ASN D 1065 101.86 67.90 31.92
CA ASN D 1065 100.43 67.92 31.63
C ASN D 1065 99.98 66.90 30.61
N GLN D 1066 100.83 66.60 29.61
CA GLN D 1066 100.46 65.72 28.51
C GLN D 1066 100.08 64.33 28.98
N SER D 1067 100.93 63.71 29.80
CA SER D 1067 100.71 62.35 30.26
C SER D 1067 99.81 62.36 31.50
N ARG D 1068 98.52 62.62 31.26
CA ARG D 1068 97.53 62.55 32.33
C ARG D 1068 97.27 61.12 32.79
N TRP D 1069 97.68 60.12 32.00
CA TRP D 1069 97.36 58.75 32.30
C TRP D 1069 98.40 58.08 33.19
N ASP D 1070 99.69 58.41 33.02
CA ASP D 1070 100.73 57.92 33.91
C ASP D 1070 100.51 58.34 35.35
N ARG D 1071 99.84 59.48 35.57
CA ARG D 1071 99.57 59.97 36.93
C ARG D 1071 98.66 59.02 37.70
N VAL D 1072 97.64 58.46 37.05
CA VAL D 1072 96.63 57.68 37.75
C VAL D 1072 96.77 56.20 37.39
N ARG D 1073 96.83 55.36 38.41
CA ARG D 1073 96.89 53.91 38.28
C ARG D 1073 95.75 53.35 39.10
N ILE D 1074 94.95 52.46 38.50
CA ILE D 1074 93.74 51.96 39.13
C ILE D 1074 93.91 50.48 39.42
N PHE D 1075 93.82 50.13 40.70
CA PHE D 1075 93.93 48.76 41.19
C PHE D 1075 92.55 48.29 41.58
N ARG D 1076 92.16 47.10 41.11
CA ARG D 1076 90.83 46.59 41.42
C ARG D 1076 90.89 45.07 41.46
N ALA D 1077 89.91 44.46 42.12
CA ALA D 1077 89.85 43.01 42.12
C ALA D 1077 89.40 42.51 40.75
N GLU D 1078 89.67 41.23 40.49
CA GLU D 1078 89.26 40.60 39.24
C GLU D 1078 87.75 40.49 39.17
N LYS D 1079 87.21 40.49 37.94
CA LYS D 1079 85.77 40.48 37.73
C LYS D 1079 85.08 39.25 38.32
N SER D 1080 85.79 38.12 38.41
CA SER D 1080 85.22 36.91 38.99
C SER D 1080 84.90 37.04 40.47
N TYR D 1081 85.52 37.99 41.17
CA TYR D 1081 85.30 38.22 42.59
C TYR D 1081 84.13 39.14 42.88
N THR D 1082 83.38 39.53 41.85
CA THR D 1082 82.28 40.49 41.98
C THR D 1082 81.22 40.01 42.96
N VAL D 1083 80.78 40.91 43.84
CA VAL D 1083 79.77 40.64 44.85
C VAL D 1083 78.53 41.48 44.57
N GLN D 1084 77.37 40.87 44.73
CA GLN D 1084 76.09 41.53 44.52
C GLN D 1084 75.20 41.51 45.76
N SER D 1085 75.73 41.07 46.90
CA SER D 1085 74.96 40.98 48.13
C SER D 1085 75.90 40.95 49.31
N GLY D 1086 75.34 41.09 50.50
CA GLY D 1086 76.13 41.04 51.71
C GLY D 1086 76.72 42.37 52.14
N ARG D 1087 77.50 42.27 53.21
CA ARG D 1087 78.16 43.39 53.85
C ARG D 1087 79.66 43.17 53.79
N TRP D 1088 80.37 44.02 53.05
CA TRP D 1088 81.78 43.81 52.75
C TRP D 1088 82.64 44.95 53.29
N TYR D 1089 83.79 44.57 53.86
CA TYR D 1089 84.74 45.48 54.49
C TYR D 1089 86.17 45.17 54.06
N PHE D 1090 86.92 46.21 53.67
CA PHE D 1090 88.35 46.06 53.39
C PHE D 1090 89.10 47.30 53.84
N GLU D 1091 90.35 47.11 54.27
CA GLU D 1091 91.19 48.19 54.78
C GLU D 1091 92.17 48.67 53.72
N PHE D 1092 92.20 49.97 53.48
CA PHE D 1092 93.14 50.62 52.59
C PHE D 1092 94.02 51.53 53.46
N GLU D 1093 95.09 50.96 53.99
CA GLU D 1093 95.98 51.71 54.86
C GLU D 1093 96.82 52.65 54.00
N ALA D 1094 96.45 53.93 53.96
CA ALA D 1094 97.19 54.91 53.18
C ALA D 1094 98.52 55.20 53.85
N VAL D 1095 99.62 54.68 53.27
CA VAL D 1095 100.95 54.90 53.85
C VAL D 1095 101.30 56.38 53.80
N THR D 1096 101.15 57.00 52.63
CA THR D 1096 101.38 58.42 52.47
C THR D 1096 100.04 59.16 52.44
N THR D 1097 100.06 60.45 52.12
CA THR D 1097 98.88 61.31 52.22
C THR D 1097 98.66 62.06 50.90
N GLY D 1098 98.68 61.33 49.79
CA GLY D 1098 98.45 61.90 48.49
C GLY D 1098 97.05 61.68 47.95
N GLU D 1099 96.94 61.70 46.62
CA GLU D 1099 95.67 61.52 45.93
C GLU D 1099 95.35 60.03 45.88
N MET D 1100 94.49 59.58 46.79
CA MET D 1100 94.08 58.19 46.88
C MET D 1100 92.56 58.14 46.94
N ARG D 1101 91.93 57.65 45.88
CA ARG D 1101 90.50 57.45 45.84
C ARG D 1101 90.23 55.97 46.05
N VAL D 1102 89.51 55.64 47.12
CA VAL D 1102 89.21 54.26 47.45
C VAL D 1102 87.70 54.07 47.57
N GLY D 1103 87.20 52.96 47.04
CA GLY D 1103 85.78 52.71 47.09
C GLY D 1103 85.35 51.42 46.41
N TRP D 1104 84.17 51.44 45.80
CA TRP D 1104 83.66 50.28 45.09
C TRP D 1104 83.31 50.69 43.66
N ALA D 1105 83.78 49.90 42.71
CA ALA D 1105 83.58 50.18 41.29
C ALA D 1105 82.89 49.01 40.60
N ARG D 1106 82.04 49.34 39.63
CA ARG D 1106 81.31 48.34 38.88
C ARG D 1106 82.28 47.57 38.00
N PRO D 1107 81.97 46.31 37.64
CA PRO D 1107 82.94 45.47 36.92
C PRO D 1107 83.43 46.02 35.58
N GLU D 1108 82.59 46.75 34.85
CA GLU D 1108 82.95 47.26 33.55
C GLU D 1108 83.56 48.66 33.61
N LEU D 1109 84.22 49.00 34.72
CA LEU D 1109 84.90 50.28 34.88
C LEU D 1109 86.00 50.45 33.84
N ARG D 1110 86.03 51.62 33.19
CA ARG D 1110 87.07 51.91 32.22
C ARG D 1110 88.41 52.14 32.93
N PRO D 1111 89.53 51.81 32.28
CA PRO D 1111 90.83 51.93 32.94
C PRO D 1111 91.50 53.29 32.84
N ASP D 1112 90.94 54.23 32.07
CA ASP D 1112 91.61 55.50 31.84
C ASP D 1112 90.90 56.72 32.42
N VAL D 1113 89.66 56.57 32.85
CA VAL D 1113 88.91 57.71 33.39
C VAL D 1113 89.06 57.71 34.91
N GLU D 1114 89.18 58.90 35.48
CA GLU D 1114 89.28 59.03 36.93
C GLU D 1114 88.01 58.53 37.61
N LEU D 1115 88.19 57.85 38.73
CA LEU D 1115 87.08 57.29 39.49
C LEU D 1115 86.18 58.39 40.03
N GLY D 1116 84.87 58.20 39.85
CA GLY D 1116 83.88 59.17 40.24
C GLY D 1116 83.43 60.08 39.13
N ALA D 1117 84.19 60.16 38.03
CA ALA D 1117 83.78 60.97 36.89
C ALA D 1117 82.53 60.43 36.20
N ASP D 1118 82.24 59.15 36.39
CA ASP D 1118 81.05 58.52 35.83
C ASP D 1118 80.26 57.84 36.94
N GLU D 1119 79.22 57.09 36.57
CA GLU D 1119 78.44 56.33 37.52
C GLU D 1119 79.12 55.02 37.91
N LEU D 1120 80.24 54.70 37.27
CA LEU D 1120 80.85 53.38 37.37
C LEU D 1120 81.67 53.18 38.63
N ALA D 1121 81.83 54.20 39.48
CA ALA D 1121 82.65 54.05 40.66
C ALA D 1121 82.14 54.97 41.76
N TYR D 1122 81.81 54.42 42.91
CA TYR D 1122 81.51 55.20 44.10
C TYR D 1122 82.75 55.15 44.98
N VAL D 1123 83.47 56.27 45.05
CA VAL D 1123 84.75 56.33 45.75
C VAL D 1123 84.80 57.54 46.67
N PHE D 1124 85.74 57.49 47.61
CA PHE D 1124 86.02 58.57 48.52
C PHE D 1124 87.44 59.03 48.25
N ASN D 1125 87.62 60.34 48.12
CA ASN D 1125 88.92 60.96 47.92
C ASN D 1125 89.34 61.53 49.26
N GLY D 1126 90.57 61.23 49.67
CA GLY D 1126 91.06 61.60 50.99
C GLY D 1126 92.20 62.59 51.01
N HIS D 1127 92.71 62.96 49.83
CA HIS D 1127 93.72 64.00 49.78
C HIS D 1127 93.15 65.32 50.25
N ARG D 1128 91.94 65.65 49.82
CA ARG D 1128 91.27 66.87 50.22
C ARG D 1128 89.82 66.61 50.67
N GLY D 1129 89.45 65.35 50.90
CA GLY D 1129 88.22 65.01 51.59
C GLY D 1129 86.90 65.24 50.89
N GLN D 1130 86.61 64.47 49.83
CA GLN D 1130 85.29 64.51 49.18
C GLN D 1130 84.87 63.09 48.81
N ARG D 1131 83.64 62.97 48.33
CA ARG D 1131 83.16 61.73 47.74
C ARG D 1131 82.83 62.00 46.27
N TRP D 1132 83.21 61.07 45.40
CA TRP D 1132 83.16 61.29 43.96
C TRP D 1132 82.12 60.39 43.31
N HIS D 1133 81.15 61.03 42.63
CA HIS D 1133 80.21 60.33 41.75
C HIS D 1133 79.63 61.39 40.83
N LEU D 1134 79.98 61.32 39.53
CA LEU D 1134 79.62 62.31 38.50
C LEU D 1134 80.09 63.72 38.84
N GLY D 1135 81.11 63.85 39.69
CA GLY D 1135 81.58 65.12 40.16
C GLY D 1135 82.11 64.97 41.58
N SER D 1136 82.03 66.06 42.33
CA SER D 1136 82.52 66.07 43.70
C SER D 1136 81.54 66.82 44.60
N GLU D 1137 81.50 66.40 45.86
CA GLU D 1137 80.74 67.08 46.90
C GLU D 1137 81.44 66.85 48.23
N PRO D 1138 81.38 67.80 49.17
CA PRO D 1138 82.15 67.65 50.42
C PRO D 1138 81.67 66.48 51.28
N PHE D 1139 82.64 65.76 51.85
CA PHE D 1139 82.38 64.61 52.70
C PHE D 1139 83.63 64.25 53.47
N GLY D 1140 83.52 64.18 54.79
CA GLY D 1140 84.59 63.69 55.64
C GLY D 1140 85.77 64.64 55.72
N ARG D 1141 86.78 64.17 56.45
CA ARG D 1141 88.02 64.90 56.68
C ARG D 1141 89.18 64.23 55.95
N PRO D 1142 90.05 65.01 55.31
CA PRO D 1142 91.27 64.43 54.74
C PRO D 1142 92.12 63.77 55.81
N TRP D 1143 92.72 62.64 55.46
CA TRP D 1143 93.48 61.83 56.40
C TRP D 1143 94.90 62.35 56.54
N GLN D 1144 95.70 61.61 57.31
CA GLN D 1144 97.13 61.87 57.38
C GLN D 1144 97.86 60.55 57.12
N SER D 1145 99.18 60.53 57.32
CA SER D 1145 99.96 59.34 57.06
C SER D 1145 99.63 58.22 58.04
N GLY D 1146 99.68 56.98 57.54
CA GLY D 1146 99.42 55.83 58.38
C GLY D 1146 97.98 55.63 58.78
N ASP D 1147 97.03 56.16 58.02
CA ASP D 1147 95.62 56.05 58.36
C ASP D 1147 94.97 54.90 57.60
N VAL D 1148 94.29 54.02 58.35
CA VAL D 1148 93.63 52.85 57.80
C VAL D 1148 92.22 53.23 57.39
N VAL D 1149 91.99 53.35 56.08
CA VAL D 1149 90.68 53.71 55.54
C VAL D 1149 89.91 52.41 55.33
N GLY D 1150 88.87 52.16 56.12
CA GLY D 1150 88.08 50.97 55.98
C GLY D 1150 86.80 51.31 55.24
N CYS D 1151 86.52 50.55 54.19
CA CYS D 1151 85.36 50.81 53.34
C CYS D 1151 84.29 49.77 53.61
N MET D 1152 83.10 50.25 53.96
CA MET D 1152 81.93 49.43 54.09
C MET D 1152 81.15 49.39 52.79
N ILE D 1153 80.34 48.34 52.65
CA ILE D 1153 79.30 48.30 51.63
C ILE D 1153 78.25 47.31 52.13
N ASP D 1154 76.98 47.69 51.98
CA ASP D 1154 75.88 46.88 52.47
C ASP D 1154 74.84 46.87 51.36
N LEU D 1155 74.72 45.72 50.69
CA LEU D 1155 73.78 45.60 49.58
C LEU D 1155 72.36 45.27 50.05
N THR D 1156 72.15 45.05 51.35
CA THR D 1156 70.81 44.81 51.85
C THR D 1156 69.98 46.09 51.80
N GLU D 1157 70.46 47.14 52.44
CA GLU D 1157 69.79 48.44 52.41
C GLU D 1157 70.42 49.38 51.40
N ASN D 1158 71.43 48.90 50.65
CA ASN D 1158 72.08 49.63 49.56
C ASN D 1158 72.73 50.93 50.06
N THR D 1159 73.70 50.76 50.96
CA THR D 1159 74.43 51.89 51.52
C THR D 1159 75.93 51.67 51.49
N ILE D 1160 76.65 52.78 51.37
CA ILE D 1160 78.10 52.81 51.35
C ILE D 1160 78.57 53.73 52.48
N ILE D 1161 79.43 53.21 53.34
CA ILE D 1161 79.90 53.92 54.53
C ILE D 1161 81.44 53.86 54.52
N PHE D 1162 82.08 54.93 54.97
CA PHE D 1162 83.53 54.96 55.09
C PHE D 1162 83.90 55.19 56.55
N THR D 1163 84.88 54.44 57.02
CA THR D 1163 85.40 54.55 58.38
C THR D 1163 86.87 54.90 58.30
N LEU D 1164 87.28 55.93 59.04
CA LEU D 1164 88.67 56.34 59.07
C LEU D 1164 89.19 56.12 60.48
N ASN D 1165 90.18 55.23 60.60
CA ASN D 1165 90.81 54.86 61.88
C ASN D 1165 89.78 54.42 62.91
N GLY D 1166 88.81 53.62 62.48
CA GLY D 1166 87.76 53.15 63.35
C GLY D 1166 86.69 54.17 63.65
N GLU D 1167 86.71 55.32 62.99
CA GLU D 1167 85.73 56.39 63.20
C GLU D 1167 84.95 56.58 61.91
N VAL D 1168 83.63 56.61 62.03
CA VAL D 1168 82.76 56.74 60.87
C VAL D 1168 82.82 58.16 60.32
N LEU D 1169 83.17 58.29 59.05
CA LEU D 1169 83.17 59.58 58.39
C LEU D 1169 81.74 60.10 58.22
N MET D 1170 81.60 61.42 58.29
CA MET D 1170 80.30 62.06 58.27
C MET D 1170 80.23 63.06 57.12
N SER D 1171 79.05 63.16 56.52
CA SER D 1171 78.80 64.11 55.44
C SER D 1171 78.44 65.47 56.05
N ASP D 1172 77.96 66.39 55.22
CA ASP D 1172 77.54 67.70 55.70
C ASP D 1172 76.11 67.69 56.23
N SER D 1173 75.80 66.73 57.08
CA SER D 1173 74.49 66.53 57.71
C SER D 1173 74.68 65.50 58.81
N GLY D 1174 73.58 65.04 59.39
CA GLY D 1174 73.63 63.98 60.37
C GLY D 1174 73.71 62.59 59.81
N SER D 1175 73.70 62.45 58.49
CA SER D 1175 73.76 61.13 57.86
C SER D 1175 75.18 60.58 57.87
N GLU D 1176 75.29 59.29 58.18
CA GLU D 1176 76.57 58.60 58.25
C GLU D 1176 76.81 57.70 57.04
N THR D 1177 76.03 57.86 55.99
CA THR D 1177 76.15 57.04 54.78
C THR D 1177 76.69 57.92 53.67
N ALA D 1178 77.81 57.48 53.07
CA ALA D 1178 78.39 58.23 51.96
C ALA D 1178 77.49 58.20 50.73
N PHE D 1179 77.00 57.02 50.35
CA PHE D 1179 76.11 56.90 49.22
C PHE D 1179 74.93 56.02 49.61
N ARG D 1180 73.80 56.25 48.94
CA ARG D 1180 72.55 55.63 49.32
C ARG D 1180 71.73 55.47 48.05
N GLU D 1181 70.77 54.52 48.08
CA GLU D 1181 69.90 54.16 46.96
C GLU D 1181 70.72 53.70 45.75
N ILE D 1182 71.79 52.96 46.03
CA ILE D 1182 72.63 52.40 44.97
C ILE D 1182 71.97 51.14 44.43
N GLU D 1183 71.83 51.09 43.11
CA GLU D 1183 71.23 49.92 42.48
C GLU D 1183 72.21 48.76 42.53
N ILE D 1184 71.65 47.54 42.42
CA ILE D 1184 72.46 46.33 42.42
C ILE D 1184 73.40 46.31 41.22
N GLY D 1185 72.85 46.55 40.02
CA GLY D 1185 73.61 46.60 38.79
C GLY D 1185 74.30 45.29 38.49
N ASP D 1186 75.46 45.38 37.86
CA ASP D 1186 76.26 44.18 37.61
C ASP D 1186 76.92 43.70 38.90
N GLY D 1187 77.27 44.62 39.79
CA GLY D 1187 77.93 44.27 41.03
C GLY D 1187 78.96 45.31 41.43
N PHE D 1188 79.69 45.04 42.51
CA PHE D 1188 80.69 45.98 43.00
C PHE D 1188 81.98 45.25 43.33
N LEU D 1189 83.09 45.94 43.11
CA LEU D 1189 84.42 45.44 43.36
C LEU D 1189 85.17 46.43 44.24
N PRO D 1190 86.02 45.95 45.15
CA PRO D 1190 86.92 46.85 45.87
C PRO D 1190 87.89 47.50 44.89
N VAL D 1191 88.11 48.79 45.06
CA VAL D 1191 88.93 49.53 44.12
C VAL D 1191 89.66 50.63 44.87
N CYS D 1192 90.87 50.93 44.41
CA CYS D 1192 91.64 52.04 44.94
C CYS D 1192 92.55 52.56 43.84
N SER D 1193 92.93 53.82 43.98
CA SER D 1193 93.81 54.46 43.02
C SER D 1193 94.87 55.23 43.78
N LEU D 1194 96.03 55.38 43.15
CA LEU D 1194 97.15 56.07 43.77
C LEU D 1194 97.74 57.07 42.79
N GLY D 1195 97.95 58.30 43.26
CA GLY D 1195 98.62 59.31 42.48
C GLY D 1195 100.12 59.06 42.42
N PRO D 1196 100.83 59.84 41.62
CA PRO D 1196 102.28 59.67 41.47
C PRO D 1196 103.03 59.84 42.80
N GLY D 1197 104.03 58.99 43.01
CA GLY D 1197 104.80 59.03 44.25
C GLY D 1197 104.00 58.75 45.49
N GLN D 1198 103.15 57.73 45.46
CA GLN D 1198 102.28 57.41 46.59
C GLN D 1198 102.35 55.92 46.90
N VAL D 1199 102.13 55.56 48.17
CA VAL D 1199 102.19 54.16 48.60
C VAL D 1199 100.99 53.84 49.49
N GLY D 1200 100.30 52.75 49.20
CA GLY D 1200 99.15 52.36 50.00
C GLY D 1200 99.04 50.85 50.11
N HIS D 1201 98.51 50.40 51.24
CA HIS D 1201 98.36 48.98 51.51
C HIS D 1201 96.90 48.63 51.33
N LEU D 1202 96.62 47.63 50.49
CA LEU D 1202 95.26 47.23 50.24
C LEU D 1202 95.06 45.85 50.87
N ASN D 1203 94.60 45.84 52.12
CA ASN D 1203 94.36 44.61 52.86
C ASN D 1203 92.89 44.24 52.69
N LEU D 1204 92.64 43.21 51.88
CA LEU D 1204 91.31 42.70 51.62
C LEU D 1204 90.76 41.83 52.74
N GLY D 1205 91.47 41.75 53.87
CA GLY D 1205 91.04 40.95 54.99
C GLY D 1205 91.04 39.47 54.71
N GLN D 1206 92.04 38.99 53.97
CA GLN D 1206 92.16 37.56 53.71
C GLN D 1206 92.41 36.80 55.00
N ASP D 1207 93.22 37.36 55.89
CA ASP D 1207 93.42 36.85 57.23
C ASP D 1207 92.71 37.79 58.20
N VAL D 1208 91.79 37.25 58.99
CA VAL D 1208 90.95 38.08 59.85
C VAL D 1208 91.79 38.74 60.96
N SER D 1209 92.76 38.00 61.50
CA SER D 1209 93.59 38.51 62.59
C SER D 1209 94.51 39.65 62.15
N SER D 1210 94.79 39.74 60.85
CA SER D 1210 95.68 40.78 60.35
C SER D 1210 95.02 42.15 60.34
N LEU D 1211 93.70 42.21 60.32
CA LEU D 1211 92.99 43.48 60.28
C LEU D 1211 93.15 44.22 61.61
N ARG D 1212 93.09 45.55 61.54
CA ARG D 1212 93.32 46.40 62.71
C ARG D 1212 92.05 47.01 63.28
N PHE D 1213 91.24 47.67 62.45
CA PHE D 1213 90.04 48.35 62.92
C PHE D 1213 88.77 47.57 62.64
N PHE D 1214 88.91 46.32 62.17
CA PHE D 1214 87.75 45.46 61.98
C PHE D 1214 87.06 45.12 63.30
N ALA D 1215 87.85 44.90 64.35
CA ALA D 1215 87.27 44.65 65.67
C ALA D 1215 86.48 45.85 66.16
N ILE D 1216 86.99 47.06 65.88
CA ILE D 1216 86.31 48.28 66.30
C ILE D 1216 85.02 48.47 65.49
N CYS D 1217 85.06 48.24 64.18
CA CYS D 1217 83.87 48.45 63.38
C CYS D 1217 83.71 47.36 62.32
N GLY D 1218 82.47 46.89 62.18
CA GLY D 1218 82.10 45.92 61.17
C GLY D 1218 81.83 44.53 61.71
N LEU D 1219 82.68 44.09 62.65
CA LEU D 1219 82.54 42.77 63.23
C LEU D 1219 81.26 42.67 64.04
N GLN D 1220 80.96 43.71 64.82
CA GLN D 1220 79.74 43.65 65.60
C GLN D 1220 78.54 44.08 64.76
N GLU D 1221 78.80 44.70 63.61
CA GLU D 1221 77.74 45.16 62.72
C GLU D 1221 77.39 44.13 61.67
N GLY D 1222 77.99 42.95 61.72
CA GLY D 1222 77.69 41.93 60.73
C GLY D 1222 78.46 42.03 59.43
N PHE D 1223 79.40 42.97 59.31
CA PHE D 1223 80.16 43.07 58.08
C PHE D 1223 81.14 41.91 57.96
N GLU D 1224 81.55 41.67 56.72
CA GLU D 1224 82.39 40.54 56.41
C GLU D 1224 83.65 41.03 55.69
N PRO D 1225 84.80 40.42 55.97
CA PRO D 1225 85.97 40.66 55.12
C PRO D 1225 85.68 40.18 53.70
N PHE D 1226 86.20 40.93 52.73
CA PHE D 1226 85.87 40.65 51.33
C PHE D 1226 86.42 39.31 50.87
N ALA D 1227 87.54 38.87 51.44
CA ALA D 1227 88.16 37.60 51.08
C ALA D 1227 88.36 36.75 52.31
N ILE D 1228 87.31 36.63 53.13
CA ILE D 1228 87.43 36.00 54.44
C ILE D 1228 87.79 34.51 54.33
N ASN D 1229 87.17 33.79 53.40
CA ASN D 1229 87.45 32.37 53.21
C ASN D 1229 87.92 32.21 51.77
N MET D 1230 89.20 32.46 51.55
CA MET D 1230 89.83 32.29 50.25
C MET D 1230 91.26 31.85 50.50
N GLN D 1231 91.69 30.81 49.79
CA GLN D 1231 93.06 30.31 49.96
CA GLN D 1231 93.05 30.32 49.96
C GLN D 1231 94.05 31.16 49.18
N ARG D 1232 93.82 31.33 47.89
CA ARG D 1232 94.67 32.20 47.10
C ARG D 1232 94.32 33.66 47.37
N PRO D 1233 95.30 34.55 47.35
CA PRO D 1233 95.01 35.98 47.45
C PRO D 1233 94.19 36.45 46.25
N VAL D 1234 93.35 37.45 46.49
CA VAL D 1234 92.48 38.01 45.45
C VAL D 1234 93.33 38.54 44.30
N THR D 1235 93.06 38.05 43.10
CA THR D 1235 93.77 38.52 41.92
C THR D 1235 93.42 39.97 41.63
N THR D 1236 94.43 40.81 41.59
CA THR D 1236 94.27 42.23 41.33
C THR D 1236 94.56 42.53 39.88
N TRP D 1237 93.75 43.38 39.29
CA TRP D 1237 93.94 43.88 37.94
C TRP D 1237 94.24 45.36 38.04
N PHE D 1238 95.36 45.76 37.47
CA PHE D 1238 95.82 47.14 37.50
C PHE D 1238 95.80 47.72 36.10
N SER D 1239 95.41 48.99 36.01
CA SER D 1239 95.41 49.66 34.73
C SER D 1239 96.85 49.86 34.26
N LYS D 1240 97.14 49.44 33.05
CA LYS D 1240 98.46 49.54 32.46
C LYS D 1240 98.44 50.71 31.47
N SER D 1241 99.24 51.73 31.75
CA SER D 1241 99.33 52.89 30.87
C SER D 1241 100.37 52.66 29.77
N LEU D 1242 100.24 51.54 29.08
CA LEU D 1242 101.09 51.18 27.94
C LEU D 1242 100.18 51.03 26.74
N PRO D 1243 100.25 51.93 25.76
CA PRO D 1243 99.30 51.92 24.64
C PRO D 1243 99.34 50.62 23.85
N GLN D 1244 98.15 50.15 23.45
CA GLN D 1244 98.01 48.95 22.62
C GLN D 1244 96.87 49.18 21.65
N PHE D 1245 97.13 48.92 20.36
CA PHE D 1245 96.14 49.15 19.33
C PHE D 1245 95.00 48.16 19.48
N GLU D 1246 93.78 48.67 19.60
CA GLU D 1246 92.59 47.86 19.76
C GLU D 1246 91.50 48.35 18.81
N PRO D 1247 90.57 47.49 18.41
CA PRO D 1247 89.52 47.91 17.46
C PRO D 1247 88.58 48.95 18.04
N VAL D 1248 87.93 49.67 17.13
CA VAL D 1248 86.97 50.71 17.50
C VAL D 1248 85.58 50.13 17.68
N PRO D 1249 84.93 50.36 18.82
CA PRO D 1249 83.54 49.98 18.96
C PRO D 1249 82.66 50.82 18.06
N PRO D 1250 81.59 50.26 17.49
CA PRO D 1250 80.68 51.06 16.66
C PRO D 1250 79.95 52.16 17.43
N GLU D 1251 79.86 52.05 18.76
CA GLU D 1251 79.16 53.02 19.59
C GLU D 1251 80.04 54.18 20.02
N HIS D 1252 81.21 54.35 19.40
CA HIS D 1252 82.13 55.42 19.79
C HIS D 1252 81.49 56.79 19.56
N PRO D 1253 81.64 57.72 20.51
CA PRO D 1253 80.91 59.00 20.38
C PRO D 1253 81.43 59.92 19.29
N HIS D 1254 82.75 60.01 19.11
CA HIS D 1254 83.32 60.99 18.18
C HIS D 1254 83.75 60.38 16.85
N TYR D 1255 84.48 59.28 16.89
CA TYR D 1255 85.07 58.69 15.69
C TYR D 1255 84.25 57.49 15.24
N GLU D 1256 84.14 57.33 13.92
CA GLU D 1256 83.49 56.15 13.36
C GLU D 1256 84.23 55.74 12.10
N VAL D 1257 84.13 54.45 11.77
CA VAL D 1257 84.82 53.87 10.62
C VAL D 1257 83.77 53.24 9.71
N ALA D 1258 83.87 53.53 8.41
CA ALA D 1258 82.93 53.05 7.41
C ALA D 1258 83.60 52.00 6.55
N ARG D 1259 82.90 50.90 6.31
CA ARG D 1259 83.36 49.82 5.44
C ARG D 1259 82.48 49.81 4.21
N MET D 1260 82.94 50.47 3.15
CA MET D 1260 82.16 50.63 1.93
C MET D 1260 82.57 49.57 0.91
N ASP D 1261 81.57 48.91 0.32
CA ASP D 1261 81.79 47.88 -0.67
C ASP D 1261 82.40 48.49 -1.94
N GLY D 1262 83.19 47.68 -2.64
CA GLY D 1262 83.86 48.17 -3.83
C GLY D 1262 82.93 48.32 -5.02
N THR D 1263 83.37 49.12 -5.98
CA THR D 1263 82.62 49.37 -7.20
C THR D 1263 83.42 48.84 -8.39
N VAL D 1264 82.87 49.05 -9.59
CA VAL D 1264 83.52 48.59 -10.81
C VAL D 1264 84.79 49.38 -11.13
N ASP D 1265 84.95 50.57 -10.55
CA ASP D 1265 86.08 51.43 -10.83
C ASP D 1265 86.99 51.69 -9.63
N THR D 1266 86.48 51.54 -8.40
CA THR D 1266 87.26 51.79 -7.21
C THR D 1266 87.26 50.58 -6.30
N PRO D 1267 88.38 50.26 -5.67
CA PRO D 1267 88.43 49.15 -4.71
C PRO D 1267 87.66 49.50 -3.46
N PRO D 1268 87.22 48.50 -2.67
CA PRO D 1268 86.59 48.80 -1.38
C PRO D 1268 87.52 49.54 -0.44
N CYS D 1269 86.94 50.43 0.36
CA CYS D 1269 87.72 51.35 1.17
C CYS D 1269 87.23 51.35 2.62
N LEU D 1270 88.13 51.71 3.52
CA LEU D 1270 87.82 51.92 4.93
C LEU D 1270 87.88 53.42 5.20
N ARG D 1271 86.80 54.00 5.70
CA ARG D 1271 86.67 55.46 5.70
C ARG D 1271 86.40 55.94 7.12
N LEU D 1272 87.14 56.96 7.56
CA LEU D 1272 87.01 57.51 8.90
C LEU D 1272 86.38 58.89 8.86
N ALA D 1273 85.35 59.10 9.69
CA ALA D 1273 84.63 60.36 9.77
C ALA D 1273 84.49 60.79 11.23
N HIS D 1274 84.45 62.11 11.42
CA HIS D 1274 84.29 62.72 12.74
C HIS D 1274 82.86 63.23 12.83
N ARG D 1275 82.00 62.51 13.57
CA ARG D 1275 80.59 62.85 13.61
C ARG D 1275 80.33 64.12 14.42
N THR D 1276 80.96 64.24 15.59
CA THR D 1276 80.70 65.38 16.46
C THR D 1276 81.50 66.61 16.09
N TRP D 1277 82.36 66.53 15.07
CA TRP D 1277 83.14 67.68 14.62
C TRP D 1277 82.21 68.78 14.10
N GLY D 1278 82.56 70.03 14.43
CA GLY D 1278 81.74 71.16 14.07
C GLY D 1278 80.61 71.44 15.03
N SER D 1279 80.52 70.71 16.13
CA SER D 1279 79.49 70.89 17.15
C SER D 1279 80.16 71.19 18.48
N GLN D 1280 79.32 71.41 19.50
CA GLN D 1280 79.83 71.71 20.83
C GLN D 1280 80.44 70.46 21.45
N ASN D 1281 81.34 70.70 22.41
CA ASN D 1281 82.08 69.73 23.24
C ASN D 1281 82.65 68.53 22.48
N SER D 1282 83.07 68.76 21.23
CA SER D 1282 83.67 67.71 20.43
C SER D 1282 85.09 67.41 20.91
N LEU D 1283 85.50 66.16 20.72
CA LEU D 1283 86.83 65.72 21.11
C LEU D 1283 87.75 65.84 19.89
N VAL D 1284 88.74 66.72 19.97
CA VAL D 1284 89.74 66.90 18.93
C VAL D 1284 91.10 66.71 19.58
N GLU D 1285 91.83 65.70 19.11
CA GLU D 1285 93.10 65.33 19.73
C GLU D 1285 93.91 64.51 18.74
N MET D 1286 95.18 64.31 19.08
CA MET D 1286 96.08 63.47 18.31
C MET D 1286 95.54 62.05 18.24
N LEU D 1287 95.44 61.50 17.04
CA LEU D 1287 94.88 60.18 16.82
C LEU D 1287 95.93 59.27 16.21
N PHE D 1288 96.11 58.09 16.80
CA PHE D 1288 97.00 57.07 16.29
C PHE D 1288 96.14 55.94 15.77
N LEU D 1289 96.29 55.67 14.48
CA LEU D 1289 95.43 54.76 13.73
C LEU D 1289 96.29 53.80 12.92
N ARG D 1290 95.90 52.53 12.92
CA ARG D 1290 96.62 51.49 12.21
C ARG D 1290 95.66 50.36 11.83
N LEU D 1291 96.06 49.59 10.81
CA LEU D 1291 95.28 48.46 10.37
C LEU D 1291 95.47 47.29 11.33
N SER D 1292 94.59 46.30 11.22
CA SER D 1292 94.59 45.21 12.18
C SER D 1292 95.42 44.01 11.74
N LEU D 1293 96.11 44.10 10.61
CA LEU D 1293 96.90 42.97 10.12
C LEU D 1293 98.27 43.41 9.66
N PRO D 1294 99.31 42.62 9.92
CA PRO D 1294 100.67 42.97 9.54
C PRO D 1294 101.10 42.39 8.20
N VAL D 1295 102.26 42.87 7.74
CA VAL D 1295 102.98 42.28 6.63
C VAL D 1295 104.39 41.94 7.10
N GLN D 1296 104.83 40.73 6.80
CA GLN D 1296 106.13 40.23 7.23
C GLN D 1296 107.07 40.15 6.04
N PHE D 1297 108.26 40.72 6.18
CA PHE D 1297 109.27 40.63 5.15
C PHE D 1297 109.85 39.23 5.11
N HIS D 1298 110.27 38.82 3.91
CA HIS D 1298 110.68 37.45 3.64
C HIS D 1298 111.92 37.07 4.45
N GLN D 1299 112.14 35.76 4.58
CA GLN D 1299 113.26 35.25 5.36
C GLN D 1299 114.60 35.68 4.76
N HIS D 1300 114.74 35.58 3.45
CA HIS D 1300 115.97 35.93 2.76
C HIS D 1300 115.67 36.87 1.60
N PHE D 1301 116.56 37.82 1.37
CA PHE D 1301 116.38 38.80 0.32
C PHE D 1301 117.18 38.41 -0.91
N ARG D 1302 116.75 38.92 -2.07
CA ARG D 1302 117.39 38.62 -3.33
C ARG D 1302 118.83 39.13 -3.35
N CYS D 1303 119.72 38.36 -3.97
CA CYS D 1303 121.13 38.68 -4.01
C CYS D 1303 121.41 39.95 -4.81
N THR D 1304 122.20 40.84 -4.22
CA THR D 1304 122.63 42.13 -4.80
C THR D 1304 121.48 43.00 -5.29
N ASP D 1419 92.79 51.91 -20.66
CA ASP D 1419 94.16 51.47 -20.49
C ASP D 1419 94.38 51.01 -19.05
N ASN D 1420 95.65 51.04 -18.62
CA ASN D 1420 96.09 50.70 -17.26
C ASN D 1420 95.68 49.27 -16.89
N ARG D 1421 96.23 48.31 -17.64
CA ARG D 1421 96.00 46.90 -17.38
C ARG D 1421 97.28 46.25 -16.88
N ASP D 1422 97.13 45.34 -15.92
CA ASP D 1422 98.28 44.59 -15.43
C ASP D 1422 98.77 43.58 -16.46
N ASP D 1423 100.09 43.50 -16.61
CA ASP D 1423 100.68 42.48 -17.45
C ASP D 1423 100.67 41.17 -16.69
N PRO D 1424 100.07 40.10 -17.24
CA PRO D 1424 99.99 38.82 -16.51
C PRO D 1424 101.33 38.23 -16.12
N GLU D 1425 102.37 38.42 -16.92
CA GLU D 1425 103.68 37.86 -16.61
C GLU D 1425 104.45 38.68 -15.59
N ILE D 1426 103.92 39.84 -15.18
CA ILE D 1426 104.54 40.68 -14.18
C ILE D 1426 103.77 40.67 -12.86
N ILE D 1427 102.43 40.77 -12.94
CA ILE D 1427 101.61 40.81 -11.73
C ILE D 1427 101.63 39.49 -10.98
N LEU D 1428 101.91 38.37 -11.65
CA LEU D 1428 101.99 37.09 -10.93
C LEU D 1428 103.28 36.95 -10.14
N ASN D 1429 104.41 37.40 -10.69
CA ASN D 1429 105.70 37.22 -10.04
C ASN D 1429 106.22 38.48 -9.34
N THR D 1430 105.44 39.56 -9.29
CA THR D 1430 105.88 40.76 -8.60
C THR D 1430 105.95 40.53 -7.09
N THR D 1431 106.83 41.29 -6.44
CA THR D 1431 107.03 41.19 -5.00
C THR D 1431 106.78 42.52 -4.30
N THR D 1432 106.10 43.45 -4.97
CA THR D 1432 105.84 44.78 -4.42
C THR D 1432 104.36 44.90 -4.10
N TYR D 1433 104.07 45.45 -2.92
CA TYR D 1433 102.72 45.63 -2.41
C TYR D 1433 102.47 47.10 -2.07
N TYR D 1434 101.27 47.57 -2.34
CA TYR D 1434 100.98 48.99 -2.31
C TYR D 1434 99.61 49.28 -1.73
N TYR D 1435 99.51 50.37 -0.98
CA TYR D 1435 98.21 50.85 -0.52
C TYR D 1435 98.18 52.37 -0.58
N SER D 1436 96.99 52.91 -0.81
CA SER D 1436 96.83 54.34 -1.00
C SER D 1436 95.93 54.89 0.10
N VAL D 1437 96.16 56.14 0.47
CA VAL D 1437 95.33 56.86 1.43
C VAL D 1437 94.87 58.15 0.77
N ARG D 1438 93.58 58.45 0.89
CA ARG D 1438 93.02 59.65 0.27
C ARG D 1438 92.62 60.63 1.35
N VAL D 1439 93.52 61.56 1.67
CA VAL D 1439 93.24 62.60 2.65
C VAL D 1439 92.24 63.56 2.03
N PHE D 1440 91.05 63.63 2.65
CA PHE D 1440 89.94 64.41 2.13
C PHE D 1440 90.17 65.91 2.28
N ALA D 1441 89.40 66.68 1.51
CA ALA D 1441 89.43 68.12 1.60
C ALA D 1441 88.92 68.58 2.96
N GLY D 1442 89.51 69.66 3.46
CA GLY D 1442 89.19 70.15 4.77
C GLY D 1442 90.08 69.62 5.88
N GLN D 1443 90.77 68.51 5.62
CA GLN D 1443 91.74 67.96 6.56
C GLN D 1443 93.12 68.43 6.14
N GLU D 1444 93.80 69.12 7.03
CA GLU D 1444 95.09 69.74 6.71
C GLU D 1444 96.16 68.68 6.56
N PRO D 1445 96.82 68.59 5.41
CA PRO D 1445 97.92 67.61 5.25
C PRO D 1445 99.11 67.84 6.15
N SER D 1446 99.29 69.06 6.68
CA SER D 1446 100.40 69.36 7.58
C SER D 1446 100.30 68.67 8.93
N CYS D 1447 99.15 68.08 9.27
CA CYS D 1447 99.01 67.29 10.49
C CYS D 1447 98.57 65.86 10.15
N VAL D 1448 99.10 65.34 9.05
CA VAL D 1448 98.84 63.97 8.61
C VAL D 1448 100.18 63.28 8.41
N TRP D 1449 100.31 62.08 8.96
CA TRP D 1449 101.49 61.24 8.78
C TRP D 1449 101.01 59.95 8.15
N VAL D 1450 101.76 59.44 7.17
CA VAL D 1450 101.39 58.21 6.46
C VAL D 1450 102.61 57.28 6.43
N GLY D 1451 102.37 55.99 6.70
CA GLY D 1451 103.44 55.02 6.63
C GLY D 1451 103.14 53.66 7.25
N TRP D 1452 104.14 53.04 7.87
CA TRP D 1452 104.00 51.72 8.46
C TRP D 1452 104.70 51.69 9.81
N VAL D 1453 104.17 50.88 10.72
CA VAL D 1453 104.73 50.76 12.06
C VAL D 1453 104.90 49.29 12.42
N THR D 1454 105.95 49.00 13.17
CA THR D 1454 106.13 47.67 13.75
C THR D 1454 105.12 47.49 14.88
N PRO D 1455 104.76 46.24 15.21
CA PRO D 1455 103.75 46.02 16.26
C PRO D 1455 104.15 46.43 17.68
N ASP D 1456 105.35 46.95 17.91
CA ASP D 1456 105.76 47.41 19.23
C ASP D 1456 105.65 48.93 19.36
N TYR D 1457 104.75 49.54 18.60
CA TYR D 1457 104.54 50.98 18.65
C TYR D 1457 103.65 51.29 19.86
N HIS D 1458 104.19 52.02 20.84
CA HIS D 1458 103.42 52.42 22.01
C HIS D 1458 103.71 53.88 22.35
N GLN D 1459 103.74 54.73 21.32
CA GLN D 1459 104.05 56.16 21.48
C GLN D 1459 102.77 56.97 21.36
N HIS D 1460 102.17 57.29 22.51
CA HIS D 1460 100.97 58.12 22.55
C HIS D 1460 101.39 59.54 22.93
N ASP D 1461 101.81 60.29 21.92
CA ASP D 1461 102.33 61.63 22.11
C ASP D 1461 101.31 62.64 21.60
N MET D 1462 100.96 63.62 22.43
CA MET D 1462 100.00 64.64 22.02
C MET D 1462 100.54 65.53 20.91
N ASN D 1463 101.85 65.73 20.86
CA ASN D 1463 102.49 66.62 19.91
C ASN D 1463 103.42 65.84 18.97
N PHE D 1464 102.92 64.71 18.49
CA PHE D 1464 103.71 63.81 17.66
C PHE D 1464 104.06 64.47 16.33
N ASP D 1465 105.28 64.19 15.87
CA ASP D 1465 105.75 64.56 14.54
C ASP D 1465 106.87 63.59 14.19
N LEU D 1466 107.55 63.84 13.06
CA LEU D 1466 108.64 62.96 12.62
C LEU D 1466 109.85 63.00 13.56
N SER D 1467 109.97 64.03 14.40
CA SER D 1467 111.11 64.12 15.31
C SER D 1467 111.00 63.16 16.48
N LYS D 1468 109.78 62.82 16.90
CA LYS D 1468 109.57 61.94 18.04
C LYS D 1468 109.65 60.47 17.67
N VAL D 1469 109.88 60.16 16.39
CA VAL D 1469 109.96 58.77 15.93
C VAL D 1469 111.18 58.11 16.55
N ARG D 1470 110.98 56.92 17.12
CA ARG D 1470 112.09 56.16 17.68
C ARG D 1470 112.90 55.53 16.55
N ALA D 1471 114.21 55.71 16.58
CA ALA D 1471 115.09 55.14 15.57
C ALA D 1471 116.48 54.97 16.14
N VAL D 1472 117.16 53.91 15.69
CA VAL D 1472 118.53 53.60 16.10
C VAL D 1472 119.19 52.83 14.96
N THR D 1473 120.46 53.09 14.71
CA THR D 1473 121.22 52.41 13.68
C THR D 1473 122.39 51.71 14.36
N VAL D 1474 122.52 50.42 14.11
CA VAL D 1474 123.61 49.65 14.71
C VAL D 1474 124.79 49.63 13.74
N THR D 1475 125.95 50.10 14.23
CA THR D 1475 127.19 50.14 13.47
C THR D 1475 128.07 48.97 13.89
N MET D 1476 128.41 48.10 12.93
CA MET D 1476 129.17 46.89 13.16
C MET D 1476 130.37 46.89 12.24
N GLY D 1477 131.53 46.52 12.79
CA GLY D 1477 132.77 46.45 12.03
C GLY D 1477 133.70 45.45 12.68
N ASP D 1478 134.89 45.32 12.11
CA ASP D 1478 135.92 44.46 12.68
C ASP D 1478 136.63 45.20 13.82
N GLU D 1479 137.78 44.67 14.27
CA GLU D 1479 138.47 45.20 15.44
C GLU D 1479 138.90 46.66 15.27
N GLN D 1480 139.45 47.01 14.10
CA GLN D 1480 139.90 48.36 13.84
C GLN D 1480 139.16 48.90 12.61
N GLY D 1481 138.31 49.91 12.84
CA GLY D 1481 137.55 50.59 11.79
C GLY D 1481 136.70 49.64 10.97
N ASN D 1482 136.69 49.86 9.66
CA ASN D 1482 136.08 49.01 8.62
C ASN D 1482 134.66 48.57 8.96
N VAL D 1483 133.78 49.56 9.09
CA VAL D 1483 132.38 49.32 9.40
C VAL D 1483 131.75 48.57 8.23
N HIS D 1484 131.39 47.30 8.46
CA HIS D 1484 130.84 46.43 7.44
C HIS D 1484 129.34 46.25 7.57
N SER D 1485 128.70 46.95 8.50
CA SER D 1485 127.25 46.83 8.70
C SER D 1485 126.76 48.06 9.43
N SER D 1486 125.81 48.79 8.85
CA SER D 1486 125.23 49.94 9.54
C SER D 1486 123.75 49.90 9.20
N LEU D 1487 122.97 49.26 10.07
CA LEU D 1487 121.55 49.05 9.78
C LEU D 1487 120.65 50.01 10.53
N LYS D 1488 119.70 50.60 9.79
CA LYS D 1488 118.72 51.54 10.30
C LYS D 1488 117.48 50.78 10.78
N CYS D 1489 117.19 50.86 12.07
CA CYS D 1489 116.10 50.14 12.70
C CYS D 1489 115.17 51.12 13.39
N SER D 1490 113.86 50.86 13.32
CA SER D 1490 112.89 51.76 13.93
C SER D 1490 111.61 50.98 14.17
N ASN D 1491 110.75 51.57 15.00
CA ASN D 1491 109.42 51.04 15.23
C ASN D 1491 108.35 51.80 14.45
N CYS D 1492 108.68 53.01 14.03
CA CYS D 1492 107.76 53.88 13.34
C CYS D 1492 108.40 54.33 12.04
N TYR D 1493 107.68 54.17 10.93
CA TYR D 1493 108.17 54.53 9.61
C TYR D 1493 107.07 55.34 8.93
N MET D 1494 107.17 56.66 8.99
CA MET D 1494 106.06 57.52 8.58
C MET D 1494 106.63 58.66 7.75
N VAL D 1495 105.79 59.25 6.91
CA VAL D 1495 106.17 60.43 6.13
C VAL D 1495 105.14 61.52 6.39
N TRP D 1496 105.63 62.74 6.57
CA TRP D 1496 104.77 63.86 6.90
C TRP D 1496 104.00 64.29 5.66
N GLY D 1497 102.68 64.41 5.79
CA GLY D 1497 101.83 64.77 4.67
C GLY D 1497 101.98 66.19 4.18
N GLY D 1498 102.58 67.06 4.99
CA GLY D 1498 102.77 68.44 4.60
C GLY D 1498 103.87 68.67 3.58
N ASP D 1499 104.67 67.65 3.31
CA ASP D 1499 105.75 67.73 2.34
C ASP D 1499 105.29 67.39 0.92
N PHE D 1500 104.00 67.16 0.72
CA PHE D 1500 103.46 66.77 -0.57
C PHE D 1500 102.44 67.77 -1.11
N VAL D 1501 102.40 68.97 -0.55
CA VAL D 1501 101.47 70.01 -0.94
C VAL D 1501 102.26 71.24 -1.35
N SER D 1502 101.78 71.91 -2.39
CA SER D 1502 102.45 73.11 -2.88
C SER D 1502 102.26 74.26 -1.89
N PRO D 1503 103.34 74.88 -1.41
CA PRO D 1503 103.19 75.99 -0.46
C PRO D 1503 102.71 77.28 -1.12
N GLY D 1504 101.44 77.33 -1.51
CA GLY D 1504 100.90 78.50 -2.15
C GLY D 1504 100.75 79.67 -1.19
N GLN D 1505 100.52 80.85 -1.78
CA GLN D 1505 100.35 82.06 -0.99
C GLN D 1505 99.11 82.00 -0.10
N GLN D 1506 98.01 81.46 -0.64
CA GLN D 1506 96.77 81.34 0.11
C GLN D 1506 95.97 80.20 -0.51
N GLY D 1507 95.01 79.69 0.25
CA GLY D 1507 94.19 78.59 -0.21
C GLY D 1507 94.63 77.25 0.31
N ARG D 1508 94.88 77.17 1.63
CA ARG D 1508 95.27 75.94 2.30
C ARG D 1508 94.14 74.91 2.31
N ILE D 1509 92.91 75.30 2.03
CA ILE D 1509 91.78 74.36 1.94
C ILE D 1509 91.81 73.83 0.51
N SER D 1510 92.56 72.76 0.30
CA SER D 1510 92.74 72.21 -1.04
C SER D 1510 91.47 71.48 -1.46
N HIS D 1511 91.01 71.77 -2.67
CA HIS D 1511 89.89 71.06 -3.28
C HIS D 1511 90.28 69.71 -3.86
N THR D 1512 91.57 69.43 -3.95
CA THR D 1512 92.08 68.15 -4.42
C THR D 1512 92.46 67.29 -3.21
N ASP D 1513 91.98 66.05 -3.20
CA ASP D 1513 92.23 65.14 -2.08
C ASP D 1513 93.64 64.59 -2.26
N LEU D 1514 94.47 64.76 -1.24
CA LEU D 1514 95.85 64.28 -1.29
C LEU D 1514 95.90 62.75 -1.25
N VAL D 1515 96.33 62.13 -2.34
CA VAL D 1515 96.35 60.66 -2.43
C VAL D 1515 97.80 60.22 -2.24
N ILE D 1516 98.15 59.94 -0.99
CA ILE D 1516 99.49 59.44 -0.67
C ILE D 1516 99.51 57.94 -0.88
N GLY D 1517 100.51 57.44 -1.61
CA GLY D 1517 100.62 56.02 -1.88
C GLY D 1517 101.92 55.47 -1.31
N CYS D 1518 101.86 54.20 -0.87
CA CYS D 1518 103.05 53.56 -0.32
C CYS D 1518 103.25 52.19 -0.93
N LEU D 1519 104.47 51.97 -1.44
CA LEU D 1519 104.90 50.71 -2.03
C LEU D 1519 106.00 50.12 -1.16
N VAL D 1520 105.91 48.82 -0.92
CA VAL D 1520 106.83 48.06 -0.09
C VAL D 1520 107.24 46.81 -0.87
N ASP D 1521 108.53 46.52 -0.96
CA ASP D 1521 108.97 45.29 -1.61
C ASP D 1521 109.45 44.34 -0.50
N LEU D 1522 108.80 43.18 -0.41
CA LEU D 1522 109.15 42.18 0.60
C LEU D 1522 110.34 41.31 0.20
N ALA D 1523 110.80 41.40 -1.04
CA ALA D 1523 111.94 40.59 -1.46
C ALA D 1523 113.27 41.34 -1.34
N THR D 1524 113.24 42.62 -0.99
CA THR D 1524 114.44 43.43 -0.88
C THR D 1524 114.46 44.19 0.44
N GLY D 1525 113.28 44.44 0.99
CA GLY D 1525 113.20 45.19 2.22
C GLY D 1525 113.25 46.68 2.07
N LEU D 1526 113.03 47.20 0.87
CA LEU D 1526 112.98 48.62 0.65
C LEU D 1526 111.54 49.06 0.45
N MET D 1527 111.30 50.35 0.65
CA MET D 1527 109.98 50.90 0.39
C MET D 1527 110.09 52.36 0.02
N THR D 1528 109.15 52.80 -0.80
CA THR D 1528 109.08 54.17 -1.30
C THR D 1528 107.75 54.81 -0.90
N PHE D 1529 107.57 56.05 -1.35
CA PHE D 1529 106.38 56.84 -1.07
C PHE D 1529 106.09 57.73 -2.27
N THR D 1530 104.81 57.83 -2.63
CA THR D 1530 104.36 58.62 -3.78
C THR D 1530 103.41 59.70 -3.29
N ALA D 1531 103.71 60.95 -3.66
CA ALA D 1531 102.88 62.07 -3.23
C ALA D 1531 101.53 62.09 -3.94
N ASN D 1532 101.52 61.93 -5.26
CA ASN D 1532 100.28 61.85 -6.02
C ASN D 1532 100.39 60.80 -7.12
N GLY D 1533 100.98 59.66 -6.78
CA GLY D 1533 101.30 58.65 -7.77
C GLY D 1533 102.68 58.83 -8.38
N LYS D 1534 103.33 59.96 -8.12
CA LYS D 1534 104.68 60.22 -8.56
C LYS D 1534 105.62 60.03 -7.36
N GLU D 1535 106.71 59.31 -7.59
CA GLU D 1535 107.60 58.93 -6.49
C GLU D 1535 108.29 60.14 -5.88
N SER D 1536 108.55 60.05 -4.58
CA SER D 1536 109.21 61.09 -3.82
C SER D 1536 110.62 60.62 -3.45
N ASN D 1537 111.43 61.57 -2.98
CA ASN D 1537 112.81 61.27 -2.65
C ASN D 1537 112.95 60.39 -1.40
N THR D 1538 111.91 60.29 -0.59
CA THR D 1538 112.00 59.50 0.64
C THR D 1538 111.93 58.00 0.33
N PHE D 1539 112.61 57.22 1.17
CA PHE D 1539 112.66 55.77 1.06
C PHE D 1539 113.09 55.22 2.40
N PHE D 1540 112.95 53.90 2.56
CA PHE D 1540 113.41 53.24 3.78
C PHE D 1540 113.83 51.81 3.49
N GLN D 1541 114.91 51.38 4.14
CA GLN D 1541 115.40 50.01 4.06
C GLN D 1541 115.31 49.38 5.45
N VAL D 1542 114.70 48.20 5.50
CA VAL D 1542 114.47 47.46 6.74
C VAL D 1542 115.06 46.06 6.58
N GLU D 1543 115.33 45.44 7.72
CA GLU D 1543 115.90 44.11 7.77
C GLU D 1543 114.85 43.05 7.44
N PRO D 1544 115.24 41.85 7.04
CA PRO D 1544 114.27 40.77 6.83
C PRO D 1544 113.58 40.33 8.12
N ASN D 1545 112.48 39.59 7.93
CA ASN D 1545 111.62 39.08 9.00
C ASN D 1545 111.08 40.21 9.88
N THR D 1546 110.75 41.33 9.25
CA THR D 1546 110.21 42.50 9.92
C THR D 1546 108.71 42.56 9.70
N LYS D 1547 107.97 42.80 10.78
CA LYS D 1547 106.52 42.95 10.74
C LYS D 1547 106.16 44.43 10.75
N LEU D 1548 105.33 44.83 9.78
CA LEU D 1548 104.91 46.22 9.65
C LEU D 1548 103.40 46.31 9.54
N PHE D 1549 102.80 47.18 10.35
CA PHE D 1549 101.38 47.44 10.34
C PHE D 1549 101.11 48.75 9.60
N PRO D 1550 100.19 48.77 8.64
CA PRO D 1550 99.86 50.03 7.95
C PRO D 1550 99.25 51.06 8.88
N ALA D 1551 99.94 52.16 9.15
CA ALA D 1551 99.45 53.16 10.10
C ALA D 1551 99.42 54.54 9.46
N VAL D 1552 98.45 55.36 9.89
CA VAL D 1552 98.27 56.73 9.44
C VAL D 1552 97.83 57.53 10.68
N PHE D 1553 98.70 58.40 11.17
CA PHE D 1553 98.42 59.23 12.34
C PHE D 1553 97.86 60.57 11.90
N VAL D 1554 96.84 61.07 12.61
CA VAL D 1554 96.16 62.27 12.14
C VAL D 1554 95.53 63.05 13.29
N LEU D 1555 95.53 64.37 13.16
CA LEU D 1555 94.74 65.23 14.02
C LEU D 1555 93.52 65.69 13.24
N PRO D 1556 92.31 65.23 13.61
CA PRO D 1556 91.11 65.52 12.82
C PRO D 1556 90.77 67.00 12.76
N THR D 1557 90.44 67.48 11.55
CA THR D 1557 90.09 68.88 11.36
C THR D 1557 88.90 69.07 10.41
N HIS D 1558 88.15 68.01 10.12
CA HIS D 1558 87.03 68.11 9.18
C HIS D 1558 86.10 66.93 9.41
N GLN D 1559 84.88 67.04 8.85
CA GLN D 1559 83.95 65.93 8.82
C GLN D 1559 84.49 64.77 8.02
N ASN D 1560 85.12 65.06 6.88
CA ASN D 1560 85.72 64.07 6.00
C ASN D 1560 87.23 64.13 6.21
N VAL D 1561 87.81 63.06 6.76
CA VAL D 1561 89.21 63.12 7.15
C VAL D 1561 90.09 62.27 6.24
N ILE D 1562 89.92 60.95 6.28
CA ILE D 1562 90.83 59.98 5.66
C ILE D 1562 90.05 58.76 5.18
N GLN D 1563 90.46 58.24 4.02
CA GLN D 1563 89.91 57.01 3.48
C GLN D 1563 91.06 56.10 3.06
N PHE D 1564 91.19 54.96 3.74
CA PHE D 1564 92.16 53.93 3.39
C PHE D 1564 91.67 53.19 2.15
N GLU D 1565 92.42 53.28 1.08
CA GLU D 1565 92.11 52.65 -0.20
C GLU D 1565 93.11 51.52 -0.40
N LEU D 1566 92.69 50.30 -0.09
CA LEU D 1566 93.51 49.10 -0.27
C LEU D 1566 93.54 48.70 -1.76
N GLY D 1567 94.08 49.61 -2.57
CA GLY D 1567 94.03 49.50 -4.00
C GLY D 1567 95.27 48.89 -4.62
N LYS D 1568 95.39 49.09 -5.92
CA LYS D 1568 96.47 48.52 -6.71
C LYS D 1568 96.69 49.42 -7.92
N GLN D 1569 97.86 49.25 -8.55
CA GLN D 1569 98.20 50.01 -9.74
C GLN D 1569 98.65 49.05 -10.83
N LYS D 1570 99.20 49.59 -11.92
CA LYS D 1570 99.65 48.77 -13.04
C LYS D 1570 100.81 47.89 -12.62
N ASN D 1571 100.58 46.56 -12.67
CA ASN D 1571 101.57 45.54 -12.33
C ASN D 1571 102.10 45.69 -10.91
N ILE D 1572 101.21 46.09 -9.99
CA ILE D 1572 101.55 46.21 -8.57
C ILE D 1572 100.51 45.45 -7.78
N MET D 1573 100.98 44.54 -6.93
CA MET D 1573 100.12 43.53 -6.29
C MET D 1573 99.47 44.13 -5.05
N PRO D 1574 98.15 44.05 -4.90
CA PRO D 1574 97.50 44.67 -3.74
C PRO D 1574 97.82 43.97 -2.42
N LEU D 1575 97.47 44.64 -1.31
CA LEU D 1575 97.69 44.08 0.02
C LEU D 1575 96.79 42.90 0.35
N SER D 1576 95.78 42.62 -0.48
CA SER D 1576 94.93 41.44 -0.31
C SER D 1576 95.72 40.13 -0.41
N ALA D 1577 96.91 40.17 -1.00
CA ALA D 1577 97.79 39.02 -1.02
C ALA D 1577 98.91 39.14 -0.01
N ALA D 1578 99.26 40.37 0.39
CA ALA D 1578 100.30 40.55 1.39
C ALA D 1578 99.77 40.31 2.80
N MET D 1579 98.46 40.16 2.97
CA MET D 1579 97.89 39.93 4.29
C MET D 1579 97.49 38.46 4.47
N PHE D 1580 96.71 37.93 3.53
CA PHE D 1580 96.16 36.59 3.64
C PHE D 1580 96.95 35.65 2.72
N LEU D 1581 97.54 34.61 3.33
CA LEU D 1581 98.41 33.69 2.60
C LEU D 1581 97.65 32.87 1.56
N SER D 1582 96.36 32.66 1.76
CA SER D 1582 95.57 31.85 0.82
C SER D 1582 95.15 32.61 -0.42
N GLU D 1583 95.42 33.91 -0.50
CA GLU D 1583 95.03 34.73 -1.65
C GLU D 1583 96.24 35.38 -2.31
N ARG D 1584 97.37 34.66 -2.34
CA ARG D 1584 98.62 35.22 -2.84
C ARG D 1584 98.57 35.51 -4.34
N LYS D 1585 97.75 34.78 -5.10
CA LYS D 1585 97.67 34.96 -6.53
C LYS D 1585 96.32 35.53 -6.96
N ASN D 1586 95.67 36.30 -6.08
CA ASN D 1586 94.39 36.91 -6.40
C ASN D 1586 94.55 38.43 -6.45
N PRO D 1587 94.64 39.03 -7.64
CA PRO D 1587 94.87 40.49 -7.72
C PRO D 1587 93.65 41.34 -7.44
N ALA D 1588 92.47 40.75 -7.27
CA ALA D 1588 91.28 41.53 -6.98
C ALA D 1588 91.36 42.15 -5.61
N PRO D 1589 91.22 43.48 -5.47
CA PRO D 1589 91.31 44.10 -4.15
C PRO D 1589 90.07 43.77 -3.32
N GLN D 1590 90.31 43.38 -2.06
CA GLN D 1590 89.24 43.02 -1.14
C GLN D 1590 89.58 43.57 0.23
N CYS D 1591 88.55 43.74 1.05
CA CYS D 1591 88.73 44.14 2.45
C CYS D 1591 87.91 43.19 3.33
N PRO D 1592 88.44 42.00 3.61
CA PRO D 1592 87.72 41.02 4.44
C PRO D 1592 87.54 41.52 5.87
N PRO D 1593 86.53 41.00 6.60
CA PRO D 1593 86.20 41.57 7.92
C PRO D 1593 87.30 41.58 8.97
N ARG D 1594 88.27 40.65 8.91
CA ARG D 1594 89.37 40.66 9.87
C ARG D 1594 90.21 41.93 9.74
N LEU D 1595 90.46 42.36 8.50
CA LEU D 1595 91.15 43.63 8.28
C LEU D 1595 90.27 44.77 8.79
N GLU D 1596 90.74 45.49 9.80
CA GLU D 1596 89.90 46.48 10.44
C GLU D 1596 90.76 47.65 10.89
N VAL D 1597 90.12 48.78 11.10
CA VAL D 1597 90.79 50.02 11.48
C VAL D 1597 90.79 50.13 13.00
N GLN D 1598 91.99 50.26 13.59
CA GLN D 1598 92.19 50.30 15.02
C GLN D 1598 92.84 51.61 15.41
N MET D 1599 92.36 52.24 16.48
CA MET D 1599 93.07 53.38 17.04
C MET D 1599 93.68 52.96 18.36
N LEU D 1600 94.35 53.90 19.01
CA LEU D 1600 95.22 53.56 20.12
C LEU D 1600 94.61 53.97 21.45
N MET D 1601 94.30 52.98 22.29
CA MET D 1601 93.94 53.23 23.68
C MET D 1601 95.20 53.48 24.49
N PRO D 1602 95.35 54.63 25.13
CA PRO D 1602 96.53 54.87 25.98
C PRO D 1602 96.66 53.92 27.16
N VAL D 1603 95.55 53.50 27.75
CA VAL D 1603 95.53 52.66 28.95
C VAL D 1603 94.65 51.45 28.70
N SER D 1604 95.14 50.26 29.05
CA SER D 1604 94.38 49.03 28.97
C SER D 1604 94.58 48.27 30.27
N TRP D 1605 93.63 47.41 30.60
CA TRP D 1605 93.72 46.67 31.86
C TRP D 1605 94.80 45.60 31.79
N SER D 1606 95.24 45.14 32.96
CA SER D 1606 96.23 44.08 33.02
C SER D 1606 96.08 43.36 34.35
N ARG D 1607 96.68 42.17 34.41
CA ARG D 1607 96.59 41.31 35.58
C ARG D 1607 97.91 41.30 36.33
N MET D 1608 97.84 41.49 37.64
CA MET D 1608 99.01 41.48 38.49
C MET D 1608 99.38 40.03 38.80
N PRO D 1609 100.61 39.60 38.51
CA PRO D 1609 101.02 38.22 38.83
C PRO D 1609 100.91 37.93 40.32
N ASN D 1610 100.54 36.68 40.63
CA ASN D 1610 100.34 36.29 42.02
C ASN D 1610 101.64 36.24 42.81
N HIS D 1611 102.78 36.05 42.15
CA HIS D 1611 104.07 36.07 42.81
C HIS D 1611 105.06 36.82 41.95
N PHE D 1612 106.06 37.41 42.60
CA PHE D 1612 107.09 38.19 41.93
C PHE D 1612 108.46 37.66 42.32
N LEU D 1613 109.44 37.96 41.46
CA LEU D 1613 110.82 37.54 41.69
C LEU D 1613 111.36 38.17 42.97
N GLN D 1614 112.01 37.35 43.80
CA GLN D 1614 112.67 37.83 45.00
C GLN D 1614 114.09 38.25 44.62
N VAL D 1615 114.35 39.55 44.69
CA VAL D 1615 115.62 40.13 44.27
C VAL D 1615 116.27 40.79 45.48
N GLU D 1616 117.53 40.44 45.74
CA GLU D 1616 118.31 41.07 46.81
C GLU D 1616 119.30 42.02 46.16
N THR D 1617 119.17 43.31 46.49
CA THR D 1617 120.05 44.35 45.97
C THR D 1617 120.62 45.10 47.16
N ARG D 1618 121.92 44.99 47.37
CA ARG D 1618 122.54 45.66 48.52
C ARG D 1618 124.02 45.87 48.22
N ARG D 1619 124.66 46.73 49.01
CA ARG D 1619 126.08 47.00 48.79
C ARG D 1619 126.90 45.91 49.44
N ALA D 1620 127.58 45.10 48.60
CA ALA D 1620 128.35 43.97 49.10
C ALA D 1620 129.53 44.41 49.97
N GLY D 1621 130.24 45.45 49.54
CA GLY D 1621 131.39 45.92 50.29
C GLY D 1621 131.86 47.25 49.76
N GLU D 1622 132.93 47.75 50.38
CA GLU D 1622 133.50 49.03 50.00
C GLU D 1622 134.05 49.01 48.58
N ARG D 1623 134.74 47.94 48.21
CA ARG D 1623 135.32 47.83 46.88
C ARG D 1623 134.48 47.00 45.92
N LEU D 1624 133.63 46.10 46.42
CA LEU D 1624 132.80 45.30 45.53
C LEU D 1624 131.67 46.15 44.94
N GLY D 1625 131.03 46.95 45.77
CA GLY D 1625 129.91 47.75 45.32
C GLY D 1625 128.57 47.06 45.52
N TRP D 1626 127.57 47.54 44.79
CA TRP D 1626 126.24 46.98 44.88
C TRP D 1626 126.17 45.62 44.21
N ALA D 1627 125.42 44.71 44.80
CA ALA D 1627 125.28 43.35 44.32
C ALA D 1627 123.80 43.02 44.18
N VAL D 1628 123.49 42.24 43.13
CA VAL D 1628 122.16 41.76 42.80
C VAL D 1628 122.21 40.24 42.93
N GLN D 1629 121.15 39.67 43.51
CA GLN D 1629 121.07 38.24 43.75
C GLN D 1629 119.63 37.77 43.56
N CYS D 1630 119.42 36.82 42.66
CA CYS D 1630 118.10 36.22 42.48
C CYS D 1630 118.28 34.73 42.30
N GLN D 1631 117.57 33.95 43.10
CA GLN D 1631 117.76 32.50 43.15
C GLN D 1631 116.50 31.72 42.79
N ASP D 1632 115.36 32.10 43.37
CA ASP D 1632 114.13 31.32 43.24
C ASP D 1632 113.58 31.42 41.82
N PRO D 1633 113.42 30.32 41.10
CA PRO D 1633 112.80 30.38 39.77
C PRO D 1633 111.29 30.57 39.86
N LEU D 1634 110.74 31.13 38.78
CA LEU D 1634 109.31 31.38 38.69
C LEU D 1634 108.97 31.49 37.21
N THR D 1635 108.05 30.65 36.74
CA THR D 1635 107.72 30.57 35.33
C THR D 1635 106.25 30.91 35.12
N MET D 1636 105.95 31.57 34.01
CA MET D 1636 104.59 31.99 33.67
C MET D 1636 104.22 31.44 32.30
N MET D 1637 103.04 30.83 32.21
CA MET D 1637 102.55 30.29 30.95
C MET D 1637 101.88 31.40 30.15
N ALA D 1638 102.52 31.83 29.06
CA ALA D 1638 102.05 32.96 28.29
C ALA D 1638 101.44 32.50 26.97
N LEU D 1639 100.22 32.91 26.72
CA LEU D 1639 99.57 32.71 25.44
C LEU D 1639 100.00 33.81 24.49
N HIS D 1640 100.29 33.44 23.25
CA HIS D 1640 100.89 34.35 22.28
C HIS D 1640 99.96 34.55 21.09
N ILE D 1641 99.75 35.81 20.71
CA ILE D 1641 99.02 36.13 19.48
C ILE D 1641 100.04 36.13 18.34
N PRO D 1642 99.81 35.33 17.29
CA PRO D 1642 100.84 35.16 16.25
C PRO D 1642 101.13 36.39 15.42
N GLU D 1643 100.08 37.00 14.87
CA GLU D 1643 100.29 38.08 13.90
C GLU D 1643 100.77 39.36 14.59
N GLU D 1644 100.21 39.70 15.76
CA GLU D 1644 100.64 40.89 16.46
C GLU D 1644 101.96 40.72 17.18
N ASN D 1645 102.45 39.47 17.29
CA ASN D 1645 103.73 39.12 17.92
C ASN D 1645 103.79 39.66 19.36
N ARG D 1646 102.67 39.58 20.06
CA ARG D 1646 102.63 39.94 21.46
C ARG D 1646 101.92 38.86 22.27
N CYS D 1647 102.52 38.48 23.38
CA CYS D 1647 102.00 37.44 24.23
C CYS D 1647 101.55 38.03 25.56
N MET D 1648 100.43 37.53 26.08
CA MET D 1648 99.89 37.92 27.36
C MET D 1648 99.80 36.69 28.24
N ASP D 1649 99.74 36.93 29.55
CA ASP D 1649 99.55 35.84 30.51
C ASP D 1649 98.24 35.13 30.22
N ILE D 1650 98.30 33.79 30.23
CA ILE D 1650 97.12 32.99 29.94
C ILE D 1650 96.10 33.08 31.06
N LEU D 1651 96.49 33.54 32.25
CA LEU D 1651 95.54 33.75 33.33
C LEU D 1651 94.60 34.91 33.05
N GLU D 1652 94.98 35.81 32.13
CA GLU D 1652 94.13 36.95 31.78
C GLU D 1652 92.85 36.54 31.07
N LEU D 1653 92.81 35.32 30.51
CA LEU D 1653 91.62 34.87 29.80
C LEU D 1653 90.43 34.66 30.72
N SER D 1654 90.65 34.64 32.05
CA SER D 1654 89.55 34.62 33.01
C SER D 1654 88.74 35.90 33.00
N GLU D 1655 89.26 36.96 32.38
CA GLU D 1655 88.56 38.22 32.17
C GLU D 1655 88.29 38.46 30.70
N ARG D 1656 89.24 38.09 29.83
CA ARG D 1656 89.04 38.25 28.39
C ARG D 1656 88.26 37.04 27.89
N LEU D 1657 86.94 37.10 28.04
CA LEU D 1657 86.06 36.00 27.64
C LEU D 1657 85.98 35.83 26.14
N ASP D 1658 86.41 36.83 25.35
CA ASP D 1658 86.38 36.72 23.90
C ASP D 1658 87.35 35.65 23.41
N LEU D 1659 88.59 35.67 23.90
CA LEU D 1659 89.58 34.70 23.49
C LEU D 1659 89.47 33.39 24.24
N GLN D 1660 88.84 33.38 25.43
CA GLN D 1660 88.71 32.16 26.22
C GLN D 1660 87.89 31.11 25.49
N ARG D 1661 86.79 31.52 24.87
CA ARG D 1661 85.96 30.60 24.11
C ARG D 1661 86.71 30.04 22.91
N PHE D 1662 87.43 30.91 22.20
CA PHE D 1662 88.19 30.50 21.02
C PHE D 1662 89.29 29.53 21.39
N HIS D 1663 90.02 29.79 22.47
CA HIS D 1663 91.11 28.91 22.87
C HIS D 1663 90.60 27.59 23.42
N SER D 1664 89.48 27.61 24.15
CA SER D 1664 88.86 26.36 24.60
C SER D 1664 88.38 25.53 23.41
N HIS D 1665 87.83 26.18 22.40
CA HIS D 1665 87.45 25.47 21.18
C HIS D 1665 88.69 24.98 20.43
N THR D 1666 89.79 25.73 20.52
CA THR D 1666 91.05 25.28 19.92
C THR D 1666 91.53 23.98 20.57
N LEU D 1667 91.46 23.92 21.90
CA LEU D 1667 91.81 22.67 22.57
C LEU D 1667 90.81 21.55 22.27
N ARG D 1668 89.58 21.91 21.92
CA ARG D 1668 88.63 20.89 21.49
C ARG D 1668 88.96 20.39 20.10
N LEU D 1669 89.56 21.25 19.28
CA LEU D 1669 89.99 20.84 17.96
C LEU D 1669 91.25 19.97 18.05
N TYR D 1670 92.12 20.28 19.01
CA TYR D 1670 93.29 19.44 19.24
C TYR D 1670 92.88 18.04 19.66
N ARG D 1671 91.87 17.94 20.56
CA ARG D 1671 91.37 16.61 20.92
C ARG D 1671 90.65 15.95 19.76
N ALA D 1672 90.07 16.75 18.85
CA ALA D 1672 89.38 16.16 17.71
C ALA D 1672 90.39 15.56 16.75
N VAL D 1673 91.47 16.30 16.45
CA VAL D 1673 92.46 15.83 15.49
C VAL D 1673 93.40 14.80 16.11
N CYS D 1674 93.30 14.53 17.41
CA CYS D 1674 94.08 13.43 17.97
C CYS D 1674 93.16 12.39 18.60
N ALA D 1675 91.89 12.41 18.22
CA ALA D 1675 90.91 11.50 18.80
C ALA D 1675 90.94 10.18 18.07
N LEU D 1676 90.59 9.12 18.81
CA LEU D 1676 90.42 7.76 18.28
C LEU D 1676 91.72 7.17 17.71
N GLY D 1677 92.79 7.24 18.51
CA GLY D 1677 94.02 6.54 18.23
C GLY D 1677 94.89 7.08 17.12
N ASN D 1678 94.65 8.30 16.64
CA ASN D 1678 95.45 8.88 15.58
C ASN D 1678 96.81 9.32 16.11
N ASN D 1679 97.67 8.36 16.51
CA ASN D 1679 98.93 8.69 17.15
C ASN D 1679 99.93 9.34 16.20
N ARG D 1680 99.70 9.28 14.89
CA ARG D 1680 100.53 9.97 13.92
C ARG D 1680 100.45 11.47 14.13
N VAL D 1681 99.26 11.96 14.43
CA VAL D 1681 99.08 13.38 14.71
C VAL D 1681 99.29 13.65 16.20
N ALA D 1682 98.94 12.68 17.07
CA ALA D 1682 99.14 12.86 18.51
C ALA D 1682 100.60 13.06 18.86
N HIS D 1683 101.51 12.55 18.05
CA HIS D 1683 102.92 12.92 18.21
C HIS D 1683 103.16 14.36 17.84
N ALA D 1684 102.55 14.81 16.73
CA ALA D 1684 102.77 16.18 16.23
C ALA D 1684 102.27 17.23 17.19
N LEU D 1685 101.21 16.91 17.95
CA LEU D 1685 100.65 17.90 18.89
C LEU D 1685 101.60 18.23 20.04
N CYS D 1686 102.53 17.33 20.37
CA CYS D 1686 103.47 17.54 21.46
C CYS D 1686 104.37 18.75 21.23
N SER D 1687 104.55 19.16 19.97
CA SER D 1687 105.32 20.37 19.69
C SER D 1687 104.54 21.60 20.14
N HIS D 1688 103.26 21.67 19.77
CA HIS D 1688 102.46 22.84 20.13
C HIS D 1688 102.20 22.90 21.62
N VAL D 1689 101.74 21.81 22.21
CA VAL D 1689 101.57 21.74 23.67
C VAL D 1689 102.67 20.86 24.25
N ASP D 1690 103.69 21.51 24.82
CA ASP D 1690 104.79 20.77 25.39
C ASP D 1690 104.38 20.02 26.65
N GLN D 1691 105.24 19.07 27.04
CA GLN D 1691 105.04 18.33 28.27
C GLN D 1691 105.10 19.23 29.48
N ALA D 1692 106.01 20.22 29.46
CA ALA D 1692 106.13 21.16 30.57
C ALA D 1692 104.88 22.00 30.69
N GLN D 1693 104.32 22.43 29.54
CA GLN D 1693 103.10 23.24 29.55
C GLN D 1693 101.96 22.46 30.15
N LEU D 1694 101.81 21.19 29.76
CA LEU D 1694 100.72 20.36 30.27
C LEU D 1694 100.88 20.12 31.77
N LEU D 1695 102.09 19.75 32.20
CA LEU D 1695 102.35 19.44 33.61
C LEU D 1695 102.15 20.68 34.48
N HIS D 1696 102.62 21.84 34.02
CA HIS D 1696 102.40 23.07 34.78
C HIS D 1696 100.91 23.40 34.83
N ALA D 1697 100.20 23.20 33.71
CA ALA D 1697 98.77 23.48 33.69
C ALA D 1697 97.99 22.55 34.61
N LEU D 1698 98.56 21.40 34.97
CA LEU D 1698 97.89 20.53 35.94
C LEU D 1698 97.79 21.23 37.30
N GLU D 1699 98.86 21.90 37.71
CA GLU D 1699 98.93 22.55 39.00
C GLU D 1699 98.57 24.02 38.95
N ASP D 1700 98.25 24.55 37.77
CA ASP D 1700 97.93 25.97 37.64
C ASP D 1700 96.57 26.20 38.28
N ALA D 1701 96.58 26.71 39.51
CA ALA D 1701 95.35 26.87 40.27
C ALA D 1701 94.54 28.10 39.88
N HIS D 1702 95.09 29.00 39.06
CA HIS D 1702 94.35 30.18 38.66
C HIS D 1702 93.86 30.11 37.22
N LEU D 1703 93.99 28.96 36.57
CA LEU D 1703 93.46 28.81 35.23
C LEU D 1703 91.94 28.82 35.27
N PRO D 1704 91.28 29.30 34.22
CA PRO D 1704 89.80 29.28 34.22
C PRO D 1704 89.23 27.87 34.11
N GLY D 1705 87.91 27.81 34.10
CA GLY D 1705 87.18 26.56 34.05
C GLY D 1705 87.39 25.77 32.77
N PRO D 1706 86.91 26.32 31.64
CA PRO D 1706 87.06 25.60 30.37
C PRO D 1706 88.50 25.32 30.01
N LEU D 1707 89.42 26.23 30.35
CA LEU D 1707 90.81 26.03 29.96
C LEU D 1707 91.43 24.92 30.79
N ARG D 1708 91.09 24.85 32.09
CA ARG D 1708 91.63 23.82 32.95
C ARG D 1708 91.12 22.44 32.57
N ALA D 1709 89.81 22.34 32.28
CA ALA D 1709 89.26 21.05 31.87
C ALA D 1709 89.71 20.68 30.47
N GLY D 1710 89.86 21.67 29.58
CA GLY D 1710 90.35 21.40 28.24
C GLY D 1710 91.78 20.92 28.24
N TYR D 1711 92.62 21.48 29.13
CA TYR D 1711 94.01 21.05 29.15
C TYR D 1711 94.17 19.69 29.79
N TYR D 1712 93.38 19.38 30.83
CA TYR D 1712 93.40 18.03 31.40
C TYR D 1712 92.94 17.00 30.39
N ASP D 1713 91.86 17.31 29.66
CA ASP D 1713 91.36 16.38 28.67
C ASP D 1713 92.33 16.26 27.50
N LEU D 1714 92.98 17.35 27.13
CA LEU D 1714 93.95 17.31 26.05
C LEU D 1714 95.13 16.43 26.41
N LEU D 1715 95.59 16.50 27.67
CA LEU D 1715 96.66 15.62 28.14
C LEU D 1715 96.24 14.16 28.07
N ILE D 1716 95.00 13.87 28.49
CA ILE D 1716 94.50 12.50 28.45
C ILE D 1716 94.39 12.02 27.00
N SER D 1717 93.87 12.86 26.13
CA SER D 1717 93.68 12.49 24.72
C SER D 1717 95.01 12.24 24.03
N ILE D 1718 95.98 13.14 24.24
CA ILE D 1718 97.26 13.04 23.54
C ILE D 1718 98.06 11.85 24.05
N HIS D 1719 98.14 11.70 25.37
CA HIS D 1719 99.11 10.77 25.94
C HIS D 1719 98.51 9.51 26.52
N LEU D 1720 97.21 9.45 26.72
CA LEU D 1720 96.70 8.33 27.49
C LEU D 1720 95.60 7.54 26.81
N GLU D 1721 94.71 8.20 26.06
CA GLU D 1721 93.47 7.57 25.60
C GLU D 1721 93.72 6.41 24.63
N SER D 1722 94.74 6.51 23.77
CA SER D 1722 95.02 5.43 22.81
C SER D 1722 95.40 4.14 23.52
N ALA D 1723 96.26 4.22 24.52
CA ALA D 1723 96.63 3.02 25.27
C ALA D 1723 95.49 2.59 26.18
N CYS D 1724 94.76 3.56 26.75
CA CYS D 1724 93.69 3.28 27.70
C CYS D 1724 92.56 2.52 27.04
N ARG D 1725 92.16 2.92 25.83
CA ARG D 1725 91.04 2.29 25.14
C ARG D 1725 91.33 0.82 24.85
N SER D 1726 92.53 0.55 24.32
CA SER D 1726 92.94 -0.81 24.02
C SER D 1726 93.04 -1.65 25.28
N ARG D 1727 93.55 -1.08 26.38
CA ARG D 1727 93.59 -1.83 27.64
C ARG D 1727 92.18 -2.06 28.18
N ARG D 1728 91.29 -1.08 28.00
CA ARG D 1728 89.92 -1.19 28.47
C ARG D 1728 89.20 -2.30 27.75
N SER D 1729 89.42 -2.43 26.44
CA SER D 1729 88.73 -3.48 25.69
C SER D 1729 89.19 -4.86 26.13
N MET D 1730 90.41 -4.99 26.69
CA MET D 1730 90.88 -6.26 27.19
C MET D 1730 90.64 -6.41 28.69
N LEU D 1731 89.97 -5.44 29.32
CA LEU D 1731 89.62 -5.62 30.72
C LEU D 1731 88.43 -6.55 30.93
N SER D 1732 87.70 -6.87 29.87
CA SER D 1732 86.55 -7.77 29.96
C SER D 1732 86.90 -9.22 29.67
N GLU D 1733 88.17 -9.53 29.44
CA GLU D 1733 88.61 -10.89 29.17
C GLU D 1733 89.57 -11.31 30.28
N TYR D 1734 89.55 -12.60 30.59
CA TYR D 1734 90.36 -13.14 31.69
C TYR D 1734 91.06 -14.41 31.20
N ILE D 1735 92.26 -14.21 30.66
CA ILE D 1735 93.11 -15.31 30.22
C ILE D 1735 94.10 -15.54 31.35
N VAL D 1736 93.77 -16.45 32.26
CA VAL D 1736 94.54 -16.67 33.48
C VAL D 1736 95.53 -17.79 33.20
N PRO D 1737 96.84 -17.53 33.19
CA PRO D 1737 97.81 -18.61 33.02
C PRO D 1737 98.07 -19.35 34.31
N LEU D 1738 98.38 -20.64 34.18
CA LEU D 1738 98.69 -21.49 35.32
C LEU D 1738 100.15 -21.29 35.71
N THR D 1739 100.39 -20.43 36.69
CA THR D 1739 101.71 -20.03 37.12
C THR D 1739 101.80 -20.14 38.64
N PRO D 1740 103.03 -20.22 39.20
CA PRO D 1740 103.16 -20.26 40.68
C PRO D 1740 102.52 -19.06 41.37
N GLU D 1741 102.59 -17.87 40.77
CA GLU D 1741 101.93 -16.74 41.37
C GLU D 1741 100.42 -16.82 41.20
N THR D 1742 99.94 -17.53 40.16
CA THR D 1742 98.51 -17.76 40.02
C THR D 1742 98.01 -18.59 41.19
N ARG D 1743 98.80 -19.61 41.58
CA ARG D 1743 98.41 -20.48 42.68
CA ARG D 1743 98.40 -20.47 42.69
C ARG D 1743 98.32 -19.71 44.01
N ALA D 1744 99.20 -18.72 44.20
CA ALA D 1744 99.23 -17.93 45.42
C ALA D 1744 97.96 -17.10 45.63
N ILE D 1745 97.19 -16.85 44.58
CA ILE D 1745 95.96 -16.06 44.68
C ILE D 1745 94.95 -16.78 45.54
N THR D 1746 94.42 -16.08 46.54
CA THR D 1746 93.40 -16.61 47.45
C THR D 1746 92.23 -15.66 47.51
N LEU D 1747 91.08 -16.21 47.87
CA LEU D 1747 89.84 -15.43 47.94
C LEU D 1747 89.91 -14.34 48.99
N PHE D 1748 90.46 -14.66 50.16
CA PHE D 1748 90.54 -13.72 51.27
C PHE D 1748 91.97 -13.66 51.77
N PRO D 1749 92.39 -12.52 52.34
CA PRO D 1749 93.73 -12.45 52.92
C PRO D 1749 93.85 -13.41 54.09
N PRO D 1750 95.03 -14.00 54.29
CA PRO D 1750 95.22 -14.93 55.42
C PRO D 1750 95.12 -14.19 56.75
N GLY D 1751 94.20 -14.64 57.59
CA GLY D 1751 93.97 -14.01 58.87
C GLY D 1751 93.39 -14.96 59.91
N ARG D 1752 92.75 -14.39 60.93
CA ARG D 1752 92.24 -15.19 62.04
C ARG D 1752 90.86 -14.77 62.54
N LYS D 1753 90.21 -13.78 61.92
CA LYS D 1753 88.87 -13.41 62.37
C LYS D 1753 87.84 -14.46 61.97
N GLY D 1754 87.89 -14.93 60.73
CA GLY D 1754 86.97 -15.96 60.28
C GLY D 1754 87.47 -16.73 59.07
N GLY D 1755 87.48 -18.06 59.17
CA GLY D 1755 87.89 -18.88 58.04
C GLY D 1755 86.91 -18.85 56.89
N ASN D 1756 85.61 -18.95 57.19
CA ASN D 1756 84.60 -18.97 56.13
C ASN D 1756 84.41 -17.59 55.52
N ALA D 1757 84.42 -16.54 56.34
CA ALA D 1757 84.19 -15.20 55.82
C ALA D 1757 85.04 -14.22 56.63
N ARG D 1758 86.25 -13.97 56.15
CA ARG D 1758 87.08 -12.90 56.68
C ARG D 1758 86.61 -11.58 56.10
N ARG D 1759 87.02 -10.48 56.74
CA ARG D 1759 86.72 -9.15 56.21
C ARG D 1759 87.35 -9.00 54.83
N HIS D 1760 86.63 -8.34 53.93
CA HIS D 1760 87.04 -8.24 52.53
C HIS D 1760 88.37 -7.51 52.40
N GLY D 1761 89.20 -8.01 51.48
CA GLY D 1761 90.43 -7.32 51.18
C GLY D 1761 90.18 -6.06 50.38
N LEU D 1762 91.21 -5.23 50.34
CA LEU D 1762 91.13 -3.94 49.65
C LEU D 1762 91.03 -4.19 48.15
N PRO D 1763 89.98 -3.70 47.47
CA PRO D 1763 89.83 -3.95 46.03
C PRO D 1763 90.96 -3.32 45.23
N GLY D 1764 91.40 -4.04 44.20
CA GLY D 1764 92.50 -3.61 43.39
C GLY D 1764 93.87 -3.77 44.03
N VAL D 1765 93.94 -4.27 45.25
CA VAL D 1765 95.19 -4.45 45.97
C VAL D 1765 95.52 -5.92 45.99
N GLY D 1766 96.70 -6.27 45.53
CA GLY D 1766 97.15 -7.64 45.45
C GLY D 1766 97.80 -7.88 44.11
N VAL D 1767 97.92 -9.15 43.75
CA VAL D 1767 98.54 -9.56 42.51
C VAL D 1767 97.44 -9.97 41.53
N THR D 1768 97.55 -9.50 40.29
CA THR D 1768 96.64 -9.89 39.24
C THR D 1768 97.44 -10.60 38.16
N THR D 1769 97.00 -11.79 37.78
CA THR D 1769 97.74 -12.60 36.82
C THR D 1769 97.06 -12.63 35.45
N SER D 1770 95.83 -12.10 35.35
CA SER D 1770 95.10 -12.03 34.08
C SER D 1770 95.92 -11.30 33.03
N LEU D 1771 95.99 -11.89 31.85
CA LEU D 1771 96.89 -11.38 30.82
C LEU D 1771 96.36 -10.10 30.21
N ARG D 1772 97.20 -9.07 30.21
CA ARG D 1772 96.92 -7.78 29.61
C ARG D 1772 98.17 -7.39 28.84
N PRO D 1773 98.06 -7.08 27.55
CA PRO D 1773 99.25 -6.69 26.76
C PRO D 1773 99.86 -5.42 27.29
N PRO D 1774 101.19 -5.31 27.29
CA PRO D 1774 101.83 -4.09 27.78
C PRO D 1774 101.62 -2.92 26.83
N HIS D 1775 101.66 -1.72 27.40
CA HIS D 1775 101.54 -0.51 26.61
C HIS D 1775 102.78 -0.30 25.76
N HIS D 1776 102.60 0.46 24.67
CA HIS D 1776 103.66 0.75 23.72
C HIS D 1776 103.72 2.25 23.51
N PHE D 1777 104.66 2.91 24.17
CA PHE D 1777 104.85 4.34 24.01
C PHE D 1777 106.10 4.62 23.18
N SER D 1778 106.30 5.90 22.86
CA SER D 1778 107.46 6.34 22.12
C SER D 1778 107.83 7.76 22.54
N PRO D 1779 109.11 8.02 22.78
CA PRO D 1779 109.53 9.38 23.13
C PRO D 1779 109.39 10.31 21.94
N PRO D 1780 108.57 11.35 22.05
CA PRO D 1780 108.31 12.22 20.88
C PRO D 1780 109.51 13.09 20.54
N CYS D 1781 110.11 12.83 19.38
CA CYS D 1781 111.22 13.64 18.88
C CYS D 1781 110.94 14.03 17.44
N PHE D 1782 110.95 15.33 17.17
CA PHE D 1782 110.58 15.86 15.86
C PHE D 1782 111.77 16.08 14.93
N VAL D 1783 112.99 15.90 15.42
CA VAL D 1783 114.17 16.09 14.58
C VAL D 1783 114.84 14.79 14.20
N ALA D 1784 114.30 13.66 14.66
CA ALA D 1784 114.81 12.37 14.23
C ALA D 1784 114.57 12.19 12.73
N ALA D 1785 115.43 11.39 12.11
CA ALA D 1785 115.37 11.17 10.66
C ALA D 1785 114.06 10.54 10.24
N LEU D 1786 113.48 11.08 9.16
CA LEU D 1786 112.24 10.55 8.62
C LEU D 1786 112.45 9.13 8.11
N PRO D 1787 111.43 8.27 8.20
CA PRO D 1787 111.57 6.88 7.73
C PRO D 1787 111.93 6.80 6.25
N ALA D 1788 112.88 5.92 5.93
CA ALA D 1788 113.31 5.78 4.55
C ALA D 1788 112.29 5.02 3.71
N ALA D 1789 111.48 4.18 4.34
CA ALA D 1789 110.49 3.40 3.63
C ALA D 1789 109.36 4.29 3.12
N GLY D 1790 108.56 3.74 2.21
CA GLY D 1790 107.46 4.49 1.63
C GLY D 1790 106.27 4.59 2.56
N VAL D 1791 105.23 5.25 2.05
CA VAL D 1791 104.01 5.46 2.83
C VAL D 1791 103.30 4.13 3.06
N ALA D 1792 102.68 4.00 4.24
CA ALA D 1792 101.89 2.83 4.67
C ALA D 1792 102.73 1.55 4.66
N GLU D 1793 104.01 1.68 5.00
CA GLU D 1793 104.89 0.51 5.11
C GLU D 1793 105.59 0.50 6.46
N ALA D 1794 105.79 1.70 7.03
CA ALA D 1794 106.39 1.80 8.35
C ALA D 1794 105.42 1.29 9.41
N PRO D 1795 105.92 0.78 10.55
CA PRO D 1795 105.03 0.36 11.63
C PRO D 1795 104.26 1.53 12.23
N ALA D 1796 103.10 1.20 12.81
CA ALA D 1796 102.18 2.19 13.35
C ALA D 1796 102.84 3.05 14.42
N ARG D 1797 102.58 4.35 14.35
CA ARG D 1797 103.10 5.27 15.35
C ARG D 1797 102.46 4.97 16.70
N LEU D 1798 103.28 4.99 17.74
CA LEU D 1798 102.82 4.69 19.07
C LEU D 1798 102.40 5.97 19.80
N SER D 1799 101.81 5.79 20.97
CA SER D 1799 101.43 6.93 21.79
C SER D 1799 102.68 7.67 22.26
N PRO D 1800 102.67 9.00 22.20
CA PRO D 1800 103.80 9.79 22.73
C PRO D 1800 104.05 9.53 24.20
N ALA D 1801 105.31 9.46 24.59
CA ALA D 1801 105.64 9.10 25.95
C ALA D 1801 105.48 10.29 26.88
N ILE D 1802 105.31 9.99 28.16
CA ILE D 1802 105.21 10.98 29.23
C ILE D 1802 105.55 10.28 30.54
N PRO D 1803 106.35 10.90 31.45
CA PRO D 1803 106.68 10.22 32.72
C PRO D 1803 105.47 9.87 33.57
N LEU D 1804 105.22 8.57 33.72
CA LEU D 1804 104.02 8.14 34.42
C LEU D 1804 104.27 7.86 35.89
N GLU D 1805 105.51 7.54 36.25
CA GLU D 1805 105.85 7.36 37.67
C GLU D 1805 105.69 8.67 38.42
N ALA D 1806 106.13 9.78 37.82
CA ALA D 1806 105.92 11.09 38.42
C ALA D 1806 104.50 11.58 38.20
N LEU D 1807 103.91 11.23 37.05
CA LEU D 1807 102.56 11.68 36.73
C LEU D 1807 101.53 11.14 37.71
N ARG D 1808 101.66 9.86 38.09
CA ARG D 1808 100.75 9.27 39.07
C ARG D 1808 100.89 9.92 40.45
N ASP D 1809 102.12 10.26 40.86
CA ASP D 1809 102.33 10.94 42.13
C ASP D 1809 101.74 12.34 42.12
N LYS D 1810 101.88 13.04 41.00
CA LYS D 1810 101.24 14.34 40.84
C LYS D 1810 99.72 14.20 40.91
N ALA D 1811 99.18 13.18 40.22
CA ALA D 1811 97.73 12.96 40.19
C ALA D 1811 97.20 12.67 41.59
N LEU D 1812 97.96 11.92 42.39
CA LEU D 1812 97.58 11.72 43.78
C LEU D 1812 97.61 13.03 44.54
N ARG D 1813 98.56 13.90 44.19
CA ARG D 1813 98.83 15.07 45.01
C ARG D 1813 97.71 16.09 44.86
N MET D 1814 97.31 16.40 43.61
CA MET D 1814 96.20 17.36 43.45
C MET D 1814 94.89 16.80 43.99
N LEU D 1815 94.68 15.49 43.84
CA LEU D 1815 93.49 14.85 44.41
C LEU D 1815 93.43 14.99 45.92
N GLY D 1816 94.57 14.81 46.60
CA GLY D 1816 94.61 15.07 48.04
C GLY D 1816 94.36 16.52 48.39
N GLU D 1817 94.93 17.44 47.59
CA GLU D 1817 94.69 18.87 47.80
C GLU D 1817 93.22 19.20 47.61
N ALA D 1818 92.60 18.63 46.58
CA ALA D 1818 91.20 18.90 46.28
C ALA D 1818 90.30 18.39 47.39
N VAL D 1819 90.62 17.22 47.95
CA VAL D 1819 89.81 16.66 49.05
C VAL D 1819 89.89 17.57 50.28
N ARG D 1820 91.11 18.01 50.62
CA ARG D 1820 91.25 18.93 51.75
C ARG D 1820 90.58 20.26 51.47
N ASP D 1821 90.74 20.80 50.26
CA ASP D 1821 90.17 22.11 49.93
C ASP D 1821 88.65 22.04 49.94
N GLY D 1822 88.09 20.92 49.44
CA GLY D 1822 86.66 20.76 49.47
C GLY D 1822 86.15 20.73 50.89
N GLY D 1823 86.92 20.12 51.79
CA GLY D 1823 86.53 20.11 53.18
C GLY D 1823 86.56 21.49 53.81
N GLN D 1824 87.50 22.34 53.36
CA GLN D 1824 87.58 23.70 53.93
C GLN D 1824 86.40 24.61 53.56
N HIS D 1825 85.58 24.22 52.57
CA HIS D 1825 84.43 25.01 52.09
C HIS D 1825 84.83 26.42 51.66
N ALA D 1826 85.97 26.52 50.97
CA ALA D 1826 86.47 27.80 50.48
C ALA D 1826 85.50 28.44 49.50
N ARG D 1827 85.39 29.77 49.58
CA ARG D 1827 84.47 30.51 48.71
C ARG D 1827 84.99 30.63 47.28
N ASP D 1828 86.26 30.35 47.02
CA ASP D 1828 86.82 30.42 45.67
C ASP D 1828 87.49 29.09 45.40
N PRO D 1829 86.76 28.10 44.91
CA PRO D 1829 87.37 26.81 44.56
C PRO D 1829 88.26 26.94 43.33
N VAL D 1830 89.20 26.00 43.21
CA VAL D 1830 90.15 26.00 42.10
C VAL D 1830 89.41 25.84 40.78
N GLY D 1831 89.77 26.67 39.80
CA GLY D 1831 89.16 26.62 38.49
C GLY D 1831 87.88 27.42 38.37
N GLY D 1832 87.37 27.97 39.47
CA GLY D 1832 86.18 28.79 39.47
C GLY D 1832 84.93 28.08 39.95
N SER D 1833 84.94 26.75 40.02
CA SER D 1833 83.77 26.03 40.50
C SER D 1833 84.21 24.67 41.02
N VAL D 1834 83.30 24.04 41.78
CA VAL D 1834 83.56 22.72 42.34
C VAL D 1834 83.69 21.69 41.23
N GLU D 1835 82.83 21.79 40.21
CA GLU D 1835 82.87 20.86 39.09
C GLU D 1835 84.19 20.97 38.36
N PHE D 1836 84.64 22.18 38.08
CA PHE D 1836 85.91 22.35 37.39
C PHE D 1836 87.11 22.05 38.29
N GLN D 1837 86.88 21.92 39.59
CA GLN D 1837 87.95 21.56 40.50
C GLN D 1837 88.12 20.04 40.58
N PHE D 1838 87.01 19.31 40.56
CA PHE D 1838 87.05 17.87 40.77
C PHE D 1838 86.97 17.03 39.50
N VAL D 1839 86.16 17.42 38.51
CA VAL D 1839 85.96 16.58 37.32
C VAL D 1839 87.24 16.32 36.53
N PRO D 1840 88.06 17.33 36.14
CA PRO D 1840 89.29 16.99 35.40
C PRO D 1840 90.28 16.12 36.17
N VAL D 1841 90.42 16.35 37.48
CA VAL D 1841 91.30 15.55 38.29
C VAL D 1841 90.80 14.12 38.37
N LEU D 1842 89.49 13.94 38.56
CA LEU D 1842 88.94 12.59 38.67
C LEU D 1842 88.99 11.87 37.33
N LYS D 1843 88.94 12.62 36.22
CA LYS D 1843 89.13 12.03 34.90
C LYS D 1843 90.55 11.49 34.77
N LEU D 1844 91.54 12.25 35.24
CA LEU D 1844 92.92 11.80 35.14
C LEU D 1844 93.19 10.61 36.03
N VAL D 1845 92.60 10.60 37.23
CA VAL D 1845 92.76 9.48 38.15
C VAL D 1845 92.10 8.24 37.56
N SER D 1846 90.90 8.39 36.97
CA SER D 1846 90.20 7.26 36.39
C SER D 1846 90.98 6.64 35.24
N THR D 1847 91.53 7.50 34.36
CA THR D 1847 92.29 7.02 33.22
C THR D 1847 93.56 6.28 33.66
N LEU D 1848 94.27 6.84 34.66
CA LEU D 1848 95.45 6.15 35.17
C LEU D 1848 95.08 4.84 35.86
N LEU D 1849 93.94 4.81 36.56
CA LEU D 1849 93.51 3.58 37.22
C LEU D 1849 93.20 2.50 36.19
N VAL D 1850 92.53 2.87 35.10
CA VAL D 1850 92.19 1.91 34.05
C VAL D 1850 93.47 1.38 33.42
N MET D 1851 94.43 2.28 33.15
CA MET D 1851 95.71 1.84 32.59
C MET D 1851 96.57 1.08 33.60
N GLY D 1852 96.20 1.07 34.87
CA GLY D 1852 96.96 0.37 35.90
C GLY D 1852 98.32 0.97 36.19
N ILE D 1853 98.43 2.29 36.11
CA ILE D 1853 99.68 2.96 36.46
C ILE D 1853 99.92 2.90 37.96
N PHE D 1854 98.86 3.09 38.74
CA PHE D 1854 98.97 3.16 40.20
C PHE D 1854 99.37 1.81 40.80
N GLY D 1855 100.28 1.87 41.78
CA GLY D 1855 100.67 0.70 42.52
C GLY D 1855 99.69 0.41 43.65
N ASP D 1856 100.01 -0.64 44.42
CA ASP D 1856 99.14 -1.04 45.54
C ASP D 1856 99.06 0.03 46.61
N GLU D 1857 100.19 0.68 46.94
CA GLU D 1857 100.18 1.75 47.92
C GLU D 1857 99.37 2.94 47.42
N ASP D 1858 99.51 3.25 46.13
CA ASP D 1858 98.75 4.35 45.54
C ASP D 1858 97.27 4.05 45.59
N VAL D 1859 96.89 2.80 45.31
CA VAL D 1859 95.48 2.41 45.35
C VAL D 1859 94.96 2.57 46.78
N LYS D 1860 95.78 2.15 47.77
CA LYS D 1860 95.41 2.32 49.18
C LYS D 1860 95.17 3.78 49.53
N GLN D 1861 95.95 4.67 48.91
CA GLN D 1861 95.74 6.11 49.09
C GLN D 1861 94.41 6.54 48.48
N ILE D 1862 94.15 6.14 47.23
CA ILE D 1862 92.92 6.55 46.55
C ILE D 1862 91.71 6.07 47.32
N LEU D 1863 91.77 4.83 47.84
CA LEU D 1863 90.70 4.33 48.70
C LEU D 1863 90.60 5.11 50.00
N LYS D 1864 91.70 5.72 50.45
CA LYS D 1864 91.63 6.53 51.66
C LYS D 1864 90.91 7.84 51.37
N MET D 1865 91.24 8.50 50.25
CA MET D 1865 90.53 9.74 49.93
C MET D 1865 89.07 9.47 49.60
N ILE D 1866 88.75 8.31 49.00
CA ILE D 1866 87.36 7.98 48.71
C ILE D 1866 86.60 7.72 50.01
N GLU D 1867 87.16 6.91 50.90
CA GLU D 1867 86.54 6.66 52.19
C GLU D 1867 87.58 6.25 53.22
N PRO D 1868 88.01 7.17 54.09
CA PRO D 1868 89.10 6.87 55.02
C PRO D 1868 88.69 6.08 56.24
N GLU D 1869 87.41 5.72 56.40
CA GLU D 1869 86.99 4.95 57.56
C GLU D 1869 86.67 3.50 57.25
N VAL D 1870 85.84 3.24 56.23
CA VAL D 1870 85.43 1.88 55.90
C VAL D 1870 86.61 1.07 55.37
N PHE D 1871 87.43 1.68 54.52
CA PHE D 1871 88.50 0.99 53.82
C PHE D 1871 89.82 0.99 54.57
N THR D 1872 89.78 1.14 55.89
CA THR D 1872 90.98 0.98 56.70
C THR D 1872 91.42 -0.48 56.70
N GLU D 1873 92.72 -0.69 56.83
CA GLU D 1873 93.32 -2.02 56.83
C GLU D 1873 93.81 -2.36 58.24
N GLU D 1874 93.43 -3.54 58.72
CA GLU D 1874 93.80 -4.06 60.03
C GLU D 1874 93.37 -5.53 60.14
N LEU D 1922 90.67 18.26 56.57
CA LEU D 1922 89.73 17.36 57.23
C LEU D 1922 89.71 15.99 56.56
N GLU D 1923 89.72 14.93 57.37
CA GLU D 1923 89.74 13.56 56.87
C GLU D 1923 88.34 13.06 56.50
N GLU D 1924 87.62 13.85 55.72
CA GLU D 1924 86.29 13.48 55.25
C GLU D 1924 86.39 12.95 53.83
N GLY D 1925 85.76 11.81 53.59
CA GLY D 1925 85.86 11.18 52.29
C GLY D 1925 85.11 11.93 51.20
N LEU D 1926 85.45 11.59 49.96
CA LEU D 1926 84.81 12.21 48.80
C LEU D 1926 83.31 11.93 48.73
N LEU D 1927 82.87 10.82 49.32
CA LEU D 1927 81.47 10.43 49.27
C LEU D 1927 80.58 11.21 50.22
N GLN D 1928 81.16 12.04 51.09
CA GLN D 1928 80.40 12.79 52.08
C GLN D 1928 80.64 14.29 51.96
N MET D 1929 80.72 14.80 50.73
CA MET D 1929 81.08 16.19 50.53
C MET D 1929 80.05 17.01 49.76
N LYS D 1930 78.90 16.43 49.41
CA LYS D 1930 77.80 17.07 48.68
C LYS D 1930 78.33 17.65 47.35
N LEU D 1931 78.71 16.76 46.54
CA LEU D 1931 79.31 17.07 45.26
C LEU D 1931 78.25 17.16 44.16
N PRO D 1932 78.48 17.96 43.12
CA PRO D 1932 77.49 18.08 42.04
C PRO D 1932 77.41 16.81 41.20
N GLU D 1933 76.44 16.82 40.27
CA GLU D 1933 76.14 15.64 39.46
C GLU D 1933 77.30 15.24 38.56
N SER D 1934 77.97 16.21 37.95
CA SER D 1934 79.08 15.93 37.02
C SER D 1934 80.22 15.21 37.72
N VAL D 1935 80.54 15.60 38.96
CA VAL D 1935 81.57 14.91 39.74
C VAL D 1935 81.12 13.50 40.11
N LYS D 1936 79.82 13.34 40.37
CA LYS D 1936 79.26 12.05 40.75
C LYS D 1936 79.45 11.00 39.66
N LEU D 1937 79.40 11.43 38.39
CA LEU D 1937 79.62 10.51 37.27
C LEU D 1937 81.05 9.95 37.30
N GLN D 1938 82.03 10.81 37.57
CA GLN D 1938 83.41 10.35 37.64
C GLN D 1938 83.62 9.46 38.85
N MET D 1939 82.90 9.74 39.94
CA MET D 1939 82.96 8.86 41.11
C MET D 1939 82.43 7.48 40.77
N CYS D 1940 81.35 7.44 39.98
CA CYS D 1940 80.79 6.17 39.53
C CYS D 1940 81.78 5.41 38.65
N ASN D 1941 82.52 6.15 37.80
CA ASN D 1941 83.55 5.51 36.97
C ASN D 1941 84.65 4.91 37.82
N LEU D 1942 85.04 5.59 38.90
CA LEU D 1942 86.05 5.06 39.81
C LEU D 1942 85.55 3.79 40.47
N LEU D 1943 84.32 3.83 40.98
CA LEU D 1943 83.82 2.67 41.71
C LEU D 1943 83.60 1.49 40.79
N GLU D 1944 83.11 1.73 39.55
CA GLU D 1944 82.91 0.62 38.64
C GLU D 1944 84.25 0.00 38.25
N TYR D 1945 85.32 0.81 38.26
CA TYR D 1945 86.66 0.24 38.07
C TYR D 1945 87.02 -0.69 39.22
N PHE D 1946 86.76 -0.24 40.45
CA PHE D 1946 87.06 -1.11 41.60
C PHE D 1946 86.18 -2.35 41.63
N CYS D 1947 84.94 -2.24 41.16
CA CYS D 1947 84.07 -3.40 41.04
C CYS D 1947 84.62 -4.39 40.02
N ASP D 1948 85.18 -3.88 38.92
CA ASP D 1948 85.84 -4.76 37.95
C ASP D 1948 87.06 -5.44 38.57
N GLN D 1949 87.81 -4.72 39.40
CA GLN D 1949 88.94 -5.31 40.09
C GLN D 1949 88.51 -6.43 41.04
N GLU D 1950 87.40 -6.21 41.76
CA GLU D 1950 86.83 -7.26 42.61
C GLU D 1950 86.38 -8.48 41.80
N LEU D 1951 85.78 -8.23 40.64
CA LEU D 1951 85.36 -9.31 39.75
C LEU D 1951 86.55 -10.11 39.26
N GLN D 1952 87.59 -9.42 38.76
CA GLN D 1952 88.79 -10.08 38.27
C GLN D 1952 89.49 -10.84 39.39
N HIS D 1953 89.44 -10.32 40.62
CA HIS D 1953 89.95 -11.05 41.77
C HIS D 1953 89.17 -12.34 42.01
N ARG D 1954 87.85 -12.28 41.84
CA ARG D 1954 87.03 -13.48 41.98
C ARG D 1954 87.36 -14.51 40.90
N VAL D 1955 87.49 -14.04 39.66
CA VAL D 1955 87.77 -14.93 38.53
C VAL D 1955 89.12 -15.61 38.71
N GLU D 1956 90.15 -14.82 39.08
CA GLU D 1956 91.48 -15.37 39.30
C GLU D 1956 91.49 -16.34 40.48
N SER D 1957 90.76 -16.01 41.55
CA SER D 1957 90.66 -16.91 42.70
C SER D 1957 90.01 -18.24 42.33
N LEU D 1958 88.95 -18.19 41.52
CA LEU D 1958 88.31 -19.41 41.03
C LEU D 1958 89.25 -20.21 40.13
N ALA D 1959 89.98 -19.52 39.24
CA ALA D 1959 90.93 -20.21 38.36
C ALA D 1959 92.05 -20.86 39.17
N ALA D 1960 92.53 -20.18 40.22
CA ALA D 1960 93.53 -20.78 41.08
C ALA D 1960 92.97 -21.98 41.82
N PHE D 1961 91.68 -21.91 42.21
CA PHE D 1961 91.07 -23.06 42.86
C PHE D 1961 90.97 -24.23 41.90
N ALA D 1962 90.71 -23.93 40.62
CA ALA D 1962 90.69 -24.97 39.59
C ALA D 1962 92.05 -25.63 39.44
N GLU D 1963 93.12 -24.81 39.47
CA GLU D 1963 94.47 -25.36 39.40
C GLU D 1963 94.80 -26.24 40.60
N ARG D 1964 94.37 -25.82 41.80
CA ARG D 1964 94.61 -26.61 43.00
C ARG D 1964 93.71 -27.83 43.11
N TYR D 1965 92.58 -27.84 42.42
CA TYR D 1965 91.59 -28.90 42.52
C TYR D 1965 91.73 -29.98 41.47
N VAL D 1966 92.08 -29.58 40.23
CA VAL D 1966 92.22 -30.55 39.13
C VAL D 1966 93.34 -31.54 39.43
N ASP D 1967 94.44 -31.08 40.05
CA ASP D 1967 95.55 -31.96 40.38
C ASP D 1967 95.16 -33.06 41.36
N LYS D 1968 94.41 -32.70 42.42
CA LYS D 1968 93.89 -33.70 43.36
C LYS D 1968 92.86 -34.62 42.71
N LEU D 1969 91.99 -34.05 41.88
CA LEU D 1969 90.95 -34.86 41.25
C LEU D 1969 91.55 -35.84 40.24
N GLN D 1970 92.58 -35.41 39.50
CA GLN D 1970 93.30 -36.27 38.58
C GLN D 1970 94.02 -37.38 39.34
N ALA D 1971 94.63 -37.04 40.48
CA ALA D 1971 95.36 -38.03 41.27
C ALA D 1971 94.40 -39.09 41.82
N ASN D 1972 93.26 -38.65 42.36
CA ASN D 1972 92.27 -39.59 42.90
C ASN D 1972 91.67 -40.45 41.81
N GLN D 1973 91.37 -39.87 40.64
CA GLN D 1973 90.81 -40.63 39.53
C GLN D 1973 91.83 -41.59 38.92
N ARG D 1974 93.11 -41.25 39.00
CA ARG D 1974 94.14 -42.18 38.54
C ARG D 1974 94.30 -43.33 39.53
N SER D 1975 94.27 -43.04 40.83
CA SER D 1975 94.38 -44.10 41.83
C SER D 1975 93.18 -45.04 41.74
N ARG D 1976 91.98 -44.45 41.55
CA ARG D 1976 90.77 -45.25 41.41
C ARG D 1976 90.79 -46.06 40.12
N TYR D 1977 91.60 -45.68 39.13
CA TYR D 1977 91.70 -46.48 37.92
C TYR D 1977 92.42 -47.80 38.23
N ALA D 1978 93.53 -47.71 38.96
CA ALA D 1978 94.28 -48.89 39.37
C ALA D 1978 93.45 -49.77 40.28
N LEU D 1979 92.73 -49.16 41.23
CA LEU D 1979 91.86 -49.94 42.11
C LEU D 1979 90.72 -50.59 41.34
N LEU D 1980 90.26 -49.97 40.25
CA LEU D 1980 89.25 -50.60 39.41
C LEU D 1980 89.86 -51.76 38.64
N MET D 1981 91.14 -51.65 38.26
CA MET D 1981 91.80 -52.75 37.57
C MET D 1981 91.95 -53.95 38.50
N ARG D 1982 92.30 -53.72 39.76
CA ARG D 1982 92.43 -54.84 40.70
C ARG D 1982 91.09 -55.28 41.29
N ALA D 1983 89.99 -54.59 41.03
CA ALA D 1983 88.70 -55.01 41.58
C ALA D 1983 88.14 -56.24 40.86
N PHE D 1984 88.75 -56.66 39.75
CA PHE D 1984 88.30 -57.85 39.03
C PHE D 1984 88.49 -59.12 39.85
N THR D 1985 89.35 -59.08 40.87
CA THR D 1985 89.58 -60.24 41.72
C THR D 1985 88.51 -60.37 42.78
N MET D 1986 87.72 -59.32 43.01
CA MET D 1986 86.69 -59.31 44.03
C MET D 1986 85.42 -58.67 43.49
N SER D 1987 85.10 -58.91 42.22
CA SER D 1987 83.91 -58.35 41.62
C SER D 1987 83.30 -59.40 40.70
N ALA D 1988 82.36 -58.97 39.86
CA ALA D 1988 81.66 -59.84 38.93
C ALA D 1988 81.36 -59.02 37.68
N ALA D 1989 80.38 -59.45 36.88
CA ALA D 1989 80.01 -58.80 35.62
C ALA D 1989 79.53 -57.35 35.75
N GLU D 1990 79.32 -56.85 36.98
CA GLU D 1990 78.84 -55.49 37.24
C GLU D 1990 79.95 -54.43 37.18
N THR D 1991 81.11 -54.75 36.58
CA THR D 1991 82.19 -53.78 36.44
C THR D 1991 81.80 -52.59 35.57
N ALA D 1992 80.85 -52.79 34.63
CA ALA D 1992 80.52 -51.79 33.62
C ALA D 1992 80.00 -50.50 34.23
N ARG D 1993 79.22 -50.61 35.32
CA ARG D 1993 78.63 -49.43 35.94
C ARG D 1993 79.70 -48.49 36.50
N ARG D 1994 80.68 -49.05 37.20
CA ARG D 1994 81.73 -48.22 37.78
C ARG D 1994 82.77 -47.81 36.75
N THR D 1995 83.02 -48.63 35.72
CA THR D 1995 84.00 -48.23 34.72
C THR D 1995 83.40 -47.48 33.54
N ARG D 1996 82.09 -47.22 33.56
CA ARG D 1996 81.50 -46.34 32.56
C ARG D 1996 82.06 -44.93 32.68
N GLU D 1997 82.48 -44.54 33.89
CA GLU D 1997 83.13 -43.25 34.08
C GLU D 1997 84.42 -43.16 33.27
N PHE D 1998 85.22 -44.22 33.30
CA PHE D 1998 86.48 -44.20 32.56
C PHE D 1998 86.27 -44.53 31.08
N ARG D 1999 85.15 -45.14 30.71
CA ARG D 1999 84.79 -45.29 29.31
C ARG D 1999 84.08 -44.05 28.76
N SER D 2000 83.82 -43.07 29.59
CA SER D 2000 83.22 -41.83 29.18
C SER D 2000 84.27 -40.74 29.15
N PRO D 2001 84.33 -39.94 28.09
CA PRO D 2001 85.32 -38.85 27.97
C PRO D 2001 85.18 -37.85 29.12
N PRO D 2002 86.24 -37.07 29.44
CA PRO D 2002 86.26 -36.34 30.72
C PRO D 2002 85.21 -35.25 30.91
N GLN D 2003 84.56 -34.79 29.84
CA GLN D 2003 83.58 -33.72 29.94
C GLN D 2003 82.40 -34.13 30.82
N GLU D 2004 81.87 -35.33 30.61
CA GLU D 2004 80.78 -35.77 31.47
C GLU D 2004 81.29 -36.46 32.72
N GLN D 2005 82.60 -36.77 32.76
CA GLN D 2005 83.20 -37.31 33.97
C GLN D 2005 83.18 -36.28 35.08
N ILE D 2006 83.64 -35.06 34.79
CA ILE D 2006 83.60 -34.02 35.82
C ILE D 2006 82.17 -33.66 36.20
N ASN D 2007 81.23 -33.76 35.25
CA ASN D 2007 79.81 -33.57 35.59
C ASN D 2007 79.33 -34.57 36.62
N MET D 2008 79.74 -35.84 36.47
CA MET D 2008 79.38 -36.84 37.47
C MET D 2008 80.18 -36.66 38.75
N LEU D 2009 81.47 -36.33 38.63
CA LEU D 2009 82.33 -36.19 39.79
C LEU D 2009 81.87 -35.04 40.68
N LEU D 2010 81.53 -33.90 40.07
CA LEU D 2010 81.08 -32.73 40.81
C LEU D 2010 79.58 -32.76 41.07
N HIS D 2011 78.89 -33.80 40.62
CA HIS D 2011 77.43 -33.89 40.78
C HIS D 2011 77.10 -34.39 42.20
N PHE D 2012 77.41 -33.55 43.19
CA PHE D 2012 77.06 -33.85 44.57
C PHE D 2012 76.62 -32.61 45.34
N LYS D 2013 76.04 -31.62 44.65
CA LYS D 2013 75.72 -30.35 45.29
C LYS D 2013 74.58 -30.48 46.29
N ASP D 2014 73.49 -31.15 45.91
CA ASP D 2014 72.28 -31.17 46.72
C ASP D 2014 72.21 -32.37 47.66
N GLU D 2015 73.31 -33.12 47.80
CA GLU D 2015 73.47 -34.27 48.70
C GLU D 2015 72.54 -35.45 48.45
N ALA D 2016 71.68 -35.38 47.43
CA ALA D 2016 70.80 -36.47 47.05
C ALA D 2016 71.40 -37.33 45.95
N ASP D 2017 72.65 -37.06 45.58
CA ASP D 2017 73.31 -37.73 44.46
C ASP D 2017 74.74 -38.11 44.82
N GLU D 2018 74.95 -38.65 46.02
CA GLU D 2018 76.27 -39.03 46.48
C GLU D 2018 76.65 -40.46 46.10
N GLU D 2019 75.71 -41.23 45.56
CA GLU D 2019 75.98 -42.64 45.29
C GLU D 2019 76.87 -42.82 44.06
N ASP D 2020 76.66 -42.04 43.00
CA ASP D 2020 77.44 -42.20 41.78
C ASP D 2020 78.83 -41.61 41.92
N CYS D 2021 78.96 -40.52 42.67
CA CYS D 2021 80.23 -39.81 42.81
C CYS D 2021 81.25 -40.61 43.61
N PRO D 2022 82.42 -40.93 43.04
CA PRO D 2022 83.47 -41.64 43.79
C PRO D 2022 84.46 -40.75 44.50
N LEU D 2023 84.26 -39.44 44.55
CA LEU D 2023 85.22 -38.57 45.23
C LEU D 2023 85.10 -38.71 46.74
N PRO D 2024 86.23 -38.90 47.44
CA PRO D 2024 86.19 -38.99 48.91
C PRO D 2024 85.73 -37.69 49.56
N GLU D 2025 85.39 -37.82 50.85
CA GLU D 2025 84.77 -36.74 51.59
C GLU D 2025 85.67 -35.52 51.75
N ASP D 2026 86.99 -35.70 51.74
CA ASP D 2026 87.89 -34.55 51.83
C ASP D 2026 87.82 -33.67 50.58
N ILE D 2027 87.78 -34.30 49.40
CA ILE D 2027 87.64 -33.58 48.15
C ILE D 2027 86.25 -32.94 48.05
N ARG D 2028 85.23 -33.68 48.48
CA ARG D 2028 83.86 -33.14 48.50
C ARG D 2028 83.75 -31.95 49.43
N GLN D 2029 84.38 -32.04 50.60
CA GLN D 2029 84.38 -30.97 51.57
C GLN D 2029 85.12 -29.77 51.01
N ASP D 2030 86.20 -30.02 50.25
CA ASP D 2030 87.00 -28.95 49.68
C ASP D 2030 86.15 -28.09 48.74
N LEU D 2031 85.43 -28.75 47.82
CA LEU D 2031 84.55 -28.01 46.92
C LEU D 2031 83.42 -27.31 47.66
N GLN D 2032 82.80 -27.99 48.64
CA GLN D 2032 81.75 -27.35 49.44
C GLN D 2032 82.30 -26.20 50.29
N ASP D 2033 83.57 -26.26 50.64
CA ASP D 2033 84.22 -25.16 51.36
C ASP D 2033 84.40 -23.96 50.46
N PHE D 2034 84.87 -24.18 49.22
CA PHE D 2034 85.07 -23.05 48.34
C PHE D 2034 83.76 -22.51 47.79
N HIS D 2035 82.70 -23.30 47.85
CA HIS D 2035 81.41 -22.82 47.40
C HIS D 2035 80.74 -21.96 48.46
N GLN D 2036 81.26 -21.96 49.68
CA GLN D 2036 80.67 -21.16 50.74
C GLN D 2036 81.38 -19.82 50.90
N ASP D 2037 82.72 -19.82 50.91
CA ASP D 2037 83.43 -18.55 50.97
C ASP D 2037 83.24 -17.74 49.69
N LEU D 2038 83.05 -18.40 48.52
CA LEU D 2038 82.75 -17.63 47.32
C LEU D 2038 81.42 -16.86 47.44
N LEU D 2039 80.40 -17.52 47.98
CA LEU D 2039 79.13 -16.84 48.27
C LEU D 2039 79.30 -15.74 49.31
N ALA D 2040 80.11 -15.99 50.34
CA ALA D 2040 80.39 -14.95 51.33
C ALA D 2040 81.14 -13.77 50.71
N HIS D 2041 82.08 -14.05 49.81
CA HIS D 2041 82.81 -13.01 49.10
C HIS D 2041 81.89 -12.22 48.19
N CYS D 2042 80.78 -12.81 47.76
CA CYS D 2042 79.79 -12.09 46.98
C CYS D 2042 78.63 -11.61 47.84
N GLY D 2043 78.75 -11.73 49.16
CA GLY D 2043 77.73 -11.27 50.09
C GLY D 2043 76.39 -11.96 50.01
N ILE D 2044 76.38 -13.28 49.83
CA ILE D 2044 75.13 -14.01 49.71
C ILE D 2044 74.50 -14.26 51.07
N GLN D 2045 75.19 -14.98 51.94
CA GLN D 2045 74.65 -15.32 53.25
C GLN D 2045 75.79 -15.48 54.24
N LEU D 2046 75.47 -15.33 55.51
CA LEU D 2046 76.44 -15.41 56.60
C LEU D 2046 75.73 -15.68 57.91
N GLU D 2088 74.98 -1.71 63.20
CA GLU D 2088 75.40 -2.31 61.94
C GLU D 2088 75.43 -1.27 60.82
N LYS D 2089 75.52 0.01 61.21
CA LYS D 2089 75.55 1.10 60.25
C LYS D 2089 76.84 1.15 59.44
N LYS D 2090 77.87 0.43 59.86
CA LYS D 2090 79.15 0.43 59.18
C LYS D 2090 79.05 -0.36 57.88
N PRO D 2091 79.30 0.25 56.72
CA PRO D 2091 79.26 -0.51 55.46
C PRO D 2091 80.26 -1.66 55.41
N GLN D 2092 81.49 -1.44 55.90
CA GLN D 2092 82.52 -2.45 56.16
C GLN D 2092 83.09 -3.09 54.89
N SER D 2093 82.54 -2.74 53.72
CA SER D 2093 82.98 -3.34 52.46
C SER D 2093 82.49 -2.47 51.32
N LEU D 2094 83.10 -2.69 50.14
CA LEU D 2094 82.69 -1.97 48.94
C LEU D 2094 81.29 -2.37 48.49
N GLN D 2095 80.91 -3.63 48.72
CA GLN D 2095 79.59 -4.11 48.33
C GLN D 2095 78.47 -3.35 49.03
N GLU D 2096 78.62 -3.10 50.32
CA GLU D 2096 77.60 -2.33 51.03
C GLU D 2096 77.82 -0.85 50.88
N LEU D 2097 79.06 -0.43 50.63
CA LEU D 2097 79.39 0.99 50.52
C LEU D 2097 78.76 1.59 49.28
N VAL D 2098 78.92 0.92 48.13
CA VAL D 2098 78.40 1.45 46.86
C VAL D 2098 76.88 1.51 46.91
N SER D 2099 76.25 0.44 47.40
CA SER D 2099 74.79 0.38 47.48
C SER D 2099 74.23 1.46 48.40
N HIS D 2100 74.88 1.65 49.56
CA HIS D 2100 74.43 2.67 50.51
CA HIS D 2100 74.43 2.67 50.51
C HIS D 2100 74.60 4.07 49.95
N MET D 2101 75.72 4.31 49.27
CA MET D 2101 76.00 5.62 48.74
C MET D 2101 75.05 5.94 47.58
N VAL D 2102 74.87 5.00 46.66
CA VAL D 2102 74.05 5.24 45.47
C VAL D 2102 72.61 5.48 45.88
N VAL D 2103 72.10 4.68 46.83
CA VAL D 2103 70.74 4.88 47.33
C VAL D 2103 70.62 6.24 48.00
N ARG D 2104 71.64 6.64 48.79
CA ARG D 2104 71.60 7.94 49.45
C ARG D 2104 71.58 9.08 48.44
N TRP D 2105 72.39 8.97 47.38
CA TRP D 2105 72.43 9.99 46.34
C TRP D 2105 71.09 10.12 45.64
N ALA D 2106 70.47 8.99 45.33
CA ALA D 2106 69.18 8.99 44.63
C ALA D 2106 68.08 9.59 45.49
N GLN D 2107 68.05 9.26 46.78
CA GLN D 2107 66.99 9.78 47.64
C GLN D 2107 67.25 11.20 48.10
N GLU D 2108 68.50 11.67 48.06
CA GLU D 2108 68.79 13.04 48.44
C GLU D 2108 68.16 14.06 47.50
N ASP D 2109 68.22 13.81 46.19
CA ASP D 2109 67.69 14.77 45.23
C ASP D 2109 67.37 14.07 43.93
N TYR D 2110 66.49 14.70 43.16
CA TYR D 2110 66.11 14.19 41.84
C TYR D 2110 67.29 14.37 40.90
N VAL D 2111 67.93 13.26 40.55
CA VAL D 2111 69.09 13.28 39.66
C VAL D 2111 68.64 13.60 38.24
N GLN D 2112 69.28 14.59 37.62
CA GLN D 2112 68.83 15.04 36.31
C GLN D 2112 69.68 14.51 35.16
N SER D 2113 70.88 14.04 35.42
CA SER D 2113 71.74 13.57 34.35
C SER D 2113 71.39 12.13 33.97
N PRO D 2114 70.95 11.87 32.72
CA PRO D 2114 70.66 10.49 32.32
C PRO D 2114 71.86 9.57 32.37
N GLU D 2115 73.05 10.09 32.06
CA GLU D 2115 74.26 9.28 32.12
C GLU D 2115 74.57 8.92 33.56
N LEU D 2116 74.37 9.86 34.48
CA LEU D 2116 74.63 9.59 35.88
C LEU D 2116 73.64 8.57 36.42
N VAL D 2117 72.37 8.67 36.00
CA VAL D 2117 71.33 7.75 36.45
C VAL D 2117 71.64 6.34 36.00
N ARG D 2118 72.01 6.19 34.72
CA ARG D 2118 72.37 4.87 34.20
C ARG D 2118 73.62 4.32 34.86
N ALA D 2119 74.63 5.18 35.10
CA ALA D 2119 75.85 4.70 35.76
C ALA D 2119 75.57 4.27 37.19
N MET D 2120 74.72 5.01 37.89
CA MET D 2120 74.40 4.71 39.28
C MET D 2120 73.69 3.37 39.38
N PHE D 2121 72.65 3.17 38.56
CA PHE D 2121 71.91 1.94 38.76
C PHE D 2121 72.60 0.76 38.11
N SER D 2122 73.54 0.99 37.19
CA SER D 2122 74.43 -0.09 36.75
C SER D 2122 75.32 -0.56 37.90
N LEU D 2123 75.83 0.39 38.70
CA LEU D 2123 76.61 0.03 39.87
C LEU D 2123 75.74 -0.70 40.90
N LEU D 2124 74.54 -0.20 41.11
CA LEU D 2124 73.66 -0.77 42.14
C LEU D 2124 73.25 -2.18 41.75
N HIS D 2125 73.00 -2.40 40.45
CA HIS D 2125 72.66 -3.74 39.99
C HIS D 2125 73.85 -4.69 40.18
N ARG D 2126 75.08 -4.19 39.93
CA ARG D 2126 76.23 -5.08 40.05
C ARG D 2126 76.51 -5.48 41.50
N GLN D 2127 76.27 -4.57 42.45
CA GLN D 2127 76.53 -4.93 43.85
C GLN D 2127 75.61 -6.05 44.32
N TYR D 2128 74.31 -5.93 44.00
CA TYR D 2128 73.35 -6.92 44.47
C TYR D 2128 73.49 -8.23 43.71
N ASP D 2129 73.62 -8.18 42.38
CA ASP D 2129 73.70 -9.41 41.60
C ASP D 2129 75.17 -9.84 41.46
N GLY D 2130 75.73 -10.25 42.60
CA GLY D 2130 77.12 -10.67 42.63
C GLY D 2130 77.38 -11.92 41.80
N LEU D 2131 76.53 -12.93 41.95
CA LEU D 2131 76.73 -14.18 41.24
C LEU D 2131 76.43 -14.06 39.76
N GLY D 2132 75.32 -13.40 39.41
CA GLY D 2132 74.96 -13.22 38.01
C GLY D 2132 75.98 -12.41 37.23
N GLU D 2133 76.60 -11.43 37.89
CA GLU D 2133 77.70 -10.68 37.28
C GLU D 2133 78.87 -11.59 36.98
N LEU D 2134 79.15 -12.54 37.88
CA LEU D 2134 80.18 -13.53 37.62
C LEU D 2134 79.77 -14.44 36.45
N LEU D 2135 78.49 -14.78 36.38
CA LEU D 2135 77.97 -15.64 35.32
C LEU D 2135 78.15 -14.99 33.96
N ARG D 2136 77.92 -13.68 33.88
CA ARG D 2136 78.12 -12.98 32.61
C ARG D 2136 79.58 -12.83 32.23
N ALA D 2137 80.51 -13.15 33.13
CA ALA D 2137 81.94 -13.03 32.89
C ALA D 2137 82.63 -14.36 32.64
N LEU D 2138 82.08 -15.44 33.22
CA LEU D 2138 82.69 -16.76 33.11
C LEU D 2138 82.92 -17.29 31.68
N PRO D 2139 81.99 -17.17 30.70
CA PRO D 2139 82.29 -17.68 29.35
C PRO D 2139 83.51 -17.07 28.69
N ARG D 2140 83.91 -15.87 29.09
CA ARG D 2140 85.13 -15.27 28.56
C ARG D 2140 86.37 -15.66 29.35
N ALA D 2141 86.22 -16.34 30.48
CA ALA D 2141 87.38 -16.81 31.23
C ALA D 2141 87.99 -18.01 30.53
N TYR D 2142 89.30 -18.18 30.69
CA TYR D 2142 90.04 -19.25 30.02
C TYR D 2142 91.39 -19.41 30.68
N THR D 2143 91.80 -20.65 30.90
CA THR D 2143 93.09 -20.96 31.49
C THR D 2143 94.01 -21.55 30.43
N ILE D 2144 95.27 -21.12 30.44
CA ILE D 2144 96.26 -21.58 29.47
C ILE D 2144 97.53 -21.99 30.19
N SER D 2145 98.31 -22.81 29.49
CA SER D 2145 99.59 -23.25 30.00
C SER D 2145 100.59 -22.09 29.98
N PRO D 2146 101.54 -22.06 30.92
CA PRO D 2146 102.54 -20.97 30.95
C PRO D 2146 103.46 -20.94 29.73
N SER D 2147 103.57 -22.03 28.97
CA SER D 2147 104.45 -22.09 27.82
C SER D 2147 103.95 -21.27 26.62
N SER D 2148 102.72 -20.73 26.67
CA SER D 2148 102.15 -20.01 25.55
C SER D 2148 101.82 -18.55 25.86
N VAL D 2149 102.32 -18.00 26.97
CA VAL D 2149 102.01 -16.62 27.33
C VAL D 2149 102.59 -15.63 26.30
N GLU D 2150 103.81 -15.85 25.84
CA GLU D 2150 104.42 -14.91 24.89
C GLU D 2150 103.70 -14.94 23.55
N ASP D 2151 103.16 -16.11 23.17
CA ASP D 2151 102.38 -16.20 21.95
C ASP D 2151 101.02 -15.56 22.15
N THR D 2152 100.50 -15.62 23.38
CA THR D 2152 99.26 -14.95 23.69
C THR D 2152 99.44 -13.44 23.59
N MET D 2153 100.57 -12.93 24.08
CA MET D 2153 100.87 -11.50 23.95
C MET D 2153 100.99 -11.08 22.49
N SER D 2154 101.70 -11.91 21.69
CA SER D 2154 101.85 -11.66 20.26
C SER D 2154 100.55 -11.79 19.49
N LEU D 2155 99.52 -12.39 20.08
CA LEU D 2155 98.23 -12.52 19.45
C LEU D 2155 97.27 -11.42 19.89
N LEU D 2156 97.23 -11.16 21.20
CA LEU D 2156 96.38 -10.13 21.77
C LEU D 2156 96.74 -8.74 21.26
N GLU D 2157 98.03 -8.47 21.02
CA GLU D 2157 98.41 -7.18 20.44
C GLU D 2157 97.81 -7.01 19.04
N CYS D 2158 97.83 -8.07 18.23
CA CYS D 2158 97.20 -8.01 16.91
C CYS D 2158 95.68 -7.91 17.02
N LEU D 2159 95.09 -8.58 18.02
CA LEU D 2159 93.66 -8.46 18.24
C LEU D 2159 93.30 -7.02 18.62
N GLY D 2160 94.12 -6.40 19.47
CA GLY D 2160 93.91 -5.01 19.81
C GLY D 2160 94.01 -4.11 18.61
N GLN D 2161 94.86 -4.47 17.64
CA GLN D 2161 94.92 -3.73 16.38
C GLN D 2161 93.59 -3.82 15.64
N ILE D 2162 93.00 -5.03 15.60
CA ILE D 2162 91.74 -5.23 14.88
C ILE D 2162 90.62 -4.45 15.57
N ARG D 2163 90.54 -4.54 16.90
CA ARG D 2163 89.50 -3.83 17.64
C ARG D 2163 89.68 -2.32 17.47
N SER D 2164 90.93 -1.84 17.52
CA SER D 2164 91.19 -0.41 17.35
C SER D 2164 90.90 0.08 15.94
N LEU D 2165 90.78 -0.81 14.97
CA LEU D 2165 90.45 -0.38 13.62
C LEU D 2165 88.96 -0.44 13.32
N LEU D 2166 88.14 -0.82 14.30
CA LEU D 2166 86.69 -0.79 14.13
C LEU D 2166 86.13 0.62 14.16
N ILE D 2167 86.83 1.55 14.79
CA ILE D 2167 86.33 2.89 15.04
C ILE D 2167 86.89 3.91 14.05
N VAL D 2168 87.48 3.45 12.94
CA VAL D 2168 88.11 4.33 11.98
C VAL D 2168 87.63 3.95 10.59
N GLN D 2169 87.43 4.95 9.73
CA GLN D 2169 87.21 4.69 8.32
C GLN D 2169 88.40 3.96 7.73
N MET D 2170 88.12 2.88 7.00
CA MET D 2170 89.19 2.09 6.40
C MET D 2170 89.89 2.84 5.28
N GLY D 2171 91.21 2.76 5.29
CA GLY D 2171 92.06 3.38 4.30
C GLY D 2171 93.21 2.44 4.02
N PRO D 2172 94.03 2.76 3.00
CA PRO D 2172 95.18 1.91 2.67
C PRO D 2172 96.17 1.69 3.81
N GLN D 2173 96.35 2.69 4.66
CA GLN D 2173 97.19 2.55 5.84
C GLN D 2173 96.59 1.56 6.84
N GLU D 2174 95.29 1.69 7.14
CA GLU D 2174 94.66 0.77 8.09
C GLU D 2174 94.59 -0.63 7.51
N GLU D 2175 94.36 -0.71 6.20
CA GLU D 2175 94.28 -1.97 5.49
C GLU D 2175 95.58 -2.74 5.64
N ASN D 2176 96.71 -2.05 5.41
CA ASN D 2176 97.98 -2.74 5.57
C ASN D 2176 98.26 -3.01 7.05
N LEU D 2177 97.70 -2.21 7.95
CA LEU D 2177 97.94 -2.43 9.37
C LEU D 2177 97.21 -3.66 9.88
N MET D 2178 96.15 -4.08 9.20
CA MET D 2178 95.39 -5.23 9.71
C MET D 2178 95.60 -6.50 8.91
N ILE D 2179 95.95 -6.41 7.61
CA ILE D 2179 96.26 -7.64 6.85
C ILE D 2179 97.47 -8.34 7.45
N GLN D 2180 98.52 -7.58 7.78
CA GLN D 2180 99.68 -8.19 8.45
C GLN D 2180 99.34 -8.61 9.87
N SER D 2181 98.37 -7.95 10.50
CA SER D 2181 97.90 -8.38 11.82
C SER D 2181 97.24 -9.76 11.74
N ILE D 2182 96.37 -9.94 10.75
CA ILE D 2182 95.72 -11.22 10.52
C ILE D 2182 96.76 -12.28 10.16
N GLY D 2183 97.73 -11.91 9.32
CA GLY D 2183 98.80 -12.83 8.98
C GLY D 2183 99.61 -13.26 10.19
N ASN D 2184 99.79 -12.35 11.16
CA ASN D 2184 100.44 -12.74 12.40
C ASN D 2184 99.53 -13.62 13.26
N ILE D 2185 98.22 -13.50 13.09
CA ILE D 2185 97.31 -14.40 13.81
C ILE D 2185 97.42 -15.82 13.23
N MET D 2186 97.55 -15.93 11.90
CA MET D 2186 97.65 -17.23 11.24
C MET D 2186 98.87 -18.02 11.74
N ASN D 2187 100.03 -17.38 11.81
CA ASN D 2187 101.26 -18.05 12.16
C ASN D 2187 101.43 -18.23 13.66
N ASN D 2188 100.37 -18.09 14.45
CA ASN D 2188 100.42 -18.27 15.89
C ASN D 2188 99.80 -19.60 16.27
N LYS D 2189 100.53 -20.39 17.07
CA LYS D 2189 100.08 -21.73 17.44
C LYS D 2189 98.83 -21.71 18.30
N VAL D 2190 98.63 -20.67 19.13
CA VAL D 2190 97.46 -20.59 19.99
C VAL D 2190 96.17 -20.44 19.21
N PHE D 2191 96.25 -19.93 17.98
CA PHE D 2191 95.08 -19.79 17.12
C PHE D 2191 94.52 -21.15 16.74
N TYR D 2192 95.38 -22.15 16.57
CA TYR D 2192 94.95 -23.50 16.26
C TYR D 2192 94.76 -24.34 17.51
N GLN D 2193 95.61 -24.16 18.52
CA GLN D 2193 95.56 -25.00 19.70
C GLN D 2193 94.35 -24.73 20.57
N HIS D 2194 93.85 -23.50 20.59
CA HIS D 2194 92.74 -23.13 21.46
C HIS D 2194 91.60 -22.47 20.68
N PRO D 2195 90.87 -23.25 19.88
CA PRO D 2195 89.70 -22.68 19.19
C PRO D 2195 88.63 -22.17 20.13
N ASN D 2196 88.47 -22.80 21.30
CA ASN D 2196 87.50 -22.32 22.29
C ASN D 2196 87.87 -20.93 22.78
N LEU D 2197 89.16 -20.71 23.05
CA LEU D 2197 89.65 -19.38 23.42
C LEU D 2197 89.46 -18.39 22.28
N MET D 2198 89.71 -18.84 21.04
CA MET D 2198 89.59 -17.93 19.90
C MET D 2198 88.14 -17.51 19.68
N ARG D 2199 87.20 -18.43 19.94
CA ARG D 2199 85.79 -18.11 19.87
C ARG D 2199 85.39 -17.22 21.05
N ALA D 2200 85.98 -17.47 22.23
CA ALA D 2200 85.65 -16.71 23.43
C ALA D 2200 86.04 -15.23 23.27
N LEU D 2201 87.21 -14.97 22.71
CA LEU D 2201 87.59 -13.58 22.42
C LEU D 2201 86.77 -12.94 21.32
N GLY D 2202 86.01 -13.72 20.56
CA GLY D 2202 85.16 -13.17 19.52
C GLY D 2202 85.87 -12.52 18.37
N MET D 2203 86.95 -13.15 17.87
CA MET D 2203 87.66 -12.61 16.72
C MET D 2203 86.79 -12.62 15.47
N HIS D 2204 86.01 -13.70 15.29
CA HIS D 2204 85.15 -13.88 14.12
C HIS D 2204 84.14 -12.76 13.99
N GLU D 2205 83.67 -12.22 15.13
CA GLU D 2205 82.83 -11.03 15.10
C GLU D 2205 83.60 -9.84 14.55
N THR D 2206 84.70 -9.44 15.22
CA THR D 2206 85.42 -8.21 14.88
C THR D 2206 85.84 -8.21 13.40
N VAL D 2207 86.22 -9.39 12.88
CA VAL D 2207 86.50 -9.52 11.46
C VAL D 2207 85.21 -9.33 10.66
N MET D 2208 84.08 -9.81 11.19
CA MET D 2208 82.83 -9.72 10.44
C MET D 2208 82.42 -8.27 10.29
N GLU D 2209 82.38 -7.50 11.39
CA GLU D 2209 82.01 -6.08 11.28
C GLU D 2209 83.01 -5.29 10.44
N VAL D 2210 84.31 -5.64 10.47
CA VAL D 2210 85.27 -5.02 9.55
C VAL D 2210 84.88 -5.25 8.08
N MET D 2211 84.48 -6.49 7.76
CA MET D 2211 84.00 -6.78 6.42
C MET D 2211 82.65 -6.12 6.13
N VAL D 2212 81.77 -6.05 7.13
CA VAL D 2212 80.47 -5.43 6.97
C VAL D 2212 80.66 -3.93 6.68
N ASN D 2213 81.57 -3.29 7.40
CA ASN D 2213 81.84 -1.87 7.23
C ASN D 2213 82.38 -1.58 5.83
N VAL D 2214 83.35 -2.38 5.36
CA VAL D 2214 83.92 -2.10 4.04
C VAL D 2214 82.91 -2.42 2.93
N LEU D 2215 82.13 -3.50 3.07
CA LEU D 2215 81.07 -3.80 2.11
C LEU D 2215 79.97 -2.74 2.10
N GLY D 2216 79.60 -2.23 3.28
CA GLY D 2216 78.63 -1.16 3.35
C GLY D 2216 79.11 0.13 2.72
N GLY D 2217 80.37 0.49 2.94
CA GLY D 2217 80.93 1.67 2.31
C GLY D 2217 81.07 1.42 0.82
N GLY D 2218 80.47 2.28 -0.01
CA GLY D 2218 80.43 2.05 -1.44
C GLY D 2218 79.71 0.77 -1.82
N GLU D 2219 78.56 0.50 -1.17
CA GLU D 2219 77.82 -0.75 -1.34
C GLU D 2219 77.27 -0.93 -2.75
N THR D 2220 77.13 0.16 -3.51
CA THR D 2220 76.56 0.11 -4.86
C THR D 2220 77.59 0.47 -5.91
N LYS D 2221 78.26 1.61 -5.75
CA LYS D 2221 79.15 2.14 -6.79
C LYS D 2221 80.38 1.25 -6.99
N GLU D 2222 81.09 0.92 -5.91
CA GLU D 2222 82.31 0.13 -5.97
C GLU D 2222 82.72 -0.37 -4.59
N ILE D 2223 82.93 -1.68 -4.46
CA ILE D 2223 83.39 -2.28 -3.20
C ILE D 2223 84.91 -2.09 -3.14
N ARG D 2224 85.35 -1.08 -2.42
CA ARG D 2224 86.77 -0.78 -2.34
C ARG D 2224 87.49 -1.79 -1.46
N PHE D 2225 88.82 -1.70 -1.49
CA PHE D 2225 89.79 -2.52 -0.77
C PHE D 2225 89.63 -4.02 -0.97
N PRO D 2226 89.73 -4.54 -2.21
CA PRO D 2226 89.57 -5.98 -2.42
C PRO D 2226 90.64 -6.82 -1.73
N LYS D 2227 91.87 -6.30 -1.63
CA LYS D 2227 92.96 -7.04 -1.00
C LYS D 2227 92.70 -7.23 0.48
N MET D 2228 91.85 -6.40 1.06
CA MET D 2228 91.55 -6.47 2.48
C MET D 2228 90.30 -7.31 2.70
N VAL D 2229 89.35 -7.23 1.76
CA VAL D 2229 88.17 -8.08 1.84
C VAL D 2229 88.56 -9.55 1.74
N THR D 2230 89.45 -9.88 0.79
CA THR D 2230 89.91 -11.26 0.69
C THR D 2230 90.76 -11.68 1.90
N SER D 2231 91.36 -10.73 2.61
CA SER D 2231 92.09 -11.06 3.82
C SER D 2231 91.14 -11.47 4.94
N CYS D 2232 90.04 -10.73 5.07
CA CYS D 2232 89.03 -11.07 6.07
C CYS D 2232 88.37 -12.39 5.73
N CYS D 2233 87.96 -12.55 4.46
CA CYS D 2233 87.25 -13.75 4.04
C CYS D 2233 88.13 -14.98 4.17
N ARG D 2234 89.41 -14.88 3.77
CA ARG D 2234 90.36 -15.97 3.91
C ARG D 2234 90.54 -16.36 5.36
N PHE D 2235 90.61 -15.37 6.25
CA PHE D 2235 90.72 -15.66 7.68
C PHE D 2235 89.50 -16.39 8.19
N LEU D 2236 88.31 -15.94 7.81
CA LEU D 2236 87.08 -16.59 8.26
C LEU D 2236 86.97 -18.01 7.72
N CYS D 2237 87.32 -18.20 6.44
CA CYS D 2237 87.32 -19.54 5.84
C CYS D 2237 88.28 -20.48 6.56
N TYR D 2238 89.47 -20.01 6.90
CA TYR D 2238 90.36 -20.84 7.68
C TYR D 2238 89.88 -21.01 9.12
N PHE D 2239 89.09 -20.05 9.63
CA PHE D 2239 88.55 -20.14 10.97
C PHE D 2239 87.52 -21.25 11.09
N CYS D 2240 86.71 -21.43 10.04
CA CYS D 2240 85.67 -22.46 10.09
C CYS D 2240 86.25 -23.87 10.11
N ARG D 2241 87.36 -24.07 9.40
CA ARG D 2241 87.93 -25.41 9.27
C ARG D 2241 88.62 -25.92 10.52
N ILE D 2242 88.80 -25.06 11.55
CA ILE D 2242 89.52 -25.47 12.74
C ILE D 2242 88.74 -26.53 13.52
N SER D 2243 87.45 -26.29 13.75
CA SER D 2243 86.65 -27.21 14.55
C SER D 2243 85.18 -27.00 14.25
N ARG D 2244 84.37 -27.97 14.70
CA ARG D 2244 82.93 -27.94 14.42
C ARG D 2244 82.24 -26.76 15.10
N GLN D 2245 82.59 -26.46 16.36
CA GLN D 2245 81.95 -25.38 17.10
C GLN D 2245 82.18 -24.03 16.44
N ASN D 2246 83.41 -23.78 15.98
CA ASN D 2246 83.70 -22.54 15.25
C ASN D 2246 82.90 -22.49 13.96
N GLN D 2247 82.80 -23.63 13.27
CA GLN D 2247 82.00 -23.73 12.06
C GLN D 2247 80.53 -23.46 12.35
N ARG D 2248 80.02 -23.99 13.46
CA ARG D 2248 78.63 -23.74 13.84
C ARG D 2248 78.42 -22.28 14.19
N SER D 2249 79.43 -21.66 14.84
CA SER D 2249 79.33 -20.25 15.21
C SER D 2249 79.23 -19.39 13.96
N MET D 2250 80.03 -19.72 12.94
CA MET D 2250 79.95 -19.02 11.66
C MET D 2250 78.61 -19.26 10.97
N PHE D 2251 77.99 -20.43 11.22
CA PHE D 2251 76.75 -20.77 10.55
C PHE D 2251 75.61 -19.84 10.97
N ASP D 2252 75.67 -19.28 12.18
CA ASP D 2252 74.66 -18.33 12.61
C ASP D 2252 74.72 -17.02 11.84
N HIS D 2253 75.90 -16.63 11.36
CA HIS D 2253 76.09 -15.43 10.56
C HIS D 2253 75.86 -15.65 9.07
N LEU D 2254 75.29 -16.80 8.68
CA LEU D 2254 75.11 -17.13 7.28
C LEU D 2254 74.20 -16.14 6.57
N SER D 2255 73.08 -15.78 7.20
CA SER D 2255 72.05 -14.94 6.58
C SER D 2255 72.59 -13.57 6.22
N TYR D 2256 73.50 -13.03 7.03
CA TYR D 2256 74.04 -11.70 6.78
C TYR D 2256 74.92 -11.69 5.53
N LEU D 2257 75.57 -12.81 5.23
CA LEU D 2257 76.60 -12.83 4.21
C LEU D 2257 76.06 -12.78 2.79
N LEU D 2258 74.83 -13.26 2.58
CA LEU D 2258 74.30 -13.39 1.22
C LEU D 2258 74.13 -12.04 0.54
N GLU D 2259 73.45 -11.10 1.19
CA GLU D 2259 73.23 -9.80 0.56
C GLU D 2259 74.54 -9.02 0.43
N ASN D 2260 75.46 -9.16 1.39
CA ASN D 2260 76.77 -8.55 1.23
C ASN D 2260 77.59 -9.20 0.11
N SER D 2261 77.28 -10.45 -0.23
CA SER D 2261 77.95 -11.11 -1.34
C SER D 2261 77.19 -10.98 -2.65
N GLY D 2262 76.03 -10.32 -2.61
CA GLY D 2262 75.27 -10.09 -3.83
C GLY D 2262 76.01 -9.24 -4.84
N ILE D 2263 76.70 -8.20 -4.35
CA ILE D 2263 77.56 -7.38 -5.18
C ILE D 2263 79.03 -7.59 -4.84
N GLY D 2264 79.32 -8.29 -3.75
CA GLY D 2264 80.68 -8.59 -3.34
C GLY D 2264 81.43 -9.52 -4.27
N LEU D 2265 80.73 -10.21 -5.17
CA LEU D 2265 81.37 -11.08 -6.15
C LEU D 2265 82.21 -10.34 -7.18
N GLY D 2266 82.08 -9.01 -7.26
CA GLY D 2266 82.84 -8.23 -8.24
C GLY D 2266 84.34 -8.39 -8.08
N MET D 2267 84.81 -8.43 -6.84
CA MET D 2267 86.23 -8.66 -6.58
C MET D 2267 86.60 -10.11 -6.89
N GLN D 2268 87.89 -10.35 -7.01
CA GLN D 2268 88.43 -11.66 -7.33
CA GLN D 2268 88.43 -11.66 -7.33
C GLN D 2268 89.15 -12.25 -6.13
N GLY D 2269 89.00 -13.56 -5.95
CA GLY D 2269 89.62 -14.23 -4.82
C GLY D 2269 88.63 -14.81 -3.83
N SER D 2270 88.97 -14.73 -2.55
CA SER D 2270 88.13 -15.27 -1.48
C SER D 2270 86.95 -14.33 -1.29
N THR D 2271 85.88 -14.59 -2.01
CA THR D 2271 84.67 -13.79 -1.92
C THR D 2271 83.96 -14.05 -0.59
N PRO D 2272 83.09 -13.14 -0.14
CA PRO D 2272 82.28 -13.41 1.06
C PRO D 2272 81.35 -14.60 0.92
N LEU D 2273 80.99 -14.97 -0.31
CA LEU D 2273 80.20 -16.17 -0.56
C LEU D 2273 80.95 -17.43 -0.13
N ASP D 2274 82.27 -17.45 -0.37
CA ASP D 2274 83.08 -18.61 0.00
C ASP D 2274 83.09 -18.83 1.50
N VAL D 2275 82.95 -17.75 2.29
CA VAL D 2275 82.81 -17.87 3.74
C VAL D 2275 81.53 -18.62 4.08
N ALA D 2276 80.44 -18.29 3.38
CA ALA D 2276 79.16 -18.96 3.57
C ALA D 2276 79.27 -20.43 3.23
N ALA D 2277 79.92 -20.74 2.09
CA ALA D 2277 80.06 -22.13 1.67
C ALA D 2277 80.92 -22.92 2.66
N ALA D 2278 82.02 -22.33 3.12
CA ALA D 2278 82.89 -22.99 4.09
C ALA D 2278 82.21 -23.13 5.44
N SER D 2279 81.19 -22.31 5.71
CA SER D 2279 80.52 -22.39 6.99
C SER D 2279 79.61 -23.61 7.03
N VAL D 2280 79.10 -24.04 5.88
CA VAL D 2280 78.11 -25.10 5.85
C VAL D 2280 78.69 -26.43 5.38
N ILE D 2281 79.86 -26.43 4.74
CA ILE D 2281 80.39 -27.65 4.14
C ILE D 2281 80.82 -28.64 5.23
N ASP D 2282 80.68 -29.95 4.92
CA ASP D 2282 81.07 -31.12 5.70
C ASP D 2282 80.30 -31.30 7.00
N ASN D 2283 79.32 -30.46 7.30
CA ASN D 2283 78.50 -30.61 8.50
C ASN D 2283 77.08 -30.93 8.08
N ASN D 2284 76.67 -32.19 8.29
CA ASN D 2284 75.31 -32.59 7.96
C ASN D 2284 74.28 -31.89 8.82
N GLU D 2285 74.63 -31.60 10.07
CA GLU D 2285 73.73 -30.86 10.96
C GLU D 2285 73.49 -29.46 10.44
N LEU D 2286 74.56 -28.75 10.07
CA LEU D 2286 74.43 -27.39 9.56
C LEU D 2286 73.72 -27.37 8.22
N ALA D 2287 74.00 -28.37 7.37
CA ALA D 2287 73.34 -28.49 6.08
C ALA D 2287 71.84 -28.70 6.23
N LEU D 2288 71.44 -29.53 7.19
CA LEU D 2288 70.02 -29.70 7.47
C LEU D 2288 69.43 -28.42 8.05
N ALA D 2289 70.16 -27.78 8.97
CA ALA D 2289 69.67 -26.59 9.65
C ALA D 2289 69.53 -25.39 8.71
N LEU D 2290 70.22 -25.39 7.58
CA LEU D 2290 70.07 -24.32 6.59
C LEU D 2290 68.65 -24.26 6.09
N GLN D 2291 68.07 -23.06 6.05
CA GLN D 2291 66.66 -22.88 5.76
C GLN D 2291 66.42 -22.37 4.35
N GLU D 2292 65.16 -22.53 3.90
CA GLU D 2292 64.78 -22.24 2.53
C GLU D 2292 64.84 -20.75 2.20
N GLN D 2293 64.58 -19.87 3.17
CA GLN D 2293 64.65 -18.44 2.92
C GLN D 2293 66.06 -17.99 2.59
N ASP D 2294 67.07 -18.74 3.00
CA ASP D 2294 68.44 -18.46 2.60
C ASP D 2294 68.67 -18.86 1.15
N LEU D 2295 68.06 -19.96 0.72
CA LEU D 2295 68.24 -20.45 -0.65
C LEU D 2295 67.49 -19.60 -1.66
N GLU D 2296 66.30 -19.11 -1.30
CA GLU D 2296 65.51 -18.34 -2.25
C GLU D 2296 66.21 -17.03 -2.62
N LYS D 2297 67.04 -16.50 -1.72
CA LYS D 2297 67.88 -15.36 -2.05
C LYS D 2297 68.87 -15.73 -3.13
N VAL D 2298 69.48 -16.92 -3.01
CA VAL D 2298 70.51 -17.36 -3.94
C VAL D 2298 69.93 -17.57 -5.32
N VAL D 2299 68.77 -18.25 -5.40
CA VAL D 2299 68.17 -18.52 -6.71
C VAL D 2299 67.66 -17.23 -7.36
N SER D 2300 67.07 -16.30 -6.58
CA SER D 2300 66.70 -15.00 -7.14
C SER D 2300 67.92 -14.19 -7.59
N TYR D 2301 69.02 -14.29 -6.84
CA TYR D 2301 70.27 -13.70 -7.29
C TYR D 2301 70.75 -14.33 -8.59
N LEU D 2302 70.63 -15.66 -8.72
CA LEU D 2302 70.96 -16.30 -10.00
C LEU D 2302 70.01 -15.89 -11.11
N ALA D 2303 68.77 -15.54 -10.75
CA ALA D 2303 67.81 -15.07 -11.74
C ALA D 2303 68.29 -13.76 -12.34
N GLY D 2304 68.78 -12.86 -11.48
CA GLY D 2304 69.34 -11.62 -11.99
C GLY D 2304 70.62 -11.88 -12.76
N CYS D 2305 71.47 -12.79 -12.26
CA CYS D 2305 72.74 -13.13 -12.90
C CYS D 2305 72.58 -13.80 -14.25
N GLY D 2306 71.39 -14.29 -14.56
CA GLY D 2306 71.08 -14.92 -15.82
C GLY D 2306 70.47 -14.02 -16.87
N LEU D 2307 70.36 -12.71 -16.60
CA LEU D 2307 69.77 -11.81 -17.57
C LEU D 2307 70.65 -10.59 -17.89
N GLN D 2308 71.84 -10.50 -17.32
CA GLN D 2308 72.85 -9.52 -17.75
C GLN D 2308 74.22 -10.06 -17.36
N SER D 2309 75.27 -9.40 -17.86
CA SER D 2309 76.64 -9.80 -17.60
C SER D 2309 77.12 -9.22 -16.27
N CYS D 2310 78.39 -9.49 -15.95
CA CYS D 2310 79.01 -8.99 -14.74
C CYS D 2310 79.32 -7.51 -14.93
N PRO D 2311 78.92 -6.63 -14.00
CA PRO D 2311 79.18 -5.18 -14.16
C PRO D 2311 80.66 -4.81 -14.28
N MET D 2312 81.54 -5.50 -13.54
CA MET D 2312 82.97 -5.29 -13.72
C MET D 2312 83.42 -5.72 -15.11
N LEU D 2313 82.89 -6.85 -15.59
CA LEU D 2313 83.20 -7.28 -16.96
C LEU D 2313 82.69 -6.28 -17.99
N LEU D 2314 81.54 -5.63 -17.69
CA LEU D 2314 81.03 -4.58 -18.56
C LEU D 2314 82.00 -3.41 -18.59
N ALA D 2315 82.55 -3.05 -17.43
CA ALA D 2315 83.44 -1.90 -17.33
C ALA D 2315 84.78 -2.18 -17.98
N LYS D 2316 85.22 -3.45 -18.02
CA LYS D 2316 86.53 -3.75 -18.57
C LYS D 2316 86.52 -3.92 -20.09
N GLY D 2317 85.37 -3.79 -20.74
CA GLY D 2317 85.30 -3.94 -22.18
C GLY D 2317 85.09 -5.35 -22.68
N TYR D 2318 84.61 -6.26 -21.83
CA TYR D 2318 84.30 -7.61 -22.26
C TYR D 2318 83.15 -7.60 -23.27
N PRO D 2319 83.14 -8.54 -24.23
CA PRO D 2319 81.99 -8.65 -25.14
C PRO D 2319 80.73 -8.98 -24.35
N ASP D 2320 79.78 -8.05 -24.35
CA ASP D 2320 78.59 -8.17 -23.52
C ASP D 2320 77.74 -9.36 -23.92
N ILE D 2321 77.31 -10.13 -22.93
CA ILE D 2321 76.47 -11.30 -23.12
C ILE D 2321 75.29 -11.19 -22.17
N GLY D 2322 74.17 -11.79 -22.56
CA GLY D 2322 72.95 -11.61 -21.79
C GLY D 2322 72.80 -12.42 -20.52
N TRP D 2323 73.90 -12.88 -19.92
CA TRP D 2323 73.88 -13.66 -18.67
C TRP D 2323 75.30 -13.79 -18.14
N ASN D 2324 75.45 -13.66 -16.82
CA ASN D 2324 76.78 -13.64 -16.20
C ASN D 2324 77.22 -15.06 -15.90
N PRO D 2325 78.33 -15.54 -16.46
CA PRO D 2325 78.84 -16.87 -16.07
C PRO D 2325 79.68 -16.87 -14.81
N CYS D 2326 80.29 -15.73 -14.44
CA CYS D 2326 81.15 -15.68 -13.26
C CYS D 2326 80.32 -15.83 -11.99
N GLY D 2327 79.35 -14.94 -11.78
CA GLY D 2327 78.51 -15.02 -10.60
C GLY D 2327 77.64 -16.25 -10.62
N GLY D 2328 77.35 -16.76 -11.82
CA GLY D 2328 76.57 -17.97 -11.95
C GLY D 2328 77.32 -19.16 -11.36
N GLU D 2329 78.56 -19.37 -11.81
CA GLU D 2329 79.36 -20.49 -11.30
C GLU D 2329 79.65 -20.32 -9.81
N ARG D 2330 79.85 -19.07 -9.37
CA ARG D 2330 80.10 -18.79 -7.95
C ARG D 2330 78.91 -19.18 -7.08
N TYR D 2331 77.69 -18.90 -7.55
CA TYR D 2331 76.49 -19.42 -6.86
C TYR D 2331 76.42 -20.94 -6.93
N LEU D 2332 76.73 -21.52 -8.10
CA LEU D 2332 76.52 -22.94 -8.31
C LEU D 2332 77.40 -23.79 -7.40
N ASP D 2333 78.67 -23.38 -7.21
CA ASP D 2333 79.55 -24.17 -6.34
C ASP D 2333 79.06 -24.15 -4.89
N PHE D 2334 78.51 -23.01 -4.46
CA PHE D 2334 77.91 -22.92 -3.12
C PHE D 2334 76.70 -23.82 -2.99
N LEU D 2335 75.82 -23.83 -4.00
CA LEU D 2335 74.68 -24.73 -3.98
C LEU D 2335 75.14 -26.19 -3.99
N ARG D 2336 76.23 -26.46 -4.72
CA ARG D 2336 76.82 -27.79 -4.77
C ARG D 2336 77.29 -28.22 -3.39
N PHE D 2337 77.87 -27.29 -2.63
CA PHE D 2337 78.29 -27.63 -1.29
C PHE D 2337 77.11 -27.70 -0.34
N ALA D 2338 76.00 -27.04 -0.71
CA ALA D 2338 74.84 -26.95 0.17
C ALA D 2338 74.02 -28.24 0.15
N VAL D 2339 73.95 -28.90 -1.01
CA VAL D 2339 73.06 -30.06 -1.16
C VAL D 2339 73.82 -31.38 -1.22
N PHE D 2340 75.13 -31.37 -0.96
CA PHE D 2340 75.94 -32.58 -1.00
C PHE D 2340 76.85 -32.64 0.22
N VAL D 2341 76.67 -33.66 1.05
CA VAL D 2341 77.40 -33.80 2.30
C VAL D 2341 77.93 -35.23 2.40
N ASN D 2342 79.25 -35.36 2.52
CA ASN D 2342 79.95 -36.63 2.79
C ASN D 2342 79.64 -37.71 1.76
N GLY D 2343 79.43 -37.32 0.51
CA GLY D 2343 79.13 -38.26 -0.54
C GLY D 2343 77.66 -38.56 -0.72
N GLU D 2344 76.79 -38.06 0.16
CA GLU D 2344 75.35 -38.29 0.05
C GLU D 2344 74.62 -36.97 -0.13
N SER D 2345 73.57 -36.99 -0.94
CA SER D 2345 72.76 -35.80 -1.11
C SER D 2345 71.83 -35.61 0.09
N VAL D 2346 71.50 -34.36 0.36
CA VAL D 2346 70.53 -34.01 1.39
C VAL D 2346 69.21 -33.82 0.67
N GLU D 2347 68.24 -34.68 0.98
CA GLU D 2347 66.98 -34.72 0.24
C GLU D 2347 66.18 -33.43 0.38
N GLU D 2348 66.09 -32.89 1.60
CA GLU D 2348 65.32 -31.66 1.84
C GLU D 2348 65.91 -30.47 1.10
N ASN D 2349 67.24 -30.33 1.15
CA ASN D 2349 67.90 -29.24 0.45
C ASN D 2349 67.79 -29.43 -1.05
N ALA D 2350 67.91 -30.67 -1.50
CA ALA D 2350 67.89 -30.98 -2.94
C ALA D 2350 66.52 -30.65 -3.52
N ASN D 2351 65.45 -31.02 -2.79
CA ASN D 2351 64.12 -30.79 -3.35
C ASN D 2351 63.76 -29.31 -3.31
N VAL D 2352 64.27 -28.59 -2.30
CA VAL D 2352 63.96 -27.16 -2.23
C VAL D 2352 64.68 -26.42 -3.36
N VAL D 2353 65.95 -26.76 -3.60
CA VAL D 2353 66.70 -26.02 -4.62
C VAL D 2353 66.13 -26.35 -6.00
N VAL D 2354 65.79 -27.62 -6.27
CA VAL D 2354 65.29 -27.95 -7.60
C VAL D 2354 63.92 -27.32 -7.84
N ARG D 2355 63.06 -27.26 -6.80
CA ARG D 2355 61.78 -26.60 -7.01
C ARG D 2355 61.92 -25.10 -7.16
N LEU D 2356 63.06 -24.53 -6.72
CA LEU D 2356 63.23 -23.10 -6.96
C LEU D 2356 63.82 -22.85 -8.34
N LEU D 2357 64.72 -23.73 -8.81
CA LEU D 2357 65.22 -23.61 -10.18
C LEU D 2357 64.10 -23.78 -11.19
N ILE D 2358 63.19 -24.75 -10.98
CA ILE D 2358 62.10 -24.92 -11.93
C ILE D 2358 61.13 -23.74 -11.82
N ARG D 2359 60.88 -23.24 -10.59
CA ARG D 2359 59.97 -22.11 -10.42
C ARG D 2359 60.52 -20.83 -11.04
N LYS D 2360 61.85 -20.66 -11.08
CA LYS D 2360 62.51 -19.56 -11.78
C LYS D 2360 63.34 -20.10 -12.93
N PRO D 2361 62.71 -20.40 -14.08
CA PRO D 2361 63.42 -21.11 -15.17
C PRO D 2361 64.58 -20.33 -15.78
N GLU D 2362 64.65 -19.01 -15.60
CA GLU D 2362 65.71 -18.20 -16.20
C GLU D 2362 67.10 -18.52 -15.66
N CYS D 2363 67.19 -19.23 -14.53
CA CYS D 2363 68.47 -19.55 -13.92
C CYS D 2363 69.30 -20.54 -14.74
N PHE D 2364 68.66 -21.31 -15.63
CA PHE D 2364 69.38 -22.33 -16.38
C PHE D 2364 70.34 -21.73 -17.40
N GLY D 2365 70.08 -20.51 -17.85
CA GLY D 2365 70.92 -19.85 -18.83
C GLY D 2365 70.27 -19.82 -20.20
N PRO D 2366 71.06 -19.52 -21.24
CA PRO D 2366 70.51 -19.49 -22.61
C PRO D 2366 69.98 -20.82 -23.08
N ALA D 2367 70.80 -21.86 -23.03
CA ALA D 2367 70.37 -23.20 -23.39
C ALA D 2367 69.52 -23.77 -22.26
N LEU D 2368 68.60 -24.66 -22.63
CA LEU D 2368 67.62 -25.30 -21.73
C LEU D 2368 66.69 -24.29 -21.04
N ARG D 2369 66.63 -23.07 -21.57
CA ARG D 2369 65.76 -22.04 -21.00
CA ARG D 2369 65.76 -22.03 -21.01
C ARG D 2369 64.29 -22.36 -21.20
N GLY D 2370 63.94 -22.89 -22.37
CA GLY D 2370 62.55 -23.11 -22.72
C GLY D 2370 62.26 -22.41 -24.02
N GLU D 2371 61.47 -21.33 -23.98
CA GLU D 2371 61.27 -20.49 -25.15
C GLU D 2371 62.60 -19.94 -25.65
N GLY D 2372 62.85 -20.11 -26.95
CA GLY D 2372 64.05 -19.62 -27.61
C GLY D 2372 65.36 -20.28 -27.22
N GLY D 2373 65.36 -21.20 -26.24
CA GLY D 2373 66.58 -21.81 -25.78
C GLY D 2373 66.78 -23.23 -26.29
N SER D 2374 67.80 -23.42 -27.12
CA SER D 2374 68.12 -24.74 -27.66
C SER D 2374 68.78 -25.62 -26.61
N GLY D 2375 69.23 -26.81 -27.03
CA GLY D 2375 69.85 -27.74 -26.11
C GLY D 2375 71.19 -27.25 -25.58
N LEU D 2376 71.63 -27.87 -24.48
CA LEU D 2376 72.88 -27.47 -23.84
C LEU D 2376 74.08 -27.85 -24.68
N LEU D 2377 73.93 -28.87 -25.54
CA LEU D 2377 74.98 -29.17 -26.50
C LEU D 2377 75.18 -28.02 -27.45
N ALA D 2378 74.09 -27.36 -27.88
CA ALA D 2378 74.22 -26.20 -28.77
C ALA D 2378 74.97 -25.05 -28.11
N ALA D 2379 75.08 -25.05 -26.78
CA ALA D 2379 75.81 -24.07 -26.02
C ALA D 2379 77.28 -24.43 -25.87
N ILE D 2380 77.58 -25.73 -25.65
CA ILE D 2380 78.96 -26.11 -25.30
C ILE D 2380 79.91 -25.95 -26.51
N GLU D 2381 79.51 -26.42 -27.71
CA GLU D 2381 80.35 -26.18 -28.89
C GLU D 2381 80.47 -24.69 -29.22
N GLU D 2382 79.37 -23.94 -29.06
CA GLU D 2382 79.41 -22.49 -29.21
C GLU D 2382 80.41 -21.84 -28.27
N ALA D 2383 80.49 -22.34 -27.03
CA ALA D 2383 81.50 -21.84 -26.11
C ALA D 2383 82.89 -22.31 -26.52
N ILE D 2384 83.00 -23.47 -27.15
CA ILE D 2384 84.29 -23.97 -27.62
C ILE D 2384 84.84 -23.04 -28.69
N ARG D 2385 83.98 -22.65 -29.65
CA ARG D 2385 84.38 -21.72 -30.71
C ARG D 2385 84.76 -20.37 -30.13
N ILE D 2386 83.95 -19.86 -29.19
CA ILE D 2386 84.22 -18.54 -28.61
C ILE D 2386 85.54 -18.57 -27.84
N SER D 2387 85.77 -19.63 -27.06
CA SER D 2387 87.01 -19.77 -26.30
C SER D 2387 88.23 -19.89 -27.20
N GLU D 2388 88.08 -20.56 -28.36
CA GLU D 2388 89.21 -20.68 -29.27
C GLU D 2388 89.46 -19.40 -30.06
N ASP D 2389 88.41 -18.63 -30.36
CA ASP D 2389 88.51 -17.46 -31.23
C ASP D 2389 88.84 -16.22 -30.41
N PRO D 2390 89.86 -15.45 -30.78
CA PRO D 2390 90.14 -14.19 -30.08
C PRO D 2390 89.12 -13.13 -30.44
N ALA D 2391 89.16 -12.02 -29.68
CA ALA D 2391 88.28 -10.84 -29.71
C ALA D 2391 86.85 -11.14 -29.26
N ARG D 2392 86.52 -12.40 -28.97
CA ARG D 2392 85.27 -12.79 -28.35
C ARG D 2392 85.50 -13.61 -27.09
N ASP D 2393 86.70 -14.18 -26.91
CA ASP D 2393 87.04 -14.88 -25.68
C ASP D 2393 87.03 -13.94 -24.48
N GLY D 2394 87.53 -12.72 -24.66
CA GLY D 2394 87.52 -11.71 -23.62
C GLY D 2394 87.63 -10.32 -24.21
N PRO D 2395 88.00 -9.33 -23.39
CA PRO D 2395 88.21 -7.96 -23.91
C PRO D 2395 89.30 -7.87 -24.97
N GLY D 2396 90.36 -8.66 -24.84
CA GLY D 2396 91.43 -8.75 -25.82
C GLY D 2396 92.18 -7.46 -26.06
N VAL D 2397 92.57 -6.78 -24.98
CA VAL D 2397 93.33 -5.54 -25.06
C VAL D 2397 94.71 -5.76 -25.65
N PRO D 2410 97.23 -16.33 -16.71
CA PRO D 2410 96.40 -15.28 -17.31
C PRO D 2410 97.08 -13.92 -17.30
N PRO D 2411 96.71 -13.02 -18.24
CA PRO D 2411 97.29 -11.67 -18.24
C PRO D 2411 97.08 -10.88 -16.96
N GLU D 2412 95.92 -11.03 -16.33
CA GLU D 2412 95.64 -10.40 -15.04
C GLU D 2412 95.78 -11.36 -13.87
N GLU D 2413 96.21 -12.61 -14.15
CA GLU D 2413 96.38 -13.76 -13.24
C GLU D 2413 95.03 -14.34 -12.78
N ASN D 2414 93.94 -13.66 -13.10
CA ASN D 2414 92.57 -14.14 -12.91
C ASN D 2414 91.70 -13.67 -14.07
N ARG D 2415 92.30 -13.53 -15.26
CA ARG D 2415 91.62 -12.98 -16.42
C ARG D 2415 90.48 -13.89 -16.86
N VAL D 2416 89.29 -13.31 -17.00
CA VAL D 2416 88.11 -14.07 -17.35
C VAL D 2416 88.06 -14.28 -18.86
N HIS D 2417 87.94 -15.53 -19.27
CA HIS D 2417 87.78 -15.91 -20.67
C HIS D 2417 86.33 -16.39 -20.77
N LEU D 2418 85.49 -15.60 -21.46
CA LEU D 2418 84.05 -15.86 -21.51
C LEU D 2418 83.72 -17.18 -22.19
N GLY D 2419 84.49 -17.56 -23.21
CA GLY D 2419 84.32 -18.87 -23.83
C GLY D 2419 84.51 -20.03 -22.86
N HIS D 2420 85.50 -19.93 -21.98
CA HIS D 2420 85.66 -20.93 -20.93
C HIS D 2420 84.65 -20.74 -19.80
N ALA D 2421 84.22 -19.50 -19.54
CA ALA D 2421 83.29 -19.22 -18.45
C ALA D 2421 81.91 -19.79 -18.71
N ILE D 2422 81.46 -19.78 -19.97
CA ILE D 2422 80.15 -20.36 -20.33
C ILE D 2422 80.14 -21.86 -20.06
N MET D 2423 81.19 -22.54 -20.50
CA MET D 2423 81.28 -23.98 -20.40
C MET D 2423 81.73 -24.44 -19.02
N SER D 2424 82.26 -23.53 -18.20
CA SER D 2424 82.49 -23.85 -16.80
C SER D 2424 81.20 -23.68 -16.01
N PHE D 2425 80.40 -22.66 -16.37
CA PHE D 2425 79.10 -22.45 -15.75
C PHE D 2425 78.20 -23.66 -15.97
N TYR D 2426 78.12 -24.14 -17.21
CA TYR D 2426 77.27 -25.30 -17.46
C TYR D 2426 77.82 -26.57 -16.83
N ALA D 2427 79.14 -26.65 -16.66
CA ALA D 2427 79.75 -27.77 -15.96
C ALA D 2427 79.36 -27.79 -14.49
N ALA D 2428 79.33 -26.60 -13.87
CA ALA D 2428 78.86 -26.53 -12.50
C ALA D 2428 77.37 -26.78 -12.42
N LEU D 2429 76.61 -26.39 -13.45
CA LEU D 2429 75.18 -26.63 -13.46
C LEU D 2429 74.86 -28.12 -13.51
N ILE D 2430 75.57 -28.86 -14.37
CA ILE D 2430 75.35 -30.31 -14.44
C ILE D 2430 75.88 -31.00 -13.18
N ASP D 2431 76.95 -30.47 -12.56
CA ASP D 2431 77.41 -31.03 -11.30
C ASP D 2431 76.39 -30.81 -10.18
N LEU D 2432 75.75 -29.63 -10.17
CA LEU D 2432 74.67 -29.35 -9.23
C LEU D 2432 73.50 -30.30 -9.45
N LEU D 2433 73.11 -30.53 -10.70
CA LEU D 2433 71.97 -31.42 -10.98
C LEU D 2433 72.28 -32.85 -10.55
N GLY D 2434 73.50 -33.31 -10.84
CA GLY D 2434 73.89 -34.66 -10.44
C GLY D 2434 73.94 -34.82 -8.93
N ARG D 2435 74.37 -33.78 -8.22
CA ARG D 2435 74.35 -33.88 -6.76
C ARG D 2435 72.97 -33.63 -6.17
N CYS D 2436 72.06 -33.06 -6.95
CA CYS D 2436 70.66 -32.94 -6.57
C CYS D 2436 69.85 -34.19 -6.93
N ALA D 2437 70.49 -35.17 -7.58
CA ALA D 2437 69.78 -36.38 -7.98
C ALA D 2437 69.40 -37.22 -6.76
N PRO D 2438 68.13 -37.64 -6.64
CA PRO D 2438 67.72 -38.51 -5.53
C PRO D 2438 68.46 -39.84 -5.54
N GLU D 2439 68.73 -40.34 -4.34
CA GLU D 2439 69.47 -41.58 -4.17
C GLU D 2439 68.72 -42.81 -4.67
N MET D 2440 69.51 -43.82 -5.04
CA MET D 2440 68.96 -45.05 -5.57
C MET D 2440 68.12 -45.79 -4.54
N HIS D 2441 68.50 -45.72 -3.24
CA HIS D 2441 67.73 -46.41 -2.21
C HIS D 2441 66.33 -45.82 -2.09
N LEU D 2442 66.20 -44.52 -2.39
CA LEU D 2442 64.89 -43.89 -2.45
C LEU D 2442 64.16 -44.26 -3.72
N ILE D 2443 64.90 -44.44 -4.83
CA ILE D 2443 64.22 -44.80 -6.07
C ILE D 2443 63.69 -46.24 -5.98
N GLN D 2444 64.51 -47.17 -5.49
CA GLN D 2444 64.05 -48.56 -5.31
C GLN D 2444 62.96 -48.63 -4.24
N ALA D 2445 62.94 -47.69 -3.29
CA ALA D 2445 61.80 -47.63 -2.37
C ALA D 2445 60.60 -46.95 -3.02
N GLY D 2446 60.77 -46.35 -4.18
CA GLY D 2446 59.68 -45.75 -4.93
C GLY D 2446 58.98 -44.57 -4.30
N LYS D 2447 59.74 -43.67 -3.68
CA LYS D 2447 59.12 -42.52 -3.03
C LYS D 2447 58.53 -41.58 -4.09
N GLY D 2448 57.39 -40.98 -3.74
CA GLY D 2448 56.61 -40.18 -4.69
C GLY D 2448 57.37 -38.98 -5.20
N GLU D 2449 57.94 -38.19 -4.29
CA GLU D 2449 58.66 -37.02 -4.75
C GLU D 2449 60.01 -37.40 -5.35
N ALA D 2450 60.61 -38.50 -4.90
CA ALA D 2450 61.89 -38.94 -5.46
C ALA D 2450 61.75 -39.25 -6.94
N LEU D 2451 60.69 -39.99 -7.28
CA LEU D 2451 60.38 -40.25 -8.69
C LEU D 2451 59.96 -38.98 -9.42
N ARG D 2452 59.15 -38.13 -8.78
CA ARG D 2452 58.68 -36.90 -9.44
C ARG D 2452 59.86 -35.98 -9.78
N ILE D 2453 60.73 -35.72 -8.81
CA ILE D 2453 61.87 -34.85 -9.01
C ILE D 2453 62.84 -35.44 -10.01
N ARG D 2454 63.14 -36.75 -9.91
CA ARG D 2454 64.11 -37.31 -10.83
C ARG D 2454 63.55 -37.39 -12.26
N ALA D 2455 62.22 -37.53 -12.39
CA ALA D 2455 61.61 -37.42 -13.70
C ALA D 2455 61.72 -36.00 -14.23
N ILE D 2456 61.59 -35.01 -13.34
CA ILE D 2456 61.74 -33.62 -13.75
C ILE D 2456 63.16 -33.40 -14.27
N LEU D 2457 64.16 -33.97 -13.59
CA LEU D 2457 65.54 -33.91 -14.07
C LEU D 2457 65.70 -34.56 -15.43
N ARG D 2458 64.96 -35.66 -15.67
CA ARG D 2458 65.04 -36.32 -16.96
C ARG D 2458 64.46 -35.45 -18.08
N SER D 2459 63.29 -34.85 -17.80
CA SER D 2459 62.65 -34.01 -18.82
C SER D 2459 63.45 -32.75 -19.10
N LEU D 2460 63.96 -32.11 -18.05
CA LEU D 2460 64.78 -30.91 -18.24
C LEU D 2460 66.13 -31.20 -18.89
N VAL D 2461 66.67 -32.40 -18.72
CA VAL D 2461 67.98 -32.69 -19.31
C VAL D 2461 67.87 -33.86 -20.27
N PRO D 2462 67.65 -33.61 -21.56
CA PRO D 2462 67.61 -34.71 -22.54
C PRO D 2462 68.95 -35.43 -22.65
N LEU D 2463 68.88 -36.75 -22.81
CA LEU D 2463 70.07 -37.60 -22.84
C LEU D 2463 70.81 -37.55 -24.17
N ASP D 2464 70.13 -37.19 -25.27
CA ASP D 2464 70.76 -37.17 -26.58
C ASP D 2464 71.88 -36.13 -26.65
N ASP D 2465 71.61 -34.90 -26.22
CA ASP D 2465 72.66 -33.89 -26.19
C ASP D 2465 73.73 -34.21 -25.17
N LEU D 2466 73.37 -34.99 -24.14
CA LEU D 2466 74.31 -35.42 -23.11
C LEU D 2466 75.40 -36.30 -23.72
N VAL D 2467 75.00 -37.23 -24.59
CA VAL D 2467 76.01 -38.09 -25.21
C VAL D 2467 76.92 -37.26 -26.13
N GLY D 2468 76.39 -36.20 -26.75
CA GLY D 2468 77.22 -35.32 -27.56
C GLY D 2468 78.29 -34.62 -26.72
N ILE D 2469 77.91 -34.25 -25.49
CA ILE D 2469 78.88 -33.68 -24.55
C ILE D 2469 79.95 -34.71 -24.20
N ILE D 2470 79.53 -35.98 -24.07
CA ILE D 2470 80.50 -37.05 -23.82
C ILE D 2470 81.46 -37.18 -25.00
N SER D 2471 80.90 -37.15 -26.22
CA SER D 2471 81.64 -37.38 -27.45
C SER D 2471 82.54 -36.22 -27.85
N LEU D 2472 82.44 -35.07 -27.18
CA LEU D 2472 83.29 -33.94 -27.55
C LEU D 2472 84.77 -34.25 -27.25
N PRO D 2473 85.69 -33.77 -28.10
CA PRO D 2473 87.11 -34.10 -27.93
C PRO D 2473 87.82 -33.18 -26.94
N LEU D 2474 89.14 -33.38 -26.84
CA LEU D 2474 90.04 -32.60 -26.02
C LEU D 2474 91.10 -31.94 -26.89
N GLN D 2475 91.64 -30.82 -26.41
CA GLN D 2475 92.79 -30.18 -27.04
C GLN D 2475 94.05 -30.70 -26.36
N ILE D 2476 94.99 -31.19 -27.16
CA ILE D 2476 96.07 -32.03 -26.64
C ILE D 2476 97.41 -31.30 -26.73
N PRO D 2477 98.29 -31.42 -25.72
CA PRO D 2477 99.68 -30.96 -25.88
C PRO D 2477 100.44 -31.84 -26.85
N THR D 2478 100.69 -31.34 -28.06
CA THR D 2478 101.27 -32.12 -29.13
C THR D 2478 102.76 -31.81 -29.25
N LEU D 2479 103.57 -32.85 -29.42
CA LEU D 2479 105.00 -32.67 -29.61
C LEU D 2479 105.27 -32.09 -31.01
N GLY D 2480 105.89 -30.93 -31.05
CA GLY D 2480 106.18 -30.27 -32.31
C GLY D 2480 106.80 -28.92 -32.04
N LYS D 2481 107.17 -28.25 -33.14
CA LYS D 2481 107.79 -26.91 -33.14
C LYS D 2481 109.08 -26.91 -32.31
N ASP D 2482 110.06 -27.67 -32.82
CA ASP D 2482 111.39 -27.85 -32.24
C ASP D 2482 111.35 -28.52 -30.87
N GLY D 2483 110.37 -29.42 -30.68
CA GLY D 2483 110.26 -30.19 -29.46
C GLY D 2483 109.52 -29.52 -28.33
N ALA D 2484 109.10 -28.27 -28.49
CA ALA D 2484 108.37 -27.57 -27.44
C ALA D 2484 107.00 -28.21 -27.21
N LEU D 2485 106.53 -28.13 -25.97
CA LEU D 2485 105.23 -28.71 -25.61
C LEU D 2485 104.17 -27.68 -25.94
N VAL D 2486 103.51 -27.84 -27.09
CA VAL D 2486 102.49 -26.91 -27.53
C VAL D 2486 101.21 -27.24 -26.77
N GLN D 2487 100.98 -26.57 -25.65
CA GLN D 2487 99.90 -26.89 -24.75
C GLN D 2487 98.77 -25.86 -24.85
N PRO D 2488 97.53 -26.25 -24.55
CA PRO D 2488 96.45 -25.26 -24.47
C PRO D 2488 96.46 -24.53 -23.12
N LYS D 2489 95.72 -23.44 -23.08
CA LYS D 2489 95.51 -22.67 -21.86
C LYS D 2489 94.21 -23.12 -21.21
N MET D 2490 94.32 -23.79 -20.06
CA MET D 2490 93.15 -24.29 -19.32
C MET D 2490 92.17 -23.19 -18.95
N SER D 2491 92.65 -21.97 -18.75
CA SER D 2491 91.76 -20.85 -18.50
C SER D 2491 90.95 -20.45 -19.73
N ALA D 2492 91.31 -20.94 -20.92
CA ALA D 2492 90.58 -20.65 -22.15
C ALA D 2492 90.50 -21.87 -23.07
N SER D 2493 90.23 -23.06 -22.51
CA SER D 2493 90.14 -24.27 -23.33
C SER D 2493 89.32 -25.33 -22.61
N PHE D 2494 88.98 -26.38 -23.36
CA PHE D 2494 88.30 -27.56 -22.82
C PHE D 2494 89.15 -28.21 -21.72
N VAL D 2495 88.51 -28.54 -20.60
CA VAL D 2495 89.25 -29.13 -19.48
C VAL D 2495 88.60 -30.46 -19.09
N PRO D 2496 89.36 -31.41 -18.54
CA PRO D 2496 88.75 -32.69 -18.10
C PRO D 2496 87.76 -32.56 -16.95
N ASP D 2497 87.82 -31.45 -16.21
CA ASP D 2497 86.93 -31.21 -15.08
C ASP D 2497 85.48 -31.14 -15.54
N HIS D 2498 85.24 -30.49 -16.69
CA HIS D 2498 83.88 -30.29 -17.16
C HIS D 2498 83.19 -31.62 -17.46
N LYS D 2499 83.95 -32.55 -18.05
CA LYS D 2499 83.41 -33.89 -18.32
C LYS D 2499 83.23 -34.69 -17.03
N ALA D 2500 84.20 -34.59 -16.09
CA ALA D 2500 84.02 -35.28 -14.82
C ALA D 2500 82.83 -34.73 -14.03
N SER D 2501 82.47 -33.46 -14.26
CA SER D 2501 81.27 -32.88 -13.67
C SER D 2501 80.01 -33.53 -14.22
N MET D 2502 80.09 -34.11 -15.43
CA MET D 2502 78.99 -34.81 -16.07
C MET D 2502 78.90 -36.28 -15.66
N VAL D 2503 80.05 -36.94 -15.48
CA VAL D 2503 80.08 -38.38 -15.16
C VAL D 2503 79.28 -38.69 -13.90
N LEU D 2504 79.37 -37.80 -12.89
CA LEU D 2504 78.55 -37.92 -11.68
C LEU D 2504 77.07 -37.80 -11.99
N PHE D 2505 76.72 -36.89 -12.91
CA PHE D 2505 75.32 -36.65 -13.25
C PHE D 2505 74.72 -37.88 -13.88
N LEU D 2506 75.41 -38.42 -14.88
CA LEU D 2506 74.91 -39.58 -15.60
C LEU D 2506 74.85 -40.78 -14.66
N ASP D 2507 75.84 -40.93 -13.77
CA ASP D 2507 75.86 -42.02 -12.82
C ASP D 2507 74.78 -41.89 -11.74
N ARG D 2508 74.18 -40.71 -11.59
CA ARG D 2508 73.21 -40.49 -10.52
C ARG D 2508 71.79 -40.21 -10.97
N VAL D 2509 71.56 -39.86 -12.24
CA VAL D 2509 70.22 -39.52 -12.73
C VAL D 2509 69.66 -40.61 -13.63
N TYR D 2510 70.34 -40.92 -14.72
CA TYR D 2510 69.83 -41.95 -15.62
C TYR D 2510 70.35 -43.33 -15.24
N GLY D 2511 71.64 -43.45 -15.01
CA GLY D 2511 72.23 -44.71 -14.60
C GLY D 2511 72.50 -45.63 -15.77
N ILE D 2512 73.15 -46.75 -15.45
CA ILE D 2512 73.50 -47.78 -16.41
C ILE D 2512 72.89 -49.10 -15.98
N GLU D 2513 72.03 -49.66 -16.83
CA GLU D 2513 71.35 -50.90 -16.50
C GLU D 2513 71.60 -51.94 -17.59
N ASN D 2514 71.74 -51.50 -18.83
CA ASN D 2514 71.98 -52.41 -19.94
C ASN D 2514 73.32 -52.15 -20.64
N GLN D 2515 73.86 -53.26 -21.16
CA GLN D 2515 75.20 -53.28 -21.74
C GLN D 2515 75.28 -52.43 -22.99
N ASP D 2516 74.22 -52.43 -23.81
CA ASP D 2516 74.24 -51.71 -25.08
C ASP D 2516 74.40 -50.21 -24.86
N PHE D 2517 73.66 -49.64 -23.91
CA PHE D 2517 73.79 -48.23 -23.56
C PHE D 2517 75.06 -47.97 -22.80
N LEU D 2518 75.64 -49.02 -22.20
CA LEU D 2518 76.88 -48.82 -21.46
C LEU D 2518 78.04 -48.65 -22.45
N LEU D 2519 78.22 -49.64 -23.32
CA LEU D 2519 79.31 -49.59 -24.28
C LEU D 2519 79.11 -48.48 -25.31
N HIS D 2520 77.84 -48.10 -25.55
CA HIS D 2520 77.52 -47.07 -26.54
C HIS D 2520 78.06 -45.72 -26.12
N VAL D 2521 78.05 -45.43 -24.81
CA VAL D 2521 78.54 -44.14 -24.35
C VAL D 2521 80.03 -44.25 -24.03
N LEU D 2522 80.49 -45.44 -23.63
CA LEU D 2522 81.91 -45.61 -23.29
C LEU D 2522 82.80 -45.48 -24.51
N ASP D 2523 82.42 -46.06 -25.65
CA ASP D 2523 83.33 -46.07 -26.79
C ASP D 2523 83.42 -44.74 -27.54
N VAL D 2524 82.41 -43.88 -27.46
CA VAL D 2524 82.44 -42.67 -28.28
C VAL D 2524 83.23 -41.56 -27.60
N GLY D 2525 82.94 -41.25 -26.34
CA GLY D 2525 83.63 -40.16 -25.67
C GLY D 2525 84.57 -40.54 -24.55
N PHE D 2526 84.19 -41.56 -23.76
CA PHE D 2526 85.04 -41.98 -22.66
C PHE D 2526 86.26 -42.75 -23.14
N LEU D 2527 86.20 -43.30 -24.36
CA LEU D 2527 87.37 -44.01 -24.88
C LEU D 2527 88.50 -43.08 -25.32
N PRO D 2528 88.30 -42.10 -26.26
CA PRO D 2528 89.46 -41.29 -26.69
C PRO D 2528 90.09 -40.43 -25.60
N ASP D 2529 89.34 -40.12 -24.53
CA ASP D 2529 89.91 -39.40 -23.40
C ASP D 2529 91.01 -40.22 -22.74
N MET D 2530 90.79 -41.53 -22.59
CA MET D 2530 91.77 -42.35 -21.90
C MET D 2530 92.81 -42.91 -22.86
N ARG D 2531 92.49 -43.01 -24.16
CA ARG D 2531 93.53 -43.27 -25.15
C ARG D 2531 94.52 -42.11 -25.20
N ALA D 2532 93.99 -40.87 -25.17
CA ALA D 2532 94.84 -39.70 -25.05
C ALA D 2532 95.61 -39.70 -23.74
N ALA D 2533 94.98 -40.16 -22.65
CA ALA D 2533 95.69 -40.28 -21.38
C ALA D 2533 96.86 -41.25 -21.48
N ALA D 2534 96.67 -42.36 -22.19
CA ALA D 2534 97.74 -43.31 -22.44
C ALA D 2534 98.85 -42.70 -23.27
N SER D 2535 98.50 -41.91 -24.30
CA SER D 2535 99.50 -41.23 -25.12
C SER D 2535 100.29 -40.19 -24.31
N LEU D 2536 99.59 -39.42 -23.48
CA LEU D 2536 100.24 -38.42 -22.63
C LEU D 2536 101.01 -39.06 -21.48
N ASP D 2537 100.75 -40.32 -21.17
CA ASP D 2537 101.42 -41.04 -20.08
C ASP D 2537 102.78 -41.55 -20.58
N THR D 2538 103.70 -40.60 -20.71
CA THR D 2538 105.07 -40.87 -21.15
C THR D 2538 106.02 -40.13 -20.22
N ALA D 2539 107.32 -40.34 -20.43
CA ALA D 2539 108.36 -39.74 -19.58
C ALA D 2539 108.44 -38.23 -19.68
N THR D 2540 107.80 -37.61 -20.68
CA THR D 2540 107.87 -36.17 -20.89
C THR D 2540 106.55 -35.45 -20.69
N PHE D 2541 105.42 -36.12 -20.91
CA PHE D 2541 104.11 -35.47 -20.87
C PHE D 2541 103.23 -35.86 -19.69
N SER D 2542 103.64 -36.84 -18.88
CA SER D 2542 102.78 -37.29 -17.78
C SER D 2542 102.75 -36.31 -16.61
N THR D 2543 103.61 -35.28 -16.61
CA THR D 2543 103.59 -34.27 -15.57
C THR D 2543 103.02 -32.95 -16.05
N THR D 2544 102.39 -32.91 -17.23
CA THR D 2544 101.82 -31.69 -17.76
C THR D 2544 100.58 -31.26 -16.98
N GLU D 2545 100.06 -30.09 -17.33
CA GLU D 2545 98.91 -29.53 -16.64
C GLU D 2545 97.63 -30.28 -16.97
N MET D 2546 97.57 -30.95 -18.13
CA MET D 2546 96.39 -31.73 -18.44
C MET D 2546 96.49 -33.15 -17.88
N ALA D 2547 97.71 -33.69 -17.80
CA ALA D 2547 97.92 -35.07 -17.34
C ALA D 2547 97.42 -35.31 -15.92
N LEU D 2548 97.69 -34.38 -15.00
CA LEU D 2548 97.13 -34.45 -13.65
C LEU D 2548 95.61 -34.37 -13.64
N ALA D 2549 95.05 -33.48 -14.48
CA ALA D 2549 93.60 -33.39 -14.61
C ALA D 2549 93.01 -34.67 -15.17
N LEU D 2550 93.67 -35.26 -16.16
CA LEU D 2550 93.22 -36.53 -16.74
C LEU D 2550 93.26 -37.66 -15.72
N ASN D 2551 94.31 -37.69 -14.89
CA ASN D 2551 94.41 -38.69 -13.84
C ASN D 2551 93.27 -38.56 -12.83
N ARG D 2552 92.94 -37.33 -12.46
CA ARG D 2552 91.81 -37.15 -11.55
C ARG D 2552 90.48 -37.40 -12.25
N TYR D 2553 90.42 -37.07 -13.54
CA TYR D 2553 89.22 -37.22 -14.36
C TYR D 2553 88.86 -38.68 -14.48
N LEU D 2554 89.86 -39.53 -14.70
CA LEU D 2554 89.54 -40.91 -14.96
C LEU D 2554 89.41 -41.64 -13.64
N CYS D 2555 90.43 -41.57 -12.77
CA CYS D 2555 90.43 -42.35 -11.55
C CYS D 2555 89.39 -41.91 -10.51
N LEU D 2556 88.78 -40.72 -10.66
CA LEU D 2556 87.77 -40.30 -9.70
C LEU D 2556 86.36 -40.42 -10.23
N ALA D 2557 86.17 -40.36 -11.55
CA ALA D 2557 84.84 -40.43 -12.13
C ALA D 2557 84.62 -41.58 -13.10
N VAL D 2558 85.57 -41.84 -14.00
CA VAL D 2558 85.34 -42.81 -15.07
C VAL D 2558 85.57 -44.23 -14.59
N LEU D 2559 86.76 -44.51 -14.06
CA LEU D 2559 87.08 -45.88 -13.63
C LEU D 2559 86.19 -46.37 -12.49
N PRO D 2560 85.85 -45.58 -11.43
CA PRO D 2560 84.81 -46.04 -10.49
C PRO D 2560 83.51 -46.38 -11.17
N LEU D 2561 83.12 -45.61 -12.20
CA LEU D 2561 81.86 -45.86 -12.90
C LEU D 2561 81.92 -47.24 -13.55
N ILE D 2562 83.08 -47.57 -14.14
CA ILE D 2562 83.28 -48.86 -14.76
C ILE D 2562 83.19 -49.95 -13.69
N THR D 2563 83.67 -49.63 -12.47
CA THR D 2563 83.59 -50.60 -11.38
C THR D 2563 82.14 -50.88 -10.98
N LYS D 2564 81.26 -49.87 -11.03
CA LYS D 2564 79.84 -50.12 -10.81
C LYS D 2564 79.10 -50.62 -12.05
N CYS D 2565 79.77 -50.71 -13.20
CA CYS D 2565 79.15 -51.23 -14.42
C CYS D 2565 79.82 -52.50 -14.94
N ALA D 2566 80.74 -53.08 -14.16
CA ALA D 2566 81.46 -54.28 -14.56
C ALA D 2566 80.61 -55.51 -14.91
N PRO D 2567 79.53 -55.89 -14.18
CA PRO D 2567 78.78 -57.13 -14.56
C PRO D 2567 78.23 -57.14 -15.97
N LEU D 2568 77.94 -55.98 -16.55
CA LEU D 2568 77.35 -55.90 -17.88
C LEU D 2568 78.33 -56.28 -18.99
N PHE D 2569 79.62 -56.46 -18.69
CA PHE D 2569 80.57 -56.98 -19.68
C PHE D 2569 80.54 -58.50 -19.79
N ALA D 2570 79.53 -59.16 -19.23
CA ALA D 2570 79.40 -60.61 -19.34
C ALA D 2570 79.16 -61.04 -20.79
N GLY D 2571 78.33 -60.30 -21.52
CA GLY D 2571 78.00 -60.69 -22.88
C GLY D 2571 78.46 -59.70 -23.94
N THR D 2572 79.68 -59.19 -23.79
CA THR D 2572 80.27 -58.22 -24.70
C THR D 2572 81.30 -58.88 -25.62
N GLU D 2573 81.02 -60.10 -26.09
CA GLU D 2573 81.96 -60.77 -26.97
C GLU D 2573 81.85 -60.29 -28.41
N HIS D 2574 80.68 -59.78 -28.81
CA HIS D 2574 80.52 -59.22 -30.16
C HIS D 2574 81.31 -57.93 -30.37
N ARG D 2575 81.74 -57.27 -29.29
CA ARG D 2575 82.59 -56.09 -29.36
C ARG D 2575 83.97 -56.38 -28.77
N ALA D 2576 84.51 -57.54 -29.16
CA ALA D 2576 85.72 -58.09 -28.56
C ALA D 2576 86.93 -57.19 -28.78
N ILE D 2577 87.11 -56.66 -30.00
CA ILE D 2577 88.31 -55.90 -30.33
C ILE D 2577 88.37 -54.60 -29.50
N MET D 2578 87.24 -53.88 -29.43
CA MET D 2578 87.23 -52.63 -28.69
C MET D 2578 87.34 -52.88 -27.18
N VAL D 2579 86.81 -54.02 -26.70
CA VAL D 2579 87.05 -54.38 -25.30
C VAL D 2579 88.54 -54.62 -25.05
N ASP D 2580 89.21 -55.29 -26.00
CA ASP D 2580 90.65 -55.51 -25.89
C ASP D 2580 91.42 -54.20 -25.88
N SER D 2581 90.95 -53.23 -26.67
CA SER D 2581 91.57 -51.90 -26.69
C SER D 2581 91.42 -51.22 -25.35
N MET D 2582 90.24 -51.35 -24.72
CA MET D 2582 90.00 -50.74 -23.42
C MET D 2582 90.90 -51.36 -22.37
N LEU D 2583 90.91 -52.70 -22.29
CA LEU D 2583 91.62 -53.39 -21.21
C LEU D 2583 93.12 -53.17 -21.32
N HIS D 2584 93.64 -53.11 -22.55
CA HIS D 2584 95.08 -52.89 -22.70
CA HIS D 2584 95.08 -52.89 -22.70
C HIS D 2584 95.45 -51.46 -22.38
N THR D 2585 94.64 -50.48 -22.83
CA THR D 2585 94.95 -49.09 -22.54
C THR D 2585 94.88 -48.79 -21.04
N VAL D 2586 93.86 -49.33 -20.35
CA VAL D 2586 93.80 -49.13 -18.89
C VAL D 2586 94.92 -49.92 -18.21
N TYR D 2587 95.37 -51.05 -18.79
CA TYR D 2587 96.52 -51.75 -18.25
C TYR D 2587 97.80 -50.93 -18.35
N ARG D 2588 98.00 -50.21 -19.46
CA ARG D 2588 99.09 -49.25 -19.57
C ARG D 2588 98.95 -48.12 -18.56
N LEU D 2589 97.72 -47.68 -18.32
CA LEU D 2589 97.46 -46.68 -17.29
C LEU D 2589 97.83 -47.21 -15.91
N SER D 2590 97.55 -48.49 -15.65
CA SER D 2590 97.98 -49.10 -14.40
C SER D 2590 99.50 -49.12 -14.34
N ARG D 2591 100.14 -49.52 -15.43
CA ARG D 2591 101.59 -49.46 -15.54
C ARG D 2591 102.00 -48.12 -16.15
N GLY D 2592 101.61 -47.05 -15.46
CA GLY D 2592 101.83 -45.69 -15.88
C GLY D 2592 102.71 -44.96 -14.88
N ARG D 2593 102.90 -43.67 -15.13
CA ARG D 2593 103.77 -42.84 -14.31
C ARG D 2593 103.09 -41.54 -13.95
N SER D 2594 103.54 -40.97 -12.82
CA SER D 2594 103.05 -39.72 -12.23
C SER D 2594 101.57 -39.80 -11.87
N LEU D 2595 101.15 -40.95 -11.36
CA LEU D 2595 99.82 -41.12 -10.77
C LEU D 2595 99.95 -41.45 -9.29
N THR D 2596 99.00 -40.95 -8.50
CA THR D 2596 99.04 -41.13 -7.06
C THR D 2596 98.70 -42.59 -6.71
N LYS D 2597 99.14 -42.99 -5.51
CA LYS D 2597 98.92 -44.35 -5.03
C LYS D 2597 97.43 -44.67 -4.88
N ALA D 2598 96.65 -43.71 -4.39
CA ALA D 2598 95.21 -43.91 -4.25
C ALA D 2598 94.57 -44.14 -5.61
N GLN D 2599 94.98 -43.37 -6.62
CA GLN D 2599 94.42 -43.57 -7.95
C GLN D 2599 94.89 -44.89 -8.53
N ARG D 2600 96.11 -45.32 -8.15
CA ARG D 2600 96.65 -46.58 -8.65
C ARG D 2600 95.82 -47.76 -8.15
N ASP D 2601 95.43 -47.73 -6.86
CA ASP D 2601 94.61 -48.82 -6.37
C ASP D 2601 93.17 -48.71 -6.85
N VAL D 2602 92.70 -47.51 -7.24
CA VAL D 2602 91.40 -47.43 -7.91
C VAL D 2602 91.46 -48.11 -9.27
N ILE D 2603 92.57 -47.91 -10.00
CA ILE D 2603 92.78 -48.60 -11.27
C ILE D 2603 92.85 -50.11 -11.05
N GLU D 2604 93.47 -50.52 -9.94
CA GLU D 2604 93.57 -51.92 -9.56
C GLU D 2604 92.19 -52.54 -9.38
N ASP D 2605 91.33 -51.85 -8.61
CA ASP D 2605 89.99 -52.35 -8.32
C ASP D 2605 89.15 -52.44 -9.59
N CYS D 2606 89.23 -51.40 -10.44
CA CYS D 2606 88.47 -51.36 -11.68
C CYS D 2606 88.90 -52.48 -12.64
N LEU D 2607 90.22 -52.66 -12.80
CA LEU D 2607 90.74 -53.68 -13.70
C LEU D 2607 90.41 -55.08 -13.18
N MET D 2608 90.50 -55.29 -11.86
CA MET D 2608 90.24 -56.61 -11.31
C MET D 2608 88.77 -56.98 -11.46
N ALA D 2609 87.86 -56.02 -11.23
CA ALA D 2609 86.45 -56.33 -11.47
C ALA D 2609 86.17 -56.52 -12.95
N LEU D 2610 86.95 -55.86 -13.82
CA LEU D 2610 86.80 -56.04 -15.26
C LEU D 2610 87.11 -57.47 -15.66
N CYS D 2611 88.21 -58.01 -15.12
CA CYS D 2611 88.58 -59.36 -15.48
C CYS D 2611 87.66 -60.36 -14.81
N ARG D 2612 87.13 -60.01 -13.63
CA ARG D 2612 86.21 -60.92 -12.95
CA ARG D 2612 86.21 -60.92 -12.95
C ARG D 2612 84.93 -61.09 -13.76
N TYR D 2613 84.43 -60.01 -14.36
CA TYR D 2613 83.17 -60.02 -15.09
C TYR D 2613 83.34 -60.00 -16.61
N ILE D 2614 84.52 -60.35 -17.11
CA ILE D 2614 84.73 -60.51 -18.54
C ILE D 2614 84.87 -62.00 -18.82
N ARG D 2615 84.50 -62.41 -20.04
CA ARG D 2615 84.61 -63.81 -20.43
C ARG D 2615 86.07 -64.24 -20.55
N PRO D 2616 86.38 -65.53 -20.30
CA PRO D 2616 87.78 -65.98 -20.32
C PRO D 2616 88.46 -65.87 -21.67
N SER D 2617 87.69 -65.84 -22.77
CA SER D 2617 88.26 -65.78 -24.11
C SER D 2617 88.96 -64.46 -24.33
N MET D 2618 88.51 -63.41 -23.65
CA MET D 2618 88.99 -62.05 -23.86
C MET D 2618 90.16 -61.67 -22.96
N LEU D 2619 90.94 -62.63 -22.49
CA LEU D 2619 92.21 -62.33 -21.84
C LEU D 2619 93.41 -62.76 -22.67
N GLN D 2620 93.20 -63.14 -23.95
CA GLN D 2620 94.30 -63.63 -24.76
C GLN D 2620 95.38 -62.58 -25.02
N HIS D 2621 95.00 -61.34 -25.33
CA HIS D 2621 95.99 -60.30 -25.55
C HIS D 2621 96.56 -59.81 -24.23
N LEU D 2622 95.71 -59.71 -23.21
CA LEU D 2622 96.16 -59.22 -21.91
C LEU D 2622 97.19 -60.18 -21.33
N LEU D 2623 96.88 -61.48 -21.37
CA LEU D 2623 97.80 -62.51 -20.89
C LEU D 2623 99.06 -62.55 -21.75
N ARG D 2624 98.94 -62.25 -23.06
CA ARG D 2624 100.11 -62.19 -23.93
C ARG D 2624 101.07 -61.10 -23.46
N ARG D 2625 100.52 -59.95 -23.05
CA ARG D 2625 101.33 -58.91 -22.42
C ARG D 2625 101.85 -59.37 -21.05
N LEU D 2626 101.03 -60.11 -20.30
CA LEU D 2626 101.42 -60.59 -18.98
C LEU D 2626 102.58 -61.58 -19.05
N VAL D 2627 102.74 -62.28 -20.18
CA VAL D 2627 103.90 -63.16 -20.38
C VAL D 2627 105.19 -62.34 -20.40
N PHE D 2628 105.10 -61.06 -20.78
CA PHE D 2628 106.27 -60.19 -20.86
C PHE D 2628 106.35 -59.21 -19.71
N ASP D 2629 105.35 -59.17 -18.84
CA ASP D 2629 105.36 -58.26 -17.70
C ASP D 2629 105.46 -58.97 -16.36
N VAL D 2630 104.65 -60.01 -16.15
CA VAL D 2630 104.65 -60.73 -14.86
C VAL D 2630 105.99 -61.43 -14.55
N PRO D 2631 106.63 -62.17 -15.48
CA PRO D 2631 107.92 -62.80 -15.13
C PRO D 2631 109.05 -61.85 -14.75
N ILE D 2632 108.95 -60.56 -15.08
CA ILE D 2632 109.94 -59.59 -14.61
C ILE D 2632 109.93 -59.53 -13.08
N LEU D 2633 108.75 -59.67 -12.47
CA LEU D 2633 108.54 -59.75 -11.01
C LEU D 2633 108.99 -58.44 -10.34
N ASN D 2634 108.54 -57.33 -10.92
CA ASN D 2634 108.88 -56.00 -10.45
C ASN D 2634 107.72 -55.39 -9.65
N GLU D 2635 107.86 -54.11 -9.32
CA GLU D 2635 106.82 -53.38 -8.60
C GLU D 2635 105.54 -53.26 -9.44
N PHE D 2636 105.67 -53.17 -10.76
CA PHE D 2636 104.51 -53.13 -11.64
C PHE D 2636 103.81 -54.48 -11.74
N ALA D 2637 104.40 -55.55 -11.23
CA ALA D 2637 103.82 -56.88 -11.27
C ALA D 2637 103.06 -57.28 -10.01
N LYS D 2638 102.94 -56.39 -9.01
CA LYS D 2638 102.17 -56.70 -7.81
C LYS D 2638 100.70 -56.95 -8.13
N MET D 2639 100.12 -56.12 -8.97
CA MET D 2639 98.71 -56.22 -9.34
C MET D 2639 98.45 -57.34 -10.36
N PRO D 2640 99.22 -57.49 -11.47
CA PRO D 2640 98.95 -58.63 -12.38
C PRO D 2640 99.09 -60.01 -11.76
N LEU D 2641 100.00 -60.24 -10.82
CA LEU D 2641 100.15 -61.55 -10.19
C LEU D 2641 98.87 -61.98 -9.46
N LYS D 2642 98.28 -61.06 -8.69
CA LYS D 2642 97.00 -61.33 -8.05
C LYS D 2642 95.87 -61.36 -9.08
N LEU D 2643 96.00 -60.61 -10.18
CA LEU D 2643 95.01 -60.66 -11.25
C LEU D 2643 94.99 -62.06 -11.87
N LEU D 2644 96.19 -62.62 -12.10
CA LEU D 2644 96.31 -63.96 -12.64
C LEU D 2644 95.74 -64.96 -11.67
N THR D 2645 95.94 -64.73 -10.36
CA THR D 2645 95.38 -65.61 -9.35
C THR D 2645 93.87 -65.66 -9.43
N ASN D 2646 93.24 -64.48 -9.57
CA ASN D 2646 91.78 -64.42 -9.68
C ASN D 2646 91.27 -65.08 -10.97
N HIS D 2647 91.96 -64.83 -12.09
CA HIS D 2647 91.52 -65.39 -13.36
C HIS D 2647 91.71 -66.90 -13.41
N TYR D 2648 92.87 -67.37 -12.97
CA TYR D 2648 93.14 -68.80 -13.08
C TYR D 2648 92.33 -69.58 -12.05
N GLU D 2649 92.12 -69.03 -10.84
CA GLU D 2649 91.24 -69.66 -9.86
C GLU D 2649 89.77 -69.58 -10.27
N ARG D 2650 89.45 -68.78 -11.28
CA ARG D 2650 88.08 -68.65 -11.77
C ARG D 2650 87.83 -69.50 -13.00
N CYS D 2651 88.87 -69.70 -13.83
CA CYS D 2651 88.75 -70.41 -15.09
C CYS D 2651 89.76 -71.55 -15.21
N TRP D 2652 90.11 -72.20 -14.10
CA TRP D 2652 91.15 -73.23 -14.12
C TRP D 2652 90.74 -74.46 -14.94
N LYS D 2653 89.47 -74.87 -14.85
CA LYS D 2653 89.02 -76.02 -15.65
C LYS D 2653 88.97 -75.69 -17.14
N TYR D 2654 88.80 -74.40 -17.49
CA TYR D 2654 88.69 -73.99 -18.88
C TYR D 2654 89.96 -74.29 -19.65
N TYR D 2655 91.12 -74.13 -19.01
CA TYR D 2655 92.38 -74.39 -19.67
C TYR D 2655 92.93 -75.78 -19.39
N CYS D 2656 92.43 -76.48 -18.37
CA CYS D 2656 93.00 -77.76 -17.95
C CYS D 2656 92.23 -78.95 -18.52
N LEU D 2657 90.94 -79.02 -18.21
CA LEU D 2657 90.13 -80.16 -18.64
C LEU D 2657 89.93 -80.11 -20.15
N PRO D 2658 90.07 -81.26 -20.85
CA PRO D 2658 89.81 -81.32 -22.30
C PRO D 2658 88.44 -80.78 -22.71
N THR D 2659 87.40 -81.05 -21.92
CA THR D 2659 86.10 -80.49 -22.20
C THR D 2659 85.97 -79.05 -21.71
N GLY D 2660 86.90 -78.59 -20.87
CA GLY D 2660 86.91 -77.22 -20.41
C GLY D 2660 85.92 -76.95 -19.29
N TRP D 2661 85.78 -75.67 -18.97
CA TRP D 2661 84.84 -75.22 -17.96
C TRP D 2661 83.41 -75.38 -18.50
N ALA D 2662 82.43 -75.30 -17.59
CA ALA D 2662 81.02 -75.38 -17.94
C ALA D 2662 80.60 -74.29 -18.92
N ASN D 2663 80.24 -74.72 -20.15
CA ASN D 2663 79.64 -73.93 -21.24
C ASN D 2663 80.43 -72.66 -21.60
N PHE D 2664 81.71 -72.56 -21.24
CA PHE D 2664 82.59 -71.53 -21.76
C PHE D 2664 83.47 -72.03 -22.89
N GLY D 2665 83.28 -73.26 -23.33
CA GLY D 2665 84.12 -73.82 -24.37
C GLY D 2665 85.45 -74.30 -23.83
N VAL D 2666 86.41 -74.44 -24.75
CA VAL D 2666 87.75 -74.92 -24.45
C VAL D 2666 88.72 -73.89 -25.01
N THR D 2667 89.90 -73.79 -24.38
CA THR D 2667 90.97 -72.87 -24.78
C THR D 2667 91.39 -73.08 -26.24
N SER D 2668 91.99 -72.03 -26.82
CA SER D 2668 92.39 -72.04 -28.22
C SER D 2668 93.86 -72.40 -28.42
N GLU D 2669 94.40 -73.29 -27.57
CA GLU D 2669 95.73 -73.94 -27.59
C GLU D 2669 96.90 -72.97 -27.66
N GLU D 2670 96.68 -71.67 -27.49
CA GLU D 2670 97.73 -70.67 -27.51
C GLU D 2670 98.12 -70.28 -26.08
N GLU D 2671 97.11 -69.97 -25.27
CA GLU D 2671 97.34 -69.57 -23.89
C GLU D 2671 97.92 -70.71 -23.06
N LEU D 2672 97.76 -71.97 -23.48
CA LEU D 2672 98.33 -73.07 -22.74
C LEU D 2672 99.85 -72.97 -22.72
N HIS D 2673 100.44 -72.68 -23.89
CA HIS D 2673 101.87 -72.41 -23.99
C HIS D 2673 102.24 -71.09 -23.32
N LEU D 2674 101.39 -70.06 -23.46
CA LEU D 2674 101.65 -68.79 -22.79
C LEU D 2674 101.63 -68.93 -21.26
N THR D 2675 100.69 -69.72 -20.74
CA THR D 2675 100.63 -70.05 -19.32
C THR D 2675 101.86 -70.86 -18.90
N ARG D 2676 102.34 -71.75 -19.79
CA ARG D 2676 103.54 -72.52 -19.50
C ARG D 2676 104.75 -71.59 -19.34
N LYS D 2677 104.93 -70.67 -20.29
CA LYS D 2677 106.01 -69.70 -20.18
C LYS D 2677 105.85 -68.79 -18.97
N LEU D 2678 104.62 -68.48 -18.58
CA LEU D 2678 104.38 -67.79 -17.31
C LEU D 2678 104.79 -68.67 -16.12
N PHE D 2679 104.51 -69.96 -16.20
CA PHE D 2679 104.81 -70.89 -15.10
C PHE D 2679 106.30 -70.99 -14.85
N TRP D 2680 107.08 -71.25 -15.88
CA TRP D 2680 108.51 -71.37 -15.62
C TRP D 2680 109.21 -70.03 -15.55
N GLY D 2681 108.68 -68.99 -16.20
CA GLY D 2681 109.24 -67.65 -16.03
C GLY D 2681 109.10 -67.15 -14.60
N ILE D 2682 107.91 -67.32 -14.02
CA ILE D 2682 107.68 -66.96 -12.63
C ILE D 2682 108.47 -67.87 -11.69
N PHE D 2683 108.52 -69.18 -11.98
CA PHE D 2683 109.25 -70.11 -11.14
C PHE D 2683 110.74 -69.77 -11.09
N ASP D 2684 111.33 -69.43 -12.23
CA ASP D 2684 112.73 -69.03 -12.26
C ASP D 2684 112.94 -67.65 -11.67
N SER D 2685 112.03 -66.70 -11.93
CA SER D 2685 112.15 -65.35 -11.38
C SER D 2685 112.09 -65.38 -9.87
N LEU D 2686 111.12 -66.11 -9.32
CA LEU D 2686 111.02 -66.27 -7.88
C LEU D 2686 112.17 -67.09 -7.32
N ALA D 2687 112.80 -67.94 -8.14
CA ALA D 2687 113.90 -68.76 -7.67
C ALA D 2687 115.17 -67.93 -7.50
N HIS D 2688 115.46 -67.06 -8.47
CA HIS D 2688 116.74 -66.37 -8.53
C HIS D 2688 116.67 -64.93 -8.05
N LYS D 2689 115.52 -64.27 -8.21
CA LYS D 2689 115.35 -62.91 -7.71
C LYS D 2689 115.31 -62.91 -6.18
N LYS D 2690 115.57 -61.73 -5.61
CA LYS D 2690 115.72 -61.59 -4.16
C LYS D 2690 114.44 -61.95 -3.41
N TYR D 2691 114.61 -62.60 -2.26
CA TYR D 2691 113.48 -63.11 -1.49
C TYR D 2691 112.78 -61.97 -0.78
N ASP D 2692 111.47 -61.88 -0.97
CA ASP D 2692 110.63 -60.84 -0.37
C ASP D 2692 109.53 -61.52 0.44
N GLN D 2693 109.34 -61.03 1.68
CA GLN D 2693 108.24 -61.52 2.51
C GLN D 2693 106.89 -61.33 1.85
N GLU D 2694 106.60 -60.10 1.41
CA GLU D 2694 105.28 -59.78 0.88
C GLU D 2694 105.05 -60.39 -0.51
N LEU D 2695 106.05 -60.31 -1.39
CA LEU D 2695 105.91 -60.77 -2.76
C LEU D 2695 105.69 -62.28 -2.87
N TYR D 2696 106.38 -63.06 -2.04
CA TYR D 2696 106.27 -64.52 -2.15
C TYR D 2696 104.89 -65.00 -1.72
N ARG D 2697 104.32 -64.35 -0.70
CA ARG D 2697 103.01 -64.76 -0.16
C ARG D 2697 101.91 -64.52 -1.18
N MET D 2698 101.95 -63.40 -1.90
CA MET D 2698 100.91 -63.10 -2.87
C MET D 2698 101.26 -63.65 -4.25
N ALA D 2699 102.45 -64.21 -4.42
CA ALA D 2699 102.80 -64.83 -5.70
C ALA D 2699 102.58 -66.34 -5.69
N MET D 2700 102.66 -66.99 -4.53
CA MET D 2700 102.39 -68.42 -4.46
C MET D 2700 100.98 -68.85 -4.87
N PRO D 2701 99.85 -68.15 -4.55
CA PRO D 2701 98.56 -68.62 -5.07
C PRO D 2701 98.50 -68.55 -6.59
N CYS D 2702 99.20 -67.57 -7.19
CA CYS D 2702 99.24 -67.45 -8.64
C CYS D 2702 99.87 -68.68 -9.26
N LEU D 2703 100.99 -69.12 -8.69
CA LEU D 2703 101.68 -70.31 -9.18
C LEU D 2703 100.81 -71.55 -9.03
N CYS D 2704 100.15 -71.69 -7.88
CA CYS D 2704 99.26 -72.83 -7.68
C CYS D 2704 98.05 -72.82 -8.62
N ALA D 2705 97.45 -71.64 -8.83
CA ALA D 2705 96.34 -71.51 -9.77
C ALA D 2705 96.77 -71.77 -11.21
N ILE D 2706 97.98 -71.31 -11.59
CA ILE D 2706 98.54 -71.63 -12.90
C ILE D 2706 98.73 -73.13 -13.05
N ALA D 2707 99.25 -73.78 -11.99
CA ALA D 2707 99.44 -75.21 -12.01
C ALA D 2707 98.11 -75.96 -12.15
N GLY D 2708 97.06 -75.44 -11.51
CA GLY D 2708 95.75 -76.04 -11.67
C GLY D 2708 95.19 -75.87 -13.06
N ALA D 2709 95.42 -74.71 -13.67
CA ALA D 2709 94.88 -74.41 -14.98
C ALA D 2709 95.63 -75.09 -16.11
N LEU D 2710 96.93 -75.33 -15.95
CA LEU D 2710 97.70 -75.96 -17.00
C LEU D 2710 97.25 -77.42 -17.19
N PRO D 2711 97.14 -77.88 -18.45
CA PRO D 2711 96.68 -79.24 -18.69
C PRO D 2711 97.72 -80.25 -18.24
N PRO D 2712 97.29 -81.45 -17.83
CA PRO D 2712 98.26 -82.48 -17.41
C PRO D 2712 99.22 -82.91 -18.51
N ASP D 2713 98.74 -83.04 -19.76
CA ASP D 2713 99.56 -83.61 -20.83
C ASP D 2713 99.39 -82.85 -22.14
N TYR D 2714 99.39 -81.52 -22.13
CA TYR D 2714 99.36 -80.78 -23.37
C TYR D 2714 100.78 -80.60 -23.89
N VAL D 2715 100.98 -80.88 -25.17
CA VAL D 2715 102.27 -80.74 -25.81
C VAL D 2715 102.26 -79.41 -26.56
N ASP D 2716 103.23 -78.55 -26.24
CA ASP D 2716 103.34 -77.26 -26.92
C ASP D 2716 103.68 -77.48 -28.39
N ALA D 2717 103.07 -76.65 -29.25
CA ALA D 2717 103.23 -76.79 -30.69
C ALA D 2717 104.68 -76.58 -31.13
N SER D 2718 105.34 -75.57 -30.56
CA SER D 2718 106.72 -75.25 -30.91
C SER D 2718 107.57 -75.32 -29.64
N TYR D 2719 108.39 -76.36 -29.52
CA TYR D 2719 109.32 -76.50 -28.39
C TYR D 2719 110.63 -75.76 -28.67
N SER D 2720 110.52 -74.47 -29.00
CA SER D 2720 111.67 -73.63 -29.26
C SER D 2720 111.50 -72.31 -28.54
N SER D 2721 112.59 -71.77 -28.00
CA SER D 2721 112.55 -70.53 -27.25
C SER D 2721 113.91 -69.86 -27.33
N LYS D 2722 113.90 -68.52 -27.20
CA LYS D 2722 115.14 -67.76 -27.18
C LYS D 2722 115.89 -67.93 -25.87
N ALA D 2723 115.13 -67.98 -24.75
CA ALA D 2723 115.64 -68.12 -23.38
C ALA D 2723 116.63 -67.00 -23.04
N GLU D 2724 116.10 -65.78 -23.06
CA GLU D 2724 116.87 -64.58 -22.77
C GLU D 2724 116.01 -63.64 -21.93
N LYS D 2725 116.48 -62.40 -21.79
CA LYS D 2725 115.83 -61.32 -21.02
C LYS D 2725 115.56 -61.69 -19.56
N ASN D 2734 110.90 -51.35 -21.53
CA ASN D 2734 109.71 -52.07 -21.95
C ASN D 2734 110.06 -53.28 -22.81
N PHE D 2735 109.28 -53.52 -23.86
CA PHE D 2735 109.55 -54.60 -24.80
C PHE D 2735 110.57 -54.11 -25.81
N ASP D 2736 111.80 -54.63 -25.72
CA ASP D 2736 112.91 -54.19 -26.56
C ASP D 2736 113.54 -55.41 -27.23
N PRO D 2737 112.98 -55.86 -28.35
CA PRO D 2737 113.57 -56.99 -29.08
C PRO D 2737 114.89 -56.59 -29.74
N ARG D 2738 115.85 -57.50 -29.69
CA ARG D 2738 117.15 -57.23 -30.30
C ARG D 2738 117.27 -58.02 -31.60
N PRO D 2739 117.38 -57.35 -32.74
CA PRO D 2739 117.60 -58.05 -34.00
C PRO D 2739 119.06 -58.50 -34.13
N VAL D 2740 119.34 -59.16 -35.25
CA VAL D 2740 120.68 -59.65 -35.55
C VAL D 2740 121.31 -58.70 -36.56
N GLU D 2741 122.45 -58.12 -36.20
CA GLU D 2741 123.14 -57.20 -37.09
C GLU D 2741 123.69 -57.94 -38.31
N THR D 2742 123.63 -57.26 -39.46
CA THR D 2742 124.00 -57.88 -40.74
C THR D 2742 125.00 -57.05 -41.53
N LEU D 2743 125.63 -56.05 -40.92
CA LEU D 2743 126.49 -55.12 -41.64
C LEU D 2743 127.96 -55.50 -41.58
N ASN D 2744 128.47 -55.84 -40.39
CA ASN D 2744 129.90 -56.03 -40.17
C ASN D 2744 130.47 -57.29 -40.80
N VAL D 2745 129.64 -58.20 -41.30
CA VAL D 2745 130.10 -59.41 -41.95
C VAL D 2745 129.71 -59.34 -43.42
N ILE D 2746 130.58 -59.87 -44.29
CA ILE D 2746 130.35 -59.82 -45.73
C ILE D 2746 129.43 -60.97 -46.12
N ILE D 2747 128.68 -60.80 -47.20
CA ILE D 2747 127.78 -61.84 -47.68
C ILE D 2747 128.60 -62.95 -48.35
N PRO D 2748 128.46 -64.21 -47.94
CA PRO D 2748 129.16 -65.31 -48.61
C PRO D 2748 128.59 -65.53 -50.00
N GLU D 2749 129.36 -65.16 -51.02
CA GLU D 2749 128.93 -65.22 -52.41
C GLU D 2749 129.37 -66.50 -53.10
N LYS D 2750 129.82 -67.50 -52.34
CA LYS D 2750 130.17 -68.80 -52.93
C LYS D 2750 128.97 -69.47 -53.57
N LEU D 2751 127.77 -69.23 -53.06
CA LEU D 2751 126.52 -69.74 -53.63
C LEU D 2751 125.76 -68.65 -54.41
N ASP D 2752 126.52 -67.78 -55.12
CA ASP D 2752 125.93 -66.71 -55.93
C ASP D 2752 125.01 -67.25 -57.02
N SER D 2753 125.21 -68.51 -57.41
CA SER D 2753 124.33 -69.21 -58.35
C SER D 2753 122.90 -69.29 -57.81
N PHE D 2754 122.75 -69.26 -56.48
CA PHE D 2754 121.44 -69.23 -55.85
C PHE D 2754 121.04 -67.83 -55.42
N ILE D 2755 122.02 -66.99 -55.01
CA ILE D 2755 121.70 -65.64 -54.58
C ILE D 2755 121.08 -64.83 -55.72
N ASN D 2756 121.68 -64.90 -56.92
CA ASN D 2756 121.09 -64.21 -58.06
C ASN D 2756 119.78 -64.87 -58.50
N LYS D 2757 119.73 -66.21 -58.48
CA LYS D 2757 118.53 -66.93 -58.90
C LYS D 2757 117.32 -66.57 -58.05
N PHE D 2758 117.52 -66.49 -56.73
CA PHE D 2758 116.44 -66.10 -55.84
C PHE D 2758 116.16 -64.61 -55.92
N ALA D 2759 117.15 -63.82 -56.40
CA ALA D 2759 116.97 -62.37 -56.47
C ALA D 2759 115.86 -62.03 -57.45
N GLU D 2760 115.84 -62.68 -58.62
CA GLU D 2760 114.76 -62.39 -59.55
C GLU D 2760 113.56 -63.28 -59.26
N TYR D 2761 113.76 -64.49 -58.70
CA TYR D 2761 112.61 -65.34 -58.49
C TYR D 2761 111.68 -64.88 -57.38
N THR D 2762 112.13 -64.00 -56.46
CA THR D 2762 111.18 -63.43 -55.50
C THR D 2762 110.13 -62.57 -56.21
N HIS D 2763 110.55 -61.78 -57.19
CA HIS D 2763 109.61 -60.99 -57.97
C HIS D 2763 108.85 -61.87 -58.97
N GLU D 2764 109.49 -62.90 -59.51
CA GLU D 2764 108.79 -63.82 -60.40
C GLU D 2764 107.67 -64.58 -59.68
N LYS D 2765 107.94 -65.02 -58.45
CA LYS D 2765 106.88 -65.60 -57.62
C LYS D 2765 105.85 -64.56 -57.20
N TRP D 2766 106.28 -63.30 -57.01
CA TRP D 2766 105.31 -62.23 -56.76
C TRP D 2766 104.41 -62.04 -57.97
N ALA D 2767 104.96 -62.17 -59.19
CA ALA D 2767 104.17 -62.15 -60.41
C ALA D 2767 103.21 -63.33 -60.47
N PHE D 2768 103.63 -64.49 -59.95
CA PHE D 2768 102.73 -65.64 -59.84
C PHE D 2768 101.57 -65.32 -58.90
N ASP D 2769 101.84 -64.65 -57.78
CA ASP D 2769 100.77 -64.22 -56.88
C ASP D 2769 99.84 -63.22 -57.56
N LYS D 2770 100.41 -62.30 -58.35
CA LYS D 2770 99.59 -61.31 -59.04
C LYS D 2770 98.71 -61.98 -60.09
N ILE D 2771 99.27 -62.90 -60.88
CA ILE D 2771 98.48 -63.52 -61.94
C ILE D 2771 97.45 -64.47 -61.34
N GLN D 2772 97.68 -64.98 -60.12
CA GLN D 2772 96.68 -65.81 -59.45
C GLN D 2772 95.73 -64.98 -58.59
N ASN D 2773 95.90 -63.66 -58.59
CA ASN D 2773 95.05 -62.75 -57.82
C ASN D 2773 93.86 -62.22 -58.63
N ASN D 2774 93.37 -63.03 -59.57
CA ASN D 2774 92.20 -62.85 -60.45
C ASN D 2774 92.39 -61.77 -61.52
N TRP D 2775 93.51 -61.06 -61.55
CA TRP D 2775 93.74 -60.02 -62.55
C TRP D 2775 95.07 -60.28 -63.24
N SER D 2776 95.08 -60.10 -64.56
CA SER D 2776 96.30 -60.29 -65.35
C SER D 2776 97.18 -59.06 -65.23
N TYR D 2777 98.25 -59.00 -66.03
CA TYR D 2777 99.19 -57.90 -65.94
C TYR D 2777 98.85 -56.81 -66.95
N GLY D 2778 99.31 -55.60 -66.64
CA GLY D 2778 99.13 -54.46 -67.51
C GLY D 2778 100.45 -53.76 -67.76
N GLU D 2779 100.50 -53.04 -68.87
CA GLU D 2779 101.71 -52.34 -69.27
C GLU D 2779 101.77 -50.89 -68.79
N ASN D 2780 100.69 -50.37 -68.22
CA ASN D 2780 100.66 -49.02 -67.66
C ASN D 2780 100.89 -49.09 -66.16
N VAL D 2781 101.76 -48.22 -65.66
CA VAL D 2781 102.14 -48.21 -64.25
C VAL D 2781 101.17 -47.26 -63.53
N ASP D 2782 100.08 -47.83 -63.03
CA ASP D 2782 99.08 -47.06 -62.28
C ASP D 2782 98.27 -48.02 -61.42
N GLU D 2783 97.51 -47.46 -60.49
CA GLU D 2783 96.78 -48.23 -59.50
C GLU D 2783 95.46 -48.80 -60.01
N GLU D 2784 95.08 -48.54 -61.26
CA GLU D 2784 93.82 -49.04 -61.81
C GLU D 2784 93.78 -50.56 -61.90
N LEU D 2785 94.93 -51.23 -61.90
CA LEU D 2785 95.02 -52.68 -61.99
C LEU D 2785 94.88 -53.36 -60.63
N LYS D 2786 94.82 -52.57 -59.53
CA LYS D 2786 94.69 -52.98 -58.11
C LYS D 2786 95.66 -54.11 -57.70
N THR D 2787 96.78 -54.22 -58.41
CA THR D 2787 97.87 -55.15 -58.11
C THR D 2787 99.17 -54.39 -58.34
N HIS D 2788 100.29 -55.11 -58.42
CA HIS D 2788 101.59 -54.51 -58.68
C HIS D 2788 101.64 -53.93 -60.10
N PRO D 2789 101.74 -52.61 -60.26
CA PRO D 2789 101.58 -52.02 -61.60
C PRO D 2789 102.78 -52.22 -62.51
N MET D 2790 104.00 -52.03 -61.99
CA MET D 2790 105.17 -51.88 -62.84
C MET D 2790 105.83 -53.20 -63.25
N LEU D 2791 105.13 -54.33 -63.12
CA LEU D 2791 105.69 -55.56 -63.63
C LEU D 2791 105.36 -55.68 -65.12
N ARG D 2792 106.38 -55.97 -65.91
CA ARG D 2792 106.32 -56.02 -67.36
C ARG D 2792 106.89 -57.36 -67.79
N PRO D 2793 106.58 -57.84 -69.02
CA PRO D 2793 107.14 -59.12 -69.47
C PRO D 2793 108.67 -59.12 -69.49
N TYR D 2794 109.24 -60.28 -69.13
CA TYR D 2794 110.67 -60.46 -68.96
C TYR D 2794 111.48 -60.27 -70.24
N LYS D 2795 110.83 -60.28 -71.41
CA LYS D 2795 111.53 -60.04 -72.66
C LYS D 2795 112.12 -58.62 -72.71
N THR D 2796 111.36 -57.64 -72.23
CA THR D 2796 111.80 -56.24 -72.25
C THR D 2796 111.65 -55.59 -70.88
N PHE D 2797 111.81 -56.36 -69.81
CA PHE D 2797 111.75 -55.82 -68.45
C PHE D 2797 113.16 -55.41 -68.03
N SER D 2798 113.35 -54.11 -67.84
CA SER D 2798 114.66 -53.55 -67.50
C SER D 2798 115.14 -54.05 -66.15
N GLU D 2799 116.45 -54.31 -66.07
CA GLU D 2799 117.07 -54.79 -64.83
C GLU D 2799 117.66 -53.67 -63.98
N LYS D 2800 117.20 -52.43 -64.18
CA LYS D 2800 117.61 -51.34 -63.31
C LYS D 2800 117.11 -51.54 -61.89
N ASP D 2801 115.87 -52.02 -61.74
CA ASP D 2801 115.28 -52.26 -60.42
C ASP D 2801 115.65 -53.62 -59.83
N LYS D 2802 116.02 -54.60 -60.65
CA LYS D 2802 116.37 -55.93 -60.16
C LYS D 2802 117.64 -55.94 -59.31
N GLU D 2803 118.53 -54.97 -59.52
CA GLU D 2803 119.69 -54.80 -58.65
C GLU D 2803 119.37 -54.16 -57.31
N ILE D 2804 118.22 -53.49 -57.17
CA ILE D 2804 117.84 -52.86 -55.91
C ILE D 2804 116.63 -53.52 -55.28
N TYR D 2805 116.02 -54.50 -55.95
CA TYR D 2805 114.95 -55.30 -55.36
C TYR D 2805 115.50 -56.42 -54.48
N ARG D 2806 116.80 -56.66 -54.51
CA ARG D 2806 117.38 -57.79 -53.79
C ARG D 2806 117.92 -57.43 -52.42
N TRP D 2807 117.69 -56.20 -51.96
CA TRP D 2807 118.09 -55.80 -50.60
C TRP D 2807 117.44 -56.65 -49.50
N PRO D 2808 116.09 -56.87 -49.47
CA PRO D 2808 115.56 -57.83 -48.48
C PRO D 2808 116.08 -59.23 -48.67
N ILE D 2809 116.33 -59.65 -49.91
CA ILE D 2809 116.92 -60.96 -50.18
C ILE D 2809 118.33 -61.04 -49.62
N LYS D 2810 119.14 -59.99 -49.84
CA LYS D 2810 120.51 -59.97 -49.33
C LYS D 2810 120.54 -60.00 -47.80
N GLU D 2811 119.63 -59.26 -47.15
CA GLU D 2811 119.51 -59.33 -45.71
C GLU D 2811 119.04 -60.70 -45.23
N SER D 2812 118.11 -61.32 -45.97
CA SER D 2812 117.60 -62.64 -45.60
C SER D 2812 118.70 -63.69 -45.68
N LEU D 2813 119.48 -63.68 -46.76
CA LEU D 2813 120.58 -64.63 -46.90
C LEU D 2813 121.67 -64.40 -45.86
N LYS D 2814 121.90 -63.12 -45.51
CA LYS D 2814 122.83 -62.81 -44.43
C LYS D 2814 122.30 -63.34 -43.12
N ALA D 2815 121.00 -63.20 -42.87
CA ALA D 2815 120.42 -63.65 -41.61
C ALA D 2815 120.49 -65.17 -41.49
N MET D 2816 120.17 -65.89 -42.58
CA MET D 2816 120.22 -67.35 -42.54
C MET D 2816 121.63 -67.91 -42.50
N ILE D 2817 122.65 -67.09 -42.72
CA ILE D 2817 124.03 -67.60 -42.67
C ILE D 2817 124.85 -66.98 -41.55
N ALA D 2818 124.37 -65.92 -40.89
CA ALA D 2818 125.13 -65.25 -39.85
C ALA D 2818 125.09 -65.94 -38.50
N TRP D 2819 124.13 -66.84 -38.26
CA TRP D 2819 124.03 -67.52 -36.97
C TRP D 2819 124.86 -68.81 -36.93
N GLU D 2820 126.11 -68.74 -37.39
CA GLU D 2820 127.02 -69.90 -37.53
C GLU D 2820 126.32 -71.07 -38.24
N TRP D 2821 125.63 -70.76 -39.33
CA TRP D 2821 124.78 -71.70 -40.06
C TRP D 2821 125.24 -71.74 -41.51
N THR D 2822 126.18 -72.64 -41.80
CA THR D 2822 126.72 -72.76 -43.14
C THR D 2822 125.76 -73.52 -44.05
N ILE D 2823 125.84 -73.19 -45.34
CA ILE D 2823 125.01 -73.81 -46.37
C ILE D 2823 125.94 -74.25 -47.50
N GLU D 2824 125.72 -75.46 -48.02
CA GLU D 2824 126.60 -76.03 -49.01
C GLU D 2824 125.78 -76.59 -50.18
N LYS D 2825 126.42 -76.68 -51.34
CA LYS D 2825 125.78 -77.15 -52.56
C LYS D 2825 125.51 -78.65 -52.47
N ALA D 2826 124.24 -79.03 -52.46
CA ALA D 2826 123.89 -80.44 -52.53
C ALA D 2826 124.04 -80.97 -53.95
N ARG D 2827 123.72 -80.14 -54.94
CA ARG D 2827 123.82 -80.49 -56.35
C ARG D 2827 125.05 -79.83 -56.97
N GLU D 2828 125.28 -80.10 -58.25
CA GLU D 2828 126.39 -79.52 -59.01
C GLU D 2828 125.81 -79.01 -60.33
N GLY D 2829 125.46 -77.73 -60.37
CA GLY D 2829 124.90 -77.15 -61.57
C GLY D 2829 124.67 -75.67 -61.38
N GLU D 2830 124.29 -75.02 -62.49
CA GLU D 2830 124.02 -73.58 -62.59
C GLU D 2830 125.17 -72.71 -62.10
N TYR D 2855 105.75 -64.38 -70.67
CA TYR D 2855 105.98 -63.99 -69.28
C TYR D 2855 105.13 -64.84 -68.34
N ASN D 2856 105.58 -66.05 -68.08
CA ASN D 2856 104.83 -66.93 -67.19
C ASN D 2856 105.77 -67.62 -66.21
N PRO D 2857 105.53 -67.47 -64.91
CA PRO D 2857 106.35 -68.18 -63.92
C PRO D 2857 106.02 -69.67 -63.85
N GLN D 2858 106.64 -70.44 -64.74
CA GLN D 2858 106.35 -71.87 -64.86
C GLN D 2858 106.60 -72.70 -63.60
N PRO D 2859 107.74 -72.62 -62.88
CA PRO D 2859 107.94 -73.55 -61.75
C PRO D 2859 107.09 -73.15 -60.56
N PRO D 2860 106.31 -74.08 -60.00
CA PRO D 2860 105.57 -73.76 -58.76
C PRO D 2860 106.42 -74.04 -57.53
N ASP D 2861 106.61 -73.02 -56.69
CA ASP D 2861 107.46 -73.09 -55.51
C ASP D 2861 106.61 -72.68 -54.30
N LEU D 2862 106.06 -73.66 -53.61
CA LEU D 2862 105.21 -73.46 -52.44
C LEU D 2862 105.80 -74.15 -51.23
N SER D 2863 105.09 -74.06 -50.11
CA SER D 2863 105.50 -74.68 -48.85
C SER D 2863 104.33 -75.40 -48.20
N GLY D 2864 103.59 -76.17 -49.00
CA GLY D 2864 102.40 -76.83 -48.50
C GLY D 2864 102.62 -78.09 -47.70
N VAL D 2865 103.81 -78.67 -47.77
CA VAL D 2865 104.09 -79.92 -47.09
C VAL D 2865 104.88 -79.63 -45.81
N THR D 2866 104.95 -80.62 -44.92
CA THR D 2866 105.72 -80.49 -43.69
C THR D 2866 107.21 -80.61 -43.96
N LEU D 2867 107.99 -80.56 -42.88
CA LEU D 2867 109.45 -80.61 -42.99
C LEU D 2867 110.01 -81.08 -41.64
N SER D 2868 111.28 -81.51 -41.66
CA SER D 2868 111.98 -82.04 -40.49
C SER D 2868 111.99 -81.02 -39.36
N ARG D 2869 111.81 -81.51 -38.12
CA ARG D 2869 111.54 -80.64 -36.98
C ARG D 2869 112.68 -79.66 -36.68
N GLU D 2870 113.93 -80.13 -36.72
CA GLU D 2870 115.07 -79.26 -36.45
CA GLU D 2870 115.08 -79.26 -36.46
C GLU D 2870 115.20 -78.17 -37.51
N LEU D 2871 114.97 -78.49 -38.78
CA LEU D 2871 115.13 -77.49 -39.83
C LEU D 2871 113.90 -76.58 -39.93
N GLN D 2872 112.72 -77.06 -39.55
CA GLN D 2872 111.57 -76.16 -39.54
C GLN D 2872 111.67 -75.19 -38.35
N ALA D 2873 112.16 -75.64 -37.19
CA ALA D 2873 112.44 -74.67 -36.13
C ALA D 2873 113.65 -73.79 -36.46
N MET D 2874 114.56 -74.26 -37.33
CA MET D 2874 115.63 -73.43 -37.86
C MET D 2874 115.04 -72.26 -38.66
N ALA D 2875 114.02 -72.56 -39.48
CA ALA D 2875 113.36 -71.48 -40.18
C ALA D 2875 112.46 -70.66 -39.25
N GLU D 2876 111.96 -71.27 -38.17
CA GLU D 2876 111.20 -70.51 -37.18
C GLU D 2876 112.08 -69.45 -36.53
N GLN D 2877 113.36 -69.76 -36.34
CA GLN D 2877 114.30 -68.77 -35.82
C GLN D 2877 114.64 -67.75 -36.89
N LEU D 2878 114.74 -68.18 -38.16
CA LEU D 2878 114.96 -67.23 -39.25
C LEU D 2878 113.82 -66.25 -39.40
N ALA D 2879 112.58 -66.72 -39.34
CA ALA D 2879 111.41 -65.85 -39.34
C ALA D 2879 111.35 -65.00 -38.08
N GLU D 2880 111.82 -65.51 -36.94
CA GLU D 2880 111.93 -64.67 -35.75
C GLU D 2880 112.94 -63.54 -35.94
N ASN D 2881 114.08 -63.82 -36.59
CA ASN D 2881 115.01 -62.77 -36.97
C ASN D 2881 114.44 -61.84 -38.03
N TYR D 2882 113.45 -62.31 -38.80
CA TYR D 2882 112.76 -61.41 -39.73
C TYR D 2882 111.85 -60.48 -38.94
N HIS D 2883 111.08 -61.06 -38.01
CA HIS D 2883 110.05 -60.34 -37.29
C HIS D 2883 110.63 -59.33 -36.32
N ASN D 2884 111.74 -59.67 -35.65
CA ASN D 2884 112.35 -58.68 -34.76
C ASN D 2884 112.96 -57.50 -35.52
N THR D 2885 113.43 -57.73 -36.76
CA THR D 2885 113.83 -56.60 -37.62
C THR D 2885 112.64 -55.73 -38.02
N TRP D 2886 111.50 -56.35 -38.35
CA TRP D 2886 110.25 -55.57 -38.52
C TRP D 2886 109.86 -54.83 -37.24
N GLY D 2887 109.97 -55.48 -36.09
CA GLY D 2887 109.62 -54.84 -34.83
C GLY D 2887 110.56 -53.69 -34.49
N ARG D 2888 111.84 -53.86 -34.79
CA ARG D 2888 112.85 -52.84 -34.48
C ARG D 2888 112.64 -51.61 -35.34
N LYS D 2889 112.45 -51.82 -36.65
CA LYS D 2889 112.32 -50.66 -37.52
C LYS D 2889 110.94 -50.01 -37.35
N LYS D 2890 109.90 -50.78 -37.00
CA LYS D 2890 108.61 -50.16 -36.78
C LYS D 2890 108.61 -49.40 -35.45
N LYS D 2891 109.22 -49.95 -34.40
CA LYS D 2891 109.25 -49.26 -33.12
C LYS D 2891 110.13 -48.02 -33.16
N GLN D 2892 111.10 -47.95 -34.09
CA GLN D 2892 111.92 -46.75 -34.18
C GLN D 2892 111.09 -45.58 -34.69
N GLU D 2893 110.33 -45.80 -35.77
CA GLU D 2893 109.50 -44.76 -36.35
C GLU D 2893 108.25 -44.52 -35.52
N LEU D 2894 107.91 -45.44 -34.61
CA LEU D 2894 106.72 -45.32 -33.77
C LEU D 2894 106.99 -44.71 -32.41
N GLU D 2895 108.24 -44.76 -31.91
CA GLU D 2895 108.56 -44.23 -30.59
C GLU D 2895 108.77 -42.71 -30.56
N ALA D 2896 108.30 -41.97 -31.58
CA ALA D 2896 108.42 -40.52 -31.59
C ALA D 2896 107.63 -39.86 -30.46
N LYS D 2897 106.58 -40.51 -29.96
CA LYS D 2897 105.82 -39.98 -28.84
C LYS D 2897 106.33 -40.49 -27.49
N GLY D 2898 107.15 -41.53 -27.48
CA GLY D 2898 107.74 -42.03 -26.25
C GLY D 2898 106.81 -42.77 -25.33
N GLY D 2899 105.70 -43.29 -25.83
CA GLY D 2899 104.76 -44.02 -25.00
C GLY D 2899 103.90 -44.96 -25.81
N GLY D 2900 103.47 -46.03 -25.17
CA GLY D 2900 102.59 -46.99 -25.81
C GLY D 2900 103.36 -48.06 -26.57
N THR D 2901 102.64 -49.14 -26.87
CA THR D 2901 103.21 -50.25 -27.63
C THR D 2901 102.16 -50.77 -28.61
N HIS D 2902 102.63 -51.29 -29.73
CA HIS D 2902 101.73 -51.83 -30.74
C HIS D 2902 101.20 -53.18 -30.28
N PRO D 2903 99.94 -53.51 -30.59
CA PRO D 2903 99.41 -54.84 -30.21
C PRO D 2903 100.16 -56.02 -30.82
N LEU D 2904 100.73 -55.86 -32.01
CA LEU D 2904 101.50 -56.92 -32.64
C LEU D 2904 102.95 -56.97 -32.18
N LEU D 2905 103.37 -56.06 -31.30
CA LEU D 2905 104.77 -55.99 -30.86
C LEU D 2905 105.11 -57.12 -29.91
N VAL D 2906 105.11 -58.35 -30.42
CA VAL D 2906 105.61 -59.53 -29.70
C VAL D 2906 106.41 -60.38 -30.66
N PRO D 2907 107.41 -61.11 -30.16
CA PRO D 2907 108.24 -61.96 -31.04
C PRO D 2907 107.44 -63.07 -31.70
N TYR D 2908 108.10 -63.73 -32.66
CA TYR D 2908 107.47 -64.70 -33.56
C TYR D 2908 106.91 -65.91 -32.81
N ASP D 2909 107.66 -66.44 -31.84
CA ASP D 2909 107.22 -67.64 -31.12
C ASP D 2909 105.97 -67.39 -30.29
N THR D 2910 105.89 -66.25 -29.61
CA THR D 2910 104.77 -66.01 -28.69
C THR D 2910 103.47 -65.70 -29.43
N LEU D 2911 103.55 -65.02 -30.57
CA LEU D 2911 102.38 -64.63 -31.33
C LEU D 2911 101.69 -65.83 -31.99
N THR D 2912 100.37 -65.74 -32.13
CA THR D 2912 99.51 -66.83 -32.59
C THR D 2912 99.74 -67.09 -34.08
N ALA D 2913 99.28 -68.25 -34.57
CA ALA D 2913 99.50 -68.67 -35.96
C ALA D 2913 98.84 -67.72 -36.97
N LYS D 2914 97.72 -67.10 -36.60
CA LYS D 2914 97.03 -66.18 -37.51
C LYS D 2914 97.89 -64.98 -37.85
N GLU D 2915 98.61 -64.44 -36.86
CA GLU D 2915 99.57 -63.39 -37.14
C GLU D 2915 100.97 -63.95 -37.42
N LYS D 2916 101.12 -65.28 -37.43
CA LYS D 2916 102.39 -65.91 -37.74
C LYS D 2916 102.49 -66.29 -39.20
N ALA D 2917 101.38 -66.13 -39.94
CA ALA D 2917 101.30 -66.66 -41.31
C ALA D 2917 102.32 -66.01 -42.25
N ARG D 2918 102.51 -64.69 -42.15
CA ARG D 2918 103.41 -63.96 -43.05
C ARG D 2918 104.87 -64.39 -42.87
N ASP D 2919 105.33 -64.46 -41.63
CA ASP D 2919 106.73 -64.80 -41.38
C ASP D 2919 106.96 -66.29 -41.59
N ARG D 2920 105.99 -67.10 -41.16
CA ARG D 2920 106.11 -68.55 -41.29
C ARG D 2920 106.17 -68.92 -42.76
N GLU D 2921 105.31 -68.30 -43.58
CA GLU D 2921 105.31 -68.59 -45.01
C GLU D 2921 106.60 -68.12 -45.66
N LYS D 2922 107.09 -66.93 -45.27
CA LYS D 2922 108.30 -66.39 -45.90
C LYS D 2922 109.51 -67.28 -45.63
N ALA D 2923 109.66 -67.73 -44.38
CA ALA D 2923 110.77 -68.60 -44.01
C ALA D 2923 110.60 -70.00 -44.59
N GLN D 2924 109.37 -70.53 -44.57
CA GLN D 2924 109.15 -71.90 -45.02
C GLN D 2924 109.29 -71.98 -46.53
N GLU D 2925 108.72 -71.02 -47.26
CA GLU D 2925 108.84 -70.99 -48.71
C GLU D 2925 110.29 -70.81 -49.13
N LEU D 2926 111.06 -69.96 -48.42
CA LEU D 2926 112.49 -69.88 -48.68
C LEU D 2926 113.21 -71.21 -48.41
N LEU D 2927 112.84 -71.89 -47.31
CA LEU D 2927 113.42 -73.20 -47.00
C LEU D 2927 113.07 -74.26 -48.03
N LYS D 2928 111.82 -74.26 -48.51
CA LYS D 2928 111.42 -75.16 -49.58
C LYS D 2928 112.15 -74.82 -50.88
N PHE D 2929 112.34 -73.53 -51.17
CA PHE D 2929 113.16 -73.10 -52.31
C PHE D 2929 114.59 -73.62 -52.20
N LEU D 2930 115.09 -73.77 -50.96
CA LEU D 2930 116.39 -74.39 -50.76
C LEU D 2930 116.31 -75.89 -50.97
N GLN D 2931 115.18 -76.50 -50.60
CA GLN D 2931 115.02 -77.94 -50.77
C GLN D 2931 114.99 -78.31 -52.24
N MET D 2932 114.14 -77.63 -53.01
CA MET D 2932 113.99 -77.96 -54.43
C MET D 2932 115.23 -77.57 -55.22
N ASN D 2933 115.94 -76.52 -54.80
CA ASN D 2933 117.16 -76.17 -55.52
C ASN D 2933 118.39 -76.88 -54.97
N GLY D 2934 118.24 -77.70 -53.94
CA GLY D 2934 119.36 -78.49 -53.43
C GLY D 2934 120.23 -77.75 -52.44
N TYR D 2935 119.64 -77.26 -51.37
CA TYR D 2935 120.36 -76.53 -50.33
C TYR D 2935 119.82 -76.92 -48.97
N ALA D 2936 120.72 -77.27 -48.05
CA ALA D 2936 120.35 -77.64 -46.69
C ALA D 2936 121.19 -76.83 -45.70
N VAL D 2937 120.52 -76.24 -44.72
CA VAL D 2937 121.18 -75.42 -43.71
C VAL D 2937 121.22 -76.22 -42.42
N THR D 2938 122.43 -76.57 -41.97
CA THR D 2938 122.63 -77.32 -40.75
C THR D 2938 123.72 -76.66 -39.92
N ARG D 2939 123.49 -76.52 -38.62
CA ARG D 2939 124.45 -75.91 -37.72
C ARG D 2939 125.68 -76.80 -37.51
N LEU D 2946 117.53 -81.58 -27.05
CA LEU D 2946 117.94 -82.32 -28.24
C LEU D 2946 117.02 -83.51 -28.44
N ASP D 2947 116.35 -83.52 -29.61
CA ASP D 2947 115.42 -84.56 -30.04
C ASP D 2947 114.31 -84.79 -29.01
N THR D 2948 113.61 -83.70 -28.70
CA THR D 2948 112.53 -83.75 -27.73
C THR D 2948 111.24 -84.20 -28.42
N SER D 2949 110.52 -85.10 -27.77
CA SER D 2949 109.29 -85.66 -28.30
C SER D 2949 108.12 -85.30 -27.39
N SER D 2950 106.94 -85.88 -27.71
CA SER D 2950 105.72 -85.57 -26.99
C SER D 2950 105.78 -86.01 -25.53
N ILE D 2951 106.61 -87.02 -25.23
CA ILE D 2951 106.72 -87.52 -23.86
C ILE D 2951 107.30 -86.42 -22.96
N GLU D 2952 108.38 -85.81 -23.43
CA GLU D 2952 109.08 -84.77 -22.66
C GLU D 2952 108.35 -83.44 -22.72
N LYS D 2953 107.61 -83.15 -23.81
CA LYS D 2953 106.96 -81.85 -23.93
C LYS D 2953 105.74 -81.68 -23.01
N ARG D 2954 105.30 -82.74 -22.33
CA ARG D 2954 104.18 -82.66 -21.41
C ARG D 2954 104.49 -81.75 -20.22
N PHE D 2955 103.43 -81.15 -19.69
CA PHE D 2955 103.54 -80.34 -18.47
C PHE D 2955 104.02 -81.15 -17.28
N ALA D 2956 103.38 -82.29 -17.03
CA ALA D 2956 103.72 -83.13 -15.87
C ALA D 2956 105.15 -83.64 -15.94
N PHE D 2957 105.58 -84.08 -17.14
CA PHE D 2957 106.94 -84.54 -17.33
C PHE D 2957 107.96 -83.43 -17.10
N GLY D 2958 107.68 -82.23 -17.63
CA GLY D 2958 108.57 -81.11 -17.35
C GLY D 2958 108.54 -80.73 -15.89
N PHE D 2959 107.36 -80.82 -15.28
CA PHE D 2959 107.17 -80.47 -13.87
C PHE D 2959 108.10 -81.29 -13.00
N LEU D 2960 108.07 -82.60 -13.18
CA LEU D 2960 108.80 -83.46 -12.25
C LEU D 2960 110.28 -83.51 -12.61
N GLN D 2961 110.64 -83.32 -13.90
CA GLN D 2961 112.06 -83.36 -14.27
C GLN D 2961 112.80 -82.20 -13.61
N GLN D 2962 112.21 -81.00 -13.65
CA GLN D 2962 112.80 -79.86 -12.96
C GLN D 2962 112.66 -79.97 -11.45
N LEU D 2963 111.64 -80.68 -10.93
CA LEU D 2963 111.64 -80.96 -9.50
C LEU D 2963 112.81 -81.86 -9.10
N LEU D 2964 113.14 -82.86 -9.91
CA LEU D 2964 114.34 -83.67 -9.65
C LEU D 2964 115.62 -82.84 -9.75
N ARG D 2965 115.68 -81.94 -10.75
CA ARG D 2965 116.78 -80.99 -10.87
C ARG D 2965 116.86 -80.05 -9.68
N TRP D 2966 115.75 -79.81 -9.01
CA TRP D 2966 115.78 -79.05 -7.76
C TRP D 2966 116.01 -79.96 -6.55
N MET D 2967 115.70 -81.25 -6.67
CA MET D 2967 115.91 -82.21 -5.60
C MET D 2967 117.40 -82.43 -5.34
N ASP D 2968 118.19 -82.52 -6.41
CA ASP D 2968 119.64 -82.63 -6.20
C ASP D 2968 120.20 -81.38 -5.53
N ILE D 2969 119.60 -80.22 -5.80
CA ILE D 2969 119.90 -79.01 -5.05
C ILE D 2969 119.37 -79.11 -3.62
N SER D 2970 118.24 -79.82 -3.41
CA SER D 2970 117.68 -79.98 -2.07
C SER D 2970 118.58 -80.80 -1.16
N GLN D 2971 119.45 -81.63 -1.73
CA GLN D 2971 120.43 -82.33 -0.90
C GLN D 2971 121.43 -81.35 -0.27
N GLU D 2972 121.60 -80.17 -0.87
CA GLU D 2972 122.65 -79.25 -0.45
C GLU D 2972 122.31 -78.60 0.89
N PHE D 2973 121.06 -78.13 1.06
CA PHE D 2973 120.80 -77.37 2.27
C PHE D 2973 120.70 -78.31 3.46
N ILE D 2974 120.15 -79.52 3.27
CA ILE D 2974 120.13 -80.49 4.36
C ILE D 2974 121.55 -80.85 4.79
N ALA D 2975 122.46 -81.10 3.82
CA ALA D 2975 123.85 -81.38 4.19
C ALA D 2975 124.54 -80.18 4.85
N HIS D 2976 124.27 -78.97 4.35
CA HIS D 2976 124.90 -77.77 4.90
C HIS D 2976 124.41 -77.48 6.32
N LEU D 2977 123.09 -77.50 6.53
CA LEU D 2977 122.57 -77.19 7.85
C LEU D 2977 122.86 -78.30 8.86
N GLU D 2978 122.94 -79.57 8.44
CA GLU D 2978 123.43 -80.60 9.36
C GLU D 2978 124.88 -80.34 9.75
N ALA D 2979 125.71 -79.92 8.78
CA ALA D 2979 127.10 -79.64 9.08
C ALA D 2979 127.24 -78.48 10.05
N VAL D 2980 126.44 -77.42 9.85
CA VAL D 2980 126.59 -76.24 10.69
C VAL D 2980 125.93 -76.42 12.05
N VAL D 2981 125.01 -77.38 12.19
CA VAL D 2981 124.42 -77.58 13.51
C VAL D 2981 125.30 -78.55 14.28
N SER D 2982 125.97 -79.48 13.57
CA SER D 2982 126.85 -80.42 14.25
C SER D 2982 128.11 -79.74 14.76
N SER D 2983 128.74 -78.91 13.93
CA SER D 2983 129.95 -78.20 14.36
C SER D 2983 130.17 -76.96 13.51
N GLY D 2984 130.93 -76.01 14.06
CA GLY D 2984 131.19 -74.77 13.35
C GLY D 2984 129.95 -73.95 13.07
N ARG D 2985 129.29 -73.45 14.12
CA ARG D 2985 128.04 -72.71 14.00
C ARG D 2985 128.23 -71.42 13.23
N VAL D 2986 127.64 -71.35 12.03
CA VAL D 2986 127.67 -70.15 11.21
C VAL D 2986 126.25 -69.90 10.70
N GLU D 2987 125.83 -68.63 10.77
CA GLU D 2987 124.52 -68.21 10.29
C GLU D 2987 124.62 -67.38 9.02
N LYS D 2988 125.73 -67.52 8.27
CA LYS D 2988 125.89 -66.77 7.03
C LYS D 2988 124.83 -67.17 6.00
N SER D 2989 124.57 -68.48 5.88
CA SER D 2989 123.61 -69.09 4.95
C SER D 2989 123.84 -68.64 3.51
N PRO D 2990 124.88 -69.12 2.83
CA PRO D 2990 125.19 -68.64 1.46
C PRO D 2990 124.09 -68.90 0.43
N HIS D 2991 123.22 -69.88 0.65
CA HIS D 2991 122.13 -70.15 -0.29
C HIS D 2991 120.78 -69.99 0.37
N GLU D 2992 120.61 -68.89 1.12
CA GLU D 2992 119.36 -68.62 1.83
C GLU D 2992 118.21 -68.38 0.85
N GLN D 2993 118.52 -67.85 -0.33
CA GLN D 2993 117.51 -67.64 -1.37
C GLN D 2993 116.91 -68.97 -1.80
N GLU D 2994 117.77 -69.98 -1.93
CA GLU D 2994 117.28 -71.29 -2.33
C GLU D 2994 116.56 -71.96 -1.17
N ILE D 2995 117.06 -71.78 0.06
CA ILE D 2995 116.41 -72.39 1.23
C ILE D 2995 114.98 -71.88 1.38
N LYS D 2996 114.81 -70.56 1.22
CA LYS D 2996 113.48 -69.97 1.22
C LYS D 2996 112.63 -70.50 0.08
N PHE D 2997 113.23 -70.69 -1.10
CA PHE D 2997 112.44 -71.22 -2.21
C PHE D 2997 112.01 -72.66 -1.95
N PHE D 2998 112.87 -73.44 -1.29
CA PHE D 2998 112.59 -74.85 -1.00
C PHE D 2998 111.44 -74.95 -0.03
N ALA D 2999 111.55 -74.27 1.11
CA ALA D 2999 110.58 -74.49 2.16
C ALA D 2999 109.32 -73.64 2.02
N LYS D 3000 109.29 -72.68 1.07
CA LYS D 3000 108.11 -71.83 0.90
C LYS D 3000 107.43 -71.91 -0.46
N ILE D 3001 108.05 -72.48 -1.49
CA ILE D 3001 107.49 -72.51 -2.84
C ILE D 3001 107.24 -73.92 -3.34
N LEU D 3002 108.26 -74.80 -3.25
CA LEU D 3002 108.12 -76.17 -3.72
C LEU D 3002 107.03 -76.92 -2.97
N LEU D 3003 107.00 -76.78 -1.64
CA LEU D 3003 106.00 -77.49 -0.83
C LEU D 3003 104.55 -77.10 -1.15
N PRO D 3004 104.15 -75.81 -1.19
CA PRO D 3004 102.73 -75.54 -1.49
C PRO D 3004 102.36 -75.77 -2.95
N LEU D 3005 103.29 -75.57 -3.88
CA LEU D 3005 103.02 -75.87 -5.28
C LEU D 3005 102.79 -77.37 -5.48
N ILE D 3006 103.57 -78.20 -4.79
CA ILE D 3006 103.31 -79.64 -4.81
C ILE D 3006 101.98 -79.95 -4.13
N ASN D 3007 101.66 -79.20 -3.06
CA ASN D 3007 100.44 -79.39 -2.28
C ASN D 3007 99.22 -79.21 -3.16
N GLN D 3008 99.22 -78.15 -3.97
CA GLN D 3008 98.02 -77.82 -4.71
C GLN D 3008 97.98 -78.55 -6.05
N TYR D 3009 99.07 -78.53 -6.84
CA TYR D 3009 99.06 -79.15 -8.16
C TYR D 3009 98.85 -80.67 -8.09
N PHE D 3010 99.55 -81.35 -7.17
CA PHE D 3010 99.35 -82.78 -7.01
C PHE D 3010 97.93 -83.10 -6.54
N THR D 3011 97.31 -82.23 -5.75
CA THR D 3011 95.91 -82.42 -5.40
C THR D 3011 95.01 -82.22 -6.62
N ASN D 3012 95.37 -81.25 -7.48
CA ASN D 3012 94.60 -80.98 -8.69
C ASN D 3012 94.59 -82.17 -9.63
N HIS D 3013 95.74 -82.82 -9.80
CA HIS D 3013 95.81 -83.94 -10.74
C HIS D 3013 96.33 -85.19 -10.05
N CYS D 3014 95.78 -85.47 -8.85
CA CYS D 3014 96.13 -86.69 -8.13
C CYS D 3014 95.67 -87.94 -8.87
N LEU D 3015 94.47 -87.90 -9.44
CA LEU D 3015 93.95 -89.04 -10.18
C LEU D 3015 94.68 -89.25 -11.50
N TYR D 3016 95.18 -88.18 -12.12
CA TYR D 3016 95.91 -88.30 -13.39
C TYR D 3016 97.21 -89.09 -13.21
N PHE D 3017 97.95 -88.82 -12.13
CA PHE D 3017 99.12 -89.63 -11.80
C PHE D 3017 98.74 -91.04 -11.33
N LEU D 3018 97.51 -91.23 -10.84
CA LEU D 3018 97.01 -92.57 -10.61
C LEU D 3018 96.42 -93.19 -11.86
N SER D 3019 96.23 -92.40 -12.92
CA SER D 3019 95.63 -92.89 -14.15
C SER D 3019 96.67 -93.68 -14.94
N THR D 3020 96.27 -94.86 -15.39
CA THR D 3020 97.04 -95.75 -16.24
C THR D 3020 96.16 -96.19 -17.39
N PRO D 3021 96.75 -96.57 -18.54
CA PRO D 3021 95.93 -97.07 -19.67
C PRO D 3021 95.00 -98.22 -19.32
N ALA D 3022 95.45 -99.14 -18.44
CA ALA D 3022 94.62 -100.28 -18.05
C ALA D 3022 93.36 -99.83 -17.31
N LYS D 3023 93.50 -98.88 -16.37
CA LYS D 3023 92.38 -98.36 -15.60
C LYS D 3023 92.46 -96.84 -15.62
N VAL D 3024 91.70 -96.21 -16.52
CA VAL D 3024 91.75 -94.77 -16.71
C VAL D 3024 90.75 -94.12 -15.75
N LEU D 3025 91.26 -93.35 -14.80
CA LEU D 3025 90.42 -92.62 -13.86
C LEU D 3025 90.27 -91.14 -14.22
N GLY D 3026 91.28 -90.56 -14.87
CA GLY D 3026 91.27 -89.14 -15.18
C GLY D 3026 90.22 -88.78 -16.22
N SER D 3027 89.83 -87.50 -16.19
CA SER D 3027 88.89 -86.98 -17.19
C SER D 3027 89.52 -86.96 -18.58
N GLY D 3028 90.83 -86.82 -18.66
CA GLY D 3028 91.51 -86.84 -19.94
C GLY D 3028 92.99 -87.12 -19.79
N GLY D 3029 93.50 -88.07 -20.56
CA GLY D 3029 94.90 -88.40 -20.56
C GLY D 3029 95.30 -89.34 -19.42
N HIS D 3030 96.53 -89.83 -19.53
CA HIS D 3030 97.11 -90.72 -18.54
C HIS D 3030 98.57 -90.34 -18.32
N ALA D 3031 99.02 -90.41 -17.06
CA ALA D 3031 100.41 -90.12 -16.77
C ALA D 3031 101.30 -91.23 -17.32
N SER D 3032 102.44 -90.85 -17.88
CA SER D 3032 103.36 -91.85 -18.41
C SER D 3032 104.07 -92.58 -17.27
N ASN D 3033 104.64 -93.73 -17.64
CA ASN D 3033 105.34 -94.58 -16.68
C ASN D 3033 106.55 -93.88 -16.08
N LYS D 3034 107.29 -93.14 -16.92
CA LYS D 3034 108.45 -92.41 -16.42
C LYS D 3034 108.04 -91.33 -15.43
N GLU D 3035 106.90 -90.67 -15.68
CA GLU D 3035 106.36 -89.68 -14.74
C GLU D 3035 106.02 -90.33 -13.41
N LYS D 3036 105.51 -91.56 -13.46
CA LYS D 3036 105.22 -92.33 -12.24
C LYS D 3036 106.50 -92.61 -11.47
N GLU D 3037 107.54 -93.10 -12.14
CA GLU D 3037 108.77 -93.43 -11.43
C GLU D 3037 109.39 -92.17 -10.81
N MET D 3038 109.42 -91.05 -11.55
CA MET D 3038 110.07 -89.85 -11.01
C MET D 3038 109.31 -89.29 -9.81
N ILE D 3039 107.96 -89.29 -9.83
CA ILE D 3039 107.21 -88.84 -8.64
C ILE D 3039 107.49 -89.80 -7.47
N THR D 3040 107.56 -91.11 -7.76
CA THR D 3040 107.90 -92.11 -6.75
C THR D 3040 109.26 -91.82 -6.11
N SER D 3041 110.32 -91.79 -6.93
CA SER D 3041 111.67 -91.50 -6.50
C SER D 3041 111.78 -90.19 -5.73
N LEU D 3042 111.02 -89.17 -6.17
CA LEU D 3042 110.93 -87.89 -5.47
C LEU D 3042 110.37 -88.06 -4.07
N PHE D 3043 109.23 -88.74 -3.95
CA PHE D 3043 108.56 -88.86 -2.65
C PHE D 3043 109.40 -89.69 -1.69
N CYS D 3044 109.82 -90.87 -2.15
CA CYS D 3044 110.52 -91.82 -1.29
C CYS D 3044 111.83 -91.24 -0.80
N LYS D 3045 112.60 -90.57 -1.69
CA LYS D 3045 113.84 -90.01 -1.18
C LYS D 3045 113.56 -88.72 -0.41
N LEU D 3046 112.44 -88.02 -0.71
CA LEU D 3046 112.08 -86.80 0.00
C LEU D 3046 111.84 -87.05 1.48
N ALA D 3047 111.22 -88.19 1.79
CA ALA D 3047 111.10 -88.60 3.18
C ALA D 3047 112.46 -88.88 3.82
N ALA D 3048 113.38 -89.50 3.09
CA ALA D 3048 114.75 -89.65 3.59
C ALA D 3048 115.48 -88.32 3.71
N LEU D 3049 115.13 -87.35 2.84
CA LEU D 3049 115.65 -85.99 2.91
C LEU D 3049 115.27 -85.33 4.21
N VAL D 3050 114.03 -85.53 4.66
CA VAL D 3050 113.57 -84.91 5.90
C VAL D 3050 113.77 -85.85 7.09
N ARG D 3051 114.21 -87.08 6.86
CA ARG D 3051 114.44 -88.07 7.91
C ARG D 3051 115.48 -87.62 8.93
N HIS D 3052 115.11 -87.62 10.21
CA HIS D 3052 115.95 -87.20 11.34
C HIS D 3052 116.40 -85.74 11.23
N ARG D 3053 115.66 -84.92 10.49
CA ARG D 3053 115.96 -83.51 10.30
C ARG D 3053 114.75 -82.65 10.60
N VAL D 3054 113.88 -83.13 11.49
CA VAL D 3054 112.72 -82.34 11.90
C VAL D 3054 113.15 -81.11 12.66
N SER D 3055 114.22 -81.20 13.47
CA SER D 3055 114.78 -80.02 14.10
C SER D 3055 115.44 -79.09 13.09
N LEU D 3056 115.75 -79.59 11.90
CA LEU D 3056 116.36 -78.79 10.83
C LEU D 3056 115.30 -78.07 9.99
N PHE D 3057 114.11 -78.65 9.85
CA PHE D 3057 113.06 -78.01 9.07
C PHE D 3057 112.10 -77.18 9.92
N GLY D 3058 111.79 -77.62 11.14
CA GLY D 3058 111.01 -76.83 12.07
C GLY D 3058 109.57 -76.57 11.66
N THR D 3059 109.24 -75.29 11.45
CA THR D 3059 107.87 -74.87 11.15
C THR D 3059 107.36 -75.40 9.81
N ASP D 3060 108.25 -75.85 8.93
CA ASP D 3060 107.88 -76.36 7.62
C ASP D 3060 107.46 -77.82 7.64
N ALA D 3061 107.52 -78.46 8.81
CA ALA D 3061 107.12 -79.85 8.96
C ALA D 3061 105.67 -80.15 8.57
N PRO D 3062 104.63 -79.36 8.97
CA PRO D 3062 103.28 -79.67 8.43
C PRO D 3062 103.19 -79.57 6.91
N ALA D 3063 103.94 -78.66 6.28
CA ALA D 3063 103.94 -78.59 4.82
C ALA D 3063 104.61 -79.81 4.22
N VAL D 3064 105.70 -80.28 4.84
CA VAL D 3064 106.41 -81.43 4.30
C VAL D 3064 105.55 -82.69 4.43
N VAL D 3065 104.94 -82.90 5.61
CA VAL D 3065 104.10 -84.09 5.78
C VAL D 3065 102.85 -84.00 4.90
N ASN D 3066 102.39 -82.78 4.58
CA ASN D 3066 101.30 -82.59 3.63
C ASN D 3066 101.72 -83.08 2.24
N CYS D 3067 102.94 -82.72 1.83
CA CYS D 3067 103.47 -83.20 0.56
C CYS D 3067 103.63 -84.71 0.57
N LEU D 3068 104.13 -85.26 1.68
CA LEU D 3068 104.37 -86.69 1.80
C LEU D 3068 103.04 -87.46 1.71
N HIS D 3069 101.99 -86.93 2.33
CA HIS D 3069 100.67 -87.56 2.28
C HIS D 3069 100.11 -87.53 0.86
N ILE D 3070 100.24 -86.39 0.18
CA ILE D 3070 99.66 -86.26 -1.15
C ILE D 3070 100.41 -87.12 -2.16
N LEU D 3071 101.74 -87.14 -2.08
CA LEU D 3071 102.52 -87.97 -3.00
C LEU D 3071 102.25 -89.45 -2.76
N ALA D 3072 102.13 -89.85 -1.48
CA ALA D 3072 101.87 -91.24 -1.13
C ALA D 3072 100.52 -91.69 -1.66
N ARG D 3073 99.49 -90.83 -1.52
CA ARG D 3073 98.19 -91.24 -2.05
C ARG D 3073 98.16 -91.13 -3.58
N SER D 3074 99.12 -90.40 -4.18
CA SER D 3074 99.20 -90.26 -5.63
C SER D 3074 100.29 -91.12 -6.25
N LEU D 3075 100.66 -92.25 -5.65
CA LEU D 3075 101.70 -93.12 -6.19
C LEU D 3075 101.04 -94.30 -6.90
N ASP D 3076 101.26 -94.42 -8.21
CA ASP D 3076 100.79 -95.60 -8.97
C ASP D 3076 101.79 -96.74 -8.81
N ALA D 3077 101.79 -97.33 -7.61
CA ALA D 3077 102.83 -98.29 -7.20
C ALA D 3077 102.80 -99.57 -8.01
N ARG D 3078 101.61 -100.03 -8.43
CA ARG D 3078 101.52 -101.27 -9.21
C ARG D 3078 102.24 -101.13 -10.55
N THR D 3079 102.02 -100.01 -11.23
CA THR D 3079 102.73 -99.75 -12.47
C THR D 3079 104.21 -99.49 -12.22
N VAL D 3080 104.55 -98.97 -11.04
CA VAL D 3080 105.96 -98.76 -10.69
C VAL D 3080 106.68 -100.10 -10.60
N MET D 3081 106.07 -101.07 -9.91
CA MET D 3081 106.65 -102.42 -9.83
C MET D 3081 106.65 -103.14 -11.17
N LYS D 3082 105.59 -102.97 -11.96
CA LYS D 3082 105.51 -103.69 -13.24
C LYS D 3082 106.45 -103.11 -14.29
N SER D 3083 106.71 -101.80 -14.25
CA SER D 3083 107.65 -101.18 -15.19
C SER D 3083 108.31 -100.02 -14.46
N GLY D 3084 109.47 -100.29 -13.87
CA GLY D 3084 110.20 -99.29 -13.12
C GLY D 3084 111.67 -99.59 -12.97
N PRO D 3085 112.47 -98.54 -12.82
CA PRO D 3085 113.92 -98.70 -12.67
C PRO D 3085 114.36 -99.16 -11.30
N GLU D 3086 115.57 -99.73 -11.30
CA GLU D 3086 116.16 -100.28 -10.08
C GLU D 3086 116.42 -99.19 -9.06
N ILE D 3087 116.85 -98.00 -9.52
CA ILE D 3087 117.19 -96.91 -8.60
C ILE D 3087 115.94 -96.45 -7.84
N VAL D 3088 114.81 -96.30 -8.54
CA VAL D 3088 113.55 -95.90 -7.92
C VAL D 3088 113.06 -96.97 -6.95
N LYS D 3089 113.16 -98.25 -7.36
CA LYS D 3089 112.79 -99.34 -6.47
C LYS D 3089 113.68 -99.39 -5.24
N ALA D 3090 115.00 -99.18 -5.42
CA ALA D 3090 115.93 -99.12 -4.31
C ALA D 3090 115.61 -97.98 -3.36
N GLY D 3091 115.21 -96.83 -3.91
CA GLY D 3091 114.86 -95.69 -3.07
C GLY D 3091 113.63 -95.96 -2.23
N LEU D 3092 112.59 -96.55 -2.82
CA LEU D 3092 111.37 -96.81 -2.07
C LEU D 3092 111.56 -97.94 -1.06
N ARG D 3093 112.32 -98.97 -1.43
CA ARG D 3093 112.59 -100.05 -0.49
C ARG D 3093 113.52 -99.59 0.63
N SER D 3094 114.46 -98.68 0.34
CA SER D 3094 115.27 -98.08 1.39
C SER D 3094 114.42 -97.26 2.36
N PHE D 3095 113.42 -96.53 1.82
CA PHE D 3095 112.44 -95.86 2.67
C PHE D 3095 111.66 -96.82 3.57
N PHE D 3096 111.21 -97.96 3.02
CA PHE D 3096 110.57 -98.98 3.85
C PHE D 3096 111.53 -99.59 4.87
N GLU D 3097 112.78 -99.79 4.47
CA GLU D 3097 113.82 -100.29 5.38
C GLU D 3097 114.08 -99.32 6.51
N SER D 3098 114.18 -98.02 6.21
CA SER D 3098 114.37 -97.01 7.25
C SER D 3098 113.15 -96.91 8.14
N ALA D 3099 111.95 -97.10 7.58
CA ALA D 3099 110.73 -97.05 8.39
C ALA D 3099 110.75 -98.18 9.42
N SER D 3100 111.15 -99.37 8.98
CA SER D 3100 111.29 -100.51 9.88
C SER D 3100 112.37 -100.25 10.92
N GLU D 3101 113.49 -99.64 10.50
CA GLU D 3101 114.58 -99.33 11.44
C GLU D 3101 114.12 -98.37 12.53
N ASP D 3102 113.43 -97.28 12.14
CA ASP D 3102 112.97 -96.28 13.12
C ASP D 3102 111.95 -96.89 14.09
N ILE D 3103 111.03 -97.72 13.59
CA ILE D 3103 110.09 -98.40 14.49
C ILE D 3103 110.82 -99.36 15.41
N GLU D 3104 111.78 -100.13 14.87
CA GLU D 3104 112.55 -101.04 15.72
C GLU D 3104 113.37 -100.26 16.75
N LYS D 3105 113.84 -99.05 16.39
CA LYS D 3105 114.50 -98.19 17.36
C LYS D 3105 113.51 -97.69 18.41
N MET D 3106 112.21 -97.71 18.11
CA MET D 3106 111.23 -97.27 19.10
C MET D 3106 110.85 -98.38 20.06
N VAL D 3107 110.93 -99.65 19.62
CA VAL D 3107 110.41 -100.73 20.47
C VAL D 3107 111.25 -100.92 21.75
N GLU D 3108 112.58 -100.74 21.67
CA GLU D 3108 113.36 -100.79 22.90
C GLU D 3108 113.22 -99.51 23.73
N ASN D 3109 112.98 -98.37 23.08
CA ASN D 3109 112.71 -97.15 23.83
C ASN D 3109 111.43 -97.28 24.65
N LEU D 3110 110.39 -97.85 24.06
CA LEU D 3110 109.15 -98.08 24.79
C LEU D 3110 109.18 -99.35 25.64
N ARG D 3111 110.22 -100.17 25.51
CA ARG D 3111 110.46 -101.37 26.33
C ARG D 3111 111.10 -101.05 27.69
N LEU D 3112 111.06 -99.79 28.13
CA LEU D 3112 111.65 -99.26 29.37
C LEU D 3112 113.17 -99.36 29.41
N GLY D 3113 113.83 -99.62 28.28
CA GLY D 3113 115.28 -99.52 28.22
C GLY D 3113 115.77 -98.10 28.40
N LYS D 3114 115.10 -97.13 27.77
CA LYS D 3114 115.36 -95.72 27.96
C LYS D 3114 114.03 -95.01 28.14
N VAL D 3115 113.97 -94.11 29.12
CA VAL D 3115 112.73 -93.44 29.49
C VAL D 3115 112.22 -92.55 28.35
N SER D 3116 113.12 -91.80 27.72
CA SER D 3116 112.85 -90.84 26.64
C SER D 3116 111.85 -89.76 27.07
N LYS D 3123 119.29 -86.10 22.91
CA LYS D 3123 120.00 -87.06 22.07
C LYS D 3123 119.22 -87.33 20.78
N GLY D 3124 119.74 -88.24 19.96
CA GLY D 3124 119.06 -88.58 18.71
C GLY D 3124 117.81 -89.42 18.88
N VAL D 3125 117.61 -90.00 20.07
CA VAL D 3125 116.40 -90.77 20.34
C VAL D 3125 115.18 -89.86 20.28
N GLY D 3126 115.28 -88.67 20.90
CA GLY D 3126 114.16 -87.74 20.86
C GLY D 3126 113.87 -87.24 19.46
N GLN D 3127 114.94 -87.04 18.67
CA GLN D 3127 114.80 -86.60 17.28
C GLN D 3127 114.07 -87.64 16.45
N ASN D 3128 114.50 -88.91 16.56
CA ASN D 3128 113.85 -89.96 15.79
C ASN D 3128 112.46 -90.28 16.28
N LEU D 3129 112.21 -90.16 17.59
CA LEU D 3129 110.87 -90.36 18.16
C LEU D 3129 109.90 -89.31 17.63
N THR D 3130 110.30 -88.03 17.67
CA THR D 3130 109.43 -86.96 17.21
C THR D 3130 109.27 -87.02 15.70
N TYR D 3131 110.36 -87.34 14.99
CA TYR D 3131 110.33 -87.42 13.53
C TYR D 3131 109.36 -88.51 13.11
N THR D 3132 109.46 -89.69 13.72
CA THR D 3132 108.60 -90.78 13.30
C THR D 3132 107.15 -90.47 13.61
N THR D 3133 106.88 -89.94 14.82
CA THR D 3133 105.50 -89.73 15.27
C THR D 3133 104.80 -88.58 14.57
N VAL D 3134 105.53 -87.67 13.90
CA VAL D 3134 104.87 -86.59 13.20
C VAL D 3134 105.02 -86.70 11.68
N ALA D 3135 106.13 -87.23 11.17
CA ALA D 3135 106.43 -87.29 9.76
C ALA D 3135 106.41 -88.69 9.16
N LEU D 3136 106.95 -89.71 9.84
CA LEU D 3136 106.99 -91.01 9.21
C LEU D 3136 105.66 -91.74 9.33
N LEU D 3137 105.26 -92.09 10.55
CA LEU D 3137 104.15 -93.01 10.78
C LEU D 3137 102.79 -92.55 10.24
N PRO D 3138 102.32 -91.30 10.42
CA PRO D 3138 101.06 -90.91 9.76
C PRO D 3138 101.12 -91.01 8.24
N VAL D 3139 102.29 -90.72 7.67
CA VAL D 3139 102.48 -90.84 6.22
C VAL D 3139 102.50 -92.31 5.83
N LEU D 3140 103.14 -93.16 6.65
CA LEU D 3140 103.11 -94.60 6.39
C LEU D 3140 101.68 -95.11 6.39
N THR D 3141 100.90 -94.72 7.39
CA THR D 3141 99.48 -95.08 7.50
C THR D 3141 98.67 -94.64 6.28
N THR D 3142 98.91 -93.43 5.78
CA THR D 3142 98.27 -92.99 4.54
C THR D 3142 98.76 -93.80 3.34
N LEU D 3143 100.04 -94.13 3.30
CA LEU D 3143 100.60 -94.94 2.22
C LEU D 3143 99.97 -96.34 2.21
N PHE D 3144 99.80 -96.94 3.38
CA PHE D 3144 99.14 -98.24 3.49
C PHE D 3144 97.67 -98.12 3.10
N GLN D 3145 97.03 -96.98 3.41
CA GLN D 3145 95.66 -96.76 2.98
C GLN D 3145 95.58 -96.72 1.46
N HIS D 3146 96.58 -96.08 0.83
CA HIS D 3146 96.67 -96.02 -0.63
C HIS D 3146 96.83 -97.42 -1.22
N ILE D 3147 97.65 -98.26 -0.59
CA ILE D 3147 97.83 -99.62 -1.09
C ILE D 3147 96.55 -100.43 -0.89
N ALA D 3148 95.91 -100.27 0.27
CA ALA D 3148 94.76 -101.09 0.65
C ALA D 3148 93.54 -100.79 -0.23
N GLN D 3149 93.24 -99.50 -0.45
CA GLN D 3149 92.03 -99.14 -1.19
C GLN D 3149 92.09 -99.61 -2.63
N HIS D 3150 93.25 -99.49 -3.28
CA HIS D 3150 93.43 -99.90 -4.66
C HIS D 3150 93.91 -101.34 -4.79
N GLN D 3151 94.05 -102.07 -3.67
CA GLN D 3151 94.44 -103.49 -3.64
C GLN D 3151 95.77 -103.73 -4.34
N PHE D 3152 96.75 -102.90 -4.01
CA PHE D 3152 98.10 -103.02 -4.55
C PHE D 3152 98.99 -103.90 -3.67
N GLY D 3153 98.43 -104.53 -2.64
CA GLY D 3153 99.22 -105.34 -1.74
C GLY D 3153 99.86 -106.54 -2.41
N ASP D 3154 99.14 -107.18 -3.32
CA ASP D 3154 99.67 -108.35 -4.01
C ASP D 3154 100.70 -107.98 -5.06
N ASP D 3155 100.48 -106.87 -5.78
CA ASP D 3155 101.30 -106.52 -6.93
C ASP D 3155 102.49 -105.62 -6.60
N VAL D 3156 102.61 -105.13 -5.36
CA VAL D 3156 103.70 -104.24 -4.98
C VAL D 3156 104.54 -104.82 -3.85
N ILE D 3157 103.90 -105.37 -2.82
CA ILE D 3157 104.62 -105.92 -1.69
C ILE D 3157 105.10 -107.32 -2.08
N LEU D 3158 106.30 -107.40 -2.66
CA LEU D 3158 106.76 -108.63 -3.30
C LEU D 3158 107.98 -109.25 -2.63
N ASP D 3159 109.11 -108.52 -2.54
CA ASP D 3159 110.38 -109.14 -2.19
C ASP D 3159 110.91 -108.69 -0.83
N ASP D 3160 111.14 -107.39 -0.64
CA ASP D 3160 111.64 -106.84 0.61
C ASP D 3160 110.68 -105.85 1.24
N VAL D 3161 109.71 -105.32 0.49
CA VAL D 3161 108.58 -104.62 1.09
C VAL D 3161 107.83 -105.57 2.01
N GLN D 3162 107.76 -106.86 1.62
CA GLN D 3162 107.30 -107.92 2.51
C GLN D 3162 108.11 -107.98 3.80
N VAL D 3163 109.44 -108.04 3.68
CA VAL D 3163 110.32 -108.11 4.85
C VAL D 3163 110.16 -106.87 5.73
N SER D 3164 110.01 -105.69 5.13
CA SER D 3164 109.71 -104.47 5.87
C SER D 3164 108.39 -104.58 6.63
N CYS D 3165 107.39 -105.18 5.98
CA CYS D 3165 106.10 -105.41 6.63
C CYS D 3165 106.23 -106.38 7.80
N TYR D 3166 106.98 -107.47 7.63
CA TYR D 3166 107.20 -108.41 8.73
C TYR D 3166 107.93 -107.74 9.88
N ARG D 3167 108.99 -106.97 9.60
CA ARG D 3167 109.76 -106.32 10.66
C ARG D 3167 108.91 -105.32 11.44
N THR D 3168 108.05 -104.57 10.75
CA THR D 3168 107.12 -103.69 11.45
C THR D 3168 106.07 -104.47 12.23
N LEU D 3169 105.52 -105.55 11.63
CA LEU D 3169 104.47 -106.33 12.27
C LEU D 3169 104.99 -107.00 13.54
N CYS D 3170 106.19 -107.59 13.46
CA CYS D 3170 106.79 -108.24 14.63
C CYS D 3170 107.08 -107.20 15.70
N SER D 3171 107.61 -106.03 15.29
CA SER D 3171 108.10 -105.06 16.25
C SER D 3171 106.95 -104.45 17.06
N ILE D 3172 105.91 -103.97 16.37
CA ILE D 3172 104.88 -103.19 17.07
C ILE D 3172 104.02 -104.07 17.97
N TYR D 3173 103.66 -105.28 17.51
CA TYR D 3173 102.82 -106.17 18.33
C TYR D 3173 103.53 -106.63 19.60
N SER D 3174 104.87 -106.56 19.64
CA SER D 3174 105.62 -106.90 20.84
C SER D 3174 105.49 -105.85 21.94
N LEU D 3175 104.76 -104.76 21.71
CA LEU D 3175 104.54 -103.72 22.72
C LEU D 3175 103.42 -104.07 23.68
N GLY D 3176 102.72 -105.19 23.50
CA GLY D 3176 101.72 -105.62 24.46
C GLY D 3176 102.27 -106.01 25.82
N THR D 3177 103.58 -106.19 25.94
CA THR D 3177 104.22 -106.49 27.22
C THR D 3177 104.79 -105.24 27.88
N THR D 3178 104.23 -104.07 27.56
CA THR D 3178 104.70 -102.80 28.10
C THR D 3178 103.54 -102.05 28.72
N LYS D 3179 103.79 -101.46 29.90
CA LYS D 3179 102.82 -100.62 30.59
C LYS D 3179 103.49 -99.28 30.87
N ASN D 3180 103.43 -98.37 29.89
CA ASN D 3180 104.09 -97.07 30.00
C ASN D 3180 103.23 -96.00 29.38
N THR D 3181 103.50 -94.75 29.80
CA THR D 3181 102.74 -93.60 29.31
C THR D 3181 102.95 -93.39 27.82
N TYR D 3182 104.19 -93.52 27.34
CA TYR D 3182 104.45 -93.34 25.92
C TYR D 3182 103.80 -94.43 25.09
N VAL D 3183 103.74 -95.65 25.64
CA VAL D 3183 103.07 -96.75 24.96
C VAL D 3183 101.59 -96.46 24.85
N GLU D 3184 100.99 -95.96 25.94
CA GLU D 3184 99.55 -95.68 25.96
C GLU D 3184 99.21 -94.58 24.96
N LYS D 3185 100.03 -93.53 24.90
CA LYS D 3185 99.68 -92.41 24.03
C LYS D 3185 99.93 -92.75 22.57
N LEU D 3186 100.90 -93.63 22.29
CA LEU D 3186 101.16 -94.01 20.91
C LEU D 3186 100.42 -95.25 20.44
N ARG D 3187 99.64 -95.90 21.32
CA ARG D 3187 98.81 -97.03 20.89
C ARG D 3187 97.79 -96.73 19.78
N PRO D 3188 97.01 -95.62 19.78
CA PRO D 3188 96.10 -95.39 18.63
C PRO D 3188 96.78 -95.30 17.27
N ALA D 3189 97.87 -94.54 17.19
CA ALA D 3189 98.63 -94.40 15.93
C ALA D 3189 99.27 -95.71 15.50
N LEU D 3190 99.87 -96.45 16.44
CA LEU D 3190 100.49 -97.73 16.08
C LEU D 3190 99.43 -98.77 15.72
N GLY D 3191 98.31 -98.76 16.44
CA GLY D 3191 97.21 -99.67 16.16
C GLY D 3191 96.63 -99.44 14.79
N GLU D 3192 96.48 -98.17 14.40
CA GLU D 3192 96.00 -97.87 13.05
C GLU D 3192 97.05 -98.19 12.00
N CYS D 3193 98.34 -97.99 12.33
CA CYS D 3193 99.41 -98.29 11.38
C CYS D 3193 99.45 -99.79 11.06
N LEU D 3194 99.38 -100.64 12.09
CA LEU D 3194 99.34 -102.07 11.87
C LEU D 3194 98.04 -102.52 11.19
N ALA D 3195 96.90 -101.89 11.54
CA ALA D 3195 95.66 -102.24 10.86
C ALA D 3195 95.74 -101.91 9.39
N ARG D 3196 96.27 -100.73 9.05
CA ARG D 3196 96.42 -100.39 7.64
C ARG D 3196 97.47 -101.25 6.96
N LEU D 3197 98.38 -101.88 7.72
CA LEU D 3197 99.19 -102.94 7.14
C LEU D 3197 98.31 -104.12 6.77
N ALA D 3198 97.46 -104.55 7.71
CA ALA D 3198 96.68 -105.77 7.55
C ALA D 3198 95.72 -105.67 6.36
N ALA D 3199 95.14 -104.49 6.16
CA ALA D 3199 94.26 -104.25 5.01
C ALA D 3199 94.98 -104.31 3.66
N ALA D 3200 96.30 -104.11 3.64
CA ALA D 3200 97.09 -104.13 2.42
C ALA D 3200 98.14 -105.24 2.41
N MET D 3201 98.12 -106.12 3.38
CA MET D 3201 99.14 -107.15 3.52
C MET D 3201 98.86 -108.36 2.62
N PRO D 3202 99.84 -108.77 1.80
CA PRO D 3202 99.63 -109.92 0.92
C PRO D 3202 99.87 -111.27 1.58
N VAL D 3203 100.19 -111.32 2.88
CA VAL D 3203 100.45 -112.57 3.57
C VAL D 3203 99.54 -112.66 4.79
N ALA D 3204 99.07 -113.87 5.08
CA ALA D 3204 98.18 -114.09 6.22
C ALA D 3204 99.02 -114.38 7.45
N PHE D 3205 99.24 -113.35 8.26
CA PHE D 3205 100.04 -113.53 9.49
C PHE D 3205 99.29 -114.35 10.52
N LEU D 3206 97.96 -114.28 10.54
CA LEU D 3206 97.18 -115.09 11.45
C LEU D 3206 96.95 -116.50 10.94
N GLU D 3207 97.36 -116.81 9.71
CA GLU D 3207 97.22 -118.16 9.15
C GLU D 3207 98.54 -118.65 8.58
N PRO D 3208 99.52 -118.97 9.45
CA PRO D 3208 100.77 -119.51 8.92
C PRO D 3208 100.66 -120.98 8.57
N GLN D 3209 99.71 -121.71 9.19
CA GLN D 3209 99.51 -123.11 8.85
C GLN D 3209 98.97 -123.28 7.44
N LEU D 3210 98.41 -122.22 6.85
CA LEU D 3210 98.02 -122.22 5.44
C LEU D 3210 98.78 -121.16 4.65
N ASN D 3211 99.84 -120.57 5.21
CA ASN D 3211 100.63 -119.57 4.49
C ASN D 3211 101.33 -120.15 3.26
N GLU D 3212 101.61 -121.46 3.24
CA GLU D 3212 102.22 -122.13 2.09
C GLU D 3212 101.26 -122.33 0.91
N TYR D 3213 100.06 -121.76 0.93
CA TYR D 3213 99.16 -121.79 -0.21
C TYR D 3213 98.90 -120.41 -0.80
N ASN D 3214 99.33 -119.35 -0.10
CA ASN D 3214 99.13 -117.99 -0.59
C ASN D 3214 99.98 -117.74 -1.82
N ALA D 3215 99.37 -117.09 -2.82
CA ALA D 3215 100.07 -116.79 -4.06
C ALA D 3215 101.23 -115.84 -3.83
N CYS D 3216 100.99 -114.75 -3.09
CA CYS D 3216 102.04 -113.78 -2.77
C CYS D 3216 102.64 -114.07 -1.40
N SER D 3217 103.18 -115.27 -1.26
CA SER D 3217 103.85 -115.72 -0.05
C SER D 3217 105.31 -116.00 -0.40
N VAL D 3218 106.22 -115.59 0.49
CA VAL D 3218 107.65 -115.78 0.22
C VAL D 3218 108.04 -117.27 0.21
N TYR D 3219 107.28 -118.12 0.91
CA TYR D 3219 107.52 -119.56 0.95
C TYR D 3219 106.87 -120.31 -0.20
N THR D 3220 106.14 -119.61 -1.06
CA THR D 3220 105.60 -120.18 -2.29
C THR D 3220 106.27 -119.58 -3.51
N THR D 3221 106.55 -118.28 -3.49
CA THR D 3221 107.20 -117.64 -4.61
C THR D 3221 108.68 -118.00 -4.66
N LYS D 3222 109.36 -118.00 -3.51
CA LYS D 3222 110.80 -118.14 -3.52
C LYS D 3222 111.23 -119.59 -3.57
N SER D 3223 112.39 -119.81 -4.17
CA SER D 3223 112.98 -121.13 -4.30
C SER D 3223 113.54 -121.61 -2.96
N PRO D 3224 113.69 -122.93 -2.78
CA PRO D 3224 114.36 -123.42 -1.57
C PRO D 3224 115.78 -122.91 -1.39
N ARG D 3225 116.50 -122.66 -2.50
CA ARG D 3225 117.88 -122.18 -2.41
C ARG D 3225 117.95 -120.82 -1.74
N GLU D 3226 117.04 -119.91 -2.08
CA GLU D 3226 117.00 -118.58 -1.48
C GLU D 3226 116.32 -118.67 -0.11
N ARG D 3227 115.96 -117.50 0.44
CA ARG D 3227 115.50 -117.28 1.83
C ARG D 3227 116.57 -117.66 2.84
N ALA D 3228 117.83 -117.67 2.42
CA ALA D 3228 119.00 -117.97 3.23
C ALA D 3228 120.05 -116.87 3.20
N ILE D 3229 120.25 -116.22 2.05
CA ILE D 3229 121.22 -115.13 1.94
C ILE D 3229 120.83 -113.96 2.82
N LEU D 3230 119.53 -113.65 2.88
CA LEU D 3230 119.00 -112.65 3.79
C LEU D 3230 118.32 -113.40 4.93
N GLY D 3231 118.46 -112.89 6.16
CA GLY D 3231 117.93 -113.55 7.33
C GLY D 3231 116.43 -113.75 7.28
N LEU D 3232 116.02 -115.00 7.06
CA LEU D 3232 114.63 -115.41 7.00
C LEU D 3232 114.53 -116.75 7.72
N PRO D 3233 113.55 -116.92 8.61
CA PRO D 3233 113.53 -118.08 9.51
C PRO D 3233 113.26 -119.42 8.85
N ASN D 3234 112.99 -119.46 7.54
CA ASN D 3234 112.64 -120.64 6.74
C ASN D 3234 111.35 -121.33 7.20
N SER D 3235 110.58 -120.70 8.08
CA SER D 3235 109.29 -121.21 8.53
C SER D 3235 108.47 -120.02 8.99
N VAL D 3236 107.25 -119.91 8.45
CA VAL D 3236 106.38 -118.76 8.72
C VAL D 3236 105.90 -118.73 10.17
N GLU D 3237 105.87 -119.86 10.87
CA GLU D 3237 105.34 -119.92 12.22
C GLU D 3237 106.20 -119.20 13.26
N GLU D 3238 107.44 -118.82 12.91
CA GLU D 3238 108.29 -118.07 13.83
C GLU D 3238 108.86 -116.81 13.18
N MET D 3239 108.30 -116.39 12.04
CA MET D 3239 108.68 -115.12 11.43
C MET D 3239 108.42 -113.96 12.38
N CYS D 3240 107.20 -113.88 12.91
CA CYS D 3240 106.85 -112.99 14.01
C CYS D 3240 106.55 -113.84 15.24
N PRO D 3241 107.48 -113.92 16.21
CA PRO D 3241 107.29 -114.83 17.35
C PRO D 3241 106.09 -114.51 18.22
N ASP D 3242 105.66 -113.25 18.26
CA ASP D 3242 104.57 -112.84 19.14
C ASP D 3242 103.21 -112.86 18.44
N ILE D 3243 103.13 -113.27 17.18
CA ILE D 3243 101.87 -113.36 16.46
C ILE D 3243 101.32 -114.78 16.64
N PRO D 3244 100.18 -114.95 17.30
CA PRO D 3244 99.56 -116.28 17.42
C PRO D 3244 98.85 -116.66 16.13
N VAL D 3245 98.35 -117.90 16.09
CA VAL D 3245 97.53 -118.34 14.97
C VAL D 3245 96.11 -117.89 15.27
N LEU D 3246 95.22 -117.95 14.26
CA LEU D 3246 93.92 -117.28 14.36
C LEU D 3246 93.02 -117.89 15.45
N ASP D 3247 93.03 -119.23 15.60
CA ASP D 3247 91.99 -119.89 16.39
C ASP D 3247 92.16 -119.60 17.89
N ARG D 3248 93.41 -119.64 18.40
CA ARG D 3248 93.58 -119.35 19.82
C ARG D 3248 93.30 -117.89 20.09
N LEU D 3249 93.62 -117.02 19.12
CA LEU D 3249 93.29 -115.60 19.24
C LEU D 3249 91.79 -115.40 19.36
N MET D 3250 91.01 -116.13 18.55
CA MET D 3250 89.56 -116.11 18.66
C MET D 3250 89.07 -116.60 20.01
N ALA D 3251 89.68 -117.67 20.54
CA ALA D 3251 89.37 -118.14 21.88
C ALA D 3251 89.72 -117.11 22.95
N ASP D 3252 90.89 -116.47 22.83
CA ASP D 3252 91.33 -115.44 23.76
C ASP D 3252 90.40 -114.22 23.75
N ILE D 3253 90.02 -113.76 22.56
CA ILE D 3253 89.06 -112.66 22.45
C ILE D 3253 87.70 -113.06 23.01
N GLY D 3254 87.23 -114.28 22.73
CA GLY D 3254 85.98 -114.74 23.32
C GLY D 3254 86.00 -114.84 24.85
N GLY D 3255 87.12 -115.32 25.41
CA GLY D 3255 87.29 -115.32 26.86
C GLY D 3255 87.36 -113.93 27.46
N LEU D 3256 88.03 -113.00 26.79
CA LEU D 3256 88.01 -111.61 27.26
C LEU D 3256 86.64 -110.98 27.09
N ALA D 3257 85.92 -111.37 26.05
CA ALA D 3257 84.57 -110.89 25.80
C ALA D 3257 83.63 -111.30 26.91
N GLU D 3258 83.73 -112.56 27.35
CA GLU D 3258 82.92 -113.01 28.48
C GLU D 3258 83.49 -112.62 29.83
N SER D 3259 84.73 -112.09 29.87
CA SER D 3259 85.38 -111.73 31.12
C SER D 3259 84.64 -110.61 31.85
N GLY D 3260 84.13 -109.64 31.11
CA GLY D 3260 83.54 -108.47 31.74
C GLY D 3260 84.53 -107.43 32.18
N ALA D 3261 85.75 -107.47 31.64
CA ALA D 3261 86.79 -106.52 32.01
C ALA D 3261 86.63 -105.20 31.24
N ARG D 3262 86.94 -104.09 31.92
CA ARG D 3262 86.84 -102.76 31.34
C ARG D 3262 88.10 -102.36 30.58
N TYR D 3263 88.10 -101.12 30.07
CA TYR D 3263 89.24 -100.60 29.31
C TYR D 3263 90.48 -100.51 30.20
N THR D 3264 90.31 -100.05 31.45
CA THR D 3264 91.44 -99.82 32.35
C THR D 3264 92.25 -101.10 32.57
N GLU D 3265 91.59 -102.25 32.61
CA GLU D 3265 92.26 -103.54 32.71
C GLU D 3265 92.43 -104.22 31.36
N MET D 3266 92.03 -103.57 30.25
CA MET D 3266 92.30 -104.05 28.90
C MET D 3266 92.89 -102.95 28.01
N PRO D 3267 94.08 -102.40 28.36
CA PRO D 3267 94.60 -101.27 27.56
C PRO D 3267 95.05 -101.67 26.16
N HIS D 3268 95.88 -102.72 26.05
CA HIS D 3268 96.41 -103.16 24.77
C HIS D 3268 95.38 -103.90 23.93
N VAL D 3269 94.37 -104.49 24.58
CA VAL D 3269 93.39 -105.32 23.88
C VAL D 3269 92.50 -104.45 23.00
N ILE D 3270 91.78 -103.51 23.60
CA ILE D 3270 90.83 -102.68 22.87
C ILE D 3270 91.56 -101.82 21.83
N GLU D 3271 92.70 -101.26 22.23
CA GLU D 3271 93.48 -100.38 21.38
C GLU D 3271 94.04 -101.09 20.15
N ILE D 3272 94.53 -102.34 20.30
CA ILE D 3272 95.29 -102.99 19.26
C ILE D 3272 94.61 -104.26 18.75
N THR D 3273 94.24 -105.18 19.66
CA THR D 3273 93.78 -106.52 19.30
C THR D 3273 92.52 -106.50 18.43
N LEU D 3274 91.53 -105.68 18.79
CA LEU D 3274 90.30 -105.60 18.00
C LEU D 3274 90.51 -105.03 16.59
N PRO D 3275 91.18 -103.87 16.36
CA PRO D 3275 91.31 -103.37 14.98
C PRO D 3275 92.11 -104.28 14.06
N MET D 3276 92.97 -105.15 14.61
CA MET D 3276 93.80 -105.98 13.75
C MET D 3276 92.92 -106.97 13.01
N LEU D 3277 91.96 -107.57 13.71
CA LEU D 3277 91.02 -108.45 13.04
C LEU D 3277 89.99 -107.65 12.26
N CYS D 3278 89.70 -106.41 12.69
CA CYS D 3278 88.83 -105.51 11.91
C CYS D 3278 89.42 -105.17 10.55
N SER D 3279 90.72 -105.35 10.39
CA SER D 3279 91.41 -105.15 9.13
C SER D 3279 91.87 -106.46 8.49
N TYR D 3280 92.00 -107.53 9.26
CA TYR D 3280 92.39 -108.83 8.75
C TYR D 3280 91.22 -109.54 8.07
N LEU D 3281 90.06 -109.62 8.72
CA LEU D 3281 88.92 -110.32 8.16
C LEU D 3281 88.43 -109.79 6.80
N PRO D 3282 88.23 -108.47 6.57
CA PRO D 3282 87.68 -108.05 5.26
C PRO D 3282 88.62 -108.30 4.09
N ARG D 3283 89.93 -108.32 4.30
CA ARG D 3283 90.84 -108.41 3.16
C ARG D 3283 90.90 -109.82 2.60
N TRP D 3284 90.74 -110.83 3.45
CA TRP D 3284 90.82 -112.23 3.03
C TRP D 3284 89.48 -112.96 2.92
N TRP D 3285 88.38 -112.39 3.42
CA TRP D 3285 87.13 -113.15 3.47
C TRP D 3285 86.61 -113.52 2.08
N GLU D 3286 86.68 -112.60 1.11
CA GLU D 3286 86.14 -112.86 -0.22
C GLU D 3286 86.97 -113.85 -1.03
N ARG D 3287 88.16 -114.20 -0.57
CA ARG D 3287 89.01 -115.16 -1.27
C ARG D 3287 89.09 -116.51 -0.56
N GLY D 3288 88.24 -116.73 0.44
CA GLY D 3288 88.30 -117.96 1.20
C GLY D 3288 86.97 -118.66 1.35
N PRO D 3289 86.78 -119.35 2.47
CA PRO D 3289 85.54 -120.11 2.68
C PRO D 3289 84.32 -119.21 2.85
N GLU D 3290 83.16 -119.77 2.50
CA GLU D 3290 81.84 -119.13 2.54
C GLU D 3290 81.77 -117.88 1.66
N ALA D 3291 82.66 -117.76 0.68
CA ALA D 3291 82.70 -116.71 -0.31
C ALA D 3291 82.40 -117.31 -1.69
N PRO D 3292 81.79 -116.54 -2.58
CA PRO D 3292 81.69 -116.94 -4.01
C PRO D 3292 82.77 -116.32 -4.88
N PRO D 3293 84.00 -116.85 -4.93
CA PRO D 3293 84.98 -116.26 -5.86
C PRO D 3293 84.66 -116.62 -7.29
N PRO D 3294 84.60 -115.61 -8.21
CA PRO D 3294 84.41 -115.88 -9.64
C PRO D 3294 85.68 -116.35 -10.35
N ALA D 3295 86.35 -117.34 -9.77
CA ALA D 3295 87.64 -117.86 -10.19
C ALA D 3295 87.58 -119.37 -10.36
N LEU D 3296 86.58 -119.83 -11.11
CA LEU D 3296 86.37 -121.25 -11.35
C LEU D 3296 87.57 -122.06 -11.91
N PRO D 3297 88.38 -121.59 -12.88
CA PRO D 3297 89.56 -122.41 -13.25
C PRO D 3297 90.58 -122.53 -12.12
N ALA D 3298 90.72 -121.49 -11.30
CA ALA D 3298 91.65 -121.48 -10.17
C ALA D 3298 91.01 -122.02 -8.89
N GLY D 3299 89.92 -122.78 -9.02
CA GLY D 3299 89.29 -123.38 -7.86
C GLY D 3299 90.05 -124.56 -7.29
N ALA D 3300 90.90 -125.20 -8.09
CA ALA D 3300 91.69 -126.34 -7.62
C ALA D 3300 92.64 -126.00 -6.47
N PRO D 3301 93.45 -124.92 -6.48
CA PRO D 3301 94.22 -124.57 -5.28
C PRO D 3301 93.30 -124.22 -4.13
N PRO D 3302 93.55 -124.77 -2.94
CA PRO D 3302 92.71 -124.42 -1.78
C PRO D 3302 92.94 -122.98 -1.37
N PRO D 3303 91.94 -122.33 -0.77
CA PRO D 3303 92.08 -120.94 -0.33
C PRO D 3303 93.20 -120.76 0.69
N CYS D 3304 93.87 -119.61 0.59
CA CYS D 3304 94.96 -119.24 1.48
C CYS D 3304 94.49 -118.79 2.86
N THR D 3305 93.20 -118.85 3.13
CA THR D 3305 92.64 -118.40 4.39
C THR D 3305 91.49 -119.32 4.78
N ALA D 3306 91.13 -119.27 6.06
CA ALA D 3306 90.03 -120.06 6.61
C ALA D 3306 89.06 -119.15 7.34
N VAL D 3307 88.69 -118.03 6.71
CA VAL D 3307 87.81 -117.03 7.31
C VAL D 3307 86.43 -117.17 6.69
N THR D 3308 85.47 -117.57 7.51
CA THR D 3308 84.07 -117.66 7.11
C THR D 3308 83.33 -116.42 7.62
N SER D 3309 82.01 -116.41 7.39
CA SER D 3309 81.17 -115.34 7.91
C SER D 3309 81.08 -115.39 9.43
N ASP D 3310 81.28 -116.57 10.02
CA ASP D 3310 81.28 -116.72 11.47
C ASP D 3310 82.42 -115.95 12.14
N HIS D 3311 83.54 -115.76 11.42
CA HIS D 3311 84.63 -114.93 11.93
C HIS D 3311 84.21 -113.48 12.13
N LEU D 3312 83.59 -112.89 11.11
CA LEU D 3312 83.10 -111.52 11.24
C LEU D 3312 81.93 -111.44 12.21
N ASN D 3313 81.09 -112.48 12.26
CA ASN D 3313 80.01 -112.54 13.26
C ASN D 3313 80.58 -112.57 14.67
N SER D 3314 81.65 -113.34 14.87
CA SER D 3314 82.32 -113.42 16.16
C SER D 3314 82.91 -112.07 16.56
N LEU D 3315 83.66 -111.45 15.64
CA LEU D 3315 84.28 -110.17 15.92
C LEU D 3315 83.26 -109.07 16.19
N LEU D 3316 82.17 -109.01 15.39
CA LEU D 3316 81.08 -108.07 15.63
C LEU D 3316 80.40 -108.29 16.99
N GLY D 3317 80.14 -109.55 17.34
CA GLY D 3317 79.56 -109.84 18.65
C GLY D 3317 80.48 -109.47 19.80
N ASN D 3318 81.78 -109.76 19.65
CA ASN D 3318 82.77 -109.47 20.68
C ASN D 3318 82.89 -107.96 20.86
N ILE D 3319 82.92 -107.22 19.75
CA ILE D 3319 83.10 -105.77 19.82
C ILE D 3319 81.90 -105.15 20.50
N LEU D 3320 80.68 -105.54 20.10
CA LEU D 3320 79.47 -104.93 20.66
C LEU D 3320 79.35 -105.20 22.15
N ARG D 3321 79.61 -106.44 22.60
CA ARG D 3321 79.56 -106.69 24.04
C ARG D 3321 80.71 -106.00 24.78
N ILE D 3322 81.85 -105.78 24.13
CA ILE D 3322 82.92 -104.99 24.73
C ILE D 3322 82.50 -103.53 24.87
N ILE D 3323 81.80 -102.99 23.86
CA ILE D 3323 81.38 -101.60 23.90
C ILE D 3323 80.37 -101.38 25.03
N VAL D 3324 79.36 -102.26 25.11
CA VAL D 3324 78.36 -102.09 26.16
C VAL D 3324 78.96 -102.40 27.54
N ASN D 3325 80.07 -103.18 27.59
CA ASN D 3325 80.73 -103.45 28.86
C ASN D 3325 81.28 -102.17 29.48
N ASN D 3326 81.86 -101.30 28.64
CA ASN D 3326 82.44 -100.03 29.07
C ASN D 3326 81.42 -98.90 29.17
N LEU D 3327 80.13 -99.22 29.35
CA LEU D 3327 79.09 -98.20 29.41
C LEU D 3327 79.25 -97.26 30.58
N GLY D 3328 79.80 -97.74 31.70
CA GLY D 3328 79.89 -96.96 32.91
C GLY D 3328 81.15 -96.14 33.10
N ILE D 3329 82.02 -96.04 32.09
CA ILE D 3329 83.25 -95.27 32.25
C ILE D 3329 82.96 -93.78 32.04
N ASP D 3330 83.64 -92.95 32.82
CA ASP D 3330 83.39 -91.52 32.79
C ASP D 3330 83.87 -90.87 31.48
N GLU D 3331 85.10 -91.19 31.08
CA GLU D 3331 85.72 -90.56 29.92
C GLU D 3331 86.29 -91.62 28.99
N ALA D 3332 86.19 -91.37 27.68
CA ALA D 3332 86.64 -92.31 26.66
C ALA D 3332 87.01 -91.54 25.40
N THR D 3333 88.30 -91.37 25.14
CA THR D 3333 88.78 -90.88 23.85
C THR D 3333 89.12 -91.99 22.87
N TRP D 3334 89.06 -93.25 23.30
CA TRP D 3334 89.29 -94.41 22.44
C TRP D 3334 88.07 -94.85 21.66
N MET D 3335 86.87 -94.50 22.13
CA MET D 3335 85.65 -95.06 21.57
C MET D 3335 85.41 -94.60 20.14
N LYS D 3336 85.70 -93.32 19.87
CA LYS D 3336 85.43 -92.74 18.56
C LYS D 3336 86.29 -93.43 17.51
N ARG D 3337 87.56 -93.69 17.83
CA ARG D 3337 88.41 -94.36 16.86
C ARG D 3337 88.03 -95.82 16.74
N LEU D 3338 87.62 -96.45 17.86
CA LEU D 3338 87.27 -97.88 17.82
C LEU D 3338 86.08 -98.13 16.88
N ALA D 3339 85.17 -97.16 16.75
CA ALA D 3339 84.01 -97.38 15.89
C ALA D 3339 84.38 -97.44 14.41
N VAL D 3340 85.28 -96.54 13.96
CA VAL D 3340 85.55 -96.44 12.53
C VAL D 3340 86.28 -97.68 12.02
N PHE D 3341 87.12 -98.31 12.86
CA PHE D 3341 87.73 -99.56 12.43
C PHE D 3341 86.70 -100.68 12.40
N ALA D 3342 85.69 -100.63 13.26
CA ALA D 3342 84.68 -101.68 13.27
C ALA D 3342 83.57 -101.43 12.26
N GLN D 3343 83.71 -100.39 11.46
CA GLN D 3343 82.69 -100.05 10.46
C GLN D 3343 82.77 -100.90 9.18
N PRO D 3344 83.94 -101.20 8.56
CA PRO D 3344 83.92 -102.10 7.38
C PRO D 3344 83.41 -103.52 7.61
N ILE D 3345 83.59 -104.08 8.80
CA ILE D 3345 83.29 -105.50 9.06
C ILE D 3345 81.81 -105.81 9.27
N VAL D 3346 80.97 -104.79 9.41
CA VAL D 3346 79.55 -104.98 9.71
C VAL D 3346 78.77 -105.61 8.54
N SER D 3347 79.32 -105.60 7.32
CA SER D 3347 78.61 -106.05 6.13
C SER D 3347 78.22 -107.53 6.15
N ARG D 3348 78.82 -108.33 7.02
CA ARG D 3348 78.50 -109.74 7.12
C ARG D 3348 77.74 -110.09 8.40
N ALA D 3349 77.06 -109.10 8.98
CA ALA D 3349 76.30 -109.32 10.21
C ALA D 3349 75.09 -110.21 9.96
N ARG D 3350 74.72 -110.98 10.96
CA ARG D 3350 73.64 -111.94 10.94
C ARG D 3350 72.40 -111.36 11.64
N PRO D 3351 71.20 -111.83 11.28
CA PRO D 3351 69.98 -111.31 11.94
C PRO D 3351 69.87 -111.59 13.42
N GLU D 3352 70.63 -112.58 13.94
CA GLU D 3352 70.58 -112.91 15.36
C GLU D 3352 71.18 -111.81 16.24
N LEU D 3353 71.96 -110.88 15.65
CA LEU D 3353 72.58 -109.82 16.43
C LEU D 3353 71.56 -108.86 17.02
N LEU D 3354 70.35 -108.84 16.46
CA LEU D 3354 69.30 -107.92 16.85
C LEU D 3354 68.89 -108.19 18.30
N HIS D 3355 68.37 -109.39 18.54
CA HIS D 3355 67.87 -109.69 19.86
C HIS D 3355 68.99 -110.15 20.78
N SER D 3356 70.09 -110.68 20.21
CA SER D 3356 71.16 -111.16 21.08
C SER D 3356 71.85 -109.98 21.76
N HIS D 3357 72.22 -108.95 20.97
CA HIS D 3357 72.95 -107.80 21.48
C HIS D 3357 72.18 -106.50 21.40
N PHE D 3358 71.65 -106.14 20.22
CA PHE D 3358 71.14 -104.79 19.97
C PHE D 3358 70.00 -104.42 20.92
N ILE D 3359 69.02 -105.32 21.10
CA ILE D 3359 67.90 -105.01 21.99
C ILE D 3359 68.35 -104.84 23.45
N PRO D 3360 69.13 -105.76 24.07
CA PRO D 3360 69.60 -105.47 25.45
C PRO D 3360 70.48 -104.23 25.61
N THR D 3361 71.34 -103.93 24.62
CA THR D 3361 72.18 -102.73 24.70
C THR D 3361 71.37 -101.45 24.62
N ILE D 3362 70.46 -101.35 23.64
CA ILE D 3362 69.58 -100.19 23.55
C ILE D 3362 68.65 -100.12 24.75
N GLY D 3363 68.22 -101.28 25.26
CA GLY D 3363 67.42 -101.31 26.50
C GLY D 3363 68.14 -100.72 27.70
N ARG D 3364 69.43 -101.04 27.86
CA ARG D 3364 70.25 -100.38 28.88
C ARG D 3364 70.41 -98.89 28.61
N LEU D 3365 70.59 -98.52 27.33
CA LEU D 3365 70.73 -97.11 26.97
C LEU D 3365 69.45 -96.35 27.28
N ARG D 3366 68.29 -96.94 26.96
CA ARG D 3366 67.02 -96.26 27.11
C ARG D 3366 66.69 -96.09 28.60
N LYS D 3367 67.00 -97.10 29.43
CA LYS D 3367 66.69 -96.94 30.85
C LYS D 3367 67.63 -95.91 31.49
N ARG D 3368 68.92 -95.95 31.17
CA ARG D 3368 69.84 -94.94 31.71
C ARG D 3368 69.49 -93.54 31.22
N ALA D 3369 69.10 -93.40 29.96
CA ALA D 3369 68.60 -92.14 29.42
C ALA D 3369 67.35 -91.68 30.14
N GLY D 3370 66.44 -92.61 30.45
CA GLY D 3370 65.25 -92.27 31.20
C GLY D 3370 65.56 -91.76 32.59
N LYS D 3371 66.56 -92.36 33.24
CA LYS D 3371 66.99 -91.87 34.55
C LYS D 3371 67.61 -90.47 34.45
N VAL D 3372 68.44 -90.25 33.42
CA VAL D 3372 69.09 -88.95 33.26
C VAL D 3372 68.06 -87.85 32.99
N VAL D 3373 67.10 -88.11 32.10
CA VAL D 3373 66.05 -87.12 31.85
C VAL D 3373 65.10 -87.00 33.05
N ALA D 3374 64.94 -88.07 33.85
CA ALA D 3374 64.19 -87.95 35.10
C ALA D 3374 64.88 -87.00 36.06
N GLU D 3375 66.21 -87.07 36.12
CA GLU D 3375 66.98 -86.09 36.89
C GLU D 3375 66.79 -84.69 36.31
N GLU D 3376 66.76 -84.59 34.98
CA GLU D 3376 66.63 -83.29 34.32
C GLU D 3376 65.30 -82.65 34.69
N GLU D 3377 64.22 -83.44 34.64
CA GLU D 3377 62.92 -82.87 34.99
C GLU D 3377 62.83 -82.58 36.48
N GLN D 3378 63.62 -83.27 37.33
CA GLN D 3378 63.69 -82.86 38.74
C GLN D 3378 64.31 -81.47 38.86
N LEU D 3379 65.31 -81.18 38.01
CA LEU D 3379 65.86 -79.82 38.04
C LEU D 3379 64.88 -78.81 37.46
N ARG D 3380 64.05 -79.21 36.49
CA ARG D 3380 63.13 -78.25 35.88
C ARG D 3380 61.93 -77.95 36.78
N LEU D 3381 61.45 -78.93 37.56
CA LEU D 3381 60.26 -78.70 38.38
C LEU D 3381 60.53 -77.73 39.53
N GLU D 3382 61.74 -77.73 40.07
CA GLU D 3382 62.11 -76.81 41.15
C GLU D 3382 63.18 -75.83 40.64
N ALA D 3383 62.80 -74.57 40.52
CA ALA D 3383 63.70 -73.53 40.01
C ALA D 3383 64.19 -72.70 41.19
N LYS D 3384 65.24 -73.20 41.83
CA LYS D 3384 65.87 -72.58 42.98
C LYS D 3384 67.35 -72.34 42.66
N ALA D 3385 68.09 -71.90 43.69
CA ALA D 3385 69.52 -71.67 43.56
C ALA D 3385 70.31 -72.96 43.30
N GLU D 3386 69.72 -74.12 43.60
CA GLU D 3386 70.36 -75.41 43.36
C GLU D 3386 70.11 -75.95 41.96
N ALA D 3387 69.44 -75.18 41.09
CA ALA D 3387 69.23 -75.60 39.71
C ALA D 3387 70.56 -75.77 38.98
N GLU D 3388 71.49 -74.82 39.15
CA GLU D 3388 72.83 -74.98 38.58
C GLU D 3388 73.59 -76.11 39.27
N GLU D 3389 73.44 -76.26 40.59
CA GLU D 3389 74.10 -77.32 41.34
C GLU D 3389 73.37 -78.63 41.02
N GLY D 3390 73.76 -79.23 39.90
CA GLY D 3390 73.03 -80.38 39.40
C GLY D 3390 72.94 -80.28 37.90
N GLU D 3391 73.02 -79.06 37.38
CA GLU D 3391 73.08 -78.90 35.93
C GLU D 3391 74.46 -79.27 35.40
N LEU D 3392 75.53 -79.06 36.16
CA LEU D 3392 76.82 -79.60 35.76
C LEU D 3392 76.85 -81.12 35.84
N LEU D 3393 76.04 -81.71 36.74
CA LEU D 3393 75.88 -83.15 36.80
C LEU D 3393 75.18 -83.66 35.56
N VAL D 3394 74.05 -83.05 35.20
CA VAL D 3394 73.33 -83.52 34.02
C VAL D 3394 74.11 -83.18 32.75
N ARG D 3395 74.98 -82.16 32.77
CA ARG D 3395 75.87 -81.89 31.65
C ARG D 3395 76.84 -83.05 31.42
N ASP D 3396 77.41 -83.58 32.50
CA ASP D 3396 78.26 -84.77 32.36
C ASP D 3396 77.43 -86.01 32.01
N GLU D 3397 76.25 -86.17 32.60
CA GLU D 3397 75.41 -87.33 32.34
C GLU D 3397 74.91 -87.35 30.90
N PHE D 3398 74.57 -86.18 30.37
CA PHE D 3398 74.19 -86.09 28.96
C PHE D 3398 75.38 -86.32 28.05
N SER D 3399 76.57 -85.81 28.42
CA SER D 3399 77.75 -86.01 27.58
C SER D 3399 78.13 -87.49 27.48
N VAL D 3400 78.12 -88.21 28.61
CA VAL D 3400 78.39 -89.65 28.59
C VAL D 3400 77.26 -90.41 27.88
N LEU D 3401 76.02 -89.93 28.00
CA LEU D 3401 74.90 -90.49 27.24
C LEU D 3401 75.12 -90.31 25.74
N CYS D 3402 75.62 -89.13 25.35
CA CYS D 3402 75.96 -88.88 23.94
C CYS D 3402 77.07 -89.83 23.50
N ARG D 3403 78.04 -90.08 24.38
CA ARG D 3403 79.16 -90.96 24.03
C ARG D 3403 78.67 -92.37 23.76
N ASP D 3404 77.79 -92.89 24.62
CA ASP D 3404 77.31 -94.26 24.46
C ASP D 3404 76.41 -94.39 23.24
N LEU D 3405 75.51 -93.42 23.04
CA LEU D 3405 74.63 -93.47 21.88
C LEU D 3405 75.44 -93.33 20.59
N TYR D 3406 76.45 -92.46 20.58
CA TYR D 3406 77.36 -92.29 19.44
C TYR D 3406 78.44 -93.35 19.41
N ALA D 3407 78.31 -94.39 20.23
CA ALA D 3407 79.15 -95.56 20.20
C ALA D 3407 78.40 -96.77 19.68
N LEU D 3408 77.08 -96.81 19.91
CA LEU D 3408 76.28 -97.92 19.41
C LEU D 3408 75.61 -97.61 18.08
N TYR D 3409 75.14 -96.38 17.88
CA TYR D 3409 74.56 -95.95 16.61
C TYR D 3409 75.46 -96.09 15.36
N PRO D 3410 76.76 -95.74 15.36
CA PRO D 3410 77.57 -95.94 14.12
C PRO D 3410 77.58 -97.37 13.58
N LEU D 3411 77.51 -98.36 14.46
CA LEU D 3411 77.35 -99.75 14.05
C LEU D 3411 75.89 -100.14 13.82
N LEU D 3412 74.96 -99.57 14.60
CA LEU D 3412 73.54 -99.88 14.43
C LEU D 3412 73.01 -99.40 13.08
N ILE D 3413 73.37 -98.17 12.67
CA ILE D 3413 72.94 -97.64 11.37
C ILE D 3413 73.48 -98.50 10.24
N ARG D 3414 74.75 -98.89 10.33
CA ARG D 3414 75.33 -99.79 9.35
C ARG D 3414 74.67 -101.17 9.40
N TYR D 3415 74.17 -101.56 10.57
CA TYR D 3415 73.41 -102.81 10.68
C TYR D 3415 72.02 -102.69 10.07
N VAL D 3416 71.40 -101.51 10.19
CA VAL D 3416 70.07 -101.27 9.62
C VAL D 3416 70.09 -101.38 8.10
N ASP D 3417 71.08 -100.73 7.46
CA ASP D 3417 71.20 -100.70 6.00
C ASP D 3417 71.41 -102.10 5.45
N ASN D 3418 72.22 -102.90 6.16
CA ASN D 3418 72.64 -104.22 5.69
C ASN D 3418 71.47 -105.17 5.49
N ASN D 3419 70.50 -105.18 6.42
CA ASN D 3419 69.46 -106.19 6.44
C ASN D 3419 68.06 -105.53 6.30
N ARG D 3420 68.00 -104.30 5.79
CA ARG D 3420 66.74 -103.55 5.68
C ARG D 3420 65.77 -104.20 4.70
N ALA D 3421 66.29 -104.79 3.62
CA ALA D 3421 65.46 -105.30 2.54
C ALA D 3421 64.50 -106.37 3.05
N HIS D 3422 65.00 -107.26 3.90
CA HIS D 3422 64.15 -108.31 4.46
CA HIS D 3422 64.12 -108.29 4.43
C HIS D 3422 63.23 -107.75 5.54
N TRP D 3423 63.65 -106.67 6.21
CA TRP D 3423 62.87 -106.05 7.27
C TRP D 3423 61.56 -105.52 6.70
N LEU D 3424 61.64 -104.89 5.54
CA LEU D 3424 60.45 -104.34 4.93
C LEU D 3424 59.72 -105.35 4.06
N THR D 3425 60.44 -106.27 3.42
CA THR D 3425 59.79 -107.34 2.66
C THR D 3425 58.96 -108.24 3.57
N GLU D 3426 59.53 -108.63 4.71
CA GLU D 3426 58.88 -109.45 5.71
C GLU D 3426 58.89 -108.72 7.05
N PRO D 3427 57.73 -108.37 7.61
CA PRO D 3427 57.69 -107.64 8.90
C PRO D 3427 58.39 -108.39 10.03
N ASN D 3428 59.11 -107.65 10.87
CA ASN D 3428 59.92 -108.26 11.93
C ASN D 3428 59.50 -107.72 13.29
N ALA D 3429 58.86 -108.60 14.07
CA ALA D 3429 58.43 -108.26 15.42
C ALA D 3429 59.63 -107.96 16.31
N ASN D 3430 60.78 -108.59 16.04
CA ASN D 3430 61.99 -108.32 16.80
C ASN D 3430 62.44 -106.88 16.60
N ALA D 3431 62.39 -106.41 15.34
CA ALA D 3431 62.78 -105.03 15.06
C ALA D 3431 61.75 -104.03 15.57
N GLU D 3432 60.52 -104.49 15.87
CA GLU D 3432 59.50 -103.58 16.37
C GLU D 3432 59.87 -102.99 17.73
N GLU D 3433 60.38 -103.83 18.65
CA GLU D 3433 60.77 -103.30 19.95
C GLU D 3433 61.96 -102.35 19.83
N LEU D 3434 62.88 -102.66 18.91
CA LEU D 3434 64.05 -101.79 18.70
C LEU D 3434 63.59 -100.44 18.19
N PHE D 3435 62.55 -100.43 17.34
CA PHE D 3435 61.94 -99.19 16.88
C PHE D 3435 61.34 -98.42 18.02
N ARG D 3436 60.68 -99.13 18.96
CA ARG D 3436 60.06 -98.47 20.12
C ARG D 3436 61.14 -97.82 20.98
N MET D 3437 62.25 -98.54 21.20
CA MET D 3437 63.27 -98.11 22.14
C MET D 3437 63.98 -96.88 21.61
N VAL D 3438 64.40 -96.94 20.33
CA VAL D 3438 65.13 -95.82 19.74
C VAL D 3438 64.18 -94.63 19.62
N GLY D 3439 62.90 -94.86 19.35
CA GLY D 3439 61.95 -93.77 19.24
C GLY D 3439 61.73 -93.03 20.54
N GLU D 3440 61.58 -93.78 21.65
CA GLU D 3440 61.46 -93.16 22.97
C GLU D 3440 62.74 -92.43 23.37
N ILE D 3441 63.91 -92.97 22.98
CA ILE D 3441 65.16 -92.23 23.17
C ILE D 3441 65.17 -90.93 22.38
N PHE D 3442 64.71 -90.96 21.13
CA PHE D 3442 64.61 -89.74 20.34
C PHE D 3442 63.57 -88.77 20.89
N ILE D 3443 62.53 -89.30 21.56
CA ILE D 3443 61.58 -88.46 22.27
C ILE D 3443 62.29 -87.70 23.39
N TYR D 3444 63.16 -88.39 24.14
CA TYR D 3444 64.00 -87.72 25.13
C TYR D 3444 64.95 -86.72 24.48
N TRP D 3445 65.44 -87.05 23.27
CA TRP D 3445 66.37 -86.18 22.54
C TRP D 3445 65.68 -84.86 22.20
N SER D 3446 64.45 -84.94 21.72
CA SER D 3446 63.73 -83.73 21.33
C SER D 3446 63.24 -82.97 22.55
N LYS D 3447 62.89 -83.69 23.62
CA LYS D 3447 62.32 -83.07 24.80
C LYS D 3447 63.39 -82.58 25.77
N SER D 3448 64.67 -82.78 25.44
CA SER D 3448 65.77 -82.38 26.31
C SER D 3448 66.71 -81.50 25.51
N HIS D 3449 66.62 -80.19 25.72
CA HIS D 3449 67.52 -79.23 25.07
C HIS D 3449 68.95 -79.35 25.57
N ASN D 3450 69.16 -79.74 26.83
CA ASN D 3450 70.51 -79.96 27.35
C ASN D 3450 71.25 -81.09 26.64
N PHE D 3451 70.54 -82.20 26.38
CA PHE D 3451 71.09 -83.29 25.56
C PHE D 3451 71.44 -82.82 24.15
N LYS D 3452 70.68 -81.86 23.63
CA LYS D 3452 71.01 -81.29 22.34
C LYS D 3452 72.22 -80.38 22.45
N ARG D 3453 72.28 -79.57 23.51
CA ARG D 3453 73.33 -78.56 23.64
C ARG D 3453 74.69 -79.23 23.79
N GLU D 3454 74.78 -80.28 24.62
CA GLU D 3454 76.05 -80.99 24.71
C GLU D 3454 76.24 -82.02 23.61
N GLU D 3455 75.25 -82.22 22.73
CA GLU D 3455 75.46 -83.08 21.57
C GLU D 3455 76.50 -82.49 20.62
N GLN D 3456 76.37 -81.20 20.27
CA GLN D 3456 77.44 -80.61 19.46
C GLN D 3456 78.72 -80.42 20.25
N ASN D 3457 78.64 -80.34 21.58
CA ASN D 3457 79.87 -80.32 22.37
C ASN D 3457 80.66 -81.60 22.13
N PHE D 3458 79.98 -82.76 22.27
CA PHE D 3458 80.63 -84.04 22.04
C PHE D 3458 81.15 -84.16 20.60
N VAL D 3459 80.42 -83.55 19.65
CA VAL D 3459 80.87 -83.58 18.27
C VAL D 3459 82.15 -82.76 18.10
N VAL D 3460 82.21 -81.56 18.69
CA VAL D 3460 83.35 -80.69 18.43
C VAL D 3460 84.60 -81.19 19.15
N GLN D 3461 84.48 -81.73 20.39
CA GLN D 3461 85.73 -82.24 20.95
C GLN D 3461 86.07 -83.65 20.47
N ASN D 3462 85.17 -84.34 19.76
CA ASN D 3462 85.54 -85.64 19.22
C ASN D 3462 85.83 -85.59 17.72
N GLU D 3463 85.67 -84.42 17.10
CA GLU D 3463 85.88 -84.18 15.66
C GLU D 3463 85.09 -85.17 14.81
N ILE D 3464 83.80 -85.28 15.15
CA ILE D 3464 82.93 -86.21 14.42
C ILE D 3464 82.62 -85.61 13.07
N ASN D 3465 83.04 -86.30 12.00
CA ASN D 3465 82.82 -85.80 10.65
C ASN D 3465 81.36 -85.94 10.24
N ASN D 3466 80.73 -87.06 10.62
CA ASN D 3466 79.36 -87.48 10.27
C ASN D 3466 79.16 -87.72 8.77
N MET D 3467 80.22 -87.62 7.98
CA MET D 3467 80.21 -87.96 6.56
C MET D 3467 80.71 -89.37 6.32
N SER D 3468 81.85 -89.75 6.91
CA SER D 3468 82.33 -91.13 6.79
C SER D 3468 81.37 -92.13 7.43
N PHE D 3469 80.74 -91.75 8.56
CA PHE D 3469 79.78 -92.60 9.26
C PHE D 3469 78.49 -92.85 8.48
N LEU D 3470 78.24 -92.09 7.41
CA LEU D 3470 77.06 -92.28 6.58
C LEU D 3470 77.40 -92.61 5.14
N THR D 3471 78.66 -92.46 4.73
CA THR D 3471 79.06 -92.71 3.36
C THR D 3471 80.14 -93.77 3.18
N ALA D 3472 80.60 -94.44 4.26
CA ALA D 3472 81.62 -95.49 4.10
C ALA D 3472 81.10 -96.65 3.25
N ASP D 3473 79.84 -97.04 3.47
CA ASP D 3473 79.20 -98.04 2.62
C ASP D 3473 79.09 -97.54 1.18
N SER D 3474 78.75 -96.26 0.99
CA SER D 3474 78.64 -95.73 -0.38
C SER D 3474 80.00 -95.68 -1.06
N LYS D 3475 81.06 -95.45 -0.26
CA LYS D 3475 82.42 -95.49 -0.81
C LYS D 3475 82.74 -96.88 -1.31
N SER D 3476 82.34 -97.91 -0.53
CA SER D 3476 82.66 -99.26 -0.94
C SER D 3476 81.72 -99.80 -2.01
N LYS D 3477 80.62 -99.12 -2.31
CA LYS D 3477 79.71 -99.58 -3.37
C LYS D 3477 80.15 -99.14 -4.76
N MET D 3478 81.29 -98.42 -4.86
CA MET D 3478 81.88 -97.93 -6.11
C MET D 3478 80.92 -96.98 -6.83
N ALA D 3479 80.57 -95.90 -6.13
CA ALA D 3479 79.67 -94.88 -6.67
C ALA D 3479 80.47 -93.74 -7.28
N ARG D 3498 80.65 -78.54 4.76
CA ARG D 3498 80.86 -77.15 4.37
C ARG D 3498 79.93 -76.22 5.14
N ARG D 3499 78.62 -76.43 4.98
CA ARG D 3499 77.63 -75.61 5.67
C ARG D 3499 77.55 -75.96 7.15
N GLY D 3500 77.21 -77.21 7.45
CA GLY D 3500 77.14 -77.64 8.83
C GLY D 3500 78.07 -78.79 9.13
N ASP D 3501 79.27 -78.74 8.55
CA ASP D 3501 80.27 -79.80 8.73
C ASP D 3501 80.69 -79.92 10.19
N ARG D 3502 80.75 -78.79 10.91
CA ARG D 3502 81.03 -78.84 12.34
C ARG D 3502 79.92 -79.57 13.10
N TYR D 3503 78.67 -79.16 12.89
CA TYR D 3503 77.47 -79.81 13.40
C TYR D 3503 76.26 -79.16 12.75
N SER D 3504 75.27 -79.99 12.43
CA SER D 3504 73.97 -79.53 11.95
C SER D 3504 72.94 -80.59 12.30
N VAL D 3505 71.66 -80.20 12.21
CA VAL D 3505 70.55 -81.10 12.54
C VAL D 3505 70.53 -82.31 11.61
N GLN D 3506 70.82 -82.09 10.32
CA GLN D 3506 70.86 -83.17 9.34
C GLN D 3506 71.96 -84.19 9.62
N THR D 3507 73.05 -83.76 10.25
CA THR D 3507 74.16 -84.65 10.58
C THR D 3507 74.02 -85.29 11.95
N SER D 3508 72.93 -85.03 12.67
CA SER D 3508 72.67 -85.71 13.93
C SER D 3508 72.48 -87.21 13.70
N LEU D 3509 73.37 -88.00 14.29
CA LEU D 3509 73.38 -89.43 14.06
C LEU D 3509 72.12 -90.08 14.64
N ILE D 3510 71.55 -89.46 15.68
CA ILE D 3510 70.35 -89.99 16.30
C ILE D 3510 69.16 -89.82 15.36
N VAL D 3511 69.03 -88.64 14.74
CA VAL D 3511 67.90 -88.46 13.81
C VAL D 3511 68.15 -89.32 12.58
N ALA D 3512 69.43 -89.65 12.31
CA ALA D 3512 69.76 -90.53 11.21
C ALA D 3512 69.25 -91.94 11.47
N THR D 3513 69.57 -92.50 12.65
CA THR D 3513 69.13 -93.87 12.95
C THR D 3513 67.61 -93.94 13.07
N LEU D 3514 66.97 -92.83 13.44
CA LEU D 3514 65.52 -92.77 13.43
C LEU D 3514 64.98 -92.88 12.01
N LYS D 3515 65.49 -92.05 11.10
CA LYS D 3515 64.94 -92.02 9.75
C LYS D 3515 65.33 -93.23 8.91
N LYS D 3516 66.46 -93.89 9.23
CA LYS D 3516 66.87 -95.06 8.45
C LYS D 3516 65.91 -96.23 8.63
N MET D 3517 65.33 -96.40 9.83
CA MET D 3517 64.41 -97.52 10.03
C MET D 3517 63.05 -97.10 10.57
N LEU D 3518 62.67 -95.84 10.36
CA LEU D 3518 61.29 -95.40 10.63
C LEU D 3518 60.24 -96.18 9.82
N PRO D 3519 60.41 -96.48 8.51
CA PRO D 3519 59.34 -97.24 7.82
C PRO D 3519 59.06 -98.61 8.39
N ILE D 3520 59.96 -99.19 9.21
CA ILE D 3520 59.61 -100.42 9.92
C ILE D 3520 58.43 -100.16 10.85
N GLY D 3521 58.46 -99.02 11.54
CA GLY D 3521 57.34 -98.58 12.34
C GLY D 3521 56.11 -98.24 11.54
N LEU D 3522 56.30 -97.59 10.39
CA LEU D 3522 55.14 -97.31 9.54
C LEU D 3522 54.54 -98.59 8.97
N ASN D 3523 55.41 -99.55 8.63
CA ASN D 3523 55.00 -100.83 8.07
C ASN D 3523 54.17 -101.62 9.07
N MET D 3524 54.59 -101.65 10.33
CA MET D 3524 53.89 -102.48 11.32
C MET D 3524 52.52 -101.92 11.70
N CYS D 3525 52.17 -100.71 11.27
CA CYS D 3525 50.85 -100.14 11.46
C CYS D 3525 49.97 -100.46 10.25
N ALA D 3526 48.73 -99.98 10.27
CA ALA D 3526 47.80 -100.30 9.19
C ALA D 3526 47.40 -99.04 8.42
N PRO D 3527 47.16 -99.17 7.10
CA PRO D 3527 46.72 -98.02 6.30
C PRO D 3527 45.40 -97.39 6.72
N THR D 3528 44.45 -98.14 7.28
CA THR D 3528 43.22 -97.52 7.80
C THR D 3528 43.46 -96.68 9.04
N ASP D 3529 44.63 -96.76 9.66
CA ASP D 3529 44.97 -95.94 10.81
C ASP D 3529 45.64 -94.62 10.45
N GLN D 3530 45.66 -94.24 9.16
CA GLN D 3530 46.26 -92.96 8.75
C GLN D 3530 45.58 -91.79 9.44
N ASP D 3531 44.25 -91.69 9.33
CA ASP D 3531 43.56 -90.58 9.98
C ASP D 3531 43.77 -90.57 11.49
N LEU D 3532 44.00 -91.77 12.08
CA LEU D 3532 44.41 -91.84 13.47
C LEU D 3532 45.77 -91.18 13.67
N ILE D 3533 46.62 -91.23 12.63
CA ILE D 3533 47.94 -90.60 12.74
C ILE D 3533 47.79 -89.09 12.71
N MET D 3534 47.03 -88.55 11.74
CA MET D 3534 46.92 -87.09 11.72
C MET D 3534 46.12 -86.51 12.90
N LEU D 3535 45.11 -87.21 13.42
CA LEU D 3535 44.51 -86.75 14.68
C LEU D 3535 45.49 -86.87 15.83
N ALA D 3536 46.43 -87.80 15.75
CA ALA D 3536 47.47 -87.81 16.75
C ALA D 3536 48.52 -86.73 16.51
N LYS D 3537 48.67 -86.26 15.28
CA LYS D 3537 49.51 -85.09 15.02
C LYS D 3537 48.90 -83.88 15.69
N THR D 3538 47.56 -83.79 15.64
CA THR D 3538 46.87 -82.67 16.28
C THR D 3538 47.07 -82.71 17.80
N ARG D 3539 46.84 -83.88 18.43
CA ARG D 3539 46.96 -83.96 19.89
C ARG D 3539 48.40 -83.71 20.35
N TYR D 3540 49.40 -84.21 19.59
CA TYR D 3540 50.79 -83.91 19.92
C TYR D 3540 51.12 -82.45 19.72
N ALA D 3541 50.47 -81.79 18.76
CA ALA D 3541 50.62 -80.34 18.70
C ALA D 3541 49.94 -79.66 19.88
N LEU D 3542 48.87 -80.29 20.41
CA LEU D 3542 48.23 -79.86 21.65
C LEU D 3542 48.97 -80.32 22.90
N LYS D 3543 50.21 -80.82 22.75
CA LYS D 3543 51.09 -81.22 23.87
C LYS D 3543 50.51 -82.33 24.74
N ASP D 3544 49.86 -83.31 24.14
CA ASP D 3544 49.28 -84.40 24.90
C ASP D 3544 50.29 -85.53 25.02
N THR D 3545 50.52 -86.01 26.25
CA THR D 3545 51.51 -87.05 26.48
C THR D 3545 50.89 -88.43 26.38
N ASP D 3546 51.67 -89.45 26.78
CA ASP D 3546 51.34 -90.85 26.54
C ASP D 3546 50.06 -91.28 27.23
N GLU D 3547 49.77 -90.71 28.41
CA GLU D 3547 48.62 -91.17 29.18
C GLU D 3547 47.33 -90.78 28.48
N GLU D 3548 47.21 -89.49 28.10
CA GLU D 3548 45.95 -89.02 27.56
C GLU D 3548 45.79 -89.33 26.08
N VAL D 3549 46.90 -89.56 25.34
CA VAL D 3549 46.72 -89.92 23.93
C VAL D 3549 46.10 -91.29 23.80
N ARG D 3550 46.41 -92.23 24.71
CA ARG D 3550 45.85 -93.57 24.63
C ARG D 3550 44.34 -93.54 24.86
N GLU D 3551 43.88 -92.79 25.86
CA GLU D 3551 42.46 -92.77 26.18
C GLU D 3551 41.67 -92.02 25.11
N PHE D 3552 42.26 -90.95 24.56
CA PHE D 3552 41.59 -90.26 23.45
C PHE D 3552 41.52 -91.15 22.21
N LEU D 3553 42.59 -91.92 21.91
CA LEU D 3553 42.51 -92.88 20.80
C LEU D 3553 41.49 -93.98 21.08
N GLN D 3554 41.35 -94.40 22.34
CA GLN D 3554 40.30 -95.34 22.72
C GLN D 3554 38.92 -94.77 22.45
N ASN D 3555 38.76 -93.45 22.66
CA ASN D 3555 37.53 -92.79 22.22
C ASN D 3555 37.44 -92.79 20.69
N ASN D 3556 38.58 -92.62 20.01
CA ASN D 3556 38.66 -92.59 18.55
C ASN D 3556 38.84 -93.97 17.92
N LEU D 3557 38.44 -95.05 18.62
CA LEU D 3557 38.57 -96.40 18.06
C LEU D 3557 37.70 -96.58 16.81
N HIS D 3558 36.50 -96.01 16.80
CA HIS D 3558 35.63 -96.07 15.64
C HIS D 3558 35.91 -94.98 14.63
N LEU D 3559 36.88 -94.11 14.88
CA LEU D 3559 37.26 -93.05 13.96
C LEU D 3559 38.27 -93.50 12.92
N GLN D 3560 38.63 -94.78 12.90
CA GLN D 3560 39.60 -95.31 11.95
C GLN D 3560 39.08 -95.22 10.53
N GLY D 3561 40.03 -95.14 9.58
CA GLY D 3561 39.68 -94.97 8.18
C GLY D 3561 38.92 -96.16 7.61
N LYS D 3562 38.18 -95.87 6.54
CA LYS D 3562 37.38 -96.84 5.81
C LYS D 3562 38.03 -97.08 4.46
N VAL D 3563 38.27 -98.36 4.14
CA VAL D 3563 38.90 -98.73 2.87
C VAL D 3563 38.05 -98.30 1.68
N GLU D 3564 36.72 -98.33 1.82
CA GLU D 3564 35.84 -97.88 0.75
C GLU D 3564 35.85 -96.36 0.56
N GLY D 3565 36.44 -95.61 1.49
CA GLY D 3565 36.44 -94.15 1.39
C GLY D 3565 37.43 -93.59 0.41
N SER D 3566 38.45 -94.37 0.02
CA SER D 3566 39.46 -93.90 -0.90
C SER D 3566 39.96 -95.07 -1.71
N PRO D 3567 40.13 -94.91 -3.02
CA PRO D 3567 40.67 -96.00 -3.86
C PRO D 3567 42.08 -96.43 -3.47
N SER D 3568 42.89 -95.50 -2.93
CA SER D 3568 44.25 -95.82 -2.51
C SER D 3568 44.28 -96.85 -1.38
N LEU D 3569 43.24 -96.89 -0.56
CA LEU D 3569 43.21 -97.86 0.52
C LEU D 3569 42.89 -99.26 0.02
N ARG D 3570 42.24 -99.38 -1.15
CA ARG D 3570 41.94 -100.70 -1.70
C ARG D 3570 43.22 -101.44 -2.05
N TRP D 3571 44.10 -100.78 -2.82
CA TRP D 3571 45.34 -101.43 -3.20
C TRP D 3571 46.29 -101.51 -2.03
N GLN D 3572 46.24 -100.52 -1.11
CA GLN D 3572 47.12 -100.58 0.05
C GLN D 3572 46.79 -101.78 0.92
N MET D 3573 45.50 -102.04 1.17
CA MET D 3573 45.14 -103.27 1.87
C MET D 3573 45.38 -104.53 1.03
N ALA D 3574 45.27 -104.42 -0.30
CA ALA D 3574 45.57 -105.55 -1.18
C ALA D 3574 47.03 -105.99 -1.05
N LEU D 3575 47.93 -105.03 -0.93
CA LEU D 3575 49.33 -105.43 -0.78
C LEU D 3575 49.64 -105.73 0.68
N TYR D 3576 48.96 -105.03 1.60
CA TYR D 3576 49.25 -105.17 3.01
C TYR D 3576 48.90 -106.57 3.47
N ARG D 3577 47.73 -107.10 3.07
CA ARG D 3577 47.56 -108.53 3.28
C ARG D 3577 48.29 -109.36 2.23
N GLY D 3578 48.80 -108.74 1.16
CA GLY D 3578 49.59 -109.49 0.20
C GLY D 3578 50.95 -109.91 0.71
N LEU D 3579 51.39 -109.32 1.81
CA LEU D 3579 52.64 -109.77 2.42
C LEU D 3579 52.38 -111.04 3.23
N PRO D 3580 53.20 -112.07 3.07
CA PRO D 3580 52.97 -113.34 3.81
C PRO D 3580 53.11 -113.24 5.32
N GLY D 3581 53.77 -112.22 5.85
CA GLY D 3581 54.01 -112.13 7.28
C GLY D 3581 52.94 -111.38 8.05
N ARG D 3582 51.75 -111.27 7.47
CA ARG D 3582 50.66 -110.51 8.06
C ARG D 3582 49.58 -111.44 8.58
N GLU D 3583 49.13 -111.19 9.79
CA GLU D 3583 48.02 -111.90 10.40
C GLU D 3583 46.97 -110.90 10.84
N GLU D 3584 45.70 -111.24 10.59
CA GLU D 3584 44.60 -110.32 10.85
C GLU D 3584 44.31 -110.11 12.33
N ASP D 3585 44.86 -110.95 13.20
CA ASP D 3585 44.57 -110.88 14.64
C ASP D 3585 45.38 -109.83 15.36
N ALA D 3586 46.32 -109.17 14.67
CA ALA D 3586 47.20 -108.17 15.29
C ALA D 3586 46.51 -106.86 15.60
N ASP D 3587 45.27 -106.65 15.16
CA ASP D 3587 44.58 -105.38 15.36
C ASP D 3587 43.82 -105.30 16.68
N ASP D 3588 44.52 -105.59 17.78
CA ASP D 3588 43.93 -105.46 19.10
C ASP D 3588 43.67 -103.98 19.40
N PRO D 3589 42.59 -103.68 20.14
CA PRO D 3589 42.27 -102.26 20.45
C PRO D 3589 43.38 -101.51 21.18
N GLU D 3590 44.06 -102.15 22.13
CA GLU D 3590 45.19 -101.51 22.78
C GLU D 3590 46.43 -101.51 21.90
N LYS D 3591 46.61 -102.55 21.07
CA LYS D 3591 47.79 -102.65 20.21
C LYS D 3591 47.80 -101.54 19.16
N ILE D 3592 46.65 -101.31 18.51
CA ILE D 3592 46.59 -100.31 17.45
C ILE D 3592 46.83 -98.90 18.00
N VAL D 3593 46.21 -98.56 19.15
CA VAL D 3593 46.40 -97.23 19.71
C VAL D 3593 47.82 -97.08 20.24
N ARG D 3594 48.45 -98.18 20.68
CA ARG D 3594 49.83 -98.11 21.13
C ARG D 3594 50.77 -97.85 19.96
N ARG D 3595 50.62 -98.58 18.86
CA ARG D 3595 51.53 -98.38 17.73
C ARG D 3595 51.27 -97.05 17.03
N VAL D 3596 50.01 -96.60 17.00
CA VAL D 3596 49.69 -95.27 16.47
C VAL D 3596 50.36 -94.19 17.29
N GLN D 3597 50.30 -94.30 18.63
CA GLN D 3597 50.99 -93.32 19.48
C GLN D 3597 52.50 -93.35 19.28
N GLU D 3598 53.08 -94.55 19.12
CA GLU D 3598 54.52 -94.68 18.88
C GLU D 3598 54.95 -94.00 17.58
N VAL D 3599 54.26 -94.30 16.47
CA VAL D 3599 54.66 -93.75 15.19
C VAL D 3599 54.32 -92.26 15.12
N SER D 3600 53.26 -91.84 15.81
CA SER D 3600 52.86 -90.45 15.81
C SER D 3600 53.90 -89.61 16.53
N ALA D 3601 54.30 -90.04 17.73
CA ALA D 3601 55.25 -89.28 18.52
C ALA D 3601 56.59 -89.17 17.80
N VAL D 3602 57.08 -90.28 17.22
CA VAL D 3602 58.37 -90.23 16.53
C VAL D 3602 58.33 -89.37 15.26
N LEU D 3603 57.21 -89.41 14.52
CA LEU D 3603 57.11 -88.57 13.33
C LEU D 3603 56.90 -87.11 13.70
N TYR D 3604 56.10 -86.85 14.72
CA TYR D 3604 55.81 -85.48 15.15
C TYR D 3604 57.07 -84.81 15.64
N HIS D 3605 57.85 -85.54 16.46
CA HIS D 3605 59.10 -84.98 16.97
C HIS D 3605 60.08 -84.78 15.82
N LEU D 3606 60.12 -85.72 14.86
CA LEU D 3606 61.08 -85.62 13.77
C LEU D 3606 60.78 -84.39 12.91
N GLU D 3607 59.49 -84.15 12.59
CA GLU D 3607 59.18 -82.95 11.81
C GLU D 3607 59.40 -81.67 12.61
N GLN D 3608 59.34 -81.72 13.96
CA GLN D 3608 59.70 -80.53 14.73
C GLN D 3608 61.20 -80.30 14.64
N THR D 3609 61.97 -81.36 14.48
CA THR D 3609 63.43 -81.23 14.45
C THR D 3609 63.84 -80.70 13.08
N GLU D 3610 63.49 -81.44 12.03
CA GLU D 3610 63.96 -81.12 10.68
C GLU D 3610 63.38 -79.79 10.16
N HIS D 3611 62.15 -79.39 10.57
CA HIS D 3611 61.61 -78.08 10.23
C HIS D 3611 61.71 -77.16 11.45
N PRO D 3612 62.83 -76.47 11.67
CA PRO D 3612 62.96 -75.63 12.88
C PRO D 3612 62.02 -74.43 12.98
N TYR D 3613 61.81 -73.69 11.86
CA TYR D 3613 60.92 -72.51 11.76
C TYR D 3613 61.23 -71.44 12.81
N LYS D 3614 62.53 -71.21 13.04
CA LYS D 3614 63.03 -70.49 14.20
C LYS D 3614 63.35 -69.02 13.95
N SER D 3615 63.08 -68.49 12.76
CA SER D 3615 63.51 -67.15 12.38
C SER D 3615 62.55 -66.10 12.97
N LYS D 3616 62.80 -64.82 12.62
CA LYS D 3616 62.00 -63.64 12.97
C LYS D 3616 62.18 -63.20 14.43
N LYS D 3617 63.25 -63.66 15.09
CA LYS D 3617 63.55 -63.27 16.46
C LYS D 3617 64.87 -62.51 16.57
N ALA D 3618 65.96 -63.04 16.04
CA ALA D 3618 67.25 -62.34 16.03
C ALA D 3618 67.52 -61.89 14.59
N VAL D 3619 67.07 -60.69 14.26
CA VAL D 3619 67.09 -60.16 12.90
C VAL D 3619 67.96 -58.91 12.89
N TRP D 3620 68.73 -58.73 11.81
CA TRP D 3620 69.58 -57.58 11.56
C TRP D 3620 68.73 -56.31 11.43
N HIS D 3621 68.78 -55.43 12.43
CA HIS D 3621 67.92 -54.26 12.49
C HIS D 3621 68.67 -52.93 12.43
N LYS D 3622 70.00 -52.94 12.55
CA LYS D 3622 70.91 -51.78 12.48
C LYS D 3622 70.43 -50.58 13.30
N LEU D 3623 70.34 -50.82 14.62
CA LEU D 3623 69.93 -49.79 15.58
C LEU D 3623 70.86 -48.59 15.56
N LEU D 3624 72.17 -48.82 15.68
CA LEU D 3624 73.15 -47.76 15.56
C LEU D 3624 74.42 -48.18 14.83
N SER D 3625 74.43 -49.37 14.22
CA SER D 3625 75.64 -49.91 13.59
C SER D 3625 76.06 -49.10 12.37
N LYS D 3626 75.10 -48.68 11.53
CA LYS D 3626 75.43 -47.99 10.29
C LYS D 3626 76.06 -46.63 10.54
N GLN D 3627 75.71 -45.95 11.63
CA GLN D 3627 76.14 -44.58 11.86
C GLN D 3627 76.99 -44.36 13.10
N ARG D 3628 77.00 -45.28 14.06
CA ARG D 3628 77.67 -45.00 15.33
C ARG D 3628 78.45 -46.23 15.80
N ARG D 3629 79.02 -46.99 14.85
CA ARG D 3629 79.88 -48.11 15.24
C ARG D 3629 81.21 -47.66 15.81
N ARG D 3630 81.68 -46.46 15.45
CA ARG D 3630 83.00 -46.01 15.86
C ARG D 3630 83.06 -45.68 17.36
N ALA D 3631 81.91 -45.41 17.98
CA ALA D 3631 81.90 -44.99 19.38
C ALA D 3631 82.30 -46.14 20.30
N VAL D 3632 81.71 -47.32 20.10
CA VAL D 3632 81.95 -48.45 21.00
C VAL D 3632 83.41 -48.91 20.88
N VAL D 3633 83.98 -48.84 19.67
CA VAL D 3633 85.37 -49.20 19.46
C VAL D 3633 86.29 -48.17 20.12
N ALA D 3634 86.01 -46.88 19.92
CA ALA D 3634 86.94 -45.85 20.35
C ALA D 3634 86.84 -45.53 21.84
N CYS D 3635 85.65 -45.68 22.45
CA CYS D 3635 85.41 -45.28 23.85
C CYS D 3635 86.31 -46.02 24.83
N PHE D 3636 86.69 -47.26 24.51
CA PHE D 3636 87.65 -47.97 25.36
C PHE D 3636 89.02 -47.30 25.31
N ARG D 3637 89.34 -46.60 24.23
CA ARG D 3637 90.68 -46.04 24.02
C ARG D 3637 90.71 -44.52 24.05
N MET D 3638 89.60 -43.84 24.34
CA MET D 3638 89.64 -42.40 24.49
C MET D 3638 90.44 -42.03 25.74
N THR D 3639 90.95 -40.80 25.73
CA THR D 3639 91.85 -40.37 26.79
C THR D 3639 91.11 -40.25 28.13
N PRO D 3640 91.61 -40.88 29.18
CA PRO D 3640 91.03 -40.69 30.51
C PRO D 3640 91.40 -39.32 31.04
N LEU D 3641 90.68 -38.92 32.10
CA LEU D 3641 90.79 -37.58 32.65
C LEU D 3641 92.18 -37.27 33.17
N TYR D 3642 92.81 -38.25 33.86
CA TYR D 3642 94.11 -38.01 34.47
C TYR D 3642 95.23 -37.73 33.45
N ASN D 3643 95.02 -38.08 32.19
CA ASN D 3643 95.99 -37.80 31.14
C ASN D 3643 95.71 -36.48 30.40
N LEU D 3644 94.66 -35.76 30.76
CA LEU D 3644 94.38 -34.46 30.16
C LEU D 3644 95.32 -33.40 30.70
N PRO D 3645 95.71 -32.42 29.87
CA PRO D 3645 96.53 -31.31 30.37
C PRO D 3645 95.78 -30.51 31.42
N THR D 3646 96.56 -29.92 32.35
CA THR D 3646 95.98 -29.20 33.48
C THR D 3646 95.13 -28.01 33.05
N HIS D 3647 95.61 -27.23 32.07
CA HIS D 3647 94.86 -26.07 31.62
C HIS D 3647 93.56 -26.47 30.92
N ARG D 3648 93.61 -27.52 30.09
CA ARG D 3648 92.41 -27.98 29.39
C ARG D 3648 91.39 -28.52 30.39
N ALA D 3649 91.87 -29.28 31.38
CA ALA D 3649 90.98 -29.84 32.39
C ALA D 3649 90.35 -28.74 33.20
N CYS D 3650 91.12 -27.69 33.54
CA CYS D 3650 90.57 -26.57 34.28
C CYS D 3650 89.50 -25.84 33.48
N ASN D 3651 89.72 -25.70 32.16
CA ASN D 3651 88.73 -25.06 31.29
C ASN D 3651 87.42 -25.84 31.28
N MET D 3652 87.50 -27.17 31.19
CA MET D 3652 86.26 -27.96 31.26
C MET D 3652 85.65 -27.89 32.66
N PHE D 3653 86.50 -27.83 33.69
CA PHE D 3653 86.05 -27.80 35.07
C PHE D 3653 85.25 -26.55 35.37
N LEU D 3654 85.67 -25.41 34.84
CA LEU D 3654 84.96 -24.15 35.10
C LEU D 3654 83.52 -24.21 34.56
N GLU D 3655 83.37 -24.70 33.33
CA GLU D 3655 82.05 -24.83 32.73
C GLU D 3655 81.18 -25.84 33.50
N SER D 3656 81.77 -26.96 33.91
CA SER D 3656 81.04 -27.93 34.72
C SER D 3656 80.62 -27.36 36.06
N TYR D 3657 81.52 -26.58 36.67
CA TYR D 3657 81.26 -26.00 37.99
C TYR D 3657 80.15 -24.98 37.91
N LYS D 3658 80.22 -24.07 36.93
CA LYS D 3658 79.19 -23.04 36.85
C LYS D 3658 77.84 -23.66 36.49
N ALA D 3659 77.85 -24.66 35.59
CA ALA D 3659 76.62 -25.26 35.11
C ALA D 3659 75.98 -26.17 36.14
N ALA D 3660 76.71 -26.59 37.16
CA ALA D 3660 76.16 -27.51 38.14
C ALA D 3660 76.12 -26.93 39.54
N TRP D 3661 76.72 -25.76 39.77
CA TRP D 3661 76.76 -25.19 41.10
C TRP D 3661 76.29 -23.74 41.17
N ILE D 3662 76.45 -22.97 40.09
CA ILE D 3662 76.14 -21.55 40.11
C ILE D 3662 74.79 -21.26 39.48
N LEU D 3663 74.50 -21.86 38.32
CA LEU D 3663 73.18 -21.72 37.71
C LEU D 3663 72.10 -22.27 38.61
N THR D 3664 72.38 -23.39 39.28
CA THR D 3664 71.43 -23.98 40.22
C THR D 3664 71.36 -23.23 41.55
N GLU D 3665 72.31 -22.34 41.84
CA GLU D 3665 72.28 -21.58 43.07
C GLU D 3665 71.09 -20.63 43.12
N ASP D 3666 70.46 -20.54 44.29
CA ASP D 3666 69.28 -19.72 44.50
C ASP D 3666 69.62 -18.51 45.35
N HIS D 3667 69.28 -17.32 44.84
CA HIS D 3667 69.46 -16.09 45.61
C HIS D 3667 68.40 -15.10 45.15
N SER D 3668 67.31 -15.00 45.90
CA SER D 3668 66.20 -14.11 45.56
C SER D 3668 66.41 -12.79 46.29
N PHE D 3669 67.11 -11.88 45.62
CA PHE D 3669 67.39 -10.55 46.17
C PHE D 3669 66.45 -9.48 45.62
N GLU D 3670 65.51 -9.87 44.74
CA GLU D 3670 64.65 -8.90 44.07
C GLU D 3670 63.76 -8.15 45.04
N ASP D 3671 63.20 -8.86 46.02
CA ASP D 3671 62.28 -8.25 46.97
C ASP D 3671 62.98 -7.20 47.81
N ARG D 3672 64.19 -7.52 48.28
CA ARG D 3672 64.89 -6.55 49.10
C ARG D 3672 65.54 -5.45 48.27
N MET D 3673 65.81 -5.70 46.98
CA MET D 3673 66.24 -4.63 46.09
C MET D 3673 65.14 -3.59 45.93
N ILE D 3674 63.94 -4.04 45.55
CA ILE D 3674 62.83 -3.11 45.36
C ILE D 3674 62.45 -2.46 46.69
N ASP D 3675 62.57 -3.21 47.80
CA ASP D 3675 62.31 -2.64 49.11
C ASP D 3675 63.28 -1.50 49.43
N ASP D 3676 64.57 -1.68 49.13
CA ASP D 3676 65.55 -0.63 49.33
C ASP D 3676 65.30 0.56 48.41
N LEU D 3677 64.93 0.28 47.16
CA LEU D 3677 64.73 1.35 46.19
C LEU D 3677 63.43 2.12 46.41
N SER D 3678 62.47 1.54 47.11
CA SER D 3678 61.17 2.18 47.26
C SER D 3678 61.05 3.00 48.53
N LYS D 3679 62.09 3.06 49.36
CA LYS D 3679 62.06 3.82 50.59
C LYS D 3679 62.70 5.18 50.38
N ALA D 3680 61.91 6.24 50.59
CA ALA D 3680 62.41 7.61 50.56
C ALA D 3680 62.83 8.05 51.95
N GLY D 3681 63.69 7.25 52.59
CA GLY D 3681 64.06 7.50 53.95
C GLY D 3681 65.10 8.59 54.09
N GLU D 3682 65.11 9.19 55.29
CA GLU D 3682 66.01 10.22 55.84
C GLU D 3682 65.70 11.65 55.38
N GLN D 3683 64.69 11.87 54.52
CA GLN D 3683 64.22 13.22 54.25
C GLN D 3683 62.73 13.40 54.51
N GLU D 3684 62.05 12.39 55.06
CA GLU D 3684 60.67 12.58 55.49
C GLU D 3684 60.58 13.59 56.64
N GLU D 3685 61.63 13.65 57.46
CA GLU D 3685 61.69 14.62 58.55
C GLU D 3685 61.88 16.04 58.05
N GLU D 3686 62.42 16.21 56.83
CA GLU D 3686 62.57 17.53 56.25
C GLU D 3686 61.23 18.22 56.01
N GLU D 3687 60.25 17.46 55.50
CA GLU D 3687 58.90 17.93 55.19
C GLU D 3687 58.91 19.16 54.27
N GLU D 3688 59.52 18.97 53.09
CA GLU D 3688 59.65 19.99 52.05
C GLU D 3688 58.32 20.69 51.76
N GLU D 3689 58.40 22.02 51.65
CA GLU D 3689 57.23 22.86 51.40
C GLU D 3689 56.59 22.56 50.06
N VAL D 3690 57.41 22.32 49.02
CA VAL D 3690 56.92 22.11 47.66
C VAL D 3690 56.07 20.85 47.62
N GLU D 3691 54.96 20.91 46.89
CA GLU D 3691 54.12 19.74 46.65
C GLU D 3691 54.82 18.63 45.88
N GLU D 3692 55.64 19.00 44.86
CA GLU D 3692 56.42 18.18 43.92
C GLU D 3692 56.76 16.77 44.41
N LYS D 3693 57.38 16.69 45.59
CA LYS D 3693 57.73 15.43 46.27
C LYS D 3693 58.62 14.53 45.41
N LYS D 3694 59.89 15.00 45.25
CA LYS D 3694 60.97 14.44 44.42
C LYS D 3694 60.99 12.92 44.47
N PRO D 3695 61.02 12.27 43.31
CA PRO D 3695 60.81 10.82 43.25
C PRO D 3695 61.83 10.01 44.02
N ASP D 3696 61.35 8.94 44.65
CA ASP D 3696 62.19 7.98 45.32
C ASP D 3696 62.98 7.16 44.27
N PRO D 3697 64.08 6.48 44.69
CA PRO D 3697 64.99 5.84 43.72
C PRO D 3697 64.32 4.89 42.74
N LEU D 3698 63.32 4.12 43.19
CA LEU D 3698 62.62 3.22 42.28
C LEU D 3698 61.90 3.99 41.19
N HIS D 3699 61.26 5.11 41.55
CA HIS D 3699 60.60 5.95 40.57
C HIS D 3699 61.59 6.56 39.58
N GLN D 3700 62.85 6.70 40.00
CA GLN D 3700 63.81 7.32 39.08
C GLN D 3700 64.25 6.36 37.98
N LEU D 3701 64.32 5.05 38.26
CA LEU D 3701 64.59 4.07 37.22
C LEU D 3701 63.50 4.10 36.17
N VAL D 3702 62.24 4.05 36.62
CA VAL D 3702 61.09 4.00 35.74
C VAL D 3702 61.04 5.26 34.87
N LEU D 3703 61.30 6.43 35.47
CA LEU D 3703 61.34 7.67 34.70
C LEU D 3703 62.45 7.65 33.65
N HIS D 3704 63.64 7.15 34.01
CA HIS D 3704 64.75 7.08 33.06
C HIS D 3704 64.45 6.12 31.92
N PHE D 3705 63.91 4.94 32.24
CA PHE D 3705 63.57 3.99 31.20
C PHE D 3705 62.42 4.50 30.34
N SER D 3706 61.46 5.22 30.92
CA SER D 3706 60.42 5.83 30.09
C SER D 3706 60.94 7.00 29.26
N ARG D 3707 62.12 7.51 29.59
CA ARG D 3707 62.72 8.54 28.73
C ARG D 3707 63.39 7.87 27.54
N THR D 3708 64.15 6.80 27.81
CA THR D 3708 64.74 6.04 26.70
C THR D 3708 63.64 5.42 25.84
N ALA D 3709 62.51 5.06 26.44
CA ALA D 3709 61.37 4.54 25.69
C ALA D 3709 60.79 5.59 24.76
N LEU D 3710 60.66 6.82 25.25
CA LEU D 3710 60.02 7.85 24.44
C LEU D 3710 60.97 8.58 23.50
N THR D 3711 62.28 8.41 23.62
CA THR D 3711 63.19 9.08 22.71
C THR D 3711 63.00 8.55 21.28
N GLU D 3712 63.20 9.43 20.31
CA GLU D 3712 62.91 9.12 18.91
C GLU D 3712 64.12 8.49 18.24
N LYS D 3713 64.05 7.18 18.02
CA LYS D 3713 65.10 6.42 17.39
C LYS D 3713 64.46 5.41 16.45
N SER D 3714 65.16 5.13 15.35
CA SER D 3714 64.64 4.17 14.37
C SER D 3714 64.54 2.77 14.94
N LYS D 3715 65.56 2.34 15.69
CA LYS D 3715 65.60 1.00 16.24
C LYS D 3715 65.75 1.09 17.75
N LEU D 3716 65.02 0.25 18.47
CA LEU D 3716 65.14 0.15 19.92
C LEU D 3716 66.25 -0.84 20.24
N ASP D 3717 67.46 -0.31 20.44
CA ASP D 3717 68.64 -1.13 20.65
C ASP D 3717 68.56 -1.86 21.99
N GLU D 3718 69.19 -3.04 22.04
CA GLU D 3718 69.20 -3.85 23.25
C GLU D 3718 69.90 -3.14 24.42
N ASP D 3719 69.34 -3.33 25.61
CA ASP D 3719 69.82 -2.67 26.82
C ASP D 3719 69.87 -3.73 27.93
N TYR D 3720 71.05 -4.31 28.16
CA TYR D 3720 71.20 -5.34 29.18
C TYR D 3720 70.89 -4.83 30.58
N LEU D 3721 71.04 -3.52 30.81
CA LEU D 3721 70.60 -2.93 32.07
C LEU D 3721 69.10 -3.05 32.21
N TYR D 3722 68.38 -2.78 31.11
CA TYR D 3722 66.93 -2.87 31.17
C TYR D 3722 66.48 -4.30 31.38
N MET D 3723 67.15 -5.27 30.71
CA MET D 3723 66.87 -6.68 30.99
C MET D 3723 67.03 -7.01 32.47
N ALA D 3724 68.11 -6.51 33.07
CA ALA D 3724 68.40 -6.79 34.47
C ALA D 3724 67.33 -6.20 35.38
N TYR D 3725 66.93 -4.98 35.11
CA TYR D 3725 66.05 -4.34 36.09
C TYR D 3725 64.60 -4.67 35.84
N ALA D 3726 64.20 -4.83 34.58
CA ALA D 3726 62.85 -5.29 34.27
C ALA D 3726 62.63 -6.70 34.81
N ASP D 3727 63.64 -7.57 34.68
CA ASP D 3727 63.55 -8.90 35.26
C ASP D 3727 63.47 -8.84 36.79
N ILE D 3728 64.25 -7.95 37.42
CA ILE D 3728 64.22 -7.81 38.87
C ILE D 3728 62.85 -7.33 39.36
N MET D 3729 62.28 -6.33 38.68
CA MET D 3729 60.94 -5.85 39.00
C MET D 3729 59.90 -6.93 38.79
N ALA D 3730 60.00 -7.68 37.69
CA ALA D 3730 59.02 -8.72 37.40
C ALA D 3730 59.09 -9.84 38.42
N LYS D 3731 60.30 -10.21 38.85
CA LYS D 3731 60.46 -11.29 39.80
C LYS D 3731 60.26 -10.84 41.24
N SER D 3732 60.07 -9.55 41.48
CA SER D 3732 59.88 -9.06 42.83
C SER D 3732 58.41 -8.89 43.21
N CYS D 3733 57.48 -9.26 42.35
CA CYS D 3733 56.06 -9.03 42.62
C CYS D 3733 55.33 -10.31 43.04
N HIS D 3734 55.41 -11.36 42.22
CA HIS D 3734 54.58 -12.54 42.42
C HIS D 3734 54.89 -13.27 43.72
N LEU D 3735 56.17 -13.58 43.97
CA LEU D 3735 56.65 -14.35 45.13
C LEU D 3735 55.93 -15.70 45.30
N GLU D 3736 55.50 -16.28 44.18
CA GLU D 3736 54.77 -17.56 44.21
C GLU D 3736 54.90 -18.28 42.86
N VAL D 3749 45.85 -29.77 52.07
CA VAL D 3749 45.60 -29.00 50.86
C VAL D 3749 44.36 -28.14 51.02
N GLU D 3750 43.84 -28.10 52.25
CA GLU D 3750 42.66 -27.31 52.56
C GLU D 3750 43.13 -25.98 53.18
N VAL D 3751 43.43 -25.03 52.31
CA VAL D 3751 43.88 -23.70 52.73
C VAL D 3751 42.68 -22.76 52.69
N SER D 3752 42.46 -22.05 53.79
CA SER D 3752 41.18 -21.39 53.99
C SER D 3752 41.13 -20.05 53.26
N PHE D 3753 39.92 -19.50 53.20
CA PHE D 3753 39.59 -18.23 52.57
C PHE D 3753 40.02 -17.02 53.42
N GLU D 3754 40.72 -17.25 54.52
CA GLU D 3754 41.22 -16.16 55.35
C GLU D 3754 42.61 -15.69 54.92
N GLU D 3755 43.56 -16.63 54.84
CA GLU D 3755 44.92 -16.29 54.44
C GLU D 3755 45.05 -16.00 52.95
N LYS D 3756 44.13 -16.49 52.12
CA LYS D 3756 44.12 -16.07 50.72
C LYS D 3756 43.81 -14.58 50.59
N GLU D 3757 42.93 -14.04 51.45
CA GLU D 3757 42.68 -12.62 51.53
C GLU D 3757 43.89 -11.83 52.01
N MET D 3758 44.89 -12.49 52.58
CA MET D 3758 46.14 -11.87 52.96
C MET D 3758 47.12 -11.94 51.80
N GLU D 3759 47.23 -13.12 51.19
CA GLU D 3759 48.15 -13.34 50.07
C GLU D 3759 47.85 -12.44 48.89
N LYS D 3760 46.60 -12.40 48.44
CA LYS D 3760 46.26 -11.54 47.29
C LYS D 3760 46.43 -10.07 47.62
N GLN D 3761 46.13 -9.67 48.86
CA GLN D 3761 46.35 -8.28 49.27
C GLN D 3761 47.84 -7.94 49.35
N ARG D 3762 48.67 -8.91 49.72
CA ARG D 3762 50.12 -8.69 49.68
C ARG D 3762 50.61 -8.60 48.25
N LEU D 3763 50.02 -9.40 47.34
CA LEU D 3763 50.39 -9.30 45.93
C LEU D 3763 50.02 -7.93 45.38
N LEU D 3764 48.84 -7.42 45.78
CA LEU D 3764 48.44 -6.08 45.38
C LEU D 3764 49.40 -5.03 45.92
N TYR D 3765 49.94 -5.25 47.13
CA TYR D 3765 50.94 -4.33 47.66
C TYR D 3765 52.21 -4.35 46.82
N GLN D 3766 52.63 -5.55 46.40
CA GLN D 3766 53.80 -5.69 45.52
C GLN D 3766 53.60 -4.96 44.20
N GLN D 3767 52.41 -5.11 43.61
CA GLN D 3767 52.15 -4.44 42.35
C GLN D 3767 51.96 -2.94 42.53
N SER D 3768 51.31 -2.52 43.62
CA SER D 3768 51.13 -1.10 43.92
C SER D 3768 52.45 -0.39 44.11
N ARG D 3769 53.47 -1.09 44.64
CA ARG D 3769 54.81 -0.55 44.80
C ARG D 3769 55.43 -0.18 43.47
N LEU D 3770 54.97 -0.77 42.37
CA LEU D 3770 55.51 -0.50 41.05
C LEU D 3770 54.59 0.46 40.29
N HIS D 3771 53.31 0.11 40.16
CA HIS D 3771 52.42 0.88 39.28
C HIS D 3771 52.11 2.25 39.85
N THR D 3772 52.34 2.49 41.15
CA THR D 3772 52.19 3.87 41.62
C THR D 3772 53.32 4.76 41.14
N ARG D 3773 54.37 4.17 40.56
CA ARG D 3773 55.54 4.88 40.08
C ARG D 3773 55.67 4.88 38.56
N GLY D 3774 54.58 4.73 37.82
CA GLY D 3774 54.65 4.75 36.38
C GLY D 3774 55.06 3.47 35.67
N ALA D 3775 55.24 2.37 36.42
CA ALA D 3775 55.69 1.12 35.82
C ALA D 3775 54.74 0.55 34.78
N ALA D 3776 53.45 0.88 34.84
CA ALA D 3776 52.53 0.45 33.80
C ALA D 3776 52.77 1.21 32.50
N GLU D 3777 53.00 2.52 32.63
CA GLU D 3777 53.20 3.36 31.46
C GLU D 3777 54.50 3.01 30.76
N MET D 3778 55.57 2.74 31.52
CA MET D 3778 56.83 2.47 30.84
C MET D 3778 56.77 1.13 30.10
N VAL D 3779 55.96 0.19 30.61
CA VAL D 3779 55.74 -1.08 29.91
C VAL D 3779 55.02 -0.83 28.60
N LEU D 3780 53.98 0.03 28.64
CA LEU D 3780 53.25 0.35 27.41
C LEU D 3780 54.14 1.08 26.42
N GLN D 3781 55.08 1.88 26.95
CA GLN D 3781 55.92 2.67 26.08
C GLN D 3781 56.91 1.79 25.36
N MET D 3782 57.56 0.86 26.08
CA MET D 3782 58.51 0.01 25.36
C MET D 3782 57.82 -1.00 24.44
N ILE D 3783 56.56 -1.37 24.73
CA ILE D 3783 55.77 -2.14 23.75
C ILE D 3783 55.55 -1.34 22.48
N SER D 3784 55.23 -0.06 22.60
CA SER D 3784 55.07 0.74 21.38
C SER D 3784 56.43 1.03 20.74
N ALA D 3785 57.47 1.23 21.55
CA ALA D 3785 58.78 1.61 21.07
C ALA D 3785 59.48 0.49 20.31
N CYS D 3786 59.19 -0.77 20.63
CA CYS D 3786 59.85 -1.89 19.95
C CYS D 3786 59.50 -1.99 18.47
N LYS D 3787 58.38 -1.38 18.05
CA LYS D 3787 57.97 -1.28 16.65
C LYS D 3787 57.79 -2.62 15.96
N GLY D 3788 57.48 -3.67 16.72
CA GLY D 3788 57.24 -4.96 16.13
C GLY D 3788 58.45 -5.85 15.99
N GLU D 3789 59.54 -5.57 16.68
CA GLU D 3789 60.76 -6.35 16.59
C GLU D 3789 60.83 -7.27 17.80
N THR D 3790 60.73 -8.58 17.55
CA THR D 3790 60.82 -9.55 18.62
C THR D 3790 62.24 -9.64 19.16
N GLY D 3791 62.37 -9.78 20.48
CA GLY D 3791 63.67 -9.87 21.10
C GLY D 3791 63.55 -9.90 22.61
N ALA D 3792 64.72 -9.79 23.25
CA ALA D 3792 64.77 -9.77 24.71
C ALA D 3792 64.15 -8.51 25.29
N MET D 3793 64.07 -7.43 24.49
CA MET D 3793 63.37 -6.22 24.89
C MET D 3793 61.90 -6.51 25.15
N VAL D 3794 61.25 -7.13 24.17
CA VAL D 3794 59.83 -7.38 24.28
C VAL D 3794 59.58 -8.46 25.31
N SER D 3795 60.42 -9.50 25.31
CA SER D 3795 60.20 -10.62 26.23
C SER D 3795 60.29 -10.18 27.69
N SER D 3796 61.27 -9.34 28.03
CA SER D 3796 61.34 -8.83 29.40
C SER D 3796 60.34 -7.73 29.68
N THR D 3797 59.85 -7.05 28.65
CA THR D 3797 58.83 -6.03 28.88
C THR D 3797 57.48 -6.69 29.13
N LEU D 3798 57.12 -7.68 28.32
CA LEU D 3798 55.89 -8.42 28.54
C LEU D 3798 55.94 -9.21 29.84
N LYS D 3799 57.12 -9.72 30.21
CA LYS D 3799 57.30 -10.39 31.49
C LYS D 3799 56.99 -9.45 32.65
N LEU D 3800 57.42 -8.18 32.52
CA LEU D 3800 57.09 -7.21 33.55
C LEU D 3800 55.62 -6.82 33.51
N GLY D 3801 55.06 -6.66 32.30
CA GLY D 3801 53.66 -6.29 32.17
C GLY D 3801 52.74 -7.34 32.75
N ILE D 3802 53.12 -8.61 32.61
CA ILE D 3802 52.35 -9.68 33.23
C ILE D 3802 52.50 -9.64 34.73
N SER D 3803 53.73 -9.45 35.22
CA SER D 3803 53.93 -9.48 36.67
C SER D 3803 53.24 -8.30 37.35
N ILE D 3804 53.12 -7.16 36.65
CA ILE D 3804 52.38 -6.03 37.20
C ILE D 3804 50.87 -6.20 37.00
N LEU D 3805 50.42 -6.99 36.03
CA LEU D 3805 49.01 -7.20 35.79
C LEU D 3805 48.48 -8.52 36.34
N ASN D 3806 49.27 -9.24 37.13
CA ASN D 3806 48.88 -10.54 37.62
C ASN D 3806 47.64 -10.45 38.51
N GLY D 3807 46.69 -11.34 38.26
CA GLY D 3807 45.43 -11.34 38.97
C GLY D 3807 44.42 -10.35 38.46
N GLY D 3808 44.72 -9.68 37.35
CA GLY D 3808 43.83 -8.68 36.78
C GLY D 3808 43.66 -7.46 37.65
N ASN D 3809 44.76 -6.77 37.95
CA ASN D 3809 44.71 -5.57 38.77
C ASN D 3809 43.89 -4.47 38.10
N ALA D 3810 42.78 -4.09 38.76
CA ALA D 3810 41.81 -3.18 38.17
C ALA D 3810 42.41 -1.78 37.95
N GLU D 3811 43.18 -1.30 38.92
CA GLU D 3811 43.73 0.04 38.78
C GLU D 3811 44.83 0.06 37.72
N VAL D 3812 45.57 -1.04 37.58
CA VAL D 3812 46.60 -1.09 36.55
C VAL D 3812 45.96 -1.05 35.17
N GLN D 3813 44.88 -1.82 34.97
CA GLN D 3813 44.15 -1.76 33.70
C GLN D 3813 43.56 -0.37 33.46
N GLN D 3814 43.11 0.29 34.53
CA GLN D 3814 42.60 1.65 34.40
C GLN D 3814 43.70 2.63 34.00
N LYS D 3815 44.91 2.47 34.56
CA LYS D 3815 46.02 3.35 34.25
C LYS D 3815 46.46 3.15 32.81
N MET D 3816 46.59 1.90 32.37
CA MET D 3816 47.01 1.62 31.01
C MET D 3816 45.97 2.12 30.00
N LEU D 3817 44.69 1.91 30.28
CA LEU D 3817 43.64 2.37 29.38
C LEU D 3817 43.61 3.89 29.29
N ASP D 3818 43.79 4.56 30.43
CA ASP D 3818 43.82 6.02 30.42
C ASP D 3818 45.00 6.54 29.63
N TYR D 3819 46.17 5.90 29.80
CA TYR D 3819 47.37 6.36 29.09
C TYR D 3819 47.22 6.16 27.59
N LEU D 3820 46.59 5.06 27.17
CA LEU D 3820 46.40 4.86 25.74
C LEU D 3820 45.38 5.84 25.20
N LYS D 3821 44.35 6.14 25.99
CA LYS D 3821 43.25 6.94 25.49
C LYS D 3821 43.63 8.41 25.41
N ASP D 3822 44.54 8.88 26.27
CA ASP D 3822 44.88 10.28 26.15
C ASP D 3822 46.13 10.50 25.29
N LYS D 3823 47.07 9.53 25.25
CA LYS D 3823 48.19 9.67 24.34
C LYS D 3823 47.79 9.50 22.89
N LYS D 3824 46.81 8.62 22.60
CA LYS D 3824 46.26 8.41 21.25
C LYS D 3824 47.33 8.05 20.23
N GLU D 3825 48.14 7.06 20.55
CA GLU D 3825 49.18 6.61 19.64
C GLU D 3825 48.76 5.29 18.97
N VAL D 3826 49.17 5.14 17.72
CA VAL D 3826 48.84 3.95 16.94
C VAL D 3826 49.95 2.90 17.02
N GLY D 3827 51.17 3.30 17.39
CA GLY D 3827 52.31 2.40 17.40
C GLY D 3827 52.19 1.23 18.35
N PHE D 3828 51.37 1.37 19.39
CA PHE D 3828 51.16 0.29 20.35
C PHE D 3828 50.47 -0.89 19.70
N PHE D 3829 49.36 -0.63 19.01
CA PHE D 3829 48.64 -1.72 18.38
C PHE D 3829 49.28 -2.12 17.06
N GLN D 3830 50.00 -1.20 16.40
CA GLN D 3830 50.78 -1.60 15.24
C GLN D 3830 51.85 -2.60 15.61
N SER D 3831 52.47 -2.39 16.78
CA SER D 3831 53.46 -3.33 17.29
C SER D 3831 52.79 -4.65 17.67
N ILE D 3832 51.71 -4.60 18.45
CA ILE D 3832 51.03 -5.82 18.90
C ILE D 3832 50.57 -6.67 17.72
N GLN D 3833 50.05 -6.02 16.67
CA GLN D 3833 49.72 -6.69 15.42
C GLN D 3833 50.96 -7.28 14.75
N ALA D 3834 52.10 -6.58 14.80
CA ALA D 3834 53.29 -7.10 14.14
C ALA D 3834 53.83 -8.32 14.88
N LEU D 3835 53.92 -8.25 16.20
CA LEU D 3835 54.38 -9.40 16.98
C LEU D 3835 53.46 -10.59 16.81
N MET D 3836 52.15 -10.34 16.80
CA MET D 3836 51.22 -11.45 16.66
C MET D 3836 51.33 -12.08 15.28
N GLN D 3837 51.71 -11.28 14.26
CA GLN D 3837 51.89 -11.88 12.95
C GLN D 3837 53.19 -12.67 12.86
N THR D 3838 54.24 -12.20 13.55
CA THR D 3838 55.51 -12.92 13.52
C THR D 3838 55.58 -14.11 14.46
N CYS D 3839 54.57 -14.33 15.30
CA CYS D 3839 54.57 -15.52 16.15
C CYS D 3839 54.51 -16.78 15.28
N SER D 3840 55.36 -17.76 15.61
CA SER D 3840 55.53 -18.94 14.78
C SER D 3840 54.55 -20.05 15.14
N VAL D 3841 54.31 -20.92 14.18
CA VAL D 3841 53.46 -22.09 14.34
C VAL D 3841 54.28 -23.33 14.02
N LEU D 3842 53.66 -24.51 14.11
CA LEU D 3842 54.32 -25.77 13.84
C LEU D 3842 54.72 -25.88 12.38
N ASP D 3843 55.97 -26.27 12.13
CA ASP D 3843 56.46 -26.47 10.76
C ASP D 3843 56.91 -27.91 10.61
N LEU D 3844 56.31 -28.60 9.63
CA LEU D 3844 56.68 -29.98 9.36
C LEU D 3844 58.08 -30.11 8.77
N ASN D 3845 58.46 -29.20 7.87
CA ASN D 3845 59.78 -29.27 7.24
C ASN D 3845 60.88 -29.11 8.28
N ALA D 3846 60.70 -28.15 9.19
CA ALA D 3846 61.63 -27.97 10.29
C ALA D 3846 61.60 -29.15 11.23
N PHE D 3847 60.43 -29.79 11.38
CA PHE D 3847 60.36 -30.95 12.26
C PHE D 3847 61.08 -32.14 11.65
N GLU D 3848 60.93 -32.36 10.34
CA GLU D 3848 61.61 -33.47 9.67
C GLU D 3848 63.12 -33.30 9.73
N ARG D 3849 63.59 -32.06 9.54
CA ARG D 3849 65.02 -31.79 9.71
C ARG D 3849 65.46 -32.05 11.15
N GLN D 3850 64.61 -31.69 12.12
CA GLN D 3850 64.95 -31.96 13.52
C GLN D 3850 64.99 -33.45 13.78
N ASN D 3851 64.11 -34.22 13.12
CA ASN D 3851 64.09 -35.67 13.27
C ASN D 3851 65.39 -36.26 12.76
N LYS D 3852 65.87 -35.78 11.62
CA LYS D 3852 67.13 -36.27 11.10
C LYS D 3852 68.33 -35.77 11.89
N ALA D 3853 68.16 -34.76 12.74
CA ALA D 3853 69.29 -34.25 13.53
C ALA D 3853 69.76 -35.29 14.55
N GLU D 3854 68.82 -35.85 15.32
CA GLU D 3854 69.21 -36.86 16.29
C GLU D 3854 69.58 -38.18 15.63
N GLY D 3855 69.14 -38.38 14.37
CA GLY D 3855 69.56 -39.57 13.65
C GLY D 3855 71.06 -39.58 13.45
N LEU D 3856 71.64 -38.41 13.17
CA LEU D 3856 73.08 -38.31 13.06
C LEU D 3856 73.71 -38.35 14.44
N GLY D 3857 73.18 -37.54 15.37
CA GLY D 3857 73.70 -37.52 16.73
C GLY D 3857 75.16 -37.10 16.90
N MET D 3858 75.57 -36.02 16.23
CA MET D 3858 76.97 -35.58 16.26
C MET D 3858 77.41 -35.13 17.65
N VAL D 3859 78.69 -35.34 17.95
CA VAL D 3859 79.28 -34.97 19.23
C VAL D 3859 80.31 -33.88 19.00
N ASN D 3860 80.91 -33.38 20.09
CA ASN D 3860 81.87 -32.29 20.05
C ASN D 3860 83.28 -32.74 20.41
N GLU D 3861 84.23 -31.83 20.21
CA GLU D 3861 85.64 -32.12 20.48
C GLU D 3861 85.93 -32.19 21.97
N ASP D 3862 85.37 -31.26 22.76
CA ASP D 3862 85.62 -31.24 24.20
C ASP D 3862 84.90 -32.38 24.92
N GLY D 3863 85.63 -33.48 25.09
CA GLY D 3863 85.06 -34.69 25.68
C GLY D 3863 84.00 -35.25 24.76
N THR D 3864 82.79 -35.42 25.27
CA THR D 3864 81.67 -35.91 24.47
C THR D 3864 80.38 -35.50 25.15
N VAL D 3865 79.45 -34.96 24.38
CA VAL D 3865 78.13 -34.61 24.88
C VAL D 3865 77.11 -35.65 24.41
N ILE D 3866 76.31 -36.13 25.34
CA ILE D 3866 75.34 -37.19 25.07
C ILE D 3866 74.04 -36.53 24.63
N ASN D 3867 73.77 -36.56 23.32
CA ASN D 3867 72.55 -36.01 22.70
C ASN D 3867 72.34 -34.54 23.07
N ARG D 3868 73.26 -33.72 22.56
CA ARG D 3868 73.30 -32.29 22.85
C ARG D 3868 71.98 -31.61 22.56
N GLN D 3869 71.53 -30.78 23.50
CA GLN D 3869 70.18 -30.22 23.48
C GLN D 3869 70.22 -28.77 23.01
N ASN D 3870 71.02 -28.51 21.96
CA ASN D 3870 71.05 -27.20 21.32
C ASN D 3870 69.65 -26.81 20.82
N GLY D 3871 69.49 -25.51 20.52
CA GLY D 3871 68.22 -24.85 20.22
C GLY D 3871 67.21 -25.59 19.36
N GLU D 3872 66.03 -25.80 19.92
CA GLU D 3872 64.96 -26.47 19.19
C GLU D 3872 64.19 -25.46 18.35
N LYS D 3873 64.01 -25.77 17.07
CA LYS D 3873 63.63 -24.77 16.08
C LYS D 3873 62.17 -24.84 15.66
N VAL D 3874 61.33 -25.61 16.35
CA VAL D 3874 59.91 -25.64 16.06
C VAL D 3874 59.18 -25.13 17.29
N MET D 3875 58.41 -24.05 17.11
CA MET D 3875 57.79 -23.28 18.21
C MET D 3875 58.85 -22.83 19.22
N ALA D 3876 59.95 -22.27 18.69
CA ALA D 3876 61.00 -21.77 19.57
C ALA D 3876 60.53 -20.60 20.41
N ASP D 3877 59.63 -19.77 19.87
CA ASP D 3877 59.05 -18.64 20.56
C ASP D 3877 57.71 -18.98 21.20
N ASP D 3878 57.52 -20.24 21.60
CA ASP D 3878 56.26 -20.64 22.23
C ASP D 3878 56.04 -19.91 23.55
N GLU D 3879 57.09 -19.73 24.35
CA GLU D 3879 56.98 -19.00 25.60
C GLU D 3879 56.65 -17.54 25.35
N PHE D 3880 57.15 -16.99 24.26
CA PHE D 3880 56.85 -15.62 23.91
C PHE D 3880 55.44 -15.44 23.39
N THR D 3881 54.90 -16.44 22.68
CA THR D 3881 53.52 -16.33 22.26
C THR D 3881 52.57 -16.58 23.43
N GLN D 3882 53.00 -17.47 24.34
CA GLN D 3882 52.24 -17.75 25.55
C GLN D 3882 52.10 -16.52 26.41
N ASP D 3883 53.18 -15.76 26.59
CA ASP D 3883 53.02 -14.65 27.49
C ASP D 3883 52.64 -13.36 26.77
N LEU D 3884 52.60 -13.38 25.43
CA LEU D 3884 51.96 -12.26 24.73
C LEU D 3884 50.45 -12.37 24.86
N PHE D 3885 49.93 -13.59 24.69
CA PHE D 3885 48.49 -13.72 24.86
C PHE D 3885 48.10 -13.69 26.33
N ARG D 3886 48.99 -14.13 27.23
CA ARG D 3886 48.70 -13.99 28.65
C ARG D 3886 48.61 -12.52 29.05
N PHE D 3887 49.47 -11.67 28.48
CA PHE D 3887 49.38 -10.23 28.71
C PHE D 3887 48.07 -9.64 28.17
N LEU D 3888 47.68 -10.07 26.96
CA LEU D 3888 46.42 -9.60 26.39
C LEU D 3888 45.22 -10.07 27.21
N GLN D 3889 45.27 -11.30 27.70
CA GLN D 3889 44.21 -11.81 28.57
C GLN D 3889 44.15 -11.03 29.86
N LEU D 3890 45.32 -10.70 30.43
CA LEU D 3890 45.38 -9.95 31.68
C LEU D 3890 44.79 -8.56 31.53
N LEU D 3891 44.89 -7.97 30.34
CA LEU D 3891 44.35 -6.63 30.13
C LEU D 3891 42.83 -6.62 30.27
N CYS D 3892 42.15 -7.57 29.63
CA CYS D 3892 40.69 -7.61 29.64
C CYS D 3892 40.11 -8.47 30.74
N GLU D 3893 40.93 -9.09 31.59
CA GLU D 3893 40.39 -9.93 32.66
C GLU D 3893 39.65 -9.09 33.69
N GLY D 3894 38.62 -9.70 34.29
CA GLY D 3894 37.76 -9.01 35.23
C GLY D 3894 36.59 -8.29 34.59
N HIS D 3895 36.25 -8.64 33.35
CA HIS D 3895 35.15 -8.05 32.57
C HIS D 3895 35.29 -6.53 32.46
N ASN D 3896 36.45 -6.12 31.96
CA ASN D 3896 36.76 -4.72 31.72
C ASN D 3896 36.23 -4.37 30.34
N ASN D 3897 34.92 -4.10 30.26
CA ASN D 3897 34.26 -3.80 29.00
C ASN D 3897 34.79 -2.53 28.32
N ASP D 3898 35.35 -1.61 29.10
CA ASP D 3898 35.97 -0.42 28.57
C ASP D 3898 37.20 -0.77 27.75
N PHE D 3899 37.93 -1.79 28.18
CA PHE D 3899 39.16 -2.14 27.49
C PHE D 3899 38.85 -3.18 26.41
N GLN D 3900 37.84 -4.02 26.64
CA GLN D 3900 37.42 -4.99 25.64
C GLN D 3900 36.95 -4.29 24.38
N ASN D 3901 36.17 -3.21 24.54
CA ASN D 3901 35.79 -2.43 23.37
C ASN D 3901 36.97 -1.68 22.77
N TYR D 3902 38.02 -1.45 23.56
CA TYR D 3902 39.17 -0.71 23.07
C TYR D 3902 40.03 -1.58 22.18
N LEU D 3903 40.13 -2.87 22.51
CA LEU D 3903 40.89 -3.77 21.65
C LEU D 3903 40.22 -3.93 20.29
N ARG D 3904 38.89 -4.04 20.29
CA ARG D 3904 38.16 -4.20 19.03
C ARG D 3904 38.28 -2.95 18.18
N THR D 3905 38.18 -1.77 18.80
CA THR D 3905 38.29 -0.54 18.01
C THR D 3905 38.77 0.58 18.93
N GLN D 3906 39.45 1.55 18.33
CA GLN D 3906 39.99 2.68 19.07
C GLN D 3906 39.39 3.97 18.55
N THR D 3907 38.49 4.56 19.34
CA THR D 3907 37.88 5.82 18.96
C THR D 3907 38.91 6.94 19.00
N GLY D 3908 39.77 6.95 20.01
CA GLY D 3908 40.77 8.01 20.11
C GLY D 3908 41.81 7.97 19.01
N ASN D 3909 42.26 6.77 18.64
CA ASN D 3909 43.33 6.61 17.67
C ASN D 3909 42.86 7.03 16.28
N THR D 3910 43.83 7.33 15.42
CA THR D 3910 43.51 7.72 14.05
C THR D 3910 43.02 6.52 13.24
N THR D 3911 43.70 5.38 13.35
CA THR D 3911 43.29 4.14 12.72
C THR D 3911 42.97 3.09 13.78
N THR D 3912 42.03 2.21 13.46
CA THR D 3912 41.60 1.17 14.37
C THR D 3912 42.18 -0.17 13.92
N ILE D 3913 42.85 -0.86 14.84
CA ILE D 3913 43.43 -2.17 14.58
C ILE D 3913 42.65 -3.19 15.40
N ASN D 3914 42.06 -4.17 14.71
CA ASN D 3914 41.21 -5.17 15.34
C ASN D 3914 42.09 -6.31 15.82
N ILE D 3915 42.51 -6.21 17.08
CA ILE D 3915 43.34 -7.22 17.72
C ILE D 3915 42.59 -8.54 17.83
N ILE D 3916 41.27 -8.48 18.02
CA ILE D 3916 40.44 -9.69 18.11
C ILE D 3916 40.52 -10.49 16.81
N ILE D 3917 40.41 -9.79 15.67
CA ILE D 3917 40.52 -10.44 14.37
C ILE D 3917 41.92 -10.99 14.16
N CYS D 3918 42.95 -10.19 14.48
CA CYS D 3918 44.31 -10.70 14.31
C CYS D 3918 44.63 -11.87 15.25
N THR D 3919 43.90 -11.96 16.36
CA THR D 3919 44.01 -13.11 17.26
C THR D 3919 43.39 -14.34 16.62
N VAL D 3920 42.26 -14.14 15.92
CA VAL D 3920 41.65 -15.25 15.21
C VAL D 3920 42.57 -15.73 14.10
N ASP D 3921 43.18 -14.79 13.38
CA ASP D 3921 44.07 -15.10 12.27
C ASP D 3921 45.26 -15.94 12.74
N TYR D 3922 45.80 -15.60 13.93
CA TYR D 3922 46.86 -16.42 14.50
C TYR D 3922 46.34 -17.80 14.88
N LEU D 3923 45.12 -17.86 15.45
CA LEU D 3923 44.56 -19.15 15.84
C LEU D 3923 44.35 -20.05 14.64
N LEU D 3924 43.91 -19.48 13.53
CA LEU D 3924 43.76 -20.20 12.28
C LEU D 3924 45.09 -20.74 11.77
N ARG D 3925 46.14 -19.93 11.84
CA ARG D 3925 47.46 -20.42 11.43
C ARG D 3925 47.93 -21.56 12.32
N LEU D 3926 47.71 -21.43 13.63
CA LEU D 3926 48.10 -22.47 14.56
C LEU D 3926 47.31 -23.76 14.33
N GLN D 3927 46.00 -23.63 14.06
CA GLN D 3927 45.18 -24.82 13.87
C GLN D 3927 45.55 -25.54 12.59
N GLU D 3928 45.92 -24.80 11.53
CA GLU D 3928 46.38 -25.44 10.31
C GLU D 3928 47.69 -26.18 10.54
N SER D 3929 48.55 -25.60 11.38
CA SER D 3929 49.84 -26.22 11.67
C SER D 3929 49.66 -27.51 12.48
N ILE D 3930 48.86 -27.45 13.54
CA ILE D 3930 48.66 -28.63 14.39
C ILE D 3930 47.89 -29.71 13.62
N SER D 3931 46.95 -29.33 12.76
CA SER D 3931 46.26 -30.29 11.91
C SER D 3931 47.21 -31.01 10.97
N ASP D 3932 48.11 -30.27 10.31
CA ASP D 3932 49.11 -30.91 9.46
C ASP D 3932 50.06 -31.79 10.28
N PHE D 3933 50.40 -31.35 11.49
CA PHE D 3933 51.24 -32.16 12.38
C PHE D 3933 50.52 -33.44 12.79
N TYR D 3934 49.19 -33.40 12.89
CA TYR D 3934 48.45 -34.64 13.10
C TYR D 3934 48.49 -35.50 11.85
N TRP D 3935 48.32 -34.88 10.69
CA TRP D 3935 48.30 -35.61 9.42
C TRP D 3935 49.61 -36.33 9.13
N TYR D 3936 50.70 -35.88 9.76
CA TYR D 3936 51.97 -36.55 9.54
C TYR D 3936 52.11 -37.76 10.44
N TYR D 3937 51.42 -37.77 11.58
CA TYR D 3937 51.40 -38.91 12.49
C TYR D 3937 50.16 -39.77 12.32
N SER D 3938 49.33 -39.47 11.32
CA SER D 3938 48.13 -40.26 11.09
C SER D 3938 48.47 -41.70 10.77
N GLY D 3939 49.46 -41.92 9.90
CA GLY D 3939 49.88 -43.27 9.55
C GLY D 3939 50.48 -44.02 10.73
N LYS D 3940 51.37 -43.36 11.47
CA LYS D 3940 52.07 -43.99 12.57
C LYS D 3940 51.12 -44.30 13.73
N ASP D 3941 51.26 -45.49 14.28
CA ASP D 3941 50.41 -45.89 15.40
C ASP D 3941 50.83 -45.25 16.72
N VAL D 3942 52.12 -44.99 16.91
CA VAL D 3942 52.62 -44.44 18.15
C VAL D 3942 53.30 -43.10 17.87
N ILE D 3943 53.17 -42.18 18.83
CA ILE D 3943 53.80 -40.86 18.75
C ILE D 3943 55.05 -40.86 19.62
N GLU D 3944 56.20 -40.59 19.01
CA GLU D 3944 57.47 -40.59 19.73
C GLU D 3944 57.56 -39.41 20.70
N GLU D 3945 58.63 -39.41 21.49
CA GLU D 3945 58.81 -38.44 22.57
C GLU D 3945 58.92 -37.01 22.05
N GLN D 3946 59.68 -36.82 20.97
CA GLN D 3946 59.81 -35.49 20.37
C GLN D 3946 58.46 -34.99 19.85
N GLY D 3947 57.70 -35.88 19.21
CA GLY D 3947 56.37 -35.51 18.73
C GLY D 3947 55.47 -35.11 19.87
N LYS D 3948 55.54 -35.85 20.98
CA LYS D 3948 54.71 -35.56 22.15
C LYS D 3948 55.06 -34.19 22.72
N ARG D 3949 56.37 -33.87 22.79
CA ARG D 3949 56.75 -32.56 23.31
C ARG D 3949 56.29 -31.44 22.40
N ASN D 3950 56.36 -31.67 21.07
CA ASN D 3950 55.93 -30.65 20.13
C ASN D 3950 54.43 -30.41 20.18
N PHE D 3951 53.67 -31.47 20.50
CA PHE D 3951 52.25 -31.25 20.77
C PHE D 3951 52.05 -30.47 22.04
N SER D 3952 52.72 -30.87 23.13
CA SER D 3952 52.51 -30.25 24.45
C SER D 3952 52.79 -28.75 24.43
N LYS D 3953 53.87 -28.36 23.73
CA LYS D 3953 54.17 -26.94 23.53
C LYS D 3953 53.10 -26.25 22.69
N ALA D 3954 52.65 -26.88 21.59
CA ALA D 3954 51.67 -26.22 20.73
C ALA D 3954 50.31 -26.14 21.40
N MET D 3955 49.96 -27.19 22.14
CA MET D 3955 48.68 -27.28 22.82
C MET D 3955 48.61 -26.28 23.95
N SER D 3956 49.72 -26.10 24.70
CA SER D 3956 49.73 -25.09 25.75
C SER D 3956 49.54 -23.69 25.18
N VAL D 3957 50.13 -23.43 24.01
CA VAL D 3957 49.92 -22.13 23.36
C VAL D 3957 48.47 -21.98 22.88
N ALA D 3958 47.89 -23.06 22.33
CA ALA D 3958 46.49 -23.01 21.92
C ALA D 3958 45.54 -22.82 23.09
N LYS D 3959 45.87 -23.40 24.25
CA LYS D 3959 45.11 -23.17 25.47
C LYS D 3959 45.14 -21.71 25.86
N GLN D 3960 46.32 -21.08 25.75
CA GLN D 3960 46.42 -19.67 26.11
C GLN D 3960 45.60 -18.81 25.15
N VAL D 3961 45.61 -19.17 23.86
CA VAL D 3961 44.87 -18.40 22.85
C VAL D 3961 43.37 -18.49 23.12
N PHE D 3962 42.87 -19.69 23.42
CA PHE D 3962 41.45 -19.84 23.74
C PHE D 3962 41.07 -19.10 25.01
N ASN D 3963 41.94 -19.11 26.04
CA ASN D 3963 41.66 -18.35 27.25
C ASN D 3963 41.57 -16.85 26.97
N SER D 3964 42.48 -16.33 26.13
CA SER D 3964 42.44 -14.92 25.77
C SER D 3964 41.19 -14.59 24.95
N LEU D 3965 40.80 -15.50 24.04
CA LEU D 3965 39.57 -15.27 23.29
C LEU D 3965 38.35 -15.34 24.18
N THR D 3966 38.39 -16.14 25.24
CA THR D 3966 37.30 -16.19 26.20
C THR D 3966 37.18 -14.84 26.90
N GLU D 3967 38.32 -14.28 27.30
CA GLU D 3967 38.32 -13.01 28.03
C GLU D 3967 37.92 -11.85 27.15
N TYR D 3968 38.05 -11.99 25.83
CA TYR D 3968 37.65 -10.88 24.96
C TYR D 3968 36.14 -10.74 24.90
N ILE D 3969 35.41 -11.83 25.08
CA ILE D 3969 33.97 -11.83 24.88
C ILE D 3969 33.20 -11.94 26.18
N GLN D 3970 33.83 -12.34 27.29
CA GLN D 3970 33.06 -12.45 28.51
C GLN D 3970 32.67 -11.07 29.02
N GLY D 3971 31.58 -11.04 29.79
CA GLY D 3971 31.06 -9.80 30.34
C GLY D 3971 29.56 -9.56 30.16
N PRO D 3972 28.94 -9.83 28.97
CA PRO D 3972 29.47 -10.08 27.63
C PRO D 3972 29.77 -8.80 26.85
N CYS D 3973 30.70 -8.85 25.91
CA CYS D 3973 31.00 -7.70 25.05
C CYS D 3973 30.33 -7.96 23.71
N THR D 3974 29.20 -7.29 23.47
CA THR D 3974 28.42 -7.53 22.26
C THR D 3974 29.19 -7.18 20.99
N GLY D 3975 30.10 -6.20 21.08
CA GLY D 3975 30.91 -5.84 19.92
C GLY D 3975 31.82 -6.97 19.51
N ASN D 3976 32.50 -7.58 20.49
CA ASN D 3976 33.40 -8.67 20.19
C ASN D 3976 32.62 -9.91 19.77
N GLN D 3977 31.43 -10.12 20.34
CA GLN D 3977 30.64 -11.28 19.95
C GLN D 3977 30.21 -11.17 18.49
N GLN D 3978 29.79 -9.98 18.05
CA GLN D 3978 29.49 -9.81 16.62
C GLN D 3978 30.74 -9.86 15.76
N SER D 3979 31.89 -9.49 16.32
CA SER D 3979 33.13 -9.53 15.54
C SER D 3979 33.55 -10.98 15.32
N LEU D 3980 33.48 -11.80 16.37
CA LEU D 3980 33.87 -13.19 16.24
C LEU D 3980 32.87 -13.93 15.37
N ALA D 3981 31.59 -13.56 15.47
CA ALA D 3981 30.58 -14.21 14.65
C ALA D 3981 30.83 -13.93 13.17
N HIS D 3982 31.18 -12.69 12.85
CA HIS D 3982 31.51 -12.32 11.47
C HIS D 3982 32.96 -12.57 11.12
N SER D 3983 33.70 -13.30 11.95
CA SER D 3983 35.10 -13.57 11.70
C SER D 3983 35.30 -14.95 11.12
N ARG D 3984 36.57 -15.33 10.96
CA ARG D 3984 36.98 -16.65 10.48
C ARG D 3984 37.23 -17.64 11.60
N LEU D 3985 36.60 -17.45 12.75
CA LEU D 3985 36.81 -18.32 13.89
C LEU D 3985 36.25 -19.73 13.66
N TRP D 3986 35.15 -19.83 12.92
CA TRP D 3986 34.45 -21.09 12.70
C TRP D 3986 35.32 -22.14 12.01
N ASP D 3987 36.08 -21.74 10.99
CA ASP D 3987 36.95 -22.67 10.28
C ASP D 3987 38.01 -23.27 11.20
N ALA D 3988 38.57 -22.44 12.09
CA ALA D 3988 39.50 -22.93 13.09
C ALA D 3988 38.82 -23.83 14.10
N VAL D 3989 37.55 -23.56 14.39
CA VAL D 3989 36.80 -24.39 15.34
C VAL D 3989 36.57 -25.77 14.75
N VAL D 3990 36.12 -25.82 13.48
CA VAL D 3990 35.84 -27.09 12.81
C VAL D 3990 37.12 -27.90 12.71
N GLY D 3991 38.22 -27.24 12.34
CA GLY D 3991 39.50 -27.92 12.20
C GLY D 3991 39.95 -28.52 13.52
N PHE D 3992 39.79 -27.76 14.61
CA PHE D 3992 40.15 -28.27 15.93
C PHE D 3992 39.30 -29.47 16.31
N LEU D 3993 37.99 -29.42 16.05
CA LEU D 3993 37.10 -30.54 16.34
C LEU D 3993 37.51 -31.81 15.61
N HIS D 3994 37.83 -31.67 14.31
CA HIS D 3994 38.34 -32.78 13.51
C HIS D 3994 39.64 -33.32 14.07
N VAL D 3995 40.51 -32.43 14.55
CA VAL D 3995 41.76 -32.87 15.17
C VAL D 3995 41.49 -33.59 16.49
N PHE D 3996 40.53 -33.07 17.28
CA PHE D 3996 40.20 -33.62 18.60
C PHE D 3996 39.72 -35.04 18.49
N ALA D 3997 38.83 -35.32 17.53
CA ALA D 3997 38.15 -36.61 17.44
C ALA D 3997 39.18 -37.70 17.23
N HIS D 3998 39.83 -37.64 16.05
CA HIS D 3998 40.77 -38.68 15.65
C HIS D 3998 41.94 -38.74 16.62
N MET D 3999 42.29 -37.62 17.27
CA MET D 3999 43.43 -37.67 18.18
C MET D 3999 43.03 -38.42 19.45
N MET D 4000 41.79 -38.24 19.93
CA MET D 4000 41.36 -38.98 21.12
C MET D 4000 41.31 -40.47 20.85
N MET D 4001 40.74 -40.87 19.69
CA MET D 4001 40.74 -42.30 19.38
C MET D 4001 42.16 -42.85 19.25
N LYS D 4002 43.06 -42.11 18.59
CA LYS D 4002 44.42 -42.60 18.41
C LYS D 4002 45.17 -42.69 19.74
N LEU D 4003 45.02 -41.70 20.61
CA LEU D 4003 45.73 -41.67 21.89
C LEU D 4003 45.08 -42.55 22.94
N ALA D 4004 43.86 -43.03 22.72
CA ALA D 4004 43.25 -43.92 23.69
C ALA D 4004 43.65 -45.38 23.49
N GLN D 4005 44.40 -45.68 22.43
CA GLN D 4005 44.81 -47.05 22.14
C GLN D 4005 45.94 -47.53 23.03
N ASP D 4006 46.60 -46.63 23.76
CA ASP D 4006 47.77 -47.01 24.55
C ASP D 4006 47.88 -46.10 25.76
N SER D 4007 48.64 -46.57 26.75
CA SER D 4007 48.82 -45.88 28.02
C SER D 4007 50.03 -44.96 28.05
N SER D 4008 50.75 -44.84 26.94
CA SER D 4008 51.93 -43.98 26.89
C SER D 4008 51.61 -42.55 26.50
N GLN D 4009 50.36 -42.24 26.16
CA GLN D 4009 49.99 -40.89 25.76
C GLN D 4009 48.83 -40.37 26.59
N ILE D 4010 48.77 -40.78 27.85
CA ILE D 4010 47.74 -40.29 28.76
C ILE D 4010 47.96 -38.80 29.05
N GLU D 4011 49.22 -38.37 29.12
CA GLU D 4011 49.53 -36.96 29.38
C GLU D 4011 49.01 -36.09 28.25
N LEU D 4012 49.31 -36.49 27.01
CA LEU D 4012 48.87 -35.73 25.84
C LEU D 4012 47.35 -35.71 25.78
N LEU D 4013 46.72 -36.85 26.07
CA LEU D 4013 45.27 -36.93 25.94
C LEU D 4013 44.58 -36.08 27.00
N LYS D 4014 45.09 -36.06 28.23
CA LYS D 4014 44.46 -35.21 29.25
C LYS D 4014 44.69 -33.72 28.96
N GLU D 4015 45.85 -33.36 28.38
CA GLU D 4015 45.97 -31.98 27.91
C GLU D 4015 45.02 -31.69 26.76
N LEU D 4016 44.69 -32.70 25.95
CA LEU D 4016 43.67 -32.51 24.92
C LEU D 4016 42.32 -32.24 25.56
N LEU D 4017 42.01 -32.94 26.65
CA LEU D 4017 40.72 -32.79 27.31
C LEU D 4017 40.58 -31.39 27.89
N ASP D 4018 41.62 -30.91 28.60
CA ASP D 4018 41.51 -29.56 29.15
C ASP D 4018 41.56 -28.48 28.07
N LEU D 4019 42.23 -28.76 26.93
CA LEU D 4019 42.24 -27.79 25.85
C LEU D 4019 40.86 -27.65 25.22
N GLN D 4020 40.23 -28.78 24.92
CA GLN D 4020 38.89 -28.69 24.35
C GLN D 4020 37.88 -28.23 25.38
N LYS D 4021 38.15 -28.44 26.68
CA LYS D 4021 37.31 -27.85 27.71
C LYS D 4021 37.38 -26.33 27.68
N ASP D 4022 38.59 -25.75 27.54
CA ASP D 4022 38.68 -24.31 27.38
C ASP D 4022 38.16 -23.82 26.03
N MET D 4023 38.01 -24.74 25.09
CA MET D 4023 37.44 -24.38 23.80
C MET D 4023 35.94 -24.30 23.89
N VAL D 4024 35.30 -25.34 24.43
CA VAL D 4024 33.85 -25.32 24.58
C VAL D 4024 33.43 -24.21 25.54
N VAL D 4025 34.25 -23.93 26.57
CA VAL D 4025 34.00 -22.77 27.44
C VAL D 4025 33.99 -21.48 26.64
N MET D 4026 34.95 -21.32 25.71
CA MET D 4026 34.93 -20.18 24.79
C MET D 4026 33.66 -20.17 23.93
N LEU D 4027 33.24 -21.34 23.45
CA LEU D 4027 32.01 -21.42 22.66
C LEU D 4027 30.79 -21.01 23.47
N LEU D 4028 30.73 -21.43 24.73
CA LEU D 4028 29.64 -20.99 25.61
C LEU D 4028 29.67 -19.49 25.81
N SER D 4029 30.88 -18.93 25.99
CA SER D 4029 31.03 -17.51 26.20
C SER D 4029 30.57 -16.73 24.97
N LEU D 4030 30.66 -17.34 23.78
CA LEU D 4030 30.15 -16.71 22.58
C LEU D 4030 28.63 -16.58 22.61
N LEU D 4031 27.96 -17.47 23.32
CA LEU D 4031 26.50 -17.54 23.34
C LEU D 4031 25.87 -16.74 24.46
N GLU D 4032 26.66 -16.00 25.24
CA GLU D 4032 26.13 -15.20 26.33
C GLU D 4032 25.22 -14.11 25.80
N GLY D 4033 23.98 -14.09 26.27
CA GLY D 4033 23.01 -13.07 25.86
C GLY D 4033 22.63 -13.10 24.40
N ASN D 4034 22.36 -14.28 23.86
CA ASN D 4034 21.92 -14.41 22.48
C ASN D 4034 20.40 -14.52 22.43
N VAL D 4035 19.79 -13.84 21.46
CA VAL D 4035 18.35 -13.87 21.31
C VAL D 4035 17.93 -15.15 20.60
N VAL D 4036 16.63 -15.45 20.62
CA VAL D 4036 16.10 -16.56 19.85
C VAL D 4036 16.33 -16.28 18.37
N ASN D 4037 16.75 -17.32 17.63
CA ASN D 4037 17.22 -17.20 16.24
C ASN D 4037 18.35 -16.20 16.13
N GLY D 4038 19.24 -16.24 17.12
CA GLY D 4038 20.37 -15.34 17.13
C GLY D 4038 21.29 -15.56 15.94
N MET D 4039 21.79 -14.44 15.40
CA MET D 4039 22.64 -14.46 14.22
C MET D 4039 23.92 -15.25 14.48
N ILE D 4040 24.54 -15.04 15.65
CA ILE D 4040 25.75 -15.78 16.00
C ILE D 4040 25.43 -17.27 16.22
N ALA D 4041 24.24 -17.55 16.77
CA ALA D 4041 23.84 -18.92 17.02
C ALA D 4041 23.63 -19.66 15.70
N ARG D 4042 23.19 -18.94 14.66
CA ARG D 4042 22.97 -19.59 13.38
C ARG D 4042 24.30 -20.08 12.79
N GLN D 4043 25.35 -19.26 12.87
CA GLN D 4043 26.66 -19.74 12.41
C GLN D 4043 27.17 -20.86 13.30
N MET D 4044 26.81 -20.84 14.59
CA MET D 4044 27.20 -21.95 15.47
C MET D 4044 26.54 -23.25 15.03
N VAL D 4045 25.28 -23.17 14.60
CA VAL D 4045 24.58 -24.33 14.05
C VAL D 4045 25.22 -24.78 12.75
N ASP D 4046 25.50 -23.85 11.84
CA ASP D 4046 26.14 -24.19 10.57
C ASP D 4046 27.53 -24.79 10.77
N MET D 4047 28.26 -24.30 11.78
CA MET D 4047 29.49 -24.93 12.23
C MET D 4047 29.30 -26.38 12.63
N LEU D 4048 28.29 -26.64 13.45
CA LEU D 4048 28.06 -28.01 13.92
C LEU D 4048 27.62 -28.91 12.77
N VAL D 4049 26.83 -28.38 11.85
CA VAL D 4049 26.39 -29.16 10.69
C VAL D 4049 27.58 -29.49 9.80
N GLU D 4050 28.47 -28.51 9.58
CA GLU D 4050 29.66 -28.75 8.78
C GLU D 4050 30.56 -29.80 9.43
N SER D 4051 30.72 -29.74 10.75
CA SER D 4051 31.51 -30.73 11.48
C SER D 4051 30.64 -31.78 12.14
N SER D 4052 29.54 -32.18 11.48
CA SER D 4052 28.57 -33.11 12.05
C SER D 4052 29.17 -34.47 12.38
N SER D 4053 29.97 -35.02 11.47
CA SER D 4053 30.60 -36.32 11.71
C SER D 4053 31.60 -36.26 12.86
N ASN D 4054 32.36 -35.16 12.94
CA ASN D 4054 33.37 -35.03 13.97
C ASN D 4054 32.74 -34.90 15.35
N VAL D 4055 31.75 -34.00 15.50
CA VAL D 4055 31.15 -33.75 16.81
C VAL D 4055 30.37 -34.98 17.27
N GLU D 4056 29.74 -35.70 16.33
CA GLU D 4056 29.07 -36.94 16.66
C GLU D 4056 30.07 -37.97 17.17
N MET D 4057 31.21 -38.11 16.50
CA MET D 4057 32.20 -39.08 16.96
C MET D 4057 32.96 -38.61 18.22
N ILE D 4058 32.90 -37.31 18.54
CA ILE D 4058 33.29 -36.81 19.87
C ILE D 4058 32.35 -37.36 20.93
N LEU D 4059 31.05 -37.11 20.75
CA LEU D 4059 30.06 -37.55 21.73
C LEU D 4059 30.04 -39.06 21.79
N LYS D 4060 30.18 -39.73 20.64
CA LYS D 4060 30.25 -41.17 20.55
C LYS D 4060 31.45 -41.73 21.30
N PHE D 4061 32.52 -40.93 21.46
CA PHE D 4061 33.62 -41.35 22.30
C PHE D 4061 33.29 -41.14 23.78
N PHE D 4062 32.54 -40.10 24.09
CA PHE D 4062 32.28 -39.76 25.48
C PHE D 4062 31.28 -40.70 26.14
N ASP D 4063 30.10 -40.84 25.51
CA ASP D 4063 29.06 -41.70 26.08
C ASP D 4063 29.50 -43.15 26.17
N MET D 4064 30.33 -43.60 25.23
CA MET D 4064 30.73 -45.01 25.24
C MET D 4064 31.62 -45.35 26.44
N PHE D 4065 32.22 -44.35 27.09
CA PHE D 4065 32.79 -44.52 28.44
C PHE D 4065 31.81 -44.30 29.58
N LEU D 4066 30.93 -43.31 29.45
CA LEU D 4066 29.97 -43.04 30.54
C LEU D 4066 28.94 -44.15 30.68
N LYS D 4067 28.38 -44.59 29.56
CA LYS D 4067 27.42 -45.69 29.55
C LYS D 4067 28.04 -46.98 30.04
N LEU D 4068 29.26 -47.28 29.56
CA LEU D 4068 29.89 -48.53 29.96
C LEU D 4068 30.35 -48.49 31.41
N LYS D 4069 30.46 -47.30 32.01
CA LYS D 4069 30.80 -47.19 33.44
C LYS D 4069 29.80 -47.94 34.30
N ASP D 4070 28.54 -47.98 33.88
CA ASP D 4070 27.51 -48.76 34.55
C ASP D 4070 27.27 -50.11 33.87
N ILE D 4071 27.43 -50.19 32.54
CA ILE D 4071 27.19 -51.43 31.79
C ILE D 4071 28.15 -52.54 32.23
N VAL D 4072 29.35 -52.17 32.71
CA VAL D 4072 30.26 -53.17 33.28
C VAL D 4072 29.65 -53.87 34.51
N GLY D 4073 28.71 -53.22 35.20
CA GLY D 4073 27.95 -53.85 36.24
C GLY D 4073 26.57 -54.34 35.86
N SER D 4074 26.20 -54.22 34.57
CA SER D 4074 24.90 -54.67 34.09
C SER D 4074 24.79 -56.18 34.21
N GLU D 4075 23.57 -56.65 34.49
CA GLU D 4075 23.32 -58.08 34.74
C GLU D 4075 23.66 -58.96 33.54
N ALA D 4076 23.39 -58.49 32.32
CA ALA D 4076 23.73 -59.25 31.11
C ALA D 4076 25.24 -59.47 30.99
N PHE D 4077 26.04 -58.46 31.29
CA PHE D 4077 27.49 -58.63 31.27
C PHE D 4077 27.97 -59.42 32.48
N GLN D 4078 27.38 -59.16 33.65
CA GLN D 4078 27.81 -59.85 34.88
C GLN D 4078 27.56 -61.35 34.78
N ASP D 4079 26.55 -61.76 33.99
CA ASP D 4079 26.36 -63.19 33.77
C ASP D 4079 27.51 -63.79 32.98
N TYR D 4080 28.23 -62.98 32.19
CA TYR D 4080 29.41 -63.47 31.49
C TYR D 4080 30.67 -63.26 32.30
N VAL D 4081 30.58 -62.54 33.42
CA VAL D 4081 31.75 -62.34 34.26
C VAL D 4081 32.12 -63.66 34.92
N THR D 4082 33.33 -64.15 34.65
CA THR D 4082 33.75 -65.47 35.12
C THR D 4082 34.94 -65.46 36.08
N ASP D 4083 35.77 -64.43 36.06
CA ASP D 4083 36.96 -64.40 36.91
C ASP D 4083 36.77 -63.42 38.06
N PRO D 4084 36.85 -63.86 39.32
CA PRO D 4084 36.77 -62.92 40.45
C PRO D 4084 38.01 -62.04 40.64
N ARG D 4085 39.02 -62.14 39.78
CA ARG D 4085 40.20 -61.29 39.84
C ARG D 4085 39.99 -59.91 39.24
N GLY D 4086 38.75 -59.57 38.85
CA GLY D 4086 38.50 -58.34 38.14
C GLY D 4086 38.91 -58.36 36.68
N LEU D 4087 39.21 -59.53 36.12
CA LEU D 4087 39.67 -59.61 34.75
C LEU D 4087 38.70 -60.44 33.93
N ILE D 4088 38.77 -60.27 32.60
CA ILE D 4088 37.91 -60.99 31.64
C ILE D 4088 38.50 -60.83 30.24
N SER D 4089 38.38 -61.86 29.41
CA SER D 4089 39.05 -61.94 28.11
C SER D 4089 38.37 -61.06 27.06
N LYS D 4090 39.03 -60.95 25.89
CA LYS D 4090 38.51 -60.13 24.80
C LYS D 4090 37.24 -60.74 24.21
N LYS D 4091 37.28 -62.04 23.92
CA LYS D 4091 36.14 -62.70 23.28
C LYS D 4091 34.93 -62.70 24.20
N ASP D 4092 35.16 -62.70 25.51
CA ASP D 4092 34.04 -62.65 26.44
C ASP D 4092 33.39 -61.28 26.42
N PHE D 4093 34.17 -60.22 26.17
CA PHE D 4093 33.60 -58.91 25.93
C PHE D 4093 32.74 -58.94 24.70
N GLN D 4094 33.27 -59.56 23.63
CA GLN D 4094 32.58 -59.58 22.34
C GLN D 4094 31.24 -60.32 22.46
N LYS D 4095 31.20 -61.40 23.23
CA LYS D 4095 29.99 -62.19 23.41
C LYS D 4095 29.16 -61.73 24.60
N ALA D 4096 29.57 -60.66 25.29
CA ALA D 4096 28.82 -60.17 26.44
C ALA D 4096 28.19 -58.80 26.22
N MET D 4097 28.92 -57.85 25.62
CA MET D 4097 28.37 -56.52 25.37
C MET D 4097 27.21 -56.54 24.37
N ASP D 4098 27.25 -57.45 23.38
CA ASP D 4098 26.16 -57.54 22.42
C ASP D 4098 24.85 -57.99 23.05
N SER D 4099 24.89 -58.63 24.23
CA SER D 4099 23.68 -58.97 24.96
C SER D 4099 22.93 -57.74 25.46
N GLN D 4100 23.60 -56.59 25.57
CA GLN D 4100 22.91 -55.35 25.94
C GLN D 4100 22.08 -54.78 24.80
N LYS D 4101 22.32 -55.24 23.56
CA LYS D 4101 21.67 -54.74 22.34
C LYS D 4101 21.80 -53.22 22.21
N GLN D 4102 22.99 -52.71 22.54
CA GLN D 4102 23.26 -51.27 22.54
C GLN D 4102 24.57 -50.92 21.86
N PHE D 4103 25.25 -51.89 21.27
CA PHE D 4103 26.58 -51.65 20.72
C PHE D 4103 26.69 -52.17 19.30
N THR D 4104 27.51 -51.49 18.50
CA THR D 4104 27.78 -51.87 17.12
C THR D 4104 29.22 -52.37 16.99
N GLY D 4105 29.46 -53.10 15.90
CA GLY D 4105 30.73 -53.76 15.63
C GLY D 4105 32.00 -52.92 15.68
N PRO D 4106 32.13 -51.89 14.82
CA PRO D 4106 33.40 -51.14 14.75
C PRO D 4106 33.78 -50.51 16.09
N GLU D 4107 32.81 -50.03 16.85
CA GLU D 4107 33.16 -49.45 18.14
C GLU D 4107 33.27 -50.50 19.23
N ILE D 4108 32.73 -51.71 19.02
CA ILE D 4108 33.08 -52.80 19.92
C ILE D 4108 34.55 -53.15 19.77
N GLN D 4109 35.03 -53.23 18.53
CA GLN D 4109 36.45 -53.44 18.25
C GLN D 4109 37.31 -52.29 18.79
N PHE D 4110 36.82 -51.06 18.64
CA PHE D 4110 37.49 -49.88 19.20
C PHE D 4110 37.57 -49.95 20.73
N LEU D 4111 36.48 -50.36 21.38
CA LEU D 4111 36.46 -50.50 22.82
C LEU D 4111 37.40 -51.60 23.29
N LEU D 4112 37.44 -52.70 22.53
CA LEU D 4112 38.32 -53.82 22.84
C LEU D 4112 39.77 -53.39 22.76
N SER D 4113 40.12 -52.62 21.71
CA SER D 4113 41.50 -52.20 21.55
C SER D 4113 41.88 -51.20 22.64
N CYS D 4114 40.97 -50.28 22.97
CA CYS D 4114 41.22 -49.29 24.02
C CYS D 4114 41.39 -49.92 25.39
N SER D 4115 40.72 -51.05 25.62
CA SER D 4115 40.83 -51.76 26.89
C SER D 4115 42.27 -52.20 27.13
N GLU D 4116 42.72 -52.07 28.38
CA GLU D 4116 44.10 -52.35 28.74
C GLU D 4116 44.38 -53.84 28.77
N ALA D 4117 44.40 -54.47 27.60
CA ALA D 4117 44.72 -55.89 27.50
C ALA D 4117 46.16 -56.13 27.90
N ASP D 4118 46.37 -57.14 28.73
CA ASP D 4118 47.69 -57.49 29.22
C ASP D 4118 48.34 -58.43 28.21
N GLU D 4119 49.50 -58.99 28.57
CA GLU D 4119 50.17 -59.96 27.71
C GLU D 4119 49.38 -61.27 27.60
N ASN D 4120 48.48 -61.55 28.55
CA ASN D 4120 47.69 -62.77 28.53
C ASN D 4120 46.35 -62.60 27.83
N GLU D 4121 46.08 -61.40 27.28
CA GLU D 4121 44.76 -61.01 26.75
C GLU D 4121 43.66 -61.16 27.79
N MET D 4122 44.00 -60.91 29.05
CA MET D 4122 43.10 -61.10 30.19
C MET D 4122 42.90 -59.68 30.71
N ILE D 4123 41.88 -59.01 30.20
CA ILE D 4123 41.78 -57.56 30.30
C ILE D 4123 41.34 -57.16 31.70
N ASN D 4124 42.02 -56.15 32.26
CA ASN D 4124 41.62 -55.52 33.52
C ASN D 4124 40.74 -54.34 33.15
N PHE D 4125 39.43 -54.50 33.32
CA PHE D 4125 38.45 -53.47 33.00
C PHE D 4125 38.06 -52.64 34.22
N GLU D 4126 38.65 -52.91 35.39
CA GLU D 4126 38.33 -52.15 36.58
C GLU D 4126 38.77 -50.70 36.49
N GLU D 4127 39.97 -50.44 35.98
CA GLU D 4127 40.43 -49.06 35.84
C GLU D 4127 40.25 -48.52 34.43
N PHE D 4128 39.86 -49.39 33.48
CA PHE D 4128 39.64 -49.00 32.09
C PHE D 4128 38.58 -47.91 32.00
N ALA D 4129 37.43 -48.13 32.65
CA ALA D 4129 36.38 -47.12 32.62
C ALA D 4129 36.77 -45.92 33.46
N ASN D 4130 37.26 -46.16 34.68
CA ASN D 4130 37.53 -45.10 35.66
C ASN D 4130 38.75 -44.24 35.32
N ARG D 4131 39.45 -44.53 34.21
CA ARG D 4131 40.64 -43.76 33.85
C ARG D 4131 40.31 -42.31 33.54
N PHE D 4132 39.25 -42.08 32.76
CA PHE D 4132 38.90 -40.75 32.27
C PHE D 4132 37.59 -40.19 32.81
N GLN D 4133 36.93 -40.89 33.76
CA GLN D 4133 35.59 -40.48 34.20
C GLN D 4133 35.57 -39.08 34.79
N GLU D 4134 36.64 -38.68 35.48
CA GLU D 4134 36.67 -37.36 36.10
C GLU D 4134 36.85 -36.25 35.07
N PRO D 4135 37.89 -36.23 34.21
CA PRO D 4135 37.99 -35.09 33.27
C PRO D 4135 36.93 -35.07 32.18
N ALA D 4136 36.58 -36.22 31.60
CA ALA D 4136 35.65 -36.26 30.48
C ALA D 4136 34.21 -35.89 30.84
N ARG D 4137 33.88 -35.86 32.12
CA ARG D 4137 32.53 -35.47 32.53
C ARG D 4137 32.32 -33.98 32.33
N ASP D 4138 33.35 -33.19 32.59
CA ASP D 4138 33.26 -31.74 32.47
C ASP D 4138 33.02 -31.32 31.02
N ILE D 4139 33.78 -31.91 30.09
CA ILE D 4139 33.58 -31.61 28.67
C ILE D 4139 32.23 -32.12 28.21
N GLY D 4140 31.81 -33.30 28.71
CA GLY D 4140 30.50 -33.83 28.32
C GLY D 4140 29.37 -32.94 28.77
N PHE D 4141 29.53 -32.32 29.93
CA PHE D 4141 28.50 -31.42 30.41
C PHE D 4141 28.51 -30.13 29.61
N ASN D 4142 29.70 -29.60 29.32
CA ASN D 4142 29.78 -28.32 28.62
C ASN D 4142 29.22 -28.45 27.21
N VAL D 4143 29.49 -29.57 26.53
CA VAL D 4143 28.91 -29.77 25.20
C VAL D 4143 27.40 -29.99 25.33
N ALA D 4144 26.95 -30.60 26.44
CA ALA D 4144 25.51 -30.73 26.66
C ALA D 4144 24.85 -29.37 26.83
N VAL D 4145 25.50 -28.46 27.57
CA VAL D 4145 25.00 -27.09 27.72
C VAL D 4145 24.97 -26.38 26.39
N LEU D 4146 26.03 -26.55 25.59
CA LEU D 4146 26.12 -25.92 24.28
C LEU D 4146 25.01 -26.39 23.35
N LEU D 4147 24.74 -27.70 23.33
CA LEU D 4147 23.66 -28.25 22.53
C LEU D 4147 22.30 -27.82 23.03
N THR D 4148 22.11 -27.79 24.36
CA THR D 4148 20.82 -27.36 24.91
C THR D 4148 20.56 -25.90 24.61
N ASN D 4149 21.59 -25.06 24.73
CA ASN D 4149 21.47 -23.64 24.45
C ASN D 4149 21.10 -23.40 22.99
N LEU D 4150 21.76 -24.14 22.07
CA LEU D 4150 21.46 -23.98 20.66
C LEU D 4150 20.06 -24.46 20.35
N SER D 4151 19.66 -25.60 20.93
CA SER D 4151 18.34 -26.16 20.64
C SER D 4151 17.24 -25.23 21.13
N GLU D 4152 17.43 -24.63 22.29
CA GLU D 4152 16.39 -23.77 22.83
C GLU D 4152 16.34 -22.42 22.12
N HIS D 4153 17.49 -21.87 21.72
CA HIS D 4153 17.48 -20.58 21.06
C HIS D 4153 17.27 -20.66 19.56
N VAL D 4154 17.39 -21.84 18.96
CA VAL D 4154 17.12 -22.05 17.54
C VAL D 4154 16.15 -23.22 17.45
N PRO D 4155 14.87 -23.01 17.70
CA PRO D 4155 13.95 -24.16 17.78
C PRO D 4155 13.43 -24.63 16.43
N HIS D 4156 13.40 -23.73 15.44
CA HIS D 4156 12.79 -24.01 14.14
C HIS D 4156 13.81 -24.42 13.10
N ASP D 4157 14.88 -25.11 13.50
CA ASP D 4157 15.88 -25.58 12.54
C ASP D 4157 15.86 -27.09 12.47
N PRO D 4158 15.25 -27.68 11.44
CA PRO D 4158 15.24 -29.14 11.29
C PRO D 4158 16.62 -29.74 11.14
N ARG D 4159 17.54 -28.97 10.57
CA ARG D 4159 18.92 -29.44 10.40
C ARG D 4159 19.54 -29.63 11.78
N LEU D 4160 19.28 -28.69 12.68
CA LEU D 4160 19.76 -28.80 14.06
C LEU D 4160 19.08 -29.94 14.79
N ARG D 4161 17.81 -30.22 14.45
CA ARG D 4161 17.06 -31.29 15.14
C ARG D 4161 17.69 -32.67 15.00
N ASN D 4162 18.50 -32.89 13.96
CA ASN D 4162 19.19 -34.17 13.79
C ASN D 4162 20.16 -34.45 14.92
N PHE D 4163 20.86 -33.42 15.40
CA PHE D 4163 21.88 -33.60 16.42
C PHE D 4163 21.29 -34.00 17.76
N LEU D 4164 20.02 -33.68 17.99
CA LEU D 4164 19.38 -34.07 19.25
C LEU D 4164 19.35 -35.58 19.37
N GLU D 4165 18.81 -36.28 18.35
CA GLU D 4165 18.81 -37.74 18.37
C GLU D 4165 20.21 -38.30 18.20
N LEU D 4166 21.13 -37.55 17.57
CA LEU D 4166 22.51 -37.97 17.55
C LEU D 4166 23.17 -37.91 18.94
N ALA D 4167 22.64 -37.10 19.83
CA ALA D 4167 23.23 -36.87 21.14
C ALA D 4167 22.31 -37.20 22.31
N GLU D 4168 21.24 -37.96 22.09
CA GLU D 4168 20.32 -38.30 23.18
C GLU D 4168 20.98 -39.09 24.31
N SER D 4169 22.05 -39.82 24.04
CA SER D 4169 22.75 -40.54 25.10
C SER D 4169 23.34 -39.57 26.13
N ILE D 4170 23.92 -38.47 25.67
CA ILE D 4170 24.59 -37.57 26.59
C ILE D 4170 23.61 -36.57 27.19
N LEU D 4171 22.59 -36.13 26.43
CA LEU D 4171 21.60 -35.24 27.02
C LEU D 4171 20.81 -35.94 28.10
N GLU D 4172 20.37 -37.18 27.84
CA GLU D 4172 19.67 -37.93 28.87
C GLU D 4172 20.60 -38.31 30.02
N TYR D 4173 21.91 -38.44 29.76
CA TYR D 4173 22.81 -38.70 30.87
C TYR D 4173 22.97 -37.47 31.76
N PHE D 4174 22.93 -36.28 31.17
CA PHE D 4174 23.16 -35.07 31.94
C PHE D 4174 21.88 -34.30 32.25
N ARG D 4175 20.73 -34.90 31.99
CA ARG D 4175 19.45 -34.28 32.35
C ARG D 4175 19.30 -33.98 33.85
N PRO D 4176 19.63 -34.88 34.80
CA PRO D 4176 19.46 -34.52 36.22
C PRO D 4176 20.36 -33.39 36.72
N TYR D 4177 21.33 -32.90 35.92
CA TYR D 4177 22.28 -31.91 36.42
C TYR D 4177 22.12 -30.56 35.76
N LEU D 4178 21.43 -30.48 34.62
CA LEU D 4178 21.32 -29.23 33.88
C LEU D 4178 20.35 -28.32 34.59
N GLY D 4179 20.82 -27.22 35.19
CA GLY D 4179 19.94 -26.30 35.85
C GLY D 4179 19.85 -25.04 35.01
N ARG D 4180 18.62 -24.66 34.68
CA ARG D 4180 18.42 -23.48 33.86
C ARG D 4180 17.60 -22.49 34.66
N ILE D 4181 18.04 -21.25 34.67
CA ILE D 4181 17.28 -20.17 35.27
C ILE D 4181 17.05 -19.11 34.21
N GLU D 4182 16.13 -18.20 34.49
CA GLU D 4182 15.96 -17.03 33.64
C GLU D 4182 16.15 -15.79 34.48
N ILE D 4183 17.09 -14.93 34.08
CA ILE D 4183 17.37 -13.69 34.79
C ILE D 4183 17.12 -12.49 33.88
N MET D 4184 16.38 -11.52 34.38
CA MET D 4184 16.32 -10.25 33.67
C MET D 4184 17.72 -9.67 33.73
N GLY D 4185 18.26 -9.21 32.60
CA GLY D 4185 19.67 -8.91 32.67
C GLY D 4185 20.12 -7.53 32.27
N ALA D 4186 21.44 -7.38 32.08
CA ALA D 4186 22.04 -6.09 31.76
C ALA D 4186 21.51 -5.58 30.42
N SER D 4187 21.29 -6.50 29.47
CA SER D 4187 20.84 -6.18 28.13
C SER D 4187 19.46 -5.53 28.10
N ARG D 4188 18.70 -5.68 29.22
CA ARG D 4188 17.32 -5.24 29.51
C ARG D 4188 16.35 -6.31 29.03
N ARG D 4189 16.86 -7.50 28.72
CA ARG D 4189 16.05 -8.60 28.22
C ARG D 4189 16.36 -9.86 29.00
N ILE D 4190 15.35 -10.71 29.14
CA ILE D 4190 15.46 -11.93 29.94
C ILE D 4190 16.36 -12.93 29.23
N GLU D 4191 17.24 -13.58 29.99
CA GLU D 4191 18.21 -14.49 29.41
C GLU D 4191 18.33 -15.74 30.27
N ARG D 4192 18.65 -16.86 29.62
CA ARG D 4192 18.77 -18.16 30.27
C ARG D 4192 20.20 -18.50 30.67
N ILE D 4193 20.38 -18.87 31.94
CA ILE D 4193 21.67 -19.31 32.48
C ILE D 4193 21.61 -20.82 32.71
N TYR D 4194 22.72 -21.51 32.39
CA TYR D 4194 22.87 -22.95 32.56
C TYR D 4194 24.02 -23.22 33.54
N PHE D 4195 23.76 -24.10 34.50
CA PHE D 4195 24.67 -24.43 35.60
C PHE D 4195 24.57 -25.89 36.01
N GLU D 4196 25.50 -26.29 36.89
CA GLU D 4196 25.61 -27.65 37.41
C GLU D 4196 24.88 -27.83 38.71
N ILE D 4197 24.01 -28.82 38.76
CA ILE D 4197 23.38 -29.19 40.01
C ILE D 4197 24.21 -30.34 40.54
N SER D 4198 24.78 -30.18 41.72
CA SER D 4198 25.57 -31.27 42.29
C SER D 4198 24.65 -32.39 42.75
N GLU D 4199 25.15 -33.62 42.64
CA GLU D 4199 24.34 -34.78 42.98
C GLU D 4199 23.96 -34.78 44.45
N THR D 4200 24.91 -34.39 45.32
CA THR D 4200 24.63 -34.37 46.76
C THR D 4200 23.60 -33.30 47.07
N ASN D 4201 23.74 -32.13 46.44
CA ASN D 4201 22.79 -31.03 46.65
C ASN D 4201 21.41 -31.41 46.18
N ARG D 4202 21.32 -32.10 45.04
CA ARG D 4202 20.04 -32.53 44.50
C ARG D 4202 19.37 -33.57 45.39
N ALA D 4203 20.14 -34.54 45.92
CA ALA D 4203 19.57 -35.49 46.87
C ALA D 4203 19.12 -34.80 48.14
N GLN D 4204 19.94 -33.86 48.63
CA GLN D 4204 19.63 -33.20 49.89
C GLN D 4204 18.42 -32.30 49.70
N TRP D 4205 18.17 -31.87 48.47
CA TRP D 4205 16.94 -31.16 48.17
C TRP D 4205 15.76 -32.11 48.24
N GLU D 4206 15.94 -33.34 47.75
CA GLU D 4206 14.77 -34.22 47.74
C GLU D 4206 14.49 -34.79 49.13
N MET D 4207 15.36 -34.54 50.11
CA MET D 4207 15.18 -35.08 51.46
C MET D 4207 13.91 -34.52 52.11
N PRO D 4208 13.22 -35.32 52.93
CA PRO D 4208 11.92 -34.87 53.49
C PRO D 4208 11.97 -33.69 54.44
N GLN D 4209 13.03 -33.55 55.24
CA GLN D 4209 13.16 -32.38 56.11
C GLN D 4209 13.28 -31.09 55.31
N VAL D 4210 14.05 -31.11 54.23
CA VAL D 4210 14.23 -29.90 53.43
C VAL D 4210 12.93 -29.57 52.73
N LYS D 4211 12.20 -30.60 52.26
CA LYS D 4211 10.91 -30.41 51.61
C LYS D 4211 9.90 -29.81 52.57
N GLU D 4212 9.93 -30.24 53.85
CA GLU D 4212 9.06 -29.64 54.84
C GLU D 4212 9.42 -28.18 55.08
N SER D 4213 10.73 -27.88 55.09
CA SER D 4213 11.18 -26.50 55.23
C SER D 4213 10.65 -25.65 54.09
N LYS D 4214 10.68 -26.21 52.88
CA LYS D 4214 10.15 -25.54 51.70
C LYS D 4214 8.65 -25.31 51.83
N ARG D 4215 7.92 -26.30 52.33
CA ARG D 4215 6.46 -26.19 52.45
C ARG D 4215 6.08 -25.12 53.45
N GLN D 4216 6.80 -25.07 54.57
CA GLN D 4216 6.59 -24.03 55.57
C GLN D 4216 6.92 -22.67 54.99
N PHE D 4217 7.97 -22.58 54.16
CA PHE D 4217 8.32 -21.32 53.52
C PHE D 4217 7.20 -20.83 52.62
N ILE D 4218 6.66 -21.72 51.77
CA ILE D 4218 5.65 -21.29 50.80
C ILE D 4218 4.38 -20.87 51.52
N PHE D 4219 4.01 -21.59 52.58
CA PHE D 4219 2.83 -21.21 53.35
C PHE D 4219 3.03 -19.87 54.04
N ASP D 4220 4.19 -19.67 54.67
CA ASP D 4220 4.47 -18.43 55.38
C ASP D 4220 4.51 -17.22 54.44
N VAL D 4221 5.21 -17.35 53.31
CA VAL D 4221 5.27 -16.28 52.33
C VAL D 4221 3.90 -15.99 51.72
N VAL D 4222 3.14 -17.02 51.34
CA VAL D 4222 1.88 -16.75 50.65
C VAL D 4222 0.86 -16.17 51.62
N ASN D 4223 0.67 -16.81 52.79
CA ASN D 4223 -0.34 -16.32 53.71
C ASN D 4223 0.04 -15.00 54.38
N GLU D 4224 1.26 -14.90 54.92
CA GLU D 4224 1.61 -13.67 55.64
C GLU D 4224 2.84 -13.09 54.95
N GLY D 4225 2.61 -12.47 53.81
CA GLY D 4225 3.73 -12.00 53.02
C GLY D 4225 3.25 -10.96 52.04
N GLY D 4226 4.23 -10.31 51.42
CA GLY D 4226 3.94 -9.33 50.41
C GLY D 4226 4.76 -9.61 49.17
N GLU D 4227 4.24 -9.14 48.04
CA GLU D 4227 4.95 -9.28 46.78
C GLU D 4227 6.24 -8.48 46.77
N ALA D 4228 6.25 -7.30 47.40
CA ALA D 4228 7.44 -6.45 47.39
C ALA D 4228 8.56 -7.13 48.19
N GLU D 4229 8.21 -7.74 49.31
CA GLU D 4229 9.14 -8.33 50.25
C GLU D 4229 9.45 -9.78 49.85
N LYS D 4230 8.73 -10.29 48.84
CA LYS D 4230 8.76 -11.71 48.48
C LYS D 4230 10.14 -12.17 48.08
N MET D 4231 10.81 -11.44 47.17
CA MET D 4231 12.09 -11.91 46.68
C MET D 4231 13.15 -11.89 47.78
N GLU D 4232 13.10 -10.90 48.67
CA GLU D 4232 14.02 -10.85 49.80
C GLU D 4232 13.82 -12.05 50.71
N LEU D 4233 12.54 -12.37 50.99
CA LEU D 4233 12.21 -13.52 51.82
C LEU D 4233 12.64 -14.82 51.15
N PHE D 4234 12.49 -14.88 49.83
CA PHE D 4234 12.88 -16.05 49.07
C PHE D 4234 14.38 -16.26 49.16
N VAL D 4235 15.16 -15.20 48.91
CA VAL D 4235 16.62 -15.31 48.90
C VAL D 4235 17.11 -15.70 50.29
N SER D 4236 16.48 -15.16 51.34
CA SER D 4236 16.82 -15.54 52.71
C SER D 4236 16.55 -17.01 52.96
N PHE D 4237 15.42 -17.52 52.44
CA PHE D 4237 15.11 -18.95 52.54
C PHE D 4237 16.13 -19.79 51.81
N CYS D 4238 16.55 -19.36 50.62
CA CYS D 4238 17.61 -20.06 49.89
C CYS D 4238 18.89 -20.10 50.70
N GLU D 4239 19.27 -18.97 51.30
CA GLU D 4239 20.55 -18.88 52.01
C GLU D 4239 20.54 -19.81 53.22
N ASP D 4240 19.41 -19.84 53.92
CA ASP D 4240 19.25 -20.72 55.08
C ASP D 4240 19.31 -22.19 54.65
N THR D 4241 18.70 -22.49 53.50
CA THR D 4241 18.78 -23.84 52.95
C THR D 4241 20.22 -24.21 52.60
N ILE D 4242 20.97 -23.29 51.96
CA ILE D 4242 22.35 -23.59 51.55
C ILE D 4242 23.21 -23.88 52.77
N PHE D 4243 23.00 -23.13 53.85
CA PHE D 4243 23.72 -23.39 55.08
C PHE D 4243 23.35 -24.75 55.66
N GLU D 4244 22.05 -25.08 55.68
CA GLU D 4244 21.63 -26.36 56.23
C GLU D 4244 22.16 -27.54 55.41
N MET D 4245 22.23 -27.36 54.08
CA MET D 4245 22.85 -28.37 53.21
C MET D 4245 24.33 -28.55 53.51
N GLN D 4246 25.03 -27.46 53.82
CA GLN D 4246 26.45 -27.60 54.18
C GLN D 4246 26.62 -28.27 55.54
N ILE D 4247 25.76 -27.96 56.50
CA ILE D 4247 25.80 -28.65 57.79
C ILE D 4247 25.54 -30.15 57.61
N ALA D 4248 24.54 -30.49 56.79
CA ALA D 4248 24.23 -31.89 56.50
C ALA D 4248 25.40 -32.59 55.81
N ALA D 4249 26.09 -31.87 54.92
CA ALA D 4249 27.29 -32.42 54.28
C ALA D 4249 28.38 -32.69 55.29
N GLN D 4250 28.58 -31.76 56.24
CA GLN D 4250 29.63 -31.92 57.24
C GLN D 4250 29.35 -33.14 58.11
N ILE D 4251 28.09 -33.32 58.50
CA ILE D 4251 27.75 -34.39 59.43
C ILE D 4251 27.50 -35.72 58.73
N SER D 4252 27.48 -35.72 57.39
CA SER D 4252 27.14 -36.92 56.63
C SER D 4252 28.18 -38.03 56.84
N GLU D 4253 27.72 -39.26 56.67
CA GLU D 4253 28.51 -40.46 56.96
C GLU D 4253 29.79 -40.50 56.13
N PRO D 4254 30.94 -40.84 56.73
CA PRO D 4254 32.19 -41.00 56.01
C PRO D 4254 32.55 -42.46 55.76
N GLY D 4542 43.78 -35.93 68.68
CA GLY D 4542 44.19 -37.29 68.42
C GLY D 4542 43.03 -38.23 68.19
N GLU D 4543 43.17 -39.47 68.69
CA GLU D 4543 42.07 -40.42 68.61
C GLU D 4543 40.88 -39.95 69.43
N LEU D 4544 41.14 -39.26 70.56
CA LEU D 4544 40.07 -38.70 71.38
C LEU D 4544 39.25 -37.70 70.58
N GLU D 4545 39.96 -36.82 69.84
CA GLU D 4545 39.32 -35.78 69.06
C GLU D 4545 38.54 -36.36 67.89
N VAL D 4546 39.11 -37.36 67.21
CA VAL D 4546 38.42 -38.02 66.11
C VAL D 4546 37.17 -38.75 66.60
N GLN D 4547 37.27 -39.40 67.77
CA GLN D 4547 36.11 -40.05 68.38
C GLN D 4547 35.03 -39.04 68.72
N ARG D 4548 35.45 -37.90 69.31
CA ARG D 4548 34.52 -36.83 69.65
C ARG D 4548 33.78 -36.36 68.42
N VAL D 4549 34.51 -36.08 67.33
CA VAL D 4549 33.90 -35.55 66.12
C VAL D 4549 32.93 -36.59 65.54
N LYS D 4550 33.33 -37.87 65.56
CA LYS D 4550 32.52 -38.94 64.98
C LYS D 4550 31.22 -39.07 65.74
N PHE D 4551 31.32 -39.04 67.07
CA PHE D 4551 30.16 -39.18 67.94
C PHE D 4551 29.23 -38.00 67.76
N LEU D 4552 29.79 -36.79 67.70
CA LEU D 4552 28.99 -35.58 67.57
C LEU D 4552 28.24 -35.56 66.25
N ASN D 4553 28.89 -36.06 65.18
CA ASN D 4553 28.22 -36.18 63.89
C ASN D 4553 27.12 -37.23 63.93
N TYR D 4554 27.37 -38.35 64.61
CA TYR D 4554 26.35 -39.38 64.75
C TYR D 4554 25.14 -38.84 65.50
N LEU D 4555 25.38 -38.09 66.57
CA LEU D 4555 24.32 -37.45 67.35
C LEU D 4555 23.51 -36.49 66.49
N SER D 4556 24.19 -35.73 65.63
CA SER D 4556 23.49 -34.79 64.75
C SER D 4556 22.66 -35.53 63.71
N ARG D 4557 23.21 -36.59 63.11
CA ARG D 4557 22.44 -37.37 62.16
C ARG D 4557 21.27 -38.10 62.81
N ASN D 4558 21.39 -38.44 64.09
CA ASN D 4558 20.38 -39.22 64.79
C ASN D 4558 19.56 -38.39 65.77
N PHE D 4559 19.54 -37.06 65.61
CA PHE D 4559 18.85 -36.18 66.55
C PHE D 4559 17.35 -36.48 66.59
N TYR D 4560 16.73 -36.74 65.44
CA TYR D 4560 15.28 -36.89 65.41
C TYR D 4560 14.87 -38.25 65.93
N THR D 4561 15.74 -39.24 65.75
CA THR D 4561 15.52 -40.55 66.36
C THR D 4561 15.58 -40.43 67.86
N LEU D 4562 16.52 -39.67 68.40
CA LEU D 4562 16.60 -39.48 69.83
C LEU D 4562 15.38 -38.70 70.33
N ARG D 4563 14.86 -37.78 69.50
CA ARG D 4563 13.69 -37.01 69.86
C ARG D 4563 12.43 -37.85 69.85
N PHE D 4564 12.45 -39.00 69.18
CA PHE D 4564 11.28 -39.86 69.20
C PHE D 4564 11.48 -41.00 70.20
N LEU D 4565 12.74 -41.32 70.48
CA LEU D 4565 13.07 -42.29 71.51
C LEU D 4565 12.71 -41.75 72.88
N ALA D 4566 12.90 -40.44 73.09
CA ALA D 4566 12.53 -39.84 74.36
C ALA D 4566 11.02 -39.85 74.57
N LEU D 4567 10.26 -39.68 73.50
CA LEU D 4567 8.81 -39.81 73.60
C LEU D 4567 8.39 -41.24 73.90
N PHE D 4568 9.08 -42.23 73.30
CA PHE D 4568 8.80 -43.62 73.63
C PHE D 4568 9.14 -43.92 75.09
N LEU D 4569 10.24 -43.35 75.59
CA LEU D 4569 10.65 -43.59 76.97
C LEU D 4569 9.70 -42.92 77.94
N ALA D 4570 9.16 -41.75 77.58
CA ALA D 4570 8.18 -41.08 78.42
C ALA D 4570 6.89 -41.88 78.48
N PHE D 4571 6.44 -42.41 77.35
CA PHE D 4571 5.26 -43.26 77.36
C PHE D 4571 5.50 -44.56 78.13
N ALA D 4572 6.69 -45.14 78.03
CA ALA D 4572 7.03 -46.33 78.81
C ALA D 4572 7.08 -46.04 80.30
N ILE D 4573 7.58 -44.87 80.70
CA ILE D 4573 7.73 -44.63 82.14
C ILE D 4573 6.38 -44.27 82.71
N ASN D 4574 5.56 -43.60 81.92
CA ASN D 4574 4.21 -43.28 82.35
C ASN D 4574 3.36 -44.54 82.40
N PHE D 4575 3.65 -45.54 81.55
CA PHE D 4575 2.97 -46.84 81.67
C PHE D 4575 3.44 -47.57 82.91
N ILE D 4576 4.66 -47.30 83.38
CA ILE D 4576 5.14 -47.96 84.60
C ILE D 4576 4.64 -47.16 85.78
N LEU D 4577 4.09 -45.97 85.54
CA LEU D 4577 3.70 -45.05 86.58
C LEU D 4577 2.24 -45.28 86.93
N LEU D 4578 1.59 -46.20 86.22
CA LEU D 4578 0.17 -46.50 86.35
C LEU D 4578 -0.07 -47.63 87.33
N PHE D 4579 1.00 -48.18 87.91
CA PHE D 4579 0.92 -49.22 88.92
C PHE D 4579 1.30 -48.68 90.29
N TYR D 4580 1.28 -47.36 90.47
CA TYR D 4580 1.60 -46.82 91.78
C TYR D 4580 0.43 -46.95 92.73
N LYS D 4581 0.75 -46.83 94.02
CA LYS D 4581 -0.16 -47.06 95.12
C LYS D 4581 0.36 -46.29 96.31
N VAL D 4582 -0.52 -46.05 97.28
CA VAL D 4582 -0.11 -45.38 98.50
C VAL D 4582 -0.59 -46.18 99.70
N SER D 4583 0.29 -46.29 100.70
CA SER D 4583 -0.03 -46.93 101.97
C SER D 4583 0.56 -46.08 103.09
N ASP D 4584 -0.20 -45.94 104.18
CA ASP D 4584 0.39 -45.36 105.38
C ASP D 4584 1.48 -46.28 105.93
N SER D 4585 1.22 -47.58 105.96
CA SER D 4585 2.18 -48.55 106.42
C SER D 4585 3.30 -48.71 105.38
N PRO D 4586 4.55 -48.88 105.82
CA PRO D 4586 5.66 -49.11 104.88
C PRO D 4586 5.45 -50.38 104.07
N PRO D 4587 5.84 -50.40 102.78
CA PRO D 4587 5.65 -51.52 101.85
C PRO D 4587 6.19 -52.87 102.33
N ASN D 4626 1.70 -38.77 110.05
CA ASN D 4626 1.79 -40.08 109.39
C ASN D 4626 2.24 -39.96 107.93
N MET D 4627 3.54 -40.11 107.72
CA MET D 4627 4.10 -40.11 106.37
C MET D 4627 3.59 -41.30 105.58
N VAL D 4628 3.18 -41.05 104.35
CA VAL D 4628 2.62 -42.07 103.49
C VAL D 4628 3.72 -42.58 102.55
N TYR D 4629 3.65 -43.85 102.22
CA TYR D 4629 4.67 -44.50 101.40
C TYR D 4629 4.13 -44.71 100.01
N TYR D 4630 4.96 -44.43 99.00
CA TYR D 4630 4.61 -44.72 97.62
C TYR D 4630 5.41 -45.93 97.17
N PHE D 4631 4.73 -46.93 96.62
CA PHE D 4631 5.39 -48.12 96.13
C PHE D 4631 4.73 -48.61 94.85
N LEU D 4632 5.54 -49.22 93.98
CA LEU D 4632 5.00 -49.89 92.82
C LEU D 4632 4.43 -51.23 93.26
N GLU D 4633 3.20 -51.50 92.87
CA GLU D 4633 2.58 -52.80 93.11
C GLU D 4633 2.43 -53.59 91.81
N GLU D 4634 3.31 -54.56 91.62
CA GLU D 4634 3.19 -55.48 90.49
C GLU D 4634 3.59 -56.87 90.94
N SER D 4635 2.86 -57.87 90.44
CA SER D 4635 3.18 -59.25 90.77
C SER D 4635 4.50 -59.67 90.14
N THR D 4636 4.73 -59.25 88.89
CA THR D 4636 5.88 -59.69 88.10
C THR D 4636 7.21 -59.35 88.76
N GLY D 4637 7.34 -58.14 89.30
CA GLY D 4637 8.58 -57.70 89.89
C GLY D 4637 9.57 -57.14 88.89
N TYR D 4638 9.25 -57.20 87.60
CA TYR D 4638 10.07 -56.72 86.51
C TYR D 4638 9.91 -55.23 86.26
N MET D 4639 8.79 -54.66 86.69
CA MET D 4639 8.46 -53.27 86.43
C MET D 4639 9.40 -52.30 87.15
N GLU D 4640 9.67 -52.50 88.44
CA GLU D 4640 10.49 -51.56 89.19
C GLU D 4640 11.95 -51.47 88.70
N PRO D 4641 12.68 -52.57 88.43
CA PRO D 4641 14.01 -52.42 87.82
C PRO D 4641 13.95 -51.76 86.47
N ALA D 4642 12.94 -52.13 85.68
CA ALA D 4642 12.70 -51.49 84.39
C ALA D 4642 12.50 -50.00 84.57
N LEU D 4643 11.77 -49.59 85.62
CA LEU D 4643 11.55 -48.16 85.86
C LEU D 4643 12.86 -47.44 86.15
N TRP D 4644 13.75 -48.08 86.92
CA TRP D 4644 15.02 -47.45 87.24
C TRP D 4644 15.89 -47.32 85.99
N CYS D 4645 15.96 -48.40 85.21
CA CYS D 4645 16.76 -48.39 83.98
C CYS D 4645 16.23 -47.40 82.95
N LEU D 4646 14.90 -47.36 82.78
CA LEU D 4646 14.25 -46.45 81.85
C LEU D 4646 14.40 -44.99 82.26
N SER D 4647 14.38 -44.69 83.56
CA SER D 4647 14.62 -43.32 83.99
C SER D 4647 16.06 -42.87 83.75
N LEU D 4648 17.02 -43.77 84.00
CA LEU D 4648 18.42 -43.46 83.70
C LEU D 4648 18.62 -43.30 82.19
N LEU D 4649 17.99 -44.17 81.40
CA LEU D 4649 18.03 -44.06 79.95
C LEU D 4649 17.43 -42.75 79.50
N HIS D 4650 16.25 -42.39 80.05
CA HIS D 4650 15.55 -41.17 79.64
C HIS D 4650 16.44 -39.95 79.82
N THR D 4651 17.09 -39.86 80.99
CA THR D 4651 17.92 -38.70 81.28
C THR D 4651 19.12 -38.65 80.33
N LEU D 4652 19.66 -39.83 80.00
CA LEU D 4652 20.74 -39.92 79.00
C LEU D 4652 20.28 -39.42 77.63
N VAL D 4653 19.13 -39.91 77.16
CA VAL D 4653 18.57 -39.49 75.87
C VAL D 4653 18.29 -37.99 75.85
N ALA D 4654 17.84 -37.43 76.97
CA ALA D 4654 17.60 -35.99 77.06
C ALA D 4654 18.88 -35.18 76.92
N PHE D 4655 19.97 -35.69 77.52
CA PHE D 4655 21.26 -35.02 77.36
C PHE D 4655 21.73 -35.12 75.91
N LEU D 4656 21.61 -36.31 75.32
CA LEU D 4656 22.04 -36.52 73.95
C LEU D 4656 21.24 -35.65 72.99
N CYS D 4657 19.96 -35.44 73.29
CA CYS D 4657 19.10 -34.56 72.50
C CYS D 4657 19.59 -33.12 72.53
N ILE D 4658 19.97 -32.62 73.71
CA ILE D 4658 20.48 -31.24 73.79
C ILE D 4658 21.80 -31.10 73.03
N ILE D 4659 22.70 -32.08 73.19
CA ILE D 4659 23.99 -32.01 72.49
C ILE D 4659 23.77 -32.07 70.98
N GLY D 4660 22.94 -33.01 70.52
CA GLY D 4660 22.59 -33.09 69.10
C GLY D 4660 21.92 -31.84 68.58
N TYR D 4661 21.18 -31.12 69.44
CA TYR D 4661 20.57 -29.87 69.01
C TYR D 4661 21.61 -28.78 68.84
N ASN D 4662 22.55 -28.67 69.78
CA ASN D 4662 23.60 -27.65 69.62
C ASN D 4662 24.45 -27.95 68.40
N CYS D 4663 24.70 -29.24 68.14
CA CYS D 4663 25.45 -29.66 66.96
C CYS D 4663 24.70 -29.40 65.65
N LEU D 4664 23.38 -29.60 65.62
CA LEU D 4664 22.64 -29.47 64.37
C LEU D 4664 21.87 -28.17 64.15
N LYS D 4665 21.03 -27.74 65.08
CA LYS D 4665 20.13 -26.64 64.77
C LYS D 4665 20.57 -25.30 65.35
N VAL D 4666 21.56 -25.29 66.24
CA VAL D 4666 22.09 -24.02 66.72
C VAL D 4666 22.93 -23.30 65.65
N PRO D 4667 23.73 -24.00 64.78
CA PRO D 4667 24.45 -23.27 63.71
C PRO D 4667 23.56 -22.42 62.80
N LEU D 4668 22.37 -22.91 62.43
CA LEU D 4668 21.48 -22.10 61.61
C LEU D 4668 20.97 -20.87 62.37
N VAL D 4669 20.78 -20.97 63.69
CA VAL D 4669 20.38 -19.80 64.47
C VAL D 4669 21.49 -18.76 64.50
N ILE D 4670 22.75 -19.21 64.64
CA ILE D 4670 23.89 -18.31 64.62
C ILE D 4670 24.08 -17.71 63.23
N PHE D 4671 23.95 -18.52 62.18
CA PHE D 4671 24.07 -18.03 60.82
C PHE D 4671 22.98 -17.00 60.53
N LYS D 4672 21.75 -17.25 60.99
CA LYS D 4672 20.67 -16.29 60.76
C LYS D 4672 20.93 -14.98 61.49
N ARG D 4673 21.61 -15.06 62.63
CA ARG D 4673 21.74 -13.86 63.43
C ARG D 4673 22.93 -13.05 62.96
N GLU D 4674 24.01 -13.73 62.55
CA GLU D 4674 25.13 -13.04 61.94
C GLU D 4674 24.74 -12.44 60.60
N LYS D 4675 23.94 -13.15 59.80
CA LYS D 4675 23.53 -12.62 58.50
C LYS D 4675 22.67 -11.38 58.70
N GLU D 4676 21.77 -11.40 59.70
CA GLU D 4676 20.88 -10.27 59.92
C GLU D 4676 21.67 -9.08 60.46
N LEU D 4677 22.63 -9.35 61.35
CA LEU D 4677 23.47 -8.28 61.87
C LEU D 4677 24.33 -7.66 60.77
N ALA D 4678 24.92 -8.50 59.92
CA ALA D 4678 25.79 -8.00 58.85
C ALA D 4678 25.02 -7.14 57.87
N ARG D 4679 23.79 -7.56 57.55
CA ARG D 4679 22.95 -6.74 56.67
C ARG D 4679 22.52 -5.44 57.33
N LYS D 4680 22.13 -5.48 58.61
CA LYS D 4680 21.78 -4.24 59.30
C LYS D 4680 22.97 -3.31 59.45
N LEU D 4681 24.15 -3.86 59.72
CA LEU D 4681 25.39 -3.10 59.81
C LEU D 4681 25.77 -2.46 58.48
N GLU D 4682 25.56 -3.14 57.37
CA GLU D 4682 26.05 -2.64 56.10
C GLU D 4682 25.01 -1.85 55.31
N PHE D 4683 23.83 -2.41 55.13
CA PHE D 4683 22.83 -1.79 54.26
C PHE D 4683 21.95 -0.80 54.99
N ASP D 4684 21.99 -0.77 56.32
CA ASP D 4684 21.13 0.10 57.09
C ASP D 4684 21.86 1.00 58.07
N GLY D 4685 23.15 0.75 58.35
CA GLY D 4685 23.90 1.53 59.32
C GLY D 4685 23.29 1.61 60.70
N LEU D 4686 22.81 0.47 61.21
CA LEU D 4686 22.07 0.48 62.47
C LEU D 4686 22.96 0.88 63.65
N TYR D 4687 24.15 0.33 63.75
CA TYR D 4687 24.97 0.61 64.93
C TYR D 4687 25.80 1.88 64.79
N ILE D 4688 25.84 2.46 63.59
CA ILE D 4688 26.64 3.65 63.36
C ILE D 4688 25.68 4.82 63.34
N THR D 4689 24.97 4.96 62.22
CA THR D 4689 24.08 6.09 62.01
C THR D 4689 22.85 6.03 62.90
N GLU D 4690 22.27 4.84 63.11
CA GLU D 4690 20.99 4.85 63.81
C GLU D 4690 21.07 4.64 65.33
N GLN D 4691 21.89 3.70 65.82
CA GLN D 4691 22.01 3.27 67.23
C GLN D 4691 20.74 2.56 67.69
N PRO D 4692 20.84 1.27 68.04
CA PRO D 4692 19.64 0.50 68.43
C PRO D 4692 18.99 1.03 69.71
N GLY D 4693 17.67 0.88 69.76
CA GLY D 4693 16.90 1.30 70.91
C GLY D 4693 17.07 0.39 72.11
N ASP D 4694 16.72 0.96 73.27
CA ASP D 4694 16.85 0.24 74.54
C ASP D 4694 15.95 -0.99 74.59
N ASP D 4695 14.75 -0.89 74.00
CA ASP D 4695 13.81 -2.01 73.98
C ASP D 4695 14.34 -3.22 73.21
N ASP D 4696 15.32 -3.03 72.34
CA ASP D 4696 15.85 -4.08 71.47
C ASP D 4696 16.87 -4.87 72.27
N VAL D 4697 16.40 -5.92 72.95
CA VAL D 4697 17.31 -6.80 73.70
C VAL D 4697 18.28 -7.47 72.75
N LYS D 4698 17.80 -7.86 71.57
CA LYS D 4698 18.66 -8.48 70.55
C LYS D 4698 19.71 -7.47 70.08
N GLY D 4699 19.25 -6.23 69.80
CA GLY D 4699 20.16 -5.18 69.36
C GLY D 4699 21.23 -4.88 70.38
N GLN D 4700 20.85 -4.80 71.66
CA GLN D 4700 21.84 -4.48 72.70
C GLN D 4700 22.81 -5.64 72.86
N TRP D 4701 22.31 -6.89 72.83
CA TRP D 4701 23.19 -8.02 73.05
C TRP D 4701 24.21 -8.12 71.92
N ASP D 4702 23.77 -7.85 70.69
CA ASP D 4702 24.61 -8.02 69.51
C ASP D 4702 25.77 -7.04 69.47
N ARG D 4703 25.75 -5.99 70.30
CA ARG D 4703 26.86 -5.03 70.39
C ARG D 4703 28.15 -5.71 70.81
N LEU D 4704 28.05 -6.76 71.61
CA LEU D 4704 29.21 -7.47 72.13
C LEU D 4704 30.02 -8.12 71.01
N VAL D 4705 29.35 -8.60 69.96
CA VAL D 4705 30.07 -9.38 68.96
C VAL D 4705 30.80 -8.50 67.93
N LEU D 4706 30.39 -7.24 67.73
CA LEU D 4706 30.92 -6.40 66.65
C LEU D 4706 32.43 -6.23 66.73
N ASN D 4707 32.97 -6.16 67.95
CA ASN D 4707 34.39 -5.88 68.15
C ASN D 4707 35.22 -7.15 68.18
N THR D 4708 34.64 -8.27 67.87
CA THR D 4708 35.36 -9.51 68.07
C THR D 4708 36.02 -9.92 66.77
N PRO D 4709 37.21 -10.53 66.83
CA PRO D 4709 37.87 -11.01 65.59
C PRO D 4709 37.04 -11.97 64.74
N SER D 4710 36.31 -12.90 65.35
CA SER D 4710 35.44 -13.78 64.57
C SER D 4710 33.98 -13.36 64.66
N PHE D 4711 33.66 -12.13 64.25
CA PHE D 4711 32.25 -11.74 64.23
C PHE D 4711 31.47 -12.59 63.22
N PRO D 4712 31.97 -12.89 61.99
CA PRO D 4712 31.30 -13.91 61.18
C PRO D 4712 32.08 -15.22 61.17
N SER D 4713 31.51 -16.25 61.79
CA SER D 4713 32.13 -17.56 61.73
C SER D 4713 31.27 -18.60 61.03
N ASN D 4714 29.98 -18.35 60.87
CA ASN D 4714 29.10 -19.29 60.17
C ASN D 4714 28.72 -18.76 58.79
N TYR D 4715 28.34 -17.49 58.72
CA TYR D 4715 27.95 -16.85 57.46
C TYR D 4715 29.17 -16.77 56.56
N TRP D 4716 28.97 -16.90 55.25
CA TRP D 4716 30.12 -17.04 54.36
C TRP D 4716 30.67 -15.73 53.84
N ASP D 4717 30.08 -14.59 54.18
CA ASP D 4717 30.67 -13.31 53.76
C ASP D 4717 31.78 -12.93 54.75
N LYS D 4718 33.02 -13.00 54.29
CA LYS D 4718 34.16 -12.60 55.09
C LYS D 4718 34.56 -11.16 54.83
N PHE D 4719 33.80 -10.45 54.00
CA PHE D 4719 34.10 -9.09 53.61
C PHE D 4719 33.15 -8.09 54.26
N VAL D 4720 32.40 -8.50 55.28
CA VAL D 4720 31.41 -7.61 55.89
C VAL D 4720 32.10 -6.41 56.51
N LYS D 4721 33.20 -6.64 57.23
CA LYS D 4721 33.88 -5.58 57.96
C LYS D 4721 34.45 -4.57 56.99
N ARG D 4722 35.04 -5.07 55.88
CA ARG D 4722 35.52 -4.21 54.81
C ARG D 4722 34.38 -3.41 54.22
N LYS D 4723 33.24 -4.06 53.92
CA LYS D 4723 32.15 -3.39 53.21
C LYS D 4723 31.61 -2.22 54.04
N VAL D 4724 31.47 -2.43 55.34
CA VAL D 4724 31.01 -1.37 56.24
C VAL D 4724 32.05 -0.27 56.35
N LEU D 4725 33.34 -0.66 56.42
CA LEU D 4725 34.43 0.32 56.44
C LEU D 4725 34.48 1.15 55.16
N ASP D 4726 34.24 0.52 54.01
CA ASP D 4726 34.22 1.27 52.76
C ASP D 4726 33.02 2.21 52.67
N LYS D 4727 31.81 1.71 52.95
CA LYS D 4727 30.62 2.53 52.75
C LYS D 4727 30.48 3.64 53.81
N HIS D 4728 30.77 3.35 55.08
CA HIS D 4728 30.53 4.32 56.16
C HIS D 4728 31.81 4.94 56.68
N GLY D 4729 32.94 4.64 56.05
CA GLY D 4729 34.23 5.13 56.54
C GLY D 4729 34.42 6.62 56.42
N ASP D 4730 33.95 7.21 55.33
CA ASP D 4730 34.23 8.62 55.14
C ASP D 4730 33.24 9.54 55.85
N ILE D 4731 31.94 9.24 55.79
CA ILE D 4731 30.99 10.18 56.37
C ILE D 4731 30.93 10.09 57.90
N PHE D 4732 31.27 8.94 58.50
CA PHE D 4732 31.33 8.83 59.96
C PHE D 4732 32.73 8.68 60.54
N GLY D 4733 33.75 8.49 59.72
CA GLY D 4733 35.10 8.47 60.24
C GLY D 4733 35.63 7.06 60.34
N ARG D 4734 36.72 6.82 59.58
CA ARG D 4734 37.29 5.48 59.46
C ARG D 4734 37.77 4.96 60.81
N GLU D 4735 38.45 5.82 61.60
CA GLU D 4735 39.00 5.38 62.87
C GLU D 4735 37.88 4.93 63.81
N ARG D 4736 36.76 5.67 63.81
CA ARG D 4736 35.63 5.36 64.69
C ARG D 4736 35.00 4.04 64.27
N ILE D 4737 34.85 3.83 62.95
CA ILE D 4737 34.28 2.58 62.45
C ILE D 4737 35.22 1.43 62.79
N ALA D 4738 36.52 1.62 62.58
CA ALA D 4738 37.50 0.57 62.80
C ALA D 4738 37.54 0.19 64.28
N GLU D 4739 37.28 1.16 65.16
CA GLU D 4739 37.25 0.90 66.58
C GLU D 4739 35.99 0.13 66.93
N LEU D 4740 34.87 0.51 66.31
CA LEU D 4740 33.60 -0.17 66.56
C LEU D 4740 33.67 -1.63 66.15
N LEU D 4741 34.35 -1.92 65.03
CA LEU D 4741 34.35 -3.26 64.48
C LEU D 4741 35.67 -3.99 64.68
N GLY D 4742 36.54 -3.48 65.56
CA GLY D 4742 37.78 -4.14 65.94
C GLY D 4742 38.72 -4.53 64.82
N MET D 4743 38.95 -3.62 63.89
CA MET D 4743 39.73 -3.88 62.70
C MET D 4743 40.81 -2.82 62.60
N ASP D 4744 42.05 -3.22 62.32
CA ASP D 4744 43.18 -2.30 62.34
C ASP D 4744 43.51 -1.82 60.93
N LEU D 4745 43.34 -0.51 60.71
CA LEU D 4745 43.59 0.11 59.40
C LEU D 4745 45.04 -0.03 58.99
N ALA D 4746 45.97 0.10 59.95
CA ALA D 4746 47.38 0.00 59.62
C ALA D 4746 47.71 -1.40 59.15
N SER D 4747 47.13 -2.43 59.80
CA SER D 4747 47.36 -3.79 59.33
C SER D 4747 46.72 -3.99 57.96
N LEU D 4748 45.62 -3.27 57.68
CA LEU D 4748 45.00 -3.35 56.36
C LEU D 4748 45.94 -2.82 55.30
N GLU D 4749 46.63 -1.73 55.60
CA GLU D 4749 47.62 -1.14 54.70
C GLU D 4749 48.82 -2.06 54.47
N ASP D 4772 38.28 -16.83 72.25
CA ASP D 4772 37.45 -15.67 71.92
C ASP D 4772 36.25 -15.60 72.84
N VAL D 4773 36.53 -15.28 74.11
CA VAL D 4773 35.53 -15.32 75.18
C VAL D 4773 34.37 -14.38 74.88
N LYS D 4774 34.64 -13.21 74.28
CA LYS D 4774 33.60 -12.25 73.96
C LYS D 4774 32.60 -12.81 72.95
N TYR D 4775 33.12 -13.49 71.93
CA TYR D 4775 32.28 -14.16 70.94
C TYR D 4775 31.53 -15.31 71.58
N GLN D 4776 32.21 -16.12 72.40
CA GLN D 4776 31.57 -17.28 72.99
C GLN D 4776 30.45 -16.88 73.96
N ILE D 4777 30.63 -15.80 74.72
CA ILE D 4777 29.54 -15.29 75.56
C ILE D 4777 28.41 -14.71 74.73
N TRP D 4778 28.72 -14.19 73.53
CA TRP D 4778 27.64 -13.75 72.65
C TRP D 4778 26.84 -14.96 72.19
N LYS D 4779 27.57 -16.01 71.78
CA LYS D 4779 26.96 -17.19 71.20
C LYS D 4779 26.08 -17.84 72.26
N PHE D 4780 26.58 -17.84 73.50
CA PHE D 4780 25.87 -18.43 74.62
C PHE D 4780 24.57 -17.69 74.88
N GLY D 4781 24.59 -16.35 74.83
CA GLY D 4781 23.35 -15.60 74.97
C GLY D 4781 22.36 -15.88 73.86
N VAL D 4782 22.87 -16.21 72.67
CA VAL D 4782 22.00 -16.42 71.52
C VAL D 4782 21.38 -17.81 71.61
N ILE D 4783 22.17 -18.80 72.02
CA ILE D 4783 21.63 -20.14 72.26
C ILE D 4783 20.68 -20.11 73.45
N PHE D 4784 21.04 -19.43 74.53
CA PHE D 4784 20.25 -19.45 75.76
C PHE D 4784 19.01 -18.57 75.68
N THR D 4785 18.75 -17.95 74.53
CA THR D 4785 17.50 -17.21 74.37
C THR D 4785 16.68 -17.79 73.23
N ASP D 4786 17.09 -18.94 72.69
CA ASP D 4786 16.34 -19.64 71.66
C ASP D 4786 15.24 -20.47 72.31
N ASN D 4787 14.03 -20.43 71.74
CA ASN D 4787 12.90 -21.12 72.35
C ASN D 4787 13.06 -22.64 72.35
N SER D 4788 13.60 -23.20 71.26
CA SER D 4788 13.72 -24.65 71.18
C SER D 4788 14.77 -25.19 72.15
N PHE D 4789 15.81 -24.40 72.45
CA PHE D 4789 16.86 -24.93 73.29
C PHE D 4789 16.41 -24.77 74.73
N LEU D 4790 15.59 -23.76 74.97
CA LEU D 4790 15.06 -23.53 76.32
C LEU D 4790 14.08 -24.64 76.65
N TYR D 4791 13.27 -25.05 75.66
CA TYR D 4791 12.39 -26.18 75.85
C TYR D 4791 13.18 -27.46 76.07
N LEU D 4792 14.24 -27.70 75.30
CA LEU D 4792 14.99 -28.93 75.43
C LEU D 4792 15.71 -29.00 76.78
N GLY D 4793 16.19 -27.86 77.25
CA GLY D 4793 16.78 -27.79 78.57
C GLY D 4793 15.77 -27.97 79.68
N TRP D 4794 14.57 -27.42 79.52
CA TRP D 4794 13.49 -27.67 80.48
C TRP D 4794 13.13 -29.15 80.50
N TYR D 4795 13.13 -29.79 79.33
CA TYR D 4795 12.88 -31.23 79.23
C TYR D 4795 13.93 -32.01 80.03
N MET D 4796 15.18 -31.58 79.95
CA MET D 4796 16.26 -32.21 80.69
C MET D 4796 16.17 -31.92 82.19
N VAL D 4797 15.67 -30.74 82.55
CA VAL D 4797 15.45 -30.42 83.95
C VAL D 4797 14.37 -31.33 84.52
N MET D 4798 13.25 -31.46 83.80
CA MET D 4798 12.15 -32.29 84.29
C MET D 4798 12.58 -33.75 84.37
N SER D 4799 13.48 -34.16 83.45
CA SER D 4799 14.05 -35.50 83.47
C SER D 4799 14.98 -35.68 84.67
N LEU D 4800 15.59 -34.60 85.13
CA LEU D 4800 16.55 -34.69 86.22
C LEU D 4800 15.80 -34.70 87.53
N LEU D 4801 14.79 -33.83 87.65
CA LEU D 4801 13.92 -33.80 88.82
C LEU D 4801 13.14 -35.11 88.94
N GLY D 4802 12.91 -35.80 87.82
CA GLY D 4802 12.16 -37.03 87.85
C GLY D 4802 12.93 -38.19 88.46
N HIS D 4803 14.17 -37.96 88.87
CA HIS D 4803 14.96 -38.94 89.59
C HIS D 4803 14.89 -38.67 91.09
N TYR D 4804 14.30 -37.53 91.46
CA TYR D 4804 14.00 -37.15 92.84
C TYR D 4804 12.59 -37.58 93.18
N ASN D 4805 11.61 -37.16 92.38
CA ASN D 4805 10.23 -37.60 92.52
C ASN D 4805 9.86 -38.34 91.24
N ASN D 4806 9.20 -39.49 91.36
CA ASN D 4806 9.01 -40.22 90.12
C ASN D 4806 7.83 -39.72 89.31
N PHE D 4807 7.09 -38.74 89.82
CA PHE D 4807 5.87 -38.29 89.18
C PHE D 4807 6.12 -37.05 88.36
N PHE D 4808 7.37 -36.61 88.32
CA PHE D 4808 7.77 -35.46 87.54
C PHE D 4808 8.04 -35.86 86.10
N PHE D 4809 7.84 -37.13 85.79
CA PHE D 4809 8.13 -37.70 84.50
C PHE D 4809 6.91 -37.64 83.61
N ALA D 4810 5.86 -36.97 84.08
CA ALA D 4810 4.60 -36.89 83.36
C ALA D 4810 4.48 -35.57 82.62
N ALA D 4811 5.45 -34.68 82.79
CA ALA D 4811 5.48 -33.44 82.05
C ALA D 4811 5.97 -33.70 80.65
N HIS D 4812 6.73 -34.79 80.49
CA HIS D 4812 7.32 -35.16 79.22
C HIS D 4812 6.24 -35.55 78.23
N LEU D 4813 5.12 -36.09 78.71
CA LEU D 4813 4.06 -36.56 77.83
C LEU D 4813 3.48 -35.44 77.00
N LEU D 4814 3.59 -34.20 77.48
CA LEU D 4814 3.10 -33.01 76.82
C LEU D 4814 3.86 -32.70 75.53
N ASP D 4815 5.00 -33.34 75.31
CA ASP D 4815 5.80 -33.14 74.10
C ASP D 4815 5.12 -33.74 72.86
N ILE D 4816 4.09 -34.57 73.03
CA ILE D 4816 3.33 -35.09 71.89
C ILE D 4816 2.74 -33.94 71.08
N ALA D 4817 2.27 -32.90 71.78
CA ALA D 4817 1.72 -31.70 71.16
C ALA D 4817 2.80 -30.96 70.38
N MET D 4818 4.03 -30.92 70.91
CA MET D 4818 5.12 -30.19 70.29
C MET D 4818 6.04 -31.11 69.51
N GLY D 4819 5.52 -32.26 69.10
CA GLY D 4819 6.26 -33.29 68.42
C GLY D 4819 5.48 -33.84 67.24
N VAL D 4820 4.40 -34.59 67.51
CA VAL D 4820 3.55 -35.09 66.44
C VAL D 4820 2.90 -33.92 65.71
N LYS D 4821 2.70 -34.07 64.41
CA LYS D 4821 2.23 -32.95 63.60
C LYS D 4821 0.73 -32.92 63.44
N THR D 4822 0.04 -34.07 63.60
CA THR D 4822 -1.41 -34.04 63.59
C THR D 4822 -1.90 -33.27 64.81
N LEU D 4823 -1.27 -33.51 65.96
CA LEU D 4823 -1.70 -32.85 67.18
C LEU D 4823 -1.46 -31.36 67.09
N ARG D 4824 -0.34 -30.98 66.48
CA ARG D 4824 -0.03 -29.57 66.30
C ARG D 4824 -1.04 -28.91 65.36
N THR D 4825 -1.53 -29.66 64.37
CA THR D 4825 -2.59 -29.13 63.52
C THR D 4825 -3.92 -29.02 64.25
N ILE D 4826 -4.25 -30.00 65.09
CA ILE D 4826 -5.48 -29.93 65.88
C ILE D 4826 -5.40 -28.80 66.92
N LEU D 4827 -4.20 -28.53 67.43
CA LEU D 4827 -4.01 -27.57 68.50
C LEU D 4827 -3.79 -26.17 68.00
N SER D 4828 -3.43 -26.00 66.72
CA SER D 4828 -3.37 -24.66 66.15
C SER D 4828 -4.75 -24.02 66.11
N SER D 4829 -5.81 -24.82 66.04
CA SER D 4829 -7.16 -24.27 66.12
C SER D 4829 -7.41 -23.62 67.47
N VAL D 4830 -6.94 -24.24 68.55
CA VAL D 4830 -7.04 -23.64 69.88
C VAL D 4830 -6.10 -22.46 70.04
N THR D 4831 -4.88 -22.53 69.51
CA THR D 4831 -3.93 -21.45 69.74
C THR D 4831 -4.13 -20.27 68.80
N HIS D 4832 -4.78 -20.50 67.66
CA HIS D 4832 -4.97 -19.46 66.65
C HIS D 4832 -5.81 -18.33 67.23
N ASN D 4833 -6.94 -18.67 67.82
CA ASN D 4833 -7.87 -17.69 68.38
C ASN D 4833 -7.71 -17.61 69.89
N GLY D 4834 -6.49 -17.85 70.37
CA GLY D 4834 -6.23 -17.90 71.80
C GLY D 4834 -6.45 -16.59 72.53
N LYS D 4835 -6.05 -15.47 71.92
CA LYS D 4835 -6.32 -14.16 72.52
C LYS D 4835 -7.81 -13.90 72.63
N GLN D 4836 -8.57 -14.26 71.61
CA GLN D 4836 -10.01 -14.06 71.65
C GLN D 4836 -10.65 -14.97 72.69
N LEU D 4837 -10.12 -16.18 72.86
CA LEU D 4837 -10.63 -17.07 73.90
C LEU D 4837 -10.35 -16.56 75.30
N VAL D 4838 -9.16 -16.03 75.56
CA VAL D 4838 -8.90 -15.52 76.91
C VAL D 4838 -9.68 -14.23 77.15
N MET D 4839 -9.95 -13.46 76.10
CA MET D 4839 -10.79 -12.29 76.25
C MET D 4839 -12.24 -12.68 76.55
N THR D 4840 -12.73 -13.74 75.90
CA THR D 4840 -14.06 -14.26 76.18
C THR D 4840 -14.16 -14.81 77.60
N VAL D 4841 -13.09 -15.42 78.10
CA VAL D 4841 -13.06 -15.87 79.49
C VAL D 4841 -13.09 -14.69 80.46
N GLY D 4842 -12.38 -13.61 80.11
CA GLY D 4842 -12.46 -12.39 80.92
C GLY D 4842 -13.82 -11.74 80.89
N LEU D 4843 -14.51 -11.85 79.76
CA LEU D 4843 -15.90 -11.41 79.68
C LEU D 4843 -16.81 -12.26 80.53
N LEU D 4844 -16.60 -13.58 80.55
CA LEU D 4844 -17.36 -14.45 81.43
C LEU D 4844 -17.12 -14.10 82.90
N ALA D 4845 -15.87 -13.81 83.25
CA ALA D 4845 -15.49 -13.39 84.60
C ALA D 4845 -16.16 -12.09 85.03
N VAL D 4846 -16.27 -11.12 84.11
CA VAL D 4846 -17.04 -9.90 84.40
C VAL D 4846 -18.54 -10.16 84.54
N VAL D 4847 -19.16 -10.93 83.65
CA VAL D 4847 -20.61 -11.14 83.76
C VAL D 4847 -20.98 -11.98 84.98
N VAL D 4848 -20.17 -12.99 85.34
CA VAL D 4848 -20.44 -13.74 86.57
C VAL D 4848 -20.26 -12.83 87.79
N TYR D 4849 -19.48 -11.76 87.66
CA TYR D 4849 -19.35 -10.82 88.76
C TYR D 4849 -20.59 -9.95 88.85
N LEU D 4850 -21.15 -9.57 87.70
CA LEU D 4850 -22.34 -8.74 87.73
C LEU D 4850 -23.54 -9.49 88.31
N TYR D 4851 -23.65 -10.77 87.97
CA TYR D 4851 -24.64 -11.62 88.64
C TYR D 4851 -24.35 -11.81 90.11
N THR D 4852 -23.07 -11.93 90.51
CA THR D 4852 -22.72 -12.02 91.91
C THR D 4852 -23.17 -10.77 92.68
N VAL D 4853 -22.97 -9.60 92.09
CA VAL D 4853 -23.37 -8.34 92.73
C VAL D 4853 -24.88 -8.28 92.93
N VAL D 4854 -25.63 -8.69 91.90
CA VAL D 4854 -27.10 -8.71 91.98
C VAL D 4854 -27.62 -9.72 93.01
N ALA D 4855 -26.99 -10.89 93.10
CA ALA D 4855 -27.37 -11.82 94.15
C ALA D 4855 -26.97 -11.35 95.55
N PHE D 4856 -25.77 -10.77 95.70
CA PHE D 4856 -25.33 -10.40 97.05
C PHE D 4856 -26.17 -9.26 97.59
N ASN D 4857 -26.56 -8.32 96.72
CA ASN D 4857 -27.41 -7.22 97.14
C ASN D 4857 -28.86 -7.64 97.37
N PHE D 4858 -29.40 -8.55 96.56
CA PHE D 4858 -30.83 -8.84 96.61
C PHE D 4858 -31.27 -10.26 96.88
N PHE D 4859 -30.38 -11.26 96.83
CA PHE D 4859 -30.81 -12.65 96.82
C PHE D 4859 -29.97 -13.47 97.78
N ARG D 4860 -29.63 -12.87 98.93
CA ARG D 4860 -28.70 -13.48 99.87
C ARG D 4860 -29.30 -14.64 100.65
N LYS D 4861 -30.58 -14.90 100.53
CA LYS D 4861 -31.26 -15.82 101.42
C LYS D 4861 -31.50 -17.16 100.75
N PHE D 4862 -31.09 -17.29 99.50
CA PHE D 4862 -31.32 -18.47 98.70
C PHE D 4862 -30.03 -19.24 98.46
N TYR D 4863 -29.02 -19.02 99.29
CA TYR D 4863 -27.68 -19.54 99.02
C TYR D 4863 -27.15 -20.33 100.20
N ASN D 4864 -28.05 -20.91 100.99
CA ASN D 4864 -27.63 -21.81 102.06
C ASN D 4864 -27.38 -23.20 101.51
N LYS D 4865 -26.14 -23.66 101.59
CA LYS D 4865 -25.74 -24.92 101.00
C LYS D 4865 -25.61 -25.99 102.07
N SER D 4866 -26.16 -25.73 103.25
CA SER D 4866 -26.15 -26.68 104.36
C SER D 4866 -27.54 -27.26 104.55
N GLU D 4867 -27.61 -28.59 104.57
CA GLU D 4867 -28.88 -29.26 104.85
C GLU D 4867 -29.31 -29.01 106.29
N ASP D 4868 -28.35 -29.03 107.21
CA ASP D 4868 -28.62 -28.86 108.65
C ASP D 4868 -29.27 -27.52 108.94
N GLU D 4869 -30.21 -27.53 109.88
CA GLU D 4869 -30.95 -26.34 110.26
C GLU D 4869 -30.35 -25.63 111.48
N ASP D 4870 -29.23 -26.13 111.98
CA ASP D 4870 -28.55 -25.51 113.11
C ASP D 4870 -27.33 -24.71 112.70
N GLU D 4871 -26.69 -25.05 111.60
CA GLU D 4871 -25.47 -24.38 111.16
C GLU D 4871 -25.69 -23.96 109.71
N PRO D 4872 -25.76 -22.67 109.43
CA PRO D 4872 -26.06 -22.25 108.05
C PRO D 4872 -24.79 -21.97 107.25
N ASP D 4873 -24.61 -22.73 106.18
CA ASP D 4873 -23.49 -22.50 105.27
C ASP D 4873 -23.89 -21.56 104.16
N MET D 4874 -24.17 -20.31 104.55
CA MET D 4874 -24.51 -19.25 103.61
C MET D 4874 -23.36 -19.10 102.64
N LYS D 4875 -23.65 -19.04 101.34
CA LYS D 4875 -22.56 -18.84 100.40
C LYS D 4875 -22.61 -17.49 99.71
N CYS D 4876 -23.40 -16.56 100.23
CA CYS D 4876 -23.47 -15.22 99.67
C CYS D 4876 -23.43 -14.17 100.77
N ASP D 4877 -22.80 -14.46 101.89
CA ASP D 4877 -22.72 -13.49 102.97
C ASP D 4877 -21.37 -12.82 102.94
N ASP D 4878 -20.65 -13.02 101.86
CA ASP D 4878 -19.32 -12.49 101.65
C ASP D 4878 -19.21 -12.34 100.14
N MET D 4879 -18.30 -11.48 99.71
CA MET D 4879 -18.29 -11.23 98.28
C MET D 4879 -17.22 -12.05 97.61
N MET D 4880 -16.22 -12.45 98.39
CA MET D 4880 -15.21 -13.37 97.91
C MET D 4880 -15.82 -14.75 97.78
N THR D 4881 -16.58 -15.16 98.80
CA THR D 4881 -17.20 -16.46 98.79
C THR D 4881 -18.34 -16.52 97.77
N CYS D 4882 -19.13 -15.45 97.64
CA CYS D 4882 -20.22 -15.47 96.66
C CYS D 4882 -19.67 -15.49 95.23
N TYR D 4883 -18.55 -14.81 94.99
CA TYR D 4883 -17.90 -14.91 93.69
C TYR D 4883 -17.27 -16.28 93.45
N LEU D 4884 -16.66 -16.87 94.48
CA LEU D 4884 -16.13 -18.22 94.33
C LEU D 4884 -17.25 -19.22 94.03
N PHE D 4885 -18.40 -19.02 94.67
CA PHE D 4885 -19.55 -19.90 94.48
C PHE D 4885 -20.09 -19.76 93.08
N HIS D 4886 -20.26 -18.52 92.62
CA HIS D 4886 -20.85 -18.27 91.32
C HIS D 4886 -19.94 -18.75 90.20
N MET D 4887 -18.62 -18.52 90.32
CA MET D 4887 -17.69 -18.96 89.29
C MET D 4887 -17.55 -20.47 89.27
N TYR D 4888 -17.40 -21.09 90.44
CA TYR D 4888 -17.33 -22.53 90.48
C TYR D 4888 -18.63 -23.22 90.08
N VAL D 4889 -19.63 -23.19 90.98
CA VAL D 4889 -20.86 -23.94 90.77
C VAL D 4889 -21.70 -23.39 89.61
N GLY D 4890 -21.79 -22.06 89.42
CA GLY D 4890 -22.69 -21.53 88.43
C GLY D 4890 -22.21 -21.80 87.02
N VAL D 4891 -20.89 -21.75 86.82
CA VAL D 4891 -20.39 -21.92 85.47
C VAL D 4891 -20.13 -23.39 85.22
N ARG D 4892 -20.06 -24.20 86.28
CA ARG D 4892 -19.88 -25.64 86.10
C ARG D 4892 -21.19 -26.39 86.17
N ALA D 4893 -22.30 -25.70 86.35
CA ALA D 4893 -23.61 -26.32 86.37
C ALA D 4893 -24.27 -26.12 85.01
N GLY D 4894 -25.13 -27.07 84.65
CA GLY D 4894 -25.72 -27.06 83.33
C GLY D 4894 -27.00 -26.26 83.29
N GLY D 4895 -27.63 -26.08 84.44
CA GLY D 4895 -28.77 -25.20 84.54
C GLY D 4895 -28.44 -23.83 85.09
N GLY D 4896 -27.18 -23.59 85.40
CA GLY D 4896 -26.73 -22.32 85.91
C GLY D 4896 -26.77 -22.31 87.43
N ILE D 4897 -26.96 -21.13 88.03
CA ILE D 4897 -26.99 -21.04 89.48
C ILE D 4897 -28.24 -21.70 90.06
N GLY D 4898 -29.36 -21.70 89.32
CA GLY D 4898 -30.61 -22.23 89.83
C GLY D 4898 -30.64 -23.72 89.97
N ASP D 4899 -29.65 -24.41 89.45
CA ASP D 4899 -29.56 -25.84 89.61
C ASP D 4899 -28.79 -26.16 90.88
N GLU D 4900 -28.36 -25.10 91.59
CA GLU D 4900 -27.47 -25.22 92.73
C GLU D 4900 -27.91 -24.35 93.89
N ILE D 4901 -29.05 -23.67 93.83
CA ILE D 4901 -29.47 -22.75 94.89
C ILE D 4901 -30.89 -23.08 95.29
N GLU D 4902 -31.35 -22.44 96.35
CA GLU D 4902 -32.65 -22.73 96.93
C GLU D 4902 -33.79 -22.36 95.99
N ASP D 4903 -34.91 -23.06 96.14
CA ASP D 4903 -36.05 -22.87 95.27
C ASP D 4903 -36.65 -21.48 95.43
N PRO D 4904 -37.01 -20.81 94.33
CA PRO D 4904 -37.53 -19.45 94.43
C PRO D 4904 -39.02 -19.37 94.74
N ALA D 4905 -39.73 -20.51 94.70
CA ALA D 4905 -41.18 -20.55 94.79
C ALA D 4905 -41.70 -20.06 96.14
N GLY D 4906 -42.72 -19.20 96.08
CA GLY D 4906 -43.40 -18.69 97.24
C GLY D 4906 -42.84 -17.41 97.83
N ASP D 4907 -41.61 -17.04 97.48
CA ASP D 4907 -41.05 -15.78 97.93
C ASP D 4907 -41.66 -14.63 97.13
N GLU D 4908 -41.59 -13.43 97.71
CA GLU D 4908 -42.01 -12.23 96.99
C GLU D 4908 -41.13 -11.98 95.78
N TYR D 4909 -39.86 -12.32 95.90
CA TYR D 4909 -38.87 -12.10 94.85
C TYR D 4909 -38.79 -13.26 93.86
N GLU D 4910 -39.84 -14.09 93.79
CA GLU D 4910 -39.82 -15.30 92.96
C GLU D 4910 -39.61 -14.96 91.49
N LEU D 4911 -40.34 -13.97 90.97
CA LEU D 4911 -40.23 -13.65 89.55
C LEU D 4911 -38.89 -13.02 89.25
N TYR D 4912 -38.32 -12.31 90.23
CA TYR D 4912 -37.00 -11.73 90.08
C TYR D 4912 -35.95 -12.83 90.03
N ARG D 4913 -36.07 -13.83 90.90
CA ARG D 4913 -35.15 -14.96 90.88
C ARG D 4913 -35.31 -15.82 89.63
N VAL D 4914 -36.51 -15.89 89.08
CA VAL D 4914 -36.72 -16.59 87.81
C VAL D 4914 -35.99 -15.89 86.68
N VAL D 4915 -36.13 -14.56 86.63
CA VAL D 4915 -35.45 -13.79 85.59
C VAL D 4915 -33.94 -13.82 85.80
N PHE D 4916 -33.48 -13.79 87.05
CA PHE D 4916 -32.05 -13.92 87.36
C PHE D 4916 -31.47 -15.24 86.84
N ASP D 4917 -32.14 -16.35 87.14
CA ASP D 4917 -31.63 -17.66 86.70
C ASP D 4917 -31.73 -17.86 85.20
N ILE D 4918 -32.81 -17.41 84.56
CA ILE D 4918 -32.90 -17.68 83.14
C ILE D 4918 -32.00 -16.72 82.35
N THR D 4919 -31.70 -15.55 82.90
CA THR D 4919 -30.77 -14.67 82.21
C THR D 4919 -29.36 -15.19 82.36
N PHE D 4920 -29.02 -15.70 83.55
CA PHE D 4920 -27.71 -16.30 83.77
C PHE D 4920 -27.56 -17.53 82.88
N PHE D 4921 -28.61 -18.34 82.77
CA PHE D 4921 -28.59 -19.51 81.91
C PHE D 4921 -28.38 -19.14 80.45
N PHE D 4922 -29.14 -18.17 79.94
CA PHE D 4922 -29.01 -17.81 78.53
C PHE D 4922 -27.68 -17.12 78.26
N PHE D 4923 -27.34 -16.14 79.09
CA PHE D 4923 -26.17 -15.30 78.83
C PHE D 4923 -24.85 -16.01 79.12
N VAL D 4924 -24.76 -16.76 80.20
CA VAL D 4924 -23.51 -17.38 80.60
C VAL D 4924 -23.40 -18.82 80.12
N ILE D 4925 -24.40 -19.64 80.40
CA ILE D 4925 -24.32 -21.07 80.08
C ILE D 4925 -24.42 -21.30 78.59
N VAL D 4926 -25.28 -20.56 77.91
CA VAL D 4926 -25.55 -20.82 76.50
C VAL D 4926 -24.69 -19.97 75.58
N ILE D 4927 -24.82 -18.63 75.67
CA ILE D 4927 -24.14 -17.76 74.70
C ILE D 4927 -22.62 -17.80 74.85
N LEU D 4928 -22.09 -17.74 76.08
CA LEU D 4928 -20.63 -17.64 76.22
C LEU D 4928 -19.91 -18.92 75.85
N LEU D 4929 -20.49 -20.07 76.19
CA LEU D 4929 -19.87 -21.34 75.80
C LEU D 4929 -20.01 -21.53 74.30
N ALA D 4930 -21.09 -21.01 73.72
CA ALA D 4930 -21.22 -20.97 72.28
C ALA D 4930 -20.16 -20.10 71.64
N ILE D 4931 -19.76 -18.99 72.30
CA ILE D 4931 -18.69 -18.17 71.74
C ILE D 4931 -17.37 -18.93 71.76
N ILE D 4932 -17.12 -19.69 72.83
CA ILE D 4932 -15.90 -20.51 72.91
C ILE D 4932 -15.89 -21.60 71.83
N GLN D 4933 -17.04 -22.25 71.65
CA GLN D 4933 -17.18 -23.26 70.60
C GLN D 4933 -17.10 -22.64 69.22
N GLY D 4934 -17.72 -21.48 69.01
CA GLY D 4934 -17.64 -20.83 67.73
C GLY D 4934 -16.27 -20.32 67.38
N LEU D 4935 -15.49 -19.91 68.38
CA LEU D 4935 -14.09 -19.54 68.14
C LEU D 4935 -13.27 -20.72 67.66
N ILE D 4936 -13.45 -21.89 68.27
CA ILE D 4936 -12.76 -23.10 67.79
C ILE D 4936 -13.25 -23.51 66.38
N ILE D 4937 -14.56 -23.55 66.17
CA ILE D 4937 -15.12 -23.96 64.87
C ILE D 4937 -14.73 -22.97 63.78
N ASP D 4938 -14.75 -21.67 64.10
CA ASP D 4938 -14.26 -20.65 63.18
C ASP D 4938 -12.80 -20.86 62.86
N ALA D 4939 -11.99 -21.23 63.87
CA ALA D 4939 -10.55 -21.37 63.65
C ALA D 4939 -10.26 -22.49 62.66
N PHE D 4940 -11.02 -23.59 62.74
CA PHE D 4940 -10.87 -24.70 61.80
C PHE D 4940 -11.13 -24.26 60.36
N GLY D 4941 -12.17 -23.45 60.16
CA GLY D 4941 -12.50 -22.96 58.84
C GLY D 4941 -11.48 -21.97 58.32
N GLU D 4942 -10.96 -21.11 59.20
CA GLU D 4942 -9.91 -20.19 58.80
C GLU D 4942 -8.65 -20.96 58.40
N LEU D 4943 -8.29 -22.00 59.14
CA LEU D 4943 -7.09 -22.76 58.82
C LEU D 4943 -7.25 -23.50 57.49
N ARG D 4944 -8.46 -24.02 57.22
CA ARG D 4944 -8.69 -24.65 55.93
C ARG D 4944 -8.62 -23.65 54.80
N ASP D 4945 -9.22 -22.47 54.99
CA ASP D 4945 -9.22 -21.45 53.94
C ASP D 4945 -7.81 -21.00 53.64
N GLN D 4946 -6.98 -20.87 54.67
CA GLN D 4946 -5.58 -20.47 54.49
C GLN D 4946 -4.82 -21.51 53.68
N GLN D 4947 -5.03 -22.79 53.99
CA GLN D 4947 -4.36 -23.86 53.24
C GLN D 4947 -4.82 -23.87 51.79
N GLU D 4948 -6.12 -23.69 51.57
CA GLU D 4948 -6.67 -23.69 50.22
C GLU D 4948 -6.17 -22.50 49.42
N GLN D 4949 -6.10 -21.31 50.04
CA GLN D 4949 -5.56 -20.15 49.34
C GLN D 4949 -4.09 -20.31 48.97
N VAL D 4950 -3.29 -20.97 49.82
CA VAL D 4950 -1.90 -21.24 49.45
C VAL D 4950 -1.83 -22.19 48.25
N LYS D 4951 -2.66 -23.24 48.29
CA LYS D 4951 -2.67 -24.23 47.21
C LYS D 4951 -3.15 -23.60 45.90
N GLU D 4952 -4.20 -22.80 45.98
CA GLU D 4952 -4.78 -22.17 44.80
C GLU D 4952 -3.83 -21.12 44.20
N ASP D 4953 -3.15 -20.34 45.03
CA ASP D 4953 -2.16 -19.41 44.50
C ASP D 4953 -1.03 -20.14 43.81
N MET D 4954 -0.54 -21.24 44.42
CA MET D 4954 0.58 -21.93 43.82
C MET D 4954 0.18 -22.72 42.59
N GLU D 4955 -1.11 -23.00 42.41
CA GLU D 4955 -1.50 -23.83 41.28
C GLU D 4955 -2.06 -22.97 40.16
N THR D 4956 -2.29 -21.68 40.43
CA THR D 4956 -2.85 -20.76 39.45
C THR D 4956 -1.89 -19.64 39.10
N LYS D 4957 -0.67 -19.66 39.63
CA LYS D 4957 0.26 -18.55 39.39
C LYS D 4957 1.67 -19.08 39.57
N CYS D 4958 2.64 -18.36 39.03
CA CYS D 4958 4.03 -18.75 39.17
C CYS D 4958 4.68 -17.93 40.29
N PHE D 4959 5.47 -18.62 41.11
CA PHE D 4959 6.17 -17.96 42.20
C PHE D 4959 7.16 -16.90 41.72
N ILE D 4960 7.99 -17.26 40.74
CA ILE D 4960 9.06 -16.36 40.30
C ILE D 4960 8.54 -15.14 39.55
N CYS D 4961 7.56 -15.33 38.67
CA CYS D 4961 7.17 -14.23 37.80
C CYS D 4961 5.75 -13.71 37.97
N GLY D 4962 4.85 -14.48 38.55
CA GLY D 4962 3.53 -13.96 38.83
C GLY D 4962 2.57 -14.00 37.66
N ILE D 4963 3.02 -14.43 36.48
CA ILE D 4963 2.13 -14.58 35.34
C ILE D 4963 1.23 -15.77 35.58
N GLY D 4964 -0.06 -15.62 35.26
CA GLY D 4964 -1.02 -16.65 35.57
C GLY D 4964 -0.85 -17.87 34.70
N SER D 4965 -1.44 -18.98 35.18
CA SER D 4965 -1.37 -20.25 34.48
C SER D 4965 -2.04 -20.24 33.12
N ASP D 4966 -2.99 -19.33 32.89
CA ASP D 4966 -3.73 -19.24 31.63
C ASP D 4966 -2.80 -19.12 30.43
N TYR D 4967 -1.88 -18.13 30.48
CA TYR D 4967 -1.01 -17.82 29.36
C TYR D 4967 -0.13 -19.02 29.04
N PHE D 4968 0.47 -19.62 30.07
CA PHE D 4968 1.35 -20.74 29.81
C PHE D 4968 0.54 -21.92 29.31
N ASP D 4969 -0.67 -22.09 29.84
CA ASP D 4969 -1.54 -23.22 29.56
C ASP D 4969 -2.17 -23.14 28.18
N THR D 4970 -2.00 -22.03 27.45
CA THR D 4970 -2.49 -21.99 26.06
C THR D 4970 -1.85 -23.10 25.23
N THR D 4971 -0.56 -23.31 25.41
CA THR D 4971 0.18 -24.42 24.85
C THR D 4971 0.00 -25.61 25.80
N PRO D 4972 -0.08 -26.85 25.29
CA PRO D 4972 -0.33 -27.99 26.19
C PRO D 4972 0.80 -28.20 27.18
N HIS D 4973 0.43 -28.36 28.45
CA HIS D 4973 1.34 -28.56 29.59
C HIS D 4973 2.35 -27.43 29.72
N GLY D 4974 1.88 -26.22 29.39
CA GLY D 4974 2.73 -25.05 29.48
C GLY D 4974 3.08 -24.70 30.91
N PHE D 4975 2.08 -24.77 31.81
CA PHE D 4975 2.30 -24.37 33.19
C PHE D 4975 3.31 -25.28 33.87
N GLU D 4976 3.19 -26.60 33.67
CA GLU D 4976 4.13 -27.54 34.27
C GLU D 4976 5.51 -27.32 33.69
N THR D 4977 5.58 -27.04 32.38
CA THR D 4977 6.87 -26.75 31.76
C THR D 4977 7.50 -25.48 32.36
N HIS D 4978 6.69 -24.44 32.57
CA HIS D 4978 7.20 -23.20 33.16
C HIS D 4978 7.66 -23.40 34.59
N THR D 4979 6.84 -24.05 35.41
CA THR D 4979 7.19 -24.24 36.81
C THR D 4979 8.36 -25.20 36.97
N LEU D 4980 8.41 -26.27 36.19
CA LEU D 4980 9.46 -27.26 36.40
C LEU D 4980 10.73 -26.97 35.62
N GLU D 4981 10.74 -25.99 34.71
CA GLU D 4981 11.93 -25.80 33.91
C GLU D 4981 12.37 -24.35 33.87
N GLU D 4982 11.55 -23.50 33.25
CA GLU D 4982 11.90 -22.11 33.01
C GLU D 4982 12.05 -21.30 34.29
N HIS D 4983 11.12 -21.44 35.24
CA HIS D 4983 11.16 -20.64 36.45
C HIS D 4983 10.98 -21.53 37.67
N ASN D 4984 11.85 -22.52 37.81
CA ASN D 4984 11.79 -23.40 38.97
C ASN D 4984 12.52 -22.77 40.14
N LEU D 4985 11.83 -22.63 41.29
CA LEU D 4985 12.41 -21.98 42.46
C LEU D 4985 13.64 -22.75 42.93
N ALA D 4986 13.55 -24.08 42.90
CA ALA D 4986 14.66 -24.96 43.25
C ALA D 4986 15.90 -24.56 42.44
N ASN D 4987 15.70 -24.28 41.14
CA ASN D 4987 16.83 -23.99 40.28
C ASN D 4987 17.48 -22.67 40.68
N TYR D 4988 16.68 -21.71 41.18
CA TYR D 4988 17.25 -20.46 41.68
C TYR D 4988 18.10 -20.72 42.91
N MET D 4989 17.64 -21.63 43.78
CA MET D 4989 18.45 -21.99 44.93
C MET D 4989 19.73 -22.69 44.51
N PHE D 4990 19.62 -23.64 43.57
CA PHE D 4990 20.79 -24.38 43.08
C PHE D 4990 21.79 -23.44 42.42
N PHE D 4991 21.27 -22.40 41.77
CA PHE D 4991 22.10 -21.39 41.14
C PHE D 4991 22.86 -20.61 42.19
N LEU D 4992 22.16 -20.21 43.25
CA LEU D 4992 22.81 -19.48 44.34
C LEU D 4992 23.86 -20.34 45.03
N MET D 4993 23.59 -21.64 45.15
CA MET D 4993 24.60 -22.58 45.68
C MET D 4993 25.83 -22.59 44.80
N TYR D 4994 25.62 -22.67 43.49
CA TYR D 4994 26.71 -22.69 42.52
C TYR D 4994 27.49 -21.38 42.57
N LEU D 4995 26.78 -20.25 42.61
CA LEU D 4995 27.43 -18.94 42.59
C LEU D 4995 28.28 -18.72 43.83
N ILE D 4996 27.75 -19.08 45.01
CA ILE D 4996 28.50 -18.92 46.25
C ILE D 4996 29.71 -19.85 46.27
N ASN D 4997 29.54 -21.10 45.83
CA ASN D 4997 30.64 -22.05 45.85
C ASN D 4997 31.73 -21.65 44.86
N LYS D 4998 31.34 -21.15 43.69
CA LYS D 4998 32.29 -20.79 42.64
C LYS D 4998 33.14 -19.60 43.04
N ASP D 4999 34.46 -19.77 42.92
CA ASP D 4999 35.39 -18.66 43.12
C ASP D 4999 35.09 -17.55 42.12
N GLU D 5000 35.11 -16.29 42.60
CA GLU D 5000 34.71 -15.15 41.78
C GLU D 5000 35.61 -14.94 40.56
N THR D 5001 36.85 -15.42 40.60
CA THR D 5001 37.75 -15.31 39.44
C THR D 5001 37.17 -15.99 38.21
N GLU D 5002 36.53 -17.14 38.40
CA GLU D 5002 36.07 -17.96 37.29
C GLU D 5002 34.67 -17.58 36.84
N HIS D 5003 34.09 -16.54 37.43
CA HIS D 5003 32.72 -16.15 37.13
C HIS D 5003 32.57 -15.62 35.70
N THR D 5004 31.55 -16.08 35.01
CA THR D 5004 31.23 -15.63 33.67
C THR D 5004 30.50 -14.30 33.78
N GLY D 5005 30.28 -13.63 32.64
CA GLY D 5005 29.72 -12.28 32.69
C GLY D 5005 28.35 -12.24 33.34
N GLN D 5006 27.48 -13.18 32.97
CA GLN D 5006 26.12 -13.17 33.48
C GLN D 5006 26.17 -13.47 34.98
N GLU D 5007 27.03 -14.42 35.35
CA GLU D 5007 27.20 -14.83 36.73
C GLU D 5007 27.71 -13.69 37.58
N SER D 5008 28.59 -12.86 37.01
CA SER D 5008 29.12 -11.74 37.77
C SER D 5008 28.11 -10.62 37.87
N TYR D 5009 27.21 -10.52 36.89
CA TYR D 5009 26.11 -9.56 36.98
C TYR D 5009 25.17 -9.95 38.12
N VAL D 5010 24.84 -11.24 38.19
CA VAL D 5010 23.95 -11.72 39.24
C VAL D 5010 24.67 -11.65 40.58
N TRP D 5011 25.98 -11.91 40.59
CA TRP D 5011 26.77 -11.81 41.81
C TRP D 5011 26.72 -10.41 42.34
N LYS D 5012 26.94 -9.41 41.47
CA LYS D 5012 27.01 -8.03 41.91
C LYS D 5012 25.68 -7.60 42.48
N MET D 5013 24.59 -8.03 41.83
CA MET D 5013 23.26 -7.67 42.29
C MET D 5013 22.94 -8.33 43.62
N TYR D 5014 23.43 -9.57 43.80
CA TYR D 5014 23.23 -10.27 45.06
C TYR D 5014 24.01 -9.62 46.19
N GLN D 5015 25.27 -9.22 45.91
CA GLN D 5015 26.07 -8.57 46.94
C GLN D 5015 25.49 -7.22 47.34
N GLU D 5016 24.81 -6.54 46.43
CA GLU D 5016 24.18 -5.28 46.83
C GLU D 5016 22.72 -5.46 47.22
N ARG D 5017 22.22 -6.71 47.24
CA ARG D 5017 20.83 -7.04 47.59
C ARG D 5017 19.82 -6.30 46.72
N CYS D 5018 20.08 -6.25 45.43
CA CYS D 5018 19.15 -5.68 44.47
C CYS D 5018 18.51 -6.86 43.74
N TRP D 5019 17.19 -6.89 43.72
CA TRP D 5019 16.51 -8.08 43.24
C TRP D 5019 15.81 -7.84 41.92
N ASP D 5020 16.52 -7.20 40.99
CA ASP D 5020 15.89 -6.85 39.73
C ASP D 5020 16.25 -7.85 38.65
N PHE D 5021 17.25 -8.71 38.91
CA PHE D 5021 17.55 -9.79 37.98
C PHE D 5021 16.40 -10.78 37.90
N PHE D 5022 15.63 -10.94 39.00
CA PHE D 5022 14.54 -11.89 39.02
C PHE D 5022 13.46 -11.44 38.05
N PRO D 5023 12.92 -12.34 37.22
CA PRO D 5023 11.94 -11.89 36.21
C PRO D 5023 10.61 -11.61 36.87
N ALA D 5024 10.18 -10.35 36.84
CA ALA D 5024 8.89 -9.98 37.38
C ALA D 5024 7.98 -9.59 36.22
N GLY D 5025 6.88 -10.31 36.06
CA GLY D 5025 5.91 -9.95 35.05
C GLY D 5025 6.29 -10.33 33.65
N ASP D 5026 7.43 -11.00 33.45
CA ASP D 5026 7.90 -11.31 32.12
C ASP D 5026 8.65 -12.63 32.11
N CYS D 5027 8.58 -13.33 30.97
CA CYS D 5027 9.23 -14.60 30.80
C CYS D 5027 9.80 -14.63 29.39
N PHE D 5028 10.72 -15.58 29.15
CA PHE D 5028 11.41 -15.67 27.87
C PHE D 5028 10.41 -16.00 26.77
N ARG D 5029 9.39 -16.82 27.08
CA ARG D 5029 8.33 -17.11 26.12
C ARG D 5029 7.64 -15.82 25.68
N LYS D 5030 7.28 -14.98 26.66
CA LYS D 5030 6.53 -13.77 26.36
C LYS D 5030 7.39 -12.81 25.54
N GLN D 5031 8.68 -12.70 25.89
CA GLN D 5031 9.56 -11.79 25.17
C GLN D 5031 9.77 -12.24 23.73
N TYR D 5032 10.02 -13.53 23.53
CA TYR D 5032 10.38 -14.05 22.22
C TYR D 5032 9.22 -14.78 21.55
N GLU D 5033 7.98 -14.43 21.92
CA GLU D 5033 6.78 -15.12 21.43
C GLU D 5033 6.63 -15.05 19.93
N ASP D 5034 6.90 -13.88 19.33
CA ASP D 5034 6.83 -13.74 17.88
C ASP D 5034 7.84 -14.63 17.16
N GLN D 5035 9.08 -14.64 17.64
CA GLN D 5035 10.08 -15.54 17.08
C GLN D 5035 9.80 -17.00 17.42
N LEU D 5036 9.29 -17.28 18.62
CA LEU D 5036 9.03 -18.67 19.01
C LEU D 5036 7.89 -19.31 18.24
N SER D 5037 6.98 -18.49 17.69
CA SER D 5037 5.85 -18.90 16.84
C SER D 5037 6.11 -20.03 15.83
N GLY E 244 35.23 -99.26 -72.96
CA GLY E 244 34.19 -98.99 -71.99
C GLY E 244 34.39 -99.70 -70.66
N VAL E 245 34.07 -101.00 -70.64
CA VAL E 245 34.23 -101.84 -69.46
C VAL E 245 35.18 -102.97 -69.83
N GLU E 246 36.26 -103.11 -69.06
CA GLU E 246 37.22 -104.17 -69.25
C GLU E 246 37.49 -104.82 -67.90
N ILE E 247 37.71 -106.13 -67.94
CA ILE E 247 37.87 -106.94 -66.74
C ILE E 247 39.34 -107.28 -66.56
N GLU E 248 39.82 -107.16 -65.33
CA GLU E 248 41.17 -107.59 -64.97
C GLU E 248 41.06 -108.55 -63.81
N THR E 249 41.15 -109.85 -64.10
CA THR E 249 40.94 -110.88 -63.10
C THR E 249 41.99 -110.79 -62.00
N ILE E 250 41.54 -110.83 -60.75
CA ILE E 250 42.41 -110.86 -59.59
C ILE E 250 42.54 -112.28 -59.06
N SER E 251 41.42 -112.99 -58.92
CA SER E 251 41.40 -114.39 -58.56
C SER E 251 40.38 -115.12 -59.43
N PRO E 252 40.81 -116.10 -60.21
CA PRO E 252 39.88 -116.82 -61.11
C PRO E 252 38.82 -117.59 -60.34
N GLY E 253 37.63 -117.65 -60.92
CA GLY E 253 36.57 -118.43 -60.32
C GLY E 253 36.50 -119.84 -60.86
N ASP E 254 35.29 -120.29 -61.20
CA ASP E 254 35.12 -121.63 -61.77
C ASP E 254 35.20 -121.62 -63.30
N GLY E 255 34.78 -120.54 -63.94
CA GLY E 255 34.86 -120.44 -65.39
C GLY E 255 33.76 -121.13 -66.15
N ARG E 256 32.78 -121.72 -65.48
CA ARG E 256 31.69 -122.41 -66.16
C ARG E 256 30.32 -121.84 -65.85
N THR E 257 30.03 -121.49 -64.60
CA THR E 257 28.72 -120.98 -64.21
C THR E 257 28.73 -119.47 -64.35
N PHE E 258 28.04 -118.97 -65.36
CA PHE E 258 27.96 -117.53 -65.54
C PHE E 258 26.54 -117.07 -65.30
N PRO E 259 26.35 -115.97 -64.56
CA PRO E 259 24.99 -115.46 -64.34
C PRO E 259 24.36 -114.88 -65.60
N LYS E 260 23.39 -115.60 -66.13
CA LYS E 260 22.66 -115.20 -67.32
C LYS E 260 21.48 -114.30 -66.93
N LYS E 261 20.67 -113.93 -67.93
CA LYS E 261 19.55 -113.02 -67.70
C LYS E 261 18.42 -113.71 -66.96
N GLY E 262 18.02 -113.12 -65.83
CA GLY E 262 16.85 -113.60 -65.08
C GLY E 262 17.10 -113.94 -63.63
N GLN E 263 18.32 -113.80 -63.10
CA GLN E 263 18.59 -114.16 -61.72
C GLN E 263 19.36 -113.06 -60.99
N THR E 264 19.18 -113.02 -59.67
CA THR E 264 19.88 -112.02 -58.88
C THR E 264 21.38 -112.27 -58.94
N CYS E 265 22.13 -111.18 -58.97
CA CYS E 265 23.58 -111.16 -58.93
C CYS E 265 23.97 -110.68 -57.54
N VAL E 266 24.57 -111.57 -56.76
CA VAL E 266 24.98 -111.28 -55.39
C VAL E 266 26.47 -111.02 -55.42
N VAL E 267 26.90 -109.86 -54.89
CA VAL E 267 28.29 -109.46 -55.09
C VAL E 267 28.75 -108.62 -53.89
N HIS E 268 30.02 -108.79 -53.51
CA HIS E 268 30.67 -107.93 -52.54
C HIS E 268 31.63 -107.03 -53.30
N TYR E 269 31.20 -105.82 -53.61
CA TYR E 269 31.98 -104.90 -54.41
C TYR E 269 32.73 -103.91 -53.51
N THR E 270 33.84 -103.40 -54.03
CA THR E 270 34.65 -102.39 -53.36
C THR E 270 34.98 -101.30 -54.39
N GLY E 271 34.10 -100.32 -54.50
CA GLY E 271 34.30 -99.25 -55.47
C GLY E 271 35.38 -98.28 -55.00
N MET E 272 36.19 -97.81 -55.96
CA MET E 272 37.23 -96.84 -55.67
C MET E 272 37.23 -95.76 -56.74
N LEU E 273 37.67 -94.56 -56.37
CA LEU E 273 37.86 -93.48 -57.32
C LEU E 273 39.15 -93.66 -58.09
N GLN E 274 39.35 -92.81 -59.10
CA GLN E 274 40.55 -92.90 -59.93
C GLN E 274 41.82 -92.52 -59.18
N ASN E 275 41.71 -91.75 -58.10
CA ASN E 275 42.86 -91.30 -57.34
C ASN E 275 43.23 -92.23 -56.20
N GLY E 276 42.53 -93.35 -56.06
CA GLY E 276 42.77 -94.29 -54.99
C GLY E 276 41.98 -94.05 -53.72
N LYS E 277 41.20 -92.97 -53.66
CA LYS E 277 40.36 -92.69 -52.50
C LYS E 277 39.09 -93.50 -52.59
N LYS E 278 38.96 -94.50 -51.72
CA LYS E 278 37.81 -95.39 -51.75
C LYS E 278 36.53 -94.65 -51.38
N PHE E 279 35.49 -94.84 -52.19
CA PHE E 279 34.21 -94.20 -51.93
C PHE E 279 33.12 -95.17 -51.50
N ASP E 280 33.29 -96.47 -51.69
CA ASP E 280 32.24 -97.41 -51.34
C ASP E 280 32.85 -98.79 -51.15
N SER E 281 32.10 -99.63 -50.44
CA SER E 281 32.43 -101.03 -50.18
C SER E 281 31.16 -101.69 -49.63
N SER E 282 31.25 -102.99 -49.40
CA SER E 282 30.12 -103.75 -48.87
C SER E 282 30.49 -104.63 -47.70
N ARG E 283 31.76 -104.96 -47.51
CA ARG E 283 32.14 -105.79 -46.38
C ARG E 283 32.15 -105.00 -45.09
N ASP E 284 32.25 -103.67 -45.16
CA ASP E 284 32.04 -102.86 -43.96
C ASP E 284 30.60 -102.99 -43.47
N ARG E 285 29.65 -102.98 -44.39
CA ARG E 285 28.25 -103.21 -44.05
C ARG E 285 27.99 -104.68 -43.77
N ASN E 286 28.90 -105.57 -44.15
CA ASN E 286 28.88 -107.01 -43.88
C ASN E 286 27.65 -107.69 -44.48
N LYS E 287 27.05 -107.08 -45.50
CA LYS E 287 25.90 -107.68 -46.18
C LYS E 287 26.15 -107.61 -47.69
N PRO E 288 26.05 -108.72 -48.40
CA PRO E 288 26.27 -108.72 -49.85
C PRO E 288 25.25 -107.87 -50.58
N PHE E 289 25.69 -107.28 -51.69
CA PHE E 289 24.89 -106.39 -52.52
C PHE E 289 24.16 -107.26 -53.54
N LYS E 290 22.89 -107.55 -53.24
CA LYS E 290 22.03 -108.39 -54.07
C LYS E 290 21.27 -107.49 -55.04
N PHE E 291 21.52 -107.65 -56.34
CA PHE E 291 20.76 -106.92 -57.34
C PHE E 291 20.37 -107.84 -58.48
N ARG E 292 19.11 -107.75 -58.92
CA ARG E 292 18.63 -108.57 -60.02
C ARG E 292 19.36 -108.19 -61.30
N ILE E 293 19.75 -109.19 -62.11
CA ILE E 293 20.47 -108.87 -63.34
C ILE E 293 19.48 -108.34 -64.38
N GLY E 294 19.96 -107.41 -65.21
CA GLY E 294 19.20 -106.94 -66.36
C GLY E 294 18.04 -106.02 -66.06
N LYS E 295 17.75 -105.73 -64.80
CA LYS E 295 16.65 -104.84 -64.45
C LYS E 295 17.07 -103.38 -64.38
N GLN E 296 18.33 -103.07 -64.68
CA GLN E 296 18.90 -101.72 -64.67
C GLN E 296 18.79 -101.09 -63.29
N GLU E 297 19.00 -101.91 -62.25
CA GLU E 297 19.01 -101.44 -60.87
C GLU E 297 20.38 -100.98 -60.42
N VAL E 298 21.42 -101.19 -61.22
CA VAL E 298 22.78 -100.80 -60.88
C VAL E 298 23.28 -99.97 -62.06
N ILE E 299 24.39 -99.26 -61.84
CA ILE E 299 25.04 -98.49 -62.90
C ILE E 299 25.44 -99.44 -64.03
N LYS E 300 25.35 -98.94 -65.28
CA LYS E 300 25.43 -99.77 -66.47
C LYS E 300 26.80 -100.46 -66.59
N GLY E 301 27.87 -99.77 -66.19
CA GLY E 301 29.19 -100.38 -66.23
C GLY E 301 29.30 -101.60 -65.34
N PHE E 302 28.80 -101.49 -64.11
CA PHE E 302 28.75 -102.63 -63.20
C PHE E 302 27.84 -103.72 -63.75
N GLU E 303 26.73 -103.32 -64.38
CA GLU E 303 25.79 -104.26 -64.98
C GLU E 303 26.44 -105.12 -66.06
N GLU E 304 27.17 -104.48 -66.99
CA GLU E 304 27.79 -105.26 -68.06
C GLU E 304 29.00 -106.02 -67.56
N GLY E 305 29.70 -105.49 -66.56
CA GLY E 305 30.84 -106.20 -65.99
C GLY E 305 30.45 -107.46 -65.24
N ALA E 306 29.35 -107.41 -64.47
CA ALA E 306 28.92 -108.53 -63.64
C ALA E 306 28.56 -109.77 -64.44
N ALA E 307 28.19 -109.61 -65.71
CA ALA E 307 27.83 -110.76 -66.54
C ALA E 307 29.06 -111.51 -67.02
N GLN E 308 30.17 -110.81 -67.24
CA GLN E 308 31.32 -111.39 -67.92
C GLN E 308 32.02 -112.46 -67.08
N MET E 309 32.21 -112.22 -65.79
CA MET E 309 32.92 -113.19 -64.96
C MET E 309 31.98 -114.28 -64.45
N SER E 310 32.53 -115.21 -63.68
CA SER E 310 31.82 -116.39 -63.21
C SER E 310 31.77 -116.39 -61.68
N LEU E 311 31.28 -117.51 -61.13
CA LEU E 311 31.14 -117.69 -59.69
C LEU E 311 32.48 -117.61 -58.97
N GLY E 312 32.51 -116.84 -57.88
CA GLY E 312 33.70 -116.75 -57.04
C GLY E 312 34.91 -116.15 -57.71
N GLN E 313 34.71 -115.27 -58.68
CA GLN E 313 35.82 -114.67 -59.42
C GLN E 313 36.05 -113.27 -58.86
N ARG E 314 37.17 -113.10 -58.18
CA ARG E 314 37.62 -111.77 -57.78
C ARG E 314 38.20 -111.08 -59.00
N ALA E 315 37.65 -109.92 -59.35
CA ALA E 315 38.10 -109.25 -60.55
C ALA E 315 38.15 -107.75 -60.30
N LYS E 316 38.49 -107.02 -61.35
CA LYS E 316 38.54 -105.57 -61.30
C LYS E 316 37.83 -105.03 -62.52
N LEU E 317 37.19 -103.89 -62.34
CA LEU E 317 36.45 -103.22 -63.40
C LEU E 317 36.84 -101.75 -63.43
N THR E 318 37.16 -101.26 -64.63
CA THR E 318 37.52 -99.86 -64.84
C THR E 318 36.34 -99.15 -65.52
N CYS E 319 35.46 -98.59 -64.71
CA CYS E 319 34.22 -97.97 -65.17
C CYS E 319 34.56 -96.60 -65.73
N THR E 320 34.54 -96.47 -67.05
CA THR E 320 34.71 -95.19 -67.71
C THR E 320 33.49 -94.31 -67.41
N PRO E 321 33.63 -92.98 -67.49
CA PRO E 321 32.46 -92.10 -67.28
C PRO E 321 31.29 -92.32 -68.24
N ASP E 322 31.53 -92.92 -69.41
CA ASP E 322 30.45 -93.22 -70.35
C ASP E 322 29.43 -94.17 -69.75
N VAL E 323 29.90 -95.26 -69.14
CA VAL E 323 29.02 -96.25 -68.54
C VAL E 323 28.84 -96.04 -67.05
N ALA E 324 29.35 -94.93 -66.52
CA ALA E 324 29.23 -94.55 -65.12
C ALA E 324 28.21 -93.42 -65.02
N TYR E 325 28.12 -92.84 -63.82
CA TYR E 325 27.25 -91.68 -63.59
C TYR E 325 27.61 -90.52 -64.51
N GLY E 326 28.91 -90.33 -64.78
CA GLY E 326 29.35 -89.42 -65.82
C GLY E 326 29.11 -87.95 -65.61
N ALA E 327 28.17 -87.40 -66.39
CA ALA E 327 27.96 -85.95 -66.46
C ALA E 327 27.49 -85.37 -65.13
N THR E 328 26.60 -86.05 -64.44
CA THR E 328 26.08 -85.54 -63.18
C THR E 328 26.78 -86.10 -61.96
N GLY E 329 27.49 -87.22 -62.11
CA GLY E 329 28.13 -87.89 -60.99
C GLY E 329 27.09 -88.45 -60.04
N HIS E 330 27.55 -88.73 -58.81
CA HIS E 330 26.65 -89.07 -57.73
C HIS E 330 26.61 -87.88 -56.80
N PRO E 331 25.45 -87.22 -56.64
CA PRO E 331 25.37 -85.98 -55.85
C PRO E 331 25.82 -86.13 -54.41
N GLY E 332 26.93 -85.47 -54.08
CA GLY E 332 27.46 -85.49 -52.74
C GLY E 332 28.56 -86.51 -52.51
N VAL E 333 28.75 -87.46 -53.42
CA VAL E 333 29.76 -88.49 -53.21
C VAL E 333 30.76 -88.48 -54.36
N ILE E 334 30.31 -88.72 -55.58
CA ILE E 334 31.19 -88.90 -56.72
C ILE E 334 31.22 -87.60 -57.53
N PRO E 335 32.40 -87.03 -57.79
CA PRO E 335 32.46 -85.83 -58.63
C PRO E 335 32.08 -86.17 -60.06
N PRO E 336 31.53 -85.21 -60.81
CA PRO E 336 31.16 -85.48 -62.20
C PRO E 336 32.37 -85.78 -63.08
N ASN E 337 32.15 -86.65 -64.07
CA ASN E 337 33.15 -87.05 -65.08
C ASN E 337 34.40 -87.64 -64.43
N ALA E 338 34.21 -88.77 -63.76
CA ALA E 338 35.29 -89.44 -63.06
C ALA E 338 35.29 -90.93 -63.36
N THR E 339 36.48 -91.50 -63.39
CA THR E 339 36.65 -92.94 -63.61
C THR E 339 36.50 -93.66 -62.29
N LEU E 340 35.84 -94.82 -62.32
CA LEU E 340 35.59 -95.63 -61.13
C LEU E 340 36.30 -96.97 -61.27
N ILE E 341 36.79 -97.50 -60.16
CA ILE E 341 37.47 -98.79 -60.14
C ILE E 341 36.79 -99.67 -59.10
N PHE E 342 36.47 -100.90 -59.48
CA PHE E 342 35.73 -101.80 -58.62
C PHE E 342 36.50 -103.10 -58.41
N ASP E 343 36.61 -103.50 -57.15
CA ASP E 343 37.15 -104.80 -56.74
C ASP E 343 35.99 -105.79 -56.63
N VAL E 344 35.44 -106.14 -57.80
CA VAL E 344 34.24 -106.97 -57.88
C VAL E 344 34.53 -108.38 -57.35
N GLU E 345 33.58 -108.93 -56.59
CA GLU E 345 33.70 -110.29 -56.08
C GLU E 345 32.30 -110.90 -56.05
N LEU E 346 31.95 -111.64 -57.10
CA LEU E 346 30.67 -112.32 -57.23
C LEU E 346 30.74 -113.57 -56.36
N LEU E 347 30.28 -113.44 -55.11
CA LEU E 347 30.48 -114.52 -54.15
C LEU E 347 29.56 -115.70 -54.42
N ASN E 348 28.29 -115.45 -54.77
CA ASN E 348 27.34 -116.54 -54.92
C ASN E 348 26.19 -116.08 -55.79
N LEU E 349 25.38 -117.05 -56.22
CA LEU E 349 24.18 -116.80 -57.01
C LEU E 349 23.05 -117.47 -56.24
N GLU E 350 22.25 -116.66 -55.54
CA GLU E 350 21.12 -117.09 -54.70
C GLU E 350 21.51 -118.14 -53.66
N GLY F 244 -102.57 3.27 -76.71
CA GLY F 244 -102.30 3.55 -75.32
C GLY F 244 -102.86 2.53 -74.36
N VAL F 245 -104.17 2.61 -74.12
CA VAL F 245 -104.88 1.68 -73.25
C VAL F 245 -105.96 1.01 -74.08
N GLU F 246 -105.94 -0.32 -74.10
CA GLU F 246 -106.93 -1.10 -74.80
C GLU F 246 -107.43 -2.19 -73.87
N ILE F 247 -108.71 -2.51 -74.00
CA ILE F 247 -109.39 -3.44 -73.11
C ILE F 247 -109.60 -4.76 -73.83
N GLU F 248 -109.32 -5.86 -73.14
CA GLU F 248 -109.60 -7.20 -73.66
C GLU F 248 -110.46 -7.92 -72.64
N THR F 249 -111.77 -7.97 -72.89
CA THR F 249 -112.71 -8.53 -71.93
C THR F 249 -112.44 -10.00 -71.69
N ILE F 250 -112.40 -10.38 -70.42
CA ILE F 250 -112.24 -11.77 -70.01
C ILE F 250 -113.59 -12.36 -69.63
N SER F 251 -114.37 -11.64 -68.82
CA SER F 251 -115.73 -12.01 -68.48
C SER F 251 -116.62 -10.77 -68.54
N PRO F 252 -117.63 -10.76 -69.40
CA PRO F 252 -118.50 -9.58 -69.54
C PRO F 252 -119.28 -9.28 -68.27
N GLY F 253 -119.49 -8.00 -68.02
CA GLY F 253 -120.29 -7.60 -66.88
C GLY F 253 -121.75 -7.40 -67.22
N ASP F 254 -122.33 -6.29 -66.76
CA ASP F 254 -123.72 -5.98 -67.08
C ASP F 254 -123.85 -5.13 -68.35
N GLY F 255 -122.87 -4.28 -68.64
CA GLY F 255 -122.90 -3.48 -69.85
C GLY F 255 -123.74 -2.23 -69.77
N ARG F 256 -124.35 -1.92 -68.64
CA ARG F 256 -125.18 -0.74 -68.51
C ARG F 256 -124.70 0.24 -67.45
N THR F 257 -124.26 -0.23 -66.29
CA THR F 257 -123.82 0.64 -65.20
C THR F 257 -122.33 0.90 -65.37
N PHE F 258 -121.99 2.11 -65.78
CA PHE F 258 -120.58 2.45 -65.91
C PHE F 258 -120.21 3.50 -64.88
N PRO F 259 -119.06 3.35 -64.20
CA PRO F 259 -118.65 4.36 -63.22
C PRO F 259 -118.25 5.67 -63.87
N LYS F 260 -119.09 6.67 -63.69
CA LYS F 260 -118.86 8.01 -64.21
C LYS F 260 -118.02 8.82 -63.22
N LYS F 261 -117.81 10.10 -63.54
CA LYS F 261 -116.98 10.97 -62.72
C LYS F 261 -117.69 11.35 -61.42
N GLY F 262 -117.03 11.07 -60.29
CA GLY F 262 -117.52 11.49 -58.98
C GLY F 262 -117.70 10.40 -57.96
N GLN F 263 -117.42 9.13 -58.27
CA GLN F 263 -117.62 8.05 -57.32
C GLN F 263 -116.40 7.14 -57.23
N THR F 264 -116.25 6.50 -56.07
CA THR F 264 -115.13 5.60 -55.89
C THR F 264 -115.26 4.41 -56.83
N CYS F 265 -114.13 3.96 -57.34
CA CYS F 265 -113.99 2.78 -58.17
C CYS F 265 -113.35 1.71 -57.30
N VAL F 266 -114.11 0.66 -57.02
CA VAL F 266 -113.66 -0.44 -56.18
C VAL F 266 -113.28 -1.58 -57.11
N VAL F 267 -112.05 -2.09 -56.97
CA VAL F 267 -111.56 -3.03 -57.98
C VAL F 267 -110.58 -4.01 -57.32
N HIS F 268 -110.61 -5.27 -57.77
CA HIS F 268 -109.61 -6.27 -57.41
C HIS F 268 -108.71 -6.46 -58.62
N TYR F 269 -107.57 -5.79 -58.64
CA TYR F 269 -106.67 -5.83 -59.78
C TYR F 269 -105.55 -6.84 -59.53
N THR F 270 -105.00 -7.35 -60.63
CA THR F 270 -103.87 -8.27 -60.61
C THR F 270 -102.86 -7.79 -61.66
N GLY F 271 -101.97 -6.91 -61.25
CA GLY F 271 -100.98 -6.36 -62.18
C GLY F 271 -99.89 -7.38 -62.47
N MET F 272 -99.45 -7.40 -63.74
CA MET F 272 -98.37 -8.28 -64.16
C MET F 272 -97.41 -7.52 -65.04
N LEU F 273 -96.14 -7.95 -65.04
CA LEU F 273 -95.14 -7.40 -65.94
C LEU F 273 -95.29 -8.00 -67.33
N GLN F 274 -94.53 -7.45 -68.29
CA GLN F 274 -94.60 -7.92 -69.67
C GLN F 274 -94.05 -9.33 -69.84
N ASN F 275 -93.19 -9.79 -68.93
CA ASN F 275 -92.58 -11.11 -69.02
C ASN F 275 -93.37 -12.19 -68.31
N GLY F 276 -94.53 -11.84 -67.75
CA GLY F 276 -95.34 -12.79 -67.01
C GLY F 276 -95.04 -12.89 -65.53
N LYS F 277 -94.03 -12.17 -65.04
CA LYS F 277 -93.70 -12.16 -63.61
C LYS F 277 -94.62 -11.19 -62.90
N LYS F 278 -95.54 -11.72 -62.10
CA LYS F 278 -96.52 -10.90 -61.41
C LYS F 278 -95.85 -10.01 -60.37
N PHE F 279 -96.21 -8.72 -60.39
CA PHE F 279 -95.64 -7.78 -59.43
C PHE F 279 -96.65 -7.28 -58.40
N ASP F 280 -97.95 -7.47 -58.63
CA ASP F 280 -98.93 -6.95 -57.69
C ASP F 280 -100.23 -7.71 -57.86
N SER F 281 -101.06 -7.65 -56.82
CA SER F 281 -102.40 -8.22 -56.77
C SER F 281 -103.10 -7.63 -55.55
N SER F 282 -104.36 -7.99 -55.39
CA SER F 282 -105.16 -7.50 -54.26
C SER F 282 -105.89 -8.59 -53.52
N ARG F 283 -106.10 -9.75 -54.13
CA ARG F 283 -106.78 -10.82 -53.43
C ARG F 283 -105.87 -11.50 -52.42
N ASP F 284 -104.55 -11.38 -52.57
CA ASP F 284 -103.65 -11.83 -51.51
C ASP F 284 -103.85 -10.99 -50.25
N ARG F 285 -104.01 -9.68 -50.42
CA ARG F 285 -104.32 -8.80 -49.30
C ARG F 285 -105.77 -8.94 -48.88
N ASN F 286 -106.62 -9.54 -49.70
CA ASN F 286 -108.02 -9.86 -49.44
C ASN F 286 -108.85 -8.60 -49.16
N LYS F 287 -108.39 -7.45 -49.63
CA LYS F 287 -109.14 -6.21 -49.47
C LYS F 287 -109.19 -5.50 -50.83
N PRO F 288 -110.37 -5.13 -51.30
CA PRO F 288 -110.49 -4.45 -52.60
C PRO F 288 -109.80 -3.10 -52.59
N PHE F 289 -109.28 -2.72 -53.76
CA PHE F 289 -108.54 -1.48 -53.97
C PHE F 289 -109.56 -0.40 -54.32
N LYS F 290 -109.92 0.40 -53.31
CA LYS F 290 -110.90 1.47 -53.43
C LYS F 290 -110.16 2.76 -53.78
N PHE F 291 -110.42 3.31 -54.96
CA PHE F 291 -109.85 4.60 -55.33
C PHE F 291 -110.91 5.47 -55.98
N ARG F 292 -110.96 6.75 -55.58
CA ARG F 292 -111.92 7.68 -56.14
C ARG F 292 -111.60 7.91 -57.62
N ILE F 293 -112.64 7.96 -58.47
CA ILE F 293 -112.37 8.15 -59.90
C ILE F 293 -112.03 9.62 -60.14
N GLY F 294 -111.15 9.85 -61.12
CA GLY F 294 -110.85 11.19 -61.60
C GLY F 294 -110.00 12.04 -60.69
N LYS F 295 -109.62 11.56 -59.52
CA LYS F 295 -108.79 12.34 -58.60
C LYS F 295 -107.30 12.14 -58.83
N GLN F 296 -106.92 11.35 -59.85
CA GLN F 296 -105.54 11.06 -60.22
C GLN F 296 -104.79 10.40 -59.06
N GLU F 297 -105.49 9.52 -58.34
CA GLU F 297 -104.89 8.75 -57.25
C GLU F 297 -104.28 7.44 -57.72
N VAL F 298 -104.48 7.07 -58.98
CA VAL F 298 -103.95 5.83 -59.54
C VAL F 298 -103.20 6.24 -60.80
N ILE F 299 -102.39 5.30 -61.31
CA ILE F 299 -101.67 5.50 -62.57
C ILE F 299 -102.69 5.75 -63.69
N LYS F 300 -102.32 6.62 -64.65
CA LYS F 300 -103.25 7.16 -65.63
C LYS F 300 -103.83 6.07 -66.53
N GLY F 301 -103.02 5.06 -66.87
CA GLY F 301 -103.52 3.95 -67.68
C GLY F 301 -104.65 3.20 -67.00
N PHE F 302 -104.47 2.87 -65.71
CA PHE F 302 -105.51 2.23 -64.92
C PHE F 302 -106.72 3.15 -64.79
N GLU F 303 -106.47 4.46 -64.64
CA GLU F 303 -107.53 5.45 -64.52
C GLU F 303 -108.43 5.46 -65.76
N GLU F 304 -107.83 5.52 -66.95
CA GLU F 304 -108.66 5.56 -68.16
C GLU F 304 -109.27 4.21 -68.46
N GLY F 305 -108.59 3.12 -68.10
CA GLY F 305 -109.15 1.80 -68.31
C GLY F 305 -110.36 1.51 -67.44
N ALA F 306 -110.32 1.94 -66.17
CA ALA F 306 -111.39 1.65 -65.21
C ALA F 306 -112.73 2.27 -65.60
N ALA F 307 -112.72 3.33 -66.40
CA ALA F 307 -113.97 3.96 -66.82
C ALA F 307 -114.66 3.18 -67.92
N GLN F 308 -113.90 2.51 -68.79
CA GLN F 308 -114.44 1.93 -70.00
C GLN F 308 -115.37 0.75 -69.72
N MET F 309 -115.00 -0.14 -68.80
CA MET F 309 -115.82 -1.31 -68.54
C MET F 309 -116.93 -0.99 -67.54
N SER F 310 -117.74 -2.00 -67.23
CA SER F 310 -118.92 -1.86 -66.39
C SER F 310 -118.78 -2.73 -65.14
N LEU F 311 -119.88 -2.81 -64.38
CA LEU F 311 -119.93 -3.56 -63.14
C LEU F 311 -119.67 -5.06 -63.37
N GLY F 312 -118.80 -5.63 -62.54
CA GLY F 312 -118.54 -7.06 -62.58
C GLY F 312 -117.92 -7.56 -63.86
N GLN F 313 -117.15 -6.72 -64.54
CA GLN F 313 -116.53 -7.09 -65.81
C GLN F 313 -115.08 -7.43 -65.54
N ARG F 314 -114.75 -8.71 -65.68
CA ARG F 314 -113.36 -9.14 -65.66
C ARG F 314 -112.74 -8.80 -67.00
N ALA F 315 -111.66 -8.01 -66.99
CA ALA F 315 -111.09 -7.57 -68.24
C ALA F 315 -109.57 -7.59 -68.11
N LYS F 316 -108.91 -7.14 -69.17
CA LYS F 316 -107.47 -7.04 -69.20
C LYS F 316 -107.10 -5.68 -69.77
N LEU F 317 -106.00 -5.15 -69.27
CA LEU F 317 -105.50 -3.85 -69.69
C LEU F 317 -104.01 -3.96 -69.99
N THR F 318 -103.62 -3.45 -71.15
CA THR F 318 -102.21 -3.44 -71.57
C THR F 318 -101.67 -2.01 -71.43
N CYS F 319 -101.11 -1.72 -70.27
CA CYS F 319 -100.64 -0.39 -69.92
C CYS F 319 -99.30 -0.16 -70.60
N THR F 320 -99.30 0.66 -71.65
CA THR F 320 -98.08 1.06 -72.31
C THR F 320 -97.27 1.97 -71.37
N PRO F 321 -95.95 2.06 -71.55
CA PRO F 321 -95.15 2.98 -70.71
C PRO F 321 -95.55 4.45 -70.77
N ASP F 322 -96.24 4.88 -71.83
CA ASP F 322 -96.71 6.26 -71.93
C ASP F 322 -97.68 6.60 -70.80
N VAL F 323 -98.66 5.74 -70.57
CA VAL F 323 -99.67 5.96 -69.53
C VAL F 323 -99.33 5.24 -68.24
N ALA F 324 -98.14 4.65 -68.15
CA ALA F 324 -97.63 3.97 -66.97
C ALA F 324 -96.58 4.85 -66.32
N TYR F 325 -95.90 4.28 -65.32
CA TYR F 325 -94.80 4.98 -64.64
C TYR F 325 -93.71 5.38 -65.63
N GLY F 326 -93.44 4.53 -66.62
CA GLY F 326 -92.60 4.91 -67.74
C GLY F 326 -91.14 5.15 -67.48
N ALA F 327 -90.75 6.43 -67.55
CA ALA F 327 -89.33 6.81 -67.52
C ALA F 327 -88.67 6.46 -66.20
N THR F 328 -89.35 6.68 -65.09
CA THR F 328 -88.76 6.41 -63.78
C THR F 328 -89.15 5.06 -63.21
N GLY F 329 -90.22 4.45 -63.72
CA GLY F 329 -90.72 3.20 -63.19
C GLY F 329 -91.28 3.39 -61.79
N HIS F 330 -91.40 2.27 -61.08
CA HIS F 330 -91.71 2.30 -59.67
C HIS F 330 -90.44 1.92 -58.94
N PRO F 331 -89.86 2.83 -58.13
CA PRO F 331 -88.56 2.57 -57.48
C PRO F 331 -88.55 1.34 -56.61
N GLY F 332 -87.77 0.34 -57.02
CA GLY F 332 -87.62 -0.88 -56.27
C GLY F 332 -88.52 -2.01 -56.71
N VAL F 333 -89.53 -1.74 -57.53
CA VAL F 333 -90.45 -2.79 -57.94
C VAL F 333 -90.47 -2.91 -59.46
N ILE F 334 -90.86 -1.85 -60.16
CA ILE F 334 -91.08 -1.90 -61.59
C ILE F 334 -89.86 -1.29 -62.29
N PRO F 335 -89.22 -2.00 -63.23
CA PRO F 335 -88.11 -1.40 -63.96
C PRO F 335 -88.61 -0.29 -64.88
N PRO F 336 -87.78 0.71 -65.16
CA PRO F 336 -88.21 1.79 -66.05
C PRO F 336 -88.49 1.31 -67.47
N ASN F 337 -89.47 1.97 -68.10
CA ASN F 337 -89.87 1.73 -69.50
C ASN F 337 -90.30 0.27 -69.72
N ALA F 338 -91.37 -0.11 -69.03
CA ALA F 338 -91.88 -1.46 -69.11
C ALA F 338 -93.39 -1.46 -69.30
N THR F 339 -93.87 -2.47 -70.02
CA THR F 339 -95.30 -2.64 -70.26
C THR F 339 -95.91 -3.39 -69.09
N LEU F 340 -97.11 -2.99 -68.69
CA LEU F 340 -97.82 -3.59 -67.57
C LEU F 340 -99.11 -4.23 -68.07
N ILE F 341 -99.48 -5.35 -67.46
CA ILE F 341 -100.71 -6.06 -67.82
C ILE F 341 -101.54 -6.24 -66.56
N PHE F 342 -102.82 -5.91 -66.63
CA PHE F 342 -103.69 -5.94 -65.48
C PHE F 342 -104.90 -6.83 -65.73
N ASP F 343 -105.17 -7.72 -64.78
CA ASP F 343 -106.39 -8.54 -64.74
C ASP F 343 -107.45 -7.80 -63.93
N VAL F 344 -107.95 -6.72 -64.53
CA VAL F 344 -108.87 -5.81 -63.85
C VAL F 344 -110.20 -6.53 -63.56
N GLU F 345 -110.75 -6.29 -62.36
CA GLU F 345 -112.04 -6.85 -62.00
C GLU F 345 -112.76 -5.83 -61.11
N LEU F 346 -113.62 -5.02 -61.73
CA LEU F 346 -114.41 -4.00 -61.03
C LEU F 346 -115.56 -4.73 -60.35
N LEU F 347 -115.35 -5.08 -59.08
CA LEU F 347 -116.31 -5.95 -58.40
C LEU F 347 -117.59 -5.20 -58.03
N ASN F 348 -117.47 -3.95 -57.55
CA ASN F 348 -118.65 -3.24 -57.08
C ASN F 348 -118.36 -1.75 -57.09
N LEU F 349 -119.42 -0.97 -56.92
CA LEU F 349 -119.35 0.49 -56.84
C LEU F 349 -120.04 0.85 -55.53
N GLU F 350 -119.22 1.17 -54.51
CA GLU F 350 -119.67 1.52 -53.15
C GLU F 350 -120.58 0.46 -52.53
N GLY G 244 -12.21 127.54 0.15
CA GLY G 244 -11.77 126.53 1.09
C GLY G 244 -12.74 126.28 2.22
N VAL G 245 -12.74 127.19 3.20
CA VAL G 245 -13.64 127.13 4.35
C VAL G 245 -14.47 128.40 4.36
N GLU G 246 -15.79 128.24 4.36
CA GLU G 246 -16.71 129.35 4.42
C GLU G 246 -17.75 129.06 5.49
N ILE G 247 -18.17 130.12 6.17
CA ILE G 247 -19.07 130.02 7.31
C ILE G 247 -20.46 130.46 6.89
N GLU G 248 -21.47 129.69 7.31
CA GLU G 248 -22.86 130.06 7.10
C GLU G 248 -23.55 130.05 8.46
N THR G 249 -23.74 131.24 9.04
CA THR G 249 -24.27 131.35 10.39
C THR G 249 -25.69 130.81 10.46
N ILE G 250 -25.95 129.98 11.46
CA ILE G 250 -27.27 129.45 11.73
C ILE G 250 -27.92 130.22 12.87
N SER G 251 -27.20 130.45 13.95
CA SER G 251 -27.64 131.29 15.06
C SER G 251 -26.49 132.18 15.50
N PRO G 252 -26.64 133.50 15.43
CA PRO G 252 -25.55 134.41 15.80
C PRO G 252 -25.20 134.32 17.28
N GLY G 253 -23.92 134.49 17.57
CA GLY G 253 -23.48 134.49 18.95
C GLY G 253 -23.43 135.88 19.54
N ASP G 254 -22.33 136.21 20.23
CA ASP G 254 -22.16 137.54 20.80
C ASP G 254 -21.45 138.49 19.84
N GLY G 255 -20.56 137.99 19.00
CA GLY G 255 -19.88 138.83 18.03
C GLY G 255 -18.70 139.61 18.56
N ARG G 256 -18.34 139.45 19.82
CA ARG G 256 -17.22 140.18 20.39
C ARG G 256 -16.10 139.29 20.92
N THR G 257 -16.43 138.19 21.60
CA THR G 257 -15.43 137.31 22.18
C THR G 257 -15.06 136.25 21.14
N PHE G 258 -13.88 136.36 20.58
CA PHE G 258 -13.43 135.37 19.62
C PHE G 258 -12.27 134.59 20.20
N PRO G 259 -12.27 133.25 20.05
CA PRO G 259 -11.14 132.46 20.56
C PRO G 259 -9.86 132.68 19.76
N LYS G 260 -8.92 133.37 20.38
CA LYS G 260 -7.62 133.66 19.78
C LYS G 260 -6.66 132.50 20.05
N LYS G 261 -5.40 132.68 19.64
CA LYS G 261 -4.39 131.63 19.77
C LYS G 261 -3.95 131.47 21.22
N GLY G 262 -4.07 130.24 21.74
CA GLY G 262 -3.56 129.91 23.07
C GLY G 262 -4.57 129.31 24.03
N GLN G 263 -5.84 129.13 23.64
CA GLN G 263 -6.83 128.59 24.55
C GLN G 263 -7.63 127.46 23.92
N THR G 264 -8.14 126.57 24.78
CA THR G 264 -8.93 125.46 24.27
C THR G 264 -10.21 125.98 23.63
N CYS G 265 -10.61 125.32 22.56
CA CYS G 265 -11.85 125.57 21.83
C CYS G 265 -12.78 124.41 22.18
N VAL G 266 -13.86 124.72 22.89
CA VAL G 266 -14.83 123.74 23.32
C VAL G 266 -16.02 123.85 22.39
N VAL G 267 -16.42 122.73 21.77
CA VAL G 267 -17.41 122.82 20.70
C VAL G 267 -18.24 121.52 20.66
N HIS G 268 -19.53 121.67 20.35
CA HIS G 268 -20.41 120.54 20.07
C HIS G 268 -20.64 120.52 18.57
N TYR G 269 -19.89 119.70 17.85
CA TYR G 269 -19.96 119.65 16.40
C TYR G 269 -20.85 118.50 15.95
N THR G 270 -21.42 118.65 14.76
CA THR G 270 -22.24 117.62 14.12
C THR G 270 -21.78 117.51 12.67
N GLY G 271 -20.79 116.66 12.44
CA GLY G 271 -20.26 116.49 11.08
C GLY G 271 -21.21 115.67 10.22
N MET G 272 -21.32 116.07 8.94
CA MET G 272 -22.15 115.35 7.99
C MET G 272 -21.39 115.20 6.68
N LEU G 273 -21.72 114.14 5.93
CA LEU G 273 -21.18 113.95 4.60
C LEU G 273 -21.92 114.82 3.59
N GLN G 274 -21.40 114.85 2.36
CA GLN G 274 -22.01 115.67 1.31
C GLN G 274 -23.38 115.16 0.88
N ASN G 275 -23.68 113.89 1.11
CA ASN G 275 -24.94 113.29 0.70
C ASN G 275 -26.01 113.37 1.78
N GLY G 276 -25.71 113.99 2.91
CA GLY G 276 -26.65 114.09 4.02
C GLY G 276 -26.58 112.96 5.02
N LYS G 277 -25.74 111.95 4.78
CA LYS G 277 -25.57 110.85 5.73
C LYS G 277 -24.61 111.28 6.82
N LYS G 278 -25.14 111.47 8.03
CA LYS G 278 -24.34 111.94 9.15
C LYS G 278 -23.30 110.89 9.55
N PHE G 279 -22.05 111.34 9.71
CA PHE G 279 -20.98 110.44 10.12
C PHE G 279 -20.47 110.69 11.53
N ASP G 280 -20.78 111.83 12.13
CA ASP G 280 -20.26 112.12 13.46
C ASP G 280 -21.14 113.16 14.12
N SER G 281 -21.04 113.22 15.45
CA SER G 281 -21.71 114.18 16.31
C SER G 281 -21.06 114.09 17.68
N SER G 282 -21.50 114.95 18.58
CA SER G 282 -20.97 114.98 19.95
C SER G 282 -22.04 114.99 21.01
N ARG G 283 -23.28 115.38 20.68
CA ARG G 283 -24.33 115.38 21.68
C ARG G 283 -24.83 113.97 21.96
N ASP G 284 -24.62 113.03 21.04
CA ASP G 284 -24.89 111.63 21.36
C ASP G 284 -23.96 111.14 22.46
N ARG G 285 -22.69 111.52 22.39
CA ARG G 285 -21.73 111.21 23.44
C ARG G 285 -21.94 112.09 24.66
N ASN G 286 -22.69 113.19 24.52
CA ASN G 286 -23.09 114.11 25.58
C ASN G 286 -21.89 114.76 26.27
N LYS G 287 -20.75 114.81 25.59
CA LYS G 287 -19.56 115.46 26.13
C LYS G 287 -18.99 116.39 25.06
N PRO G 288 -18.76 117.66 25.38
CA PRO G 288 -18.22 118.60 24.40
C PRO G 288 -16.82 118.21 23.95
N PHE G 289 -16.52 118.54 22.70
CA PHE G 289 -15.25 118.23 22.05
C PHE G 289 -14.29 119.37 22.35
N LYS G 290 -13.43 119.15 23.35
CA LYS G 290 -12.46 120.14 23.81
C LYS G 290 -11.15 119.91 23.06
N PHE G 291 -10.73 120.88 22.25
CA PHE G 291 -9.45 120.81 21.57
C PHE G 291 -8.72 122.13 21.67
N ARG G 292 -7.43 122.09 21.99
CA ARG G 292 -6.63 123.30 22.08
C ARG G 292 -6.52 123.96 20.70
N ILE G 293 -6.63 125.29 20.65
CA ILE G 293 -6.56 125.95 19.34
C ILE G 293 -5.09 126.01 18.90
N GLY G 294 -4.89 125.91 17.58
CA GLY G 294 -3.58 126.12 16.98
C GLY G 294 -2.58 125.00 17.18
N LYS G 295 -2.91 123.95 17.89
CA LYS G 295 -1.99 122.84 18.11
C LYS G 295 -2.09 121.76 17.03
N GLN G 296 -2.94 121.97 16.02
CA GLN G 296 -3.15 121.05 14.90
C GLN G 296 -3.64 119.69 15.39
N GLU G 297 -4.50 119.71 16.42
CA GLU G 297 -5.11 118.50 16.95
C GLU G 297 -6.41 118.13 16.24
N VAL G 298 -6.91 119.00 15.36
CA VAL G 298 -8.15 118.76 14.63
C VAL G 298 -7.81 118.96 13.16
N ILE G 299 -8.72 118.50 12.30
CA ILE G 299 -8.58 118.71 10.85
C ILE G 299 -8.53 120.21 10.56
N LYS G 300 -7.72 120.58 9.55
CA LYS G 300 -7.35 121.97 9.31
C LYS G 300 -8.57 122.84 8.97
N GLY G 301 -9.54 122.27 8.25
CA GLY G 301 -10.75 123.02 7.93
C GLY G 301 -11.53 123.42 9.17
N PHE G 302 -11.71 122.47 10.10
CA PHE G 302 -12.35 122.76 11.37
C PHE G 302 -11.53 123.75 12.17
N GLU G 303 -10.20 123.62 12.11
CA GLU G 303 -9.28 124.52 12.81
C GLU G 303 -9.46 125.97 12.37
N GLU G 304 -9.47 126.20 11.05
CA GLU G 304 -9.61 127.58 10.58
C GLU G 304 -11.03 128.09 10.74
N GLY G 305 -12.02 127.20 10.65
CA GLY G 305 -13.40 127.61 10.86
C GLY G 305 -13.70 128.03 12.29
N ALA G 306 -13.15 127.29 13.27
CA ALA G 306 -13.43 127.54 14.69
C ALA G 306 -12.96 128.91 15.15
N ALA G 307 -11.99 129.50 14.49
CA ALA G 307 -11.49 130.82 14.89
C ALA G 307 -12.43 131.93 14.44
N GLN G 308 -13.11 131.76 13.31
CA GLN G 308 -13.85 132.85 12.68
C GLN G 308 -15.07 133.27 13.50
N MET G 309 -15.83 132.33 14.03
CA MET G 309 -17.04 132.69 14.76
C MET G 309 -16.72 133.01 16.22
N SER G 310 -17.75 133.35 16.98
CA SER G 310 -17.63 133.81 18.36
C SER G 310 -18.36 132.85 19.30
N LEU G 311 -18.45 133.27 20.57
CA LEU G 311 -19.09 132.48 21.61
C LEU G 311 -20.57 132.23 21.32
N GLY G 312 -20.99 130.98 21.47
CA GLY G 312 -22.40 130.62 21.32
C GLY G 312 -22.96 130.82 19.94
N GLN G 313 -22.13 130.72 18.91
CA GLN G 313 -22.57 130.93 17.53
C GLN G 313 -22.77 129.57 16.88
N ARG G 314 -24.02 129.24 16.62
CA ARG G 314 -24.34 128.08 15.81
C ARG G 314 -24.08 128.41 14.35
N ALA G 315 -23.21 127.65 13.69
CA ALA G 315 -22.85 127.98 12.34
C ALA G 315 -22.73 126.69 11.53
N LYS G 316 -22.33 126.85 10.27
CA LYS G 316 -22.12 125.74 9.38
C LYS G 316 -20.79 125.94 8.67
N LEU G 317 -20.13 124.84 8.40
CA LEU G 317 -18.84 124.84 7.72
C LEU G 317 -18.86 123.82 6.59
N THR G 318 -18.43 124.26 5.41
CA THR G 318 -18.34 123.40 4.23
C THR G 318 -16.88 123.05 3.98
N CYS G 319 -16.43 121.95 4.56
CA CYS G 319 -15.04 121.53 4.53
C CYS G 319 -14.77 120.89 3.17
N THR G 320 -14.06 121.62 2.31
CA THR G 320 -13.62 121.09 1.04
C THR G 320 -12.57 120.00 1.28
N PRO G 321 -12.39 119.06 0.34
CA PRO G 321 -11.34 118.04 0.51
C PRO G 321 -9.91 118.57 0.66
N ASP G 322 -9.64 119.80 0.21
CA ASP G 322 -8.32 120.40 0.38
C ASP G 322 -7.95 120.54 1.84
N VAL G 323 -8.86 121.08 2.65
CA VAL G 323 -8.62 121.29 4.07
C VAL G 323 -9.19 120.17 4.92
N ALA G 324 -9.67 119.10 4.30
CA ALA G 324 -10.20 117.91 4.96
C ALA G 324 -9.17 116.80 4.82
N TYR G 325 -9.59 115.59 5.23
CA TYR G 325 -8.75 114.40 5.09
C TYR G 325 -8.36 114.17 3.64
N GLY G 326 -9.27 114.44 2.70
CA GLY G 326 -8.94 114.48 1.29
C GLY G 326 -8.56 113.19 0.62
N ALA G 327 -7.26 113.08 0.29
CA ALA G 327 -6.76 111.98 -0.55
C ALA G 327 -6.93 110.62 0.12
N THR G 328 -6.66 110.53 1.42
CA THR G 328 -6.76 109.26 2.11
C THR G 328 -8.08 109.07 2.84
N GLY G 329 -8.82 110.14 3.09
CA GLY G 329 -10.05 110.08 3.85
C GLY G 329 -9.77 109.72 5.30
N HIS G 330 -10.83 109.25 5.97
CA HIS G 330 -10.69 108.67 7.28
C HIS G 330 -10.89 107.18 7.12
N PRO G 331 -9.87 106.35 7.39
CA PRO G 331 -9.96 104.90 7.13
C PRO G 331 -11.10 104.21 7.86
N GLY G 332 -12.07 103.72 7.09
CA GLY G 332 -13.20 103.01 7.63
C GLY G 332 -14.43 103.85 7.85
N VAL G 333 -14.32 105.17 7.80
CA VAL G 333 -15.47 106.03 8.05
C VAL G 333 -15.74 106.93 6.85
N ILE G 334 -14.79 107.78 6.50
CA ILE G 334 -14.99 108.80 5.48
C ILE G 334 -14.35 108.32 4.18
N PRO G 335 -15.09 108.28 3.07
CA PRO G 335 -14.48 107.90 1.79
C PRO G 335 -13.50 108.98 1.33
N PRO G 336 -12.47 108.61 0.58
CA PRO G 336 -11.51 109.60 0.09
C PRO G 336 -12.15 110.61 -0.86
N ASN G 337 -11.63 111.85 -0.80
CA ASN G 337 -12.03 112.97 -1.66
C ASN G 337 -13.54 113.26 -1.54
N ALA G 338 -13.94 113.66 -0.34
CA ALA G 338 -15.33 113.95 -0.05
C ALA G 338 -15.46 115.27 0.70
N THR G 339 -16.57 115.95 0.44
CA THR G 339 -16.88 117.22 1.11
C THR G 339 -17.56 116.91 2.43
N LEU G 340 -17.23 117.68 3.46
CA LEU G 340 -17.77 117.51 4.80
C LEU G 340 -18.56 118.75 5.19
N ILE G 341 -19.64 118.55 5.93
CA ILE G 341 -20.47 119.66 6.40
C ILE G 341 -20.60 119.54 7.91
N PHE G 342 -20.38 120.65 8.62
CA PHE G 342 -20.37 120.66 10.06
C PHE G 342 -21.37 121.66 10.61
N ASP G 343 -22.19 121.21 11.56
CA ASP G 343 -23.10 122.05 12.34
C ASP G 343 -22.37 122.50 13.60
N VAL G 344 -21.40 123.39 13.39
CA VAL G 344 -20.51 123.83 14.47
C VAL G 344 -21.29 124.62 15.52
N GLU G 345 -20.99 124.38 16.80
CA GLU G 345 -21.61 125.12 17.88
C GLU G 345 -20.58 125.29 18.99
N LEU G 346 -19.90 126.44 18.99
CA LEU G 346 -18.89 126.78 19.99
C LEU G 346 -19.63 127.20 21.25
N LEU G 347 -19.85 126.24 22.15
CA LEU G 347 -20.72 126.50 23.29
C LEU G 347 -20.04 127.38 24.33
N ASN G 348 -18.75 127.16 24.61
CA ASN G 348 -18.09 127.90 25.68
C ASN G 348 -16.59 127.86 25.45
N LEU G 349 -15.89 128.70 26.20
CA LEU G 349 -14.43 128.77 26.19
C LEU G 349 -14.00 128.58 27.64
N GLU G 350 -13.52 127.37 27.96
CA GLU G 350 -13.09 126.95 29.30
C GLU G 350 -14.14 127.18 30.37
N GLY H 244 125.60 25.01 3.91
CA GLY H 244 124.72 23.98 4.43
C GLY H 244 124.51 24.06 5.92
N VAL H 245 125.50 23.58 6.68
CA VAL H 245 125.47 23.61 8.13
C VAL H 245 126.67 24.42 8.60
N GLU H 246 126.40 25.45 9.40
CA GLU H 246 127.44 26.28 9.97
C GLU H 246 127.17 26.44 11.46
N ILE H 247 128.25 26.50 12.23
CA ILE H 247 128.19 26.52 13.68
C ILE H 247 128.47 27.93 14.17
N GLU H 248 127.67 28.39 15.13
CA GLU H 248 127.91 29.67 15.79
C GLU H 248 127.97 29.42 17.29
N THR H 249 129.19 29.36 17.83
CA THR H 249 129.39 29.00 19.23
C THR H 249 128.74 30.02 20.15
N ILE H 250 127.99 29.53 21.13
CA ILE H 250 127.38 30.36 22.15
C ILE H 250 128.21 30.30 23.43
N SER H 251 128.59 29.10 23.86
CA SER H 251 129.49 28.90 24.98
C SER H 251 130.51 27.83 24.62
N PRO H 252 131.80 28.15 24.62
CA PRO H 252 132.83 27.17 24.24
C PRO H 252 132.91 26.01 25.21
N GLY H 253 133.21 24.84 24.67
CA GLY H 253 133.38 23.67 25.51
C GLY H 253 134.82 23.44 25.91
N ASP H 254 135.29 22.20 25.79
CA ASP H 254 136.68 21.89 26.11
C ASP H 254 137.59 22.01 24.89
N GLY H 255 137.09 21.74 23.70
CA GLY H 255 137.88 21.87 22.49
C GLY H 255 138.80 20.71 22.18
N ARG H 256 138.79 19.65 22.98
CA ARG H 256 139.66 18.51 22.74
C ARG H 256 138.91 17.21 22.52
N THR H 257 137.86 16.93 23.29
CA THR H 257 137.12 15.68 23.17
C THR H 257 136.00 15.88 22.16
N PHE H 258 136.16 15.28 20.99
CA PHE H 258 135.11 15.38 19.99
C PHE H 258 134.48 14.02 19.77
N PRO H 259 133.15 13.94 19.69
CA PRO H 259 132.50 12.65 19.44
C PRO H 259 132.75 12.13 18.03
N LYS H 260 133.56 11.09 17.94
CA LYS H 260 133.89 10.45 16.68
C LYS H 260 132.85 9.38 16.35
N LYS H 261 133.09 8.65 15.25
CA LYS H 261 132.14 7.64 14.79
C LYS H 261 132.15 6.41 15.69
N GLY H 262 130.97 6.05 16.20
CA GLY H 262 130.81 4.82 16.97
C GLY H 262 130.23 4.98 18.36
N GLN H 263 129.90 6.19 18.82
CA GLN H 263 129.38 6.38 20.16
C GLN H 263 128.13 7.25 20.16
N THR H 264 127.29 7.05 21.18
CA THR H 264 126.08 7.84 21.28
C THR H 264 126.43 9.30 21.52
N CYS H 265 125.65 10.18 20.92
CA CYS H 265 125.72 11.62 21.08
C CYS H 265 124.54 12.02 21.94
N VAL H 266 124.82 12.50 23.15
CA VAL H 266 123.80 12.90 24.11
C VAL H 266 123.73 14.41 24.07
N VAL H 267 122.53 14.96 23.85
CA VAL H 267 122.44 16.39 23.58
C VAL H 267 121.09 16.91 24.09
N HIS H 268 121.10 18.15 24.61
CA HIS H 268 119.88 18.87 24.95
C HIS H 268 119.70 19.95 23.89
N TYR H 269 118.88 19.67 22.88
CA TYR H 269 118.69 20.59 21.77
C TYR H 269 117.43 21.42 21.97
N THR H 270 117.42 22.60 21.36
CA THR H 270 116.28 23.51 21.37
C THR H 270 116.06 23.99 19.93
N GLY H 271 115.28 23.24 19.18
CA GLY H 271 115.02 23.60 17.79
C GLY H 271 114.05 24.77 17.69
N MET H 272 114.32 25.66 16.72
CA MET H 272 113.45 26.80 16.48
C MET H 272 113.24 26.96 14.98
N LEU H 273 112.09 27.53 14.61
CA LEU H 273 111.82 27.87 13.22
C LEU H 273 112.53 29.16 12.84
N GLN H 274 112.48 29.49 11.54
CA GLN H 274 113.14 30.69 11.04
C GLN H 274 112.49 31.98 11.54
N ASN H 275 111.22 31.92 11.93
CA ASN H 275 110.50 33.10 12.39
C ASN H 275 110.59 33.32 13.89
N GLY H 276 111.34 32.49 14.59
CA GLY H 276 111.46 32.59 16.04
C GLY H 276 110.44 31.80 16.83
N LYS H 277 109.49 31.15 16.16
CA LYS H 277 108.50 30.32 16.85
C LYS H 277 109.10 28.96 17.14
N LYS H 278 109.36 28.69 18.41
CA LYS H 278 110.00 27.44 18.81
C LYS H 278 109.08 26.25 18.54
N PHE H 279 109.64 25.22 17.91
CA PHE H 279 108.87 24.02 17.61
C PHE H 279 109.30 22.81 18.43
N ASP H 280 110.46 22.83 19.07
CA ASP H 280 110.92 21.66 19.81
C ASP H 280 111.94 22.09 20.83
N SER H 281 112.13 21.23 21.83
CA SER H 281 113.11 21.38 22.90
C SER H 281 113.20 20.03 23.61
N SER H 282 114.11 19.95 24.57
CA SER H 282 114.31 18.73 25.34
C SER H 282 114.33 18.95 26.83
N ARG H 283 114.59 20.17 27.30
CA ARG H 283 114.60 20.41 28.73
C ARG H 283 113.19 20.48 29.29
N ASP H 284 112.18 20.74 28.46
CA ASP H 284 110.80 20.60 28.92
C ASP H 284 110.49 19.15 29.25
N ARG H 285 110.97 18.22 28.42
CA ARG H 285 110.84 16.80 28.70
C ARG H 285 111.81 16.35 29.77
N ASN H 286 112.82 17.16 30.08
CA ASN H 286 113.81 16.96 31.14
C ASN H 286 114.61 15.67 30.95
N LYS H 287 114.69 15.18 29.72
CA LYS H 287 115.48 13.99 29.42
C LYS H 287 116.35 14.29 28.20
N PRO H 288 117.66 14.07 28.28
CA PRO H 288 118.54 14.33 27.14
C PRO H 288 118.22 13.44 25.96
N PHE H 289 118.46 13.98 24.76
CA PHE H 289 118.18 13.32 23.49
C PHE H 289 119.43 12.51 23.13
N LYS H 290 119.38 11.21 23.42
CA LYS H 290 120.47 10.28 23.17
C LYS H 290 120.28 9.66 21.80
N PHE H 291 121.20 9.93 20.87
CA PHE H 291 121.16 9.29 19.56
C PHE H 291 122.55 8.82 19.17
N ARG H 292 122.64 7.60 18.64
CA ARG H 292 123.92 7.05 18.21
C ARG H 292 124.45 7.86 17.02
N ILE H 293 125.75 8.14 17.01
CA ILE H 293 126.29 8.94 15.90
C ILE H 293 126.42 8.04 14.66
N GLY H 294 126.22 8.65 13.49
CA GLY H 294 126.47 7.99 12.22
C GLY H 294 125.46 6.94 11.81
N LYS H 295 124.45 6.65 12.61
CA LYS H 295 123.45 5.66 12.26
C LYS H 295 122.27 6.25 11.49
N GLN H 296 122.32 7.55 11.18
CA GLN H 296 121.28 8.27 10.44
C GLN H 296 119.94 8.20 11.17
N GLU H 297 119.99 8.28 12.50
CA GLU H 297 118.78 8.31 13.33
C GLU H 297 118.25 9.71 13.55
N VAL H 298 118.99 10.74 13.13
CA VAL H 298 118.58 12.13 13.29
C VAL H 298 118.67 12.75 11.91
N ILE H 299 118.06 13.94 11.77
CA ILE H 299 118.14 14.71 10.53
C ILE H 299 119.60 15.02 10.22
N LYS H 300 119.95 15.02 8.92
CA LYS H 300 121.33 15.04 8.47
C LYS H 300 122.06 16.31 8.91
N GLY H 301 121.35 17.45 8.92
CA GLY H 301 121.97 18.69 9.37
C GLY H 301 122.42 18.62 10.82
N PHE H 302 121.55 18.11 11.70
CA PHE H 302 121.90 17.89 13.09
C PHE H 302 123.03 16.88 13.21
N GLU H 303 123.00 15.85 12.37
CA GLU H 303 124.03 14.81 12.36
C GLU H 303 125.42 15.39 12.07
N GLU H 304 125.52 16.21 11.01
CA GLU H 304 126.84 16.76 10.68
C GLU H 304 127.24 17.86 11.65
N GLY H 305 126.27 18.59 12.20
CA GLY H 305 126.59 19.62 13.18
C GLY H 305 127.11 19.06 14.49
N ALA H 306 126.52 17.95 14.97
CA ALA H 306 126.88 17.36 16.26
C ALA H 306 128.32 16.88 16.32
N ALA H 307 128.92 16.57 15.18
CA ALA H 307 130.31 16.10 15.17
C ALA H 307 131.29 17.24 15.34
N GLN H 308 130.96 18.43 14.85
CA GLN H 308 131.92 19.53 14.76
C GLN H 308 132.32 20.06 16.13
N MET H 309 131.37 20.24 17.04
CA MET H 309 131.70 20.81 18.34
C MET H 309 132.19 19.73 19.31
N SER H 310 132.51 20.14 20.53
CA SER H 310 133.11 19.28 21.54
C SER H 310 132.19 19.19 22.76
N LEU H 311 132.71 18.56 23.82
CA LEU H 311 131.98 18.35 25.06
C LEU H 311 131.58 19.68 25.72
N GLY H 312 130.32 19.77 26.13
CA GLY H 312 129.84 20.93 26.86
C GLY H 312 129.87 22.23 26.09
N GLN H 313 129.73 22.16 24.77
CA GLN H 313 129.78 23.35 23.93
C GLN H 313 128.35 23.73 23.57
N ARG H 314 127.90 24.85 24.11
CA ARG H 314 126.64 25.44 23.69
C ARG H 314 126.86 26.13 22.36
N ALA H 315 126.11 25.75 21.33
CA ALA H 315 126.34 26.30 20.02
C ALA H 315 125.00 26.53 19.34
N LYS H 316 125.07 26.98 18.09
CA LYS H 316 123.89 27.21 17.28
C LYS H 316 124.14 26.60 15.92
N LEU H 317 123.06 26.10 15.33
CA LEU H 317 123.11 25.47 14.01
C LEU H 317 121.99 26.03 13.15
N THR H 318 122.35 26.45 11.94
CA THR H 318 121.39 26.98 10.97
C THR H 318 121.14 25.92 9.89
N CYS H 319 120.13 25.08 10.13
CA CYS H 319 119.82 23.95 9.27
C CYS H 319 119.09 24.46 8.04
N THR H 320 119.78 24.49 6.91
CA THR H 320 119.17 24.83 5.64
C THR H 320 118.19 23.72 5.23
N PRO H 321 117.19 24.03 4.40
CA PRO H 321 116.27 22.96 3.93
C PRO H 321 116.93 21.80 3.18
N ASP H 322 118.13 22.00 2.63
CA ASP H 322 118.85 20.92 1.95
C ASP H 322 119.16 19.78 2.90
N VAL H 323 119.70 20.09 4.08
CA VAL H 323 120.06 19.08 5.06
C VAL H 323 118.98 18.89 6.11
N ALA H 324 117.82 19.51 5.93
CA ALA H 324 116.66 19.40 6.81
C ALA H 324 115.63 18.53 6.12
N TYR H 325 114.44 18.47 6.73
CA TYR H 325 113.31 17.74 6.14
C TYR H 325 112.97 18.27 4.75
N GLY H 326 113.08 19.58 4.55
CA GLY H 326 113.02 20.15 3.22
C GLY H 326 111.70 20.10 2.49
N ALA H 327 111.66 19.25 1.45
CA ALA H 327 110.53 19.22 0.51
C ALA H 327 109.23 18.79 1.19
N THR H 328 109.29 17.80 2.06
CA THR H 328 108.08 17.31 2.71
C THR H 328 107.85 17.91 4.09
N GLY H 329 108.89 18.47 4.70
CA GLY H 329 108.80 19.00 6.06
C GLY H 329 108.60 17.87 7.05
N HIS H 330 108.11 18.26 8.23
CA HIS H 330 107.67 17.29 9.22
C HIS H 330 106.16 17.37 9.25
N PRO H 331 105.44 16.30 8.88
CA PRO H 331 103.97 16.35 8.77
C PRO H 331 103.27 16.74 10.05
N GLY H 332 102.63 17.91 10.03
CA GLY H 332 101.89 18.40 11.16
C GLY H 332 102.64 19.35 12.05
N VAL H 333 103.96 19.46 11.91
CA VAL H 333 104.74 20.33 12.78
C VAL H 333 105.50 21.36 11.95
N ILE H 334 106.39 20.91 11.08
CA ILE H 334 107.29 21.80 10.36
C ILE H 334 106.74 22.01 8.94
N PRO H 335 106.53 23.25 8.50
CA PRO H 335 106.09 23.48 7.13
C PRO H 335 107.19 23.10 6.14
N PRO H 336 106.83 22.69 4.93
CA PRO H 336 107.85 22.33 3.94
C PRO H 336 108.71 23.52 3.53
N ASN H 337 109.98 23.23 3.24
CA ASN H 337 110.98 24.19 2.76
C ASN H 337 111.17 25.35 3.75
N ALA H 338 111.65 25.01 4.94
CA ALA H 338 111.85 25.98 6.00
C ALA H 338 113.22 25.80 6.64
N THR H 339 113.78 26.92 7.07
CA THR H 339 115.07 26.92 7.76
C THR H 339 114.84 26.64 9.24
N LEU H 340 115.73 25.85 9.84
CA LEU H 340 115.64 25.47 11.24
C LEU H 340 116.85 26.02 11.99
N ILE H 341 116.64 26.41 13.24
CA ILE H 341 117.71 26.93 14.08
C ILE H 341 117.73 26.12 15.37
N PHE H 342 118.91 25.66 15.77
CA PHE H 342 119.05 24.80 16.92
C PHE H 342 120.02 25.39 17.93
N ASP H 343 119.59 25.43 19.19
CA ASP H 343 120.43 25.79 20.34
C ASP H 343 121.06 24.51 20.90
N VAL H 344 122.00 23.97 20.12
CA VAL H 344 122.61 22.67 20.44
C VAL H 344 123.43 22.77 21.72
N GLU H 345 123.34 21.74 22.57
CA GLU H 345 124.13 21.69 23.79
C GLU H 345 124.48 20.23 24.05
N LEU H 346 125.67 19.82 23.61
CA LEU H 346 126.19 18.46 23.80
C LEU H 346 126.67 18.36 25.24
N LEU H 347 125.78 17.88 26.12
CA LEU H 347 126.07 17.93 27.55
C LEU H 347 127.10 16.88 27.94
N ASN H 348 127.01 15.66 27.40
CA ASN H 348 127.90 14.59 27.83
C ASN H 348 127.96 13.53 26.76
N LEU H 349 128.92 12.62 26.91
CA LEU H 349 129.10 11.48 26.02
C LEU H 349 129.08 10.25 26.92
N GLU H 350 127.95 9.54 26.93
CA GLU H 350 127.70 8.35 27.75
C GLU H 350 127.95 8.58 29.24
P AMP I . -24.39 -34.94 33.51
O1P AMP I . -25.80 -34.82 34.03
O2P AMP I . -23.38 -35.34 34.55
O3P AMP I . -24.26 -35.65 32.19
O5' AMP I . -24.00 -33.43 33.16
C5' AMP I . -22.83 -33.14 32.41
C4' AMP I . -22.23 -31.81 32.78
O4' AMP I . -20.82 -31.83 32.45
C3' AMP I . -22.83 -30.60 32.04
O3' AMP I . -22.81 -29.48 32.91
C2' AMP I . -21.81 -30.39 30.94
O2' AMP I . -21.80 -29.09 30.39
C1' AMP I . -20.52 -30.69 31.69
N9 AMP I . -19.37 -30.97 30.83
C8 AMP I . -18.25 -30.25 30.77
N7 AMP I . -17.38 -30.79 29.87
C5 AMP I . -17.97 -31.88 29.35
C6 AMP I . -17.61 -32.90 28.36
N6 AMP I . -16.42 -32.86 27.74
N1 AMP I . -18.51 -33.88 28.10
C2 AMP I . -19.70 -33.92 28.73
N3 AMP I . -20.08 -33.02 29.64
C4 AMP I . -19.29 -31.99 29.98
ZN ZN J . -13.51 -29.43 24.95
P AMP K . -33.51 -4.78 42.36
O1P AMP K . -33.47 -3.95 43.62
O2P AMP K . -33.74 -6.25 42.59
O3P AMP K . -34.33 -4.18 41.24
O5' AMP K . -32.02 -4.70 41.81
C5' AMP K . -31.71 -5.15 40.50
C4' AMP K . -30.31 -5.68 40.40
O4' AMP K . -30.24 -6.61 39.28
C3' AMP K . -29.23 -4.63 40.13
O3' AMP K . -28.02 -5.02 40.78
C2' AMP K . -29.04 -4.75 38.62
O2' AMP K . -27.80 -4.27 38.15
C1' AMP K . -29.16 -6.25 38.46
N9 AMP K . -29.43 -6.69 37.10
C8 AMP K . -28.63 -7.47 36.34
N7 AMP K . -29.18 -7.69 35.13
C5 AMP K . -30.35 -7.04 35.09
C6 AMP K . -31.44 -6.86 34.12
N6 AMP K . -31.35 -7.43 32.89
N1 AMP K . -32.49 -6.11 34.48
C2 AMP K . -32.57 -5.53 35.68
N3 AMP K . -31.63 -5.66 36.62
C4 AMP K . -30.51 -6.38 36.40
ZN ZN L . -27.97 -7.66 28.83
P AMP M . -3.41 0.96 54.11
O1P AMP M . -2.47 0.27 55.07
O2P AMP M . -4.87 0.83 54.47
O3P AMP M . -2.99 2.34 53.69
O5' AMP M . -3.27 0.11 52.77
C5' AMP M . -3.82 0.58 51.55
C4' AMP M . -4.24 -0.54 50.65
O4' AMP M . -5.26 -0.04 49.73
C3' AMP M . -3.14 -1.12 49.75
O3' AMP M . -3.36 -2.50 49.55
C2' AMP M . -3.38 -0.38 48.44
O2' AMP M . -2.85 -1.03 47.30
C1' AMP M . -4.89 -0.38 48.42
N9 AMP M . -5.48 0.60 47.51
C8 AMP M . -6.26 0.31 46.44
N7 AMP M . -6.64 1.45 45.80
C5 AMP M . -6.09 2.48 46.47
C6 AMP M . -6.09 3.94 46.33
N6 AMP M . -6.77 4.53 45.32
N1 AMP M . -5.40 4.66 47.23
C2 AMP M . -4.72 4.08 48.23
N3 AMP M . -4.68 2.76 48.42
C4 AMP M . -5.33 1.91 47.58
ZN ZN N . -7.11 4.23 40.04
P AMP O . 5.79 -29.28 45.27
O1P AMP O . 5.28 -30.68 45.49
O2P AMP O . 5.58 -28.35 46.44
O3P AMP O . 7.17 -29.20 44.65
O5' AMP O . 4.84 -28.70 44.14
C5' AMP O . 5.16 -27.49 43.48
C4' AMP O . 3.92 -26.75 43.04
O4' AMP O . 4.24 -25.33 42.91
C3' AMP O . 3.35 -27.16 41.68
O3' AMP O . 1.93 -27.03 41.70
C2' AMP O . 3.93 -26.10 40.76
O2' AMP O . 3.22 -25.93 39.55
C1' AMP O . 3.82 -24.89 41.65
N9 AMP O . 4.65 -23.76 41.25
C8 AMP O . 4.21 -22.55 40.87
N7 AMP O . 5.24 -21.72 40.56
C5 AMP O . 6.37 -22.43 40.73
C6 AMP O . 7.81 -22.17 40.58
N6 AMP O . 8.24 -20.96 40.16
N1 AMP O . 8.66 -23.17 40.87
C2 AMP O . 8.23 -24.37 41.27
N3 AMP O . 6.94 -24.68 41.44
C4 AMP O . 5.97 -23.76 41.18
ZN ZN P . 7.41 -17.59 36.16
#